data_4V4U
#
_entry.id   4V4U
#
_cell.length_a   1.000
_cell.length_b   1.000
_cell.length_c   1.000
_cell.angle_alpha   90.00
_cell.angle_beta   90.00
_cell.angle_gamma   90.00
#
_symmetry.space_group_name_H-M   'P 1'
#
loop_
_entity.id
_entity.type
_entity.pdbx_description
1 polymer 'PENTON PROTEIN'
2 polymer 'N-TERMINAL PEPTIDE OF FIBER PROTEIN'
3 polymer 'HEXON PROTEIN'
#
loop_
_entity_poly.entity_id
_entity_poly.type
_entity_poly.pdbx_seq_one_letter_code
_entity_poly.pdbx_strand_id
1 'polypeptide(L)'
;TGGRNSIRYSELAPLFDTTRVYLVDNKSTDVASLNYQNDHSNFLTTVIQNNDYSPGEASTQTINLDDRSHWGGDLKTILH
TNMPNVNEFMFTNKFKARVMVSRSLTKDKQVELKYEWVEFTLPEGNYSETMTIDLMNNAIVEHYLKVGRQNGVLESDIGV
KFDTRNFRLGFDPVTGLVMPGVYTNEAFHPDIILLPGCGVDFTHSRLSNLLGIRKRQPFQEGFRITYDDLEGGNIPALLD
VDAYQASLKDDTEQGGDGAGGGNNSGSGAEENSNAAAAAMQPVEDMNDHAIRGDTFATRAEEKRAEAEAAAEAAAPAAQP
EVEKPQKKPVIKPLTEDSKKRSYNLISNDSTFTQYRSWYLAYNYGDPQTGIRSWTLLCTPDVTCGSEQVYWSLPDMMQDP
VTFRSTSQISNFPVVGAELLPVHSKSFYNDQAVYSQLIRQFTSLTHVFNRFPENQILARPPAPTITTVSENVPALTDHGT
LPLRNSIGGVQRVTITDARRRTCPYVYKALGIVSPRVLSSRTF
;
A,B,C,D,E
2 'polypeptide(L)' TFNPVYPYDT S,T,U,V,W
3 'polypeptide(L)'
;ATPSMMPQWSYMHISGQDASEYLSPGLVQFARATETYFSLNNKFRNPTVAPTHDVTTDRSQRLTLRFIPVDREDTAYSYK
ARFTLAVGDNRVLDMASTYFDIRGVLDRGPTFKPYSGTAYNALAPKGAPNPCEWDEAATALEINLEEEDDDNEDEVDEQA
EQQKTHVFGQAPYSGINITKEGIQIGVEGQTPKYADKTFQPEPQIGESQWYETEINHAAGRVLKKTTPMKPCYGSYAKPT
NENGGQGILVKQQNGKLESQVEMQFFSTTEATAGNGDNLTPKVVLYSEDVDIETPDTHISYMPTIKEGNSRELMGQQSMP
NRPNYIAFRDNFIGLMYYNSTGNMGVLAGQASQLNAVVDLQDRNTELSYQLLLDSIGDRTRYFSMWNQAVDSYDPDVRII
ENHGTEDELPNYCFPLGGVINTETLTKVKPKTGQENGWEKDATEFSDKNEIRVGNNFAMEINLNANLWRNFLYSNIALYL
PDKLKYSPSNVKISDNPNTYDYMNKRVVAPGLVDCYINLGARWSLDYMDNVNPFNHHRNAGLRYRSMLLGNGRYVPFHIQ
VPQKFFAIKNLLLLPGSYTYEWNFRKDVNMVLQSSLGNDLRVDGASIKFDSICLYATFFPMAHNTASTLEAMLRNDTNDQ
SFNDYLSAANMLYPIPANATNVPISIPSRNWAAFRGWAFTRLKTKETPSLGSGYDPYYTYSGSIPYLDGTFYLNHTFKKV
AITFDSSVSWPGNDRLLTPNEFEIKRSVDGEGYNVAQCNMTKDWFLVQMLANYNIGYQGFYIPESYKDRMYSFFRNFQPM
SRQVVDDTKYKDYQQVGILHQHNNSGFVGYLAPTMREGQAYPANFPYPLIGKTAVDSITQKKFLCDRTLWRIPFSSNFMS
MGALTDLGQNLLYANSAHALDMTFEVDPMDEPTLLYVLFEVFDVVRVHRPHRGVIETVYLRTPFSAGNATT
;
F,G,H,I,J,K,L,M,N,O,P,Q
#
# COMPACT_ATOMS: atom_id res chain seq x y z
N ARG A 4 95.02 28.30 43.39
CA ARG A 4 95.03 28.02 44.87
C ARG A 4 94.32 29.15 45.67
N ASN A 5 94.55 30.38 45.23
CA ASN A 5 94.04 31.58 45.89
C ASN A 5 94.01 32.75 44.92
N SER A 6 93.54 32.53 43.70
CA SER A 6 93.47 33.59 42.72
C SER A 6 92.35 34.59 43.00
N ILE A 7 92.16 35.51 42.07
CA ILE A 7 91.13 36.53 42.14
C ILE A 7 91.05 36.97 40.71
N ARG A 8 90.07 36.45 39.99
CA ARG A 8 89.95 36.74 38.57
C ARG A 8 88.84 37.70 38.22
N TYR A 9 89.03 38.40 37.11
CA TYR A 9 88.05 39.34 36.61
C TYR A 9 87.99 39.30 35.09
N SER A 10 86.77 39.28 34.54
CA SER A 10 86.55 39.24 33.09
C SER A 10 87.83 38.77 32.43
N GLU A 11 88.45 39.71 31.72
CA GLU A 11 89.66 39.40 31.03
C GLU A 11 90.73 40.39 31.41
N LEU A 12 91.37 40.14 32.55
CA LEU A 12 92.48 40.95 33.05
C LEU A 12 93.39 39.96 33.73
N ALA A 13 94.64 40.35 33.92
CA ALA A 13 95.58 39.47 34.58
C ALA A 13 95.01 39.02 35.92
N PRO A 14 95.21 37.75 36.27
CA PRO A 14 94.68 37.31 37.56
C PRO A 14 95.51 37.94 38.67
N LEU A 15 94.86 38.24 39.79
CA LEU A 15 95.53 38.83 40.94
C LEU A 15 95.53 37.81 42.05
N PHE A 16 96.52 37.88 42.92
CA PHE A 16 96.61 36.91 43.99
C PHE A 16 96.71 37.43 45.40
N ASP A 17 96.14 36.64 46.31
CA ASP A 17 96.19 36.91 47.73
C ASP A 17 95.32 37.97 48.33
N THR A 18 95.08 39.04 47.60
CA THR A 18 94.24 40.09 48.15
C THR A 18 94.19 41.29 47.24
N THR A 19 93.30 42.21 47.56
CA THR A 19 93.14 43.40 46.76
C THR A 19 92.06 44.23 47.40
N ARG A 20 91.42 45.12 46.65
CA ARG A 20 90.38 45.95 47.24
C ARG A 20 89.21 46.25 46.33
N VAL A 21 88.02 46.06 46.86
CA VAL A 21 86.83 46.34 46.09
C VAL A 21 86.29 47.56 46.81
N TYR A 22 85.81 48.55 46.08
CA TYR A 22 85.33 49.73 46.75
C TYR A 22 83.85 49.99 46.63
N LEU A 23 83.19 50.19 47.77
CA LEU A 23 81.78 50.48 47.77
C LEU A 23 81.68 51.98 47.96
N VAL A 24 81.20 52.69 46.94
CA VAL A 24 81.10 54.14 47.03
C VAL A 24 79.91 54.73 46.27
N ASP A 25 79.21 55.67 46.91
CA ASP A 25 78.03 56.31 46.29
C ASP A 25 78.31 57.33 45.18
N ASN A 26 79.25 58.24 45.46
CA ASN A 26 79.67 59.30 44.55
C ASN A 26 79.78 59.07 43.05
N LYS A 27 80.40 57.97 42.64
CA LYS A 27 80.58 57.67 41.20
C LYS A 27 79.61 58.42 40.29
N SER A 28 80.13 59.14 39.30
CA SER A 28 79.27 59.94 38.43
C SER A 28 78.27 59.15 37.59
N THR A 29 78.73 58.03 37.03
CA THR A 29 77.92 57.18 36.17
C THR A 29 76.67 56.57 36.79
N ASP A 30 76.88 55.79 37.85
CA ASP A 30 75.82 55.09 38.56
C ASP A 30 74.75 55.99 39.18
N VAL A 31 75.17 57.13 39.72
CA VAL A 31 74.25 58.09 40.31
C VAL A 31 73.22 58.43 39.25
N ALA A 32 73.72 58.77 38.08
CA ALA A 32 72.87 59.11 36.94
C ALA A 32 71.83 58.01 36.73
N SER A 33 72.32 56.82 36.36
CA SER A 33 71.45 55.69 36.11
C SER A 33 70.86 55.07 37.38
N LEU A 34 71.55 54.08 37.92
CA LEU A 34 71.14 53.34 39.11
C LEU A 34 70.28 54.02 40.18
N ASN A 35 70.92 54.48 41.26
CA ASN A 35 70.18 55.15 42.33
C ASN A 35 69.57 56.36 41.68
N TYR A 36 68.54 56.90 42.30
CA TYR A 36 67.89 58.05 41.76
C TYR A 36 66.90 58.29 42.82
N GLN A 37 65.99 57.34 42.93
CA GLN A 37 64.94 57.43 43.91
C GLN A 37 65.47 56.93 45.26
N ASN A 38 66.78 56.71 45.34
CA ASN A 38 67.39 56.23 46.58
C ASN A 38 68.10 57.37 47.30
N ASP A 39 68.78 57.05 48.40
CA ASP A 39 69.52 58.04 49.18
C ASP A 39 70.73 57.39 49.84
N HIS A 40 71.61 58.18 50.42
CA HIS A 40 72.81 57.64 51.05
C HIS A 40 72.55 56.75 52.25
N SER A 41 71.79 55.69 52.07
CA SER A 41 71.50 54.84 53.19
C SER A 41 70.84 53.64 52.61
N ASN A 42 70.70 53.67 51.30
CA ASN A 42 70.10 52.58 50.61
C ASN A 42 70.35 52.88 49.17
N PHE A 43 71.51 52.43 48.68
CA PHE A 43 71.85 52.71 47.30
C PHE A 43 72.57 51.59 46.62
N LEU A 44 72.71 51.71 45.31
CA LEU A 44 73.41 50.71 44.56
C LEU A 44 74.70 51.34 44.13
N THR A 45 75.67 50.53 43.76
CA THR A 45 76.94 51.06 43.32
C THR A 45 77.62 49.94 42.56
N THR A 46 78.41 50.29 41.57
CA THR A 46 79.10 49.27 40.81
C THR A 46 80.43 49.08 41.49
N VAL A 47 80.84 47.83 41.64
CA VAL A 47 82.11 47.59 42.26
C VAL A 47 83.15 47.50 41.18
N ILE A 48 82.67 47.36 39.95
CA ILE A 48 83.54 47.26 38.80
C ILE A 48 84.70 48.22 38.69
N GLN A 49 84.46 49.52 38.75
CA GLN A 49 85.58 50.45 38.66
C GLN A 49 86.36 50.40 37.32
N ASN A 50 85.79 49.84 36.26
CA ASN A 50 86.50 49.80 34.98
C ASN A 50 85.83 50.81 34.07
N ASN A 51 86.60 51.81 33.69
CA ASN A 51 86.14 52.90 32.84
C ASN A 51 85.29 52.53 31.62
N ASP A 52 85.55 51.42 30.93
CA ASP A 52 84.71 51.04 29.79
C ASP A 52 83.48 50.41 30.40
N TYR A 53 82.63 49.81 29.59
CA TYR A 53 81.44 49.17 30.13
C TYR A 53 80.39 50.05 30.81
N SER A 54 79.20 50.03 30.22
CA SER A 54 78.08 50.79 30.72
C SER A 54 77.64 50.20 32.04
N PRO A 55 77.45 51.05 33.06
CA PRO A 55 77.01 50.47 34.33
C PRO A 55 75.81 49.63 33.93
N GLY A 56 75.47 48.64 34.73
CA GLY A 56 74.36 47.79 34.33
C GLY A 56 75.02 46.69 33.52
N GLU A 57 75.60 47.06 32.37
CA GLU A 57 76.30 46.05 31.59
C GLU A 57 77.45 45.61 32.48
N ALA A 58 77.80 46.46 33.42
CA ALA A 58 78.85 46.17 34.37
C ALA A 58 78.24 45.11 35.22
N SER A 59 77.01 45.37 35.66
CA SER A 59 76.26 44.45 36.49
C SER A 59 76.39 43.01 36.04
N THR A 60 76.62 42.79 34.76
CA THR A 60 76.76 41.44 34.28
C THR A 60 78.02 40.81 34.80
N GLN A 61 79.13 41.54 34.70
CA GLN A 61 80.43 41.04 35.14
C GLN A 61 80.47 40.67 36.60
N THR A 62 81.55 40.02 37.00
CA THR A 62 81.69 39.61 38.39
C THR A 62 83.13 39.42 38.79
N ILE A 63 83.40 39.73 40.05
CA ILE A 63 84.72 39.56 40.59
C ILE A 63 84.68 38.18 41.21
N ASN A 64 85.56 37.27 40.78
CA ASN A 64 85.56 35.91 41.33
C ASN A 64 86.72 35.62 42.23
N LEU A 65 86.43 35.30 43.48
CA LEU A 65 87.51 34.96 44.40
C LEU A 65 87.66 33.47 44.24
N ASP A 66 88.87 33.02 43.96
CA ASP A 66 89.12 31.60 43.75
C ASP A 66 88.11 30.75 44.48
N ASP A 67 87.59 29.78 43.75
CA ASP A 67 86.57 28.90 44.27
C ASP A 67 87.07 27.91 45.31
N ARG A 68 88.27 27.41 45.14
CA ARG A 68 88.80 26.43 46.06
C ARG A 68 89.00 26.86 47.51
N SER A 69 88.77 28.14 47.83
CA SER A 69 88.98 28.59 49.21
C SER A 69 87.84 29.45 49.73
N HIS A 70 87.61 29.46 51.03
CA HIS A 70 86.56 30.30 51.61
C HIS A 70 87.20 31.63 51.90
N TRP A 71 86.69 32.69 51.29
CA TRP A 71 87.28 33.99 51.50
C TRP A 71 86.58 34.82 52.55
N GLY A 72 87.23 35.90 52.93
CA GLY A 72 86.66 36.81 53.90
C GLY A 72 87.24 38.16 53.57
N GLY A 73 86.65 39.24 54.06
CA GLY A 73 87.20 40.55 53.75
C GLY A 73 87.11 41.51 54.92
N ASP A 74 88.11 42.36 55.09
CA ASP A 74 88.10 43.34 56.17
C ASP A 74 87.20 44.43 55.67
N LEU A 75 86.33 44.93 56.51
CA LEU A 75 85.43 45.96 56.06
C LEU A 75 85.48 47.19 56.92
N LYS A 76 86.19 48.22 56.48
CA LYS A 76 86.20 49.44 57.27
C LYS A 76 85.31 50.39 56.51
N THR A 77 84.62 51.26 57.23
CA THR A 77 83.73 52.18 56.57
C THR A 77 83.86 53.58 57.09
N ILE A 78 83.37 54.50 56.30
CA ILE A 78 83.42 55.90 56.63
C ILE A 78 81.99 56.40 56.59
N LEU A 79 81.42 56.64 57.76
CA LEU A 79 80.04 57.11 57.84
C LEU A 79 79.98 58.53 58.35
N HIS A 80 79.13 59.35 57.74
CA HIS A 80 78.99 60.75 58.16
C HIS A 80 77.58 61.25 58.02
N THR A 81 77.02 61.70 59.13
CA THR A 81 75.66 62.20 59.10
C THR A 81 75.59 63.69 59.34
N ASN A 82 74.43 64.12 59.83
CA ASN A 82 74.19 65.53 60.12
C ASN A 82 72.74 65.62 60.54
N MET A 83 72.40 64.78 61.50
CA MET A 83 71.06 64.72 62.01
C MET A 83 70.88 65.72 63.14
N PRO A 84 69.74 66.40 63.14
CA PRO A 84 69.35 67.40 64.12
C PRO A 84 68.99 66.88 65.47
N ASN A 85 69.44 67.65 66.44
CA ASN A 85 69.18 67.42 67.84
C ASN A 85 67.72 67.03 67.96
N VAL A 86 66.88 67.93 67.48
CA VAL A 86 65.46 67.74 67.56
C VAL A 86 64.79 67.56 66.24
N ASN A 87 64.36 66.35 65.93
CA ASN A 87 63.67 66.16 64.68
C ASN A 87 62.56 65.12 64.80
N GLU A 88 61.75 65.03 63.75
CA GLU A 88 60.63 64.13 63.77
C GLU A 88 60.93 62.65 63.69
N PHE A 89 61.89 62.31 62.85
CA PHE A 89 62.24 60.90 62.66
C PHE A 89 62.80 60.25 63.91
N MET A 90 63.58 60.99 64.68
CA MET A 90 64.15 60.41 65.89
C MET A 90 63.23 60.48 67.09
N PHE A 91 62.10 61.15 66.92
CA PHE A 91 61.13 61.28 68.00
C PHE A 91 61.60 62.25 69.06
N THR A 92 61.97 63.45 68.63
CA THR A 92 62.42 64.43 69.59
C THR A 92 61.72 65.74 69.34
N ASN A 93 60.69 65.72 68.50
CA ASN A 93 59.98 66.95 68.19
C ASN A 93 58.57 66.94 68.75
N LYS A 94 58.18 65.90 69.46
CA LYS A 94 56.84 65.85 70.02
C LYS A 94 56.91 65.44 71.47
N PHE A 95 55.81 65.61 72.19
CA PHE A 95 55.75 65.22 73.58
C PHE A 95 54.40 65.59 74.15
N LYS A 96 53.74 64.60 74.74
CA LYS A 96 52.41 64.80 75.33
C LYS A 96 52.50 65.32 76.75
N ALA A 97 51.58 66.22 77.08
CA ALA A 97 51.51 66.81 78.40
C ALA A 97 50.04 67.13 78.63
N ARG A 98 49.62 67.14 79.88
CA ARG A 98 48.23 67.45 80.19
C ARG A 98 48.13 68.83 80.78
N VAL A 99 47.36 69.69 80.14
CA VAL A 99 47.21 71.05 80.62
C VAL A 99 45.75 71.41 80.88
N MET A 100 45.55 72.58 81.48
CA MET A 100 44.20 73.02 81.74
C MET A 100 43.65 73.63 80.48
N VAL A 101 42.43 73.25 80.16
CA VAL A 101 41.76 73.75 78.97
C VAL A 101 40.76 74.85 79.30
N SER A 102 39.93 74.61 80.32
CA SER A 102 38.92 75.59 80.70
C SER A 102 38.69 75.81 82.19
N ARG A 103 38.46 77.07 82.53
CA ARG A 103 38.19 77.51 83.89
C ARG A 103 36.81 78.14 83.79
N SER A 104 35.82 77.58 84.48
CA SER A 104 34.48 78.14 84.39
C SER A 104 33.70 78.34 85.69
N LEU A 105 32.69 79.22 85.61
CA LEU A 105 31.78 79.54 86.69
C LEU A 105 30.55 78.69 86.37
N THR A 106 30.28 77.67 87.16
CA THR A 106 29.15 76.78 86.84
C THR A 106 28.13 76.46 87.91
N LYS A 107 26.95 76.02 87.43
CA LYS A 107 25.80 75.64 88.23
C LYS A 107 25.73 76.36 89.56
N ASP A 108 25.65 77.69 89.44
CA ASP A 108 25.55 78.61 90.56
C ASP A 108 26.85 78.83 91.39
N LYS A 109 27.34 77.78 92.07
CA LYS A 109 28.52 77.91 92.94
C LYS A 109 29.81 77.11 92.61
N GLN A 110 29.70 76.12 91.73
CA GLN A 110 30.82 75.28 91.32
C GLN A 110 31.90 75.96 90.46
N VAL A 111 33.16 75.57 90.71
CA VAL A 111 34.31 76.04 89.94
C VAL A 111 34.65 74.82 89.11
N GLU A 112 34.33 74.85 87.82
CA GLU A 112 34.58 73.69 86.98
C GLU A 112 35.89 73.76 86.19
N LEU A 113 36.83 72.90 86.57
CA LEU A 113 38.12 72.81 85.93
C LEU A 113 38.16 71.62 84.99
N LYS A 114 38.43 71.88 83.72
CA LYS A 114 38.52 70.82 82.72
C LYS A 114 39.94 70.73 82.18
N TYR A 115 40.56 69.57 82.38
CA TYR A 115 41.90 69.30 81.92
C TYR A 115 41.89 68.28 80.80
N GLU A 116 42.88 68.34 79.91
CA GLU A 116 42.98 67.39 78.80
C GLU A 116 44.42 67.19 78.34
N TRP A 117 44.69 66.02 77.75
CA TRP A 117 46.02 65.72 77.24
C TRP A 117 46.15 66.28 75.86
N VAL A 118 47.34 66.74 75.52
CA VAL A 118 47.55 67.26 74.21
C VAL A 118 49.01 67.15 73.85
N GLU A 119 49.27 66.90 72.57
CA GLU A 119 50.62 66.71 72.08
C GLU A 119 51.18 67.92 71.35
N PHE A 120 52.19 68.55 71.95
CA PHE A 120 52.80 69.72 71.32
C PHE A 120 54.01 69.31 70.52
N THR A 121 54.28 70.03 69.44
CA THR A 121 55.41 69.71 68.60
C THR A 121 56.41 70.85 68.55
N LEU A 122 57.65 70.52 68.23
CA LEU A 122 58.69 71.52 68.14
C LEU A 122 59.20 71.65 66.73
N PRO A 123 59.77 72.80 66.41
CA PRO A 123 60.30 73.06 65.07
C PRO A 123 61.70 72.47 64.89
N GLU A 124 61.76 71.34 64.19
CA GLU A 124 63.01 70.64 63.96
C GLU A 124 64.28 71.49 63.99
N GLY A 125 65.38 70.88 64.42
CA GLY A 125 66.67 71.54 64.44
C GLY A 125 67.19 72.02 65.78
N ASN A 126 66.69 73.21 66.18
CA ASN A 126 66.98 73.96 67.44
C ASN A 126 67.69 73.23 68.58
N TYR A 127 68.99 73.08 68.38
CA TYR A 127 69.88 72.41 69.30
C TYR A 127 69.98 73.03 70.69
N SER A 128 71.05 72.67 71.40
CA SER A 128 71.30 73.18 72.75
C SER A 128 70.21 72.69 73.65
N GLU A 129 70.56 72.32 74.86
CA GLU A 129 69.54 71.82 75.75
C GLU A 129 68.68 72.92 76.28
N THR A 130 69.30 73.90 76.91
CA THR A 130 68.52 74.98 77.48
C THR A 130 67.48 75.47 76.52
N MET A 131 67.93 75.89 75.36
CA MET A 131 66.98 76.39 74.41
C MET A 131 65.88 75.41 74.09
N THR A 132 66.20 74.12 74.11
CA THR A 132 65.20 73.11 73.83
C THR A 132 64.14 73.16 74.89
N ILE A 133 64.57 73.40 76.13
CA ILE A 133 63.63 73.49 77.22
C ILE A 133 62.69 74.62 76.85
N ASP A 134 63.26 75.80 76.67
CA ASP A 134 62.49 76.98 76.32
C ASP A 134 61.48 76.72 75.24
N LEU A 135 61.90 76.08 74.15
CA LEU A 135 60.98 75.80 73.06
C LEU A 135 59.82 74.97 73.54
N MET A 136 60.07 74.12 74.52
CA MET A 136 59.02 73.30 75.08
C MET A 136 58.08 74.21 75.87
N ASN A 137 58.62 74.89 76.87
CA ASN A 137 57.79 75.79 77.65
C ASN A 137 56.96 76.66 76.73
N ASN A 138 57.58 77.17 75.68
CA ASN A 138 56.89 78.01 74.73
C ASN A 138 55.72 77.28 74.08
N ALA A 139 55.90 76.01 73.78
CA ALA A 139 54.82 75.27 73.15
C ALA A 139 53.65 75.09 74.11
N ILE A 140 53.93 75.04 75.40
CA ILE A 140 52.86 74.91 76.39
C ILE A 140 52.03 76.16 76.26
N VAL A 141 52.73 77.29 76.24
CA VAL A 141 52.12 78.60 76.11
C VAL A 141 51.35 78.73 74.80
N GLU A 142 52.06 78.61 73.68
CA GLU A 142 51.44 78.73 72.37
C GLU A 142 50.09 78.05 72.31
N HIS A 143 49.93 77.01 73.11
CA HIS A 143 48.68 76.28 73.17
C HIS A 143 47.67 77.07 73.99
N TYR A 144 48.11 77.53 75.16
CA TYR A 144 47.28 78.33 76.03
C TYR A 144 46.74 79.50 75.20
N LEU A 145 47.58 80.04 74.33
CA LEU A 145 47.19 81.14 73.48
C LEU A 145 46.08 80.77 72.52
N LYS A 146 45.96 79.50 72.19
CA LYS A 146 44.93 79.09 71.24
C LYS A 146 43.73 78.46 71.90
N VAL A 147 43.84 78.17 73.19
CA VAL A 147 42.73 77.54 73.87
C VAL A 147 42.53 78.04 75.29
N GLY A 148 43.62 78.07 76.04
CA GLY A 148 43.56 78.51 77.42
C GLY A 148 42.72 79.74 77.70
N ARG A 149 43.35 80.91 77.59
CA ARG A 149 42.67 82.17 77.87
C ARG A 149 41.24 82.22 77.36
N GLN A 150 41.05 81.93 76.08
CA GLN A 150 39.71 81.99 75.54
C GLN A 150 38.79 80.90 76.02
N ASN A 151 38.87 80.58 77.30
CA ASN A 151 38.03 79.57 77.89
C ASN A 151 38.18 79.64 79.40
N GLY A 152 38.52 80.82 79.86
CA GLY A 152 38.70 81.04 81.28
C GLY A 152 40.18 81.04 81.64
N VAL A 153 40.61 79.93 82.22
CA VAL A 153 41.98 79.71 82.65
C VAL A 153 42.97 80.88 82.52
N LEU A 154 43.38 81.39 83.67
CA LEU A 154 44.32 82.50 83.74
C LEU A 154 45.73 81.98 83.60
N GLU A 155 46.68 82.90 83.63
CA GLU A 155 48.08 82.54 83.54
C GLU A 155 48.39 81.91 84.89
N SER A 156 47.86 82.54 85.93
CA SER A 156 48.05 82.09 87.31
C SER A 156 47.95 80.58 87.44
N ASP A 157 47.09 79.97 86.63
CA ASP A 157 46.92 78.53 86.72
C ASP A 157 47.33 77.74 85.47
N ILE A 158 48.53 78.03 84.97
CA ILE A 158 49.07 77.34 83.80
C ILE A 158 49.71 76.06 84.30
N GLY A 159 49.18 74.93 83.87
CA GLY A 159 49.75 73.66 84.32
C GLY A 159 50.93 73.16 83.51
N VAL A 160 51.99 72.72 84.18
CA VAL A 160 53.17 72.21 83.47
C VAL A 160 54.16 73.21 82.93
N LYS A 161 55.34 73.20 83.52
CA LYS A 161 56.37 74.07 83.04
C LYS A 161 57.71 73.45 83.41
N PHE A 162 58.59 73.37 82.42
CA PHE A 162 59.91 72.81 82.62
C PHE A 162 60.80 73.93 83.07
N ASP A 163 61.46 73.72 84.20
CA ASP A 163 62.35 74.70 84.78
C ASP A 163 63.64 73.95 84.99
N THR A 164 64.57 74.56 85.73
CA THR A 164 65.85 73.93 85.98
C THR A 164 66.48 74.40 87.28
N ARG A 165 65.69 74.74 88.29
CA ARG A 165 66.32 75.20 89.53
C ARG A 165 65.79 74.53 90.76
N ASN A 166 66.51 74.75 91.86
CA ASN A 166 66.17 74.14 93.13
C ASN A 166 65.29 75.01 93.99
N PHE A 167 64.01 75.04 93.69
CA PHE A 167 63.07 75.85 94.47
C PHE A 167 63.14 75.30 95.87
N ARG A 168 64.11 75.75 96.66
CA ARG A 168 64.23 75.25 98.00
C ARG A 168 65.56 75.63 98.57
N LEU A 169 66.29 76.47 97.86
CA LEU A 169 67.57 76.83 98.41
C LEU A 169 67.41 77.81 99.56
N GLY A 170 66.57 78.83 99.37
CA GLY A 170 66.37 79.79 100.44
C GLY A 170 65.77 79.17 101.71
N PHE A 171 64.78 78.32 101.51
CA PHE A 171 64.06 77.64 102.58
C PHE A 171 64.69 77.63 103.97
N ASP A 172 63.84 77.99 104.94
CA ASP A 172 64.19 78.05 106.36
C ASP A 172 63.31 77.05 107.09
N PRO A 173 63.92 76.04 107.71
CA PRO A 173 63.19 74.99 108.45
C PRO A 173 62.18 75.46 109.49
N VAL A 174 62.26 76.72 109.89
CA VAL A 174 61.32 77.23 110.89
C VAL A 174 60.23 78.05 110.22
N THR A 175 60.67 79.07 109.51
CA THR A 175 59.78 79.96 108.77
C THR A 175 58.83 79.19 107.86
N GLY A 176 59.37 78.20 107.17
CA GLY A 176 58.56 77.43 106.25
C GLY A 176 58.55 78.22 104.96
N LEU A 177 59.47 79.16 104.83
CA LEU A 177 59.53 79.98 103.62
C LEU A 177 60.92 80.23 103.07
N VAL A 178 60.97 80.60 101.79
CA VAL A 178 62.22 80.89 101.12
C VAL A 178 62.57 82.34 101.47
N MET A 179 63.10 82.53 102.67
CA MET A 179 63.47 83.83 103.19
C MET A 179 63.87 84.94 102.23
N PRO A 180 64.73 84.65 101.27
CA PRO A 180 65.19 85.64 100.29
C PRO A 180 64.10 86.36 99.52
N GLY A 181 62.90 85.79 99.52
CA GLY A 181 61.78 86.39 98.82
C GLY A 181 61.87 86.13 97.33
N VAL A 182 62.84 85.33 96.96
CA VAL A 182 63.09 84.98 95.58
C VAL A 182 63.64 83.55 95.50
N TYR A 183 63.16 82.77 94.54
CA TYR A 183 63.68 81.43 94.38
C TYR A 183 65.05 81.63 93.77
N THR A 184 66.07 81.39 94.56
CA THR A 184 67.44 81.59 94.10
C THR A 184 67.65 81.14 92.66
N ASN A 185 67.83 82.14 91.80
CA ASN A 185 67.97 81.99 90.35
C ASN A 185 69.16 81.28 89.75
N GLU A 186 69.53 80.12 90.28
CA GLU A 186 70.64 79.39 89.67
C GLU A 186 70.17 78.02 89.19
N ALA A 187 70.73 77.58 88.06
CA ALA A 187 70.36 76.31 87.43
C ALA A 187 71.11 75.09 87.91
N PHE A 188 70.37 74.07 88.31
CA PHE A 188 70.98 72.85 88.82
C PHE A 188 70.74 71.62 87.98
N HIS A 189 69.52 71.46 87.51
CA HIS A 189 69.16 70.31 86.70
C HIS A 189 67.78 70.49 86.15
N PRO A 190 67.51 69.98 84.96
CA PRO A 190 66.16 70.20 84.50
C PRO A 190 65.17 69.44 85.33
N ASP A 191 63.98 69.98 85.50
CA ASP A 191 62.92 69.26 86.19
C ASP A 191 61.63 69.81 85.64
N ILE A 192 60.54 69.14 85.95
CA ILE A 192 59.28 69.60 85.42
C ILE A 192 58.34 69.87 86.56
N ILE A 193 57.70 71.04 86.52
CA ILE A 193 56.77 71.46 87.55
C ILE A 193 55.34 71.29 87.14
N LEU A 194 54.51 70.85 88.07
CA LEU A 194 53.12 70.64 87.75
C LEU A 194 52.15 71.27 88.72
N LEU A 195 50.97 71.58 88.19
CA LEU A 195 49.89 72.14 88.99
C LEU A 195 48.92 71.00 89.28
N PRO A 196 48.03 71.18 90.26
CA PRO A 196 47.11 70.08 90.52
C PRO A 196 46.46 69.64 89.23
N GLY A 197 46.06 68.38 89.21
CA GLY A 197 45.38 67.85 88.05
C GLY A 197 46.10 67.64 86.72
N CYS A 198 47.24 68.27 86.47
CA CYS A 198 47.88 68.04 85.19
C CYS A 198 49.18 67.19 85.27
N GLY A 199 49.96 67.18 84.19
CA GLY A 199 51.20 66.40 84.17
C GLY A 199 51.70 66.13 82.75
N VAL A 200 52.83 65.42 82.62
CA VAL A 200 53.38 65.14 81.29
C VAL A 200 53.61 63.66 81.00
N ASP A 201 53.69 63.32 79.73
CA ASP A 201 53.88 61.95 79.27
C ASP A 201 54.93 61.90 78.15
N PHE A 202 55.93 61.02 78.26
CA PHE A 202 56.95 60.92 77.22
C PHE A 202 56.95 59.61 76.50
N THR A 203 56.00 58.75 76.86
CA THR A 203 55.87 57.44 76.27
C THR A 203 56.37 57.34 74.83
N HIS A 204 56.15 58.37 74.03
CA HIS A 204 56.62 58.34 72.66
C HIS A 204 57.57 59.49 72.40
N SER A 205 58.61 59.61 73.19
CA SER A 205 59.56 60.69 72.97
C SER A 205 60.86 60.52 73.69
N ARG A 206 61.94 60.90 73.03
CA ARG A 206 63.25 60.78 73.61
C ARG A 206 63.62 62.03 74.38
N LEU A 207 62.80 63.08 74.26
CA LEU A 207 63.09 64.31 74.96
C LEU A 207 63.28 64.02 76.43
N SER A 208 62.59 62.99 76.91
CA SER A 208 62.74 62.60 78.30
C SER A 208 64.23 62.57 78.61
N ASN A 209 64.96 61.79 77.80
CA ASN A 209 66.39 61.67 77.96
C ASN A 209 67.12 63.00 77.92
N LEU A 210 66.51 64.01 77.31
CA LEU A 210 67.13 65.33 77.23
C LEU A 210 67.03 66.03 78.57
N LEU A 211 65.90 65.85 79.24
CA LEU A 211 65.70 66.46 80.54
C LEU A 211 66.57 65.75 81.56
N GLY A 212 66.95 64.52 81.27
CA GLY A 212 67.79 63.79 82.19
C GLY A 212 66.96 63.14 83.28
N ILE A 213 65.83 62.59 82.88
CA ILE A 213 64.94 61.91 83.81
C ILE A 213 64.57 60.57 83.19
N ARG A 214 65.02 59.45 83.77
CA ARG A 214 64.72 58.14 83.21
C ARG A 214 64.06 57.19 84.20
N LYS A 215 63.40 56.16 83.68
CA LYS A 215 62.75 55.18 84.55
C LYS A 215 63.81 54.24 85.07
N ARG A 216 63.68 53.81 86.31
CA ARG A 216 64.66 52.89 86.86
C ARG A 216 64.41 51.50 86.29
N GLN A 217 63.35 51.38 85.48
CA GLN A 217 62.99 50.11 84.85
C GLN A 217 62.52 50.36 83.45
N PRO A 218 63.43 50.80 82.59
CA PRO A 218 63.32 51.14 81.18
C PRO A 218 62.35 50.37 80.32
N PHE A 219 62.51 49.06 80.29
CA PHE A 219 61.66 48.25 79.42
C PHE A 219 60.16 48.25 79.64
N GLN A 220 59.69 48.81 80.74
CA GLN A 220 58.26 48.86 80.98
C GLN A 220 57.66 50.04 80.24
N GLU A 221 57.52 49.92 78.92
CA GLU A 221 56.97 51.01 78.10
C GLU A 221 55.86 51.77 78.80
N GLY A 222 56.09 53.06 79.05
CA GLY A 222 55.07 53.85 79.71
C GLY A 222 55.54 54.94 80.65
N PHE A 223 56.12 56.00 80.09
CA PHE A 223 56.61 57.09 80.89
C PHE A 223 55.56 58.18 81.09
N ARG A 224 54.86 58.12 82.21
CA ARG A 224 53.82 59.10 82.57
C ARG A 224 54.13 59.65 83.95
N ILE A 225 54.33 60.94 84.04
CA ILE A 225 54.63 61.52 85.33
C ILE A 225 53.55 62.56 85.72
N THR A 226 52.58 62.10 86.52
CA THR A 226 51.43 62.89 86.99
C THR A 226 51.77 63.84 88.14
N TYR A 227 50.90 64.80 88.37
CA TYR A 227 51.05 65.74 89.47
C TYR A 227 51.03 64.88 90.71
N ASP A 228 50.04 64.01 90.75
CA ASP A 228 49.85 63.10 91.86
C ASP A 228 51.14 62.37 92.27
N ASP A 229 51.98 62.05 91.29
CA ASP A 229 53.22 61.34 91.57
C ASP A 229 54.23 62.16 92.32
N LEU A 230 54.35 63.42 91.95
CA LEU A 230 55.28 64.31 92.63
C LEU A 230 54.84 64.56 94.06
N GLU A 231 54.65 63.49 94.83
CA GLU A 231 54.22 63.66 96.21
C GLU A 231 55.26 64.52 96.91
N GLY A 232 55.15 64.64 98.23
CA GLY A 232 56.08 65.46 98.99
C GLY A 232 57.06 66.28 98.17
N GLY A 233 56.97 67.60 98.24
CA GLY A 233 57.89 68.40 97.46
C GLY A 233 57.18 69.35 96.54
N ASN A 234 56.39 70.21 97.15
CA ASN A 234 55.66 71.21 96.42
C ASN A 234 56.53 72.41 96.68
N ILE A 235 56.79 73.19 95.66
CA ILE A 235 57.61 74.38 95.84
C ILE A 235 57.11 75.21 97.02
N PRO A 236 57.98 75.43 98.02
CA PRO A 236 57.62 76.23 99.19
C PRO A 236 57.31 77.62 98.70
N ALA A 237 56.82 78.49 99.59
CA ALA A 237 56.47 79.85 99.20
C ALA A 237 57.53 80.87 99.60
N LEU A 238 57.37 82.08 99.05
CA LEU A 238 58.30 83.16 99.30
C LEU A 238 57.96 84.05 100.49
N LEU A 239 58.98 84.46 101.23
CA LEU A 239 58.77 85.35 102.37
C LEU A 239 58.32 86.71 101.85
N ASP A 240 57.46 87.38 102.57
CA ASP A 240 57.04 88.70 102.11
C ASP A 240 58.16 89.64 102.54
N VAL A 241 59.28 89.54 101.84
CA VAL A 241 60.45 90.36 102.13
C VAL A 241 60.08 91.80 102.49
N ASP A 242 59.19 92.41 101.71
CA ASP A 242 58.78 93.79 101.98
C ASP A 242 58.15 93.96 103.35
N ALA A 243 57.07 93.24 103.60
CA ALA A 243 56.38 93.30 104.89
C ALA A 243 57.36 93.14 106.03
N TYR A 244 57.98 91.96 106.13
CA TYR A 244 58.95 91.66 107.18
C TYR A 244 59.87 92.85 107.50
N GLN A 245 60.63 93.31 106.50
CA GLN A 245 61.56 94.44 106.69
C GLN A 245 60.89 95.72 107.18
N ALA A 246 59.96 96.25 106.38
CA ALA A 246 59.25 97.46 106.74
C ALA A 246 58.73 97.34 108.17
N SER A 247 58.22 96.16 108.50
CA SER A 247 57.67 95.88 109.81
C SER A 247 58.65 95.93 110.99
N LEU A 248 59.93 96.11 110.72
CA LEU A 248 60.87 96.18 111.82
C LEU A 248 61.15 97.64 112.25
N LYS A 327 56.77 90.73 117.95
CA LYS A 327 56.29 90.18 116.67
C LYS A 327 57.19 90.58 115.50
N LYS A 328 56.86 90.00 114.35
CA LYS A 328 57.53 90.21 113.07
C LYS A 328 56.54 89.55 112.10
N PRO A 329 56.23 90.22 110.95
CA PRO A 329 55.28 89.66 109.97
C PRO A 329 55.61 88.25 109.53
N VAL A 330 56.84 88.08 109.03
CA VAL A 330 57.37 86.81 108.53
C VAL A 330 56.34 85.82 108.02
N ILE A 331 55.57 85.18 108.91
CA ILE A 331 54.55 84.20 108.51
C ILE A 331 53.94 84.59 107.14
N LYS A 332 54.03 85.88 106.79
CA LYS A 332 53.50 86.36 105.52
C LYS A 332 54.22 85.80 104.29
N PRO A 333 53.55 84.88 103.60
CA PRO A 333 54.05 84.22 102.40
C PRO A 333 53.49 84.90 101.16
N LEU A 334 54.29 85.76 100.55
CA LEU A 334 53.92 86.48 99.34
C LEU A 334 52.89 85.72 98.47
N THR A 335 51.64 86.20 98.43
CA THR A 335 50.56 85.54 97.68
C THR A 335 50.47 85.82 96.19
N GLU A 336 51.03 86.92 95.75
CA GLU A 336 50.98 87.25 94.34
C GLU A 336 52.33 87.74 93.86
N ASP A 337 52.30 88.90 93.20
CA ASP A 337 53.49 89.52 92.64
C ASP A 337 53.02 90.75 91.86
N SER A 338 53.95 91.41 91.20
CA SER A 338 53.56 92.56 90.38
C SER A 338 52.49 91.98 89.46
N LYS A 339 51.85 92.82 88.67
CA LYS A 339 50.80 92.33 87.76
C LYS A 339 49.88 91.25 88.36
N LYS A 340 49.84 91.23 89.69
CA LYS A 340 49.00 90.32 90.48
C LYS A 340 48.57 88.94 89.94
N ARG A 341 49.47 87.97 90.06
CA ARG A 341 49.22 86.57 89.66
C ARG A 341 49.25 85.81 90.97
N SER A 342 48.34 84.86 91.15
CA SER A 342 48.34 84.10 92.42
C SER A 342 49.32 82.95 92.38
N TYR A 343 50.00 82.71 93.50
CA TYR A 343 50.94 81.61 93.56
C TYR A 343 50.20 80.39 94.09
N ASN A 344 48.94 80.24 93.68
CA ASN A 344 48.13 79.11 94.09
C ASN A 344 48.58 78.46 95.42
N LEU A 345 48.45 79.15 96.56
CA LEU A 345 48.84 78.54 97.84
C LEU A 345 47.74 77.59 98.29
N ILE A 346 48.11 76.41 98.78
CA ILE A 346 47.09 75.44 99.17
C ILE A 346 45.96 75.98 100.07
N SER A 347 46.33 76.78 101.07
CA SER A 347 45.34 77.37 101.97
C SER A 347 45.88 78.67 102.53
N ASN A 348 45.01 79.47 103.13
CA ASN A 348 45.38 80.76 103.70
C ASN A 348 46.45 80.62 104.79
N ASP A 349 46.71 79.39 105.20
CA ASP A 349 47.69 79.10 106.25
C ASP A 349 49.05 78.61 105.73
N SER A 350 49.06 77.39 105.18
CA SER A 350 50.28 76.76 104.67
C SER A 350 51.29 77.64 103.94
N THR A 351 52.55 77.31 104.17
CA THR A 351 53.68 78.00 103.59
C THR A 351 54.00 77.41 102.21
N PHE A 352 53.41 76.25 101.92
CA PHE A 352 53.62 75.55 100.66
C PHE A 352 52.66 76.02 99.57
N THR A 353 53.09 75.94 98.32
CA THR A 353 52.24 76.30 97.18
C THR A 353 51.77 75.02 96.52
N GLN A 354 50.78 75.12 95.65
CA GLN A 354 50.25 73.94 94.98
C GLN A 354 51.16 73.46 93.85
N TYR A 355 52.21 74.23 93.58
CA TYR A 355 53.17 73.88 92.54
C TYR A 355 54.10 72.75 92.99
N ARG A 356 54.05 71.62 92.29
CA ARG A 356 54.91 70.47 92.62
C ARG A 356 56.09 70.35 91.63
N SER A 357 57.29 70.17 92.17
CA SER A 357 58.52 70.04 91.38
C SER A 357 59.11 68.64 91.41
N TRP A 358 59.47 68.15 90.23
CA TRP A 358 60.06 66.83 90.19
C TRP A 358 61.33 66.83 91.02
N TYR A 359 62.29 67.63 90.60
CA TYR A 359 63.57 67.71 91.27
C TYR A 359 63.45 67.67 92.79
N LEU A 360 62.38 68.23 93.34
CA LEU A 360 62.23 68.22 94.78
C LEU A 360 61.88 66.83 95.27
N ALA A 361 60.83 66.27 94.68
CA ALA A 361 60.39 64.95 95.05
C ALA A 361 61.53 63.95 95.03
N TYR A 362 62.41 64.07 94.04
CA TYR A 362 63.51 63.14 93.93
C TYR A 362 64.42 63.13 95.14
N ASN A 363 65.03 64.26 95.48
CA ASN A 363 65.93 64.27 96.63
C ASN A 363 65.38 64.89 97.92
N TYR A 364 64.17 65.43 97.87
CA TYR A 364 63.61 66.02 99.09
C TYR A 364 62.39 65.26 99.62
N GLY A 365 61.90 64.30 98.83
CA GLY A 365 60.74 63.53 99.25
C GLY A 365 61.07 62.14 99.76
N ASP A 366 60.05 61.44 100.24
CA ASP A 366 60.23 60.08 100.76
C ASP A 366 61.01 59.20 99.78
N PRO A 367 62.25 58.84 100.13
CA PRO A 367 63.06 58.00 99.24
C PRO A 367 62.47 56.63 98.97
N GLN A 368 61.75 56.07 99.93
CA GLN A 368 61.16 54.75 99.75
C GLN A 368 59.87 54.70 98.91
N THR A 369 59.05 55.76 98.94
CA THR A 369 57.79 55.76 98.18
C THR A 369 57.64 56.89 97.19
N GLY A 370 58.47 57.92 97.33
CA GLY A 370 58.39 59.07 96.45
C GLY A 370 58.69 58.76 94.99
N ILE A 371 59.16 59.74 94.26
CA ILE A 371 59.46 59.48 92.88
C ILE A 371 60.86 58.90 92.75
N ARG A 372 61.74 59.22 93.69
CA ARG A 372 63.10 58.68 93.61
C ARG A 372 63.07 57.16 93.60
N SER A 373 61.90 56.60 93.89
CA SER A 373 61.74 55.17 93.93
C SER A 373 61.72 54.52 92.56
N TRP A 374 61.17 55.22 91.58
CA TRP A 374 61.07 54.64 90.25
C TRP A 374 61.55 55.47 89.08
N THR A 375 62.33 56.52 89.35
CA THR A 375 62.85 57.32 88.27
C THR A 375 64.28 57.64 88.66
N LEU A 376 65.12 58.00 87.70
CA LEU A 376 66.50 58.27 88.04
C LEU A 376 67.00 59.61 87.55
N LEU A 377 67.69 60.33 88.43
CA LEU A 377 68.24 61.62 88.08
C LEU A 377 69.50 61.41 87.29
N CYS A 378 69.51 61.80 86.02
CA CYS A 378 70.67 61.59 85.18
C CYS A 378 71.18 62.79 84.45
N THR A 379 72.40 62.64 83.96
CA THR A 379 73.05 63.67 83.18
C THR A 379 72.21 63.86 81.95
N PRO A 380 71.99 65.11 81.57
CA PRO A 380 71.19 65.48 80.41
C PRO A 380 71.46 64.72 79.11
N ASP A 381 72.44 65.18 78.31
CA ASP A 381 72.73 64.56 77.01
C ASP A 381 71.73 65.04 75.98
N VAL A 382 72.16 65.91 75.09
CA VAL A 382 71.25 66.44 74.10
C VAL A 382 70.91 65.47 72.99
N THR A 383 71.87 64.64 72.58
CA THR A 383 71.64 63.68 71.50
C THR A 383 70.36 62.89 71.72
N CYS A 384 69.90 62.91 72.96
CA CYS A 384 68.67 62.21 73.34
C CYS A 384 68.85 60.72 73.47
N GLY A 385 70.04 60.23 73.19
CA GLY A 385 70.25 58.80 73.33
C GLY A 385 71.05 58.15 72.22
N SER A 386 72.27 57.77 72.57
CA SER A 386 73.14 57.13 71.61
C SER A 386 72.43 55.93 70.99
N GLU A 387 72.06 56.04 69.72
CA GLU A 387 71.41 54.93 69.04
C GLU A 387 72.38 54.35 68.02
N GLN A 388 72.19 53.09 67.68
CA GLN A 388 73.09 52.45 66.73
C GLN A 388 72.48 52.20 65.40
N VAL A 389 73.35 52.04 64.41
CA VAL A 389 72.91 51.79 63.05
C VAL A 389 73.56 50.50 62.61
N TYR A 390 72.88 49.74 61.77
CA TYR A 390 73.41 48.49 61.30
C TYR A 390 73.68 48.55 59.80
N TRP A 391 74.80 47.97 59.36
CA TRP A 391 75.15 47.93 57.95
C TRP A 391 74.72 46.60 57.35
N SER A 392 74.71 46.51 56.03
CA SER A 392 74.33 45.28 55.35
C SER A 392 74.78 45.35 53.91
N LEU A 393 75.44 44.30 53.43
CA LEU A 393 75.91 44.30 52.07
C LEU A 393 75.45 43.03 51.39
N PRO A 394 74.18 42.72 51.54
CA PRO A 394 73.41 41.59 51.04
C PRO A 394 74.00 40.87 49.87
N ASP A 395 74.55 41.62 48.93
CA ASP A 395 75.08 40.99 47.75
C ASP A 395 76.57 40.71 47.77
N MET A 396 77.21 40.94 48.91
CA MET A 396 78.64 40.73 48.98
C MET A 396 79.17 39.95 50.17
N MET A 397 78.47 39.94 51.29
CA MET A 397 78.95 39.18 52.44
C MET A 397 78.02 38.01 52.66
N GLN A 398 78.52 36.98 53.33
CA GLN A 398 77.67 35.84 53.61
C GLN A 398 76.81 36.27 54.76
N ASP A 399 75.64 35.68 54.85
CA ASP A 399 74.72 36.06 55.89
C ASP A 399 75.06 35.47 57.25
N PRO A 400 75.50 36.32 58.17
CA PRO A 400 75.90 36.04 59.54
C PRO A 400 75.04 35.06 60.31
N VAL A 401 75.71 34.07 60.86
CA VAL A 401 75.11 33.00 61.62
C VAL A 401 73.64 32.74 61.42
N THR A 402 72.83 33.50 62.14
CA THR A 402 71.42 33.24 62.07
C THR A 402 70.49 34.06 61.23
N PHE A 403 71.02 35.01 60.48
CA PHE A 403 70.12 35.80 59.66
C PHE A 403 69.81 34.97 58.47
N ARG A 404 68.63 35.19 57.91
CA ARG A 404 68.28 34.45 56.71
C ARG A 404 68.27 35.50 55.63
N SER A 405 68.64 35.09 54.43
CA SER A 405 68.69 35.99 53.29
C SER A 405 67.31 36.30 52.79
N THR A 406 67.07 37.57 52.52
CA THR A 406 65.78 37.99 52.00
C THR A 406 65.98 39.15 51.07
N SER A 407 64.90 39.76 50.64
CA SER A 407 64.95 40.89 49.71
C SER A 407 64.17 42.05 50.28
N GLN A 408 63.79 41.91 51.54
CA GLN A 408 63.04 42.95 52.22
C GLN A 408 64.01 43.93 52.90
N ILE A 409 64.33 45.01 52.20
CA ILE A 409 65.22 46.05 52.72
C ILE A 409 65.28 46.22 54.22
N SER A 410 64.16 46.00 54.89
CA SER A 410 64.11 46.17 56.33
C SER A 410 64.37 44.87 57.10
N ASN A 411 65.13 43.96 56.52
CA ASN A 411 65.44 42.70 57.19
C ASN A 411 66.72 42.09 56.66
N PHE A 412 67.39 42.83 55.79
CA PHE A 412 68.65 42.35 55.25
C PHE A 412 69.52 41.86 56.38
N PRO A 413 70.47 41.00 56.07
CA PRO A 413 71.33 40.51 57.14
C PRO A 413 72.23 41.67 57.55
N VAL A 414 72.69 41.64 58.78
CA VAL A 414 73.57 42.69 59.29
C VAL A 414 75.00 42.23 59.31
N VAL A 415 75.93 43.11 59.01
CA VAL A 415 77.30 42.69 59.01
C VAL A 415 78.13 43.56 59.90
N GLY A 416 77.56 44.66 60.36
CA GLY A 416 78.34 45.54 61.22
C GLY A 416 77.44 46.51 61.93
N ALA A 417 77.75 46.77 63.20
CA ALA A 417 76.96 47.67 64.00
C ALA A 417 77.88 48.79 64.39
N GLU A 418 77.32 49.97 64.57
CA GLU A 418 78.13 51.11 64.90
C GLU A 418 77.22 52.17 65.44
N LEU A 419 77.73 52.92 66.41
CA LEU A 419 76.93 53.96 67.01
C LEU A 419 76.70 55.06 65.98
N LEU A 420 75.49 55.65 65.99
CA LEU A 420 75.16 56.72 65.05
C LEU A 420 75.93 57.99 65.42
N PRO A 421 76.86 58.42 64.55
CA PRO A 421 77.77 59.57 64.62
C PRO A 421 77.30 60.87 65.22
N VAL A 422 77.10 60.92 66.53
CA VAL A 422 76.66 62.16 67.14
C VAL A 422 77.25 62.28 68.54
N HIS A 423 77.88 63.41 68.84
CA HIS A 423 78.48 63.59 70.16
C HIS A 423 77.94 64.78 70.93
N SER A 424 78.25 64.84 72.22
CA SER A 424 77.79 65.94 73.06
C SER A 424 78.96 66.86 73.36
N LYS A 425 79.10 67.95 72.61
CA LYS A 425 80.19 68.88 72.88
C LYS A 425 79.70 69.73 74.04
N SER A 426 80.59 70.02 74.98
CA SER A 426 80.22 70.81 76.12
C SER A 426 80.96 72.14 76.16
N PHE A 427 80.23 73.21 76.49
CA PHE A 427 80.85 74.51 76.56
C PHE A 427 80.59 75.22 77.87
N TYR A 428 81.23 76.36 78.03
CA TYR A 428 81.08 77.15 79.23
C TYR A 428 80.59 78.53 78.89
N ASN A 429 79.48 78.92 79.50
CA ASN A 429 78.92 80.24 79.23
C ASN A 429 78.53 80.86 80.56
N ASP A 430 79.51 81.34 81.32
CA ASP A 430 79.19 81.94 82.63
C ASP A 430 78.30 83.11 82.27
N GLN A 431 78.22 83.34 80.96
CA GLN A 431 77.41 84.35 80.37
C GLN A 431 75.95 83.99 80.55
N ALA A 432 75.66 82.78 81.01
CA ALA A 432 74.30 82.31 81.23
C ALA A 432 73.74 83.03 82.45
N VAL A 433 72.49 83.48 82.32
CA VAL A 433 71.79 84.21 83.37
C VAL A 433 72.43 85.57 83.62
N TYR A 434 73.55 85.85 82.94
CA TYR A 434 74.07 87.20 83.10
C TYR A 434 73.68 87.57 81.66
N SER A 435 73.58 86.53 80.83
CA SER A 435 73.21 86.56 79.44
C SER A 435 71.69 86.48 79.38
N GLN A 436 71.01 85.59 80.10
CA GLN A 436 69.53 85.58 80.02
C GLN A 436 69.10 87.02 80.24
N LEU A 437 69.77 87.66 81.21
CA LEU A 437 69.56 89.04 81.63
C LEU A 437 69.83 89.93 80.40
N ILE A 438 70.95 89.68 79.71
CA ILE A 438 71.31 90.46 78.54
C ILE A 438 70.71 89.84 77.28
N ARG A 439 70.58 88.52 77.27
CA ARG A 439 70.01 87.84 76.13
C ARG A 439 68.62 88.43 75.81
N GLN A 440 67.83 88.73 76.85
CA GLN A 440 66.50 89.30 76.66
C GLN A 440 66.45 90.63 75.92
N PHE A 441 67.51 91.43 76.09
CA PHE A 441 67.61 92.73 75.40
C PHE A 441 68.19 92.49 73.99
N THR A 442 69.07 91.49 73.91
CA THR A 442 69.74 91.06 72.67
C THR A 442 68.65 90.59 71.68
N SER A 443 67.75 89.72 72.18
CA SER A 443 66.61 89.22 71.42
C SER A 443 65.59 90.36 71.65
N LEU A 444 65.14 91.00 70.59
CA LEU A 444 64.23 92.13 70.78
C LEU A 444 62.89 91.81 71.49
N THR A 445 62.72 90.55 71.92
CA THR A 445 61.49 90.12 72.62
C THR A 445 61.65 89.18 73.84
N HIS A 446 60.72 89.31 74.77
CA HIS A 446 60.69 88.50 75.96
C HIS A 446 59.76 87.31 75.64
N VAL A 447 59.91 86.78 74.42
CA VAL A 447 59.07 85.68 73.96
C VAL A 447 59.09 84.49 74.88
N PHE A 448 60.25 84.18 75.41
CA PHE A 448 60.33 83.04 76.30
C PHE A 448 60.05 83.41 77.74
N ASN A 449 60.28 84.67 78.07
CA ASN A 449 60.08 85.12 79.44
C ASN A 449 58.77 85.82 79.74
N ARG A 450 57.80 85.72 78.85
CA ARG A 450 56.51 86.35 79.04
C ARG A 450 56.04 86.73 80.45
N PHE A 451 56.45 86.02 81.48
CA PHE A 451 55.99 86.32 82.83
C PHE A 451 57.13 86.71 83.78
N PRO A 452 57.96 87.67 83.37
CA PRO A 452 59.11 88.14 84.14
C PRO A 452 58.92 88.57 85.58
N GLU A 453 57.80 88.21 86.19
CA GLU A 453 57.60 88.62 87.56
C GLU A 453 57.36 87.39 88.37
N ASN A 454 56.42 86.58 87.90
CA ASN A 454 56.07 85.35 88.58
C ASN A 454 57.33 84.51 88.80
N GLN A 455 57.71 84.31 90.06
CA GLN A 455 58.89 83.54 90.38
C GLN A 455 58.88 82.13 89.84
N ILE A 456 57.70 81.61 89.51
CA ILE A 456 57.63 80.28 88.94
C ILE A 456 57.69 80.42 87.42
N LEU A 457 56.57 80.74 86.80
CA LEU A 457 56.49 80.90 85.36
C LEU A 457 57.63 81.70 84.70
N ALA A 458 58.56 82.22 85.50
CA ALA A 458 59.68 82.98 84.97
C ALA A 458 60.44 82.10 84.00
N ARG A 459 61.46 82.66 83.36
CA ARG A 459 62.26 81.89 82.41
C ARG A 459 63.40 81.21 83.15
N PRO A 460 63.41 79.87 83.13
CA PRO A 460 64.46 79.10 83.80
C PRO A 460 65.83 79.66 83.52
N PRO A 461 66.72 79.57 84.51
CA PRO A 461 68.08 80.06 84.39
C PRO A 461 68.82 79.23 83.37
N ALA A 462 69.70 79.86 82.63
CA ALA A 462 70.50 79.12 81.66
C ALA A 462 71.60 78.49 82.53
N PRO A 463 71.87 77.19 82.34
CA PRO A 463 72.92 76.55 83.15
C PRO A 463 74.28 76.80 82.55
N THR A 464 75.30 76.92 83.40
CA THR A 464 76.65 77.10 82.88
C THR A 464 76.90 75.72 82.31
N ILE A 465 77.58 75.64 81.18
CA ILE A 465 77.86 74.34 80.55
C ILE A 465 76.66 73.85 79.74
N THR A 466 76.54 74.38 78.53
CA THR A 466 75.47 73.95 77.65
C THR A 466 76.03 72.81 76.84
N THR A 467 75.14 71.97 76.32
CA THR A 467 75.56 70.84 75.53
C THR A 467 74.95 71.04 74.17
N VAL A 468 75.56 70.49 73.13
CA VAL A 468 75.03 70.64 71.78
C VAL A 468 75.35 69.41 70.98
N SER A 469 74.35 68.80 70.37
CA SER A 469 74.63 67.62 69.56
C SER A 469 75.47 68.11 68.42
N GLU A 470 76.50 67.36 68.09
CA GLU A 470 77.40 67.74 67.02
C GLU A 470 77.66 66.52 66.16
N ASN A 471 77.52 66.66 64.85
CA ASN A 471 77.76 65.54 63.94
C ASN A 471 79.24 65.38 63.65
N VAL A 472 79.70 64.15 63.57
CA VAL A 472 81.12 63.91 63.30
C VAL A 472 81.34 62.68 62.43
N PRO A 473 82.25 62.79 61.44
CA PRO A 473 82.50 61.64 60.58
C PRO A 473 83.06 60.55 61.46
N ALA A 474 82.68 59.31 61.16
CA ALA A 474 83.13 58.18 61.96
C ALA A 474 83.89 57.15 61.13
N LEU A 475 85.20 57.13 61.35
CA LEU A 475 86.08 56.19 60.66
C LEU A 475 86.07 54.94 61.51
N THR A 476 85.04 54.13 61.30
CA THR A 476 84.88 52.90 62.04
C THR A 476 85.59 51.74 61.36
N ASP A 477 85.63 50.58 62.01
CA ASP A 477 86.30 49.42 61.46
C ASP A 477 85.68 48.11 61.94
N HIS A 478 85.00 47.42 61.03
CA HIS A 478 84.36 46.16 61.37
C HIS A 478 85.38 45.11 61.12
N GLY A 479 85.11 43.88 61.53
CA GLY A 479 86.13 42.87 61.31
C GLY A 479 86.12 42.23 59.95
N THR A 480 86.91 41.18 59.78
CA THR A 480 86.92 40.45 58.52
C THR A 480 85.59 39.70 58.52
N LEU A 481 84.89 39.71 57.40
CA LEU A 481 83.61 39.02 57.28
C LEU A 481 83.69 38.09 56.10
N PRO A 482 82.94 36.98 56.14
CA PRO A 482 82.99 36.04 55.02
C PRO A 482 82.42 36.69 53.75
N LEU A 483 82.97 36.31 52.60
CA LEU A 483 82.52 36.85 51.31
C LEU A 483 81.95 35.76 50.42
N ARG A 484 81.25 36.14 49.38
CA ARG A 484 80.73 35.15 48.44
C ARG A 484 81.86 35.00 47.44
N ASN A 485 82.05 33.82 46.87
CA ASN A 485 83.16 33.69 45.95
C ASN A 485 82.89 34.29 44.59
N SER A 486 81.75 34.95 44.46
CA SER A 486 81.40 35.55 43.18
C SER A 486 80.70 36.84 43.49
N ILE A 487 81.44 37.93 43.43
CA ILE A 487 80.89 39.22 43.74
C ILE A 487 80.27 39.92 42.55
N GLY A 488 78.98 40.20 42.68
CA GLY A 488 78.23 40.85 41.61
C GLY A 488 78.74 42.22 41.23
N GLY A 489 78.51 42.58 39.97
CA GLY A 489 78.96 43.87 39.49
C GLY A 489 78.34 44.99 40.29
N VAL A 490 77.08 44.86 40.67
CA VAL A 490 76.45 45.92 41.43
C VAL A 490 76.10 45.41 42.79
N GLN A 491 76.60 46.10 43.79
CA GLN A 491 76.35 45.72 45.16
C GLN A 491 75.37 46.69 45.73
N ARG A 492 74.61 46.25 46.71
CA ARG A 492 73.64 47.11 47.35
C ARG A 492 74.13 47.39 48.76
N VAL A 493 74.24 48.67 49.10
CA VAL A 493 74.68 49.08 50.44
C VAL A 493 73.48 49.60 51.21
N THR A 494 73.42 49.29 52.51
CA THR A 494 72.27 49.71 53.30
C THR A 494 72.51 49.93 54.78
N ILE A 495 72.34 51.16 55.21
CA ILE A 495 72.50 51.50 56.60
C ILE A 495 71.13 51.65 57.21
N THR A 496 70.88 50.88 58.26
CA THR A 496 69.58 50.90 58.92
C THR A 496 69.72 51.38 60.35
N ASP A 497 68.60 51.64 61.00
CA ASP A 497 68.65 52.11 62.37
C ASP A 497 68.07 51.08 63.31
N ALA A 498 68.08 51.41 64.58
CA ALA A 498 67.56 50.50 65.59
C ALA A 498 66.26 49.77 65.20
N ARG A 499 65.31 50.52 64.67
CA ARG A 499 64.01 49.96 64.30
C ARG A 499 64.01 49.39 62.90
N ARG A 500 65.14 49.45 62.24
CA ARG A 500 65.27 48.92 60.89
C ARG A 500 64.54 49.72 59.86
N ARG A 501 65.17 50.81 59.44
CA ARG A 501 64.62 51.69 58.43
C ARG A 501 65.72 52.62 58.02
N THR A 502 65.81 52.92 56.73
CA THR A 502 66.85 53.81 56.26
C THR A 502 66.87 55.04 57.15
N CYS A 503 68.01 55.71 57.20
CA CYS A 503 68.14 56.89 58.01
C CYS A 503 68.43 58.08 57.11
N PRO A 504 67.45 58.93 56.90
CA PRO A 504 67.51 60.12 56.05
C PRO A 504 68.69 61.04 56.28
N TYR A 505 69.22 61.03 57.48
CA TYR A 505 70.31 61.94 57.79
C TYR A 505 71.72 61.53 57.43
N VAL A 506 71.88 60.62 56.48
CA VAL A 506 73.24 60.23 56.10
C VAL A 506 73.70 61.01 54.89
N TYR A 507 74.83 61.69 55.02
CA TYR A 507 75.35 62.45 53.90
C TYR A 507 76.40 61.66 53.16
N LYS A 508 77.19 60.87 53.88
CA LYS A 508 78.22 60.11 53.19
C LYS A 508 78.43 58.79 53.84
N ALA A 509 78.43 57.76 53.00
CA ALA A 509 78.64 56.41 53.48
C ALA A 509 79.43 55.75 52.40
N LEU A 510 80.46 55.01 52.78
CA LEU A 510 81.26 54.31 51.80
C LEU A 510 82.18 53.39 52.54
N GLY A 511 82.51 52.27 51.93
CA GLY A 511 83.37 51.33 52.60
C GLY A 511 84.39 50.71 51.70
N ILE A 512 85.43 50.19 52.31
CA ILE A 512 86.52 49.56 51.60
C ILE A 512 86.64 48.11 52.06
N VAL A 513 86.60 47.18 51.13
CA VAL A 513 86.71 45.78 51.48
C VAL A 513 87.97 45.19 50.91
N SER A 514 88.67 44.43 51.73
CA SER A 514 89.93 43.83 51.35
C SER A 514 89.87 42.33 51.57
N PRO A 515 89.50 41.57 50.55
CA PRO A 515 89.41 40.12 50.68
C PRO A 515 90.72 39.41 50.90
N ARG A 516 90.63 38.22 51.49
CA ARG A 516 91.80 37.39 51.75
C ARG A 516 91.35 36.01 52.18
N VAL A 517 92.19 35.02 51.87
CA VAL A 517 91.89 33.62 52.16
C VAL A 517 91.67 33.27 53.62
N LEU A 518 90.89 32.22 53.86
CA LEU A 518 90.63 31.80 55.22
C LEU A 518 90.76 30.31 55.43
N SER A 519 90.62 29.51 54.38
CA SER A 519 90.75 28.05 54.47
C SER A 519 90.33 27.51 53.13
N SER A 520 90.43 26.21 52.91
CA SER A 520 90.01 25.70 51.61
C SER A 520 88.89 24.67 51.64
N ARG A 521 88.31 24.38 50.47
CA ARG A 521 87.24 23.40 50.36
C ARG A 521 87.78 22.00 49.98
N ARG B 4 114.72 32.71 49.04
CA ARG B 4 113.31 32.33 49.46
C ARG B 4 112.41 33.58 49.66
N ASN B 5 113.01 34.62 50.22
CA ASN B 5 112.30 35.85 50.58
C ASN B 5 113.30 37.01 50.73
N SER B 6 114.22 37.13 49.79
CA SER B 6 115.21 38.19 49.86
C SER B 6 114.63 39.55 49.48
N ILE B 7 115.51 40.54 49.39
CA ILE B 7 115.14 41.90 49.02
C ILE B 7 116.49 42.45 48.63
N ARG B 8 116.76 42.48 47.34
CA ARG B 8 118.05 42.93 46.85
C ARG B 8 118.06 44.30 46.24
N TYR B 9 119.22 44.95 46.31
CA TYR B 9 119.40 46.27 45.73
C TYR B 9 120.79 46.39 45.12
N SER B 10 120.85 46.97 43.92
CA SER B 10 122.13 47.15 43.19
C SER B 10 123.16 46.24 43.80
N GLU B 11 124.12 46.86 44.47
CA GLU B 11 125.17 46.11 45.09
C GLU B 11 125.29 46.50 46.55
N LEU B 12 124.44 45.90 47.36
CA LEU B 12 124.45 46.09 48.80
C LEU B 12 124.06 44.75 49.37
N ALA B 13 124.37 44.52 50.63
CA ALA B 13 124.03 43.26 51.25
C ALA B 13 122.55 42.99 51.07
N PRO B 14 122.18 41.74 50.80
CA PRO B 14 120.76 41.46 50.64
C PRO B 14 120.07 41.56 51.99
N LEU B 15 118.81 42.00 51.99
CA LEU B 15 118.05 42.13 53.22
C LEU B 15 116.94 41.12 53.17
N PHE B 16 116.48 40.67 54.33
CA PHE B 16 115.44 39.66 54.35
C PHE B 16 114.21 39.96 55.16
N ASP B 17 113.10 39.43 54.69
CA ASP B 17 111.81 39.51 55.35
C ASP B 17 111.03 40.78 55.32
N THR B 18 111.71 41.91 55.33
CA THR B 18 110.98 43.17 55.30
C THR B 18 111.91 44.35 55.47
N THR B 19 111.37 45.54 55.25
CA THR B 19 112.15 46.74 55.36
C THR B 19 111.23 47.91 55.06
N ARG B 20 111.79 49.04 54.65
CA ARG B 20 110.92 50.18 54.38
C ARG B 20 111.37 51.05 53.22
N VAL B 21 110.43 51.35 52.34
CA VAL B 21 110.74 52.21 51.22
C VAL B 21 109.98 53.45 51.57
N TYR B 22 110.57 54.62 51.35
CA TYR B 22 109.86 55.82 51.72
C TYR B 22 109.46 56.72 50.56
N LEU B 23 108.20 57.08 50.52
CA LEU B 23 107.70 57.97 49.49
C LEU B 23 107.62 59.33 50.14
N VAL B 24 108.44 60.27 49.69
CA VAL B 24 108.44 61.60 50.28
C VAL B 24 108.76 62.71 49.28
N ASP B 25 108.01 63.80 49.35
CA ASP B 25 108.20 64.95 48.45
C ASP B 25 109.42 65.85 48.73
N ASN B 26 109.58 66.23 49.99
CA ASN B 26 110.66 67.07 50.48
C ASN B 26 112.07 66.96 49.93
N LYS B 27 112.59 65.74 49.80
CA LYS B 27 113.96 65.50 49.31
C LYS B 27 114.52 66.69 48.52
N SER B 28 115.68 67.21 48.92
CA SER B 28 116.25 68.37 48.23
C SER B 28 116.60 68.17 46.76
N THR B 29 117.21 67.03 46.46
CA THR B 29 117.64 66.70 45.09
C THR B 29 116.56 66.65 44.02
N ASP B 30 115.59 65.76 44.23
CA ASP B 30 114.48 65.52 43.31
C ASP B 30 113.59 66.75 43.05
N VAL B 31 113.34 67.54 44.08
CA VAL B 31 112.53 68.74 43.96
C VAL B 31 113.18 69.61 42.89
N ALA B 32 114.49 69.79 43.02
CA ALA B 32 115.27 70.58 42.07
C ALA B 32 114.99 70.05 40.66
N SER B 33 115.42 68.83 40.40
CA SER B 33 115.23 68.22 39.10
C SER B 33 113.79 67.81 38.80
N LEU B 34 113.45 66.56 39.12
CA LEU B 34 112.13 65.97 38.88
C LEU B 34 110.89 66.87 38.86
N ASN B 35 110.15 66.89 39.97
CA ASN B 35 108.95 67.71 40.05
C ASN B 35 109.44 69.12 39.84
N TYR B 36 108.53 70.00 39.46
CA TYR B 36 108.90 71.38 39.24
C TYR B 36 107.57 71.93 38.90
N GLN B 37 107.06 71.46 37.77
CA GLN B 37 105.78 71.91 37.32
C GLN B 37 104.68 71.11 38.00
N ASN B 38 105.05 70.33 39.02
CA ASN B 38 104.09 69.53 39.75
C ASN B 38 103.76 70.17 41.10
N ASP B 39 102.96 69.49 41.91
CA ASP B 39 102.59 69.97 43.24
C ASP B 39 102.36 68.79 44.18
N HIS B 40 102.21 69.07 45.47
CA HIS B 40 102.01 68.00 46.44
C HIS B 40 100.73 67.21 46.26
N SER B 41 100.54 66.62 45.11
CA SER B 41 99.32 65.88 44.90
C SER B 41 99.52 65.15 43.61
N ASN B 42 100.68 65.36 43.04
CA ASN B 42 101.01 64.71 41.81
C ASN B 42 102.47 65.00 41.65
N PHE B 43 103.31 64.14 42.22
CA PHE B 43 104.73 64.36 42.13
C PHE B 43 105.53 63.10 41.99
N LEU B 44 106.81 63.27 41.69
CA LEU B 44 107.68 62.13 41.56
C LEU B 44 108.60 62.16 42.74
N THR B 45 109.22 61.05 43.04
CA THR B 45 110.13 61.01 44.16
C THR B 45 110.99 59.78 43.96
N THR B 46 112.24 59.84 44.40
CA THR B 46 113.11 58.69 44.25
C THR B 46 112.93 57.87 45.50
N VAL B 47 112.84 56.56 45.35
CA VAL B 47 112.69 55.73 46.51
C VAL B 47 114.06 55.30 46.93
N ILE B 48 115.03 55.50 46.04
CA ILE B 48 116.40 55.13 46.29
C ILE B 48 117.00 55.48 47.63
N GLN B 49 116.97 56.75 48.02
CA GLN B 49 117.55 57.10 49.32
C GLN B 49 119.05 56.83 49.48
N ASN B 50 119.78 56.67 48.37
CA ASN B 50 121.24 56.45 48.47
C ASN B 50 121.91 57.73 48.04
N ASN B 51 122.64 58.31 48.98
CA ASN B 51 123.34 59.56 48.78
C ASN B 51 124.13 59.73 47.48
N ASP B 52 124.77 58.68 46.96
CA ASP B 52 125.50 58.80 45.69
C ASP B 52 124.44 58.74 44.62
N TYR B 53 124.84 58.65 43.37
CA TYR B 53 123.85 58.54 42.30
C TYR B 53 122.92 59.73 42.06
N SER B 54 123.03 60.29 40.87
CA SER B 54 122.23 61.42 40.46
C SER B 54 120.80 60.96 40.31
N PRO B 55 119.85 61.71 40.90
CA PRO B 55 118.46 61.27 40.74
C PRO B 55 118.33 61.09 39.23
N GLY B 56 117.39 60.27 38.80
CA GLY B 56 117.29 60.03 37.38
C GLY B 56 118.19 58.84 37.14
N GLU B 57 119.49 59.02 37.37
CA GLU B 57 120.38 57.88 37.22
C GLU B 57 119.94 56.89 38.29
N ALA B 58 119.26 57.43 39.29
CA ALA B 58 118.73 56.61 40.37
C ALA B 58 117.62 55.85 39.70
N SER B 59 116.80 56.59 38.97
CA SER B 59 115.69 56.02 38.25
C SER B 59 116.03 54.72 37.55
N THR B 60 117.29 54.54 37.18
CA THR B 60 117.67 53.31 36.53
C THR B 60 117.59 52.14 37.48
N GLN B 61 118.14 52.32 38.67
CA GLN B 61 118.16 51.26 39.67
C GLN B 61 116.79 50.78 40.07
N THR B 62 116.75 49.69 40.83
CA THR B 62 115.48 49.14 41.26
C THR B 62 115.61 48.30 42.51
N ILE B 63 114.57 48.34 43.31
CA ILE B 63 114.52 47.56 44.52
C ILE B 63 113.83 46.28 44.10
N ASN B 64 114.47 45.13 44.27
CA ASN B 64 113.84 43.87 43.88
C ASN B 64 113.40 43.01 45.03
N LEU B 65 112.10 42.74 45.09
CA LEU B 65 111.61 41.89 46.16
C LEU B 65 111.69 40.50 45.56
N ASP B 66 112.36 39.57 46.26
CA ASP B 66 112.53 38.22 45.77
C ASP B 66 111.42 37.85 44.82
N ASP B 67 111.81 37.28 43.71
CA ASP B 67 110.90 36.89 42.67
C ASP B 67 110.02 35.69 43.02
N ARG B 68 110.57 34.73 43.72
CA ARG B 68 109.83 33.54 44.06
C ARG B 68 108.59 33.71 44.93
N SER B 69 108.31 34.92 45.42
CA SER B 69 107.15 35.11 46.28
C SER B 69 106.33 36.33 45.91
N HIS B 70 105.03 36.32 46.20
CA HIS B 70 104.18 37.48 45.91
C HIS B 70 104.26 38.36 47.13
N TRP B 71 104.74 39.59 46.95
CA TRP B 71 104.85 40.47 48.09
C TRP B 71 103.70 41.42 48.25
N GLY B 72 103.66 42.06 49.40
CA GLY B 72 102.63 43.04 49.69
C GLY B 72 103.27 44.02 50.64
N GLY B 73 102.68 45.21 50.81
CA GLY B 73 103.28 46.16 51.72
C GLY B 73 102.24 46.95 52.48
N ASP B 74 102.51 47.25 53.74
CA ASP B 74 101.58 48.03 54.55
C ASP B 74 101.82 49.45 54.12
N LEU B 75 100.75 50.21 53.92
CA LEU B 75 100.94 51.58 53.47
C LEU B 75 100.26 52.57 54.36
N LYS B 76 101.01 53.22 55.24
CA LYS B 76 100.38 54.23 56.07
C LYS B 76 100.85 55.54 55.50
N THR B 77 100.01 56.55 55.56
CA THR B 77 100.37 57.83 55.00
C THR B 77 100.04 58.97 55.91
N ILE B 78 100.69 60.09 55.63
CA ILE B 78 100.51 61.29 56.40
C ILE B 78 100.07 62.36 55.43
N LEU B 79 98.79 62.72 55.49
CA LEU B 79 98.27 63.73 54.59
C LEU B 79 97.89 64.99 55.34
N HIS B 80 98.22 66.16 54.80
CA HIS B 80 97.89 67.42 55.44
C HIS B 80 97.55 68.50 54.45
N THR B 81 96.36 69.06 54.60
CA THR B 81 95.94 70.10 53.68
C THR B 81 95.80 71.43 54.36
N ASN B 82 94.97 72.28 53.77
CA ASN B 82 94.74 73.63 54.30
C ASN B 82 93.82 74.31 53.29
N MET B 83 92.75 73.61 53.00
CA MET B 83 91.78 74.10 52.05
C MET B 83 90.75 74.97 52.75
N PRO B 84 90.40 76.07 52.11
CA PRO B 84 89.43 77.05 52.58
C PRO B 84 88.00 76.63 52.55
N ASN B 85 87.32 77.03 53.61
CA ASN B 85 85.91 76.80 53.78
C ASN B 85 85.24 77.10 52.45
N VAL B 86 85.46 78.31 52.00
CA VAL B 86 84.86 78.76 50.76
C VAL B 86 85.83 79.02 49.65
N ASN B 87 85.86 78.15 48.66
CA ASN B 87 86.75 78.39 47.55
C ASN B 87 86.16 77.94 46.24
N GLU B 88 86.83 78.31 45.15
CA GLU B 88 86.33 78.00 43.82
C GLU B 88 86.40 76.55 43.41
N PHE B 89 87.49 75.90 43.73
CA PHE B 89 87.68 74.51 43.34
C PHE B 89 86.67 73.56 43.97
N MET B 90 86.30 73.81 45.21
CA MET B 90 85.33 72.93 45.86
C MET B 90 83.89 73.30 45.57
N PHE B 91 83.69 74.40 44.86
CA PHE B 91 82.35 74.83 44.52
C PHE B 91 81.62 75.40 45.71
N THR B 92 82.25 76.34 46.39
CA THR B 92 81.60 76.95 47.54
C THR B 92 81.70 78.45 47.44
N ASN B 93 82.09 78.96 46.29
CA ASN B 93 82.22 80.39 46.14
C ASN B 93 81.19 80.97 45.18
N LYS B 94 80.31 80.13 44.65
CA LYS B 94 79.31 80.63 43.72
C LYS B 94 77.94 80.09 44.12
N PHE B 95 76.90 80.67 43.55
CA PHE B 95 75.55 80.21 43.83
C PHE B 95 74.56 81.09 43.08
N LYS B 96 73.69 80.44 42.31
CA LYS B 96 72.68 81.15 41.52
C LYS B 96 71.45 81.44 42.34
N ALA B 97 70.88 82.62 42.10
CA ALA B 97 69.67 83.06 42.76
C ALA B 97 68.96 83.97 41.78
N ARG B 98 67.64 84.05 41.89
CA ARG B 98 66.88 84.91 41.00
C ARG B 98 66.41 86.13 41.74
N VAL B 99 66.80 87.31 41.24
CA VAL B 99 66.41 88.54 41.89
C VAL B 99 65.68 89.48 40.94
N MET B 100 65.15 90.55 41.52
CA MET B 100 64.46 91.51 40.69
C MET B 100 65.48 92.42 40.05
N VAL B 101 65.29 92.65 38.76
CA VAL B 101 66.20 93.49 38.01
C VAL B 101 65.62 94.88 37.79
N SER B 102 64.36 94.95 37.35
CA SER B 102 63.72 96.24 37.10
C SER B 102 62.27 96.40 37.54
N ARG B 103 61.97 97.59 38.03
CA ARG B 103 60.65 97.97 38.49
C ARG B 103 60.29 99.16 37.60
N SER B 104 59.26 99.03 36.78
CA SER B 104 58.89 100.12 35.89
C SER B 104 57.42 100.53 35.81
N LEU B 105 57.22 101.75 35.34
CA LEU B 105 55.90 102.35 35.12
C LEU B 105 55.70 102.16 33.62
N THR B 106 54.77 101.29 33.23
CA THR B 106 54.60 101.03 31.80
C THR B 106 53.20 101.09 31.19
N LYS B 107 53.19 101.25 29.86
CA LYS B 107 51.99 101.34 29.02
C LYS B 107 50.79 101.90 29.76
N ASP B 108 50.99 103.13 30.24
CA ASP B 108 49.99 103.90 30.97
C ASP B 108 49.70 103.44 32.43
N LYS B 109 49.15 102.24 32.61
CA LYS B 109 48.78 101.75 33.96
C LYS B 109 49.49 100.50 34.55
N GLN B 110 50.18 99.75 33.70
CA GLN B 110 50.90 98.53 34.11
C GLN B 110 52.15 98.75 34.98
N VAL B 111 52.34 97.84 35.94
CA VAL B 111 53.50 97.81 36.82
C VAL B 111 54.30 96.65 36.26
N GLU B 112 55.39 96.94 35.56
CA GLU B 112 56.16 95.86 34.95
C GLU B 112 57.38 95.42 35.77
N LEU B 113 57.28 94.21 36.30
CA LEU B 113 58.35 93.61 37.09
C LEU B 113 59.13 92.62 36.26
N LYS B 114 60.44 92.85 36.15
CA LYS B 114 61.29 91.96 35.39
C LYS B 114 62.31 91.30 36.33
N TYR B 115 62.25 89.98 36.39
CA TYR B 115 63.14 89.18 37.23
C TYR B 115 64.10 88.37 36.36
N GLU B 116 65.28 88.08 36.88
CA GLU B 116 66.27 87.29 36.14
C GLU B 116 67.20 86.51 37.07
N TRP B 117 67.75 85.41 36.57
CA TRP B 117 68.68 84.60 37.36
C TRP B 117 70.05 85.17 37.22
N VAL B 118 70.83 85.09 38.28
CA VAL B 118 72.18 85.59 38.20
C VAL B 118 73.03 84.88 39.23
N GLU B 119 74.28 84.66 38.88
CA GLU B 119 75.22 83.93 39.72
C GLU B 119 76.19 84.84 40.46
N PHE B 120 76.06 84.91 41.78
CA PHE B 120 76.96 85.75 42.56
C PHE B 120 78.10 84.91 43.10
N THR B 121 79.26 85.54 43.24
CA THR B 121 80.43 84.84 43.74
C THR B 121 80.93 85.42 45.04
N LEU B 122 81.64 84.61 45.80
CA LEU B 122 82.18 85.05 47.07
C LEU B 122 83.69 85.08 47.04
N PRO B 123 84.30 85.89 47.89
CA PRO B 123 85.75 86.00 47.97
C PRO B 123 86.37 84.87 48.79
N GLU B 124 86.95 83.90 48.10
CA GLU B 124 87.55 82.75 48.74
C GLU B 124 88.07 82.95 50.17
N GLY B 125 88.01 81.88 50.96
CA GLY B 125 88.51 81.91 52.32
C GLY B 125 87.49 81.99 53.43
N ASN B 126 87.04 83.24 53.69
CA ASN B 126 86.04 83.66 54.71
C ASN B 126 85.17 82.60 55.39
N TYR B 127 85.80 81.90 56.32
CA TYR B 127 85.21 80.83 57.08
C TYR B 127 84.01 81.22 57.93
N SER B 128 83.71 80.37 58.92
CA SER B 128 82.60 80.58 59.82
C SER B 128 81.32 80.54 59.04
N GLU B 129 80.29 79.94 59.60
CA GLU B 129 79.06 79.87 58.86
C GLU B 129 78.34 81.19 58.82
N THR B 130 78.06 81.74 59.99
CA THR B 130 77.34 82.98 60.02
C THR B 130 77.90 83.96 59.05
N MET B 131 79.18 84.25 59.18
CA MET B 131 79.76 85.21 58.27
C MET B 131 79.57 84.83 56.82
N THR B 132 79.57 83.54 56.54
CA THR B 132 79.39 83.09 55.17
C THR B 132 78.02 83.51 54.71
N ILE B 133 77.05 83.42 55.60
CA ILE B 133 75.70 83.82 55.26
C ILE B 133 75.80 85.27 54.85
N ASP B 134 76.26 86.09 55.78
CA ASP B 134 76.41 87.52 55.54
C ASP B 134 77.03 87.84 54.20
N LEU B 135 78.13 87.17 53.88
CA LEU B 135 78.80 87.42 52.61
C LEU B 135 77.87 87.16 51.46
N MET B 136 76.97 86.19 51.64
CA MET B 136 76.00 85.87 50.61
C MET B 136 75.01 87.02 50.52
N ASN B 137 74.33 87.30 51.63
CA ASN B 137 73.37 88.41 51.62
C ASN B 137 74.00 89.63 50.99
N ASN B 138 75.24 89.91 51.35
CA ASN B 138 75.95 91.05 50.81
C ASN B 138 76.08 90.97 49.29
N ALA B 139 76.31 89.78 48.77
CA ALA B 139 76.44 89.65 47.33
C ALA B 139 75.11 89.92 46.63
N ILE B 140 74.01 89.64 47.31
CA ILE B 140 72.70 89.89 46.73
C ILE B 140 72.62 91.39 46.55
N VAL B 141 72.99 92.09 47.61
CA VAL B 141 73.01 93.54 47.65
C VAL B 141 73.94 94.12 46.60
N GLU B 142 75.22 93.80 46.73
CA GLU B 142 76.24 94.29 45.80
C GLU B 142 75.74 94.29 44.36
N HIS B 143 74.85 93.35 44.06
CA HIS B 143 74.29 93.24 42.73
C HIS B 143 73.23 94.31 42.55
N TYR B 144 72.35 94.42 43.53
CA TYR B 144 71.30 95.43 43.51
C TYR B 144 71.97 96.78 43.28
N LEU B 145 73.13 96.98 43.91
CA LEU B 145 73.87 98.22 43.75
C LEU B 145 74.33 98.45 42.33
N LYS B 146 74.49 97.40 41.56
CA LYS B 146 74.97 97.58 40.19
C LYS B 146 73.86 97.48 39.16
N VAL B 147 72.68 97.05 39.58
CA VAL B 147 71.59 96.92 38.64
C VAL B 147 70.25 97.33 39.21
N GLY B 148 69.95 96.81 40.40
CA GLY B 148 68.69 97.11 41.03
C GLY B 148 68.22 98.55 40.99
N ARG B 149 68.64 99.33 41.97
CA ARG B 149 68.25 100.72 42.07
C ARG B 149 68.21 101.44 40.73
N GLN B 150 69.30 101.38 39.98
CA GLN B 150 69.33 102.08 38.72
C GLN B 150 68.46 101.47 37.65
N ASN B 151 67.27 101.03 38.03
CA ASN B 151 66.34 100.43 37.10
C ASN B 151 65.00 100.28 37.81
N GLY B 152 64.79 101.16 38.78
CA GLY B 152 63.56 101.14 39.54
C GLY B 152 63.75 100.47 40.87
N VAL B 153 63.28 99.24 40.95
CA VAL B 153 63.35 98.38 42.14
C VAL B 153 63.93 99.01 43.42
N LEU B 154 63.05 99.19 44.40
CA LEU B 154 63.41 99.76 45.68
C LEU B 154 64.01 98.68 46.56
N GLU B 155 64.41 99.09 47.76
CA GLU B 155 64.97 98.15 48.71
C GLU B 155 63.78 97.34 49.19
N SER B 156 62.66 98.04 49.39
CA SER B 156 61.41 97.43 49.84
C SER B 156 61.14 96.10 49.15
N ASP B 157 61.52 96.01 47.88
CA ASP B 157 61.25 94.80 47.14
C ASP B 157 62.51 94.03 46.68
N ILE B 158 63.42 93.81 47.62
CA ILE B 158 64.64 93.05 47.33
C ILE B 158 64.30 91.59 47.48
N GLY B 159 64.43 90.84 46.39
CA GLY B 159 64.11 89.42 46.46
C GLY B 159 65.24 88.53 46.92
N VAL B 160 64.98 87.62 47.84
CA VAL B 160 66.01 86.70 48.32
C VAL B 160 66.95 87.21 49.40
N LYS B 161 66.83 86.63 50.57
CA LYS B 161 67.71 86.99 51.63
C LYS B 161 67.80 85.83 52.58
N PHE B 162 69.04 85.46 52.93
CA PHE B 162 69.29 84.35 53.83
C PHE B 162 69.28 84.92 55.23
N ASP B 163 68.45 84.34 56.07
CA ASP B 163 68.31 84.78 57.45
C ASP B 163 68.52 83.52 58.26
N THR B 164 68.21 83.59 59.55
CA THR B 164 68.40 82.44 60.43
C THR B 164 67.45 82.47 61.62
N ARG B 165 66.27 83.03 61.49
CA ARG B 165 65.37 83.05 62.64
C ARG B 165 63.98 82.57 62.36
N ASN B 166 63.24 82.35 63.44
CA ASN B 166 61.89 81.84 63.34
C ASN B 166 60.85 82.93 63.32
N PHE B 167 60.67 83.55 62.16
CA PHE B 167 59.67 84.61 62.03
C PHE B 167 58.34 83.97 62.35
N ARG B 168 58.01 83.87 63.63
CA ARG B 168 56.75 83.25 63.99
C ARG B 168 56.74 82.95 65.46
N LEU B 169 57.74 83.43 66.17
CA LEU B 169 57.71 83.16 67.58
C LEU B 169 56.67 84.00 68.29
N GLY B 170 56.63 85.29 67.98
CA GLY B 170 55.64 86.14 68.62
C GLY B 170 54.20 85.73 68.32
N PHE B 171 53.95 85.42 67.04
CA PHE B 171 52.63 85.04 66.55
C PHE B 171 51.57 84.63 67.55
N ASP B 172 50.40 85.24 67.37
CA ASP B 172 49.22 85.00 68.19
C ASP B 172 48.13 84.43 67.29
N PRO B 173 47.69 83.20 67.57
CA PRO B 173 46.65 82.52 66.78
C PRO B 173 45.36 83.28 66.52
N VAL B 174 45.12 84.34 67.28
CA VAL B 174 43.89 85.12 67.10
C VAL B 174 44.20 86.39 66.32
N THR B 175 45.10 87.19 66.86
CA THR B 175 45.53 88.43 66.26
C THR B 175 45.97 88.24 64.82
N GLY B 176 46.73 87.17 64.58
CA GLY B 176 47.23 86.93 63.25
C GLY B 176 48.49 87.76 63.12
N LEU B 177 49.02 88.22 64.25
CA LEU B 177 50.23 89.03 64.22
C LEU B 177 51.27 88.68 65.28
N VAL B 178 52.50 89.12 65.03
CA VAL B 178 53.60 88.89 65.95
C VAL B 178 53.53 89.99 66.99
N MET B 179 52.62 89.81 67.94
CA MET B 179 52.37 90.77 69.01
C MET B 179 53.50 91.68 69.48
N PRO B 180 54.68 91.12 69.72
CA PRO B 180 55.83 91.90 70.17
C PRO B 180 56.22 93.10 69.32
N GLY B 181 55.73 93.11 68.08
CA GLY B 181 56.04 94.21 67.17
C GLY B 181 57.43 94.07 66.60
N VAL B 182 58.05 92.95 66.92
CA VAL B 182 59.39 92.66 66.46
C VAL B 182 59.56 91.15 66.26
N TYR B 183 60.21 90.75 65.17
CA TYR B 183 60.43 89.33 64.96
C TYR B 183 61.51 88.98 65.95
N THR B 184 61.13 88.23 66.98
CA THR B 184 62.06 87.86 68.03
C THR B 184 63.44 87.49 67.48
N ASN B 185 64.38 88.39 67.76
CA ASN B 185 65.77 88.32 67.29
C ASN B 185 66.70 87.22 67.74
N GLU B 186 66.25 85.97 67.72
CA GLU B 186 67.15 84.89 68.10
C GLU B 186 67.31 83.92 66.93
N ALA B 187 68.53 83.38 66.80
CA ALA B 187 68.88 82.47 65.70
C ALA B 187 68.60 81.00 65.95
N PHE B 188 67.87 80.37 65.04
CA PHE B 188 67.53 78.98 65.20
C PHE B 188 68.11 78.04 64.15
N HIS B 189 68.09 78.48 62.90
CA HIS B 189 68.63 77.68 61.81
C HIS B 189 68.65 78.51 60.56
N PRO B 190 69.62 78.26 59.69
CA PRO B 190 69.57 79.11 58.51
C PRO B 190 68.38 78.79 57.65
N ASP B 191 67.84 79.78 56.97
CA ASP B 191 66.75 79.54 56.03
C ASP B 191 66.85 80.64 55.02
N ILE B 192 66.12 80.51 53.93
CA ILE B 192 66.19 81.51 52.92
C ILE B 192 64.81 82.06 52.67
N ILE B 193 64.72 83.39 52.64
CA ILE B 193 63.46 84.08 52.44
C ILE B 193 63.32 84.59 51.03
N LEU B 194 62.11 84.48 50.49
CA LEU B 194 61.89 84.93 49.13
C LEU B 194 60.69 85.83 48.96
N LEU B 195 60.77 86.67 47.93
CA LEU B 195 59.69 87.58 47.58
C LEU B 195 58.98 86.96 46.39
N PRO B 196 57.78 87.42 46.08
CA PRO B 196 57.09 86.82 44.94
C PRO B 196 58.03 86.82 43.75
N GLY B 197 57.79 85.87 42.86
CA GLY B 197 58.59 85.80 41.65
C GLY B 197 60.05 85.42 41.67
N CYS B 198 60.75 85.50 42.80
CA CYS B 198 62.16 85.13 42.77
C CYS B 198 62.48 83.80 43.48
N GLY B 199 63.77 83.55 43.74
CA GLY B 199 64.17 82.31 44.41
C GLY B 199 65.64 81.98 44.19
N VAL B 200 66.12 80.86 44.76
CA VAL B 200 67.52 80.48 44.60
C VAL B 200 67.75 79.09 44.05
N ASP B 201 68.94 78.87 43.50
CA ASP B 201 69.33 77.59 42.90
C ASP B 201 70.73 77.19 43.32
N PHE B 202 70.91 75.97 43.81
CA PHE B 202 72.24 75.53 44.23
C PHE B 202 72.81 74.41 43.39
N THR B 203 72.06 74.03 42.37
CA THR B 203 72.45 72.97 41.46
C THR B 203 73.96 72.79 41.32
N HIS B 204 74.70 73.88 41.30
CA HIS B 204 76.15 73.77 41.18
C HIS B 204 76.83 74.41 42.37
N SER B 205 76.48 73.99 43.57
CA SER B 205 77.11 74.56 44.75
C SER B 205 76.89 73.77 46.00
N ARG B 206 77.94 73.69 46.82
CA ARG B 206 77.86 72.95 48.04
C ARG B 206 77.39 73.83 49.19
N LEU B 207 77.29 75.15 48.93
CA LEU B 207 76.84 76.06 49.96
C LEU B 207 75.52 75.58 50.51
N SER B 208 74.74 74.91 49.67
CA SER B 208 73.47 74.39 50.12
C SER B 208 73.73 73.67 51.44
N ASN B 209 74.66 72.74 51.41
CA ASN B 209 75.02 71.98 52.59
C ASN B 209 75.44 72.86 53.76
N LEU B 210 75.87 74.08 53.49
CA LEU B 210 76.27 74.98 54.55
C LEU B 210 75.06 75.53 55.25
N LEU B 211 74.01 75.81 54.49
CA LEU B 211 72.78 76.33 55.06
C LEU B 211 72.08 75.22 55.83
N GLY B 212 72.39 73.98 55.49
CA GLY B 212 71.78 72.88 56.19
C GLY B 212 70.42 72.55 55.62
N ILE B 213 70.32 72.60 54.30
CA ILE B 213 69.09 72.29 53.59
C ILE B 213 69.42 71.31 52.48
N ARG B 214 68.95 70.08 52.57
CA ARG B 214 69.26 69.07 51.54
C ARG B 214 68.02 68.43 50.94
N LYS B 215 68.17 67.85 49.75
CA LYS B 215 67.05 67.18 49.10
C LYS B 215 66.88 65.82 49.75
N ARG B 216 65.64 65.38 49.89
CA ARG B 216 65.41 64.08 50.50
C ARG B 216 65.73 63.00 49.47
N GLN B 217 66.09 63.43 48.26
CA GLN B 217 66.44 62.50 47.18
C GLN B 217 67.60 63.06 46.39
N PRO B 218 68.76 63.14 47.02
CA PRO B 218 70.05 63.63 46.58
C PRO B 218 70.45 63.43 45.14
N PHE B 219 70.42 62.19 44.67
CA PHE B 219 70.85 61.92 43.32
C PHE B 219 70.11 62.57 42.15
N GLN B 220 68.96 63.16 42.42
CA GLN B 220 68.22 63.83 41.33
C GLN B 220 68.80 65.21 41.11
N GLU B 221 69.96 65.28 40.46
CA GLU B 221 70.61 66.56 40.20
C GLU B 221 69.62 67.68 39.87
N GLY B 222 69.59 68.70 40.72
CA GLY B 222 68.67 69.79 40.46
C GLY B 222 68.06 70.48 41.67
N PHE B 223 68.87 71.22 42.40
CA PHE B 223 68.39 71.91 43.58
C PHE B 223 67.92 73.33 43.27
N ARG B 224 66.62 73.47 43.06
CA ARG B 224 65.99 74.77 42.77
C ARG B 224 64.87 75.01 43.76
N ILE B 225 64.97 76.07 44.53
CA ILE B 225 63.92 76.33 45.49
C ILE B 225 63.26 77.71 45.20
N THR B 226 62.12 77.65 44.49
CA THR B 226 61.34 78.82 44.06
C THR B 226 60.47 79.40 45.17
N TYR B 227 60.02 80.63 44.95
CA TYR B 227 59.14 81.30 45.89
C TYR B 227 57.90 80.44 45.94
N ASP B 228 57.44 80.07 44.76
CA ASP B 228 56.26 79.26 44.61
C ASP B 228 56.29 78.00 45.48
N ASP B 229 57.46 77.43 45.70
CA ASP B 229 57.61 76.22 46.49
C ASP B 229 57.34 76.45 47.95
N LEU B 230 57.82 77.56 48.48
CA LEU B 230 57.61 77.88 49.87
C LEU B 230 56.15 78.16 50.14
N GLU B 231 55.26 77.23 49.78
CA GLU B 231 53.84 77.44 50.00
C GLU B 231 53.64 77.68 51.49
N GLY B 232 52.39 77.73 51.93
CA GLY B 232 52.09 77.97 53.33
C GLY B 232 53.27 78.36 54.20
N GLY B 233 53.28 79.57 54.73
CA GLY B 233 54.41 79.95 55.57
C GLY B 233 55.08 81.20 55.06
N ASN B 234 54.30 82.26 55.01
CA ASN B 234 54.80 83.54 54.58
C ASN B 234 54.97 84.19 55.93
N ILE B 235 56.08 84.89 56.12
CA ILE B 235 56.30 85.57 57.38
C ILE B 235 55.10 86.42 57.77
N PRO B 236 54.50 86.15 58.93
CA PRO B 236 53.34 86.91 59.41
C PRO B 236 53.80 88.34 59.58
N ALA B 237 52.87 89.25 59.89
CA ALA B 237 53.22 90.66 60.06
C ALA B 237 53.32 91.07 61.52
N LEU B 238 53.87 92.26 61.73
CA LEU B 238 54.06 92.80 63.06
C LEU B 238 52.90 93.63 63.60
N LEU B 239 52.63 93.49 64.89
CA LEU B 239 51.56 94.26 65.51
C LEU B 239 52.00 95.72 65.56
N ASP B 240 51.07 96.66 65.40
CA ASP B 240 51.46 98.05 65.48
C ASP B 240 51.55 98.36 66.96
N VAL B 241 52.59 97.84 67.59
CA VAL B 241 52.81 98.03 69.01
C VAL B 241 52.47 99.45 69.48
N ASP B 242 52.91 100.46 68.73
CA ASP B 242 52.63 101.84 69.10
C ASP B 242 51.14 102.15 69.15
N ALA B 243 50.46 101.95 68.03
CA ALA B 243 49.02 102.20 67.95
C ALA B 243 48.30 101.51 69.11
N TYR B 244 48.33 100.18 69.13
CA TYR B 244 47.69 99.40 70.17
C TYR B 244 47.82 100.03 71.56
N GLN B 245 49.05 100.19 72.03
CA GLN B 245 49.30 100.77 73.37
C GLN B 245 48.72 102.18 73.56
N ALA B 246 49.16 103.12 72.74
CA ALA B 246 48.68 104.49 72.82
C ALA B 246 47.14 104.48 72.83
N SER B 247 46.57 103.62 72.02
CA SER B 247 45.13 103.49 71.92
C SER B 247 44.39 103.01 73.17
N LEU B 248 45.12 102.62 74.20
CA LEU B 248 44.44 102.17 75.41
C LEU B 248 44.26 103.31 76.42
N LYS B 327 36.82 98.55 71.82
CA LYS B 327 37.78 98.38 70.75
C LYS B 327 39.23 98.44 71.23
N LYS B 328 40.14 98.17 70.29
CA LYS B 328 41.58 98.19 70.47
C LYS B 328 42.08 98.12 69.03
N PRO B 329 43.07 98.96 68.65
CA PRO B 329 43.60 98.97 67.27
C PRO B 329 44.02 97.60 66.76
N VAL B 330 44.91 96.95 67.52
CA VAL B 330 45.46 95.63 67.22
C VAL B 330 45.48 95.23 65.75
N ILE B 331 44.32 94.94 65.15
CA ILE B 331 44.25 94.53 63.73
C ILE B 331 45.33 95.28 62.93
N LYS B 332 45.79 96.42 63.43
CA LYS B 332 46.81 97.21 62.76
C LYS B 332 48.17 96.50 62.65
N PRO B 333 48.50 96.03 61.44
CA PRO B 333 49.73 95.33 61.15
C PRO B 333 50.74 96.30 60.53
N LEU B 334 51.67 96.77 61.36
CA LEU B 334 52.72 97.68 60.93
C LEU B 334 53.10 97.54 59.43
N THR B 335 52.71 98.51 58.61
CA THR B 335 52.97 98.46 57.15
C THR B 335 54.35 98.89 56.67
N GLU B 336 55.06 99.67 57.46
CA GLU B 336 56.37 100.11 57.05
C GLU B 336 57.35 100.01 58.21
N ASP B 337 58.04 101.12 58.46
CA ASP B 337 59.04 101.20 59.52
C ASP B 337 59.69 102.57 59.39
N SER B 338 60.71 102.83 60.21
CA SER B 338 61.41 104.09 60.10
C SER B 338 61.84 104.12 58.63
N LYS B 339 62.42 105.24 58.19
CA LYS B 339 62.84 105.33 56.79
C LYS B 339 61.86 104.72 55.78
N LYS B 340 60.61 104.59 56.20
CA LYS B 340 59.49 104.08 55.40
C LYS B 340 59.73 103.08 54.24
N ARG B 341 59.85 101.80 54.59
CA ARG B 341 60.03 100.71 53.63
C ARG B 341 58.75 99.89 53.79
N SER B 342 58.17 99.44 52.69
CA SER B 342 56.94 98.65 52.81
C SER B 342 57.23 97.18 53.09
N TYR B 343 56.42 96.57 53.95
CA TYR B 343 56.61 95.17 54.26
C TYR B 343 55.75 94.36 53.29
N ASN B 344 55.66 94.82 52.06
CA ASN B 344 54.89 94.12 51.04
C ASN B 344 53.77 93.21 51.60
N LEU B 345 52.73 93.79 52.20
CA LEU B 345 51.62 92.96 52.71
C LEU B 345 50.74 92.55 51.55
N ILE B 346 50.32 91.29 51.52
CA ILE B 346 49.50 90.83 50.38
C ILE B 346 48.30 91.72 50.03
N SER B 347 47.57 92.19 51.03
CA SER B 347 46.43 93.07 50.80
C SER B 347 46.21 93.94 52.03
N ASN B 348 45.42 94.99 51.86
CA ASN B 348 45.11 95.93 52.95
C ASN B 348 44.48 95.23 54.17
N ASP B 349 44.10 93.98 53.98
CA ASP B 349 43.45 93.19 55.03
C ASP B 349 44.38 92.21 55.74
N SER B 350 44.79 91.16 55.02
CA SER B 350 45.65 90.11 55.57
C SER B 350 46.76 90.52 56.52
N THR B 351 46.98 89.65 57.50
CA THR B 351 47.98 89.83 58.53
C THR B 351 49.33 89.28 58.03
N PHE B 352 49.29 88.53 56.93
CA PHE B 352 50.49 87.93 56.35
C PHE B 352 51.19 88.87 55.37
N THR B 353 52.50 88.72 55.24
CA THR B 353 53.28 89.52 54.30
C THR B 353 53.61 88.64 53.10
N GLN B 354 54.07 89.24 52.02
CA GLN B 354 54.41 88.47 50.83
C GLN B 354 55.74 87.75 50.96
N TYR B 355 56.44 88.00 52.06
CA TYR B 355 57.72 87.37 52.32
C TYR B 355 57.55 85.92 52.74
N ARG B 356 58.08 84.98 51.96
CA ARG B 356 57.99 83.56 52.28
C ARG B 356 59.32 83.01 52.85
N SER B 357 59.24 82.27 53.95
CA SER B 357 60.41 81.70 54.62
C SER B 357 60.49 80.18 54.50
N TRP B 358 61.67 79.69 54.15
CA TRP B 358 61.80 78.26 54.04
C TRP B 358 61.49 77.62 55.38
N TYR B 359 62.30 77.96 56.39
CA TYR B 359 62.14 77.40 57.71
C TYR B 359 60.69 77.28 58.14
N LEU B 360 59.84 78.20 57.70
CA LEU B 360 58.44 78.14 58.09
C LEU B 360 57.75 77.00 57.37
N ALA B 361 57.88 77.01 56.05
CA ALA B 361 57.26 75.99 55.23
C ALA B 361 57.61 74.59 55.72
N TYR B 362 58.85 74.41 56.15
CA TYR B 362 59.28 73.10 56.60
C TYR B 362 58.47 72.58 57.78
N ASN B 363 58.47 73.29 58.90
CA ASN B 363 57.73 72.81 60.06
C ASN B 363 56.39 73.48 60.35
N TYR B 364 56.04 74.51 59.57
CA TYR B 364 54.75 75.16 59.81
C TYR B 364 53.76 74.97 58.66
N GLY B 365 54.24 74.41 57.55
CA GLY B 365 53.37 74.19 56.41
C GLY B 365 52.90 72.76 56.25
N ASP B 366 52.02 72.53 55.28
CA ASP B 366 51.49 71.19 55.01
C ASP B 366 52.62 70.16 54.91
N PRO B 367 52.71 69.25 55.89
CA PRO B 367 53.75 68.23 55.88
C PRO B 367 53.69 67.29 54.68
N GLN B 368 52.49 67.01 54.19
CA GLN B 368 52.33 66.11 53.06
C GLN B 368 52.64 66.70 51.68
N THR B 369 52.39 68.00 51.48
CA THR B 369 52.65 68.63 50.17
C THR B 369 53.61 69.80 50.19
N GLY B 370 53.86 70.34 51.37
CA GLY B 370 54.76 71.48 51.50
C GLY B 370 56.18 71.20 51.09
N ILE B 371 57.12 71.94 51.65
CA ILE B 371 58.50 71.71 51.28
C ILE B 371 59.06 70.58 52.12
N ARG B 372 58.54 70.40 53.34
CA ARG B 372 59.06 69.33 54.18
C ARG B 372 58.92 67.98 53.48
N SER B 373 58.19 67.97 52.38
CA SER B 373 57.97 66.75 51.63
C SER B 373 59.19 66.31 50.84
N TRP B 374 59.96 67.26 50.34
CA TRP B 374 61.11 66.90 49.53
C TRP B 374 62.44 67.55 49.88
N THR B 375 62.56 68.11 51.07
CA THR B 375 63.82 68.72 51.46
C THR B 375 64.00 68.32 52.91
N LEU B 376 65.21 68.37 53.43
CA LEU B 376 65.43 67.96 54.81
C LEU B 376 66.16 68.99 55.63
N LEU B 377 65.66 69.25 56.83
CA LEU B 377 66.28 70.20 57.72
C LEU B 377 67.46 69.52 58.39
N CYS B 378 68.68 70.00 58.10
CA CYS B 378 69.86 69.38 58.68
C CYS B 378 70.82 70.28 59.36
N THR B 379 71.71 69.66 60.11
CA THR B 379 72.75 70.36 60.82
C THR B 379 73.60 71.02 59.78
N PRO B 380 73.98 72.26 60.01
CA PRO B 380 74.80 73.04 59.10
C PRO B 380 76.05 72.37 58.52
N ASP B 381 77.17 72.43 59.23
CA ASP B 381 78.44 71.86 58.74
C ASP B 381 79.07 72.83 57.75
N VAL B 382 80.13 73.50 58.17
CA VAL B 382 80.76 74.46 57.31
C VAL B 382 81.58 73.84 56.20
N THR B 383 82.25 72.72 56.47
CA THR B 383 83.09 72.05 55.48
C THR B 383 82.36 71.89 54.15
N CYS B 384 81.04 71.99 54.22
CA CYS B 384 80.18 71.87 53.05
C CYS B 384 80.00 70.47 52.58
N GLY B 385 80.66 69.52 53.24
CA GLY B 385 80.49 68.14 52.85
C GLY B 385 81.74 67.31 52.82
N SER B 386 81.84 66.40 53.78
CA SER B 386 82.99 65.53 53.86
C SER B 386 83.20 64.83 52.54
N GLU B 387 84.26 65.20 51.82
CA GLU B 387 84.57 64.55 50.56
C GLU B 387 85.81 63.71 50.74
N GLN B 388 85.96 62.70 49.89
CA GLN B 388 87.11 61.81 50.01
C GLN B 388 88.11 61.98 48.92
N VAL B 389 89.33 61.55 49.20
CA VAL B 389 90.42 61.63 48.25
C VAL B 389 90.96 60.23 48.07
N TYR B 390 91.42 59.94 46.86
CA TYR B 390 91.93 58.62 46.58
C TYR B 390 93.45 58.70 46.29
N TRP B 391 94.20 57.73 46.80
CA TRP B 391 95.64 57.67 46.56
C TRP B 391 95.93 56.72 45.42
N SER B 392 97.15 56.78 44.90
CA SER B 392 97.53 55.89 43.79
C SER B 392 99.04 55.89 43.67
N LEU B 393 99.64 54.70 43.58
CA LEU B 393 101.08 54.62 43.48
C LEU B 393 101.43 53.75 42.30
N PRO B 394 100.81 54.02 41.16
CA PRO B 394 100.90 53.38 39.86
C PRO B 394 102.15 52.59 39.61
N ASP B 395 103.28 53.11 40.05
CA ASP B 395 104.52 52.43 39.79
C ASP B 395 105.01 51.52 40.89
N MET B 396 104.21 51.34 41.93
CA MET B 396 104.64 50.51 43.04
C MET B 396 103.66 49.48 43.56
N MET B 397 102.36 49.67 43.38
CA MET B 397 101.41 48.67 43.85
C MET B 397 100.76 48.02 42.66
N GLN B 398 100.24 46.82 42.85
CA GLN B 398 99.58 46.15 41.75
C GLN B 398 98.23 46.80 41.64
N ASP B 399 97.67 46.78 40.46
CA ASP B 399 96.41 47.44 40.25
C ASP B 399 95.23 46.64 40.75
N PRO B 400 94.60 47.12 41.82
CA PRO B 400 93.44 46.57 42.52
C PRO B 400 92.35 46.00 41.65
N VAL B 401 91.99 44.76 41.96
CA VAL B 401 90.98 44.00 41.26
C VAL B 401 90.62 44.44 39.87
N THR B 402 89.72 45.41 39.80
CA THR B 402 89.25 45.79 38.50
C THR B 402 89.76 47.02 37.80
N PHE B 403 90.72 47.71 38.38
CA PHE B 403 91.24 48.87 37.70
C PHE B 403 92.16 48.38 36.64
N ARG B 404 92.27 49.15 35.57
CA ARG B 404 93.19 48.75 34.54
C ARG B 404 94.28 49.79 34.59
N SER B 405 95.50 49.37 34.29
CA SER B 405 96.64 50.26 34.31
C SER B 405 96.64 51.18 33.13
N THR B 406 96.91 52.44 33.40
CA THR B 406 96.96 53.43 32.34
C THR B 406 97.99 54.47 32.69
N SER B 407 98.06 55.53 31.89
CA SER B 407 99.02 56.59 32.11
C SER B 407 98.31 57.93 32.19
N GLN B 408 97.00 57.86 32.27
CA GLN B 408 96.18 59.05 32.34
C GLN B 408 95.97 59.44 33.82
N ILE B 409 96.83 60.32 34.32
CA ILE B 409 96.76 60.82 35.69
C ILE B 409 95.40 60.80 36.34
N SER B 410 94.35 61.04 35.57
CA SER B 410 93.02 61.07 36.12
C SER B 410 92.28 59.74 36.04
N ASN B 411 93.03 58.64 36.06
CA ASN B 411 92.40 57.33 36.00
C ASN B 411 93.31 56.26 36.59
N PHE B 412 94.43 56.71 37.16
CA PHE B 412 95.34 55.78 37.79
C PHE B 412 94.56 54.85 38.68
N PRO B 413 95.12 53.69 38.98
CA PRO B 413 94.41 52.78 39.87
C PRO B 413 94.44 53.39 41.26
N VAL B 414 93.46 53.05 42.07
CA VAL B 414 93.40 53.57 43.43
C VAL B 414 93.85 52.51 44.42
N VAL B 415 94.53 52.92 45.47
CA VAL B 415 95.00 51.94 46.41
C VAL B 415 94.54 52.28 47.80
N GLY B 416 94.00 53.48 47.97
CA GLY B 416 93.56 53.84 49.31
C GLY B 416 92.65 55.03 49.25
N ALA B 417 91.61 55.01 50.07
CA ALA B 417 90.65 56.09 50.11
C ALA B 417 90.71 56.65 51.50
N GLU B 418 90.43 57.94 51.62
CA GLU B 418 90.52 58.57 52.90
C GLU B 418 89.78 59.87 52.83
N LEU B 419 89.13 60.23 53.91
CA LEU B 419 88.36 61.45 53.94
C LEU B 419 89.32 62.63 53.86
N LEU B 420 88.94 63.68 53.13
CA LEU B 420 89.78 64.87 52.99
C LEU B 420 89.82 65.64 54.32
N PRO B 421 90.99 65.68 54.97
CA PRO B 421 91.36 66.31 56.25
C PRO B 421 90.73 67.63 56.65
N VAL B 422 89.45 67.65 56.97
CA VAL B 422 88.83 68.90 57.37
C VAL B 422 87.75 68.61 58.42
N HIS B 423 87.78 69.32 59.54
CA HIS B 423 86.81 69.09 60.59
C HIS B 423 85.98 70.32 60.94
N SER B 424 84.90 70.12 61.69
CA SER B 424 84.05 71.24 62.10
C SER B 424 84.27 71.52 63.56
N LYS B 425 85.11 72.50 63.89
CA LYS B 425 85.32 72.83 65.31
C LYS B 425 84.15 73.70 65.69
N SER B 426 83.62 73.47 66.88
CA SER B 426 82.50 74.26 67.34
C SER B 426 82.82 75.10 68.54
N PHE B 427 82.35 76.35 68.52
CA PHE B 427 82.61 77.24 69.63
C PHE B 427 81.35 77.86 70.21
N TYR B 428 81.53 78.60 71.30
CA TYR B 428 80.43 79.26 71.97
C TYR B 428 80.69 80.74 72.03
N ASN B 429 79.76 81.52 71.51
CA ASN B 429 79.90 82.96 71.53
C ASN B 429 78.59 83.56 71.96
N ASP B 430 78.27 83.48 73.25
CA ASP B 430 77.00 84.06 73.73
C ASP B 430 77.10 85.52 73.38
N GLN B 431 78.30 85.89 72.95
CA GLN B 431 78.64 87.20 72.52
C GLN B 431 77.92 87.50 71.22
N ALA B 432 77.29 86.50 70.61
CA ALA B 432 76.55 86.67 69.37
C ALA B 432 75.27 87.45 69.66
N VAL B 433 74.99 88.40 68.78
CA VAL B 433 73.82 89.26 68.90
C VAL B 433 73.94 90.18 70.12
N TYR B 434 74.99 90.00 70.92
CA TYR B 434 75.14 90.96 72.01
C TYR B 434 76.37 91.59 71.33
N SER B 435 77.02 90.78 70.48
CA SER B 435 78.18 91.10 69.70
C SER B 435 77.68 91.70 68.39
N GLN B 436 76.69 91.14 67.70
CA GLN B 436 76.23 91.78 66.44
C GLN B 436 75.99 93.25 66.82
N LEU B 437 75.37 93.43 67.98
CA LEU B 437 75.04 94.72 68.57
C LEU B 437 76.35 95.51 68.76
N ILE B 438 77.36 94.86 69.31
CA ILE B 438 78.66 95.50 69.53
C ILE B 438 79.55 95.32 68.32
N ARG B 439 79.39 94.21 67.61
CA ARG B 439 80.20 93.96 66.43
C ARG B 439 80.05 95.11 65.44
N GLN B 440 78.82 95.63 65.30
CA GLN B 440 78.56 96.75 64.38
C GLN B 440 79.35 98.03 64.66
N PHE B 441 79.63 98.27 65.95
CA PHE B 441 80.42 99.44 66.36
C PHE B 441 81.91 99.10 66.22
N THR B 442 82.23 97.83 66.47
CA THR B 442 83.59 97.26 66.39
C THR B 442 84.07 97.40 64.93
N SER B 443 83.21 96.98 63.99
CA SER B 443 83.46 97.11 62.55
C SER B 443 82.98 98.55 62.31
N LEU B 444 83.85 99.42 61.83
CA LEU B 444 83.44 100.80 61.65
C LEU B 444 82.27 101.04 60.66
N THR B 445 81.70 99.96 60.12
CA THR B 445 80.58 100.04 59.17
C THR B 445 79.42 99.03 59.34
N HIS B 446 78.23 99.47 58.96
CA HIS B 446 77.04 98.63 59.00
C HIS B 446 76.91 98.01 57.60
N VAL B 447 78.06 97.59 57.05
CA VAL B 447 78.10 97.01 55.70
C VAL B 447 77.15 95.86 55.52
N PHE B 448 77.04 95.02 56.53
CA PHE B 448 76.15 93.88 56.41
C PHE B 448 74.74 94.21 56.87
N ASN B 449 74.63 95.22 57.73
CA ASN B 449 73.32 95.57 58.25
C ASN B 449 72.62 96.75 57.60
N ARG B 450 73.09 97.17 56.43
CA ARG B 450 72.50 98.29 55.72
C ARG B 450 71.05 98.70 56.01
N PHE B 451 70.19 97.79 56.40
CA PHE B 451 68.78 98.14 56.64
C PHE B 451 68.35 97.91 58.09
N PRO B 452 69.12 98.43 59.05
CA PRO B 452 68.85 98.28 60.48
C PRO B 452 67.49 98.61 61.02
N GLU B 453 66.48 98.73 60.17
CA GLU B 453 65.17 99.06 60.67
C GLU B 453 64.23 97.98 60.23
N ASN B 454 64.26 97.72 58.92
CA ASN B 454 63.40 96.70 58.34
C ASN B 454 63.58 95.39 59.09
N GLN B 455 62.52 94.93 59.75
CA GLN B 455 62.60 93.69 60.52
C GLN B 455 62.99 92.48 59.68
N ILE B 456 62.82 92.56 58.37
CA ILE B 456 63.20 91.46 57.51
C ILE B 456 64.64 91.70 57.08
N LEU B 457 64.85 92.53 56.08
CA LEU B 457 66.18 92.84 55.57
C LEU B 457 67.27 93.12 56.63
N ALA B 458 66.90 93.09 57.90
CA ALA B 458 67.85 93.33 58.97
C ALA B 458 68.96 92.30 58.86
N ARG B 459 69.97 92.42 59.71
CA ARG B 459 71.07 91.46 59.70
C ARG B 459 70.75 90.28 60.59
N PRO B 460 70.67 89.08 60.01
CA PRO B 460 70.35 87.88 60.79
C PRO B 460 71.15 87.80 62.06
N PRO B 461 70.55 87.24 63.09
CA PRO B 461 71.18 87.09 64.39
C PRO B 461 72.33 86.11 64.26
N ALA B 462 73.40 86.36 65.00
CA ALA B 462 74.51 85.43 64.99
C ALA B 462 74.06 84.31 65.91
N PRO B 463 74.22 83.05 65.51
CA PRO B 463 73.80 81.94 66.38
C PRO B 463 74.86 81.62 67.39
N THR B 464 74.45 81.22 68.59
CA THR B 464 75.44 80.82 69.60
C THR B 464 75.94 79.53 68.99
N ILE B 465 77.24 79.26 69.11
CA ILE B 465 77.80 78.03 68.54
C ILE B 465 78.09 78.19 67.05
N THR B 466 79.22 78.83 66.75
CA THR B 466 79.61 79.00 65.36
C THR B 466 80.47 77.81 65.02
N THR B 467 80.56 77.49 63.75
CA THR B 467 81.36 76.38 63.30
C THR B 467 82.42 76.95 62.40
N VAL B 468 83.55 76.28 62.29
CA VAL B 468 84.62 76.77 61.43
C VAL B 468 85.39 75.61 60.86
N SER B 469 85.54 75.55 59.55
CA SER B 469 86.30 74.44 58.97
C SER B 469 87.71 74.62 59.47
N GLU B 470 88.32 73.52 59.87
CA GLU B 470 89.67 73.57 60.40
C GLU B 470 90.45 72.43 59.76
N ASN B 471 91.64 72.74 59.24
CA ASN B 471 92.48 71.73 58.62
C ASN B 471 93.27 70.96 59.66
N VAL B 472 93.40 69.65 59.46
CA VAL B 472 94.14 68.85 60.43
C VAL B 472 94.94 67.74 59.75
N PRO B 473 96.19 67.52 60.20
CA PRO B 473 96.99 66.46 59.59
C PRO B 473 96.28 65.16 59.88
N ALA B 474 96.32 64.25 58.93
CA ALA B 474 95.65 62.97 59.08
C ALA B 474 96.61 61.79 58.96
N LEU B 475 96.88 61.17 60.10
CA LEU B 475 97.74 60.01 60.17
C LEU B 475 96.86 58.82 59.91
N THR B 476 96.61 58.56 58.64
CA THR B 476 95.76 57.47 58.22
C THR B 476 96.55 56.18 58.06
N ASP B 477 95.87 55.07 57.82
CA ASP B 477 96.53 53.78 57.64
C ASP B 477 95.74 52.85 56.73
N HIS B 478 96.29 52.60 55.55
CA HIS B 478 95.64 51.74 54.60
C HIS B 478 96.15 50.37 54.88
N GLY B 479 95.58 49.36 54.26
CA GLY B 479 96.06 48.02 54.58
C GLY B 479 97.28 47.58 53.79
N THR B 480 97.63 46.30 53.93
CA THR B 480 98.73 45.78 53.15
C THR B 480 98.19 45.68 51.73
N LEU B 481 98.99 46.10 50.76
CA LEU B 481 98.57 46.05 49.36
C LEU B 481 99.62 45.29 48.59
N PRO B 482 99.23 44.62 47.51
CA PRO B 482 100.20 43.88 46.72
C PRO B 482 101.23 44.80 46.10
N LEU B 483 102.48 44.34 45.96
CA LEU B 483 103.55 45.13 45.36
C LEU B 483 104.08 44.48 44.10
N ARG B 484 104.84 45.23 43.31
CA ARG B 484 105.43 44.65 42.12
C ARG B 484 106.76 44.12 42.62
N ASN B 485 107.25 43.04 42.05
CA ASN B 485 108.50 42.51 42.58
C ASN B 485 109.71 43.29 42.12
N SER B 486 109.49 44.40 41.43
CA SER B 486 110.58 45.21 40.95
C SER B 486 110.15 46.63 41.05
N ILE B 487 110.57 47.28 42.12
CA ILE B 487 110.19 48.65 42.36
C ILE B 487 111.13 49.66 41.72
N GLY B 488 110.57 50.46 40.83
CA GLY B 488 111.34 51.46 40.12
C GLY B 488 111.99 52.50 41.00
N GLY B 489 113.11 53.04 40.52
CA GLY B 489 113.82 54.04 41.28
C GLY B 489 112.95 55.25 41.56
N VAL B 490 112.14 55.64 40.59
CA VAL B 490 111.28 56.80 40.82
C VAL B 490 109.85 56.37 40.79
N GLN B 491 109.16 56.68 41.88
CA GLN B 491 107.77 56.33 41.98
C GLN B 491 106.96 57.58 41.82
N ARG B 492 105.75 57.41 41.35
CA ARG B 492 104.87 58.56 41.16
C ARG B 492 103.76 58.47 42.18
N VAL B 493 103.59 59.53 42.96
CA VAL B 493 102.55 59.58 43.98
C VAL B 493 101.44 60.50 43.50
N THR B 494 100.19 60.13 43.78
CA THR B 494 99.07 60.94 43.31
C THR B 494 97.79 60.90 44.13
N ILE B 495 97.44 62.05 44.69
CA ILE B 495 96.23 62.14 45.47
C ILE B 495 95.19 62.82 44.63
N THR B 496 94.05 62.15 44.47
CA THR B 496 92.98 62.68 43.63
C THR B 496 91.74 62.92 44.47
N ASP B 497 90.74 63.59 43.90
CA ASP B 497 89.53 63.85 44.65
C ASP B 497 88.37 63.11 44.05
N ALA B 498 87.21 63.27 44.65
CA ALA B 498 86.02 62.60 44.19
C ALA B 498 85.84 62.56 42.68
N ARG B 499 86.07 63.70 42.02
CA ARG B 499 85.89 63.79 40.58
C ARG B 499 87.14 63.41 39.81
N ARG B 500 88.17 63.03 40.54
CA ARG B 500 89.42 62.61 39.92
C ARG B 500 90.18 63.76 39.30
N ARG B 501 90.89 64.48 40.15
CA ARG B 501 91.70 65.61 39.71
C ARG B 501 92.56 65.99 40.89
N THR B 502 93.81 66.35 40.63
CA THR B 502 94.70 66.72 41.71
C THR B 502 93.98 67.72 42.59
N CYS B 503 94.40 67.83 43.84
CA CYS B 503 93.80 68.76 44.77
C CYS B 503 94.83 69.76 45.21
N PRO B 504 94.74 70.98 44.70
CA PRO B 504 95.65 72.09 44.96
C PRO B 504 95.95 72.37 46.41
N TYR B 505 95.01 72.02 47.29
CA TYR B 505 95.21 72.33 48.69
C TYR B 505 96.02 71.38 49.55
N VAL B 506 96.87 70.58 48.93
CA VAL B 506 97.69 69.67 49.73
C VAL B 506 99.05 70.27 50.03
N TYR B 507 99.39 70.37 51.30
CA TYR B 507 100.68 70.93 51.66
C TYR B 507 101.68 69.82 51.93
N LYS B 508 101.23 68.71 52.48
CA LYS B 508 102.17 67.65 52.75
C LYS B 508 101.55 66.31 52.57
N ALA B 509 102.23 65.46 51.81
CA ALA B 509 101.75 64.12 51.57
C ALA B 509 102.99 63.29 51.54
N LEU B 510 102.94 62.14 52.20
CA LEU B 510 104.09 61.25 52.20
C LEU B 510 103.65 59.95 52.81
N GLY B 511 104.25 58.86 52.37
CA GLY B 511 103.85 57.59 52.91
C GLY B 511 105.02 56.68 53.14
N ILE B 512 104.78 55.69 53.99
CA ILE B 512 105.78 54.71 54.35
C ILE B 512 105.27 53.34 53.98
N VAL B 513 106.05 52.59 53.20
CA VAL B 513 105.65 51.26 52.81
C VAL B 513 106.58 50.23 53.39
N SER B 514 106.01 49.17 53.92
CA SER B 514 106.76 48.12 54.55
C SER B 514 106.41 46.78 53.92
N PRO B 515 107.17 46.36 52.91
CA PRO B 515 106.90 45.10 52.24
C PRO B 515 107.10 43.86 53.09
N ARG B 516 106.42 42.78 52.71
CA ARG B 516 106.53 41.51 53.40
C ARG B 516 105.86 40.43 52.57
N VAL B 517 106.37 39.20 52.71
CA VAL B 517 105.87 38.06 51.96
C VAL B 517 104.42 37.69 52.15
N LEU B 518 103.82 37.09 51.13
CA LEU B 518 102.43 36.71 51.20
C LEU B 518 102.15 35.29 50.75
N SER B 519 103.02 34.74 49.90
CA SER B 519 102.85 33.37 49.39
C SER B 519 103.92 33.19 48.33
N SER B 520 104.04 32.00 47.76
CA SER B 520 105.06 31.85 46.72
C SER B 520 104.54 31.42 45.35
N ARG B 521 105.39 31.52 44.34
CA ARG B 521 105.02 31.12 42.98
C ARG B 521 105.45 29.68 42.67
N ARG C 4 117.00 27.53 68.98
CA ARG C 4 116.07 27.76 67.81
C ARG C 4 115.67 29.26 67.70
N ASN C 5 115.46 29.88 68.86
CA ASN C 5 114.98 31.25 68.95
C ASN C 5 115.30 31.84 70.32
N SER C 6 116.51 31.62 70.80
CA SER C 6 116.91 32.13 72.10
C SER C 6 117.16 33.63 72.09
N ILE C 7 117.65 34.14 73.21
CA ILE C 7 117.98 35.55 73.38
C ILE C 7 118.88 35.48 74.59
N ARG C 8 120.18 35.50 74.35
CA ARG C 8 121.14 35.36 75.43
C ARG C 8 121.83 36.65 75.82
N TYR C 9 122.25 36.71 77.08
CA TYR C 9 122.96 37.86 77.61
C TYR C 9 124.05 37.40 78.57
N SER C 10 125.24 37.99 78.45
CA SER C 10 126.39 37.67 79.30
C SER C 10 126.12 36.34 79.98
N GLU C 11 125.91 36.41 81.27
CA GLU C 11 125.66 35.23 82.03
C GLU C 11 124.38 35.39 82.84
N LEU C 12 123.26 35.15 82.16
CA LEU C 12 121.95 35.19 82.78
C LEU C 12 121.16 34.11 82.08
N ALA C 13 120.08 33.67 82.69
CA ALA C 13 119.27 32.63 82.08
C ALA C 13 118.87 33.07 80.67
N PRO C 14 118.88 32.13 79.72
CA PRO C 14 118.49 32.52 78.37
C PRO C 14 116.99 32.80 78.35
N LEU C 15 116.57 33.75 77.52
CA LEU C 15 115.17 34.09 77.39
C LEU C 15 114.72 33.68 76.01
N PHE C 16 113.43 33.38 75.87
CA PHE C 16 112.96 32.94 74.58
C PHE C 16 111.77 33.67 73.99
N ASP C 17 111.77 33.73 72.67
CA ASP C 17 110.69 34.31 71.90
C ASP C 17 110.54 35.80 71.82
N THR C 18 110.88 36.51 72.87
CA THR C 18 110.76 37.95 72.82
C THR C 18 111.05 38.58 74.16
N THR C 19 111.15 39.90 74.16
CA THR C 19 111.44 40.62 75.37
C THR C 19 111.48 42.09 75.02
N ARG C 20 112.16 42.89 75.83
CA ARG C 20 112.20 44.32 75.54
C ARG C 20 113.51 45.01 75.86
N VAL C 21 114.01 45.76 74.90
CA VAL C 21 115.25 46.49 75.12
C VAL C 21 114.75 47.91 75.18
N TYR C 22 115.27 48.71 76.10
CA TYR C 22 114.78 50.07 76.18
C TYR C 22 115.79 51.15 75.83
N LEU C 23 115.39 52.04 74.93
CA LEU C 23 116.24 53.14 74.54
C LEU C 23 115.73 54.33 75.31
N VAL C 24 116.53 54.83 76.24
CA VAL C 24 116.09 55.98 77.04
C VAL C 24 117.24 56.92 77.44
N ASP C 25 117.00 58.22 77.33
CA ASP C 25 118.00 59.25 77.66
C ASP C 25 118.26 59.48 79.15
N ASN C 26 117.18 59.63 79.92
CA ASN C 26 117.20 59.87 81.36
C ASN C 26 118.22 59.19 82.26
N LYS C 27 118.41 57.88 82.10
CA LYS C 27 119.36 57.11 82.94
C LYS C 27 120.40 58.00 83.64
N SER C 28 120.50 57.91 84.96
CA SER C 28 121.43 58.76 85.70
C SER C 28 122.92 58.55 85.36
N THR C 29 123.30 57.30 85.23
CA THR C 29 124.70 56.93 84.95
C THR C 29 125.30 57.46 83.65
N ASP C 30 124.68 57.07 82.54
CA ASP C 30 125.10 57.44 81.20
C ASP C 30 125.13 58.95 80.91
N VAL C 31 124.15 59.68 81.43
CA VAL C 31 124.08 61.12 81.26
C VAL C 31 125.38 61.69 81.78
N ALA C 32 125.74 61.27 82.98
CA ALA C 32 126.97 61.71 83.61
C ALA C 32 128.14 61.50 82.65
N SER C 33 128.43 60.23 82.35
CA SER C 33 129.52 59.89 81.46
C SER C 33 129.23 60.19 79.99
N LEU C 34 128.70 59.19 79.29
CA LEU C 34 128.39 59.27 77.86
C LEU C 34 128.04 60.62 77.22
N ASN C 35 126.74 60.87 77.03
CA ASN C 35 126.30 62.13 76.44
C ASN C 35 126.79 63.19 77.38
N TYR C 36 126.91 64.41 76.89
CA TYR C 36 127.36 65.49 77.72
C TYR C 36 127.24 66.60 76.75
N GLN C 37 128.05 66.51 75.72
CA GLN C 37 128.06 67.51 74.70
C GLN C 37 126.94 67.23 73.69
N ASN C 38 126.07 66.27 74.02
CA ASN C 38 124.96 65.92 73.14
C ASN C 38 123.66 66.51 73.64
N ASP C 39 122.55 66.18 72.98
CA ASP C 39 121.23 66.66 73.38
C ASP C 39 120.17 65.63 73.01
N HIS C 40 118.94 65.83 73.48
CA HIS C 40 117.87 64.87 73.20
C HIS C 40 117.51 64.75 71.74
N SER C 41 118.45 64.40 70.89
CA SER C 41 118.14 64.31 69.49
C SER C 41 119.33 63.68 68.86
N ASN C 42 120.31 63.40 69.70
CA ASN C 42 121.52 62.79 69.25
C ASN C 42 122.22 62.41 70.51
N PHE C 43 121.92 61.22 71.02
CA PHE C 43 122.54 60.81 72.26
C PHE C 43 122.85 59.34 72.31
N LEU C 44 123.61 58.95 73.32
CA LEU C 44 123.96 57.56 73.47
C LEU C 44 123.20 57.09 74.68
N THR C 45 123.04 55.79 74.81
CA THR C 45 122.34 55.25 75.95
C THR C 45 122.73 53.79 76.03
N THR C 46 122.77 53.25 77.23
CA THR C 46 123.14 51.86 77.39
C THR C 46 121.84 51.10 77.34
N VAL C 47 121.84 49.98 76.63
CA VAL C 47 120.63 49.20 76.57
C VAL C 47 120.70 48.17 77.66
N ILE C 48 121.89 48.00 78.20
CA ILE C 48 122.13 47.04 79.26
C ILE C 48 121.14 46.97 80.40
N GLN C 49 120.86 48.08 81.07
CA GLN C 49 119.90 48.03 82.18
C GLN C 49 120.29 47.11 83.34
N ASN C 50 121.57 46.74 83.48
CA ASN C 50 121.98 45.90 84.60
C ASN C 50 122.73 46.77 85.56
N ASN C 51 122.18 46.90 86.76
CA ASN C 51 122.74 47.72 87.81
C ASN C 51 124.25 47.63 88.06
N ASP C 52 124.87 46.45 87.94
CA ASP C 52 126.32 46.36 88.13
C ASP C 52 126.92 46.87 86.84
N TYR C 53 128.23 46.73 86.66
CA TYR C 53 128.85 47.16 85.42
C TYR C 53 128.83 48.65 85.09
N SER C 54 130.03 49.21 85.01
CA SER C 54 130.21 50.60 84.70
C SER C 54 129.79 50.84 83.26
N PRO C 55 128.97 51.87 83.03
CA PRO C 55 128.58 52.11 81.64
C PRO C 55 129.90 52.13 80.91
N GLY C 56 129.89 51.87 79.61
CA GLY C 56 131.15 51.84 78.90
C GLY C 56 131.59 50.39 79.04
N GLU C 57 131.87 49.94 80.26
CA GLU C 57 132.23 48.55 80.44
C GLU C 57 130.99 47.77 80.02
N ALA C 58 129.86 48.45 80.07
CA ALA C 58 128.60 47.87 79.68
C ALA C 58 128.75 47.74 78.19
N SER C 59 129.19 48.82 77.57
CA SER C 59 129.41 48.88 76.14
C SER C 59 130.06 47.62 75.58
N THR C 60 130.85 46.94 76.40
CA THR C 60 131.48 45.74 75.94
C THR C 60 130.47 44.63 75.71
N GLN C 61 129.58 44.44 76.67
CA GLN C 61 128.56 43.40 76.58
C GLN C 61 127.66 43.54 75.39
N THR C 62 126.85 42.52 75.16
CA THR C 62 125.94 42.54 74.03
C THR C 62 124.75 41.63 74.22
N ILE C 63 123.63 42.06 73.67
CA ILE C 63 122.42 41.26 73.73
C ILE C 63 122.45 40.48 72.44
N ASN C 64 122.42 39.15 72.52
CA ASN C 64 122.45 38.33 71.31
C ASN C 64 121.15 37.66 70.98
N LEU C 65 120.59 37.98 69.83
CA LEU C 65 119.35 37.34 69.44
C LEU C 65 119.80 36.13 68.67
N ASP C 66 119.32 34.95 69.07
CA ASP C 66 119.72 33.70 68.42
C ASP C 66 120.16 33.94 67.00
N ASP C 67 121.29 33.36 66.67
CA ASP C 67 121.88 33.51 65.38
C ASP C 67 121.14 32.80 64.25
N ARG C 68 120.60 31.63 64.54
CA ARG C 68 119.92 30.87 63.52
C ARG C 68 118.67 31.49 62.90
N SER C 69 118.22 32.65 63.39
CA SER C 69 117.01 33.25 62.83
C SER C 69 117.17 34.74 62.56
N HIS C 70 116.42 35.27 61.59
CA HIS C 70 116.48 36.71 61.31
C HIS C 70 115.46 37.35 62.20
N TRP C 71 115.90 38.25 63.08
CA TRP C 71 114.96 38.89 63.97
C TRP C 71 114.48 40.23 63.51
N GLY C 72 113.45 40.72 64.17
CA GLY C 72 112.91 42.02 63.86
C GLY C 72 112.34 42.53 65.17
N GLY C 73 112.08 43.83 65.28
CA GLY C 73 111.52 44.34 66.52
C GLY C 73 110.50 45.44 66.29
N ASP C 74 109.46 45.48 67.12
CA ASP C 74 108.44 46.52 66.99
C ASP C 74 109.06 47.71 67.65
N LEU C 75 108.92 48.88 67.04
CA LEU C 75 109.53 50.06 67.63
C LEU C 75 108.54 51.16 67.84
N LYS C 76 108.05 51.33 69.06
CA LYS C 76 107.14 52.44 69.30
C LYS C 76 107.97 53.45 70.04
N THR C 77 107.68 54.72 69.82
CA THR C 77 108.45 55.74 70.48
C THR C 77 107.59 56.82 71.05
N ILE C 78 108.18 57.57 71.97
CA ILE C 78 107.51 58.66 72.63
C ILE C 78 108.34 59.89 72.39
N LEU C 79 107.84 60.78 71.53
CA LEU C 79 108.57 61.99 71.22
C LEU C 79 107.85 63.21 71.73
N HIS C 80 108.58 64.16 72.31
CA HIS C 80 107.98 65.37 72.85
C HIS C 80 108.86 66.57 72.68
N THR C 81 108.35 67.57 72.00
CA THR C 81 109.13 68.78 71.78
C THR C 81 108.57 69.97 72.52
N ASN C 82 108.89 71.15 71.99
CA ASN C 82 108.43 72.40 72.58
C ASN C 82 109.09 73.50 71.78
N MET C 83 108.91 73.39 70.47
CA MET C 83 109.47 74.33 69.55
C MET C 83 108.53 75.51 69.34
N PRO C 84 109.09 76.70 69.31
CA PRO C 84 108.38 77.96 69.13
C PRO C 84 107.86 78.22 67.74
N ASN C 85 106.67 78.78 67.75
CA ASN C 85 105.97 79.19 66.56
C ASN C 85 106.98 79.85 65.65
N VAL C 86 107.60 80.89 66.20
CA VAL C 86 108.56 81.66 65.46
C VAL C 86 109.96 81.56 65.97
N ASN C 87 110.82 80.86 65.25
CA ASN C 87 112.19 80.78 65.68
C ASN C 87 113.16 80.76 64.51
N GLU C 88 114.43 80.89 64.83
CA GLU C 88 115.46 80.96 63.81
C GLU C 88 115.74 79.67 63.07
N PHE C 89 115.79 78.57 63.80
CA PHE C 89 116.09 77.29 63.19
C PHE C 89 115.06 76.83 62.17
N MET C 90 113.80 77.11 62.43
CA MET C 90 112.77 76.69 61.49
C MET C 90 112.55 77.67 60.36
N PHE C 91 113.22 78.82 60.43
CA PHE C 91 113.08 79.83 59.40
C PHE C 91 111.76 80.56 59.49
N THR C 92 111.44 81.06 60.66
CA THR C 92 110.19 81.77 60.81
C THR C 92 110.46 83.08 61.51
N ASN C 93 111.71 83.46 61.65
CA ASN C 93 112.02 84.70 62.34
C ASN C 93 112.59 85.74 61.40
N LYS C 94 112.69 85.45 60.11
CA LYS C 94 113.23 86.41 59.17
C LYS C 94 112.32 86.50 57.96
N PHE C 95 112.51 87.53 57.15
CA PHE C 95 111.72 87.69 55.94
C PHE C 95 112.13 88.97 55.25
N LYS C 96 112.46 88.85 53.96
CA LYS C 96 112.90 89.99 53.17
C LYS C 96 111.71 90.73 52.59
N ALA C 97 111.83 92.06 52.54
CA ALA C 97 110.80 92.92 51.99
C ALA C 97 111.54 94.14 51.46
N ARG C 98 110.96 94.79 50.46
CA ARG C 98 111.59 95.96 49.88
C ARG C 98 110.84 97.20 50.30
N VAL C 99 111.55 98.11 50.96
CA VAL C 99 110.91 99.33 51.43
C VAL C 99 111.60 100.58 50.90
N MET C 100 110.97 101.72 51.14
CA MET C 100 111.58 102.95 50.69
C MET C 100 112.62 103.37 51.70
N VAL C 101 113.77 103.76 51.18
CA VAL C 101 114.87 104.19 52.02
C VAL C 101 114.98 105.70 52.08
N SER C 102 114.92 106.37 50.92
CA SER C 102 115.05 107.82 50.87
C SER C 102 114.13 108.56 49.92
N ARG C 103 113.66 109.72 50.38
CA ARG C 103 112.80 110.61 49.62
C ARG C 103 113.60 111.89 49.53
N SER C 104 113.97 112.30 48.33
CA SER C 104 114.74 113.52 48.20
C SER C 104 114.32 114.55 47.13
N LEU C 105 114.81 115.77 47.34
CA LEU C 105 114.57 116.91 46.44
C LEU C 105 115.87 116.96 45.64
N THR C 106 115.82 116.63 44.35
CA THR C 106 117.06 116.59 43.58
C THR C 106 117.12 117.32 42.24
N LYS C 107 118.36 117.59 41.82
CA LYS C 107 118.71 118.27 40.57
C LYS C 107 117.63 119.24 40.11
N ASP C 108 117.37 120.20 40.98
CA ASP C 108 116.39 121.27 40.77
C ASP C 108 114.89 120.86 40.86
N LYS C 109 114.43 120.00 39.94
CA LYS C 109 113.00 119.61 39.91
C LYS C 109 112.60 118.13 40.16
N GLN C 110 113.58 117.23 40.09
CA GLN C 110 113.35 115.80 40.29
C GLN C 110 113.01 115.36 41.72
N VAL C 111 112.11 114.37 41.83
CA VAL C 111 111.72 113.76 43.10
C VAL C 111 112.43 112.41 43.03
N GLU C 112 113.51 112.26 43.79
CA GLU C 112 114.26 111.01 43.72
C GLU C 112 113.90 110.01 44.82
N LEU C 113 113.27 108.92 44.41
CA LEU C 113 112.86 107.84 45.31
C LEU C 113 113.84 106.69 45.21
N LYS C 114 114.43 106.33 46.33
CA LYS C 114 115.37 105.22 46.38
C LYS C 114 114.82 104.11 47.26
N TYR C 115 114.61 102.94 46.64
CA TYR C 115 114.10 101.76 47.33
C TYR C 115 115.19 100.70 47.44
N GLU C 116 115.10 99.87 48.48
CA GLU C 116 116.08 98.79 48.66
C GLU C 116 115.49 97.60 49.43
N TRP C 117 116.06 96.41 49.21
CA TRP C 117 115.59 95.21 49.90
C TRP C 117 116.28 95.13 51.22
N VAL C 118 115.57 94.63 52.21
CA VAL C 118 116.18 94.47 53.51
C VAL C 118 115.47 93.37 54.26
N GLU C 119 116.24 92.66 55.06
CA GLU C 119 115.73 91.53 55.83
C GLU C 119 115.48 91.84 57.29
N PHE C 120 114.22 91.83 57.69
CA PHE C 120 113.89 92.12 59.08
C PHE C 120 113.74 90.83 59.85
N THR C 121 114.08 90.86 61.13
CA THR C 121 113.98 89.67 61.95
C THR C 121 113.01 89.86 63.09
N LEU C 122 112.50 88.75 63.61
CA LEU C 122 111.55 88.79 64.70
C LEU C 122 112.14 88.15 65.94
N PRO C 123 111.64 88.53 67.10
CA PRO C 123 112.11 87.99 68.38
C PRO C 123 111.47 86.63 68.69
N GLU C 124 112.24 85.57 68.47
CA GLU C 124 111.77 84.22 68.70
C GLU C 124 110.64 84.05 69.73
N GLY C 125 109.80 83.05 69.48
CA GLY C 125 108.72 82.73 70.42
C GLY C 125 107.32 83.15 70.02
N ASN C 126 107.04 84.44 70.29
CA ASN C 126 105.75 85.16 70.03
C ASN C 126 104.72 84.54 69.09
N TYR C 127 104.02 83.55 69.65
CA TYR C 127 103.01 82.79 68.97
C TYR C 127 101.81 83.58 68.46
N SER C 128 100.72 82.88 68.20
CA SER C 128 99.49 83.48 67.71
C SER C 128 99.74 84.08 66.37
N GLU C 129 98.80 83.95 65.46
CA GLU C 129 99.04 84.49 64.15
C GLU C 129 98.92 85.98 64.13
N THR C 130 97.79 86.49 64.57
CA THR C 130 97.60 87.93 64.54
C THR C 130 98.79 88.65 65.07
N MET C 131 99.16 88.32 66.29
CA MET C 131 100.29 89.00 66.86
C MET C 131 101.54 88.89 66.02
N THR C 132 101.70 87.76 65.34
CA THR C 132 102.85 87.56 64.49
C THR C 132 102.82 88.58 63.39
N ILE C 133 101.63 88.85 62.88
CA ILE C 133 101.49 89.83 61.83
C ILE C 133 102.04 91.12 62.40
N ASP C 134 101.42 91.56 63.48
CA ASP C 134 101.81 92.79 64.15
C ASP C 134 103.32 92.92 64.31
N LEU C 135 103.96 91.87 64.80
CA LEU C 135 105.39 91.91 64.99
C LEU C 135 106.11 92.19 63.69
N MET C 136 105.52 91.70 62.60
CA MET C 136 106.09 91.94 61.28
C MET C 136 105.91 93.41 60.95
N ASN C 137 104.67 93.87 60.91
CA ASN C 137 104.42 95.27 60.62
C ASN C 137 105.35 96.14 61.44
N ASN C 138 105.49 95.81 62.72
CA ASN C 138 106.35 96.57 63.61
C ASN C 138 107.79 96.58 63.12
N ALA C 139 108.26 95.46 62.60
CA ALA C 139 109.63 95.40 62.13
C ALA C 139 109.81 96.29 60.90
N ILE C 140 108.75 96.47 60.12
CA ILE C 140 108.84 97.33 58.94
C ILE C 140 109.10 98.72 59.47
N VAL C 141 108.32 99.09 60.47
CA VAL C 141 108.42 100.38 61.14
C VAL C 141 109.78 100.57 61.78
N GLU C 142 110.11 99.70 62.74
CA GLU C 142 111.38 99.78 63.44
C GLU C 142 112.53 100.12 62.52
N HIS C 143 112.39 99.71 61.27
CA HIS C 143 113.42 99.98 60.27
C HIS C 143 113.29 101.42 59.81
N TYR C 144 112.07 101.82 59.49
CA TYR C 144 111.80 103.19 59.07
C TYR C 144 112.37 104.11 60.14
N LEU C 145 112.24 103.72 61.40
CA LEU C 145 112.76 104.52 62.49
C LEU C 145 114.26 104.65 62.46
N LYS C 146 114.95 103.70 61.84
CA LYS C 146 116.40 103.77 61.82
C LYS C 146 116.94 104.26 60.49
N VAL C 147 116.08 104.37 59.50
CA VAL C 147 116.55 104.82 58.19
C VAL C 147 115.57 105.72 57.48
N GLY C 148 114.32 105.28 57.43
CA GLY C 148 113.29 106.05 56.77
C GLY C 148 113.30 107.55 57.00
N ARG C 149 112.60 107.97 58.05
CA ARG C 149 112.48 109.38 58.38
C ARG C 149 113.77 110.15 58.18
N GLN C 150 114.86 109.68 58.77
CA GLN C 150 116.10 110.41 58.65
C GLN C 150 116.73 110.34 57.26
N ASN C 151 115.90 110.45 56.24
CA ASN C 151 116.37 110.41 54.88
C ASN C 151 115.21 110.81 53.97
N GLY C 152 114.31 111.59 54.53
CA GLY C 152 113.16 112.05 53.79
C GLY C 152 111.93 111.24 54.14
N VAL C 153 111.58 110.35 53.23
CA VAL C 153 110.43 109.45 53.36
C VAL C 153 109.50 109.65 54.57
N LEU C 154 108.30 110.10 54.28
CA LEU C 154 107.28 110.34 55.31
C LEU C 154 106.60 109.03 55.64
N GLU C 155 105.67 109.10 56.58
CA GLU C 155 104.90 107.95 56.98
C GLU C 155 103.96 107.70 55.81
N SER C 156 103.43 108.80 55.28
CA SER C 156 102.50 108.77 54.15
C SER C 156 102.92 107.77 53.08
N ASP C 157 104.23 107.63 52.90
CA ASP C 157 104.72 106.73 51.87
C ASP C 157 105.53 105.53 52.39
N ILE C 158 104.98 104.85 53.39
CA ILE C 158 105.62 103.65 53.95
C ILE C 158 105.23 102.48 53.08
N GLY C 159 106.21 101.86 52.45
CA GLY C 159 105.91 100.73 51.59
C GLY C 159 105.83 99.38 52.29
N VAL C 160 104.79 98.61 52.01
CA VAL C 160 104.65 97.29 52.63
C VAL C 160 104.04 97.24 54.02
N LYS C 161 102.86 96.67 54.09
CA LYS C 161 102.22 96.50 55.37
C LYS C 161 101.27 95.34 55.27
N PHE C 162 101.37 94.43 56.24
CA PHE C 162 100.53 93.26 56.28
C PHE C 162 99.28 93.65 57.04
N ASP C 163 98.13 93.43 56.41
CA ASP C 163 96.85 93.75 56.99
C ASP C 163 96.06 92.46 56.90
N THR C 164 94.76 92.53 57.15
CA THR C 164 93.92 91.36 57.11
C THR C 164 92.47 91.68 56.79
N ARG C 165 92.21 92.72 56.01
CA ARG C 165 90.81 93.03 55.71
C ARG C 165 90.53 93.24 54.25
N ASN C 166 89.24 93.28 53.93
CA ASN C 166 88.79 93.43 52.57
C ASN C 166 88.53 94.87 52.19
N PHE C 167 89.59 95.61 51.89
CA PHE C 167 89.44 97.00 51.49
C PHE C 167 88.60 96.99 50.25
N ARG C 168 87.29 96.94 50.39
CA ARG C 168 86.44 96.89 49.22
C ARG C 168 85.05 96.51 49.61
N LEU C 169 84.79 96.44 50.90
CA LEU C 169 83.45 96.08 51.27
C LEU C 169 82.48 97.22 51.04
N GLY C 170 82.87 98.43 51.47
CA GLY C 170 81.99 99.56 51.26
C GLY C 170 81.72 99.86 49.80
N PHE C 171 82.77 99.81 49.00
CA PHE C 171 82.73 100.08 47.56
C PHE C 171 81.37 100.11 46.87
N ASP C 172 81.17 101.18 46.11
CA ASP C 172 79.96 101.41 45.34
C ASP C 172 80.35 101.47 43.87
N PRO C 173 79.82 100.54 43.07
CA PRO C 173 80.12 100.46 41.63
C PRO C 173 79.94 101.73 40.81
N VAL C 174 79.24 102.72 41.36
CA VAL C 174 79.04 103.97 40.64
C VAL C 174 79.98 105.04 41.16
N THR C 175 79.87 105.30 42.45
CA THR C 175 80.70 106.27 43.13
C THR C 175 82.19 106.04 42.88
N GLY C 176 82.58 104.78 42.95
CA GLY C 176 83.98 104.45 42.76
C GLY C 176 84.64 104.65 44.12
N LEU C 177 83.82 104.72 45.17
CA LEU C 177 84.36 104.91 46.51
C LEU C 177 83.73 104.06 47.59
N VAL C 178 84.44 103.93 48.70
CA VAL C 178 83.98 103.15 49.83
C VAL C 178 83.07 104.08 50.65
N MET C 179 81.85 104.23 50.17
CA MET C 179 80.85 105.11 50.77
C MET C 179 80.90 105.37 52.27
N PRO C 180 81.07 104.33 53.09
CA PRO C 180 81.13 104.47 54.54
C PRO C 180 82.17 105.45 55.06
N GLY C 181 83.15 105.78 54.22
CA GLY C 181 84.19 106.71 54.63
C GLY C 181 85.22 106.03 55.50
N VAL C 182 85.06 104.72 55.63
CA VAL C 182 85.94 103.91 56.44
C VAL C 182 86.05 102.52 55.84
N TYR C 183 87.26 101.97 55.80
CA TYR C 183 87.42 100.63 55.27
C TYR C 183 86.86 99.75 56.36
N THR C 184 85.70 99.16 56.09
CA THR C 184 85.03 98.31 57.07
C THR C 184 86.01 97.42 57.85
N ASN C 185 86.18 97.78 59.12
CA ASN C 185 87.12 97.16 60.05
C ASN C 185 86.94 95.72 60.49
N GLU C 186 86.68 94.80 59.56
CA GLU C 186 86.57 93.41 59.96
C GLU C 186 87.62 92.57 59.25
N ALA C 187 88.14 91.57 59.96
CA ALA C 187 89.21 90.70 59.44
C ALA C 187 88.74 89.49 58.66
N PHE C 188 89.28 89.32 57.45
CA PHE C 188 88.88 88.22 56.60
C PHE C 188 89.98 87.23 56.29
N HIS C 189 91.17 87.74 56.02
CA HIS C 189 92.30 86.88 55.71
C HIS C 189 93.54 87.72 55.63
N PRO C 190 94.68 87.15 56.01
CA PRO C 190 95.83 88.04 55.91
C PRO C 190 96.17 88.34 54.48
N ASP C 191 96.69 89.53 54.22
CA ASP C 191 97.14 89.89 52.88
C ASP C 191 98.21 90.91 53.07
N ILE C 192 98.94 91.21 52.02
CA ILE C 192 100.00 92.17 52.15
C ILE C 192 99.77 93.30 51.18
N ILE C 193 99.88 94.52 51.68
CA ILE C 193 99.67 95.71 50.87
C ILE C 193 100.97 96.36 50.47
N LEU C 194 101.02 96.84 49.24
CA LEU C 194 102.23 97.46 48.76
C LEU C 194 102.04 98.81 48.11
N LEU C 195 103.09 99.61 48.18
CA LEU C 195 103.10 100.92 47.56
C LEU C 195 103.89 100.79 46.27
N PRO C 196 103.78 101.77 45.37
CA PRO C 196 104.55 101.64 44.14
C PRO C 196 105.99 101.33 44.46
N GLY C 197 106.64 100.66 43.54
CA GLY C 197 108.05 100.36 43.71
C GLY C 197 108.53 99.37 44.76
N CYS C 198 107.74 99.04 45.77
CA CYS C 198 108.25 98.08 46.75
C CYS C 198 107.60 96.69 46.69
N GLY C 199 107.80 95.87 47.72
CA GLY C 199 107.22 94.53 47.75
C GLY C 199 107.93 93.60 48.73
N VAL C 200 107.48 92.35 48.83
CA VAL C 200 108.10 91.40 49.77
C VAL C 200 108.58 90.11 49.13
N ASP C 201 109.50 89.44 49.82
CA ASP C 201 110.09 88.19 49.35
C ASP C 201 110.17 87.16 50.48
N PHE C 202 109.68 85.94 50.26
CA PHE C 202 109.73 84.93 51.31
C PHE C 202 110.62 83.76 50.97
N THR C 203 111.26 83.84 49.82
CA THR C 203 112.15 82.79 49.34
C THR C 203 112.82 81.98 50.44
N HIS C 204 113.20 82.63 51.54
CA HIS C 204 113.82 81.91 52.63
C HIS C 204 113.02 82.08 53.90
N SER C 205 111.75 81.74 53.86
CA SER C 205 110.94 81.87 55.07
C SER C 205 109.63 81.15 55.00
N ARG C 206 109.25 80.55 56.11
CA ARG C 206 108.02 79.81 56.17
C ARG C 206 106.86 80.71 56.59
N LEU C 207 107.18 81.95 56.99
CA LEU C 207 106.13 82.87 57.41
C LEU C 207 105.11 82.97 56.30
N SER C 208 105.54 82.79 55.08
CA SER C 208 104.62 82.84 53.96
C SER C 208 103.42 81.97 54.34
N ASN C 209 103.71 80.73 54.68
CA ASN C 209 102.69 79.79 55.07
C ASN C 209 101.83 80.28 56.22
N LEU C 210 102.35 81.22 57.01
CA LEU C 210 101.59 81.74 58.13
C LEU C 210 100.54 82.71 57.64
N LEU C 211 100.89 83.49 56.62
CA LEU C 211 99.95 84.44 56.05
C LEU C 211 98.89 83.70 55.28
N GLY C 212 99.21 82.48 54.85
CA GLY C 212 98.24 81.71 54.12
C GLY C 212 98.25 82.07 52.65
N ILE C 213 99.44 82.26 52.12
CA ILE C 213 99.61 82.59 50.71
C ILE C 213 100.69 81.68 50.15
N ARG C 214 100.32 80.77 49.24
CA ARG C 214 101.30 79.83 48.68
C ARG C 214 101.35 79.86 47.16
N LYS C 215 102.45 79.37 46.60
CA LYS C 215 102.59 79.33 45.14
C LYS C 215 101.81 78.14 44.64
N ARG C 216 101.19 78.28 43.48
CA ARG C 216 100.43 77.17 42.94
C ARG C 216 101.41 76.15 42.35
N GLN C 217 102.69 76.48 42.39
CA GLN C 217 103.74 75.60 41.88
C GLN C 217 104.95 75.66 42.78
N PRO C 218 104.79 75.15 44.00
CA PRO C 218 105.71 75.05 45.12
C PRO C 218 107.17 74.85 44.83
N PHE C 219 107.48 73.79 44.09
CA PHE C 219 108.88 73.48 43.84
C PHE C 219 109.75 74.49 43.08
N GLN C 220 109.14 75.50 42.49
CA GLN C 220 109.92 76.51 41.79
C GLN C 220 110.47 77.51 42.80
N GLU C 221 111.50 77.12 43.55
CA GLU C 221 112.09 78.00 44.55
C GLU C 221 112.13 79.46 44.11
N GLY C 222 111.43 80.32 44.83
CA GLY C 222 111.43 81.73 44.48
C GLY C 222 110.13 82.49 44.72
N PHE C 223 109.82 82.73 45.99
CA PHE C 223 108.61 83.46 46.32
C PHE C 223 108.85 84.96 46.45
N ARG C 224 108.58 85.68 45.37
CA ARG C 224 108.73 87.15 45.33
C ARG C 224 107.43 87.77 44.87
N ILE C 225 106.85 88.60 45.70
CA ILE C 225 105.60 89.20 45.31
C ILE C 225 105.75 90.75 45.26
N THR C 226 105.99 91.27 44.05
CA THR C 226 106.20 92.70 43.76
C THR C 226 104.91 93.50 43.71
N TYR C 227 105.05 94.82 43.81
CA TYR C 227 103.92 95.72 43.73
C TYR C 227 103.36 95.49 42.34
N ASP C 228 104.25 95.48 41.37
CA ASP C 228 103.88 95.27 39.99
C ASP C 228 102.96 94.07 39.77
N ASP C 229 103.15 93.02 40.57
CA ASP C 229 102.36 91.80 40.44
C ASP C 229 100.92 92.00 40.85
N LEU C 230 100.72 92.73 41.93
CA LEU C 230 99.37 92.97 42.40
C LEU C 230 98.62 93.86 41.42
N GLU C 231 98.54 93.44 40.17
CA GLU C 231 97.84 94.24 39.17
C GLU C 231 96.41 94.42 39.66
N GLY C 232 95.55 94.97 38.81
CA GLY C 232 94.16 95.20 39.17
C GLY C 232 93.82 94.94 40.64
N GLY C 233 93.43 95.97 41.38
CA GLY C 233 93.11 95.74 42.76
C GLY C 233 93.93 96.60 43.69
N ASN C 234 93.79 97.89 43.50
CA ASN C 234 94.47 98.86 44.32
C ASN C 234 93.35 99.26 45.24
N ILE C 235 93.63 99.36 46.52
CA ILE C 235 92.61 99.75 47.47
C ILE C 235 91.87 101.01 47.00
N PRO C 236 90.56 100.94 46.81
CA PRO C 236 89.76 102.08 46.37
C PRO C 236 89.90 103.15 47.44
N ALA C 237 89.36 104.33 47.20
CA ALA C 237 89.44 105.42 48.17
C ALA C 237 88.17 105.62 48.95
N LEU C 238 88.27 106.43 50.01
CA LEU C 238 87.15 106.70 50.89
C LEU C 238 86.31 107.90 50.50
N LEU C 239 85.00 107.79 50.68
CA LEU C 239 84.10 108.89 50.38
C LEU C 239 84.36 109.99 51.40
N ASP C 240 84.24 111.25 51.00
CA ASP C 240 84.44 112.31 51.96
C ASP C 240 83.12 112.43 52.70
N VAL C 241 82.86 111.44 53.56
CA VAL C 241 81.64 111.39 54.34
C VAL C 241 81.21 112.77 54.85
N ASP C 242 82.15 113.54 55.40
CA ASP C 242 81.83 114.86 55.91
C ASP C 242 81.27 115.80 54.85
N ALA C 243 82.04 116.02 53.79
CA ALA C 243 81.61 116.87 52.70
C ALA C 243 80.22 116.48 52.22
N TYR C 244 80.10 115.28 51.67
CA TYR C 244 78.82 114.77 51.17
C TYR C 244 77.64 115.16 52.06
N GLN C 245 77.66 114.71 53.31
CA GLN C 245 76.58 115.00 54.27
C GLN C 245 76.30 116.49 54.48
N ALA C 246 77.31 117.21 54.96
CA ALA C 246 77.18 118.65 55.20
C ALA C 246 76.60 119.31 53.95
N SER C 247 77.07 118.86 52.78
CA SER C 247 76.63 119.41 51.51
C SER C 247 75.15 119.18 51.15
N LEU C 248 74.43 118.42 51.96
CA LEU C 248 73.03 118.22 51.63
C LEU C 248 72.11 119.22 52.36
N LYS C 327 73.26 118.66 42.48
CA LYS C 327 74.59 118.17 42.80
C LYS C 327 74.67 117.54 44.19
N LYS C 328 75.85 117.00 44.47
CA LYS C 328 76.21 116.36 45.73
C LYS C 328 77.72 116.21 45.58
N PRO C 329 78.51 116.54 46.63
CA PRO C 329 79.98 116.45 46.57
C PRO C 329 80.49 115.08 46.12
N VAL C 330 80.05 114.05 46.85
CA VAL C 330 80.42 112.65 46.61
C VAL C 330 81.75 112.43 45.91
N ILE C 331 81.85 112.72 44.60
CA ILE C 331 83.11 112.52 43.86
C ILE C 331 84.33 112.78 44.78
N LYS C 332 84.11 113.55 45.85
CA LYS C 332 85.18 113.86 46.79
C LYS C 332 85.71 112.63 47.55
N PRO C 333 86.92 112.19 47.17
CA PRO C 333 87.59 111.04 47.76
C PRO C 333 88.59 111.51 48.79
N LEU C 334 88.21 111.45 50.05
CA LEU C 334 89.07 111.84 51.18
C LEU C 334 90.59 111.68 50.87
N THR C 335 91.30 112.79 50.68
CA THR C 335 92.73 112.77 50.35
C THR C 335 93.72 112.58 51.48
N GLU C 336 93.32 112.89 52.70
CA GLU C 336 94.21 112.75 53.83
C GLU C 336 93.49 112.12 55.00
N ASP C 337 93.61 112.78 56.15
CA ASP C 337 93.00 112.32 57.39
C ASP C 337 93.47 113.26 58.49
N SER C 338 93.11 112.98 59.73
CA SER C 338 93.57 113.80 60.83
C SER C 338 95.10 113.77 60.66
N LYS C 339 95.80 114.55 61.46
CA LYS C 339 97.27 114.58 61.34
C LYS C 339 97.80 114.55 59.90
N LYS C 340 96.93 114.96 58.97
CA LYS C 340 97.23 115.05 57.54
C LYS C 340 98.29 114.17 56.87
N ARG C 341 97.91 112.94 56.54
CA ARG C 341 98.78 111.97 55.85
C ARG C 341 98.09 111.79 54.50
N SER C 342 98.86 111.73 53.41
CA SER C 342 98.23 111.56 52.10
C SER C 342 97.94 110.10 51.79
N TYR C 343 96.79 109.83 51.17
CA TYR C 343 96.46 108.47 50.81
C TYR C 343 96.96 108.22 49.41
N ASN C 344 98.12 108.77 49.09
CA ASN C 344 98.73 108.58 47.78
C ASN C 344 97.72 108.22 46.66
N LEU C 345 96.83 109.13 46.27
CA LEU C 345 95.89 108.83 45.19
C LEU C 345 96.60 108.97 43.86
N ILE C 346 96.37 108.04 42.95
CA ILE C 346 97.07 108.08 41.66
C ILE C 346 97.05 109.44 40.94
N SER C 347 95.89 110.10 40.93
CA SER C 347 95.76 111.40 40.29
C SER C 347 94.62 112.16 40.94
N ASN C 348 94.57 113.47 40.69
CA ASN C 348 93.55 114.35 41.26
C ASN C 348 92.13 113.89 40.86
N ASP C 349 92.05 112.95 39.93
CA ASP C 349 90.77 112.45 39.43
C ASP C 349 90.36 111.10 40.02
N SER C 350 91.09 110.04 39.64
CA SER C 350 90.80 108.66 40.08
C SER C 350 90.36 108.47 41.52
N THR C 351 89.46 107.51 41.67
CA THR C 351 88.89 107.13 42.95
C THR C 351 89.80 106.09 43.63
N PHE C 352 90.73 105.54 42.87
CA PHE C 352 91.66 104.53 43.37
C PHE C 352 92.90 105.15 43.99
N THR C 353 93.49 104.44 44.96
CA THR C 353 94.71 104.90 45.61
C THR C 353 95.86 104.07 45.06
N GLN C 354 97.09 104.51 45.30
CA GLN C 354 98.25 103.78 44.81
C GLN C 354 98.56 102.52 45.64
N TYR C 355 97.80 102.35 46.72
CA TYR C 355 97.97 101.19 47.59
C TYR C 355 97.38 99.93 46.96
N ARG C 356 98.23 98.93 46.69
CA ARG C 356 97.77 97.66 46.11
C ARG C 356 97.69 96.55 47.17
N SER C 357 96.57 95.82 47.17
CA SER C 357 96.33 94.73 48.12
C SER C 357 96.34 93.36 47.47
N TRP C 358 97.04 92.42 48.09
CA TRP C 358 97.07 91.10 47.53
C TRP C 358 95.66 90.55 47.48
N TYR C 359 95.05 90.41 48.66
CA TYR C 359 93.72 89.86 48.77
C TYR C 359 92.77 90.36 47.68
N LEU C 360 92.96 91.59 47.23
CA LEU C 360 92.08 92.12 46.19
C LEU C 360 92.41 91.47 44.86
N ALA C 361 93.67 91.54 44.48
CA ALA C 361 94.11 90.97 43.24
C ALA C 361 93.66 89.53 43.08
N TYR C 362 93.70 88.78 44.18
CA TYR C 362 93.32 87.39 44.11
C TYR C 362 91.89 87.17 43.66
N ASN C 363 90.92 87.71 44.38
CA ASN C 363 89.53 87.49 43.98
C ASN C 363 88.83 88.67 43.28
N TYR C 364 89.51 89.80 43.16
CA TYR C 364 88.88 90.93 42.48
C TYR C 364 89.58 91.29 41.17
N GLY C 365 90.72 90.69 40.91
CA GLY C 365 91.44 90.98 39.68
C GLY C 365 91.30 89.92 38.61
N ASP C 366 91.85 90.19 37.42
CA ASP C 366 91.80 89.26 36.30
C ASP C 366 92.20 87.84 36.74
N PRO C 367 91.25 86.91 36.77
CA PRO C 367 91.55 85.54 37.17
C PRO C 367 92.56 84.83 36.26
N GLN C 368 92.55 85.16 34.98
CA GLN C 368 93.46 84.52 34.03
C GLN C 368 94.91 85.04 34.05
N THR C 369 95.11 86.33 34.35
CA THR C 369 96.47 86.89 34.36
C THR C 369 96.91 87.51 35.67
N GLY C 370 95.95 87.77 36.55
CA GLY C 370 96.26 88.38 37.83
C GLY C 370 97.14 87.55 38.73
N ILE C 371 97.03 87.75 40.03
CA ILE C 371 97.85 86.95 40.92
C ILE C 371 97.17 85.63 41.19
N ARG C 372 95.85 85.59 41.13
CA ARG C 372 95.15 84.33 41.38
C ARG C 372 95.64 83.25 40.43
N SER C 373 96.38 83.67 39.41
CA SER C 373 96.90 82.74 38.43
C SER C 373 98.04 81.87 38.94
N TRP C 374 98.87 82.43 39.81
CA TRP C 374 100.00 81.67 40.30
C TRP C 374 100.22 81.62 41.81
N THR C 375 99.21 81.98 42.58
CA THR C 375 99.36 81.92 44.03
C THR C 375 98.04 81.36 44.53
N LEU C 376 98.02 80.82 45.74
CA LEU C 376 96.77 80.24 46.23
C LEU C 376 96.38 80.77 47.59
N LEU C 377 95.10 81.11 47.73
CA LEU C 377 94.58 81.60 48.99
C LEU C 377 94.34 80.41 49.90
N CYS C 378 95.09 80.33 51.00
CA CYS C 378 94.93 79.20 51.91
C CYS C 378 94.73 79.52 53.34
N THR C 379 94.30 78.51 54.07
CA THR C 379 94.08 78.62 55.48
C THR C 379 95.42 78.92 56.10
N PRO C 380 95.45 79.85 57.03
CA PRO C 380 96.67 80.26 57.73
C PRO C 380 97.60 79.17 58.24
N ASP C 381 97.34 78.65 59.45
CA ASP C 381 98.21 77.63 60.06
C ASP C 381 99.45 78.30 60.64
N VAL C 382 99.51 78.40 61.97
CA VAL C 382 100.62 79.05 62.59
C VAL C 382 101.89 78.23 62.59
N THR C 383 101.78 76.92 62.73
CA THR C 383 102.95 76.04 62.77
C THR C 383 103.90 76.33 61.62
N CYS C 384 103.36 77.01 60.60
CA CYS C 384 104.12 77.38 59.43
C CYS C 384 104.37 76.24 58.48
N GLY C 385 103.91 75.05 58.84
CA GLY C 385 104.10 73.93 57.95
C GLY C 385 104.52 72.63 58.61
N SER C 386 103.58 71.70 58.63
CA SER C 386 103.84 70.40 59.21
C SER C 386 105.08 69.80 58.61
N GLU C 387 106.17 69.72 59.37
CA GLU C 387 107.40 69.13 58.88
C GLU C 387 107.61 67.81 59.59
N GLN C 388 108.36 66.91 58.96
CA GLN C 388 108.59 65.60 59.55
C GLN C 388 109.98 65.42 60.04
N VAL C 389 110.12 64.47 60.96
CA VAL C 389 111.41 64.15 61.54
C VAL C 389 111.65 62.68 61.30
N TYR C 390 112.92 62.31 61.11
CA TYR C 390 113.25 60.93 60.85
C TYR C 390 114.07 60.36 62.01
N TRP C 391 113.79 59.11 62.39
CA TRP C 391 114.53 58.45 63.46
C TRP C 391 115.62 57.58 62.86
N SER C 392 116.55 57.14 63.69
CA SER C 392 117.64 56.27 63.22
C SER C 392 118.30 55.62 64.41
N LEU C 393 118.50 54.31 64.34
CA LEU C 393 119.11 53.60 65.45
C LEU C 393 120.25 52.78 64.92
N PRO C 394 121.10 53.39 64.13
CA PRO C 394 122.30 52.90 63.44
C PRO C 394 122.90 51.66 64.02
N ASP C 395 122.95 51.59 65.33
CA ASP C 395 123.59 50.45 65.95
C ASP C 395 122.67 49.33 66.35
N MET C 396 121.39 49.43 66.00
CA MET C 396 120.45 48.40 66.38
C MET C 396 119.52 47.86 65.32
N MET C 397 119.23 48.62 64.28
CA MET C 397 118.36 48.11 63.23
C MET C 397 119.17 47.92 61.98
N GLN C 398 118.70 47.07 61.09
CA GLN C 398 119.43 46.86 59.86
C GLN C 398 119.09 48.04 58.99
N ASP C 399 119.99 48.38 58.10
CA ASP C 399 119.77 49.53 57.27
C ASP C 399 118.81 49.29 56.13
N PRO C 400 117.62 49.91 56.21
CA PRO C 400 116.51 49.87 55.28
C PRO C 400 116.86 49.92 53.82
N VAL C 401 116.33 48.95 53.09
CA VAL C 401 116.55 48.77 51.67
C VAL C 401 117.74 49.45 51.06
N THR C 402 117.57 50.72 50.72
CA THR C 402 118.65 51.39 50.04
C THR C 402 119.58 52.31 50.74
N PHE C 403 119.45 52.45 52.05
CA PHE C 403 120.37 53.33 52.73
C PHE C 403 121.64 52.58 52.89
N ARG C 404 122.75 53.31 52.94
CA ARG C 404 124.01 52.63 53.13
C ARG C 404 124.45 53.08 54.50
N SER C 405 125.14 52.19 55.20
CA SER C 405 125.60 52.48 56.55
C SER C 405 126.78 53.41 56.52
N THR C 406 126.75 54.40 57.40
CA THR C 406 127.83 55.35 57.49
C THR C 406 127.97 55.78 58.93
N SER C 407 128.82 56.78 59.16
CA SER C 407 129.07 57.28 60.50
C SER C 407 128.86 58.78 60.53
N GLN C 408 128.30 59.29 59.46
CA GLN C 408 128.03 60.71 59.33
C GLN C 408 126.63 61.02 59.87
N ILE C 409 126.55 61.39 61.15
CA ILE C 409 125.30 61.74 61.81
C ILE C 409 124.19 62.27 60.92
N SER C 410 124.55 63.01 59.90
CA SER C 410 123.56 63.58 59.01
C SER C 410 123.26 62.73 57.78
N ASN C 411 123.40 61.41 57.93
CA ASN C 411 123.12 60.51 56.80
C ASN C 411 122.79 59.11 57.30
N PHE C 412 122.71 58.96 58.61
CA PHE C 412 122.39 57.68 59.18
C PHE C 412 121.19 57.11 58.47
N PRO C 413 121.02 55.81 58.51
CA PRO C 413 119.86 55.22 57.85
C PRO C 413 118.63 55.63 58.66
N VAL C 414 117.49 55.68 57.99
CA VAL C 414 116.26 56.05 58.66
C VAL C 414 115.42 54.82 58.93
N VAL C 415 114.73 54.79 60.06
CA VAL C 415 113.93 53.63 60.35
C VAL C 415 112.51 54.01 60.62
N GLY C 416 112.26 55.30 60.78
CA GLY C 416 110.89 55.70 61.05
C GLY C 416 110.72 57.17 60.81
N ALA C 417 109.58 57.54 60.25
CA ALA C 417 109.29 58.92 59.96
C ALA C 417 108.07 59.28 60.76
N GLU C 418 107.96 60.53 61.15
CA GLU C 418 106.86 60.95 61.97
C GLU C 418 106.79 62.45 61.91
N LEU C 419 105.57 62.95 61.93
CA LEU C 419 105.37 64.39 61.84
C LEU C 419 105.90 65.02 63.13
N LEU C 420 106.53 66.19 63.01
CA LEU C 420 107.07 66.90 64.17
C LEU C 420 105.92 67.44 65.03
N PRO C 421 105.75 66.91 66.25
CA PRO C 421 104.75 67.19 67.29
C PRO C 421 104.27 68.61 67.51
N VAL C 422 103.50 69.16 66.59
CA VAL C 422 103.01 70.52 66.77
C VAL C 422 101.63 70.64 66.14
N HIS C 423 100.66 71.15 66.89
CA HIS C 423 99.30 71.30 66.37
C HIS C 423 98.79 72.73 66.36
N SER C 424 97.68 72.96 65.65
CA SER C 424 97.09 74.29 65.61
C SER C 424 95.83 74.31 66.44
N LYS C 425 95.92 74.79 67.68
CA LYS C 425 94.73 74.87 68.52
C LYS C 425 94.02 76.13 68.08
N SER C 426 92.70 76.06 67.98
CA SER C 426 91.93 77.21 67.56
C SER C 426 91.01 77.72 68.65
N PHE C 427 90.96 79.03 68.80
CA PHE C 427 90.11 79.62 69.82
C PHE C 427 89.18 80.67 69.28
N TYR C 428 88.29 81.15 70.14
CA TYR C 428 87.34 82.18 69.78
C TYR C 428 87.49 83.38 70.66
N ASN C 429 87.70 84.54 70.05
CA ASN C 429 87.86 85.75 70.82
C ASN C 429 87.03 86.83 70.16
N ASP C 430 85.71 86.79 70.34
CA ASP C 430 84.86 87.82 69.73
C ASP C 430 85.35 89.11 70.32
N GLN C 431 86.22 88.94 71.31
CA GLN C 431 86.86 90.00 72.00
C GLN C 431 87.83 90.71 71.08
N ALA C 432 88.08 90.15 69.91
CA ALA C 432 88.98 90.73 68.91
C ALA C 432 88.31 91.97 68.32
N VAL C 433 89.09 93.02 68.19
CA VAL C 433 88.63 94.30 67.65
C VAL C 433 87.62 94.96 68.60
N TYR C 434 87.25 94.26 69.67
CA TYR C 434 86.38 94.96 70.61
C TYR C 434 87.52 95.04 71.66
N SER C 435 88.46 94.11 71.52
CA SER C 435 89.65 93.94 72.33
C SER C 435 90.73 94.81 71.71
N GLN C 436 90.97 94.81 70.40
CA GLN C 436 92.02 95.70 69.85
C GLN C 436 91.72 97.09 70.44
N LEU C 437 90.41 97.41 70.44
CA LEU C 437 89.87 98.67 70.95
C LEU C 437 90.24 98.78 72.43
N ILE C 438 90.04 97.69 73.19
CA ILE C 438 90.36 97.68 74.60
C ILE C 438 91.80 97.23 74.82
N ARG C 439 92.30 96.37 73.94
CA ARG C 439 93.66 95.89 74.06
C ARG C 439 94.63 97.08 74.08
N GLN C 440 94.35 98.09 73.26
CA GLN C 440 95.21 99.29 73.20
C GLN C 440 95.35 100.06 74.52
N PHE C 441 94.28 100.04 75.33
CA PHE C 441 94.30 100.70 76.63
C PHE C 441 94.94 99.75 77.65
N THR C 442 94.71 98.45 77.45
CA THR C 442 95.23 97.36 78.28
C THR C 442 96.76 97.40 78.20
N SER C 443 97.30 97.48 76.98
CA SER C 443 98.72 97.61 76.72
C SER C 443 98.90 99.13 76.87
N LEU C 444 99.74 99.57 77.79
CA LEU C 444 99.88 101.01 78.00
C LEU C 444 100.38 101.82 76.79
N THR C 445 100.58 101.15 75.65
CA THR C 445 101.06 101.80 74.41
C THR C 445 100.40 101.40 73.08
N HIS C 446 100.36 102.35 72.16
CA HIS C 446 99.82 102.13 70.84
C HIS C 446 101.01 101.75 69.95
N VAL C 447 101.90 100.92 70.49
CA VAL C 447 103.11 100.51 69.78
C VAL C 447 102.83 99.91 68.43
N PHE C 448 101.78 99.12 68.33
CA PHE C 448 101.46 98.51 67.07
C PHE C 448 100.56 99.38 66.22
N ASN C 449 99.80 100.25 66.88
CA ASN C 449 98.89 101.11 66.16
C ASN C 449 99.34 102.52 65.87
N ARG C 450 100.62 102.78 66.01
CA ARG C 450 101.16 104.11 65.76
C ARG C 450 100.41 105.10 64.86
N PHE C 451 99.65 104.62 63.88
CA PHE C 451 98.95 105.54 62.98
C PHE C 451 97.42 105.39 63.05
N PRO C 452 96.86 105.44 64.26
CA PRO C 452 95.42 105.29 64.49
C PRO C 452 94.45 106.16 63.72
N GLU C 453 94.89 106.77 62.64
CA GLU C 453 93.96 107.59 61.89
C GLU C 453 93.95 107.09 60.48
N ASN C 454 95.14 106.96 59.91
CA ASN C 454 95.28 106.49 58.55
C ASN C 454 94.53 105.16 58.39
N GLN C 455 93.49 105.16 57.57
CA GLN C 455 92.71 103.96 57.35
C GLN C 455 93.51 102.77 56.83
N ILE C 456 94.68 103.05 56.25
CA ILE C 456 95.52 101.96 55.77
C ILE C 456 96.46 101.58 56.91
N LEU C 457 97.55 102.32 57.07
CA LEU C 457 98.52 102.05 58.11
C LEU C 457 97.97 101.72 59.51
N ALA C 458 96.65 101.76 59.67
CA ALA C 458 96.03 101.45 60.95
C ALA C 458 96.43 100.05 61.36
N ARG C 459 96.02 99.63 62.55
CA ARG C 459 96.36 98.30 63.02
C ARG C 459 95.31 97.31 62.56
N PRO C 460 95.71 96.32 61.75
CA PRO C 460 94.78 95.32 61.25
C PRO C 460 93.89 94.78 62.33
N PRO C 461 92.66 94.45 61.96
CA PRO C 461 91.68 93.93 62.89
C PRO C 461 92.12 92.56 63.35
N ALA C 462 91.84 92.23 64.60
CA ALA C 462 92.18 90.92 65.11
C ALA C 462 91.06 90.03 64.57
N PRO C 463 91.39 88.87 64.01
CA PRO C 463 90.33 88.00 63.49
C PRO C 463 89.74 87.15 64.59
N THR C 464 88.45 86.86 64.50
CA THR C 464 87.84 85.98 65.50
C THR C 464 88.47 84.67 65.13
N ILE C 465 88.82 83.84 66.12
CA ILE C 465 89.44 82.55 65.83
C ILE C 465 90.94 82.70 65.59
N THR C 466 91.69 82.79 66.69
CA THR C 466 93.13 82.90 66.58
C THR C 466 93.65 81.48 66.64
N THR C 467 94.84 81.28 66.11
CA THR C 467 95.45 79.97 66.11
C THR C 467 96.72 80.09 66.90
N VAL C 468 97.18 79.00 67.49
CA VAL C 468 98.41 79.04 68.27
C VAL C 468 99.11 77.71 68.19
N SER C 469 100.38 77.71 67.80
CA SER C 469 101.09 76.44 67.72
C SER C 469 101.16 75.94 69.14
N GLU C 470 100.92 74.65 69.31
CA GLU C 470 100.93 74.05 70.62
C GLU C 470 101.70 72.75 70.53
N ASN C 471 102.64 72.55 71.45
CA ASN C 471 103.44 71.32 71.47
C ASN C 471 102.69 70.19 72.16
N VAL C 472 102.80 68.99 71.61
CA VAL C 472 102.11 67.86 72.21
C VAL C 472 102.92 66.57 72.13
N PRO C 473 102.96 65.79 73.22
CA PRO C 473 103.71 64.54 73.19
C PRO C 473 103.07 63.67 72.14
N ALA C 474 103.90 62.92 71.41
CA ALA C 474 103.39 62.05 70.36
C ALA C 474 103.75 60.60 70.59
N LEU C 475 102.74 59.83 70.95
CA LEU C 475 102.90 58.40 71.17
C LEU C 475 102.71 57.75 69.83
N THR C 476 103.77 57.75 69.04
CA THR C 476 103.75 57.18 67.71
C THR C 476 104.08 55.69 67.74
N ASP C 477 103.95 55.02 66.60
CA ASP C 477 104.24 53.60 66.51
C ASP C 477 104.72 53.19 65.12
N HIS C 478 105.99 52.84 65.03
CA HIS C 478 106.56 52.43 63.76
C HIS C 478 106.36 50.96 63.68
N GLY C 479 106.65 50.37 62.54
CA GLY C 479 106.42 48.93 62.46
C GLY C 479 107.55 48.07 62.98
N THR C 480 107.44 46.77 62.76
CA THR C 480 108.50 45.87 63.14
C THR C 480 109.62 46.16 62.14
N LEU C 481 110.85 46.27 62.62
CA LEU C 481 111.99 46.53 61.75
C LEU C 481 113.02 45.46 62.00
N PRO C 482 113.82 45.14 60.98
CA PRO C 482 114.84 44.10 61.17
C PRO C 482 115.88 44.54 62.19
N LEU C 483 116.41 43.58 62.95
CA LEU C 483 117.43 43.86 63.97
C LEU C 483 118.74 43.17 63.66
N ARG C 484 119.81 43.58 64.31
CA ARG C 484 121.09 42.90 64.11
C ARG C 484 121.05 41.80 65.15
N ASN C 485 121.67 40.66 64.88
CA ASN C 485 121.59 39.60 65.85
C ASN C 485 122.52 39.80 67.03
N SER C 486 123.17 40.94 67.08
CA SER C 486 124.10 41.23 68.16
C SER C 486 123.97 42.68 68.48
N ILE C 487 123.18 42.98 69.49
CA ILE C 487 122.95 44.35 69.87
C ILE C 487 123.97 44.90 70.86
N GLY C 488 124.67 45.94 70.42
CA GLY C 488 125.69 46.55 71.24
C GLY C 488 125.20 47.11 72.56
N GLY C 489 126.10 47.15 73.53
CA GLY C 489 125.74 47.66 74.84
C GLY C 489 125.27 49.10 74.76
N VAL C 490 125.90 49.89 73.92
CA VAL C 490 125.49 51.28 73.81
C VAL C 490 124.95 51.54 72.44
N GLN C 491 123.72 52.01 72.40
CA GLN C 491 123.08 52.31 71.15
C GLN C 491 123.05 53.79 70.97
N ARG C 492 123.03 54.23 69.73
CA ARG C 492 122.99 55.65 69.46
C ARG C 492 121.62 55.96 68.88
N VAL C 493 120.93 56.92 69.48
CA VAL C 493 119.61 57.35 69.03
C VAL C 493 119.73 58.69 68.34
N THR C 494 118.99 58.89 67.27
CA THR C 494 119.08 60.15 66.53
C THR C 494 117.86 60.60 65.77
N ILE C 495 117.31 61.73 66.18
CA ILE C 495 116.15 62.28 65.53
C ILE C 495 116.61 63.43 64.65
N THR C 496 116.29 63.35 63.37
CA THR C 496 116.71 64.36 62.41
C THR C 496 115.51 65.05 61.82
N ASP C 497 115.73 66.13 61.09
CA ASP C 497 114.62 66.84 60.49
C ASP C 497 114.69 66.74 58.98
N ALA C 498 113.72 67.35 58.33
CA ALA C 498 113.66 67.31 56.88
C ALA C 498 115.00 67.49 56.17
N ARG C 499 115.78 68.46 56.61
CA ARG C 499 117.07 68.75 55.99
C ARG C 499 118.20 67.93 56.57
N ARG C 500 117.86 67.06 57.51
CA ARG C 500 118.85 66.21 58.13
C ARG C 500 119.80 66.94 59.03
N ARG C 501 119.34 67.20 60.24
CA ARG C 501 120.14 67.89 61.24
C ARG C 501 119.39 67.74 62.54
N THR C 502 120.12 67.53 63.63
CA THR C 502 119.48 67.38 64.92
C THR C 502 118.49 68.51 65.09
N CYS C 503 117.49 68.31 65.94
CA CYS C 503 116.50 69.32 66.19
C CYS C 503 116.56 69.72 67.65
N PRO C 504 117.11 70.90 67.92
CA PRO C 504 117.28 71.47 69.26
C PRO C 504 116.07 71.45 70.15
N TYR C 505 114.89 71.48 69.55
CA TYR C 505 113.68 71.54 70.35
C TYR C 505 113.11 70.26 70.91
N VAL C 506 113.91 69.22 71.03
CA VAL C 506 113.39 67.98 71.58
C VAL C 506 113.66 67.89 73.08
N TYR C 507 112.61 67.72 73.87
CA TYR C 507 112.80 67.61 75.30
C TYR C 507 112.83 66.16 75.74
N LYS C 508 112.06 65.32 75.08
CA LYS C 508 112.06 63.92 75.48
C LYS C 508 111.88 63.02 74.30
N ALA C 509 112.76 62.03 74.22
CA ALA C 509 112.69 61.07 73.14
C ALA C 509 113.09 59.78 73.78
N LEU C 510 112.36 58.72 73.48
CA LEU C 510 112.71 57.41 74.02
C LEU C 510 111.86 56.40 73.31
N GLY C 511 112.40 55.19 73.16
CA GLY C 511 111.64 54.19 72.47
C GLY C 511 111.76 52.84 73.11
N ILE C 512 110.80 51.99 72.77
CA ILE C 512 110.74 50.64 73.30
C ILE C 512 110.79 49.66 72.13
N VAL C 513 111.72 48.73 72.17
CA VAL C 513 111.83 47.76 71.11
C VAL C 513 111.55 46.37 71.63
N SER C 514 110.75 45.64 70.88
CA SER C 514 110.35 44.29 71.27
C SER C 514 110.67 43.31 70.16
N PRO C 515 111.85 42.70 70.23
CA PRO C 515 112.27 41.75 69.20
C PRO C 515 111.45 40.47 69.13
N ARG C 516 111.46 39.85 67.96
CA ARG C 516 110.75 38.60 67.73
C ARG C 516 111.18 38.00 66.41
N VAL C 517 111.12 36.68 66.34
CA VAL C 517 111.54 35.94 65.15
C VAL C 517 110.81 36.25 63.86
N LEU C 518 111.48 36.05 62.74
CA LEU C 518 110.86 36.32 61.46
C LEU C 518 111.06 35.23 60.44
N SER C 519 112.12 34.42 60.60
CA SER C 519 112.41 33.32 59.67
C SER C 519 113.76 32.78 60.08
N SER C 520 114.24 31.72 59.45
CA SER C 520 115.55 31.23 59.83
C SER C 520 116.60 31.19 58.72
N ARG C 521 117.86 30.99 59.09
CA ARG C 521 118.95 30.92 58.12
C ARG C 521 119.27 29.47 57.72
N ARG D 4 98.84 19.95 75.71
CA ARG D 4 99.60 20.68 74.63
C ARG D 4 99.69 22.20 74.92
N ASN D 5 98.59 22.75 75.43
CA ASN D 5 98.45 24.17 75.69
C ASN D 5 97.34 24.42 76.71
N SER D 6 97.33 23.65 77.78
CA SER D 6 96.31 23.81 78.81
C SER D 6 96.55 25.05 79.68
N ILE D 7 95.74 25.18 80.71
CA ILE D 7 95.82 26.27 81.66
C ILE D 7 95.02 25.72 82.81
N ARG D 8 95.72 25.18 83.80
CA ARG D 8 95.06 24.54 84.92
C ARG D 8 95.06 25.35 86.20
N TYR D 9 94.05 25.10 87.02
CA TYR D 9 93.92 25.76 88.31
C TYR D 9 93.39 24.80 89.35
N SER D 10 94.00 24.82 90.54
CA SER D 10 93.59 23.94 91.65
C SER D 10 92.76 22.81 91.10
N GLU D 11 91.47 22.85 91.43
CA GLU D 11 90.59 21.83 90.97
C GLU D 11 89.39 22.47 90.29
N LEU D 12 89.58 22.81 89.02
CA LEU D 12 88.52 23.37 88.19
C LEU D 12 88.80 22.81 86.81
N ALA D 13 87.80 22.84 85.95
CA ALA D 13 87.98 22.32 84.60
C ALA D 13 89.17 23.01 83.96
N PRO D 14 89.98 22.26 83.20
CA PRO D 14 91.11 22.91 82.57
C PRO D 14 90.62 23.81 81.45
N LEU D 15 91.31 24.91 81.23
CA LEU D 15 90.95 25.86 80.17
C LEU D 15 92.02 25.81 79.13
N PHE D 16 91.66 26.12 77.90
CA PHE D 16 92.65 26.06 76.82
C PHE D 16 92.82 27.29 75.97
N ASP D 17 94.04 27.46 75.51
CA ASP D 17 94.41 28.52 74.60
C ASP D 17 94.57 29.92 75.10
N THR D 18 93.78 30.31 76.08
CA THR D 18 93.90 31.67 76.59
C THR D 18 92.82 31.97 77.59
N THR D 19 92.98 33.11 78.27
CA THR D 19 92.02 33.51 79.27
C THR D 19 92.48 34.83 79.81
N ARG D 20 92.06 35.19 81.02
CA ARG D 20 92.47 36.47 81.59
C ARG D 20 92.71 36.47 83.06
N VAL D 21 93.84 37.01 83.46
CA VAL D 21 94.16 37.10 84.89
C VAL D 21 94.04 38.59 85.12
N TYR D 22 93.45 38.98 86.24
CA TYR D 22 93.31 40.41 86.46
C TYR D 22 94.10 40.96 87.63
N LEU D 23 94.87 42.01 87.37
CA LEU D 23 95.63 42.65 88.42
C LEU D 23 94.84 43.87 88.81
N VAL D 24 94.31 43.89 90.02
CA VAL D 24 93.51 45.03 90.47
C VAL D 24 93.64 45.32 91.96
N ASP D 25 93.77 46.61 92.30
CA ASP D 25 93.92 47.05 93.69
C ASP D 25 92.65 47.01 94.56
N ASN D 26 91.56 47.55 94.02
CA ASN D 26 90.26 47.62 94.66
C ASN D 26 89.73 46.49 95.52
N LYS D 27 89.83 45.25 95.05
CA LYS D 27 89.34 44.08 95.79
C LYS D 27 89.15 44.33 97.29
N SER D 28 87.95 44.10 97.81
CA SER D 28 87.68 44.38 99.23
C SER D 28 88.52 43.58 100.23
N THR D 29 88.67 42.29 99.95
CA THR D 29 89.41 41.38 100.84
C THR D 29 90.89 41.69 101.08
N ASP D 30 91.65 41.74 99.99
CA ASP D 30 93.09 42.00 100.02
C ASP D 30 93.49 43.36 100.60
N VAL D 31 92.71 44.39 100.30
CA VAL D 31 92.97 45.72 100.82
C VAL D 31 93.02 45.62 102.32
N ALA D 32 92.00 44.97 102.87
CA ALA D 32 91.90 44.76 104.32
C ALA D 32 93.21 44.15 104.82
N SER D 33 93.47 42.91 104.40
CA SER D 33 94.67 42.21 104.81
C SER D 33 95.95 42.74 104.17
N LEU D 34 96.33 42.15 103.03
CA LEU D 34 97.54 42.48 102.30
C LEU D 34 98.12 43.89 102.36
N ASN D 35 97.83 44.71 101.35
CA ASN D 35 98.34 46.08 101.33
C ASN D 35 97.74 46.73 102.54
N TYR D 36 98.34 47.81 102.98
CA TYR D 36 97.83 48.51 104.13
C TYR D 36 98.78 49.64 104.18
N GLN D 37 100.02 49.29 104.43
CA GLN D 37 101.06 50.29 104.50
C GLN D 37 101.57 50.61 103.09
N ASN D 38 100.85 50.11 102.09
CA ASN D 38 101.23 50.35 100.69
C ASN D 38 100.33 51.42 100.08
N ASP D 39 100.52 51.67 98.77
CA ASP D 39 99.71 52.64 98.05
C ASP D 39 99.57 52.22 96.59
N HIS D 40 98.71 52.90 95.84
CA HIS D 40 98.49 52.54 94.44
C HIS D 40 99.70 52.72 93.55
N SER D 41 100.80 52.08 93.88
CA SER D 41 101.98 52.25 93.06
C SER D 41 102.94 51.21 93.53
N ASN D 42 102.49 50.47 94.52
CA ASN D 42 103.31 49.43 95.06
C ASN D 42 102.37 48.67 95.94
N PHE D 43 101.68 47.70 95.36
CA PHE D 43 100.72 46.94 96.13
C PHE D 43 100.67 45.48 95.76
N LEU D 44 99.97 44.72 96.58
CA LEU D 44 99.83 43.30 96.31
C LEU D 44 98.39 43.11 95.92
N THR D 45 98.10 42.00 95.26
CA THR D 45 96.75 41.72 94.87
C THR D 45 96.69 40.24 94.57
N THR D 46 95.53 39.63 94.81
CA THR D 46 95.41 38.22 94.55
C THR D 46 94.91 38.12 93.13
N VAL D 47 95.47 37.18 92.37
CA VAL D 47 95.03 37.02 91.02
C VAL D 47 93.95 35.97 91.02
N ILE D 48 93.86 35.25 92.13
CA ILE D 48 92.89 34.19 92.28
C ILE D 48 91.47 34.47 91.85
N GLN D 49 90.84 35.51 92.37
CA GLN D 49 89.46 35.79 91.95
C GLN D 49 88.44 34.69 92.30
N ASN D 50 88.75 33.78 93.22
CA ASN D 50 87.78 32.75 93.60
C ASN D 50 87.24 33.11 94.97
N ASN D 51 85.95 33.36 95.00
CA ASN D 51 85.24 33.74 96.20
C ASN D 51 85.57 32.99 97.50
N ASP D 52 85.80 31.67 97.44
CA ASP D 52 86.14 30.93 98.66
C ASP D 52 87.61 31.24 98.90
N TYR D 53 88.22 30.55 99.85
CA TYR D 53 89.65 30.78 100.09
C TYR D 53 90.07 32.16 100.61
N SER D 54 90.64 32.12 101.80
CA SER D 54 91.12 33.32 102.46
C SER D 54 92.30 33.85 101.69
N PRO D 55 92.31 35.15 101.40
CA PRO D 55 93.48 35.66 100.67
C PRO D 55 94.65 35.17 101.50
N GLY D 56 95.82 35.05 100.90
CA GLY D 56 96.93 34.52 101.66
C GLY D 56 96.85 33.03 101.43
N GLU D 57 95.78 32.40 101.91
CA GLU D 57 95.62 30.98 101.65
C GLU D 57 95.48 30.86 100.14
N ALA D 58 95.09 31.98 99.53
CA ALA D 58 94.94 32.04 98.10
C ALA D 58 96.37 31.99 97.62
N SER D 59 97.19 32.82 98.24
CA SER D 59 98.60 32.90 97.92
C SER D 59 99.24 31.54 97.70
N THR D 60 98.71 30.52 98.34
CA THR D 60 99.27 29.20 98.16
C THR D 60 99.02 28.68 96.75
N GLN D 61 97.79 28.81 96.30
CA GLN D 61 97.41 28.34 94.97
C GLN D 61 98.19 28.97 93.86
N THR D 62 98.02 28.44 92.65
CA THR D 62 98.74 28.97 91.50
C THR D 62 98.05 28.66 90.20
N ILE D 63 98.18 29.58 89.27
CA ILE D 63 97.62 29.40 87.96
C ILE D 63 98.75 28.81 87.15
N ASN D 64 98.55 27.62 86.58
CA ASN D 64 99.61 26.98 85.80
C ASN D 64 99.39 26.99 84.32
N LEU D 65 100.28 27.63 83.57
CA LEU D 65 100.13 27.63 82.13
C LEU D 65 100.90 26.42 81.69
N ASP D 66 100.26 25.54 80.92
CA ASP D 66 100.89 24.31 80.46
C ASP D 66 102.39 24.47 80.41
N ASP D 67 103.05 23.48 80.96
CA ASP D 67 104.49 23.47 81.03
C ASP D 67 105.20 23.26 79.70
N ARG D 68 104.62 22.43 78.85
CA ARG D 68 105.26 22.14 77.59
C ARG D 68 105.43 23.30 76.60
N SER D 69 104.91 24.49 76.93
CA SER D 69 105.04 25.60 76.01
C SER D 69 105.48 26.89 76.69
N HIS D 70 106.15 27.79 75.96
CA HIS D 70 106.56 29.07 76.54
C HIS D 70 105.41 30.02 76.31
N TRP D 71 104.84 30.55 77.39
CA TRP D 71 103.73 31.44 77.23
C TRP D 71 104.10 32.90 77.26
N GLY D 72 103.14 33.73 76.88
CA GLY D 72 103.34 35.16 76.88
C GLY D 72 101.97 35.75 77.13
N GLY D 73 101.89 37.02 77.52
CA GLY D 73 100.58 37.60 77.74
C GLY D 73 100.51 39.05 77.32
N ASP D 74 99.37 39.47 76.77
CA ASP D 74 99.21 40.85 76.35
C ASP D 74 98.92 41.59 77.62
N LEU D 75 99.54 42.75 77.80
CA LEU D 75 99.31 43.49 79.03
C LEU D 75 98.86 44.89 78.78
N LYS D 76 97.56 45.14 78.90
CA LYS D 76 97.11 46.51 78.73
C LYS D 76 96.80 46.98 80.13
N THR D 77 97.00 48.26 80.38
CA THR D 77 96.77 48.79 81.70
C THR D 77 96.02 50.08 81.68
N ILE D 78 95.45 50.40 82.82
CA ILE D 78 94.68 51.60 82.99
C ILE D 78 95.32 52.36 84.14
N LEU D 79 96.02 53.45 83.80
CA LEU D 79 96.68 54.24 84.82
C LEU D 79 96.04 55.60 84.95
N HIS D 80 95.84 56.07 86.19
CA HIS D 80 95.23 57.38 86.42
C HIS D 80 95.82 58.07 87.62
N THR D 81 96.36 59.26 87.39
CA THR D 81 96.95 60.01 88.48
C THR D 81 96.17 61.26 88.82
N ASN D 82 96.87 62.21 89.40
CA ASN D 82 96.26 63.48 89.80
C ASN D 82 97.34 64.25 90.53
N MET D 83 98.48 64.35 89.86
CA MET D 83 99.62 65.02 90.40
C MET D 83 99.57 66.50 90.07
N PRO D 84 99.90 67.33 91.04
CA PRO D 84 99.93 68.77 90.95
C PRO D 84 101.04 69.37 90.14
N ASN D 85 100.65 70.39 89.41
CA ASN D 85 101.52 71.17 88.58
C ASN D 85 102.79 71.40 89.37
N VAL D 86 102.60 72.00 90.53
CA VAL D 86 103.71 72.34 91.39
C VAL D 86 103.75 71.58 92.68
N ASN D 87 104.66 70.65 92.80
CA ASN D 87 104.76 69.93 94.07
C ASN D 87 106.18 69.59 94.42
N GLU D 88 106.38 69.11 95.64
CA GLU D 88 107.71 68.82 96.12
C GLU D 88 108.38 67.61 95.52
N PHE D 89 107.63 66.54 95.34
CA PHE D 89 108.19 65.31 94.81
C PHE D 89 108.72 65.45 93.39
N MET D 90 108.03 66.24 92.56
CA MET D 90 108.49 66.40 91.19
C MET D 90 109.55 67.48 91.04
N PHE D 91 109.83 68.20 92.12
CA PHE D 91 110.82 69.25 92.07
C PHE D 91 110.32 70.48 91.35
N THR D 92 109.16 70.96 91.74
CA THR D 92 108.62 72.13 91.08
C THR D 92 108.18 73.13 92.13
N ASN D 93 108.55 72.90 93.37
CA ASN D 93 108.15 73.80 94.43
C ASN D 93 109.30 74.57 95.01
N LYS D 94 110.50 74.38 94.49
CA LYS D 94 111.65 75.10 95.01
C LYS D 94 112.45 75.68 93.87
N PHE D 95 113.36 76.59 94.18
CA PHE D 95 114.21 77.19 93.17
C PHE D 95 115.11 78.22 93.81
N LYS D 96 116.41 78.07 93.57
CA LYS D 96 117.40 78.97 94.13
C LYS D 96 117.58 80.21 93.27
N ALA D 97 117.77 81.35 93.94
CA ALA D 97 117.99 82.63 93.29
C ALA D 97 118.86 83.44 94.23
N ARG D 98 119.63 84.35 93.68
CA ARG D 98 120.49 85.18 94.50
C ARG D 98 119.94 86.58 94.58
N VAL D 99 119.67 87.03 95.81
CA VAL D 99 119.12 88.35 96.00
C VAL D 99 119.96 89.21 96.91
N MET D 100 119.61 90.48 96.99
CA MET D 100 120.35 91.36 97.87
C MET D 100 119.83 91.19 99.27
N VAL D 101 120.76 91.08 100.20
CA VAL D 101 120.42 90.89 101.59
C VAL D 101 120.54 92.20 102.37
N SER D 102 121.65 92.91 102.20
CA SER D 102 121.88 94.15 102.93
C SER D 102 122.48 95.31 102.14
N ARG D 103 121.98 96.51 102.44
CA ARG D 103 122.44 97.75 101.85
C ARG D 103 122.93 98.57 103.04
N SER D 104 124.22 98.87 103.09
CA SER D 104 124.74 99.63 104.22
C SER D 104 125.65 100.82 103.93
N LEU D 105 125.75 101.70 104.93
CA LEU D 105 126.59 102.89 104.93
C LEU D 105 127.81 102.44 105.72
N THR D 106 128.95 102.28 105.06
CA THR D 106 130.13 101.77 105.78
C THR D 106 131.45 102.52 105.65
N LYS D 107 132.32 102.25 106.64
CA LYS D 107 133.66 102.82 106.77
C LYS D 107 133.79 104.19 106.15
N ASP D 108 132.96 105.09 106.67
CA ASP D 108 132.89 106.49 106.27
C ASP D 108 132.22 106.78 104.90
N LYS D 109 132.82 106.31 103.79
CA LYS D 109 132.29 106.59 102.44
C LYS D 109 131.79 105.42 101.56
N GLN D 110 132.14 104.19 101.93
CA GLN D 110 131.74 103.00 101.18
C GLN D 110 130.25 102.62 101.24
N VAL D 111 129.75 102.13 100.11
CA VAL D 111 128.37 101.63 99.97
C VAL D 111 128.58 100.13 99.94
N GLU D 112 128.25 99.44 101.03
CA GLU D 112 128.48 98.00 101.07
C GLU D 112 127.24 97.17 100.74
N LEU D 113 127.31 96.51 99.59
CA LEU D 113 126.22 95.65 99.11
C LEU D 113 126.58 94.20 99.36
N LYS D 114 125.73 93.51 100.10
CA LYS D 114 125.93 92.10 100.40
C LYS D 114 124.81 91.27 99.77
N TYR D 115 125.21 90.37 98.87
CA TYR D 115 124.28 89.49 98.18
C TYR D 115 124.48 88.05 98.64
N GLU D 116 123.42 87.25 98.58
CA GLU D 116 123.51 85.85 98.98
C GLU D 116 122.48 84.97 98.25
N TRP D 117 122.79 83.68 98.11
CA TRP D 117 121.88 82.75 97.45
C TRP D 117 120.90 82.26 98.46
N VAL D 118 119.68 82.02 98.02
CA VAL D 118 118.68 81.51 98.92
C VAL D 118 117.63 80.77 98.14
N GLU D 119 117.11 79.71 98.74
CA GLU D 119 116.12 78.86 98.10
C GLU D 119 114.69 79.11 98.57
N PHE D 120 113.86 79.63 97.68
CA PHE D 120 112.48 79.91 98.03
C PHE D 120 111.61 78.75 97.63
N THR D 121 110.54 78.51 98.39
CA THR D 121 109.65 77.42 98.09
C THR D 121 108.24 77.90 97.79
N LEU D 122 107.49 77.10 97.07
CA LEU D 122 106.12 77.46 96.71
C LEU D 122 105.14 76.52 97.37
N PRO D 123 103.91 76.97 97.53
CA PRO D 123 102.86 76.16 98.15
C PRO D 123 102.22 75.21 97.14
N GLU D 124 102.61 73.93 97.23
CA GLU D 124 102.10 72.92 96.33
C GLU D 124 100.73 73.16 95.71
N GLY D 125 100.55 72.66 94.48
CA GLY D 125 99.26 72.77 93.80
C GLY D 125 99.16 73.80 92.70
N ASN D 126 98.92 75.05 93.13
CA ASN D 126 98.75 76.29 92.30
C ASN D 126 99.18 76.27 90.83
N TYR D 127 98.33 75.65 90.03
CA TYR D 127 98.52 75.48 88.62
C TYR D 127 98.62 76.75 87.80
N SER D 128 98.41 76.63 86.50
CA SER D 128 98.47 77.75 85.58
C SER D 128 99.86 78.30 85.56
N GLU D 129 100.33 78.68 84.40
CA GLU D 129 101.69 79.18 84.35
C GLU D 129 101.80 80.57 84.90
N THR D 130 101.01 81.48 84.37
CA THR D 130 101.10 82.85 84.83
C THR D 130 101.10 82.91 86.32
N MET D 131 100.07 82.35 86.93
CA MET D 131 100.02 82.40 88.37
C MET D 131 101.25 81.83 89.02
N THR D 132 101.84 80.82 88.41
CA THR D 132 103.03 80.20 88.96
C THR D 132 104.13 81.22 88.98
N ILE D 133 104.20 82.04 87.94
CA ILE D 133 105.20 83.07 87.87
C ILE D 133 104.98 83.93 89.09
N ASP D 134 103.79 84.50 89.18
CA ASP D 134 103.42 85.37 90.28
C ASP D 134 103.83 84.81 91.63
N LEU D 135 103.52 83.54 91.87
CA LEU D 135 103.88 82.93 93.14
C LEU D 135 105.36 82.98 93.37
N MET D 136 106.11 82.91 92.28
CA MET D 136 107.57 82.98 92.38
C MET D 136 107.95 84.40 92.75
N ASN D 137 107.56 85.36 91.93
CA ASN D 137 107.87 86.74 92.23
C ASN D 137 107.52 87.05 93.68
N ASN D 138 106.35 86.57 94.11
CA ASN D 138 105.91 86.79 95.47
C ASN D 138 106.89 86.21 96.48
N ALA D 139 107.45 85.05 96.19
CA ALA D 139 108.38 84.44 97.11
C ALA D 139 109.67 85.26 97.20
N ILE D 140 110.02 85.96 96.13
CA ILE D 140 111.21 86.79 96.15
C ILE D 140 110.94 87.87 97.18
N VAL D 141 109.75 88.46 97.06
CA VAL D 141 109.29 89.51 97.95
C VAL D 141 109.20 89.02 99.39
N GLU D 142 108.36 88.01 99.63
CA GLU D 142 108.18 87.46 100.96
C GLU D 142 109.49 87.34 101.72
N HIS D 143 110.56 87.15 100.97
CA HIS D 143 111.88 87.02 101.56
C HIS D 143 112.39 88.41 101.92
N TYR D 144 112.28 89.34 100.98
CA TYR D 144 112.68 90.71 101.21
C TYR D 144 111.99 91.19 102.47
N LEU D 145 110.74 90.79 102.64
CA LEU D 145 109.97 91.17 103.83
C LEU D 145 110.56 90.64 105.11
N LYS D 146 111.30 89.54 105.03
CA LYS D 146 111.88 88.97 106.24
C LYS D 146 113.34 89.28 106.42
N VAL D 147 113.97 89.84 105.39
CA VAL D 147 115.37 90.15 105.50
C VAL D 147 115.75 91.46 104.83
N GLY D 148 115.31 91.63 103.60
CA GLY D 148 115.62 92.82 102.85
C GLY D 148 115.52 94.14 103.60
N ARG D 149 114.34 94.72 103.59
CA ARG D 149 114.11 96.01 104.25
C ARG D 149 114.84 96.15 105.58
N GLN D 150 114.64 95.20 106.47
CA GLN D 150 115.28 95.31 107.76
C GLN D 150 116.78 95.10 107.75
N ASN D 151 117.43 95.65 106.73
CA ASN D 151 118.87 95.53 106.60
C ASN D 151 119.32 96.47 105.51
N GLY D 152 118.54 97.52 105.32
CA GLY D 152 118.84 98.52 104.30
C GLY D 152 117.99 98.30 103.07
N VAL D 153 118.63 97.73 102.06
CA VAL D 153 118.02 97.43 100.77
C VAL D 153 116.58 97.89 100.54
N LEU D 154 116.44 98.86 99.63
CA LEU D 154 115.14 99.43 99.29
C LEU D 154 114.47 98.53 98.27
N GLU D 155 113.26 98.93 97.89
CA GLU D 155 112.51 98.19 96.89
C GLU D 155 113.23 98.49 95.58
N SER D 156 113.61 99.76 95.43
CA SER D 156 114.33 100.24 94.25
C SER D 156 115.38 99.25 93.77
N ASP D 157 116.01 98.57 94.71
CA ASP D 157 117.06 97.64 94.33
C ASP D 157 116.78 96.17 94.66
N ILE D 158 115.60 95.71 94.27
CA ILE D 158 115.20 94.32 94.48
C ILE D 158 115.77 93.51 93.32
N GLY D 159 116.66 92.59 93.63
CA GLY D 159 117.25 91.79 92.56
C GLY D 159 116.45 90.56 92.16
N VAL D 160 116.27 90.35 90.87
CA VAL D 160 115.52 89.18 90.39
C VAL D 160 114.02 89.27 90.38
N LYS D 161 113.46 89.28 89.17
CA LYS D 161 112.03 89.31 89.05
C LYS D 161 111.67 88.69 87.73
N PHE D 162 110.73 87.74 87.77
CA PHE D 162 110.28 87.06 86.57
C PHE D 162 109.16 87.89 86.00
N ASP D 163 109.30 88.25 84.73
CA ASP D 163 108.32 89.06 84.03
C ASP D 163 108.01 88.26 82.78
N THR D 164 107.30 88.88 81.84
CA THR D 164 106.93 88.20 80.62
C THR D 164 106.73 89.16 79.46
N ARG D 165 107.45 90.27 79.42
CA ARG D 165 107.23 91.19 78.30
C ARG D 165 108.50 91.64 77.62
N ASN D 166 108.32 92.26 76.47
CA ASN D 166 109.43 92.72 75.67
C ASN D 166 109.82 94.15 75.94
N PHE D 167 110.55 94.37 77.03
CA PHE D 167 110.99 95.72 77.39
C PHE D 167 111.83 96.18 76.23
N ARG D 168 111.22 96.71 75.19
CA ARG D 168 112.00 97.15 74.05
C ARG D 168 111.08 97.38 72.89
N LEU D 169 109.79 97.32 73.11
CA LEU D 169 108.92 97.55 71.98
C LEU D 169 108.88 99.03 71.62
N GLY D 170 108.73 99.88 72.61
CA GLY D 170 108.69 101.31 72.32
C GLY D 170 109.98 101.83 71.69
N PHE D 171 111.11 101.39 72.24
CA PHE D 171 112.44 101.79 71.80
C PHE D 171 112.59 102.46 70.45
N ASP D 172 113.31 103.58 70.48
CA ASP D 172 113.59 104.40 69.31
C ASP D 172 115.12 104.40 69.11
N PRO D 173 115.58 103.88 67.98
CA PRO D 173 117.01 103.80 67.66
C PRO D 173 117.82 105.10 67.79
N VAL D 174 117.14 106.23 67.84
CA VAL D 174 117.84 107.51 67.96
C VAL D 174 117.80 108.00 69.41
N THR D 175 116.59 108.17 69.90
CA THR D 175 116.34 108.60 71.26
C THR D 175 117.09 107.77 72.28
N GLY D 176 117.07 106.46 72.07
CA GLY D 176 117.73 105.57 73.01
C GLY D 176 116.73 105.34 74.12
N LEU D 177 115.46 105.66 73.87
CA LEU D 177 114.43 105.48 74.89
C LEU D 177 113.12 104.89 74.38
N VAL D 178 112.34 104.36 75.32
CA VAL D 178 111.06 103.78 75.01
C VAL D 178 110.06 104.92 74.97
N MET D 179 110.07 105.65 73.87
CA MET D 179 109.21 106.81 73.66
C MET D 179 107.86 106.89 74.37
N PRO D 180 107.09 105.82 74.34
CA PRO D 180 105.77 105.77 74.98
C PRO D 180 105.75 106.14 76.45
N GLY D 181 106.91 106.09 77.09
CA GLY D 181 107.00 106.42 78.51
C GLY D 181 106.51 105.28 79.37
N VAL D 182 106.22 104.18 78.71
CA VAL D 182 105.73 102.99 79.37
C VAL D 182 106.20 101.74 78.62
N TYR D 183 106.63 100.73 79.35
CA TYR D 183 107.05 99.50 78.70
C TYR D 183 105.77 98.86 78.25
N THR D 184 105.54 98.87 76.95
CA THR D 184 104.32 98.33 76.38
C THR D 184 103.88 97.04 77.07
N ASN D 185 102.79 97.17 77.85
CA ASN D 185 102.22 96.11 78.67
C ASN D 185 101.63 94.86 78.05
N GLU D 186 102.31 94.25 77.10
CA GLU D 186 101.78 93.01 76.54
C GLU D 186 102.76 91.87 76.77
N ALA D 187 102.20 90.68 77.01
CA ALA D 187 102.99 89.48 77.32
C ALA D 187 103.44 88.67 76.11
N PHE D 188 104.74 88.40 76.03
CA PHE D 188 105.29 87.67 74.90
C PHE D 188 105.89 86.31 75.26
N HIS D 189 106.62 86.28 76.36
CA HIS D 189 107.25 85.05 76.80
C HIS D 189 107.85 85.25 78.17
N PRO D 190 107.88 84.21 78.99
CA PRO D 190 108.47 84.50 80.28
C PRO D 190 109.94 84.75 80.17
N ASP D 191 110.46 85.62 81.03
CA ASP D 191 111.90 85.84 81.06
C ASP D 191 112.20 86.28 82.46
N ILE D 192 113.47 86.31 82.81
CA ILE D 192 113.82 86.69 84.14
C ILE D 192 114.74 87.89 84.09
N ILE D 193 114.42 88.88 84.91
CA ILE D 193 115.19 90.11 84.98
C ILE D 193 116.10 90.16 86.18
N LEU D 194 117.30 90.68 85.98
CA LEU D 194 118.24 90.74 87.07
C LEU D 194 118.89 92.09 87.27
N LEU D 195 119.28 92.34 88.52
CA LEU D 195 119.97 93.57 88.88
C LEU D 195 121.45 93.21 89.00
N PRO D 196 122.31 94.22 89.01
CA PRO D 196 123.73 93.87 89.13
C PRO D 196 123.93 92.94 90.29
N GLY D 197 124.97 92.13 90.20
CA GLY D 197 125.30 91.23 91.28
C GLY D 197 124.42 90.04 91.62
N CYS D 198 123.16 90.00 91.20
CA CYS D 198 122.36 88.83 91.55
C CYS D 198 122.05 87.88 90.38
N GLY D 199 121.10 86.97 90.56
CA GLY D 199 120.75 86.03 89.51
C GLY D 199 120.01 84.80 90.03
N VAL D 200 119.65 83.86 89.15
CA VAL D 200 118.93 82.65 89.58
C VAL D 200 119.58 81.35 89.16
N ASP D 201 119.23 80.28 89.87
CA ASP D 201 119.76 78.94 89.63
C ASP D 201 118.65 77.90 89.66
N PHE D 202 118.58 77.04 88.64
CA PHE D 202 117.53 76.01 88.62
C PHE D 202 118.07 74.62 88.71
N THR D 203 119.39 74.51 88.85
CA THR D 203 120.07 73.22 88.95
C THR D 203 119.21 72.10 89.54
N HIS D 204 118.39 72.42 90.53
CA HIS D 204 117.55 71.39 91.13
C HIS D 204 116.09 71.78 91.01
N SER D 205 115.63 72.05 89.80
CA SER D 205 114.24 72.41 89.64
C SER D 205 113.75 72.35 88.21
N ARG D 206 112.53 71.88 88.06
CA ARG D 206 111.96 71.76 86.74
C ARG D 206 111.23 73.04 86.34
N LEU D 207 111.07 73.96 87.29
CA LEU D 207 110.40 75.21 86.99
C LEU D 207 111.04 75.86 85.79
N SER D 208 112.33 75.61 85.62
CA SER D 208 113.03 76.16 84.49
C SER D 208 112.17 75.88 83.25
N ASN D 209 111.84 74.61 83.07
CA ASN D 209 111.03 74.19 81.96
C ASN D 209 109.68 74.90 81.89
N LEU D 210 109.22 75.44 83.02
CA LEU D 210 107.95 76.15 83.03
C LEU D 210 108.11 77.52 82.42
N LEU D 211 109.25 78.14 82.68
CA LEU D 211 109.53 79.46 82.13
C LEU D 211 109.79 79.33 80.64
N GLY D 212 110.19 78.14 80.22
CA GLY D 212 110.45 77.94 78.80
C GLY D 212 111.84 78.40 78.43
N ILE D 213 112.79 78.09 79.31
CA ILE D 213 114.18 78.44 79.09
C ILE D 213 115.02 77.19 79.35
N ARG D 214 115.65 76.63 78.32
CA ARG D 214 116.44 75.42 78.51
C ARG D 214 117.87 75.55 78.01
N LYS D 215 118.76 74.68 78.49
CA LYS D 215 120.15 74.72 78.05
C LYS D 215 120.23 74.04 76.70
N ARG D 216 121.09 74.55 75.83
CA ARG D 216 121.21 73.93 74.51
C ARG D 216 122.03 72.66 74.66
N GLN D 217 122.49 72.38 75.87
CA GLN D 217 123.27 71.17 76.16
C GLN D 217 122.87 70.62 77.50
N PRO D 218 121.66 70.12 77.59
CA PRO D 218 120.94 69.53 78.72
C PRO D 218 121.72 68.72 79.71
N PHE D 219 122.43 67.71 79.23
CA PHE D 219 123.16 66.84 80.14
C PHE D 219 124.25 67.42 81.02
N GLN D 220 124.66 68.66 80.76
CA GLN D 220 125.69 69.27 81.59
C GLN D 220 125.05 69.83 82.86
N GLU D 221 124.70 68.97 83.78
CA GLU D 221 124.06 69.41 85.03
C GLU D 221 124.60 70.72 85.55
N GLY D 222 123.75 71.74 85.61
CA GLY D 222 124.21 73.03 86.10
C GLY D 222 123.58 74.25 85.48
N PHE D 223 122.31 74.49 85.79
CA PHE D 223 121.62 75.64 85.24
C PHE D 223 121.72 76.86 86.14
N ARG D 224 122.68 77.74 85.85
CA ARG D 224 122.91 78.98 86.60
C ARG D 224 122.91 80.13 85.64
N ILE D 225 122.00 81.07 85.83
CA ILE D 225 121.95 82.20 84.93
C ILE D 225 122.19 83.52 85.72
N THR D 226 123.45 83.98 85.70
CA THR D 226 123.92 85.20 86.40
C THR D 226 123.56 86.48 85.68
N TYR D 227 123.63 87.59 86.41
CA TYR D 227 123.37 88.90 85.85
C TYR D 227 124.43 89.07 84.78
N ASP D 228 125.65 88.76 85.16
CA ASP D 228 126.78 88.86 84.26
C ASP D 228 126.54 88.19 82.89
N ASP D 229 125.78 87.12 82.88
CA ASP D 229 125.50 86.39 81.65
C ASP D 229 124.61 87.16 80.70
N LEU D 230 123.60 87.80 81.25
CA LEU D 230 122.69 88.58 80.43
C LEU D 230 123.41 89.78 79.84
N GLU D 231 124.50 89.56 79.13
CA GLU D 231 125.24 90.67 78.55
C GLU D 231 124.28 91.41 77.64
N GLY D 232 124.80 92.36 76.86
CA GLY D 232 123.97 93.15 75.96
C GLY D 232 122.47 92.93 76.10
N GLY D 233 121.73 93.96 76.51
CA GLY D 233 120.30 93.76 76.65
C GLY D 233 119.83 94.09 78.04
N ASN D 234 120.06 95.33 78.42
CA ASN D 234 119.64 95.81 79.72
C ASN D 234 118.41 96.57 79.29
N ILE D 235 117.33 96.43 80.05
CA ILE D 235 116.12 97.15 79.72
C ILE D 235 116.40 98.64 79.51
N PRO D 236 116.07 99.16 78.32
CA PRO D 236 116.29 100.58 78.02
C PRO D 236 115.45 101.37 78.99
N ALA D 237 115.58 102.70 78.98
CA ALA D 237 114.80 103.54 79.88
C ALA D 237 113.61 104.21 79.21
N LEU D 238 112.76 104.78 80.05
CA LEU D 238 111.55 105.44 79.57
C LEU D 238 111.71 106.93 79.26
N LEU D 239 111.04 107.38 78.20
CA LEU D 239 111.10 108.79 77.84
C LEU D 239 110.34 109.57 78.92
N ASP D 240 110.78 110.79 79.22
CA ASP D 240 110.05 111.56 80.20
C ASP D 240 108.89 112.18 79.44
N VAL D 241 107.92 111.33 79.12
CA VAL D 241 106.74 111.75 78.38
C VAL D 241 106.23 113.13 78.81
N ASP D 242 106.14 113.35 80.12
CA ASP D 242 105.66 114.63 80.65
C ASP D 242 106.52 115.81 80.19
N ALA D 243 107.80 115.76 80.54
CA ALA D 243 108.74 116.81 80.17
C ALA D 243 108.63 117.12 78.68
N TYR D 244 108.99 116.14 77.85
CA TYR D 244 108.94 116.30 76.39
C TYR D 244 107.72 117.08 75.92
N GLN D 245 106.52 116.56 76.20
CA GLN D 245 105.27 117.21 75.78
C GLN D 245 105.11 118.64 76.30
N ALA D 246 105.08 118.80 77.62
CA ALA D 246 104.94 120.12 78.23
C ALA D 246 105.96 121.08 77.59
N SER D 247 107.17 120.58 77.35
CA SER D 247 108.23 121.37 76.76
C SER D 247 108.00 121.85 75.33
N LEU D 248 106.92 121.43 74.69
CA LEU D 248 106.69 121.88 73.34
C LEU D 248 105.76 123.12 73.30
N LYS D 327 115.30 123.00 70.37
CA LYS D 327 115.44 121.96 71.38
C LYS D 327 114.12 121.24 71.68
N LYS D 328 114.24 120.20 72.50
CA LYS D 328 113.15 119.36 72.97
C LYS D 328 113.84 118.57 74.10
N PRO D 329 113.19 118.44 75.27
CA PRO D 329 113.78 117.70 76.41
C PRO D 329 114.25 116.30 76.06
N VAL D 330 113.34 115.50 75.51
CA VAL D 330 113.57 114.12 75.10
C VAL D 330 114.69 113.38 75.84
N ILE D 331 115.96 113.72 75.58
CA ILE D 331 117.09 113.06 76.25
C ILE D 331 116.71 112.67 77.70
N LYS D 332 115.70 113.36 78.26
CA LYS D 332 115.25 113.08 79.61
C LYS D 332 114.64 111.68 79.79
N PRO D 333 115.39 110.78 80.43
CA PRO D 333 114.98 109.42 80.69
C PRO D 333 114.44 109.30 82.10
N LEU D 334 113.12 109.29 82.23
CA LEU D 334 112.43 109.17 83.51
C LEU D 334 113.25 108.39 84.56
N THR D 335 113.79 109.08 85.57
CA THR D 335 114.62 108.46 86.62
C THR D 335 113.91 107.75 87.77
N GLU D 336 112.66 108.11 88.00
CA GLU D 336 111.94 107.48 89.08
C GLU D 336 110.53 107.13 88.65
N ASP D 337 109.56 107.56 89.46
CA ASP D 337 108.15 107.30 89.21
C ASP D 337 107.39 107.84 90.42
N SER D 338 106.08 107.62 90.44
CA SER D 338 105.30 108.06 91.59
C SER D 338 106.02 107.38 92.76
N LYS D 339 105.60 107.69 93.98
CA LYS D 339 106.25 107.08 95.15
C LYS D 339 107.78 106.96 95.04
N LYS D 340 108.36 107.78 94.18
CA LYS D 340 109.80 107.87 93.94
C LYS D 340 110.74 106.67 94.18
N ARG D 341 110.80 105.77 93.19
CA ARG D 341 111.67 104.59 93.22
C ARG D 341 112.65 104.85 92.09
N SER D 342 113.93 104.56 92.30
CA SER D 342 114.91 104.80 91.23
C SER D 342 114.95 103.65 90.24
N TYR D 343 115.09 103.98 88.96
CA TYR D 343 115.18 102.94 87.95
C TYR D 343 116.64 102.61 87.74
N ASN D 344 117.41 102.63 88.81
CA ASN D 344 118.83 102.31 88.74
C ASN D 344 119.47 102.54 87.35
N LEU D 345 119.58 103.78 86.89
CA LEU D 345 120.21 104.03 85.58
C LEU D 345 121.71 103.95 85.74
N ILE D 346 122.39 103.29 84.81
CA ILE D 346 123.85 103.14 84.94
C ILE D 346 124.62 104.43 85.26
N SER D 347 124.28 105.53 84.59
CA SER D 347 124.94 106.80 84.83
C SER D 347 123.97 107.93 84.47
N ASN D 348 124.30 109.14 84.91
CA ASN D 348 123.49 110.33 84.66
C ASN D 348 123.28 110.59 83.16
N ASP D 349 124.04 109.87 82.33
CA ASP D 349 123.98 110.02 80.89
C ASP D 349 123.18 108.94 80.17
N SER D 350 123.71 107.72 80.16
CA SER D 350 123.08 106.57 79.48
C SER D 350 121.56 106.46 79.55
N THR D 351 121.01 105.98 78.45
CA THR D 351 119.58 105.79 78.28
C THR D 351 119.19 104.40 78.81
N PHE D 352 120.19 103.56 79.05
CA PHE D 352 119.98 102.20 79.55
C PHE D 352 119.90 102.15 81.07
N THR D 353 119.16 101.17 81.59
CA THR D 353 119.05 100.99 83.04
C THR D 353 119.91 99.78 83.42
N GLN D 354 120.17 99.61 84.71
CA GLN D 354 120.99 98.49 85.16
C GLN D 354 120.23 97.17 85.15
N TYR D 355 118.93 97.24 84.86
CA TYR D 355 118.09 96.06 84.80
C TYR D 355 118.35 95.24 83.53
N ARG D 356 118.82 94.00 83.68
CA ARG D 356 119.08 93.13 82.54
C ARG D 356 117.98 92.07 82.37
N SER D 357 117.50 91.92 81.14
CA SER D 357 116.43 90.97 80.79
C SER D 357 116.91 89.79 79.96
N TRP D 358 116.52 88.60 80.36
CA TRP D 358 116.93 87.45 79.59
C TRP D 358 116.41 87.58 78.17
N TYR D 359 115.09 87.62 78.04
CA TYR D 359 114.46 87.71 76.74
C TYR D 359 115.17 88.66 75.79
N LEU D 360 115.75 89.72 76.32
CA LEU D 360 116.43 90.67 75.46
C LEU D 360 117.73 90.08 74.95
N ALA D 361 118.55 89.62 75.88
CA ALA D 361 119.82 89.03 75.54
C ALA D 361 119.68 87.95 74.47
N TYR D 362 118.62 87.16 74.58
CA TYR D 362 118.42 86.09 73.63
C TYR D 362 118.29 86.56 72.19
N ASN D 363 117.31 87.40 71.89
CA ASN D 363 117.16 87.87 70.51
C ASN D 363 117.65 89.28 70.21
N TYR D 364 118.10 90.02 71.22
CA TYR D 364 118.61 91.35 70.96
C TYR D 364 120.11 91.49 71.21
N GLY D 365 120.72 90.47 71.78
CA GLY D 365 122.15 90.52 72.05
C GLY D 365 122.99 89.74 71.07
N ASP D 366 124.31 89.85 71.22
CA ASP D 366 125.26 89.14 70.35
C ASP D 366 124.88 87.66 70.22
N PRO D 367 124.42 87.24 69.04
CA PRO D 367 124.04 85.84 68.82
C PRO D 367 125.18 84.85 69.00
N GLN D 368 126.40 85.27 68.68
CA GLN D 368 127.56 84.37 68.80
C GLN D 368 128.11 84.20 70.22
N THR D 369 128.02 85.23 71.07
CA THR D 369 128.56 85.13 72.43
C THR D 369 127.55 85.37 73.55
N GLY D 370 126.41 85.95 73.20
CA GLY D 370 125.39 86.26 74.18
C GLY D 370 124.81 85.03 74.86
N ILE D 371 123.58 85.15 75.34
CA ILE D 371 122.99 84.00 75.98
C ILE D 371 122.38 83.09 74.94
N ARG D 372 121.94 83.64 73.81
CA ARG D 372 121.35 82.80 72.78
C ARG D 372 122.31 81.71 72.35
N SER D 373 123.56 81.84 72.79
CA SER D 373 124.59 80.88 72.44
C SER D 373 124.45 79.55 73.17
N TRP D 374 123.99 79.60 74.42
CA TRP D 374 123.89 78.39 75.19
C TRP D 374 122.57 78.12 75.90
N THR D 375 121.51 78.81 75.51
CA THR D 375 120.23 78.55 76.14
C THR D 375 119.22 78.60 74.99
N LEU D 376 118.05 78.01 75.18
CA LEU D 376 117.09 77.99 74.09
C LEU D 376 115.73 78.51 74.49
N LEU D 377 115.17 79.38 73.64
CA LEU D 377 113.85 79.93 73.89
C LEU D 377 112.81 78.90 73.50
N CYS D 378 112.07 78.39 74.47
CA CYS D 378 111.08 77.36 74.17
C CYS D 378 109.69 77.62 74.68
N THR D 379 108.77 76.83 74.14
CA THR D 379 107.39 76.89 74.53
C THR D 379 107.33 76.52 75.99
N PRO D 380 106.56 77.25 76.76
CA PRO D 380 106.40 77.01 78.20
C PRO D 380 106.18 75.58 78.66
N ASP D 381 104.92 75.13 78.67
CA ASP D 381 104.58 73.77 79.15
C ASP D 381 104.55 73.78 80.68
N VAL D 382 103.35 73.73 81.24
CA VAL D 382 103.25 73.76 82.68
C VAL D 382 103.64 72.47 83.36
N THR D 383 103.34 71.34 82.74
CA THR D 383 103.67 70.03 83.32
C THR D 383 105.11 69.98 83.81
N CYS D 384 105.91 70.91 83.31
CA CYS D 384 107.31 71.01 83.66
C CYS D 384 108.18 69.97 83.02
N GLY D 385 107.57 69.07 82.24
CA GLY D 385 108.37 68.07 81.58
C GLY D 385 107.80 66.68 81.58
N SER D 386 107.36 66.25 80.42
CA SER D 386 106.79 64.92 80.28
C SER D 386 107.77 63.89 80.81
N GLU D 387 107.44 63.28 81.95
CA GLU D 387 108.30 62.25 82.51
C GLU D 387 107.60 60.91 82.37
N GLN D 388 108.38 59.83 82.35
CA GLN D 388 107.80 58.51 82.17
C GLN D 388 107.84 57.68 83.41
N VAL D 389 106.96 56.70 83.45
CA VAL D 389 106.87 55.78 84.57
C VAL D 389 107.05 54.40 84.03
N TYR D 390 107.65 53.53 84.84
CA TYR D 390 107.91 52.17 84.41
C TYR D 390 107.08 51.19 85.26
N TRP D 391 106.52 50.17 84.61
CA TRP D 391 105.73 49.15 85.32
C TRP D 391 106.62 47.95 85.61
N SER D 392 106.15 47.07 86.47
CA SER D 392 106.91 45.87 86.81
C SER D 392 105.99 44.87 87.50
N LEU D 393 106.01 43.64 87.06
CA LEU D 393 105.15 42.62 87.65
C LEU D 393 105.98 41.43 88.03
N PRO D 394 107.09 41.68 88.72
CA PRO D 394 108.11 40.79 89.22
C PRO D 394 107.69 39.35 89.39
N ASP D 395 106.49 39.14 89.88
CA ASP D 395 106.05 37.80 90.12
C ASP D 395 105.24 37.16 89.02
N MET D 396 105.12 37.84 87.89
CA MET D 396 104.31 37.31 86.81
C MET D 396 104.91 37.33 85.42
N MET D 397 105.85 38.23 85.13
CA MET D 397 106.45 38.25 83.81
C MET D 397 107.90 37.84 83.94
N GLN D 398 108.47 37.36 82.84
CA GLN D 398 109.87 36.97 82.89
C GLN D 398 110.64 38.25 82.83
N ASP D 399 111.82 38.24 83.39
CA ASP D 399 112.61 39.45 83.42
C ASP D 399 113.29 39.76 82.11
N PRO D 400 112.85 40.82 81.44
CA PRO D 400 113.29 41.36 80.16
C PRO D 400 114.79 41.38 79.94
N VAL D 401 115.18 40.81 78.81
CA VAL D 401 116.56 40.69 78.40
C VAL D 401 117.62 40.82 79.45
N THR D 402 117.98 42.06 79.75
CA THR D 402 119.06 42.25 80.67
C THR D 402 118.84 42.60 82.10
N PHE D 403 117.59 42.67 82.54
CA PHE D 403 117.37 42.98 83.93
C PHE D 403 117.63 41.73 84.69
N ARG D 404 118.06 41.89 85.94
CA ARG D 404 118.27 40.72 86.75
C ARG D 404 117.20 40.80 87.81
N SER D 405 116.72 39.64 88.23
CA SER D 405 115.67 39.57 89.23
C SER D 405 116.21 39.88 90.60
N THR D 406 115.47 40.71 91.33
CA THR D 406 115.86 41.07 92.67
C THR D 406 114.62 41.26 93.51
N SER D 407 114.81 41.76 94.72
CA SER D 407 113.70 41.98 95.64
C SER D 407 113.73 43.40 96.14
N GLN D 408 114.56 44.21 95.51
CA GLN D 408 114.70 45.59 95.87
C GLN D 408 113.71 46.44 95.05
N ILE D 409 112.53 46.69 95.63
CA ILE D 409 111.49 47.50 94.99
C ILE D 409 111.95 48.54 93.99
N SER D 410 113.10 49.14 94.24
CA SER D 410 113.60 50.17 93.35
C SER D 410 114.56 49.64 92.28
N ASN D 411 114.37 48.39 91.87
CA ASN D 411 115.22 47.82 90.84
C ASN D 411 114.53 46.66 90.14
N PHE D 412 113.27 46.44 90.49
CA PHE D 412 112.51 45.39 89.86
C PHE D 412 112.68 45.48 88.37
N PRO D 413 112.46 44.38 87.67
CA PRO D 413 112.61 44.43 86.22
C PRO D 413 111.45 45.26 85.68
N VAL D 414 111.66 45.88 84.53
CA VAL D 414 110.60 46.69 83.93
C VAL D 414 109.94 45.93 82.79
N VAL D 415 108.64 46.11 82.63
CA VAL D 415 107.99 45.39 81.57
C VAL D 415 107.24 46.33 80.66
N GLY D 416 107.12 47.58 81.08
CA GLY D 416 106.39 48.52 80.25
C GLY D 416 106.69 49.93 80.66
N ALA D 417 106.82 50.81 79.68
CA ALA D 417 107.10 52.20 79.95
C ALA D 417 105.93 52.98 79.40
N GLU D 418 105.66 54.11 80.02
CA GLU D 418 104.52 54.90 79.59
C GLU D 418 104.69 56.27 80.16
N LEU D 419 104.27 57.26 79.40
CA LEU D 419 104.39 58.64 79.84
C LEU D 419 103.45 58.85 81.02
N LEU D 420 103.90 59.63 82.00
CA LEU D 420 103.08 59.92 83.18
C LEU D 420 101.90 60.84 82.79
N PRO D 421 100.67 60.32 82.87
CA PRO D 421 99.37 60.92 82.56
C PRO D 421 99.11 62.38 82.86
N VAL D 422 99.74 63.29 82.14
CA VAL D 422 99.51 64.71 82.40
C VAL D 422 99.59 65.47 81.09
N HIS D 423 98.59 66.31 80.80
CA HIS D 423 98.58 67.07 79.56
C HIS D 423 98.52 68.58 79.76
N SER D 424 98.79 69.33 78.71
CA SER D 424 98.75 70.79 78.79
C SER D 424 97.51 71.29 78.07
N LYS D 425 96.44 71.57 78.81
CA LYS D 425 95.23 72.08 78.17
C LYS D 425 95.48 73.56 77.98
N SER D 426 95.08 74.09 76.83
CA SER D 426 95.29 75.49 76.56
C SER D 426 93.99 76.25 76.42
N PHE D 427 93.94 77.44 77.02
CA PHE D 427 92.74 78.24 76.96
C PHE D 427 93.00 79.65 76.46
N TYR D 428 91.92 80.39 76.26
CA TYR D 428 91.99 81.75 75.78
C TYR D 428 91.33 82.68 76.77
N ASN D 429 92.07 83.67 77.23
CA ASN D 429 91.53 84.62 78.18
C ASN D 429 91.92 86.01 77.74
N ASP D 430 91.27 86.54 76.70
CA ASP D 430 91.62 87.89 76.23
C ASP D 430 91.36 88.77 77.43
N GLN D 431 90.76 88.15 78.43
CA GLN D 431 90.43 88.76 79.67
C GLN D 431 91.70 89.04 80.43
N ALA D 432 92.83 88.54 79.97
CA ALA D 432 94.13 88.75 80.60
C ALA D 432 94.54 90.20 80.38
N VAL D 433 95.04 90.81 81.44
CA VAL D 433 95.48 92.20 81.43
C VAL D 433 94.30 93.14 81.24
N TYR D 434 93.10 92.59 81.02
CA TYR D 434 91.98 93.52 80.96
C TYR D 434 91.42 92.99 82.31
N SER D 435 91.82 91.75 82.62
CA SER D 435 91.49 91.01 83.81
C SER D 435 92.53 91.37 84.85
N GLN D 436 93.84 91.38 84.58
CA GLN D 436 94.81 91.77 85.62
C GLN D 436 94.28 93.09 86.19
N LEU D 437 93.83 93.95 85.28
CA LEU D 437 93.26 95.27 85.57
C LEU D 437 92.03 95.06 86.47
N ILE D 438 91.17 94.12 86.11
CA ILE D 438 89.97 93.83 86.88
C ILE D 438 90.26 92.78 87.94
N ARG D 439 91.17 91.87 87.64
CA ARG D 439 91.53 90.84 88.59
C ARG D 439 91.96 91.47 89.92
N GLN D 440 92.71 92.57 89.84
CA GLN D 440 93.18 93.26 91.05
C GLN D 440 92.08 93.77 91.98
N PHE D 441 90.94 94.15 91.39
CA PHE D 441 89.79 94.62 92.18
C PHE D 441 88.99 93.39 92.66
N THR D 442 88.98 92.35 91.81
CA THR D 442 88.32 91.06 92.06
C THR D 442 88.94 90.43 93.32
N SER D 443 90.29 90.38 93.33
CA SER D 443 91.07 89.90 94.47
C SER D 443 91.13 91.17 95.34
N LEU D 444 90.61 91.10 96.56
CA LEU D 444 90.59 92.30 97.39
C LEU D 444 91.97 92.92 97.72
N THR D 445 93.04 92.34 97.17
CA THR D 445 94.42 92.82 97.39
C THR D 445 95.38 92.86 96.19
N HIS D 446 96.29 93.82 96.24
CA HIS D 446 97.31 93.98 95.21
C HIS D 446 98.53 93.20 95.70
N VAL D 447 98.29 92.01 96.26
CA VAL D 447 99.35 91.18 96.81
C VAL D 447 100.45 90.90 95.82
N PHE D 448 100.08 90.66 94.58
CA PHE D 448 101.09 90.37 93.60
C PHE D 448 101.61 91.62 92.92
N ASN D 449 100.80 92.67 92.93
CA ASN D 449 101.21 93.90 92.29
C ASN D 449 101.77 95.00 93.17
N ARG D 450 102.13 94.65 94.40
CA ARG D 450 102.67 95.61 95.34
C ARG D 450 103.32 96.92 94.82
N PHE D 451 103.91 96.92 93.64
CA PHE D 451 104.56 98.13 93.14
C PHE D 451 103.92 98.65 91.85
N PRO D 452 102.60 98.84 91.85
CA PRO D 452 101.84 99.31 90.69
C PRO D 452 102.28 100.59 89.99
N GLU D 453 103.49 101.04 90.23
CA GLU D 453 103.92 102.25 89.56
C GLU D 453 105.18 101.94 88.81
N ASN D 454 106.13 101.34 89.52
CA ASN D 454 107.40 100.98 88.93
C ASN D 454 107.17 100.14 87.68
N GLN D 455 107.55 100.67 86.52
CA GLN D 455 107.36 99.96 85.27
C GLN D 455 108.03 98.60 85.22
N ILE D 456 109.01 98.38 86.07
CA ILE D 456 109.68 97.09 86.12
C ILE D 456 108.94 96.22 87.13
N LEU D 457 109.24 96.40 88.41
CA LEU D 457 108.61 95.63 89.47
C LEU D 457 107.09 95.46 89.39
N ALA D 458 106.46 96.05 88.37
CA ALA D 458 105.02 95.94 88.19
C ALA D 458 104.67 94.47 88.07
N ARG D 459 103.37 94.17 87.98
CA ARG D 459 102.94 92.79 87.84
C ARG D 459 102.90 92.41 86.37
N PRO D 460 103.72 91.43 85.97
CA PRO D 460 103.76 90.99 84.58
C PRO D 460 102.38 90.80 84.00
N PRO D 461 102.24 91.08 82.71
CA PRO D 461 100.97 90.95 82.02
C PRO D 461 100.60 89.50 81.95
N ALA D 462 99.30 89.23 82.04
CA ALA D 462 98.85 87.85 81.92
C ALA D 462 98.85 87.60 80.40
N PRO D 463 99.40 86.47 79.96
CA PRO D 463 99.42 86.20 78.52
C PRO D 463 98.11 85.61 78.07
N THR D 464 97.68 85.93 76.85
CA THR D 464 96.47 85.32 76.33
C THR D 464 96.93 83.89 76.13
N ILE D 465 96.06 82.92 76.40
CA ILE D 465 96.45 81.51 76.25
C ILE D 465 97.23 81.01 77.45
N THR D 466 96.50 80.66 78.50
CA THR D 466 97.14 80.13 79.69
C THR D 466 97.14 78.63 79.52
N THR D 467 98.06 77.97 80.21
CA THR D 467 98.17 76.53 80.13
C THR D 467 97.91 76.01 81.52
N VAL D 468 97.43 74.79 81.63
CA VAL D 468 97.16 74.21 82.93
C VAL D 468 97.38 72.72 82.89
N SER D 469 98.20 72.20 83.79
CA SER D 469 98.43 70.75 83.79
C SER D 469 97.10 70.14 84.14
N GLU D 470 96.74 69.09 83.43
CA GLU D 470 95.47 68.43 83.66
C GLU D 470 95.72 66.93 83.69
N ASN D 471 95.21 66.25 84.70
CA ASN D 471 95.38 64.81 84.82
C ASN D 471 94.37 64.07 83.96
N VAL D 472 94.80 63.00 83.33
CA VAL D 472 93.89 62.23 82.48
C VAL D 472 94.16 60.73 82.55
N PRO D 473 93.09 59.92 82.62
CA PRO D 473 93.29 58.49 82.69
C PRO D 473 93.96 58.08 81.39
N ALA D 474 94.85 57.11 81.47
CA ALA D 474 95.57 56.66 80.30
C ALA D 474 95.37 55.18 80.03
N LEU D 475 94.60 54.89 78.98
CA LEU D 475 94.33 53.54 78.56
C LEU D 475 95.45 53.15 77.64
N THR D 476 96.56 52.76 78.22
CA THR D 476 97.74 52.38 77.47
C THR D 476 97.71 50.90 77.09
N ASP D 477 98.66 50.47 76.28
CA ASP D 477 98.72 49.08 75.85
C ASP D 477 100.15 48.63 75.56
N HIS D 478 100.67 47.77 76.41
CA HIS D 478 102.02 47.25 76.24
C HIS D 478 101.89 46.04 75.40
N GLY D 479 103.00 45.49 74.95
CA GLY D 479 102.87 44.32 74.10
C GLY D 479 102.72 43.00 74.83
N THR D 480 102.78 41.91 74.09
CA THR D 480 102.74 40.60 74.71
C THR D 480 104.10 40.46 75.38
N LEU D 481 104.11 39.96 76.62
CA LEU D 481 105.36 39.78 77.35
C LEU D 481 105.42 38.35 77.81
N PRO D 482 106.62 37.80 77.96
CA PRO D 482 106.73 36.40 78.40
C PRO D 482 106.20 36.24 79.82
N LEU D 483 105.61 35.09 80.12
CA LEU D 483 105.07 34.81 81.44
C LEU D 483 105.77 33.63 82.09
N ARG D 484 105.58 33.46 83.40
CA ARG D 484 106.18 32.32 84.07
C ARG D 484 105.11 31.26 83.94
N ASN D 485 105.49 30.00 83.83
CA ASN D 485 104.47 28.99 83.66
C ASN D 485 103.72 28.65 84.94
N SER D 486 104.03 29.38 86.00
CA SER D 486 103.39 29.12 87.28
C SER D 486 103.17 30.46 87.92
N ILE D 487 101.97 30.98 87.79
CA ILE D 487 101.65 32.27 88.33
C ILE D 487 101.15 32.22 89.78
N GLY D 488 101.91 32.89 90.64
CA GLY D 488 101.58 32.91 92.06
C GLY D 488 100.22 33.51 92.38
N GLY D 489 99.66 33.05 93.50
CA GLY D 489 98.36 33.55 93.90
C GLY D 489 98.38 35.05 94.12
N VAL D 490 99.47 35.56 94.68
CA VAL D 490 99.54 36.99 94.92
C VAL D 490 100.63 37.58 94.09
N GLN D 491 100.26 38.55 93.27
CA GLN D 491 101.21 39.21 92.41
C GLN D 491 101.49 40.56 93.00
N ARG D 492 102.67 41.08 92.72
CA ARG D 492 103.04 42.39 93.20
C ARG D 492 103.10 43.32 92.02
N VAL D 493 102.36 44.43 92.09
CA VAL D 493 102.34 45.42 91.02
C VAL D 493 103.14 46.64 91.46
N THR D 494 103.88 47.25 90.56
CA THR D 494 104.71 48.39 90.91
C THR D 494 105.00 49.40 89.83
N ILE D 495 104.51 50.62 90.03
CA ILE D 495 104.75 51.67 89.09
C ILE D 495 105.83 52.57 89.65
N THR D 496 106.89 52.76 88.89
CA THR D 496 108.01 53.56 89.33
C THR D 496 108.19 54.77 88.43
N ASP D 497 109.04 55.69 88.82
CA ASP D 497 109.25 56.88 88.00
C ASP D 497 110.67 56.89 87.46
N ALA D 498 110.97 57.92 86.70
CA ALA D 498 112.27 58.04 86.10
C ALA D 498 113.44 57.68 87.03
N ARG D 499 113.40 58.16 88.26
CA ARG D 499 114.48 57.91 89.21
C ARG D 499 114.29 56.64 89.99
N ARG D 500 113.22 55.92 89.68
CA ARG D 500 112.93 54.67 90.33
C ARG D 500 112.50 54.81 91.77
N ARG D 501 111.23 55.15 91.95
CA ARG D 501 110.66 55.31 93.27
C ARG D 501 109.16 55.40 93.07
N THR D 502 108.41 54.78 93.97
CA THR D 502 106.97 54.82 93.84
C THR D 502 106.54 56.26 93.60
N CYS D 503 105.38 56.43 93.00
CA CYS D 503 104.87 57.76 92.71
C CYS D 503 103.58 57.95 93.48
N PRO D 504 103.63 58.74 94.55
CA PRO D 504 102.50 59.04 95.43
C PRO D 504 101.23 59.49 94.75
N TYR D 505 101.35 60.09 93.58
CA TYR D 505 100.17 60.60 92.91
C TYR D 505 99.33 59.66 92.08
N VAL D 506 99.42 58.36 92.33
CA VAL D 506 98.61 57.43 91.55
C VAL D 506 97.33 57.11 92.28
N TYR D 507 96.19 57.33 91.63
CA TYR D 507 94.92 57.04 92.27
C TYR D 507 94.40 55.68 91.80
N LYS D 508 94.67 55.33 90.56
CA LYS D 508 94.17 54.05 90.09
C LYS D 508 95.12 53.42 89.11
N ALA D 509 95.43 52.17 89.37
CA ALA D 509 96.32 51.43 88.49
C ALA D 509 95.76 50.04 88.48
N LEU D 510 95.69 49.44 87.31
CA LEU D 510 95.20 48.08 87.21
C LEU D 510 95.46 47.61 85.82
N GLY D 511 95.68 46.32 85.67
CA GLY D 511 95.96 45.81 84.35
C GLY D 511 95.30 44.49 84.09
N ILE D 512 95.18 44.18 82.81
CA ILE D 512 94.56 42.96 82.36
C ILE D 512 95.57 42.17 81.54
N VAL D 513 95.79 40.92 81.91
CA VAL D 513 96.73 40.09 81.17
C VAL D 513 96.03 38.95 80.52
N SER D 514 96.37 38.70 79.26
CA SER D 514 95.74 37.65 78.49
C SER D 514 96.81 36.73 77.92
N PRO D 515 97.12 35.65 78.64
CA PRO D 515 98.14 34.72 78.19
C PRO D 515 97.79 33.94 76.93
N ARG D 516 98.83 33.48 76.24
CA ARG D 516 98.67 32.70 75.02
C ARG D 516 100.00 32.10 74.62
N VAL D 517 99.94 30.95 73.96
CA VAL D 517 101.12 30.21 73.55
C VAL D 517 102.07 30.92 72.62
N LEU D 518 103.34 30.56 72.67
CA LEU D 518 104.33 31.18 71.81
C LEU D 518 105.25 30.20 71.12
N SER D 519 105.43 29.01 71.69
CA SER D 519 106.29 27.97 71.11
C SER D 519 106.37 26.87 72.13
N SER D 520 107.03 25.76 71.81
CA SER D 520 107.11 24.71 72.82
C SER D 520 108.52 24.32 73.26
N ARG D 521 108.62 23.55 74.33
CA ARG D 521 109.90 23.10 74.85
C ARG D 521 110.27 21.70 74.32
N ARG E 4 85.28 20.42 60.02
CA ARG E 4 86.63 20.82 60.58
C ARG E 4 86.53 22.13 61.43
N ASN E 5 85.70 23.05 60.95
CA ASN E 5 85.54 24.36 61.55
C ASN E 5 84.21 24.99 61.13
N SER E 6 83.14 24.22 61.16
CA SER E 6 81.84 24.72 60.77
C SER E 6 81.23 25.64 61.81
N ILE E 7 79.99 26.03 61.57
CA ILE E 7 79.22 26.88 62.46
C ILE E 7 77.83 26.64 61.98
N ARG E 8 77.11 25.77 62.67
CA ARG E 8 75.77 25.40 62.26
C ARG E 8 74.66 26.00 63.07
N TYR E 9 73.50 26.15 62.43
CA TYR E 9 72.32 26.69 63.08
C TYR E 9 71.08 25.97 62.60
N SER E 10 70.19 25.62 63.53
CA SER E 10 68.94 24.91 63.21
C SER E 10 69.06 24.32 61.83
N GLU E 11 68.29 24.89 60.91
CA GLU E 11 68.31 24.42 59.56
C GLU E 11 68.57 25.57 58.62
N LEU E 12 69.84 25.90 58.46
CA LEU E 12 70.28 26.94 57.55
C LEU E 12 71.61 26.44 57.04
N ALA E 13 72.04 26.97 55.90
CA ALA E 13 73.32 26.55 55.35
C ALA E 13 74.41 26.70 56.40
N PRO E 14 75.33 25.74 56.45
CA PRO E 14 76.39 25.88 57.45
C PRO E 14 77.33 27.00 57.03
N LEU E 15 77.88 27.70 58.01
CA LEU E 15 78.82 28.79 57.75
C LEU E 15 80.17 28.37 58.24
N PHE E 16 81.21 28.91 57.63
CA PHE E 16 82.55 28.51 58.02
C PHE E 16 83.51 29.61 58.39
N ASP E 17 84.40 29.27 59.31
CA ASP E 17 85.47 30.13 59.76
C ASP E 17 85.19 31.27 60.68
N THR E 18 84.03 31.88 60.55
CA THR E 18 83.72 32.98 61.44
C THR E 18 82.42 33.66 61.04
N THR E 19 81.95 34.54 61.91
CA THR E 19 80.72 35.23 61.67
C THR E 19 80.49 36.17 62.82
N ARG E 20 79.24 36.57 63.07
CA ARG E 20 78.98 37.48 64.17
C ARG E 20 77.69 37.25 64.90
N VAL E 21 77.78 37.20 66.22
CA VAL E 21 76.58 37.02 67.03
C VAL E 21 76.45 38.37 67.67
N TYR E 22 75.24 38.90 67.77
CA TYR E 22 75.10 40.21 68.35
C TYR E 22 74.35 40.26 69.67
N LEU E 23 74.95 40.88 70.67
CA LEU E 23 74.32 41.02 71.96
C LEU E 23 73.78 42.43 71.99
N VAL E 24 72.46 42.57 72.00
CA VAL E 24 71.86 43.90 71.99
C VAL E 24 70.55 43.99 72.77
N ASP E 25 70.39 45.04 73.56
CA ASP E 25 69.19 45.26 74.39
C ASP E 25 67.92 45.70 73.64
N ASN E 26 68.08 46.70 72.78
CA ASN E 26 67.01 47.30 71.98
C ASN E 26 65.93 46.44 71.34
N LYS E 27 66.30 45.32 70.72
CA LYS E 27 65.33 44.43 70.06
C LYS E 27 63.88 44.62 70.57
N SER E 28 62.95 44.88 69.67
CA SER E 28 61.57 45.13 70.08
C SER E 28 60.87 43.96 70.77
N THR E 29 61.07 42.76 70.24
CA THR E 29 60.43 41.55 70.76
C THR E 29 60.76 41.17 72.21
N ASP E 30 62.05 40.96 72.45
CA ASP E 30 62.57 40.55 73.75
C ASP E 30 62.30 41.54 74.90
N VAL E 31 62.38 42.83 74.60
CA VAL E 31 62.12 43.87 75.59
C VAL E 31 60.71 43.63 76.13
N ALA E 32 59.78 43.44 75.20
CA ALA E 32 58.39 43.18 75.55
C ALA E 32 58.34 42.01 76.53
N SER E 33 58.72 40.83 76.06
CA SER E 33 58.71 39.63 76.88
C SER E 33 59.82 39.60 77.94
N LEU E 34 60.94 39.00 77.57
CA LEU E 34 62.10 38.83 78.45
C LEU E 34 62.36 39.84 79.58
N ASN E 35 63.28 40.77 79.34
CA ASN E 35 63.60 41.78 80.34
C ASN E 35 62.32 42.52 80.57
N TYR E 36 62.22 43.18 81.70
CA TYR E 36 61.02 43.92 82.01
C TYR E 36 61.42 44.52 83.30
N GLN E 37 61.61 43.64 84.27
CA GLN E 37 62.01 44.06 85.57
C GLN E 37 63.51 44.25 85.62
N ASN E 38 64.15 44.20 84.46
CA ASN E 38 65.61 44.38 84.38
C ASN E 38 65.96 45.78 83.88
N ASP E 39 67.25 46.03 83.67
CA ASP E 39 67.71 47.33 83.18
C ASP E 39 68.99 47.13 82.35
N HIS E 40 69.43 48.18 81.67
CA HIS E 40 70.62 48.08 80.83
C HIS E 40 71.90 47.79 81.58
N SER E 41 71.93 46.70 82.32
CA SER E 41 73.14 46.41 83.07
C SER E 41 72.95 45.01 83.58
N ASN E 42 71.81 44.46 83.24
CA ASN E 42 71.50 43.13 83.65
C ASN E 42 70.29 42.78 82.86
N PHE E 43 70.49 42.27 81.65
CA PHE E 43 69.37 41.94 80.81
C PHE E 43 69.56 40.70 79.99
N LEU E 44 68.48 40.25 79.37
CA LEU E 44 68.56 39.08 78.55
C LEU E 44 68.39 39.57 77.14
N THR E 45 68.80 38.76 76.18
CA THR E 45 68.66 39.15 74.80
C THR E 45 68.78 37.87 73.98
N THR E 46 68.08 37.82 72.86
CA THR E 46 68.15 36.63 72.04
C THR E 46 69.28 36.88 71.07
N VAL E 47 70.11 35.87 70.85
CA VAL E 47 71.20 36.04 69.92
C VAL E 47 70.71 35.56 68.57
N ILE E 48 69.59 34.86 68.58
CA ILE E 48 69.00 34.33 67.37
C ILE E 48 68.91 35.25 66.16
N GLN E 49 68.30 36.41 66.29
CA GLN E 49 68.21 37.31 65.14
C GLN E 49 67.43 36.73 63.93
N ASN E 50 66.59 35.71 64.13
CA ASN E 50 65.81 35.18 63.02
C ASN E 50 64.38 35.62 63.22
N ASN E 51 63.90 36.42 62.28
CA ASN E 51 62.56 36.97 62.31
C ASN E 51 61.41 36.02 62.70
N ASP E 52 61.44 34.76 62.29
CA ASP E 52 60.36 33.84 62.69
C ASP E 52 60.69 33.44 64.11
N TYR E 53 59.98 32.48 64.66
CA TYR E 53 60.29 32.04 66.02
C TYR E 53 60.07 33.03 67.17
N SER E 54 59.16 32.66 68.05
CA SER E 54 58.84 33.46 69.20
C SER E 54 60.02 33.47 70.14
N PRO E 55 60.42 34.65 70.61
CA PRO E 55 61.56 34.66 71.53
C PRO E 55 61.16 33.64 72.57
N GLY E 56 62.13 33.07 73.26
CA GLY E 56 61.78 32.04 74.23
C GLY E 56 61.82 30.76 73.41
N GLU E 57 60.94 30.63 72.43
CA GLU E 57 61.00 29.44 71.58
C GLU E 57 62.33 29.54 70.87
N ALA E 58 62.86 30.76 70.82
CA ALA E 58 64.15 31.00 70.21
C ALA E 58 65.10 30.38 71.19
N SER E 59 64.89 30.70 72.46
CA SER E 59 65.71 30.17 73.53
C SER E 59 66.02 28.70 73.39
N THR E 60 65.15 27.97 72.73
CA THR E 60 65.41 26.55 72.55
C THR E 60 66.57 26.33 71.61
N GLN E 61 66.57 27.03 70.48
CA GLN E 61 67.62 26.89 69.49
C GLN E 61 68.99 27.20 70.00
N THR E 62 70.00 26.91 69.20
CA THR E 62 71.37 27.16 69.60
C THR E 62 72.31 27.30 68.43
N ILE E 63 73.30 28.14 68.61
CA ILE E 63 74.31 28.35 67.59
C ILE E 63 75.41 27.38 67.97
N ASN E 64 75.76 26.47 67.08
CA ASN E 64 76.82 25.49 67.40
C ASN E 64 78.11 25.73 66.67
N LEU E 65 79.18 25.97 67.42
CA LEU E 65 80.46 26.17 66.78
C LEU E 65 81.04 24.77 66.72
N ASP E 66 81.45 24.35 65.53
CA ASP E 66 82.00 23.01 65.35
C ASP E 66 82.60 22.48 66.63
N ASP E 67 82.24 21.26 66.93
CA ASP E 67 82.69 20.62 68.14
C ASP E 67 84.16 20.24 68.15
N ARG E 68 84.67 19.81 67.01
CA ARG E 68 86.05 19.39 66.94
C ARG E 68 87.13 20.44 67.24
N SER E 69 86.74 21.69 67.45
CA SER E 69 87.75 22.73 67.72
C SER E 69 87.38 23.61 68.89
N HIS E 70 88.38 24.19 69.57
CA HIS E 70 88.10 25.10 70.68
C HIS E 70 87.98 26.47 70.07
N TRP E 71 86.83 27.11 70.23
CA TRP E 71 86.64 28.41 69.65
C TRP E 71 86.88 29.54 70.60
N GLY E 72 86.96 30.74 70.05
CA GLY E 72 87.15 31.93 70.84
C GLY E 72 86.48 33.05 70.06
N GLY E 73 86.20 34.17 70.69
CA GLY E 73 85.57 35.26 69.95
C GLY E 73 86.08 36.62 70.38
N ASP E 74 86.20 37.53 69.44
CA ASP E 74 86.66 38.88 69.75
C ASP E 74 85.43 39.56 70.30
N LEU E 75 85.59 40.31 71.39
CA LEU E 75 84.44 40.96 71.96
C LEU E 75 84.62 42.43 72.11
N LYS E 76 84.07 43.22 71.21
CA LYS E 76 84.18 44.66 71.37
C LYS E 76 82.82 45.09 71.83
N THR E 77 82.78 46.13 72.66
CA THR E 77 81.51 46.59 73.17
C THR E 77 81.37 48.07 73.12
N ILE E 78 80.12 48.51 73.19
CA ILE E 78 79.80 49.92 73.16
C ILE E 78 79.03 50.21 74.42
N LEU E 79 79.69 50.90 75.35
CA LEU E 79 79.04 51.23 76.62
C LEU E 79 78.82 52.72 76.74
N HIS E 80 77.64 53.11 77.23
CA HIS E 80 77.32 54.53 77.39
C HIS E 80 76.48 54.79 78.60
N THR E 81 76.99 55.64 79.49
CA THR E 81 76.25 55.95 80.70
C THR E 81 75.77 57.38 80.72
N ASN E 82 75.56 57.88 81.93
CA ASN E 82 75.08 59.25 82.14
C ASN E 82 74.87 59.38 83.63
N MET E 83 75.91 59.04 84.36
CA MET E 83 75.88 59.08 85.80
C MET E 83 76.29 60.45 86.28
N PRO E 84 75.58 60.97 87.28
CA PRO E 84 75.80 62.26 87.90
C PRO E 84 77.02 62.37 88.77
N ASN E 85 77.64 63.52 88.65
CA ASN E 85 78.80 63.90 89.41
C ASN E 85 78.54 63.48 90.84
N VAL E 86 77.44 64.01 91.36
CA VAL E 86 77.07 63.73 92.73
C VAL E 86 75.82 62.94 92.89
N ASN E 87 75.95 61.69 93.29
CA ASN E 87 74.75 60.90 93.50
C ASN E 87 74.91 59.93 94.66
N GLU E 88 73.80 59.32 95.04
CA GLU E 88 73.80 58.43 96.17
C GLU E 88 74.50 57.11 95.99
N PHE E 89 74.30 56.49 94.82
CA PHE E 89 74.89 55.20 94.56
C PHE E 89 76.41 55.21 94.55
N MET E 90 77.00 56.28 94.03
CA MET E 90 78.46 56.35 93.99
C MET E 90 79.07 56.87 95.27
N PHE E 91 78.24 57.28 96.20
CA PHE E 91 78.73 57.79 97.48
C PHE E 91 79.33 59.17 97.33
N THR E 92 78.58 60.08 96.73
CA THR E 92 79.11 61.42 96.58
C THR E 92 78.06 62.41 97.01
N ASN E 93 77.02 61.94 97.67
CA ASN E 93 75.97 62.84 98.11
C ASN E 93 75.91 62.96 99.62
N LYS E 94 76.82 62.31 100.33
CA LYS E 94 76.81 62.40 101.79
C LYS E 94 78.21 62.67 102.28
N PHE E 95 78.33 63.05 103.55
CA PHE E 95 79.63 63.30 104.14
C PHE E 95 79.44 63.77 105.57
N LYS E 96 80.13 63.08 106.49
CA LYS E 96 80.04 63.41 107.90
C LYS E 96 81.01 64.51 108.29
N ALA E 97 80.55 65.38 109.18
CA ALA E 97 81.36 66.49 109.69
C ALA E 97 80.86 66.74 111.10
N ARG E 98 81.74 67.27 111.94
CA ARG E 98 81.35 67.56 113.31
C ARG E 98 81.19 69.05 113.50
N VAL E 99 80.01 69.46 113.91
CA VAL E 99 79.75 70.87 114.10
C VAL E 99 79.28 71.18 115.50
N MET E 100 79.18 72.48 115.81
CA MET E 100 78.72 72.86 117.12
C MET E 100 77.21 72.81 117.12
N VAL E 101 76.68 72.22 118.18
CA VAL E 101 75.24 72.09 118.33
C VAL E 101 74.67 73.13 119.28
N SER E 102 75.30 73.29 120.45
CA SER E 102 74.81 74.24 121.43
C SER E 102 75.86 75.08 122.16
N ARG E 103 75.50 76.34 122.38
CA ARG E 103 76.33 77.30 123.09
C ARG E 103 75.47 77.71 124.28
N SER E 104 75.92 77.42 125.49
CA SER E 104 75.13 77.76 126.66
C SER E 104 75.83 78.46 127.84
N LEU E 105 75.00 79.11 128.66
CA LEU E 105 75.42 79.80 129.87
C LEU E 105 75.08 78.79 130.96
N THR E 106 76.09 78.20 131.59
CA THR E 106 75.81 77.17 132.60
C THR E 106 76.46 77.27 133.98
N LYS E 107 75.83 76.56 134.92
CA LYS E 107 76.24 76.46 136.32
C LYS E 107 76.99 77.70 136.81
N ASP E 108 76.28 78.82 136.72
CA ASP E 108 76.76 80.14 137.12
C ASP E 108 77.81 80.80 136.21
N LYS E 109 79.02 80.22 136.10
CA LYS E 109 80.10 80.81 135.29
C LYS E 109 80.64 80.07 134.05
N GLN E 110 80.31 78.79 133.93
CA GLN E 110 80.76 77.95 132.81
C GLN E 110 80.15 78.27 131.43
N VAL E 111 80.97 78.15 130.39
CA VAL E 111 80.56 78.33 129.00
C VAL E 111 80.53 76.89 128.50
N GLU E 112 79.34 76.33 128.32
CA GLU E 112 79.25 74.94 127.89
C GLU E 112 79.05 74.76 126.38
N LEU E 113 80.07 74.25 125.73
CA LEU E 113 80.06 74.00 124.30
C LEU E 113 79.83 72.52 124.03
N LYS E 114 78.76 72.22 123.30
CA LYS E 114 78.44 70.85 122.95
C LYS E 114 78.55 70.64 121.44
N TYR E 115 79.45 69.74 121.05
CA TYR E 115 79.67 69.43 119.64
C TYR E 115 79.20 68.01 119.34
N GLU E 116 78.79 67.77 118.10
CA GLU E 116 78.35 66.44 117.70
C GLU E 116 78.57 66.17 116.20
N TRP E 117 78.69 64.89 115.84
CA TRP E 117 78.90 64.52 114.44
C TRP E 117 77.56 64.43 113.78
N VAL E 118 77.52 64.79 112.52
CA VAL E 118 76.27 64.70 111.80
C VAL E 118 76.56 64.56 110.33
N GLU E 119 75.71 63.80 109.65
CA GLU E 119 75.87 63.53 108.23
C GLU E 119 74.96 64.34 107.34
N PHE E 120 75.52 65.25 106.56
CA PHE E 120 74.71 66.07 105.67
C PHE E 120 74.68 65.45 104.30
N THR E 121 73.57 65.64 103.59
CA THR E 121 73.43 65.10 102.26
C THR E 121 73.24 66.17 101.21
N LEU E 122 73.58 65.85 99.98
CA LEU E 122 73.44 66.79 98.89
C LEU E 122 72.40 66.33 97.90
N PRO E 123 71.84 67.27 97.16
CA PRO E 123 70.82 66.95 96.15
C PRO E 123 71.43 66.47 94.84
N GLU E 124 71.39 65.15 94.64
CA GLU E 124 71.95 64.54 93.45
C GLU E 124 72.06 65.42 92.19
N GLY E 125 73.09 65.15 91.39
CA GLY E 125 73.27 65.87 90.14
C GLY E 125 74.35 66.94 90.10
N ASN E 126 73.97 68.13 90.61
CA ASN E 126 74.78 69.38 90.73
C ASN E 126 76.30 69.29 90.54
N TYR E 127 76.67 69.18 89.27
CA TYR E 127 78.05 69.07 88.85
C TYR E 127 78.95 70.24 89.20
N SER E 128 80.07 70.33 88.50
CA SER E 128 81.05 71.39 88.71
C SER E 128 81.61 71.26 90.08
N GLU E 129 82.90 71.50 90.23
CA GLU E 129 83.47 71.36 91.54
C GLU E 129 83.12 72.49 92.44
N THR E 130 83.42 73.71 92.00
CA THR E 130 83.14 74.85 92.85
C THR E 130 81.76 74.78 93.41
N MET E 131 80.78 74.68 92.54
CA MET E 131 79.43 74.62 93.04
C MET E 131 79.21 73.51 94.03
N THR E 132 79.92 72.40 93.84
CA THR E 132 79.76 71.28 94.75
C THR E 132 80.24 71.71 96.12
N ILE E 133 81.30 72.50 96.15
CA ILE E 133 81.82 72.98 97.41
C ILE E 133 80.67 73.74 98.05
N ASP E 134 80.22 74.78 97.35
CA ASP E 134 79.13 75.61 97.83
C ASP E 134 77.98 74.80 98.40
N LEU E 135 77.53 73.79 97.69
CA LEU E 135 76.43 72.98 98.16
C LEU E 135 76.76 72.35 99.49
N MET E 136 78.04 72.04 99.69
CA MET E 136 78.47 71.47 100.94
C MET E 136 78.38 72.54 102.02
N ASN E 137 79.10 73.64 101.82
CA ASN E 137 79.05 74.72 102.79
C ASN E 137 77.61 75.02 103.16
N ASN E 138 76.75 75.06 102.15
CA ASN E 138 75.33 75.34 102.38
C ASN E 138 74.70 74.30 103.29
N ALA E 139 75.07 73.04 103.13
CA ALA E 139 74.50 72.01 103.96
C ALA E 139 74.95 72.18 105.41
N ILE E 140 76.13 72.73 105.62
CA ILE E 140 76.62 72.95 106.97
C ILE E 140 75.67 73.95 107.60
N VAL E 141 75.40 74.99 106.84
CA VAL E 141 74.50 76.07 107.24
C VAL E 141 73.08 75.54 107.47
N GLU E 142 72.47 74.99 106.43
CA GLU E 142 71.12 74.47 106.52
C GLU E 142 70.88 73.72 107.81
N HIS E 143 71.93 73.13 108.34
CA HIS E 143 71.86 72.39 109.57
C HIS E 143 71.83 73.37 110.74
N TYR E 144 72.73 74.33 110.71
CA TYR E 144 72.79 75.37 111.74
C TYR E 144 71.41 75.99 111.84
N LEU E 145 70.76 76.16 110.69
CA LEU E 145 69.43 76.73 110.66
C LEU E 145 68.40 75.89 111.36
N LYS E 146 68.65 74.58 111.46
CA LYS E 146 67.68 73.73 112.12
C LYS E 146 68.07 73.35 113.53
N VAL E 147 69.30 73.66 113.92
CA VAL E 147 69.73 73.31 115.25
C VAL E 147 70.60 74.37 115.90
N GLY E 148 71.60 74.81 115.16
CA GLY E 148 72.51 75.81 115.68
C GLY E 148 71.89 76.97 116.45
N ARG E 149 71.51 78.01 115.72
CA ARG E 149 70.96 79.21 116.33
C ARG E 149 69.98 78.90 117.48
N GLN E 150 69.00 78.05 117.22
CA GLN E 150 68.05 77.76 118.25
C GLN E 150 68.59 76.92 119.39
N ASN E 151 69.80 77.21 119.81
CA ASN E 151 70.43 76.48 120.90
C ASN E 151 71.70 77.22 121.28
N GLY E 152 71.69 78.52 121.03
CA GLY E 152 72.82 79.36 121.35
C GLY E 152 73.64 79.64 120.11
N VAL E 153 74.76 78.95 120.03
CA VAL E 153 75.71 79.06 118.92
C VAL E 153 75.45 80.13 117.86
N LEU E 154 76.32 81.13 117.84
CA LEU E 154 76.22 82.24 116.90
C LEU E 154 76.85 81.83 115.59
N GLU E 155 76.81 82.74 114.63
CA GLU E 155 77.40 82.50 113.33
C GLU E 155 78.90 82.57 113.58
N SER E 156 79.28 83.53 114.41
CA SER E 156 80.68 83.76 114.77
C SER E 156 81.42 82.46 115.04
N ASP E 157 80.72 81.49 115.59
CA ASP E 157 81.36 80.22 115.91
C ASP E 157 80.83 79.01 115.15
N ILE E 158 80.73 79.15 113.83
CA ILE E 158 80.27 78.06 112.97
C ILE E 158 81.47 77.19 112.66
N GLY E 159 81.43 75.95 113.10
CA GLY E 159 82.56 75.06 112.85
C GLY E 159 82.54 74.35 111.50
N VAL E 160 83.66 74.36 110.80
CA VAL E 160 83.73 73.68 109.50
C VAL E 160 83.21 74.43 108.29
N LYS E 161 84.12 74.77 107.41
CA LYS E 161 83.72 75.44 106.19
C LYS E 161 84.78 75.16 105.16
N PHE E 162 84.32 74.74 103.98
CA PHE E 162 85.21 74.43 102.88
C PHE E 162 85.40 75.71 102.11
N ASP E 163 86.66 76.07 101.93
CA ASP E 163 87.03 77.30 101.23
C ASP E 163 88.01 76.82 100.16
N THR E 164 88.68 77.77 99.52
CA THR E 164 89.62 77.43 98.48
C THR E 164 90.72 78.48 98.31
N ARG E 165 91.11 79.17 99.38
CA ARG E 165 92.15 80.17 99.21
C ARG E 165 93.27 80.06 100.20
N ASN E 166 94.34 80.81 99.92
CA ASN E 166 95.52 80.79 100.74
C ASN E 166 95.53 81.89 101.78
N PHE E 167 94.80 81.66 102.87
CA PHE E 167 94.75 82.65 103.96
C PHE E 167 96.17 82.79 104.44
N ARG E 168 96.96 83.62 103.78
CA ARG E 168 98.33 83.78 104.21
C ARG E 168 99.10 84.48 103.14
N LEU E 169 98.42 84.97 102.13
CA LEU E 169 99.17 85.66 101.12
C LEU E 169 99.63 87.03 101.60
N GLY E 170 98.73 87.77 102.21
CA GLY E 170 99.11 89.09 102.70
C GLY E 170 100.20 89.04 103.76
N PHE E 171 100.06 88.11 104.69
CA PHE E 171 100.98 87.91 105.81
C PHE E 171 102.35 88.57 105.73
N ASP E 172 102.69 89.25 106.83
CA ASP E 172 103.95 89.95 107.00
C ASP E 172 104.68 89.30 108.18
N PRO E 173 105.85 88.73 107.93
CA PRO E 173 106.66 88.06 108.96
C PRO E 173 106.95 88.84 110.24
N VAL E 174 106.75 90.16 110.21
CA VAL E 174 107.00 90.98 111.39
C VAL E 174 105.69 91.31 112.09
N THR E 175 104.81 91.96 111.33
CA THR E 175 103.49 92.34 111.81
C THR E 175 102.75 91.17 112.43
N GLY E 176 102.81 90.03 111.76
CA GLY E 176 102.11 88.87 112.25
C GLY E 176 100.68 89.00 111.73
N LEU E 177 100.49 89.87 110.74
CA LEU E 177 99.16 90.07 110.18
C LEU E 177 99.11 90.16 108.66
N VAL E 178 97.91 89.94 108.13
CA VAL E 178 97.68 90.02 106.70
C VAL E 178 97.45 91.49 106.37
N MET E 179 98.55 92.22 106.30
CA MET E 179 98.54 93.66 106.02
C MET E 179 97.40 94.27 105.21
N PRO E 180 97.06 93.65 104.09
CA PRO E 180 95.98 94.14 103.22
C PRO E 180 94.64 94.35 103.90
N GLY E 181 94.46 93.73 105.06
CA GLY E 181 93.21 93.87 105.79
C GLY E 181 92.13 92.99 105.20
N VAL E 182 92.54 92.19 104.23
CA VAL E 182 91.64 91.29 103.54
C VAL E 182 92.40 90.04 103.12
N TYR E 183 91.78 88.87 103.29
CA TYR E 183 92.44 87.65 102.86
C TYR E 183 92.33 87.68 101.36
N THR E 184 93.47 87.90 100.71
CA THR E 184 93.50 88.00 99.25
C THR E 184 92.59 86.98 98.58
N ASN E 185 91.50 87.51 98.02
CA ASN E 185 90.43 86.75 97.38
C ASN E 185 90.68 85.94 96.12
N GLU E 186 91.76 85.18 96.06
CA GLU E 186 91.98 84.35 94.88
C GLU E 186 92.01 82.88 95.27
N ALA E 187 91.48 82.04 94.38
CA ALA E 187 91.39 80.60 94.61
C ALA E 187 92.59 79.78 94.18
N PHE E 188 93.11 78.97 95.12
CA PHE E 188 94.28 78.17 94.82
C PHE E 188 94.05 76.67 94.86
N HIS E 189 93.29 76.22 95.84
CA HIS E 189 93.01 74.79 95.98
C HIS E 189 91.97 74.60 97.05
N PRO E 190 91.13 73.59 96.90
CA PRO E 190 90.16 73.49 97.99
C PRO E 190 90.82 73.07 99.27
N ASP E 191 90.29 73.53 100.39
CA ASP E 191 90.80 73.09 101.69
C ASP E 191 89.64 73.23 102.63
N ILE E 192 89.78 72.68 103.81
CA ILE E 192 88.69 72.75 104.75
C ILE E 192 89.18 73.41 106.02
N ILE E 193 88.39 74.38 106.49
CA ILE E 193 88.73 75.13 107.68
C ILE E 193 87.94 74.66 108.88
N LEU E 194 88.59 74.62 110.03
CA LEU E 194 87.92 74.17 111.22
C LEU E 194 88.09 75.07 112.42
N LEU E 195 87.10 75.01 113.30
CA LEU E 195 87.12 75.77 114.54
C LEU E 195 87.51 74.80 115.64
N PRO E 196 87.90 75.31 116.80
CA PRO E 196 88.27 74.37 117.86
C PRO E 196 87.18 73.34 118.03
N GLY E 197 87.58 72.18 118.50
CA GLY E 197 86.61 71.13 118.76
C GLY E 197 85.87 70.43 117.64
N CYS E 198 85.80 70.98 116.43
CA CYS E 198 85.08 70.25 115.39
C CYS E 198 85.98 69.65 114.29
N GLY E 199 85.38 69.23 113.18
CA GLY E 199 86.17 68.64 112.09
C GLY E 199 85.30 67.82 111.13
N VAL E 200 85.91 67.21 110.10
CA VAL E 200 85.14 66.42 109.14
C VAL E 200 85.64 65.00 108.95
N ASP E 201 84.76 64.14 108.44
CA ASP E 201 85.06 62.73 108.21
C ASP E 201 84.54 62.28 106.85
N PHE E 202 85.39 61.64 106.04
CA PHE E 202 84.94 61.19 104.73
C PHE E 202 84.93 59.68 104.57
N THR E 203 85.27 59.00 105.66
CA THR E 203 85.30 57.54 105.69
C THR E 203 84.35 56.87 104.71
N HIS E 204 83.16 57.42 104.54
CA HIS E 204 82.21 56.83 103.60
C HIS E 204 81.83 57.83 102.54
N SER E 205 82.81 58.37 101.83
CA SER E 205 82.50 59.33 100.79
C SER E 205 83.64 59.61 99.85
N ARG E 206 83.31 59.74 98.57
CA ARG E 206 84.32 60.00 97.59
C ARG E 206 84.53 61.49 97.40
N LEU E 207 83.68 62.30 98.03
CA LEU E 207 83.81 63.75 97.90
C LEU E 207 85.21 64.14 98.29
N SER E 208 85.81 63.38 99.19
CA SER E 208 87.18 63.65 99.58
C SER E 208 87.99 63.89 98.31
N ASN E 209 87.93 62.91 97.42
CA ASN E 209 88.63 62.99 96.17
C ASN E 209 88.27 64.22 95.34
N LEU E 210 87.11 64.81 95.61
CA LEU E 210 86.69 65.99 94.88
C LEU E 210 87.44 67.21 95.39
N LEU E 211 87.67 67.24 96.71
CA LEU E 211 88.39 68.35 97.31
C LEU E 211 89.86 68.24 96.93
N GLY E 212 90.29 67.04 96.59
CA GLY E 212 91.68 66.87 96.21
C GLY E 212 92.56 66.69 97.42
N ILE E 213 92.07 65.93 98.38
CA ILE E 213 92.80 65.64 99.59
C ILE E 213 92.75 64.15 99.83
N ARG E 214 93.89 63.46 99.72
CA ARG E 214 93.89 62.00 99.92
C ARG E 214 94.88 61.54 100.97
N LYS E 215 94.68 60.33 101.49
CA LYS E 215 95.59 59.78 102.49
C LYS E 215 96.81 59.26 101.77
N ARG E 216 97.98 59.42 102.37
CA ARG E 216 99.18 58.92 101.75
C ARG E 216 99.24 57.41 101.90
N GLN E 217 98.25 56.85 102.60
CA GLN E 217 98.16 55.41 102.81
C GLN E 217 96.72 54.97 102.73
N PRO E 218 96.15 55.06 101.53
CA PRO E 218 94.80 54.74 101.10
C PRO E 218 94.09 53.59 101.74
N PHE E 219 94.70 52.41 101.71
CA PHE E 219 94.04 51.24 102.25
C PHE E 219 93.67 51.20 103.73
N GLN E 220 94.17 52.15 104.51
CA GLN E 220 93.83 52.17 105.93
C GLN E 220 92.47 52.85 106.10
N GLU E 221 91.40 52.15 105.77
CA GLU E 221 90.05 52.71 105.89
C GLU E 221 89.89 53.61 107.11
N GLY E 222 89.60 54.88 106.87
CA GLY E 222 89.42 55.79 107.99
C GLY E 222 89.89 57.22 107.78
N PHE E 223 89.16 57.96 106.96
CA PHE E 223 89.53 59.35 106.69
C PHE E 223 88.83 60.31 107.65
N ARG E 224 89.53 60.69 108.72
CA ARG E 224 89.02 61.63 109.71
C ARG E 224 90.01 62.76 109.88
N ILE E 225 89.59 63.97 109.61
CA ILE E 225 90.50 65.08 109.75
C ILE E 225 89.97 66.09 110.80
N THR E 226 90.48 65.95 112.04
CA THR E 226 90.12 66.77 113.20
C THR E 226 90.76 68.15 113.22
N TYR E 227 90.20 69.03 114.02
CA TYR E 227 90.75 70.37 114.19
C TYR E 227 92.13 70.15 114.75
N ASP E 228 92.20 69.30 115.75
CA ASP E 228 93.45 68.96 116.40
C ASP E 228 94.57 68.60 115.43
N ASP E 229 94.22 67.96 114.31
CA ASP E 229 95.20 67.55 113.33
C ASP E 229 95.83 68.70 112.59
N LEU E 230 95.01 69.69 112.24
CA LEU E 230 95.51 70.85 111.54
C LEU E 230 96.41 71.66 112.44
N GLU E 231 97.45 71.03 112.99
CA GLU E 231 98.36 71.76 113.87
C GLU E 231 98.93 72.92 113.08
N GLY E 232 99.91 73.61 113.64
CA GLY E 232 100.52 74.75 112.98
C GLY E 232 99.83 75.22 111.71
N GLY E 233 99.28 76.42 111.70
CA GLY E 233 98.62 76.86 110.49
C GLY E 233 97.19 77.25 110.74
N ASN E 234 97.02 78.21 111.62
CA ASN E 234 95.71 78.72 111.95
C ASN E 234 95.72 79.98 111.12
N ILE E 235 94.63 80.26 110.44
CA ILE E 235 94.55 81.47 109.64
C ILE E 235 94.97 82.69 110.45
N PRO E 236 96.01 83.40 109.99
CA PRO E 236 96.50 84.60 110.69
C PRO E 236 95.36 85.60 110.68
N ALA E 237 95.53 86.72 111.37
CA ALA E 237 94.49 87.74 111.43
C ALA E 237 94.74 88.92 110.51
N LEU E 238 93.71 89.74 110.35
CA LEU E 238 93.77 90.90 109.49
C LEU E 238 94.24 92.19 110.16
N LEU E 239 95.02 92.97 109.44
CA LEU E 239 95.50 94.24 109.96
C LEU E 239 94.30 95.18 110.06
N ASP E 240 94.29 96.04 111.08
CA ASP E 240 93.18 96.98 111.17
C ASP E 240 93.52 98.10 110.21
N VAL E 241 93.40 97.80 108.92
CA VAL E 241 93.70 98.76 107.87
C VAL E 241 93.23 100.18 108.21
N ASP E 242 91.99 100.30 108.72
CA ASP E 242 91.46 101.61 109.06
C ASP E 242 92.29 102.32 110.13
N ALA E 243 92.42 101.69 111.29
CA ALA E 243 93.19 102.25 112.38
C ALA E 243 94.57 102.70 111.90
N TYR E 244 95.39 101.74 111.47
CA TYR E 244 96.73 102.02 110.97
C TYR E 244 96.80 103.31 110.14
N GLN E 245 96.06 103.34 109.03
CA GLN E 245 96.06 104.51 108.13
C GLN E 245 95.65 105.82 108.81
N ALA E 246 94.42 105.86 109.34
CA ALA E 246 93.92 107.04 110.02
C ALA E 246 94.97 107.52 111.05
N SER E 247 95.57 106.55 111.74
CA SER E 247 96.57 106.84 112.74
C SER E 247 97.86 107.49 112.26
N LEU E 248 98.03 107.64 110.95
CA LEU E 248 99.24 108.28 110.47
C LEU E 248 99.06 109.78 110.25
N LYS E 327 105.20 105.74 116.98
CA LYS E 327 104.22 104.66 117.00
C LYS E 327 103.41 104.55 115.71
N LYS E 328 102.60 103.51 115.65
CA LYS E 328 101.70 103.20 114.55
C LYS E 328 100.83 102.10 115.16
N PRO E 329 99.49 102.16 114.99
CA PRO E 329 98.58 101.15 115.56
C PRO E 329 98.96 99.72 115.22
N VAL E 330 99.07 99.45 113.91
CA VAL E 330 99.41 98.14 113.35
C VAL E 330 99.06 96.94 114.21
N ILE E 331 99.79 96.70 115.31
CA ILE E 331 99.52 95.56 116.20
C ILE E 331 98.01 95.25 116.23
N LYS E 332 97.18 96.25 115.91
CA LYS E 332 95.73 96.09 115.90
C LYS E 332 95.23 95.10 114.85
N PRO E 333 94.83 93.91 115.30
CA PRO E 333 94.32 92.84 114.46
C PRO E 333 92.80 92.85 114.47
N LEU E 334 92.21 93.41 113.43
CA LEU E 334 90.75 93.50 113.26
C LEU E 334 90.00 92.34 113.98
N THR E 335 89.32 92.64 115.09
CA THR E 335 88.59 91.63 115.87
C THR E 335 87.21 91.21 115.40
N GLU E 336 86.57 92.06 114.61
CA GLU E 336 85.25 91.72 114.13
C GLU E 336 85.12 92.07 112.66
N ASP E 337 84.06 92.80 112.34
CA ASP E 337 83.75 93.22 110.98
C ASP E 337 82.41 93.93 111.03
N SER E 338 81.90 94.32 109.87
CA SER E 338 80.59 94.95 109.83
C SER E 338 79.70 93.93 110.54
N LYS E 339 78.44 94.28 110.78
CA LYS E 339 77.54 93.35 111.46
C LYS E 339 78.17 92.57 112.63
N LYS E 340 79.26 93.13 113.15
CA LYS E 340 80.02 92.60 114.30
C LYS E 340 80.02 91.09 114.62
N ARG E 341 80.87 90.35 113.92
CA ARG E 341 81.06 88.90 114.13
C ARG E 341 82.49 88.80 114.64
N SER E 342 82.73 87.96 115.65
CA SER E 342 84.09 87.84 116.16
C SER E 342 84.93 86.87 115.34
N TYR E 343 86.20 87.22 115.13
CA TYR E 343 87.08 86.33 114.38
C TYR E 343 87.78 85.42 115.37
N ASN E 344 87.05 85.00 116.40
CA ASN E 344 87.60 84.10 117.40
C ASN E 344 89.14 84.14 117.53
N LEU E 345 89.72 85.24 118.00
CA LEU E 345 91.18 85.30 118.15
C LEU E 345 91.57 84.56 119.41
N ILE E 346 92.63 83.76 119.35
CA ILE E 346 93.01 82.96 120.52
C ILE E 346 93.11 83.76 121.84
N SER E 347 93.71 84.94 121.79
CA SER E 347 93.83 85.77 122.99
C SER E 347 93.92 87.23 122.56
N ASN E 348 93.73 88.13 123.53
CA ASN E 348 93.77 89.58 123.29
C ASN E 348 95.12 90.02 122.68
N ASP E 349 96.09 89.12 122.70
CA ASP E 349 97.44 89.40 122.20
C ASP E 349 97.71 88.87 120.80
N SER E 350 97.80 87.53 120.69
CA SER E 350 98.11 86.85 119.43
C SER E 350 97.48 87.40 118.15
N THR E 351 98.27 87.32 117.10
CA THR E 351 97.89 87.79 115.77
C THR E 351 97.14 86.67 115.03
N PHE E 352 97.20 85.46 115.57
CA PHE E 352 96.54 84.29 114.98
C PHE E 352 95.09 84.15 115.44
N THR E 353 94.26 83.56 114.59
CA THR E 353 92.86 83.31 114.94
C THR E 353 92.72 81.83 115.25
N GLN E 354 91.60 81.46 115.86
CA GLN E 354 91.37 80.05 116.20
C GLN E 354 90.99 79.21 114.99
N TYR E 355 90.80 79.86 113.85
CA TYR E 355 90.45 79.18 112.62
C TYR E 355 91.64 78.45 112.02
N ARG E 356 91.56 77.12 111.91
CA ARG E 356 92.65 76.32 111.33
C ARG E 356 92.32 75.88 109.89
N SER E 357 93.28 76.07 108.99
CA SER E 357 93.13 75.70 107.58
C SER E 357 93.97 74.52 107.16
N TRP E 358 93.36 73.59 106.44
CA TRP E 358 94.12 72.44 106.00
C TRP E 358 95.27 72.92 105.12
N TYR E 359 94.91 73.54 104.00
CA TYR E 359 95.89 74.01 103.05
C TYR E 359 97.11 74.63 103.72
N LEU E 360 96.92 75.28 104.86
CA LEU E 360 98.05 75.90 105.52
C LEU E 360 98.94 74.84 106.14
N ALA E 361 98.33 73.99 106.95
CA ALA E 361 99.07 72.93 107.61
C ALA E 361 99.89 72.12 106.63
N TYR E 362 99.35 71.89 105.45
CA TYR E 362 100.06 71.09 104.47
C TYR E 362 101.40 71.70 104.06
N ASN E 363 101.39 72.91 103.52
CA ASN E 363 102.66 73.50 103.10
C ASN E 363 103.25 74.58 104.02
N TYR E 364 102.53 74.94 105.08
CA TYR E 364 103.08 75.95 105.99
C TYR E 364 103.41 75.39 107.37
N GLY E 365 102.99 74.16 107.63
CA GLY E 365 103.27 73.55 108.93
C GLY E 365 104.40 72.56 108.92
N ASP E 366 104.76 72.07 110.11
CA ASP E 366 105.85 71.10 110.25
C ASP E 366 105.70 69.95 109.25
N PRO E 367 106.59 69.87 108.26
CA PRO E 367 106.53 68.81 107.25
C PRO E 367 106.69 67.41 107.83
N GLN E 368 107.47 67.27 108.90
CA GLN E 368 107.69 65.96 109.49
C GLN E 368 106.56 65.44 110.39
N THR E 369 105.83 66.32 111.06
CA THR E 369 104.75 65.87 111.97
C THR E 369 103.37 66.45 111.65
N GLY E 370 103.34 67.49 110.84
CA GLY E 370 102.09 68.12 110.48
C GLY E 370 101.13 67.23 109.71
N ILE E 371 100.25 67.83 108.92
CA ILE E 371 99.35 67.01 108.17
C ILE E 371 100.01 66.55 106.88
N ARG E 372 100.95 67.34 106.37
CA ARG E 372 101.62 66.94 105.13
C ARG E 372 102.27 65.57 105.29
N SER E 373 102.33 65.11 106.53
CA SER E 373 102.95 63.82 106.82
C SER E 373 102.09 62.64 106.39
N TRP E 374 100.78 62.77 106.49
CA TRP E 374 99.91 61.66 106.15
C TRP E 374 98.75 61.94 105.20
N THR E 375 98.80 63.05 104.49
CA THR E 375 97.73 63.34 103.55
C THR E 375 98.44 63.93 102.34
N LEU E 376 97.80 63.90 101.18
CA LEU E 376 98.46 64.40 99.98
C LEU E 376 97.64 65.43 99.24
N LEU E 377 98.30 66.53 98.85
CA LEU E 377 97.64 67.58 98.10
C LEU E 377 97.54 67.14 96.66
N CYS E 378 96.32 66.93 96.16
CA CYS E 378 96.14 66.48 94.79
C CYS E 378 95.20 67.27 93.95
N THR E 379 95.31 67.01 92.66
CA THR E 379 94.45 67.65 91.69
C THR E 379 93.04 67.21 92.00
N PRO E 380 92.11 68.14 91.96
CA PRO E 380 90.70 67.88 92.24
C PRO E 380 90.06 66.65 91.59
N ASP E 381 89.56 66.80 90.37
CA ASP E 381 88.87 65.70 89.67
C ASP E 381 87.45 65.59 90.20
N VAL E 382 86.48 66.01 89.39
CA VAL E 382 85.11 65.97 89.83
C VAL E 382 84.51 64.58 89.84
N THR E 383 84.88 63.75 88.87
CA THR E 383 84.34 62.39 88.77
C THR E 383 84.40 61.67 90.11
N CYS E 384 85.24 62.19 90.99
CA CYS E 384 85.43 61.64 92.32
C CYS E 384 86.25 60.37 92.35
N GLY E 385 86.67 59.91 91.18
CA GLY E 385 87.48 58.72 91.15
C GLY E 385 87.15 57.72 90.07
N SER E 386 88.04 57.64 89.09
CA SER E 386 87.86 56.72 87.99
C SER E 386 87.62 55.32 88.53
N GLU E 387 86.39 54.83 88.41
CA GLU E 387 86.09 53.47 88.86
C GLU E 387 85.86 52.60 87.66
N GLN E 388 86.06 51.29 87.81
CA GLN E 388 85.90 50.38 86.69
C GLN E 388 84.68 49.52 86.80
N VAL E 389 84.25 49.01 85.66
CA VAL E 389 83.09 48.15 85.59
C VAL E 389 83.53 46.87 84.93
N TYR E 390 82.93 45.76 85.34
CA TYR E 390 83.29 44.47 84.79
C TYR E 390 82.12 43.89 83.98
N TRP E 391 82.43 43.28 82.84
CA TRP E 391 81.41 42.65 82.00
C TRP E 391 81.36 41.16 82.31
N SER E 392 80.30 40.51 81.85
CA SER E 392 80.16 39.07 82.06
C SER E 392 79.09 38.54 81.13
N LEU E 393 79.40 37.45 80.43
CA LEU E 393 78.46 36.88 79.49
C LEU E 393 78.30 35.41 79.80
N PRO E 394 78.09 35.08 81.06
CA PRO E 394 77.90 33.79 81.69
C PRO E 394 77.48 32.68 80.78
N ASP E 395 76.57 32.99 79.87
CA ASP E 395 76.06 31.95 79.00
C ASP E 395 76.74 31.83 77.66
N MET E 396 77.81 32.60 77.45
CA MET E 396 78.48 32.56 76.17
C MET E 396 79.99 32.43 76.16
N MET E 397 80.66 32.86 77.24
CA MET E 397 82.12 32.73 77.26
C MET E 397 82.47 31.71 78.31
N GLN E 398 83.66 31.13 78.18
CA GLN E 398 84.08 30.15 79.17
C GLN E 398 84.53 30.97 80.35
N ASP E 399 84.44 30.39 81.52
CA ASP E 399 84.80 31.11 82.71
C ASP E 399 86.30 31.21 82.94
N PRO E 400 86.84 32.41 82.79
CA PRO E 400 88.24 32.81 82.93
C PRO E 400 88.98 32.18 84.09
N VAL E 401 90.12 31.60 83.76
CA VAL E 401 91.00 30.92 84.69
C VAL E 401 90.41 30.48 86.00
N THR E 402 90.37 31.41 86.94
CA THR E 402 89.92 31.01 88.26
C THR E 402 88.55 31.30 88.74
N PHE E 403 87.69 31.88 87.90
CA PHE E 403 86.35 32.14 88.36
C PHE E 403 85.61 30.84 88.30
N ARG E 404 84.63 30.69 89.16
CA ARG E 404 83.85 29.47 89.12
C ARG E 404 82.50 29.93 88.66
N SER E 405 81.83 29.06 87.91
CA SER E 405 80.51 29.38 87.38
C SER E 405 79.46 29.30 88.45
N THR E 406 78.60 30.30 88.47
CA THR E 406 77.52 30.34 89.43
C THR E 406 76.32 30.98 88.80
N SER E 407 75.29 31.23 89.61
CA SER E 407 74.07 31.84 89.13
C SER E 407 73.73 33.06 89.95
N GLN E 408 74.69 33.47 90.76
CA GLN E 408 74.52 34.62 91.62
C GLN E 408 75.00 35.89 90.88
N ILE E 409 74.07 36.57 90.23
CA ILE E 409 74.36 37.80 89.50
C ILE E 409 75.54 38.61 89.98
N SER E 410 75.77 38.63 91.28
CA SER E 410 76.87 39.39 91.82
C SER E 410 78.16 38.61 91.99
N ASN E 411 78.37 37.60 91.14
CA ASN E 411 79.59 36.81 91.22
C ASN E 411 79.89 36.14 89.89
N PHE E 412 79.08 36.47 88.87
CA PHE E 412 79.31 35.91 87.56
C PHE E 412 80.76 36.05 87.20
N PRO E 413 81.23 35.22 86.29
CA PRO E 413 82.64 35.33 85.91
C PRO E 413 82.79 36.62 85.12
N VAL E 414 83.99 37.19 85.15
CA VAL E 414 84.24 38.43 84.42
C VAL E 414 84.99 38.15 83.14
N VAL E 415 84.69 38.89 82.09
CA VAL E 415 85.37 38.62 80.85
C VAL E 415 86.02 39.87 80.33
N GLY E 416 85.70 41.00 80.92
CA GLY E 416 86.31 42.23 80.44
C GLY E 416 86.14 43.34 81.45
N ALA E 417 87.18 44.15 81.59
CA ALA E 417 87.15 45.24 82.53
C ALA E 417 87.31 46.49 81.73
N GLU E 418 86.74 47.58 82.21
CA GLU E 418 86.80 48.82 81.47
C GLU E 418 86.45 49.92 82.42
N LEU E 419 87.08 51.06 82.24
CA LEU E 419 86.84 52.19 83.10
C LEU E 419 85.43 52.70 82.84
N LEU E 420 84.74 53.12 83.91
CA LEU E 420 83.37 53.64 83.79
C LEU E 420 83.39 55.00 83.09
N PRO E 421 82.84 55.08 81.88
CA PRO E 421 82.71 56.21 80.95
C PRO E 421 82.46 57.60 81.50
N VAL E 422 83.44 58.21 82.15
CA VAL E 422 83.23 59.55 82.67
C VAL E 422 84.54 60.32 82.61
N HIS E 423 84.52 61.52 82.04
CA HIS E 423 85.74 62.31 81.94
C HIS E 423 85.66 63.68 82.62
N SER E 424 86.80 64.32 82.79
CA SER E 424 86.85 65.64 83.42
C SER E 424 87.10 66.68 82.36
N LYS E 425 86.07 67.34 81.87
CA LYS E 425 86.27 68.39 80.88
C LYS E 425 86.66 69.62 81.67
N SER E 426 87.63 70.36 81.16
CA SER E 426 88.08 71.55 81.84
C SER E 426 87.80 72.81 81.07
N PHE E 427 87.33 73.84 81.76
CA PHE E 427 87.04 75.10 81.11
C PHE E 427 87.72 76.28 81.75
N TYR E 428 87.58 77.43 81.12
CA TYR E 428 88.16 78.66 81.62
C TYR E 428 87.08 79.69 81.83
N ASN E 429 87.02 80.22 83.04
CA ASN E 429 86.02 81.23 83.35
C ASN E 429 86.69 82.33 84.13
N ASP E 430 87.47 83.18 83.46
CA ASP E 430 88.15 84.27 84.16
C ASP E 430 87.03 85.08 84.77
N GLN E 431 85.83 84.70 84.36
CA GLN E 431 84.61 85.27 84.81
C GLN E 431 84.38 84.90 86.25
N ALA E 432 85.17 84.00 86.79
CA ALA E 432 85.08 83.56 88.18
C ALA E 432 85.56 84.69 89.08
N VAL E 433 84.80 84.92 90.14
CA VAL E 433 85.10 85.97 91.11
C VAL E 433 84.93 87.36 90.48
N TYR E 434 84.65 87.41 89.18
CA TYR E 434 84.38 88.73 88.63
C TYR E 434 82.89 88.39 88.45
N SER E 435 82.63 87.08 88.33
CA SER E 435 81.34 86.47 88.17
C SER E 435 80.77 86.24 89.56
N GLN E 436 81.51 85.70 90.54
CA GLN E 436 80.92 85.53 91.88
C GLN E 436 80.31 86.89 92.23
N LEU E 437 81.08 87.93 91.91
CA LEU E 437 80.72 89.34 92.13
C LEU E 437 79.42 89.62 91.35
N ILE E 438 79.37 89.19 90.09
CA ILE E 438 78.20 89.38 89.26
C ILE E 438 77.22 88.22 89.42
N ARG E 439 77.74 87.03 89.66
CA ARG E 439 76.90 85.87 89.84
C ARG E 439 75.88 86.14 90.96
N GLN E 440 76.31 86.80 92.04
CA GLN E 440 75.42 87.10 93.16
C GLN E 440 74.20 87.97 92.81
N PHE E 441 74.38 88.85 91.82
CA PHE E 441 73.27 89.71 91.37
C PHE E 441 72.43 88.92 90.35
N THR E 442 73.13 88.08 89.59
CA THR E 442 72.53 87.19 88.55
C THR E 442 71.55 86.25 89.25
N SER E 443 72.01 85.61 90.34
CA SER E 443 71.19 84.73 91.17
C SER E 443 70.51 85.77 92.09
N LEU E 444 69.19 85.83 92.08
CA LEU E 444 68.53 86.85 92.90
C LEU E 444 68.76 86.76 94.42
N THR E 445 69.61 85.82 94.84
CA THR E 445 69.94 85.61 96.27
C THR E 445 71.41 85.33 96.64
N HIS E 446 71.78 85.79 97.84
CA HIS E 446 73.11 85.58 98.37
C HIS E 446 73.03 84.29 99.21
N VAL E 447 72.31 83.30 98.68
CA VAL E 447 72.12 82.03 99.39
C VAL E 447 73.40 81.38 99.82
N PHE E 448 74.41 81.44 98.95
CA PHE E 448 75.66 80.82 99.31
C PHE E 448 76.57 81.76 100.05
N ASN E 449 76.37 83.06 99.84
CA ASN E 449 77.23 84.04 100.49
C ASN E 449 76.69 84.69 101.74
N ARG E 450 75.66 84.12 102.34
CA ARG E 450 75.07 84.66 103.55
C ARG E 450 75.89 85.59 104.46
N PHE E 451 77.21 85.43 104.51
CA PHE E 451 78.01 86.27 105.41
C PHE E 451 79.02 87.13 104.65
N PRO E 452 78.57 87.87 103.64
CA PRO E 452 79.41 88.74 102.81
C PRO E 452 80.32 89.73 103.48
N GLU E 453 80.58 89.59 104.76
CA GLU E 453 81.47 90.54 105.41
C GLU E 453 82.58 89.77 106.04
N ASN E 454 82.22 88.76 106.81
CA ASN E 454 83.19 87.93 107.49
C ASN E 454 84.20 87.39 106.47
N GLN E 455 85.46 87.80 106.60
CA GLN E 455 86.49 87.35 105.68
C GLN E 455 86.66 85.84 105.61
N ILE E 456 86.20 85.14 106.64
CA ILE E 456 86.29 83.69 106.63
C ILE E 456 85.00 83.16 106.00
N LEU E 457 83.94 83.07 106.79
CA LEU E 457 82.66 82.57 106.31
C LEU E 457 82.17 83.09 104.96
N ALA E 458 82.94 83.99 104.34
CA ALA E 458 82.58 84.54 103.05
C ALA E 458 82.44 83.39 102.06
N ARG E 459 82.03 83.69 100.84
CA ARG E 459 81.88 82.66 99.82
C ARG E 459 83.20 82.47 99.09
N PRO E 460 83.78 81.27 99.19
CA PRO E 460 85.04 80.98 98.52
C PRO E 460 85.06 81.47 97.10
N PRO E 461 86.23 81.89 96.64
CA PRO E 461 86.42 82.40 95.29
C PRO E 461 86.22 81.27 94.32
N ALA E 462 85.65 81.58 93.17
CA ALA E 462 85.48 80.56 92.15
C ALA E 462 86.85 80.48 91.49
N PRO E 463 87.37 79.26 91.29
CA PRO E 463 88.69 79.14 90.66
C PRO E 463 88.59 79.22 89.16
N THR E 464 89.60 79.79 88.51
CA THR E 464 89.58 79.83 87.05
C THR E 464 89.81 78.37 86.73
N ILE E 465 89.16 77.86 85.70
CA ILE E 465 89.32 76.45 85.34
C ILE E 465 88.43 75.55 86.19
N THR E 466 87.17 75.47 85.82
CA THR E 466 86.25 74.62 86.54
C THR E 466 86.28 73.28 85.82
N THR E 467 85.91 72.24 86.54
CA THR E 467 85.91 70.91 85.96
C THR E 467 84.47 70.43 86.02
N VAL E 468 84.09 69.54 85.13
CA VAL E 468 82.74 69.03 85.12
C VAL E 468 82.72 67.60 84.64
N SER E 469 82.13 66.70 85.41
CA SER E 469 82.09 65.31 84.95
C SER E 469 81.23 65.32 83.72
N GLU E 470 81.66 64.59 82.70
CA GLU E 470 80.94 64.54 81.45
C GLU E 470 80.87 63.10 81.01
N ASN E 471 79.68 62.63 80.65
CA ASN E 471 79.50 61.26 80.20
C ASN E 471 79.87 61.11 78.73
N VAL E 472 80.53 60.01 78.39
CA VAL E 472 80.92 59.80 77.00
C VAL E 472 80.83 58.34 76.59
N PRO E 473 80.30 58.08 75.37
CA PRO E 473 80.18 56.70 74.93
C PRO E 473 81.59 56.15 74.84
N ALA E 474 81.75 54.89 75.17
CA ALA E 474 83.06 54.27 75.14
C ALA E 474 83.11 53.06 74.24
N LEU E 475 83.78 53.24 73.09
CA LEU E 475 83.95 52.18 72.12
C LEU E 475 85.20 51.42 72.54
N THR E 476 85.00 50.53 73.50
CA THR E 476 86.09 49.74 74.02
C THR E 476 86.31 48.47 73.21
N ASP E 477 87.37 47.72 73.52
CA ASP E 477 87.67 46.49 72.79
C ASP E 477 88.41 45.50 73.66
N HIS E 478 87.73 44.41 74.02
CA HIS E 478 88.33 43.38 74.85
C HIS E 478 88.96 42.42 73.90
N GLY E 479 89.73 41.48 74.41
CA GLY E 479 90.37 40.57 73.47
C GLY E 479 89.53 39.39 73.04
N THR E 480 90.13 38.46 72.34
CA THR E 480 89.43 37.25 71.96
C THR E 480 89.28 36.45 73.25
N LEU E 481 88.10 35.90 73.49
CA LEU E 481 87.85 35.13 74.70
C LEU E 481 87.31 33.79 74.29
N PRO E 482 87.57 32.75 75.09
CA PRO E 482 87.07 31.42 74.73
C PRO E 482 85.55 31.39 74.73
N LEU E 483 84.96 30.58 73.84
CA LEU E 483 83.51 30.46 73.74
C LEU E 483 83.05 29.04 74.05
N ARG E 484 81.77 28.86 74.29
CA ARG E 484 81.25 27.52 74.52
C ARG E 484 80.91 27.05 73.12
N ASN E 485 81.02 25.77 72.85
CA ASN E 485 80.72 25.34 71.49
C ASN E 485 79.24 25.25 71.21
N SER E 486 78.42 25.68 72.15
CA SER E 486 76.99 25.62 71.97
C SER E 486 76.42 26.85 72.62
N ILE E 487 76.17 27.85 71.81
CA ILE E 487 75.65 29.10 72.32
C ILE E 487 74.13 29.15 72.39
N GLY E 488 73.65 29.34 73.62
CA GLY E 488 72.23 29.38 73.87
C GLY E 488 71.49 30.48 73.14
N GLY E 489 70.21 30.24 72.88
CA GLY E 489 69.42 31.22 72.17
C GLY E 489 69.35 32.52 72.92
N VAL E 490 69.26 32.45 74.25
CA VAL E 490 69.19 33.68 75.02
C VAL E 490 70.41 33.80 75.88
N GLN E 491 71.11 34.90 75.71
CA GLN E 491 72.31 35.14 76.47
C GLN E 491 71.99 36.18 77.50
N ARG E 492 72.73 36.15 78.61
CA ARG E 492 72.51 37.12 79.65
C ARG E 492 73.73 38.03 79.68
N VAL E 493 73.49 39.33 79.60
CA VAL E 493 74.56 40.33 79.63
C VAL E 493 74.54 41.02 80.98
N THR E 494 75.71 41.31 81.53
CA THR E 494 75.77 41.95 82.84
C THR E 494 76.97 42.81 83.14
N ILE E 495 76.71 44.09 83.34
CA ILE E 495 77.77 45.02 83.67
C ILE E 495 77.71 45.29 85.14
N THR E 496 78.82 45.06 85.83
CA THR E 496 78.89 45.25 87.27
C THR E 496 79.89 46.32 87.62
N ASP E 497 79.91 46.74 88.87
CA ASP E 497 80.85 47.77 89.27
C ASP E 497 81.86 47.22 90.23
N ALA E 498 82.77 48.06 90.67
CA ALA E 498 83.81 47.66 91.58
C ALA E 498 83.34 46.73 92.72
N ARG E 499 82.23 47.08 93.34
CA ARG E 499 81.71 46.30 94.46
C ARG E 499 80.81 45.17 94.02
N ARG E 500 80.65 45.04 92.71
CA ARG E 500 79.83 43.98 92.16
C ARG E 500 78.35 44.17 92.39
N ARG E 501 77.76 45.01 91.56
CA ARG E 501 76.34 45.30 91.64
C ARG E 501 75.99 46.06 90.37
N THR E 502 74.83 45.76 89.80
CA THR E 502 74.43 46.44 88.59
C THR E 502 74.63 47.93 88.78
N CYS E 503 74.78 48.65 87.68
CA CYS E 503 74.98 50.08 87.75
C CYS E 503 73.82 50.76 87.04
N PRO E 504 72.92 51.35 87.81
CA PRO E 504 71.72 52.04 87.35
C PRO E 504 71.93 53.06 86.25
N TYR E 505 73.11 53.64 86.19
CA TYR E 505 73.35 54.67 85.21
C TYR E 505 73.74 54.28 83.80
N VAL E 506 73.43 53.06 83.39
CA VAL E 506 73.77 52.65 82.04
C VAL E 506 72.60 52.86 81.10
N TYR E 507 72.82 53.62 80.04
CA TYR E 507 71.75 53.85 79.08
C TYR E 507 71.88 52.91 77.90
N LYS E 508 73.10 52.59 77.51
CA LYS E 508 73.24 51.71 76.37
C LYS E 508 74.43 50.81 76.53
N ALA E 509 74.20 49.53 76.32
CA ALA E 509 75.27 48.56 76.41
C ALA E 509 74.95 47.56 75.34
N LEU E 510 75.96 47.17 74.59
CA LEU E 510 75.75 46.17 73.56
C LEU E 510 77.11 45.75 73.06
N GLY E 511 77.21 44.50 72.62
CA GLY E 511 78.49 44.05 72.15
C GLY E 511 78.38 43.19 70.93
N ILE E 512 79.50 43.07 70.24
CA ILE E 512 79.58 42.29 69.02
C ILE E 512 80.64 41.22 69.21
N VAL E 513 80.28 39.96 68.98
CA VAL E 513 81.22 38.88 69.12
C VAL E 513 81.47 38.22 67.80
N SER E 514 82.73 37.96 67.52
CA SER E 514 83.13 37.36 66.26
C SER E 514 83.96 36.12 66.53
N PRO E 515 83.32 34.95 66.57
CA PRO E 515 84.03 33.71 66.83
C PRO E 515 85.01 33.28 65.76
N ARG E 516 85.99 32.47 66.16
CA ARG E 516 86.98 31.95 65.24
C ARG E 516 87.77 30.86 65.94
N VAL E 517 88.27 29.92 65.13
CA VAL E 517 89.02 28.77 65.64
C VAL E 517 90.29 29.07 66.40
N LEU E 518 90.67 28.18 67.30
CA LEU E 518 91.87 28.38 68.08
C LEU E 518 92.75 27.16 68.16
N SER E 519 92.19 25.97 67.98
CA SER E 519 92.96 24.72 68.02
C SER E 519 91.93 23.60 67.96
N SER E 520 92.37 22.34 67.91
CA SER E 520 91.37 21.29 67.88
C SER E 520 91.44 20.28 69.02
N ARG E 521 90.40 19.46 69.16
CA ARG E 521 90.35 18.44 70.20
C ARG E 521 90.85 17.07 69.69
N THR F 1 39.44 93.21 77.42
CA THR F 1 39.48 91.85 77.96
C THR F 1 40.29 90.90 77.06
N PHE F 2 41.44 91.38 76.57
CA PHE F 2 42.32 90.53 75.76
C PHE F 2 43.71 90.48 76.39
N ASN F 3 44.17 89.26 76.69
CA ASN F 3 45.50 89.09 77.28
C ASN F 3 46.50 88.79 76.18
N PRO F 4 47.38 89.76 75.84
CA PRO F 4 48.41 89.64 74.81
C PRO F 4 49.46 88.67 75.30
N VAL F 5 49.46 88.48 76.63
CA VAL F 5 50.40 87.61 77.30
C VAL F 5 51.80 88.05 76.87
N TYR F 6 52.15 89.26 77.27
CA TYR F 6 53.44 89.82 76.96
C TYR F 6 53.60 91.10 77.76
N PRO F 7 54.62 91.17 78.61
CA PRO F 7 54.91 92.35 79.43
C PRO F 7 55.50 93.48 78.56
N TYR F 8 54.63 94.29 77.94
CA TYR F 8 55.08 95.40 77.09
C TYR F 8 55.85 96.43 77.91
N ASP F 9 55.49 96.58 79.17
CA ASP F 9 56.20 97.50 80.08
C ASP F 9 57.45 96.69 80.55
N THR F 10 58.59 96.98 79.93
CA THR F 10 59.90 96.36 80.20
C THR F 10 60.13 95.16 79.28
N THR G 1 68.42 112.04 44.12
CA THR G 1 67.81 110.77 43.75
C THR G 1 68.87 109.64 43.67
N PHE G 2 69.77 109.61 44.65
CA PHE G 2 70.77 108.55 44.71
C PHE G 2 70.69 107.82 46.05
N ASN G 3 70.47 106.50 46.00
CA ASN G 3 70.39 105.72 47.23
C ASN G 3 71.76 105.11 47.53
N PRO G 4 72.45 105.63 48.56
CA PRO G 4 73.77 105.16 48.98
C PRO G 4 73.62 103.78 49.60
N VAL G 5 72.38 103.50 49.99
CA VAL G 5 72.01 102.24 50.63
C VAL G 5 72.96 102.06 51.81
N TYR G 6 72.81 102.96 52.77
CA TYR G 6 73.61 102.92 53.98
C TYR G 6 73.04 103.92 54.95
N PRO G 7 72.62 103.46 56.14
CA PRO G 7 72.06 104.31 57.18
C PRO G 7 73.17 105.14 57.86
N TYR G 8 73.50 106.30 57.27
CA TYR G 8 74.54 107.17 57.83
C TYR G 8 74.15 107.68 59.21
N ASP G 9 72.85 107.86 59.43
CA ASP G 9 72.35 108.28 60.75
C ASP G 9 72.29 106.97 61.58
N THR G 10 73.30 106.78 62.43
CA THR G 10 73.48 105.63 63.33
C THR G 10 74.32 104.55 62.66
N THR H 1 111.64 119.24 64.27
CA THR H 1 111.66 118.39 63.07
C THR H 1 112.00 116.93 63.41
N PHE H 2 111.44 116.42 64.49
CA PHE H 2 111.65 115.02 64.87
C PHE H 2 110.31 114.28 64.96
N ASN H 3 110.16 113.21 64.19
CA ASN H 3 108.92 112.45 64.22
C ASN H 3 109.09 111.26 65.19
N PRO H 4 108.43 111.33 66.35
CA PRO H 4 108.49 110.29 67.39
C PRO H 4 107.72 109.07 66.88
N VAL H 5 106.89 109.33 65.87
CA VAL H 5 106.06 108.31 65.25
C VAL H 5 105.29 107.62 66.37
N TYR H 6 104.42 108.41 67.00
CA TYR H 6 103.59 107.92 68.08
C TYR H 6 102.57 108.98 68.41
N PRO H 7 101.28 108.63 68.29
CA PRO H 7 100.18 109.56 68.59
C PRO H 7 100.03 109.75 70.11
N TYR H 8 100.79 110.69 70.69
CA TYR H 8 100.74 110.96 72.13
C TYR H 8 99.36 111.46 72.53
N ASP H 9 98.69 112.17 71.63
CA ASP H 9 97.32 112.66 71.89
C ASP H 9 96.41 111.43 71.56
N THR H 10 95.98 110.74 72.61
CA THR H 10 95.11 109.56 72.57
C THR H 10 95.94 108.28 72.54
N THR I 1 109.20 104.66 110.05
CA THR I 1 110.25 104.00 109.26
C THR I 1 109.94 102.51 109.02
N PHE I 2 108.67 102.20 108.72
CA PHE I 2 108.28 100.83 108.42
C PHE I 2 107.64 100.76 107.03
N ASN I 3 108.20 99.93 106.16
CA ASN I 3 107.65 99.78 104.80
C ASN I 3 106.73 98.57 104.78
N PRO I 4 105.41 98.81 104.70
CA PRO I 4 104.38 97.77 104.66
C PRO I 4 104.47 97.06 103.32
N VAL I 5 105.12 97.76 102.37
CA VAL I 5 105.30 97.27 101.02
C VAL I 5 103.93 96.89 100.50
N TYR I 6 103.09 97.91 100.36
CA TYR I 6 101.74 97.74 99.86
C TYR I 6 101.16 99.11 99.60
N PRO I 7 100.76 99.38 98.35
CA PRO I 7 100.17 100.67 97.97
C PRO I 7 98.71 100.76 98.48
N TYR I 8 98.54 101.21 99.73
CA TYR I 8 97.21 101.35 100.34
C TYR I 8 96.37 102.36 99.57
N ASP I 9 97.03 103.37 99.01
CA ASP I 9 96.33 104.39 98.19
C ASP I 9 96.19 103.73 96.78
N THR I 10 95.00 103.20 96.52
CA THR I 10 94.62 102.54 95.26
C THR I 10 94.84 101.04 95.37
N THR J 1 64.54 88.59 118.20
CA THR J 1 65.60 87.62 118.49
C THR J 1 65.59 86.44 117.48
N PHE J 2 65.38 86.75 116.20
CA PHE J 2 65.40 85.71 115.18
C PHE J 2 66.46 86.06 114.11
N ASN J 3 67.40 85.14 113.89
CA ASN J 3 68.44 85.38 112.89
C ASN J 3 68.02 84.70 111.58
N PRO J 4 67.64 85.50 110.57
CA PRO J 4 67.21 85.02 109.26
C PRO J 4 68.43 84.47 108.54
N VAL J 5 69.59 84.88 109.03
CA VAL J 5 70.88 84.48 108.48
C VAL J 5 70.83 84.80 106.99
N TYR J 6 70.75 86.10 106.71
CA TYR J 6 70.72 86.57 105.34
C TYR J 6 70.87 88.08 105.38
N PRO J 7 71.91 88.61 104.71
CA PRO J 7 72.16 90.04 104.65
C PRO J 7 71.17 90.73 103.69
N TYR J 8 69.99 91.10 104.20
CA TYR J 8 68.96 91.75 103.37
C TYR J 8 69.45 93.10 102.86
N ASP J 9 70.30 93.77 103.64
CA ASP J 9 70.90 95.05 103.22
C ASP J 9 72.10 94.64 102.31
N THR J 10 71.87 94.72 101.01
CA THR J 10 72.84 94.40 99.94
C THR J 10 72.69 92.95 99.50
N MET K 5 26.03 -31.84 40.71
CA MET K 5 25.85 -32.87 39.71
C MET K 5 25.63 -34.25 40.31
N MET K 6 25.99 -35.26 39.52
CA MET K 6 25.87 -36.66 39.85
C MET K 6 25.28 -37.06 41.22
N PRO K 7 26.16 -37.24 42.21
CA PRO K 7 25.82 -37.67 43.57
C PRO K 7 24.46 -37.29 44.14
N GLN K 8 24.25 -36.01 44.41
CA GLN K 8 22.98 -35.62 44.96
C GLN K 8 21.83 -36.03 44.07
N TRP K 9 22.04 -35.87 42.76
CA TRP K 9 21.03 -36.19 41.77
C TRP K 9 20.53 -37.63 41.86
N SER K 10 21.44 -38.59 41.88
CA SER K 10 21.03 -39.99 41.97
C SER K 10 20.39 -40.31 43.32
N TYR K 11 21.02 -39.79 44.37
CA TYR K 11 20.53 -40.01 45.72
C TYR K 11 19.11 -39.50 45.90
N MET K 12 18.86 -38.29 45.39
CA MET K 12 17.55 -37.66 45.48
C MET K 12 16.61 -38.10 44.38
N HIS K 13 17.13 -38.92 43.46
CA HIS K 13 16.36 -39.43 42.34
C HIS K 13 16.02 -38.40 41.29
N ILE K 14 16.77 -37.31 41.29
CA ILE K 14 16.55 -36.28 40.30
C ILE K 14 16.93 -36.85 38.94
N SER K 15 17.82 -37.82 39.02
CA SER K 15 18.35 -38.55 37.88
C SER K 15 18.69 -39.97 38.31
N GLY K 16 19.16 -40.79 37.39
CA GLY K 16 19.51 -42.17 37.70
C GLY K 16 18.45 -43.19 37.34
N GLN K 17 18.37 -44.23 38.16
CA GLN K 17 17.45 -45.34 37.97
C GLN K 17 16.00 -45.07 38.36
N ASP K 18 15.15 -45.93 37.81
CA ASP K 18 13.73 -45.92 38.05
C ASP K 18 13.45 -46.76 39.28
N ALA K 19 12.35 -46.48 39.97
CA ALA K 19 12.01 -47.23 41.16
C ALA K 19 12.15 -48.73 40.98
N SER K 20 11.78 -49.22 39.79
CA SER K 20 11.86 -50.64 39.51
C SER K 20 13.28 -51.18 39.56
N GLU K 21 14.25 -50.31 39.30
CA GLU K 21 15.64 -50.72 39.33
C GLU K 21 16.32 -50.39 40.64
N TYR K 22 15.93 -49.29 41.26
CA TYR K 22 16.55 -48.90 42.51
C TYR K 22 16.00 -49.58 43.75
N LEU K 23 14.70 -49.88 43.75
CA LEU K 23 14.12 -50.55 44.90
C LEU K 23 14.56 -52.00 44.93
N SER K 24 14.42 -52.64 46.08
CA SER K 24 14.77 -54.03 46.19
C SER K 24 13.75 -54.85 45.42
N PRO K 25 14.19 -55.99 44.90
CA PRO K 25 13.33 -56.86 44.13
C PRO K 25 12.12 -57.39 44.87
N GLY K 26 12.28 -57.68 46.17
CA GLY K 26 11.17 -58.19 46.95
C GLY K 26 10.04 -57.17 47.00
N LEU K 27 10.42 -55.92 47.23
CA LEU K 27 9.50 -54.82 47.32
C LEU K 27 8.78 -54.58 45.98
N VAL K 28 9.57 -54.62 44.90
CA VAL K 28 9.00 -54.42 43.58
C VAL K 28 7.93 -55.47 43.33
N GLN K 29 8.29 -56.71 43.65
CA GLN K 29 7.40 -57.83 43.48
C GLN K 29 6.14 -57.61 44.29
N PHE K 30 6.35 -57.31 45.56
CA PHE K 30 5.26 -57.05 46.49
C PHE K 30 4.36 -55.94 45.98
N ALA K 31 5.00 -54.85 45.54
CA ALA K 31 4.27 -53.71 45.01
C ALA K 31 3.35 -54.11 43.89
N ARG K 32 3.90 -54.88 42.94
CA ARG K 32 3.14 -55.34 41.80
C ARG K 32 1.97 -56.22 42.17
N ALA K 33 2.17 -57.04 43.21
CA ALA K 33 1.13 -57.94 43.66
C ALA K 33 -0.01 -57.27 44.44
N THR K 34 0.34 -56.22 45.19
CA THR K 34 -0.63 -55.51 46.01
C THR K 34 -1.34 -54.36 45.29
N GLU K 35 -0.77 -53.94 44.17
CA GLU K 35 -1.27 -52.84 43.36
C GLU K 35 -2.78 -52.54 43.42
N THR K 36 -3.61 -53.51 43.04
CA THR K 36 -5.05 -53.29 43.02
C THR K 36 -5.71 -53.03 44.35
N TYR K 37 -5.05 -53.37 45.45
CA TYR K 37 -5.70 -53.15 46.73
C TYR K 37 -4.99 -52.23 47.69
N PHE K 38 -3.72 -51.97 47.42
CA PHE K 38 -2.93 -51.10 48.26
C PHE K 38 -1.71 -50.64 47.50
N SER K 39 -1.74 -49.41 47.02
CA SER K 39 -0.64 -48.90 46.22
C SER K 39 0.52 -48.14 46.87
N LEU K 40 1.71 -48.48 46.38
CA LEU K 40 2.98 -47.94 46.82
C LEU K 40 3.65 -47.11 45.74
N ASN K 41 3.05 -47.08 44.56
CA ASN K 41 3.59 -46.35 43.43
C ASN K 41 3.90 -44.87 43.67
N ASN K 42 3.01 -44.15 44.34
CA ASN K 42 3.26 -42.73 44.54
C ASN K 42 4.22 -42.36 45.66
N LYS K 43 4.97 -43.33 46.18
CA LYS K 43 5.90 -42.97 47.25
C LYS K 43 7.35 -43.14 46.86
N PHE K 44 7.57 -43.44 45.58
CA PHE K 44 8.90 -43.64 45.05
C PHE K 44 9.05 -42.86 43.76
N ARG K 45 9.95 -41.89 43.74
CA ARG K 45 10.11 -41.10 42.54
C ARG K 45 10.88 -41.76 41.40
N ASN K 46 10.41 -41.42 40.21
CA ASN K 46 10.96 -41.88 38.95
C ASN K 46 11.42 -40.69 38.13
N PRO K 47 12.72 -40.56 38.02
CA PRO K 47 13.33 -39.47 37.29
C PRO K 47 13.05 -39.52 35.80
N THR K 48 13.05 -38.34 35.20
CA THR K 48 12.86 -38.14 33.76
C THR K 48 13.92 -37.17 33.32
N VAL K 49 14.82 -37.69 32.51
CA VAL K 49 15.94 -36.93 32.02
C VAL K 49 15.93 -36.68 30.54
N ALA K 50 16.00 -35.41 30.16
CA ALA K 50 16.03 -35.08 28.76
C ALA K 50 17.37 -35.45 28.15
N PRO K 51 17.36 -35.73 26.86
CA PRO K 51 18.57 -36.09 26.15
C PRO K 51 19.46 -34.87 26.03
N THR K 52 20.77 -35.07 26.03
CA THR K 52 21.70 -33.95 25.96
C THR K 52 22.43 -33.78 24.65
N HIS K 53 22.29 -34.71 23.72
CA HIS K 53 22.98 -34.60 22.46
C HIS K 53 22.21 -35.14 21.27
N ASP K 54 22.56 -34.64 20.09
CA ASP K 54 21.96 -35.06 18.83
C ASP K 54 20.48 -34.76 18.68
N VAL K 55 20.03 -33.65 19.25
CA VAL K 55 18.63 -33.31 19.13
C VAL K 55 18.49 -31.90 18.58
N THR K 56 19.11 -30.97 19.29
CA THR K 56 19.07 -29.57 18.96
C THR K 56 20.44 -29.03 18.60
N THR K 57 20.44 -27.91 17.87
CA THR K 57 21.66 -27.26 17.46
C THR K 57 22.22 -26.37 18.54
N ASP K 58 23.51 -26.12 18.41
CA ASP K 58 24.25 -25.27 19.31
C ASP K 58 24.49 -24.00 18.53
N ARG K 59 24.35 -24.16 17.23
CA ARG K 59 24.55 -23.10 16.28
C ARG K 59 23.41 -22.10 16.21
N SER K 60 23.74 -20.94 15.66
CA SER K 60 22.83 -19.84 15.46
C SER K 60 21.82 -20.26 14.39
N GLN K 61 20.54 -20.06 14.68
CA GLN K 61 19.52 -20.47 13.73
C GLN K 61 18.15 -19.97 14.16
N ARG K 62 17.43 -19.40 13.20
CA ARG K 62 16.09 -18.87 13.44
C ARG K 62 15.09 -20.02 13.53
N LEU K 63 14.06 -19.85 14.35
CA LEU K 63 13.06 -20.88 14.45
C LEU K 63 12.02 -20.66 13.36
N THR K 64 11.74 -19.38 13.15
CA THR K 64 10.78 -18.97 12.16
C THR K 64 11.38 -18.01 11.14
N LEU K 65 11.05 -18.29 9.89
CA LEU K 65 11.49 -17.49 8.76
C LEU K 65 10.27 -16.92 8.06
N ARG K 66 10.46 -15.75 7.50
CA ARG K 66 9.39 -15.13 6.77
C ARG K 66 9.86 -14.80 5.38
N PHE K 67 9.02 -15.15 4.41
CA PHE K 67 9.32 -14.93 3.02
C PHE K 67 8.42 -13.90 2.38
N ILE K 68 9.06 -13.05 1.60
CA ILE K 68 8.37 -12.00 0.87
C ILE K 68 8.11 -12.51 -0.53
N PRO K 69 7.00 -12.09 -1.14
CA PRO K 69 6.71 -12.56 -2.47
C PRO K 69 7.69 -12.00 -3.49
N VAL K 70 8.09 -12.91 -4.37
CA VAL K 70 9.02 -12.67 -5.44
C VAL K 70 8.32 -12.03 -6.63
N ASP K 71 7.05 -12.40 -6.76
CA ASP K 71 6.17 -11.92 -7.79
C ASP K 71 4.74 -11.91 -7.29
N ARG K 72 4.06 -10.80 -7.53
CA ARG K 72 2.67 -10.66 -7.12
C ARG K 72 1.84 -10.15 -8.27
N GLU K 73 0.59 -10.61 -8.32
CA GLU K 73 -0.30 -10.18 -9.38
C GLU K 73 -1.73 -10.03 -8.92
N ASP K 74 -2.06 -8.79 -8.59
CA ASP K 74 -3.39 -8.40 -8.16
C ASP K 74 -4.28 -8.25 -9.38
N THR K 75 -5.21 -9.19 -9.58
CA THR K 75 -6.09 -9.21 -10.74
C THR K 75 -7.56 -8.87 -10.44
N ALA K 76 -8.43 -8.93 -11.45
CA ALA K 76 -9.85 -8.63 -11.31
C ALA K 76 -10.57 -9.41 -10.23
N TYR K 77 -10.44 -10.73 -10.23
CA TYR K 77 -11.12 -11.55 -9.23
C TYR K 77 -10.18 -12.47 -8.46
N SER K 78 -8.88 -12.26 -8.64
CA SER K 78 -7.92 -13.09 -7.95
C SER K 78 -6.60 -12.42 -7.65
N TYR K 79 -5.80 -13.14 -6.88
CA TYR K 79 -4.50 -12.71 -6.42
C TYR K 79 -3.52 -13.86 -6.48
N LYS K 80 -2.37 -13.61 -7.13
CA LYS K 80 -1.33 -14.60 -7.28
C LYS K 80 -0.07 -14.19 -6.52
N ALA K 81 0.44 -15.11 -5.70
CA ALA K 81 1.64 -14.80 -4.93
C ALA K 81 2.70 -15.86 -5.13
N ARG K 82 3.90 -15.42 -5.46
CA ARG K 82 4.99 -16.35 -5.68
C ARG K 82 6.13 -16.16 -4.71
N PHE K 83 6.55 -17.26 -4.11
CA PHE K 83 7.64 -17.21 -3.17
C PHE K 83 8.72 -18.21 -3.50
N THR K 84 9.86 -17.94 -2.90
CA THR K 84 11.02 -18.79 -3.01
C THR K 84 11.23 -19.41 -1.66
N LEU K 85 10.55 -20.51 -1.43
CA LEU K 85 10.63 -21.23 -0.18
C LEU K 85 11.99 -21.90 -0.11
N ALA K 86 12.85 -21.41 0.77
CA ALA K 86 14.17 -22.00 0.86
C ALA K 86 14.45 -22.78 2.13
N VAL K 87 14.84 -24.04 1.92
CA VAL K 87 15.19 -24.93 3.00
C VAL K 87 16.70 -25.10 3.02
N GLY K 88 17.30 -24.45 4.00
CA GLY K 88 18.73 -24.48 4.14
C GLY K 88 19.28 -25.85 4.47
N ASP K 89 20.59 -25.96 4.27
CA ASP K 89 21.32 -27.16 4.53
C ASP K 89 21.29 -27.49 6.01
N ASN K 90 21.17 -28.78 6.31
CA ASN K 90 21.14 -29.22 7.69
C ASN K 90 19.81 -28.83 8.33
N ARG K 91 18.79 -28.77 7.48
CA ARG K 91 17.47 -28.42 7.92
C ARG K 91 16.40 -29.23 7.21
N VAL K 92 15.30 -29.34 7.90
CA VAL K 92 14.12 -30.02 7.41
C VAL K 92 12.92 -29.19 7.77
N LEU K 93 11.94 -29.17 6.87
CA LEU K 93 10.76 -28.36 7.10
C LEU K 93 9.46 -29.14 6.96
N ASP K 94 8.64 -29.07 8.01
CA ASP K 94 7.35 -29.72 8.00
C ASP K 94 6.31 -28.76 7.48
N MET K 95 5.84 -29.04 6.27
CA MET K 95 4.87 -28.20 5.60
C MET K 95 3.68 -27.80 6.46
N ALA K 96 3.30 -28.67 7.40
CA ALA K 96 2.19 -28.37 8.27
C ALA K 96 2.46 -27.10 9.05
N SER K 97 3.73 -26.74 9.16
CA SER K 97 4.09 -25.56 9.91
C SER K 97 4.17 -24.28 9.08
N THR K 98 3.63 -24.30 7.86
CA THR K 98 3.63 -23.12 7.02
C THR K 98 2.24 -22.52 6.91
N TYR K 99 2.21 -21.24 6.56
CA TYR K 99 0.96 -20.54 6.41
C TYR K 99 1.16 -19.18 5.77
N PHE K 100 0.12 -18.71 5.10
CA PHE K 100 0.17 -17.42 4.44
C PHE K 100 -0.38 -16.32 5.34
N ASP K 101 0.49 -15.40 5.72
CA ASP K 101 0.12 -14.29 6.57
C ASP K 101 -0.43 -13.19 5.68
N ILE K 102 -1.71 -12.85 5.87
CA ILE K 102 -2.31 -11.84 5.02
C ILE K 102 -2.85 -10.63 5.74
N ARG K 103 -2.60 -9.47 5.14
CA ARG K 103 -3.07 -8.20 5.65
C ARG K 103 -3.79 -7.47 4.53
N GLY K 104 -4.94 -6.90 4.87
CA GLY K 104 -5.72 -6.17 3.90
C GLY K 104 -6.86 -5.43 4.56
N VAL K 105 -7.76 -4.92 3.75
CA VAL K 105 -8.88 -4.18 4.27
C VAL K 105 -10.17 -4.78 3.78
N LEU K 106 -11.15 -4.77 4.67
CA LEU K 106 -12.43 -5.31 4.32
C LEU K 106 -13.58 -4.43 4.75
N ASP K 107 -14.52 -4.26 3.84
CA ASP K 107 -15.72 -3.49 4.10
C ASP K 107 -16.90 -4.44 4.00
N ARG K 108 -17.49 -4.74 5.15
CA ARG K 108 -18.62 -5.64 5.18
C ARG K 108 -19.84 -5.05 4.51
N GLY K 109 -19.76 -3.78 4.19
CA GLY K 109 -20.87 -3.13 3.53
C GLY K 109 -21.95 -2.67 4.52
N PRO K 110 -23.00 -2.08 3.97
CA PRO K 110 -24.09 -1.55 4.76
C PRO K 110 -25.05 -2.58 5.29
N THR K 111 -25.07 -3.79 4.73
CA THR K 111 -26.02 -4.78 5.18
C THR K 111 -25.59 -5.58 6.40
N PHE K 112 -24.38 -5.30 6.89
CA PHE K 112 -23.85 -5.97 8.05
C PHE K 112 -24.47 -5.42 9.32
N LYS K 113 -25.06 -6.30 10.11
CA LYS K 113 -25.69 -5.94 11.37
C LYS K 113 -25.52 -7.05 12.39
N PRO K 114 -24.39 -6.97 13.11
CA PRO K 114 -23.98 -7.94 14.10
C PRO K 114 -24.84 -8.02 15.36
N TYR K 115 -26.15 -7.82 15.24
CA TYR K 115 -26.98 -7.89 16.42
C TYR K 115 -28.46 -7.76 16.12
N SER K 116 -29.26 -8.10 17.12
CA SER K 116 -30.71 -8.02 17.06
C SER K 116 -31.19 -6.79 17.82
N GLY K 117 -32.33 -6.23 17.41
CA GLY K 117 -32.86 -5.07 18.07
C GLY K 117 -32.20 -3.79 17.60
N THR K 118 -32.33 -2.73 18.42
CA THR K 118 -31.78 -1.42 18.16
C THR K 118 -30.75 -1.01 19.17
N ALA K 119 -30.02 0.02 18.77
CA ALA K 119 -29.02 0.61 19.63
C ALA K 119 -29.60 1.93 20.14
N TYR K 120 -30.75 2.32 19.58
CA TYR K 120 -31.40 3.58 19.90
C TYR K 120 -32.84 3.51 20.39
N ASN K 121 -33.04 4.04 21.61
CA ASN K 121 -34.34 4.10 22.26
C ASN K 121 -35.04 2.76 22.27
N ALA K 122 -34.30 1.74 22.73
CA ALA K 122 -34.81 0.38 22.80
C ALA K 122 -35.99 0.22 23.74
N LEU K 123 -36.08 1.06 24.76
CA LEU K 123 -37.17 0.96 25.71
C LEU K 123 -38.45 1.66 25.27
N ALA K 124 -38.34 2.50 24.25
CA ALA K 124 -39.48 3.24 23.76
C ALA K 124 -40.48 2.38 23.02
N PRO K 125 -41.76 2.56 23.29
CA PRO K 125 -42.75 1.77 22.58
C PRO K 125 -42.57 1.95 21.08
N LYS K 126 -42.68 0.85 20.36
CA LYS K 126 -42.49 0.82 18.91
C LYS K 126 -43.32 1.77 18.06
N GLY K 127 -44.37 2.38 18.63
CA GLY K 127 -45.23 3.30 17.90
C GLY K 127 -45.19 4.72 18.45
N ALA K 128 -44.62 4.86 19.65
CA ALA K 128 -44.48 6.17 20.27
C ALA K 128 -43.65 7.07 19.39
N PRO K 129 -44.08 8.33 19.26
CA PRO K 129 -43.36 9.25 18.42
C PRO K 129 -42.51 10.21 19.20
N ASN K 130 -41.56 10.82 18.49
CA ASN K 130 -40.69 11.81 19.06
C ASN K 130 -41.51 13.08 19.13
N PRO K 131 -41.22 13.96 20.08
CA PRO K 131 -41.98 15.19 20.14
C PRO K 131 -41.81 15.93 18.82
N CYS K 132 -42.89 16.11 18.08
CA CYS K 132 -42.83 16.77 16.78
C CYS K 132 -43.81 17.90 16.55
N GLU K 133 -43.74 18.44 15.33
CA GLU K 133 -44.57 19.53 14.86
C GLU K 133 -44.93 19.33 13.39
N TRP K 134 -46.15 19.73 13.02
CA TRP K 134 -46.60 19.59 11.65
C TRP K 134 -47.61 20.64 11.24
N ASP K 135 -47.91 20.67 9.94
CA ASP K 135 -48.85 21.63 9.40
C ASP K 135 -50.23 21.01 9.20
N THR K 165 -49.95 24.99 12.13
CA THR K 165 -48.83 24.25 12.69
C THR K 165 -49.16 23.70 14.07
N HIS K 166 -49.20 22.38 14.16
CA HIS K 166 -49.49 21.69 15.40
C HIS K 166 -48.26 21.20 16.13
N VAL K 167 -48.47 20.98 17.41
CA VAL K 167 -47.42 20.49 18.27
C VAL K 167 -47.90 19.34 19.12
N PHE K 168 -46.99 18.39 19.25
CA PHE K 168 -47.16 17.19 20.05
C PHE K 168 -45.85 16.98 20.75
N GLY K 169 -45.80 17.33 22.03
CA GLY K 169 -44.56 17.19 22.76
C GLY K 169 -44.69 16.92 24.24
N GLN K 170 -43.57 17.16 24.91
CA GLN K 170 -43.40 16.96 26.34
C GLN K 170 -42.43 17.96 26.93
N ALA K 171 -42.73 18.41 28.14
CA ALA K 171 -41.91 19.35 28.88
C ALA K 171 -41.69 18.78 30.27
N PRO K 172 -40.57 18.08 30.44
CA PRO K 172 -40.24 17.40 31.68
C PRO K 172 -39.42 18.22 32.65
N TYR K 173 -38.78 19.25 32.14
CA TYR K 173 -37.95 20.08 33.00
C TYR K 173 -38.73 21.15 33.75
N SER K 174 -38.58 21.17 35.07
CA SER K 174 -39.25 22.16 35.89
C SER K 174 -38.27 23.24 36.28
N GLY K 175 -38.52 24.45 35.75
CA GLY K 175 -37.68 25.60 36.00
C GLY K 175 -38.23 26.55 37.06
N ILE K 176 -37.51 27.65 37.26
CA ILE K 176 -37.88 28.65 38.24
C ILE K 176 -38.94 29.59 37.69
N ASN K 177 -38.72 30.06 36.46
CA ASN K 177 -39.62 30.97 35.79
C ASN K 177 -39.33 31.05 34.29
N ILE K 178 -40.34 31.42 33.52
CA ILE K 178 -40.21 31.56 32.08
C ILE K 178 -40.28 33.00 31.63
N THR K 179 -39.18 33.51 31.08
CA THR K 179 -39.14 34.87 30.59
C THR K 179 -39.06 34.87 29.08
N LYS K 180 -38.73 36.02 28.51
CA LYS K 180 -38.62 36.09 27.06
C LYS K 180 -37.28 35.57 26.62
N GLU K 181 -36.41 35.33 27.61
CA GLU K 181 -35.08 34.82 27.39
C GLU K 181 -35.04 33.31 27.51
N GLY K 182 -36.21 32.72 27.74
CA GLY K 182 -36.33 31.27 27.88
C GLY K 182 -36.67 30.88 29.30
N ILE K 183 -36.14 29.74 29.73
CA ILE K 183 -36.40 29.24 31.07
C ILE K 183 -35.22 29.43 32.00
N GLN K 184 -35.50 29.99 33.18
CA GLN K 184 -34.51 30.24 34.21
C GLN K 184 -34.13 28.94 34.89
N ILE K 185 -32.84 28.71 35.11
CA ILE K 185 -32.40 27.48 35.74
C ILE K 185 -31.49 27.73 36.93
N GLY K 186 -31.38 28.99 37.32
CA GLY K 186 -30.54 29.36 38.44
C GLY K 186 -30.58 30.86 38.65
N LYS K 193 -29.85 33.49 35.28
CA LYS K 193 -29.26 32.19 34.93
C LYS K 193 -30.21 31.37 34.07
N TYR K 194 -30.33 31.80 32.80
CA TYR K 194 -31.18 31.11 31.85
C TYR K 194 -30.47 29.95 31.17
N ALA K 195 -31.26 29.09 30.53
CA ALA K 195 -30.75 27.90 29.87
C ALA K 195 -30.06 28.15 28.54
N ASP K 196 -29.03 27.34 28.31
CA ASP K 196 -28.26 27.38 27.08
C ASP K 196 -29.00 26.56 26.02
N LYS K 197 -29.67 27.27 25.14
CA LYS K 197 -30.45 26.69 24.06
C LYS K 197 -29.79 25.56 23.29
N THR K 198 -28.48 25.61 23.12
CA THR K 198 -27.80 24.56 22.37
C THR K 198 -27.97 23.18 22.96
N PHE K 199 -28.15 23.10 24.27
CA PHE K 199 -28.30 21.79 24.88
C PHE K 199 -29.28 21.73 26.03
N GLN K 200 -29.67 22.88 26.55
CA GLN K 200 -30.61 22.89 27.65
C GLN K 200 -32.00 23.28 27.22
N PRO K 201 -33.00 22.58 27.74
CA PRO K 201 -32.81 21.51 28.69
C PRO K 201 -32.42 20.19 28.02
N GLU K 202 -31.93 19.27 28.81
CA GLU K 202 -31.52 17.97 28.33
C GLU K 202 -32.66 16.98 28.46
N PRO K 203 -33.06 16.36 27.35
CA PRO K 203 -34.16 15.42 27.39
C PRO K 203 -34.05 14.37 28.48
N GLN K 204 -32.82 14.07 28.88
CA GLN K 204 -32.55 13.08 29.90
C GLN K 204 -33.08 13.44 31.29
N ILE K 205 -33.16 14.73 31.54
CA ILE K 205 -33.59 15.26 32.82
C ILE K 205 -35.10 15.46 32.96
N GLY K 206 -35.62 15.00 34.11
CA GLY K 206 -37.01 15.11 34.52
C GLY K 206 -37.10 15.26 36.03
N GLU K 207 -38.33 15.19 36.58
CA GLU K 207 -38.53 15.31 38.02
C GLU K 207 -38.25 13.98 38.72
N SER K 208 -37.70 14.07 39.93
CA SER K 208 -37.34 12.92 40.73
C SER K 208 -38.49 12.19 41.43
N GLN K 209 -39.49 12.94 41.88
CA GLN K 209 -40.63 12.35 42.57
C GLN K 209 -41.58 11.57 41.66
N TRP K 210 -42.49 10.83 42.29
CA TRP K 210 -43.48 10.03 41.57
C TRP K 210 -44.87 10.63 41.62
N TYR K 211 -45.07 11.58 42.53
CA TYR K 211 -46.36 12.24 42.69
C TYR K 211 -46.41 13.61 42.04
N GLU K 212 -47.59 14.22 42.17
CA GLU K 212 -47.87 15.54 41.63
C GLU K 212 -47.25 16.65 42.46
N THR K 213 -46.36 17.41 41.83
CA THR K 213 -45.71 18.51 42.51
C THR K 213 -46.24 19.84 42.01
N GLU K 214 -46.78 19.80 40.80
CA GLU K 214 -47.37 20.96 40.14
C GLU K 214 -46.31 21.87 39.56
N ILE K 215 -45.94 21.57 38.32
CA ILE K 215 -44.94 22.33 37.60
C ILE K 215 -45.54 23.52 36.87
N ASN K 216 -45.11 24.72 37.24
CA ASN K 216 -45.60 25.93 36.64
C ASN K 216 -44.72 26.46 35.51
N HIS K 217 -43.42 26.23 35.63
CA HIS K 217 -42.49 26.67 34.61
C HIS K 217 -41.78 25.48 33.99
N ALA K 218 -42.38 24.99 32.92
CA ALA K 218 -41.86 23.82 32.24
C ALA K 218 -41.13 24.11 30.95
N ALA K 219 -40.14 23.27 30.70
CA ALA K 219 -39.32 23.34 29.53
C ALA K 219 -39.19 21.98 28.89
N GLY K 220 -39.07 22.02 27.57
CA GLY K 220 -38.93 20.82 26.80
C GLY K 220 -38.07 21.06 25.58
N ARG K 221 -37.97 19.99 24.82
CA ARG K 221 -37.22 19.92 23.60
C ARG K 221 -38.15 19.41 22.51
N VAL K 222 -38.10 19.99 21.32
CA VAL K 222 -38.98 19.52 20.27
C VAL K 222 -38.38 19.65 18.89
N LEU K 223 -38.86 18.82 17.98
CA LEU K 223 -38.42 18.83 16.61
C LEU K 223 -39.32 19.68 15.73
N LYS K 224 -38.70 20.50 14.90
CA LYS K 224 -39.41 21.36 13.96
C LYS K 224 -40.06 20.55 12.86
N LYS K 225 -41.07 21.13 12.25
CA LYS K 225 -41.78 20.49 11.16
C LYS K 225 -40.88 20.27 9.97
N THR K 226 -39.65 20.76 10.06
CA THR K 226 -38.71 20.60 8.97
C THR K 226 -37.86 19.33 9.09
N THR K 227 -38.01 18.69 10.25
CA THR K 227 -37.32 17.45 10.54
C THR K 227 -38.31 16.31 10.41
N PRO K 228 -38.07 15.42 9.44
CA PRO K 228 -38.97 14.30 9.23
C PRO K 228 -39.31 13.55 10.50
N MET K 229 -40.56 13.10 10.56
CA MET K 229 -41.07 12.34 11.69
C MET K 229 -40.66 10.88 11.60
N LYS K 230 -40.23 10.35 12.74
CA LYS K 230 -39.80 8.96 12.88
C LYS K 230 -40.14 8.50 14.28
N PRO K 231 -40.48 7.23 14.44
CA PRO K 231 -40.79 6.76 15.76
C PRO K 231 -39.57 6.89 16.68
N CYS K 232 -39.83 7.11 17.97
CA CYS K 232 -38.75 7.27 18.92
C CYS K 232 -37.77 6.11 18.86
N TYR K 233 -38.34 4.92 18.83
CA TYR K 233 -37.60 3.67 18.76
C TYR K 233 -36.75 3.64 17.50
N GLY K 234 -35.42 3.58 17.68
CA GLY K 234 -34.50 3.53 16.57
C GLY K 234 -34.05 4.90 16.07
N SER K 235 -34.59 5.95 16.70
CA SER K 235 -34.25 7.31 16.34
C SER K 235 -32.88 7.73 16.84
N TYR K 236 -32.12 8.32 15.92
CA TYR K 236 -30.78 8.78 16.22
C TYR K 236 -30.44 10.04 15.45
N ALA K 237 -29.66 10.90 16.11
CA ALA K 237 -29.21 12.15 15.54
C ALA K 237 -27.90 12.58 16.17
N LYS K 238 -26.86 12.65 15.35
CA LYS K 238 -25.52 13.03 15.79
C LYS K 238 -25.48 14.35 16.56
N PRO K 239 -24.72 14.34 17.67
CA PRO K 239 -24.58 15.52 18.50
C PRO K 239 -23.83 16.60 17.73
N THR K 240 -24.18 17.85 17.94
CA THR K 240 -23.49 18.93 17.25
C THR K 240 -22.62 19.79 18.15
N ASN K 241 -22.59 19.42 19.44
CA ASN K 241 -21.79 20.14 20.41
C ASN K 241 -21.36 19.22 21.54
N GLU K 242 -20.22 19.54 22.13
CA GLU K 242 -19.69 18.73 23.21
C GLU K 242 -20.71 18.46 24.32
N ASN K 243 -21.83 19.16 24.31
CA ASN K 243 -22.80 18.95 25.36
C ASN K 243 -23.97 18.04 25.02
N GLY K 244 -23.92 17.38 23.87
CA GLY K 244 -24.99 16.48 23.50
C GLY K 244 -26.06 17.11 22.64
N GLY K 245 -26.04 18.42 22.50
CA GLY K 245 -27.04 19.05 21.67
C GLY K 245 -26.93 18.49 20.26
N GLN K 246 -28.07 18.22 19.61
CA GLN K 246 -28.05 17.69 18.26
C GLN K 246 -28.61 18.68 17.25
N GLY K 247 -28.78 19.92 17.70
CA GLY K 247 -29.33 20.96 16.85
C GLY K 247 -28.43 21.24 15.65
N ILE K 248 -29.02 21.25 14.46
CA ILE K 248 -28.25 21.51 13.26
C ILE K 248 -27.61 22.88 13.28
N LEU K 249 -26.37 22.93 12.79
CA LEU K 249 -25.61 24.16 12.72
C LEU K 249 -25.62 24.70 11.31
N VAL K 250 -25.88 26.00 11.20
CA VAL K 250 -25.91 26.65 9.92
C VAL K 250 -24.60 27.35 9.63
N GLU K 258 -23.55 28.84 14.49
CA GLU K 258 -24.79 29.08 13.78
C GLU K 258 -25.93 28.22 14.33
N SER K 259 -26.14 28.26 15.64
CA SER K 259 -27.20 27.48 16.23
C SER K 259 -28.52 28.06 15.78
N GLN K 260 -29.47 27.20 15.43
CA GLN K 260 -30.76 27.69 14.95
C GLN K 260 -31.94 27.37 15.84
N VAL K 261 -31.66 27.06 17.10
CA VAL K 261 -32.73 26.76 18.04
C VAL K 261 -33.65 27.96 18.19
N GLU K 262 -34.95 27.69 18.32
CA GLU K 262 -35.93 28.75 18.46
C GLU K 262 -37.00 28.38 19.47
N MET K 263 -37.09 29.15 20.54
CA MET K 263 -38.09 28.87 21.56
C MET K 263 -39.51 29.21 21.13
N GLN K 264 -40.44 28.42 21.62
CA GLN K 264 -41.85 28.58 21.37
C GLN K 264 -42.57 28.59 22.69
N PHE K 265 -43.26 29.68 23.00
CA PHE K 265 -43.97 29.78 24.26
C PHE K 265 -45.43 29.33 24.21
N PHE K 266 -45.88 28.76 25.34
CA PHE K 266 -47.23 28.27 25.45
C PHE K 266 -47.87 28.50 26.80
N SER K 267 -49.20 28.64 26.72
CA SER K 267 -50.08 28.86 27.85
C SER K 267 -51.36 28.09 27.66
N THR K 268 -52.14 27.99 28.73
CA THR K 268 -53.41 27.28 28.72
C THR K 268 -54.49 28.04 27.98
N THR K 269 -55.52 28.42 28.75
CA THR K 269 -56.66 29.16 28.24
C THR K 269 -56.76 30.50 28.96
N ASN K 278 -53.47 36.13 34.45
CA ASN K 278 -53.15 36.88 33.25
C ASN K 278 -52.01 36.22 32.46
N LEU K 279 -52.17 36.25 31.14
CA LEU K 279 -51.23 35.68 30.18
C LEU K 279 -49.81 35.54 30.68
N THR K 280 -49.41 34.27 30.83
CA THR K 280 -48.08 33.89 31.28
C THR K 280 -47.77 32.46 30.85
N PRO K 281 -46.80 32.32 29.94
CA PRO K 281 -46.40 31.02 29.43
C PRO K 281 -46.10 30.05 30.55
N LYS K 282 -46.72 28.87 30.48
CA LYS K 282 -46.51 27.85 31.48
C LYS K 282 -45.43 26.89 31.01
N VAL K 283 -45.28 26.86 29.70
CA VAL K 283 -44.32 26.00 29.05
C VAL K 283 -43.60 26.70 27.91
N VAL K 284 -42.37 26.27 27.71
CA VAL K 284 -41.51 26.76 26.65
C VAL K 284 -40.77 25.57 26.08
N LEU K 285 -40.72 25.49 24.76
CA LEU K 285 -40.05 24.40 24.10
C LEU K 285 -38.92 24.90 23.26
N TYR K 286 -37.85 24.13 23.24
CA TYR K 286 -36.72 24.49 22.42
C TYR K 286 -36.78 23.75 21.10
N SER K 287 -37.40 24.38 20.11
CA SER K 287 -37.54 23.76 18.81
C SER K 287 -36.26 23.76 18.00
N GLU K 288 -36.03 22.64 17.32
CA GLU K 288 -34.82 22.52 16.52
C GLU K 288 -34.93 21.47 15.43
N ASP K 289 -33.99 21.55 14.50
CA ASP K 289 -33.85 20.65 13.39
C ASP K 289 -32.63 19.78 13.63
N VAL K 290 -32.81 18.48 13.55
CA VAL K 290 -31.71 17.57 13.77
C VAL K 290 -31.50 16.69 12.56
N ASP K 291 -30.32 16.06 12.49
CA ASP K 291 -30.01 15.18 11.39
C ASP K 291 -30.52 13.79 11.75
N ILE K 292 -31.85 13.64 11.75
CA ILE K 292 -32.48 12.39 12.11
C ILE K 292 -32.21 11.25 11.15
N GLU K 293 -31.81 10.13 11.76
CA GLU K 293 -31.51 8.91 11.04
C GLU K 293 -32.08 7.71 11.77
N THR K 294 -32.11 6.60 11.06
CA THR K 294 -32.59 5.33 11.57
C THR K 294 -31.76 4.22 10.93
N PRO K 295 -30.49 4.19 11.33
CA PRO K 295 -29.50 3.28 10.83
C PRO K 295 -29.76 1.79 11.07
N ASP K 296 -30.64 1.43 11.99
CA ASP K 296 -30.82 0.00 12.22
C ASP K 296 -32.25 -0.48 12.40
N THR K 297 -33.20 0.33 11.97
CA THR K 297 -34.60 -0.04 12.06
C THR K 297 -35.32 0.39 10.80
N HIS K 298 -36.55 -0.09 10.65
CA HIS K 298 -37.36 0.25 9.50
C HIS K 298 -38.81 0.41 9.92
N ILE K 299 -39.62 0.96 9.03
CA ILE K 299 -41.02 1.16 9.34
C ILE K 299 -41.84 -0.10 9.18
N SER K 300 -42.42 -0.54 10.30
CA SER K 300 -43.26 -1.71 10.32
C SER K 300 -44.68 -1.36 9.94
N TYR K 301 -44.97 -0.06 9.96
CA TYR K 301 -46.30 0.39 9.63
C TYR K 301 -46.39 1.82 9.10
N MET K 302 -46.53 1.92 7.78
CA MET K 302 -46.67 3.19 7.09
C MET K 302 -48.15 3.50 6.98
N PRO K 303 -48.62 4.60 7.57
CA PRO K 303 -50.03 4.92 7.47
C PRO K 303 -50.42 5.60 6.17
N THR K 304 -49.45 6.17 5.46
CA THR K 304 -49.73 6.83 4.20
C THR K 304 -48.53 6.98 3.29
N ILE K 305 -48.74 6.75 2.01
CA ILE K 305 -47.69 6.89 1.03
C ILE K 305 -47.62 8.35 0.62
N LYS K 306 -48.00 9.22 1.55
CA LYS K 306 -48.00 10.65 1.33
C LYS K 306 -46.89 11.37 2.09
N GLU K 307 -45.98 11.96 1.31
CA GLU K 307 -44.87 12.69 1.86
C GLU K 307 -45.32 13.80 2.80
N GLY K 308 -44.33 14.32 3.53
CA GLY K 308 -44.54 15.40 4.47
C GLY K 308 -45.10 14.93 5.81
N ASN K 309 -44.72 15.67 6.84
CA ASN K 309 -45.16 15.40 8.19
C ASN K 309 -46.65 15.67 8.31
N SER K 310 -47.35 14.79 9.01
CA SER K 310 -48.79 14.92 9.19
C SER K 310 -49.24 14.20 10.44
N ARG K 311 -50.43 14.54 10.91
CA ARG K 311 -50.93 13.86 12.08
C ARG K 311 -50.89 12.36 11.83
N GLU K 312 -51.11 12.02 10.57
CA GLU K 312 -51.11 10.65 10.09
C GLU K 312 -49.86 9.85 10.46
N LEU K 313 -48.70 10.45 10.20
CA LEU K 313 -47.42 9.81 10.47
C LEU K 313 -47.19 9.52 11.95
N MET K 314 -48.01 10.11 12.81
CA MET K 314 -47.86 9.90 14.23
C MET K 314 -48.14 8.45 14.60
N GLY K 315 -48.77 7.75 13.67
CA GLY K 315 -49.14 6.37 13.87
C GLY K 315 -48.17 5.37 13.25
N GLN K 316 -47.07 5.85 12.68
CA GLN K 316 -46.13 4.92 12.10
C GLN K 316 -45.43 4.09 13.15
N GLN K 317 -45.07 2.86 12.79
CA GLN K 317 -44.40 1.96 13.71
C GLN K 317 -43.03 1.56 13.23
N SER K 318 -42.12 1.43 14.18
CA SER K 318 -40.75 1.06 13.92
C SER K 318 -40.46 -0.36 14.38
N MET K 319 -39.57 -1.02 13.64
CA MET K 319 -39.17 -2.37 13.95
C MET K 319 -37.68 -2.57 13.61
N PRO K 320 -36.97 -3.27 14.50
CA PRO K 320 -35.55 -3.50 14.31
C PRO K 320 -35.26 -4.26 13.03
N ASN K 321 -34.10 -3.99 12.47
CA ASN K 321 -33.67 -4.66 11.26
C ASN K 321 -33.18 -6.06 11.58
N ARG K 322 -33.28 -6.94 10.60
CA ARG K 322 -32.84 -8.31 10.80
C ARG K 322 -31.35 -8.38 11.03
N PRO K 323 -30.95 -9.21 11.99
CA PRO K 323 -29.56 -9.38 12.30
C PRO K 323 -28.85 -9.95 11.09
N ASN K 324 -27.62 -9.51 10.83
CA ASN K 324 -26.90 -10.04 9.69
C ASN K 324 -25.41 -10.08 9.91
N TYR K 325 -24.93 -11.26 10.29
CA TYR K 325 -23.52 -11.48 10.54
C TYR K 325 -22.77 -11.71 9.25
N ILE K 326 -21.59 -11.10 9.16
CA ILE K 326 -20.74 -11.23 8.00
C ILE K 326 -19.30 -11.46 8.43
N ALA K 327 -18.67 -12.47 7.87
CA ALA K 327 -17.30 -12.77 8.23
C ALA K 327 -16.68 -13.78 7.30
N PHE K 328 -15.39 -14.06 7.53
CA PHE K 328 -14.68 -15.05 6.74
C PHE K 328 -15.24 -16.40 7.13
N ARG K 329 -15.06 -17.40 6.27
CA ARG K 329 -15.58 -18.72 6.55
C ARG K 329 -14.75 -19.59 7.48
N ASP K 330 -15.40 -20.67 7.91
CA ASP K 330 -14.79 -21.65 8.78
C ASP K 330 -13.55 -22.18 8.07
N ASN K 331 -12.40 -22.09 8.72
CA ASN K 331 -11.17 -22.57 8.13
C ASN K 331 -10.75 -21.83 6.86
N PHE K 332 -11.25 -20.61 6.72
CA PHE K 332 -10.92 -19.77 5.57
C PHE K 332 -11.28 -20.39 4.25
N ILE K 333 -12.33 -21.19 4.26
CA ILE K 333 -12.79 -21.83 3.05
C ILE K 333 -13.01 -20.76 1.98
N GLY K 334 -12.68 -21.07 0.73
CA GLY K 334 -12.88 -20.15 -0.37
C GLY K 334 -11.73 -19.20 -0.65
N LEU K 335 -10.96 -18.85 0.38
CA LEU K 335 -9.84 -17.94 0.22
C LEU K 335 -8.84 -18.39 -0.84
N MET K 336 -8.37 -19.62 -0.68
CA MET K 336 -7.43 -20.18 -1.62
C MET K 336 -8.15 -21.04 -2.64
N TYR K 337 -7.59 -21.06 -3.84
CA TYR K 337 -8.13 -21.86 -4.91
C TYR K 337 -7.61 -23.28 -4.76
N TYR K 338 -8.50 -24.24 -5.00
CA TYR K 338 -8.19 -25.64 -4.95
C TYR K 338 -9.04 -26.32 -6.00
N ASN K 339 -8.57 -27.45 -6.51
CA ASN K 339 -9.34 -28.18 -7.50
C ASN K 339 -9.85 -27.34 -8.65
N SER K 340 -9.01 -26.45 -9.13
CA SER K 340 -9.34 -25.59 -10.26
C SER K 340 -8.16 -25.59 -11.21
N THR K 341 -8.32 -26.19 -12.39
CA THR K 341 -7.24 -26.26 -13.35
C THR K 341 -6.66 -24.91 -13.75
N GLY K 342 -7.51 -23.89 -13.83
CA GLY K 342 -7.08 -22.56 -14.24
C GLY K 342 -6.26 -21.79 -13.21
N ASN K 343 -6.46 -22.09 -11.94
CA ASN K 343 -5.74 -21.41 -10.88
C ASN K 343 -5.05 -22.39 -9.94
N MET K 344 -4.28 -23.27 -10.55
CA MET K 344 -3.54 -24.31 -9.86
C MET K 344 -2.31 -23.84 -9.10
N GLY K 345 -2.22 -24.31 -7.85
CA GLY K 345 -1.11 -23.99 -6.97
C GLY K 345 0.18 -24.54 -7.53
N VAL K 346 1.29 -24.12 -6.96
CA VAL K 346 2.58 -24.57 -7.43
C VAL K 346 3.60 -24.79 -6.34
N LEU K 347 4.25 -25.95 -6.42
CA LEU K 347 5.30 -26.33 -5.51
C LEU K 347 6.36 -27.04 -6.29
N ALA K 348 7.41 -26.33 -6.62
CA ALA K 348 8.44 -26.97 -7.40
C ALA K 348 9.83 -26.53 -7.06
N GLY K 349 10.74 -27.47 -7.22
CA GLY K 349 12.12 -27.21 -6.99
C GLY K 349 12.61 -26.32 -8.11
N GLN K 350 13.28 -25.24 -7.75
CA GLN K 350 13.78 -24.35 -8.76
C GLN K 350 14.67 -25.14 -9.70
N ALA K 351 15.25 -26.21 -9.15
CA ALA K 351 16.14 -27.09 -9.87
C ALA K 351 15.44 -28.18 -10.66
N SER K 352 14.14 -28.34 -10.46
CA SER K 352 13.38 -29.36 -11.17
C SER K 352 12.36 -28.73 -12.09
N GLN K 353 11.87 -27.56 -11.68
CA GLN K 353 10.89 -26.79 -12.44
C GLN K 353 9.62 -27.58 -12.75
N LEU K 354 9.57 -28.80 -12.22
CA LEU K 354 8.44 -29.69 -12.39
C LEU K 354 7.51 -29.44 -11.22
N ASN K 355 6.23 -29.26 -11.49
CA ASN K 355 5.26 -28.97 -10.44
C ASN K 355 4.79 -30.20 -9.68
N ALA K 356 5.09 -30.22 -8.38
CA ALA K 356 4.69 -31.32 -7.51
C ALA K 356 3.19 -31.35 -7.31
N VAL K 357 2.58 -30.19 -7.52
CA VAL K 357 1.14 -30.05 -7.39
C VAL K 357 0.45 -30.42 -8.68
N VAL K 358 -0.52 -31.31 -8.56
CA VAL K 358 -1.33 -31.80 -9.65
C VAL K 358 -2.74 -31.94 -9.15
N ASP K 359 -3.60 -31.00 -9.53
CA ASP K 359 -4.98 -31.03 -9.08
C ASP K 359 -5.99 -31.41 -10.14
N LEU K 360 -7.20 -31.70 -9.67
CA LEU K 360 -8.34 -32.08 -10.50
C LEU K 360 -9.58 -31.31 -10.08
N GLN K 361 -10.46 -31.02 -11.03
CA GLN K 361 -11.69 -30.29 -10.77
C GLN K 361 -12.64 -31.19 -9.98
N ASP K 362 -12.32 -32.47 -10.12
CA ASP K 362 -12.98 -33.63 -9.57
C ASP K 362 -12.74 -33.85 -8.08
N ARG K 363 -11.71 -33.20 -7.56
CA ARG K 363 -11.35 -33.36 -6.16
C ARG K 363 -12.02 -32.30 -5.29
N ASN K 364 -12.21 -32.61 -4.00
CA ASN K 364 -12.82 -31.68 -3.08
C ASN K 364 -12.00 -31.51 -1.81
N THR K 365 -10.98 -30.66 -1.94
CA THR K 365 -10.03 -30.33 -0.89
C THR K 365 -10.66 -29.73 0.36
N GLU K 366 -11.47 -28.69 0.18
CA GLU K 366 -12.11 -28.01 1.30
C GLU K 366 -12.92 -28.94 2.18
N LEU K 367 -13.77 -29.75 1.55
CA LEU K 367 -14.60 -30.68 2.28
C LEU K 367 -13.77 -31.74 2.98
N SER K 368 -12.78 -32.25 2.26
CA SER K 368 -11.88 -33.28 2.77
C SER K 368 -11.26 -32.84 4.09
N TYR K 369 -10.91 -31.56 4.14
CA TYR K 369 -10.30 -30.96 5.31
C TYR K 369 -11.31 -30.83 6.43
N GLN K 370 -12.56 -30.59 6.07
CA GLN K 370 -13.63 -30.46 7.04
C GLN K 370 -13.82 -31.79 7.75
N LEU K 371 -13.84 -32.84 6.94
CA LEU K 371 -14.02 -34.18 7.47
C LEU K 371 -12.79 -34.66 8.22
N LEU K 372 -11.61 -34.25 7.76
CA LEU K 372 -10.38 -34.64 8.42
C LEU K 372 -10.30 -34.10 9.85
N LEU K 373 -10.72 -32.85 10.03
CA LEU K 373 -10.72 -32.19 11.32
C LEU K 373 -11.59 -32.93 12.33
N ASP K 374 -12.81 -33.25 11.90
CA ASP K 374 -13.76 -33.95 12.75
C ASP K 374 -13.22 -35.27 13.27
N SER K 375 -12.47 -35.97 12.42
CA SER K 375 -11.90 -37.25 12.80
C SER K 375 -10.76 -37.15 13.78
N ILE K 376 -10.03 -36.04 13.76
CA ILE K 376 -8.89 -35.91 14.66
C ILE K 376 -9.06 -35.02 15.88
N GLY K 377 -10.25 -34.48 16.09
CA GLY K 377 -10.44 -33.64 17.26
C GLY K 377 -11.89 -33.24 17.48
N ASP K 378 -12.06 -32.28 18.38
CA ASP K 378 -13.37 -31.77 18.74
C ASP K 378 -13.77 -30.50 17.97
N ARG K 379 -14.50 -30.68 16.87
CA ARG K 379 -14.95 -29.56 16.06
C ARG K 379 -15.76 -28.56 16.87
N THR K 380 -16.10 -28.91 18.10
CA THR K 380 -16.86 -27.97 18.92
C THR K 380 -16.00 -26.85 19.47
N ARG K 381 -14.69 -27.07 19.53
CA ARG K 381 -13.76 -26.08 20.03
C ARG K 381 -13.40 -25.05 18.99
N TYR K 382 -13.20 -23.82 19.44
CA TYR K 382 -12.83 -22.75 18.54
C TYR K 382 -11.34 -22.48 18.60
N PHE K 383 -10.82 -22.09 17.45
CA PHE K 383 -9.43 -21.77 17.29
C PHE K 383 -9.29 -20.61 16.32
N SER K 384 -9.15 -19.41 16.89
CA SER K 384 -9.04 -18.17 16.15
C SER K 384 -8.01 -18.15 15.03
N MET K 385 -6.82 -18.67 15.27
CA MET K 385 -5.78 -18.67 14.27
C MET K 385 -6.24 -19.04 12.86
N TRP K 386 -6.93 -20.16 12.74
CA TRP K 386 -7.40 -20.62 11.44
C TRP K 386 -8.87 -20.30 11.18
N ASN K 387 -9.47 -19.48 12.04
CA ASN K 387 -10.88 -19.17 11.86
C ASN K 387 -11.65 -20.47 12.00
N GLN K 388 -11.09 -21.32 12.86
CA GLN K 388 -11.64 -22.62 13.16
C GLN K 388 -12.81 -22.53 14.11
N ALA K 389 -13.99 -22.27 13.57
CA ALA K 389 -15.23 -22.15 14.33
C ALA K 389 -16.38 -22.65 13.49
N VAL K 390 -16.65 -23.93 13.65
CA VAL K 390 -17.68 -24.66 12.92
C VAL K 390 -19.07 -24.04 12.89
N ASP K 391 -19.70 -24.18 11.73
CA ASP K 391 -21.05 -23.71 11.49
C ASP K 391 -22.02 -24.62 12.18
N SER K 392 -22.91 -24.01 12.94
CA SER K 392 -23.90 -24.78 13.65
C SER K 392 -25.20 -24.04 13.69
N TYR K 393 -26.15 -24.65 14.38
CA TYR K 393 -27.46 -24.05 14.54
C TYR K 393 -28.02 -24.49 15.88
N ASP K 394 -28.99 -23.74 16.36
CA ASP K 394 -29.64 -24.05 17.61
C ASP K 394 -30.56 -25.23 17.44
N PRO K 395 -30.34 -26.29 18.20
CA PRO K 395 -31.18 -27.46 18.10
C PRO K 395 -32.65 -27.13 18.30
N ASP K 396 -32.92 -26.15 19.16
CA ASP K 396 -34.28 -25.73 19.48
C ASP K 396 -34.93 -24.95 18.36
N VAL K 397 -34.12 -24.53 17.40
CA VAL K 397 -34.63 -23.78 16.28
C VAL K 397 -34.92 -24.71 15.13
N ARG K 398 -34.04 -25.68 14.93
CA ARG K 398 -34.19 -26.65 13.87
C ARG K 398 -35.39 -27.54 14.16
N ILE K 399 -35.50 -27.94 15.42
CA ILE K 399 -36.60 -28.80 15.85
C ILE K 399 -37.35 -28.15 16.98
N ILE K 400 -38.58 -27.75 16.68
CA ILE K 400 -39.39 -27.12 17.71
C ILE K 400 -39.93 -28.09 18.73
N GLU K 401 -39.66 -27.76 19.98
CA GLU K 401 -40.15 -28.55 21.09
C GLU K 401 -41.11 -27.68 21.87
N ASN K 402 -42.38 -27.81 21.54
CA ASN K 402 -43.42 -27.01 22.17
C ASN K 402 -44.00 -27.60 23.43
N HIS K 403 -43.40 -27.29 24.57
CA HIS K 403 -43.93 -27.78 25.82
C HIS K 403 -44.76 -26.70 26.51
N GLY K 404 -44.99 -25.62 25.77
CA GLY K 404 -45.79 -24.51 26.27
C GLY K 404 -45.04 -23.55 27.17
N THR K 405 -45.82 -22.99 28.11
CA THR K 405 -45.32 -22.01 29.05
C THR K 405 -45.82 -22.21 30.47
N GLU K 406 -44.97 -21.86 31.43
CA GLU K 406 -45.29 -21.96 32.83
C GLU K 406 -45.87 -20.62 33.28
N ASP K 407 -47.13 -20.42 32.90
CA ASP K 407 -47.86 -19.20 33.20
C ASP K 407 -49.02 -19.40 34.17
N GLU K 408 -48.82 -20.27 35.15
CA GLU K 408 -49.86 -20.52 36.15
C GLU K 408 -50.23 -19.26 36.92
N LEU K 409 -49.21 -18.56 37.43
CA LEU K 409 -49.38 -17.33 38.18
C LEU K 409 -49.58 -16.14 37.26
N PRO K 410 -50.44 -15.20 37.64
CA PRO K 410 -50.64 -14.03 36.80
C PRO K 410 -49.55 -13.01 37.02
N ASN K 411 -49.26 -12.20 36.00
CA ASN K 411 -48.23 -11.19 36.11
C ASN K 411 -48.80 -9.80 36.00
N TYR K 412 -48.50 -8.97 37.01
CA TYR K 412 -49.02 -7.63 37.01
C TYR K 412 -47.96 -6.56 37.11
N CYS K 413 -48.39 -5.38 36.72
CA CYS K 413 -47.62 -4.17 36.76
C CYS K 413 -48.47 -3.18 37.57
N PHE K 414 -47.84 -2.41 38.45
CA PHE K 414 -48.57 -1.48 39.28
C PHE K 414 -48.12 -0.04 39.13
N PRO K 415 -48.85 0.86 39.81
CA PRO K 415 -48.53 2.26 39.77
C PRO K 415 -47.32 2.58 40.62
N LEU K 416 -46.53 3.56 40.17
CA LEU K 416 -45.33 3.97 40.86
C LEU K 416 -45.51 4.21 42.35
N GLY K 417 -46.64 4.80 42.72
CA GLY K 417 -46.94 5.11 44.12
C GLY K 417 -47.66 3.96 44.82
N GLY K 418 -47.87 2.87 44.09
CA GLY K 418 -48.54 1.68 44.61
C GLY K 418 -50.05 1.85 44.68
N VAL K 419 -50.50 3.06 44.40
CA VAL K 419 -51.89 3.43 44.42
C VAL K 419 -52.08 4.71 43.63
N ILE K 420 -53.15 4.83 42.86
CA ILE K 420 -53.31 6.04 42.09
C ILE K 420 -54.70 6.65 42.12
N ASN K 421 -55.72 5.80 42.31
CA ASN K 421 -57.10 6.25 42.34
C ASN K 421 -57.61 6.54 43.74
N THR K 422 -56.85 7.32 44.49
CA THR K 422 -57.25 7.69 45.84
C THR K 422 -58.42 8.65 45.80
N GLU K 423 -59.17 8.68 46.91
CA GLU K 423 -60.31 9.57 47.04
C GLU K 423 -60.15 10.44 48.28
N THR K 424 -60.38 11.75 48.11
CA THR K 424 -60.24 12.68 49.22
C THR K 424 -61.24 12.37 50.33
N LEU K 425 -60.74 12.30 51.56
CA LEU K 425 -61.58 12.01 52.70
C LEU K 425 -61.35 12.96 53.87
N THR K 426 -62.27 12.88 54.84
CA THR K 426 -62.18 13.70 56.02
C THR K 426 -62.28 12.86 57.28
N LYS K 427 -61.37 13.14 58.22
CA LYS K 427 -61.34 12.42 59.47
C LYS K 427 -62.57 12.76 60.29
N VAL K 428 -63.08 11.77 60.99
CA VAL K 428 -64.26 11.96 61.78
C VAL K 428 -64.14 11.45 63.20
N LYS K 429 -64.98 12.01 64.05
CA LYS K 429 -65.06 11.65 65.44
C LYS K 429 -66.47 11.20 65.78
N PRO K 430 -66.52 10.22 66.67
CA PRO K 430 -67.78 9.67 67.13
C PRO K 430 -68.47 10.68 68.03
N GLY K 437 -73.94 8.53 64.90
CA GLY K 437 -73.54 9.69 65.67
C GLY K 437 -72.06 10.00 65.52
N TRP K 438 -71.75 10.86 64.55
CA TRP K 438 -70.39 11.25 64.24
C TRP K 438 -70.21 12.75 64.04
N GLU K 439 -69.01 13.20 64.39
CA GLU K 439 -68.62 14.60 64.27
C GLU K 439 -67.25 14.75 63.61
N LYS K 440 -67.21 15.69 62.68
CA LYS K 440 -66.00 15.97 61.94
C LYS K 440 -64.82 16.30 62.83
N ASP K 441 -63.64 15.93 62.36
CA ASP K 441 -62.41 16.17 63.08
C ASP K 441 -61.56 17.19 62.35
N ALA K 442 -60.87 18.00 63.13
CA ALA K 442 -60.00 19.02 62.59
C ALA K 442 -59.04 19.52 63.63
N PHE K 445 -55.86 16.45 62.63
CA PHE K 445 -55.86 15.96 61.27
C PHE K 445 -56.34 17.00 60.25
N SER K 446 -56.06 16.75 58.97
CA SER K 446 -56.40 17.64 57.87
C SER K 446 -57.74 17.39 57.21
N ASP K 447 -58.18 18.39 56.45
CA ASP K 447 -59.43 18.32 55.72
C ASP K 447 -59.35 17.41 54.51
N LYS K 448 -58.13 17.18 54.02
CA LYS K 448 -57.96 16.35 52.84
C LYS K 448 -56.84 15.32 52.90
N ASN K 449 -57.25 14.07 53.08
CA ASN K 449 -56.37 12.93 53.14
C ASN K 449 -56.72 12.00 51.99
N GLU K 450 -55.70 11.52 51.30
CA GLU K 450 -55.93 10.63 50.18
C GLU K 450 -55.89 9.18 50.61
N ILE K 451 -57.00 8.49 50.36
CA ILE K 451 -57.13 7.09 50.70
C ILE K 451 -57.71 6.29 49.56
N ARG K 452 -57.05 5.19 49.22
CA ARG K 452 -57.53 4.33 48.17
C ARG K 452 -58.47 3.29 48.73
N VAL K 453 -59.69 3.28 48.21
CA VAL K 453 -60.68 2.33 48.66
C VAL K 453 -60.84 1.20 47.67
N GLY K 454 -60.40 0.01 48.08
CA GLY K 454 -60.45 -1.18 47.25
C GLY K 454 -59.05 -1.61 46.87
N ASN K 455 -58.93 -2.45 45.84
CA ASN K 455 -57.62 -2.89 45.42
C ASN K 455 -56.95 -1.79 44.61
N ASN K 456 -55.65 -1.96 44.33
CA ASN K 456 -54.92 -0.96 43.57
C ASN K 456 -55.13 -1.13 42.09
N PHE K 457 -54.68 -0.14 41.31
CA PHE K 457 -54.82 -0.21 39.87
C PHE K 457 -53.78 -1.18 39.35
N ALA K 458 -54.19 -2.14 38.52
CA ALA K 458 -53.25 -3.10 38.01
C ALA K 458 -53.45 -3.47 36.54
N MET K 459 -52.35 -3.80 35.90
CA MET K 459 -52.35 -4.21 34.51
C MET K 459 -51.75 -5.60 34.42
N GLU K 460 -52.35 -6.46 33.60
CA GLU K 460 -51.87 -7.82 33.47
C GLU K 460 -51.09 -8.09 32.20
N ILE K 461 -50.17 -9.04 32.32
CA ILE K 461 -49.33 -9.44 31.19
C ILE K 461 -48.82 -10.86 31.38
N ASN K 462 -48.79 -11.62 30.28
CA ASN K 462 -48.31 -12.99 30.33
C ASN K 462 -46.86 -13.03 29.92
N LEU K 463 -45.99 -12.88 30.91
CA LEU K 463 -44.56 -12.88 30.74
C LEU K 463 -44.04 -14.05 29.92
N ASN K 464 -44.28 -15.25 30.42
CA ASN K 464 -43.82 -16.45 29.76
C ASN K 464 -44.31 -16.65 28.34
N ALA K 465 -45.60 -16.43 28.11
CA ALA K 465 -46.15 -16.58 26.78
C ALA K 465 -45.45 -15.64 25.81
N ASN K 466 -45.27 -14.40 26.28
CA ASN K 466 -44.62 -13.37 25.51
C ASN K 466 -43.23 -13.78 25.07
N LEU K 467 -42.40 -14.14 26.05
CA LEU K 467 -41.04 -14.57 25.77
C LEU K 467 -41.02 -15.66 24.71
N TRP K 468 -41.82 -16.69 24.92
CA TRP K 468 -41.91 -17.81 24.01
C TRP K 468 -42.22 -17.36 22.58
N ARG K 469 -43.18 -16.44 22.49
CA ARG K 469 -43.61 -15.87 21.23
C ARG K 469 -42.46 -15.18 20.51
N ASN K 470 -41.83 -14.28 21.24
CA ASN K 470 -40.72 -13.51 20.72
C ASN K 470 -39.64 -14.42 20.15
N PHE K 471 -39.44 -15.56 20.79
CA PHE K 471 -38.45 -16.54 20.37
C PHE K 471 -38.86 -17.19 19.04
N LEU K 472 -40.14 -17.49 18.92
CA LEU K 472 -40.66 -18.12 17.73
C LEU K 472 -40.61 -17.18 16.53
N TYR K 473 -41.05 -15.96 16.75
CA TYR K 473 -41.07 -14.98 15.68
C TYR K 473 -39.68 -14.66 15.19
N SER K 474 -38.79 -14.37 16.13
CA SER K 474 -37.42 -14.03 15.81
C SER K 474 -36.64 -15.15 15.13
N ASN K 475 -36.73 -16.35 15.69
CA ASN K 475 -35.95 -17.47 15.17
C ASN K 475 -36.55 -18.33 14.07
N ILE K 476 -37.86 -18.44 14.00
CA ILE K 476 -38.44 -19.27 12.97
C ILE K 476 -39.22 -18.51 11.93
N ALA K 477 -40.21 -17.77 12.40
CA ALA K 477 -41.06 -16.98 11.52
C ALA K 477 -40.28 -16.24 10.43
N LEU K 478 -39.41 -15.35 10.86
CA LEU K 478 -38.64 -14.55 9.94
C LEU K 478 -37.80 -15.34 8.94
N TYR K 479 -37.51 -16.60 9.26
CA TYR K 479 -36.72 -17.43 8.35
C TYR K 479 -37.60 -18.24 7.40
N LEU K 480 -38.90 -18.09 7.58
CA LEU K 480 -39.83 -18.79 6.73
C LEU K 480 -39.52 -18.46 5.28
N PRO K 481 -39.90 -19.35 4.38
CA PRO K 481 -39.67 -19.11 2.97
C PRO K 481 -40.40 -17.87 2.48
N ASP K 482 -39.81 -17.21 1.48
CA ASP K 482 -40.37 -15.99 0.92
C ASP K 482 -41.81 -16.14 0.47
N LYS K 483 -42.12 -17.31 -0.08
CA LYS K 483 -43.45 -17.62 -0.58
C LYS K 483 -44.56 -17.43 0.44
N LEU K 484 -44.20 -17.57 1.71
CA LEU K 484 -45.16 -17.41 2.80
C LEU K 484 -45.28 -15.96 3.23
N LYS K 485 -44.38 -15.12 2.69
CA LYS K 485 -44.35 -13.70 3.01
C LYS K 485 -45.13 -12.81 2.05
N TYR K 486 -45.17 -11.53 2.39
CA TYR K 486 -45.86 -10.53 1.60
C TYR K 486 -45.23 -9.14 1.73
N SER K 487 -45.34 -8.33 0.68
CA SER K 487 -44.77 -6.99 0.66
C SER K 487 -45.59 -5.99 1.48
N PRO K 488 -44.89 -5.07 2.14
CA PRO K 488 -45.53 -4.06 2.96
C PRO K 488 -46.15 -2.96 2.14
N SER K 489 -47.21 -2.38 2.67
CA SER K 489 -47.90 -1.30 1.99
C SER K 489 -47.22 0.04 2.23
N ASN K 490 -47.20 0.88 1.19
CA ASN K 490 -46.60 2.20 1.26
C ASN K 490 -45.16 2.20 1.71
N VAL K 491 -44.43 1.15 1.34
CA VAL K 491 -43.03 1.06 1.72
C VAL K 491 -42.20 0.58 0.55
N LYS K 492 -41.25 1.40 0.14
CA LYS K 492 -40.38 1.02 -0.96
C LYS K 492 -39.55 -0.20 -0.59
N ILE K 493 -39.49 -1.13 -1.52
CA ILE K 493 -38.75 -2.36 -1.33
C ILE K 493 -38.04 -2.75 -2.60
N SER K 494 -36.81 -3.25 -2.45
CA SER K 494 -36.03 -3.66 -3.59
C SER K 494 -36.71 -4.71 -4.45
N ASP K 495 -36.27 -4.76 -5.70
CA ASP K 495 -36.76 -5.68 -6.71
C ASP K 495 -35.95 -6.97 -6.69
N ASN K 496 -34.76 -6.85 -6.13
CA ASN K 496 -33.83 -7.96 -6.02
C ASN K 496 -34.07 -8.74 -4.74
N PRO K 497 -34.53 -9.98 -4.92
CA PRO K 497 -34.83 -10.86 -3.82
C PRO K 497 -33.59 -11.37 -3.10
N ASN K 498 -32.42 -11.28 -3.76
CA ASN K 498 -31.16 -11.73 -3.18
C ASN K 498 -30.55 -10.63 -2.35
N THR K 499 -31.33 -9.57 -2.23
CA THR K 499 -30.96 -8.38 -1.52
C THR K 499 -31.34 -8.38 -0.06
N TYR K 500 -30.59 -7.63 0.72
CA TYR K 500 -30.85 -7.52 2.14
C TYR K 500 -32.12 -6.72 2.36
N ASP K 501 -32.23 -5.64 1.59
CA ASP K 501 -33.39 -4.78 1.70
C ASP K 501 -34.66 -5.59 1.57
N TYR K 502 -34.65 -6.49 0.61
CA TYR K 502 -35.76 -7.37 0.33
C TYR K 502 -36.10 -8.27 1.52
N MET K 503 -35.12 -9.06 1.92
CA MET K 503 -35.24 -9.97 3.02
C MET K 503 -35.65 -9.27 4.32
N ASN K 504 -35.22 -8.03 4.44
CA ASN K 504 -35.51 -7.24 5.62
C ASN K 504 -36.88 -6.58 5.62
N LYS K 505 -37.43 -6.32 4.44
CA LYS K 505 -38.73 -5.69 4.39
C LYS K 505 -39.91 -6.63 4.23
N ARG K 506 -39.69 -7.76 3.56
CA ARG K 506 -40.79 -8.68 3.42
C ARG K 506 -41.40 -8.92 4.78
N VAL K 507 -42.72 -8.85 4.88
CA VAL K 507 -43.35 -9.07 6.18
C VAL K 507 -43.93 -10.45 6.33
N VAL K 508 -43.88 -10.94 7.57
CA VAL K 508 -44.40 -12.25 7.87
C VAL K 508 -45.32 -12.22 9.08
N ALA K 509 -46.44 -12.93 8.94
CA ALA K 509 -47.46 -13.02 9.97
C ALA K 509 -47.03 -13.94 11.10
N PRO K 510 -47.04 -13.41 12.31
CA PRO K 510 -46.67 -14.17 13.49
C PRO K 510 -47.58 -15.36 13.71
N GLY K 511 -48.81 -15.25 13.24
CA GLY K 511 -49.76 -16.33 13.40
C GLY K 511 -49.30 -17.60 12.71
N LEU K 512 -48.25 -17.48 11.90
CA LEU K 512 -47.72 -18.62 11.18
C LEU K 512 -46.97 -19.55 12.10
N VAL K 513 -46.24 -18.96 13.04
CA VAL K 513 -45.48 -19.69 14.02
C VAL K 513 -45.76 -19.14 15.42
N ASP K 514 -47.04 -19.21 15.82
CA ASP K 514 -47.41 -18.70 17.12
C ASP K 514 -47.20 -19.70 18.24
N CYS K 515 -47.26 -19.19 19.47
CA CYS K 515 -47.06 -20.01 20.65
C CYS K 515 -47.89 -21.28 20.73
N TYR K 516 -48.98 -21.36 19.97
CA TYR K 516 -49.83 -22.56 20.00
C TYR K 516 -49.56 -23.49 18.84
N ILE K 517 -48.40 -23.29 18.21
CA ILE K 517 -47.97 -24.08 17.08
C ILE K 517 -47.52 -25.47 17.49
N ASN K 518 -48.12 -26.49 16.87
CA ASN K 518 -47.82 -27.88 17.17
C ASN K 518 -47.57 -28.12 18.65
N LEU K 519 -48.52 -27.66 19.46
CA LEU K 519 -48.45 -27.78 20.91
C LEU K 519 -48.24 -29.20 21.39
N GLY K 520 -47.26 -29.35 22.28
CA GLY K 520 -46.92 -30.65 22.89
C GLY K 520 -46.14 -31.59 21.99
N ALA K 521 -45.69 -31.08 20.85
CA ALA K 521 -44.94 -31.91 19.95
C ALA K 521 -43.48 -31.48 19.81
N ARG K 522 -42.69 -32.44 19.33
CA ARG K 522 -41.28 -32.26 19.04
C ARG K 522 -41.22 -32.44 17.55
N TRP K 523 -41.49 -31.33 16.87
CA TRP K 523 -41.57 -31.35 15.42
C TRP K 523 -40.93 -30.17 14.74
N SER K 524 -40.23 -30.46 13.66
CA SER K 524 -39.62 -29.41 12.87
C SER K 524 -40.67 -29.00 11.84
N LEU K 525 -40.81 -27.71 11.57
CA LEU K 525 -41.79 -27.27 10.61
C LEU K 525 -41.53 -27.85 9.24
N ASP K 526 -42.57 -28.38 8.62
CA ASP K 526 -42.42 -28.94 7.30
C ASP K 526 -41.97 -27.88 6.30
N TYR K 527 -42.20 -26.61 6.63
CA TYR K 527 -41.80 -25.52 5.75
C TYR K 527 -40.31 -25.26 5.81
N MET K 528 -39.75 -25.43 7.02
CA MET K 528 -38.34 -25.19 7.30
C MET K 528 -37.39 -26.35 7.04
N ASP K 529 -37.91 -27.56 6.85
CA ASP K 529 -37.04 -28.68 6.61
C ASP K 529 -36.02 -28.45 5.50
N ASN K 530 -36.45 -27.89 4.37
CA ASN K 530 -35.58 -27.66 3.24
C ASN K 530 -34.91 -26.30 3.20
N VAL K 531 -34.97 -25.61 4.32
CA VAL K 531 -34.36 -24.31 4.45
C VAL K 531 -33.00 -24.50 5.12
N ASN K 532 -31.96 -23.96 4.52
CA ASN K 532 -30.64 -24.10 5.09
C ASN K 532 -30.64 -23.64 6.55
N PRO K 533 -30.42 -24.56 7.47
CA PRO K 533 -30.42 -24.25 8.90
C PRO K 533 -29.24 -23.43 9.34
N PHE K 534 -28.18 -23.46 8.56
CA PHE K 534 -26.97 -22.75 8.90
C PHE K 534 -27.02 -21.25 8.67
N ASN K 535 -27.84 -20.82 7.72
CA ASN K 535 -27.97 -19.41 7.47
C ASN K 535 -28.88 -18.82 8.53
N HIS K 536 -28.30 -18.50 9.70
CA HIS K 536 -29.08 -18.00 10.81
C HIS K 536 -28.24 -17.21 11.80
N HIS K 537 -28.88 -16.26 12.49
CA HIS K 537 -28.20 -15.45 13.48
C HIS K 537 -27.81 -16.24 14.71
N ARG K 538 -28.33 -17.47 14.82
CA ARG K 538 -28.03 -18.30 15.95
C ARG K 538 -26.93 -19.32 15.67
N ASN K 539 -26.24 -19.12 14.55
CA ASN K 539 -25.12 -19.96 14.17
C ASN K 539 -23.92 -19.45 14.96
N ALA K 540 -23.60 -20.16 16.04
CA ALA K 540 -22.51 -19.80 16.91
C ALA K 540 -21.17 -19.64 16.21
N GLY K 541 -20.86 -20.57 15.31
CA GLY K 541 -19.61 -20.53 14.58
C GLY K 541 -19.43 -19.25 13.77
N LEU K 542 -20.45 -18.95 12.97
CA LEU K 542 -20.45 -17.77 12.13
C LEU K 542 -20.47 -16.51 12.99
N ARG K 543 -21.25 -16.55 14.05
CA ARG K 543 -21.34 -15.43 14.96
C ARG K 543 -19.99 -15.07 15.54
N TYR K 544 -19.26 -16.08 15.99
CA TYR K 544 -17.94 -15.93 16.59
C TYR K 544 -16.91 -15.41 15.60
N ARG K 545 -16.98 -15.90 14.37
CA ARG K 545 -16.07 -15.46 13.34
C ARG K 545 -16.31 -14.02 12.98
N SER K 546 -17.57 -13.62 13.07
CA SER K 546 -17.97 -12.26 12.79
C SER K 546 -17.41 -11.32 13.85
N MET K 547 -17.52 -11.73 15.12
CA MET K 547 -17.04 -10.95 16.24
C MET K 547 -15.51 -10.90 16.32
N LEU K 548 -14.88 -11.93 15.76
CA LEU K 548 -13.43 -12.04 15.72
C LEU K 548 -12.86 -10.83 14.98
N LEU K 549 -13.63 -10.36 13.98
CA LEU K 549 -13.27 -9.22 13.16
C LEU K 549 -13.60 -7.90 13.85
N GLY K 550 -14.66 -7.93 14.64
CA GLY K 550 -15.13 -6.77 15.36
C GLY K 550 -16.63 -6.59 15.14
N ASN K 551 -17.13 -5.45 15.63
CA ASN K 551 -18.54 -5.11 15.52
C ASN K 551 -18.79 -4.04 14.48
N GLY K 552 -17.75 -3.71 13.73
CA GLY K 552 -17.84 -2.67 12.72
C GLY K 552 -17.70 -3.15 11.29
N ARG K 553 -18.31 -2.33 10.46
CA ARG K 553 -18.37 -2.45 9.01
C ARG K 553 -16.98 -2.49 8.40
N TYR K 554 -16.17 -1.50 8.77
CA TYR K 554 -14.81 -1.35 8.29
C TYR K 554 -13.80 -2.09 9.12
N VAL K 555 -13.09 -3.01 8.48
CA VAL K 555 -12.12 -3.81 9.17
C VAL K 555 -10.80 -4.05 8.45
N PRO K 556 -9.71 -3.66 9.11
CA PRO K 556 -8.40 -3.93 8.56
C PRO K 556 -8.14 -5.34 9.10
N PHE K 557 -7.77 -6.29 8.24
CA PHE K 557 -7.58 -7.62 8.78
C PHE K 557 -6.20 -8.19 8.66
N HIS K 558 -5.94 -9.14 9.55
CA HIS K 558 -4.68 -9.87 9.65
C HIS K 558 -5.00 -11.32 9.96
N ILE K 559 -4.77 -12.19 8.99
CA ILE K 559 -5.06 -13.59 9.18
C ILE K 559 -3.94 -14.50 8.73
N GLN K 560 -4.10 -15.74 9.18
CA GLN K 560 -3.18 -16.82 8.88
C GLN K 560 -3.99 -17.91 8.20
N VAL K 561 -3.59 -18.23 6.97
CA VAL K 561 -4.26 -19.25 6.15
C VAL K 561 -3.42 -20.51 5.99
N PRO K 562 -4.06 -21.65 6.20
CA PRO K 562 -3.42 -22.95 6.13
C PRO K 562 -3.44 -23.58 4.75
N GLN K 563 -2.45 -24.43 4.49
CA GLN K 563 -2.36 -25.17 3.26
C GLN K 563 -3.16 -26.45 3.46
N LYS K 564 -4.15 -26.72 2.60
CA LYS K 564 -4.98 -27.90 2.78
C LYS K 564 -4.73 -29.03 1.82
N PHE K 565 -4.15 -28.70 0.68
CA PHE K 565 -3.86 -29.71 -0.32
C PHE K 565 -3.18 -30.90 0.30
N PHE K 566 -3.76 -32.09 0.10
CA PHE K 566 -3.25 -33.32 0.69
C PHE K 566 -1.84 -33.75 0.35
N ALA K 567 -1.37 -33.51 -0.87
CA ALA K 567 -0.04 -33.95 -1.25
C ALA K 567 1.10 -33.16 -0.62
N ILE K 568 0.80 -31.96 -0.11
CA ILE K 568 1.86 -31.15 0.47
C ILE K 568 1.65 -30.70 1.92
N LYS K 569 0.41 -30.78 2.41
CA LYS K 569 0.09 -30.35 3.76
C LYS K 569 0.92 -30.91 4.92
N ASN K 570 1.34 -32.17 4.83
CA ASN K 570 2.12 -32.79 5.90
C ASN K 570 3.49 -33.21 5.44
N LEU K 571 3.84 -32.79 4.24
CA LEU K 571 5.11 -33.15 3.66
C LEU K 571 6.31 -32.58 4.41
N LEU K 572 7.32 -33.43 4.51
CA LEU K 572 8.59 -33.08 5.12
C LEU K 572 9.52 -32.75 3.98
N LEU K 573 9.76 -31.46 3.82
CA LEU K 573 10.58 -30.88 2.77
C LEU K 573 12.08 -30.91 3.04
N LEU K 574 12.84 -31.50 2.12
CA LEU K 574 14.28 -31.56 2.28
C LEU K 574 14.93 -30.27 1.82
N PRO K 575 16.22 -30.13 2.09
CA PRO K 575 16.95 -28.94 1.69
C PRO K 575 16.91 -28.72 0.20
N GLY K 576 16.87 -27.45 -0.16
CA GLY K 576 16.82 -26.99 -1.54
C GLY K 576 15.98 -25.74 -1.61
N SER K 577 15.88 -25.18 -2.80
CA SER K 577 15.09 -23.98 -2.99
C SER K 577 13.85 -24.33 -3.80
N TYR K 578 12.69 -23.90 -3.32
CA TYR K 578 11.47 -24.22 -4.03
C TYR K 578 10.62 -23.04 -4.36
N THR K 579 9.89 -23.21 -5.46
CA THR K 579 8.97 -22.22 -5.93
C THR K 579 7.60 -22.59 -5.42
N TYR K 580 7.07 -21.76 -4.54
CA TYR K 580 5.78 -22.01 -3.95
C TYR K 580 4.88 -20.86 -4.35
N GLU K 581 3.83 -21.18 -5.11
CA GLU K 581 2.93 -20.16 -5.56
C GLU K 581 1.48 -20.57 -5.44
N TRP K 582 0.63 -19.61 -5.09
CA TRP K 582 -0.79 -19.90 -4.92
C TRP K 582 -1.69 -18.74 -5.31
N ASN K 583 -2.93 -19.08 -5.62
CA ASN K 583 -3.95 -18.13 -6.00
C ASN K 583 -5.01 -17.96 -4.94
N PHE K 584 -5.41 -16.71 -4.75
CA PHE K 584 -6.41 -16.35 -3.79
C PHE K 584 -7.59 -15.66 -4.44
N ARG K 585 -8.77 -16.04 -3.98
CA ARG K 585 -10.02 -15.52 -4.47
C ARG K 585 -10.26 -14.13 -3.91
N LYS K 586 -11.02 -13.32 -4.65
CA LYS K 586 -11.35 -11.97 -4.25
C LYS K 586 -12.86 -11.79 -4.18
N ASP K 587 -13.56 -12.76 -4.73
CA ASP K 587 -15.01 -12.76 -4.77
C ASP K 587 -15.65 -12.80 -3.39
N VAL K 588 -16.28 -11.69 -2.99
CA VAL K 588 -16.91 -11.64 -1.69
C VAL K 588 -17.95 -12.72 -1.43
N ASN K 589 -18.66 -13.15 -2.47
CA ASN K 589 -19.64 -14.19 -2.25
C ASN K 589 -18.96 -15.50 -1.88
N MET K 590 -17.67 -15.57 -2.18
CA MET K 590 -16.89 -16.75 -1.91
C MET K 590 -16.05 -16.66 -0.64
N VAL K 591 -15.35 -15.54 -0.47
CA VAL K 591 -14.49 -15.37 0.69
C VAL K 591 -15.24 -14.98 1.95
N LEU K 592 -16.42 -14.39 1.79
CA LEU K 592 -17.22 -13.97 2.93
C LEU K 592 -18.47 -14.79 3.08
N GLN K 593 -19.01 -14.78 4.28
CA GLN K 593 -20.21 -15.51 4.61
C GLN K 593 -21.14 -14.65 5.43
N SER K 594 -22.43 -14.72 5.13
CA SER K 594 -23.43 -13.96 5.83
C SER K 594 -24.48 -14.89 6.40
N SER K 595 -25.18 -14.44 7.44
CA SER K 595 -26.22 -15.27 8.03
C SER K 595 -27.51 -15.28 7.21
N LEU K 596 -27.77 -14.18 6.49
CA LEU K 596 -28.95 -14.04 5.66
C LEU K 596 -28.70 -14.65 4.29
N GLY K 597 -27.42 -14.73 3.93
CA GLY K 597 -27.00 -15.28 2.66
C GLY K 597 -27.27 -14.36 1.48
N ASN K 598 -27.44 -13.07 1.76
CA ASN K 598 -27.70 -12.11 0.71
C ASN K 598 -26.54 -12.00 -0.29
N ASP K 599 -26.77 -11.30 -1.40
CA ASP K 599 -25.76 -11.12 -2.43
C ASP K 599 -24.81 -9.98 -2.09
N LEU K 600 -23.65 -10.34 -1.54
CA LEU K 600 -22.64 -9.37 -1.14
C LEU K 600 -22.08 -8.52 -2.26
N ARG K 601 -22.18 -8.99 -3.51
CA ARG K 601 -21.67 -8.20 -4.61
C ARG K 601 -22.54 -6.97 -4.80
N VAL K 602 -23.85 -7.21 -4.84
CA VAL K 602 -24.85 -6.18 -4.99
C VAL K 602 -24.94 -5.37 -3.70
N ASP K 603 -24.77 -6.08 -2.59
CA ASP K 603 -24.86 -5.52 -1.26
C ASP K 603 -23.69 -4.70 -0.71
N GLY K 604 -22.77 -4.30 -1.58
CA GLY K 604 -21.65 -3.46 -1.16
C GLY K 604 -20.49 -4.02 -0.36
N ALA K 605 -20.38 -5.33 -0.17
CA ALA K 605 -19.23 -5.81 0.58
C ALA K 605 -17.98 -5.63 -0.26
N SER K 606 -16.85 -5.31 0.37
CA SER K 606 -15.61 -5.10 -0.37
C SER K 606 -14.40 -5.68 0.34
N ILE K 607 -13.40 -6.09 -0.43
CA ILE K 607 -12.19 -6.66 0.14
C ILE K 607 -10.94 -6.38 -0.69
N LYS K 608 -9.89 -5.94 0.00
CA LYS K 608 -8.63 -5.63 -0.64
C LYS K 608 -7.43 -6.23 0.09
N PHE K 609 -6.57 -6.90 -0.67
CA PHE K 609 -5.37 -7.53 -0.14
C PHE K 609 -4.18 -6.61 -0.21
N ASP K 610 -3.63 -6.26 0.95
CA ASP K 610 -2.49 -5.38 0.97
C ASP K 610 -1.16 -6.10 0.95
N SER K 611 -1.07 -7.20 1.66
CA SER K 611 0.18 -7.92 1.69
C SER K 611 0.02 -9.36 2.13
N ILE K 612 0.82 -10.21 1.51
CA ILE K 612 0.82 -11.61 1.83
C ILE K 612 2.24 -12.12 2.01
N CYS K 613 2.48 -12.74 3.15
CA CYS K 613 3.78 -13.28 3.47
C CYS K 613 3.69 -14.77 3.66
N LEU K 614 4.86 -15.41 3.67
CA LEU K 614 4.93 -16.83 3.86
C LEU K 614 5.78 -17.13 5.09
N TYR K 615 5.19 -17.81 6.06
CA TYR K 615 5.90 -18.15 7.28
C TYR K 615 6.21 -19.63 7.34
N ALA K 616 7.32 -19.95 7.97
CA ALA K 616 7.78 -21.32 8.13
C ALA K 616 8.60 -21.48 9.39
N THR K 617 8.24 -22.47 10.21
CA THR K 617 8.95 -22.72 11.45
C THR K 617 9.81 -23.97 11.33
N PHE K 618 11.01 -23.91 11.90
CA PHE K 618 11.90 -25.06 11.80
C PHE K 618 12.38 -25.60 13.13
N PHE K 619 12.31 -26.93 13.25
CA PHE K 619 12.81 -27.57 14.44
C PHE K 619 14.31 -27.33 14.38
N PRO K 620 14.92 -26.80 15.45
CA PRO K 620 16.33 -26.49 15.43
C PRO K 620 17.15 -27.77 15.61
N MET K 621 16.86 -28.74 14.76
CA MET K 621 17.51 -30.04 14.78
C MET K 621 19.02 -30.01 14.68
N ALA K 622 19.64 -30.93 15.41
CA ALA K 622 21.09 -31.05 15.39
C ALA K 622 21.50 -31.27 13.95
N HIS K 623 22.57 -30.61 13.53
CA HIS K 623 23.05 -30.71 12.18
C HIS K 623 23.44 -32.11 11.72
N ASN K 624 24.13 -32.85 12.58
CA ASN K 624 24.53 -34.20 12.21
C ASN K 624 23.30 -35.04 11.99
N THR K 625 22.36 -34.91 12.91
CA THR K 625 21.10 -35.63 12.87
C THR K 625 20.29 -35.28 11.63
N ALA K 626 20.06 -33.99 11.44
CA ALA K 626 19.31 -33.52 10.29
C ALA K 626 19.90 -34.07 9.01
N SER K 627 21.22 -33.98 8.91
CA SER K 627 21.95 -34.46 7.75
C SER K 627 21.73 -35.94 7.52
N THR K 628 21.72 -36.70 8.61
CA THR K 628 21.51 -38.12 8.55
C THR K 628 20.10 -38.47 8.10
N LEU K 629 19.14 -37.74 8.65
CA LEU K 629 17.74 -37.94 8.32
C LEU K 629 17.51 -37.64 6.84
N GLU K 630 18.24 -36.66 6.34
CA GLU K 630 18.14 -36.24 4.95
C GLU K 630 18.53 -37.38 4.02
N ALA K 631 19.73 -37.91 4.26
CA ALA K 631 20.28 -39.01 3.49
C ALA K 631 19.29 -40.15 3.36
N MET K 632 18.68 -40.51 4.48
CA MET K 632 17.71 -41.59 4.53
C MET K 632 16.48 -41.29 3.68
N LEU K 633 15.94 -40.10 3.88
CA LEU K 633 14.75 -39.67 3.17
C LEU K 633 14.97 -39.47 1.68
N ARG K 634 16.23 -39.52 1.26
CA ARG K 634 16.55 -39.34 -0.14
C ARG K 634 16.44 -40.63 -0.95
N ASN K 635 16.34 -41.75 -0.25
CA ASN K 635 16.21 -43.04 -0.93
C ASN K 635 14.75 -43.29 -1.23
N ASP K 636 14.49 -43.83 -2.42
CA ASP K 636 13.13 -44.10 -2.81
C ASP K 636 12.40 -45.03 -1.86
N THR K 637 13.11 -45.97 -1.28
CA THR K 637 12.43 -46.88 -0.37
C THR K 637 11.82 -46.10 0.78
N ASN K 638 12.38 -44.92 1.06
CA ASN K 638 11.90 -44.05 2.12
C ASN K 638 11.11 -42.86 1.62
N ASP K 639 10.47 -43.05 0.46
CA ASP K 639 9.65 -42.02 -0.14
C ASP K 639 8.40 -41.79 0.70
N GLN K 640 8.03 -40.52 0.87
CA GLN K 640 6.86 -40.18 1.64
C GLN K 640 5.60 -40.44 0.82
N SER K 641 4.47 -40.63 1.49
CA SER K 641 3.23 -40.88 0.77
C SER K 641 2.00 -40.41 1.54
N PHE K 642 1.05 -39.88 0.78
CA PHE K 642 -0.18 -39.37 1.37
C PHE K 642 -1.38 -39.67 0.50
N ASN K 643 -2.53 -39.65 1.16
CA ASN K 643 -3.79 -39.86 0.52
C ASN K 643 -4.76 -38.81 1.01
N ASP K 644 -5.69 -38.45 0.16
CA ASP K 644 -6.66 -37.45 0.54
C ASP K 644 -7.65 -38.08 1.52
N TYR K 645 -8.01 -37.35 2.57
CA TYR K 645 -8.92 -37.89 3.55
C TYR K 645 -10.25 -38.31 2.95
N LEU K 646 -10.81 -37.44 2.11
CA LEU K 646 -12.10 -37.71 1.48
C LEU K 646 -12.04 -38.93 0.59
N SER K 647 -10.94 -39.04 -0.14
CA SER K 647 -10.69 -40.14 -1.06
C SER K 647 -11.85 -40.42 -1.98
N ALA K 648 -12.14 -39.47 -2.85
CA ALA K 648 -13.25 -39.67 -3.76
C ALA K 648 -13.27 -38.74 -4.95
N ALA K 649 -13.97 -39.21 -5.98
CA ALA K 649 -14.19 -38.50 -7.21
C ALA K 649 -15.56 -37.86 -7.00
N ASN K 650 -15.64 -36.56 -7.11
CA ASN K 650 -16.91 -35.89 -6.87
C ASN K 650 -17.71 -35.52 -8.09
N MET K 651 -18.98 -35.93 -8.08
CA MET K 651 -19.85 -35.62 -9.19
C MET K 651 -21.14 -34.94 -8.76
N LEU K 652 -21.60 -34.06 -9.63
CA LEU K 652 -22.82 -33.33 -9.43
C LEU K 652 -23.73 -33.52 -10.62
N TYR K 653 -24.95 -33.96 -10.32
CA TYR K 653 -25.98 -34.16 -11.32
C TYR K 653 -27.19 -33.33 -10.98
N PRO K 654 -27.66 -32.61 -11.98
CA PRO K 654 -28.79 -31.74 -11.85
C PRO K 654 -30.13 -32.46 -11.67
N ILE K 655 -30.93 -31.82 -10.81
CA ILE K 655 -32.26 -32.26 -10.48
C ILE K 655 -33.21 -31.09 -10.73
N PRO K 656 -33.82 -31.09 -11.90
CA PRO K 656 -34.73 -30.03 -12.25
C PRO K 656 -35.84 -29.88 -11.23
N ALA K 657 -36.32 -28.66 -11.08
CA ALA K 657 -37.39 -28.39 -10.15
C ALA K 657 -38.53 -29.36 -10.37
N ASN K 658 -39.01 -29.95 -9.29
CA ASN K 658 -40.12 -30.88 -9.36
C ASN K 658 -39.77 -32.26 -9.91
N ALA K 659 -38.55 -32.42 -10.39
CA ALA K 659 -38.12 -33.72 -10.88
C ALA K 659 -38.14 -34.68 -9.70
N THR K 660 -38.36 -35.96 -9.97
CA THR K 660 -38.43 -36.93 -8.89
C THR K 660 -37.56 -38.14 -9.15
N ASN K 661 -37.19 -38.31 -10.42
CA ASN K 661 -36.38 -39.42 -10.85
C ASN K 661 -35.02 -38.92 -11.32
N VAL K 662 -33.96 -39.53 -10.80
CA VAL K 662 -32.62 -39.15 -11.18
C VAL K 662 -31.78 -40.35 -11.57
N PRO K 663 -31.67 -40.55 -12.88
CA PRO K 663 -30.93 -41.65 -13.42
C PRO K 663 -29.53 -41.21 -13.79
N ILE K 664 -28.55 -42.01 -13.42
CA ILE K 664 -27.18 -41.70 -13.73
C ILE K 664 -26.52 -42.88 -14.38
N SER K 665 -25.71 -42.57 -15.39
CA SER K 665 -25.03 -43.61 -16.11
C SER K 665 -23.53 -43.39 -16.18
N ILE K 666 -22.81 -44.48 -15.96
CA ILE K 666 -21.37 -44.47 -16.01
C ILE K 666 -20.90 -45.48 -17.04
N PRO K 667 -20.33 -44.98 -18.12
CA PRO K 667 -19.88 -45.85 -19.17
C PRO K 667 -18.90 -46.87 -18.64
N SER K 668 -18.99 -48.07 -19.19
CA SER K 668 -18.14 -49.16 -18.78
C SER K 668 -16.73 -48.68 -18.49
N ARG K 669 -16.25 -49.09 -17.32
CA ARG K 669 -14.91 -48.72 -16.86
C ARG K 669 -14.41 -49.74 -15.85
N ASN K 670 -13.22 -49.48 -15.32
CA ASN K 670 -12.60 -50.34 -14.34
C ASN K 670 -13.04 -50.02 -12.91
N TRP K 671 -13.31 -51.05 -12.13
CA TRP K 671 -13.77 -50.85 -10.76
C TRP K 671 -12.87 -51.40 -9.68
N ALA K 672 -11.72 -51.92 -10.04
CA ALA K 672 -10.83 -52.45 -9.03
C ALA K 672 -10.50 -51.42 -7.96
N ALA K 673 -10.57 -51.84 -6.70
CA ALA K 673 -10.27 -50.98 -5.56
C ALA K 673 -11.42 -50.04 -5.18
N PHE K 674 -12.52 -50.16 -5.88
CA PHE K 674 -13.68 -49.33 -5.59
C PHE K 674 -14.06 -49.50 -4.12
N ARG K 675 -14.30 -48.39 -3.43
CA ARG K 675 -14.63 -48.47 -2.02
C ARG K 675 -16.11 -48.36 -1.69
N GLY K 676 -16.86 -47.61 -2.49
CA GLY K 676 -18.28 -47.47 -2.22
C GLY K 676 -18.81 -46.10 -2.61
N TRP K 677 -20.07 -45.87 -2.24
CA TRP K 677 -20.73 -44.61 -2.55
C TRP K 677 -21.15 -43.83 -1.33
N ALA K 678 -21.18 -42.52 -1.51
CA ALA K 678 -21.61 -41.55 -0.52
C ALA K 678 -22.37 -40.47 -1.26
N PHE K 679 -23.50 -39.99 -0.69
CA PHE K 679 -24.25 -38.98 -1.40
C PHE K 679 -25.18 -38.12 -0.56
N THR K 680 -25.51 -36.97 -1.16
CA THR K 680 -26.39 -35.95 -0.61
C THR K 680 -27.12 -35.27 -1.75
N ARG K 681 -27.71 -34.14 -1.39
CA ARG K 681 -28.45 -33.31 -2.30
C ARG K 681 -28.23 -31.85 -1.94
N LEU K 682 -27.86 -31.05 -2.94
CA LEU K 682 -27.61 -29.64 -2.73
C LEU K 682 -28.50 -28.78 -3.57
N LYS K 683 -28.60 -27.53 -3.18
CA LYS K 683 -29.38 -26.57 -3.91
C LYS K 683 -28.47 -25.90 -4.92
N THR K 684 -28.93 -25.81 -6.15
CA THR K 684 -28.10 -25.19 -7.15
C THR K 684 -27.70 -23.79 -6.75
N LYS K 685 -28.63 -23.07 -6.12
CA LYS K 685 -28.37 -21.71 -5.68
C LYS K 685 -27.22 -21.61 -4.67
N GLU K 686 -27.07 -22.64 -3.85
CA GLU K 686 -26.02 -22.64 -2.84
C GLU K 686 -24.73 -23.32 -3.27
N THR K 687 -24.61 -23.62 -4.56
CA THR K 687 -23.43 -24.28 -5.07
C THR K 687 -22.75 -23.47 -6.16
N PRO K 688 -21.76 -22.70 -5.78
CA PRO K 688 -21.02 -21.91 -6.74
C PRO K 688 -20.44 -22.83 -7.80
N SER K 689 -20.20 -22.29 -8.99
CA SER K 689 -19.63 -23.10 -10.05
C SER K 689 -18.13 -23.09 -9.87
N LEU K 690 -17.51 -24.27 -9.81
CA LEU K 690 -16.08 -24.30 -9.63
C LEU K 690 -15.28 -24.56 -10.89
N GLY K 691 -15.97 -24.81 -12.00
CA GLY K 691 -15.30 -25.07 -13.26
C GLY K 691 -14.76 -23.78 -13.87
N SER K 692 -14.36 -22.85 -13.01
CA SER K 692 -13.84 -21.57 -13.46
C SER K 692 -13.45 -20.64 -12.31
N GLY K 693 -12.55 -19.71 -12.63
CA GLY K 693 -12.04 -18.76 -11.67
C GLY K 693 -13.10 -17.78 -11.14
N TYR K 694 -14.21 -17.64 -11.85
CA TYR K 694 -15.26 -16.73 -11.43
C TYR K 694 -16.65 -17.13 -11.91
N ASP K 695 -17.62 -17.09 -11.00
CA ASP K 695 -19.01 -17.46 -11.30
C ASP K 695 -19.92 -16.24 -11.31
N PRO K 696 -20.17 -15.74 -12.52
CA PRO K 696 -21.01 -14.59 -12.74
C PRO K 696 -22.42 -14.77 -12.21
N TYR K 697 -22.92 -16.00 -12.17
CA TYR K 697 -24.28 -16.25 -11.71
C TYR K 697 -24.44 -16.61 -10.23
N TYR K 698 -23.37 -16.48 -9.45
CA TYR K 698 -23.39 -16.79 -8.04
C TYR K 698 -23.77 -15.59 -7.20
N THR K 699 -25.04 -15.50 -6.82
CA THR K 699 -25.55 -14.40 -6.02
C THR K 699 -26.06 -14.87 -4.67
N TYR K 700 -25.17 -15.51 -3.93
CA TYR K 700 -25.50 -16.06 -2.62
C TYR K 700 -24.26 -16.08 -1.74
N SER K 701 -24.43 -15.80 -0.44
CA SER K 701 -23.27 -15.77 0.44
C SER K 701 -23.44 -16.57 1.72
N GLY K 702 -24.36 -17.53 1.72
CA GLY K 702 -24.57 -18.35 2.90
C GLY K 702 -23.62 -19.52 2.97
N SER K 703 -24.00 -20.52 3.77
CA SER K 703 -23.20 -21.71 3.92
C SER K 703 -23.15 -22.46 2.60
N ILE K 704 -22.02 -23.09 2.32
CA ILE K 704 -21.85 -23.84 1.09
C ILE K 704 -21.61 -25.31 1.40
N PRO K 705 -22.69 -26.07 1.55
CA PRO K 705 -22.58 -27.47 1.88
C PRO K 705 -21.55 -28.27 1.12
N TYR K 706 -21.43 -28.04 -0.18
CA TYR K 706 -20.47 -28.78 -0.99
C TYR K 706 -19.04 -28.66 -0.48
N LEU K 707 -18.75 -27.50 0.11
CA LEU K 707 -17.42 -27.22 0.62
C LEU K 707 -17.30 -27.32 2.13
N ASP K 708 -18.33 -26.93 2.86
CA ASP K 708 -18.26 -26.93 4.32
C ASP K 708 -18.86 -28.10 5.09
N GLY K 709 -19.76 -28.85 4.47
CA GLY K 709 -20.36 -30.00 5.16
C GLY K 709 -21.65 -29.66 5.89
N THR K 710 -22.22 -28.50 5.58
CA THR K 710 -23.46 -28.11 6.21
C THR K 710 -24.65 -28.75 5.53
N PHE K 711 -24.54 -30.06 5.30
CA PHE K 711 -25.60 -30.82 4.65
C PHE K 711 -26.88 -30.79 5.46
N TYR K 712 -28.00 -30.65 4.74
CA TYR K 712 -29.30 -30.59 5.37
C TYR K 712 -30.45 -31.14 4.54
N LEU K 713 -30.18 -31.84 3.46
CA LEU K 713 -31.29 -32.33 2.64
C LEU K 713 -31.37 -33.84 2.48
N ASN K 714 -30.75 -34.57 3.40
CA ASN K 714 -30.72 -36.02 3.38
C ASN K 714 -32.05 -36.73 3.54
N HIS K 715 -33.02 -36.03 4.12
CA HIS K 715 -34.32 -36.62 4.35
C HIS K 715 -35.20 -36.66 3.11
N THR K 716 -34.71 -36.10 2.00
CA THR K 716 -35.47 -36.05 0.78
C THR K 716 -35.25 -37.25 -0.14
N PHE K 717 -34.39 -38.16 0.28
CA PHE K 717 -34.11 -39.32 -0.54
C PHE K 717 -35.15 -40.38 -0.30
N LYS K 718 -35.61 -41.00 -1.38
CA LYS K 718 -36.62 -42.04 -1.27
C LYS K 718 -36.01 -43.43 -1.40
N LYS K 719 -35.25 -43.62 -2.48
CA LYS K 719 -34.64 -44.90 -2.73
C LYS K 719 -33.49 -44.83 -3.72
N VAL K 720 -32.73 -45.92 -3.75
CA VAL K 720 -31.59 -46.05 -4.63
C VAL K 720 -31.51 -47.44 -5.20
N ALA K 721 -31.36 -47.48 -6.52
CA ALA K 721 -31.23 -48.73 -7.23
C ALA K 721 -29.89 -48.75 -7.94
N ILE K 722 -29.08 -49.76 -7.64
CA ILE K 722 -27.77 -49.89 -8.24
C ILE K 722 -27.69 -51.06 -9.20
N THR K 723 -27.19 -50.80 -10.41
CA THR K 723 -27.10 -51.86 -11.40
C THR K 723 -25.83 -51.86 -12.21
N PHE K 724 -25.21 -53.03 -12.27
CA PHE K 724 -24.00 -53.22 -13.03
C PHE K 724 -24.38 -53.89 -14.34
N ASP K 725 -23.68 -53.50 -15.39
CA ASP K 725 -23.87 -54.04 -16.73
C ASP K 725 -25.31 -54.18 -17.23
N SER K 726 -26.14 -53.18 -16.96
CA SER K 726 -27.51 -53.18 -17.44
C SER K 726 -28.39 -54.35 -17.00
N SER K 727 -27.88 -55.29 -16.22
CA SER K 727 -28.72 -56.41 -15.84
C SER K 727 -28.58 -56.85 -14.40
N VAL K 728 -27.35 -56.80 -13.89
CA VAL K 728 -27.04 -57.23 -12.55
C VAL K 728 -27.31 -56.21 -11.45
N SER K 729 -28.17 -56.62 -10.52
CA SER K 729 -28.54 -55.80 -9.39
C SER K 729 -27.61 -56.00 -8.20
N TRP K 730 -27.04 -54.89 -7.73
CA TRP K 730 -26.16 -54.90 -6.59
C TRP K 730 -26.91 -54.32 -5.41
N PRO K 731 -26.82 -54.97 -4.26
CA PRO K 731 -26.01 -56.15 -4.02
C PRO K 731 -26.70 -57.46 -4.40
N GLY K 732 -27.96 -57.39 -4.80
CA GLY K 732 -28.68 -58.61 -5.16
C GLY K 732 -28.52 -59.64 -4.05
N ASN K 733 -28.41 -60.91 -4.44
CA ASN K 733 -28.22 -62.00 -3.49
C ASN K 733 -29.32 -62.15 -2.45
N ASP K 734 -30.43 -61.45 -2.64
CA ASP K 734 -31.56 -61.55 -1.72
C ASP K 734 -31.24 -61.03 -0.34
N ARG K 735 -30.27 -60.12 -0.26
CA ARG K 735 -29.85 -59.55 1.01
C ARG K 735 -30.86 -58.68 1.76
N LEU K 736 -31.40 -57.66 1.09
CA LEU K 736 -32.34 -56.74 1.72
C LEU K 736 -33.81 -57.16 1.70
N LEU K 737 -34.60 -56.58 2.60
CA LEU K 737 -36.03 -56.88 2.69
C LEU K 737 -36.73 -56.64 1.34
N THR K 738 -36.21 -55.63 0.64
CA THR K 738 -36.64 -55.23 -0.69
C THR K 738 -35.38 -55.23 -1.56
N PRO K 739 -34.92 -56.45 -1.77
CA PRO K 739 -33.72 -56.85 -2.48
C PRO K 739 -33.34 -56.09 -3.73
N ASN K 740 -34.30 -55.60 -4.51
CA ASN K 740 -33.94 -54.92 -5.74
C ASN K 740 -33.41 -53.50 -5.62
N GLU K 741 -33.46 -52.95 -4.43
CA GLU K 741 -33.00 -51.59 -4.26
C GLU K 741 -32.90 -51.19 -2.80
N PHE K 742 -32.28 -50.04 -2.60
CA PHE K 742 -32.13 -49.48 -1.29
C PHE K 742 -33.27 -48.51 -1.03
N GLU K 743 -34.17 -48.90 -0.13
CA GLU K 743 -35.30 -48.07 0.22
C GLU K 743 -34.93 -47.25 1.44
N ILE K 744 -34.79 -45.94 1.26
CA ILE K 744 -34.44 -45.07 2.37
C ILE K 744 -35.58 -44.84 3.35
N LYS K 745 -36.79 -44.69 2.84
CA LYS K 745 -37.96 -44.45 3.67
C LYS K 745 -39.26 -44.90 2.99
N ARG K 746 -40.26 -45.24 3.79
CA ARG K 746 -41.57 -45.68 3.29
C ARG K 746 -42.71 -44.83 3.83
N SER K 747 -43.75 -44.66 3.01
CA SER K 747 -44.91 -43.87 3.39
C SER K 747 -46.16 -44.66 3.75
N VAL K 748 -46.47 -44.65 5.04
CA VAL K 748 -47.64 -45.30 5.64
C VAL K 748 -47.93 -46.71 5.17
N ASP K 749 -48.13 -46.85 3.87
CA ASP K 749 -48.43 -48.12 3.25
C ASP K 749 -47.45 -49.23 3.61
N GLY K 750 -46.21 -48.85 3.90
CA GLY K 750 -45.20 -49.84 4.24
C GLY K 750 -44.72 -49.77 5.68
N GLU K 751 -45.51 -49.17 6.55
CA GLU K 751 -45.17 -49.05 7.94
C GLU K 751 -44.34 -50.22 8.49
N GLY K 752 -44.88 -51.43 8.42
CA GLY K 752 -44.23 -52.63 8.93
C GLY K 752 -42.73 -52.73 8.66
N TYR K 753 -42.26 -52.19 7.54
CA TYR K 753 -40.86 -52.27 7.21
C TYR K 753 -40.05 -51.11 7.77
N ASN K 754 -40.71 -50.25 8.53
CA ASN K 754 -40.06 -49.11 9.14
C ASN K 754 -39.48 -49.45 10.50
N VAL K 755 -38.66 -48.56 11.03
CA VAL K 755 -38.02 -48.77 12.32
C VAL K 755 -37.78 -47.46 13.06
N ALA K 756 -37.27 -47.59 14.28
CA ALA K 756 -36.91 -46.47 15.15
C ALA K 756 -38.01 -45.43 15.40
N GLN K 757 -39.26 -45.78 15.16
CA GLN K 757 -40.36 -44.85 15.40
C GLN K 757 -40.42 -43.68 14.44
N CYS K 758 -40.01 -43.93 13.21
CA CYS K 758 -40.04 -42.93 12.17
C CYS K 758 -40.31 -43.59 10.82
N ASN K 759 -40.18 -42.85 9.74
CA ASN K 759 -40.43 -43.43 8.43
C ASN K 759 -39.23 -44.08 7.77
N MET K 760 -38.15 -44.28 8.53
CA MET K 760 -36.98 -44.93 7.96
C MET K 760 -37.19 -46.42 7.93
N THR K 761 -36.61 -47.10 6.94
CA THR K 761 -36.77 -48.53 6.83
C THR K 761 -35.77 -49.30 7.66
N LYS K 762 -36.12 -50.53 7.97
CA LYS K 762 -35.24 -51.39 8.74
C LYS K 762 -33.95 -51.61 7.97
N ASP K 763 -34.11 -51.87 6.68
CA ASP K 763 -33.02 -52.13 5.75
C ASP K 763 -31.96 -51.03 5.78
N TRP K 764 -32.45 -49.80 5.59
CA TRP K 764 -31.60 -48.63 5.57
C TRP K 764 -30.92 -48.36 6.89
N PHE K 765 -31.68 -48.49 7.98
CA PHE K 765 -31.13 -48.26 9.30
C PHE K 765 -29.98 -49.22 9.56
N LEU K 766 -30.14 -50.44 9.06
CA LEU K 766 -29.16 -51.48 9.20
C LEU K 766 -27.87 -51.15 8.45
N VAL K 767 -28.04 -50.69 7.22
CA VAL K 767 -26.91 -50.35 6.37
C VAL K 767 -26.13 -49.17 6.92
N GLN K 768 -26.85 -48.13 7.34
CA GLN K 768 -26.21 -46.97 7.88
C GLN K 768 -25.43 -47.26 9.17
N MET K 769 -26.02 -48.10 10.02
CA MET K 769 -25.40 -48.46 11.28
C MET K 769 -24.11 -49.25 11.08
N LEU K 770 -24.15 -50.18 10.12
CA LEU K 770 -22.99 -51.00 9.82
C LEU K 770 -21.89 -50.18 9.17
N ALA K 771 -22.29 -49.43 8.15
CA ALA K 771 -21.37 -48.60 7.39
C ALA K 771 -20.62 -47.61 8.27
N ASN K 772 -21.32 -47.04 9.23
CA ASN K 772 -20.73 -46.05 10.12
C ASN K 772 -20.02 -46.65 11.32
N TYR K 773 -20.62 -47.70 11.92
CA TYR K 773 -20.01 -48.27 13.10
C TYR K 773 -19.89 -49.78 13.15
N ASN K 774 -20.24 -50.47 12.08
CA ASN K 774 -20.17 -51.93 12.11
C ASN K 774 -21.17 -52.52 13.10
N ILE K 775 -22.18 -51.75 13.47
CA ILE K 775 -23.20 -52.22 14.40
C ILE K 775 -24.41 -52.72 13.63
N GLY K 776 -24.88 -53.93 13.93
CA GLY K 776 -26.06 -54.38 13.21
C GLY K 776 -26.33 -55.87 13.28
N TYR K 777 -25.29 -56.69 13.18
CA TYR K 777 -25.47 -58.13 13.22
C TYR K 777 -25.58 -58.70 14.62
N GLN K 778 -25.12 -57.92 15.58
CA GLN K 778 -25.17 -58.40 16.94
C GLN K 778 -25.92 -57.43 17.84
N GLY K 779 -27.03 -56.94 17.32
CA GLY K 779 -27.87 -56.01 18.04
C GLY K 779 -27.55 -54.56 17.73
N PHE K 780 -28.55 -53.72 18.00
CA PHE K 780 -28.47 -52.29 17.80
C PHE K 780 -28.31 -51.60 19.14
N TYR K 781 -27.40 -50.63 19.21
CA TYR K 781 -27.18 -49.90 20.43
C TYR K 781 -26.50 -48.58 20.10
N ILE K 782 -26.46 -47.68 21.05
CA ILE K 782 -25.82 -46.41 20.80
C ILE K 782 -24.33 -46.61 20.63
N PRO K 783 -23.79 -46.12 19.52
CA PRO K 783 -22.37 -46.27 19.25
C PRO K 783 -21.52 -45.53 20.27
N GLU K 784 -20.27 -46.00 20.45
CA GLU K 784 -19.37 -45.34 21.37
C GLU K 784 -19.11 -43.92 20.88
N SER K 785 -19.20 -42.96 21.80
CA SER K 785 -19.01 -41.55 21.51
C SER K 785 -17.82 -41.19 20.63
N TYR K 786 -16.67 -41.82 20.83
CA TYR K 786 -15.55 -41.47 19.99
C TYR K 786 -15.74 -41.86 18.54
N LYS K 787 -16.67 -42.77 18.25
CA LYS K 787 -16.94 -43.21 16.89
C LYS K 787 -18.09 -42.45 16.27
N ASP K 788 -18.87 -41.79 17.13
CA ASP K 788 -20.02 -41.01 16.71
C ASP K 788 -19.66 -39.54 16.72
N ARG K 789 -19.00 -39.10 15.66
CA ARG K 789 -18.57 -37.72 15.56
C ARG K 789 -19.61 -36.73 15.03
N MET K 790 -19.14 -35.49 14.81
CA MET K 790 -19.97 -34.40 14.34
C MET K 790 -20.75 -34.69 13.07
N TYR K 791 -20.08 -35.23 12.09
CA TYR K 791 -20.68 -35.52 10.80
C TYR K 791 -21.14 -36.97 10.68
N SER K 792 -21.31 -37.63 11.81
CA SER K 792 -21.74 -39.02 11.82
C SER K 792 -23.25 -39.19 11.67
N PHE K 793 -23.64 -40.43 11.41
CA PHE K 793 -25.02 -40.79 11.21
C PHE K 793 -25.93 -40.64 12.42
N PHE K 794 -25.68 -41.49 13.43
CA PHE K 794 -26.46 -41.52 14.65
C PHE K 794 -26.63 -40.19 15.36
N ARG K 795 -25.51 -39.56 15.68
CA ARG K 795 -25.48 -38.29 16.37
C ARG K 795 -26.38 -37.25 15.72
N ASN K 796 -26.60 -37.39 14.41
CA ASN K 796 -27.41 -36.47 13.63
C ASN K 796 -28.83 -36.96 13.29
N PHE K 797 -29.12 -38.20 13.67
CA PHE K 797 -30.42 -38.81 13.40
C PHE K 797 -31.51 -38.35 14.36
N GLN K 798 -32.57 -37.76 13.81
CA GLN K 798 -33.68 -37.24 14.59
C GLN K 798 -35.05 -37.68 14.09
N PRO K 799 -35.61 -38.72 14.70
CA PRO K 799 -36.93 -39.19 14.28
C PRO K 799 -38.00 -38.32 14.93
N MET K 800 -39.04 -37.98 14.16
CA MET K 800 -40.12 -37.15 14.66
C MET K 800 -41.51 -37.66 14.32
N SER K 801 -42.47 -37.26 15.17
CA SER K 801 -43.85 -37.61 15.05
C SER K 801 -44.76 -36.52 15.58
N ARG K 802 -45.96 -36.45 15.04
CA ARG K 802 -46.95 -35.47 15.45
C ARG K 802 -48.30 -35.87 14.90
N GLN K 803 -49.34 -35.25 15.45
CA GLN K 803 -50.69 -35.52 15.04
C GLN K 803 -51.34 -34.26 14.53
N VAL K 804 -52.22 -34.42 13.55
CA VAL K 804 -52.96 -33.32 12.97
C VAL K 804 -54.39 -33.75 12.72
N VAL K 805 -55.33 -32.80 12.63
CA VAL K 805 -56.71 -33.15 12.39
C VAL K 805 -56.86 -33.95 11.12
N ASP K 806 -57.73 -34.94 11.17
CA ASP K 806 -57.97 -35.73 9.99
C ASP K 806 -59.10 -35.02 9.23
N ASP K 807 -58.73 -34.30 8.19
CA ASP K 807 -59.68 -33.56 7.39
C ASP K 807 -60.77 -34.40 6.74
N THR K 808 -60.53 -35.70 6.59
CA THR K 808 -61.51 -36.57 5.95
C THR K 808 -62.37 -37.39 6.90
N LYS K 809 -62.13 -37.29 8.20
CA LYS K 809 -62.93 -38.06 9.13
C LYS K 809 -63.54 -37.24 10.25
N TYR K 810 -63.02 -36.02 10.48
CA TYR K 810 -63.55 -35.14 11.50
C TYR K 810 -64.75 -34.41 10.91
N LYS K 811 -65.94 -34.89 11.27
CA LYS K 811 -67.19 -34.34 10.80
C LYS K 811 -67.28 -32.82 10.71
N ASP K 812 -66.85 -32.13 11.77
CA ASP K 812 -66.93 -30.67 11.80
C ASP K 812 -65.75 -29.92 11.23
N TYR K 813 -64.86 -30.63 10.55
CA TYR K 813 -63.69 -30.00 9.97
C TYR K 813 -64.00 -28.74 9.18
N GLN K 814 -63.16 -27.73 9.35
CA GLN K 814 -63.25 -26.45 8.68
C GLN K 814 -61.87 -25.96 8.28
N GLN K 815 -61.67 -25.75 6.99
CA GLN K 815 -60.40 -25.29 6.50
C GLN K 815 -60.25 -23.78 6.63
N VAL K 816 -59.69 -23.34 7.75
CA VAL K 816 -59.50 -21.93 8.02
C VAL K 816 -58.06 -21.51 7.91
N GLY K 817 -57.79 -20.51 7.07
CA GLY K 817 -56.44 -20.01 6.84
C GLY K 817 -56.08 -18.87 7.78
N ILE K 818 -54.83 -18.40 7.71
CA ILE K 818 -54.38 -17.32 8.59
C ILE K 818 -55.29 -16.12 8.55
N LEU K 819 -55.71 -15.76 7.35
CA LEU K 819 -56.59 -14.62 7.16
C LEU K 819 -57.79 -14.63 8.07
N HIS K 820 -58.22 -15.84 8.45
CA HIS K 820 -59.39 -15.98 9.29
C HIS K 820 -59.20 -16.68 10.61
N GLN K 821 -57.97 -16.93 10.98
CA GLN K 821 -57.77 -17.58 12.25
C GLN K 821 -57.67 -16.53 13.34
N HIS K 822 -58.32 -16.82 14.45
CA HIS K 822 -58.29 -15.90 15.56
C HIS K 822 -58.00 -16.59 16.89
N ASN K 823 -56.91 -16.13 17.48
CA ASN K 823 -56.39 -16.60 18.73
C ASN K 823 -55.57 -15.46 19.30
N ASN K 824 -56.02 -14.91 20.42
CA ASN K 824 -55.37 -13.79 21.06
C ASN K 824 -55.86 -12.48 20.45
N SER K 825 -56.97 -12.60 19.72
CA SER K 825 -57.58 -11.46 19.09
C SER K 825 -57.78 -10.38 20.13
N GLY K 826 -57.47 -9.15 19.75
CA GLY K 826 -57.61 -8.07 20.68
C GLY K 826 -56.34 -7.83 21.47
N PHE K 827 -55.39 -8.76 21.37
CA PHE K 827 -54.13 -8.63 22.09
C PHE K 827 -52.91 -8.71 21.18
N VAL K 828 -53.15 -8.99 19.91
CA VAL K 828 -52.09 -9.12 18.92
C VAL K 828 -52.38 -8.35 17.63
N GLY K 829 -51.34 -8.02 16.87
CA GLY K 829 -51.54 -7.30 15.62
C GLY K 829 -52.09 -8.26 14.57
N TYR K 830 -52.73 -7.74 13.53
CA TYR K 830 -53.33 -8.59 12.50
C TYR K 830 -52.41 -8.80 11.30
N LEU K 831 -52.07 -10.08 11.04
CA LEU K 831 -51.20 -10.46 9.93
C LEU K 831 -49.87 -9.72 9.92
N ALA K 832 -49.42 -9.31 11.11
CA ALA K 832 -48.17 -8.59 11.22
C ALA K 832 -47.73 -8.38 12.66
N PRO K 833 -46.46 -8.06 12.82
CA PRO K 833 -45.87 -7.83 14.13
C PRO K 833 -46.15 -6.43 14.63
N THR K 834 -47.35 -5.94 14.36
CA THR K 834 -47.70 -4.60 14.78
C THR K 834 -48.50 -4.54 16.06
N MET K 835 -49.02 -3.34 16.29
CA MET K 835 -49.82 -2.99 17.43
C MET K 835 -51.07 -3.85 17.57
N ARG K 836 -51.50 -4.06 18.81
CA ARG K 836 -52.66 -4.85 19.05
C ARG K 836 -53.91 -4.23 18.45
N GLU K 837 -54.86 -5.09 18.14
CA GLU K 837 -56.12 -4.70 17.57
C GLU K 837 -57.11 -5.82 17.77
N GLY K 838 -58.36 -5.56 17.45
CA GLY K 838 -59.39 -6.56 17.61
C GLY K 838 -60.04 -6.49 18.98
N GLN K 839 -60.61 -7.62 19.38
CA GLN K 839 -61.29 -7.73 20.64
C GLN K 839 -61.21 -9.15 21.18
N ALA K 840 -61.34 -9.26 22.49
CA ALA K 840 -61.32 -10.57 23.10
C ALA K 840 -62.37 -11.43 22.43
N TYR K 841 -62.08 -12.72 22.35
CA TYR K 841 -63.01 -13.63 21.72
C TYR K 841 -62.48 -15.05 21.69
N PRO K 842 -63.39 -15.99 21.92
CA PRO K 842 -63.01 -17.38 21.90
C PRO K 842 -62.23 -17.70 20.64
N ALA K 843 -61.07 -18.33 20.82
CA ALA K 843 -60.24 -18.70 19.69
C ALA K 843 -60.99 -19.70 18.83
N ASN K 844 -60.70 -19.68 17.53
CA ASN K 844 -61.33 -20.57 16.59
C ASN K 844 -60.29 -21.51 15.99
N PHE K 845 -59.11 -21.46 16.58
CA PHE K 845 -58.00 -22.25 16.13
C PHE K 845 -56.90 -22.20 17.18
N PRO K 846 -56.11 -23.25 17.32
CA PRO K 846 -56.14 -24.48 16.55
C PRO K 846 -57.11 -25.51 17.12
N TYR K 847 -57.23 -26.62 16.40
CA TYR K 847 -58.10 -27.70 16.83
C TYR K 847 -57.47 -28.46 17.99
N PRO K 848 -58.30 -28.82 18.96
CA PRO K 848 -57.84 -29.56 20.12
C PRO K 848 -57.51 -31.01 19.77
N LEU K 849 -56.28 -31.41 20.08
CA LEU K 849 -55.83 -32.77 19.81
C LEU K 849 -55.86 -33.61 21.06
N ILE K 850 -56.20 -32.94 22.16
CA ILE K 850 -56.27 -33.55 23.46
C ILE K 850 -57.59 -33.26 24.15
N GLY K 851 -57.85 -33.93 25.25
CA GLY K 851 -59.07 -33.75 26.02
C GLY K 851 -60.20 -34.70 25.63
N LYS K 852 -61.36 -34.49 26.26
CA LYS K 852 -62.55 -35.29 26.00
C LYS K 852 -63.17 -34.91 24.68
N THR K 853 -62.68 -33.82 24.10
CA THR K 853 -63.20 -33.28 22.87
C THR K 853 -62.26 -33.35 21.67
N ALA K 854 -61.07 -33.91 21.87
CA ALA K 854 -60.09 -34.05 20.81
C ALA K 854 -60.71 -34.52 19.50
N VAL K 855 -60.22 -33.96 18.40
CA VAL K 855 -60.72 -34.28 17.07
C VAL K 855 -60.05 -35.52 16.50
N ASP K 856 -60.73 -36.13 15.54
CA ASP K 856 -60.19 -37.28 14.89
C ASP K 856 -58.85 -36.87 14.30
N SER K 857 -57.80 -37.62 14.59
CA SER K 857 -56.50 -37.24 14.09
C SER K 857 -55.85 -38.25 13.18
N ILE K 858 -54.74 -37.80 12.62
CA ILE K 858 -53.91 -38.57 11.72
C ILE K 858 -52.47 -38.40 12.14
N THR K 859 -51.68 -39.46 12.03
CA THR K 859 -50.30 -39.42 12.42
C THR K 859 -49.29 -39.20 11.30
N GLN K 860 -48.29 -38.39 11.61
CA GLN K 860 -47.22 -38.05 10.69
C GLN K 860 -45.85 -38.33 11.28
N LYS K 861 -45.02 -39.04 10.54
CA LYS K 861 -43.67 -39.38 10.95
C LYS K 861 -42.68 -39.02 9.87
N LYS K 862 -41.51 -38.57 10.32
CA LYS K 862 -40.44 -38.21 9.43
C LYS K 862 -39.14 -38.20 10.20
N PHE K 863 -38.12 -37.62 9.59
CA PHE K 863 -36.84 -37.56 10.25
C PHE K 863 -35.91 -36.58 9.55
N LEU K 864 -34.96 -36.10 10.31
CA LEU K 864 -33.93 -35.20 9.87
C LEU K 864 -32.62 -35.94 10.04
N CYS K 865 -31.64 -35.61 9.22
CA CYS K 865 -30.35 -36.25 9.32
C CYS K 865 -29.30 -35.35 8.71
N ASP K 866 -29.22 -34.17 9.31
CA ASP K 866 -28.31 -33.12 8.91
C ASP K 866 -26.85 -33.47 9.06
N ARG K 867 -26.07 -32.61 8.41
CA ARG K 867 -24.62 -32.64 8.36
C ARG K 867 -23.92 -33.98 8.28
N THR K 868 -24.46 -34.88 7.46
CA THR K 868 -23.87 -36.19 7.26
C THR K 868 -24.07 -36.64 5.82
N LEU K 869 -23.39 -37.70 5.42
CA LEU K 869 -23.50 -38.23 4.09
C LEU K 869 -24.08 -39.62 4.11
N TRP K 870 -25.02 -39.91 3.22
CA TRP K 870 -25.60 -41.25 3.14
C TRP K 870 -24.48 -42.18 2.66
N ARG K 871 -24.41 -43.39 3.21
CA ARG K 871 -23.34 -44.29 2.77
C ARG K 871 -23.77 -45.69 2.35
N ILE K 872 -23.11 -46.16 1.28
CA ILE K 872 -23.28 -47.47 0.70
C ILE K 872 -21.91 -48.01 0.34
N PRO K 873 -21.33 -48.74 1.28
CA PRO K 873 -20.01 -49.31 1.14
C PRO K 873 -19.95 -50.47 0.17
N PHE K 874 -18.85 -50.55 -0.55
CA PHE K 874 -18.66 -51.64 -1.49
C PHE K 874 -17.99 -52.79 -0.76
N SER K 875 -18.72 -53.29 0.24
CA SER K 875 -18.28 -54.40 1.08
C SER K 875 -19.35 -55.49 1.13
N SER K 876 -18.92 -56.75 1.03
CA SER K 876 -19.81 -57.88 1.04
C SER K 876 -20.85 -57.92 2.15
N ASN K 877 -20.48 -57.40 3.33
CA ASN K 877 -21.41 -57.40 4.46
C ASN K 877 -21.67 -55.98 4.96
N PHE K 878 -21.32 -55.01 4.12
CA PHE K 878 -21.46 -53.60 4.41
C PHE K 878 -20.55 -53.13 5.52
N MET K 879 -19.79 -54.05 6.12
CA MET K 879 -18.91 -53.67 7.19
C MET K 879 -17.56 -53.16 6.73
N SER K 880 -16.89 -52.50 7.66
CA SER K 880 -15.57 -51.97 7.45
C SER K 880 -14.57 -52.99 7.93
N MET K 881 -13.88 -53.60 6.97
CA MET K 881 -12.90 -54.62 7.26
C MET K 881 -11.54 -54.23 6.68
N GLY K 882 -11.43 -52.96 6.29
CA GLY K 882 -10.22 -52.43 5.71
C GLY K 882 -10.49 -51.44 4.59
N ALA K 883 -9.59 -50.48 4.44
CA ALA K 883 -9.71 -49.46 3.40
C ALA K 883 -9.93 -50.11 2.05
N LEU K 884 -9.13 -51.12 1.76
CA LEU K 884 -9.21 -51.86 0.53
C LEU K 884 -10.18 -53.00 0.77
N THR K 885 -11.43 -52.76 0.37
CA THR K 885 -12.53 -53.68 0.54
C THR K 885 -12.40 -55.05 -0.14
N ASP K 886 -13.23 -55.98 0.31
CA ASP K 886 -13.22 -57.33 -0.23
C ASP K 886 -13.71 -57.36 -1.67
N LEU K 887 -14.76 -56.58 -1.94
CA LEU K 887 -15.33 -56.49 -3.27
C LEU K 887 -14.39 -55.77 -4.22
N GLY K 888 -13.81 -54.69 -3.73
CA GLY K 888 -12.89 -53.91 -4.51
C GLY K 888 -11.70 -54.74 -4.97
N GLN K 889 -11.52 -55.90 -4.35
CA GLN K 889 -10.42 -56.76 -4.73
C GLN K 889 -10.80 -58.07 -5.41
N ASN K 890 -12.11 -58.19 -5.70
CA ASN K 890 -12.69 -59.34 -6.38
C ASN K 890 -12.25 -59.42 -7.83
N LEU K 891 -11.87 -60.63 -8.25
CA LEU K 891 -11.43 -60.84 -9.62
C LEU K 891 -12.44 -60.34 -10.62
N LEU K 892 -13.72 -60.51 -10.28
CA LEU K 892 -14.75 -60.07 -11.17
C LEU K 892 -14.72 -58.57 -11.41
N TYR K 893 -14.12 -57.82 -10.50
CA TYR K 893 -14.05 -56.39 -10.71
C TYR K 893 -12.70 -55.94 -11.26
N ALA K 894 -11.75 -56.88 -11.30
CA ALA K 894 -10.41 -56.61 -11.80
C ALA K 894 -10.16 -57.14 -13.21
N ASN K 895 -10.61 -58.38 -13.43
CA ASN K 895 -10.43 -59.03 -14.71
C ASN K 895 -11.27 -58.41 -15.81
N SER K 896 -12.10 -57.44 -15.45
CA SER K 896 -12.92 -56.83 -16.48
C SER K 896 -13.57 -55.51 -16.10
N ALA K 897 -13.98 -54.81 -17.14
CA ALA K 897 -14.64 -53.53 -17.03
C ALA K 897 -16.15 -53.72 -16.94
N HIS K 898 -16.77 -52.81 -16.20
CA HIS K 898 -18.20 -52.84 -16.02
C HIS K 898 -18.81 -51.46 -16.17
N ALA K 899 -20.06 -51.44 -16.56
CA ALA K 899 -20.81 -50.22 -16.71
C ALA K 899 -21.70 -50.11 -15.48
N LEU K 900 -22.02 -48.89 -15.07
CA LEU K 900 -22.84 -48.77 -13.90
C LEU K 900 -24.02 -47.83 -14.08
N ASP K 901 -25.17 -48.27 -13.57
CA ASP K 901 -26.38 -47.48 -13.63
C ASP K 901 -26.95 -47.30 -12.25
N MET K 902 -27.29 -46.06 -11.94
CA MET K 902 -27.86 -45.71 -10.66
C MET K 902 -29.15 -44.94 -10.84
N THR K 903 -30.13 -45.24 -10.00
CA THR K 903 -31.39 -44.56 -10.08
C THR K 903 -31.84 -44.08 -8.73
N PHE K 904 -31.87 -42.77 -8.59
CA PHE K 904 -32.29 -42.14 -7.37
C PHE K 904 -33.71 -41.62 -7.44
N GLU K 905 -34.42 -41.78 -6.34
CA GLU K 905 -35.77 -41.31 -6.21
C GLU K 905 -35.79 -40.33 -5.06
N VAL K 906 -36.17 -39.09 -5.34
CA VAL K 906 -36.18 -38.07 -4.32
C VAL K 906 -37.50 -37.36 -4.21
N ASP K 907 -37.67 -36.65 -3.10
CA ASP K 907 -38.86 -35.88 -2.89
C ASP K 907 -38.74 -34.68 -3.82
N PRO K 908 -39.86 -34.21 -4.34
CA PRO K 908 -39.82 -33.08 -5.25
C PRO K 908 -39.59 -31.77 -4.52
N MET K 909 -38.80 -30.92 -5.15
CA MET K 909 -38.49 -29.60 -4.62
C MET K 909 -38.78 -28.57 -5.71
N ASP K 910 -39.41 -27.48 -5.31
CA ASP K 910 -39.78 -26.43 -6.25
C ASP K 910 -38.60 -25.59 -6.72
N GLU K 911 -37.39 -26.12 -6.60
CA GLU K 911 -36.23 -25.39 -7.03
C GLU K 911 -35.13 -26.29 -7.55
N PRO K 912 -34.32 -25.78 -8.48
CA PRO K 912 -33.26 -26.61 -9.01
C PRO K 912 -32.29 -27.05 -7.92
N THR K 913 -32.02 -28.34 -7.90
CA THR K 913 -31.13 -28.91 -6.93
C THR K 913 -30.10 -29.78 -7.60
N LEU K 914 -29.23 -30.37 -6.79
CA LEU K 914 -28.20 -31.25 -7.31
C LEU K 914 -28.08 -32.49 -6.47
N LEU K 915 -27.82 -33.59 -7.17
CA LEU K 915 -27.60 -34.86 -6.51
C LEU K 915 -26.09 -34.98 -6.49
N TYR K 916 -25.52 -34.94 -5.29
CA TYR K 916 -24.09 -35.00 -5.12
C TYR K 916 -23.59 -36.39 -4.80
N VAL K 917 -22.85 -36.99 -5.73
CA VAL K 917 -22.33 -38.33 -5.53
C VAL K 917 -20.82 -38.40 -5.38
N LEU K 918 -20.40 -39.07 -4.31
CA LEU K 918 -19.01 -39.27 -4.01
C LEU K 918 -18.66 -40.70 -4.35
N PHE K 919 -17.75 -40.88 -5.28
CA PHE K 919 -17.33 -42.21 -5.62
C PHE K 919 -16.06 -42.48 -4.83
N GLU K 920 -16.18 -43.26 -3.77
CA GLU K 920 -15.06 -43.57 -2.91
C GLU K 920 -13.96 -44.39 -3.57
N VAL K 921 -12.76 -43.83 -3.54
CA VAL K 921 -11.59 -44.44 -4.13
C VAL K 921 -10.33 -44.10 -3.36
N PHE K 922 -9.23 -44.45 -4.01
CA PHE K 922 -7.92 -44.17 -3.48
C PHE K 922 -7.35 -43.01 -4.28
N ASP K 923 -7.02 -41.95 -3.55
CA ASP K 923 -6.46 -40.74 -4.09
C ASP K 923 -5.12 -40.57 -3.39
N VAL K 924 -4.08 -41.09 -4.04
CA VAL K 924 -2.75 -41.10 -3.46
C VAL K 924 -1.62 -40.47 -4.26
N VAL K 925 -0.58 -40.13 -3.50
CA VAL K 925 0.65 -39.55 -3.99
C VAL K 925 1.85 -40.18 -3.30
N ARG K 926 2.92 -40.32 -4.07
CA ARG K 926 4.19 -40.82 -3.60
C ARG K 926 5.22 -39.76 -3.90
N VAL K 927 5.90 -39.27 -2.86
CA VAL K 927 6.88 -38.21 -3.04
C VAL K 927 8.31 -38.70 -3.01
N HIS K 928 9.04 -38.34 -4.08
CA HIS K 928 10.44 -38.68 -4.24
C HIS K 928 11.30 -37.43 -4.21
N ARG K 929 12.37 -37.47 -3.40
CA ARG K 929 13.25 -36.32 -3.29
C ARG K 929 14.72 -36.70 -3.40
N PRO K 930 15.07 -37.24 -4.57
CA PRO K 930 16.40 -37.72 -4.92
C PRO K 930 17.55 -36.76 -4.66
N HIS K 931 17.36 -35.47 -4.97
CA HIS K 931 18.45 -34.51 -4.77
C HIS K 931 18.00 -33.14 -4.29
N ARG K 932 18.99 -32.37 -3.85
CA ARG K 932 18.79 -31.03 -3.37
C ARG K 932 17.91 -30.25 -4.35
N GLY K 933 16.82 -29.68 -3.85
CA GLY K 933 15.91 -28.89 -4.67
C GLY K 933 15.23 -29.65 -5.79
N VAL K 934 14.91 -30.92 -5.54
CA VAL K 934 14.25 -31.76 -6.52
C VAL K 934 13.11 -32.57 -5.91
N ILE K 935 11.89 -32.25 -6.34
CA ILE K 935 10.70 -32.94 -5.88
C ILE K 935 9.94 -33.59 -7.02
N GLU K 936 9.88 -34.91 -6.99
CA GLU K 936 9.17 -35.64 -8.02
C GLU K 936 7.99 -36.35 -7.39
N THR K 937 6.82 -36.29 -8.04
CA THR K 937 5.64 -36.92 -7.49
C THR K 937 4.98 -37.90 -8.43
N VAL K 938 4.31 -38.87 -7.83
CA VAL K 938 3.58 -39.85 -8.58
C VAL K 938 2.16 -39.92 -8.05
N TYR K 939 1.22 -39.42 -8.85
CA TYR K 939 -0.17 -39.45 -8.44
C TYR K 939 -0.87 -40.65 -9.04
N LEU K 940 -1.75 -41.24 -8.24
CA LEU K 940 -2.52 -42.37 -8.66
C LEU K 940 -3.89 -42.32 -8.02
N ARG K 941 -4.93 -42.30 -8.86
CA ARG K 941 -6.29 -42.26 -8.37
C ARG K 941 -7.11 -43.41 -8.92
N THR K 942 -7.42 -44.39 -8.08
CA THR K 942 -8.21 -45.50 -8.54
C THR K 942 -9.26 -45.97 -7.53
N PRO K 943 -10.42 -46.29 -8.10
CA PRO K 943 -10.62 -46.20 -9.53
C PRO K 943 -10.73 -44.75 -9.99
N PHE K 944 -11.30 -44.54 -11.18
CA PHE K 944 -11.47 -43.19 -11.71
C PHE K 944 -10.14 -42.47 -11.88
N SER K 945 -9.23 -43.06 -12.66
CA SER K 945 -7.94 -42.46 -12.89
C SER K 945 -8.10 -41.15 -13.66
N ALA K 946 -7.28 -40.17 -13.31
CA ALA K 946 -7.32 -38.87 -13.97
C ALA K 946 -6.44 -38.88 -15.21
N MET L 5 -19.42 -75.84 47.07
CA MET L 5 -18.04 -75.49 46.75
C MET L 5 -17.61 -75.99 45.38
N MET L 6 -16.30 -76.18 45.25
CA MET L 6 -15.64 -76.64 44.05
C MET L 6 -16.48 -76.94 42.79
N PRO L 7 -16.90 -78.20 42.65
CA PRO L 7 -17.67 -78.71 41.51
C PRO L 7 -18.61 -77.76 40.78
N GLN L 8 -19.70 -77.37 41.44
CA GLN L 8 -20.61 -76.47 40.75
C GLN L 8 -19.93 -75.20 40.30
N TRP L 9 -19.06 -74.69 41.17
CA TRP L 9 -18.33 -73.46 40.88
C TRP L 9 -17.55 -73.49 39.58
N SER L 10 -16.74 -74.53 39.37
CA SER L 10 -15.96 -74.63 38.14
C SER L 10 -16.86 -74.86 36.94
N TYR L 11 -17.83 -75.75 37.11
CA TYR L 11 -18.76 -76.07 36.05
C TYR L 11 -19.52 -74.84 35.56
N MET L 12 -20.01 -74.04 36.51
CA MET L 12 -20.75 -72.83 36.22
C MET L 12 -19.85 -71.64 35.95
N HIS L 13 -18.55 -71.84 36.11
CA HIS L 13 -17.56 -70.82 35.88
C HIS L 13 -17.54 -69.71 36.95
N ILE L 14 -18.11 -70.02 38.09
CA ILE L 14 -18.12 -69.07 39.17
C ILE L 14 -16.69 -68.88 39.64
N SER L 15 -15.92 -69.92 39.40
CA SER L 15 -14.51 -70.01 39.72
C SER L 15 -13.81 -70.89 38.70
N GLY L 16 -12.50 -71.06 38.84
CA GLY L 16 -11.76 -71.90 37.91
C GLY L 16 -11.03 -71.12 36.81
N GLN L 17 -10.96 -71.76 35.64
CA GLN L 17 -10.27 -71.22 34.48
C GLN L 17 -11.03 -70.14 33.72
N ASP L 18 -10.24 -69.41 32.93
CA ASP L 18 -10.71 -68.35 32.08
C ASP L 18 -11.10 -68.96 30.74
N ALA L 19 -12.00 -68.31 30.02
CA ALA L 19 -12.45 -68.82 28.74
C ALA L 19 -11.30 -69.29 27.85
N SER L 20 -10.20 -68.53 27.89
CA SER L 20 -9.03 -68.86 27.09
C SER L 20 -8.42 -70.21 27.44
N GLU L 21 -8.61 -70.63 28.67
CA GLU L 21 -8.08 -71.91 29.11
C GLU L 21 -9.10 -73.02 29.06
N TYR L 22 -10.36 -72.69 29.33
CA TYR L 22 -11.38 -73.71 29.32
C TYR L 22 -11.95 -74.05 27.96
N LEU L 23 -12.02 -73.07 27.05
CA LEU L 23 -12.53 -73.34 25.72
C LEU L 23 -11.49 -74.13 24.92
N SER L 24 -11.94 -74.75 23.84
CA SER L 24 -11.02 -75.50 23.01
C SER L 24 -10.13 -74.50 22.27
N PRO L 25 -8.92 -74.94 21.97
CA PRO L 25 -7.97 -74.09 21.29
C PRO L 25 -8.39 -73.61 19.91
N GLY L 26 -9.11 -74.46 19.17
CA GLY L 26 -9.56 -74.07 17.84
C GLY L 26 -10.50 -72.88 17.93
N LEU L 27 -11.42 -72.96 18.89
CA LEU L 27 -12.40 -71.92 19.14
C LEU L 27 -11.74 -70.62 19.57
N VAL L 28 -10.78 -70.73 20.48
CA VAL L 28 -10.06 -69.58 20.97
C VAL L 28 -9.41 -68.86 19.80
N GLN L 29 -8.75 -69.66 18.97
CA GLN L 29 -8.06 -69.16 17.79
C GLN L 29 -9.05 -68.45 16.90
N PHE L 30 -10.13 -69.17 16.58
CA PHE L 30 -11.19 -68.65 15.75
C PHE L 30 -11.74 -67.35 16.30
N ALA L 31 -12.02 -67.34 17.60
CA ALA L 31 -12.54 -66.16 18.27
C ALA L 31 -11.65 -64.97 18.05
N ARG L 32 -10.35 -65.18 18.26
CA ARG L 32 -9.38 -64.12 18.11
C ARG L 32 -9.31 -63.59 16.69
N ALA L 33 -9.47 -64.49 15.73
CA ALA L 33 -9.41 -64.11 14.33
C ALA L 33 -10.65 -63.37 13.81
N THR L 34 -11.82 -63.73 14.36
CA THR L 34 -13.08 -63.12 13.94
C THR L 34 -13.47 -61.88 14.72
N GLU L 35 -12.81 -61.67 15.86
CA GLU L 35 -13.06 -60.55 16.74
C GLU L 35 -13.60 -59.25 16.14
N THR L 36 -12.87 -58.65 15.20
CA THR L 36 -13.29 -57.39 14.61
C THR L 36 -14.55 -57.42 13.79
N TYR L 37 -15.00 -58.60 13.37
CA TYR L 37 -16.19 -58.65 12.56
C TYR L 37 -17.35 -59.44 13.11
N PHE L 38 -17.07 -60.28 14.10
CA PHE L 38 -18.09 -61.11 14.70
C PHE L 38 -17.58 -61.61 16.03
N SER L 39 -18.06 -60.99 17.12
CA SER L 39 -17.59 -61.37 18.44
C SER L 39 -18.32 -62.42 19.26
N LEU L 40 -17.50 -63.26 19.89
CA LEU L 40 -17.91 -64.38 20.72
C LEU L 40 -17.54 -64.16 22.19
N ASN L 41 -16.84 -63.07 22.46
CA ASN L 41 -16.40 -62.76 23.81
C ASN L 41 -17.48 -62.72 24.88
N ASN L 42 -18.62 -62.10 24.59
CA ASN L 42 -19.65 -62.01 25.61
C ASN L 42 -20.50 -63.25 25.83
N LYS L 43 -20.11 -64.39 25.28
CA LYS L 43 -20.91 -65.58 25.51
C LYS L 43 -20.22 -66.65 26.35
N PHE L 44 -19.06 -66.29 26.88
CA PHE L 44 -18.26 -67.17 27.71
C PHE L 44 -17.82 -66.44 28.97
N ARG L 45 -18.27 -66.89 30.12
CA ARG L 45 -17.88 -66.22 31.33
C ARG L 45 -16.47 -66.48 31.83
N ASN L 46 -15.92 -65.41 32.40
CA ASN L 46 -14.60 -65.38 32.98
C ASN L 46 -14.70 -65.01 34.45
N PRO L 47 -14.44 -66.00 35.28
CA PRO L 47 -14.51 -65.84 36.72
C PRO L 47 -13.45 -64.89 37.26
N THR L 48 -13.80 -64.25 38.38
CA THR L 48 -12.93 -63.33 39.11
C THR L 48 -13.04 -63.73 40.56
N VAL L 49 -11.92 -64.22 41.07
CA VAL L 49 -11.85 -64.69 42.42
C VAL L 49 -10.94 -63.87 43.33
N ALA L 50 -11.50 -63.40 44.42
CA ALA L 50 -10.70 -62.63 45.36
C ALA L 50 -9.72 -63.55 46.09
N PRO L 51 -8.62 -62.98 46.53
CA PRO L 51 -7.61 -63.73 47.26
C PRO L 51 -8.15 -64.06 48.63
N THR L 52 -7.76 -65.20 49.18
CA THR L 52 -8.25 -65.61 50.49
C THR L 52 -7.27 -65.52 51.64
N HIS L 53 -6.01 -65.21 51.36
CA HIS L 53 -5.03 -65.14 52.43
C HIS L 53 -3.98 -64.07 52.22
N ASP L 54 -3.37 -63.63 53.33
CA ASP L 54 -2.31 -62.64 53.32
C ASP L 54 -2.70 -61.26 52.84
N VAL L 55 -3.94 -60.86 53.08
CA VAL L 55 -4.37 -59.54 52.65
C VAL L 55 -4.93 -58.76 53.83
N THR L 56 -5.93 -59.36 54.44
CA THR L 56 -6.62 -58.77 55.57
C THR L 56 -6.44 -59.57 56.85
N THR L 57 -6.66 -58.90 57.96
CA THR L 57 -6.53 -59.52 59.27
C THR L 57 -7.78 -60.26 59.67
N ASP L 58 -7.59 -61.20 60.58
CA ASP L 58 -8.66 -62.00 61.12
C ASP L 58 -8.88 -61.46 62.51
N ARG L 59 -7.86 -60.75 62.95
CA ARG L 59 -7.83 -60.15 64.26
C ARG L 59 -8.68 -58.89 64.39
N SER L 60 -8.98 -58.58 65.65
CA SER L 60 -9.74 -57.41 66.01
C SER L 60 -8.92 -56.18 65.72
N GLN L 61 -9.51 -55.21 65.04
CA GLN L 61 -8.77 -54.02 64.67
C GLN L 61 -9.69 -52.95 64.09
N ARG L 62 -9.52 -51.72 64.58
CA ARG L 62 -10.31 -50.60 64.12
C ARG L 62 -9.82 -50.14 62.75
N LEU L 63 -10.74 -49.63 61.93
CA LEU L 63 -10.33 -49.16 60.63
C LEU L 63 -9.91 -47.71 60.77
N THR L 64 -10.66 -47.01 61.62
CA THR L 64 -10.43 -45.62 61.88
C THR L 64 -10.19 -45.34 63.35
N LEU L 65 -9.16 -44.53 63.60
CA LEU L 65 -8.79 -44.11 64.93
C LEU L 65 -8.91 -42.61 65.03
N ARG L 66 -9.24 -42.15 66.21
CA ARG L 66 -9.34 -40.74 66.44
C ARG L 66 -8.46 -40.36 67.60
N PHE L 67 -7.69 -39.29 67.37
CA PHE L 67 -6.78 -38.78 68.36
C PHE L 67 -7.17 -37.45 68.91
N ILE L 68 -7.04 -37.34 70.23
CA ILE L 68 -7.36 -36.13 70.95
C ILE L 68 -6.06 -35.36 71.15
N PRO L 69 -6.12 -34.03 71.13
CA PRO L 69 -4.91 -33.28 71.31
C PRO L 69 -4.34 -33.42 72.71
N VAL L 70 -3.02 -33.57 72.72
CA VAL L 70 -2.22 -33.74 73.90
C VAL L 70 -1.93 -32.41 74.55
N ASP L 71 -1.85 -31.40 73.69
CA ASP L 71 -1.60 -30.03 74.06
C ASP L 71 -2.26 -29.09 73.06
N ARG L 72 -2.96 -28.09 73.59
CA ARG L 72 -3.63 -27.12 72.76
C ARG L 72 -3.31 -25.72 73.24
N GLU L 73 -3.24 -24.80 72.29
CA GLU L 73 -2.93 -23.43 72.62
C GLU L 73 -3.66 -22.43 71.76
N ASP L 74 -4.78 -21.97 72.29
CA ASP L 74 -5.62 -20.98 71.63
C ASP L 74 -5.02 -19.60 71.87
N THR L 75 -4.44 -19.00 70.83
CA THR L 75 -3.78 -17.71 70.91
C THR L 75 -4.52 -16.54 70.23
N ALA L 76 -3.93 -15.35 70.21
CA ALA L 76 -4.51 -14.17 69.61
C ALA L 76 -4.94 -14.32 68.15
N TYR L 77 -4.03 -14.81 67.30
CA TYR L 77 -4.35 -14.97 65.89
C TYR L 77 -4.12 -16.38 65.37
N SER L 78 -3.86 -17.31 66.29
CA SER L 78 -3.60 -18.66 65.88
C SER L 78 -4.00 -19.72 66.90
N TYR L 79 -3.91 -20.96 66.44
CA TYR L 79 -4.25 -22.12 67.21
C TYR L 79 -3.25 -23.22 66.96
N LYS L 80 -2.72 -23.78 68.04
CA LYS L 80 -1.74 -24.86 67.98
C LYS L 80 -2.30 -26.14 68.56
N ALA L 81 -2.19 -27.23 67.79
CA ALA L 81 -2.69 -28.51 68.27
C ALA L 81 -1.63 -29.59 68.18
N ARG L 82 -1.44 -30.29 69.28
CA ARG L 82 -0.45 -31.33 69.32
C ARG L 82 -1.04 -32.70 69.58
N PHE L 83 -0.66 -33.65 68.74
CA PHE L 83 -1.15 -35.00 68.90
C PHE L 83 -0.03 -36.01 68.93
N THR L 84 -0.40 -37.17 69.43
CA THR L 84 0.48 -38.30 69.50
C THR L 84 -0.05 -39.32 68.53
N LEU L 85 0.37 -39.18 67.28
CA LEU L 85 -0.04 -40.07 66.22
C LEU L 85 0.63 -41.40 66.44
N ALA L 86 -0.14 -42.41 66.81
CA ALA L 86 0.44 -43.71 67.07
C ALA L 86 0.10 -44.78 66.04
N VAL L 87 1.16 -45.35 65.48
CA VAL L 87 1.05 -46.43 64.51
C VAL L 87 1.45 -47.73 65.18
N GLY L 88 0.44 -48.52 65.47
CA GLY L 88 0.65 -49.78 66.13
C GLY L 88 1.43 -50.78 65.31
N ASP L 89 1.92 -51.79 66.02
CA ASP L 89 2.67 -52.87 65.44
C ASP L 89 1.82 -53.66 64.48
N ASN L 90 2.42 -54.07 63.38
CA ASN L 90 1.71 -54.84 62.38
C ASN L 90 0.72 -53.95 61.64
N ARG L 91 1.08 -52.68 61.56
CA ARG L 91 0.27 -51.70 60.90
C ARG L 91 1.09 -50.70 60.12
N VAL L 92 0.43 -50.16 59.10
CA VAL L 92 1.01 -49.15 58.26
C VAL L 92 -0.06 -48.10 58.02
N LEU L 93 0.38 -46.85 57.96
CA LEU L 93 -0.55 -45.76 57.79
C LEU L 93 -0.22 -44.84 56.63
N ASP L 94 -1.18 -44.66 55.74
CA ASP L 94 -1.01 -43.78 54.60
C ASP L 94 -1.48 -42.39 54.98
N MET L 95 -0.51 -41.48 55.13
CA MET L 95 -0.79 -40.12 55.51
C MET L 95 -1.92 -39.45 54.74
N ALA L 96 -2.10 -39.85 53.49
CA ALA L 96 -3.16 -39.27 52.70
C ALA L 96 -4.50 -39.51 53.34
N SER L 97 -4.55 -40.52 54.20
CA SER L 97 -5.81 -40.85 54.85
C SER L 97 -6.04 -40.15 56.18
N THR L 98 -5.25 -39.11 56.48
CA THR L 98 -5.43 -38.38 57.71
C THR L 98 -6.03 -37.00 57.46
N TYR L 99 -6.63 -36.45 58.49
CA TYR L 99 -7.23 -35.13 58.40
C TYR L 99 -7.63 -34.60 59.76
N PHE L 100 -7.67 -33.29 59.87
CA PHE L 100 -8.04 -32.65 61.10
C PHE L 100 -9.52 -32.32 61.14
N ASP L 101 -10.23 -32.97 62.06
CA ASP L 101 -11.65 -32.77 62.23
C ASP L 101 -11.84 -31.57 63.13
N ILE L 102 -12.47 -30.52 62.61
CA ILE L 102 -12.64 -29.32 63.39
C ILE L 102 -14.08 -28.87 63.61
N ARG L 103 -14.35 -28.46 64.85
CA ARG L 103 -15.66 -27.97 65.23
C ARG L 103 -15.49 -26.62 65.90
N GLY L 104 -16.34 -25.68 65.53
CA GLY L 104 -16.28 -24.35 66.09
C GLY L 104 -17.49 -23.54 65.69
N VAL L 105 -17.42 -22.25 65.97
CA VAL L 105 -18.51 -21.36 65.63
C VAL L 105 -18.03 -20.24 64.77
N LEU L 106 -18.88 -19.86 63.83
CA LEU L 106 -18.53 -18.79 62.95
C LEU L 106 -19.66 -17.81 62.74
N ASP L 107 -19.30 -16.53 62.81
CA ASP L 107 -20.24 -15.46 62.59
C ASP L 107 -19.79 -14.70 61.36
N ARG L 108 -20.54 -14.86 60.27
CA ARG L 108 -20.20 -14.21 59.03
C ARG L 108 -20.36 -12.71 59.12
N GLY L 109 -20.95 -12.24 60.22
CA GLY L 109 -21.13 -10.82 60.39
C GLY L 109 -22.36 -10.31 59.67
N PRO L 110 -22.59 -9.00 59.79
CA PRO L 110 -23.72 -8.34 59.21
C PRO L 110 -23.63 -8.09 57.71
N THR L 111 -22.42 -8.14 57.14
CA THR L 111 -22.29 -7.86 55.72
C THR L 111 -22.55 -9.05 54.80
N PHE L 112 -22.84 -10.19 55.40
CA PHE L 112 -23.13 -11.40 54.65
C PHE L 112 -24.55 -11.36 54.08
N LYS L 113 -24.66 -11.51 52.77
CA LYS L 113 -25.93 -11.50 52.08
C LYS L 113 -25.90 -12.46 50.90
N PRO L 114 -26.23 -13.72 51.20
CA PRO L 114 -26.23 -14.82 50.26
C PRO L 114 -27.26 -14.74 49.14
N TYR L 115 -27.56 -13.55 48.65
CA TYR L 115 -28.55 -13.47 47.58
C TYR L 115 -28.73 -12.07 47.03
N SER L 116 -29.39 -11.99 45.89
CA SER L 116 -29.69 -10.75 45.22
C SER L 116 -31.16 -10.38 45.44
N GLY L 117 -31.45 -9.08 45.43
CA GLY L 117 -32.81 -8.64 45.63
C GLY L 117 -33.19 -8.58 47.11
N THR L 118 -34.51 -8.59 47.37
CA THR L 118 -35.07 -8.54 48.71
C THR L 118 -35.85 -9.77 49.05
N ALA L 119 -36.10 -9.89 50.34
CA ALA L 119 -36.90 -10.97 50.86
C ALA L 119 -38.26 -10.37 51.22
N TYR L 120 -38.35 -9.04 51.16
CA TYR L 120 -39.55 -8.30 51.54
C TYR L 120 -40.16 -7.38 50.49
N ASN L 121 -41.41 -7.66 50.16
CA ASN L 121 -42.19 -6.89 49.20
C ASN L 121 -41.46 -6.70 47.89
N ALA L 122 -40.97 -7.81 47.35
CA ALA L 122 -40.23 -7.81 46.11
C ALA L 122 -41.04 -7.35 44.92
N LEU L 123 -42.36 -7.55 44.95
CA LEU L 123 -43.19 -7.14 43.84
C LEU L 123 -43.61 -5.67 43.87
N ALA L 124 -43.41 -5.04 45.01
CA ALA L 124 -43.77 -3.64 45.17
C ALA L 124 -42.86 -2.69 44.41
N PRO L 125 -43.45 -1.72 43.72
CA PRO L 125 -42.61 -0.79 42.98
C PRO L 125 -41.61 -0.14 43.93
N LYS L 126 -40.39 0.00 43.46
CA LYS L 126 -39.29 0.55 44.25
C LYS L 126 -39.46 1.92 44.90
N GLY L 127 -40.49 2.67 44.48
CA GLY L 127 -40.75 4.00 45.02
C GLY L 127 -42.07 4.09 45.77
N ALA L 128 -42.92 3.07 45.58
CA ALA L 128 -44.21 3.02 46.25
C ALA L 128 -44.00 3.03 47.76
N PRO L 129 -44.82 3.80 48.46
CA PRO L 129 -44.68 3.88 49.89
C PRO L 129 -45.70 3.06 50.63
N ASN L 130 -45.40 2.80 51.90
CA ASN L 130 -46.28 2.08 52.78
C ASN L 130 -47.34 3.08 53.20
N PRO L 131 -48.55 2.62 53.49
CA PRO L 131 -49.56 3.57 53.93
C PRO L 131 -49.06 4.28 55.17
N CYS L 132 -48.87 5.60 55.08
CA CYS L 132 -48.35 6.35 56.21
C CYS L 132 -49.13 7.60 56.59
N GLU L 133 -48.58 8.29 57.61
CA GLU L 133 -49.14 9.53 58.15
C GLU L 133 -48.02 10.48 58.52
N TRP L 134 -48.27 11.78 58.35
CA TRP L 134 -47.28 12.79 58.68
C TRP L 134 -47.88 14.12 59.09
N ASP L 135 -47.02 15.02 59.58
CA ASP L 135 -47.45 16.34 60.02
C ASP L 135 -47.19 17.38 58.94
N THR L 165 -51.88 16.83 60.43
CA THR L 165 -51.56 15.42 60.23
C THR L 165 -52.26 14.85 59.01
N HIS L 166 -51.46 14.48 58.02
CA HIS L 166 -51.97 13.91 56.79
C HIS L 166 -51.91 12.41 56.74
N VAL L 167 -52.74 11.88 55.86
CA VAL L 167 -52.83 10.46 55.65
C VAL L 167 -52.77 10.11 54.19
N PHE L 168 -52.05 9.03 53.93
CA PHE L 168 -51.87 8.45 52.63
C PHE L 168 -51.97 6.95 52.84
N GLY L 169 -53.12 6.39 52.49
CA GLY L 169 -53.30 4.97 52.69
C GLY L 169 -54.21 4.27 51.71
N GLN L 170 -54.64 3.08 52.14
CA GLN L 170 -55.49 2.19 51.39
C GLN L 170 -56.39 1.38 52.31
N ALA L 171 -57.62 1.16 51.87
CA ALA L 171 -58.61 0.38 52.61
C ALA L 171 -59.18 -0.64 51.65
N PRO L 172 -58.61 -1.84 51.66
CA PRO L 172 -59.00 -2.91 50.76
C PRO L 172 -60.07 -3.83 51.30
N TYR L 173 -60.26 -3.83 52.60
CA TYR L 173 -61.25 -4.70 53.20
C TYR L 173 -62.65 -4.12 53.16
N SER L 174 -63.59 -4.89 52.61
CA SER L 174 -64.97 -4.47 52.55
C SER L 174 -65.78 -5.15 53.64
N GLY L 175 -66.24 -4.34 54.60
CA GLY L 175 -67.01 -4.84 55.72
C GLY L 175 -68.52 -4.64 55.58
N ILE L 176 -69.23 -5.02 56.63
CA ILE L 176 -70.67 -4.91 56.65
C ILE L 176 -71.13 -3.51 57.02
N ASN L 177 -70.50 -2.95 58.06
CA ASN L 177 -70.80 -1.61 58.54
C ASN L 177 -69.71 -1.11 59.49
N ILE L 178 -69.61 0.21 59.59
CA ILE L 178 -68.62 0.85 60.45
C ILE L 178 -69.27 1.54 61.63
N THR L 179 -68.99 1.04 62.83
CA THR L 179 -69.52 1.63 64.04
C THR L 179 -68.41 2.31 64.82
N LYS L 180 -68.69 2.65 66.07
CA LYS L 180 -67.68 3.28 66.89
C LYS L 180 -66.72 2.24 67.45
N GLU L 181 -67.12 0.98 67.26
CA GLU L 181 -66.35 -0.16 67.71
C GLU L 181 -65.41 -0.67 66.61
N GLY L 182 -65.43 0.02 65.47
CA GLY L 182 -64.61 -0.37 64.34
C GLY L 182 -65.44 -0.90 63.19
N ILE L 183 -64.89 -1.86 62.47
CA ILE L 183 -65.58 -2.45 61.34
C ILE L 183 -66.15 -3.84 61.64
N GLN L 184 -67.42 -4.01 61.31
CA GLN L 184 -68.12 -5.28 61.51
C GLN L 184 -67.68 -6.28 60.46
N ILE L 185 -67.43 -7.51 60.87
CA ILE L 185 -66.99 -8.54 59.94
C ILE L 185 -67.81 -9.80 60.02
N GLY L 186 -68.90 -9.73 60.76
CA GLY L 186 -69.79 -10.87 60.92
C GLY L 186 -70.94 -10.51 61.84
N LYS L 193 -70.10 -8.72 65.70
CA LYS L 193 -68.87 -9.40 65.27
C LYS L 193 -67.89 -8.42 64.62
N TYR L 194 -67.28 -7.58 65.47
CA TYR L 194 -66.31 -6.61 65.01
C TYR L 194 -64.91 -7.19 64.90
N ALA L 195 -64.05 -6.47 64.19
CA ALA L 195 -62.67 -6.89 63.97
C ALA L 195 -61.75 -6.74 65.15
N ASP L 196 -60.83 -7.70 65.24
CA ASP L 196 -59.80 -7.72 66.27
C ASP L 196 -58.65 -6.83 65.83
N LYS L 197 -58.63 -5.64 66.41
CA LYS L 197 -57.62 -4.63 66.11
C LYS L 197 -56.18 -5.11 66.04
N THR L 198 -55.82 -6.10 66.86
CA THR L 198 -54.45 -6.58 66.86
C THR L 198 -53.99 -7.11 65.50
N PHE L 199 -54.93 -7.63 64.72
CA PHE L 199 -54.54 -8.18 63.44
C PHE L 199 -55.52 -7.96 62.31
N GLN L 200 -56.74 -7.57 62.65
CA GLN L 200 -57.73 -7.33 61.62
C GLN L 200 -57.96 -5.86 61.39
N PRO L 201 -58.08 -5.49 60.11
CA PRO L 201 -58.02 -6.42 59.00
C PRO L 201 -56.59 -6.77 58.62
N GLU L 202 -56.45 -7.83 57.85
CA GLU L 202 -55.16 -8.29 57.39
C GLU L 202 -54.84 -7.69 56.03
N PRO L 203 -53.71 -7.00 55.94
CA PRO L 203 -53.34 -6.38 54.68
C PRO L 203 -53.41 -7.30 53.48
N GLN L 204 -53.26 -8.59 53.73
CA GLN L 204 -53.28 -9.59 52.67
C GLN L 204 -54.62 -9.74 51.97
N ILE L 205 -55.68 -9.43 52.71
CA ILE L 205 -57.05 -9.56 52.23
C ILE L 205 -57.59 -8.33 51.50
N GLY L 206 -58.21 -8.59 50.36
CA GLY L 206 -58.87 -7.62 49.49
C GLY L 206 -60.09 -8.24 48.81
N GLU L 207 -60.67 -7.52 47.85
CA GLU L 207 -61.84 -8.03 47.13
C GLU L 207 -61.42 -8.98 46.01
N SER L 208 -62.24 -9.99 45.78
CA SER L 208 -61.99 -11.02 44.77
C SER L 208 -62.24 -10.61 43.32
N GLN L 209 -63.27 -9.79 43.09
CA GLN L 209 -63.61 -9.36 41.75
C GLN L 209 -62.63 -8.35 41.15
N TRP L 210 -62.79 -8.11 39.84
CA TRP L 210 -61.94 -7.19 39.11
C TRP L 210 -62.66 -5.89 38.77
N TYR L 211 -63.98 -5.89 38.90
CA TYR L 211 -64.79 -4.73 38.58
C TYR L 211 -65.24 -3.99 39.82
N GLU L 212 -65.98 -2.90 39.57
CA GLU L 212 -66.52 -2.04 40.60
C GLU L 212 -67.73 -2.64 41.29
N THR L 213 -67.59 -2.86 42.60
CA THR L 213 -68.67 -3.42 43.39
C THR L 213 -69.30 -2.36 44.28
N GLU L 214 -68.51 -1.32 44.55
CA GLU L 214 -68.92 -0.20 45.36
C GLU L 214 -68.88 -0.53 46.85
N ILE L 215 -67.71 -0.30 47.44
CA ILE L 215 -67.49 -0.56 48.85
C ILE L 215 -67.87 0.62 49.71
N ASN L 216 -68.84 0.42 50.59
CA ASN L 216 -69.31 1.48 51.46
C ASN L 216 -68.66 1.45 52.84
N HIS L 217 -68.33 0.25 53.31
CA HIS L 217 -67.69 0.10 54.61
C HIS L 217 -66.31 -0.51 54.45
N ALA L 218 -65.34 0.38 54.31
CA ALA L 218 -63.97 -0.05 54.11
C ALA L 218 -63.08 0.07 55.32
N ALA L 219 -62.15 -0.87 55.38
CA ALA L 219 -61.18 -0.95 56.44
C ALA L 219 -59.79 -1.11 55.87
N GLY L 220 -58.84 -0.56 56.59
CA GLY L 220 -57.46 -0.63 56.21
C GLY L 220 -56.57 -0.67 57.43
N ARG L 221 -55.29 -0.68 57.11
CA ARG L 221 -54.20 -0.73 58.04
C ARG L 221 -53.26 0.42 57.73
N VAL L 222 -52.78 1.13 58.74
CA VAL L 222 -51.89 2.24 58.46
C VAL L 222 -50.86 2.47 59.54
N LEU L 223 -49.75 3.09 59.15
CA LEU L 223 -48.68 3.39 60.07
C LEU L 223 -48.78 4.81 60.60
N LYS L 224 -48.60 4.93 61.90
CA LYS L 224 -48.65 6.22 62.59
C LYS L 224 -47.44 7.05 62.21
N LYS L 225 -47.59 8.36 62.37
CA LYS L 225 -46.54 9.30 62.08
C LYS L 225 -45.34 9.09 62.99
N THR L 226 -45.47 8.16 63.93
CA THR L 226 -44.39 7.88 64.86
C THR L 226 -43.47 6.77 64.36
N THR L 227 -43.90 6.14 63.27
CA THR L 227 -43.16 5.08 62.63
C THR L 227 -42.51 5.64 61.37
N PRO L 228 -41.18 5.67 61.35
CA PRO L 228 -40.46 6.20 60.21
C PRO L 228 -40.96 5.64 58.88
N MET L 229 -40.97 6.52 57.88
CA MET L 229 -41.39 6.17 56.53
C MET L 229 -40.27 5.45 55.78
N LYS L 230 -40.65 4.39 55.08
CA LYS L 230 -39.75 3.59 54.27
C LYS L 230 -40.52 3.04 53.09
N PRO L 231 -39.87 2.89 51.94
CA PRO L 231 -40.58 2.36 50.81
C PRO L 231 -41.08 0.95 51.10
N CYS L 232 -42.21 0.59 50.50
CA CYS L 232 -42.79 -0.74 50.71
C CYS L 232 -41.78 -1.83 50.45
N TYR L 233 -41.09 -1.69 49.34
CA TYR L 233 -40.06 -2.61 48.90
C TYR L 233 -38.95 -2.70 49.93
N GLY L 234 -38.77 -3.90 50.50
CA GLY L 234 -37.74 -4.13 51.49
C GLY L 234 -38.20 -3.87 52.92
N SER L 235 -39.45 -3.44 53.06
CA SER L 235 -40.02 -3.15 54.37
C SER L 235 -40.38 -4.41 55.14
N TYR L 236 -39.95 -4.43 56.39
CA TYR L 236 -40.20 -5.55 57.29
C TYR L 236 -40.40 -5.10 58.72
N ALA L 237 -41.28 -5.83 59.41
CA ALA L 237 -41.61 -5.55 60.79
C ALA L 237 -42.08 -6.83 61.47
N LYS L 238 -41.31 -7.26 62.47
CA LYS L 238 -41.61 -8.47 63.22
C LYS L 238 -43.03 -8.51 63.79
N PRO L 239 -43.67 -9.67 63.65
CA PRO L 239 -45.01 -9.87 64.14
C PRO L 239 -45.02 -9.82 65.66
N THR L 240 -46.07 -9.27 66.25
CA THR L 240 -46.15 -9.20 67.69
C THR L 240 -47.19 -10.12 68.30
N ASN L 241 -47.87 -10.88 67.45
CA ASN L 241 -48.88 -11.81 67.90
C ASN L 241 -49.01 -12.98 66.93
N GLU L 242 -49.40 -14.12 67.46
CA GLU L 242 -49.54 -15.31 66.66
C GLU L 242 -50.36 -15.11 65.39
N ASN L 243 -51.06 -13.97 65.29
CA ASN L 243 -51.88 -13.75 64.12
C ASN L 243 -51.28 -12.87 63.04
N GLY L 244 -49.99 -12.54 63.16
CA GLY L 244 -49.35 -11.73 62.16
C GLY L 244 -49.36 -10.24 62.44
N GLY L 245 -50.12 -9.83 63.45
CA GLY L 245 -50.14 -8.41 63.76
C GLY L 245 -48.73 -7.96 64.10
N GLN L 246 -48.33 -6.79 63.64
CA GLN L 246 -46.99 -6.28 63.93
C GLN L 246 -47.04 -5.06 64.82
N GLY L 247 -48.21 -4.78 65.37
CA GLY L 247 -48.40 -3.62 66.22
C GLY L 247 -47.52 -3.70 67.47
N ILE L 248 -46.80 -2.63 67.75
CA ILE L 248 -45.94 -2.59 68.91
C ILE L 248 -46.73 -2.75 70.21
N LEU L 249 -46.15 -3.51 71.13
CA LEU L 249 -46.76 -3.76 72.41
C LEU L 249 -46.10 -2.90 73.48
N VAL L 250 -46.93 -2.27 74.29
CA VAL L 250 -46.43 -1.42 75.35
C VAL L 250 -46.43 -2.17 76.68
N GLU L 258 -50.71 -5.00 75.91
CA GLU L 258 -50.61 -3.58 75.76
C GLU L 258 -50.68 -3.14 74.29
N SER L 259 -51.69 -3.61 73.58
CA SER L 259 -51.82 -3.23 72.18
C SER L 259 -52.15 -1.76 72.10
N GLN L 260 -51.51 -1.04 71.18
CA GLN L 260 -51.76 0.38 71.07
C GLN L 260 -52.43 0.83 69.80
N VAL L 261 -53.08 -0.10 69.11
CA VAL L 261 -53.78 0.23 67.88
C VAL L 261 -54.88 1.25 68.16
N GLU L 262 -55.05 2.18 67.23
CA GLU L 262 -56.07 3.21 67.38
C GLU L 262 -56.76 3.50 66.06
N MET L 263 -58.07 3.27 66.02
CA MET L 263 -58.82 3.51 64.81
C MET L 263 -59.02 4.98 64.51
N GLN L 264 -59.05 5.29 63.22
CA GLN L 264 -59.25 6.63 62.73
C GLN L 264 -60.36 6.57 61.70
N PHE L 265 -61.45 7.31 61.95
CA PHE L 265 -62.58 7.29 61.03
C PHE L 265 -62.54 8.38 59.97
N PHE L 266 -63.07 8.04 58.79
CA PHE L 266 -63.11 8.96 57.68
C PHE L 266 -64.37 8.90 56.84
N SER L 267 -64.68 10.07 56.28
CA SER L 267 -65.82 10.29 55.42
C SER L 267 -65.43 11.25 54.29
N THR L 268 -66.30 11.33 53.30
CA THR L 268 -66.09 12.18 52.13
C THR L 268 -66.28 13.65 52.45
N THR L 269 -67.28 14.22 51.80
CA THR L 269 -67.64 15.61 51.96
C THR L 269 -69.07 15.72 52.48
N ASN L 278 -76.09 11.90 55.48
CA ASN L 278 -75.63 12.43 56.75
C ASN L 278 -74.40 11.71 57.28
N LEU L 279 -73.49 12.49 57.86
CA LEU L 279 -72.24 12.03 58.42
C LEU L 279 -72.21 10.57 58.83
N THR L 280 -71.40 9.80 58.08
CA THR L 280 -71.20 8.39 58.31
C THR L 280 -69.88 7.94 57.69
N PRO L 281 -68.93 7.54 58.54
CA PRO L 281 -67.63 7.10 58.09
C PRO L 281 -67.73 6.02 57.03
N LYS L 282 -67.04 6.25 55.92
CA LYS L 282 -67.03 5.29 54.82
C LYS L 282 -65.84 4.36 54.96
N VAL L 283 -64.84 4.88 55.66
CA VAL L 283 -63.61 4.16 55.88
C VAL L 283 -63.10 4.33 57.30
N VAL L 284 -62.42 3.28 57.75
CA VAL L 284 -61.80 3.23 59.06
C VAL L 284 -60.45 2.57 58.89
N LEU L 285 -59.45 3.17 59.51
CA LEU L 285 -58.11 2.62 59.42
C LEU L 285 -57.59 2.25 60.78
N TYR L 286 -56.85 1.16 60.82
CA TYR L 286 -56.26 0.73 62.06
C TYR L 286 -54.84 1.22 62.15
N SER L 287 -54.66 2.39 62.76
CA SER L 287 -53.34 2.97 62.88
C SER L 287 -52.50 2.32 63.95
N GLU L 288 -51.22 2.15 63.62
CA GLU L 288 -50.32 1.52 64.55
C GLU L 288 -48.84 1.84 64.31
N ASP L 289 -48.05 1.54 65.32
CA ASP L 289 -46.62 1.73 65.31
C ASP L 289 -45.98 0.35 65.21
N VAL L 290 -45.08 0.17 64.26
CA VAL L 290 -44.42 -1.10 64.10
C VAL L 290 -42.92 -0.92 64.20
N ASP L 291 -42.22 -2.04 64.42
CA ASP L 291 -40.77 -2.00 64.49
C ASP L 291 -40.23 -2.15 63.08
N ILE L 292 -40.40 -1.11 62.28
CA ILE L 292 -39.96 -1.11 60.90
C ILE L 292 -38.45 -1.18 60.71
N GLU L 293 -38.08 -2.13 59.86
CA GLU L 293 -36.69 -2.35 59.52
C GLU L 293 -36.54 -2.58 58.02
N THR L 294 -35.30 -2.53 57.57
CA THR L 294 -34.92 -2.74 56.19
C THR L 294 -33.56 -3.42 56.16
N PRO L 295 -33.58 -4.67 56.61
CA PRO L 295 -32.40 -5.50 56.75
C PRO L 295 -31.65 -5.82 55.46
N ASP L 296 -32.25 -5.66 54.30
CA ASP L 296 -31.51 -6.01 53.09
C ASP L 296 -31.62 -5.06 51.92
N THR L 297 -32.04 -3.83 52.18
CA THR L 297 -32.15 -2.83 51.14
C THR L 297 -31.66 -1.50 51.68
N HIS L 298 -31.50 -0.55 50.78
CA HIS L 298 -31.07 0.77 51.14
C HIS L 298 -31.77 1.81 50.28
N ILE L 299 -31.65 3.08 50.67
CA ILE L 299 -32.29 4.14 49.92
C ILE L 299 -31.51 4.53 48.68
N SER L 300 -32.16 4.34 47.53
CA SER L 300 -31.55 4.68 46.26
C SER L 300 -31.80 6.15 45.94
N TYR L 301 -32.73 6.74 46.68
CA TYR L 301 -33.08 8.12 46.46
C TYR L 301 -33.66 8.86 47.66
N MET L 302 -32.80 9.66 48.29
CA MET L 302 -33.17 10.46 49.43
C MET L 302 -33.60 11.84 48.94
N PRO L 303 -34.84 12.23 49.17
CA PRO L 303 -35.27 13.53 48.69
C PRO L 303 -34.86 14.69 49.59
N THR L 304 -34.53 14.40 50.84
CA THR L 304 -34.12 15.43 51.77
C THR L 304 -33.31 14.92 52.95
N ILE L 305 -32.27 15.68 53.31
CA ILE L 305 -31.44 15.33 54.43
C ILE L 305 -32.09 15.87 55.69
N LYS L 306 -33.42 15.98 55.63
CA LYS L 306 -34.20 16.49 56.74
C LYS L 306 -35.00 15.41 57.46
N GLU L 307 -34.65 15.21 58.72
CA GLU L 307 -35.29 14.24 59.55
C GLU L 307 -36.80 14.43 59.63
N GLY L 308 -37.46 13.42 60.17
CA GLY L 308 -38.91 13.43 60.34
C GLY L 308 -39.68 13.12 59.07
N ASN L 309 -40.83 12.50 59.27
CA ASN L 309 -41.71 12.12 58.20
C ASN L 309 -42.29 13.36 57.55
N SER L 310 -42.36 13.35 56.22
CA SER L 310 -42.87 14.48 55.48
C SER L 310 -43.39 14.04 54.13
N ARG L 311 -44.19 14.88 53.50
CA ARG L 311 -44.70 14.53 52.19
C ARG L 311 -43.51 14.19 51.30
N GLU L 312 -42.42 14.90 51.56
CA GLU L 312 -41.17 14.75 50.83
C GLU L 312 -40.66 13.32 50.77
N LEU L 313 -40.63 12.65 51.92
CA LEU L 313 -40.14 11.28 52.01
C LEU L 313 -40.97 10.29 51.22
N MET L 314 -42.13 10.71 50.77
CA MET L 314 -43.01 9.82 50.01
C MET L 314 -42.38 9.47 48.68
N GLY L 315 -41.37 10.25 48.31
CA GLY L 315 -40.67 10.06 47.05
C GLY L 315 -39.37 9.30 47.17
N GLN L 316 -39.05 8.80 48.36
CA GLN L 316 -37.81 8.05 48.50
C GLN L 316 -37.89 6.71 47.77
N GLN L 317 -36.73 6.25 47.28
CA GLN L 317 -36.67 5.00 46.56
C GLN L 317 -35.77 3.99 47.24
N SER L 318 -36.20 2.74 47.17
CA SER L 318 -35.47 1.64 47.76
C SER L 318 -34.82 0.76 46.71
N MET L 319 -33.67 0.21 47.07
CA MET L 319 -32.91 -0.65 46.20
C MET L 319 -32.24 -1.77 47.00
N PRO L 320 -32.26 -2.98 46.47
CA PRO L 320 -31.68 -4.13 47.15
C PRO L 320 -30.20 -3.96 47.38
N ASN L 321 -29.73 -4.56 48.47
CA ASN L 321 -28.32 -4.50 48.81
C ASN L 321 -27.54 -5.47 47.95
N ARG L 322 -26.27 -5.15 47.74
CA ARG L 322 -25.41 -5.98 46.94
C ARG L 322 -25.23 -7.36 47.57
N PRO L 323 -25.29 -8.38 46.73
CA PRO L 323 -25.11 -9.74 47.20
C PRO L 323 -23.71 -9.88 47.76
N ASN L 324 -23.58 -10.65 48.83
CA ASN L 324 -22.25 -10.83 49.41
C ASN L 324 -22.07 -12.18 50.06
N TYR L 325 -21.47 -13.09 49.30
CA TYR L 325 -21.21 -14.44 49.77
C TYR L 325 -19.98 -14.49 50.64
N ILE L 326 -20.09 -15.25 51.73
CA ILE L 326 -18.98 -15.41 52.65
C ILE L 326 -18.85 -16.87 53.03
N ALA L 327 -17.65 -17.40 52.94
CA ALA L 327 -17.43 -18.79 53.28
C ALA L 327 -15.95 -19.14 53.36
N PHE L 328 -15.68 -20.39 53.73
CA PHE L 328 -14.32 -20.86 53.80
C PHE L 328 -13.81 -20.99 52.37
N ARG L 329 -12.49 -20.98 52.19
CA ARG L 329 -11.93 -21.06 50.86
C ARG L 329 -11.86 -22.44 50.25
N ASP L 330 -11.59 -22.43 48.95
CA ASP L 330 -11.44 -23.63 48.15
C ASP L 330 -10.33 -24.45 48.78
N ASN L 331 -10.63 -25.70 49.14
CA ASN L 331 -9.62 -26.56 49.74
C ASN L 331 -9.12 -26.07 51.10
N PHE L 332 -9.92 -25.25 51.75
CA PHE L 332 -9.58 -24.72 53.06
C PHE L 332 -8.28 -23.95 53.10
N ILE L 333 -7.98 -23.32 51.97
CA ILE L 333 -6.78 -22.51 51.88
C ILE L 333 -6.76 -21.52 53.02
N GLY L 334 -5.58 -21.26 53.58
CA GLY L 334 -5.43 -20.29 54.66
C GLY L 334 -5.62 -20.83 56.07
N LEU L 335 -6.44 -21.87 56.22
CA LEU L 335 -6.70 -22.47 57.51
C LEU L 335 -5.43 -22.89 58.24
N MET L 336 -4.63 -23.71 57.57
CA MET L 336 -3.39 -24.19 58.13
C MET L 336 -2.24 -23.33 57.64
N TYR L 337 -1.24 -23.20 58.50
CA TYR L 337 -0.05 -22.45 58.19
C TYR L 337 0.88 -23.35 57.40
N TYR L 338 1.49 -22.77 56.39
CA TYR L 338 2.46 -23.45 55.54
C TYR L 338 3.50 -22.42 55.14
N ASN L 339 4.71 -22.89 54.83
CA ASN L 339 5.74 -21.97 54.41
C ASN L 339 5.93 -20.75 55.27
N SER L 340 5.85 -20.94 56.58
CA SER L 340 6.03 -19.87 57.55
C SER L 340 6.95 -20.39 58.64
N THR L 341 8.17 -19.84 58.71
CA THR L 341 9.14 -20.28 59.70
C THR L 341 8.65 -20.18 61.15
N GLY L 342 7.86 -19.16 61.44
CA GLY L 342 7.37 -18.93 62.79
C GLY L 342 6.30 -19.89 63.26
N ASN L 343 5.52 -20.44 62.33
CA ASN L 343 4.45 -21.37 62.66
C ASN L 343 4.56 -22.67 61.90
N MET L 344 5.74 -23.26 61.99
CA MET L 344 6.08 -24.50 61.31
C MET L 344 5.48 -25.76 61.92
N GLY L 345 4.89 -26.57 61.03
CA GLY L 345 4.28 -27.83 61.41
C GLY L 345 5.32 -28.77 61.99
N VAL L 346 4.85 -29.85 62.59
CA VAL L 346 5.75 -30.81 63.19
C VAL L 346 5.33 -32.25 63.04
N LEU L 347 6.28 -33.07 62.61
CA LEU L 347 6.08 -34.48 62.45
C LEU L 347 7.34 -35.18 62.89
N ALA L 348 7.32 -35.69 64.11
CA ALA L 348 8.52 -36.32 64.58
C ALA L 348 8.26 -37.52 65.47
N GLY L 349 9.20 -38.45 65.36
CA GLY L 349 9.13 -39.63 66.16
C GLY L 349 9.45 -39.22 67.58
N GLN L 350 8.63 -39.67 68.52
CA GLN L 350 8.87 -39.33 69.90
C GLN L 350 10.25 -39.83 70.27
N ALA L 351 10.68 -40.87 69.55
CA ALA L 351 11.96 -41.50 69.78
C ALA L 351 13.12 -40.83 69.02
N SER L 352 12.81 -39.92 68.12
CA SER L 352 13.83 -39.22 67.35
C SER L 352 13.88 -37.74 67.71
N GLN L 353 12.70 -37.21 68.07
CA GLN L 353 12.54 -35.82 68.45
C GLN L 353 13.02 -34.85 67.39
N LEU L 354 13.45 -35.40 66.26
CA LEU L 354 13.92 -34.64 65.12
C LEU L 354 12.72 -34.39 64.24
N ASN L 355 12.54 -33.13 63.82
CA ASN L 355 11.39 -32.77 62.99
C ASN L 355 11.55 -33.11 61.52
N ALA L 356 10.69 -34.00 61.03
CA ALA L 356 10.70 -34.41 59.64
C ALA L 356 10.26 -33.28 58.72
N VAL L 357 9.54 -32.35 59.30
CA VAL L 357 9.06 -31.19 58.58
C VAL L 357 10.08 -30.08 58.60
N VAL L 358 10.39 -29.60 57.40
CA VAL L 358 11.33 -28.53 57.17
C VAL L 358 10.77 -27.65 56.07
N ASP L 359 10.26 -26.50 56.47
CA ASP L 359 9.66 -25.58 55.50
C ASP L 359 10.47 -24.33 55.21
N LEU L 360 10.07 -23.65 54.14
CA LEU L 360 10.68 -22.42 53.68
C LEU L 360 9.62 -21.39 53.35
N GLN L 361 9.93 -20.11 53.56
CA GLN L 361 9.01 -19.01 53.29
C GLN L 361 8.85 -18.87 51.78
N ASP L 362 9.86 -19.43 51.13
CA ASP L 362 10.09 -19.47 49.70
C ASP L 362 9.22 -20.48 48.95
N ARG L 363 8.61 -21.39 49.70
CA ARG L 363 7.78 -22.42 49.09
C ARG L 363 6.31 -22.01 49.05
N ASN L 364 5.56 -22.56 48.11
CA ASN L 364 4.14 -22.25 47.99
C ASN L 364 3.28 -23.51 47.93
N THR L 365 3.03 -24.05 49.11
CA THR L 365 2.25 -25.25 49.33
C THR L 365 0.81 -25.18 48.80
N GLU L 366 0.09 -24.12 49.19
CA GLU L 366 -1.29 -23.95 48.78
C GLU L 366 -1.48 -23.99 47.27
N LEU L 367 -0.67 -23.21 46.58
CA LEU L 367 -0.75 -23.14 45.14
C LEU L 367 -0.39 -24.46 44.49
N SER L 368 0.68 -25.07 45.01
CA SER L 368 1.17 -26.34 44.53
C SER L 368 0.05 -27.39 44.51
N TYR L 369 -0.75 -27.34 45.56
CA TYR L 369 -1.87 -28.25 45.73
C TYR L 369 -2.97 -27.94 44.75
N GLN L 370 -3.13 -26.65 44.43
CA GLN L 370 -4.13 -26.22 43.49
C GLN L 370 -3.81 -26.78 42.12
N LEU L 371 -2.54 -26.67 41.76
CA LEU L 371 -2.06 -27.15 40.48
C LEU L 371 -2.04 -28.67 40.42
N LEU L 372 -1.74 -29.31 41.56
CA LEU L 372 -1.71 -30.76 41.61
C LEU L 372 -3.07 -31.36 41.33
N LEU L 373 -4.12 -30.75 41.90
CA LEU L 373 -5.48 -31.21 41.73
C LEU L 373 -5.91 -31.19 40.26
N ASP L 374 -5.64 -30.07 39.61
CA ASP L 374 -5.98 -29.89 38.21
C ASP L 374 -5.36 -30.96 37.32
N SER L 375 -4.14 -31.36 37.64
CA SER L 375 -3.46 -32.38 36.86
C SER L 375 -4.00 -33.78 37.06
N ILE L 376 -4.56 -34.06 38.23
CA ILE L 376 -5.07 -35.39 38.49
C ILE L 376 -6.57 -35.61 38.43
N GLY L 377 -7.33 -34.58 38.06
CA GLY L 377 -8.76 -34.76 37.98
C GLY L 377 -9.48 -33.57 37.38
N ASP L 378 -10.80 -33.58 37.52
CA ASP L 378 -11.66 -32.54 37.02
C ASP L 378 -12.02 -31.48 38.06
N ARG L 379 -11.27 -30.38 38.08
CA ARG L 379 -11.51 -29.30 39.02
C ARG L 379 -12.93 -28.76 38.91
N THR L 380 -13.66 -29.18 37.88
CA THR L 380 -15.02 -28.69 37.73
C THR L 380 -15.99 -29.35 38.70
N ARG L 381 -15.60 -30.52 39.20
CA ARG L 381 -16.43 -31.25 40.13
C ARG L 381 -16.29 -30.76 41.56
N TYR L 382 -17.38 -30.79 42.29
CA TYR L 382 -17.36 -30.36 43.67
C TYR L 382 -17.29 -31.53 44.62
N PHE L 383 -16.60 -31.29 45.73
CA PHE L 383 -16.42 -32.27 46.76
C PHE L 383 -16.46 -31.58 48.12
N SER L 384 -17.63 -31.64 48.75
CA SER L 384 -17.89 -31.02 50.03
C SER L 384 -16.88 -31.30 51.14
N MET L 385 -16.47 -32.55 51.28
CA MET L 385 -15.53 -32.92 52.31
C MET L 385 -14.38 -31.95 52.50
N TRP L 386 -13.67 -31.64 51.42
CA TRP L 386 -12.54 -30.74 51.48
C TRP L 386 -12.87 -29.31 51.05
N ASN L 387 -14.15 -29.01 50.89
CA ASN L 387 -14.50 -27.68 50.45
C ASN L 387 -13.91 -27.48 49.06
N GLN L 388 -13.85 -28.59 48.36
CA GLN L 388 -13.31 -28.66 47.01
C GLN L 388 -14.31 -28.13 45.98
N ALA L 389 -14.33 -26.81 45.82
CA ALA L 389 -15.22 -26.15 44.88
C ALA L 389 -14.51 -24.92 44.34
N VAL L 390 -13.83 -25.14 43.21
CA VAL L 390 -13.05 -24.13 42.53
C VAL L 390 -13.73 -22.80 42.23
N ASP L 391 -12.91 -21.75 42.37
CA ASP L 391 -13.32 -20.38 42.11
C ASP L 391 -13.42 -20.18 40.61
N SER L 392 -14.56 -19.64 40.20
CA SER L 392 -14.76 -19.41 38.80
C SER L 392 -15.55 -18.14 38.61
N TYR L 393 -15.85 -17.86 37.35
CA TYR L 393 -16.63 -16.70 37.00
C TYR L 393 -17.41 -17.02 35.74
N ASP L 394 -18.45 -16.24 35.52
CA ASP L 394 -19.29 -16.41 34.35
C ASP L 394 -18.56 -15.90 33.13
N PRO L 395 -18.38 -16.76 32.13
CA PRO L 395 -17.70 -16.34 30.92
C PRO L 395 -18.37 -15.14 30.28
N ASP L 396 -19.69 -15.06 30.41
CA ASP L 396 -20.47 -13.98 29.83
C ASP L 396 -20.33 -12.67 30.57
N VAL L 397 -19.74 -12.75 31.76
CA VAL L 397 -19.52 -11.57 32.55
C VAL L 397 -18.13 -11.03 32.30
N ARG L 398 -17.17 -11.93 32.20
CA ARG L 398 -15.80 -11.54 31.96
C ARG L 398 -15.66 -10.96 30.57
N ILE L 399 -16.33 -11.59 29.62
CA ILE L 399 -16.31 -11.14 28.23
C ILE L 399 -17.71 -10.89 27.73
N ILE L 400 -18.02 -9.63 27.50
CA ILE L 400 -19.33 -9.28 27.03
C ILE L 400 -19.53 -9.61 25.57
N GLU L 401 -20.60 -10.36 25.32
CA GLU L 401 -20.99 -10.72 23.98
C GLU L 401 -22.32 -10.07 23.69
N ASN L 402 -22.26 -8.89 23.10
CA ASN L 402 -23.44 -8.13 22.80
C ASN L 402 -24.08 -8.43 21.47
N HIS L 403 -24.99 -9.41 21.45
CA HIS L 403 -25.69 -9.71 20.21
C HIS L 403 -27.06 -9.07 20.19
N GLY L 404 -27.29 -8.21 21.19
CA GLY L 404 -28.54 -7.48 21.29
C GLY L 404 -29.68 -8.26 21.92
N THR L 405 -30.89 -7.93 21.45
CA THR L 405 -32.12 -8.52 21.93
C THR L 405 -33.11 -8.87 20.84
N GLU L 406 -33.85 -9.95 21.06
CA GLU L 406 -34.87 -10.39 20.14
C GLU L 406 -36.20 -9.77 20.55
N ASP L 407 -36.32 -8.48 20.20
CA ASP L 407 -37.49 -7.69 20.51
C ASP L 407 -38.30 -7.27 19.30
N GLU L 408 -38.40 -8.15 18.32
CA GLU L 408 -39.15 -7.85 17.11
C GLU L 408 -40.62 -7.57 17.42
N LEU L 409 -41.24 -8.47 18.20
CA LEU L 409 -42.64 -8.36 18.61
C LEU L 409 -42.79 -7.40 19.77
N PRO L 410 -43.86 -6.62 19.79
CA PRO L 410 -44.07 -5.71 20.90
C PRO L 410 -44.68 -6.44 22.09
N ASN L 411 -44.42 -5.94 23.29
CA ASN L 411 -44.95 -6.55 24.49
C ASN L 411 -45.92 -5.64 25.21
N TYR L 412 -47.12 -6.15 25.45
CA TYR L 412 -48.12 -5.33 26.11
C TYR L 412 -48.67 -5.96 27.36
N CYS L 413 -49.26 -5.08 28.15
CA CYS L 413 -49.94 -5.40 29.38
C CYS L 413 -51.34 -4.82 29.23
N PHE L 414 -52.35 -5.55 29.66
CA PHE L 414 -53.72 -5.10 29.52
C PHE L 414 -54.48 -5.00 30.83
N PRO L 415 -55.71 -4.47 30.75
CA PRO L 415 -56.55 -4.31 31.91
C PRO L 415 -57.12 -5.65 32.36
N LEU L 416 -57.27 -5.80 33.68
CA LEU L 416 -57.80 -7.01 34.28
C LEU L 416 -59.07 -7.54 33.61
N GLY L 417 -59.97 -6.61 33.24
CA GLY L 417 -61.23 -6.97 32.62
C GLY L 417 -61.13 -7.05 31.11
N GLY L 418 -59.93 -6.82 30.58
CA GLY L 418 -59.66 -6.85 29.15
C GLY L 418 -60.13 -5.60 28.44
N VAL L 419 -60.82 -4.75 29.19
CA VAL L 419 -61.36 -3.51 28.70
C VAL L 419 -61.68 -2.60 29.87
N ILE L 420 -61.42 -1.31 29.76
CA ILE L 420 -61.69 -0.45 30.90
C ILE L 420 -62.41 0.85 30.56
N ASN L 421 -62.18 1.35 29.35
CA ASN L 421 -62.79 2.60 28.91
C ASN L 421 -64.09 2.42 28.17
N THR L 422 -65.00 1.64 28.76
CA THR L 422 -66.30 1.41 28.14
C THR L 422 -67.15 2.67 28.20
N GLU L 423 -68.13 2.75 27.30
CA GLU L 423 -69.03 3.88 27.25
C GLU L 423 -70.47 3.38 27.35
N THR L 424 -71.26 4.02 28.21
CA THR L 424 -72.65 3.62 28.39
C THR L 424 -73.46 3.81 27.12
N LEU L 425 -74.20 2.78 26.72
CA LEU L 425 -75.00 2.82 25.52
C LEU L 425 -76.41 2.33 25.74
N THR L 426 -77.25 2.59 24.73
CA THR L 426 -78.64 2.18 24.76
C THR L 426 -79.02 1.39 23.52
N LYS L 427 -79.68 0.26 23.73
CA LYS L 427 -80.10 -0.57 22.64
C LYS L 427 -81.18 0.12 21.84
N VAL L 428 -81.14 -0.08 20.53
CA VAL L 428 -82.07 0.56 19.66
C VAL L 428 -82.74 -0.39 18.68
N LYS L 429 -83.89 0.06 18.21
CA LYS L 429 -84.67 -0.66 17.24
C LYS L 429 -84.92 0.20 16.02
N PRO L 430 -84.92 -0.46 14.88
CA PRO L 430 -85.14 0.19 13.60
C PRO L 430 -86.61 0.61 13.50
N GLY L 437 -84.05 6.04 10.64
CA GLY L 437 -85.29 5.66 11.28
C GLY L 437 -85.08 4.60 12.35
N TRP L 438 -84.88 5.07 13.58
CA TRP L 438 -84.64 4.21 14.73
C TRP L 438 -85.45 4.58 15.96
N GLU L 439 -85.75 3.54 16.75
CA GLU L 439 -86.51 3.66 17.97
C GLU L 439 -85.85 2.92 19.13
N LYS L 440 -85.78 3.60 20.26
CA LYS L 440 -85.19 3.05 21.46
C LYS L 440 -85.82 1.73 21.88
N ASP L 441 -84.99 0.88 22.47
CA ASP L 441 -85.41 -0.42 22.93
C ASP L 441 -85.38 -0.47 24.45
N ALA L 442 -86.34 -1.20 25.00
CA ALA L 442 -86.44 -1.36 26.42
C ALA L 442 -87.34 -2.53 26.78
N PHE L 445 -83.93 -5.52 26.80
CA PHE L 445 -82.63 -4.98 27.12
C PHE L 445 -82.68 -3.79 28.09
N SER L 446 -81.53 -3.47 28.69
CA SER L 446 -81.39 -2.40 29.66
C SER L 446 -81.02 -1.03 29.10
N ASP L 447 -81.22 -0.03 29.94
CA ASP L 447 -80.91 1.34 29.58
C ASP L 447 -79.41 1.62 29.58
N LYS L 448 -78.65 0.80 30.30
CA LYS L 448 -77.22 1.00 30.38
C LYS L 448 -76.36 -0.24 30.23
N ASN L 449 -75.74 -0.35 29.06
CA ASN L 449 -74.85 -1.42 28.70
C ASN L 449 -73.48 -0.84 28.44
N GLU L 450 -72.45 -1.47 28.97
CA GLU L 450 -71.11 -0.98 28.77
C GLU L 450 -70.45 -1.63 27.57
N ILE L 451 -70.03 -0.79 26.63
CA ILE L 451 -69.38 -1.25 25.42
C ILE L 451 -68.15 -0.43 25.11
N ARG L 452 -67.06 -1.12 24.85
CA ARG L 452 -65.83 -0.44 24.52
C ARG L 452 -65.74 -0.24 23.02
N VAL L 453 -65.60 1.02 22.62
CA VAL L 453 -65.51 1.35 21.23
C VAL L 453 -64.07 1.65 20.84
N GLY L 454 -63.49 0.74 20.04
CA GLY L 454 -62.13 0.85 19.59
C GLY L 454 -61.27 -0.22 20.22
N ASN L 455 -59.95 -0.06 20.18
CA ASN L 455 -59.08 -1.05 20.78
C ASN L 455 -59.09 -0.90 22.30
N ASN L 456 -58.52 -1.88 23.00
CA ASN L 456 -58.48 -1.83 24.45
C ASN L 456 -57.34 -0.96 24.95
N PHE L 457 -57.33 -0.68 26.25
CA PHE L 457 -56.27 0.13 26.83
C PHE L 457 -55.04 -0.76 26.96
N ALA L 458 -53.90 -0.28 26.47
CA ALA L 458 -52.69 -1.08 26.55
C ALA L 458 -51.45 -0.29 26.90
N MET L 459 -50.52 -0.98 27.56
CA MET L 459 -49.25 -0.41 27.95
C MET L 459 -48.14 -1.25 27.35
N GLU L 460 -47.11 -0.59 26.84
CA GLU L 460 -46.02 -1.31 26.20
C GLU L 460 -44.77 -1.40 27.04
N ILE L 461 -44.03 -2.49 26.81
CA ILE L 461 -42.78 -2.74 27.51
C ILE L 461 -41.88 -3.65 26.70
N ASN L 462 -40.58 -3.36 26.72
CA ASN L 462 -39.61 -4.15 26.01
C ASN L 462 -38.98 -5.16 26.94
N LEU L 463 -39.64 -6.32 27.02
CA LEU L 463 -39.21 -7.42 27.88
C LEU L 463 -37.73 -7.76 27.72
N ASN L 464 -37.35 -8.16 26.52
CA ASN L 464 -35.98 -8.55 26.25
C ASN L 464 -34.94 -7.50 26.54
N ALA L 465 -35.18 -6.26 26.12
CA ALA L 465 -34.23 -5.21 26.38
C ALA L 465 -34.01 -5.04 27.87
N ASN L 466 -35.13 -5.08 28.60
CA ASN L 466 -35.12 -4.94 30.04
C ASN L 466 -34.24 -5.98 30.70
N LEU L 467 -34.54 -7.25 30.41
CA LEU L 467 -33.78 -8.34 30.96
C LEU L 467 -32.29 -8.16 30.74
N TRP L 468 -31.93 -7.88 29.48
CA TRP L 468 -30.54 -7.68 29.11
C TRP L 468 -29.88 -6.59 29.96
N ARG L 469 -30.60 -5.50 30.13
CA ARG L 469 -30.16 -4.36 30.92
C ARG L 469 -29.86 -4.77 32.34
N ASN L 470 -30.86 -5.40 32.96
CA ASN L 470 -30.75 -5.84 34.33
C ASN L 470 -29.52 -6.70 34.54
N PHE L 471 -29.20 -7.51 33.53
CA PHE L 471 -28.04 -8.37 33.58
C PHE L 471 -26.74 -7.58 33.57
N LEU L 472 -26.72 -6.55 32.74
CA LEU L 472 -25.55 -5.71 32.61
C LEU L 472 -25.29 -4.91 33.87
N TYR L 473 -26.34 -4.29 34.38
CA TYR L 473 -26.22 -3.49 35.57
C TYR L 473 -25.80 -4.30 36.77
N SER L 474 -26.49 -5.41 36.97
CA SER L 474 -26.20 -6.28 38.09
C SER L 474 -24.81 -6.91 38.06
N ASN L 475 -24.44 -7.46 36.90
CA ASN L 475 -23.16 -8.15 36.79
C ASN L 475 -21.92 -7.36 36.42
N ILE L 476 -22.07 -6.28 35.67
CA ILE L 476 -20.89 -5.54 35.29
C ILE L 476 -20.81 -4.16 35.92
N ALA L 477 -21.84 -3.36 35.67
CA ALA L 477 -21.90 -2.01 36.21
C ALA L 477 -21.44 -1.92 37.66
N LEU L 478 -22.16 -2.59 38.54
CA LEU L 478 -21.85 -2.54 39.96
C LEU L 478 -20.46 -2.98 40.33
N TYR L 479 -19.78 -3.72 39.44
CA TYR L 479 -18.42 -4.15 39.73
C TYR L 479 -17.38 -3.20 39.17
N LEU L 480 -17.88 -2.17 38.49
CA LEU L 480 -16.99 -1.18 37.93
C LEU L 480 -16.10 -0.63 39.04
N PRO L 481 -14.93 -0.13 38.65
CA PRO L 481 -14.03 0.43 39.62
C PRO L 481 -14.64 1.63 40.34
N ASP L 482 -14.24 1.82 41.60
CA ASP L 482 -14.75 2.90 42.41
C ASP L 482 -14.63 4.27 41.77
N LYS L 483 -13.51 4.46 41.06
CA LYS L 483 -13.22 5.72 40.38
C LYS L 483 -14.31 6.19 39.43
N LEU L 484 -15.07 5.22 38.91
CA LEU L 484 -16.15 5.53 37.99
C LEU L 484 -17.45 5.82 38.73
N LYS L 485 -17.43 5.59 40.05
CA LYS L 485 -18.59 5.80 40.90
C LYS L 485 -18.64 7.16 41.57
N TYR L 486 -19.75 7.39 42.28
CA TYR L 486 -19.97 8.63 43.00
C TYR L 486 -20.85 8.44 44.23
N SER L 487 -20.65 9.28 45.25
CA SER L 487 -21.41 9.20 46.49
C SER L 487 -22.82 9.75 46.36
N PRO L 488 -23.77 9.10 47.04
CA PRO L 488 -25.16 9.50 47.00
C PRO L 488 -25.43 10.74 47.85
N SER L 489 -26.40 11.51 47.43
CA SER L 489 -26.76 12.72 48.15
C SER L 489 -27.69 12.42 49.32
N ASN L 490 -27.48 13.15 50.42
CA ASN L 490 -28.28 13.00 51.62
C ASN L 490 -28.31 11.59 52.17
N VAL L 491 -27.20 10.88 52.00
CA VAL L 491 -27.12 9.51 52.50
C VAL L 491 -25.80 9.25 53.17
N LYS L 492 -25.84 8.91 54.45
CA LYS L 492 -24.63 8.63 55.17
C LYS L 492 -23.92 7.43 54.58
N ILE L 493 -22.62 7.57 54.42
CA ILE L 493 -21.79 6.52 53.86
C ILE L 493 -20.47 6.44 54.58
N SER L 494 -20.00 5.21 54.80
CA SER L 494 -18.74 5.01 55.49
C SER L 494 -17.57 5.70 54.81
N ASP L 495 -16.54 5.94 55.62
CA ASP L 495 -15.31 6.58 55.21
C ASP L 495 -14.31 5.55 54.74
N ASN L 496 -14.54 4.32 55.18
CA ASN L 496 -13.70 3.18 54.84
C ASN L 496 -14.16 2.53 53.54
N PRO L 497 -13.30 2.65 52.53
CA PRO L 497 -13.58 2.11 51.22
C PRO L 497 -13.51 0.58 51.18
N ASN L 498 -12.86 -0.02 52.17
CA ASN L 498 -12.71 -1.47 52.24
C ASN L 498 -13.91 -2.07 52.93
N THR L 499 -14.86 -1.19 53.19
CA THR L 499 -16.08 -1.51 53.88
C THR L 499 -17.21 -1.91 52.96
N TYR L 500 -18.13 -2.71 53.49
CA TYR L 500 -19.27 -3.16 52.74
C TYR L 500 -20.22 -2.00 52.54
N ASP L 501 -20.40 -1.22 53.60
CA ASP L 501 -21.28 -0.07 53.53
C ASP L 501 -20.92 0.80 52.35
N TYR L 502 -19.62 1.02 52.20
CA TYR L 502 -19.08 1.82 51.13
C TYR L 502 -19.42 1.27 49.76
N MET L 503 -18.97 0.03 49.53
CA MET L 503 -19.19 -0.66 48.29
C MET L 503 -20.67 -0.76 47.93
N ASN L 504 -21.49 -0.82 48.97
CA ASN L 504 -22.93 -0.95 48.80
C ASN L 504 -23.65 0.36 48.53
N LYS L 505 -23.08 1.47 48.98
CA LYS L 505 -23.73 2.75 48.78
C LYS L 505 -23.23 3.53 47.58
N ARG L 506 -21.96 3.36 47.22
CA ARG L 506 -21.47 4.08 46.07
C ARG L 506 -22.43 3.85 44.91
N VAL L 507 -22.82 4.91 44.22
CA VAL L 507 -23.73 4.73 43.12
C VAL L 507 -23.05 4.73 41.76
N VAL L 508 -23.61 3.96 40.85
CA VAL L 508 -23.07 3.85 39.51
C VAL L 508 -24.15 4.04 38.47
N ALA L 509 -23.80 4.83 37.45
CA ALA L 509 -24.69 5.13 36.34
C ALA L 509 -24.82 3.97 35.38
N PRO L 510 -26.05 3.53 35.15
CA PRO L 510 -26.32 2.43 34.25
C PRO L 510 -25.87 2.74 32.82
N GLY L 511 -25.86 4.02 32.48
CA GLY L 511 -25.47 4.41 31.15
C GLY L 511 -24.03 4.02 30.85
N LEU L 512 -23.32 3.59 31.89
CA LEU L 512 -21.93 3.18 31.72
C LEU L 512 -21.83 1.84 31.02
N VAL L 513 -22.75 0.95 31.35
CA VAL L 513 -22.83 -0.37 30.77
C VAL L 513 -24.25 -0.66 30.32
N ASP L 514 -24.76 0.17 29.42
CA ASP L 514 -26.12 -0.01 28.93
C ASP L 514 -26.22 -1.01 27.80
N CYS L 515 -27.45 -1.42 27.52
CA CYS L 515 -27.72 -2.41 26.49
C CYS L 515 -27.11 -2.11 25.12
N TYR L 516 -26.73 -0.86 24.87
CA TYR L 516 -26.14 -0.52 23.58
C TYR L 516 -24.61 -0.44 23.63
N ILE L 517 -24.06 -1.03 24.68
CA ILE L 517 -22.64 -1.05 24.91
C ILE L 517 -21.93 -2.02 23.98
N ASN L 518 -20.94 -1.49 23.26
CA ASN L 518 -20.17 -2.29 22.30
C ASN L 518 -21.03 -3.29 21.55
N LEU L 519 -22.11 -2.77 20.98
CA LEU L 519 -23.07 -3.57 20.23
C LEU L 519 -22.43 -4.40 19.11
N GLY L 520 -22.77 -5.67 19.09
CA GLY L 520 -22.29 -6.61 18.08
C GLY L 520 -20.85 -7.08 18.27
N ALA L 521 -20.28 -6.76 19.41
CA ALA L 521 -18.92 -7.17 19.67
C ALA L 521 -18.80 -8.18 20.80
N ARG L 522 -17.67 -8.87 20.79
CA ARG L 522 -17.28 -9.83 21.80
C ARG L 522 -16.08 -9.18 22.44
N TRP L 523 -16.37 -8.32 23.39
CA TRP L 523 -15.34 -7.56 24.03
C TRP L 523 -15.49 -7.42 25.53
N SER L 524 -14.37 -7.55 26.23
CA SER L 524 -14.37 -7.36 27.66
C SER L 524 -14.10 -5.88 27.89
N LEU L 525 -14.80 -5.27 28.84
CA LEU L 525 -14.59 -3.86 29.10
C LEU L 525 -13.16 -3.57 29.51
N ASP L 526 -12.58 -2.55 28.89
CA ASP L 526 -11.23 -2.19 29.21
C ASP L 526 -11.11 -1.76 30.68
N TYR L 527 -12.24 -1.38 31.28
CA TYR L 527 -12.25 -0.97 32.69
C TYR L 527 -12.15 -2.17 33.61
N MET L 528 -12.79 -3.25 33.20
CA MET L 528 -12.87 -4.50 33.97
C MET L 528 -11.72 -5.47 33.80
N ASP L 529 -10.90 -5.29 32.78
CA ASP L 529 -9.79 -6.20 32.57
C ASP L 529 -8.94 -6.44 33.81
N ASN L 530 -8.58 -5.37 34.52
CA ASN L 530 -7.74 -5.47 35.70
C ASN L 530 -8.47 -5.61 37.01
N VAL L 531 -9.75 -5.92 36.92
CA VAL L 531 -10.58 -6.13 38.09
C VAL L 531 -10.65 -7.62 38.35
N ASN L 532 -10.37 -8.03 39.57
CA ASN L 532 -10.42 -9.45 39.87
C ASN L 532 -11.78 -10.03 39.49
N PRO L 533 -11.79 -10.93 38.52
CA PRO L 533 -13.02 -11.54 38.04
C PRO L 533 -13.64 -12.51 39.01
N PHE L 534 -12.83 -13.00 39.94
CA PHE L 534 -13.31 -13.97 40.91
C PHE L 534 -14.13 -13.38 42.04
N ASN L 535 -13.90 -12.12 42.36
CA ASN L 535 -14.69 -11.50 43.40
C ASN L 535 -16.02 -11.11 42.80
N HIS L 536 -16.95 -12.06 42.77
CA HIS L 536 -18.25 -11.82 42.17
C HIS L 536 -19.33 -12.78 42.69
N HIS L 537 -20.58 -12.33 42.66
CA HIS L 537 -21.69 -13.15 43.11
C HIS L 537 -21.98 -14.30 42.16
N ARG L 538 -21.35 -14.26 40.98
CA ARG L 538 -21.55 -15.31 40.01
C ARG L 538 -20.44 -16.36 40.01
N ASN L 539 -19.64 -16.32 41.07
CA ASN L 539 -18.57 -17.30 41.27
C ASN L 539 -19.24 -18.53 41.86
N ALA L 540 -19.48 -19.52 41.01
CA ALA L 540 -20.12 -20.75 41.42
C ALA L 540 -19.45 -21.46 42.58
N GLY L 541 -18.11 -21.54 42.53
CA GLY L 541 -17.36 -22.21 43.58
C GLY L 541 -17.58 -21.59 44.95
N LEU L 542 -17.41 -20.27 45.01
CA LEU L 542 -17.59 -19.52 46.24
C LEU L 542 -19.04 -19.58 46.69
N ARG L 543 -19.95 -19.47 45.73
CA ARG L 543 -21.37 -19.52 46.01
C ARG L 543 -21.74 -20.82 46.71
N TYR L 544 -21.25 -21.92 46.17
CA TYR L 544 -21.50 -23.25 46.68
C TYR L 544 -20.93 -23.47 48.06
N ARG L 545 -19.72 -22.95 48.28
CA ARG L 545 -19.08 -23.08 49.58
C ARG L 545 -19.83 -22.29 50.63
N SER L 546 -20.42 -21.19 50.20
CA SER L 546 -21.20 -20.34 51.07
C SER L 546 -22.47 -21.06 51.51
N MET L 547 -23.13 -21.70 50.54
CA MET L 547 -24.36 -22.44 50.79
C MET L 547 -24.14 -23.72 51.60
N LEU L 548 -22.93 -24.26 51.48
CA LEU L 548 -22.52 -25.45 52.20
C LEU L 548 -22.67 -25.23 53.69
N LEU L 549 -22.42 -23.97 54.09
CA LEU L 549 -22.51 -23.55 55.49
C LEU L 549 -23.94 -23.23 55.90
N GLY L 550 -24.71 -22.76 54.92
CA GLY L 550 -26.10 -22.40 55.14
C GLY L 550 -26.38 -21.01 54.58
N ASN L 551 -27.57 -20.51 54.86
CA ASN L 551 -28.01 -19.19 54.40
C ASN L 551 -28.02 -18.17 55.53
N GLY L 552 -27.48 -18.58 56.68
CA GLY L 552 -27.45 -17.71 57.84
C GLY L 552 -26.07 -17.26 58.27
N ARG L 553 -26.14 -16.12 58.94
CA ARG L 553 -25.04 -15.39 59.52
C ARG L 553 -24.28 -16.25 60.53
N TYR L 554 -25.04 -16.82 61.46
CA TYR L 554 -24.51 -17.66 62.52
C TYR L 554 -24.41 -19.11 62.13
N VAL L 555 -23.18 -19.64 62.18
CA VAL L 555 -22.96 -21.01 61.79
C VAL L 555 -22.01 -21.80 62.67
N PRO L 556 -22.52 -22.91 63.20
CA PRO L 556 -21.68 -23.80 63.96
C PRO L 556 -21.09 -24.68 62.87
N PHE L 557 -19.77 -24.83 62.81
CA PHE L 557 -19.23 -25.62 61.73
C PHE L 557 -18.49 -26.88 62.13
N HIS L 558 -18.45 -27.78 61.16
CA HIS L 558 -17.78 -29.07 61.26
C HIS L 558 -17.12 -29.37 59.94
N ILE L 559 -15.78 -29.33 59.93
CA ILE L 559 -15.06 -29.57 58.71
C ILE L 559 -13.91 -30.54 58.88
N GLN L 560 -13.44 -30.98 57.72
CA GLN L 560 -12.32 -31.88 57.60
C GLN L 560 -11.27 -31.21 56.74
N VAL L 561 -10.10 -31.01 57.33
CA VAL L 561 -8.98 -30.34 56.67
C VAL L 561 -7.85 -31.31 56.31
N PRO L 562 -7.39 -31.20 55.07
CA PRO L 562 -6.34 -32.07 54.55
C PRO L 562 -4.92 -31.55 54.77
N GLN L 563 -3.98 -32.49 54.81
CA GLN L 563 -2.58 -32.16 54.96
C GLN L 563 -2.05 -31.96 53.54
N LYS L 564 -1.46 -30.80 53.25
CA LYS L 564 -0.98 -30.54 51.91
C LYS L 564 0.52 -30.59 51.72
N PHE L 565 1.25 -30.41 52.81
CA PHE L 565 2.69 -30.43 52.74
C PHE L 565 3.17 -31.65 51.96
N PHE L 566 3.98 -31.40 50.94
CA PHE L 566 4.47 -32.45 50.07
C PHE L 566 5.29 -33.57 50.68
N ALA L 567 6.11 -33.29 51.68
CA ALA L 567 6.95 -34.33 52.27
C ALA L 567 6.19 -35.35 53.10
N ILE L 568 4.99 -35.03 53.54
CA ILE L 568 4.23 -35.95 54.37
C ILE L 568 2.86 -36.36 53.87
N LYS L 569 2.30 -35.61 52.92
CA LYS L 569 0.97 -35.88 52.40
C LYS L 569 0.68 -37.29 51.88
N ASN L 570 1.66 -37.95 51.27
CA ASN L 570 1.46 -39.29 50.73
C ASN L 570 2.36 -40.32 51.38
N LEU L 571 3.01 -39.89 52.44
CA LEU L 571 3.92 -40.76 53.15
C LEU L 571 3.26 -41.96 53.81
N LEU L 572 3.95 -43.08 53.71
CA LEU L 572 3.53 -44.33 54.31
C LEU L 572 4.34 -44.44 55.60
N LEU L 573 3.65 -44.19 56.71
CA LEU L 573 4.20 -44.19 58.04
C LEU L 573 4.33 -45.57 58.69
N LEU L 574 5.54 -45.91 59.13
CA LEU L 574 5.76 -47.19 59.76
C LEU L 574 5.37 -47.14 61.23
N PRO L 575 5.35 -48.31 61.88
CA PRO L 575 4.99 -48.36 63.28
C PRO L 575 5.93 -47.54 64.15
N GLY L 576 5.34 -46.97 65.19
CA GLY L 576 6.02 -46.13 66.14
C GLY L 576 5.08 -45.04 66.61
N SER L 577 5.53 -44.21 67.53
CA SER L 577 4.72 -43.13 68.04
C SER L 577 5.28 -41.82 67.52
N TYR L 578 4.41 -40.97 66.98
CA TYR L 578 4.89 -39.71 66.45
C TYR L 578 4.17 -38.51 66.99
N THR L 579 4.93 -37.42 67.02
CA THR L 579 4.43 -36.15 67.46
C THR L 579 4.03 -35.38 66.23
N TYR L 580 2.74 -35.14 66.11
CA TYR L 580 2.20 -34.43 64.96
C TYR L 580 1.55 -33.17 65.48
N GLU L 581 2.10 -32.03 65.07
CA GLU L 581 1.57 -30.77 65.53
C GLU L 581 1.46 -29.76 64.41
N TRP L 582 0.40 -28.95 64.46
CA TRP L 582 0.16 -27.96 63.44
C TRP L 582 -0.51 -26.69 63.95
N ASN L 583 -0.31 -25.61 63.20
CA ASN L 583 -0.86 -24.31 63.53
C ASN L 583 -1.97 -23.91 62.57
N PHE L 584 -3.01 -23.33 63.14
CA PHE L 584 -4.15 -22.88 62.39
C PHE L 584 -4.37 -21.40 62.55
N ARG L 585 -4.68 -20.74 61.45
CA ARG L 585 -4.94 -19.33 61.39
C ARG L 585 -6.32 -19.01 61.95
N LYS L 586 -6.47 -17.81 62.48
CA LYS L 586 -7.72 -17.34 63.05
C LYS L 586 -8.21 -16.09 62.35
N ASP L 587 -7.31 -15.51 61.56
CA ASP L 587 -7.56 -14.29 60.82
C ASP L 587 -8.67 -14.45 59.79
N VAL L 588 -9.82 -13.82 60.03
CA VAL L 588 -10.93 -13.92 59.10
C VAL L 588 -10.62 -13.50 57.68
N ASN L 589 -9.73 -12.53 57.51
CA ASN L 589 -9.40 -12.12 56.15
C ASN L 589 -8.66 -13.22 55.42
N MET L 590 -8.13 -14.15 56.21
CA MET L 590 -7.39 -15.27 55.66
C MET L 590 -8.19 -16.56 55.55
N VAL L 591 -8.91 -16.91 56.62
CA VAL L 591 -9.69 -18.13 56.62
C VAL L 591 -11.02 -18.02 55.89
N LEU L 592 -11.53 -16.80 55.76
CA LEU L 592 -12.79 -16.59 55.07
C LEU L 592 -12.60 -15.87 53.75
N GLN L 593 -13.60 -16.02 52.90
CA GLN L 593 -13.60 -15.39 51.60
C GLN L 593 -14.95 -14.79 51.31
N SER L 594 -14.94 -13.59 50.73
CA SER L 594 -16.17 -12.90 50.39
C SER L 594 -16.19 -12.57 48.90
N SER L 595 -17.37 -12.38 48.35
CA SER L 595 -17.47 -12.06 46.93
C SER L 595 -17.14 -10.59 46.64
N LEU L 596 -17.39 -9.71 47.62
CA LEU L 596 -17.12 -8.29 47.49
C LEU L 596 -15.67 -7.99 47.87
N GLY L 597 -15.11 -8.89 48.67
CA GLY L 597 -13.73 -8.77 49.12
C GLY L 597 -13.55 -7.70 50.19
N ASN L 598 -14.63 -7.35 50.87
CA ASN L 598 -14.56 -6.34 51.91
C ASN L 598 -13.67 -6.78 53.09
N ASP L 599 -13.39 -5.85 53.99
CA ASP L 599 -12.55 -6.13 55.16
C ASP L 599 -13.35 -6.75 56.28
N LEU L 600 -13.26 -8.08 56.37
CA LEU L 600 -14.00 -8.83 57.39
C LEU L 600 -13.63 -8.51 58.83
N ARG L 601 -12.45 -7.95 59.05
CA ARG L 601 -12.06 -7.60 60.40
C ARG L 601 -12.92 -6.43 60.89
N VAL L 602 -13.00 -5.41 60.06
CA VAL L 602 -13.78 -4.22 60.31
C VAL L 602 -15.26 -4.54 60.21
N ASP L 603 -15.55 -5.44 59.26
CA ASP L 603 -16.91 -5.86 58.97
C ASP L 603 -17.61 -6.87 59.87
N GLY L 604 -17.06 -7.09 61.06
CA GLY L 604 -17.68 -7.97 62.04
C GLY L 604 -17.66 -9.48 61.86
N ALA L 605 -16.90 -10.03 60.92
CA ALA L 605 -16.89 -11.49 60.83
C ALA L 605 -16.16 -12.06 62.03
N SER L 606 -16.58 -13.21 62.54
CA SER L 606 -15.93 -13.80 63.69
C SER L 606 -15.81 -15.32 63.58
N ILE L 607 -14.79 -15.88 64.21
CA ILE L 607 -14.57 -17.32 64.17
C ILE L 607 -13.90 -17.86 65.42
N LYS L 608 -14.48 -18.94 65.95
CA LYS L 608 -13.95 -19.58 67.15
C LYS L 608 -13.84 -21.09 67.00
N PHE L 609 -12.67 -21.62 67.36
CA PHE L 609 -12.40 -23.04 67.29
C PHE L 609 -12.72 -23.74 68.61
N ASP L 610 -13.66 -24.65 68.57
CA ASP L 610 -14.03 -25.36 69.77
C ASP L 610 -13.26 -26.64 69.99
N SER L 611 -13.03 -27.39 68.92
CA SER L 611 -12.32 -28.62 69.07
C SER L 611 -11.73 -29.11 67.77
N ILE L 612 -10.55 -29.71 67.90
CA ILE L 612 -9.85 -30.26 66.76
C ILE L 612 -9.36 -31.66 67.08
N CYS L 613 -9.73 -32.59 66.22
CA CYS L 613 -9.33 -33.97 66.37
C CYS L 613 -8.49 -34.41 65.19
N LEU L 614 -7.85 -35.56 65.36
CA LEU L 614 -7.03 -36.12 64.32
C LEU L 614 -7.53 -37.50 63.97
N TYR L 615 -7.91 -37.68 62.70
CA TYR L 615 -8.42 -38.97 62.25
C TYR L 615 -7.44 -39.66 61.35
N ALA L 616 -7.45 -40.99 61.40
CA ALA L 616 -6.56 -41.82 60.61
C ALA L 616 -7.21 -43.17 60.32
N THR L 617 -7.22 -43.56 59.05
CA THR L 617 -7.80 -44.82 58.64
C THR L 617 -6.72 -45.82 58.30
N PHE L 618 -6.91 -47.07 58.68
CA PHE L 618 -5.90 -48.08 58.40
C PHE L 618 -6.40 -49.28 57.63
N PHE L 619 -5.63 -49.66 56.61
CA PHE L 619 -5.96 -50.83 55.85
C PHE L 619 -5.77 -51.97 56.84
N PRO L 620 -6.77 -52.83 57.00
CA PRO L 620 -6.66 -53.92 57.97
C PRO L 620 -5.79 -55.04 57.44
N MET L 621 -4.59 -54.66 57.02
CA MET L 621 -3.62 -55.57 56.44
C MET L 621 -3.26 -56.76 57.31
N ALA L 622 -3.04 -57.90 56.65
CA ALA L 622 -2.66 -59.09 57.34
C ALA L 622 -1.38 -58.80 58.10
N HIS L 623 -1.30 -59.29 59.33
CA HIS L 623 -0.15 -59.05 60.18
C HIS L 623 1.18 -59.54 59.63
N ASN L 624 1.18 -60.73 59.06
CA ASN L 624 2.42 -61.26 58.50
C ASN L 624 2.90 -60.38 57.38
N THR L 625 1.94 -60.01 56.52
CA THR L 625 2.20 -59.16 55.38
C THR L 625 2.70 -57.78 55.80
N ALA L 626 1.94 -57.13 56.67
CA ALA L 626 2.29 -55.82 57.16
C ALA L 626 3.71 -55.84 57.71
N SER L 627 3.98 -56.85 58.51
CA SER L 627 5.29 -57.01 59.13
C SER L 627 6.39 -57.14 58.10
N THR L 628 6.09 -57.88 57.03
CA THR L 628 7.05 -58.08 55.95
C THR L 628 7.31 -56.79 55.19
N LEU L 629 6.23 -56.06 54.93
CA LEU L 629 6.32 -54.81 54.22
C LEU L 629 7.14 -53.81 55.02
N GLU L 630 7.00 -53.88 56.34
CA GLU L 630 7.72 -53.00 57.25
C GLU L 630 9.21 -53.19 57.12
N ALA L 631 9.63 -54.45 57.25
CA ALA L 631 11.02 -54.83 57.15
C ALA L 631 11.67 -54.27 55.90
N MET L 632 10.98 -54.42 54.78
CA MET L 632 11.46 -53.94 53.49
C MET L 632 11.62 -52.43 53.46
N LEU L 633 10.58 -51.74 53.92
CA LEU L 633 10.56 -50.30 53.93
C LEU L 633 11.56 -49.70 54.91
N ARG L 634 12.16 -50.54 55.74
CA ARG L 634 13.11 -50.06 56.71
C ARG L 634 14.52 -49.95 56.17
N ASN L 635 14.75 -50.52 54.99
CA ASN L 635 16.04 -50.44 54.36
C ASN L 635 16.14 -49.16 53.56
N ASP L 636 17.30 -48.51 53.61
CA ASP L 636 17.47 -47.26 52.91
C ASP L 636 17.25 -47.39 51.41
N THR L 637 17.61 -48.54 50.84
CA THR L 637 17.41 -48.68 49.42
C THR L 637 15.93 -48.52 49.07
N ASN L 638 15.07 -48.79 50.05
CA ASN L 638 13.63 -48.67 49.89
C ASN L 638 13.05 -47.44 50.54
N ASP L 639 13.87 -46.39 50.63
CA ASP L 639 13.46 -45.13 51.20
C ASP L 639 12.44 -44.45 50.31
N GLN L 640 11.42 -43.88 50.92
CA GLN L 640 10.39 -43.18 50.16
C GLN L 640 10.89 -41.82 49.71
N SER L 641 10.31 -41.27 48.65
CA SER L 641 10.73 -39.96 48.18
C SER L 641 9.62 -39.19 47.49
N PHE L 642 9.61 -37.89 47.71
CA PHE L 642 8.62 -37.02 47.14
C PHE L 642 9.19 -35.69 46.71
N ASN L 643 8.46 -35.07 45.81
CA ASN L 643 8.81 -33.77 45.30
C ASN L 643 7.55 -32.91 45.28
N ASP L 644 7.74 -31.63 45.46
CA ASP L 644 6.60 -30.73 45.46
C ASP L 644 6.12 -30.59 44.02
N TYR L 645 4.80 -30.60 43.83
CA TYR L 645 4.27 -30.47 42.49
C TYR L 645 4.70 -29.19 41.79
N LEU L 646 4.61 -28.08 42.51
CA LEU L 646 4.98 -26.79 41.95
C LEU L 646 6.45 -26.74 41.57
N SER L 647 7.27 -27.32 42.43
CA SER L 647 8.71 -27.39 42.24
C SER L 647 9.32 -26.05 41.88
N ALA L 648 9.27 -25.11 42.81
CA ALA L 648 9.82 -23.82 42.52
C ALA L 648 10.07 -22.95 43.75
N ALA L 649 10.99 -22.01 43.55
CA ALA L 649 11.35 -21.02 44.52
C ALA L 649 10.50 -19.80 44.14
N ASN L 650 9.70 -19.31 45.06
CA ASN L 650 8.82 -18.21 44.73
C ASN L 650 9.30 -16.84 45.16
N MET L 651 9.31 -15.91 44.21
CA MET L 651 9.73 -14.57 44.50
C MET L 651 8.70 -13.53 44.09
N LEU L 652 8.66 -12.47 44.88
CA LEU L 652 7.77 -11.36 44.64
C LEU L 652 8.58 -10.07 44.61
N TYR L 653 8.40 -9.33 43.52
CA TYR L 653 9.04 -8.05 43.32
C TYR L 653 8.00 -6.99 43.10
N PRO L 654 8.16 -5.91 43.84
CA PRO L 654 7.25 -4.79 43.78
C PRO L 654 7.32 -4.00 42.49
N ILE L 655 6.12 -3.57 42.09
CA ILE L 655 5.89 -2.76 40.92
C ILE L 655 5.10 -1.53 41.34
N PRO L 656 5.82 -0.44 41.60
CA PRO L 656 5.19 0.77 42.03
C PRO L 656 4.13 1.23 41.05
N ALA L 657 3.12 1.91 41.58
CA ALA L 657 2.05 2.39 40.75
C ALA L 657 2.61 3.17 39.58
N ASN L 658 2.12 2.87 38.39
CA ASN L 658 2.56 3.56 37.20
C ASN L 658 3.94 3.16 36.67
N ALA L 659 4.64 2.33 37.44
CA ALA L 659 5.94 1.86 37.01
C ALA L 659 5.73 1.03 35.76
N THR L 660 6.72 0.99 34.88
CA THR L 660 6.57 0.23 33.64
C THR L 660 7.73 -0.70 33.39
N ASN L 661 8.84 -0.43 34.07
CA ASN L 661 10.05 -1.20 33.94
C ASN L 661 10.33 -1.94 35.24
N VAL L 662 10.58 -3.24 35.12
CA VAL L 662 10.87 -4.06 36.28
C VAL L 662 12.13 -4.89 36.08
N PRO L 663 13.22 -4.39 36.63
CA PRO L 663 14.48 -5.06 36.52
C PRO L 663 14.76 -5.90 37.75
N ILE L 664 15.21 -7.12 37.51
CA ILE L 664 15.51 -8.00 38.62
C ILE L 664 16.91 -8.56 38.46
N SER L 665 17.59 -8.65 39.59
CA SER L 665 18.94 -9.15 39.57
C SER L 665 19.16 -10.28 40.55
N ILE L 666 19.86 -11.30 40.07
CA ILE L 666 20.18 -12.46 40.86
C ILE L 666 21.69 -12.63 40.90
N PRO L 667 22.25 -12.42 42.08
CA PRO L 667 23.68 -12.52 42.23
C PRO L 667 24.18 -13.87 41.78
N SER L 668 25.35 -13.87 41.15
CA SER L 668 25.95 -15.07 40.65
C SER L 668 25.71 -16.25 41.58
N ARG L 669 25.23 -17.34 41.00
CA ARG L 669 24.93 -18.55 41.71
C ARG L 669 24.97 -19.75 40.78
N ASN L 670 24.66 -20.92 41.34
CA ASN L 670 24.65 -22.16 40.59
C ASN L 670 23.31 -22.40 39.89
N TRP L 671 23.38 -22.86 38.64
CA TRP L 671 22.17 -23.09 37.88
C TRP L 671 21.93 -24.52 37.44
N ALA L 672 22.77 -25.44 37.86
CA ALA L 672 22.57 -26.83 37.47
C ALA L 672 21.19 -27.32 37.84
N ALA L 673 20.53 -28.00 36.89
CA ALA L 673 19.21 -28.57 37.10
C ALA L 673 18.07 -27.55 36.96
N PHE L 674 18.44 -26.32 36.65
CA PHE L 674 17.44 -25.28 36.47
C PHE L 674 16.41 -25.73 35.44
N ARG L 675 15.13 -25.56 35.74
CA ARG L 675 14.10 -26.01 34.82
C ARG L 675 13.48 -24.91 33.96
N GLY L 676 13.42 -23.70 34.47
CA GLY L 676 12.84 -22.63 33.69
C GLY L 676 12.10 -21.62 34.55
N TRP L 677 11.42 -20.69 33.87
CA TRP L 677 10.69 -19.63 34.55
C TRP L 677 9.20 -19.66 34.27
N ALA L 678 8.46 -19.17 35.26
CA ALA L 678 7.02 -19.04 35.23
C ALA L 678 6.67 -17.74 35.94
N PHE L 679 5.73 -16.97 35.41
CA PHE L 679 5.42 -15.71 36.05
C PHE L 679 4.05 -15.12 35.75
N THR L 680 3.65 -14.24 36.66
CA THR L 680 2.40 -13.48 36.65
C THR L 680 2.62 -12.13 37.30
N ARG L 681 1.50 -11.49 37.58
CA ARG L 681 1.46 -10.21 38.21
C ARG L 681 0.28 -10.16 39.18
N LEU L 682 0.54 -9.75 40.41
CA LEU L 682 -0.48 -9.67 41.42
C LEU L 682 -0.62 -8.27 41.96
N LYS L 683 -1.75 -8.03 42.60
CA LYS L 683 -2.02 -6.75 43.20
C LYS L 683 -1.55 -6.82 44.64
N THR L 684 -0.81 -5.82 45.06
CA THR L 684 -0.33 -5.83 46.42
C THR L 684 -1.47 -5.96 47.41
N LYS L 685 -2.58 -5.31 47.11
CA LYS L 685 -3.74 -5.36 47.99
C LYS L 685 -4.31 -6.76 48.18
N GLU L 686 -4.18 -7.59 47.14
CA GLU L 686 -4.70 -8.95 47.20
C GLU L 686 -3.68 -9.98 47.61
N THR L 687 -2.52 -9.54 48.09
CA THR L 687 -1.47 -10.44 48.51
C THR L 687 -1.07 -10.24 49.95
N PRO L 688 -1.67 -11.04 50.83
CA PRO L 688 -1.34 -10.95 52.24
C PRO L 688 0.15 -11.16 52.42
N SER L 689 0.70 -10.62 53.49
CA SER L 689 2.11 -10.80 53.75
C SER L 689 2.30 -12.12 54.46
N LEU L 690 3.15 -12.99 53.94
CA LEU L 690 3.34 -14.28 54.59
C LEU L 690 4.59 -14.39 55.44
N GLY L 691 5.41 -13.35 55.43
CA GLY L 691 6.63 -13.36 56.23
C GLY L 691 6.34 -13.13 57.71
N SER L 692 5.18 -13.63 58.16
CA SER L 692 4.76 -13.47 59.54
C SER L 692 3.40 -14.09 59.83
N GLY L 693 3.20 -14.41 61.10
CA GLY L 693 1.98 -15.04 61.57
C GLY L 693 0.74 -14.15 61.43
N TYR L 694 0.93 -12.84 61.29
CA TYR L 694 -0.20 -11.93 61.16
C TYR L 694 0.14 -10.66 60.39
N ASP L 695 -0.75 -10.30 59.46
CA ASP L 695 -0.58 -9.12 58.63
C ASP L 695 -1.55 -8.01 58.99
N PRO L 696 -1.06 -7.08 59.80
CA PRO L 696 -1.84 -5.95 60.26
C PRO L 696 -2.39 -5.09 59.13
N TYR L 697 -1.71 -5.05 57.99
CA TYR L 697 -2.16 -4.23 56.88
C TYR L 697 -3.03 -4.92 55.81
N TYR L 698 -3.45 -6.14 56.10
CA TYR L 698 -4.26 -6.90 55.18
C TYR L 698 -5.75 -6.69 55.42
N THR L 699 -6.34 -5.80 54.62
CA THR L 699 -7.75 -5.45 54.73
C THR L 699 -8.53 -5.83 53.48
N TYR L 700 -8.45 -7.11 53.13
CA TYR L 700 -9.09 -7.63 51.95
C TYR L 700 -9.48 -9.08 52.16
N SER L 701 -10.63 -9.51 51.63
CA SER L 701 -11.05 -10.89 51.84
C SER L 701 -11.47 -11.61 50.56
N GLY L 702 -11.02 -11.12 49.41
CA GLY L 702 -11.39 -11.75 48.16
C GLY L 702 -10.46 -12.90 47.80
N SER L 703 -10.47 -13.27 46.52
CA SER L 703 -9.63 -14.34 46.04
C SER L 703 -8.17 -13.94 46.19
N ILE L 704 -7.32 -14.91 46.48
CA ILE L 704 -5.89 -14.65 46.64
C ILE L 704 -5.09 -15.42 45.60
N PRO L 705 -4.93 -14.81 44.42
CA PRO L 705 -4.21 -15.46 43.34
C PRO L 705 -2.92 -16.16 43.70
N TYR L 706 -2.11 -15.55 44.56
CA TYR L 706 -0.84 -16.16 44.94
C TYR L 706 -1.00 -17.55 45.53
N LEU L 707 -2.13 -17.76 46.22
CA LEU L 707 -2.40 -19.02 46.86
C LEU L 707 -3.41 -19.89 46.13
N ASP L 708 -4.40 -19.30 45.49
CA ASP L 708 -5.44 -20.07 44.82
C ASP L 708 -5.35 -20.27 43.31
N GLY L 709 -4.59 -19.44 42.61
CA GLY L 709 -4.46 -19.62 41.17
C GLY L 709 -5.48 -18.81 40.37
N THR L 710 -6.13 -17.87 41.02
CA THR L 710 -7.10 -17.05 40.33
C THR L 710 -6.43 -15.91 39.58
N PHE L 711 -5.38 -16.25 38.85
CA PHE L 711 -4.62 -15.28 38.07
C PHE L 711 -5.48 -14.61 37.02
N TYR L 712 -5.29 -13.30 36.89
CA TYR L 712 -6.06 -12.52 35.93
C TYR L 712 -5.34 -11.31 35.35
N LEU L 713 -4.03 -11.20 35.53
CA LEU L 713 -3.34 -10.03 35.01
C LEU L 713 -2.25 -10.30 33.98
N ASN L 714 -2.31 -11.47 33.36
CA ASN L 714 -1.32 -11.89 32.38
C ASN L 714 -1.25 -11.08 31.10
N HIS L 715 -2.32 -10.37 30.79
CA HIS L 715 -2.37 -9.57 29.58
C HIS L 715 -1.63 -8.25 29.70
N THR L 716 -1.10 -7.95 30.88
CA THR L 716 -0.39 -6.71 31.11
C THR L 716 1.11 -6.78 30.84
N PHE L 717 1.58 -7.95 30.45
CA PHE L 717 2.99 -8.10 30.19
C PHE L 717 3.31 -7.66 28.78
N LYS L 718 4.41 -6.93 28.64
CA LYS L 718 4.80 -6.45 27.34
C LYS L 718 5.94 -7.26 26.75
N LYS L 719 6.99 -7.42 27.54
CA LYS L 719 8.15 -8.17 27.09
C LYS L 719 9.06 -8.61 28.23
N VAL L 720 9.96 -9.53 27.89
CA VAL L 720 10.91 -10.06 28.83
C VAL L 720 12.26 -10.25 28.19
N ALA L 721 13.27 -9.73 28.87
CA ALA L 721 14.64 -9.84 28.41
C ALA L 721 15.44 -10.60 29.46
N ILE L 722 16.04 -11.70 29.04
CA ILE L 722 16.83 -12.52 29.93
C ILE L 722 18.32 -12.45 29.63
N THR L 723 19.13 -12.19 30.65
CA THR L 723 20.56 -12.07 30.45
C THR L 723 21.41 -12.72 31.51
N PHE L 724 22.34 -13.54 31.05
CA PHE L 724 23.27 -14.21 31.93
C PHE L 724 24.58 -13.44 31.89
N ASP L 725 25.23 -13.39 33.06
CA ASP L 725 26.52 -12.74 33.23
C ASP L 725 26.67 -11.34 32.62
N SER L 726 25.65 -10.51 32.74
CA SER L 726 25.71 -9.14 32.25
C SER L 726 25.99 -8.96 30.76
N SER L 727 26.15 -10.04 30.00
CA SER L 727 26.44 -9.84 28.59
C SER L 727 25.72 -10.78 27.65
N VAL L 728 25.57 -12.03 28.09
CA VAL L 728 24.94 -13.07 27.30
C VAL L 728 23.43 -13.10 27.33
N SER L 729 22.85 -12.97 26.15
CA SER L 729 21.41 -12.99 25.96
C SER L 729 20.88 -14.40 25.74
N TRP L 730 19.92 -14.78 26.58
CA TRP L 730 19.29 -16.07 26.49
C TRP L 730 17.90 -15.87 25.92
N PRO L 731 17.51 -16.69 24.95
CA PRO L 731 18.28 -17.81 24.43
C PRO L 731 19.28 -17.43 23.36
N GLY L 732 19.26 -16.17 22.93
CA GLY L 732 20.17 -15.74 21.88
C GLY L 732 20.10 -16.70 20.71
N ASN L 733 21.24 -16.97 20.07
CA ASN L 733 21.31 -17.89 18.95
C ASN L 733 20.43 -17.55 17.75
N ASP L 734 19.88 -16.33 17.74
CA ASP L 734 19.05 -15.89 16.64
C ASP L 734 17.77 -16.69 16.50
N ARG L 735 17.31 -17.26 17.60
CA ARG L 735 16.11 -18.07 17.61
C ARG L 735 14.79 -17.37 17.31
N LEU L 736 14.48 -16.31 18.06
CA LEU L 736 13.23 -15.57 17.90
C LEU L 736 13.23 -14.47 16.85
N LEU L 737 12.03 -14.09 16.39
CA LEU L 737 11.86 -13.05 15.39
C LEU L 737 12.53 -11.75 15.84
N THR L 738 12.48 -11.54 17.16
CA THR L 738 13.09 -10.42 17.85
C THR L 738 13.97 -11.03 18.94
N PRO L 739 15.02 -11.65 18.44
CA PRO L 739 16.05 -12.41 19.13
C PRO L 739 16.54 -11.89 20.48
N ASN L 740 16.57 -10.58 20.70
CA ASN L 740 17.10 -10.08 21.96
C ASN L 740 16.17 -10.17 23.16
N GLU L 741 14.93 -10.57 22.93
CA GLU L 741 14.02 -10.65 24.04
C GLU L 741 12.72 -11.33 23.67
N PHE L 742 11.94 -11.61 24.70
CA PHE L 742 10.65 -12.23 24.53
C PHE L 742 9.59 -11.14 24.48
N GLU L 743 9.02 -10.95 23.30
CA GLU L 743 7.98 -9.96 23.11
C GLU L 743 6.63 -10.63 23.28
N ILE L 744 5.92 -10.28 24.35
CA ILE L 744 4.62 -10.89 24.60
C ILE L 744 3.52 -10.36 23.68
N LYS L 745 3.55 -9.06 23.39
CA LYS L 745 2.55 -8.44 22.54
C LYS L 745 3.08 -7.16 21.88
N ARG L 746 2.51 -6.83 20.71
CA ARG L 746 2.90 -5.63 19.97
C ARG L 746 1.71 -4.71 19.69
N SER L 747 1.98 -3.41 19.65
CA SER L 747 0.94 -2.41 19.41
C SER L 747 0.95 -1.78 18.03
N VAL L 748 -0.06 -2.16 17.24
CA VAL L 748 -0.30 -1.67 15.88
C VAL L 748 0.92 -1.60 14.97
N ASP L 749 1.90 -0.84 15.42
CA ASP L 749 3.12 -0.64 14.66
C ASP L 749 3.81 -1.94 14.24
N GLY L 750 3.60 -3.00 15.01
CA GLY L 750 4.21 -4.28 14.70
C GLY L 750 3.23 -5.36 14.30
N GLU L 751 2.04 -4.96 13.87
CA GLU L 751 1.02 -5.90 13.46
C GLU L 751 1.56 -7.17 12.81
N GLY L 752 2.31 -7.03 11.72
CA GLY L 752 2.86 -8.17 10.98
C GLY L 752 3.43 -9.30 11.83
N TYR L 753 3.98 -8.98 13.00
CA TYR L 753 4.56 -9.99 13.84
C TYR L 753 3.56 -10.62 14.81
N ASN L 754 2.30 -10.20 14.68
CA ASN L 754 1.24 -10.71 15.53
C ASN L 754 0.60 -11.96 14.93
N VAL L 755 -0.20 -12.63 15.74
CA VAL L 755 -0.86 -13.86 15.29
C VAL L 755 -2.20 -14.05 15.97
N ALA L 756 -2.90 -15.11 15.56
CA ALA L 756 -4.19 -15.51 16.11
C ALA L 756 -5.29 -14.45 16.13
N GLN L 757 -5.14 -13.40 15.34
CA GLN L 757 -6.15 -12.34 15.28
C GLN L 757 -6.24 -11.49 16.53
N CYS L 758 -5.10 -11.29 17.18
CA CYS L 758 -5.02 -10.48 18.36
C CYS L 758 -3.66 -9.79 18.41
N ASN L 759 -3.34 -9.15 19.53
CA ASN L 759 -2.07 -8.46 19.63
C ASN L 759 -0.91 -9.31 20.12
N MET L 760 -1.10 -10.62 20.20
CA MET L 760 -0.03 -11.50 20.64
C MET L 760 0.95 -11.73 19.50
N THR L 761 2.22 -11.91 19.82
CA THR L 761 3.20 -12.11 18.79
C THR L 761 3.32 -13.58 18.38
N LYS L 762 3.83 -13.79 17.18
CA LYS L 762 4.02 -15.12 16.67
C LYS L 762 4.99 -15.88 17.58
N ASP L 763 6.07 -15.18 17.94
CA ASP L 763 7.13 -15.70 18.80
C ASP L 763 6.60 -16.27 20.10
N TRP L 764 5.83 -15.44 20.79
CA TRP L 764 5.25 -15.78 22.07
C TRP L 764 4.24 -16.93 21.97
N PHE L 765 3.40 -16.87 20.95
CA PHE L 765 2.40 -17.91 20.75
C PHE L 765 3.09 -19.26 20.57
N LEU L 766 4.21 -19.22 19.88
CA LEU L 766 5.00 -20.40 19.60
C LEU L 766 5.58 -20.99 20.87
N VAL L 767 6.15 -20.12 21.70
CA VAL L 767 6.76 -20.55 22.95
C VAL L 767 5.75 -21.12 23.92
N GLN L 768 4.61 -20.44 24.04
CA GLN L 768 3.58 -20.91 24.94
C GLN L 768 3.00 -22.26 24.52
N MET L 769 2.82 -22.43 23.21
CA MET L 769 2.27 -23.66 22.68
C MET L 769 3.20 -24.85 22.90
N LEU L 770 4.50 -24.61 22.70
CA LEU L 770 5.50 -25.65 22.89
C LEU L 770 5.66 -26.00 24.35
N ALA L 771 5.82 -24.96 25.16
CA ALA L 771 6.01 -25.11 26.59
C ALA L 771 4.88 -25.88 27.26
N ASN L 772 3.65 -25.61 26.82
CA ASN L 772 2.48 -26.26 27.38
C ASN L 772 2.16 -27.61 26.75
N TYR L 773 2.29 -27.71 25.43
CA TYR L 773 1.95 -28.95 24.77
C TYR L 773 2.93 -29.49 23.75
N ASN L 774 4.09 -28.88 23.60
CA ASN L 774 5.04 -29.36 22.62
C ASN L 774 4.51 -29.19 21.20
N ILE L 775 3.53 -28.31 21.02
CA ILE L 775 2.96 -28.07 19.71
C ILE L 775 3.60 -26.84 19.08
N GLY L 776 4.08 -26.93 17.86
CA GLY L 776 4.66 -25.73 17.26
C GLY L 776 5.54 -25.96 16.06
N TYR L 777 6.36 -27.00 16.08
CA TYR L 777 7.25 -27.28 14.96
C TYR L 777 6.59 -28.04 13.84
N GLN L 778 5.48 -28.67 14.14
CA GLN L 778 4.80 -29.43 13.13
C GLN L 778 3.36 -28.99 12.97
N GLY L 779 3.18 -27.68 12.97
CA GLY L 779 1.87 -27.08 12.83
C GLY L 779 1.20 -26.78 14.16
N PHE L 780 0.25 -25.85 14.09
CA PHE L 780 -0.54 -25.42 15.23
C PHE L 780 -1.93 -26.02 15.13
N TYR L 781 -2.43 -26.52 16.24
CA TYR L 781 -3.75 -27.09 16.28
C TYR L 781 -4.23 -27.12 17.72
N ILE L 782 -5.52 -27.37 17.91
CA ILE L 782 -6.04 -27.41 19.24
C ILE L 782 -5.48 -28.62 19.98
N PRO L 783 -4.89 -28.39 21.15
CA PRO L 783 -4.31 -29.46 21.92
C PRO L 783 -5.36 -30.45 22.39
N GLU L 784 -4.92 -31.69 22.63
CA GLU L 784 -5.83 -32.71 23.12
C GLU L 784 -6.37 -32.29 24.48
N SER L 785 -7.68 -32.40 24.66
CA SER L 785 -8.36 -32.01 25.88
C SER L 785 -7.72 -32.46 27.18
N TYR L 786 -7.22 -33.69 27.25
CA TYR L 786 -6.61 -34.10 28.50
C TYR L 786 -5.34 -33.33 28.84
N LYS L 787 -4.72 -32.68 27.85
CA LYS L 787 -3.51 -31.92 28.06
C LYS L 787 -3.79 -30.45 28.28
N ASP L 788 -5.01 -30.04 27.92
CA ASP L 788 -5.46 -28.67 28.07
C ASP L 788 -6.36 -28.57 29.27
N ARG L 789 -5.75 -28.45 30.44
CA ARG L 789 -6.51 -28.37 31.68
C ARG L 789 -6.99 -26.98 32.08
N MET L 790 -7.55 -26.91 33.28
CA MET L 790 -8.11 -25.69 33.84
C MET L 790 -7.16 -24.50 33.84
N TYR L 791 -5.95 -24.73 34.31
CA TYR L 791 -4.96 -23.68 34.40
C TYR L 791 -4.01 -23.65 33.22
N SER L 792 -4.42 -24.25 32.10
CA SER L 792 -3.59 -24.29 30.92
C SER L 792 -3.69 -23.02 30.07
N PHE L 793 -2.76 -22.92 29.14
CA PHE L 793 -2.67 -21.78 28.24
C PHE L 793 -3.82 -21.59 27.28
N PHE L 794 -3.94 -22.52 26.34
CA PHE L 794 -4.96 -22.49 25.31
C PHE L 794 -6.39 -22.32 25.80
N ARG L 795 -6.81 -23.23 26.68
CA ARG L 795 -8.14 -23.24 27.24
C ARG L 795 -8.54 -21.88 27.80
N ASN L 796 -7.54 -21.10 28.22
CA ASN L 796 -7.75 -19.77 28.82
C ASN L 796 -7.46 -18.59 27.90
N PHE L 797 -6.98 -18.88 26.69
CA PHE L 797 -6.65 -17.86 25.72
C PHE L 797 -7.88 -17.31 25.00
N GLN L 798 -8.08 -15.99 25.11
CA GLN L 798 -9.23 -15.30 24.51
C GLN L 798 -8.85 -14.06 23.72
N PRO L 799 -8.72 -14.18 22.40
CA PRO L 799 -8.38 -13.03 21.59
C PRO L 799 -9.63 -12.21 21.30
N MET L 800 -9.52 -10.88 21.37
CA MET L 800 -10.66 -10.01 21.12
C MET L 800 -10.36 -8.84 20.21
N SER L 801 -11.43 -8.36 19.58
CA SER L 801 -11.40 -7.25 18.65
C SER L 801 -12.69 -6.46 18.69
N ARG L 802 -12.59 -5.18 18.35
CA ARG L 802 -13.73 -4.30 18.31
C ARG L 802 -13.35 -3.03 17.59
N GLN L 803 -14.37 -2.27 17.20
CA GLN L 803 -14.17 -1.03 16.50
C GLN L 803 -14.77 0.12 17.29
N VAL L 804 -14.14 1.28 17.19
CA VAL L 804 -14.59 2.48 17.86
C VAL L 804 -14.41 3.67 16.91
N VAL L 805 -15.18 4.74 17.13
CA VAL L 805 -15.06 5.91 16.27
C VAL L 805 -13.64 6.43 16.25
N ASP L 806 -13.20 6.84 15.07
CA ASP L 806 -11.88 7.41 14.97
C ASP L 806 -12.03 8.90 15.24
N ASP L 807 -11.67 9.32 16.45
CA ASP L 807 -11.78 10.69 16.85
C ASP L 807 -10.98 11.68 16.00
N THR L 808 -9.97 11.19 15.30
CA THR L 808 -9.13 12.07 14.49
C THR L 808 -9.46 12.08 13.00
N LYS L 809 -10.41 11.26 12.56
CA LYS L 809 -10.74 11.24 11.15
C LYS L 809 -12.22 11.44 10.86
N TYR L 810 -13.06 11.23 11.87
CA TYR L 810 -14.49 11.42 11.70
C TYR L 810 -14.81 12.90 11.86
N LYS L 811 -14.99 13.57 10.73
CA LYS L 811 -15.26 14.99 10.68
C LYS L 811 -16.22 15.54 11.72
N ASP L 812 -17.36 14.86 11.93
CA ASP L 812 -18.37 15.32 12.88
C ASP L 812 -18.21 14.83 14.31
N TYR L 813 -17.06 14.24 14.62
CA TYR L 813 -16.82 13.74 15.95
C TYR L 813 -17.14 14.74 17.05
N GLN L 814 -17.77 14.24 18.11
CA GLN L 814 -18.15 15.01 19.28
C GLN L 814 -17.89 14.20 20.55
N GLN L 815 -17.06 14.74 21.43
CA GLN L 815 -16.74 14.05 22.67
C GLN L 815 -17.80 14.29 23.73
N VAL L 816 -18.79 13.41 23.78
CA VAL L 816 -19.89 13.52 24.72
C VAL L 816 -19.78 12.49 25.84
N GLY L 817 -19.78 12.97 27.09
CA GLY L 817 -19.67 12.12 28.26
C GLY L 817 -21.03 11.67 28.78
N ILE L 818 -21.03 10.81 29.81
CA ILE L 818 -22.29 10.32 30.37
C ILE L 818 -23.24 11.42 30.75
N LEU L 819 -22.70 12.46 31.35
CA LEU L 819 -23.48 13.59 31.78
C LEU L 819 -24.39 14.13 30.68
N HIS L 820 -23.95 13.96 29.43
CA HIS L 820 -24.70 14.47 28.31
C HIS L 820 -25.16 13.46 27.28
N GLN L 821 -25.01 12.20 27.59
CA GLN L 821 -25.46 11.23 26.62
C GLN L 821 -26.91 10.92 26.86
N HIS L 822 -27.66 10.82 25.78
CA HIS L 822 -29.06 10.50 25.90
C HIS L 822 -29.50 9.43 24.93
N ASN L 823 -30.02 8.36 25.53
CA ASN L 823 -30.51 7.18 24.87
C ASN L 823 -31.50 6.55 25.82
N ASN L 824 -32.77 6.53 25.41
CA ASN L 824 -33.83 5.99 26.24
C ASN L 824 -34.36 7.07 27.18
N SER L 825 -33.98 8.30 26.87
CA SER L 825 -34.40 9.44 27.65
C SER L 825 -35.90 9.39 27.78
N GLY L 826 -36.38 9.68 28.99
CA GLY L 826 -37.80 9.64 29.22
C GLY L 826 -38.26 8.26 29.67
N PHE L 827 -37.38 7.27 29.57
CA PHE L 827 -37.72 5.93 29.98
C PHE L 827 -36.77 5.34 31.01
N VAL L 828 -35.72 6.09 31.31
CA VAL L 828 -34.70 5.65 32.25
C VAL L 828 -34.33 6.75 33.26
N GLY L 829 -33.78 6.35 34.42
CA GLY L 829 -33.40 7.34 35.41
C GLY L 829 -32.11 8.03 34.97
N TYR L 830 -31.84 9.22 35.51
CA TYR L 830 -30.67 9.98 35.11
C TYR L 830 -29.46 9.76 36.02
N LEU L 831 -28.36 9.25 35.44
CA LEU L 831 -27.14 8.96 36.17
C LEU L 831 -27.34 8.08 37.38
N ALA L 832 -28.37 7.24 37.34
CA ALA L 832 -28.68 6.36 38.45
C ALA L 832 -29.77 5.35 38.11
N PRO L 833 -29.84 4.32 38.94
CA PRO L 833 -30.81 3.25 38.78
C PRO L 833 -32.15 3.62 39.35
N THR L 834 -32.54 4.88 39.19
CA THR L 834 -33.79 5.34 39.74
C THR L 834 -34.92 5.38 38.74
N MET L 835 -35.98 6.05 39.18
CA MET L 835 -37.21 6.25 38.45
C MET L 835 -36.99 6.96 37.12
N ARG L 836 -37.83 6.65 36.15
CA ARG L 836 -37.73 7.26 34.86
C ARG L 836 -37.95 8.77 34.94
N GLU L 837 -37.35 9.45 33.98
CA GLU L 837 -37.46 10.88 33.86
C GLU L 837 -37.07 11.29 32.46
N GLY L 838 -37.28 12.55 32.14
CA GLY L 838 -36.95 13.03 30.82
C GLY L 838 -38.11 12.92 29.87
N GLN L 839 -37.76 12.87 28.58
CA GLN L 839 -38.73 12.78 27.52
C GLN L 839 -38.17 12.06 26.32
N ALA L 840 -39.07 11.48 25.55
CA ALA L 840 -38.66 10.80 24.35
C ALA L 840 -37.81 11.75 23.52
N TYR L 841 -36.84 11.20 22.81
CA TYR L 841 -35.98 12.02 21.99
C TYR L 841 -34.92 11.19 21.29
N PRO L 842 -34.64 11.56 20.05
CA PRO L 842 -33.63 10.87 19.29
C PRO L 842 -32.35 10.75 20.09
N ALA L 843 -31.83 9.53 20.18
CA ALA L 843 -30.60 9.30 20.91
C ALA L 843 -29.47 10.06 20.25
N ASN L 844 -28.48 10.46 21.04
CA ASN L 844 -27.34 11.19 20.55
C ASN L 844 -26.08 10.37 20.72
N PHE L 845 -26.30 9.12 21.10
CA PHE L 845 -25.22 8.19 21.36
C PHE L 845 -25.79 6.79 21.46
N PRO L 846 -25.03 5.76 21.08
CA PRO L 846 -23.67 5.83 20.58
C PRO L 846 -23.60 6.07 19.08
N TYR L 847 -22.37 6.20 18.59
CA TYR L 847 -22.14 6.40 17.16
C TYR L 847 -22.36 5.10 16.41
N PRO L 848 -22.98 5.21 15.25
CA PRO L 848 -23.24 4.05 14.41
C PRO L 848 -21.97 3.55 13.75
N LEU L 849 -21.66 2.27 13.96
CA LEU L 849 -20.49 1.64 13.38
C LEU L 849 -20.84 0.82 12.18
N ILE L 850 -22.14 0.75 11.93
CA ILE L 850 -22.70 -0.02 10.83
C ILE L 850 -23.65 0.82 10.01
N GLY L 851 -24.07 0.31 8.86
CA GLY L 851 -25.00 0.99 7.98
C GLY L 851 -24.31 1.84 6.91
N LYS L 852 -25.14 2.55 6.14
CA LYS L 852 -24.67 3.43 5.08
C LYS L 852 -24.10 4.71 5.64
N THR L 853 -24.31 4.88 6.95
CA THR L 853 -23.88 6.07 7.64
C THR L 853 -22.77 5.87 8.69
N ALA L 854 -22.29 4.63 8.82
CA ALA L 854 -21.23 4.31 9.76
C ALA L 854 -20.11 5.33 9.74
N VAL L 855 -19.58 5.63 10.93
CA VAL L 855 -18.51 6.59 11.08
C VAL L 855 -17.14 5.97 10.86
N ASP L 856 -16.19 6.84 10.54
CA ASP L 856 -14.84 6.38 10.34
C ASP L 856 -14.42 5.69 11.62
N SER L 857 -13.92 4.47 11.51
CA SER L 857 -13.53 3.75 12.70
C SER L 857 -12.09 3.38 12.78
N ILE L 858 -11.75 2.85 13.96
CA ILE L 858 -10.42 2.40 14.29
C ILE L 858 -10.54 1.05 14.98
N THR L 859 -9.59 0.17 14.70
CA THR L 859 -9.63 -1.16 15.26
C THR L 859 -8.76 -1.38 16.50
N GLN L 860 -9.32 -2.13 17.44
CA GLN L 860 -8.65 -2.45 18.69
C GLN L 860 -8.62 -3.96 18.93
N LYS L 861 -7.43 -4.47 19.24
CA LYS L 861 -7.23 -5.89 19.52
C LYS L 861 -6.49 -6.08 20.82
N LYS L 862 -6.86 -7.13 21.52
CA LYS L 862 -6.23 -7.47 22.78
C LYS L 862 -6.53 -8.92 23.09
N PHE L 863 -6.27 -9.30 24.33
CA PHE L 863 -6.52 -10.65 24.73
C PHE L 863 -6.47 -10.80 26.24
N LEU L 864 -7.15 -11.83 26.71
CA LEU L 864 -7.21 -12.20 28.09
C LEU L 864 -6.57 -13.57 28.19
N CYS L 865 -6.00 -13.88 29.32
CA CYS L 865 -5.39 -15.18 29.51
C CYS L 865 -5.32 -15.49 30.99
N ASP L 866 -6.52 -15.53 31.56
CA ASP L 866 -6.74 -15.78 32.97
C ASP L 866 -6.33 -17.16 33.43
N ARG L 867 -6.26 -17.25 34.75
CA ARG L 867 -5.91 -18.42 35.52
C ARG L 867 -4.82 -19.33 34.98
N THR L 868 -3.74 -18.74 34.48
CA THR L 868 -2.60 -19.49 33.98
C THR L 868 -1.31 -18.75 34.26
N LEU L 869 -0.19 -19.42 34.08
CA LEU L 869 1.11 -18.81 34.30
C LEU L 869 1.89 -18.75 33.01
N TRP L 870 2.54 -17.61 32.75
CA TRP L 870 3.36 -17.47 31.56
C TRP L 870 4.55 -18.42 31.72
N ARG L 871 4.97 -19.08 30.65
CA ARG L 871 6.09 -20.01 30.81
C ARG L 871 7.23 -19.84 29.81
N ILE L 872 8.45 -19.99 30.35
CA ILE L 872 9.70 -19.93 29.63
C ILE L 872 10.60 -21.04 30.16
N PRO L 873 10.53 -22.19 29.49
CA PRO L 873 11.27 -23.37 29.87
C PRO L 873 12.74 -23.26 29.55
N PHE L 874 13.54 -23.84 30.43
CA PHE L 874 14.98 -23.84 30.23
C PHE L 874 15.36 -25.08 29.43
N SER L 875 14.81 -25.11 28.22
CA SER L 875 15.03 -26.18 27.26
C SER L 875 15.49 -25.64 25.92
N SER L 876 16.48 -26.31 25.31
CA SER L 876 17.05 -25.89 24.04
C SER L 876 16.04 -25.60 22.94
N ASN L 877 14.94 -26.33 22.90
CA ASN L 877 13.93 -26.13 21.88
C ASN L 877 12.58 -25.76 22.48
N PHE L 878 12.62 -25.36 23.75
CA PHE L 878 11.44 -24.98 24.52
C PHE L 878 10.52 -26.15 24.79
N MET L 879 10.86 -27.32 24.26
CA MET L 879 9.99 -28.47 24.46
C MET L 879 10.28 -29.22 25.75
N SER L 880 9.30 -30.03 26.12
CA SER L 880 9.38 -30.87 27.29
C SER L 880 9.91 -32.22 26.87
N MET L 881 11.15 -32.49 27.27
CA MET L 881 11.81 -33.74 26.95
C MET L 881 12.25 -34.45 28.21
N GLY L 882 11.72 -33.99 29.34
CA GLY L 882 12.04 -34.56 30.64
C GLY L 882 12.14 -33.51 31.72
N ALA L 883 11.79 -33.90 32.95
CA ALA L 883 11.84 -33.01 34.09
C ALA L 883 13.19 -32.34 34.18
N LEU L 884 14.24 -33.15 34.04
CA LEU L 884 15.61 -32.69 34.08
C LEU L 884 16.00 -32.32 32.66
N THR L 885 15.86 -31.03 32.37
CA THR L 885 16.13 -30.47 31.06
C THR L 885 17.54 -30.62 30.51
N ASP L 886 17.67 -30.42 29.19
CA ASP L 886 18.95 -30.55 28.53
C ASP L 886 19.90 -29.44 28.95
N LEU L 887 19.37 -28.22 29.07
CA LEU L 887 20.16 -27.07 29.48
C LEU L 887 20.56 -27.17 30.93
N GLY L 888 19.61 -27.59 31.75
CA GLY L 888 19.84 -27.74 33.17
C GLY L 888 20.96 -28.73 33.44
N GLN L 889 21.33 -29.51 32.42
CA GLN L 889 22.40 -30.48 32.60
C GLN L 889 23.67 -30.20 31.81
N ASN L 890 23.70 -29.01 31.19
CA ASN L 890 24.82 -28.53 30.40
C ASN L 890 26.02 -28.21 31.28
N LEU L 891 27.20 -28.64 30.85
CA LEU L 891 28.41 -28.40 31.61
C LEU L 891 28.60 -26.93 31.89
N LEU L 892 28.21 -26.10 30.95
CA LEU L 892 28.34 -24.67 31.14
C LEU L 892 27.54 -24.16 32.32
N TYR L 893 26.51 -24.89 32.71
CA TYR L 893 25.73 -24.45 33.84
C TYR L 893 26.11 -25.17 35.14
N ALA L 894 26.95 -26.19 35.01
CA ALA L 894 27.41 -26.97 36.14
C ALA L 894 28.83 -26.64 36.59
N ASN L 895 29.71 -26.51 35.61
CA ASN L 895 31.11 -26.21 35.86
C ASN L 895 31.31 -24.80 36.39
N SER L 896 30.24 -24.02 36.45
CA SER L 896 30.41 -22.66 36.94
C SER L 896 29.14 -21.94 37.33
N ALA L 897 29.35 -20.90 38.11
CA ALA L 897 28.28 -20.05 38.60
C ALA L 897 28.03 -18.91 37.64
N HIS L 898 26.77 -18.51 37.58
CA HIS L 898 26.37 -17.42 36.72
C HIS L 898 25.44 -16.47 37.42
N ALA L 899 25.46 -15.22 36.96
CA ALA L 899 24.60 -14.19 37.50
C ALA L 899 23.47 -14.03 36.50
N LEU L 900 22.30 -13.62 36.98
CA LEU L 900 21.19 -13.49 36.06
C LEU L 900 20.45 -12.17 36.18
N ASP L 901 20.16 -11.59 35.03
CA ASP L 901 19.43 -10.34 34.96
C ASP L 901 18.19 -10.50 34.11
N MET L 902 17.07 -10.02 34.65
CA MET L 902 15.81 -10.08 33.97
C MET L 902 15.17 -8.71 33.90
N THR L 903 14.55 -8.41 32.78
CA THR L 903 13.90 -7.12 32.62
C THR L 903 12.51 -7.29 32.05
N PHE L 904 11.54 -6.96 32.89
CA PHE L 904 10.16 -7.06 32.51
C PHE L 904 9.59 -5.70 32.16
N GLU L 905 8.74 -5.71 31.14
CA GLU L 905 8.07 -4.52 30.69
C GLU L 905 6.57 -4.78 30.80
N VAL L 906 5.89 -3.98 31.61
CA VAL L 906 4.48 -4.19 31.80
C VAL L 906 3.65 -2.95 31.56
N ASP L 907 2.35 -3.17 31.42
CA ASP L 907 1.44 -2.06 31.23
C ASP L 907 1.34 -1.37 32.57
N PRO L 908 1.19 -0.05 32.56
CA PRO L 908 1.10 0.66 33.82
C PRO L 908 -0.25 0.50 34.49
N MET L 909 -0.19 0.38 35.81
CA MET L 909 -1.37 0.25 36.63
C MET L 909 -1.33 1.31 37.72
N ASP L 910 -2.46 1.95 37.96
CA ASP L 910 -2.55 2.99 38.95
C ASP L 910 -2.52 2.50 40.39
N GLU L 911 -2.02 1.29 40.60
CA GLU L 911 -1.96 0.75 41.93
C GLU L 911 -0.75 -0.15 42.13
N PRO L 912 -0.26 -0.21 43.37
CA PRO L 912 0.89 -1.06 43.61
C PRO L 912 0.59 -2.52 43.29
N THR L 913 1.49 -3.11 42.51
CA THR L 913 1.35 -4.50 42.12
C THR L 913 2.63 -5.27 42.39
N LEU L 914 2.60 -6.54 42.04
CA LEU L 914 3.75 -7.38 42.22
C LEU L 914 4.01 -8.24 41.01
N LEU L 915 5.29 -8.42 40.72
CA LEU L 915 5.70 -9.28 39.64
C LEU L 915 6.07 -10.57 40.34
N TYR L 916 5.30 -11.62 40.08
CA TYR L 916 5.51 -12.89 40.73
C TYR L 916 6.30 -13.87 39.85
N VAL L 917 7.52 -14.18 40.28
CA VAL L 917 8.36 -15.09 39.53
C VAL L 917 8.61 -16.42 40.21
N LEU L 918 8.36 -17.48 39.43
CA LEU L 918 8.56 -18.83 39.89
C LEU L 918 9.82 -19.36 39.24
N PHE L 919 10.80 -19.70 40.06
CA PHE L 919 12.02 -20.25 39.50
C PHE L 919 11.87 -21.76 39.61
N GLU L 920 11.60 -22.40 38.47
CA GLU L 920 11.42 -23.83 38.44
C GLU L 920 12.66 -24.65 38.77
N VAL L 921 12.53 -25.50 39.78
CA VAL L 921 13.60 -26.34 40.26
C VAL L 921 13.08 -27.66 40.78
N PHE L 922 13.99 -28.36 41.44
CA PHE L 922 13.69 -29.61 42.08
C PHE L 922 13.62 -29.37 43.57
N ASP L 923 12.46 -29.69 44.13
CA ASP L 923 12.17 -29.56 45.53
C ASP L 923 11.83 -30.96 46.00
N VAL L 924 12.84 -31.64 46.52
CA VAL L 924 12.70 -33.02 46.93
C VAL L 924 13.11 -33.38 48.35
N VAL L 925 12.55 -34.51 48.77
CA VAL L 925 12.77 -35.13 50.06
C VAL L 925 12.93 -36.63 49.92
N ARG L 926 13.80 -37.16 50.75
CA ARG L 926 14.04 -38.59 50.85
C ARG L 926 13.78 -38.98 52.29
N VAL L 927 12.84 -39.92 52.47
CA VAL L 927 12.47 -40.35 53.81
C VAL L 927 13.06 -41.69 54.22
N HIS L 928 13.74 -41.66 55.38
CA HIS L 928 14.39 -42.82 55.95
C HIS L 928 13.71 -43.20 57.26
N ARG L 929 13.36 -44.48 57.41
CA ARG L 929 12.71 -44.95 58.62
C ARG L 929 13.35 -46.21 59.18
N PRO L 930 14.62 -46.08 59.56
CA PRO L 930 15.46 -47.14 60.10
C PRO L 930 14.88 -47.94 61.25
N HIS L 931 14.21 -47.27 62.19
CA HIS L 931 13.66 -47.99 63.34
C HIS L 931 12.31 -47.48 63.82
N ARG L 932 11.68 -48.28 64.66
CA ARG L 932 10.41 -47.97 65.26
C ARG L 932 10.42 -46.56 65.81
N GLY L 933 9.46 -45.74 65.40
CA GLY L 933 9.35 -44.37 65.87
C GLY L 933 10.52 -43.47 65.52
N VAL L 934 11.11 -43.69 64.35
CA VAL L 934 12.24 -42.90 63.89
C VAL L 934 12.10 -42.49 62.43
N ILE L 935 11.94 -41.18 62.21
CA ILE L 935 11.82 -40.61 60.88
C ILE L 935 12.92 -39.61 60.58
N GLU L 936 13.76 -39.96 59.62
CA GLU L 936 14.84 -39.07 59.23
C GLU L 936 14.61 -38.60 57.81
N THR L 937 14.80 -37.31 57.56
CA THR L 937 14.58 -36.78 56.23
C THR L 937 15.78 -36.05 55.65
N VAL L 938 15.84 -36.06 54.34
CA VAL L 938 16.88 -35.36 53.63
C VAL L 938 16.26 -34.47 52.57
N TYR L 939 16.31 -33.17 52.81
CA TYR L 939 15.75 -32.23 51.86
C TYR L 939 16.83 -31.70 50.94
N LEU L 940 16.46 -31.53 49.68
CA LEU L 940 17.36 -31.02 48.69
C LEU L 940 16.57 -30.19 47.69
N ARG L 941 16.95 -28.91 47.56
CA ARG L 941 16.29 -28.01 46.64
C ARG L 941 17.28 -27.39 45.68
N THR L 942 17.26 -27.83 44.42
CA THR L 942 18.17 -27.26 43.45
C THR L 942 17.53 -27.01 42.09
N PRO L 943 17.92 -25.88 41.51
CA PRO L 943 18.85 -24.99 42.18
C PRO L 943 18.20 -24.25 43.35
N PHE L 944 18.80 -23.15 43.78
CA PHE L 944 18.27 -22.37 44.89
C PHE L 944 18.18 -23.17 46.17
N SER L 945 19.32 -23.70 46.61
CA SER L 945 19.35 -24.49 47.84
C SER L 945 19.02 -23.61 49.03
N ALA L 946 18.28 -24.18 49.98
CA ALA L 946 17.89 -23.46 51.18
C ALA L 946 18.97 -23.57 52.24
N MET M 5 -4.27 -53.89 -10.64
CA MET M 5 -3.98 -54.77 -9.52
C MET M 5 -2.58 -54.59 -8.97
N MET M 6 -2.09 -55.66 -8.36
CA MET M 6 -0.78 -55.74 -7.74
C MET M 6 0.15 -54.52 -7.78
N PRO M 7 0.99 -54.45 -8.81
CA PRO M 7 2.00 -53.41 -9.01
C PRO M 7 1.71 -52.01 -8.49
N GLN M 8 0.76 -51.31 -9.10
CA GLN M 8 0.46 -49.97 -8.65
C GLN M 8 0.09 -49.97 -7.18
N TRP M 9 -0.69 -50.95 -6.77
CA TRP M 9 -1.15 -51.08 -5.40
C TRP M 9 -0.03 -51.08 -4.37
N SER M 10 0.98 -51.94 -4.57
CA SER M 10 2.09 -52.00 -3.63
C SER M 10 2.93 -50.74 -3.67
N TYR M 11 3.19 -50.27 -4.89
CA TYR M 11 3.98 -49.07 -5.09
C TYR M 11 3.36 -47.87 -4.39
N MET M 12 2.04 -47.71 -4.56
CA MET M 12 1.31 -46.60 -3.97
C MET M 12 0.89 -46.88 -2.54
N HIS M 13 1.19 -48.09 -2.08
CA HIS M 13 0.87 -48.51 -0.72
C HIS M 13 -0.61 -48.73 -0.46
N ILE M 14 -1.35 -48.92 -1.54
CA ILE M 14 -2.77 -49.16 -1.41
C ILE M 14 -2.94 -50.52 -0.74
N SER M 15 -1.92 -51.34 -0.95
CA SER M 15 -1.81 -52.68 -0.42
C SER M 15 -0.34 -53.00 -0.16
N GLY M 16 -0.06 -54.20 0.34
CA GLY M 16 1.31 -54.59 0.61
C GLY M 16 1.75 -54.43 2.06
N GLN M 17 3.03 -54.10 2.22
CA GLN M 17 3.65 -53.93 3.52
C GLN M 17 3.33 -52.63 4.26
N ASP M 18 3.58 -52.70 5.56
CA ASP M 18 3.40 -51.58 6.47
C ASP M 18 4.69 -50.78 6.48
N ALA M 19 4.59 -49.50 6.80
CA ALA M 19 5.77 -48.65 6.83
C ALA M 19 6.95 -49.29 7.55
N SER M 20 6.66 -50.00 8.64
CA SER M 20 7.68 -50.66 9.42
C SER M 20 8.45 -51.72 8.64
N GLU M 21 7.80 -52.30 7.64
CA GLU M 21 8.43 -53.30 6.82
C GLU M 21 8.99 -52.75 5.52
N TYR M 22 8.32 -51.74 4.96
CA TYR M 22 8.79 -51.19 3.71
C TYR M 22 9.89 -50.15 3.84
N LEU M 23 9.88 -49.37 4.93
CA LEU M 23 10.92 -48.38 5.13
C LEU M 23 12.22 -49.06 5.50
N SER M 24 13.32 -48.33 5.35
CA SER M 24 14.61 -48.89 5.73
C SER M 24 14.66 -48.98 7.25
N PRO M 25 15.42 -49.95 7.74
CA PRO M 25 15.55 -50.17 9.17
C PRO M 25 16.14 -49.00 9.94
N GLY M 26 17.09 -48.28 9.34
CA GLY M 26 17.70 -47.15 10.01
C GLY M 26 16.65 -46.08 10.31
N LEU M 27 15.83 -45.82 9.30
CA LEU M 27 14.76 -44.84 9.39
C LEU M 27 13.72 -45.23 10.42
N VAL M 28 13.33 -46.51 10.40
CA VAL M 28 12.37 -47.01 11.36
C VAL M 28 12.87 -46.78 12.77
N GLN M 29 14.14 -47.13 12.97
CA GLN M 29 14.79 -46.98 14.25
C GLN M 29 14.77 -45.52 14.66
N PHE M 30 15.25 -44.69 13.73
CA PHE M 30 15.30 -43.25 13.95
C PHE M 30 13.93 -42.71 14.30
N ALA M 31 12.93 -43.12 13.51
CA ALA M 31 11.56 -42.68 13.73
C ALA M 31 11.11 -42.97 15.14
N ARG M 32 11.36 -44.21 15.58
CA ARG M 32 10.97 -44.64 16.91
C ARG M 32 11.66 -43.84 18.00
N ALA M 33 12.92 -43.49 17.76
CA ALA M 33 13.69 -42.74 18.74
C ALA M 33 13.32 -41.26 18.85
N THR M 34 12.92 -40.67 17.72
CA THR M 34 12.56 -39.26 17.67
C THR M 34 11.10 -38.97 17.96
N GLU M 35 10.28 -40.00 17.90
CA GLU M 35 8.84 -39.92 18.12
C GLU M 35 8.31 -38.82 19.03
N THR M 36 8.74 -38.80 20.29
CA THR M 36 8.25 -37.80 21.24
C THR M 36 8.60 -36.36 20.94
N TYR M 37 9.60 -36.13 20.08
CA TYR M 37 9.96 -34.75 19.82
C TYR M 37 9.85 -34.29 18.38
N PHE M 38 9.76 -35.24 17.48
CA PHE M 38 9.65 -34.93 16.07
C PHE M 38 9.12 -36.14 15.34
N SER M 39 7.84 -36.11 14.99
CA SER M 39 7.23 -37.25 14.33
C SER M 39 7.18 -37.35 12.81
N LEU M 40 7.45 -38.58 12.36
CA LEU M 40 7.50 -38.96 10.95
C LEU M 40 6.38 -39.92 10.58
N ASN M 41 5.61 -40.32 11.58
CA ASN M 41 4.52 -41.26 11.38
C ASN M 41 3.50 -40.88 10.31
N ASN M 42 3.07 -39.64 10.28
CA ASN M 42 2.06 -39.26 9.30
C ASN M 42 2.54 -39.01 7.89
N LYS M 43 3.77 -39.40 7.57
CA LYS M 43 4.23 -39.18 6.19
C LYS M 43 4.46 -40.46 5.42
N PHE M 44 4.08 -41.57 6.02
CA PHE M 44 4.23 -42.89 5.42
C PHE M 44 2.94 -43.66 5.55
N ARG M 45 2.30 -43.99 4.45
CA ARG M 45 1.06 -44.72 4.53
C ARG M 45 1.17 -46.20 4.84
N ASN M 46 0.16 -46.63 5.60
CA ASN M 46 0.00 -47.99 6.04
C ASN M 46 -1.33 -48.52 5.53
N PRO M 47 -1.23 -49.43 4.57
CA PRO M 47 -2.38 -50.04 3.94
C PRO M 47 -3.19 -50.90 4.90
N THR M 48 -4.50 -50.99 4.63
CA THR M 48 -5.44 -51.79 5.36
C THR M 48 -6.26 -52.54 4.33
N VAL M 49 -6.08 -53.85 4.32
CA VAL M 49 -6.73 -54.71 3.38
C VAL M 49 -7.73 -55.66 3.98
N ALA M 50 -8.95 -55.61 3.49
CA ALA M 50 -9.96 -56.51 3.99
C ALA M 50 -9.70 -57.93 3.51
N PRO M 51 -10.15 -58.91 4.28
CA PRO M 51 -9.98 -60.30 3.92
C PRO M 51 -10.87 -60.62 2.73
N THR M 52 -10.43 -61.55 1.89
CA THR M 52 -11.20 -61.89 0.71
C THR M 52 -11.90 -63.24 0.73
N HIS M 53 -11.64 -64.06 1.75
CA HIS M 53 -12.26 -65.36 1.79
C HIS M 53 -12.60 -65.83 3.20
N ASP M 54 -13.56 -66.75 3.28
CA ASP M 54 -13.99 -67.34 4.53
C ASP M 54 -14.64 -66.39 5.53
N VAL M 55 -15.33 -65.38 5.03
CA VAL M 55 -15.97 -64.45 5.93
C VAL M 55 -17.45 -64.34 5.61
N THR M 56 -17.71 -63.99 4.36
CA THR M 56 -19.06 -63.79 3.85
C THR M 56 -19.41 -64.81 2.78
N THR M 57 -20.71 -64.99 2.59
CA THR M 57 -21.22 -65.91 1.59
C THR M 57 -21.27 -65.28 0.21
N ASP M 58 -21.27 -66.15 -0.78
CA ASP M 58 -21.35 -65.77 -2.16
C ASP M 58 -22.75 -66.10 -2.59
N ARG M 59 -23.34 -66.97 -1.77
CA ARG M 59 -24.67 -67.46 -1.97
C ARG M 59 -25.77 -66.47 -1.60
N SER M 60 -26.94 -66.76 -2.15
CA SER M 60 -28.14 -65.98 -1.93
C SER M 60 -28.56 -66.17 -0.49
N GLN M 61 -28.85 -65.07 0.20
CA GLN M 61 -29.22 -65.17 1.61
C GLN M 61 -29.69 -63.84 2.15
N ARG M 62 -30.81 -63.86 2.84
CA ARG M 62 -31.39 -62.67 3.44
C ARG M 62 -30.60 -62.27 4.68
N LEU M 63 -30.53 -60.97 4.95
CA LEU M 63 -29.82 -60.53 6.13
C LEU M 63 -30.79 -60.53 7.29
N THR M 64 -32.00 -60.13 6.98
CA THR M 64 -33.08 -60.07 7.94
C THR M 64 -34.28 -60.92 7.55
N LEU M 65 -34.78 -61.65 8.52
CA LEU M 65 -35.95 -62.48 8.37
C LEU M 65 -37.03 -62.01 9.30
N ARG M 66 -38.25 -62.20 8.86
CA ARG M 66 -39.37 -61.83 9.69
C ARG M 66 -40.28 -63.02 9.86
N PHE M 67 -40.67 -63.23 11.11
CA PHE M 67 -41.52 -64.34 11.46
C PHE M 67 -42.90 -63.90 11.93
N ILE M 68 -43.88 -64.63 11.42
CA ILE M 68 -45.27 -64.38 11.76
C ILE M 68 -45.65 -65.34 12.87
N PRO M 69 -46.54 -64.90 13.77
CA PRO M 69 -46.91 -65.78 14.86
C PRO M 69 -47.71 -66.96 14.37
N VAL M 70 -47.35 -68.10 14.95
CA VAL M 70 -47.92 -69.39 14.69
C VAL M 70 -49.21 -69.58 15.45
N ASP M 71 -49.23 -68.93 16.62
CA ASP M 71 -50.36 -68.93 17.52
C ASP M 71 -50.40 -67.64 18.31
N ARG M 72 -51.58 -67.05 18.38
CA ARG M 72 -51.76 -65.81 19.11
C ARG M 72 -52.96 -65.91 20.01
N GLU M 73 -52.88 -65.25 21.17
CA GLU M 73 -53.95 -65.28 22.11
C GLU M 73 -54.15 -63.97 22.85
N ASP M 74 -55.06 -63.17 22.31
CA ASP M 74 -55.41 -61.88 22.88
C ASP M 74 -56.38 -62.10 24.04
N THR M 75 -55.89 -61.90 25.28
CA THR M 75 -56.67 -62.12 26.48
C THR M 75 -57.10 -60.85 27.23
N ALA M 76 -57.75 -61.00 28.38
CA ALA M 76 -58.22 -59.89 29.18
C ALA M 76 -57.15 -58.86 29.57
N TYR M 77 -56.04 -59.33 30.13
CA TYR M 77 -54.97 -58.41 30.53
C TYR M 77 -53.61 -58.76 29.93
N SER M 78 -53.61 -59.68 28.97
CA SER M 78 -52.37 -60.06 28.36
C SER M 78 -52.49 -60.55 26.92
N TYR M 79 -51.33 -60.73 26.33
CA TYR M 79 -51.18 -61.16 24.96
C TYR M 79 -50.06 -62.17 24.84
N LYS M 80 -50.37 -63.30 24.20
CA LYS M 80 -49.42 -64.38 24.01
C LYS M 80 -49.10 -64.56 22.53
N ALA M 81 -47.81 -64.59 22.20
CA ALA M 81 -47.41 -64.76 20.82
C ALA M 81 -46.42 -65.91 20.68
N ARG M 82 -46.71 -66.80 19.74
CA ARG M 82 -45.85 -67.93 19.53
C ARG M 82 -45.25 -67.95 18.14
N PHE M 83 -43.94 -68.12 18.08
CA PHE M 83 -43.26 -68.17 16.81
C PHE M 83 -42.38 -69.40 16.69
N THR M 84 -42.05 -69.67 15.44
CA THR M 84 -41.18 -70.75 15.08
C THR M 84 -39.91 -70.11 14.55
N LEU M 85 -39.02 -69.81 15.49
CA LEU M 85 -37.75 -69.20 15.17
C LEU M 85 -36.89 -70.24 14.49
N ALA M 86 -36.65 -70.06 13.19
CA ALA M 86 -35.85 -71.03 12.48
C ALA M 86 -34.48 -70.55 12.05
N VAL M 87 -33.47 -71.31 12.49
CA VAL M 87 -32.09 -71.05 12.16
C VAL M 87 -31.63 -72.07 11.14
N GLY M 88 -31.53 -71.61 9.89
CA GLY M 88 -31.14 -72.46 8.81
C GLY M 88 -29.72 -72.98 8.93
N ASP M 89 -29.46 -74.02 8.14
CA ASP M 89 -28.18 -74.66 8.07
C ASP M 89 -27.15 -73.70 7.54
N ASN M 90 -25.95 -73.77 8.11
CA ASN M 90 -24.87 -72.91 7.68
C ASN M 90 -25.12 -71.48 8.14
N ARG M 91 -25.82 -71.38 9.25
CA ARG M 91 -26.17 -70.11 9.83
C ARG M 91 -26.08 -70.12 11.33
N VAL M 92 -25.85 -68.94 11.86
CA VAL M 92 -25.79 -68.70 13.27
C VAL M 92 -26.53 -67.42 13.56
N LEU M 93 -27.22 -67.39 14.69
CA LEU M 93 -28.01 -66.23 15.04
C LEU M 93 -27.71 -65.68 16.43
N ASP M 94 -27.38 -64.40 16.47
CA ASP M 94 -27.10 -63.74 17.73
C ASP M 94 -28.39 -63.14 18.27
N MET M 95 -28.90 -63.75 19.33
CA MET M 95 -30.14 -63.33 19.95
C MET M 95 -30.26 -61.83 20.19
N ALA M 96 -29.12 -61.18 20.43
CA ALA M 96 -29.14 -59.76 20.66
C ALA M 96 -29.72 -59.03 19.47
N SER M 97 -29.69 -59.69 18.32
CA SER M 97 -30.20 -59.08 17.12
C SER M 97 -31.67 -59.35 16.83
N THR M 98 -32.41 -59.84 17.83
CA THR M 98 -33.83 -60.10 17.65
C THR M 98 -34.67 -59.09 18.41
N TYR M 99 -35.91 -58.95 17.97
CA TYR M 99 -36.83 -58.03 18.62
C TYR M 99 -38.25 -58.23 18.11
N PHE M 100 -39.20 -57.88 18.95
CA PHE M 100 -40.60 -58.00 18.61
C PHE M 100 -41.14 -56.71 18.03
N ASP M 101 -41.53 -56.76 16.76
CA ASP M 101 -42.07 -55.61 16.06
C ASP M 101 -43.56 -55.56 16.35
N ILE M 102 -44.00 -54.49 17.01
CA ILE M 102 -45.39 -54.39 17.38
C ILE M 102 -46.13 -53.19 16.82
N ARG M 103 -47.35 -53.46 16.36
CA ARG M 103 -48.22 -52.44 15.83
C ARG M 103 -49.57 -52.51 16.53
N GLY M 104 -50.09 -51.37 16.92
CA GLY M 104 -51.36 -51.32 17.61
C GLY M 104 -51.87 -49.91 17.73
N VAL M 105 -52.90 -49.73 18.52
CA VAL M 105 -53.47 -48.42 18.72
C VAL M 105 -53.49 -48.07 20.19
N LEU M 106 -53.23 -46.81 20.46
CA LEU M 106 -53.23 -46.36 21.82
C LEU M 106 -53.97 -45.05 22.01
N ASP M 107 -54.78 -45.02 23.05
CA ASP M 107 -55.52 -43.83 23.42
C ASP M 107 -55.04 -43.39 24.77
N ARG M 108 -54.30 -42.29 24.79
CA ARG M 108 -53.77 -41.76 26.02
C ARG M 108 -54.86 -41.25 26.95
N GLY M 109 -56.07 -41.18 26.43
CA GLY M 109 -57.18 -40.72 27.23
C GLY M 109 -57.26 -39.20 27.29
N PRO M 110 -58.25 -38.72 28.03
CA PRO M 110 -58.50 -37.30 28.17
C PRO M 110 -57.56 -36.58 29.13
N THR M 111 -56.87 -37.30 30.01
CA THR M 111 -56.00 -36.64 30.96
C THR M 111 -54.60 -36.29 30.44
N PHE M 112 -54.34 -36.69 29.20
CA PHE M 112 -53.06 -36.41 28.58
C PHE M 112 -52.97 -34.96 28.13
N LYS M 113 -51.95 -34.26 28.60
CA LYS M 113 -51.72 -32.87 28.27
C LYS M 113 -50.22 -32.59 28.19
N PRO M 114 -49.68 -32.81 27.00
CA PRO M 114 -48.27 -32.66 26.70
C PRO M 114 -47.72 -31.24 26.74
N TYR M 115 -48.22 -30.41 27.65
CA TYR M 115 -47.70 -29.06 27.72
C TYR M 115 -48.27 -28.25 28.87
N SER M 116 -47.63 -27.11 29.12
CA SER M 116 -48.03 -26.18 30.15
C SER M 116 -48.74 -24.99 29.53
N GLY M 117 -49.64 -24.38 30.28
CA GLY M 117 -50.37 -23.22 29.77
C GLY M 117 -51.54 -23.63 28.88
N THR M 118 -51.99 -22.68 28.07
CA THR M 118 -53.11 -22.85 27.15
C THR M 118 -52.70 -22.72 25.72
N ALA M 119 -53.61 -23.18 24.87
CA ALA M 119 -53.44 -23.08 23.45
C ALA M 119 -54.37 -21.96 22.97
N TYR M 120 -55.23 -21.50 23.88
CA TYR M 120 -56.23 -20.48 23.57
C TYR M 120 -56.21 -19.21 24.40
N ASN M 121 -56.04 -18.09 23.70
CA ASN M 121 -56.01 -16.75 24.30
C ASN M 121 -55.04 -16.66 25.46
N ALA M 122 -53.81 -17.11 25.21
CA ALA M 122 -52.76 -17.12 26.20
C ALA M 122 -52.38 -15.73 26.67
N LEU M 123 -52.55 -14.72 25.83
CA LEU M 123 -52.19 -13.37 26.20
C LEU M 123 -53.26 -12.62 27.00
N ALA M 124 -54.46 -13.17 26.99
CA ALA M 124 -55.56 -12.56 27.69
C ALA M 124 -55.45 -12.67 29.21
N PRO M 125 -55.71 -11.57 29.91
CA PRO M 125 -55.65 -11.63 31.35
C PRO M 125 -56.54 -12.75 31.87
N LYS M 126 -56.05 -13.48 32.85
CA LYS M 126 -56.75 -14.62 33.42
C LYS M 126 -58.16 -14.40 33.97
N GLY M 127 -58.57 -13.14 34.16
CA GLY M 127 -59.89 -12.82 34.68
C GLY M 127 -60.76 -12.07 33.68
N ALA M 128 -60.13 -11.57 32.61
CA ALA M 128 -60.84 -10.86 31.57
C ALA M 128 -61.88 -11.76 30.96
N PRO M 129 -63.07 -11.22 30.72
CA PRO M 129 -64.14 -12.02 30.16
C PRO M 129 -64.34 -11.77 28.67
N ASN M 130 -65.02 -12.71 28.05
CA ASN M 130 -65.36 -12.61 26.64
C ASN M 130 -66.55 -11.67 26.58
N PRO M 131 -66.70 -10.95 25.48
CA PRO M 131 -67.85 -10.06 25.39
C PRO M 131 -69.11 -10.88 25.54
N CYS M 132 -69.88 -10.63 26.61
CA CYS M 132 -71.08 -11.40 26.86
C CYS M 132 -72.35 -10.58 27.13
N GLU M 133 -73.42 -11.34 27.41
CA GLU M 133 -74.74 -10.81 27.71
C GLU M 133 -75.42 -11.65 28.79
N TRP M 134 -76.19 -10.98 29.64
CA TRP M 134 -76.90 -11.68 30.70
C TRP M 134 -78.19 -11.01 31.12
N ASP M 135 -78.96 -11.70 31.95
CA ASP M 135 -80.24 -11.19 32.43
C ASP M 135 -80.10 -10.59 33.82
N THR M 165 -81.77 -7.62 30.24
CA THR M 165 -80.64 -8.17 29.52
C THR M 165 -79.52 -7.15 29.34
N HIS M 166 -78.40 -7.44 30.00
CA HIS M 166 -77.24 -6.56 29.93
C HIS M 166 -76.20 -7.02 28.94
N VAL M 167 -75.38 -6.05 28.55
CA VAL M 167 -74.31 -6.28 27.63
C VAL M 167 -73.01 -5.70 28.13
N PHE M 168 -71.97 -6.47 27.88
CA PHE M 168 -70.60 -6.14 28.20
C PHE M 168 -69.78 -6.59 27.01
N GLY M 169 -69.39 -5.62 26.19
CA GLY M 169 -68.63 -5.97 25.00
C GLY M 169 -67.66 -4.93 24.50
N GLN M 170 -67.27 -5.13 23.24
CA GLN M 170 -66.32 -4.31 22.54
C GLN M 170 -66.63 -4.26 21.05
N ALA M 171 -66.42 -3.08 20.46
CA ALA M 171 -66.63 -2.85 19.04
C ALA M 171 -65.39 -2.19 18.50
N PRO M 172 -64.50 -3.01 17.95
CA PRO M 172 -63.22 -2.55 17.44
C PRO M 172 -63.20 -2.18 15.98
N TYR M 173 -64.20 -2.68 15.25
CA TYR M 173 -64.25 -2.40 13.83
C TYR M 173 -64.90 -1.06 13.49
N SER M 174 -64.18 -0.23 12.74
CA SER M 174 -64.70 1.07 12.34
C SER M 174 -65.20 1.00 10.90
N GLY M 175 -66.52 1.13 10.76
CA GLY M 175 -67.17 1.08 9.45
C GLY M 175 -67.50 2.43 8.88
N ILE M 176 -68.16 2.41 7.72
CA ILE M 176 -68.54 3.62 7.01
C ILE M 176 -69.83 4.20 7.58
N ASN M 177 -70.81 3.33 7.79
CA ASN M 177 -72.10 3.72 8.33
C ASN M 177 -72.89 2.50 8.80
N ILE M 178 -73.82 2.74 9.72
CA ILE M 178 -74.66 1.68 10.27
C ILE M 178 -76.12 1.83 9.82
N THR M 179 -76.59 0.87 9.05
CA THR M 179 -77.96 0.88 8.58
C THR M 179 -78.75 -0.23 9.27
N LYS M 180 -79.93 -0.51 8.75
CA LYS M 180 -80.73 -1.57 9.32
C LYS M 180 -80.25 -2.93 8.83
N GLU M 181 -79.35 -2.86 7.84
CA GLU M 181 -78.78 -4.04 7.23
C GLU M 181 -77.45 -4.41 7.89
N GLY M 182 -77.09 -3.64 8.92
CA GLY M 182 -75.86 -3.87 9.64
C GLY M 182 -74.84 -2.78 9.38
N ILE M 183 -73.56 -3.15 9.37
CA ILE M 183 -72.50 -2.19 9.15
C ILE M 183 -71.93 -2.26 7.74
N GLN M 184 -71.82 -1.09 7.09
CA GLN M 184 -71.29 -0.97 5.75
C GLN M 184 -69.77 -1.10 5.79
N ILE M 185 -69.20 -1.86 4.87
CA ILE M 185 -67.77 -2.06 4.84
C ILE M 185 -67.15 -1.77 3.49
N GLY M 186 -67.97 -1.22 2.59
CA GLY M 186 -67.51 -0.89 1.26
C GLY M 186 -68.65 -0.28 0.46
N LYS M 193 -72.44 -2.38 0.27
CA LYS M 193 -71.43 -3.37 0.65
C LYS M 193 -71.42 -3.57 2.16
N TYR M 194 -72.46 -4.26 2.65
CA TYR M 194 -72.58 -4.56 4.08
C TYR M 194 -71.81 -5.83 4.46
N ALA M 195 -71.61 -5.99 5.76
CA ALA M 195 -70.89 -7.12 6.30
C ALA M 195 -71.65 -8.44 6.32
N ASP M 196 -70.89 -9.50 6.09
CA ASP M 196 -71.41 -10.85 6.12
C ASP M 196 -71.44 -11.34 7.56
N LYS M 197 -72.64 -11.32 8.13
CA LYS M 197 -72.89 -11.71 9.51
C LYS M 197 -72.22 -13.00 9.96
N THR M 198 -72.09 -13.97 9.07
CA THR M 198 -71.48 -15.24 9.45
C THR M 198 -70.06 -15.10 9.99
N PHE M 199 -69.34 -14.09 9.51
CA PHE M 199 -67.98 -13.94 9.96
C PHE M 199 -67.51 -12.51 10.14
N GLN M 200 -68.26 -11.56 9.60
CA GLN M 200 -67.88 -10.18 9.74
C GLN M 200 -68.73 -9.45 10.76
N PRO M 201 -68.07 -8.62 11.58
CA PRO M 201 -66.66 -8.38 11.51
C PRO M 201 -65.86 -9.48 12.20
N GLU M 202 -64.56 -9.52 11.91
CA GLU M 202 -63.66 -10.49 12.49
C GLU M 202 -63.01 -9.92 13.73
N PRO M 203 -63.16 -10.61 14.87
CA PRO M 203 -62.60 -10.11 16.10
C PRO M 203 -61.13 -9.73 16.01
N GLN M 204 -60.42 -10.33 15.07
CA GLN M 204 -59.01 -10.08 14.88
C GLN M 204 -58.69 -8.67 14.40
N ILE M 205 -59.64 -8.08 13.71
CA ILE M 205 -59.48 -6.75 13.13
C ILE M 205 -59.89 -5.61 14.06
N GLY M 206 -59.01 -4.59 14.10
CA GLY M 206 -59.16 -3.36 14.85
C GLY M 206 -58.51 -2.20 14.11
N GLU M 207 -58.41 -1.04 14.76
CA GLU M 207 -57.79 0.13 14.14
C GLU M 207 -56.27 0.08 14.25
N SER M 208 -55.60 0.58 13.23
CA SER M 208 -54.14 0.58 13.13
C SER M 208 -53.42 1.61 13.98
N GLN M 209 -54.00 2.81 14.12
CA GLN M 209 -53.38 3.86 14.90
C GLN M 209 -53.42 3.64 16.41
N TRP M 210 -52.66 4.47 17.13
CA TRP M 210 -52.58 4.39 18.58
C TRP M 210 -53.33 5.53 19.28
N TYR M 211 -53.69 6.55 18.50
CA TYR M 211 -54.40 7.69 19.04
C TYR M 211 -55.88 7.67 18.71
N GLU M 212 -56.57 8.71 19.20
CA GLU M 212 -57.99 8.89 19.02
C GLU M 212 -58.34 9.38 17.63
N THR M 213 -59.11 8.56 16.91
CA THR M 213 -59.54 8.91 15.57
C THR M 213 -61.01 9.29 15.54
N GLU M 214 -61.72 8.79 16.55
CA GLU M 214 -63.14 9.05 16.71
C GLU M 214 -63.99 8.19 15.78
N ILE M 215 -64.32 7.00 16.28
CA ILE M 215 -65.12 6.05 15.52
C ILE M 215 -66.60 6.29 15.74
N ASN M 216 -67.30 6.58 14.64
CA ASN M 216 -68.73 6.85 14.71
C ASN M 216 -69.58 5.63 14.37
N HIS M 217 -69.06 4.78 13.48
CA HIS M 217 -69.77 3.57 13.08
C HIS M 217 -68.96 2.35 13.46
N ALA M 218 -69.25 1.86 14.65
CA ALA M 218 -68.54 0.71 15.19
C ALA M 218 -69.32 -0.58 15.14
N ALA M 219 -68.55 -1.64 14.96
CA ALA M 219 -69.06 -2.99 14.89
C ALA M 219 -68.25 -3.90 15.79
N GLY M 220 -68.95 -4.88 16.32
CA GLY M 220 -68.34 -5.85 17.18
C GLY M 220 -69.01 -7.20 17.04
N ARG M 221 -68.51 -8.10 17.86
CA ARG M 221 -68.93 -9.47 17.95
C ARG M 221 -69.27 -9.76 19.40
N VAL M 222 -70.37 -10.45 19.65
CA VAL M 222 -70.71 -10.74 21.04
C VAL M 222 -71.44 -12.06 21.21
N LEU M 223 -71.34 -12.60 22.41
CA LEU M 223 -71.97 -13.85 22.75
C LEU M 223 -73.32 -13.63 23.41
N LYS M 224 -74.31 -14.38 22.97
CA LYS M 224 -75.66 -14.32 23.51
C LYS M 224 -75.70 -14.89 24.91
N LYS M 225 -76.71 -14.48 25.66
CA LYS M 225 -76.90 -14.95 27.01
C LYS M 225 -77.17 -16.44 27.05
N THR M 226 -77.26 -17.06 25.87
CA THR M 226 -77.53 -18.48 25.81
C THR M 226 -76.24 -19.30 25.76
N THR M 227 -75.13 -18.59 25.62
CA THR M 227 -73.82 -19.19 25.59
C THR M 227 -73.13 -18.95 26.93
N PRO M 228 -72.88 -20.02 27.67
CA PRO M 228 -72.25 -19.90 28.96
C PRO M 228 -71.03 -18.99 28.96
N MET M 229 -70.89 -18.25 30.06
CA MET M 229 -69.77 -17.34 30.25
C MET M 229 -68.52 -18.09 30.71
N LYS M 230 -67.39 -17.73 30.11
CA LYS M 230 -66.09 -18.31 30.41
C LYS M 230 -65.04 -17.25 30.21
N PRO M 231 -63.98 -17.26 31.01
CA PRO M 231 -62.95 -16.27 30.81
C PRO M 231 -62.33 -16.40 29.42
N CYS M 232 -61.89 -15.27 28.86
CA CYS M 232 -61.29 -15.26 27.55
C CYS M 232 -60.18 -16.28 27.44
N TYR M 233 -59.31 -16.27 28.45
CA TYR M 233 -58.18 -17.15 28.55
C TYR M 233 -58.63 -18.60 28.57
N GLY M 234 -58.22 -19.37 27.56
CA GLY M 234 -58.57 -20.77 27.46
C GLY M 234 -59.88 -21.02 26.70
N SER M 235 -60.52 -19.94 26.27
CA SER M 235 -61.77 -20.03 25.54
C SER M 235 -61.57 -20.47 24.09
N TYR M 236 -62.39 -21.44 23.69
CA TYR M 236 -62.33 -21.99 22.36
C TYR M 236 -63.70 -22.40 21.86
N ALA M 237 -63.91 -22.22 20.56
CA ALA M 237 -65.15 -22.55 19.91
C ALA M 237 -64.89 -22.86 18.43
N LYS M 238 -65.18 -24.11 18.05
CA LYS M 238 -64.98 -24.57 16.69
C LYS M 238 -65.65 -23.70 15.63
N PRO M 239 -64.91 -23.41 14.55
CA PRO M 239 -65.40 -22.61 13.46
C PRO M 239 -66.54 -23.33 12.76
N THR M 240 -67.55 -22.60 12.30
CA THR M 240 -68.65 -23.23 11.61
C THR M 240 -68.70 -22.93 10.12
N ASN M 241 -67.73 -22.17 9.65
CA ASN M 241 -67.64 -21.81 8.25
C ASN M 241 -66.20 -21.57 7.84
N GLU M 242 -65.90 -21.82 6.57
CA GLU M 242 -64.57 -21.64 6.07
C GLU M 242 -63.96 -20.29 6.39
N ASN M 243 -64.78 -19.35 6.86
CA ASN M 243 -64.25 -18.03 7.15
C ASN M 243 -63.92 -17.74 8.61
N GLY M 244 -63.98 -18.78 9.45
CA GLY M 244 -63.64 -18.58 10.85
C GLY M 244 -64.84 -18.29 11.74
N GLY M 245 -65.99 -18.03 11.14
CA GLY M 245 -67.16 -17.78 11.96
C GLY M 245 -67.41 -18.98 12.86
N GLN M 246 -67.77 -18.76 14.11
CA GLN M 246 -68.04 -19.86 15.02
C GLN M 246 -69.51 -19.93 15.42
N GLY M 247 -70.32 -19.15 14.73
CA GLY M 247 -71.74 -19.09 15.02
C GLY M 247 -72.41 -20.43 14.82
N ILE M 248 -73.17 -20.87 15.82
CA ILE M 248 -73.86 -22.14 15.73
C ILE M 248 -74.86 -22.17 14.57
N LEU M 249 -74.90 -23.31 13.90
CA LEU M 249 -75.79 -23.51 12.77
C LEU M 249 -76.98 -24.34 13.20
N VAL M 250 -78.16 -23.88 12.80
CA VAL M 250 -79.39 -24.56 13.14
C VAL M 250 -79.84 -25.43 11.98
N GLU M 258 -78.29 -22.32 8.13
CA GLU M 258 -79.12 -21.93 9.25
C GLU M 258 -78.35 -21.05 10.22
N SER M 259 -77.74 -19.98 9.71
CA SER M 259 -76.99 -19.08 10.58
C SER M 259 -77.99 -18.35 11.47
N GLN M 260 -77.66 -18.22 12.75
CA GLN M 260 -78.57 -17.57 13.66
C GLN M 260 -78.09 -16.26 14.25
N VAL M 261 -77.11 -15.64 13.59
CA VAL M 261 -76.59 -14.38 14.05
C VAL M 261 -77.69 -13.32 14.05
N GLU M 262 -77.67 -12.46 15.06
CA GLU M 262 -78.66 -11.40 15.17
C GLU M 262 -78.03 -10.10 15.64
N MET M 263 -78.13 -9.07 14.80
CA MET M 263 -77.56 -7.80 15.17
C MET M 263 -78.37 -7.07 16.24
N GLN M 264 -77.64 -6.32 17.06
CA GLN M 264 -78.21 -5.53 18.12
C GLN M 264 -77.66 -4.13 18.00
N PHE M 265 -78.54 -3.15 17.81
CA PHE M 265 -78.10 -1.78 17.66
C PHE M 265 -78.05 -0.97 18.95
N PHE M 266 -77.08 -0.05 19.01
CA PHE M 266 -76.89 0.79 20.18
C PHE M 266 -76.50 2.22 19.86
N SER M 267 -76.93 3.07 20.80
CA SER M 267 -76.70 4.50 20.78
C SER M 267 -76.43 5.00 22.18
N THR M 268 -75.95 6.23 22.26
CA THR M 268 -75.63 6.87 23.53
C THR M 268 -76.86 7.29 24.31
N THR M 269 -76.98 8.59 24.48
CA THR M 269 -78.08 9.20 25.19
C THR M 269 -78.82 10.16 24.26
N ASN M 278 -79.90 13.39 16.44
CA ASN M 278 -81.08 12.54 16.43
C ASN M 278 -80.73 11.07 16.31
N LEU M 279 -81.48 10.25 17.06
CA LEU M 279 -81.33 8.81 17.12
C LEU M 279 -80.65 8.17 15.92
N THR M 280 -79.44 7.65 16.18
CA THR M 280 -78.63 6.99 15.19
C THR M 280 -77.60 6.07 15.88
N PRO M 281 -77.78 4.77 15.70
CA PRO M 281 -76.89 3.78 16.29
C PRO M 281 -75.43 4.10 16.00
N LYS M 282 -74.63 4.13 17.07
CA LYS M 282 -73.21 4.39 16.93
C LYS M 282 -72.45 3.08 16.85
N VAL M 283 -73.09 2.05 17.40
CA VAL M 283 -72.53 0.72 17.43
C VAL M 283 -73.56 -0.34 17.13
N VAL M 284 -73.06 -1.43 16.54
CA VAL M 284 -73.84 -2.58 16.20
C VAL M 284 -73.01 -3.81 16.53
N LEU M 285 -73.64 -4.77 17.18
CA LEU M 285 -72.94 -5.97 17.55
C LEU M 285 -73.57 -7.17 16.90
N TYR M 286 -72.72 -8.12 16.51
CA TYR M 286 -73.23 -9.33 15.92
C TYR M 286 -73.32 -10.41 16.97
N SER M 287 -74.49 -10.52 17.59
CA SER M 287 -74.70 -11.51 18.62
C SER M 287 -74.87 -12.92 18.10
N GLU M 288 -74.25 -13.85 18.81
CA GLU M 288 -74.32 -15.25 18.39
C GLU M 288 -74.05 -16.23 19.52
N ASP M 289 -74.42 -17.47 19.23
CA ASP M 289 -74.25 -18.59 20.13
C ASP M 289 -73.14 -19.47 19.56
N VAL M 290 -72.14 -19.78 20.37
CA VAL M 290 -71.06 -20.61 19.90
C VAL M 290 -70.93 -21.84 20.77
N ASP M 291 -70.21 -22.84 20.27
CA ASP M 291 -69.99 -24.06 21.01
C ASP M 291 -68.77 -23.86 21.88
N ILE M 292 -68.92 -23.03 22.91
CA ILE M 292 -67.82 -22.72 23.82
C ILE M 292 -67.33 -23.89 24.64
N GLU M 293 -66.00 -24.04 24.61
CA GLU M 293 -65.33 -25.08 25.34
C GLU M 293 -64.07 -24.53 25.99
N THR M 294 -63.52 -25.32 26.91
CA THR M 294 -62.30 -25.01 27.63
C THR M 294 -61.57 -26.31 27.88
N PRO M 295 -61.07 -26.87 26.79
CA PRO M 295 -60.38 -28.13 26.77
C PRO M 295 -59.08 -28.22 27.56
N ASP M 296 -58.47 -27.10 27.93
CA ASP M 296 -57.21 -27.22 28.66
C ASP M 296 -57.01 -26.28 29.84
N THR M 297 -58.10 -25.73 30.34
CA THR M 297 -58.03 -24.84 31.48
C THR M 297 -59.20 -25.13 32.41
N HIS M 298 -59.14 -24.56 33.60
CA HIS M 298 -60.20 -24.72 34.57
C HIS M 298 -60.40 -23.42 35.34
N ILE M 299 -61.49 -23.36 36.09
CA ILE M 299 -61.78 -22.16 36.85
C ILE M 299 -60.99 -22.09 38.14
N SER M 300 -60.16 -21.04 38.23
CA SER M 300 -59.34 -20.82 39.40
C SER M 300 -60.13 -20.04 40.45
N TYR M 301 -61.25 -19.47 40.00
CA TYR M 301 -62.08 -18.69 40.89
C TYR M 301 -63.55 -18.60 40.52
N MET M 302 -64.35 -19.39 41.22
CA MET M 302 -65.79 -19.42 41.02
C MET M 302 -66.42 -18.44 42.01
N PRO M 303 -67.11 -17.41 41.50
CA PRO M 303 -67.71 -16.46 42.41
C PRO M 303 -69.04 -16.91 43.01
N THR M 304 -69.68 -17.89 42.37
CA THR M 304 -70.96 -18.39 42.86
C THR M 304 -71.31 -19.78 42.34
N ILE M 305 -71.84 -20.59 43.25
CA ILE M 305 -72.26 -21.92 42.90
C ILE M 305 -73.66 -21.86 42.32
N LYS M 306 -73.96 -20.71 41.72
CA LYS M 306 -75.26 -20.46 41.12
C LYS M 306 -75.23 -20.46 39.61
N GLU M 307 -75.94 -21.42 39.04
CA GLU M 307 -76.03 -21.58 37.61
C GLU M 307 -76.52 -20.32 36.92
N GLY M 308 -76.38 -20.32 35.59
CA GLY M 308 -76.81 -19.22 34.76
C GLY M 308 -75.83 -18.05 34.75
N ASN M 309 -75.81 -17.37 33.61
CA ASN M 309 -74.97 -16.22 33.41
C ASN M 309 -75.43 -15.08 34.29
N SER M 310 -74.48 -14.37 34.89
CA SER M 310 -74.80 -13.27 35.77
C SER M 310 -73.64 -12.29 35.84
N ARG M 311 -73.91 -11.09 36.31
CA ARG M 311 -72.83 -10.13 36.43
C ARG M 311 -71.72 -10.76 37.26
N GLU M 312 -72.15 -11.59 38.20
CA GLU M 312 -71.28 -12.31 39.11
C GLU M 312 -70.18 -13.10 38.42
N LEU M 313 -70.56 -13.88 37.40
CA LEU M 313 -69.61 -14.71 36.67
C LEU M 313 -68.56 -13.92 35.93
N MET M 314 -68.76 -12.61 35.81
CA MET M 314 -67.80 -11.78 35.11
C MET M 314 -66.47 -11.73 35.85
N GLY M 315 -66.51 -12.18 37.11
CA GLY M 315 -65.34 -12.18 37.95
C GLY M 315 -64.65 -13.53 38.05
N GLN M 316 -65.12 -14.51 37.29
CA GLN M 316 -64.47 -15.81 37.36
C GLN M 316 -63.08 -15.78 36.73
N GLN M 317 -62.19 -16.60 37.27
CA GLN M 317 -60.82 -16.66 36.77
C GLN M 317 -60.46 -18.02 36.21
N SER M 318 -59.67 -17.99 35.15
CA SER M 318 -59.23 -19.18 34.48
C SER M 318 -57.75 -19.46 34.74
N MET M 319 -57.41 -20.74 34.77
CA MET M 319 -56.06 -21.18 35.01
C MET M 319 -55.77 -22.44 34.20
N PRO M 320 -54.58 -22.49 33.59
CA PRO M 320 -54.20 -23.63 32.77
C PRO M 320 -54.18 -24.92 33.56
N ASN M 321 -54.46 -26.01 32.86
CA ASN M 321 -54.46 -27.32 33.47
C ASN M 321 -53.04 -27.81 33.64
N ARG M 322 -52.85 -28.68 34.63
CA ARG M 322 -51.53 -29.22 34.89
C ARG M 322 -51.04 -30.06 33.73
N PRO M 323 -49.78 -29.89 33.38
CA PRO M 323 -49.18 -30.65 32.30
C PRO M 323 -49.21 -32.11 32.67
N ASN M 324 -49.45 -32.97 31.70
CA ASN M 324 -49.47 -34.40 31.98
C ASN M 324 -49.00 -35.25 30.81
N TYR M 325 -47.74 -35.62 30.87
CA TYR M 325 -47.14 -36.44 29.84
C TYR M 325 -47.48 -37.90 30.03
N ILE M 326 -47.78 -38.57 28.93
CA ILE M 326 -48.12 -39.98 28.94
C ILE M 326 -47.41 -40.68 27.80
N ALA M 327 -46.73 -41.78 28.12
CA ALA M 327 -46.02 -42.52 27.11
C ALA M 327 -45.55 -43.87 27.59
N PHE M 328 -44.94 -44.63 26.69
CA PHE M 328 -44.40 -45.92 27.05
C PHE M 328 -43.17 -45.68 27.93
N ARG M 329 -42.77 -46.66 28.71
CA ARG M 329 -41.65 -46.50 29.60
C ARG M 329 -40.28 -46.64 28.97
N ASP M 330 -39.28 -46.22 29.75
CA ASP M 330 -37.90 -46.31 29.38
C ASP M 330 -37.58 -47.76 29.10
N ASN M 331 -37.08 -48.03 27.90
CA ASN M 331 -36.74 -49.40 27.53
C ASN M 331 -37.93 -50.35 27.48
N PHE M 332 -39.12 -49.77 27.31
CA PHE M 332 -40.34 -50.55 27.22
C PHE M 332 -40.61 -51.42 28.43
N ILE M 333 -40.15 -50.94 29.58
CA ILE M 333 -40.36 -51.66 30.82
C ILE M 333 -41.85 -51.95 30.96
N GLY M 334 -42.19 -53.13 31.50
CA GLY M 334 -43.57 -53.50 31.72
C GLY M 334 -44.26 -54.19 30.56
N LEU M 335 -43.85 -53.89 29.32
CA LEU M 335 -44.46 -54.48 28.15
C LEU M 335 -44.44 -56.00 28.16
N MET M 336 -43.24 -56.55 28.34
CA MET M 336 -43.08 -57.97 28.40
C MET M 336 -43.07 -58.46 29.84
N TYR M 337 -43.57 -59.66 30.03
CA TYR M 337 -43.58 -60.29 31.34
C TYR M 337 -42.23 -60.92 31.59
N TYR M 338 -41.75 -60.77 32.81
CA TYR M 338 -40.50 -61.34 33.26
C TYR M 338 -40.68 -61.70 34.71
N ASN M 339 -39.91 -62.68 35.17
CA ASN M 339 -39.98 -63.06 36.57
C ASN M 339 -41.38 -63.30 37.09
N SER M 340 -42.22 -63.93 36.29
CA SER M 340 -43.58 -64.26 36.65
C SER M 340 -43.84 -65.70 36.25
N THR M 341 -44.00 -66.58 37.24
CA THR M 341 -44.23 -67.99 36.96
C THR M 341 -45.43 -68.27 36.08
N GLY M 342 -46.49 -67.47 36.23
CA GLY M 342 -47.71 -67.67 35.46
C GLY M 342 -47.64 -67.29 33.99
N ASN M 343 -46.76 -66.34 33.66
CA ASN M 343 -46.61 -65.89 32.29
C ASN M 343 -45.17 -65.96 31.81
N MET M 344 -44.60 -67.15 31.99
CA MET M 344 -43.23 -67.46 31.63
C MET M 344 -42.96 -67.60 30.14
N GLY M 345 -41.91 -66.92 29.70
CA GLY M 345 -41.48 -66.95 28.31
C GLY M 345 -41.06 -68.36 27.92
N VAL M 346 -40.87 -68.56 26.63
CA VAL M 346 -40.49 -69.88 26.15
C VAL M 346 -39.52 -69.86 25.00
N LEU M 347 -38.47 -70.66 25.14
CA LEU M 347 -37.46 -70.82 24.12
C LEU M 347 -37.07 -72.27 24.09
N ALA M 348 -37.61 -73.00 23.14
CA ALA M 348 -37.29 -74.40 23.09
C ALA M 348 -37.19 -74.95 21.69
N GLY M 349 -36.31 -75.94 21.59
CA GLY M 349 -36.11 -76.62 20.35
C GLY M 349 -37.35 -77.46 20.11
N GLN M 350 -37.90 -77.36 18.90
CA GLN M 350 -39.07 -78.14 18.60
C GLN M 350 -38.73 -79.60 18.80
N ALA M 351 -37.43 -79.89 18.64
CA ALA M 351 -36.91 -81.24 18.78
C ALA M 351 -36.57 -81.64 20.21
N SER M 352 -36.59 -80.68 21.14
CA SER M 352 -36.29 -80.95 22.53
C SER M 352 -37.51 -80.75 23.41
N GLN M 353 -38.36 -79.81 22.99
CA GLN M 353 -39.59 -79.47 23.68
C GLN M 353 -39.36 -79.07 25.13
N LEU M 354 -38.09 -79.02 25.52
CA LEU M 354 -37.67 -78.64 26.85
C LEU M 354 -37.46 -77.14 26.83
N ASN M 355 -38.02 -76.43 27.80
CA ASN M 355 -37.89 -74.98 27.85
C ASN M 355 -36.57 -74.48 28.42
N ALA M 356 -35.81 -73.78 27.58
CA ALA M 356 -34.53 -73.22 27.98
C ALA M 356 -34.69 -72.10 28.98
N VAL M 357 -35.90 -71.52 28.97
CA VAL M 357 -36.23 -70.44 29.87
C VAL M 357 -36.76 -70.99 31.18
N VAL M 358 -36.16 -70.51 32.25
CA VAL M 358 -36.50 -70.88 33.61
C VAL M 358 -36.41 -69.63 34.46
N ASP M 359 -37.56 -69.07 34.80
CA ASP M 359 -37.58 -67.85 35.59
C ASP M 359 -38.04 -68.03 37.02
N LEU M 360 -37.80 -66.97 37.81
CA LEU M 360 -38.15 -66.91 39.23
C LEU M 360 -38.82 -65.58 39.54
N GLN M 361 -39.74 -65.58 40.49
CA GLN M 361 -40.45 -64.37 40.89
C GLN M 361 -39.50 -63.46 41.64
N ASP M 362 -38.46 -64.12 42.11
CA ASP M 362 -37.34 -63.64 42.90
C ASP M 362 -36.32 -62.83 42.10
N ARG M 363 -36.37 -62.94 40.78
CA ARG M 363 -35.43 -62.26 39.91
C ARG M 363 -35.97 -60.92 39.45
N ASN M 364 -35.08 -59.99 39.12
CA ASN M 364 -35.49 -58.68 38.66
C ASN M 364 -34.79 -58.29 37.36
N THR M 365 -35.35 -58.80 36.27
CA THR M 365 -34.86 -58.61 34.91
C THR M 365 -34.83 -57.16 34.45
N GLU M 366 -35.95 -56.45 34.62
CA GLU M 366 -36.06 -55.06 34.21
C GLU M 366 -34.98 -54.17 34.83
N LEU M 367 -34.82 -54.28 36.13
CA LEU M 367 -33.84 -53.49 36.84
C LEU M 367 -32.43 -53.85 36.43
N SER M 368 -32.19 -55.15 36.31
CA SER M 368 -30.89 -55.67 35.91
C SER M 368 -30.42 -55.04 34.61
N TYR M 369 -31.38 -54.88 33.71
CA TYR M 369 -31.15 -54.30 32.40
C TYR M 369 -30.85 -52.81 32.51
N GLN M 370 -31.51 -52.17 33.48
CA GLN M 370 -31.32 -50.75 33.72
C GLN M 370 -29.88 -50.50 34.16
N LEU M 371 -29.45 -51.35 35.09
CA LEU M 371 -28.11 -51.24 35.62
C LEU M 371 -27.06 -51.66 34.60
N LEU M 372 -27.39 -52.65 33.76
CA LEU M 372 -26.47 -53.11 32.75
C LEU M 372 -26.14 -52.01 31.74
N LEU M 373 -27.17 -51.27 31.33
CA LEU M 373 -27.02 -50.18 30.38
C LEU M 373 -26.07 -49.11 30.89
N ASP M 374 -26.27 -48.69 32.12
CA ASP M 374 -25.46 -47.68 32.75
C ASP M 374 -23.98 -48.05 32.75
N SER M 375 -23.70 -49.33 32.96
CA SER M 375 -22.33 -49.80 33.01
C SER M 375 -21.66 -49.84 31.65
N ILE M 376 -22.43 -50.02 30.58
CA ILE M 376 -21.83 -50.12 29.27
C ILE M 376 -21.96 -48.90 28.35
N GLY M 377 -22.53 -47.82 28.85
CA GLY M 377 -22.65 -46.64 28.01
C GLY M 377 -23.15 -45.42 28.74
N ASP M 378 -23.51 -44.41 27.97
CA ASP M 378 -24.01 -43.15 28.49
C ASP M 378 -25.53 -43.07 28.52
N ARG M 379 -26.12 -43.40 29.68
CA ARG M 379 -27.56 -43.35 29.85
C ARG M 379 -28.13 -41.97 29.54
N THR M 380 -27.26 -40.98 29.36
CA THR M 380 -27.75 -39.66 29.05
C THR M 380 -28.22 -39.53 27.60
N ARG M 381 -27.73 -40.41 26.75
CA ARG M 381 -28.08 -40.38 25.34
C ARG M 381 -29.42 -41.07 25.07
N TYR M 382 -30.15 -40.54 24.11
CA TYR M 382 -31.43 -41.11 23.76
C TYR M 382 -31.32 -41.96 22.52
N PHE M 383 -32.14 -43.00 22.51
CA PHE M 383 -32.20 -43.95 21.42
C PHE M 383 -33.65 -44.39 21.22
N SER M 384 -34.30 -43.74 20.26
CA SER M 384 -35.69 -43.99 19.93
C SER M 384 -36.10 -45.44 19.72
N MET M 385 -35.29 -46.19 19.00
CA MET M 385 -35.60 -47.58 18.74
C MET M 385 -36.14 -48.37 19.93
N TRP M 386 -35.42 -48.31 21.04
CA TRP M 386 -35.83 -49.03 22.24
C TRP M 386 -36.53 -48.15 23.26
N ASN M 387 -36.87 -46.92 22.88
CA ASN M 387 -37.51 -46.04 23.84
C ASN M 387 -36.52 -45.80 24.96
N GLN M 388 -35.26 -45.80 24.56
CA GLN M 388 -34.13 -45.60 25.46
C GLN M 388 -33.95 -44.14 25.80
N ALA M 389 -34.70 -43.66 26.78
CA ALA M 389 -34.64 -42.28 27.23
C ALA M 389 -34.91 -42.26 28.73
N VAL M 390 -33.82 -42.32 29.48
CA VAL M 390 -33.83 -42.36 30.93
C VAL M 390 -34.63 -41.27 31.64
N ASP M 391 -35.26 -41.71 32.74
CA ASP M 391 -36.05 -40.86 33.60
C ASP M 391 -35.14 -39.98 34.41
N SER M 392 -35.42 -38.71 34.38
CA SER M 392 -34.61 -37.77 35.13
C SER M 392 -35.47 -36.68 35.69
N TYR M 393 -34.80 -35.74 36.34
CA TYR M 393 -35.47 -34.59 36.91
C TYR M 393 -34.52 -33.42 36.88
N ASP M 394 -35.08 -32.23 36.98
CA ASP M 394 -34.30 -31.02 36.99
C ASP M 394 -33.61 -30.87 38.33
N PRO M 395 -32.28 -30.78 38.31
CA PRO M 395 -31.55 -30.62 39.54
C PRO M 395 -32.01 -29.41 40.34
N ASP M 396 -32.42 -28.36 39.63
CA ASP M 396 -32.89 -27.13 40.26
C ASP M 396 -34.25 -27.25 40.88
N VAL M 397 -34.93 -28.34 40.56
CA VAL M 397 -36.24 -28.57 41.11
C VAL M 397 -36.15 -29.44 42.34
N ARG M 398 -35.27 -30.45 42.27
CA ARG M 398 -35.07 -31.35 43.38
C ARG M 398 -34.42 -30.61 44.54
N ILE M 399 -33.44 -29.77 44.20
CA ILE M 399 -32.75 -28.99 45.20
C ILE M 399 -32.84 -27.52 44.88
N ILE M 400 -33.58 -26.79 45.72
CA ILE M 400 -33.72 -25.38 45.49
C ILE M 400 -32.50 -24.58 45.86
N GLU M 401 -32.05 -23.79 44.90
CA GLU M 401 -30.92 -22.92 45.10
C GLU M 401 -31.41 -21.50 44.99
N ASN M 402 -31.75 -20.92 46.14
CA ASN M 402 -32.27 -19.58 46.18
C ASN M 402 -31.25 -18.49 46.28
N HIS M 403 -30.78 -18.00 45.13
CA HIS M 403 -29.82 -16.91 45.15
C HIS M 403 -30.52 -15.58 44.89
N GLY M 404 -31.85 -15.64 44.88
CA GLY M 404 -32.66 -14.47 44.67
C GLY M 404 -32.83 -14.05 43.22
N THR M 405 -32.97 -12.73 43.05
CA THR M 405 -33.17 -12.12 41.75
C THR M 405 -32.35 -10.86 41.52
N GLU M 406 -31.95 -10.67 40.27
CA GLU M 406 -31.20 -9.50 39.87
C GLU M 406 -32.18 -8.43 39.41
N ASP M 407 -32.80 -7.80 40.39
CA ASP M 407 -33.80 -6.76 40.19
C ASP M 407 -33.36 -5.38 40.64
N GLU M 408 -32.09 -5.07 40.45
CA GLU M 408 -31.57 -3.77 40.85
C GLU M 408 -32.27 -2.63 40.11
N LEU M 409 -32.38 -2.75 38.79
CA LEU M 409 -33.03 -1.77 37.93
C LEU M 409 -34.54 -1.94 37.95
N PRO M 410 -35.29 -0.85 37.92
CA PRO M 410 -36.74 -0.97 37.90
C PRO M 410 -37.24 -1.26 36.49
N ASN M 411 -38.38 -1.92 36.39
CA ASN M 411 -38.95 -2.24 35.10
C ASN M 411 -40.28 -1.54 34.87
N TYR M 412 -40.36 -0.81 33.78
CA TYR M 412 -41.57 -0.08 33.49
C TYR M 412 -42.18 -0.42 32.14
N CYS M 413 -43.45 -0.08 32.07
CA CYS M 413 -44.28 -0.21 30.89
C CYS M 413 -44.82 1.19 30.63
N PHE M 414 -44.87 1.59 29.37
CA PHE M 414 -45.35 2.92 29.03
C PHE M 414 -46.52 2.93 28.07
N PRO M 415 -47.05 4.14 27.84
CA PRO M 415 -48.17 4.29 26.93
C PRO M 415 -47.73 4.18 25.49
N LEU M 416 -48.61 3.61 24.65
CA LEU M 416 -48.34 3.41 23.24
C LEU M 416 -47.79 4.64 22.53
N GLY M 417 -48.31 5.81 22.87
CA GLY M 417 -47.88 7.06 22.27
C GLY M 417 -46.71 7.71 23.00
N GLY M 418 -46.25 7.04 24.05
CA GLY M 418 -45.14 7.51 24.86
C GLY M 418 -45.55 8.60 25.83
N VAL M 419 -46.79 9.03 25.70
CA VAL M 419 -47.36 10.08 26.52
C VAL M 419 -48.88 10.00 26.41
N ILE M 420 -49.60 10.22 27.50
CA ILE M 420 -51.04 10.12 27.39
C ILE M 420 -51.80 11.25 28.09
N ASN M 421 -51.21 11.80 29.15
CA ASN M 421 -51.85 12.86 29.90
C ASN M 421 -51.47 14.25 29.45
N THR M 422 -51.55 14.49 28.15
CA THR M 422 -51.22 15.80 27.61
C THR M 422 -52.27 16.82 28.00
N GLU M 423 -51.88 18.09 27.99
CA GLU M 423 -52.76 19.18 28.31
C GLU M 423 -52.80 20.18 27.16
N THR M 424 -54.01 20.59 26.76
CA THR M 424 -54.16 21.53 25.67
C THR M 424 -53.54 22.88 26.00
N LEU M 425 -52.72 23.39 25.07
CA LEU M 425 -52.05 24.66 25.27
C LEU M 425 -52.17 25.58 24.08
N THR M 426 -51.79 26.84 24.30
CA THR M 426 -51.81 27.85 23.26
C THR M 426 -50.48 28.55 23.13
N LYS M 427 -50.03 28.68 21.88
CA LYS M 427 -48.77 29.33 21.61
C LYS M 427 -48.87 30.80 21.92
N VAL M 428 -47.79 31.35 22.44
CA VAL M 428 -47.77 32.74 22.81
C VAL M 428 -46.57 33.49 22.29
N LYS M 429 -46.77 34.79 22.21
CA LYS M 429 -45.75 35.71 21.76
C LYS M 429 -45.49 36.76 22.84
N PRO M 430 -44.22 37.14 22.92
CA PRO M 430 -43.78 38.14 23.89
C PRO M 430 -44.29 39.51 23.45
N GLY M 437 -45.28 40.34 29.98
CA GLY M 437 -45.75 40.93 28.73
C GLY M 437 -45.77 39.94 27.59
N TRP M 438 -46.94 39.30 27.42
CA TRP M 438 -47.14 38.30 26.40
C TRP M 438 -48.44 38.45 25.63
N GLU M 439 -48.39 38.04 24.37
CA GLU M 439 -49.51 38.08 23.46
C GLU M 439 -49.71 36.77 22.72
N LYS M 440 -50.98 36.34 22.67
CA LYS M 440 -51.35 35.12 22.02
C LYS M 440 -50.91 35.06 20.58
N ASP M 441 -50.61 33.85 20.13
CA ASP M 441 -50.17 33.61 18.78
C ASP M 441 -51.23 32.81 18.02
N ALA M 442 -51.34 33.13 16.73
CA ALA M 442 -52.29 32.47 15.88
C ALA M 442 -51.95 32.70 14.42
N PHE M 445 -49.30 29.04 14.13
CA PHE M 445 -49.61 27.96 15.03
C PHE M 445 -51.10 27.86 15.36
N SER M 446 -51.51 26.71 15.91
CA SER M 446 -52.90 26.43 16.24
C SER M 446 -53.32 26.77 17.66
N ASP M 447 -54.63 26.81 17.86
CA ASP M 447 -55.22 27.11 19.14
C ASP M 447 -55.09 25.96 20.13
N LYS M 448 -54.91 24.75 19.60
CA LYS M 448 -54.81 23.58 20.46
C LYS M 448 -53.71 22.59 20.13
N ASN M 449 -52.66 22.64 20.95
CA ASN M 449 -51.51 21.77 20.85
C ASN M 449 -51.42 20.95 22.11
N GLU M 450 -51.18 19.65 21.95
CA GLU M 450 -51.09 18.78 23.09
C GLU M 450 -49.66 18.65 23.58
N ILE M 451 -49.44 19.00 24.83
CA ILE M 451 -48.14 18.93 25.44
C ILE M 451 -48.21 18.31 26.82
N ARG M 452 -47.34 17.33 27.04
CA ARG M 452 -47.29 16.67 28.32
C ARG M 452 -46.32 17.39 29.25
N VAL M 453 -46.84 17.83 30.38
CA VAL M 453 -46.03 18.52 31.35
C VAL M 453 -45.65 17.62 32.50
N GLY M 454 -44.36 17.28 32.56
CA GLY M 454 -43.82 16.41 33.58
C GLY M 454 -43.39 15.09 32.97
N ASN M 455 -43.20 14.06 33.80
CA ASN M 455 -42.81 12.77 33.27
C ASN M 455 -43.99 12.07 32.64
N ASN M 456 -43.74 10.99 31.92
CA ASN M 456 -44.81 10.25 31.27
C ASN M 456 -45.51 9.30 32.24
N PHE M 457 -46.63 8.75 31.80
CA PHE M 457 -47.36 7.81 32.64
C PHE M 457 -46.63 6.48 32.61
N ALA M 458 -46.36 5.93 33.79
CA ALA M 458 -45.64 4.67 33.83
C ALA M 458 -46.16 3.68 34.87
N MET M 459 -45.99 2.41 34.55
CA MET M 459 -46.39 1.32 35.42
C MET M 459 -45.17 0.47 35.72
N GLU M 460 -45.02 0.06 36.97
CA GLU M 460 -43.87 -0.72 37.36
C GLU M 460 -44.15 -2.20 37.54
N ILE M 461 -43.12 -3.00 37.29
CA ILE M 461 -43.21 -4.45 37.44
C ILE M 461 -41.83 -5.06 37.67
N ASN M 462 -41.78 -6.04 38.56
CA ASN M 462 -40.53 -6.71 38.85
C ASN M 462 -40.41 -7.97 38.02
N LEU M 463 -39.84 -7.81 36.84
CA LEU M 463 -39.65 -8.88 35.90
C LEU M 463 -39.00 -10.12 36.49
N ASN M 464 -37.79 -9.95 37.01
CA ASN M 464 -37.06 -11.06 37.59
C ASN M 464 -37.75 -11.78 38.73
N ALA M 465 -38.32 -11.02 39.66
CA ALA M 465 -39.00 -11.63 40.78
C ALA M 465 -40.14 -12.49 40.28
N ASN M 466 -40.87 -11.95 39.32
CA ASN M 466 -42.01 -12.63 38.72
C ASN M 466 -41.61 -13.96 38.13
N LEU M 467 -40.64 -13.93 37.24
CA LEU M 467 -40.15 -15.14 36.61
C LEU M 467 -39.80 -16.20 37.63
N TRP M 468 -39.01 -15.82 38.62
CA TRP M 468 -38.58 -16.71 39.68
C TRP M 468 -39.78 -17.36 40.37
N ARG M 469 -40.78 -16.54 40.66
CA ARG M 469 -42.00 -16.97 41.30
C ARG M 469 -42.71 -18.03 40.49
N ASN M 470 -42.94 -17.69 39.23
CA ASN M 470 -43.62 -18.58 38.30
C ASN M 470 -42.95 -19.94 38.25
N PHE M 471 -41.63 -19.94 38.35
CA PHE M 471 -40.85 -21.17 38.34
C PHE M 471 -41.09 -22.00 39.58
N LEU M 472 -41.17 -21.32 40.71
CA LEU M 472 -41.39 -21.99 41.98
C LEU M 472 -42.78 -22.59 42.07
N TYR M 473 -43.77 -21.81 41.68
CA TYR M 473 -45.14 -22.26 41.73
C TYR M 473 -45.38 -23.43 40.80
N SER M 474 -44.93 -23.28 39.56
CA SER M 474 -45.11 -24.31 38.57
C SER M 474 -44.38 -25.61 38.88
N ASN M 475 -43.11 -25.51 39.26
CA ASN M 475 -42.31 -26.69 39.51
C ASN M 475 -42.31 -27.32 40.89
N ILE M 476 -42.52 -26.52 41.93
CA ILE M 476 -42.49 -27.09 43.25
C ILE M 476 -43.82 -27.08 43.95
N ALA M 477 -44.40 -25.89 44.08
CA ALA M 477 -45.68 -25.73 44.73
C ALA M 477 -46.70 -26.80 44.34
N LEU M 478 -47.04 -26.82 43.06
CA LEU M 478 -48.03 -27.75 42.55
C LEU M 478 -47.72 -29.21 42.82
N TYR M 479 -46.46 -29.53 43.08
CA TYR M 479 -46.10 -30.92 43.36
C TYR M 479 -46.12 -31.23 44.85
N LEU M 480 -46.40 -30.21 45.63
CA LEU M 480 -46.47 -30.38 47.06
C LEU M 480 -47.45 -31.50 47.37
N PRO M 481 -47.26 -32.13 48.53
CA PRO M 481 -48.15 -33.19 48.93
C PRO M 481 -49.59 -32.71 49.09
N ASP M 482 -50.54 -33.60 48.83
CA ASP M 482 -51.95 -33.28 48.90
C ASP M 482 -52.36 -32.68 50.24
N LYS M 483 -51.75 -33.20 51.31
CA LYS M 483 -52.03 -32.75 52.66
C LYS M 483 -51.88 -31.25 52.87
N LEU M 484 -51.02 -30.63 52.06
CA LEU M 484 -50.78 -29.22 52.15
C LEU M 484 -51.77 -28.43 51.31
N LYS M 485 -52.57 -29.15 50.52
CA LYS M 485 -53.55 -28.55 49.63
C LYS M 485 -54.95 -28.45 50.23
N TYR M 486 -55.84 -27.84 49.46
CA TYR M 486 -57.22 -27.65 49.85
C TYR M 486 -58.16 -27.59 48.65
N SER M 487 -59.41 -28.02 48.85
CA SER M 487 -60.41 -28.02 47.80
C SER M 487 -60.97 -26.64 47.49
N PRO M 488 -61.24 -26.38 46.21
CA PRO M 488 -61.76 -25.09 45.77
C PRO M 488 -63.24 -24.95 46.08
N SER M 489 -63.66 -23.71 46.31
CA SER M 489 -65.04 -23.44 46.60
C SER M 489 -65.88 -23.34 45.34
N ASN M 490 -67.11 -23.84 45.42
CA ASN M 490 -68.04 -23.81 44.31
C ASN M 490 -67.52 -24.45 43.05
N VAL M 491 -66.69 -25.49 43.21
CA VAL M 491 -66.13 -26.18 42.06
C VAL M 491 -66.18 -27.67 42.26
N LYS M 492 -66.88 -28.36 41.37
CA LYS M 492 -66.97 -29.80 41.47
C LYS M 492 -65.60 -30.43 41.29
N ILE M 493 -65.32 -31.38 42.16
CA ILE M 493 -64.05 -32.08 42.13
C ILE M 493 -64.25 -33.56 42.43
N SER M 494 -63.50 -34.39 41.71
CA SER M 494 -63.61 -35.83 41.91
C SER M 494 -63.34 -36.26 43.33
N ASP M 495 -63.86 -37.44 43.65
CA ASP M 495 -63.74 -38.07 44.95
C ASP M 495 -62.51 -38.95 44.98
N ASN M 496 -62.06 -39.33 43.79
CA ASN M 496 -60.89 -40.18 43.61
C ASN M 496 -59.62 -39.34 43.55
N PRO M 497 -58.79 -39.52 44.57
CA PRO M 497 -57.55 -38.80 44.69
C PRO M 497 -56.49 -39.26 43.68
N ASN M 498 -56.67 -40.46 43.12
CA ASN M 498 -55.74 -41.02 42.16
C ASN M 498 -56.09 -40.53 40.77
N THR M 499 -57.05 -39.64 40.75
CA THR M 499 -57.60 -39.05 39.55
C THR M 499 -56.90 -37.78 39.13
N TYR M 500 -56.93 -37.53 37.82
CA TYR M 500 -56.33 -36.33 37.28
C TYR M 500 -57.15 -35.12 37.68
N ASP M 501 -58.46 -35.27 37.61
CA ASP M 501 -59.36 -34.20 37.98
C ASP M 501 -59.00 -33.67 39.35
N TYR M 502 -58.77 -34.61 40.25
CA TYR M 502 -58.42 -34.30 41.63
C TYR M 502 -57.12 -33.50 41.73
N MET M 503 -56.06 -34.10 41.21
CA MET M 503 -54.75 -33.51 41.22
C MET M 503 -54.73 -32.15 40.54
N ASN M 504 -55.60 -31.99 39.56
CA ASN M 504 -55.69 -30.76 38.80
C ASN M 504 -56.51 -29.66 39.47
N LYS M 505 -57.46 -30.05 40.32
CA LYS M 505 -58.29 -29.05 40.96
C LYS M 505 -57.83 -28.65 42.36
N ARG M 506 -57.21 -29.57 43.08
CA ARG M 506 -56.75 -29.21 44.40
C ARG M 506 -55.95 -27.92 44.30
N VAL M 507 -56.23 -26.96 45.17
CA VAL M 507 -55.51 -25.70 45.09
C VAL M 507 -54.39 -25.61 46.11
N VAL M 508 -53.33 -24.91 45.73
CA VAL M 508 -52.19 -24.72 46.59
C VAL M 508 -51.77 -23.27 46.65
N ALA M 509 -51.49 -22.83 47.88
CA ALA M 509 -51.07 -21.47 48.16
C ALA M 509 -49.64 -21.22 47.75
N PRO M 510 -49.44 -20.22 46.91
CA PRO M 510 -48.11 -19.87 46.44
C PRO M 510 -47.20 -19.45 47.58
N GLY M 511 -47.80 -18.92 48.65
CA GLY M 511 -47.01 -18.49 49.78
C GLY M 511 -46.24 -19.64 50.41
N LEU M 512 -46.56 -20.85 49.98
CA LEU M 512 -45.88 -22.03 50.51
C LEU M 512 -44.46 -22.14 49.98
N VAL M 513 -44.31 -21.80 48.71
CA VAL M 513 -43.03 -21.83 48.03
C VAL M 513 -42.81 -20.51 47.29
N ASP M 514 -42.81 -19.41 48.04
CA ASP M 514 -42.62 -18.11 47.44
C ASP M 514 -41.15 -17.75 47.23
N CYS M 515 -40.94 -16.71 46.43
CA CYS M 515 -39.60 -16.26 46.11
C CYS M 515 -38.69 -16.01 47.30
N TYR M 516 -39.24 -15.85 48.50
CA TYR M 516 -38.41 -15.60 49.68
C TYR M 516 -38.20 -16.86 50.51
N ILE M 517 -38.46 -18.00 49.88
CA ILE M 517 -38.32 -19.30 50.51
C ILE M 517 -36.85 -19.69 50.66
N ASN M 518 -36.47 -20.00 51.90
CA ASN M 518 -35.11 -20.39 52.22
C ASN M 518 -34.08 -19.60 51.43
N LEU M 519 -34.22 -18.28 51.49
CA LEU M 519 -33.35 -17.35 50.80
C LEU M 519 -31.88 -17.55 51.11
N GLY M 520 -31.07 -17.62 50.04
CA GLY M 520 -29.64 -17.79 50.15
C GLY M 520 -29.16 -19.19 50.47
N ALA M 521 -30.09 -20.14 50.45
CA ALA M 521 -29.72 -21.50 50.76
C ALA M 521 -29.85 -22.44 49.57
N ARG M 522 -29.15 -23.57 49.70
CA ARG M 522 -29.17 -24.64 48.73
C ARG M 522 -29.80 -25.77 49.51
N TRP M 523 -31.13 -25.76 49.49
CA TRP M 523 -31.88 -26.71 50.25
C TRP M 523 -33.10 -27.27 49.55
N SER M 524 -33.28 -28.58 49.71
CA SER M 524 -34.44 -29.23 49.14
C SER M 524 -35.53 -29.15 50.20
N LEU M 525 -36.76 -28.88 49.79
CA LEU M 525 -37.84 -28.77 50.76
C LEU M 525 -38.03 -30.08 51.52
N ASP M 526 -38.13 -29.96 52.83
CA ASP M 526 -38.34 -31.13 53.64
C ASP M 526 -39.64 -31.82 53.28
N TYR M 527 -40.57 -31.08 52.67
CA TYR M 527 -41.85 -31.65 52.26
C TYR M 527 -41.71 -32.53 51.03
N MET M 528 -40.83 -32.11 50.13
CA MET M 528 -40.58 -32.77 48.85
C MET M 528 -39.58 -33.91 48.87
N ASP M 529 -38.79 -34.03 49.93
CA ASP M 529 -37.81 -35.10 49.96
C ASP M 529 -38.37 -36.48 49.66
N ASN M 530 -39.52 -36.81 50.24
CA ASN M 530 -40.13 -38.12 50.04
C ASN M 530 -41.15 -38.20 48.92
N VAL M 531 -41.12 -37.18 48.07
CA VAL M 531 -42.00 -37.14 46.93
C VAL M 531 -41.22 -37.62 45.72
N ASN M 532 -41.76 -38.58 44.99
CA ASN M 532 -41.07 -39.08 43.83
C ASN M 532 -40.69 -37.94 42.90
N PRO M 533 -39.38 -37.70 42.73
CA PRO M 533 -38.89 -36.62 41.90
C PRO M 533 -39.09 -36.85 40.42
N PHE M 534 -39.27 -38.12 40.05
CA PHE M 534 -39.43 -38.48 38.66
C PHE M 534 -40.79 -38.19 38.07
N ASN M 535 -41.82 -38.18 38.92
CA ASN M 535 -43.13 -37.88 38.44
C ASN M 535 -43.24 -36.37 38.29
N HIS M 536 -42.78 -35.85 37.15
CA HIS M 536 -42.76 -34.41 36.92
C HIS M 536 -42.72 -34.06 35.44
N HIS M 537 -43.26 -32.88 35.11
CA HIS M 537 -43.28 -32.42 33.73
C HIS M 537 -41.89 -32.05 33.24
N ARG M 538 -40.94 -31.97 34.17
CA ARG M 538 -39.58 -31.62 33.81
C ARG M 538 -38.66 -32.82 33.66
N ASN M 539 -39.28 -34.01 33.59
CA ASN M 539 -38.56 -35.25 33.39
C ASN M 539 -38.32 -35.35 31.89
N ALA M 540 -37.10 -35.00 31.48
CA ALA M 540 -36.71 -35.02 30.09
C ALA M 540 -36.94 -36.34 29.39
N GLY M 541 -36.59 -37.44 30.05
CA GLY M 541 -36.74 -38.76 29.48
C GLY M 541 -38.19 -39.08 29.13
N LEU M 542 -39.07 -38.89 30.10
CA LEU M 542 -40.49 -39.14 29.94
C LEU M 542 -41.08 -38.18 28.91
N ARG M 543 -40.64 -36.92 28.98
CA ARG M 543 -41.10 -35.91 28.05
C ARG M 543 -40.82 -36.30 26.61
N TYR M 544 -39.60 -36.75 26.37
CA TYR M 544 -39.14 -37.17 25.05
C TYR M 544 -39.88 -38.39 24.54
N ARG M 545 -40.13 -39.35 25.42
CA ARG M 545 -40.85 -40.54 25.04
C ARG M 545 -42.28 -40.22 24.68
N SER M 546 -42.82 -39.21 25.36
CA SER M 546 -44.17 -38.77 25.11
C SER M 546 -44.27 -38.13 23.72
N MET M 547 -43.29 -37.29 23.40
CA MET M 547 -43.24 -36.61 22.11
C MET M 547 -42.92 -37.55 20.95
N LEU M 548 -42.24 -38.64 21.27
CA LEU M 548 -41.88 -39.66 20.30
C LEU M 548 -43.15 -40.21 19.66
N LEU M 549 -44.21 -40.26 20.47
CA LEU M 549 -45.51 -40.76 20.04
C LEU M 549 -46.31 -39.69 19.31
N GLY M 550 -46.08 -38.43 19.70
CA GLY M 550 -46.76 -37.29 19.12
C GLY M 550 -47.33 -36.41 20.20
N ASN M 551 -48.11 -35.42 19.78
CA ASN M 551 -48.74 -34.47 20.69
C ASN M 551 -50.23 -34.72 20.84
N GLY M 552 -50.67 -35.84 20.29
CA GLY M 552 -52.08 -36.20 20.35
C GLY M 552 -52.41 -37.42 21.18
N ARG M 553 -53.66 -37.37 21.61
CA ARG M 553 -54.34 -38.36 22.42
C ARG M 553 -54.34 -39.71 21.73
N TYR M 554 -54.79 -39.72 20.47
CA TYR M 554 -54.90 -40.91 19.65
C TYR M 554 -53.63 -41.21 18.90
N VAL M 555 -53.07 -42.38 19.14
CA VAL M 555 -51.84 -42.76 18.49
C VAL M 555 -51.76 -44.20 18.02
N PRO M 556 -51.51 -44.36 16.72
CA PRO M 556 -51.30 -45.68 16.17
C PRO M 556 -49.81 -45.88 16.40
N PHE M 557 -49.41 -46.97 17.02
CA PHE M 557 -47.98 -47.10 17.28
C PHE M 557 -47.29 -48.27 16.62
N HIS M 558 -45.98 -48.09 16.47
CA HIS M 558 -45.07 -49.04 15.88
C HIS M 558 -43.78 -49.02 16.66
N ILE M 559 -43.53 -50.11 17.38
CA ILE M 559 -42.34 -50.17 18.20
C ILE M 559 -41.59 -51.49 18.06
N GLN M 560 -40.36 -51.42 18.56
CA GLN M 560 -39.44 -52.53 18.57
C GLN M 560 -39.06 -52.78 20.02
N VAL M 561 -39.37 -53.99 20.50
CA VAL M 561 -39.10 -54.40 21.87
C VAL M 561 -37.98 -55.43 21.96
N PRO M 562 -37.06 -55.18 22.89
CA PRO M 562 -35.90 -56.02 23.09
C PRO M 562 -36.11 -57.15 24.10
N GLN M 563 -35.33 -58.21 23.92
CA GLN M 563 -35.36 -59.34 24.81
C GLN M 563 -34.36 -59.02 25.93
N LYS M 564 -34.79 -59.06 27.19
CA LYS M 564 -33.90 -58.71 28.28
C LYS M 564 -33.42 -59.87 29.12
N PHE M 565 -34.18 -60.95 29.10
CA PHE M 565 -33.81 -62.11 29.88
C PHE M 565 -32.35 -62.47 29.66
N PHE M 566 -31.62 -62.55 30.76
CA PHE M 566 -30.18 -62.83 30.72
C PHE M 566 -29.72 -64.13 30.07
N ALA M 567 -30.46 -65.22 30.22
CA ALA M 567 -30.02 -66.48 29.64
C ALA M 567 -30.11 -66.57 28.12
N ILE M 568 -30.89 -65.69 27.50
CA ILE M 568 -31.04 -65.75 26.06
C ILE M 568 -30.68 -64.47 25.30
N LYS M 569 -30.61 -63.34 25.98
CA LYS M 569 -30.32 -62.06 25.35
C LYS M 569 -29.08 -61.96 24.46
N ASN M 570 -28.00 -62.66 24.82
CA ASN M 570 -26.76 -62.60 24.04
C ASN M 570 -26.37 -63.95 23.48
N LEU M 571 -27.28 -64.90 23.61
CA LEU M 571 -27.04 -66.23 23.15
C LEU M 571 -26.86 -66.35 21.63
N LEU M 572 -25.90 -67.19 21.27
CA LEU M 572 -25.61 -67.49 19.88
C LEU M 572 -26.29 -68.82 19.61
N LEU M 573 -27.39 -68.73 18.87
CA LEU M 573 -28.26 -69.84 18.52
C LEU M 573 -27.78 -70.65 17.32
N LEU M 574 -27.63 -71.95 17.51
CA LEU M 574 -27.20 -72.81 16.42
C LEU M 574 -28.37 -73.20 15.53
N PRO M 575 -28.07 -73.83 14.39
CA PRO M 575 -29.12 -74.23 13.49
C PRO M 575 -30.09 -75.21 14.13
N GLY M 576 -31.35 -75.06 13.71
CA GLY M 576 -32.45 -75.86 14.19
C GLY M 576 -33.71 -75.00 14.22
N SER M 577 -34.81 -75.60 14.58
CA SER M 577 -36.07 -74.87 14.67
C SER M 577 -36.44 -74.72 16.12
N TYR M 578 -36.79 -73.51 16.53
CA TYR M 578 -37.14 -73.28 17.91
C TYR M 578 -38.48 -72.61 18.11
N THR M 579 -39.07 -72.94 19.24
CA THR M 579 -40.32 -72.38 19.66
C THR M 579 -40.01 -71.23 20.58
N TYR M 580 -40.35 -70.04 20.12
CA TYR M 580 -40.11 -68.84 20.89
C TYR M 580 -41.45 -68.20 21.18
N GLU M 581 -41.79 -68.13 22.45
CA GLU M 581 -43.06 -67.57 22.83
C GLU M 581 -42.95 -66.63 24.02
N TRP M 582 -43.74 -65.56 23.99
CA TRP M 582 -43.70 -64.58 25.06
C TRP M 582 -45.04 -63.93 25.34
N ASN M 583 -45.18 -63.43 26.56
CA ASN M 583 -46.38 -62.76 27.01
C ASN M 583 -46.18 -61.27 27.18
N PHE M 584 -47.19 -60.53 26.75
CA PHE M 584 -47.17 -59.09 26.84
C PHE M 584 -48.32 -58.58 27.67
N ARG M 585 -48.01 -57.58 28.49
CA ARG M 585 -48.96 -56.96 29.37
C ARG M 585 -49.86 -56.00 28.60
N LYS M 586 -51.07 -55.80 29.10
CA LYS M 586 -52.05 -54.91 28.49
C LYS M 586 -52.47 -53.81 29.44
N ASP M 587 -52.10 -54.00 30.70
CA ASP M 587 -52.42 -53.09 31.77
C ASP M 587 -51.79 -51.71 31.58
N VAL M 588 -52.62 -50.71 31.29
CA VAL M 588 -52.11 -49.36 31.09
C VAL M 588 -51.29 -48.80 32.24
N ASN M 589 -51.63 -49.19 33.47
CA ASN M 589 -50.86 -48.67 34.58
C ASN M 589 -49.45 -49.23 34.57
N MET M 590 -49.28 -50.31 33.81
CA MET M 590 -48.00 -50.97 33.69
C MET M 590 -47.25 -50.61 32.42
N VAL M 591 -47.92 -50.65 31.29
CA VAL M 591 -47.28 -50.35 30.02
C VAL M 591 -47.10 -48.86 29.75
N LEU M 592 -47.91 -48.04 30.39
CA LEU M 592 -47.81 -46.61 30.20
C LEU M 592 -47.30 -45.90 31.45
N GLN M 593 -46.80 -44.70 31.24
CA GLN M 593 -46.27 -43.90 32.31
C GLN M 593 -46.74 -42.46 32.16
N SER M 594 -47.10 -41.85 33.27
CA SER M 594 -47.56 -40.48 33.27
C SER M 594 -46.71 -39.65 34.22
N SER M 595 -46.68 -38.34 34.00
CA SER M 595 -45.89 -37.46 34.86
C SER M 595 -46.57 -37.19 36.20
N LEU M 596 -47.92 -37.21 36.20
CA LEU M 596 -48.71 -36.98 37.39
C LEU M 596 -48.88 -38.27 38.18
N GLY M 597 -48.76 -39.38 37.47
CA GLY M 597 -48.88 -40.71 38.05
C GLY M 597 -50.31 -41.08 38.37
N ASN M 598 -51.26 -40.42 37.72
CA ASN M 598 -52.67 -40.70 37.95
C ASN M 598 -53.04 -42.13 37.54
N ASP M 599 -54.26 -42.56 37.90
CA ASP M 599 -54.74 -43.89 37.59
C ASP M 599 -55.31 -43.96 36.17
N LEU M 600 -54.47 -44.45 35.25
CA LEU M 600 -54.85 -44.56 33.85
C LEU M 600 -56.04 -45.47 33.56
N ARG M 601 -56.33 -46.40 34.47
CA ARG M 601 -57.46 -47.29 34.26
C ARG M 601 -58.75 -46.50 34.38
N VAL M 602 -58.84 -45.73 35.45
CA VAL M 602 -59.98 -44.89 35.74
C VAL M 602 -59.98 -43.70 34.79
N ASP M 603 -58.77 -43.24 34.48
CA ASP M 603 -58.56 -42.09 33.61
C ASP M 603 -58.70 -42.26 32.10
N GLY M 604 -59.29 -43.34 31.65
CA GLY M 604 -59.55 -43.57 30.24
C GLY M 604 -58.42 -43.92 29.29
N ALA M 605 -57.22 -44.25 29.76
CA ALA M 605 -56.18 -44.61 28.79
C ALA M 605 -56.52 -45.97 28.21
N SER M 606 -56.22 -46.19 26.93
CA SER M 606 -56.53 -47.47 26.30
C SER M 606 -55.43 -47.93 25.36
N ILE M 607 -55.29 -49.25 25.21
CA ILE M 607 -54.27 -49.81 24.34
C ILE M 607 -54.69 -51.13 23.71
N LYS M 608 -54.46 -51.22 22.39
CA LYS M 608 -54.80 -52.41 21.65
C LYS M 608 -53.68 -52.87 20.72
N PHE M 609 -53.35 -54.16 20.80
CA PHE M 609 -52.30 -54.74 19.98
C PHE M 609 -52.86 -55.33 18.69
N ASP M 610 -52.42 -54.79 17.57
CA ASP M 610 -52.90 -55.27 16.30
C ASP M 610 -52.06 -56.37 15.70
N SER M 611 -50.74 -56.24 15.83
CA SER M 611 -49.89 -57.25 15.27
C SER M 611 -48.50 -57.25 15.88
N ILE M 612 -47.95 -58.44 16.02
CA ILE M 612 -46.63 -58.61 16.55
C ILE M 612 -45.83 -59.57 15.69
N CYS M 613 -44.67 -59.11 15.27
CA CYS M 613 -43.79 -59.89 14.44
C CYS M 613 -42.48 -60.13 15.15
N LEU M 614 -41.71 -61.07 14.61
CA LEU M 614 -40.42 -61.39 15.16
C LEU M 614 -39.36 -61.19 14.10
N TYR M 615 -38.40 -60.31 14.38
CA TYR M 615 -37.33 -60.02 13.45
C TYR M 615 -36.01 -60.59 13.92
N ALA M 616 -35.18 -60.99 12.96
CA ALA M 616 -33.88 -61.56 13.24
C ALA M 616 -32.92 -61.27 12.10
N THR M 617 -31.75 -60.75 12.45
CA THR M 617 -30.73 -60.42 11.45
C THR M 617 -29.60 -61.42 11.50
N PHE M 618 -29.09 -61.81 10.34
CA PHE M 618 -28.02 -62.78 10.31
C PHE M 618 -26.77 -62.32 9.59
N PHE M 619 -25.64 -62.57 10.22
CA PHE M 619 -24.37 -62.25 9.60
C PHE M 619 -24.30 -63.21 8.42
N PRO M 620 -24.04 -62.72 7.21
CA PRO M 620 -24.00 -63.59 6.05
C PRO M 620 -22.70 -64.36 5.99
N MET M 621 -22.40 -65.03 7.09
CA MET M 621 -21.19 -65.80 7.24
C MET M 621 -20.95 -66.86 6.19
N ALA M 622 -19.68 -67.03 5.83
CA ALA M 622 -19.30 -68.04 4.87
C ALA M 622 -19.79 -69.38 5.38
N HIS M 623 -20.35 -70.18 4.48
CA HIS M 623 -20.88 -71.47 4.84
C HIS M 623 -19.88 -72.43 5.47
N ASN M 624 -18.68 -72.50 4.92
CA ASN M 624 -17.68 -73.40 5.47
C ASN M 624 -17.35 -72.99 6.88
N THR M 625 -17.17 -71.69 7.05
CA THR M 625 -16.86 -71.08 8.33
C THR M 625 -17.96 -71.32 9.35
N ALA M 626 -19.18 -70.93 8.98
CA ALA M 626 -20.33 -71.10 9.84
C ALA M 626 -20.42 -72.54 10.32
N SER M 627 -20.28 -73.46 9.36
CA SER M 627 -20.34 -74.88 9.63
C SER M 627 -19.29 -75.31 10.64
N THR M 628 -18.10 -74.75 10.48
CA THR M 628 -16.99 -75.06 11.37
C THR M 628 -17.23 -74.54 12.77
N LEU M 629 -17.75 -73.32 12.84
CA LEU M 629 -18.05 -72.69 14.11
C LEU M 629 -19.12 -73.48 14.85
N GLU M 630 -20.04 -74.03 14.08
CA GLU M 630 -21.13 -74.83 14.63
C GLU M 630 -20.61 -76.04 15.36
N ALA M 631 -19.80 -76.81 14.63
CA ALA M 631 -19.19 -78.02 15.14
C ALA M 631 -18.52 -77.79 16.49
N MET M 632 -17.75 -76.71 16.57
CA MET M 632 -17.04 -76.33 17.78
C MET M 632 -17.98 -76.02 18.93
N LEU M 633 -18.97 -75.20 18.63
CA LEU M 633 -19.95 -74.79 19.63
C LEU M 633 -20.84 -75.91 20.09
N ARG M 634 -20.76 -77.05 19.41
CA ARG M 634 -21.60 -78.18 19.78
C ARG M 634 -20.98 -79.03 20.87
N ASN M 635 -19.70 -78.80 21.16
CA ASN M 635 -19.03 -79.54 22.22
C ASN M 635 -19.29 -78.87 23.54
N ASP M 636 -19.51 -79.67 24.57
CA ASP M 636 -19.78 -79.11 25.88
C ASP M 636 -18.67 -78.24 26.40
N THR M 637 -17.43 -78.57 26.08
CA THR M 637 -16.35 -77.74 26.56
C THR M 637 -16.50 -76.31 26.06
N ASN M 638 -17.22 -76.16 24.94
CA ASN M 638 -17.47 -74.86 24.34
C ASN M 638 -18.88 -74.36 24.58
N ASP M 639 -19.46 -74.79 25.70
CA ASP M 639 -20.80 -74.38 26.08
C ASP M 639 -20.81 -72.90 26.45
N GLN M 640 -21.83 -72.19 26.02
CA GLN M 640 -21.96 -70.78 26.33
C GLN M 640 -22.42 -70.59 27.76
N SER M 641 -22.15 -69.43 28.34
CA SER M 641 -22.58 -69.19 29.71
C SER M 641 -22.81 -67.71 30.01
N PHE M 642 -23.83 -67.45 30.79
CA PHE M 642 -24.21 -66.10 31.15
C PHE M 642 -24.66 -65.98 32.58
N ASN M 643 -24.56 -64.77 33.07
CA ASN M 643 -24.99 -64.44 34.41
C ASN M 643 -25.80 -63.16 34.34
N ASP M 644 -26.74 -63.04 35.25
CA ASP M 644 -27.55 -61.84 35.28
C ASP M 644 -26.72 -60.70 35.82
N TYR M 645 -26.84 -59.51 35.21
CA TYR M 645 -26.06 -58.38 35.66
C TYR M 645 -26.31 -58.04 37.13
N LEU M 646 -27.58 -58.00 37.51
CA LEU M 646 -27.96 -57.67 38.87
C LEU M 646 -27.42 -58.68 39.87
N SER M 647 -27.49 -59.95 39.48
CA SER M 647 -27.01 -61.06 40.28
C SER M 647 -27.50 -61.00 41.71
N ALA M 648 -28.81 -61.15 41.89
CA ALA M 648 -29.34 -61.11 43.23
C ALA M 648 -30.75 -61.67 43.35
N ALA M 649 -31.04 -62.06 44.60
CA ALA M 649 -32.33 -62.56 45.01
C ALA M 649 -33.02 -61.34 45.59
N ASN M 650 -34.17 -60.99 45.05
CA ASN M 650 -34.85 -59.80 45.52
C ASN M 650 -35.97 -60.01 46.52
N MET M 651 -35.88 -59.30 47.63
CA MET M 651 -36.90 -59.40 48.64
C MET M 651 -37.50 -58.06 49.03
N LEU M 652 -38.78 -58.12 49.37
CA LEU M 652 -39.52 -56.96 49.78
C LEU M 652 -40.19 -57.24 51.11
N TYR M 653 -39.92 -56.34 52.06
CA TYR M 653 -40.49 -56.42 53.40
C TYR M 653 -41.24 -55.15 53.70
N PRO M 654 -42.46 -55.34 54.16
CA PRO M 654 -43.34 -54.25 54.50
C PRO M 654 -42.93 -53.44 55.71
N ILE M 655 -43.15 -52.14 55.58
CA ILE M 655 -42.90 -51.15 56.59
C ILE M 655 -44.18 -50.37 56.81
N PRO M 656 -44.93 -50.78 57.83
CA PRO M 656 -46.17 -50.12 58.13
C PRO M 656 -45.99 -48.64 58.37
N ALA M 657 -47.02 -47.87 58.04
CA ALA M 657 -46.97 -46.44 58.22
C ALA M 657 -46.52 -46.12 59.63
N ASN M 658 -45.56 -45.22 59.74
CA ASN M 658 -45.06 -44.80 61.04
C ASN M 658 -44.13 -45.80 61.74
N ALA M 659 -44.00 -46.99 61.16
CA ALA M 659 -43.11 -47.98 61.73
C ALA M 659 -41.71 -47.41 61.64
N THR M 660 -40.84 -47.81 62.57
CA THR M 660 -39.48 -47.29 62.57
C THR M 660 -38.44 -48.39 62.66
N ASN M 661 -38.88 -49.56 63.10
CA ASN M 661 -38.02 -50.71 63.25
C ASN M 661 -38.42 -51.79 62.26
N VAL M 662 -37.43 -52.31 61.55
CA VAL M 662 -37.67 -53.34 60.56
C VAL M 662 -36.71 -54.51 60.74
N PRO M 663 -37.21 -55.54 61.40
CA PRO M 663 -36.43 -56.73 61.66
C PRO M 663 -36.71 -57.78 60.62
N ILE M 664 -35.64 -58.39 60.12
CA ILE M 664 -35.80 -59.43 59.14
C ILE M 664 -35.03 -60.65 59.55
N SER M 665 -35.65 -61.80 59.31
CA SER M 665 -35.03 -63.05 59.67
C SER M 665 -34.94 -64.02 58.52
N ILE M 666 -33.78 -64.65 58.42
CA ILE M 666 -33.51 -65.63 57.40
C ILE M 666 -33.13 -66.95 58.07
N PRO M 667 -34.00 -67.92 57.94
CA PRO M 667 -33.74 -69.21 58.55
C PRO M 667 -32.43 -69.78 58.08
N SER M 668 -31.74 -70.43 59.01
CA SER M 668 -30.47 -71.02 58.73
C SER M 668 -30.40 -71.61 57.33
N ARG M 669 -29.36 -71.23 56.61
CA ARG M 669 -29.14 -71.68 55.26
C ARG M 669 -27.67 -71.60 54.90
N ASN M 670 -27.36 -71.94 53.65
CA ASN M 670 -26.00 -71.91 53.14
C ASN M 670 -25.61 -70.54 52.61
N TRP M 671 -24.40 -70.11 52.93
CA TRP M 671 -23.94 -68.80 52.50
C TRP M 671 -22.72 -68.79 51.59
N ALA M 672 -22.25 -69.95 51.18
CA ALA M 672 -21.10 -69.98 50.32
C ALA M 672 -21.31 -69.16 49.05
N ALA M 673 -20.31 -68.35 48.70
CA ALA M 673 -20.37 -67.52 47.50
C ALA M 673 -21.15 -66.24 47.68
N PHE M 674 -21.68 -66.03 48.88
CA PHE M 674 -22.44 -64.83 49.17
C PHE M 674 -21.61 -63.60 48.81
N ARG M 675 -22.20 -62.64 48.11
CA ARG M 675 -21.46 -61.47 47.70
C ARG M 675 -21.68 -60.23 48.55
N GLY M 676 -22.86 -60.08 49.12
CA GLY M 676 -23.14 -58.92 49.93
C GLY M 676 -24.58 -58.45 49.84
N TRP M 677 -24.83 -57.29 50.46
CA TRP M 677 -26.16 -56.72 50.47
C TRP M 677 -26.25 -55.37 49.80
N ALA M 678 -27.44 -55.11 49.27
CA ALA M 678 -27.80 -53.87 48.61
C ALA M 678 -29.24 -53.57 48.99
N PHE M 679 -29.57 -52.32 49.29
CA PHE M 679 -30.93 -52.02 49.69
C PHE M 679 -31.38 -50.58 49.53
N THR M 680 -32.71 -50.44 49.48
CA THR M 680 -33.45 -49.20 49.36
C THR M 680 -34.76 -49.32 50.10
N ARG M 681 -35.61 -48.35 49.81
CA ARG M 681 -36.93 -48.28 50.37
C ARG M 681 -37.90 -47.75 49.32
N LEU M 682 -39.01 -48.46 49.14
CA LEU M 682 -40.01 -48.09 48.16
C LEU M 682 -41.35 -47.85 48.81
N LYS M 683 -42.19 -47.16 48.07
CA LYS M 683 -43.53 -46.88 48.51
C LYS M 683 -44.43 -47.99 48.02
N THR M 684 -45.24 -48.53 48.90
CA THR M 684 -46.12 -49.60 48.48
C THR M 684 -46.97 -49.17 47.31
N LYS M 685 -47.42 -47.93 47.32
CA LYS M 685 -48.26 -47.41 46.25
C LYS M 685 -47.59 -47.44 44.89
N GLU M 686 -46.27 -47.27 44.88
CA GLU M 686 -45.52 -47.24 43.63
C GLU M 686 -44.92 -48.59 43.25
N THR M 687 -45.33 -49.65 43.94
CA THR M 687 -44.81 -50.98 43.65
C THR M 687 -45.91 -51.96 43.30
N PRO M 688 -46.14 -52.13 42.01
CA PRO M 688 -47.15 -53.07 41.55
C PRO M 688 -46.83 -54.44 42.11
N SER M 689 -47.86 -55.27 42.26
CA SER M 689 -47.63 -56.61 42.76
C SER M 689 -47.23 -57.49 41.58
N LEU M 690 -46.10 -58.17 41.68
CA LEU M 690 -45.69 -59.00 40.57
C LEU M 690 -45.98 -60.49 40.73
N GLY M 691 -46.50 -60.87 41.90
CA GLY M 691 -46.81 -62.27 42.14
C GLY M 691 -48.09 -62.69 41.43
N SER M 692 -48.31 -62.09 40.25
CA SER M 692 -49.51 -62.39 39.48
C SER M 692 -49.58 -61.59 38.18
N GLY M 693 -50.34 -62.13 37.23
CA GLY M 693 -50.51 -61.53 35.93
C GLY M 693 -51.24 -60.19 35.95
N TYR M 694 -51.97 -59.91 37.03
CA TYR M 694 -52.72 -58.66 37.13
C TYR M 694 -52.92 -58.20 38.58
N ASP M 695 -52.68 -56.91 38.81
CA ASP M 695 -52.82 -56.31 40.14
C ASP M 695 -54.01 -55.37 40.21
N PRO M 696 -55.10 -55.91 40.73
CA PRO M 696 -56.34 -55.18 40.88
C PRO M 696 -56.21 -53.93 41.73
N TYR M 697 -55.27 -53.93 42.67
CA TYR M 697 -55.11 -52.77 43.55
C TYR M 697 -54.05 -51.73 43.12
N TYR M 698 -53.55 -51.86 41.91
CA TYR M 698 -52.54 -50.96 41.40
C TYR M 698 -53.17 -49.78 40.66
N THR M 699 -53.30 -48.65 41.35
CA THR M 699 -53.89 -47.45 40.79
C THR M 699 -52.90 -46.30 40.72
N TYR M 700 -51.79 -46.56 40.04
CA TYR M 700 -50.72 -45.59 39.92
C TYR M 700 -49.99 -45.80 38.60
N SER M 701 -49.57 -44.71 37.95
CA SER M 701 -48.88 -44.84 36.68
C SER M 701 -47.57 -44.06 36.56
N GLY M 702 -46.98 -43.73 37.70
CA GLY M 702 -45.73 -43.00 37.68
C GLY M 702 -44.52 -43.91 37.55
N SER M 703 -43.36 -43.38 37.91
CA SER M 703 -42.13 -44.14 37.85
C SER M 703 -42.20 -45.31 38.82
N ILE M 704 -41.60 -46.42 38.46
CA ILE M 704 -41.60 -47.60 39.31
C ILE M 704 -40.17 -47.96 39.70
N PRO M 705 -39.68 -47.34 40.78
CA PRO M 705 -38.33 -47.59 41.23
C PRO M 705 -37.87 -49.04 41.25
N TYR M 706 -38.72 -49.95 41.69
CA TYR M 706 -38.33 -51.35 41.74
C TYR M 706 -37.88 -51.90 40.40
N LEU M 707 -38.46 -51.37 39.34
CA LEU M 707 -38.15 -51.81 37.99
C LEU M 707 -37.25 -50.87 37.21
N ASP M 708 -37.40 -49.57 37.41
CA ASP M 708 -36.61 -48.60 36.65
C ASP M 708 -35.37 -48.00 37.29
N GLY M 709 -35.26 -48.04 38.61
CA GLY M 709 -34.07 -47.49 39.27
C GLY M 709 -34.22 -46.03 39.68
N THR M 710 -35.45 -45.55 39.67
CA THR M 710 -35.69 -44.19 40.07
C THR M 710 -35.77 -44.04 41.57
N PHE M 711 -34.80 -44.65 42.26
CA PHE M 711 -34.73 -44.62 43.71
C PHE M 711 -34.59 -43.20 44.22
N TYR M 712 -35.32 -42.92 45.31
CA TYR M 712 -35.30 -41.60 45.91
C TYR M 712 -35.53 -41.56 47.41
N LEU M 713 -35.47 -42.70 48.09
CA LEU M 713 -35.72 -42.68 49.53
C LEU M 713 -34.56 -43.16 50.41
N ASN M 714 -33.36 -43.14 49.87
CA ASN M 714 -32.18 -43.59 50.58
C ASN M 714 -31.78 -42.79 51.81
N HIS M 715 -32.24 -41.56 51.88
CA HIS M 715 -31.90 -40.69 53.00
C HIS M 715 -32.71 -40.98 54.26
N THR M 716 -33.65 -41.93 54.16
CA THR M 716 -34.49 -42.26 55.30
C THR M 716 -33.95 -43.38 56.16
N PHE M 717 -32.80 -43.92 55.78
CA PHE M 717 -32.22 -44.99 56.55
C PHE M 717 -31.42 -44.45 57.71
N LYS M 718 -31.58 -45.07 58.88
CA LYS M 718 -30.87 -44.62 60.05
C LYS M 718 -29.67 -45.49 60.36
N LYS M 719 -29.93 -46.80 60.43
CA LYS M 719 -28.87 -47.74 60.74
C LYS M 719 -29.22 -49.17 60.35
N VAL M 720 -28.17 -50.00 60.36
CA VAL M 720 -28.31 -51.40 60.03
C VAL M 720 -27.44 -52.25 60.93
N ALA M 721 -28.08 -53.28 61.49
CA ALA M 721 -27.39 -54.21 62.36
C ALA M 721 -27.47 -55.59 61.74
N ILE M 722 -26.32 -56.20 61.51
CA ILE M 722 -26.28 -57.52 60.91
C ILE M 722 -25.78 -58.57 61.90
N THR M 723 -26.53 -59.67 62.00
CA THR M 723 -26.17 -60.72 62.94
C THR M 723 -26.34 -62.12 62.41
N PHE M 724 -25.28 -62.89 62.56
CA PHE M 724 -25.28 -64.27 62.16
C PHE M 724 -25.49 -65.14 63.40
N ASP M 725 -26.22 -66.23 63.21
CA ASP M 725 -26.52 -67.18 64.26
C ASP M 725 -26.97 -66.61 65.62
N SER M 726 -27.82 -65.61 65.60
CA SER M 726 -28.35 -65.03 66.83
C SER M 726 -27.34 -64.47 67.82
N SER M 727 -26.05 -64.54 67.52
CA SER M 727 -25.10 -64.02 68.50
C SER M 727 -23.95 -63.24 67.92
N VAL M 728 -23.47 -63.68 66.76
CA VAL M 728 -22.33 -63.07 66.09
C VAL M 728 -22.65 -61.85 65.25
N SER M 729 -22.00 -60.74 65.62
CA SER M 729 -22.15 -59.48 64.94
C SER M 729 -21.17 -59.32 63.78
N TRP M 730 -21.72 -59.06 62.60
CA TRP M 730 -20.94 -58.85 61.40
C TRP M 730 -20.95 -57.37 61.09
N PRO M 731 -19.78 -56.80 60.79
CA PRO M 731 -18.51 -57.51 60.66
C PRO M 731 -17.78 -57.69 62.00
N GLY M 732 -18.31 -57.12 63.07
CA GLY M 732 -17.65 -57.22 64.36
C GLY M 732 -16.17 -56.85 64.21
N ASN M 733 -15.30 -57.56 64.94
CA ASN M 733 -13.87 -57.33 64.88
C ASN M 733 -13.42 -55.91 65.24
N ASP M 734 -14.32 -55.12 65.80
CA ASP M 734 -13.98 -53.77 66.21
C ASP M 734 -13.62 -52.86 65.04
N ARG M 735 -14.13 -53.19 63.86
CA ARG M 735 -13.85 -52.44 62.65
C ARG M 735 -14.38 -51.00 62.60
N LEU M 736 -15.67 -50.82 62.81
CA LEU M 736 -16.31 -49.50 62.74
C LEU M 736 -16.27 -48.67 64.02
N LEU M 737 -16.43 -47.34 63.87
CA LEU M 737 -16.44 -46.43 65.01
C LEU M 737 -17.48 -46.83 66.03
N THR M 738 -18.58 -47.38 65.51
CA THR M 738 -19.69 -47.91 66.28
C THR M 738 -19.90 -49.35 65.79
N PRO M 739 -18.91 -50.14 66.15
CA PRO M 739 -18.71 -51.54 65.83
C PRO M 739 -19.92 -52.46 65.79
N ASN M 740 -20.92 -52.22 66.62
CA ASN M 740 -22.07 -53.13 66.63
C ASN M 740 -23.07 -52.99 65.49
N GLU M 741 -22.89 -51.97 64.67
CA GLU M 741 -23.83 -51.78 63.59
C GLU M 741 -23.38 -50.71 62.62
N PHE M 742 -24.09 -50.66 61.50
CA PHE M 742 -23.83 -49.68 60.48
C PHE M 742 -24.73 -48.49 60.70
N GLU M 743 -24.11 -47.37 61.11
CA GLU M 743 -24.85 -46.15 61.34
C GLU M 743 -24.81 -45.31 60.08
N ILE M 744 -25.95 -45.16 59.42
CA ILE M 744 -26.00 -44.38 58.21
C ILE M 744 -25.91 -42.87 58.44
N LYS M 745 -26.56 -42.39 59.49
CA LYS M 745 -26.55 -40.98 59.82
C LYS M 745 -26.81 -40.71 61.30
N ARG M 746 -26.31 -39.59 61.80
CA ARG M 746 -26.48 -39.20 63.21
C ARG M 746 -27.13 -37.83 63.35
N SER M 747 -27.90 -37.66 64.42
CA SER M 747 -28.61 -36.41 64.68
C SER M 747 -28.02 -35.56 65.80
N VAL M 748 -27.41 -34.45 65.38
CA VAL M 748 -26.80 -33.45 66.26
C VAL M 748 -25.94 -33.98 67.39
N ASP M 749 -26.56 -34.79 68.23
CA ASP M 749 -25.90 -35.37 69.38
C ASP M 749 -24.59 -36.09 69.04
N GLY M 750 -24.49 -36.61 67.82
CA GLY M 750 -23.30 -37.32 67.41
C GLY M 750 -22.49 -36.60 66.33
N GLU M 751 -22.70 -35.31 66.18
CA GLU M 751 -21.98 -34.53 65.19
C GLU M 751 -20.56 -35.02 64.91
N GLY M 752 -19.72 -35.05 65.92
CA GLY M 752 -18.32 -35.46 65.79
C GLY M 752 -18.07 -36.68 64.88
N TYR M 753 -19.01 -37.60 64.83
CA TYR M 753 -18.84 -38.80 64.02
C TYR M 753 -19.32 -38.61 62.60
N ASN M 754 -19.77 -37.39 62.28
CA ASN M 754 -20.25 -37.09 60.94
C ASN M 754 -19.14 -36.62 60.04
N VAL M 755 -19.43 -36.53 58.74
CA VAL M 755 -18.44 -36.12 57.77
C VAL M 755 -19.07 -35.40 56.59
N ALA M 756 -18.22 -34.92 55.68
CA ALA M 756 -18.62 -34.24 54.46
C ALA M 756 -19.56 -33.05 54.60
N GLN M 757 -19.65 -32.49 55.81
CA GLN M 757 -20.52 -31.34 56.04
C GLN M 757 -22.00 -31.63 55.96
N CYS M 758 -22.37 -32.83 56.39
CA CYS M 758 -23.75 -33.25 56.43
C CYS M 758 -23.95 -34.20 57.60
N ASN M 759 -25.11 -34.84 57.67
CA ASN M 759 -25.39 -35.73 58.77
C ASN M 759 -24.95 -37.17 58.55
N MET M 760 -24.17 -37.42 57.50
CA MET M 760 -23.69 -38.77 57.24
C MET M 760 -22.52 -39.07 58.15
N THR M 761 -22.37 -40.33 58.54
CA THR M 761 -21.28 -40.70 59.42
C THR M 761 -19.99 -41.00 58.66
N LYS M 762 -18.89 -40.89 59.37
CA LYS M 762 -17.60 -41.19 58.79
C LYS M 762 -17.56 -42.64 58.34
N ASP M 763 -18.05 -43.50 59.22
CA ASP M 763 -18.11 -44.95 59.00
C ASP M 763 -18.79 -45.31 57.68
N TRP M 764 -20.00 -44.78 57.53
CA TRP M 764 -20.81 -45.03 56.35
C TRP M 764 -20.19 -44.47 55.08
N PHE M 765 -19.66 -43.25 55.16
CA PHE M 765 -19.04 -42.63 54.01
C PHE M 765 -17.88 -43.49 53.52
N LEU M 766 -17.17 -44.06 54.48
CA LEU M 766 -16.02 -44.91 54.21
C LEU M 766 -16.44 -46.18 53.48
N VAL M 767 -17.49 -46.81 53.99
CA VAL M 767 -18.00 -48.04 53.40
C VAL M 767 -18.52 -47.85 52.00
N GLN M 768 -19.29 -46.79 51.81
CA GLN M 768 -19.84 -46.51 50.51
C GLN M 768 -18.77 -46.20 49.47
N MET M 769 -17.75 -45.46 49.88
CA MET M 769 -16.65 -45.10 49.00
C MET M 769 -15.84 -46.31 48.56
N LEU M 770 -15.60 -47.20 49.50
CA LEU M 770 -14.83 -48.41 49.22
C LEU M 770 -15.64 -49.37 48.34
N ALA M 771 -16.86 -49.61 48.76
CA ALA M 771 -17.76 -50.50 48.06
C ALA M 771 -17.96 -50.11 46.60
N ASN M 772 -18.08 -48.81 46.35
CA ASN M 772 -18.29 -48.31 45.01
C ASN M 772 -17.01 -48.11 44.21
N TYR M 773 -15.96 -47.59 44.85
CA TYR M 773 -14.74 -47.34 44.13
C TYR M 773 -13.45 -47.80 44.76
N ASN M 774 -13.51 -48.51 45.88
CA ASN M 774 -12.28 -48.95 46.52
C ASN M 774 -11.48 -47.77 47.05
N ILE M 775 -12.13 -46.63 47.23
CA ILE M 775 -11.45 -45.44 47.74
C ILE M 775 -11.70 -45.31 49.24
N GLY M 776 -10.64 -45.13 50.02
CA GLY M 776 -10.89 -44.98 51.45
C GLY M 776 -9.68 -45.17 52.35
N TYR M 777 -8.84 -46.16 52.04
CA TYR M 777 -7.68 -46.42 52.87
C TYR M 777 -6.49 -45.54 52.54
N GLN M 778 -6.52 -44.95 51.36
CA GLN M 778 -5.43 -44.10 50.96
C GLN M 778 -5.90 -42.71 50.58
N GLY M 779 -6.82 -42.20 51.40
CA GLY M 779 -7.37 -40.89 51.20
C GLY M 779 -8.67 -40.90 50.41
N PHE M 780 -9.41 -39.82 50.59
CA PHE M 780 -10.69 -39.61 49.92
C PHE M 780 -10.51 -38.58 48.81
N TYR M 781 -11.09 -38.87 47.66
CA TYR M 781 -11.01 -37.96 46.54
C TYR M 781 -12.13 -38.27 45.57
N ILE M 782 -12.36 -37.37 44.63
CA ILE M 782 -13.40 -37.62 43.67
C ILE M 782 -13.03 -38.77 42.77
N PRO M 783 -13.90 -39.76 42.68
CA PRO M 783 -13.64 -40.93 41.86
C PRO M 783 -13.53 -40.57 40.39
N GLU M 784 -12.80 -41.40 39.63
CA GLU M 784 -12.66 -41.16 38.20
C GLU M 784 -14.03 -41.28 37.55
N SER M 785 -14.36 -40.32 36.70
CA SER M 785 -15.63 -40.25 36.01
C SER M 785 -16.16 -41.55 35.41
N TYR M 786 -15.29 -42.34 34.78
CA TYR M 786 -15.79 -43.56 34.21
C TYR M 786 -16.29 -44.57 35.24
N LYS M 787 -15.87 -44.40 36.51
CA LYS M 787 -16.28 -45.30 37.59
C LYS M 787 -17.47 -44.76 38.34
N ASP M 788 -17.72 -43.47 38.16
CA ASP M 788 -18.81 -42.77 38.80
C ASP M 788 -19.96 -42.58 37.82
N ARG M 789 -20.75 -43.64 37.65
CA ARG M 789 -21.86 -43.60 36.71
C ARG M 789 -23.16 -43.01 37.22
N MET M 790 -24.19 -43.12 36.40
CA MET M 790 -25.51 -42.59 36.69
C MET M 790 -26.10 -43.04 38.01
N TYR M 791 -26.04 -44.33 38.26
CA TYR M 791 -26.60 -44.90 39.46
C TYR M 791 -25.57 -45.10 40.56
N SER M 792 -24.45 -44.38 40.47
CA SER M 792 -23.40 -44.49 41.46
C SER M 792 -23.65 -43.64 42.71
N PHE M 793 -22.84 -43.90 43.72
CA PHE M 793 -22.93 -43.23 44.99
C PHE M 793 -22.60 -41.75 44.98
N PHE M 794 -21.32 -41.45 44.73
CA PHE M 794 -20.81 -40.09 44.72
C PHE M 794 -21.57 -39.11 43.84
N ARG M 795 -21.69 -39.45 42.56
CA ARG M 795 -22.36 -38.63 41.58
C ARG M 795 -23.76 -38.20 42.04
N ASN M 796 -24.37 -39.01 42.91
CA ASN M 796 -25.72 -38.76 43.43
C ASN M 796 -25.77 -38.21 44.85
N PHE M 797 -24.61 -38.09 45.49
CA PHE M 797 -24.52 -37.60 46.85
C PHE M 797 -24.61 -36.08 46.94
N GLN M 798 -25.60 -35.59 47.69
CA GLN M 798 -25.85 -34.16 47.86
C GLN M 798 -26.04 -33.73 49.31
N PRO M 799 -24.97 -33.23 49.93
CA PRO M 799 -25.07 -32.78 51.30
C PRO M 799 -25.67 -31.38 51.36
N MET M 800 -26.58 -31.13 52.31
CA MET M 800 -27.21 -29.83 52.43
C MET M 800 -27.26 -29.29 53.86
N SER M 801 -27.33 -27.97 53.93
CA SER M 801 -27.40 -27.23 55.17
C SER M 801 -28.20 -25.95 55.02
N ARG M 802 -28.79 -25.51 56.12
CA ARG M 802 -29.56 -24.30 56.16
C ARG M 802 -29.81 -23.91 57.59
N GLN M 803 -30.24 -22.67 57.77
CA GLN M 803 -30.52 -22.14 59.08
C GLN M 803 -31.96 -21.71 59.18
N VAL M 804 -32.53 -21.84 60.38
CA VAL M 804 -33.90 -21.46 60.65
C VAL M 804 -33.97 -20.82 62.02
N VAL M 805 -34.97 -19.99 62.26
CA VAL M 805 -35.11 -19.34 63.55
C VAL M 805 -35.15 -20.35 64.68
N ASP M 806 -34.49 -20.01 65.77
CA ASP M 806 -34.51 -20.90 66.91
C ASP M 806 -35.72 -20.48 67.74
N ASP M 807 -36.79 -21.26 67.62
CA ASP M 807 -38.02 -20.97 68.33
C ASP M 807 -37.89 -20.94 69.85
N THR M 808 -36.86 -21.57 70.39
CA THR M 808 -36.68 -21.61 71.83
C THR M 808 -35.67 -20.61 72.39
N LYS M 809 -35.01 -19.85 71.54
CA LYS M 809 -34.05 -18.88 72.05
C LYS M 809 -34.27 -17.46 71.54
N TYR M 810 -35.04 -17.31 70.46
CA TYR M 810 -35.34 -16.00 69.91
C TYR M 810 -36.49 -15.40 70.70
N LYS M 811 -36.16 -14.52 71.62
CA LYS M 811 -37.11 -13.86 72.49
C LYS M 811 -38.43 -13.43 71.85
N ASP M 812 -38.36 -12.79 70.69
CA ASP M 812 -39.56 -12.29 70.01
C ASP M 812 -40.23 -13.26 69.06
N TYR M 813 -39.83 -14.52 69.10
CA TYR M 813 -40.42 -15.52 68.23
C TYR M 813 -41.93 -15.52 68.23
N GLN M 814 -42.50 -15.67 67.03
CA GLN M 814 -43.93 -15.70 66.80
C GLN M 814 -44.26 -16.77 65.75
N GLN M 815 -45.09 -17.73 66.14
CA GLN M 815 -45.46 -18.80 65.22
C GLN M 815 -46.60 -18.37 64.32
N VAL M 816 -46.25 -17.84 63.15
CA VAL M 816 -47.23 -17.37 62.19
C VAL M 816 -47.34 -18.30 60.99
N GLY M 817 -48.56 -18.78 60.72
CA GLY M 817 -48.82 -19.68 59.61
C GLY M 817 -49.18 -18.94 58.32
N ILE M 818 -49.35 -19.69 57.22
CA ILE M 818 -49.68 -19.07 55.95
C ILE M 818 -50.89 -18.15 56.03
N LEU M 819 -51.90 -18.61 56.75
CA LEU M 819 -53.11 -17.85 56.91
C LEU M 819 -52.86 -16.42 57.33
N HIS M 820 -51.77 -16.21 58.06
CA HIS M 820 -51.44 -14.89 58.57
C HIS M 820 -50.13 -14.29 58.13
N GLN M 821 -49.48 -14.92 57.17
CA GLN M 821 -48.23 -14.35 56.74
C GLN M 821 -48.50 -13.36 55.63
N HIS M 822 -47.81 -12.24 55.70
CA HIS M 822 -47.97 -11.23 54.68
C HIS M 822 -46.65 -10.69 54.17
N ASN M 823 -46.49 -10.87 52.86
CA ASN M 823 -45.33 -10.46 52.10
C ASN M 823 -45.81 -10.30 50.68
N ASN M 824 -45.75 -9.06 50.19
CA ASN M 824 -46.21 -8.73 48.86
C ASN M 824 -47.72 -8.47 48.87
N SER M 825 -48.23 -8.28 50.08
CA SER M 825 -49.63 -7.99 50.26
C SER M 825 -50.01 -6.83 49.38
N GLY M 826 -51.15 -6.95 48.73
CA GLY M 826 -51.59 -5.90 47.85
C GLY M 826 -51.11 -6.13 46.43
N PHE M 827 -50.20 -7.09 46.26
CA PHE M 827 -49.67 -7.38 44.93
C PHE M 827 -49.84 -8.84 44.53
N VAL M 828 -50.33 -9.65 45.46
CA VAL M 828 -50.52 -11.07 45.24
C VAL M 828 -51.90 -11.56 45.70
N GLY M 829 -52.35 -12.69 45.16
CA GLY M 829 -53.65 -13.23 45.56
C GLY M 829 -53.52 -13.87 46.94
N TYR M 830 -54.63 -14.02 47.64
CA TYR M 830 -54.61 -14.58 48.99
C TYR M 830 -54.87 -16.08 49.02
N LEU M 831 -53.90 -16.84 49.52
CA LEU M 831 -53.98 -18.30 49.63
C LEU M 831 -54.32 -18.97 48.31
N ALA M 832 -53.94 -18.34 47.21
CA ALA M 832 -54.22 -18.87 45.90
C ALA M 832 -53.54 -18.10 44.78
N PRO M 833 -53.47 -18.74 43.61
CA PRO M 833 -52.84 -18.16 42.44
C PRO M 833 -53.78 -17.22 41.71
N THR M 834 -54.59 -16.48 42.47
CA THR M 834 -55.52 -15.58 41.85
C THR M 834 -55.06 -14.15 41.77
N MET M 835 -56.05 -13.30 41.46
CA MET M 835 -55.90 -11.88 41.31
C MET M 835 -55.37 -11.21 42.57
N ARG M 836 -54.63 -10.13 42.37
CA ARG M 836 -54.08 -9.40 43.49
C ARG M 836 -55.18 -8.82 44.38
N GLU M 837 -54.82 -8.67 45.64
CA GLU M 837 -55.70 -8.12 46.64
C GLU M 837 -54.88 -7.64 47.81
N GLY M 838 -55.52 -6.94 48.73
CA GLY M 838 -54.82 -6.45 49.89
C GLY M 838 -54.29 -5.05 49.65
N GLN M 839 -53.26 -4.71 50.43
CA GLN M 839 -52.64 -3.42 50.37
C GLN M 839 -51.18 -3.49 50.74
N ALA M 840 -50.42 -2.53 50.26
CA ALA M 840 -49.01 -2.47 50.58
C ALA M 840 -48.87 -2.50 52.08
N TYR M 841 -47.80 -3.10 52.56
CA TYR M 841 -47.57 -3.19 53.98
C TYR M 841 -46.30 -3.95 54.31
N PRO M 842 -45.59 -3.46 55.31
CA PRO M 842 -44.38 -4.11 55.73
C PRO M 842 -44.62 -5.60 55.94
N ALA M 843 -43.76 -6.42 55.33
CA ALA M 843 -43.89 -7.85 55.46
C ALA M 843 -43.68 -8.25 56.90
N ASN M 844 -44.32 -9.33 57.32
CA ASN M 844 -44.21 -9.83 58.67
C ASN M 844 -43.53 -11.18 58.67
N PHE M 845 -43.02 -11.55 57.51
CA PHE M 845 -42.39 -12.82 57.31
C PHE M 845 -41.65 -12.79 55.98
N PRO M 846 -40.54 -13.51 55.85
CA PRO M 846 -39.94 -14.37 56.86
C PRO M 846 -39.00 -13.63 57.79
N TYR M 847 -38.48 -14.36 58.78
CA TYR M 847 -37.53 -13.80 59.72
C TYR M 847 -36.17 -13.62 59.08
N PRO M 848 -35.54 -12.49 59.38
CA PRO M 848 -34.22 -12.20 58.84
C PRO M 848 -33.14 -13.07 59.49
N LEU M 849 -32.40 -13.78 58.65
CA LEU M 849 -31.33 -14.64 59.13
C LEU M 849 -29.97 -13.98 58.94
N ILE M 850 -30.02 -12.81 58.33
CA ILE M 850 -28.83 -12.04 58.05
C ILE M 850 -29.00 -10.60 58.53
N GLY M 851 -27.90 -9.85 58.50
CA GLY M 851 -27.90 -8.45 58.92
C GLY M 851 -27.56 -8.26 60.40
N LYS M 852 -27.63 -6.99 60.83
CA LYS M 852 -27.36 -6.61 62.20
C LYS M 852 -28.49 -7.00 63.12
N THR M 853 -29.59 -7.43 62.50
CA THR M 853 -30.80 -7.79 63.21
C THR M 853 -31.19 -9.27 63.15
N ALA M 854 -30.37 -10.07 62.47
CA ALA M 854 -30.62 -11.50 62.35
C ALA M 854 -31.05 -12.13 63.67
N VAL M 855 -31.99 -13.06 63.57
CA VAL M 855 -32.53 -13.75 64.73
C VAL M 855 -31.67 -14.94 65.13
N ASP M 856 -31.81 -15.32 66.39
CA ASP M 856 -31.10 -16.47 66.88
C ASP M 856 -31.48 -17.64 66.00
N SER M 857 -30.49 -18.34 65.48
CA SER M 857 -30.79 -19.45 64.59
C SER M 857 -30.31 -20.78 65.06
N ILE M 858 -30.74 -21.78 64.30
CA ILE M 858 -30.41 -23.17 64.52
C ILE M 858 -30.05 -23.79 63.19
N THR M 859 -29.06 -24.68 63.21
CA THR M 859 -28.59 -25.32 62.00
C THR M 859 -29.17 -26.69 61.70
N GLN M 860 -29.47 -26.91 60.42
CA GLN M 860 -30.01 -28.16 59.93
C GLN M 860 -29.19 -28.73 58.79
N LYS M 861 -28.83 -30.00 58.91
CA LYS M 861 -28.06 -30.70 57.90
C LYS M 861 -28.73 -32.01 57.53
N LYS M 862 -28.62 -32.34 56.24
CA LYS M 862 -29.17 -33.57 55.73
C LYS M 862 -28.50 -33.88 54.41
N PHE M 863 -29.08 -34.82 53.69
CA PHE M 863 -28.54 -35.20 52.41
C PHE M 863 -29.52 -36.02 51.61
N LEU M 864 -29.31 -35.98 50.30
CA LEU M 864 -30.07 -36.71 49.34
C LEU M 864 -29.11 -37.67 48.67
N CYS M 865 -29.61 -38.79 48.20
CA CYS M 865 -28.76 -39.75 47.53
C CYS M 865 -29.61 -40.62 46.63
N ASP M 866 -30.25 -39.92 45.70
CA ASP M 866 -31.15 -40.51 44.72
C ASP M 866 -30.49 -41.46 43.75
N ARG M 867 -31.36 -42.19 43.10
CA ARG M 867 -31.08 -43.18 42.08
C ARG M 867 -29.86 -44.08 42.28
N THR M 868 -29.67 -44.55 43.51
CA THR M 868 -28.58 -45.45 43.83
C THR M 868 -29.01 -46.44 44.89
N LEU M 869 -28.20 -47.47 45.11
CA LEU M 869 -28.50 -48.48 46.10
C LEU M 869 -27.45 -48.47 47.19
N TRP M 870 -27.88 -48.56 48.45
CA TRP M 870 -26.94 -48.61 49.56
C TRP M 870 -26.19 -49.93 49.45
N ARG M 871 -24.90 -49.94 49.73
CA ARG M 871 -24.16 -51.20 49.61
C ARG M 871 -23.32 -51.62 50.81
N ILE M 872 -23.36 -52.92 51.08
CA ILE M 872 -22.62 -53.58 52.13
C ILE M 872 -22.08 -54.90 51.57
N PRO M 873 -20.86 -54.82 51.06
CA PRO M 873 -20.20 -55.96 50.46
C PRO M 873 -19.74 -56.99 51.46
N PHE M 874 -19.83 -58.24 51.05
CA PHE M 874 -19.39 -59.32 51.90
C PHE M 874 -17.92 -59.60 51.63
N SER M 875 -17.13 -58.56 51.92
CA SER M 875 -15.68 -58.57 51.74
C SER M 875 -14.98 -58.14 53.02
N SER M 876 -13.91 -58.85 53.37
CA SER M 876 -13.15 -58.57 54.58
C SER M 876 -12.75 -57.11 54.79
N ASN M 877 -12.47 -56.39 53.71
CA ASN M 877 -12.07 -55.00 53.82
C ASN M 877 -13.02 -54.08 53.07
N PHE M 878 -14.20 -54.62 52.76
CA PHE M 878 -15.24 -53.93 52.02
C PHE M 878 -14.85 -53.62 50.60
N MET M 879 -13.62 -53.97 50.22
CA MET M 879 -13.19 -53.69 48.86
C MET M 879 -13.57 -54.76 47.86
N SER M 880 -13.49 -54.36 46.60
CA SER M 880 -13.77 -55.25 45.49
C SER M 880 -12.46 -55.86 45.03
N MET M 881 -12.32 -57.15 45.31
CA MET M 881 -11.14 -57.88 44.95
C MET M 881 -11.48 -59.07 44.06
N GLY M 882 -12.71 -59.05 43.56
CA GLY M 882 -13.21 -60.12 42.70
C GLY M 882 -14.67 -60.44 42.96
N ALA M 883 -15.36 -60.87 41.91
CA ALA M 883 -16.77 -61.22 42.00
C ALA M 883 -17.00 -62.19 43.13
N LEU M 884 -16.15 -63.21 43.19
CA LEU M 884 -16.20 -64.23 44.20
C LEU M 884 -15.33 -63.75 45.35
N THR M 885 -16.00 -63.13 46.33
CA THR M 885 -15.38 -62.55 47.50
C THR M 885 -14.59 -63.48 48.41
N ASP M 886 -13.74 -62.88 49.25
CA ASP M 886 -12.91 -63.65 50.16
C ASP M 886 -13.75 -64.33 51.23
N LEU M 887 -14.76 -63.60 51.74
CA LEU M 887 -15.64 -64.14 52.75
C LEU M 887 -16.56 -65.22 52.19
N GLY M 888 -17.06 -64.95 50.99
CA GLY M 888 -17.94 -65.87 50.32
C GLY M 888 -17.26 -67.22 50.10
N GLN M 889 -15.92 -67.24 50.24
CA GLN M 889 -15.19 -68.48 50.04
C GLN M 889 -14.55 -69.05 51.30
N ASN M 890 -14.87 -68.44 52.44
CA ASN M 890 -14.39 -68.85 53.75
C ASN M 890 -15.00 -70.17 54.19
N LEU M 891 -14.16 -71.06 54.71
CA LEU M 891 -14.62 -72.36 55.15
C LEU M 891 -15.76 -72.24 56.14
N LEU M 892 -15.70 -71.22 56.97
CA LEU M 892 -16.75 -71.02 57.94
C LEU M 892 -18.10 -70.79 57.30
N TYR M 893 -18.12 -70.34 56.05
CA TYR M 893 -19.40 -70.13 55.39
C TYR M 893 -19.78 -71.28 54.46
N ALA M 894 -18.84 -72.20 54.26
CA ALA M 894 -19.04 -73.36 53.40
C ALA M 894 -19.29 -74.64 54.17
N ASN M 895 -18.48 -74.86 55.21
CA ASN M 895 -18.59 -76.06 56.03
C ASN M 895 -19.85 -76.09 56.86
N SER M 896 -20.63 -75.01 56.81
CA SER M 896 -21.85 -75.01 57.61
C SER M 896 -22.87 -73.95 57.24
N ALA M 897 -24.08 -74.21 57.71
CA ALA M 897 -25.21 -73.34 57.49
C ALA M 897 -25.32 -72.34 58.63
N HIS M 898 -25.81 -71.15 58.28
CA HIS M 898 -25.98 -70.09 59.23
C HIS M 898 -27.31 -69.41 59.07
N ALA M 899 -27.79 -68.85 60.16
CA ALA M 899 -29.03 -68.11 60.17
C ALA M 899 -28.66 -66.64 60.17
N LEU M 900 -29.51 -65.79 59.60
CA LEU M 900 -29.16 -64.39 59.56
C LEU M 900 -30.28 -63.48 60.03
N ASP M 901 -29.89 -62.50 60.83
CA ASP M 901 -30.82 -61.52 61.35
C ASP M 901 -30.35 -60.12 61.01
N MET M 902 -31.27 -59.33 60.48
CA MET M 902 -31.00 -57.97 60.10
C MET M 902 -32.00 -57.03 60.75
N THR M 903 -31.51 -55.89 61.18
CA THR M 903 -32.37 -54.92 61.81
C THR M 903 -32.15 -53.54 61.24
N PHE M 904 -33.16 -53.05 60.55
CA PHE M 904 -33.11 -51.75 59.94
C PHE M 904 -33.87 -50.72 60.75
N GLU M 905 -33.30 -49.53 60.80
CA GLU M 905 -33.90 -48.41 61.49
C GLU M 905 -34.12 -47.31 60.46
N VAL M 906 -35.36 -46.92 60.26
CA VAL M 906 -35.66 -45.91 59.27
C VAL M 906 -36.47 -44.76 59.83
N ASP M 907 -36.49 -43.68 59.06
CA ASP M 907 -37.27 -42.53 59.44
C ASP M 907 -38.71 -42.91 59.21
N PRO M 908 -39.61 -42.41 60.05
CA PRO M 908 -41.02 -42.75 59.90
C PRO M 908 -41.67 -42.02 58.74
N MET M 909 -42.53 -42.75 58.06
CA MET M 909 -43.28 -42.22 56.93
C MET M 909 -44.75 -42.48 57.16
N ASP M 910 -45.57 -41.49 56.89
CA ASP M 910 -47.01 -41.60 57.09
C ASP M 910 -47.71 -42.47 56.07
N GLU M 911 -46.96 -43.33 55.39
CA GLU M 911 -47.55 -44.20 54.39
C GLU M 911 -46.86 -45.54 54.32
N PRO M 912 -47.60 -46.58 53.92
CA PRO M 912 -46.98 -47.87 53.81
C PRO M 912 -45.85 -47.88 52.80
N THR M 913 -44.72 -48.42 53.24
CA THR M 913 -43.55 -48.49 52.39
C THR M 913 -42.97 -49.89 52.40
N LEU M 914 -41.89 -50.06 51.68
CA LEU M 914 -41.23 -51.34 51.61
C LEU M 914 -39.73 -51.20 51.74
N LEU M 915 -39.14 -52.15 52.42
CA LEU M 915 -37.70 -52.20 52.57
C LEU M 915 -37.28 -53.22 51.52
N TYR M 916 -36.56 -52.74 50.51
CA TYR M 916 -36.14 -53.60 49.42
C TYR M 916 -34.71 -54.09 49.59
N VAL M 917 -34.56 -55.40 49.80
CA VAL M 917 -33.25 -55.98 49.98
C VAL M 917 -32.80 -56.89 48.85
N LEU M 918 -31.59 -56.60 48.37
CA LEU M 918 -30.99 -57.37 47.31
C LEU M 918 -29.92 -58.24 47.93
N PHE M 919 -30.07 -59.55 47.81
CA PHE M 919 -29.08 -60.44 48.33
C PHE M 919 -28.17 -60.79 47.16
N GLU M 920 -26.99 -60.19 47.12
CA GLU M 920 -26.06 -60.43 46.04
C GLU M 920 -25.50 -61.84 45.96
N VAL M 921 -25.70 -62.46 44.80
CA VAL M 921 -25.26 -63.82 44.55
C VAL M 921 -24.88 -64.02 43.11
N PHE M 922 -24.71 -65.30 42.78
CA PHE M 922 -24.40 -65.71 41.45
C PHE M 922 -25.66 -66.32 40.85
N ASP M 923 -26.08 -65.73 39.74
CA ASP M 923 -27.25 -66.14 39.00
C ASP M 923 -26.74 -66.49 37.62
N VAL M 924 -26.44 -67.77 37.42
CA VAL M 924 -25.85 -68.24 36.18
C VAL M 924 -26.56 -69.36 35.46
N VAL M 925 -26.23 -69.43 34.18
CA VAL M 925 -26.71 -70.42 33.23
C VAL M 925 -25.59 -70.91 32.35
N ARG M 926 -25.66 -72.19 32.02
CA ARG M 926 -24.74 -72.84 31.11
C ARG M 926 -25.56 -73.44 29.99
N VAL M 927 -25.27 -73.02 28.76
CA VAL M 927 -26.04 -73.50 27.62
C VAL M 927 -25.33 -74.56 26.80
N HIS M 928 -26.04 -75.68 26.61
CA HIS M 928 -25.56 -76.81 25.86
C HIS M 928 -26.39 -77.00 24.61
N ARG M 929 -25.72 -77.16 23.46
CA ARG M 929 -26.42 -77.34 22.20
C ARG M 929 -25.87 -78.51 21.39
N PRO M 930 -25.97 -79.70 21.97
CA PRO M 930 -25.48 -80.96 21.41
C PRO M 930 -25.91 -81.27 19.98
N HIS M 931 -27.16 -80.99 19.63
CA HIS M 931 -27.63 -81.30 18.28
C HIS M 931 -28.59 -80.28 17.70
N ARG M 932 -28.79 -80.41 16.40
CA ARG M 932 -29.70 -79.56 15.66
C ARG M 932 -31.03 -79.45 16.37
N GLY M 933 -31.46 -78.23 16.64
CA GLY M 933 -32.73 -77.98 17.30
C GLY M 933 -32.83 -78.52 18.72
N VAL M 934 -31.73 -78.49 19.45
CA VAL M 934 -31.68 -78.97 20.82
C VAL M 934 -30.93 -78.02 21.74
N ILE M 935 -31.66 -77.43 22.67
CA ILE M 935 -31.10 -76.51 23.65
C ILE M 935 -31.32 -76.98 25.08
N GLU M 936 -30.24 -77.30 25.74
CA GLU M 936 -30.32 -77.75 27.12
C GLU M 936 -29.64 -76.73 28.02
N THR M 937 -30.28 -76.40 29.15
CA THR M 937 -29.70 -75.41 30.03
C THR M 937 -29.53 -75.91 31.45
N VAL M 938 -28.56 -75.32 32.13
CA VAL M 938 -28.29 -75.63 33.50
C VAL M 938 -28.24 -74.35 34.31
N TYR M 939 -29.26 -74.14 35.12
CA TYR M 939 -29.31 -72.96 35.94
C TYR M 939 -28.78 -73.24 37.33
N LEU M 940 -28.06 -72.27 37.86
CA LEU M 940 -27.50 -72.38 39.19
C LEU M 940 -27.49 -71.00 39.83
N ARG M 941 -28.16 -70.90 40.98
CA ARG M 941 -28.21 -69.65 41.71
C ARG M 941 -27.73 -69.82 43.14
N THR M 942 -26.55 -69.31 43.43
CA THR M 942 -26.02 -69.41 44.77
C THR M 942 -25.33 -68.15 45.27
N PRO M 943 -25.59 -67.87 46.54
CA PRO M 943 -26.47 -68.70 47.34
C PRO M 943 -27.93 -68.54 46.94
N PHE M 944 -28.85 -68.94 47.81
CA PHE M 944 -30.27 -68.82 47.53
C PHE M 944 -30.69 -69.61 46.30
N SER M 945 -30.42 -70.91 46.32
CA SER M 945 -30.78 -71.76 45.19
C SER M 945 -32.30 -71.83 45.05
N ALA M 946 -32.75 -71.85 43.80
CA ALA M 946 -34.18 -71.91 43.52
C ALA M 946 -34.65 -73.36 43.49
N MET N 5 -58.15 -119.79 -17.11
CA MET N 5 -56.83 -119.24 -17.38
C MET N 5 -56.24 -119.72 -18.70
N MET N 6 -54.91 -119.72 -18.75
CA MET N 6 -54.12 -120.11 -19.89
C MET N 6 -54.83 -120.59 -21.17
N PRO N 7 -55.06 -121.90 -21.28
CA PRO N 7 -55.65 -122.56 -22.44
C PRO N 7 -56.68 -121.80 -23.25
N GLN N 8 -57.85 -121.54 -22.69
CA GLN N 8 -58.85 -120.82 -23.45
C GLN N 8 -58.34 -119.49 -23.93
N TRP N 9 -57.61 -118.81 -23.04
CA TRP N 9 -57.05 -117.51 -23.34
C TRP N 9 -56.20 -117.46 -24.60
N SER N 10 -55.24 -118.38 -24.72
CA SER N 10 -54.39 -118.39 -25.89
C SER N 10 -55.16 -118.81 -27.14
N TYR N 11 -56.00 -119.82 -26.97
CA TYR N 11 -56.80 -120.32 -28.07
C TYR N 11 -57.70 -119.24 -28.65
N MET N 12 -58.36 -118.49 -27.76
CA MET N 12 -59.26 -117.43 -28.15
C MET N 12 -58.54 -116.12 -28.42
N HIS N 13 -57.23 -116.12 -28.19
CA HIS N 13 -56.39 -114.96 -28.40
C HIS N 13 -56.60 -113.84 -27.40
N ILE N 14 -57.19 -114.19 -26.27
CA ILE N 14 -57.41 -113.20 -25.24
C ILE N 14 -56.05 -112.77 -24.70
N SER N 15 -55.11 -113.70 -24.85
CA SER N 15 -53.72 -113.56 -24.45
C SER N 15 -52.85 -114.36 -25.39
N GLY N 16 -51.53 -114.32 -25.18
CA GLY N 16 -50.62 -115.08 -26.03
C GLY N 16 -49.96 -114.25 -27.11
N GLN N 17 -49.71 -114.90 -28.25
CA GLN N 17 -49.06 -114.31 -29.40
C GLN N 17 -49.91 -113.39 -30.25
N ASP N 18 -49.20 -112.58 -31.02
CA ASP N 18 -49.77 -111.63 -31.95
C ASP N 18 -49.99 -112.35 -33.28
N ALA N 19 -50.93 -111.87 -34.08
CA ALA N 19 -51.21 -112.50 -35.35
C ALA N 19 -49.95 -112.80 -36.14
N SER N 20 -48.98 -111.90 -36.09
CA SER N 20 -47.73 -112.07 -36.82
C SER N 20 -46.95 -113.30 -36.37
N GLU N 21 -47.15 -113.70 -35.12
CA GLU N 21 -46.46 -114.86 -34.61
C GLU N 21 -47.30 -116.12 -34.65
N TYR N 22 -48.61 -115.97 -34.48
CA TYR N 22 -49.46 -117.14 -34.48
C TYR N 22 -49.89 -117.62 -35.87
N LEU N 23 -50.04 -116.69 -36.81
CA LEU N 23 -50.43 -117.08 -38.16
C LEU N 23 -49.25 -117.73 -38.86
N SER N 24 -49.53 -118.46 -39.93
CA SER N 24 -48.47 -119.08 -40.68
C SER N 24 -47.69 -118.00 -41.41
N PRO N 25 -46.41 -118.25 -41.63
CA PRO N 25 -45.55 -117.30 -42.30
C PRO N 25 -45.97 -116.95 -43.72
N GLY N 26 -46.49 -117.91 -44.46
CA GLY N 26 -46.93 -117.65 -45.82
C GLY N 26 -48.03 -116.61 -45.84
N LEU N 27 -48.99 -116.79 -44.93
CA LEU N 27 -50.13 -115.90 -44.79
C LEU N 27 -49.69 -114.51 -44.37
N VAL N 28 -48.78 -114.44 -43.40
CA VAL N 28 -48.27 -113.16 -42.94
C VAL N 28 -47.66 -112.40 -44.10
N GLN N 29 -46.84 -113.12 -44.86
CA GLN N 29 -46.18 -112.57 -46.02
C GLN N 29 -47.21 -112.05 -47.00
N PHE N 30 -48.14 -112.95 -47.33
CA PHE N 30 -49.21 -112.63 -48.25
C PHE N 30 -49.98 -111.39 -47.79
N ALA N 31 -50.33 -111.39 -46.51
CA ALA N 31 -51.06 -110.28 -45.93
C ALA N 31 -50.35 -108.97 -46.15
N ARG N 32 -49.05 -108.97 -45.86
CA ARG N 32 -48.24 -107.79 -46.01
C ARG N 32 -48.17 -107.30 -47.44
N ALA N 33 -48.13 -108.25 -48.37
CA ALA N 33 -48.04 -107.92 -49.79
C ALA N 33 -49.35 -107.41 -50.40
N THR N 34 -50.48 -107.90 -49.90
CA THR N 34 -51.80 -107.52 -50.40
C THR N 34 -52.40 -106.31 -49.71
N GLU N 35 -51.86 -105.97 -48.55
CA GLU N 35 -52.32 -104.86 -47.73
C GLU N 35 -53.01 -103.68 -48.42
N THR N 36 -52.32 -103.01 -49.34
CA THR N 36 -52.89 -101.86 -50.02
C THR N 36 -54.09 -102.12 -50.90
N TYR N 37 -54.32 -103.37 -51.29
CA TYR N 37 -55.45 -103.62 -52.17
C TYR N 37 -56.51 -104.56 -51.64
N PHE N 38 -56.16 -105.31 -50.60
CA PHE N 38 -57.08 -106.25 -50.02
C PHE N 38 -56.58 -106.63 -48.63
N SER N 39 -57.21 -106.05 -47.61
CA SER N 39 -56.78 -106.29 -46.25
C SER N 39 -57.40 -107.42 -45.42
N LEU N 40 -56.49 -108.09 -44.71
CA LEU N 40 -56.78 -109.22 -43.85
C LEU N 40 -56.54 -108.91 -42.38
N ASN N 41 -56.02 -107.71 -42.12
CA ASN N 41 -55.72 -107.29 -40.76
C ASN N 41 -56.86 -107.37 -39.76
N ASN N 42 -58.06 -106.95 -40.14
CA ASN N 42 -59.14 -106.98 -39.18
C ASN N 42 -59.82 -108.31 -38.95
N LYS N 43 -59.22 -109.41 -39.41
CA LYS N 43 -59.85 -110.70 -39.17
C LYS N 43 -59.05 -111.61 -38.26
N PHE N 44 -58.00 -111.06 -37.68
CA PHE N 44 -57.14 -111.78 -36.77
C PHE N 44 -56.88 -110.94 -35.54
N ARG N 45 -57.32 -111.41 -34.38
CA ARG N 45 -57.11 -110.64 -33.18
C ARG N 45 -55.72 -110.67 -32.59
N ASN N 46 -55.37 -109.52 -32.04
CA ASN N 46 -54.10 -109.26 -31.40
C ASN N 46 -54.34 -108.85 -29.96
N PRO N 47 -53.99 -109.75 -29.06
CA PRO N 47 -54.16 -109.56 -27.65
C PRO N 47 -53.30 -108.43 -27.08
N THR N 48 -53.81 -107.81 -26.02
CA THR N 48 -53.13 -106.75 -25.29
C THR N 48 -53.26 -107.09 -23.82
N VAL N 49 -52.12 -107.40 -23.24
CA VAL N 49 -52.06 -107.79 -21.85
C VAL N 49 -51.34 -106.82 -20.96
N ALA N 50 -52.02 -106.39 -19.90
CA ALA N 50 -51.40 -105.49 -18.97
C ALA N 50 -50.36 -106.22 -18.14
N PRO N 51 -49.36 -105.47 -17.67
CA PRO N 51 -48.31 -106.03 -16.85
C PRO N 51 -48.88 -106.38 -15.50
N THR N 52 -48.35 -107.43 -14.87
CA THR N 52 -48.85 -107.86 -13.58
C THR N 52 -47.97 -107.58 -12.38
N HIS N 53 -46.75 -107.10 -12.60
CA HIS N 53 -45.86 -106.84 -11.49
C HIS N 53 -44.96 -105.62 -11.69
N ASP N 54 -44.51 -105.06 -10.58
CA ASP N 54 -43.60 -103.92 -10.57
C ASP N 54 -44.17 -102.63 -11.14
N VAL N 55 -45.46 -102.42 -10.98
CA VAL N 55 -46.06 -101.20 -11.50
C VAL N 55 -46.79 -100.47 -10.40
N THR N 56 -47.74 -101.19 -9.81
CA THR N 56 -48.57 -100.67 -8.75
C THR N 56 -48.35 -101.38 -7.42
N THR N 57 -48.73 -100.70 -6.35
CA THR N 57 -48.60 -101.25 -5.01
C THR N 57 -49.75 -102.15 -4.65
N ASP N 58 -49.47 -103.02 -3.69
CA ASP N 58 -50.43 -103.96 -3.17
C ASP N 58 -50.82 -103.41 -1.82
N ARG N 59 -49.94 -102.53 -1.35
CA ARG N 59 -50.08 -101.88 -0.08
C ARG N 59 -51.11 -100.76 -0.05
N SER N 60 -51.53 -100.45 1.17
CA SER N 60 -52.48 -99.40 1.45
C SER N 60 -51.83 -98.07 1.14
N GLN N 61 -52.53 -97.22 0.38
CA GLN N 61 -51.95 -95.95 0.00
C GLN N 61 -52.97 -95.06 -0.68
N ARG N 62 -53.03 -93.81 -0.24
CA ARG N 62 -53.94 -92.83 -0.79
C ARG N 62 -53.45 -92.35 -2.16
N LEU N 63 -54.38 -92.03 -3.04
CA LEU N 63 -53.97 -91.53 -4.34
C LEU N 63 -53.77 -90.03 -4.25
N THR N 64 -54.67 -89.44 -3.49
CA THR N 64 -54.66 -88.00 -3.27
C THR N 64 -54.55 -87.64 -1.80
N LEU N 65 -53.68 -86.68 -1.53
CA LEU N 65 -53.46 -86.16 -0.21
C LEU N 65 -53.81 -84.70 -0.18
N ARG N 66 -54.27 -84.25 0.97
CA ARG N 66 -54.59 -82.86 1.12
C ARG N 66 -53.84 -82.30 2.29
N PHE N 67 -53.24 -81.14 2.07
CA PHE N 67 -52.47 -80.47 3.08
C PHE N 67 -53.10 -79.17 3.54
N ILE N 68 -53.07 -79.01 4.86
CA ILE N 68 -53.58 -77.83 5.50
C ILE N 68 -52.44 -76.87 5.73
N PRO N 69 -52.69 -75.56 5.66
CA PRO N 69 -51.62 -74.63 5.86
C PRO N 69 -51.13 -74.63 7.29
N VAL N 70 -49.80 -74.59 7.38
CA VAL N 70 -49.06 -74.59 8.61
C VAL N 70 -49.00 -73.19 9.21
N ASP N 71 -49.03 -72.22 8.31
CA ASP N 71 -49.01 -70.81 8.63
C ASP N 71 -49.73 -70.03 7.57
N ARG N 72 -50.60 -69.13 8.01
CA ARG N 72 -51.37 -68.30 7.09
C ARG N 72 -51.28 -66.86 7.52
N GLU N 73 -51.29 -65.96 6.53
CA GLU N 73 -51.22 -64.55 6.82
C GLU N 73 -52.03 -63.70 5.87
N ASP N 74 -53.24 -63.41 6.31
CA ASP N 74 -54.18 -62.58 5.58
C ASP N 74 -53.80 -61.11 5.78
N THR N 75 -53.25 -60.48 4.74
CA THR N 75 -52.80 -59.10 4.80
C THR N 75 -53.66 -58.08 4.03
N ALA N 76 -53.26 -56.82 3.99
CA ALA N 76 -53.97 -55.77 3.30
C ALA N 76 -54.28 -56.03 1.83
N TYR N 77 -53.26 -56.41 1.05
CA TYR N 77 -53.48 -56.67 -0.36
C TYR N 77 -52.99 -58.05 -0.80
N SER N 78 -52.66 -58.89 0.17
CA SER N 78 -52.18 -60.21 -0.16
C SER N 78 -52.47 -61.27 0.88
N TYR N 79 -52.18 -62.49 0.49
CA TYR N 79 -52.38 -63.67 1.29
C TYR N 79 -51.22 -64.62 1.15
N LYS N 80 -50.68 -65.04 2.28
CA LYS N 80 -49.55 -65.96 2.32
C LYS N 80 -49.94 -67.29 2.92
N ALA N 81 -49.63 -68.38 2.23
CA ALA N 81 -49.96 -69.69 2.72
C ALA N 81 -48.74 -70.61 2.75
N ARG N 82 -48.52 -71.24 3.89
CA ARG N 82 -47.39 -72.11 4.04
C ARG N 82 -47.78 -73.54 4.33
N PHE N 83 -47.21 -74.46 3.55
CA PHE N 83 -47.51 -75.86 3.74
C PHE N 83 -46.25 -76.68 3.88
N THR N 84 -46.48 -77.86 4.41
CA THR N 84 -45.44 -78.85 4.58
C THR N 84 -45.76 -79.97 3.63
N LEU N 85 -45.29 -79.81 2.41
CA LEU N 85 -45.50 -80.79 1.37
C LEU N 85 -44.64 -82.00 1.69
N ALA N 86 -45.28 -83.10 2.05
CA ALA N 86 -44.53 -84.28 2.40
C ALA N 86 -44.64 -85.44 1.42
N VAL N 87 -43.48 -85.86 0.93
CA VAL N 87 -43.37 -86.98 0.01
C VAL N 87 -42.82 -88.18 0.77
N GLY N 88 -43.72 -89.10 1.05
CA GLY N 88 -43.36 -90.28 1.77
C GLY N 88 -42.39 -91.18 1.04
N ASP N 89 -41.81 -92.08 1.82
CA ASP N 89 -40.86 -93.05 1.33
C ASP N 89 -41.54 -94.00 0.36
N ASN N 90 -40.81 -94.35 -0.68
CA ASN N 90 -41.35 -95.26 -1.68
C ASN N 90 -42.41 -94.56 -2.52
N ARG N 91 -42.23 -93.26 -2.64
CA ARG N 91 -43.14 -92.44 -3.39
C ARG N 91 -42.43 -91.36 -4.17
N VAL N 92 -43.10 -90.96 -5.24
CA VAL N 92 -42.63 -89.91 -6.09
C VAL N 92 -43.82 -89.04 -6.44
N LEU N 93 -43.58 -87.74 -6.54
CA LEU N 93 -44.66 -86.81 -6.80
C LEU N 93 -44.38 -85.89 -7.98
N ASP N 94 -45.31 -85.90 -8.93
CA ASP N 94 -45.20 -85.05 -10.11
C ASP N 94 -45.90 -83.72 -9.83
N MET N 95 -45.08 -82.68 -9.65
CA MET N 95 -45.59 -81.36 -9.35
C MET N 95 -46.75 -80.90 -10.21
N ALA N 96 -46.80 -81.37 -11.45
CA ALA N 96 -47.88 -80.99 -12.33
C ALA N 96 -49.21 -81.41 -11.76
N SER N 97 -49.17 -82.38 -10.85
CA SER N 97 -50.39 -82.87 -10.25
C SER N 97 -50.80 -82.16 -8.96
N THR N 98 -50.20 -81.01 -8.68
CA THR N 98 -50.55 -80.26 -7.49
C THR N 98 -51.34 -79.00 -7.84
N TYR N 99 -52.07 -78.50 -6.87
CA TYR N 99 -52.86 -77.30 -7.06
C TYR N 99 -53.41 -76.79 -5.74
N PHE N 100 -53.66 -75.50 -5.70
CA PHE N 100 -54.19 -74.86 -4.51
C PHE N 100 -55.70 -74.77 -4.57
N ASP N 101 -56.36 -75.48 -3.66
CA ASP N 101 -57.81 -75.49 -3.58
C ASP N 101 -58.23 -74.30 -2.75
N ILE N 102 -58.98 -73.38 -3.35
CA ILE N 102 -59.37 -72.18 -2.62
C ILE N 102 -60.86 -71.96 -2.51
N ARG N 103 -61.28 -71.55 -1.31
CA ARG N 103 -62.65 -71.25 -1.03
C ARG N 103 -62.74 -69.86 -0.41
N GLY N 104 -63.69 -69.07 -0.88
CA GLY N 104 -63.86 -67.73 -0.37
C GLY N 104 -65.15 -67.12 -0.86
N VAL N 105 -65.29 -65.83 -0.65
CA VAL N 105 -66.48 -65.13 -1.07
C VAL N 105 -66.12 -63.98 -1.98
N LEU N 106 -66.95 -63.78 -2.97
CA LEU N 106 -66.72 -62.69 -3.89
C LEU N 106 -67.97 -61.90 -4.19
N ASP N 107 -67.81 -60.59 -4.17
CA ASP N 107 -68.88 -59.68 -4.49
C ASP N 107 -68.47 -58.91 -5.73
N ARG N 108 -69.12 -59.23 -6.84
CA ARG N 108 -68.82 -58.58 -8.10
C ARG N 108 -69.20 -57.11 -8.08
N GLY N 109 -69.91 -56.70 -7.05
CA GLY N 109 -70.32 -55.31 -6.94
C GLY N 109 -71.56 -55.01 -7.75
N PRO N 110 -71.98 -53.75 -7.70
CA PRO N 110 -73.17 -53.29 -8.38
C PRO N 110 -73.02 -53.10 -9.87
N THR N 111 -71.79 -52.98 -10.38
CA THR N 111 -71.62 -52.74 -11.80
C THR N 111 -71.65 -53.99 -12.68
N PHE N 112 -71.79 -55.15 -12.05
CA PHE N 112 -71.86 -56.40 -12.75
C PHE N 112 -73.22 -56.60 -13.39
N LYS N 113 -73.23 -56.81 -14.70
CA LYS N 113 -74.46 -57.03 -15.46
C LYS N 113 -74.21 -58.02 -16.59
N PRO N 114 -74.37 -59.29 -16.25
CA PRO N 114 -74.14 -60.41 -17.14
C PRO N 114 -75.11 -60.55 -18.31
N TYR N 115 -75.55 -59.42 -18.88
CA TYR N 115 -76.47 -59.53 -19.99
C TYR N 115 -76.82 -58.19 -20.61
N SER N 116 -77.42 -58.27 -21.80
CA SER N 116 -77.87 -57.10 -22.55
C SER N 116 -79.37 -56.95 -22.42
N GLY N 117 -79.86 -55.72 -22.50
CA GLY N 117 -81.29 -55.48 -22.39
C GLY N 117 -81.75 -55.44 -20.93
N THR N 118 -83.06 -55.63 -20.75
CA THR N 118 -83.71 -55.61 -19.46
C THR N 118 -84.31 -56.93 -19.09
N ALA N 119 -84.62 -57.04 -17.81
CA ALA N 119 -85.29 -58.20 -17.28
C ALA N 119 -86.74 -57.81 -17.03
N TYR N 120 -87.02 -56.51 -17.15
CA TYR N 120 -88.33 -55.94 -16.88
C TYR N 120 -89.01 -55.17 -18.00
N ASN N 121 -90.19 -55.65 -18.38
CA ASN N 121 -91.02 -55.04 -19.42
C ASN N 121 -90.24 -54.79 -20.70
N ALA N 122 -89.56 -55.84 -21.15
CA ALA N 122 -88.76 -55.78 -22.35
C ALA N 122 -89.55 -55.48 -23.61
N LEU N 123 -90.82 -55.87 -23.63
CA LEU N 123 -91.64 -55.64 -24.80
C LEU N 123 -92.27 -54.25 -24.87
N ALA N 124 -92.24 -53.55 -23.75
CA ALA N 124 -92.81 -52.22 -23.68
C ALA N 124 -92.02 -51.18 -24.44
N PRO N 125 -92.69 -50.34 -25.21
CA PRO N 125 -91.96 -49.31 -25.93
C PRO N 125 -91.13 -48.48 -24.95
N LYS N 126 -89.91 -48.18 -25.36
CA LYS N 126 -88.96 -47.44 -24.55
C LYS N 126 -89.38 -46.09 -23.98
N GLY N 127 -90.48 -45.52 -24.48
CA GLY N 127 -90.97 -44.23 -24.03
C GLY N 127 -92.34 -44.31 -23.35
N ALA N 128 -93.00 -45.44 -23.53
CA ALA N 128 -94.31 -45.66 -22.93
C ALA N 128 -94.19 -45.58 -21.42
N PRO N 129 -95.15 -44.91 -20.80
CA PRO N 129 -95.11 -44.76 -19.36
C PRO N 129 -96.05 -45.69 -18.64
N ASN N 130 -95.78 -45.85 -17.35
CA ASN N 130 -96.61 -46.67 -16.49
C ASN N 130 -97.82 -45.82 -16.17
N PRO N 131 -98.96 -46.44 -15.91
CA PRO N 131 -100.13 -45.65 -15.58
C PRO N 131 -99.82 -44.81 -14.35
N CYS N 132 -99.82 -43.50 -14.49
CA CYS N 132 -99.48 -42.62 -13.37
C CYS N 132 -100.46 -41.50 -13.09
N GLU N 133 -100.10 -40.69 -12.09
CA GLU N 133 -100.85 -39.54 -11.62
C GLU N 133 -99.92 -38.41 -11.24
N TRP N 134 -100.34 -37.17 -11.49
CA TRP N 134 -99.54 -36.02 -11.15
C TRP N 134 -100.35 -34.78 -10.85
N ASP N 135 -99.68 -33.74 -10.35
CA ASP N 135 -100.33 -32.50 -10.00
C ASP N 135 -100.15 -31.45 -11.09
N THR N 165 -104.78 -32.65 -9.84
CA THR N 165 -104.25 -33.99 -9.95
C THR N 165 -104.79 -34.72 -11.19
N HIS N 166 -103.87 -35.00 -12.11
CA HIS N 166 -104.23 -35.68 -13.34
C HIS N 166 -103.93 -37.16 -13.32
N VAL N 167 -104.62 -37.84 -14.21
CA VAL N 167 -104.48 -39.27 -14.36
C VAL N 167 -104.28 -39.65 -15.80
N PHE N 168 -103.40 -40.63 -15.97
CA PHE N 168 -103.06 -41.23 -17.23
C PHE N 168 -102.95 -42.71 -16.96
N GLY N 169 -103.97 -43.45 -17.35
CA GLY N 169 -103.95 -44.87 -17.09
C GLY N 169 -104.70 -45.74 -18.08
N GLN N 170 -104.95 -46.96 -17.63
CA GLN N 170 -105.63 -48.00 -18.38
C GLN N 170 -106.44 -48.90 -17.46
N ALA N 171 -107.60 -49.32 -17.96
CA ALA N 171 -108.51 -50.21 -17.25
C ALA N 171 -108.86 -51.35 -18.19
N PRO N 172 -108.12 -52.45 -18.08
CA PRO N 172 -108.29 -53.58 -18.95
C PRO N 172 -109.24 -54.64 -18.44
N TYR N 173 -109.51 -54.62 -17.14
CA TYR N 173 -110.39 -55.61 -16.56
C TYR N 173 -111.86 -55.26 -16.69
N SER N 174 -112.64 -56.17 -17.27
CA SER N 174 -114.07 -55.96 -17.42
C SER N 174 -114.82 -56.72 -16.34
N GLY N 175 -115.46 -55.96 -15.45
CA GLY N 175 -116.21 -56.53 -14.35
C GLY N 175 -117.71 -56.56 -14.58
N ILE N 176 -118.44 -57.00 -13.56
CA ILE N 176 -119.87 -57.11 -13.61
C ILE N 176 -120.55 -55.78 -13.33
N ASN N 177 -120.07 -55.11 -12.29
CA ASN N 177 -120.59 -53.81 -11.89
C ASN N 177 -119.66 -53.11 -10.92
N ILE N 178 -119.76 -51.78 -10.87
CA ILE N 178 -118.93 -50.97 -9.99
C ILE N 178 -119.75 -50.34 -8.87
N THR N 179 -119.47 -50.75 -7.63
CA THR N 179 -120.16 -50.20 -6.49
C THR N 179 -119.21 -49.33 -5.69
N LYS N 180 -119.60 -49.00 -4.46
CA LYS N 180 -118.75 -48.18 -3.63
C LYS N 180 -117.70 -49.04 -2.96
N GLU N 181 -117.88 -50.36 -3.12
CA GLU N 181 -116.97 -51.35 -2.57
C GLU N 181 -115.92 -51.75 -3.59
N GLY N 182 -115.97 -51.12 -4.76
CA GLY N 182 -115.02 -51.41 -5.83
C GLY N 182 -115.70 -52.11 -6.99
N ILE N 183 -114.96 -53.01 -7.64
CA ILE N 183 -115.50 -53.74 -8.78
C ILE N 183 -115.87 -55.17 -8.45
N GLN N 184 -117.08 -55.55 -8.85
CA GLN N 184 -117.60 -56.90 -8.62
C GLN N 184 -116.95 -57.87 -9.60
N ILE N 185 -116.54 -59.03 -9.12
CA ILE N 185 -115.89 -60.01 -9.96
C ILE N 185 -116.53 -61.39 -9.87
N GLY N 186 -117.65 -61.45 -9.19
CA GLY N 186 -118.37 -62.70 -9.03
C GLY N 186 -119.62 -62.48 -8.19
N LYS N 193 -119.28 -60.45 -4.38
CA LYS N 193 -117.94 -60.95 -4.71
C LYS N 193 -117.09 -59.85 -5.35
N TYR N 194 -116.66 -58.90 -4.51
CA TYR N 194 -115.82 -57.81 -4.96
C TYR N 194 -114.34 -58.18 -4.96
N ALA N 195 -113.55 -57.35 -5.66
CA ALA N 195 -112.13 -57.57 -5.79
C ALA N 195 -111.29 -57.25 -4.57
N ASP N 196 -110.25 -58.05 -4.39
CA ASP N 196 -109.31 -57.89 -3.30
C ASP N 196 -108.28 -56.84 -3.71
N LYS N 197 -108.46 -55.64 -3.20
CA LYS N 197 -107.60 -54.50 -3.49
C LYS N 197 -106.10 -54.76 -3.46
N THR N 198 -105.65 -55.65 -2.58
CA THR N 198 -104.23 -55.92 -2.49
C THR N 198 -103.62 -56.43 -3.78
N PHE N 199 -104.41 -57.11 -4.59
CA PHE N 199 -103.87 -57.65 -5.82
C PHE N 199 -104.80 -57.61 -7.01
N GLN N 200 -106.09 -57.40 -6.75
CA GLN N 200 -107.04 -57.36 -7.84
C GLN N 200 -107.47 -55.95 -8.16
N PRO N 201 -107.57 -55.65 -9.45
CA PRO N 201 -107.30 -56.60 -10.51
C PRO N 201 -105.81 -56.75 -10.80
N GLU N 202 -105.47 -57.80 -11.52
CA GLU N 202 -104.10 -58.08 -11.88
C GLU N 202 -103.79 -57.49 -13.24
N PRO N 203 -102.77 -56.63 -13.32
CA PRO N 203 -102.43 -56.01 -14.58
C PRO N 203 -102.28 -56.98 -15.73
N GLN N 204 -101.96 -58.23 -15.43
CA GLN N 204 -101.77 -59.26 -16.43
C GLN N 204 -103.03 -59.63 -17.19
N ILE N 205 -104.16 -59.46 -16.52
CA ILE N 205 -105.45 -59.81 -17.08
C ILE N 205 -106.14 -58.70 -17.89
N GLY N 206 -106.65 -59.11 -19.05
CA GLY N 206 -107.39 -58.28 -19.99
C GLY N 206 -108.45 -59.10 -20.70
N GLU N 207 -109.09 -58.51 -21.72
CA GLU N 207 -110.12 -59.21 -22.49
C GLU N 207 -109.49 -60.13 -23.54
N SER N 208 -110.14 -61.27 -23.77
CA SER N 208 -109.67 -62.28 -24.71
C SER N 208 -109.90 -61.97 -26.19
N GLN N 209 -111.02 -61.34 -26.51
CA GLN N 209 -111.33 -61.00 -27.89
C GLN N 209 -110.49 -59.88 -28.49
N TRP N 210 -110.60 -59.72 -29.80
CA TRP N 210 -109.86 -58.70 -30.53
C TRP N 210 -110.74 -57.54 -30.97
N TYR N 211 -112.05 -57.75 -30.92
CA TYR N 211 -113.00 -56.73 -31.32
C TYR N 211 -113.64 -56.02 -30.15
N GLU N 212 -114.51 -55.06 -30.49
CA GLU N 212 -115.23 -54.26 -29.53
C GLU N 212 -116.38 -55.01 -28.88
N THR N 213 -116.29 -55.15 -27.56
CA THR N 213 -117.32 -55.84 -26.80
C THR N 213 -118.15 -54.85 -26.01
N GLU N 214 -117.54 -53.70 -25.74
CA GLU N 214 -118.16 -52.62 -25.00
C GLU N 214 -118.16 -52.88 -23.50
N ILE N 215 -117.08 -52.46 -22.86
CA ILE N 215 -116.91 -52.63 -21.43
C ILE N 215 -117.51 -51.48 -20.65
N ASN N 216 -118.50 -51.80 -19.81
CA ASN N 216 -119.17 -50.80 -19.02
C ASN N 216 -118.60 -50.66 -17.61
N HIS N 217 -118.13 -51.78 -17.06
CA HIS N 217 -117.55 -51.79 -15.72
C HIS N 217 -116.09 -52.19 -15.78
N ALA N 218 -115.25 -51.17 -15.90
CA ALA N 218 -113.82 -51.38 -16.02
C ALA N 218 -113.04 -51.09 -14.76
N ALA N 219 -111.98 -51.87 -14.61
CA ALA N 219 -111.07 -51.76 -13.49
C ALA N 219 -109.65 -51.74 -13.99
N GLY N 220 -108.84 -51.03 -13.24
CA GLY N 220 -107.44 -50.90 -13.54
C GLY N 220 -106.62 -50.75 -12.27
N ARG N 221 -105.34 -50.59 -12.53
CA ARG N 221 -104.31 -50.44 -11.53
C ARG N 221 -103.55 -49.16 -11.86
N VAL N 222 -103.23 -48.35 -10.84
CA VAL N 222 -102.51 -47.13 -11.14
C VAL N 222 -101.58 -46.72 -10.00
N LEU N 223 -100.56 -45.96 -10.37
CA LEU N 223 -99.61 -45.46 -9.41
C LEU N 223 -99.96 -44.06 -8.95
N LYS N 224 -99.86 -43.85 -7.64
CA LYS N 224 -100.14 -42.56 -7.03
C LYS N 224 -99.06 -41.57 -7.38
N LYS N 225 -99.41 -40.29 -7.28
CA LYS N 225 -98.49 -39.21 -7.55
C LYS N 225 -97.33 -39.21 -6.57
N THR N 226 -97.38 -40.12 -5.60
CA THR N 226 -96.33 -40.19 -4.61
C THR N 226 -95.22 -41.17 -5.01
N THR N 227 -95.50 -41.90 -6.08
CA THR N 227 -94.56 -42.86 -6.64
C THR N 227 -93.92 -42.26 -7.88
N PRO N 228 -92.62 -42.02 -7.82
CA PRO N 228 -91.93 -41.43 -8.96
C PRO N 228 -92.26 -42.11 -10.27
N MET N 229 -92.33 -41.28 -11.32
CA MET N 229 -92.61 -41.74 -12.67
C MET N 229 -91.35 -42.30 -13.33
N LYS N 230 -91.53 -43.44 -14.00
CA LYS N 230 -90.47 -44.13 -14.72
C LYS N 230 -91.08 -44.83 -15.92
N PRO N 231 -90.34 -44.91 -17.02
CA PRO N 231 -90.90 -45.59 -18.15
C PRO N 231 -91.19 -47.06 -17.84
N CYS N 232 -92.23 -47.61 -18.47
CA CYS N 232 -92.61 -48.99 -18.23
C CYS N 232 -91.44 -49.93 -18.39
N TYR N 233 -90.70 -49.72 -19.47
CA TYR N 233 -89.53 -50.50 -19.81
C TYR N 233 -88.49 -50.39 -18.71
N GLY N 234 -88.16 -51.51 -18.08
CA GLY N 234 -87.17 -51.55 -17.02
C GLY N 234 -87.75 -51.31 -15.64
N SER N 235 -89.06 -51.07 -15.58
CA SER N 235 -89.74 -50.83 -14.32
C SER N 235 -89.96 -52.09 -13.51
N TYR N 236 -89.60 -51.99 -12.23
CA TYR N 236 -89.73 -53.10 -11.31
C TYR N 236 -90.09 -52.64 -9.92
N ALA N 237 -90.89 -53.46 -9.24
CA ALA N 237 -91.34 -53.19 -7.90
C ALA N 237 -91.65 -54.50 -7.18
N LYS N 238 -90.89 -54.77 -6.12
CA LYS N 238 -91.06 -55.98 -5.33
C LYS N 238 -92.47 -56.21 -4.83
N PRO N 239 -92.93 -57.47 -4.96
CA PRO N 239 -94.26 -57.85 -4.53
C PRO N 239 -94.36 -57.74 -3.02
N THR N 240 -95.52 -57.34 -2.51
CA THR N 240 -95.69 -57.22 -1.08
C THR N 240 -96.62 -58.26 -0.49
N ASN N 241 -97.12 -59.15 -1.33
CA ASN N 241 -98.01 -60.20 -0.90
C ASN N 241 -97.90 -61.42 -1.82
N GLU N 242 -98.16 -62.58 -1.26
CA GLU N 242 -98.06 -63.82 -2.01
C GLU N 242 -98.84 -63.77 -3.33
N ASN N 243 -99.68 -62.77 -3.52
CA ASN N 243 -100.46 -62.72 -4.73
C ASN N 243 -99.93 -61.80 -5.83
N GLY N 244 -98.72 -61.27 -5.64
CA GLY N 244 -98.15 -60.41 -6.66
C GLY N 244 -98.40 -58.94 -6.44
N GLY N 245 -99.27 -58.60 -5.51
CA GLY N 245 -99.52 -57.19 -5.25
C GLY N 245 -98.22 -56.53 -4.86
N GLN N 246 -97.96 -55.32 -5.36
CA GLN N 246 -96.73 -54.62 -5.01
C GLN N 246 -97.01 -53.37 -4.18
N GLY N 247 -98.24 -53.26 -3.71
CA GLY N 247 -98.66 -52.11 -2.93
C GLY N 247 -97.85 -52.01 -1.64
N ILE N 248 -97.31 -50.82 -1.37
CA ILE N 248 -96.54 -50.61 -0.16
C ILE N 248 -97.37 -50.84 1.09
N LEU N 249 -96.75 -51.47 2.08
CA LEU N 249 -97.39 -51.76 3.34
C LEU N 249 -96.93 -50.78 4.40
N VAL N 250 -97.89 -50.24 5.14
CA VAL N 250 -97.60 -49.29 6.18
C VAL N 250 -97.56 -49.98 7.53
N GLU N 258 -101.31 -53.45 6.67
CA GLU N 258 -101.42 -52.03 6.46
C GLU N 258 -101.46 -51.67 4.98
N SER N 259 -102.35 -52.31 4.23
CA SER N 259 -102.45 -52.02 2.81
C SER N 259 -102.99 -50.61 2.65
N GLN N 260 -102.41 -49.84 1.73
CA GLN N 260 -102.86 -48.48 1.55
C GLN N 260 -103.52 -48.18 0.21
N VAL N 261 -103.97 -49.23 -0.46
CA VAL N 261 -104.63 -49.05 -1.74
C VAL N 261 -105.88 -48.20 -1.57
N GLU N 262 -106.15 -47.33 -2.55
CA GLU N 262 -107.30 -46.47 -2.51
C GLU N 262 -107.96 -46.35 -3.87
N MET N 263 -109.21 -46.77 -3.96
CA MET N 263 -109.90 -46.69 -5.23
C MET N 263 -110.32 -45.28 -5.60
N GLN N 264 -110.31 -45.04 -6.91
CA GLN N 264 -110.69 -43.76 -7.48
C GLN N 264 -111.71 -44.02 -8.56
N PHE N 265 -112.91 -43.45 -8.40
CA PHE N 265 -113.95 -43.67 -9.37
C PHE N 265 -114.03 -42.62 -10.48
N PHE N 266 -114.42 -43.08 -11.67
CA PHE N 266 -114.53 -42.22 -12.83
C PHE N 266 -115.72 -42.52 -13.73
N SER N 267 -116.16 -41.43 -14.36
CA SER N 267 -117.27 -41.40 -15.29
C SER N 267 -116.96 -40.45 -16.44
N THR N 268 -117.77 -40.54 -17.48
CA THR N 268 -117.62 -39.72 -18.67
C THR N 268 -118.05 -38.28 -18.42
N THR N 269 -119.08 -37.89 -19.16
CA THR N 269 -119.66 -36.56 -19.07
C THR N 269 -121.11 -36.65 -18.64
N ASN N 278 -127.65 -41.36 -15.86
CA ASN N 278 -127.35 -40.72 -14.59
C ASN N 278 -126.07 -41.24 -13.96
N LEU N 279 -125.32 -40.30 -13.38
CA LEU N 279 -124.05 -40.55 -12.72
C LEU N 279 -123.82 -41.97 -12.24
N THR N 280 -122.87 -42.63 -12.90
CA THR N 280 -122.47 -43.99 -12.61
C THR N 280 -121.07 -44.26 -13.14
N PRO N 281 -120.12 -44.47 -12.21
CA PRO N 281 -118.74 -44.73 -12.58
C PRO N 281 -118.62 -45.85 -13.59
N LYS N 282 -117.90 -45.57 -14.67
CA LYS N 282 -117.68 -46.56 -15.71
C LYS N 282 -116.38 -47.29 -15.47
N VAL N 283 -115.51 -46.60 -14.75
CA VAL N 283 -114.20 -47.11 -14.42
C VAL N 283 -113.80 -46.81 -12.98
N VAL N 284 -113.01 -47.72 -12.45
CA VAL N 284 -112.47 -47.63 -11.11
C VAL N 284 -111.03 -48.09 -11.17
N LEU N 285 -110.15 -47.33 -10.53
CA LEU N 285 -108.76 -47.67 -10.53
C LEU N 285 -108.28 -47.90 -9.12
N TYR N 286 -107.38 -48.87 -8.99
CA TYR N 286 -106.81 -49.15 -7.70
C TYR N 286 -105.48 -48.45 -7.55
N SER N 287 -105.52 -47.24 -7.00
CA SER N 287 -104.32 -46.47 -6.83
C SER N 287 -103.44 -46.94 -5.68
N GLU N 288 -102.14 -46.94 -5.94
CA GLU N 288 -101.21 -47.39 -4.93
C GLU N 288 -99.80 -46.85 -5.12
N ASP N 289 -99.02 -46.99 -4.05
CA ASP N 289 -97.63 -46.59 -4.00
C ASP N 289 -96.79 -47.86 -3.98
N VAL N 290 -95.82 -47.94 -4.89
CA VAL N 290 -94.97 -49.09 -4.95
C VAL N 290 -93.52 -48.69 -4.78
N ASP N 291 -92.68 -49.67 -4.47
CA ASP N 291 -91.27 -49.43 -4.32
C ASP N 291 -90.61 -49.53 -5.69
N ILE N 292 -90.90 -48.56 -6.55
CA ILE N 292 -90.37 -48.55 -7.90
C ILE N 292 -88.87 -48.40 -8.00
N GLU N 293 -88.30 -49.30 -8.79
CA GLU N 293 -86.88 -49.34 -9.05
C GLU N 293 -86.61 -49.60 -10.52
N THR N 294 -85.37 -49.37 -10.91
CA THR N 294 -84.88 -49.58 -12.26
C THR N 294 -83.44 -50.04 -12.17
N PRO N 295 -83.29 -51.26 -11.66
CA PRO N 295 -82.02 -51.90 -11.43
C PRO N 295 -81.15 -52.15 -12.65
N ASP N 296 -81.70 -52.12 -13.86
CA ASP N 296 -80.84 -52.41 -15.01
C ASP N 296 -81.02 -51.53 -16.24
N THR N 297 -81.63 -50.37 -16.05
CA THR N 297 -81.82 -49.44 -17.13
C THR N 297 -81.58 -48.03 -16.64
N HIS N 298 -81.50 -47.11 -17.58
CA HIS N 298 -81.29 -45.71 -17.25
C HIS N 298 -82.09 -44.82 -18.18
N ILE N 299 -82.18 -43.54 -17.85
CA ILE N 299 -82.93 -42.62 -18.69
C ILE N 299 -82.15 -42.16 -19.89
N SER N 300 -82.67 -42.49 -21.07
CA SER N 300 -82.07 -42.11 -22.31
C SER N 300 -82.50 -40.72 -22.72
N TYR N 301 -83.56 -40.24 -22.06
CA TYR N 301 -84.09 -38.93 -22.36
C TYR N 301 -84.84 -38.25 -21.23
N MET N 302 -84.15 -37.31 -20.59
CA MET N 302 -84.71 -36.53 -19.50
C MET N 302 -85.29 -35.25 -20.10
N PRO N 303 -86.61 -35.04 -19.95
CA PRO N 303 -87.20 -33.84 -20.51
C PRO N 303 -87.02 -32.60 -19.65
N THR N 304 -86.71 -32.80 -18.36
CA THR N 304 -86.52 -31.67 -17.46
C THR N 304 -85.72 -32.01 -16.21
N ILE N 305 -84.83 -31.09 -15.85
CA ILE N 305 -84.02 -31.27 -14.65
C ILE N 305 -84.83 -30.78 -13.46
N LYS N 306 -86.15 -30.87 -13.60
CA LYS N 306 -87.07 -30.45 -12.55
C LYS N 306 -87.73 -31.62 -11.83
N GLU N 307 -87.43 -31.70 -10.54
CA GLU N 307 -87.97 -32.75 -9.70
C GLU N 307 -89.50 -32.76 -9.71
N GLY N 308 -90.03 -33.85 -9.17
CA GLY N 308 -91.47 -34.05 -9.08
C GLY N 308 -92.10 -34.53 -10.37
N ASN N 309 -93.16 -35.30 -10.19
CA ASN N 309 -93.91 -35.85 -11.30
C ASN N 309 -94.62 -34.73 -12.04
N SER N 310 -94.62 -34.81 -13.37
CA SER N 310 -95.24 -33.79 -14.19
C SER N 310 -95.61 -34.36 -15.55
N ARG N 311 -96.49 -33.67 -16.25
CA ARG N 311 -96.86 -34.15 -17.57
C ARG N 311 -95.58 -34.34 -18.37
N GLU N 312 -94.63 -33.46 -18.09
CA GLU N 312 -93.33 -33.44 -18.74
C GLU N 312 -92.60 -34.79 -18.72
N LEU N 313 -92.54 -35.40 -17.53
CA LEU N 313 -91.86 -36.67 -17.36
C LEU N 313 -92.48 -37.81 -18.14
N MET N 314 -93.68 -37.59 -18.67
CA MET N 314 -94.35 -38.62 -19.43
C MET N 314 -93.59 -38.93 -20.72
N GLY N 315 -92.70 -38.02 -21.06
CA GLY N 315 -91.91 -38.15 -22.27
C GLY N 315 -90.51 -38.71 -22.05
N GLN N 316 -90.20 -39.10 -20.82
CA GLN N 316 -88.87 -39.65 -20.58
C GLN N 316 -88.71 -41.01 -21.25
N GLN N 317 -87.48 -41.30 -21.66
CA GLN N 317 -87.18 -42.57 -22.31
C GLN N 317 -86.17 -43.40 -21.54
N SER N 318 -86.41 -44.71 -21.57
CA SER N 318 -85.57 -45.66 -20.88
C SER N 318 -84.73 -46.46 -21.87
N MET N 319 -83.53 -46.83 -21.41
CA MET N 319 -82.60 -47.58 -22.20
C MET N 319 -81.82 -48.55 -21.32
N PRO N 320 -81.63 -49.78 -21.79
CA PRO N 320 -80.94 -50.80 -21.03
C PRO N 320 -79.51 -50.40 -20.72
N ASN N 321 -79.02 -50.88 -19.59
CA ASN N 321 -77.66 -50.60 -19.18
C ASN N 321 -76.69 -51.47 -19.94
N ARG N 322 -75.46 -50.97 -20.10
CA ARG N 322 -74.45 -51.70 -20.82
C ARG N 322 -74.11 -53.00 -20.11
N PRO N 323 -73.96 -54.05 -20.91
CA PRO N 323 -73.62 -55.34 -20.37
C PRO N 323 -72.25 -55.26 -19.72
N ASN N 324 -72.06 -55.95 -18.61
CA ASN N 324 -70.77 -55.90 -17.96
C ASN N 324 -70.42 -57.19 -17.24
N TYR N 325 -69.65 -58.03 -17.92
CA TYR N 325 -69.23 -59.30 -17.37
C TYR N 325 -68.05 -59.14 -16.44
N ILE N 326 -68.11 -59.86 -15.32
CA ILE N 326 -67.05 -59.81 -14.34
C ILE N 326 -66.72 -61.23 -13.88
N ALA N 327 -65.44 -61.57 -13.88
CA ALA N 327 -65.05 -62.90 -13.47
C ALA N 327 -63.55 -63.01 -13.29
N PHE N 328 -63.12 -64.20 -12.84
CA PHE N 328 -61.70 -64.45 -12.68
C PHE N 328 -61.10 -64.54 -14.07
N ARG N 329 -59.78 -64.36 -14.18
CA ARG N 329 -59.14 -64.40 -15.47
C ARG N 329 -58.82 -65.78 -16.02
N ASP N 330 -58.49 -65.77 -17.30
CA ASP N 330 -58.11 -66.97 -18.02
C ASP N 330 -56.93 -67.59 -17.30
N ASN N 331 -57.06 -68.84 -16.90
CA ASN N 331 -55.97 -69.53 -16.21
C ASN N 331 -55.63 -68.92 -14.86
N PHE N 332 -56.58 -68.20 -14.28
CA PHE N 332 -56.41 -67.57 -12.98
C PHE N 332 -55.25 -66.61 -12.91
N ILE N 333 -54.96 -65.99 -14.05
CA ILE N 333 -53.90 -65.02 -14.13
C ILE N 333 -54.09 -63.98 -13.02
N GLY N 334 -53.00 -63.52 -12.41
CA GLY N 334 -53.07 -62.51 -11.38
C GLY N 334 -53.26 -63.02 -9.96
N LEU N 335 -53.91 -64.17 -9.81
CA LEU N 335 -54.16 -64.74 -8.49
C LEU N 335 -52.90 -64.94 -7.68
N MET N 336 -51.95 -65.65 -8.27
CA MET N 336 -50.69 -65.91 -7.63
C MET N 336 -49.64 -64.92 -8.08
N TYR N 337 -48.74 -64.61 -7.18
CA TYR N 337 -47.65 -63.70 -7.47
C TYR N 337 -46.54 -64.48 -8.16
N TYR N 338 -45.97 -63.85 -9.17
CA TYR N 338 -44.86 -64.40 -9.92
C TYR N 338 -43.97 -63.25 -10.32
N ASN N 339 -42.69 -63.54 -10.53
CA ASN N 339 -41.77 -62.49 -10.95
C ASN N 339 -41.83 -61.22 -10.12
N SER N 340 -41.95 -61.37 -8.82
CA SER N 340 -41.99 -60.26 -7.89
C SER N 340 -41.07 -60.58 -6.73
N THR N 341 -39.95 -59.86 -6.63
CA THR N 341 -39.00 -60.10 -5.56
C THR N 341 -39.57 -60.03 -4.15
N GLY N 342 -40.52 -59.13 -3.95
CA GLY N 342 -41.12 -58.92 -2.64
C GLY N 342 -42.07 -60.02 -2.18
N ASN N 343 -42.70 -60.72 -3.13
CA ASN N 343 -43.63 -61.78 -2.81
C ASN N 343 -43.28 -63.08 -3.51
N MET N 344 -42.03 -63.49 -3.33
CA MET N 344 -41.48 -64.67 -3.93
C MET N 344 -41.93 -65.98 -3.30
N GLY N 345 -42.32 -66.91 -4.17
CA GLY N 345 -42.76 -68.23 -3.77
C GLY N 345 -41.63 -68.99 -3.09
N VAL N 346 -41.97 -70.10 -2.46
CA VAL N 346 -40.97 -70.88 -1.77
C VAL N 346 -41.17 -72.38 -1.89
N LEU N 347 -40.09 -73.06 -2.22
CA LEU N 347 -40.07 -74.50 -2.31
C LEU N 347 -38.74 -74.97 -1.78
N ALA N 348 -38.76 -75.42 -0.54
CA ALA N 348 -37.51 -75.86 0.02
C ALA N 348 -37.64 -77.05 0.94
N GLY N 349 -36.57 -77.83 0.93
CA GLY N 349 -36.50 -78.98 1.78
C GLY N 349 -36.33 -78.47 3.20
N GLN N 350 -37.14 -79.00 4.11
CA GLN N 350 -37.03 -78.57 5.47
C GLN N 350 -35.62 -78.84 5.95
N ALA N 351 -35.01 -79.84 5.31
CA ALA N 351 -33.65 -80.26 5.62
C ALA N 351 -32.56 -79.46 4.91
N SER N 352 -32.96 -78.62 3.94
CA SER N 352 -32.00 -77.81 3.21
C SER N 352 -32.20 -76.33 3.50
N GLN N 353 -33.45 -75.97 3.77
CA GLN N 353 -33.85 -74.61 4.07
C GLN N 353 -33.45 -73.61 3.00
N LEU N 354 -32.88 -74.14 1.91
CA LEU N 354 -32.45 -73.36 0.77
C LEU N 354 -33.64 -73.32 -0.19
N ASN N 355 -33.97 -72.13 -0.68
CA ASN N 355 -35.11 -71.98 -1.57
C ASN N 355 -34.81 -72.35 -3.02
N ALA N 356 -35.50 -73.37 -3.51
CA ALA N 356 -35.34 -73.83 -4.88
C ALA N 356 -35.89 -72.82 -5.88
N VAL N 357 -36.78 -71.98 -5.37
CA VAL N 357 -37.38 -70.93 -6.18
C VAL N 357 -36.53 -69.68 -6.16
N VAL N 358 -36.23 -69.21 -7.36
CA VAL N 358 -35.44 -68.02 -7.59
C VAL N 358 -36.06 -67.28 -8.75
N ASP N 359 -36.77 -66.20 -8.44
CA ASP N 359 -37.43 -65.43 -9.48
C ASP N 359 -36.80 -64.08 -9.77
N LEU N 360 -37.24 -63.50 -10.90
CA LEU N 360 -36.77 -62.21 -11.38
C LEU N 360 -37.97 -61.36 -11.82
N GLN N 361 -37.86 -60.04 -11.65
CA GLN N 361 -38.92 -59.12 -12.03
C GLN N 361 -39.01 -59.07 -13.54
N ASP N 362 -37.90 -59.47 -14.12
CA ASP N 362 -37.57 -59.54 -15.52
C ASP N 362 -38.24 -60.69 -16.27
N ARG N 363 -38.75 -61.66 -15.52
CA ARG N 363 -39.37 -62.83 -16.12
C ARG N 363 -40.88 -62.65 -16.25
N ASN N 364 -41.50 -63.35 -17.20
CA ASN N 364 -42.92 -63.25 -17.42
C ASN N 364 -43.58 -64.62 -17.47
N THR N 365 -43.83 -65.15 -16.28
CA THR N 365 -44.42 -66.46 -16.05
C THR N 365 -45.82 -66.61 -16.64
N GLU N 366 -46.71 -65.67 -16.35
CA GLU N 366 -48.09 -65.73 -16.85
C GLU N 366 -48.17 -65.84 -18.35
N LEU N 367 -47.44 -64.97 -19.04
CA LEU N 367 -47.44 -64.98 -20.49
C LEU N 367 -46.85 -66.25 -21.05
N SER N 368 -45.74 -66.68 -20.44
CA SER N 368 -45.05 -67.88 -20.85
C SER N 368 -45.98 -69.07 -20.87
N TYR N 369 -46.85 -69.12 -19.86
CA TYR N 369 -47.83 -70.16 -19.71
C TYR N 369 -48.91 -70.07 -20.78
N GLN N 370 -49.23 -68.83 -21.16
CA GLN N 370 -50.23 -68.60 -22.18
C GLN N 370 -49.74 -69.15 -23.51
N LEU N 371 -48.49 -68.86 -23.79
CA LEU N 371 -47.87 -69.31 -25.02
C LEU N 371 -47.62 -70.81 -25.00
N LEU N 372 -47.29 -71.35 -23.82
CA LEU N 372 -47.05 -72.78 -23.70
C LEU N 372 -48.30 -73.60 -24.03
N LEU N 373 -49.44 -73.13 -23.54
CA LEU N 373 -50.72 -73.79 -23.77
C LEU N 373 -51.05 -73.89 -25.25
N ASP N 374 -50.91 -72.78 -25.95
CA ASP N 374 -51.18 -72.70 -27.37
C ASP N 374 -50.37 -73.70 -28.17
N SER N 375 -49.13 -73.90 -27.76
CA SER N 375 -48.24 -74.82 -28.45
C SER N 375 -48.59 -76.28 -28.23
N ILE N 376 -49.17 -76.61 -27.07
CA ILE N 376 -49.49 -77.99 -26.78
C ILE N 376 -50.93 -78.42 -26.92
N GLY N 377 -51.81 -77.55 -27.37
CA GLY N 377 -53.19 -77.94 -27.52
C GLY N 377 -54.04 -76.90 -28.21
N ASP N 378 -55.36 -77.11 -28.14
CA ASP N 378 -56.33 -76.22 -28.74
C ASP N 378 -56.91 -75.19 -27.76
N ARG N 379 -56.32 -73.99 -27.75
CA ARG N 379 -56.78 -72.93 -26.88
C ARG N 379 -58.26 -72.61 -27.10
N THR N 380 -58.85 -73.17 -28.14
CA THR N 380 -60.26 -72.90 -28.39
C THR N 380 -61.17 -73.66 -27.44
N ARG N 381 -60.65 -74.74 -26.86
CA ARG N 381 -61.41 -75.55 -25.95
C ARG N 381 -61.43 -74.99 -24.54
N TYR N 382 -62.57 -75.16 -23.86
CA TYR N 382 -62.68 -74.67 -22.52
C TYR N 382 -62.49 -75.79 -21.50
N PHE N 383 -61.92 -75.40 -20.38
CA PHE N 383 -61.65 -76.30 -19.29
C PHE N 383 -61.88 -75.57 -17.97
N SER N 384 -63.06 -75.79 -17.40
CA SER N 384 -63.49 -75.16 -16.17
C SER N 384 -62.52 -75.26 -15.00
N MET N 385 -61.93 -76.42 -14.78
CA MET N 385 -61.01 -76.60 -13.67
C MET N 385 -60.03 -75.46 -13.46
N TRP N 386 -59.32 -75.09 -14.53
CA TRP N 386 -58.33 -74.03 -14.44
C TRP N 386 -58.84 -72.69 -14.95
N ASN N 387 -60.14 -72.58 -15.20
CA ASN N 387 -60.66 -71.34 -15.72
C ASN N 387 -60.03 -71.10 -17.07
N GLN N 388 -59.76 -72.22 -17.73
CA GLN N 388 -59.14 -72.26 -19.04
C GLN N 388 -60.14 -71.93 -20.13
N ALA N 389 -60.35 -70.64 -20.37
CA ALA N 389 -61.27 -70.14 -21.38
C ALA N 389 -60.72 -68.85 -21.95
N VAL N 390 -59.95 -69.01 -23.03
CA VAL N 390 -59.27 -67.91 -23.71
C VAL N 390 -60.13 -66.71 -24.10
N ASP N 391 -59.49 -65.54 -23.96
CA ASP N 391 -60.08 -64.27 -24.32
C ASP N 391 -60.13 -64.14 -25.82
N SER N 392 -61.30 -63.81 -26.31
CA SER N 392 -61.45 -63.65 -27.74
C SER N 392 -62.40 -62.52 -28.03
N TYR N 393 -62.66 -62.33 -29.31
CA TYR N 393 -63.59 -61.32 -29.76
C TYR N 393 -64.24 -61.80 -31.04
N ASP N 394 -65.37 -61.21 -31.35
CA ASP N 394 -66.10 -61.54 -32.56
C ASP N 394 -65.38 -60.96 -33.77
N PRO N 395 -65.01 -61.83 -34.71
CA PRO N 395 -64.34 -61.36 -35.90
C PRO N 395 -65.13 -60.30 -36.63
N ASP N 396 -66.46 -60.41 -36.57
CA ASP N 396 -67.36 -59.48 -37.25
C ASP N 396 -67.45 -58.15 -36.56
N VAL N 397 -66.92 -58.09 -35.34
CA VAL N 397 -66.95 -56.87 -34.60
C VAL N 397 -65.64 -56.13 -34.79
N ARG N 398 -64.54 -56.88 -34.80
CA ARG N 398 -63.23 -56.29 -34.98
C ARG N 398 -63.10 -55.75 -36.39
N ILE N 399 -63.61 -56.52 -37.36
CA ILE N 399 -63.57 -56.12 -38.74
C ILE N 399 -64.95 -56.10 -39.34
N ILE N 400 -65.44 -54.91 -39.64
CA ILE N 400 -66.76 -54.78 -40.20
C ILE N 400 -66.81 -55.20 -41.65
N GLU N 401 -67.75 -56.10 -41.91
CA GLU N 401 -67.99 -56.57 -43.26
C GLU N 401 -69.39 -56.13 -43.65
N ASN N 402 -69.47 -54.99 -44.29
CA ASN N 402 -70.74 -54.42 -44.69
C ASN N 402 -71.25 -54.87 -46.04
N HIS N 403 -72.00 -55.96 -46.06
CA HIS N 403 -72.56 -56.43 -47.31
C HIS N 403 -74.01 -55.99 -47.44
N GLY N 404 -74.42 -55.15 -46.50
CA GLY N 404 -75.77 -54.62 -46.49
C GLY N 404 -76.82 -55.54 -45.90
N THR N 405 -78.03 -55.40 -46.45
CA THR N 405 -79.19 -56.16 -46.00
C THR N 405 -80.05 -56.69 -47.13
N GLU N 406 -80.63 -57.86 -46.90
CA GLU N 406 -81.52 -58.49 -47.85
C GLU N 406 -82.95 -58.06 -47.54
N ASP N 407 -83.24 -56.83 -47.96
CA ASP N 407 -84.53 -56.20 -47.74
C ASP N 407 -85.31 -55.95 -49.02
N GLU N 408 -85.23 -56.88 -49.96
CA GLU N 408 -85.93 -56.75 -51.22
C GLU N 408 -87.45 -56.68 -51.01
N LEU N 409 -87.98 -57.63 -50.22
CA LEU N 409 -89.40 -57.71 -49.90
C LEU N 409 -89.75 -56.75 -48.78
N PRO N 410 -90.94 -56.13 -48.86
CA PRO N 410 -91.34 -55.23 -47.80
C PRO N 410 -91.90 -55.99 -46.62
N ASN N 411 -91.80 -55.42 -45.43
CA ASN N 411 -92.30 -56.06 -44.23
C ASN N 411 -93.43 -55.27 -43.61
N TYR N 412 -94.56 -55.95 -43.41
CA TYR N 412 -95.71 -55.28 -42.84
C TYR N 412 -96.23 -55.93 -41.59
N CYS N 413 -97.00 -55.12 -40.88
CA CYS N 413 -97.69 -55.49 -39.67
C CYS N 413 -99.15 -55.14 -39.93
N PHE N 414 -100.07 -55.99 -39.51
CA PHE N 414 -101.48 -55.76 -39.75
C PHE N 414 -102.33 -55.72 -38.48
N PRO N 415 -103.61 -55.39 -38.66
CA PRO N 415 -104.52 -55.32 -37.56
C PRO N 415 -104.92 -56.71 -37.08
N LEU N 416 -105.14 -56.83 -35.77
CA LEU N 416 -105.50 -58.09 -35.15
C LEU N 416 -106.65 -58.82 -35.85
N GLY N 417 -107.64 -58.06 -36.31
CA GLY N 417 -108.80 -58.63 -36.98
C GLY N 417 -108.60 -58.75 -38.48
N GLY N 418 -107.42 -58.36 -38.95
CA GLY N 418 -107.06 -58.41 -40.36
C GLY N 418 -107.66 -57.26 -41.15
N VAL N 419 -108.51 -56.50 -40.48
CA VAL N 419 -109.20 -55.37 -41.07
C VAL N 419 -109.72 -54.48 -39.95
N ILE N 420 -109.66 -53.17 -40.11
CA ILE N 420 -110.12 -52.32 -39.02
C ILE N 420 -111.00 -51.16 -39.46
N ASN N 421 -110.78 -50.67 -40.68
CA ASN N 421 -111.53 -49.55 -41.20
C ASN N 421 -112.75 -49.95 -42.01
N THR N 422 -113.57 -50.84 -41.45
CA THR N 422 -114.77 -51.28 -42.11
C THR N 422 -115.80 -50.17 -42.15
N GLU N 423 -116.73 -50.27 -43.11
CA GLU N 423 -117.79 -49.30 -43.26
C GLU N 423 -119.14 -50.00 -43.23
N THR N 424 -120.06 -49.46 -42.43
CA THR N 424 -121.39 -50.06 -42.31
C THR N 424 -122.14 -50.02 -43.63
N LEU N 425 -122.69 -51.18 -44.01
CA LEU N 425 -123.42 -51.31 -45.26
C LEU N 425 -124.76 -52.00 -45.10
N THR N 426 -125.56 -51.91 -46.16
CA THR N 426 -126.86 -52.52 -46.18
C THR N 426 -127.05 -53.40 -47.40
N LYS N 427 -127.55 -54.61 -47.18
CA LYS N 427 -127.78 -55.54 -48.26
C LYS N 427 -128.89 -55.04 -49.14
N VAL N 428 -128.74 -55.29 -50.43
CA VAL N 428 -129.71 -54.83 -51.38
C VAL N 428 -130.16 -55.90 -52.35
N LYS N 429 -131.34 -55.66 -52.91
CA LYS N 429 -131.95 -56.53 -53.88
C LYS N 429 -132.24 -55.75 -55.14
N PRO N 430 -132.08 -56.46 -56.26
CA PRO N 430 -132.32 -55.89 -57.57
C PRO N 430 -133.83 -55.70 -57.76
N GLY N 437 -131.93 -50.06 -60.74
CA GLY N 437 -133.14 -50.60 -60.14
C GLY N 437 -132.85 -51.58 -59.02
N TRP N 438 -132.79 -51.03 -57.80
CA TRP N 438 -132.49 -51.81 -56.60
C TRP N 438 -133.41 -51.51 -55.43
N GLU N 439 -133.61 -52.55 -54.63
CA GLU N 439 -134.45 -52.50 -53.44
C GLU N 439 -133.76 -53.10 -52.23
N LYS N 440 -133.87 -52.36 -51.12
CA LYS N 440 -133.27 -52.78 -49.87
C LYS N 440 -133.71 -54.16 -49.42
N ASP N 441 -132.80 -54.85 -48.76
CA ASP N 441 -133.06 -56.18 -48.26
C ASP N 441 -133.12 -56.17 -46.74
N ALA N 442 -133.98 -57.01 -46.21
CA ALA N 442 -134.15 -57.13 -44.78
C ALA N 442 -134.88 -58.40 -44.43
N PHE N 445 -131.07 -60.84 -44.08
CA PHE N 445 -129.88 -60.11 -43.70
C PHE N 445 -130.17 -58.91 -42.80
N SER N 446 -129.11 -58.39 -42.16
CA SER N 446 -129.20 -57.27 -41.23
C SER N 446 -129.00 -55.89 -41.84
N ASP N 447 -129.40 -54.89 -41.06
CA ASP N 447 -129.27 -53.50 -41.46
C ASP N 447 -127.84 -53.00 -41.39
N LYS N 448 -127.01 -53.68 -40.59
CA LYS N 448 -125.63 -53.26 -40.44
C LYS N 448 -124.59 -54.36 -40.49
N ASN N 449 -123.89 -54.41 -41.62
CA ASN N 449 -122.83 -55.35 -41.89
C ASN N 449 -121.55 -54.58 -42.10
N GLU N 450 -120.47 -55.03 -41.47
CA GLU N 450 -119.20 -54.35 -41.63
C GLU N 450 -118.39 -54.94 -42.77
N ILE N 451 -118.05 -54.07 -43.71
CA ILE N 451 -117.27 -54.48 -44.87
C ILE N 451 -116.16 -53.50 -45.15
N ARG N 452 -114.95 -54.02 -45.31
CA ARG N 452 -113.82 -53.18 -45.60
C ARG N 452 -113.67 -53.02 -47.11
N VAL N 453 -113.70 -51.78 -47.55
CA VAL N 453 -113.56 -51.49 -48.96
C VAL N 453 -112.18 -50.99 -49.29
N GLY N 454 -111.42 -51.82 -50.01
CA GLY N 454 -110.06 -51.52 -50.40
C GLY N 454 -109.10 -52.44 -49.66
N ASN N 455 -107.82 -52.08 -49.63
CA ASN N 455 -106.85 -52.90 -48.94
C ASN N 455 -106.96 -52.70 -47.44
N ASN N 456 -106.29 -53.55 -46.67
CA ASN N 456 -106.35 -53.44 -45.22
C ASN N 456 -105.38 -52.40 -44.70
N PHE N 457 -105.51 -52.07 -43.41
CA PHE N 457 -104.61 -51.09 -42.82
C PHE N 457 -103.27 -51.77 -42.58
N ALA N 458 -102.19 -51.14 -43.04
CA ALA N 458 -100.89 -51.73 -42.85
C ALA N 458 -99.78 -50.76 -42.47
N MET N 459 -98.82 -51.28 -41.72
CA MET N 459 -97.67 -50.51 -41.29
C MET N 459 -96.41 -51.20 -41.80
N GLU N 460 -95.47 -50.41 -42.29
CA GLU N 460 -94.25 -50.97 -42.83
C GLU N 460 -93.04 -50.85 -41.92
N ILE N 461 -92.13 -51.81 -42.05
CA ILE N 461 -90.91 -51.85 -41.28
C ILE N 461 -89.83 -52.65 -41.99
N ASN N 462 -88.59 -52.15 -41.92
CA ASN N 462 -87.47 -52.82 -42.55
C ASN N 462 -86.77 -53.69 -41.53
N LEU N 463 -87.24 -54.93 -41.43
CA LEU N 463 -86.71 -55.91 -40.51
C LEU N 463 -85.19 -56.04 -40.57
N ASN N 464 -84.69 -56.42 -41.73
CA ASN N 464 -83.26 -56.61 -41.91
C ASN N 464 -82.39 -55.40 -41.60
N ALA N 465 -82.80 -54.24 -42.09
CA ALA N 465 -82.03 -53.04 -41.83
C ALA N 465 -81.93 -52.78 -40.35
N ASN N 466 -83.08 -52.96 -39.68
CA ASN N 466 -83.17 -52.76 -38.24
C ASN N 466 -82.18 -53.65 -37.49
N LEU N 467 -82.28 -54.95 -37.73
CA LEU N 467 -81.40 -55.89 -37.09
C LEU N 467 -79.94 -55.49 -37.25
N TRP N 468 -79.55 -55.22 -38.48
CA TRP N 468 -78.18 -54.81 -38.80
C TRP N 468 -77.76 -53.62 -37.97
N ARG N 469 -78.64 -52.64 -37.88
CA ARG N 469 -78.42 -51.42 -37.13
C ARG N 469 -78.15 -51.72 -35.67
N ASN N 470 -79.09 -52.47 -35.08
CA ASN N 470 -78.99 -52.84 -33.69
C ASN N 470 -77.66 -53.50 -33.36
N PHE N 471 -77.16 -54.28 -34.31
CA PHE N 471 -75.89 -54.95 -34.17
C PHE N 471 -74.72 -53.97 -34.15
N LEU N 472 -74.79 -52.99 -35.02
CA LEU N 472 -73.77 -51.98 -35.13
C LEU N 472 -73.71 -51.10 -33.90
N TYR N 473 -74.87 -50.65 -33.47
CA TYR N 473 -74.93 -49.78 -32.31
C TYR N 473 -74.47 -50.48 -31.06
N SER N 474 -75.00 -51.68 -30.84
CA SER N 474 -74.65 -52.45 -29.66
C SER N 474 -73.18 -52.87 -29.60
N ASN N 475 -72.66 -53.38 -30.71
CA ASN N 475 -71.29 -53.88 -30.72
C ASN N 475 -70.17 -52.92 -31.06
N ILE N 476 -70.43 -51.91 -31.86
CA ILE N 476 -69.36 -51.01 -32.21
C ILE N 476 -69.52 -49.61 -31.65
N ALA N 477 -70.64 -48.99 -31.97
CA ALA N 477 -70.92 -47.64 -31.51
C ALA N 477 -70.57 -47.42 -30.04
N LEU N 478 -71.25 -48.17 -29.18
CA LEU N 478 -71.04 -48.03 -27.75
C LEU N 478 -69.60 -48.22 -27.29
N TYR N 479 -68.79 -48.89 -28.09
CA TYR N 479 -67.39 -49.11 -27.71
C TYR N 479 -66.48 -48.02 -28.26
N LEU N 480 -67.07 -47.11 -29.02
CA LEU N 480 -66.31 -46.02 -29.57
C LEU N 480 -65.58 -45.29 -28.44
N PRO N 481 -64.48 -44.64 -28.80
CA PRO N 481 -63.73 -43.91 -27.80
C PRO N 481 -64.55 -42.79 -27.17
N ASP N 482 -64.26 -42.50 -25.91
CA ASP N 482 -64.98 -41.47 -25.17
C ASP N 482 -65.02 -40.13 -25.86
N LYS N 483 -63.91 -39.79 -26.52
CA LYS N 483 -63.77 -38.54 -27.24
C LYS N 483 -64.86 -38.28 -28.27
N LEU N 484 -65.43 -39.36 -28.80
CA LEU N 484 -66.49 -39.25 -29.77
C LEU N 484 -67.85 -39.14 -29.13
N LYS N 485 -67.88 -39.32 -27.79
CA LYS N 485 -69.11 -39.25 -27.02
C LYS N 485 -69.40 -37.89 -26.42
N TYR N 486 -70.57 -37.80 -25.77
CA TYR N 486 -71.02 -36.58 -25.13
C TYR N 486 -71.94 -36.87 -23.94
N SER N 487 -71.92 -35.97 -22.96
CA SER N 487 -72.74 -36.11 -21.75
C SER N 487 -74.20 -35.78 -21.99
N PRO N 488 -75.08 -36.54 -21.32
CA PRO N 488 -76.52 -36.35 -21.45
C PRO N 488 -77.01 -35.14 -20.69
N SER N 489 -78.07 -34.54 -21.20
CA SER N 489 -78.64 -33.38 -20.54
C SER N 489 -79.58 -33.77 -19.42
N ASN N 490 -79.55 -32.98 -18.34
CA ASN N 490 -80.40 -33.20 -17.18
C ASN N 490 -80.24 -34.57 -16.57
N VAL N 491 -79.04 -35.12 -16.64
CA VAL N 491 -78.79 -36.43 -16.08
C VAL N 491 -77.48 -36.46 -15.33
N LYS N 492 -77.55 -36.76 -14.05
CA LYS N 492 -76.35 -36.82 -13.25
C LYS N 492 -75.43 -37.94 -13.74
N ILE N 493 -74.16 -37.60 -13.83
CA ILE N 493 -73.16 -38.54 -14.30
C ILE N 493 -71.88 -38.38 -13.50
N SER N 494 -71.25 -39.52 -13.20
CA SER N 494 -70.02 -39.50 -12.44
C SER N 494 -68.92 -38.66 -13.08
N ASP N 495 -68.00 -38.24 -12.23
CA ASP N 495 -66.84 -37.44 -12.60
C ASP N 495 -65.68 -38.33 -12.97
N ASN N 496 -65.75 -39.56 -12.50
CA ASN N 496 -64.74 -40.57 -12.73
C ASN N 496 -65.01 -41.33 -14.02
N PRO N 497 -64.11 -41.12 -14.99
CA PRO N 497 -64.23 -41.74 -16.28
C PRO N 497 -63.94 -43.24 -16.25
N ASN N 498 -63.26 -43.70 -15.20
CA ASN N 498 -62.91 -45.11 -15.05
C ASN N 498 -64.05 -45.86 -14.41
N THR N 499 -65.12 -45.13 -14.23
CA THR N 499 -66.34 -45.59 -13.60
C THR N 499 -67.33 -46.20 -14.56
N TYR N 500 -68.14 -47.11 -14.04
CA TYR N 500 -69.17 -47.76 -14.83
C TYR N 500 -70.26 -46.76 -15.14
N ASP N 501 -70.62 -45.98 -14.13
CA ASP N 501 -71.65 -44.98 -14.29
C ASP N 501 -71.35 -44.10 -15.49
N TYR N 502 -70.10 -43.70 -15.58
CA TYR N 502 -69.61 -42.86 -16.65
C TYR N 502 -69.78 -43.52 -18.02
N MET N 503 -69.15 -44.68 -18.16
CA MET N 503 -69.19 -45.45 -19.38
C MET N 503 -70.61 -45.78 -19.80
N ASN N 504 -71.47 -45.94 -18.81
CA ASN N 504 -72.86 -46.28 -19.07
C ASN N 504 -73.75 -45.10 -19.44
N LYS N 505 -73.38 -43.90 -19.00
CA LYS N 505 -74.20 -42.74 -19.30
C LYS N 505 -73.75 -41.94 -20.51
N ARG N 506 -72.45 -41.93 -20.78
CA ARG N 506 -72.01 -41.19 -21.94
C ARG N 506 -72.84 -41.61 -23.13
N VAL N 507 -73.34 -40.64 -23.89
CA VAL N 507 -74.16 -41.00 -25.03
C VAL N 507 -73.40 -40.95 -26.34
N VAL N 508 -73.79 -41.83 -27.25
CA VAL N 508 -73.16 -41.90 -28.55
C VAL N 508 -74.19 -41.92 -29.67
N ALA N 509 -73.90 -41.13 -30.70
CA ALA N 509 -74.76 -41.00 -31.86
C ALA N 509 -74.65 -42.21 -32.78
N PRO N 510 -75.79 -42.85 -33.05
CA PRO N 510 -75.84 -44.00 -33.91
C PRO N 510 -75.36 -43.68 -35.32
N GLY N 511 -75.52 -42.43 -35.73
CA GLY N 511 -75.10 -42.03 -37.05
C GLY N 511 -73.61 -42.21 -37.25
N LEU N 512 -72.90 -42.48 -36.16
CA LEU N 512 -71.47 -42.69 -36.23
C LEU N 512 -71.12 -44.02 -36.87
N VAL N 513 -71.92 -45.03 -36.53
CA VAL N 513 -71.76 -46.36 -37.06
C VAL N 513 -73.10 -46.88 -37.58
N ASP N 514 -73.67 -46.17 -38.55
CA ASP N 514 -74.95 -46.58 -39.08
C ASP N 514 -74.84 -47.63 -40.18
N CYS N 515 -75.97 -48.23 -40.50
CA CYS N 515 -76.03 -49.28 -41.50
C CYS N 515 -75.39 -48.96 -42.84
N TYR N 516 -75.19 -47.67 -43.14
CA TYR N 516 -74.57 -47.29 -44.41
C TYR N 516 -73.09 -46.98 -44.28
N ILE N 517 -72.52 -47.43 -43.17
CA ILE N 517 -71.12 -47.23 -42.86
C ILE N 517 -70.22 -48.12 -43.71
N ASN N 518 -69.27 -47.48 -44.41
CA ASN N 518 -68.34 -48.18 -45.28
C ASN N 518 -69.00 -49.33 -46.02
N LEU N 519 -70.12 -49.01 -46.68
CA LEU N 519 -70.88 -49.97 -47.45
C LEU N 519 -70.08 -50.71 -48.48
N GLY N 520 -70.22 -52.04 -48.47
CA GLY N 520 -69.54 -52.93 -49.41
C GLY N 520 -68.07 -53.18 -49.12
N ALA N 521 -67.61 -52.72 -47.96
CA ALA N 521 -66.23 -52.91 -47.62
C ALA N 521 -66.03 -53.85 -46.43
N ARG N 522 -64.81 -54.36 -46.35
CA ARG N 522 -64.35 -55.21 -45.27
C ARG N 522 -63.29 -54.37 -44.61
N TRP N 523 -63.76 -53.52 -43.71
CA TRP N 523 -62.89 -52.59 -43.05
C TRP N 523 -63.16 -52.42 -41.57
N SER N 524 -62.07 -52.35 -40.81
CA SER N 524 -62.19 -52.11 -39.40
C SER N 524 -62.16 -50.59 -39.21
N LEU N 525 -63.00 -50.07 -38.33
CA LEU N 525 -63.01 -48.63 -38.12
C LEU N 525 -61.67 -48.12 -37.65
N ASP N 526 -61.21 -47.05 -38.29
CA ASP N 526 -59.96 -46.47 -37.91
C ASP N 526 -59.99 -45.98 -36.46
N TYR N 527 -61.20 -45.74 -35.94
CA TYR N 527 -61.35 -45.29 -34.55
C TYR N 527 -61.13 -46.42 -33.57
N MET N 528 -61.57 -47.62 -33.95
CA MET N 528 -61.52 -48.82 -33.14
C MET N 528 -60.21 -49.62 -33.21
N ASP N 529 -59.37 -49.35 -34.19
CA ASP N 529 -58.13 -50.09 -34.29
C ASP N 529 -57.33 -50.15 -33.00
N ASN N 530 -57.18 -49.01 -32.32
CA ASN N 530 -56.41 -48.93 -31.10
C ASN N 530 -57.20 -49.14 -29.82
N VAL N 531 -58.41 -49.64 -29.98
CA VAL N 531 -59.26 -49.92 -28.84
C VAL N 531 -59.13 -51.40 -28.52
N ASN N 532 -58.85 -51.72 -27.27
CA ASN N 532 -58.72 -53.11 -26.89
C ASN N 532 -59.95 -53.90 -27.32
N PRO N 533 -59.76 -54.84 -28.26
CA PRO N 533 -60.86 -55.64 -28.77
C PRO N 533 -61.39 -56.65 -27.79
N PHE N 534 -60.57 -56.98 -26.80
CA PHE N 534 -60.95 -57.97 -25.80
C PHE N 534 -61.92 -57.48 -24.75
N ASN N 535 -61.91 -56.19 -24.48
CA ASN N 535 -62.83 -55.65 -23.51
C ASN N 535 -64.17 -55.48 -24.20
N HIS N 536 -64.95 -56.57 -24.23
CA HIS N 536 -66.23 -56.56 -24.92
C HIS N 536 -67.18 -57.65 -24.42
N HIS N 537 -68.48 -57.39 -24.52
CA HIS N 537 -69.49 -58.35 -24.10
C HIS N 537 -69.53 -59.56 -25.01
N ARG N 538 -68.86 -59.48 -26.15
CA ARG N 538 -68.84 -60.58 -27.09
C ARG N 538 -67.59 -61.45 -26.97
N ASN N 539 -66.86 -61.25 -25.88
CA ASN N 539 -65.68 -62.05 -25.59
C ASN N 539 -66.18 -63.35 -24.96
N ALA N 540 -66.22 -64.39 -25.78
CA ALA N 540 -66.70 -65.69 -25.35
C ALA N 540 -66.00 -66.24 -24.13
N GLY N 541 -64.67 -66.13 -24.09
CA GLY N 541 -63.89 -66.62 -22.98
C GLY N 541 -64.29 -66.00 -21.65
N LEU N 542 -64.31 -64.66 -21.64
CA LEU N 542 -64.67 -63.91 -20.46
C LEU N 542 -66.13 -64.17 -20.09
N ARG N 543 -66.98 -64.22 -21.10
CA ARG N 543 -68.38 -64.49 -20.90
C ARG N 543 -68.62 -65.81 -20.16
N TYR N 544 -67.93 -66.84 -20.63
CA TYR N 544 -68.01 -68.18 -20.07
C TYR N 544 -67.49 -68.25 -18.64
N ARG N 545 -66.40 -67.55 -18.38
CA ARG N 545 -65.82 -67.53 -17.05
C ARG N 545 -66.74 -66.82 -16.08
N SER N 546 -67.46 -65.83 -16.60
CA SER N 546 -68.41 -65.08 -15.80
C SER N 546 -69.58 -65.97 -15.40
N MET N 547 -70.08 -66.73 -16.37
CA MET N 547 -71.20 -67.64 -16.15
C MET N 547 -70.84 -68.84 -15.28
N LEU N 548 -69.55 -69.19 -15.30
CA LEU N 548 -69.02 -70.29 -14.52
C LEU N 548 -69.29 -70.02 -13.04
N LEU N 549 -69.25 -68.73 -12.68
CA LEU N 549 -69.48 -68.27 -11.32
C LEU N 549 -70.97 -68.17 -11.01
N GLY N 550 -71.75 -67.85 -12.04
CA GLY N 550 -73.18 -67.70 -11.91
C GLY N 550 -73.63 -66.39 -12.55
N ASN N 551 -74.89 -66.07 -12.36
CA ASN N 551 -75.50 -64.85 -12.89
C ASN N 551 -75.73 -63.81 -11.82
N GLY N 552 -75.20 -64.07 -10.62
CA GLY N 552 -75.38 -63.17 -9.51
C GLY N 552 -74.11 -62.50 -9.02
N ARG N 553 -74.38 -61.35 -8.41
CA ARG N 553 -73.43 -60.45 -7.81
C ARG N 553 -72.62 -61.15 -6.72
N TYR N 554 -73.34 -61.79 -5.81
CA TYR N 554 -72.76 -62.50 -4.68
C TYR N 554 -72.42 -63.93 -5.00
N VAL N 555 -71.14 -64.26 -4.86
CA VAL N 555 -70.69 -65.60 -5.16
C VAL N 555 -69.69 -66.21 -4.20
N PRO N 556 -70.06 -67.35 -3.65
CA PRO N 556 -69.14 -68.08 -2.81
C PRO N 556 -68.35 -68.90 -3.82
N PHE N 557 -67.04 -68.85 -3.79
CA PHE N 557 -66.33 -69.59 -4.82
C PHE N 557 -65.42 -70.71 -4.32
N HIS N 558 -65.19 -71.64 -5.24
CA HIS N 558 -64.34 -72.80 -5.04
C HIS N 558 -63.57 -73.04 -6.32
N ILE N 559 -62.26 -72.81 -6.25
CA ILE N 559 -61.43 -72.98 -7.41
C ILE N 559 -60.16 -73.75 -7.14
N GLN N 560 -59.57 -74.17 -8.25
CA GLN N 560 -58.32 -74.89 -8.27
C GLN N 560 -57.33 -74.10 -9.10
N VAL N 561 -56.24 -73.70 -8.46
CA VAL N 561 -55.19 -72.91 -9.10
C VAL N 561 -53.91 -73.70 -9.34
N PRO N 562 -53.40 -73.57 -10.56
CA PRO N 562 -52.21 -74.29 -10.98
C PRO N 562 -50.90 -73.55 -10.72
N GLN N 563 -49.83 -74.33 -10.57
CA GLN N 563 -48.50 -73.79 -10.37
C GLN N 563 -47.92 -73.57 -11.77
N LYS N 564 -47.50 -72.34 -12.07
CA LYS N 564 -46.98 -72.05 -13.40
C LYS N 564 -45.48 -71.89 -13.50
N PHE N 565 -44.86 -71.56 -12.39
CA PHE N 565 -43.43 -71.37 -12.38
C PHE N 565 -42.72 -72.53 -13.07
N PHE N 566 -41.91 -72.21 -14.07
CA PHE N 566 -41.20 -73.20 -14.86
C PHE N 566 -40.27 -74.16 -14.15
N ALA N 567 -39.56 -73.72 -13.12
CA ALA N 567 -38.62 -74.59 -12.45
C ALA N 567 -39.26 -75.69 -11.60
N ILE N 568 -40.53 -75.53 -11.25
CA ILE N 568 -41.17 -76.53 -10.41
C ILE N 568 -42.45 -77.16 -10.97
N LYS N 569 -43.05 -76.53 -11.98
CA LYS N 569 -44.29 -77.02 -12.57
C LYS N 569 -44.34 -78.48 -13.03
N ASN N 570 -43.24 -79.01 -13.56
CA ASN N 570 -43.20 -80.39 -14.05
C ASN N 570 -42.20 -81.24 -13.29
N LEU N 571 -41.67 -80.68 -12.22
CA LEU N 571 -40.70 -81.37 -11.43
C LEU N 571 -41.22 -82.63 -10.75
N LEU N 572 -40.35 -83.63 -10.76
CA LEU N 572 -40.62 -84.91 -10.12
C LEU N 572 -39.88 -84.85 -8.80
N LEU N 573 -40.66 -84.67 -7.73
CA LEU N 573 -40.21 -84.53 -6.37
C LEU N 573 -39.91 -85.85 -5.66
N LEU N 574 -38.70 -85.98 -5.14
CA LEU N 574 -38.33 -87.20 -4.44
C LEU N 574 -38.81 -87.15 -3.00
N PRO N 575 -38.69 -88.27 -2.29
CA PRO N 575 -39.12 -88.33 -0.91
C PRO N 575 -38.37 -87.35 -0.03
N GLY N 576 -39.11 -86.83 0.94
CA GLY N 576 -38.61 -85.86 1.90
C GLY N 576 -39.73 -84.92 2.26
N SER N 577 -39.46 -84.00 3.16
CA SER N 577 -40.45 -83.03 3.57
C SER N 577 -40.06 -81.67 3.04
N TYR N 578 -41.01 -80.98 2.42
CA TYR N 578 -40.70 -79.68 1.85
C TYR N 578 -41.62 -78.58 2.29
N THR N 579 -41.03 -77.39 2.32
CA THR N 579 -41.75 -76.20 2.67
C THR N 579 -42.18 -75.54 1.37
N TYR N 580 -43.48 -75.51 1.16
CA TYR N 580 -44.04 -74.94 -0.03
C TYR N 580 -44.91 -73.77 0.38
N GLU N 581 -44.52 -72.58 -0.04
CA GLU N 581 -45.25 -71.39 0.33
C GLU N 581 -45.46 -70.44 -0.84
N TRP N 582 -46.63 -69.82 -0.88
CA TRP N 582 -46.93 -68.90 -1.96
C TRP N 582 -47.82 -67.74 -1.53
N ASN N 583 -47.73 -66.66 -2.33
CA ASN N 583 -48.50 -65.45 -2.09
C ASN N 583 -49.58 -65.26 -3.13
N PHE N 584 -50.73 -64.82 -2.64
CA PHE N 584 -51.89 -64.58 -3.48
C PHE N 584 -52.33 -63.14 -3.38
N ARG N 585 -52.67 -62.60 -4.55
CA ARG N 585 -53.13 -61.23 -4.68
C ARG N 585 -54.56 -61.11 -4.21
N LYS N 586 -54.93 -59.92 -3.75
CA LYS N 586 -56.27 -59.62 -3.27
C LYS N 586 -56.89 -58.49 -4.04
N ASP N 587 -56.04 -57.81 -4.80
CA ASP N 587 -56.44 -56.67 -5.62
C ASP N 587 -57.45 -57.04 -6.71
N VAL N 588 -58.69 -56.58 -6.56
CA VAL N 588 -59.72 -56.88 -7.54
C VAL N 588 -59.37 -56.47 -8.96
N ASN N 589 -58.63 -55.39 -9.13
CA ASN N 589 -58.29 -54.97 -10.47
C ASN N 589 -57.35 -55.99 -11.11
N MET N 590 -56.74 -56.80 -10.26
CA MET N 590 -55.81 -57.81 -10.71
C MET N 590 -56.41 -59.21 -10.81
N VAL N 591 -57.12 -59.62 -9.77
CA VAL N 591 -57.71 -60.94 -9.75
C VAL N 591 -58.99 -61.07 -10.56
N LEU N 592 -59.66 -59.95 -10.77
CA LEU N 592 -60.90 -59.96 -11.53
C LEU N 592 -60.75 -59.26 -12.87
N GLN N 593 -61.66 -59.59 -13.76
CA GLN N 593 -61.67 -59.02 -15.09
C GLN N 593 -63.08 -58.63 -15.49
N SER N 594 -63.21 -57.48 -16.12
CA SER N 594 -64.51 -56.99 -16.56
C SER N 594 -64.48 -56.73 -18.06
N SER N 595 -65.65 -56.74 -18.69
CA SER N 595 -65.71 -56.49 -20.12
C SER N 595 -65.58 -55.01 -20.46
N LEU N 596 -66.02 -54.13 -19.53
CA LEU N 596 -65.95 -52.70 -19.71
C LEU N 596 -64.59 -52.17 -19.27
N GLY N 597 -63.96 -52.93 -18.40
CA GLY N 597 -62.64 -52.60 -17.88
C GLY N 597 -62.68 -51.48 -16.86
N ASN N 598 -63.84 -51.26 -16.25
CA ASN N 598 -63.99 -50.21 -15.25
C ASN N 598 -63.13 -50.47 -14.02
N ASP N 599 -63.03 -49.47 -13.14
CA ASP N 599 -62.24 -49.57 -11.92
C ASP N 599 -63.00 -50.27 -10.82
N LEU N 600 -62.73 -51.57 -10.65
CA LEU N 600 -63.39 -52.38 -9.65
C LEU N 600 -63.16 -51.96 -8.21
N ARG N 601 -62.10 -51.21 -7.95
CA ARG N 601 -61.84 -50.76 -6.59
C ARG N 601 -62.89 -49.73 -6.20
N VAL N 602 -63.08 -48.76 -7.09
CA VAL N 602 -64.04 -47.69 -6.93
C VAL N 602 -65.44 -48.24 -7.11
N ASP N 603 -65.55 -49.20 -8.02
CA ASP N 603 -66.81 -49.83 -8.37
C ASP N 603 -67.40 -50.90 -7.46
N GLY N 604 -66.90 -50.99 -6.22
CA GLY N 604 -67.43 -51.91 -5.24
C GLY N 604 -67.18 -53.40 -5.35
N ALA N 605 -66.28 -53.87 -6.21
CA ALA N 605 -66.06 -55.32 -6.25
C ALA N 605 -65.32 -55.72 -4.99
N SER N 606 -65.60 -56.90 -4.44
CA SER N 606 -64.94 -57.35 -3.23
C SER N 606 -64.59 -58.83 -3.26
N ILE N 607 -63.53 -59.20 -2.56
CA ILE N 607 -63.11 -60.60 -2.53
C ILE N 607 -62.44 -60.99 -1.21
N LYS N 608 -62.88 -62.12 -0.66
CA LYS N 608 -62.33 -62.62 0.59
C LYS N 608 -61.99 -64.11 0.52
N PHE N 609 -60.78 -64.43 0.97
CA PHE N 609 -60.30 -65.81 0.98
C PHE N 609 -60.58 -66.49 2.31
N ASP N 610 -61.38 -67.54 2.25
CA ASP N 610 -61.71 -68.25 3.48
C ASP N 610 -60.78 -69.38 3.79
N SER N 611 -60.37 -70.12 2.77
CA SER N 611 -59.49 -71.23 3.01
C SER N 611 -58.76 -71.68 1.77
N ILE N 612 -57.52 -72.09 1.99
CA ILE N 612 -56.68 -72.57 0.92
C ILE N 612 -55.99 -73.86 1.32
N CYS N 613 -56.17 -74.87 0.49
CA CYS N 613 -55.58 -76.17 0.73
C CYS N 613 -54.62 -76.52 -0.37
N LEU N 614 -53.82 -77.55 -0.12
CA LEU N 614 -52.86 -78.02 -1.09
C LEU N 614 -53.15 -79.47 -1.40
N TYR N 615 -53.42 -79.76 -2.68
CA TYR N 615 -53.70 -81.12 -3.10
C TYR N 615 -52.56 -81.70 -3.92
N ALA N 616 -52.38 -83.01 -3.80
CA ALA N 616 -51.35 -83.73 -4.50
C ALA N 616 -51.76 -85.16 -4.75
N THR N 617 -51.63 -85.59 -6.01
CA THR N 617 -51.99 -86.95 -6.39
C THR N 617 -50.76 -87.78 -6.63
N PHE N 618 -50.78 -89.03 -6.19
CA PHE N 618 -49.62 -89.88 -6.38
C PHE N 618 -49.90 -91.17 -7.12
N PHE N 619 -49.02 -91.47 -8.07
CA PHE N 619 -49.12 -92.72 -8.80
C PHE N 619 -48.82 -93.77 -7.75
N PRO N 620 -49.69 -94.77 -7.59
CA PRO N 620 -49.48 -95.79 -6.58
C PRO N 620 -48.41 -96.78 -7.01
N MET N 621 -47.27 -96.24 -7.38
CA MET N 621 -46.14 -97.02 -7.86
C MET N 621 -45.65 -98.09 -6.92
N ALA N 622 -45.24 -99.21 -7.52
CA ALA N 622 -44.71 -100.32 -6.75
C ALA N 622 -43.54 -99.80 -5.94
N HIS N 623 -43.47 -100.22 -4.67
CA HIS N 623 -42.42 -99.78 -3.79
C HIS N 623 -41.01 -100.08 -4.24
N ASN N 624 -40.78 -101.29 -4.75
CA ASN N 624 -39.45 -101.65 -5.21
C ASN N 624 -39.04 -100.74 -6.35
N THR N 625 -39.98 -100.56 -7.28
CA THR N 625 -39.80 -99.72 -8.44
C THR N 625 -39.54 -98.28 -8.06
N ALA N 626 -40.44 -97.72 -7.26
CA ALA N 626 -40.31 -96.34 -6.81
C ALA N 626 -38.94 -96.12 -6.19
N SER N 627 -38.56 -97.06 -5.32
CA SER N 627 -37.29 -97.00 -4.63
C SER N 627 -36.13 -96.99 -5.60
N THR N 628 -36.24 -97.81 -6.64
CA THR N 628 -35.21 -97.90 -7.65
C THR N 628 -35.09 -96.61 -8.46
N LEU N 629 -36.25 -96.07 -8.81
CA LEU N 629 -36.31 -94.85 -9.58
C LEU N 629 -35.69 -93.70 -8.79
N GLU N 630 -35.90 -93.75 -7.48
CA GLU N 630 -35.38 -92.74 -6.57
C GLU N 630 -33.86 -92.69 -6.61
N ALA N 631 -33.27 -93.87 -6.40
CA ALA N 631 -31.84 -94.05 -6.40
C ALA N 631 -31.20 -93.44 -7.64
N MET N 632 -31.79 -93.73 -8.79
CA MET N 632 -31.31 -93.24 -10.06
C MET N 632 -31.38 -91.73 -10.16
N LEU N 633 -32.53 -91.19 -9.79
CA LEU N 633 -32.77 -89.76 -9.84
C LEU N 633 -31.93 -88.97 -8.84
N ARG N 634 -31.28 -89.69 -7.94
CA ARG N 634 -30.47 -89.03 -6.94
C ARG N 634 -29.05 -88.72 -7.43
N ASN N 635 -28.67 -89.31 -8.55
CA ASN N 635 -27.37 -89.05 -9.12
C ASN N 635 -27.42 -87.80 -9.97
N ASP N 636 -26.38 -86.99 -9.88
CA ASP N 636 -26.34 -85.76 -10.64
C ASP N 636 -26.44 -85.97 -12.13
N THR N 637 -25.89 -87.08 -12.63
CA THR N 637 -26.00 -87.30 -14.06
C THR N 637 -27.45 -87.38 -14.48
N ASN N 638 -28.31 -87.74 -13.55
CA ASN N 638 -29.74 -87.84 -13.79
C ASN N 638 -30.54 -86.68 -13.22
N ASP N 639 -29.89 -85.53 -13.14
CA ASP N 639 -30.51 -84.32 -12.65
C ASP N 639 -31.57 -83.83 -13.63
N GLN N 640 -32.71 -83.40 -13.10
CA GLN N 640 -33.78 -82.90 -13.94
C GLN N 640 -33.45 -81.49 -14.43
N SER N 641 -34.05 -81.08 -15.54
CA SER N 641 -33.79 -79.74 -16.05
C SER N 641 -34.95 -79.18 -16.84
N PHE N 642 -35.17 -77.88 -16.68
CA PHE N 642 -36.26 -77.20 -17.35
C PHE N 642 -35.87 -75.82 -17.80
N ASN N 643 -36.63 -75.34 -18.77
CA ASN N 643 -36.44 -74.03 -19.32
C ASN N 643 -37.81 -73.37 -19.44
N ASP N 644 -37.82 -72.07 -19.31
CA ASP N 644 -39.07 -71.35 -19.43
C ASP N 644 -39.49 -71.33 -20.89
N TYR N 645 -40.78 -71.56 -21.15
CA TYR N 645 -41.25 -71.57 -22.52
C TYR N 645 -40.97 -70.25 -23.25
N LEU N 646 -41.27 -69.14 -22.59
CA LEU N 646 -41.05 -67.84 -23.19
C LEU N 646 -39.59 -67.58 -23.49
N SER N 647 -38.74 -68.00 -22.56
CA SER N 647 -37.31 -67.86 -22.67
C SER N 647 -36.88 -66.46 -23.06
N ALA N 648 -37.13 -65.50 -22.18
CA ALA N 648 -36.75 -64.14 -22.50
C ALA N 648 -36.71 -63.21 -21.30
N ALA N 649 -35.94 -62.14 -21.49
CA ALA N 649 -35.78 -61.07 -20.55
C ALA N 649 -36.77 -60.02 -21.03
N ASN N 650 -37.70 -59.62 -20.18
CA ASN N 650 -38.71 -58.68 -20.61
C ASN N 650 -38.47 -57.24 -20.21
N MET N 651 -38.54 -56.36 -21.21
CA MET N 651 -38.35 -54.95 -20.95
C MET N 651 -39.49 -54.09 -21.47
N LEU N 652 -39.73 -53.02 -20.73
CA LEU N 652 -40.76 -52.07 -21.07
C LEU N 652 -40.16 -50.68 -21.11
N TYR N 653 -40.38 -50.01 -22.25
CA TYR N 653 -39.91 -48.67 -22.48
C TYR N 653 -41.09 -47.78 -22.81
N PRO N 654 -41.14 -46.67 -22.10
CA PRO N 654 -42.20 -45.70 -22.26
C PRO N 654 -42.18 -44.94 -23.58
N ILE N 655 -43.40 -44.72 -24.06
CA ILE N 655 -43.67 -44.00 -25.29
C ILE N 655 -44.66 -42.89 -24.96
N PRO N 656 -44.13 -41.70 -24.72
CA PRO N 656 -44.97 -40.58 -24.38
C PRO N 656 -46.02 -40.32 -25.43
N ALA N 657 -47.15 -39.79 -24.99
CA ALA N 657 -48.23 -39.50 -25.91
C ALA N 657 -47.71 -38.68 -27.08
N ASN N 658 -48.08 -39.10 -28.28
CA ASN N 658 -47.68 -38.40 -29.47
C ASN N 658 -46.23 -38.62 -29.89
N ALA N 659 -45.45 -39.30 -29.06
CA ALA N 659 -44.08 -39.58 -29.39
C ALA N 659 -44.09 -40.49 -30.61
N THR N 660 -43.05 -40.41 -31.43
CA THR N 660 -43.01 -41.21 -32.64
C THR N 660 -41.71 -41.97 -32.80
N ASN N 661 -40.70 -41.51 -32.07
CA ASN N 661 -39.38 -42.10 -32.09
C ASN N 661 -39.07 -42.74 -30.75
N VAL N 662 -38.62 -43.99 -30.80
CA VAL N 662 -38.28 -44.71 -29.59
C VAL N 662 -36.92 -45.35 -29.68
N PRO N 663 -35.94 -44.67 -29.10
CA PRO N 663 -34.58 -45.14 -29.10
C PRO N 663 -34.27 -45.88 -27.82
N ILE N 664 -33.62 -47.03 -27.97
CA ILE N 664 -33.26 -47.81 -26.82
C ILE N 664 -31.79 -48.16 -26.87
N SER N 665 -31.18 -48.10 -25.71
CA SER N 665 -29.76 -48.39 -25.62
C SER N 665 -29.44 -49.45 -24.59
N ILE N 666 -28.57 -50.36 -24.99
CA ILE N 666 -28.11 -51.43 -24.12
C ILE N 666 -26.61 -51.35 -23.99
N PRO N 667 -26.15 -51.02 -22.80
CA PRO N 667 -24.74 -50.90 -22.58
C PRO N 667 -24.02 -52.18 -22.93
N SER N 668 -22.83 -52.02 -23.48
CA SER N 668 -22.02 -53.14 -23.89
C SER N 668 -22.14 -54.30 -22.93
N ARG N 669 -22.41 -55.47 -23.49
CA ARG N 669 -22.58 -56.69 -22.73
C ARG N 669 -22.31 -57.91 -23.60
N ASN N 670 -22.47 -59.08 -23.01
CA ASN N 670 -22.25 -60.35 -23.70
C ASN N 670 -23.49 -60.81 -24.46
N TRP N 671 -23.29 -61.30 -25.68
CA TRP N 671 -24.40 -61.73 -26.50
C TRP N 671 -24.40 -63.20 -26.88
N ALA N 672 -23.46 -63.97 -26.37
CA ALA N 672 -23.42 -65.38 -26.71
C ALA N 672 -24.73 -66.07 -26.39
N ALA N 673 -25.22 -66.87 -27.34
CA ALA N 673 -26.45 -67.62 -27.18
C ALA N 673 -27.72 -66.79 -27.42
N PHE N 674 -27.53 -65.54 -27.78
CA PHE N 674 -28.65 -64.67 -28.06
C PHE N 674 -29.54 -65.32 -29.12
N ARG N 675 -30.84 -65.33 -28.89
CA ARG N 675 -31.75 -65.96 -29.85
C ARG N 675 -32.46 -65.01 -30.79
N GLY N 676 -32.74 -63.78 -30.34
CA GLY N 676 -33.43 -62.84 -31.20
C GLY N 676 -34.36 -61.92 -30.43
N TRP N 677 -35.12 -61.14 -31.19
CA TRP N 677 -36.05 -60.19 -30.60
C TRP N 677 -37.50 -60.45 -30.95
N ALA N 678 -38.36 -60.04 -30.03
CA ALA N 678 -39.79 -60.13 -30.14
C ALA N 678 -40.37 -58.87 -29.52
N PHE N 679 -41.39 -58.26 -30.13
CA PHE N 679 -41.92 -57.05 -29.56
C PHE N 679 -43.34 -56.69 -29.97
N THR N 680 -43.92 -55.83 -29.11
CA THR N 680 -45.25 -55.28 -29.23
C THR N 680 -45.29 -53.88 -28.64
N ARG N 681 -46.51 -53.42 -28.43
CA ARG N 681 -46.77 -52.13 -27.87
C ARG N 681 -48.01 -52.23 -26.99
N LEU N 682 -47.88 -51.74 -25.76
CA LEU N 682 -48.97 -51.77 -24.81
C LEU N 682 -49.35 -50.38 -24.34
N LYS N 683 -50.54 -50.30 -23.78
CA LYS N 683 -51.03 -49.06 -23.25
C LYS N 683 -50.63 -49.00 -21.79
N THR N 684 -50.08 -47.87 -21.37
CA THR N 684 -49.69 -47.77 -19.99
C THR N 684 -50.84 -48.04 -19.06
N LYS N 685 -52.04 -47.57 -19.45
CA LYS N 685 -53.22 -47.76 -18.64
C LYS N 685 -53.58 -49.22 -18.41
N GLU N 686 -53.28 -50.06 -19.40
CA GLU N 686 -53.59 -51.47 -19.31
C GLU N 686 -52.44 -52.33 -18.79
N THR N 687 -51.40 -51.69 -18.28
CA THR N 687 -50.25 -52.42 -17.75
C THR N 687 -49.98 -52.10 -16.30
N PRO N 688 -50.49 -52.94 -15.42
CA PRO N 688 -50.28 -52.76 -13.99
C PRO N 688 -48.78 -52.74 -13.73
N SER N 689 -48.38 -52.08 -12.66
CA SER N 689 -46.97 -52.03 -12.32
C SER N 689 -46.64 -53.28 -11.54
N LEU N 690 -45.64 -54.03 -11.98
CA LEU N 690 -45.30 -55.24 -11.24
C LEU N 690 -44.11 -55.13 -10.33
N GLY N 691 -43.45 -53.98 -10.33
CA GLY N 691 -42.29 -53.78 -9.47
C GLY N 691 -42.71 -53.54 -8.03
N SER N 692 -43.80 -54.19 -7.62
CA SER N 692 -44.31 -54.04 -6.28
C SER N 692 -45.58 -54.86 -6.03
N GLY N 693 -45.81 -55.15 -4.75
CA GLY N 693 -46.95 -55.93 -4.33
C GLY N 693 -48.29 -55.26 -4.57
N TYR N 694 -48.30 -53.95 -4.77
CA TYR N 694 -49.54 -53.22 -4.99
C TYR N 694 -49.35 -51.94 -5.81
N ASP N 695 -50.23 -51.75 -6.80
CA ASP N 695 -50.18 -50.59 -7.68
C ASP N 695 -51.33 -49.63 -7.42
N PRO N 696 -51.03 -48.61 -6.63
CA PRO N 696 -51.99 -47.59 -6.26
C PRO N 696 -52.60 -46.87 -7.46
N TYR N 697 -51.86 -46.77 -8.56
CA TYR N 697 -52.36 -46.06 -9.73
C TYR N 697 -53.05 -46.93 -10.81
N TYR N 698 -53.30 -48.18 -10.48
CA TYR N 698 -53.94 -49.10 -11.42
C TYR N 698 -55.45 -49.09 -11.26
N THR N 699 -56.12 -48.33 -12.14
CA THR N 699 -57.57 -48.20 -12.13
C THR N 699 -58.21 -48.73 -13.39
N TYR N 700 -57.91 -50.00 -13.67
CA TYR N 700 -58.40 -50.67 -14.86
C TYR N 700 -58.57 -52.15 -14.61
N SER N 701 -59.62 -52.76 -15.17
CA SER N 701 -59.84 -54.18 -14.94
C SER N 701 -60.08 -55.01 -16.19
N GLY N 702 -59.64 -54.49 -17.33
CA GLY N 702 -59.84 -55.23 -18.58
C GLY N 702 -58.72 -56.23 -18.83
N SER N 703 -58.59 -56.63 -20.09
CA SER N 703 -57.57 -57.59 -20.48
C SER N 703 -56.20 -56.97 -20.27
N ILE N 704 -55.23 -57.79 -19.89
CA ILE N 704 -53.88 -57.32 -19.65
C ILE N 704 -52.92 -57.99 -20.62
N PRO N 705 -52.77 -57.41 -21.81
CA PRO N 705 -51.90 -57.98 -22.82
C PRO N 705 -50.54 -58.47 -22.35
N TYR N 706 -49.88 -57.71 -21.49
CA TYR N 706 -48.56 -58.10 -21.01
C TYR N 706 -48.55 -59.49 -20.37
N LEU N 707 -49.67 -59.83 -19.73
CA LEU N 707 -49.80 -61.10 -19.05
C LEU N 707 -50.62 -62.14 -19.79
N ASP N 708 -51.66 -61.72 -20.51
CA ASP N 708 -52.52 -62.66 -21.19
C ASP N 708 -52.30 -62.91 -22.68
N GLY N 709 -51.64 -62.00 -23.38
CA GLY N 709 -51.40 -62.20 -24.81
C GLY N 709 -52.47 -61.61 -25.71
N THR N 710 -53.30 -60.75 -25.13
CA THR N 710 -54.33 -60.11 -25.90
C THR N 710 -53.80 -58.90 -26.67
N PHE N 711 -52.67 -59.11 -27.33
CA PHE N 711 -52.01 -58.07 -28.11
C PHE N 711 -52.90 -57.58 -29.23
N TYR N 712 -52.90 -56.25 -29.42
CA TYR N 712 -53.72 -55.64 -30.45
C TYR N 712 -53.15 -54.36 -31.04
N LEU N 713 -51.88 -54.04 -30.79
CA LEU N 713 -51.35 -52.80 -31.33
C LEU N 713 -50.17 -52.95 -32.29
N ASN N 714 -50.01 -54.14 -32.86
CA ASN N 714 -48.92 -54.44 -33.77
C ASN N 714 -48.89 -53.66 -35.07
N HIS N 715 -50.03 -53.14 -35.47
CA HIS N 715 -50.13 -52.41 -36.72
C HIS N 715 -49.60 -50.98 -36.63
N THR N 716 -49.19 -50.57 -35.43
CA THR N 716 -48.69 -49.22 -35.22
C THR N 716 -47.19 -49.08 -35.40
N PHE N 717 -46.52 -50.18 -35.71
CA PHE N 717 -45.09 -50.12 -35.90
C PHE N 717 -44.76 -49.69 -37.30
N LYS N 718 -43.78 -48.81 -37.43
CA LYS N 718 -43.38 -48.33 -38.72
C LYS N 718 -42.10 -48.98 -39.21
N LYS N 719 -41.09 -48.95 -38.36
CA LYS N 719 -39.81 -49.53 -38.71
C LYS N 719 -38.91 -49.79 -37.50
N VAL N 720 -37.87 -50.57 -37.75
CA VAL N 720 -36.91 -50.92 -36.73
C VAL N 720 -35.51 -50.91 -37.30
N ALA N 721 -34.63 -50.22 -36.58
CA ALA N 721 -33.24 -50.14 -36.96
C ALA N 721 -32.40 -50.73 -35.84
N ILE N 722 -31.61 -51.75 -36.18
CA ILE N 722 -30.76 -52.40 -35.19
C ILE N 722 -29.29 -52.12 -35.43
N THR N 723 -28.59 -51.71 -34.37
CA THR N 723 -27.19 -51.38 -34.50
C THR N 723 -26.30 -51.86 -33.37
N PHE N 724 -25.24 -52.54 -33.75
CA PHE N 724 -24.28 -53.03 -32.79
C PHE N 724 -23.10 -52.07 -32.78
N ASP N 725 -22.53 -51.88 -31.59
CA ASP N 725 -21.38 -51.03 -31.38
C ASP N 725 -21.38 -49.65 -32.05
N SER N 726 -22.53 -48.97 -32.01
CA SER N 726 -22.64 -47.63 -32.56
C SER N 726 -22.30 -47.47 -34.05
N SER N 727 -21.94 -48.54 -34.75
CA SER N 727 -21.60 -48.35 -36.15
C SER N 727 -22.11 -49.43 -37.08
N VAL N 728 -22.09 -50.67 -36.60
CA VAL N 728 -22.51 -51.83 -37.37
C VAL N 728 -24.00 -52.08 -37.41
N SER N 729 -24.52 -52.08 -38.63
CA SER N 729 -25.92 -52.33 -38.89
C SER N 729 -26.23 -53.81 -39.08
N TRP N 730 -27.18 -54.29 -38.27
CA TRP N 730 -27.60 -55.67 -38.34
C TRP N 730 -28.97 -55.70 -38.98
N PRO N 731 -29.18 -56.61 -39.94
CA PRO N 731 -28.22 -57.62 -40.36
C PRO N 731 -27.21 -57.13 -41.40
N GLY N 732 -27.40 -55.89 -41.89
CA GLY N 732 -26.50 -55.38 -42.91
C GLY N 732 -26.37 -56.39 -44.03
N ASN N 733 -25.16 -56.50 -44.59
CA ASN N 733 -24.88 -57.45 -45.66
C ASN N 733 -25.73 -57.28 -46.92
N ASP N 734 -26.44 -56.17 -47.01
CA ASP N 734 -27.27 -55.89 -48.19
C ASP N 734 -28.40 -56.88 -48.35
N ARG N 735 -28.84 -57.48 -47.25
CA ARG N 735 -29.91 -58.47 -47.27
C ARG N 735 -31.30 -57.98 -47.68
N LEU N 736 -31.81 -56.94 -46.99
CA LEU N 736 -33.14 -56.42 -47.25
C LEU N 736 -33.24 -55.37 -48.36
N LEU N 737 -34.45 -55.20 -48.89
CA LEU N 737 -34.71 -54.22 -49.95
C LEU N 737 -34.28 -52.83 -49.52
N THR N 738 -34.43 -52.58 -48.22
CA THR N 738 -34.03 -51.35 -47.55
C THR N 738 -33.14 -51.78 -46.39
N PRO N 739 -31.98 -52.26 -46.81
CA PRO N 739 -30.89 -52.81 -46.02
C PRO N 739 -30.58 -52.18 -44.67
N ASN N 740 -30.74 -50.88 -44.52
CA ASN N 740 -30.39 -50.26 -43.25
C ASN N 740 -31.36 -50.44 -42.10
N GLU N 741 -32.50 -51.03 -42.38
CA GLU N 741 -33.46 -51.20 -41.31
C GLU N 741 -34.62 -52.09 -41.72
N PHE N 742 -35.41 -52.44 -40.73
CA PHE N 742 -36.59 -53.26 -40.93
C PHE N 742 -37.79 -52.34 -41.10
N GLU N 743 -38.31 -52.29 -42.31
CA GLU N 743 -39.47 -51.47 -42.61
C GLU N 743 -40.71 -52.33 -42.48
N ILE N 744 -41.53 -52.06 -41.47
CA ILE N 744 -42.73 -52.84 -41.25
C ILE N 744 -43.84 -52.52 -42.26
N LYS N 745 -43.99 -51.24 -42.60
CA LYS N 745 -45.02 -50.81 -43.53
C LYS N 745 -44.65 -49.50 -44.23
N ARG N 746 -45.18 -49.30 -45.43
CA ARG N 746 -44.94 -48.08 -46.21
C ARG N 746 -46.23 -47.37 -46.60
N SER N 747 -46.15 -46.03 -46.68
CA SER N 747 -47.32 -45.22 -47.02
C SER N 747 -47.32 -44.65 -48.43
N VAL N 748 -48.20 -45.20 -49.26
CA VAL N 748 -48.43 -44.82 -50.64
C VAL N 748 -47.20 -44.59 -51.48
N ASP N 749 -46.36 -43.67 -51.03
CA ASP N 749 -45.14 -43.32 -51.72
C ASP N 749 -44.25 -44.51 -52.05
N GLY N 750 -44.34 -45.56 -51.24
CA GLY N 750 -43.52 -46.75 -51.46
C GLY N 750 -44.31 -47.97 -51.87
N GLU N 751 -45.52 -47.78 -52.37
CA GLU N 751 -46.36 -48.88 -52.80
C GLU N 751 -45.59 -50.07 -53.35
N GLY N 752 -44.82 -49.87 -54.41
CA GLY N 752 -44.06 -50.93 -55.06
C GLY N 752 -43.38 -51.93 -54.13
N TYR N 753 -42.95 -51.49 -52.95
CA TYR N 753 -42.28 -52.37 -52.02
C TYR N 753 -43.24 -53.10 -51.10
N ASN N 754 -44.53 -52.89 -51.30
CA ASN N 754 -45.56 -53.52 -50.49
C ASN N 754 -45.96 -54.87 -51.07
N VAL N 755 -46.70 -55.63 -50.27
CA VAL N 755 -47.14 -56.95 -50.70
C VAL N 755 -48.48 -57.33 -50.08
N ALA N 756 -48.98 -58.50 -50.48
CA ALA N 756 -50.23 -59.06 -49.99
C ALA N 756 -51.48 -58.18 -50.08
N GLN N 757 -51.44 -57.14 -50.90
CA GLN N 757 -52.58 -56.25 -51.06
C GLN N 757 -52.89 -55.38 -49.86
N CYS N 758 -51.83 -54.98 -49.16
CA CYS N 758 -51.94 -54.13 -48.01
C CYS N 758 -50.70 -53.24 -47.92
N ASN N 759 -50.55 -52.52 -46.82
CA ASN N 759 -49.40 -51.64 -46.69
C ASN N 759 -48.16 -52.29 -46.09
N MET N 760 -48.16 -53.62 -45.97
CA MET N 760 -47.00 -54.29 -45.42
C MET N 760 -45.93 -54.42 -46.50
N THR N 761 -44.67 -54.40 -46.10
CA THR N 761 -43.60 -54.49 -47.07
C THR N 761 -43.25 -55.93 -47.40
N LYS N 762 -42.64 -56.10 -48.56
CA LYS N 762 -42.21 -57.42 -49.00
C LYS N 762 -41.20 -57.98 -48.01
N ASP N 763 -40.26 -57.12 -47.62
CA ASP N 763 -39.19 -57.43 -46.68
C ASP N 763 -39.71 -58.03 -45.39
N TRP N 764 -40.63 -57.30 -44.78
CA TRP N 764 -41.24 -57.69 -43.52
C TRP N 764 -42.04 -58.96 -43.62
N PHE N 765 -42.83 -59.08 -44.69
CA PHE N 765 -43.64 -60.27 -44.88
C PHE N 765 -42.77 -61.49 -44.97
N LEU N 766 -41.62 -61.31 -45.60
CA LEU N 766 -40.64 -62.37 -45.78
C LEU N 766 -40.05 -62.81 -44.46
N VAL N 767 -39.68 -61.85 -43.63
CA VAL N 767 -39.09 -62.11 -42.33
C VAL N 767 -40.06 -62.80 -41.40
N GLN N 768 -41.29 -62.30 -41.36
CA GLN N 768 -42.30 -62.89 -40.50
C GLN N 768 -42.63 -64.31 -40.90
N MET N 769 -42.71 -64.56 -42.20
CA MET N 769 -43.03 -65.89 -42.70
C MET N 769 -41.95 -66.91 -42.38
N LEU N 770 -40.70 -66.48 -42.51
CA LEU N 770 -39.57 -67.34 -42.23
C LEU N 770 -39.44 -67.62 -40.74
N ALA N 771 -39.48 -66.54 -39.98
CA ALA N 771 -39.37 -66.60 -38.53
C ALA N 771 -40.41 -67.51 -37.90
N ASN N 772 -41.64 -67.45 -38.41
CA ASN N 772 -42.73 -68.25 -37.88
C ASN N 772 -42.81 -69.65 -38.46
N TYR N 773 -42.59 -69.78 -39.77
CA TYR N 773 -42.70 -71.09 -40.39
C TYR N 773 -41.58 -71.51 -41.32
N ASN N 774 -40.52 -70.73 -41.44
CA ASN N 774 -39.45 -71.10 -42.34
C ASN N 774 -39.92 -71.07 -43.80
N ILE N 775 -41.00 -70.35 -44.07
CA ILE N 775 -41.51 -70.24 -45.42
C ILE N 775 -41.04 -68.96 -46.06
N GLY N 776 -40.48 -69.02 -47.27
CA GLY N 776 -40.05 -67.78 -47.88
C GLY N 776 -39.07 -67.92 -49.03
N TYR N 777 -38.11 -68.83 -48.91
CA TYR N 777 -37.12 -68.99 -49.96
C TYR N 777 -37.59 -69.89 -51.09
N GLN N 778 -38.60 -70.68 -50.81
CA GLN N 778 -39.11 -71.57 -51.83
C GLN N 778 -40.59 -71.35 -52.08
N GLY N 779 -40.96 -70.08 -52.14
CA GLY N 779 -42.33 -69.70 -52.39
C GLY N 779 -43.12 -69.45 -51.12
N PHE N 780 -44.19 -68.68 -51.28
CA PHE N 780 -45.10 -68.33 -50.20
C PHE N 780 -46.38 -69.13 -50.35
N TYR N 781 -46.86 -69.67 -49.24
CA TYR N 781 -48.08 -70.43 -49.24
C TYR N 781 -48.64 -70.48 -47.83
N ILE N 782 -49.88 -70.90 -47.71
CA ILE N 782 -50.47 -70.98 -46.40
C ILE N 782 -49.79 -72.06 -45.58
N PRO N 783 -49.31 -71.69 -44.40
CA PRO N 783 -48.62 -72.64 -43.54
C PRO N 783 -49.54 -73.76 -43.08
N GLU N 784 -48.94 -74.91 -42.76
CA GLU N 784 -49.72 -76.04 -42.28
C GLU N 784 -50.40 -75.65 -40.97
N SER N 785 -51.68 -75.94 -40.86
CA SER N 785 -52.49 -75.62 -39.69
C SER N 785 -51.86 -75.91 -38.34
N TYR N 786 -51.19 -77.04 -38.19
CA TYR N 786 -50.60 -77.32 -36.89
C TYR N 786 -49.48 -76.36 -36.52
N LYS N 787 -48.91 -75.66 -37.51
CA LYS N 787 -47.84 -74.71 -37.26
C LYS N 787 -48.35 -73.29 -37.12
N ASP N 788 -49.59 -73.09 -37.57
CA ASP N 788 -50.25 -71.81 -37.52
C ASP N 788 -51.23 -71.78 -36.36
N ARG N 789 -50.71 -71.53 -35.17
CA ARG N 789 -51.54 -71.52 -33.98
C ARG N 789 -52.25 -70.21 -33.67
N MET N 790 -52.89 -70.18 -32.50
CA MET N 790 -53.65 -69.04 -32.04
C MET N 790 -52.90 -67.71 -32.04
N TYR N 791 -51.69 -67.74 -31.51
CA TYR N 791 -50.87 -66.56 -31.40
C TYR N 791 -49.87 -66.42 -32.53
N SER N 792 -50.12 -67.12 -33.63
CA SER N 792 -49.23 -67.07 -34.77
C SER N 792 -49.45 -65.87 -35.68
N PHE N 793 -48.50 -65.67 -36.57
CA PHE N 793 -48.53 -64.57 -37.51
C PHE N 793 -49.64 -64.59 -38.53
N PHE N 794 -49.55 -65.56 -39.45
CA PHE N 794 -50.51 -65.73 -40.53
C PHE N 794 -51.97 -65.76 -40.12
N ARG N 795 -52.31 -66.68 -39.22
CA ARG N 795 -53.64 -66.87 -38.73
C ARG N 795 -54.27 -65.57 -38.26
N ASN N 796 -53.43 -64.62 -37.81
CA ASN N 796 -53.88 -63.33 -37.30
C ASN N 796 -53.71 -62.15 -38.26
N PHE N 797 -53.13 -62.41 -39.41
CA PHE N 797 -52.89 -61.38 -40.42
C PHE N 797 -54.14 -61.05 -41.23
N GLN N 798 -54.55 -59.78 -41.18
CA GLN N 798 -55.74 -59.31 -41.89
C GLN N 798 -55.51 -58.03 -42.71
N PRO N 799 -55.28 -58.19 -44.01
CA PRO N 799 -55.07 -57.03 -44.86
C PRO N 799 -56.42 -56.43 -45.25
N MET N 800 -56.50 -55.10 -45.24
CA MET N 800 -57.74 -54.42 -45.58
C MET N 800 -57.56 -53.24 -46.54
N SER N 801 -58.65 -52.96 -47.25
CA SER N 801 -58.72 -51.89 -48.21
C SER N 801 -60.13 -51.31 -48.30
N ARG N 802 -60.19 -50.05 -48.68
CA ARG N 802 -61.45 -49.34 -48.82
C ARG N 802 -61.22 -48.07 -49.58
N GLN N 803 -62.31 -47.48 -50.06
CA GLN N 803 -62.26 -46.25 -50.79
C GLN N 803 -63.08 -45.18 -50.10
N VAL N 804 -62.61 -43.94 -50.22
CA VAL N 804 -63.28 -42.80 -49.64
C VAL N 804 -63.22 -41.63 -50.62
N VAL N 805 -64.15 -40.68 -50.50
CA VAL N 805 -64.15 -39.55 -51.40
C VAL N 805 -62.83 -38.81 -51.37
N ASP N 806 -62.39 -38.38 -52.54
CA ASP N 806 -61.16 -37.62 -52.59
C ASP N 806 -61.55 -36.17 -52.41
N ASP N 807 -61.33 -35.66 -51.21
CA ASP N 807 -61.67 -34.29 -50.88
C ASP N 807 -60.97 -33.24 -51.72
N THR N 808 -59.86 -33.59 -52.34
CA THR N 808 -59.12 -32.63 -53.15
C THR N 808 -59.34 -32.73 -54.64
N LYS N 809 -60.15 -33.69 -55.09
CA LYS N 809 -60.38 -33.81 -56.52
C LYS N 809 -61.85 -33.86 -56.91
N TYR N 810 -62.72 -34.15 -55.93
CA TYR N 810 -64.15 -34.19 -56.18
C TYR N 810 -64.69 -32.77 -56.11
N LYS N 811 -64.89 -32.17 -57.28
CA LYS N 811 -65.38 -30.82 -57.41
C LYS N 811 -66.47 -30.38 -56.44
N ASP N 812 -67.50 -31.20 -56.27
CA ASP N 812 -68.62 -30.87 -55.40
C ASP N 812 -68.47 -31.28 -53.95
N TYR N 813 -67.28 -31.68 -53.55
CA TYR N 813 -67.05 -32.09 -52.18
C TYR N 813 -67.57 -31.10 -51.15
N GLN N 814 -68.18 -31.65 -50.10
CA GLN N 814 -68.74 -30.90 -48.99
C GLN N 814 -68.45 -31.62 -47.68
N GLN N 815 -67.75 -30.92 -46.77
CA GLN N 815 -67.42 -31.51 -45.49
C GLN N 815 -68.57 -31.39 -44.50
N VAL N 816 -69.41 -32.42 -44.46
CA VAL N 816 -70.56 -32.44 -43.58
C VAL N 816 -70.37 -33.39 -42.41
N GLY N 817 -70.51 -32.87 -41.19
CA GLY N 817 -70.35 -33.66 -39.98
C GLY N 817 -71.66 -34.28 -39.50
N ILE N 818 -71.60 -35.10 -38.45
CA ILE N 818 -72.80 -35.75 -37.93
C ILE N 818 -73.92 -34.78 -37.67
N LEU N 819 -73.58 -33.66 -37.07
CA LEU N 819 -74.55 -32.64 -36.74
C LEU N 819 -75.46 -32.29 -37.91
N HIS N 820 -74.93 -32.43 -39.12
CA HIS N 820 -75.68 -32.09 -40.31
C HIS N 820 -75.92 -33.18 -41.31
N GLN N 821 -75.60 -34.41 -40.94
CA GLN N 821 -75.84 -35.47 -41.89
C GLN N 821 -77.24 -35.99 -41.71
N HIS N 822 -77.91 -36.23 -42.82
CA HIS N 822 -79.24 -36.75 -42.76
C HIS N 822 -79.46 -37.92 -43.70
N ASN N 823 -79.84 -39.02 -43.08
CA ASN N 823 -80.11 -40.29 -43.71
C ASN N 823 -81.06 -41.03 -42.79
N ASN N 824 -82.28 -41.27 -43.26
CA ASN N 824 -83.30 -41.92 -42.48
C ASN N 824 -84.03 -40.90 -41.61
N SER N 825 -83.82 -39.63 -41.95
CA SER N 825 -84.46 -38.55 -41.25
C SER N 825 -85.94 -38.82 -41.20
N GLY N 826 -86.52 -38.57 -40.04
CA GLY N 826 -87.93 -38.80 -39.88
C GLY N 826 -88.22 -40.22 -39.39
N PHE N 827 -87.19 -41.06 -39.40
CA PHE N 827 -87.35 -42.44 -38.95
C PHE N 827 -86.39 -42.83 -37.84
N VAL N 828 -85.47 -41.92 -37.52
CA VAL N 828 -84.47 -42.15 -36.51
C VAL N 828 -84.32 -40.98 -35.52
N GLY N 829 -83.80 -41.25 -34.34
CA GLY N 829 -83.62 -40.18 -33.36
C GLY N 829 -82.43 -39.31 -33.76
N TYR N 830 -82.37 -38.08 -33.27
CA TYR N 830 -81.30 -37.16 -33.64
C TYR N 830 -80.13 -37.17 -32.67
N LEU N 831 -78.94 -37.53 -33.15
CA LEU N 831 -77.73 -37.59 -32.35
C LEU N 831 -77.88 -38.46 -31.10
N ALA N 832 -78.77 -39.44 -31.17
CA ALA N 832 -79.01 -40.32 -30.04
C ALA N 832 -79.91 -41.49 -30.39
N PRO N 833 -79.87 -42.49 -29.51
CA PRO N 833 -80.66 -43.70 -29.68
C PRO N 833 -82.08 -43.51 -29.19
N THR N 834 -82.63 -42.32 -29.43
CA THR N 834 -83.98 -42.05 -28.98
C THR N 834 -85.04 -42.22 -30.04
N MET N 835 -86.21 -41.70 -29.68
CA MET N 835 -87.40 -41.72 -30.49
C MET N 835 -87.21 -41.03 -31.83
N ARG N 836 -87.94 -41.51 -32.83
CA ARG N 836 -87.85 -40.92 -34.14
C ARG N 836 -88.30 -39.48 -34.15
N GLU N 837 -87.76 -38.74 -35.10
CA GLU N 837 -88.06 -37.35 -35.28
C GLU N 837 -87.66 -36.94 -36.68
N GLY N 838 -88.04 -35.73 -37.08
CA GLY N 838 -87.69 -35.26 -38.39
C GLY N 838 -88.77 -35.59 -39.40
N GLN N 839 -88.34 -35.64 -40.66
CA GLN N 839 -89.23 -35.91 -41.76
C GLN N 839 -88.49 -36.58 -42.90
N ALA N 840 -89.25 -37.32 -43.70
CA ALA N 840 -88.65 -37.97 -44.85
C ALA N 840 -87.92 -36.94 -45.67
N TYR N 841 -86.84 -37.37 -46.30
CA TYR N 841 -86.06 -36.46 -47.11
C TYR N 841 -84.84 -37.14 -47.70
N PRO N 842 -84.55 -36.77 -48.94
CA PRO N 842 -83.41 -37.34 -49.62
C PRO N 842 -82.17 -37.23 -48.74
N ALA N 843 -81.49 -38.35 -48.57
CA ALA N 843 -80.28 -38.36 -47.77
C ALA N 843 -79.23 -37.47 -48.40
N ASN N 844 -78.38 -36.90 -47.58
CA ASN N 844 -77.32 -36.02 -48.04
C ASN N 844 -75.96 -36.63 -47.76
N PHE N 845 -76.01 -37.89 -47.34
CA PHE N 845 -74.83 -38.62 -46.97
C PHE N 845 -75.19 -40.09 -46.85
N PRO N 846 -74.27 -41.00 -47.13
CA PRO N 846 -72.90 -40.75 -47.57
C PRO N 846 -72.78 -40.57 -49.07
N TYR N 847 -71.56 -40.27 -49.50
CA TYR N 847 -71.27 -40.10 -50.92
C TYR N 847 -71.25 -41.43 -51.62
N PRO N 848 -71.82 -41.47 -52.81
CA PRO N 848 -71.85 -42.68 -53.60
C PRO N 848 -70.47 -43.01 -54.18
N LEU N 849 -70.00 -44.22 -53.88
CA LEU N 849 -68.71 -44.68 -54.37
C LEU N 849 -68.87 -45.60 -55.56
N ILE N 850 -70.12 -45.88 -55.87
CA ILE N 850 -70.49 -46.75 -56.97
C ILE N 850 -71.51 -46.09 -57.87
N GLY N 851 -71.77 -46.72 -59.02
CA GLY N 851 -72.74 -46.21 -59.98
C GLY N 851 -72.12 -45.31 -61.05
N LYS N 852 -73.00 -44.77 -61.90
CA LYS N 852 -72.60 -43.87 -62.97
C LYS N 852 -72.26 -42.50 -62.42
N THR N 853 -72.56 -42.31 -61.15
CA THR N 853 -72.37 -41.04 -60.49
C THR N 853 -71.31 -41.03 -59.38
N ALA N 854 -70.66 -42.18 -59.16
CA ALA N 854 -69.62 -42.30 -58.15
C ALA N 854 -68.66 -41.12 -58.16
N VAL N 855 -68.27 -40.71 -56.96
CA VAL N 855 -67.35 -39.59 -56.78
C VAL N 855 -65.90 -40.00 -56.91
N ASP N 856 -65.07 -39.01 -57.22
CA ASP N 856 -63.65 -39.27 -57.33
C ASP N 856 -63.21 -39.83 -55.99
N SER N 857 -62.53 -40.97 -56.02
CA SER N 857 -62.12 -41.58 -54.78
C SER N 857 -60.63 -41.72 -54.60
N ILE N 858 -60.30 -42.14 -53.39
CA ILE N 858 -58.94 -42.38 -52.96
C ILE N 858 -58.90 -43.71 -52.23
N THR N 859 -57.81 -44.45 -52.42
CA THR N 859 -57.68 -45.74 -51.79
C THR N 859 -56.86 -45.78 -50.50
N GLN N 860 -57.36 -46.57 -49.55
CA GLN N 860 -56.73 -46.75 -48.26
C GLN N 860 -56.49 -48.22 -47.95
N LYS N 861 -55.26 -48.53 -47.55
CA LYS N 861 -54.88 -49.88 -47.20
C LYS N 861 -54.18 -49.91 -45.85
N LYS N 862 -54.44 -50.98 -45.11
CA LYS N 862 -53.84 -51.18 -43.81
C LYS N 862 -53.94 -52.64 -43.45
N PHE N 863 -53.71 -52.92 -42.19
CA PHE N 863 -53.78 -54.29 -41.73
C PHE N 863 -53.79 -54.37 -40.22
N LEU N 864 -54.34 -55.47 -39.74
CA LEU N 864 -54.42 -55.80 -38.34
C LEU N 864 -53.60 -57.06 -38.15
N CYS N 865 -53.05 -57.23 -36.97
CA CYS N 865 -52.27 -58.41 -36.69
C CYS N 865 -52.25 -58.65 -35.20
N ASP N 866 -53.46 -58.84 -34.69
CA ASP N 866 -53.72 -59.08 -33.28
C ASP N 866 -53.13 -60.35 -32.75
N ARG N 867 -53.13 -60.38 -31.42
CA ARG N 867 -52.67 -61.45 -30.58
C ARG N 867 -51.42 -62.22 -31.00
N THR N 868 -50.41 -61.48 -31.47
CA THR N 868 -49.15 -62.07 -31.88
C THR N 868 -48.01 -61.13 -31.57
N LEU N 869 -46.78 -61.64 -31.66
CA LEU N 869 -45.61 -60.83 -31.40
C LEU N 869 -44.76 -60.69 -32.64
N TRP N 870 -44.28 -59.48 -32.92
CA TRP N 870 -43.42 -59.28 -34.08
C TRP N 870 -42.12 -60.01 -33.80
N ARG N 871 -41.54 -60.65 -34.81
CA ARG N 871 -40.31 -61.39 -34.56
C ARG N 871 -39.14 -61.09 -35.49
N ILE N 872 -37.95 -61.04 -34.89
CA ILE N 872 -36.67 -60.82 -35.55
C ILE N 872 -35.66 -61.76 -34.92
N PRO N 873 -35.53 -62.92 -35.54
CA PRO N 873 -34.63 -63.96 -35.07
C PRO N 873 -33.17 -63.65 -35.30
N PHE N 874 -32.35 -64.07 -34.35
CA PHE N 874 -30.92 -63.85 -34.48
C PHE N 874 -30.31 -65.04 -35.20
N SER N 875 -30.77 -65.21 -36.44
CA SER N 875 -30.34 -66.28 -37.33
C SER N 875 -29.88 -65.72 -38.67
N SER N 876 -28.77 -66.25 -39.18
CA SER N 876 -28.21 -65.79 -40.43
C SER N 876 -29.17 -65.70 -41.61
N ASN N 877 -30.16 -66.60 -41.67
CA ASN N 877 -31.12 -66.59 -42.76
C ASN N 877 -32.54 -66.41 -42.25
N PHE N 878 -32.64 -65.95 -41.00
CA PHE N 878 -33.90 -65.73 -40.30
C PHE N 878 -34.66 -67.01 -40.04
N MET N 879 -34.11 -68.14 -40.50
CA MET N 879 -34.81 -69.40 -40.28
C MET N 879 -34.50 -70.04 -38.95
N SER N 880 -35.36 -70.99 -38.60
CA SER N 880 -35.22 -71.75 -37.39
C SER N 880 -34.47 -73.02 -37.71
N MET N 881 -33.24 -73.09 -37.24
CA MET N 881 -32.38 -74.23 -37.46
C MET N 881 -31.91 -74.82 -36.15
N GLY N 882 -32.58 -74.41 -35.07
CA GLY N 882 -32.26 -74.87 -33.73
C GLY N 882 -32.38 -73.77 -32.69
N ALA N 883 -32.73 -74.18 -31.48
CA ALA N 883 -32.89 -73.24 -30.37
C ALA N 883 -31.65 -72.37 -30.23
N LEU N 884 -30.50 -73.02 -30.28
CA LEU N 884 -29.22 -72.35 -30.19
C LEU N 884 -28.81 -71.98 -31.60
N THR N 885 -29.11 -70.74 -31.97
CA THR N 885 -28.86 -70.19 -33.28
C THR N 885 -27.40 -70.15 -33.75
N ASP N 886 -27.23 -69.99 -35.07
CA ASP N 886 -25.91 -69.94 -35.65
C ASP N 886 -25.16 -68.68 -35.23
N LEU N 887 -25.87 -67.56 -35.19
CA LEU N 887 -25.28 -66.30 -34.80
C LEU N 887 -24.96 -66.28 -33.31
N GLY N 888 -25.88 -66.80 -32.53
CA GLY N 888 -25.71 -66.87 -31.10
C GLY N 888 -24.48 -67.65 -30.72
N GLN N 889 -23.94 -68.41 -31.68
CA GLN N 889 -22.75 -69.21 -31.42
C GLN N 889 -21.49 -68.77 -32.14
N ASN N 890 -21.60 -67.62 -32.82
CA ASN N 890 -20.52 -66.99 -33.56
C ASN N 890 -19.44 -66.46 -32.64
N LEU N 891 -18.18 -66.73 -32.98
CA LEU N 891 -17.07 -66.28 -32.17
C LEU N 891 -17.12 -64.78 -31.94
N LEU N 892 -17.57 -64.06 -32.95
CA LEU N 892 -17.66 -62.62 -32.82
C LEU N 892 -18.60 -62.20 -31.71
N TYR N 893 -19.54 -63.06 -31.34
CA TYR N 893 -20.44 -62.70 -30.26
C TYR N 893 -20.04 -63.30 -28.93
N ALA N 894 -19.05 -64.19 -28.96
CA ALA N 894 -18.55 -64.84 -27.76
C ALA N 894 -17.22 -64.29 -27.26
N ASN N 895 -16.31 -64.07 -28.20
CA ASN N 895 -14.99 -63.54 -27.88
C ASN N 895 -15.04 -62.10 -27.41
N SER N 896 -16.21 -61.48 -27.45
CA SER N 896 -16.27 -60.11 -27.01
C SER N 896 -17.66 -59.57 -26.72
N ALA N 897 -17.66 -58.47 -25.98
CA ALA N 897 -18.85 -57.78 -25.59
C ALA N 897 -19.22 -56.72 -26.62
N HIS N 898 -20.52 -56.51 -26.76
CA HIS N 898 -21.03 -55.55 -27.69
C HIS N 898 -22.12 -54.71 -27.08
N ALA N 899 -22.26 -53.51 -27.60
CA ALA N 899 -23.30 -52.59 -27.16
C ALA N 899 -24.38 -52.64 -28.22
N LEU N 900 -25.63 -52.40 -27.83
CA LEU N 900 -26.69 -52.47 -28.81
C LEU N 900 -27.61 -51.27 -28.78
N ASP N 901 -27.93 -50.79 -29.98
CA ASP N 901 -28.82 -49.66 -30.15
C ASP N 901 -29.97 -50.05 -31.05
N MET N 902 -31.18 -49.72 -30.61
CA MET N 902 -32.38 -50.00 -31.34
C MET N 902 -33.21 -48.74 -31.50
N THR N 903 -33.79 -48.58 -32.67
CA THR N 903 -34.62 -47.42 -32.92
C THR N 903 -35.93 -47.81 -33.56
N PHE N 904 -36.99 -47.60 -32.79
CA PHE N 904 -38.31 -47.91 -33.24
C PHE N 904 -39.06 -46.67 -33.69
N GLU N 905 -39.83 -46.85 -34.75
CA GLU N 905 -40.65 -45.79 -35.29
C GLU N 905 -42.09 -46.28 -35.24
N VAL N 906 -42.93 -45.57 -34.51
CA VAL N 906 -44.30 -45.97 -34.38
C VAL N 906 -45.29 -44.88 -34.73
N ASP N 907 -46.53 -45.30 -34.93
CA ASP N 907 -47.58 -44.35 -35.22
C ASP N 907 -47.87 -43.64 -33.92
N PRO N 908 -48.21 -42.35 -34.00
CA PRO N 908 -48.48 -41.61 -32.79
C PRO N 908 -49.83 -41.95 -32.19
N MET N 909 -49.83 -42.00 -30.85
CA MET N 909 -51.04 -42.29 -30.09
C MET N 909 -51.21 -41.19 -29.06
N ASP N 910 -52.44 -40.73 -28.91
CA ASP N 910 -52.75 -39.66 -27.97
C ASP N 910 -52.73 -40.11 -26.51
N GLU N 911 -52.07 -41.21 -26.22
CA GLU N 911 -52.00 -41.68 -24.86
C GLU N 911 -50.68 -42.38 -24.56
N PRO N 912 -50.27 -42.33 -23.29
CA PRO N 912 -49.03 -42.98 -22.94
C PRO N 912 -49.09 -44.48 -23.22
N THR N 913 -48.05 -44.96 -23.91
CA THR N 913 -47.97 -46.36 -24.25
C THR N 913 -46.61 -46.92 -23.88
N LEU N 914 -46.43 -48.19 -24.17
CA LEU N 914 -45.17 -48.84 -23.88
C LEU N 914 -44.72 -49.69 -25.04
N LEU N 915 -43.41 -49.69 -25.25
CA LEU N 915 -42.81 -50.53 -26.27
C LEU N 915 -42.29 -51.71 -25.49
N TYR N 916 -42.89 -52.87 -25.73
CA TYR N 916 -42.53 -54.09 -25.03
C TYR N 916 -41.55 -54.95 -25.81
N VAL N 917 -40.33 -55.06 -25.30
CA VAL N 917 -39.31 -55.85 -25.96
C VAL N 917 -38.91 -57.12 -25.22
N LEU N 918 -38.96 -58.23 -25.94
CA LEU N 918 -38.58 -59.51 -25.42
C LEU N 918 -37.22 -59.86 -25.97
N PHE N 919 -36.25 -60.02 -25.10
CA PHE N 919 -34.93 -60.41 -25.55
C PHE N 919 -34.86 -61.91 -25.39
N GLU N 920 -34.96 -62.63 -26.50
CA GLU N 920 -34.93 -64.07 -26.48
C GLU N 920 -33.61 -64.68 -26.04
N VAL N 921 -33.68 -65.51 -25.00
CA VAL N 921 -32.52 -66.16 -24.43
C VAL N 921 -32.86 -67.52 -23.87
N PHE N 922 -31.90 -68.04 -23.14
CA PHE N 922 -32.05 -69.30 -22.46
C PHE N 922 -32.24 -69.02 -20.98
N ASP N 923 -33.38 -69.48 -20.48
CA ASP N 923 -33.77 -69.34 -19.09
C ASP N 923 -33.92 -70.77 -18.58
N VAL N 924 -32.85 -71.27 -17.99
CA VAL N 924 -32.80 -72.64 -17.52
C VAL N 924 -32.44 -72.87 -16.07
N VAL N 925 -32.85 -74.06 -15.62
CA VAL N 925 -32.62 -74.58 -14.29
C VAL N 925 -32.23 -76.05 -14.36
N ARG N 926 -31.34 -76.42 -13.45
CA ARG N 926 -30.89 -77.79 -13.27
C ARG N 926 -31.18 -78.17 -11.84
N VAL N 927 -31.97 -79.22 -11.66
CA VAL N 927 -32.36 -79.65 -10.33
C VAL N 927 -31.60 -80.87 -9.82
N HIS N 928 -31.00 -80.69 -8.63
CA HIS N 928 -30.23 -81.72 -7.97
C HIS N 928 -30.93 -82.14 -6.69
N ARG N 929 -31.08 -83.46 -6.50
CA ARG N 929 -31.73 -83.97 -5.31
C ARG N 929 -30.94 -85.10 -4.64
N PRO N 930 -29.73 -84.76 -4.22
CA PRO N 930 -28.77 -85.66 -3.58
C PRO N 930 -29.30 -86.50 -2.42
N HIS N 931 -30.12 -85.91 -1.55
CA HIS N 931 -30.62 -86.66 -0.40
C HIS N 931 -32.06 -86.33 -0.02
N ARG N 932 -32.61 -87.20 0.82
CA ARG N 932 -33.95 -87.06 1.35
C ARG N 932 -34.18 -85.64 1.83
N GLY N 933 -35.22 -84.99 1.32
CA GLY N 933 -35.57 -83.64 1.72
C GLY N 933 -34.52 -82.58 1.40
N VAL N 934 -33.84 -82.75 0.27
CA VAL N 934 -32.82 -81.82 -0.17
C VAL N 934 -32.93 -81.49 -1.65
N ILE N 935 -33.26 -80.23 -1.93
CA ILE N 935 -33.39 -79.74 -3.29
C ILE N 935 -32.44 -78.60 -3.58
N GLU N 936 -31.49 -78.84 -4.48
CA GLU N 936 -30.54 -77.82 -4.85
C GLU N 936 -30.75 -77.44 -6.30
N THR N 937 -30.74 -76.15 -6.60
CA THR N 937 -30.95 -75.71 -7.96
C THR N 937 -29.85 -74.84 -8.51
N VAL N 938 -29.70 -74.88 -9.82
CA VAL N 938 -28.74 -74.06 -10.50
C VAL N 938 -29.42 -73.32 -11.63
N TYR N 939 -29.58 -72.02 -11.45
CA TYR N 939 -30.21 -71.21 -12.46
C TYR N 939 -29.17 -70.56 -13.35
N LEU N 940 -29.49 -70.50 -14.63
CA LEU N 940 -28.62 -69.88 -15.61
C LEU N 940 -29.46 -69.22 -16.68
N ARG N 941 -29.26 -67.91 -16.85
CA ARG N 941 -29.99 -67.16 -17.84
C ARG N 941 -29.04 -66.43 -18.78
N THR N 942 -28.93 -66.91 -20.01
CA THR N 942 -28.06 -66.26 -20.96
C THR N 942 -28.65 -66.16 -22.37
N PRO N 943 -28.39 -65.00 -22.97
CA PRO N 943 -27.65 -63.95 -22.30
C PRO N 943 -28.47 -63.28 -21.20
N PHE N 944 -28.07 -62.07 -20.80
CA PHE N 944 -28.78 -61.35 -19.75
C PHE N 944 -28.82 -62.10 -18.43
N SER N 945 -27.65 -62.44 -17.91
CA SER N 945 -27.57 -63.17 -16.66
C SER N 945 -28.09 -62.31 -15.52
N ALA N 946 -28.80 -62.95 -14.59
CA ALA N 946 -29.37 -62.24 -13.44
C ALA N 946 -28.35 -62.16 -12.32
N MET O 5 -42.99 -98.00 -74.89
CA MET O 5 -42.65 -98.77 -73.71
C MET O 5 -41.31 -98.37 -73.09
N MET O 6 -40.71 -99.33 -72.41
CA MET O 6 -39.44 -99.18 -71.71
C MET O 6 -38.71 -97.84 -71.77
N PRO O 7 -37.81 -97.68 -72.75
CA PRO O 7 -36.96 -96.50 -72.94
C PRO O 7 -37.50 -95.15 -72.51
N GLN O 8 -38.50 -94.64 -73.20
CA GLN O 8 -39.02 -93.34 -72.82
C GLN O 8 -39.48 -93.33 -71.38
N TRP O 9 -40.12 -94.40 -70.97
CA TRP O 9 -40.64 -94.55 -69.62
C TRP O 9 -39.59 -94.34 -68.54
N SER O 10 -38.47 -95.04 -68.64
CA SER O 10 -37.42 -94.91 -67.63
C SER O 10 -36.77 -93.53 -67.69
N TYR O 11 -36.52 -93.08 -68.92
CA TYR O 11 -35.90 -91.78 -69.13
C TYR O 11 -36.73 -90.65 -68.52
N MET O 12 -38.04 -90.71 -68.77
CA MET O 12 -38.96 -89.71 -68.27
C MET O 12 -39.42 -89.98 -66.85
N HIS O 13 -38.98 -91.11 -66.32
CA HIS O 13 -39.31 -91.53 -64.96
C HIS O 13 -40.76 -91.96 -64.77
N ILE O 14 -41.39 -92.30 -65.88
CA ILE O 14 -42.77 -92.75 -65.81
C ILE O 14 -42.77 -94.09 -65.09
N SER O 15 -41.63 -94.75 -65.20
CA SER O 15 -41.34 -96.04 -64.61
C SER O 15 -39.88 -96.13 -64.27
N GLY O 16 -39.44 -97.24 -63.69
CA GLY O 16 -38.05 -97.41 -63.33
C GLY O 16 -37.74 -97.15 -61.87
N GLN O 17 -36.53 -96.61 -61.65
CA GLN O 17 -36.03 -96.30 -60.32
C GLN O 17 -36.57 -95.04 -59.67
N ASP O 18 -36.39 -95.02 -58.36
CA ASP O 18 -36.79 -93.91 -57.52
C ASP O 18 -35.64 -92.93 -57.48
N ALA O 19 -35.94 -91.66 -57.21
CA ALA O 19 -34.91 -90.64 -57.15
C ALA O 19 -33.70 -91.07 -56.34
N SER O 20 -33.94 -91.78 -55.24
CA SER O 20 -32.88 -92.24 -54.37
C SER O 20 -31.92 -93.19 -55.07
N GLU O 21 -32.42 -93.89 -56.08
CA GLU O 21 -31.58 -94.83 -56.81
C GLU O 21 -31.04 -94.25 -58.09
N TYR O 22 -31.81 -93.38 -58.74
CA TYR O 22 -31.36 -92.81 -59.99
C TYR O 22 -30.44 -91.61 -59.86
N LEU O 23 -30.63 -90.81 -58.80
CA LEU O 23 -29.77 -89.65 -58.60
C LEU O 23 -28.41 -90.11 -58.12
N SER O 24 -27.41 -89.24 -58.24
CA SER O 24 -26.09 -89.58 -57.77
C SER O 24 -26.11 -89.61 -56.24
N PRO O 25 -25.24 -90.44 -55.67
CA PRO O 25 -25.17 -90.58 -54.24
C PRO O 25 -24.81 -89.30 -53.49
N GLY O 26 -23.94 -88.48 -54.07
CA GLY O 26 -23.55 -87.24 -53.42
C GLY O 26 -24.76 -86.33 -53.23
N LEU O 27 -25.56 -86.22 -54.29
CA LEU O 27 -26.75 -85.42 -54.31
C LEU O 27 -27.79 -85.93 -53.31
N VAL O 28 -27.97 -87.24 -53.28
CA VAL O 28 -28.91 -87.85 -52.36
C VAL O 28 -28.54 -87.49 -50.94
N GLN O 29 -27.25 -87.64 -50.65
CA GLN O 29 -26.69 -87.34 -49.36
C GLN O 29 -26.96 -85.89 -49.02
N PHE O 30 -26.56 -85.03 -49.95
CA PHE O 30 -26.73 -83.60 -49.81
C PHE O 30 -28.19 -83.25 -49.56
N ALA O 31 -29.08 -83.84 -50.37
CA ALA O 31 -30.50 -83.61 -50.24
C ALA O 31 -30.99 -83.91 -48.85
N ARG O 32 -30.58 -85.07 -48.33
CA ARG O 32 -30.98 -85.51 -47.01
C ARG O 32 -30.48 -84.58 -45.92
N ALA O 33 -29.28 -84.05 -46.11
CA ALA O 33 -28.69 -83.15 -45.13
C ALA O 33 -29.28 -81.75 -45.12
N THR O 34 -29.71 -81.26 -46.28
CA THR O 34 -30.26 -79.92 -46.42
C THR O 34 -31.76 -79.84 -46.22
N GLU O 35 -32.42 -81.00 -46.28
CA GLU O 35 -33.86 -81.13 -46.14
C GLU O 35 -34.60 -80.08 -45.31
N THR O 36 -34.25 -79.95 -44.03
CA THR O 36 -34.95 -79.00 -43.16
C THR O 36 -34.79 -77.54 -43.51
N TYR O 37 -33.79 -77.18 -44.31
CA TYR O 37 -33.62 -75.78 -44.63
C TYR O 37 -33.71 -75.39 -46.09
N PHE O 38 -33.61 -76.38 -46.95
CA PHE O 38 -33.67 -76.15 -48.37
C PHE O 38 -33.97 -77.46 -49.08
N SER O 39 -35.22 -77.63 -49.49
CA SER O 39 -35.62 -78.87 -50.13
C SER O 39 -35.56 -79.03 -51.65
N LEU O 40 -35.09 -80.22 -52.03
CA LEU O 40 -34.89 -80.65 -53.40
C LEU O 40 -35.84 -81.78 -53.79
N ASN O 41 -36.60 -82.26 -52.81
CA ASN O 41 -37.52 -83.36 -53.04
C ASN O 41 -38.52 -83.18 -54.18
N ASN O 42 -39.13 -82.01 -54.28
CA ASN O 42 -40.12 -81.84 -55.33
C ASN O 42 -39.59 -81.57 -56.73
N LYS O 43 -38.31 -81.78 -56.97
CA LYS O 43 -37.81 -81.54 -58.32
C LYS O 43 -37.33 -82.80 -59.02
N PHE O 44 -37.58 -83.94 -58.39
CA PHE O 44 -37.20 -85.23 -58.91
C PHE O 44 -38.37 -86.19 -58.82
N ARG O 45 -38.88 -86.64 -59.95
CA ARG O 45 -40.00 -87.55 -59.90
C ARG O 45 -39.71 -88.99 -59.51
N ASN O 46 -40.68 -89.53 -58.79
CA ASN O 46 -40.67 -90.89 -58.29
C ASN O 46 -41.86 -91.64 -58.85
N PRO O 47 -41.57 -92.56 -59.76
CA PRO O 47 -42.58 -93.35 -60.41
C PRO O 47 -43.30 -94.30 -59.46
N THR O 48 -44.56 -94.58 -59.81
CA THR O 48 -45.42 -95.50 -59.09
C THR O 48 -46.06 -96.40 -60.13
N VAL O 49 -45.67 -97.66 -60.06
CA VAL O 49 -46.14 -98.64 -60.99
C VAL O 49 -47.01 -99.72 -60.40
N ALA O 50 -48.20 -99.87 -60.96
CA ALA O 50 -49.10 -100.90 -60.47
C ALA O 50 -48.59 -102.27 -60.88
N PRO O 51 -48.95 -103.27 -60.09
CA PRO O 51 -48.55 -104.64 -60.36
C PRO O 51 -49.30 -105.14 -61.58
N THR O 52 -48.69 -106.02 -62.36
CA THR O 52 -49.33 -106.51 -63.57
C THR O 52 -49.81 -107.95 -63.52
N HIS O 53 -49.49 -108.69 -62.45
CA HIS O 53 -49.91 -110.07 -62.38
C HIS O 53 -50.27 -110.52 -60.97
N ASP O 54 -51.09 -111.57 -60.90
CA ASP O 54 -51.50 -112.18 -59.65
C ASP O 54 -52.34 -111.30 -58.74
N VAL O 55 -53.14 -110.42 -59.32
CA VAL O 55 -53.97 -109.56 -58.49
C VAL O 55 -55.43 -109.70 -58.90
N THR O 56 -55.66 -109.43 -60.18
CA THR O 56 -56.98 -109.47 -60.77
C THR O 56 -57.12 -110.56 -61.81
N THR O 57 -58.36 -110.95 -62.06
CA THR O 57 -58.66 -111.96 -63.04
C THR O 57 -58.73 -111.40 -64.44
N ASP O 58 -58.54 -112.30 -65.39
CA ASP O 58 -58.59 -111.99 -66.80
C ASP O 58 -59.90 -112.54 -67.28
N ARG O 59 -60.40 -113.46 -66.45
CA ARG O 59 -61.63 -114.16 -66.71
C ARG O 59 -62.88 -113.33 -66.44
N SER O 60 -63.96 -113.81 -67.05
CA SER O 60 -65.27 -113.22 -66.92
C SER O 60 -65.75 -113.42 -65.49
N GLN O 61 -66.24 -112.34 -64.87
CA GLN O 61 -66.67 -112.45 -63.48
C GLN O 61 -67.37 -111.18 -63.03
N ARG O 62 -68.53 -111.34 -62.40
CA ARG O 62 -69.30 -110.23 -61.89
C ARG O 62 -68.66 -109.67 -60.63
N LEU O 63 -68.79 -108.37 -60.42
CA LEU O 63 -68.23 -107.77 -59.22
C LEU O 63 -69.25 -107.88 -58.11
N THR O 64 -70.50 -107.69 -58.52
CA THR O 64 -71.62 -107.75 -57.61
C THR O 64 -72.66 -108.78 -58.03
N LEU O 65 -73.11 -109.54 -57.05
CA LEU O 65 -74.12 -110.56 -57.23
C LEU O 65 -75.31 -110.22 -56.38
N ARG O 66 -76.47 -110.60 -56.88
CA ARG O 66 -77.67 -110.38 -56.13
C ARG O 66 -78.41 -111.68 -55.96
N PHE O 67 -78.83 -111.90 -54.72
CA PHE O 67 -79.54 -113.11 -54.35
C PHE O 67 -80.98 -112.87 -53.99
N ILE O 68 -81.82 -113.76 -54.51
CA ILE O 68 -83.24 -113.71 -54.27
C ILE O 68 -83.55 -114.66 -53.13
N PRO O 69 -84.54 -114.33 -52.30
CA PRO O 69 -84.85 -115.22 -51.20
C PRO O 69 -85.42 -116.54 -51.67
N VAL O 70 -84.94 -117.58 -51.01
CA VAL O 70 -85.29 -118.95 -51.26
C VAL O 70 -86.59 -119.30 -50.54
N ASP O 71 -86.78 -118.62 -49.42
CA ASP O 71 -87.94 -118.76 -48.57
C ASP O 71 -88.22 -117.46 -47.85
N ARG O 72 -89.47 -117.05 -47.87
CA ARG O 72 -89.88 -115.82 -47.22
C ARG O 72 -91.11 -116.07 -46.37
N GLU O 73 -91.18 -115.36 -45.24
CA GLU O 73 -92.31 -115.52 -44.36
C GLU O 73 -92.73 -114.22 -43.70
N ASP O 74 -93.72 -113.60 -44.32
CA ASP O 74 -94.30 -112.36 -43.83
C ASP O 74 -95.28 -112.68 -42.72
N THR O 75 -94.91 -112.36 -41.47
CA THR O 75 -95.72 -112.65 -40.30
C THR O 75 -96.37 -111.43 -39.63
N ALA O 76 -97.07 -111.63 -38.51
CA ALA O 76 -97.74 -110.57 -37.78
C ALA O 76 -96.87 -109.38 -37.40
N TYR O 77 -95.72 -109.65 -36.76
CA TYR O 77 -94.83 -108.57 -36.34
C TYR O 77 -93.41 -108.73 -36.85
N SER O 78 -93.22 -109.68 -37.76
CA SER O 78 -91.89 -109.90 -38.29
C SER O 78 -91.86 -110.43 -39.71
N TYR O 79 -90.64 -110.48 -40.23
CA TYR O 79 -90.35 -110.92 -41.57
C TYR O 79 -89.09 -111.77 -41.58
N LYS O 80 -89.19 -112.94 -42.17
CA LYS O 80 -88.08 -113.87 -42.27
C LYS O 80 -87.64 -114.06 -43.72
N ALA O 81 -86.35 -113.90 -43.97
CA ALA O 81 -85.84 -114.07 -45.32
C ALA O 81 -84.69 -115.05 -45.36
N ARG O 82 -84.79 -116.01 -46.26
CA ARG O 82 -83.75 -117.00 -46.38
C ARG O 82 -83.07 -117.00 -47.73
N PHE O 83 -81.75 -116.97 -47.71
CA PHE O 83 -81.00 -116.97 -48.94
C PHE O 83 -79.95 -118.04 -48.96
N THR O 84 -79.50 -118.30 -50.18
CA THR O 84 -78.46 -119.25 -50.44
C THR O 84 -77.27 -118.45 -50.92
N LEU O 85 -76.49 -117.99 -49.96
CA LEU O 85 -75.32 -117.20 -50.22
C LEU O 85 -74.27 -118.12 -50.82
N ALA O 86 -73.97 -117.96 -52.10
CA ALA O 86 -73.01 -118.83 -52.73
C ALA O 86 -71.69 -118.17 -53.11
N VAL O 87 -70.61 -118.74 -52.57
CA VAL O 87 -69.27 -118.29 -52.85
C VAL O 87 -68.60 -119.27 -53.80
N GLY O 88 -68.50 -118.84 -55.04
CA GLY O 88 -67.91 -119.67 -56.07
C GLY O 88 -66.45 -119.96 -55.85
N ASP O 89 -65.99 -120.98 -56.58
CA ASP O 89 -64.63 -121.42 -56.54
C ASP O 89 -63.71 -120.34 -57.07
N ASN O 90 -62.56 -120.20 -56.43
CA ASN O 90 -61.59 -119.21 -56.83
C ASN O 90 -62.09 -117.81 -56.46
N ARG O 91 -62.86 -117.78 -55.39
CA ARG O 91 -63.41 -116.55 -54.90
C ARG O 91 -63.43 -116.50 -53.39
N VAL O 92 -63.40 -115.27 -52.91
CA VAL O 92 -63.46 -114.98 -51.50
C VAL O 92 -64.41 -113.81 -51.31
N LEU O 93 -65.15 -113.84 -50.23
CA LEU O 93 -66.13 -112.81 -49.98
C LEU O 93 -66.00 -112.17 -48.61
N ASP O 94 -65.87 -110.85 -48.59
CA ASP O 94 -65.76 -110.10 -47.36
C ASP O 94 -67.15 -109.68 -46.92
N MET O 95 -67.63 -110.33 -45.85
CA MET O 95 -68.96 -110.07 -45.33
C MET O 95 -69.30 -108.61 -45.17
N ALA O 96 -68.30 -107.78 -44.89
CA ALA O 96 -68.55 -106.37 -44.73
C ALA O 96 -69.16 -105.78 -45.98
N SER O 97 -68.96 -106.48 -47.10
CA SER O 97 -69.49 -105.99 -48.35
C SER O 97 -70.89 -106.49 -48.71
N THR O 98 -71.59 -107.05 -47.73
CA THR O 98 -72.95 -107.53 -47.97
C THR O 98 -73.97 -106.64 -47.30
N TYR O 99 -75.19 -106.70 -47.80
CA TYR O 99 -76.27 -105.90 -47.26
C TYR O 99 -77.61 -106.33 -47.84
N PHE O 100 -78.66 -106.10 -47.07
CA PHE O 100 -80.00 -106.44 -47.47
C PHE O 100 -80.69 -105.27 -48.14
N ASP O 101 -80.98 -105.43 -49.42
CA ASP O 101 -81.65 -104.40 -50.21
C ASP O 101 -83.14 -104.56 -49.98
N ILE O 102 -83.78 -103.55 -49.41
CA ILE O 102 -85.19 -103.66 -49.13
C ILE O 102 -86.06 -102.60 -49.78
N ARG O 103 -87.21 -103.06 -50.30
CA ARG O 103 -88.19 -102.20 -50.92
C ARG O 103 -89.54 -102.46 -50.28
N GLY O 104 -90.25 -101.39 -49.98
CA GLY O 104 -91.56 -101.51 -49.37
C GLY O 104 -92.27 -100.18 -49.33
N VAL O 105 -93.36 -100.14 -48.60
CA VAL O 105 -94.13 -98.92 -48.49
C VAL O 105 -94.29 -98.52 -47.05
N LEU O 106 -94.24 -97.23 -46.83
CA LEU O 106 -94.39 -96.73 -45.49
C LEU O 106 -95.33 -95.54 -45.41
N ASP O 107 -96.20 -95.60 -44.41
CA ASP O 107 -97.12 -94.52 -44.14
C ASP O 107 -96.79 -93.96 -42.78
N ARG O 108 -96.23 -92.75 -42.78
CA ARG O 108 -95.86 -92.12 -41.54
C ARG O 108 -97.06 -91.74 -40.70
N GLY O 109 -98.24 -91.87 -41.29
CA GLY O 109 -99.46 -91.55 -40.57
C GLY O 109 -99.76 -90.07 -40.58
N PRO O 110 -100.85 -89.71 -39.92
CA PRO O 110 -101.31 -88.34 -39.86
C PRO O 110 -100.56 -87.45 -38.90
N THR O 111 -99.83 -88.02 -37.94
CA THR O 111 -99.12 -87.20 -36.98
C THR O 111 -97.76 -86.68 -37.43
N PHE O 112 -97.36 -87.06 -38.65
CA PHE O 112 -96.10 -86.62 -39.21
C PHE O 112 -96.21 -85.19 -39.71
N LYS O 113 -95.33 -84.34 -39.22
CA LYS O 113 -95.29 -82.94 -39.61
C LYS O 113 -93.85 -82.43 -39.61
N PRO O 114 -93.21 -82.61 -40.77
CA PRO O 114 -91.82 -82.26 -41.00
C PRO O 114 -91.49 -80.78 -40.98
N TYR O 115 -92.16 -80.00 -40.15
CA TYR O 115 -91.86 -78.57 -40.12
C TYR O 115 -92.62 -77.83 -39.04
N SER O 116 -92.16 -76.60 -38.81
CA SER O 116 -92.76 -75.70 -37.84
C SER O 116 -93.60 -74.65 -38.56
N GLY O 117 -94.63 -74.15 -37.89
CA GLY O 117 -95.48 -73.14 -38.49
C GLY O 117 -96.53 -73.75 -39.41
N THR O 118 -97.06 -72.91 -40.30
CA THR O 118 -98.08 -73.29 -41.26
C THR O 118 -97.62 -73.15 -42.68
N ALA O 119 -98.40 -73.77 -43.54
CA ALA O 119 -98.16 -73.71 -44.96
C ALA O 119 -99.21 -72.77 -45.54
N TYR O 120 -100.19 -72.39 -44.70
CA TYR O 120 -101.31 -71.56 -45.11
C TYR O 120 -101.53 -70.26 -44.34
N ASN O 121 -101.48 -69.15 -45.08
CA ASN O 121 -101.70 -67.82 -44.55
C ASN O 121 -100.82 -67.54 -43.33
N ALA O 122 -99.52 -67.80 -43.51
CA ALA O 122 -98.54 -67.61 -42.46
C ALA O 122 -98.40 -66.16 -42.02
N LEU O 123 -98.66 -65.22 -42.93
CA LEU O 123 -98.53 -63.81 -42.60
C LEU O 123 -99.75 -63.23 -41.90
N ALA O 124 -100.86 -63.94 -41.95
CA ALA O 124 -102.08 -63.47 -41.33
C ALA O 124 -102.04 -63.51 -39.81
N PRO O 125 -102.50 -62.43 -39.18
CA PRO O 125 -102.51 -62.44 -37.72
C PRO O 125 -103.27 -63.65 -37.21
N LYS O 126 -102.73 -64.27 -36.17
CA LYS O 126 -103.28 -65.47 -35.59
C LYS O 126 -104.75 -65.45 -35.12
N GLY O 127 -105.34 -64.25 -35.02
CA GLY O 127 -106.73 -64.12 -34.59
C GLY O 127 -107.63 -63.55 -35.67
N ALA O 128 -107.03 -63.00 -36.71
CA ALA O 128 -107.77 -62.44 -37.83
C ALA O 128 -108.63 -63.52 -38.46
N PRO O 129 -109.87 -63.17 -38.78
CA PRO O 129 -110.76 -64.14 -39.36
C PRO O 129 -110.92 -63.98 -40.86
N ASN O 130 -111.40 -65.04 -41.48
CA ASN O 130 -111.67 -65.05 -42.90
C ASN O 130 -112.98 -64.30 -43.08
N PRO O 131 -113.18 -63.66 -44.21
CA PRO O 131 -114.43 -62.95 -44.40
C PRO O 131 -115.57 -63.95 -44.28
N CYS O 132 -116.42 -63.78 -43.28
CA CYS O 132 -117.51 -64.71 -43.05
C CYS O 132 -118.90 -64.09 -42.89
N GLU O 133 -119.87 -64.98 -42.63
CA GLU O 133 -121.26 -64.65 -42.43
C GLU O 133 -121.88 -65.53 -41.36
N TRP O 134 -122.79 -64.97 -40.57
CA TRP O 134 -123.44 -65.73 -39.52
C TRP O 134 -124.85 -65.23 -39.20
N ASP O 135 -125.55 -66.00 -38.38
CA ASP O 135 -126.91 -65.67 -38.00
C ASP O 135 -126.96 -65.00 -36.64
N THR O 165 -128.84 -62.46 -40.44
CA THR O 165 -127.59 -62.87 -41.06
C THR O 165 -126.63 -61.70 -41.22
N HIS O 166 -125.51 -61.78 -40.50
CA HIS O 166 -124.50 -60.75 -40.55
C HIS O 166 -123.35 -61.07 -41.46
N VAL O 167 -122.66 -60.01 -41.84
CA VAL O 167 -121.51 -60.11 -42.70
C VAL O 167 -120.35 -59.32 -42.15
N PHE O 168 -119.18 -59.94 -42.31
CA PHE O 168 -117.91 -59.39 -41.93
C PHE O 168 -116.97 -59.75 -43.05
N GLY O 169 -116.67 -58.77 -43.90
CA GLY O 169 -115.80 -59.06 -45.03
C GLY O 169 -114.95 -57.90 -45.52
N GLN O 170 -114.47 -58.09 -46.74
CA GLN O 170 -113.61 -57.14 -47.43
C GLN O 170 -113.83 -57.21 -48.93
N ALA O 171 -113.77 -56.03 -49.57
CA ALA O 171 -113.93 -55.88 -51.01
C ALA O 171 -112.76 -55.07 -51.52
N PRO O 172 -111.73 -55.77 -51.97
CA PRO O 172 -110.51 -55.13 -52.43
C PRO O 172 -110.46 -54.83 -53.91
N TYR O 173 -111.31 -55.49 -54.67
CA TYR O 173 -111.34 -55.28 -56.11
C TYR O 173 -112.15 -54.06 -56.53
N SER O 174 -111.52 -53.17 -57.29
CA SER O 174 -112.20 -51.99 -57.78
C SER O 174 -112.59 -52.18 -59.23
N GLY O 175 -113.91 -52.24 -59.45
CA GLY O 175 -114.46 -52.46 -60.79
C GLY O 175 -114.97 -51.18 -61.45
N ILE O 176 -115.53 -51.35 -62.63
CA ILE O 176 -116.05 -50.24 -63.41
C ILE O 176 -117.44 -49.84 -62.94
N ASN O 177 -118.29 -50.84 -62.74
CA ASN O 177 -119.66 -50.64 -62.29
C ASN O 177 -120.29 -51.94 -61.81
N ILE O 178 -121.29 -51.80 -60.95
CA ILE O 178 -121.99 -52.95 -60.41
C ILE O 178 -123.42 -53.05 -60.93
N THR O 179 -123.71 -54.10 -61.68
CA THR O 179 -125.03 -54.31 -62.21
C THR O 179 -125.68 -55.49 -61.53
N LYS O 180 -126.77 -55.99 -62.11
CA LYS O 180 -127.45 -57.13 -61.52
C LYS O 180 -126.74 -58.41 -61.93
N GLU O 181 -125.81 -58.25 -62.86
CA GLU O 181 -125.03 -59.36 -63.38
C GLU O 181 -123.70 -59.49 -62.63
N GLY O 182 -123.52 -58.64 -61.63
CA GLY O 182 -122.31 -58.66 -60.83
C GLY O 182 -121.46 -57.42 -61.08
N ILE O 183 -120.15 -57.60 -61.02
CA ILE O 183 -119.22 -56.49 -61.23
C ILE O 183 -118.56 -56.53 -62.60
N GLN O 184 -118.59 -55.39 -63.28
CA GLN O 184 -117.99 -55.24 -64.60
C GLN O 184 -116.48 -55.14 -64.47
N ILE O 185 -115.76 -55.84 -65.32
CA ILE O 185 -114.31 -55.82 -65.26
C ILE O 185 -113.67 -55.49 -66.60
N GLY O 186 -114.49 -55.11 -67.56
CA GLY O 186 -114.02 -54.76 -68.87
C GLY O 186 -115.18 -54.37 -69.77
N LYS O 193 -118.60 -57.01 -70.07
CA LYS O 193 -117.48 -57.82 -69.58
C LYS O 193 -117.52 -57.97 -68.06
N TYR O 194 -118.47 -58.79 -67.60
CA TYR O 194 -118.64 -59.04 -66.18
C TYR O 194 -117.72 -60.16 -65.68
N ALA O 195 -117.57 -60.24 -64.37
CA ALA O 195 -116.72 -61.23 -63.74
C ALA O 195 -117.27 -62.64 -63.71
N ASP O 196 -116.35 -63.59 -63.84
CA ASP O 196 -116.67 -65.01 -63.79
C ASP O 196 -116.72 -65.44 -62.33
N LYS O 197 -117.93 -65.57 -61.82
CA LYS O 197 -118.20 -65.95 -60.45
C LYS O 197 -117.39 -67.10 -59.89
N THR O 198 -117.05 -68.08 -60.73
CA THR O 198 -116.29 -69.22 -60.25
C THR O 198 -114.94 -68.85 -59.65
N PHE O 199 -114.36 -67.76 -60.14
CA PHE O 199 -113.05 -67.39 -59.63
C PHE O 199 -112.82 -65.90 -59.48
N GLN O 200 -113.67 -65.09 -60.11
CA GLN O 200 -113.51 -63.66 -60.01
C GLN O 200 -114.52 -63.04 -59.07
N PRO O 201 -114.05 -62.09 -58.26
CA PRO O 201 -112.67 -61.64 -58.26
C PRO O 201 -111.76 -62.58 -57.48
N GLU O 202 -110.46 -62.43 -57.70
CA GLU O 202 -109.46 -63.23 -57.02
C GLU O 202 -108.98 -62.52 -55.78
N PRO O 203 -109.10 -63.17 -54.62
CA PRO O 203 -108.68 -62.55 -53.38
C PRO O 203 -107.30 -61.96 -53.41
N GLN O 204 -106.45 -62.49 -54.28
CA GLN O 204 -105.08 -62.04 -54.41
C GLN O 204 -104.93 -60.61 -54.93
N ILE O 205 -105.92 -60.19 -55.71
CA ILE O 205 -105.93 -58.89 -56.34
C ILE O 205 -106.55 -57.77 -55.48
N GLY O 206 -105.84 -56.65 -55.44
CA GLY O 206 -106.22 -55.42 -54.76
C GLY O 206 -105.71 -54.20 -55.52
N GLU O 207 -105.83 -53.01 -54.92
CA GLU O 207 -105.35 -51.79 -55.56
C GLU O 207 -103.84 -51.61 -55.36
N SER O 208 -103.19 -51.05 -56.37
CA SER O 208 -101.75 -50.84 -56.38
C SER O 208 -101.24 -49.67 -55.54
N GLN O 209 -101.99 -48.58 -55.49
CA GLN O 209 -101.60 -47.41 -54.73
C GLN O 209 -101.68 -47.58 -53.22
N TRP O 210 -101.12 -46.61 -52.50
CA TRP O 210 -101.11 -46.62 -51.05
C TRP O 210 -102.06 -45.59 -50.45
N TYR O 211 -102.52 -44.66 -51.29
CA TYR O 211 -103.43 -43.62 -50.84
C TYR O 211 -104.86 -43.87 -51.24
N GLU O 212 -105.72 -42.94 -50.84
CA GLU O 212 -107.14 -42.99 -51.11
C GLU O 212 -107.48 -42.61 -52.54
N THR O 213 -108.08 -43.56 -53.26
CA THR O 213 -108.46 -43.33 -54.63
C THR O 213 -109.97 -43.17 -54.76
N GLU O 214 -110.66 -43.74 -53.77
CA GLU O 214 -112.10 -43.69 -53.68
C GLU O 214 -112.76 -44.70 -54.62
N ILE O 215 -112.94 -45.91 -54.10
CA ILE O 215 -113.54 -47.00 -54.85
C ILE O 215 -115.06 -46.99 -54.73
N ASN O 216 -115.73 -46.83 -55.87
CA ASN O 216 -117.17 -46.79 -55.90
C ASN O 216 -117.81 -48.14 -56.23
N HIS O 217 -117.12 -48.93 -57.04
CA HIS O 217 -117.61 -50.24 -57.42
C HIS O 217 -116.67 -51.32 -56.94
N ALA O 218 -116.95 -51.80 -55.74
CA ALA O 218 -116.11 -52.81 -55.12
C ALA O 218 -116.67 -54.20 -55.15
N ALA O 219 -115.74 -55.14 -55.24
CA ALA O 219 -116.05 -56.55 -55.27
C ALA O 219 -115.17 -57.29 -54.29
N GLY O 220 -115.74 -58.35 -53.75
CA GLY O 220 -115.06 -59.18 -52.81
C GLY O 220 -115.50 -60.62 -52.93
N ARG O 221 -114.93 -61.40 -52.03
CA ARG O 221 -115.15 -62.82 -51.91
C ARG O 221 -115.52 -63.10 -50.47
N VAL O 222 -116.52 -63.95 -50.24
CA VAL O 222 -116.91 -64.22 -48.87
C VAL O 222 -117.43 -65.62 -48.68
N LEU O 223 -117.32 -66.11 -47.45
CA LEU O 223 -117.78 -67.42 -47.09
C LEU O 223 -119.19 -67.38 -46.50
N LYS O 224 -120.03 -68.29 -46.97
CA LYS O 224 -121.40 -68.42 -46.51
C LYS O 224 -121.43 -68.93 -45.08
N LYS O 225 -122.54 -68.65 -44.41
CA LYS O 225 -122.74 -69.09 -43.04
C LYS O 225 -122.79 -70.60 -42.96
N THR O 226 -122.72 -71.27 -44.10
CA THR O 226 -122.76 -72.72 -44.12
C THR O 226 -121.37 -73.34 -44.05
N THR O 227 -120.37 -72.48 -44.17
CA THR O 227 -118.98 -72.87 -44.11
C THR O 227 -118.43 -72.48 -42.73
N PRO O 228 -118.05 -73.47 -41.94
CA PRO O 228 -117.53 -73.20 -40.62
C PRO O 228 -116.46 -72.13 -40.60
N MET O 229 -116.49 -71.32 -39.53
CA MET O 229 -115.54 -70.26 -39.32
C MET O 229 -114.22 -70.79 -38.76
N LYS O 230 -113.13 -70.28 -39.32
CA LYS O 230 -111.78 -70.64 -38.92
C LYS O 230 -110.88 -69.44 -39.12
N PRO O 231 -109.89 -69.27 -38.26
CA PRO O 231 -109.00 -68.14 -38.45
C PRO O 231 -108.29 -68.23 -39.79
N CYS O 232 -107.99 -67.06 -40.37
CA CYS O 232 -107.31 -67.03 -41.66
C CYS O 232 -106.06 -67.86 -41.67
N TYR O 233 -105.28 -67.68 -40.61
CA TYR O 233 -104.02 -68.38 -40.40
C TYR O 233 -104.27 -69.88 -40.34
N GLY O 234 -103.68 -70.61 -41.29
CA GLY O 234 -103.81 -72.05 -41.35
C GLY O 234 -105.02 -72.52 -42.16
N SER O 235 -105.78 -71.57 -42.67
CA SER O 235 -106.96 -71.88 -43.47
C SER O 235 -106.62 -72.33 -44.88
N TYR O 236 -107.24 -73.44 -45.28
CA TYR O 236 -107.03 -74.02 -46.58
C TYR O 236 -108.30 -74.65 -47.13
N ALA O 237 -108.44 -74.55 -48.44
CA ALA O 237 -109.58 -75.09 -49.15
C ALA O 237 -109.20 -75.41 -50.59
N LYS O 238 -109.27 -76.70 -50.93
CA LYS O 238 -108.92 -77.17 -52.26
C LYS O 238 -109.65 -76.45 -53.39
N PRO O 239 -108.89 -76.12 -54.43
CA PRO O 239 -109.44 -75.43 -55.59
C PRO O 239 -110.42 -76.35 -56.31
N THR O 240 -111.49 -75.78 -56.87
CA THR O 240 -112.44 -76.61 -57.58
C THR O 240 -112.45 -76.37 -59.08
N ASN O 241 -111.56 -75.49 -59.54
CA ASN O 241 -111.44 -75.18 -60.95
C ASN O 241 -110.04 -74.73 -61.28
N GLU O 242 -109.64 -74.99 -62.52
CA GLU O 242 -108.31 -74.63 -62.96
C GLU O 242 -107.93 -73.18 -62.67
N ASN O 243 -108.91 -72.36 -62.29
CA ASN O 243 -108.60 -70.98 -62.03
C ASN O 243 -108.41 -70.59 -60.57
N GLY O 244 -108.35 -71.58 -59.69
CA GLY O 244 -108.14 -71.28 -58.29
C GLY O 244 -109.41 -71.15 -57.48
N GLY O 245 -110.55 -71.09 -58.15
CA GLY O 245 -111.80 -70.98 -57.40
C GLY O 245 -111.92 -72.18 -56.48
N GLN O 246 -112.38 -71.97 -55.25
CA GLN O 246 -112.53 -73.06 -54.30
C GLN O 246 -113.99 -73.33 -53.98
N GLY O 247 -114.88 -72.70 -54.75
CA GLY O 247 -116.31 -72.85 -54.54
C GLY O 247 -116.76 -74.29 -54.72
N ILE O 248 -117.50 -74.79 -53.73
CA ILE O 248 -117.98 -76.16 -53.81
C ILE O 248 -118.90 -76.38 -55.01
N LEU O 249 -118.73 -77.54 -55.64
CA LEU O 249 -119.51 -77.92 -56.79
C LEU O 249 -120.59 -78.90 -56.39
N VAL O 250 -121.80 -78.63 -56.87
CA VAL O 250 -122.93 -79.49 -56.57
C VAL O 250 -123.18 -80.46 -57.72
N GLU O 258 -121.87 -77.30 -61.62
CA GLU O 258 -122.82 -76.99 -60.57
C GLU O 258 -122.25 -75.97 -59.59
N SER O 259 -121.78 -74.83 -60.11
CA SER O 259 -121.23 -73.80 -59.25
C SER O 259 -122.37 -73.21 -58.45
N GLN O 260 -122.15 -72.98 -57.16
CA GLN O 260 -123.20 -72.43 -56.33
C GLN O 260 -122.95 -71.04 -55.78
N VAL O 261 -122.04 -70.32 -56.41
CA VAL O 261 -121.74 -68.97 -55.99
C VAL O 261 -122.97 -68.09 -56.09
N GLU O 262 -123.15 -67.19 -55.13
CA GLU O 262 -124.29 -66.31 -55.12
C GLU O 262 -123.89 -64.91 -54.68
N MET O 263 -124.09 -63.94 -55.57
CA MET O 263 -123.75 -62.57 -55.22
C MET O 263 -124.71 -61.93 -54.24
N GLN O 264 -124.16 -61.06 -53.42
CA GLN O 264 -124.90 -60.32 -52.42
C GLN O 264 -124.55 -58.85 -52.58
N PHE O 265 -125.56 -58.02 -52.86
CA PHE O 265 -125.32 -56.61 -53.05
C PHE O 265 -125.47 -55.76 -51.80
N PHE O 266 -124.65 -54.70 -51.73
CA PHE O 266 -124.67 -53.81 -50.59
C PHE O 266 -124.47 -52.34 -50.95
N SER O 267 -125.08 -51.52 -50.09
CA SER O 267 -125.06 -50.08 -50.16
C SER O 267 -124.95 -49.49 -48.76
N THR O 268 -124.66 -48.20 -48.71
CA THR O 268 -124.52 -47.48 -47.47
C THR O 268 -125.85 -47.23 -46.78
N THR O 269 -126.17 -45.94 -46.67
CA THR O 269 -127.40 -45.49 -46.05
C THR O 269 -128.21 -44.69 -47.06
N ASN O 278 -129.28 -41.95 -55.07
CA ASN O 278 -130.32 -42.97 -55.10
C ASN O 278 -129.75 -44.38 -55.13
N LEU O 279 -130.41 -45.26 -54.39
CA LEU O 279 -130.05 -46.67 -54.26
C LEU O 279 -129.22 -47.24 -55.38
N THR O 280 -127.97 -47.55 -55.04
CA THR O 280 -127.00 -48.14 -55.95
C THR O 280 -125.90 -48.85 -55.17
N PRO O 281 -125.85 -50.18 -55.30
CA PRO O 281 -124.87 -50.99 -54.61
C PRO O 281 -123.46 -50.48 -54.84
N LYS O 282 -122.74 -50.28 -53.73
CA LYS O 282 -121.38 -49.81 -53.80
C LYS O 282 -120.42 -50.99 -53.78
N VAL O 283 -120.93 -52.08 -53.22
CA VAL O 283 -120.18 -53.31 -53.09
C VAL O 283 -121.02 -54.53 -53.39
N VAL O 284 -120.33 -55.54 -53.91
CA VAL O 284 -120.90 -56.83 -54.24
C VAL O 284 -119.93 -57.89 -53.80
N LEU O 285 -120.43 -58.91 -53.15
CA LEU O 285 -119.60 -59.98 -52.69
C LEU O 285 -120.00 -61.29 -53.31
N TYR O 286 -119.00 -62.10 -53.62
CA TYR O 286 -119.28 -63.41 -54.18
C TYR O 286 -119.27 -64.45 -53.08
N SER O 287 -120.45 -64.71 -52.53
CA SER O 287 -120.56 -65.67 -51.46
C SER O 287 -120.49 -67.11 -51.92
N GLU O 288 -119.79 -67.92 -51.14
CA GLU O 288 -119.63 -69.31 -51.49
C GLU O 288 -119.29 -70.21 -50.31
N ASP O 289 -119.45 -71.51 -50.56
CA ASP O 289 -119.15 -72.55 -49.61
C ASP O 289 -117.90 -73.26 -50.07
N VAL O 290 -116.92 -73.39 -49.20
CA VAL O 290 -115.70 -74.06 -49.56
C VAL O 290 -115.44 -75.24 -48.63
N ASP O 291 -114.56 -76.13 -49.06
CA ASP O 291 -114.20 -77.27 -48.25
C ASP O 291 -113.08 -76.85 -47.31
N ILE O 292 -113.41 -76.02 -46.33
CA ILE O 292 -112.43 -75.51 -45.38
C ILE O 292 -111.82 -76.56 -44.48
N GLU O 293 -110.49 -76.52 -44.43
CA GLU O 293 -109.71 -77.41 -43.62
C GLU O 293 -108.59 -76.65 -42.93
N THR O 294 -107.98 -77.32 -41.96
CA THR O 294 -106.87 -76.79 -41.18
C THR O 294 -105.97 -77.96 -40.83
N PRO O 295 -105.33 -78.48 -41.87
CA PRO O 295 -104.45 -79.63 -41.79
C PRO O 295 -103.21 -79.48 -40.93
N ASP O 296 -102.80 -78.27 -40.58
CA ASP O 296 -101.58 -78.17 -39.77
C ASP O 296 -101.59 -77.17 -38.63
N THR O 297 -102.78 -76.77 -38.22
CA THR O 297 -102.92 -75.84 -37.11
C THR O 297 -104.08 -76.27 -36.24
N HIS O 298 -104.18 -75.64 -35.08
CA HIS O 298 -105.24 -75.93 -34.16
C HIS O 298 -105.70 -74.65 -33.46
N ILE O 299 -106.83 -74.73 -32.77
CA ILE O 299 -107.34 -73.56 -32.09
C ILE O 299 -106.65 -73.31 -30.76
N SER O 300 -105.99 -72.16 -30.68
CA SER O 300 -105.29 -71.76 -29.48
C SER O 300 -106.23 -71.08 -28.51
N TYR O 301 -107.40 -70.70 -29.04
CA TYR O 301 -108.39 -70.02 -28.22
C TYR O 301 -109.83 -70.17 -28.68
N MET O 302 -110.56 -71.04 -28.00
CA MET O 302 -111.96 -71.29 -28.27
C MET O 302 -112.78 -70.39 -27.36
N PRO O 303 -113.58 -69.50 -27.95
CA PRO O 303 -114.37 -68.60 -27.12
C PRO O 303 -115.65 -69.23 -26.58
N THR O 304 -116.10 -70.32 -27.21
CA THR O 304 -117.31 -70.99 -26.77
C THR O 304 -117.42 -72.43 -27.23
N ILE O 305 -117.89 -73.28 -26.31
CA ILE O 305 -118.07 -74.68 -26.63
C ILE O 305 -119.43 -74.84 -27.28
N LYS O 306 -119.87 -73.78 -27.95
CA LYS O 306 -121.15 -73.75 -28.62
C LYS O 306 -121.03 -73.81 -30.14
N GLU O 307 -121.55 -74.89 -30.70
CA GLU O 307 -121.53 -75.11 -32.12
C GLU O 307 -122.17 -73.97 -32.89
N GLY O 308 -121.93 -73.99 -34.21
CA GLY O 308 -122.48 -73.00 -35.11
C GLY O 308 -121.69 -71.70 -35.12
N ASN O 309 -121.70 -71.07 -36.29
CA ASN O 309 -121.03 -69.81 -36.51
C ASN O 309 -121.71 -68.72 -35.71
N SER O 310 -120.92 -67.86 -35.09
CA SER O 310 -121.45 -66.78 -34.27
C SER O 310 -120.44 -65.64 -34.19
N ARG O 311 -120.92 -64.47 -33.78
CA ARG O 311 -120.01 -63.36 -33.66
C ARG O 311 -118.86 -63.78 -32.74
N GLU O 312 -119.23 -64.63 -31.78
CA GLU O 312 -118.31 -65.17 -30.79
C GLU O 312 -117.06 -65.81 -31.40
N LEU O 313 -117.26 -66.68 -32.39
CA LEU O 313 -116.16 -67.39 -33.03
C LEU O 313 -115.20 -66.47 -33.76
N MET O 314 -115.58 -65.22 -33.94
CA MET O 314 -114.72 -64.27 -34.63
C MET O 314 -113.45 -64.01 -33.82
N GLY O 315 -113.51 -64.39 -32.55
CA GLY O 315 -112.40 -64.19 -31.64
C GLY O 315 -111.52 -65.41 -31.45
N GLN O 316 -111.80 -66.49 -32.18
CA GLN O 316 -110.97 -67.67 -32.02
C GLN O 316 -109.56 -67.44 -32.57
N GLN O 317 -108.59 -68.11 -31.95
CA GLN O 317 -107.20 -67.98 -32.36
C GLN O 317 -106.61 -69.29 -32.83
N SER O 318 -105.77 -69.17 -33.86
CA SER O 318 -105.11 -70.32 -34.44
C SER O 318 -103.64 -70.36 -34.10
N MET O 319 -103.11 -71.57 -33.99
CA MET O 319 -101.72 -71.79 -33.66
C MET O 319 -101.19 -73.02 -34.40
N PRO O 320 -99.98 -72.92 -34.94
CA PRO O 320 -99.38 -74.01 -35.69
C PRO O 320 -99.22 -75.25 -34.84
N ASN O 321 -99.30 -76.40 -35.49
CA ASN O 321 -99.15 -77.67 -34.82
C ASN O 321 -97.68 -77.94 -34.56
N ARG O 322 -97.41 -78.72 -33.52
CA ARG O 322 -96.05 -79.05 -33.17
C ARG O 322 -95.37 -79.86 -34.25
N PRO O 323 -94.12 -79.50 -34.53
CA PRO O 323 -93.37 -80.20 -35.54
C PRO O 323 -93.18 -81.64 -35.12
N ASN O 324 -93.24 -82.56 -36.07
CA ASN O 324 -93.07 -83.96 -35.71
C ASN O 324 -92.41 -84.78 -36.81
N TYR O 325 -91.11 -84.96 -36.67
CA TYR O 325 -90.34 -85.72 -37.63
C TYR O 325 -90.46 -87.20 -37.39
N ILE O 326 -90.60 -87.94 -38.48
CA ILE O 326 -90.71 -89.38 -38.41
C ILE O 326 -89.84 -90.02 -39.47
N ALA O 327 -89.03 -90.99 -39.07
CA ALA O 327 -88.16 -91.64 -40.02
C ALA O 327 -87.52 -92.89 -39.43
N PHE O 328 -86.75 -93.59 -40.27
CA PHE O 328 -86.05 -94.77 -39.82
C PHE O 328 -84.93 -94.30 -38.90
N ARG O 329 -84.44 -95.20 -38.04
CA ARG O 329 -83.40 -94.83 -37.11
C ARG O 329 -81.99 -94.78 -37.65
N ASP O 330 -81.13 -94.19 -36.83
CA ASP O 330 -79.72 -94.07 -37.12
C ASP O 330 -79.17 -95.47 -37.33
N ASN O 331 -78.57 -95.72 -38.49
CA ASN O 331 -78.00 -97.03 -38.77
C ASN O 331 -79.03 -98.14 -38.84
N PHE O 332 -80.27 -97.76 -39.10
CA PHE O 332 -81.37 -98.72 -39.22
C PHE O 332 -81.57 -99.57 -37.99
N ILE O 333 -81.26 -98.99 -36.84
CA ILE O 333 -81.44 -99.67 -35.58
C ILE O 333 -82.87 -100.19 -35.50
N GLY O 334 -83.05 -101.39 -34.93
CA GLY O 334 -84.38 -101.96 -34.77
C GLY O 334 -84.90 -102.78 -35.93
N LEU O 335 -84.46 -102.47 -37.15
CA LEU O 335 -84.90 -103.19 -38.32
C LEU O 335 -84.66 -104.69 -38.25
N MET O 336 -83.41 -105.04 -37.98
CA MET O 336 -83.04 -106.42 -37.85
C MET O 336 -83.04 -106.84 -36.39
N TYR O 337 -83.37 -108.11 -36.17
CA TYR O 337 -83.37 -108.67 -34.83
C TYR O 337 -81.95 -109.08 -34.48
N TYR O 338 -81.58 -108.81 -33.25
CA TYR O 338 -80.28 -109.17 -32.70
C TYR O 338 -80.49 -109.50 -31.24
N ASN O 339 -79.61 -110.33 -30.69
CA ASN O 339 -79.72 -110.66 -29.29
C ASN O 339 -81.09 -111.10 -28.84
N SER O 340 -81.77 -111.88 -29.66
CA SER O 340 -83.10 -112.39 -29.35
C SER O 340 -83.11 -113.87 -29.70
N THR O 341 -83.20 -114.73 -28.68
CA THR O 341 -83.19 -116.16 -28.90
C THR O 341 -84.29 -116.66 -29.84
N GLY O 342 -85.46 -116.02 -29.78
CA GLY O 342 -86.59 -116.43 -30.60
C GLY O 342 -86.49 -116.10 -32.08
N ASN O 343 -85.74 -115.05 -32.40
CA ASN O 343 -85.58 -114.62 -33.79
C ASN O 343 -84.12 -114.50 -34.18
N MET O 344 -83.39 -115.58 -33.93
CA MET O 344 -81.98 -115.69 -34.18
C MET O 344 -81.59 -115.85 -35.66
N GLY O 345 -80.62 -115.04 -36.08
CA GLY O 345 -80.12 -115.05 -37.43
C GLY O 345 -79.46 -116.39 -37.73
N VAL O 346 -79.17 -116.62 -39.00
CA VAL O 346 -78.58 -117.87 -39.39
C VAL O 346 -77.55 -117.76 -40.50
N LEU O 347 -76.41 -118.38 -40.26
CA LEU O 347 -75.32 -118.42 -41.21
C LEU O 347 -74.72 -119.79 -41.16
N ALA O 348 -75.09 -120.63 -42.10
CA ALA O 348 -74.56 -121.97 -42.07
C ALA O 348 -74.29 -122.56 -43.43
N GLY O 349 -73.27 -123.40 -43.44
CA GLY O 349 -72.90 -124.08 -44.64
C GLY O 349 -73.98 -125.11 -44.91
N GLN O 350 -74.47 -125.14 -46.13
CA GLN O 350 -75.49 -126.11 -46.45
C GLN O 350 -74.95 -127.49 -46.18
N ALA O 351 -73.62 -127.59 -46.25
CA ALA O 351 -72.91 -128.83 -46.03
C ALA O 351 -72.60 -129.12 -44.56
N SER O 352 -72.82 -128.14 -43.69
CA SER O 352 -72.56 -128.31 -42.27
C SER O 352 -73.84 -128.26 -41.47
N GLN O 353 -74.81 -127.47 -41.97
CA GLN O 353 -76.11 -127.31 -41.36
C GLN O 353 -76.03 -126.83 -39.93
N LEU O 354 -74.82 -126.56 -39.47
CA LEU O 354 -74.53 -126.08 -38.13
C LEU O 354 -74.55 -124.56 -38.22
N ASN O 355 -75.26 -123.90 -37.31
CA ASN O 355 -75.36 -122.46 -37.32
C ASN O 355 -74.16 -121.74 -36.70
N ALA O 356 -73.46 -120.96 -37.53
CA ALA O 356 -72.30 -120.21 -37.09
C ALA O 356 -72.70 -119.08 -36.16
N VAL O 357 -73.97 -118.69 -36.26
CA VAL O 357 -74.51 -117.64 -35.43
C VAL O 357 -75.03 -118.21 -34.13
N VAL O 358 -74.57 -117.61 -33.04
CA VAL O 358 -74.94 -117.97 -31.69
C VAL O 358 -75.09 -116.69 -30.90
N ASP O 359 -76.32 -116.30 -30.65
CA ASP O 359 -76.57 -115.07 -29.92
C ASP O 359 -77.08 -115.27 -28.50
N LEU O 360 -77.05 -114.16 -27.75
CA LEU O 360 -77.49 -114.09 -26.37
C LEU O 360 -78.37 -112.87 -26.15
N GLN O 361 -79.33 -112.97 -25.25
CA GLN O 361 -80.24 -111.87 -24.94
C GLN O 361 -79.48 -110.80 -24.18
N ASP O 362 -78.38 -111.28 -23.64
CA ASP O 362 -77.40 -110.59 -22.81
C ASP O 362 -76.47 -109.68 -23.59
N ARG O 363 -76.42 -109.85 -24.90
CA ARG O 363 -75.55 -109.06 -25.74
C ARG O 363 -76.25 -107.83 -26.30
N ASN O 364 -75.48 -106.79 -26.63
CA ASN O 364 -76.06 -105.58 -27.18
C ASN O 364 -75.35 -105.14 -28.44
N THR O 365 -75.75 -105.78 -29.54
CA THR O 365 -75.22 -105.56 -30.87
C THR O 365 -75.38 -104.14 -31.40
N GLU O 366 -76.61 -103.60 -31.32
CA GLU O 366 -76.89 -102.26 -31.80
C GLU O 366 -76.00 -101.20 -31.18
N LEU O 367 -75.91 -101.23 -29.85
CA LEU O 367 -75.10 -100.28 -29.13
C LEU O 367 -73.62 -100.43 -29.45
N SER O 368 -73.17 -101.68 -29.50
CA SER O 368 -71.81 -102.02 -29.80
C SER O 368 -71.36 -101.38 -31.10
N TYR O 369 -72.28 -101.39 -32.06
CA TYR O 369 -72.04 -100.83 -33.38
C TYR O 369 -71.98 -99.32 -33.32
N GLN O 370 -72.78 -98.75 -32.43
CA GLN O 370 -72.82 -97.31 -32.25
C GLN O 370 -71.47 -96.83 -31.73
N LEU O 371 -70.96 -97.56 -30.75
CA LEU O 371 -69.70 -97.23 -30.14
C LEU O 371 -68.54 -97.54 -31.09
N LEU O 372 -68.67 -98.59 -31.90
CA LEU O 372 -67.62 -98.95 -32.84
C LEU O 372 -67.41 -97.85 -33.88
N LEU O 373 -68.51 -97.28 -34.37
CA LEU O 373 -68.47 -96.22 -35.37
C LEU O 373 -67.72 -95.00 -34.87
N ASP O 374 -68.05 -94.57 -33.66
CA ASP O 374 -67.44 -93.42 -33.03
C ASP O 374 -65.93 -93.56 -32.93
N SER O 375 -65.47 -94.77 -32.65
CA SER O 375 -64.05 -95.03 -32.52
C SER O 375 -63.30 -95.01 -33.83
N ILE O 376 -63.97 -95.36 -34.93
CA ILE O 376 -63.29 -95.41 -36.21
C ILE O 376 -63.53 -94.27 -37.18
N GLY O 377 -64.29 -93.26 -36.76
CA GLY O 377 -64.53 -92.15 -37.66
C GLY O 377 -65.26 -90.99 -37.02
N ASP O 378 -65.71 -90.08 -37.86
CA ASP O 378 -66.43 -88.89 -37.42
C ASP O 378 -67.95 -89.04 -37.47
N ARG O 379 -68.54 -89.40 -36.34
CA ARG O 379 -69.98 -89.58 -36.25
C ARG O 379 -70.73 -88.31 -36.66
N THR O 380 -70.01 -87.21 -36.83
CA THR O 380 -70.68 -85.99 -37.22
C THR O 380 -71.07 -85.98 -38.69
N ARG O 381 -70.40 -86.81 -39.49
CA ARG O 381 -70.68 -86.90 -40.89
C ARG O 381 -71.87 -87.78 -41.20
N TYR O 382 -72.62 -87.40 -42.23
CA TYR O 382 -73.77 -88.17 -42.63
C TYR O 382 -73.46 -89.05 -43.82
N PHE O 383 -74.11 -90.21 -43.83
CA PHE O 383 -73.97 -91.18 -44.87
C PHE O 383 -75.32 -91.84 -45.12
N SER O 384 -76.00 -91.35 -46.15
CA SER O 384 -77.31 -91.80 -46.55
C SER O 384 -77.49 -93.30 -46.71
N MET O 385 -76.53 -93.96 -47.34
CA MET O 385 -76.63 -95.39 -47.56
C MET O 385 -77.11 -96.19 -46.36
N TRP O 386 -76.48 -96.00 -45.22
CA TRP O 386 -76.85 -96.72 -44.01
C TRP O 386 -77.72 -95.92 -43.06
N ASN O 387 -78.22 -94.78 -43.52
CA ASN O 387 -79.03 -93.96 -42.65
C ASN O 387 -78.17 -93.54 -41.48
N GLN O 388 -76.91 -93.36 -41.81
CA GLN O 388 -75.87 -92.97 -40.87
C GLN O 388 -75.92 -91.46 -40.59
N ALA O 389 -76.80 -91.08 -39.68
CA ALA O 389 -76.97 -89.69 -39.28
C ALA O 389 -77.33 -89.64 -37.82
N VAL O 390 -76.29 -89.51 -36.99
CA VAL O 390 -76.39 -89.50 -35.54
C VAL O 390 -77.38 -88.53 -34.93
N ASP O 391 -78.00 -89.02 -33.85
CA ASP O 391 -78.96 -88.26 -33.08
C ASP O 391 -78.23 -87.22 -32.25
N SER O 392 -78.70 -86.00 -32.36
CA SER O 392 -78.09 -84.93 -31.61
C SER O 392 -79.14 -83.96 -31.15
N TYR O 393 -78.66 -82.90 -30.51
CA TYR O 393 -79.52 -81.85 -30.03
C TYR O 393 -78.75 -80.55 -30.06
N ASP O 394 -79.50 -79.46 -30.05
CA ASP O 394 -78.90 -78.14 -30.05
C ASP O 394 -78.32 -77.84 -28.69
N PRO O 395 -77.03 -77.55 -28.64
CA PRO O 395 -76.39 -77.23 -27.38
C PRO O 395 -77.08 -76.09 -26.66
N ASP O 396 -77.60 -75.14 -27.43
CA ASP O 396 -78.27 -73.96 -26.90
C ASP O 396 -79.65 -74.26 -26.34
N VAL O 397 -80.14 -75.46 -26.65
CA VAL O 397 -81.42 -75.86 -26.16
C VAL O 397 -81.28 -76.67 -24.88
N ARG O 398 -80.26 -77.52 -24.87
CA ARG O 398 -79.99 -78.34 -23.70
C ARG O 398 -79.54 -77.47 -22.55
N ILE O 399 -78.68 -76.51 -22.88
CA ILE O 399 -78.16 -75.59 -21.87
C ILE O 399 -78.45 -74.16 -22.26
N ILE O 400 -79.34 -73.53 -21.50
CA ILE O 400 -79.69 -72.16 -21.80
C ILE O 400 -78.61 -71.18 -21.40
N GLU O 401 -78.22 -70.37 -22.38
CA GLU O 401 -77.25 -69.32 -22.16
C GLU O 401 -77.95 -67.99 -22.36
N ASN O 402 -78.43 -67.44 -21.26
CA ASN O 402 -79.16 -66.20 -21.31
C ASN O 402 -78.31 -64.95 -21.20
N HIS O 403 -77.85 -64.44 -22.35
CA HIS O 403 -77.08 -63.22 -22.33
C HIS O 403 -77.94 -62.03 -22.68
N GLY O 404 -79.24 -62.28 -22.77
CA GLY O 404 -80.22 -61.25 -23.07
C GLY O 404 -80.36 -60.92 -24.55
N THR O 405 -80.66 -59.65 -24.78
CA THR O 405 -80.88 -59.12 -26.12
C THR O 405 -80.26 -57.77 -26.37
N GLU O 406 -79.81 -57.56 -27.61
CA GLU O 406 -79.22 -56.31 -28.02
C GLU O 406 -80.32 -55.42 -28.58
N ASP O 407 -81.09 -54.84 -27.65
CA ASP O 407 -82.21 -53.98 -27.96
C ASP O 407 -82.01 -52.53 -27.54
N GLU O 408 -80.79 -52.04 -27.68
CA GLU O 408 -80.49 -50.67 -27.33
C GLU O 408 -81.32 -49.67 -28.14
N LEU O 409 -81.32 -49.86 -29.47
CA LEU O 409 -82.06 -49.02 -30.41
C LEU O 409 -83.51 -49.42 -30.46
N PRO O 410 -84.41 -48.45 -30.58
CA PRO O 410 -85.83 -48.79 -30.67
C PRO O 410 -86.20 -49.21 -32.09
N ASN O 411 -87.22 -50.04 -32.22
CA ASN O 411 -87.66 -50.49 -33.53
C ASN O 411 -89.06 -50.00 -33.85
N TYR O 412 -89.18 -49.34 -34.99
CA TYR O 412 -90.47 -48.82 -35.38
C TYR O 412 -90.94 -49.29 -36.73
N CYS O 413 -92.24 -49.15 -36.89
CA CYS O 413 -92.96 -49.45 -38.11
C CYS O 413 -93.70 -48.17 -38.46
N PHE O 414 -93.73 -47.82 -39.74
CA PHE O 414 -94.38 -46.59 -40.16
C PHE O 414 -95.48 -46.79 -41.19
N PRO O 415 -96.17 -45.69 -41.50
CA PRO O 415 -97.24 -45.74 -42.48
C PRO O 415 -96.69 -45.85 -43.89
N LEU O 416 -97.44 -46.56 -44.74
CA LEU O 416 -97.06 -46.78 -46.12
C LEU O 416 -96.65 -45.50 -46.86
N GLY O 417 -97.36 -44.41 -46.61
CA GLY O 417 -97.09 -43.14 -47.24
C GLY O 417 -96.08 -42.29 -46.48
N GLY O 418 -95.57 -42.85 -45.37
CA GLY O 418 -94.60 -42.19 -44.53
C GLY O 418 -95.23 -41.13 -43.63
N VAL O 419 -96.51 -40.89 -43.85
CA VAL O 419 -97.28 -39.92 -43.11
C VAL O 419 -98.76 -40.23 -43.31
N ILE O 420 -99.56 -40.09 -42.27
CA ILE O 420 -100.97 -40.40 -42.45
C ILE O 420 -101.93 -39.38 -41.85
N ASN O 421 -101.49 -38.71 -40.78
CA ASN O 421 -102.33 -37.73 -40.11
C ASN O 421 -102.13 -36.31 -40.60
N THR O 422 -102.18 -36.13 -41.91
CA THR O 422 -102.00 -34.81 -42.50
C THR O 422 -103.21 -33.94 -42.21
N GLU O 423 -103.02 -32.63 -42.27
CA GLU O 423 -104.08 -31.68 -42.04
C GLU O 423 -104.19 -30.74 -43.24
N THR O 424 -105.41 -30.54 -43.71
CA THR O 424 -105.64 -29.67 -44.86
C THR O 424 -105.25 -28.23 -44.55
N LEU O 425 -104.47 -27.64 -45.45
CA LEU O 425 -104.00 -26.28 -45.29
C LEU O 425 -104.19 -25.43 -46.53
N THR O 426 -104.00 -24.12 -46.34
CA THR O 426 -104.12 -23.17 -47.42
C THR O 426 -102.90 -22.28 -47.52
N LYS O 427 -102.40 -22.13 -48.75
CA LYS O 427 -101.24 -21.30 -48.98
C LYS O 427 -101.57 -19.85 -48.74
N VAL O 428 -100.62 -19.13 -48.20
CA VAL O 428 -100.83 -17.74 -47.88
C VAL O 428 -99.73 -16.83 -48.38
N LYS O 429 -100.11 -15.58 -48.52
CA LYS O 429 -99.22 -14.53 -48.96
C LYS O 429 -99.18 -13.43 -47.93
N PRO O 430 -97.99 -12.85 -47.78
CA PRO O 430 -97.76 -11.76 -46.85
C PRO O 430 -98.44 -10.50 -47.37
N GLY O 437 -99.93 -9.59 -40.95
CA GLY O 437 -100.41 -9.12 -42.24
C GLY O 437 -100.22 -10.14 -43.34
N TRP O 438 -101.27 -10.96 -43.54
CA TRP O 438 -101.25 -12.01 -44.53
C TRP O 438 -102.52 -12.08 -45.38
N GLU O 439 -102.32 -12.54 -46.61
CA GLU O 439 -103.40 -12.70 -47.59
C GLU O 439 -103.35 -14.06 -48.28
N LYS O 440 -104.53 -14.65 -48.36
CA LYS O 440 -104.67 -15.96 -48.97
C LYS O 440 -104.14 -16.01 -50.40
N ASP O 441 -103.64 -17.18 -50.76
CA ASP O 441 -103.08 -17.41 -52.07
C ASP O 441 -103.97 -18.36 -52.86
N ALA O 442 -104.05 -18.12 -54.15
CA ALA O 442 -104.83 -18.96 -55.03
C ALA O 442 -104.44 -18.72 -56.47
N PHE O 445 -101.27 -21.95 -56.45
CA PHE O 445 -101.47 -23.03 -55.53
C PHE O 445 -102.95 -23.34 -55.27
N SER O 446 -103.22 -24.51 -54.69
CA SER O 446 -104.56 -25.00 -54.41
C SER O 446 -105.11 -24.66 -53.04
N ASP O 447 -106.43 -24.82 -52.92
CA ASP O 447 -107.12 -24.55 -51.68
C ASP O 447 -106.89 -25.64 -50.64
N LYS O 448 -106.50 -26.84 -51.09
CA LYS O 448 -106.27 -27.94 -50.18
C LYS O 448 -105.01 -28.76 -50.42
N ASN O 449 -104.05 -28.52 -49.53
CA ASN O 449 -102.77 -29.21 -49.54
C ASN O 449 -102.64 -29.96 -48.24
N GLU O 450 -102.20 -31.22 -48.32
CA GLU O 450 -102.04 -32.02 -47.13
C GLU O 450 -100.64 -31.91 -46.57
N ILE O 451 -100.57 -31.49 -45.32
CA ILE O 451 -99.29 -31.33 -44.64
C ILE O 451 -99.35 -31.91 -43.23
N ARG O 452 -98.36 -32.73 -42.92
CA ARG O 452 -98.29 -33.32 -41.61
C ARG O 452 -97.50 -32.44 -40.68
N VAL O 453 -98.14 -32.04 -39.59
CA VAL O 453 -97.51 -31.19 -38.62
C VAL O 453 -97.07 -31.98 -37.41
N GLY O 454 -95.75 -32.13 -37.26
CA GLY O 454 -95.15 -32.87 -36.17
C GLY O 454 -94.49 -34.13 -36.69
N ASN O 455 -94.20 -35.08 -35.81
CA ASN O 455 -93.59 -36.32 -36.25
C ASN O 455 -94.62 -37.21 -36.92
N ASN O 456 -94.15 -38.27 -37.57
CA ASN O 456 -95.08 -39.18 -38.23
C ASN O 456 -95.69 -40.18 -37.27
N PHE O 457 -96.68 -40.92 -37.74
CA PHE O 457 -97.32 -41.92 -36.91
C PHE O 457 -96.40 -43.13 -36.83
N ALA O 458 -96.11 -43.59 -35.61
CA ALA O 458 -95.22 -44.73 -35.47
C ALA O 458 -95.65 -45.73 -34.42
N MET O 459 -95.27 -46.99 -34.67
CA MET O 459 -95.55 -48.08 -33.77
C MET O 459 -94.24 -48.72 -33.37
N GLU O 460 -94.11 -49.06 -32.10
CA GLU O 460 -92.88 -49.65 -31.61
C GLU O 460 -92.95 -51.14 -31.37
N ILE O 461 -91.80 -51.79 -31.54
CA ILE O 461 -91.67 -53.22 -31.33
C ILE O 461 -90.24 -53.61 -31.00
N ASN O 462 -90.09 -54.55 -30.05
CA ASN O 462 -88.78 -55.01 -29.66
C ASN O 462 -88.42 -56.27 -30.42
N LEU O 463 -87.82 -56.06 -31.58
CA LEU O 463 -87.40 -57.13 -32.47
C LEU O 463 -86.62 -58.24 -31.77
N ASN O 464 -85.48 -57.86 -31.20
CA ASN O 464 -84.63 -58.82 -30.53
C ASN O 464 -85.27 -59.59 -29.40
N ALA O 465 -86.00 -58.89 -28.54
CA ALA O 465 -86.65 -59.56 -27.43
C ALA O 465 -87.63 -60.60 -27.94
N ASN O 466 -88.37 -60.21 -28.97
CA ASN O 466 -89.35 -61.07 -29.59
C ASN O 466 -88.73 -62.35 -30.10
N LEU O 467 -87.71 -62.21 -30.94
CA LEU O 467 -87.01 -63.35 -31.49
C LEU O 467 -86.57 -64.31 -30.40
N TRP O 468 -85.91 -63.78 -29.39
CA TRP O 468 -85.42 -64.55 -28.26
C TRP O 468 -86.54 -65.35 -27.62
N ARG O 469 -87.67 -64.68 -27.41
CA ARG O 469 -88.85 -65.26 -26.82
C ARG O 469 -89.34 -66.46 -27.62
N ASN O 470 -89.56 -66.20 -28.91
CA ASN O 470 -90.03 -67.22 -29.83
C ASN O 470 -89.17 -68.46 -29.79
N PHE O 471 -87.86 -68.25 -29.61
CA PHE O 471 -86.91 -69.35 -29.52
C PHE O 471 -87.10 -70.17 -28.25
N LEU O 472 -87.34 -69.47 -27.16
CA LEU O 472 -87.54 -70.11 -25.88
C LEU O 472 -88.82 -70.91 -25.84
N TYR O 473 -89.90 -70.29 -26.31
CA TYR O 473 -91.18 -70.96 -26.32
C TYR O 473 -91.19 -72.17 -27.20
N SER O 474 -90.70 -72.00 -28.42
CA SER O 474 -90.66 -73.09 -29.38
C SER O 474 -89.76 -74.26 -28.96
N ASN O 475 -88.55 -73.95 -28.52
CA ASN O 475 -87.60 -74.98 -28.18
C ASN O 475 -87.59 -75.54 -26.77
N ILE O 476 -87.97 -74.75 -25.77
CA ILE O 476 -87.95 -75.27 -24.43
C ILE O 476 -89.32 -75.43 -23.81
N ALA O 477 -90.06 -74.33 -23.76
CA ALA O 477 -91.39 -74.35 -23.20
C ALA O 477 -92.21 -75.56 -23.60
N LEU O 478 -92.48 -75.69 -24.89
CA LEU O 478 -93.27 -76.78 -25.40
C LEU O 478 -92.77 -78.16 -25.05
N TYR O 479 -91.49 -78.29 -24.70
CA TYR O 479 -90.94 -79.59 -24.34
C TYR O 479 -91.00 -79.84 -22.85
N LEU O 480 -91.49 -78.84 -22.12
CA LEU O 480 -91.61 -78.98 -20.70
C LEU O 480 -92.44 -80.21 -20.38
N PRO O 481 -92.23 -80.76 -19.19
CA PRO O 481 -92.97 -81.94 -18.80
C PRO O 481 -94.47 -81.67 -18.74
N ASP O 482 -95.26 -82.70 -19.01
CA ASP O 482 -96.71 -82.60 -19.01
C ASP O 482 -97.28 -82.01 -17.74
N LYS O 483 -96.67 -82.38 -16.62
CA LYS O 483 -97.09 -81.94 -15.30
C LYS O 483 -97.17 -80.43 -15.15
N LEU O 484 -96.37 -79.73 -15.94
CA LEU O 484 -96.34 -78.28 -15.91
C LEU O 484 -97.39 -77.69 -16.83
N LYS O 485 -98.02 -78.55 -17.64
CA LYS O 485 -99.03 -78.14 -18.59
C LYS O 485 -100.47 -78.23 -18.08
N TYR O 486 -101.39 -77.78 -18.93
CA TYR O 486 -102.80 -77.79 -18.62
C TYR O 486 -103.67 -77.91 -19.87
N SER O 487 -104.84 -78.52 -19.72
CA SER O 487 -105.77 -78.73 -20.82
C SER O 487 -106.51 -77.45 -21.22
N PRO O 488 -106.73 -77.28 -22.52
CA PRO O 488 -107.42 -76.12 -23.05
C PRO O 488 -108.91 -76.18 -22.82
N SER O 489 -109.52 -75.01 -22.68
CA SER O 489 -110.95 -74.94 -22.47
C SER O 489 -111.72 -75.02 -23.78
N ASN O 490 -112.86 -75.69 -23.75
CA ASN O 490 -113.72 -75.85 -24.91
C ASN O 490 -113.02 -76.46 -26.11
N VAL O 491 -112.07 -77.34 -25.85
CA VAL O 491 -111.35 -77.98 -26.93
C VAL O 491 -111.19 -79.46 -26.67
N LYS O 492 -111.72 -80.28 -27.56
CA LYS O 492 -111.60 -81.70 -27.40
C LYS O 492 -110.14 -82.13 -27.48
N ILE O 493 -109.77 -83.00 -26.55
CA ILE O 493 -108.42 -83.49 -26.48
C ILE O 493 -108.41 -84.97 -26.13
N SER O 494 -107.50 -85.71 -26.75
CA SER O 494 -107.41 -87.14 -26.50
C SER O 494 -107.16 -87.47 -25.05
N ASP O 495 -107.52 -88.70 -24.71
CA ASP O 495 -107.39 -89.26 -23.37
C ASP O 495 -106.04 -89.94 -23.23
N ASN O 496 -105.46 -90.29 -24.38
CA ASN O 496 -104.19 -90.96 -24.46
C ASN O 496 -103.05 -89.95 -24.49
N PRO O 497 -102.27 -89.96 -23.41
CA PRO O 497 -101.15 -89.05 -23.27
C PRO O 497 -99.97 -89.38 -24.19
N ASN O 498 -99.95 -90.62 -24.70
CA ASN O 498 -98.89 -91.08 -25.59
C ASN O 498 -99.22 -90.70 -27.02
N THR O 499 -100.30 -89.96 -27.13
CA THR O 499 -100.85 -89.50 -28.38
C THR O 499 -100.32 -88.16 -28.83
N TYR O 500 -100.32 -87.96 -30.14
CA TYR O 500 -99.87 -86.72 -30.71
C TYR O 500 -100.88 -85.63 -30.40
N ASP O 501 -102.15 -85.97 -30.54
CA ASP O 501 -103.22 -85.03 -30.27
C ASP O 501 -103.04 -84.41 -28.91
N TYR O 502 -102.72 -85.26 -27.94
CA TYR O 502 -102.50 -84.86 -26.58
C TYR O 502 -101.35 -83.87 -26.43
N MET O 503 -100.18 -84.32 -26.87
CA MET O 503 -98.97 -83.54 -26.82
C MET O 503 -99.12 -82.22 -27.56
N ASN O 504 -99.94 -82.23 -28.60
CA ASN O 504 -100.17 -81.05 -29.41
C ASN O 504 -101.18 -80.07 -28.84
N LYS O 505 -102.10 -80.56 -28.03
CA LYS O 505 -103.11 -79.68 -27.47
C LYS O 505 -102.80 -79.16 -26.07
N ARG O 506 -102.10 -79.95 -25.28
CA ARG O 506 -101.77 -79.47 -23.95
C ARG O 506 -101.17 -78.08 -24.07
N VAL O 507 -101.64 -77.13 -23.26
CA VAL O 507 -101.11 -75.80 -23.35
C VAL O 507 -100.07 -75.49 -22.29
N VAL O 508 -99.12 -74.65 -22.65
CA VAL O 508 -98.07 -74.27 -21.74
C VAL O 508 -97.88 -72.77 -21.72
N ALA O 509 -97.74 -72.24 -20.50
CA ALA O 509 -97.55 -70.83 -20.25
C ALA O 509 -96.14 -70.38 -20.60
N PRO O 510 -96.05 -69.39 -21.48
CA PRO O 510 -94.76 -68.86 -21.89
C PRO O 510 -93.99 -68.26 -20.72
N GLY O 511 -94.72 -67.80 -19.72
CA GLY O 511 -94.08 -67.20 -18.56
C GLY O 511 -93.18 -68.19 -17.85
N LEU O 512 -93.29 -69.47 -18.22
CA LEU O 512 -92.49 -70.50 -17.61
C LEU O 512 -91.04 -70.42 -18.05
N VAL O 513 -90.86 -70.11 -19.34
CA VAL O 513 -89.55 -69.96 -19.95
C VAL O 513 -89.49 -68.66 -20.72
N ASP O 514 -89.69 -67.55 -20.02
CA ASP O 514 -89.67 -66.26 -20.68
C ASP O 514 -88.26 -65.68 -20.82
N CYS O 515 -88.15 -64.66 -21.65
CA CYS O 515 -86.87 -64.02 -21.92
C CYS O 515 -86.08 -63.59 -20.70
N TYR O 516 -86.73 -63.47 -19.55
CA TYR O 516 -86.02 -63.06 -18.33
C TYR O 516 -85.67 -64.23 -17.43
N ILE O 517 -85.72 -65.42 -18.02
CA ILE O 517 -85.43 -66.65 -17.33
C ILE O 517 -83.93 -66.82 -17.08
N ASN O 518 -83.58 -67.03 -15.81
CA ASN O 518 -82.20 -67.20 -15.40
C ASN O 518 -81.25 -66.28 -16.16
N LEU O 519 -81.59 -65.00 -16.17
CA LEU O 519 -80.83 -63.97 -16.87
C LEU O 519 -79.36 -63.94 -16.47
N GLY O 520 -78.50 -63.93 -17.48
CA GLY O 520 -77.05 -63.87 -17.29
C GLY O 520 -76.40 -65.18 -16.87
N ALA O 521 -77.17 -66.26 -16.90
CA ALA O 521 -76.62 -67.53 -16.52
C ALA O 521 -76.54 -68.52 -17.67
N ARG O 522 -75.69 -69.52 -17.45
CA ARG O 522 -75.49 -70.63 -18.36
C ARG O 522 -76.00 -71.81 -17.58
N TRP O 523 -77.30 -71.99 -17.66
CA TRP O 523 -77.95 -73.02 -16.89
C TRP O 523 -79.02 -73.79 -17.64
N SER O 524 -79.02 -75.10 -17.42
CA SER O 524 -80.03 -75.93 -18.02
C SER O 524 -81.18 -75.98 -17.03
N LEU O 525 -82.42 -75.91 -17.51
CA LEU O 525 -83.54 -75.94 -16.61
C LEU O 525 -83.59 -77.22 -15.81
N ASP O 526 -83.79 -77.07 -14.51
CA ASP O 526 -83.86 -78.23 -13.65
C ASP O 526 -85.03 -79.13 -14.05
N TYR O 527 -86.02 -78.56 -14.75
CA TYR O 527 -87.18 -79.34 -15.19
C TYR O 527 -86.84 -80.22 -16.37
N MET O 528 -85.97 -79.71 -17.25
CA MET O 528 -85.55 -80.38 -18.48
C MET O 528 -84.39 -81.34 -18.36
N ASP O 529 -83.66 -81.31 -17.26
CA ASP O 529 -82.54 -82.21 -17.11
C ASP O 529 -82.87 -83.68 -17.40
N ASN O 530 -83.99 -84.16 -16.85
CA ASN O 530 -84.38 -85.54 -17.02
C ASN O 530 -85.31 -85.81 -18.19
N VAL O 531 -85.38 -84.84 -19.08
CA VAL O 531 -86.20 -84.97 -20.27
C VAL O 531 -85.27 -85.38 -21.41
N ASN O 532 -85.63 -86.43 -22.13
CA ASN O 532 -84.80 -86.87 -23.23
C ASN O 532 -84.54 -85.72 -24.19
N PRO O 533 -83.28 -85.29 -24.29
CA PRO O 533 -82.89 -84.18 -25.15
C PRO O 533 -82.96 -84.51 -26.62
N PHE O 534 -82.93 -85.80 -26.94
CA PHE O 534 -82.95 -86.22 -28.32
C PHE O 534 -84.31 -86.17 -29.00
N ASN O 535 -85.37 -86.27 -28.20
CA ASN O 535 -86.69 -86.20 -28.77
C ASN O 535 -87.01 -84.73 -28.99
N HIS O 536 -86.56 -84.19 -30.13
CA HIS O 536 -86.75 -82.78 -30.42
C HIS O 536 -86.67 -82.47 -31.91
N HIS O 537 -87.36 -81.41 -32.33
CA HIS O 537 -87.35 -81.01 -33.72
C HIS O 537 -86.01 -80.44 -34.16
N ARG O 538 -85.14 -80.19 -33.19
CA ARG O 538 -83.83 -79.65 -33.48
C ARG O 538 -82.73 -80.71 -33.53
N ASN O 539 -83.16 -81.97 -33.57
CA ASN O 539 -82.26 -83.10 -33.68
C ASN O 539 -81.91 -83.21 -35.16
N ALA O 540 -80.73 -82.71 -35.51
CA ALA O 540 -80.27 -82.72 -36.89
C ALA O 540 -80.26 -84.09 -37.53
N GLY O 541 -79.78 -85.09 -36.80
CA GLY O 541 -79.71 -86.45 -37.31
C GLY O 541 -81.07 -86.99 -37.73
N LEU O 542 -82.02 -86.89 -36.81
CA LEU O 542 -83.37 -87.36 -37.05
C LEU O 542 -84.03 -86.53 -38.14
N ARG O 543 -83.79 -85.24 -38.12
CA ARG O 543 -84.34 -84.33 -39.11
C ARG O 543 -83.92 -84.74 -40.52
N TYR O 544 -82.64 -85.01 -40.67
CA TYR O 544 -82.04 -85.40 -41.94
C TYR O 544 -82.57 -86.74 -42.44
N ARG O 545 -82.72 -87.68 -41.52
CA ARG O 545 -83.23 -88.99 -41.88
C ARG O 545 -84.67 -88.90 -42.33
N SER O 546 -85.39 -87.97 -41.74
CA SER O 546 -86.78 -87.74 -42.08
C SER O 546 -86.89 -87.17 -43.49
N MET O 547 -86.02 -86.21 -43.81
CA MET O 547 -85.99 -85.58 -45.11
C MET O 547 -85.47 -86.50 -46.22
N LEU O 548 -84.66 -87.46 -45.81
CA LEU O 548 -84.10 -88.46 -46.70
C LEU O 548 -85.22 -89.22 -47.40
N LEU O 549 -86.32 -89.39 -46.65
CA LEU O 549 -87.49 -90.10 -47.11
C LEU O 549 -88.40 -89.19 -47.94
N GLY O 550 -88.38 -87.91 -47.59
CA GLY O 550 -89.18 -86.90 -48.27
C GLY O 550 -89.95 -86.08 -47.25
N ASN O 551 -90.84 -85.23 -47.76
CA ASN O 551 -91.65 -84.35 -46.93
C ASN O 551 -93.09 -84.82 -46.85
N GLY O 552 -93.34 -86.02 -47.37
CA GLY O 552 -94.67 -86.57 -47.38
C GLY O 552 -94.87 -87.80 -46.51
N ARG O 553 -96.14 -87.92 -46.14
CA ARG O 553 -96.70 -88.97 -45.32
C ARG O 553 -96.47 -90.35 -45.95
N TYR O 554 -96.84 -90.46 -47.22
CA TYR O 554 -96.72 -91.68 -47.99
C TYR O 554 -95.38 -91.81 -48.68
N VAL O 555 -94.66 -92.89 -48.34
CA VAL O 555 -93.35 -93.10 -48.91
C VAL O 555 -93.03 -94.52 -49.31
N PRO O 556 -92.67 -94.69 -50.58
CA PRO O 556 -92.25 -95.98 -51.06
C PRO O 556 -90.77 -95.94 -50.74
N PHE O 557 -90.23 -96.94 -50.04
CA PHE O 557 -88.83 -96.84 -49.70
C PHE O 557 -87.93 -97.91 -50.28
N HIS O 558 -86.66 -97.54 -50.36
CA HIS O 558 -85.58 -98.38 -50.86
C HIS O 558 -84.35 -98.14 -50.01
N ILE O 559 -83.99 -99.14 -49.21
CA ILE O 559 -82.85 -98.99 -48.34
C ILE O 559 -81.91 -100.17 -48.38
N GLN O 560 -80.73 -99.91 -47.82
CA GLN O 560 -79.66 -100.87 -47.70
C GLN O 560 -79.34 -101.00 -46.22
N VAL O 561 -79.50 -102.22 -45.71
CA VAL O 561 -79.25 -102.54 -44.31
C VAL O 561 -77.99 -103.38 -44.11
N PRO O 562 -77.18 -102.95 -43.15
CA PRO O 562 -75.92 -103.61 -42.84
C PRO O 562 -76.02 -104.71 -41.80
N GLN O 563 -75.08 -105.65 -41.89
CA GLN O 563 -74.99 -106.75 -40.93
C GLN O 563 -74.12 -106.24 -39.80
N LYS O 564 -74.63 -106.28 -38.56
CA LYS O 564 -73.86 -105.76 -37.44
C LYS O 564 -73.27 -106.80 -36.51
N PHE O 565 -73.85 -107.99 -36.53
CA PHE O 565 -73.37 -109.05 -35.68
C PHE O 565 -71.86 -109.19 -35.79
N PHE O 566 -71.17 -109.12 -34.66
CA PHE O 566 -69.73 -109.18 -34.62
C PHE O 566 -69.04 -110.41 -35.17
N ALA O 567 -69.62 -111.60 -35.01
CA ALA O 567 -68.96 -112.80 -35.51
C ALA O 567 -68.95 -112.96 -37.01
N ILE O 568 -69.81 -112.23 -37.73
CA ILE O 568 -69.85 -112.36 -39.17
C ILE O 568 -69.65 -111.08 -39.98
N LYS O 569 -69.79 -109.93 -39.33
CA LYS O 569 -69.66 -108.65 -40.01
C LYS O 569 -68.39 -108.39 -40.84
N ASN O 570 -67.25 -108.90 -40.39
CA ASN O 570 -65.98 -108.69 -41.09
C ASN O 570 -65.36 -109.99 -41.57
N LEU O 571 -66.12 -111.05 -41.45
CA LEU O 571 -65.66 -112.35 -41.84
C LEU O 571 -65.37 -112.50 -43.32
N LEU O 572 -64.28 -113.19 -43.60
CA LEU O 572 -63.86 -113.50 -44.95
C LEU O 572 -64.32 -114.93 -45.20
N LEU O 573 -65.39 -115.03 -46.00
CA LEU O 573 -66.05 -116.27 -46.35
C LEU O 573 -65.38 -117.05 -47.48
N LEU O 574 -65.05 -118.30 -47.23
CA LEU O 574 -64.43 -119.11 -48.25
C LEU O 574 -65.47 -119.72 -49.18
N PRO O 575 -65.03 -120.34 -50.27
CA PRO O 575 -65.94 -120.94 -51.21
C PRO O 575 -66.80 -122.01 -50.58
N GLY O 576 -68.03 -122.08 -51.08
CA GLY O 576 -69.03 -123.02 -50.62
C GLY O 576 -70.39 -122.36 -50.69
N SER O 577 -71.42 -123.10 -50.36
CA SER O 577 -72.77 -122.58 -50.38
C SER O 577 -73.25 -122.42 -48.96
N TYR O 578 -73.80 -121.27 -48.63
CA TYR O 578 -74.27 -121.03 -47.29
C TYR O 578 -75.70 -120.57 -47.18
N THR O 579 -76.29 -120.96 -46.06
CA THR O 579 -77.65 -120.57 -45.74
C THR O 579 -77.57 -119.34 -44.86
N TYR O 580 -78.05 -118.24 -45.39
CA TYR O 580 -78.03 -116.99 -44.67
C TYR O 580 -79.46 -116.54 -44.49
N GLU O 581 -79.89 -116.48 -43.23
CA GLU O 581 -81.26 -116.11 -42.96
C GLU O 581 -81.35 -115.12 -41.80
N TRP O 582 -82.29 -114.18 -41.92
CA TRP O 582 -82.47 -113.17 -40.90
C TRP O 582 -83.90 -112.72 -40.73
N ASN O 583 -84.19 -112.19 -39.54
CA ASN O 583 -85.50 -111.70 -39.18
C ASN O 583 -85.53 -110.19 -39.07
N PHE O 584 -86.62 -109.63 -39.58
CA PHE O 584 -86.83 -108.20 -39.57
C PHE O 584 -88.08 -107.84 -38.83
N ARG O 585 -87.97 -106.78 -38.03
CA ARG O 585 -89.06 -106.26 -37.23
C ARG O 585 -90.04 -105.49 -38.11
N LYS O 586 -91.29 -105.45 -37.68
CA LYS O 586 -92.35 -104.75 -38.39
C LYS O 586 -92.98 -103.69 -37.50
N ASP O 587 -92.67 -103.78 -36.22
CA ASP O 587 -93.18 -102.88 -35.22
C ASP O 587 -92.76 -101.43 -35.43
N VAL O 588 -93.71 -100.58 -35.80
CA VAL O 588 -93.40 -99.17 -36.05
C VAL O 588 -92.74 -98.46 -34.88
N ASN O 589 -93.10 -98.83 -33.66
CA ASN O 589 -92.48 -98.17 -32.52
C ASN O 589 -90.99 -98.52 -32.44
N MET O 590 -90.63 -99.58 -33.14
CA MET O 590 -89.26 -100.05 -33.15
C MET O 590 -88.48 -99.63 -34.40
N VAL O 591 -89.09 -99.81 -35.57
CA VAL O 591 -88.42 -99.46 -36.80
C VAL O 591 -88.44 -97.98 -37.14
N LEU O 592 -89.40 -97.26 -36.58
CA LEU O 592 -89.51 -95.85 -36.83
C LEU O 592 -89.18 -95.02 -35.59
N GLN O 593 -88.84 -93.77 -35.83
CA GLN O 593 -88.52 -92.85 -34.76
C GLN O 593 -89.18 -91.51 -35.01
N SER O 594 -89.70 -90.92 -33.94
CA SER O 594 -90.35 -89.63 -34.04
C SER O 594 -89.70 -88.64 -33.08
N SER O 595 -89.84 -87.35 -33.37
CA SER O 595 -89.25 -86.35 -32.50
C SER O 595 -90.05 -86.12 -31.22
N LEU O 596 -91.37 -86.36 -31.29
CA LEU O 596 -92.26 -86.19 -30.15
C LEU O 596 -92.28 -87.46 -29.32
N GLY O 597 -91.96 -88.57 -29.97
CA GLY O 597 -91.91 -89.87 -29.33
C GLY O 597 -93.29 -90.45 -29.07
N ASN O 598 -94.29 -89.97 -29.80
CA ASN O 598 -95.65 -90.46 -29.64
C ASN O 598 -95.78 -91.94 -30.00
N ASP O 599 -96.94 -92.52 -29.68
CA ASP O 599 -97.19 -93.93 -29.96
C ASP O 599 -97.65 -94.13 -31.39
N LEU O 600 -96.71 -94.53 -32.26
CA LEU O 600 -96.98 -94.74 -33.67
C LEU O 600 -98.00 -95.84 -33.97
N ARG O 601 -98.20 -96.77 -33.04
CA ARG O 601 -99.17 -97.82 -33.28
C ARG O 601 -100.57 -97.24 -33.25
N VAL O 602 -100.83 -96.45 -32.23
CA VAL O 602 -102.10 -95.76 -32.04
C VAL O 602 -102.23 -94.63 -33.03
N ASP O 603 -101.09 -94.01 -33.31
CA ASP O 603 -101.00 -92.88 -34.22
C ASP O 603 -101.01 -93.11 -35.73
N GLY O 604 -101.41 -94.30 -36.15
CA GLY O 604 -101.55 -94.61 -37.56
C GLY O 604 -100.32 -94.82 -38.44
N ALA O 605 -99.12 -94.95 -37.89
CA ALA O 605 -97.98 -95.19 -38.77
C ALA O 605 -98.08 -96.61 -39.31
N SER O 606 -97.67 -96.83 -40.57
CA SER O 606 -97.75 -98.16 -41.15
C SER O 606 -96.54 -98.48 -42.01
N ILE O 607 -96.20 -99.77 -42.09
CA ILE O 607 -95.05 -100.20 -42.88
C ILE O 607 -95.23 -101.59 -43.47
N LYS O 608 -94.93 -101.70 -44.77
CA LYS O 608 -95.03 -102.96 -45.47
C LYS O 608 -93.80 -103.27 -46.31
N PHE O 609 -93.28 -104.49 -46.16
CA PHE O 609 -92.12 -104.95 -46.90
C PHE O 609 -92.50 -105.65 -48.17
N ASP O 610 -92.07 -105.10 -49.30
CA ASP O 610 -92.41 -105.70 -50.56
C ASP O 610 -91.37 -106.68 -51.06
N SER O 611 -90.10 -106.34 -50.87
CA SER O 611 -89.07 -107.24 -51.34
C SER O 611 -87.75 -107.00 -50.66
N ILE O 612 -87.04 -108.09 -50.43
CA ILE O 612 -85.73 -108.04 -49.82
C ILE O 612 -84.76 -108.89 -50.60
N CYS O 613 -83.65 -108.28 -50.98
CA CYS O 613 -82.62 -108.96 -51.72
C CYS O 613 -81.33 -108.96 -50.93
N LEU O 614 -80.39 -109.79 -51.38
CA LEU O 614 -79.10 -109.90 -50.75
C LEU O 614 -78.02 -109.57 -51.76
N TYR O 615 -77.23 -108.54 -51.46
CA TYR O 615 -76.15 -108.14 -52.36
C TYR O 615 -74.80 -108.49 -51.79
N ALA O 616 -73.87 -108.79 -52.68
CA ALA O 616 -72.51 -109.14 -52.31
C ALA O 616 -71.54 -108.76 -53.40
N THR O 617 -70.48 -108.05 -53.02
CA THR O 617 -69.46 -107.61 -53.96
C THR O 617 -68.20 -108.42 -53.81
N PHE O 618 -67.57 -108.77 -54.93
CA PHE O 618 -66.37 -109.58 -54.86
C PHE O 618 -65.15 -108.96 -55.53
N PHE O 619 -64.04 -109.01 -54.83
CA PHE O 619 -62.80 -108.53 -55.38
C PHE O 619 -62.51 -109.51 -56.51
N PRO O 620 -62.27 -109.02 -57.73
CA PRO O 620 -62.03 -109.92 -58.85
C PRO O 620 -60.62 -110.49 -58.81
N MET O 621 -60.30 -111.07 -57.67
CA MET O 621 -59.00 -111.64 -57.40
C MET O 621 -58.55 -112.70 -58.40
N ALA O 622 -57.24 -112.69 -58.67
CA ALA O 622 -56.66 -113.65 -59.57
C ALA O 622 -56.98 -115.04 -59.02
N HIS O 623 -57.34 -115.95 -59.91
CA HIS O 623 -57.69 -117.29 -59.52
C HIS O 623 -56.60 -118.06 -58.79
N ASN O 624 -55.38 -117.98 -59.28
CA ASN O 624 -54.29 -118.69 -58.63
C ASN O 624 -54.11 -118.18 -57.22
N THR O 625 -54.14 -116.86 -57.10
CA THR O 625 -53.99 -116.17 -55.83
C THR O 625 -55.11 -116.52 -54.87
N ALA O 626 -56.35 -116.34 -55.32
CA ALA O 626 -57.51 -116.65 -54.52
C ALA O 626 -57.42 -118.07 -53.99
N SER O 627 -57.08 -118.99 -54.89
CA SER O 627 -56.96 -120.39 -54.56
C SER O 627 -55.91 -120.62 -53.48
N THR O 628 -54.80 -119.90 -53.59
CA THR O 628 -53.72 -120.00 -52.63
C THR O 628 -54.12 -119.47 -51.27
N LEU O 629 -54.82 -118.34 -51.29
CA LEU O 629 -55.27 -117.71 -50.08
C LEU O 629 -56.26 -118.62 -49.36
N GLU O 630 -57.05 -119.34 -50.14
CA GLU O 630 -58.04 -120.26 -49.62
C GLU O 630 -57.38 -121.36 -48.80
N ALA O 631 -56.42 -122.02 -49.45
CA ALA O 631 -55.68 -123.11 -48.85
C ALA O 631 -55.12 -122.72 -47.48
N MET O 632 -54.53 -121.53 -47.42
CA MET O 632 -53.96 -121.02 -46.19
C MET O 632 -55.01 -120.81 -45.10
N LEU O 633 -56.10 -120.15 -45.49
CA LEU O 633 -57.18 -119.86 -44.57
C LEU O 633 -57.93 -121.09 -44.10
N ARG O 634 -57.63 -122.23 -44.72
CA ARG O 634 -58.30 -123.45 -44.35
C ARG O 634 -57.64 -124.17 -43.19
N ASN O 635 -56.43 -123.73 -42.83
CA ASN O 635 -55.72 -124.32 -41.72
C ASN O 635 -56.15 -123.64 -40.43
N ASP O 636 -56.32 -124.43 -39.38
CA ASP O 636 -56.75 -123.87 -38.12
C ASP O 636 -55.80 -122.82 -37.58
N THR O 637 -54.52 -122.98 -37.83
CA THR O 637 -53.60 -121.97 -37.32
C THR O 637 -53.94 -120.61 -37.89
N ASN O 638 -54.59 -120.61 -39.05
CA ASN O 638 -55.01 -119.39 -39.73
C ASN O 638 -56.48 -119.09 -39.59
N ASP O 639 -57.07 -119.55 -38.49
CA ASP O 639 -58.46 -119.34 -38.20
C ASP O 639 -58.71 -117.87 -37.89
N GLN O 640 -59.81 -117.34 -38.42
CA GLN O 640 -60.15 -115.95 -38.18
C GLN O 640 -60.74 -115.78 -36.79
N SER O 641 -60.67 -114.58 -36.24
CA SER O 641 -61.21 -114.35 -34.91
C SER O 641 -61.68 -112.92 -34.70
N PHE O 642 -62.78 -112.78 -33.98
CA PHE O 642 -63.36 -111.48 -33.71
C PHE O 642 -63.92 -111.39 -32.31
N ASN O 643 -64.03 -110.16 -31.87
CA ASN O 643 -64.58 -109.85 -30.58
C ASN O 643 -65.56 -108.70 -30.74
N ASP O 644 -66.56 -108.69 -29.90
CA ASP O 644 -67.55 -107.63 -29.96
C ASP O 644 -66.92 -106.35 -29.43
N TYR O 645 -67.19 -105.24 -30.11
CA TYR O 645 -66.62 -103.98 -29.66
C TYR O 645 -67.01 -103.61 -28.23
N LEU O 646 -68.29 -103.77 -27.92
CA LEU O 646 -68.79 -103.44 -26.59
C LEU O 646 -68.16 -104.32 -25.52
N SER O 647 -68.02 -105.59 -25.87
CA SER O 647 -67.43 -106.59 -24.98
C SER O 647 -68.01 -106.56 -23.59
N ALA O 648 -69.29 -106.89 -23.47
CA ALA O 648 -69.90 -106.89 -22.17
C ALA O 648 -71.22 -107.64 -22.09
N ALA O 649 -71.52 -108.02 -20.85
CA ALA O 649 -72.74 -108.70 -20.49
C ALA O 649 -73.64 -107.57 -20.01
N ASN O 650 -74.80 -107.42 -20.61
CA ASN O 650 -75.67 -106.33 -20.24
C ASN O 650 -76.81 -106.67 -19.30
N MET O 651 -76.90 -105.91 -18.21
CA MET O 651 -77.95 -106.13 -17.25
C MET O 651 -78.76 -104.88 -16.96
N LEU O 652 -80.04 -105.12 -16.69
CA LEU O 652 -80.97 -104.07 -16.37
C LEU O 652 -81.66 -104.39 -15.06
N TYR O 653 -81.59 -103.44 -14.15
CA TYR O 653 -82.21 -103.55 -12.85
C TYR O 653 -83.16 -102.40 -12.64
N PRO O 654 -84.37 -102.76 -12.24
CA PRO O 654 -85.42 -101.80 -12.01
C PRO O 654 -85.21 -100.89 -10.80
N ILE O 655 -85.62 -99.65 -11.01
CA ILE O 655 -85.57 -98.58 -10.03
C ILE O 655 -86.97 -98.00 -9.91
N PRO O 656 -87.71 -98.48 -8.92
CA PRO O 656 -89.06 -98.01 -8.72
C PRO O 656 -89.10 -96.51 -8.55
N ALA O 657 -90.22 -95.92 -8.95
CA ALA O 657 -90.39 -94.50 -8.84
C ALA O 657 -90.08 -94.06 -7.42
N ASN O 658 -89.27 -93.01 -7.31
CA ASN O 658 -88.92 -92.47 -6.00
C ASN O 658 -87.90 -93.28 -5.21
N ALA O 659 -87.56 -94.47 -5.73
CA ALA O 659 -86.56 -95.28 -5.07
C ALA O 659 -85.25 -94.53 -5.10
N THR O 660 -84.39 -94.76 -4.12
CA THR O 660 -83.13 -94.04 -4.07
C THR O 660 -81.95 -94.96 -3.86
N ASN O 661 -82.24 -96.17 -3.40
CA ASN O 661 -81.23 -97.16 -3.15
C ASN O 661 -81.40 -98.33 -4.11
N VAL O 662 -80.30 -98.71 -4.74
CA VAL O 662 -80.32 -99.82 -5.68
C VAL O 662 -79.22 -100.81 -5.40
N PRO O 663 -79.60 -101.88 -4.73
CA PRO O 663 -78.67 -102.92 -4.36
C PRO O 663 -78.72 -104.06 -5.37
N ILE O 664 -77.55 -104.50 -5.78
CA ILE O 664 -77.49 -105.60 -6.73
C ILE O 664 -76.57 -106.67 -6.21
N SER O 665 -76.99 -107.90 -6.44
CA SER O 665 -76.22 -109.03 -5.97
C SER O 665 -75.91 -110.02 -7.08
N ILE O 666 -74.67 -110.47 -7.08
CA ILE O 666 -74.20 -111.44 -8.05
C ILE O 666 -73.67 -112.65 -7.30
N PRO O 667 -74.37 -113.76 -7.43
CA PRO O 667 -73.97 -114.97 -6.75
C PRO O 667 -72.55 -115.34 -7.11
N SER O 668 -71.84 -115.85 -6.12
CA SER O 668 -70.46 -116.25 -6.31
C SER O 668 -70.24 -116.88 -7.67
N ARG O 669 -69.22 -116.37 -8.35
CA ARG O 669 -68.86 -116.84 -9.67
C ARG O 669 -67.39 -116.54 -9.95
N ASN O 670 -66.96 -116.89 -11.17
CA ASN O 670 -65.59 -116.67 -11.60
C ASN O 670 -65.38 -115.27 -12.17
N TRP O 671 -64.26 -114.65 -11.80
CA TRP O 671 -63.98 -113.30 -12.26
C TRP O 671 -62.73 -113.15 -13.11
N ALA O 672 -62.06 -114.24 -13.44
CA ALA O 672 -60.87 -114.13 -14.25
C ALA O 672 -61.13 -113.40 -15.55
N ALA O 673 -60.25 -112.46 -15.89
CA ALA O 673 -60.34 -111.69 -17.12
C ALA O 673 -61.34 -110.53 -17.05
N PHE O 674 -61.95 -110.36 -15.89
CA PHE O 674 -62.89 -109.28 -15.69
C PHE O 674 -62.23 -107.96 -16.07
N ARG O 675 -62.92 -107.13 -16.84
CA ARG O 675 -62.33 -105.87 -17.26
C ARG O 675 -62.79 -104.65 -16.48
N GLY O 676 -64.02 -104.67 -15.99
CA GLY O 676 -64.51 -103.52 -15.24
C GLY O 676 -65.99 -103.28 -15.44
N TRP O 677 -66.46 -102.16 -14.89
CA TRP O 677 -67.85 -101.79 -14.98
C TRP O 677 -68.10 -100.50 -15.71
N ALA O 678 -69.29 -100.44 -16.32
CA ALA O 678 -69.79 -99.29 -17.05
C ALA O 678 -71.27 -99.19 -16.76
N PHE O 679 -71.80 -97.99 -16.54
CA PHE O 679 -73.21 -97.90 -16.23
C PHE O 679 -73.86 -96.55 -16.49
N THR O 680 -75.19 -96.62 -16.60
CA THR O 680 -76.09 -95.51 -16.82
C THR O 680 -77.42 -95.79 -16.15
N ARG O 681 -78.39 -94.98 -16.53
CA ARG O 681 -79.74 -95.08 -16.05
C ARG O 681 -80.71 -94.75 -17.17
N LEU O 682 -81.68 -95.63 -17.38
CA LEU O 682 -82.66 -95.45 -18.42
C LEU O 682 -84.07 -95.39 -17.87
N LYS O 683 -84.96 -94.86 -18.69
CA LYS O 683 -86.35 -94.77 -18.32
C LYS O 683 -87.03 -96.02 -18.81
N THR O 684 -87.81 -96.64 -17.95
CA THR O 684 -88.49 -97.84 -18.36
C THR O 684 -89.33 -97.61 -19.60
N LYS O 685 -89.96 -96.44 -19.67
CA LYS O 685 -90.79 -96.09 -20.80
C LYS O 685 -90.04 -96.07 -22.13
N GLU O 686 -88.77 -95.70 -22.07
CA GLU O 686 -87.96 -95.62 -23.27
C GLU O 686 -87.15 -96.88 -23.56
N THR O 687 -87.43 -97.96 -22.85
CA THR O 687 -86.71 -99.19 -23.04
C THR O 687 -87.63 -100.34 -23.42
N PRO O 688 -87.75 -100.60 -24.70
CA PRO O 688 -88.58 -101.69 -25.16
C PRO O 688 -88.10 -102.98 -24.54
N SER O 689 -88.98 -103.95 -24.41
CA SER O 689 -88.59 -105.22 -23.83
C SER O 689 -88.00 -106.07 -24.94
N LEU O 690 -86.79 -106.57 -24.75
CA LEU O 690 -86.20 -107.38 -25.80
C LEU O 690 -86.27 -108.88 -25.58
N GLY O 691 -86.78 -109.29 -24.43
CA GLY O 691 -86.91 -110.71 -24.13
C GLY O 691 -88.06 -111.35 -24.90
N SER O 692 -88.30 -110.83 -26.11
CA SER O 692 -89.39 -111.33 -26.94
C SER O 692 -89.50 -110.60 -28.27
N GLY O 693 -90.12 -111.29 -29.23
CA GLY O 693 -90.29 -110.78 -30.57
C GLY O 693 -91.22 -109.57 -30.64
N TYR O 694 -92.04 -109.36 -29.62
CA TYR O 694 -92.97 -108.22 -29.61
C TYR O 694 -93.32 -107.74 -28.22
N ASP O 695 -93.30 -106.43 -28.02
CA ASP O 695 -93.60 -105.81 -26.75
C ASP O 695 -94.92 -105.06 -26.77
N PRO O 696 -95.95 -105.73 -26.29
CA PRO O 696 -97.29 -105.20 -26.25
C PRO O 696 -97.39 -103.91 -25.44
N TYR O 697 -96.54 -103.72 -24.45
CA TYR O 697 -96.60 -102.53 -23.62
C TYR O 697 -95.69 -101.36 -24.03
N TYR O 698 -95.09 -101.46 -25.21
CA TYR O 698 -94.21 -100.43 -25.71
C TYR O 698 -94.95 -99.39 -26.54
N THR O 699 -95.29 -98.27 -25.91
CA THR O 699 -96.01 -97.19 -26.55
C THR O 699 -95.21 -95.91 -26.62
N TYR O 700 -94.03 -96.03 -27.23
CA TYR O 700 -93.11 -94.91 -27.34
C TYR O 700 -92.28 -95.05 -28.61
N SER O 701 -91.99 -93.93 -29.28
CA SER O 701 -91.22 -94.01 -30.51
C SER O 701 -90.03 -93.05 -30.58
N GLY O 702 -89.56 -92.59 -29.44
CA GLY O 702 -88.44 -91.68 -29.42
C GLY O 702 -87.11 -92.41 -29.45
N SER O 703 -86.06 -91.69 -29.04
CA SER O 703 -84.73 -92.25 -29.01
C SER O 703 -84.69 -93.38 -27.99
N ILE O 704 -83.89 -94.41 -28.28
CA ILE O 704 -83.77 -95.54 -27.37
C ILE O 704 -82.33 -95.66 -26.88
N PRO O 705 -82.01 -94.94 -25.81
CA PRO O 705 -80.66 -94.96 -25.27
C PRO O 705 -79.99 -96.32 -25.16
N TYR O 706 -80.73 -97.33 -24.73
CA TYR O 706 -80.15 -98.66 -24.59
C TYR O 706 -79.52 -99.18 -25.87
N LEU O 707 -80.13 -98.79 -26.99
CA LEU O 707 -79.66 -99.22 -28.30
C LEU O 707 -78.87 -98.19 -29.07
N ASP O 708 -79.22 -96.91 -28.94
CA ASP O 708 -78.54 -95.88 -29.69
C ASP O 708 -77.45 -95.06 -29.03
N GLY O 709 -77.40 -95.04 -27.70
CA GLY O 709 -76.36 -94.29 -27.01
C GLY O 709 -76.75 -92.86 -26.67
N THR O 710 -78.04 -92.57 -26.76
CA THR O 710 -78.50 -91.24 -26.45
C THR O 710 -78.69 -91.05 -24.95
N PHE O 711 -77.69 -91.48 -24.20
CA PHE O 711 -77.71 -91.38 -22.75
C PHE O 711 -77.80 -89.94 -22.29
N TYR O 712 -78.63 -89.73 -21.26
CA TYR O 712 -78.85 -88.41 -20.72
C TYR O 712 -79.17 -88.35 -19.23
N LEU O 713 -78.99 -89.44 -18.50
CA LEU O 713 -79.32 -89.41 -17.08
C LEU O 713 -78.17 -89.67 -16.12
N ASN O 714 -76.95 -89.48 -16.59
CA ASN O 714 -75.75 -89.71 -15.80
C ASN O 714 -75.55 -88.82 -14.60
N HIS O 715 -76.20 -87.67 -14.60
CA HIS O 715 -76.06 -86.73 -13.50
C HIS O 715 -76.88 -87.10 -12.28
N THR O 716 -77.67 -88.16 -12.38
CA THR O 716 -78.52 -88.59 -11.29
C THR O 716 -77.87 -89.58 -10.34
N PHE O 717 -76.63 -89.95 -10.62
CA PHE O 717 -75.94 -90.89 -9.78
C PHE O 717 -75.31 -90.18 -8.61
N LYS O 718 -75.43 -90.78 -7.42
CA LYS O 718 -74.87 -90.19 -6.23
C LYS O 718 -73.58 -90.87 -5.82
N LYS O 719 -73.65 -92.18 -5.69
CA LYS O 719 -72.49 -92.94 -5.30
C LYS O 719 -72.59 -94.42 -5.63
N VAL O 720 -71.44 -95.08 -5.53
CA VAL O 720 -71.34 -96.50 -5.80
C VAL O 720 -70.41 -97.18 -4.82
N ALA O 721 -70.92 -98.26 -4.25
CA ALA O 721 -70.16 -99.05 -3.30
C ALA O 721 -70.00 -100.45 -3.86
N ILE O 722 -68.76 -100.88 -4.00
CA ILE O 722 -68.48 -102.20 -4.53
C ILE O 722 -67.90 -103.13 -3.47
N THR O 723 -68.48 -104.32 -3.36
CA THR O 723 -68.02 -105.27 -2.35
C THR O 723 -67.94 -106.71 -2.82
N PHE O 724 -66.79 -107.29 -2.58
CA PHE O 724 -66.56 -108.68 -2.91
C PHE O 724 -66.72 -109.50 -1.65
N ASP O 725 -67.27 -110.70 -1.83
CA ASP O 725 -67.49 -111.65 -0.75
C ASP O 725 -68.09 -111.12 0.55
N SER O 726 -69.08 -110.24 0.43
CA SER O 726 -69.76 -109.71 1.60
C SER O 726 -68.91 -108.97 2.62
N SER O 727 -67.60 -108.84 2.40
CA SER O 727 -66.80 -108.15 3.40
C SER O 727 -65.75 -107.22 2.85
N VAL O 728 -65.14 -107.64 1.74
CA VAL O 728 -64.08 -106.89 1.10
C VAL O 728 -64.52 -105.76 0.19
N SER O 729 -64.06 -104.56 0.54
CA SER O 729 -64.36 -103.36 -0.20
C SER O 729 -63.34 -103.10 -1.31
N TRP O 730 -63.85 -102.96 -2.53
CA TRP O 730 -63.04 -102.69 -3.69
C TRP O 730 -63.25 -101.24 -4.07
N PRO O 731 -62.17 -100.52 -4.34
CA PRO O 731 -60.79 -101.02 -4.36
C PRO O 731 -60.13 -101.04 -2.99
N GLY O 732 -60.80 -100.51 -1.97
CA GLY O 732 -60.21 -100.47 -0.64
C GLY O 732 -58.81 -99.89 -0.73
N ASN O 733 -57.88 -100.42 0.07
CA ASN O 733 -56.50 -99.98 0.09
C ASN O 733 -56.28 -98.50 0.40
N ASP O 734 -57.33 -97.84 0.88
CA ASP O 734 -57.23 -96.44 1.24
C ASP O 734 -56.92 -95.53 0.06
N ARG O 735 -57.31 -95.97 -1.13
CA ARG O 735 -57.07 -95.24 -2.35
C ARG O 735 -57.80 -93.89 -2.51
N LEU O 736 -59.13 -93.90 -2.38
CA LEU O 736 -59.93 -92.70 -2.54
C LEU O 736 -60.10 -91.83 -1.30
N LEU O 737 -60.45 -90.55 -1.52
CA LEU O 737 -60.66 -89.60 -0.44
C LEU O 737 -61.70 -90.12 0.55
N THR O 738 -62.67 -90.85 0.00
CA THR O 738 -63.73 -91.51 0.73
C THR O 738 -63.69 -92.97 0.30
N PRO O 739 -62.62 -93.60 0.75
CA PRO O 739 -62.19 -94.96 0.52
C PRO O 739 -63.25 -96.06 0.44
N ASN O 740 -64.33 -95.94 1.21
CA ASN O 740 -65.32 -97.01 1.20
C ASN O 740 -66.26 -97.07 0.00
N GLU O 741 -66.18 -96.07 -0.85
CA GLU O 741 -67.07 -96.06 -1.99
C GLU O 741 -66.73 -94.97 -2.99
N PHE O 742 -67.38 -95.07 -4.14
CA PHE O 742 -67.21 -94.11 -5.19
C PHE O 742 -68.28 -93.05 -5.08
N GLU O 743 -67.86 -91.84 -4.69
CA GLU O 743 -68.78 -90.73 -4.55
C GLU O 743 -68.79 -89.94 -5.85
N ILE O 744 -69.90 -89.99 -6.57
CA ILE O 744 -70.00 -89.28 -7.83
C ILE O 744 -70.14 -87.77 -7.66
N LYS O 745 -70.91 -87.35 -6.67
CA LYS O 745 -71.13 -85.94 -6.41
C LYS O 745 -71.53 -85.67 -4.96
N ARG O 746 -71.22 -84.46 -4.48
CA ARG O 746 -71.54 -84.05 -3.10
C ARG O 746 -72.41 -82.79 -3.06
N SER O 747 -73.25 -82.70 -2.04
CA SER O 747 -74.14 -81.56 -1.88
C SER O 747 -73.76 -80.59 -0.77
N VAL O 748 -73.29 -79.41 -1.20
CA VAL O 748 -72.89 -78.30 -0.35
C VAL O 748 -72.04 -78.65 0.86
N ASP O 749 -72.58 -79.52 1.70
CA ASP O 749 -71.91 -79.94 2.90
C ASP O 749 -70.49 -80.47 2.67
N GLY O 750 -70.25 -81.01 1.47
CA GLY O 750 -68.94 -81.55 1.17
C GLY O 750 -68.18 -80.76 0.11
N GLU O 751 -68.56 -79.52 -0.11
CA GLU O 751 -67.91 -78.68 -1.10
C GLU O 751 -66.43 -78.96 -1.29
N GLY O 752 -65.64 -78.83 -0.22
CA GLY O 752 -64.19 -79.03 -0.26
C GLY O 752 -63.72 -80.22 -1.08
N TYR O 753 -64.51 -81.28 -1.15
CA TYR O 753 -64.11 -82.46 -1.90
C TYR O 753 -64.53 -82.40 -3.36
N ASN O 754 -65.13 -81.29 -3.76
CA ASN O 754 -65.58 -81.11 -5.12
C ASN O 754 -64.48 -80.50 -5.99
N VAL O 755 -64.71 -80.52 -7.30
CA VAL O 755 -63.74 -80.00 -8.23
C VAL O 755 -64.40 -79.43 -9.49
N ALA O 756 -63.57 -78.86 -10.36
CA ALA O 756 -63.99 -78.29 -11.63
C ALA O 756 -65.12 -77.24 -11.59
N GLN O 757 -65.36 -76.66 -10.43
CA GLN O 757 -66.39 -75.65 -10.30
C GLN O 757 -67.82 -76.17 -10.43
N CYS O 758 -68.02 -77.39 -9.97
CA CYS O 758 -69.32 -78.01 -9.99
C CYS O 758 -69.46 -78.94 -8.79
N ASN O 759 -70.51 -79.74 -8.75
CA ASN O 759 -70.71 -80.63 -7.63
C ASN O 759 -70.04 -81.99 -7.76
N MET O 760 -69.18 -82.15 -8.75
CA MET O 760 -68.50 -83.42 -8.92
C MET O 760 -67.35 -83.52 -7.94
N THR O 761 -67.04 -84.72 -7.48
CA THR O 761 -65.96 -84.89 -6.53
C THR O 761 -64.60 -85.03 -7.21
N LYS O 762 -63.56 -84.72 -6.44
CA LYS O 762 -62.21 -84.82 -6.93
C LYS O 762 -61.93 -86.28 -7.32
N ASP O 763 -62.35 -87.18 -6.44
CA ASP O 763 -62.18 -88.62 -6.59
C ASP O 763 -62.70 -89.13 -7.92
N TRP O 764 -63.97 -88.80 -8.17
CA TRP O 764 -64.66 -89.21 -9.37
C TRP O 764 -64.06 -88.61 -10.64
N PHE O 765 -63.73 -87.33 -10.58
CA PHE O 765 -63.12 -86.67 -11.72
C PHE O 765 -61.83 -87.35 -12.11
N LEU O 766 -61.10 -87.77 -11.08
CA LEU O 766 -59.83 -88.44 -11.25
C LEU O 766 -60.01 -89.79 -11.94
N VAL O 767 -60.98 -90.56 -11.47
CA VAL O 767 -61.26 -91.88 -12.01
C VAL O 767 -61.73 -91.81 -13.45
N GLN O 768 -62.63 -90.89 -13.74
CA GLN O 768 -63.14 -90.75 -15.08
C GLN O 768 -62.05 -90.32 -16.06
N MET O 769 -61.19 -89.42 -15.63
CA MET O 769 -60.11 -88.92 -16.47
C MET O 769 -59.10 -90.01 -16.81
N LEU O 770 -58.79 -90.83 -15.82
CA LEU O 770 -57.84 -91.91 -16.00
C LEU O 770 -58.42 -93.01 -16.87
N ALA O 771 -59.64 -93.42 -16.51
CA ALA O 771 -60.35 -94.47 -17.22
C ALA O 771 -60.51 -94.17 -18.70
N ASN O 772 -60.81 -92.91 -19.02
CA ASN O 772 -61.01 -92.50 -20.39
C ASN O 772 -59.73 -92.13 -21.13
N TYR O 773 -58.81 -91.45 -20.46
CA TYR O 773 -57.59 -91.03 -21.13
C TYR O 773 -56.29 -91.27 -20.40
N ASN O 774 -56.31 -91.95 -19.25
CA ASN O 774 -55.08 -92.16 -18.53
C ASN O 774 -54.49 -90.85 -18.02
N ILE O 775 -55.31 -89.81 -17.92
CA ILE O 775 -54.85 -88.53 -17.43
C ILE O 775 -55.19 -88.38 -15.96
N GLY O 776 -54.24 -88.01 -15.12
CA GLY O 776 -54.59 -87.85 -13.72
C GLY O 776 -53.42 -87.83 -12.75
N TYR O 777 -52.43 -88.68 -12.97
CA TYR O 777 -51.28 -88.73 -12.08
C TYR O 777 -50.23 -87.70 -12.38
N GLN O 778 -50.28 -87.16 -13.58
CA GLN O 778 -49.30 -86.17 -13.95
C GLN O 778 -49.95 -84.88 -14.42
N GLY O 779 -50.97 -84.49 -13.68
CA GLY O 779 -51.70 -83.27 -13.97
C GLY O 779 -52.93 -83.51 -14.83
N PHE O 780 -53.85 -82.56 -14.74
CA PHE O 780 -55.10 -82.57 -15.48
C PHE O 780 -55.01 -81.56 -16.62
N TYR O 781 -55.46 -81.98 -17.80
CA TYR O 781 -55.46 -81.11 -18.95
C TYR O 781 -56.45 -81.63 -19.97
N ILE O 782 -56.76 -80.81 -20.95
CA ILE O 782 -57.70 -81.25 -21.96
C ILE O 782 -57.09 -82.37 -22.78
N PRO O 783 -57.81 -83.49 -22.87
CA PRO O 783 -57.32 -84.62 -23.63
C PRO O 783 -57.17 -84.31 -25.11
N GLU O 784 -56.29 -85.05 -25.78
CA GLU O 784 -56.11 -84.85 -27.21
C GLU O 784 -57.41 -85.19 -27.92
N SER O 785 -57.82 -84.32 -28.84
CA SER O 785 -59.05 -84.48 -29.60
C SER O 785 -59.33 -85.87 -30.16
N TYR O 786 -58.32 -86.54 -30.70
CA TYR O 786 -58.60 -87.85 -31.25
C TYR O 786 -58.99 -88.87 -30.19
N LYS O 787 -58.69 -88.59 -28.92
CA LYS O 787 -59.03 -89.49 -27.83
C LYS O 787 -60.33 -89.12 -27.16
N ASP O 788 -60.76 -87.88 -27.41
CA ASP O 788 -61.98 -87.34 -26.86
C ASP O 788 -63.06 -87.37 -27.91
N ARG O 789 -63.69 -88.53 -28.07
CA ARG O 789 -64.72 -88.70 -29.08
C ARG O 789 -66.13 -88.30 -28.67
N MET O 790 -67.08 -88.59 -29.55
CA MET O 790 -68.48 -88.26 -29.35
C MET O 790 -69.09 -88.73 -28.04
N TYR O 791 -68.85 -89.99 -27.73
CA TYR O 791 -69.38 -90.60 -26.53
C TYR O 791 -68.41 -90.59 -25.36
N SER O 792 -67.41 -89.71 -25.43
CA SER O 792 -66.40 -89.62 -24.38
C SER O 792 -66.85 -88.78 -23.19
N PHE O 793 -66.08 -88.88 -22.13
CA PHE O 793 -66.34 -88.18 -20.89
C PHE O 793 -66.24 -86.67 -20.95
N PHE O 794 -65.00 -86.19 -21.14
CA PHE O 794 -64.71 -84.77 -21.20
C PHE O 794 -65.55 -83.95 -22.16
N ARG O 795 -65.54 -84.36 -23.43
CA ARG O 795 -66.27 -83.69 -24.48
C ARG O 795 -67.73 -83.45 -24.12
N ASN O 796 -68.27 -84.31 -23.24
CA ASN O 796 -69.66 -84.24 -22.82
C ASN O 796 -69.89 -83.65 -21.42
N PHE O 797 -68.80 -83.34 -20.73
CA PHE O 797 -68.86 -82.79 -19.39
C PHE O 797 -69.18 -81.29 -19.37
N GLN O 798 -70.29 -80.94 -18.70
CA GLN O 798 -70.75 -79.56 -18.62
C GLN O 798 -71.08 -79.11 -17.20
N PRO O 799 -70.14 -78.42 -16.55
CA PRO O 799 -70.40 -77.95 -15.19
C PRO O 799 -71.19 -76.65 -15.24
N MET O 800 -72.18 -76.50 -14.35
CA MET O 800 -73.01 -75.32 -14.32
C MET O 800 -73.22 -74.74 -12.93
N SER O 801 -73.50 -73.44 -12.93
CA SER O 801 -73.74 -72.67 -11.73
C SER O 801 -74.72 -71.54 -11.97
N ARG O 802 -75.42 -71.15 -10.93
CA ARG O 802 -76.38 -70.07 -10.99
C ARG O 802 -76.77 -69.65 -9.59
N GLN O 803 -77.39 -68.50 -9.50
CA GLN O 803 -77.82 -67.96 -8.23
C GLN O 803 -79.31 -67.74 -8.24
N VAL O 804 -79.92 -67.93 -7.06
CA VAL O 804 -81.35 -67.75 -6.88
C VAL O 804 -81.60 -67.06 -5.54
N VAL O 805 -82.73 -66.39 -5.39
CA VAL O 805 -83.04 -65.72 -4.14
C VAL O 805 -82.99 -66.68 -2.98
N ASP O 806 -82.44 -66.21 -1.87
CA ASP O 806 -82.42 -67.05 -0.69
C ASP O 806 -83.71 -66.79 0.05
N ASP O 807 -84.65 -67.71 -0.08
CA ASP O 807 -85.96 -67.59 0.55
C ASP O 807 -85.93 -67.49 2.07
N THR O 808 -84.84 -67.93 2.69
CA THR O 808 -84.75 -67.89 4.14
C THR O 808 -83.95 -66.73 4.70
N LYS O 809 -83.35 -65.90 3.85
CA LYS O 809 -82.58 -64.78 4.36
C LYS O 809 -82.97 -63.44 3.78
N TYR O 810 -83.68 -63.46 2.66
CA TYR O 810 -84.14 -62.22 2.03
C TYR O 810 -85.42 -61.78 2.72
N LYS O 811 -85.27 -60.81 3.62
CA LYS O 811 -86.37 -60.27 4.41
C LYS O 811 -87.69 -60.08 3.68
N ASP O 812 -87.65 -59.47 2.49
CA ASP O 812 -88.87 -59.19 1.73
C ASP O 812 -89.33 -60.29 0.79
N TYR O 813 -88.74 -61.47 0.90
CA TYR O 813 -89.13 -62.58 0.06
C TYR O 813 -90.62 -62.80 -0.03
N GLN O 814 -91.09 -63.08 -1.25
CA GLN O 814 -92.48 -63.35 -1.55
C GLN O 814 -92.58 -64.48 -2.56
N GLN O 815 -93.27 -65.55 -2.17
CA GLN O 815 -93.43 -66.69 -3.06
C GLN O 815 -94.56 -66.48 -4.05
N VAL O 816 -94.23 -65.94 -5.22
CA VAL O 816 -95.21 -65.67 -6.25
C VAL O 816 -95.11 -66.64 -7.41
N GLY O 817 -96.23 -67.32 -7.72
CA GLY O 817 -96.28 -68.28 -8.80
C GLY O 817 -96.67 -67.66 -10.14
N ILE O 818 -96.66 -68.46 -11.21
CA ILE O 818 -97.00 -67.95 -12.53
C ILE O 818 -98.32 -67.22 -12.55
N LEU O 819 -99.31 -67.80 -11.87
CA LEU O 819 -100.63 -67.22 -11.82
C LEU O 819 -100.62 -65.75 -11.43
N HIS O 820 -99.62 -65.35 -10.66
CA HIS O 820 -99.52 -63.98 -10.21
C HIS O 820 -98.29 -63.21 -10.60
N GLN O 821 -97.49 -63.78 -11.49
CA GLN O 821 -96.32 -63.04 -11.88
C GLN O 821 -96.66 -62.14 -13.05
N HIS O 822 -96.16 -60.93 -13.00
CA HIS O 822 -96.41 -59.99 -14.07
C HIS O 822 -95.15 -59.28 -14.53
N ASN O 823 -94.89 -59.48 -15.81
CA ASN O 823 -93.76 -58.95 -16.53
C ASN O 823 -94.16 -58.90 -17.99
N ASN O 824 -94.27 -57.69 -18.52
CA ASN O 824 -94.69 -57.48 -19.89
C ASN O 824 -96.21 -57.44 -19.98
N SER O 825 -96.82 -57.29 -18.80
CA SER O 825 -98.26 -57.22 -18.71
C SER O 825 -98.74 -56.15 -19.67
N GLY O 826 -99.82 -56.48 -20.36
CA GLY O 826 -100.36 -55.55 -21.32
C GLY O 826 -99.76 -55.74 -22.69
N PHE O 827 -98.71 -56.56 -22.78
CA PHE O 827 -98.07 -56.82 -24.05
C PHE O 827 -97.98 -58.30 -24.41
N VAL O 828 -98.41 -59.14 -23.47
CA VAL O 828 -98.37 -60.58 -23.63
C VAL O 828 -99.69 -61.26 -23.22
N GLY O 829 -99.94 -62.46 -23.73
CA GLY O 829 -101.16 -63.18 -23.38
C GLY O 829 -101.02 -63.73 -21.97
N TYR O 830 -102.14 -64.03 -21.31
CA TYR O 830 -102.11 -64.52 -19.94
C TYR O 830 -102.15 -66.04 -19.85
N LEU O 831 -101.10 -66.64 -19.26
CA LEU O 831 -100.98 -68.07 -19.10
C LEU O 831 -101.13 -68.84 -20.40
N ALA O 832 -100.79 -68.20 -21.51
CA ALA O 832 -100.91 -68.82 -22.81
C ALA O 832 -100.28 -68.00 -23.93
N PRO O 833 -100.05 -68.66 -25.05
CA PRO O 833 -99.45 -68.04 -26.21
C PRO O 833 -100.46 -67.29 -27.04
N THR O 834 -101.41 -66.65 -26.36
CA THR O 834 -102.44 -65.92 -27.06
C THR O 834 -102.20 -64.44 -27.18
N MET O 835 -103.27 -63.76 -27.59
CA MET O 835 -103.33 -62.33 -27.80
C MET O 835 -102.98 -61.55 -26.54
N ARG O 836 -102.40 -60.37 -26.75
CA ARG O 836 -102.03 -59.54 -25.64
C ARG O 836 -103.25 -59.10 -24.84
N GLU O 837 -103.00 -58.84 -23.57
CA GLU O 837 -104.01 -58.40 -22.65
C GLU O 837 -103.34 -57.74 -21.47
N GLY O 838 -104.13 -57.13 -20.61
CA GLY O 838 -103.59 -56.48 -19.44
C GLY O 838 -103.25 -55.03 -19.71
N GLN O 839 -102.34 -54.52 -18.89
CA GLN O 839 -101.92 -53.14 -18.98
C GLN O 839 -100.48 -52.98 -18.53
N ALA O 840 -99.85 -51.93 -19.02
CA ALA O 840 -98.49 -51.66 -18.62
C ALA O 840 -98.43 -51.61 -17.10
N TYR O 841 -97.31 -52.02 -16.54
CA TYR O 841 -97.16 -52.01 -15.11
C TYR O 841 -95.82 -52.57 -14.68
N PRO O 842 -95.26 -51.93 -13.67
CA PRO O 842 -93.98 -52.39 -13.15
C PRO O 842 -94.01 -53.87 -12.89
N ALA O 843 -93.01 -54.58 -13.42
CA ALA O 843 -92.93 -56.01 -13.22
C ALA O 843 -92.75 -56.31 -11.75
N ASN O 844 -93.24 -57.46 -11.33
CA ASN O 844 -93.14 -57.88 -9.95
C ASN O 844 -92.27 -59.13 -9.84
N PHE O 845 -91.65 -59.45 -10.96
CA PHE O 845 -90.81 -60.62 -11.07
C PHE O 845 -90.01 -60.53 -12.36
N PRO O 846 -88.80 -61.08 -12.39
CA PRO O 846 -88.14 -61.80 -11.32
C PRO O 846 -87.38 -60.89 -10.37
N TYR O 847 -86.81 -61.50 -9.33
CA TYR O 847 -86.02 -60.76 -8.35
C TYR O 847 -84.67 -60.41 -8.94
N PRO O 848 -84.23 -59.19 -8.64
CA PRO O 848 -82.94 -58.72 -9.12
C PRO O 848 -81.78 -59.38 -8.38
N LEU O 849 -80.90 -60.01 -9.14
CA LEU O 849 -79.73 -60.68 -8.58
C LEU O 849 -78.49 -59.83 -8.71
N ILE O 850 -78.67 -58.71 -9.38
CA ILE O 850 -77.60 -57.77 -9.64
C ILE O 850 -77.99 -56.36 -9.24
N GLY O 851 -77.03 -55.45 -9.23
CA GLY O 851 -77.27 -54.06 -8.88
C GLY O 851 -77.05 -53.75 -7.40
N LYS O 852 -77.33 -52.50 -7.03
CA LYS O 852 -77.19 -52.03 -5.67
C LYS O 852 -78.31 -52.56 -4.80
N THR O 853 -79.30 -53.16 -5.46
CA THR O 853 -80.48 -53.67 -4.79
C THR O 853 -80.64 -55.19 -4.81
N ALA O 854 -79.67 -55.90 -5.40
CA ALA O 854 -79.70 -57.35 -5.47
C ALA O 854 -80.11 -57.98 -4.15
N VAL O 855 -80.89 -59.05 -4.25
CA VAL O 855 -81.38 -59.77 -3.10
C VAL O 855 -80.39 -60.80 -2.59
N ASP O 856 -80.56 -61.15 -1.32
CA ASP O 856 -79.70 -62.15 -0.74
C ASP O 856 -79.86 -63.40 -1.58
N SER O 857 -78.74 -63.97 -2.02
CA SER O 857 -78.82 -65.13 -2.86
C SER O 857 -78.18 -66.37 -2.31
N ILE O 858 -78.41 -67.45 -3.05
CA ILE O 858 -77.90 -68.76 -2.74
C ILE O 858 -77.36 -69.37 -4.03
N THR O 859 -76.25 -70.11 -3.92
CA THR O 859 -75.63 -70.69 -5.07
C THR O 859 -75.97 -72.15 -5.33
N GLN O 860 -76.16 -72.47 -6.62
CA GLN O 860 -76.48 -73.81 -7.07
C GLN O 860 -75.52 -74.29 -8.14
N LYS O 861 -74.98 -75.49 -7.94
CA LYS O 861 -74.05 -76.10 -8.89
C LYS O 861 -74.48 -77.50 -9.22
N LYS O 862 -74.25 -77.87 -10.48
CA LYS O 862 -74.58 -79.18 -10.96
C LYS O 862 -73.79 -79.44 -12.23
N PHE O 863 -74.20 -80.48 -12.94
CA PHE O 863 -73.52 -80.81 -14.16
C PHE O 863 -74.32 -81.81 -14.98
N LEU O 864 -74.04 -81.78 -16.27
CA LEU O 864 -74.63 -82.66 -17.24
C LEU O 864 -73.49 -83.48 -17.82
N CYS O 865 -73.79 -84.69 -18.26
CA CYS O 865 -72.77 -85.53 -18.83
C CYS O 865 -73.42 -86.55 -19.74
N ASP O 866 -74.10 -85.99 -20.74
CA ASP O 866 -74.84 -86.75 -21.73
C ASP O 866 -73.99 -87.62 -22.61
N ARG O 867 -74.71 -88.50 -23.29
CA ARG O 867 -74.21 -89.48 -24.24
C ARG O 867 -72.90 -90.17 -23.93
N THR O 868 -72.71 -90.56 -22.68
CA THR O 868 -71.51 -91.27 -22.25
C THR O 868 -71.86 -92.28 -21.17
N LEU O 869 -70.92 -93.17 -20.86
CA LEU O 869 -71.13 -94.17 -19.84
C LEU O 869 -70.15 -93.96 -18.70
N TRP O 870 -70.63 -94.07 -17.46
CA TRP O 870 -69.77 -93.93 -16.30
C TRP O 870 -68.83 -95.13 -16.31
N ARG O 871 -67.56 -94.93 -15.96
CA ARG O 871 -66.65 -96.06 -15.99
C ARG O 871 -65.83 -96.30 -14.72
N ILE O 872 -65.69 -97.58 -14.40
CA ILE O 872 -64.92 -98.09 -13.27
C ILE O 872 -64.17 -99.32 -13.74
N PRO O 873 -62.94 -99.09 -14.19
CA PRO O 873 -62.08 -100.13 -14.70
C PRO O 873 -61.54 -101.05 -13.63
N PHE O 874 -61.42 -102.32 -13.98
CA PHE O 874 -60.87 -103.28 -13.06
C PHE O 874 -59.36 -103.33 -13.23
N SER O 875 -58.75 -102.18 -12.95
CA SER O 875 -57.32 -101.98 -13.06
C SER O 875 -56.76 -101.40 -11.76
N SER O 876 -55.62 -101.92 -11.33
CA SER O 876 -54.98 -101.48 -10.09
C SER O 876 -54.82 -99.99 -9.93
N ASN O 877 -54.58 -99.28 -11.02
CA ASN O 877 -54.40 -97.83 -10.95
C ASN O 877 -55.42 -97.09 -11.80
N PHE O 878 -56.49 -97.82 -12.15
CA PHE O 878 -57.59 -97.32 -12.96
C PHE O 878 -57.16 -97.02 -14.39
N MET O 879 -55.87 -97.19 -14.69
CA MET O 879 -55.41 -96.89 -16.02
C MET O 879 -55.56 -98.04 -17.00
N SER O 880 -55.47 -97.69 -18.27
CA SER O 880 -55.54 -98.64 -19.35
C SER O 880 -54.14 -99.07 -19.70
N MET O 881 -53.83 -100.31 -19.36
CA MET O 881 -52.52 -100.88 -19.62
C MET O 881 -52.63 -102.14 -20.46
N GLY O 882 -53.82 -102.32 -21.04
CA GLY O 882 -54.10 -103.48 -21.88
C GLY O 882 -55.51 -104.01 -21.68
N ALA O 883 -56.06 -104.56 -22.75
CA ALA O 883 -57.40 -105.13 -22.72
C ALA O 883 -57.55 -106.09 -21.55
N LEU O 884 -56.57 -106.96 -21.41
CA LEU O 884 -56.53 -107.93 -20.34
C LEU O 884 -55.81 -107.28 -19.17
N THR O 885 -56.62 -106.74 -18.26
CA THR O 885 -56.17 -106.02 -17.09
C THR O 885 -55.30 -106.80 -16.10
N ASP O 886 -54.61 -106.04 -15.25
CA ASP O 886 -53.73 -106.65 -14.25
C ASP O 886 -54.52 -107.40 -13.19
N LEU O 887 -55.65 -106.82 -12.78
CA LEU O 887 -56.51 -107.44 -11.79
C LEU O 887 -57.21 -108.66 -12.35
N GLY O 888 -57.68 -108.52 -13.58
CA GLY O 888 -58.36 -109.59 -14.26
C GLY O 888 -57.48 -110.83 -14.38
N GLN O 889 -56.17 -110.64 -14.16
CA GLN O 889 -55.25 -111.76 -14.26
C GLN O 889 -54.60 -112.19 -12.96
N ASN O 890 -55.09 -111.58 -11.86
CA ASN O 890 -54.63 -111.86 -10.51
C ASN O 890 -55.06 -113.24 -10.04
N LEU O 891 -54.13 -113.98 -9.44
CA LEU O 891 -54.41 -115.31 -8.96
C LEU O 891 -55.62 -115.33 -8.05
N LEU O 892 -55.77 -114.28 -7.26
CA LEU O 892 -56.88 -114.21 -6.35
C LEU O 892 -58.22 -114.21 -7.08
N TYR O 893 -58.23 -113.82 -8.35
CA TYR O 893 -59.48 -113.83 -9.08
C TYR O 893 -59.63 -115.05 -9.96
N ALA O 894 -58.54 -115.83 -10.08
CA ALA O 894 -58.54 -117.03 -10.89
C ALA O 894 -58.63 -118.32 -10.09
N ASN O 895 -57.86 -118.36 -8.99
CA ASN O 895 -57.84 -119.53 -8.13
C ASN O 895 -59.14 -119.71 -7.37
N SER O 896 -60.06 -118.78 -7.51
CA SER O 896 -61.30 -118.93 -6.78
C SER O 896 -62.45 -118.06 -7.25
N ALA O 897 -63.63 -118.47 -6.84
CA ALA O 897 -64.86 -117.79 -7.15
C ALA O 897 -65.19 -116.77 -6.07
N HIS O 898 -65.82 -115.70 -6.50
CA HIS O 898 -66.22 -114.64 -5.60
C HIS O 898 -67.61 -114.17 -5.87
N ALA O 899 -68.24 -113.65 -4.83
CA ALA O 899 -69.58 -113.11 -4.93
C ALA O 899 -69.43 -111.60 -4.99
N LEU O 900 -70.36 -110.92 -5.63
CA LEU O 900 -70.22 -109.48 -5.71
C LEU O 900 -71.48 -108.73 -5.35
N ASP O 901 -71.29 -107.67 -4.57
CA ASP O 901 -72.38 -106.82 -4.15
C ASP O 901 -72.11 -105.38 -4.54
N MET O 902 -73.11 -104.77 -5.14
CA MET O 902 -73.02 -103.39 -5.57
C MET O 902 -74.19 -102.59 -5.02
N THR O 903 -73.90 -101.37 -4.61
CA THR O 903 -74.94 -100.51 -4.09
C THR O 903 -74.88 -99.14 -4.70
N PHE O 904 -75.92 -98.84 -5.47
CA PHE O 904 -76.02 -97.57 -6.13
C PHE O 904 -76.97 -96.64 -5.42
N GLU O 905 -76.59 -95.38 -5.39
CA GLU O 905 -77.39 -94.35 -4.79
C GLU O 905 -77.70 -93.32 -5.87
N VAL O 906 -78.98 -93.14 -6.17
CA VAL O 906 -79.36 -92.22 -7.21
C VAL O 906 -80.37 -91.18 -6.76
N ASP O 907 -80.51 -90.15 -7.58
CA ASP O 907 -81.46 -89.12 -7.29
C ASP O 907 -82.83 -89.72 -7.58
N PRO O 908 -83.84 -89.32 -6.81
CA PRO O 908 -85.16 -89.88 -7.02
C PRO O 908 -85.84 -89.30 -8.24
N MET O 909 -86.55 -90.18 -8.94
CA MET O 909 -87.30 -89.81 -10.12
C MET O 909 -88.73 -90.29 -9.96
N ASP O 910 -89.67 -89.44 -10.32
CA ASP O 910 -91.08 -89.75 -10.19
C ASP O 910 -91.58 -90.77 -11.22
N GLU O 911 -90.67 -91.52 -11.81
CA GLU O 911 -91.07 -92.51 -12.79
C GLU O 911 -90.18 -93.73 -12.77
N PRO O 912 -90.74 -94.87 -13.17
CA PRO O 912 -89.92 -96.08 -13.17
C PRO O 912 -88.75 -95.95 -14.13
N THR O 913 -87.58 -96.29 -13.60
CA THR O 913 -86.36 -96.21 -14.38
C THR O 913 -85.58 -97.51 -14.27
N LEU O 914 -84.43 -97.54 -14.94
CA LEU O 914 -83.60 -98.71 -14.91
C LEU O 914 -82.15 -98.33 -14.70
N LEU O 915 -81.46 -99.17 -13.94
CA LEU O 915 -80.04 -98.99 -13.73
C LEU O 915 -79.41 -99.97 -14.69
N TYR O 916 -78.72 -99.44 -15.69
CA TYR O 916 -78.10 -100.25 -16.70
C TYR O 916 -76.63 -100.52 -16.43
N VAL O 917 -76.30 -101.78 -16.17
CA VAL O 917 -74.93 -102.15 -15.88
C VAL O 917 -74.28 -103.01 -16.93
N LEU O 918 -73.11 -102.57 -17.38
CA LEU O 918 -72.33 -103.29 -18.36
C LEU O 918 -71.18 -103.95 -17.65
N PHE O 919 -71.14 -105.28 -17.71
CA PHE O 919 -70.05 -105.99 -17.09
C PHE O 919 -69.04 -106.24 -18.20
N GLU O 920 -67.95 -105.47 -18.20
CA GLU O 920 -66.93 -105.60 -19.22
C GLU O 920 -66.18 -106.92 -19.20
N VAL O 921 -66.20 -107.60 -20.34
CA VAL O 921 -65.55 -108.89 -20.50
C VAL O 921 -65.06 -109.08 -21.91
N PHE O 922 -64.68 -110.33 -22.17
CA PHE O 922 -64.24 -110.75 -23.47
C PHE O 922 -65.35 -111.56 -24.10
N ASP O 923 -65.79 -111.08 -25.25
CA ASP O 923 -66.84 -111.69 -26.04
C ASP O 923 -66.19 -112.00 -27.38
N VAL O 924 -65.70 -113.23 -27.49
CA VAL O 924 -64.97 -113.66 -28.67
C VAL O 924 -65.46 -114.91 -29.38
N VAL O 925 -65.05 -114.97 -30.64
CA VAL O 925 -65.32 -116.06 -31.55
C VAL O 925 -64.08 -116.40 -32.37
N ARG O 926 -63.94 -117.69 -32.63
CA ARG O 926 -62.88 -118.23 -33.46
C ARG O 926 -63.54 -118.99 -34.59
N VAL O 927 -63.25 -118.59 -35.83
CA VAL O 927 -63.85 -119.20 -36.99
C VAL O 927 -62.95 -120.19 -37.71
N HIS O 928 -63.48 -121.40 -37.89
CA HIS O 928 -62.79 -122.47 -38.55
C HIS O 928 -63.50 -122.84 -39.85
N ARG O 929 -62.75 -122.93 -40.94
CA ARG O 929 -63.33 -123.27 -42.23
C ARG O 929 -62.57 -124.36 -42.96
N PRO O 930 -62.52 -125.54 -42.32
CA PRO O 930 -61.83 -126.73 -42.79
C PRO O 930 -62.12 -127.15 -44.24
N HIS O 931 -63.38 -127.07 -44.66
CA HIS O 931 -63.71 -127.50 -46.01
C HIS O 931 -64.78 -126.67 -46.70
N ARG O 932 -64.87 -126.88 -48.00
CA ARG O 932 -65.85 -126.21 -48.84
C ARG O 932 -67.23 -126.27 -48.20
N GLY O 933 -67.85 -125.11 -48.01
CA GLY O 933 -69.17 -125.03 -47.43
C GLY O 933 -69.29 -125.53 -45.99
N VAL O 934 -68.23 -125.30 -45.22
CA VAL O 934 -68.20 -125.72 -43.81
C VAL O 934 -67.66 -124.63 -42.91
N ILE O 935 -68.53 -124.12 -42.04
CA ILE O 935 -68.17 -123.10 -41.08
C ILE O 935 -68.40 -123.55 -39.65
N GLU O 936 -67.32 -123.67 -38.90
CA GLU O 936 -67.42 -124.07 -37.51
C GLU O 936 -66.96 -122.93 -36.64
N THR O 937 -67.70 -122.66 -35.56
CA THR O 937 -67.34 -121.57 -34.68
C THR O 937 -67.18 -121.98 -33.23
N VAL O 938 -66.34 -121.22 -32.54
CA VAL O 938 -66.12 -121.43 -31.13
C VAL O 938 -66.31 -120.13 -30.39
N TYR O 939 -67.40 -120.05 -29.63
CA TYR O 939 -67.68 -118.85 -28.88
C TYR O 939 -67.19 -119.00 -27.45
N LEU O 940 -66.65 -117.92 -26.94
CA LEU O 940 -66.17 -117.87 -25.57
C LEU O 940 -66.40 -116.50 -24.99
N ARG O 941 -67.14 -116.46 -23.88
CA ARG O 941 -67.42 -115.20 -23.22
C ARG O 941 -67.02 -115.24 -21.76
N THR O 942 -65.94 -114.55 -21.44
CA THR O 942 -65.48 -114.52 -20.06
C THR O 942 -65.03 -113.15 -19.58
N PRO O 943 -65.40 -112.87 -18.34
CA PRO O 943 -66.19 -113.79 -17.56
C PRO O 943 -67.63 -113.87 -18.04
N PHE O 944 -68.53 -114.36 -17.21
CA PHE O 944 -69.94 -114.47 -17.57
C PHE O 944 -70.15 -115.37 -18.78
N SER O 945 -69.70 -116.61 -18.69
CA SER O 945 -69.86 -117.54 -19.78
C SER O 945 -71.33 -117.85 -20.01
N ALA O 946 -71.72 -117.98 -21.28
CA ALA O 946 -73.09 -118.27 -21.64
C ALA O 946 -73.33 -119.77 -21.62
N MET P 5 -19.46 -69.68 -23.05
CA MET P 5 -19.41 -70.77 -24.02
C MET P 5 -19.46 -72.14 -23.37
N MET P 6 -18.91 -73.11 -24.08
CA MET P 6 -18.84 -74.51 -23.70
C MET P 6 -19.44 -74.94 -22.35
N PRO P 7 -18.61 -74.94 -21.29
CA PRO P 7 -18.96 -75.37 -19.95
C PRO P 7 -20.40 -75.18 -19.47
N GLN P 8 -20.81 -73.93 -19.26
CA GLN P 8 -22.16 -73.73 -18.80
C GLN P 8 -23.18 -74.34 -19.75
N TRP P 9 -22.92 -74.19 -21.04
CA TRP P 9 -23.81 -74.71 -22.07
C TRP P 9 -24.10 -76.20 -21.94
N SER P 10 -23.05 -77.02 -21.82
CA SER P 10 -23.26 -78.45 -21.69
C SER P 10 -23.91 -78.81 -20.36
N TYR P 11 -23.44 -78.16 -19.30
CA TYR P 11 -23.97 -78.40 -17.98
C TYR P 11 -25.46 -78.10 -17.90
N MET P 12 -25.86 -76.96 -18.47
CA MET P 12 -27.25 -76.54 -18.49
C MET P 12 -28.04 -77.16 -19.62
N HIS P 13 -27.35 -77.91 -20.46
CA HIS P 13 -27.96 -78.59 -21.60
C HIS P 13 -28.39 -77.67 -22.72
N ILE P 14 -27.82 -76.47 -22.72
CA ILE P 14 -28.13 -75.52 -23.77
C ILE P 14 -27.59 -76.08 -25.08
N SER P 15 -26.56 -76.90 -24.91
CA SER P 15 -25.86 -77.59 -25.98
C SER P 15 -25.35 -78.92 -25.47
N GLY P 16 -24.70 -79.70 -26.34
CA GLY P 16 -24.17 -80.99 -25.93
C GLY P 16 -25.04 -82.18 -26.31
N GLN P 17 -25.01 -83.18 -25.44
CA GLN P 17 -25.76 -84.43 -25.62
C GLN P 17 -27.24 -84.36 -25.33
N ASP P 18 -27.91 -85.36 -25.88
CA ASP P 18 -29.34 -85.55 -25.72
C ASP P 18 -29.56 -86.38 -24.47
N ALA P 19 -30.73 -86.25 -23.86
CA ALA P 19 -31.04 -86.99 -22.65
C ALA P 19 -30.65 -88.46 -22.75
N SER P 20 -30.88 -89.05 -23.92
CA SER P 20 -30.57 -90.45 -24.14
C SER P 20 -29.09 -90.77 -23.99
N GLU P 21 -28.25 -89.77 -24.24
CA GLU P 21 -26.83 -89.97 -24.12
C GLU P 21 -26.27 -89.49 -22.78
N TYR P 22 -26.86 -88.42 -22.24
CA TYR P 22 -26.37 -87.90 -20.99
C TYR P 22 -26.89 -88.61 -19.75
N LEU P 23 -28.13 -89.11 -19.79
CA LEU P 23 -28.69 -89.81 -18.66
C LEU P 23 -28.03 -91.18 -18.54
N SER P 24 -28.15 -91.79 -17.36
CA SER P 24 -27.60 -93.11 -17.16
C SER P 24 -28.44 -94.10 -17.95
N PRO P 25 -27.80 -95.18 -18.39
CA PRO P 25 -28.47 -96.19 -19.17
C PRO P 25 -29.64 -96.87 -18.47
N GLY P 26 -29.51 -97.09 -17.16
CA GLY P 26 -30.58 -97.73 -16.41
C GLY P 26 -31.85 -96.89 -16.47
N LEU P 27 -31.67 -95.59 -16.27
CA LEU P 27 -32.75 -94.64 -16.29
C LEU P 27 -33.41 -94.56 -17.67
N VAL P 28 -32.57 -94.51 -18.70
CA VAL P 28 -33.07 -94.47 -20.07
C VAL P 28 -33.95 -95.67 -20.33
N GLN P 29 -33.43 -96.82 -19.93
CA GLN P 29 -34.15 -98.08 -20.09
C GLN P 29 -35.48 -98.01 -19.37
N PHE P 30 -35.38 -97.65 -18.09
CA PHE P 30 -36.55 -97.52 -17.24
C PHE P 30 -37.57 -96.57 -17.86
N ALA P 31 -37.08 -95.41 -18.31
CA ALA P 31 -37.94 -94.42 -18.93
C ALA P 31 -38.72 -95.00 -20.08
N ARG P 32 -38.01 -95.71 -20.95
CA ARG P 32 -38.61 -96.32 -22.12
C ARG P 32 -39.66 -97.35 -21.76
N ALA P 33 -39.40 -98.09 -20.68
CA ALA P 33 -40.33 -99.12 -20.24
C ALA P 33 -41.59 -98.60 -19.56
N THR P 34 -41.46 -97.48 -18.84
CA THR P 34 -42.57 -96.90 -18.11
C THR P 34 -43.38 -95.89 -18.91
N GLU P 35 -42.83 -95.44 -20.02
CA GLU P 35 -43.44 -94.47 -20.91
C GLU P 35 -44.97 -94.39 -20.95
N THR P 36 -45.63 -95.48 -21.32
CA THR P 36 -47.08 -95.49 -21.44
C THR P 36 -47.86 -95.28 -20.15
N TYR P 37 -47.22 -95.47 -19.00
CA TYR P 37 -47.95 -95.31 -17.77
C TYR P 37 -47.46 -94.25 -16.81
N PHE P 38 -46.22 -93.81 -17.03
CA PHE P 38 -45.63 -92.80 -16.18
C PHE P 38 -44.44 -92.21 -16.91
N SER P 39 -44.63 -91.01 -17.45
CA SER P 39 -43.57 -90.37 -18.21
C SER P 39 -42.58 -89.42 -17.53
N LEU P 40 -41.32 -89.59 -17.94
CA LEU P 40 -40.17 -88.85 -17.46
C LEU P 40 -39.57 -87.96 -18.54
N ASN P 41 -40.11 -88.07 -19.75
CA ASN P 41 -39.61 -87.31 -20.88
C ASN P 41 -39.53 -85.80 -20.68
N ASN P 42 -40.56 -85.20 -20.12
CA ASN P 42 -40.54 -83.75 -19.96
C ASN P 42 -39.71 -83.20 -18.81
N LYS P 43 -38.87 -84.02 -18.20
CA LYS P 43 -38.07 -83.49 -17.11
C LYS P 43 -36.58 -83.45 -17.40
N PHE P 44 -36.24 -83.75 -18.65
CA PHE P 44 -34.86 -83.77 -19.11
C PHE P 44 -34.75 -83.02 -20.42
N ARG P 45 -34.02 -81.92 -20.44
CA ARG P 45 -33.90 -81.18 -21.67
C ARG P 45 -32.98 -81.75 -22.72
N ASN P 46 -33.41 -81.53 -23.96
CA ASN P 46 -32.73 -81.96 -25.16
C ASN P 46 -32.41 -80.74 -26.00
N PRO P 47 -31.13 -80.42 -26.05
CA PRO P 47 -30.64 -79.28 -26.80
C PRO P 47 -30.83 -79.42 -28.30
N THR P 48 -30.97 -78.27 -28.96
CA THR P 48 -31.11 -78.17 -30.40
C THR P 48 -30.17 -77.06 -30.84
N VAL P 49 -29.15 -77.47 -31.57
CA VAL P 49 -28.13 -76.57 -32.03
C VAL P 49 -28.10 -76.38 -33.52
N ALA P 50 -28.19 -75.12 -33.95
CA ALA P 50 -28.13 -74.85 -35.36
C ALA P 50 -26.71 -75.04 -35.89
N PRO P 51 -26.60 -75.37 -37.16
CA PRO P 51 -25.30 -75.57 -37.78
C PRO P 51 -24.61 -74.23 -37.91
N THR P 52 -23.29 -74.22 -37.83
CA THR P 52 -22.53 -72.99 -37.90
C THR P 52 -21.75 -72.75 -39.19
N HIS P 53 -21.70 -73.74 -40.07
CA HIS P 53 -20.95 -73.55 -41.30
C HIS P 53 -21.56 -74.26 -42.50
N ASP P 54 -21.22 -73.76 -43.69
CA ASP P 54 -21.67 -74.32 -44.95
C ASP P 54 -23.17 -74.24 -45.21
N VAL P 55 -23.82 -73.20 -44.70
CA VAL P 55 -25.24 -73.07 -44.92
C VAL P 55 -25.56 -71.72 -45.54
N THR P 56 -25.12 -70.69 -44.83
CA THR P 56 -25.36 -69.32 -45.23
C THR P 56 -24.06 -68.59 -45.55
N THR P 57 -24.19 -67.51 -46.32
CA THR P 57 -23.05 -66.71 -46.70
C THR P 57 -22.69 -65.69 -45.64
N ASP P 58 -21.45 -65.26 -45.70
CA ASP P 58 -20.90 -64.28 -44.81
C ASP P 58 -20.81 -63.02 -45.62
N ARG P 59 -20.85 -63.25 -46.93
CA ARG P 59 -20.75 -62.21 -47.92
C ARG P 59 -22.02 -61.39 -48.09
N SER P 60 -21.82 -60.22 -48.67
CA SER P 60 -22.88 -59.28 -48.98
C SER P 60 -23.74 -59.88 -50.07
N GLN P 61 -25.06 -59.87 -49.86
CA GLN P 61 -25.95 -60.46 -50.84
C GLN P 61 -27.40 -60.16 -50.52
N ARG P 62 -28.14 -59.73 -51.54
CA ARG P 62 -29.55 -59.41 -51.40
C ARG P 62 -30.38 -60.69 -51.31
N LEU P 63 -31.47 -60.65 -50.56
CA LEU P 63 -32.31 -61.83 -50.47
C LEU P 63 -33.30 -61.80 -51.61
N THR P 64 -33.75 -60.59 -51.89
CA THR P 64 -34.71 -60.36 -52.95
C THR P 64 -34.19 -59.38 -53.99
N LEU P 65 -34.40 -59.73 -55.24
CA LEU P 65 -34.02 -58.93 -56.37
C LEU P 65 -35.27 -58.57 -57.16
N ARG P 66 -35.22 -57.41 -57.77
CA ARG P 66 -36.32 -56.99 -58.59
C ARG P 66 -35.82 -56.64 -59.96
N PHE P 67 -36.53 -57.15 -60.95
CA PHE P 67 -36.20 -56.94 -62.33
C PHE P 67 -37.20 -56.09 -63.08
N ILE P 68 -36.65 -55.18 -63.86
CA ILE P 68 -37.44 -54.27 -64.67
C ILE P 68 -37.53 -54.86 -66.06
N PRO P 69 -38.66 -54.64 -66.74
CA PRO P 69 -38.78 -55.21 -68.07
C PRO P 69 -37.85 -54.54 -69.05
N VAL P 70 -37.26 -55.41 -69.86
CA VAL P 70 -36.32 -55.07 -70.90
C VAL P 70 -37.02 -54.59 -72.15
N ASP P 71 -38.22 -55.16 -72.33
CA ASP P 71 -39.11 -54.85 -73.43
C ASP P 71 -40.54 -55.04 -73.01
N ARG P 72 -41.37 -54.06 -73.35
CA ARG P 72 -42.78 -54.11 -73.01
C ARG P 72 -43.61 -53.78 -74.23
N GLU P 73 -44.78 -54.41 -74.32
CA GLU P 73 -45.65 -54.17 -75.44
C GLU P 73 -47.11 -54.22 -75.07
N ASP P 74 -47.64 -53.02 -74.82
CA ASP P 74 -49.04 -52.84 -74.47
C ASP P 74 -49.87 -52.87 -75.75
N THR P 75 -50.62 -53.94 -75.96
CA THR P 75 -51.43 -54.13 -77.15
C THR P 75 -52.95 -54.02 -76.96
N ALA P 76 -53.74 -54.24 -78.01
CA ALA P 76 -55.18 -54.16 -77.96
C ALA P 76 -55.85 -55.00 -76.87
N TYR P 77 -55.53 -56.28 -76.81
CA TYR P 77 -56.14 -57.15 -75.81
C TYR P 77 -55.12 -57.89 -74.95
N SER P 78 -53.86 -57.49 -75.07
CA SER P 78 -52.84 -58.15 -74.29
C SER P 78 -51.64 -57.27 -73.95
N TYR P 79 -50.79 -57.83 -73.11
CA TYR P 79 -49.60 -57.19 -72.61
C TYR P 79 -48.45 -58.19 -72.56
N LYS P 80 -47.33 -57.79 -73.15
CA LYS P 80 -46.14 -58.62 -73.21
C LYS P 80 -45.01 -58.00 -72.40
N ALA P 81 -44.41 -58.78 -71.50
CA ALA P 81 -43.32 -58.28 -70.69
C ALA P 81 -42.10 -59.18 -70.78
N ARG P 82 -40.96 -58.57 -71.06
CA ARG P 82 -39.74 -59.32 -71.19
C ARG P 82 -38.69 -58.93 -70.16
N PHE P 83 -38.15 -59.94 -69.49
CA PHE P 83 -37.14 -59.68 -68.49
C PHE P 83 -35.91 -60.52 -68.72
N THR P 84 -34.85 -60.06 -68.07
CA THR P 84 -33.59 -60.72 -68.08
C THR P 84 -33.37 -61.25 -66.69
N LEU P 85 -33.89 -62.43 -66.45
CA LEU P 85 -33.78 -63.09 -65.17
C LEU P 85 -32.35 -63.54 -64.99
N ALA P 86 -31.62 -62.89 -64.10
CA ALA P 86 -30.22 -63.26 -63.90
C ALA P 86 -29.91 -63.95 -62.60
N VAL P 87 -29.33 -65.14 -62.72
CA VAL P 87 -28.91 -65.94 -61.59
C VAL P 87 -27.39 -65.87 -61.47
N GLY P 88 -26.96 -65.09 -60.49
CA GLY P 88 -25.54 -64.91 -60.27
C GLY P 88 -24.83 -66.17 -59.85
N ASP P 89 -23.51 -66.09 -59.97
CA ASP P 89 -22.61 -67.15 -59.62
C ASP P 89 -22.69 -67.42 -58.13
N ASN P 90 -22.63 -68.70 -57.78
CA ASN P 90 -22.69 -69.09 -56.38
C ASN P 90 -24.09 -68.89 -55.84
N ARG P 91 -25.06 -69.01 -56.74
CA ARG P 91 -26.44 -68.84 -56.39
C ARG P 91 -27.33 -69.83 -57.11
N VAL P 92 -28.44 -70.09 -56.48
CA VAL P 92 -29.47 -70.95 -57.01
C VAL P 92 -30.81 -70.30 -56.74
N LEU P 93 -31.72 -70.46 -57.69
CA LEU P 93 -33.02 -69.83 -57.57
C LEU P 93 -34.17 -70.80 -57.74
N ASP P 94 -35.06 -70.82 -56.74
CA ASP P 94 -36.23 -71.67 -56.78
C ASP P 94 -37.38 -70.90 -57.41
N MET P 95 -37.72 -71.28 -58.64
CA MET P 95 -38.78 -70.63 -59.38
C MET P 95 -40.05 -70.37 -58.60
N ALA P 96 -40.35 -71.26 -57.66
CA ALA P 96 -41.54 -71.10 -56.86
C ALA P 96 -41.53 -69.77 -56.13
N SER P 97 -40.33 -69.22 -55.96
CA SER P 97 -40.19 -67.97 -55.25
C SER P 97 -40.25 -66.72 -56.13
N THR P 98 -40.71 -66.88 -57.38
CA THR P 98 -40.83 -65.74 -58.27
C THR P 98 -42.28 -65.36 -58.49
N TYR P 99 -42.48 -64.12 -58.90
CA TYR P 99 -43.83 -63.62 -59.15
C TYR P 99 -43.78 -62.27 -59.84
N PHE P 100 -44.83 -61.98 -60.58
CA PHE P 100 -44.94 -60.74 -61.30
C PHE P 100 -45.70 -59.70 -60.47
N ASP P 101 -45.01 -58.63 -60.10
CA ASP P 101 -45.58 -57.56 -59.33
C ASP P 101 -46.24 -56.60 -60.29
N ILE P 102 -47.55 -56.44 -60.19
CA ILE P 102 -48.26 -55.58 -61.11
C ILE P 102 -49.02 -54.43 -60.48
N ARG P 103 -48.89 -53.27 -61.12
CA ARG P 103 -49.58 -52.08 -60.70
C ARG P 103 -50.34 -51.49 -61.87
N GLY P 104 -51.58 -51.09 -61.63
CA GLY P 104 -52.40 -50.54 -62.68
C GLY P 104 -53.67 -49.94 -62.11
N VAL P 105 -54.58 -49.61 -62.99
CA VAL P 105 -55.84 -49.02 -62.58
C VAL P 105 -57.00 -49.84 -63.09
N LEU P 106 -58.01 -49.94 -62.27
CA LEU P 106 -59.17 -50.68 -62.66
C LEU P 106 -60.47 -49.97 -62.33
N ASP P 107 -61.37 -49.97 -63.30
CA ASP P 107 -62.68 -49.39 -63.14
C ASP P 107 -63.70 -50.50 -63.26
N ARG P 108 -64.30 -50.85 -62.13
CA ARG P 108 -65.28 -51.90 -62.12
C ARG P 108 -66.54 -51.54 -62.88
N GLY P 109 -66.63 -50.27 -63.25
CA GLY P 109 -67.79 -49.83 -64.00
C GLY P 109 -68.96 -49.50 -63.10
N PRO P 110 -70.06 -49.09 -63.73
CA PRO P 110 -71.26 -48.71 -63.02
C PRO P 110 -72.10 -49.85 -62.50
N THR P 111 -71.91 -51.07 -63.01
CA THR P 111 -72.71 -52.19 -62.55
C THR P 111 -72.25 -52.86 -61.28
N PHE P 112 -71.13 -52.38 -60.75
CA PHE P 112 -70.57 -52.92 -59.52
C PHE P 112 -71.34 -52.42 -58.31
N LYS P 113 -71.84 -53.35 -57.51
CA LYS P 113 -72.59 -53.03 -56.31
C LYS P 113 -72.31 -54.06 -55.23
N PRO P 114 -71.26 -53.80 -54.45
CA PRO P 114 -70.78 -54.65 -53.40
C PRO P 114 -71.68 -54.81 -52.19
N TYR P 115 -72.99 -54.82 -52.39
CA TYR P 115 -73.89 -54.98 -51.26
C TYR P 115 -75.34 -55.08 -51.64
N SER P 116 -76.14 -55.49 -50.66
CA SER P 116 -77.59 -55.63 -50.81
C SER P 116 -78.28 -54.47 -50.13
N GLY P 117 -79.47 -54.11 -50.63
CA GLY P 117 -80.21 -53.01 -50.06
C GLY P 117 -79.72 -51.65 -50.55
N THR P 118 -80.05 -50.61 -49.78
CA THR P 118 -79.69 -49.24 -50.08
C THR P 118 -78.79 -48.63 -49.04
N ALA P 119 -78.19 -47.52 -49.43
CA ALA P 119 -77.35 -46.76 -48.56
C ALA P 119 -78.15 -45.53 -48.14
N TYR P 120 -79.31 -45.34 -48.78
CA TYR P 120 -80.16 -44.17 -48.56
C TYR P 120 -81.60 -44.43 -48.13
N ASN P 121 -81.95 -43.91 -46.96
CA ASN P 121 -83.28 -44.02 -46.38
C ASN P 121 -83.77 -45.45 -46.35
N ALA P 122 -82.93 -46.32 -45.81
CA ALA P 122 -83.23 -47.74 -45.70
C ALA P 122 -84.42 -48.04 -44.82
N LEU P 123 -84.69 -47.19 -43.84
CA LEU P 123 -85.82 -47.42 -42.95
C LEU P 123 -87.15 -46.93 -43.49
N ALA P 124 -87.10 -46.12 -44.53
CA ALA P 124 -88.31 -45.58 -45.12
C ALA P 124 -89.12 -46.62 -45.88
N PRO P 125 -90.44 -46.62 -45.68
CA PRO P 125 -91.25 -47.59 -46.40
C PRO P 125 -91.01 -47.43 -47.89
N LYS P 126 -90.91 -48.56 -48.58
CA LYS P 126 -90.64 -48.61 -50.01
C LYS P 126 -91.55 -47.83 -50.95
N GLY P 127 -92.71 -47.37 -50.46
CA GLY P 127 -93.65 -46.62 -51.27
C GLY P 127 -93.85 -45.19 -50.79
N ALA P 128 -93.38 -44.91 -49.58
CA ALA P 128 -93.48 -43.58 -49.00
C ALA P 128 -92.75 -42.59 -49.88
N PRO P 129 -93.35 -41.43 -50.10
CA PRO P 129 -92.73 -40.45 -50.94
C PRO P 129 -92.07 -39.33 -50.16
N ASN P 130 -91.19 -38.62 -50.84
CA ASN P 130 -90.50 -37.48 -50.27
C ASN P 130 -91.50 -36.34 -50.31
N PRO P 131 -91.41 -35.39 -49.38
CA PRO P 131 -92.34 -34.29 -49.42
C PRO P 131 -92.21 -33.59 -50.76
N CYS P 132 -93.26 -33.60 -51.57
CA CYS P 132 -93.21 -33.00 -52.90
C CYS P 132 -94.33 -32.03 -53.23
N GLU P 133 -94.27 -31.53 -54.46
CA GLU P 133 -95.23 -30.60 -55.04
C GLU P 133 -95.47 -30.91 -56.51
N TRP P 134 -96.71 -30.71 -56.96
CA TRP P 134 -97.04 -30.97 -58.35
C TRP P 134 -98.18 -30.10 -58.85
N ASP P 135 -98.41 -30.16 -60.17
CA ASP P 135 -99.44 -29.38 -60.81
C ASP P 135 -100.69 -30.21 -61.04
N THR P 165 -101.18 -26.13 -58.29
CA THR P 165 -100.01 -26.67 -57.64
C THR P 165 -100.33 -27.21 -56.25
N HIS P 166 -100.18 -28.53 -56.11
CA HIS P 166 -100.44 -29.18 -54.85
C HIS P 166 -99.20 -29.47 -54.04
N VAL P 167 -99.43 -29.66 -52.76
CA VAL P 167 -98.39 -29.95 -51.82
C VAL P 167 -98.74 -31.13 -50.95
N PHE P 168 -97.71 -31.94 -50.72
CA PHE P 168 -97.75 -33.11 -49.90
C PHE P 168 -96.46 -33.09 -49.11
N GLY P 169 -96.55 -32.70 -47.84
CA GLY P 169 -95.34 -32.61 -47.05
C GLY P 169 -95.52 -32.84 -45.56
N GLN P 170 -94.49 -32.41 -44.83
CA GLN P 170 -94.39 -32.53 -43.40
C GLN P 170 -93.61 -31.36 -42.80
N ALA P 171 -94.05 -30.92 -41.63
CA ALA P 171 -93.42 -29.84 -40.89
C ALA P 171 -93.21 -30.33 -39.47
N PRO P 172 -92.00 -30.85 -39.21
CA PRO P 172 -91.66 -31.42 -37.92
C PRO P 172 -91.03 -30.45 -36.94
N TYR P 173 -90.51 -29.34 -37.46
CA TYR P 173 -89.87 -28.38 -36.60
C TYR P 173 -90.84 -27.41 -35.95
N SER P 174 -90.78 -27.32 -34.62
CA SER P 174 -91.63 -26.41 -33.88
C SER P 174 -90.85 -25.17 -33.50
N GLY P 175 -91.25 -24.04 -34.09
CA GLY P 175 -90.60 -22.76 -33.85
C GLY P 175 -91.35 -21.87 -32.88
N ILE P 176 -90.81 -20.67 -32.69
CA ILE P 176 -91.39 -19.69 -31.78
C ILE P 176 -92.54 -18.95 -32.43
N ASN P 177 -92.32 -18.50 -33.66
CA ASN P 177 -93.31 -17.76 -34.42
C ASN P 177 -92.93 -17.70 -35.90
N ILE P 178 -93.95 -17.51 -36.74
CA ILE P 178 -93.75 -17.41 -38.18
C ILE P 178 -94.01 -16.01 -38.69
N THR P 179 -92.97 -15.37 -39.20
CA THR P 179 -93.10 -14.03 -39.76
C THR P 179 -92.93 -14.08 -41.26
N LYS P 180 -92.74 -12.92 -41.87
CA LYS P 180 -92.55 -12.87 -43.30
C LYS P 180 -91.12 -13.20 -43.65
N GLU P 181 -90.30 -13.27 -42.61
CA GLU P 181 -88.89 -13.58 -42.73
C GLU P 181 -88.63 -15.08 -42.54
N GLY P 182 -89.72 -15.83 -42.34
CA GLY P 182 -89.62 -17.26 -42.15
C GLY P 182 -89.98 -17.65 -40.73
N ILE P 183 -89.32 -18.69 -40.22
CA ILE P 183 -89.58 -19.17 -38.88
C ILE P 183 -88.49 -18.75 -37.88
N GLN P 184 -88.94 -18.21 -36.75
CA GLN P 184 -88.04 -17.77 -35.69
C GLN P 184 -87.54 -18.98 -34.92
N ILE P 185 -86.24 -18.99 -34.63
CA ILE P 185 -85.66 -20.12 -33.91
C ILE P 185 -84.86 -19.70 -32.69
N GLY P 186 -84.96 -18.42 -32.35
CA GLY P 186 -84.26 -17.87 -31.21
C GLY P 186 -84.54 -16.39 -31.08
N LYS P 193 -84.00 -13.80 -34.51
CA LYS P 193 -83.21 -15.02 -34.77
C LYS P 193 -83.98 -16.00 -35.65
N TYR P 194 -84.07 -15.65 -36.93
CA TYR P 194 -84.76 -16.49 -37.91
C TYR P 194 -83.85 -17.56 -38.48
N ALA P 195 -84.47 -18.56 -39.12
CA ALA P 195 -83.75 -19.67 -39.70
C ALA P 195 -83.02 -19.37 -40.99
N ASP P 196 -81.86 -20.03 -41.14
CA ASP P 196 -81.03 -19.92 -42.32
C ASP P 196 -81.57 -20.88 -43.38
N LYS P 197 -82.29 -20.30 -44.34
CA LYS P 197 -82.90 -21.04 -45.43
C LYS P 197 -82.04 -22.09 -46.10
N THR P 198 -80.74 -21.85 -46.21
CA THR P 198 -79.88 -22.81 -46.87
C THR P 198 -79.88 -24.18 -46.24
N PHE P 199 -80.12 -24.24 -44.93
CA PHE P 199 -80.11 -25.52 -44.27
C PHE P 199 -81.14 -25.70 -43.17
N GLN P 200 -81.72 -24.60 -42.72
CA GLN P 200 -82.72 -24.69 -41.67
C GLN P 200 -84.12 -24.52 -42.21
N PRO P 201 -85.04 -25.35 -41.70
CA PRO P 201 -84.75 -26.35 -40.70
C PRO P 201 -84.13 -27.61 -41.29
N GLU P 202 -83.55 -28.42 -40.42
CA GLU P 202 -82.93 -29.66 -40.83
C GLU P 202 -83.92 -30.81 -40.70
N PRO P 203 -84.14 -31.52 -41.80
CA PRO P 203 -85.10 -32.62 -41.77
C PRO P 203 -84.90 -33.60 -40.64
N GLN P 204 -83.67 -33.68 -40.16
CA GLN P 204 -83.31 -34.59 -39.08
C GLN P 204 -83.97 -34.27 -37.75
N ILE P 205 -84.26 -32.99 -37.56
CA ILE P 205 -84.84 -32.48 -36.32
C ILE P 205 -86.37 -32.51 -36.28
N GLY P 206 -86.88 -32.99 -35.14
CA GLY P 206 -88.29 -33.08 -34.80
C GLY P 206 -88.50 -32.89 -33.31
N GLU P 207 -89.73 -33.12 -32.83
CA GLU P 207 -90.03 -32.98 -31.41
C GLU P 207 -89.60 -34.23 -30.63
N SER P 208 -89.14 -34.01 -29.40
CA SER P 208 -88.66 -35.06 -28.52
C SER P 208 -89.73 -35.92 -27.86
N GLN P 209 -90.86 -35.33 -27.50
CA GLN P 209 -91.94 -36.05 -26.84
C GLN P 209 -92.71 -36.99 -27.77
N TRP P 210 -93.54 -37.84 -27.16
CA TRP P 210 -94.34 -38.81 -27.89
C TRP P 210 -95.82 -38.43 -27.93
N TYR P 211 -96.20 -37.48 -27.09
CA TYR P 211 -97.58 -37.03 -27.04
C TYR P 211 -97.81 -35.70 -27.74
N GLU P 212 -99.06 -35.27 -27.71
CA GLU P 212 -99.50 -34.03 -28.32
C GLU P 212 -99.12 -32.81 -27.51
N THR P 213 -98.31 -31.95 -28.12
CA THR P 213 -97.87 -30.73 -27.46
C THR P 213 -98.56 -29.52 -28.05
N GLU P 214 -99.02 -29.70 -29.29
CA GLU P 214 -99.73 -28.65 -30.03
C GLU P 214 -98.77 -27.62 -30.60
N ILE P 215 -98.29 -27.90 -31.80
CA ILE P 215 -97.37 -27.03 -32.50
C ILE P 215 -98.10 -25.98 -33.31
N ASN P 216 -97.87 -24.71 -32.97
CA ASN P 216 -98.52 -23.61 -33.65
C ASN P 216 -97.66 -23.00 -34.76
N HIS P 217 -96.34 -23.03 -34.57
CA HIS P 217 -95.42 -22.49 -35.55
C HIS P 217 -94.51 -23.58 -36.08
N ALA P 218 -94.96 -24.20 -37.15
CA ALA P 218 -94.24 -25.29 -37.75
C ALA P 218 -93.49 -24.96 -39.01
N ALA P 219 -92.36 -25.64 -39.16
CA ALA P 219 -91.50 -25.48 -40.30
C ALA P 219 -91.14 -26.83 -40.86
N GLY P 220 -90.94 -26.83 -42.16
CA GLY P 220 -90.58 -28.02 -42.87
C GLY P 220 -89.69 -27.70 -44.06
N ARG P 221 -89.39 -28.78 -44.77
CA ARG P 221 -88.56 -28.78 -45.94
C ARG P 221 -89.33 -29.47 -47.05
N VAL P 222 -89.29 -28.93 -48.26
CA VAL P 222 -90.03 -29.57 -49.33
C VAL P 222 -89.38 -29.39 -50.68
N LEU P 223 -89.68 -30.32 -51.58
CA LEU P 223 -89.15 -30.29 -52.93
C LEU P 223 -90.12 -29.63 -53.89
N LYS P 224 -89.59 -28.76 -54.73
CA LYS P 224 -90.35 -28.05 -55.73
C LYS P 224 -90.80 -28.99 -56.82
N LYS P 225 -91.86 -28.59 -57.52
CA LYS P 225 -92.40 -29.37 -58.61
C LYS P 225 -91.40 -29.49 -59.75
N THR P 226 -90.26 -28.83 -59.60
CA THR P 226 -89.24 -28.88 -60.65
C THR P 226 -88.24 -30.00 -60.42
N THR P 227 -88.34 -30.61 -59.25
CA THR P 227 -87.50 -31.72 -58.86
C THR P 227 -88.30 -33.01 -58.99
N PRO P 228 -87.87 -33.88 -59.89
CA PRO P 228 -88.58 -35.14 -60.11
C PRO P 228 -88.89 -35.87 -58.82
N MET P 229 -90.06 -36.51 -58.80
CA MET P 229 -90.52 -37.29 -57.67
C MET P 229 -89.88 -38.68 -57.66
N LYS P 230 -89.45 -39.10 -56.48
CA LYS P 230 -88.82 -40.39 -56.26
C LYS P 230 -89.18 -40.85 -54.86
N PRO P 231 -89.34 -42.15 -54.67
CA PRO P 231 -89.65 -42.62 -53.33
C PRO P 231 -88.52 -42.27 -52.36
N CYS P 232 -88.88 -42.03 -51.10
CA CYS P 232 -87.90 -41.68 -50.10
C CYS P 232 -86.76 -42.67 -50.04
N TYR P 233 -87.14 -43.94 -50.06
CA TYR P 233 -86.22 -45.06 -50.02
C TYR P 233 -85.30 -45.01 -51.23
N GLY P 234 -84.00 -44.87 -50.98
CA GLY P 234 -83.01 -44.82 -52.04
C GLY P 234 -82.74 -43.42 -52.57
N SER P 235 -83.46 -42.44 -52.02
CA SER P 235 -83.32 -41.05 -52.43
C SER P 235 -82.05 -40.41 -51.89
N TYR P 236 -81.33 -39.75 -52.78
CA TYR P 236 -80.09 -39.08 -52.43
C TYR P 236 -79.90 -37.81 -53.24
N ALA P 237 -79.29 -36.83 -52.58
CA ALA P 237 -79.02 -35.54 -53.18
C ALA P 237 -77.82 -34.90 -52.50
N LYS P 238 -76.75 -34.70 -53.27
CA LYS P 238 -75.51 -34.11 -52.78
C LYS P 238 -75.71 -32.77 -52.07
N PRO P 239 -75.04 -32.62 -50.93
CA PRO P 239 -75.11 -31.41 -50.14
C PRO P 239 -74.49 -30.25 -50.92
N THR P 240 -75.04 -29.05 -50.78
CA THR P 240 -74.48 -27.92 -51.49
C THR P 240 -73.80 -26.90 -50.57
N ASN P 241 -73.79 -27.21 -49.27
CA ASN P 241 -73.17 -26.34 -48.30
C ASN P 241 -72.68 -27.14 -47.10
N GLU P 242 -71.64 -26.65 -46.47
CA GLU P 242 -71.06 -27.32 -45.32
C GLU P 242 -72.08 -27.70 -44.26
N ASN P 243 -73.29 -27.17 -44.36
CA ASN P 243 -74.29 -27.48 -43.35
C ASN P 243 -75.29 -28.57 -43.72
N GLY P 244 -75.07 -29.26 -44.83
CA GLY P 244 -75.96 -30.32 -45.21
C GLY P 244 -77.07 -29.90 -46.17
N GLY P 245 -77.22 -28.61 -46.36
CA GLY P 245 -78.27 -28.16 -47.28
C GLY P 245 -77.99 -28.76 -48.65
N GLN P 246 -79.03 -29.22 -49.34
CA GLN P 246 -78.86 -29.79 -50.66
C GLN P 246 -79.48 -28.93 -51.75
N GLY P 247 -79.87 -27.72 -51.37
CA GLY P 247 -80.51 -26.81 -52.29
C GLY P 247 -79.59 -26.45 -53.45
N ILE P 248 -80.11 -26.56 -54.66
CA ILE P 248 -79.32 -26.24 -55.84
C ILE P 248 -78.88 -24.78 -55.85
N LEU P 249 -77.65 -24.57 -56.27
CA LEU P 249 -77.08 -23.25 -56.36
C LEU P 249 -77.07 -22.77 -57.79
N VAL P 250 -77.52 -21.52 -57.97
CA VAL P 250 -77.58 -20.94 -59.29
C VAL P 250 -76.37 -20.06 -59.53
N GLU P 258 -75.84 -18.24 -54.70
CA GLU P 258 -77.06 -18.22 -55.48
C GLU P 258 -78.09 -19.22 -54.96
N SER P 259 -78.38 -19.16 -53.67
CA SER P 259 -79.35 -20.07 -53.09
C SER P 259 -80.72 -19.71 -53.64
N GLN P 260 -81.50 -20.73 -54.01
CA GLN P 260 -82.81 -20.45 -54.57
C GLN P 260 -83.99 -20.91 -53.74
N VAL P 261 -83.75 -21.13 -52.45
CA VAL P 261 -84.81 -21.55 -51.56
C VAL P 261 -85.91 -20.50 -51.51
N GLU P 262 -87.16 -20.95 -51.44
CA GLU P 262 -88.28 -20.05 -51.40
C GLU P 262 -89.35 -20.55 -50.43
N MET P 263 -89.62 -19.76 -49.40
CA MET P 263 -90.62 -20.14 -48.43
C MET P 263 -92.05 -20.04 -48.96
N GLN P 264 -92.88 -20.94 -48.47
CA GLN P 264 -94.28 -21.00 -48.82
C GLN P 264 -95.07 -21.06 -47.53
N PHE P 265 -95.93 -20.07 -47.32
CA PHE P 265 -96.72 -20.04 -46.10
C PHE P 265 -98.09 -20.69 -46.20
N PHE P 266 -98.52 -21.28 -45.09
CA PHE P 266 -99.79 -21.97 -45.01
C PHE P 266 -100.54 -21.78 -43.71
N SER P 267 -101.86 -21.85 -43.87
CA SER P 267 -102.83 -21.73 -42.80
C SER P 267 -103.98 -22.69 -43.02
N THR P 268 -104.80 -22.86 -41.99
CA THR P 268 -105.95 -23.75 -42.04
C THR P 268 -107.08 -23.19 -42.87
N THR P 269 -108.20 -22.95 -42.18
CA THR P 269 -109.40 -22.41 -42.78
C THR P 269 -109.74 -21.08 -42.12
N ASN P 278 -107.67 -14.80 -36.73
CA ASN P 278 -107.38 -14.07 -37.96
C ASN P 278 -106.12 -14.57 -38.65
N LEU P 279 -106.20 -14.62 -39.98
CA LEU P 279 -105.13 -15.07 -40.85
C LEU P 279 -103.73 -14.98 -40.28
N THR P 280 -103.15 -16.16 -40.04
CA THR P 280 -101.82 -16.33 -39.51
C THR P 280 -101.27 -17.71 -39.86
N PRO P 281 -100.24 -17.73 -40.70
CA PRO P 281 -99.62 -18.98 -41.12
C PRO P 281 -99.24 -19.85 -39.94
N LYS P 282 -99.69 -21.10 -40.00
CA LYS P 282 -99.39 -22.06 -38.95
C LYS P 282 -98.14 -22.85 -39.30
N VAL P 283 -97.92 -22.91 -40.61
CA VAL P 283 -96.79 -23.64 -41.17
C VAL P 283 -96.13 -22.88 -42.30
N VAL P 284 -94.83 -23.12 -42.41
CA VAL P 284 -93.98 -22.56 -43.44
C VAL P 284 -93.05 -23.64 -43.92
N LEU P 285 -92.92 -23.76 -45.22
CA LEU P 285 -92.05 -24.76 -45.79
C LEU P 285 -90.96 -24.13 -46.60
N TYR P 286 -89.78 -24.73 -46.52
CA TYR P 286 -88.67 -24.23 -47.30
C TYR P 286 -88.54 -25.03 -48.58
N SER P 287 -89.19 -24.53 -49.63
CA SER P 287 -89.15 -25.22 -50.90
C SER P 287 -87.85 -25.04 -51.66
N GLU P 288 -87.41 -26.14 -52.26
CA GLU P 288 -86.16 -26.11 -52.99
C GLU P 288 -86.04 -27.21 -54.04
N ASP P 289 -85.06 -27.01 -54.91
CA ASP P 289 -84.73 -27.93 -55.97
C ASP P 289 -83.41 -28.60 -55.62
N VAL P 290 -83.39 -29.92 -55.65
CA VAL P 290 -82.18 -30.64 -55.33
C VAL P 290 -81.76 -31.52 -56.49
N ASP P 291 -80.51 -31.96 -56.47
CA ASP P 291 -80.00 -32.83 -57.50
C ASP P 291 -80.33 -34.26 -57.11
N ILE P 292 -81.60 -34.61 -57.18
CA ILE P 292 -82.07 -35.93 -56.80
C ILE P 292 -81.56 -37.06 -57.67
N GLU P 293 -81.05 -38.07 -57.00
CA GLU P 293 -80.53 -39.25 -57.65
C GLU P 293 -80.96 -40.50 -56.89
N THR P 294 -80.77 -41.64 -57.54
CA THR P 294 -81.09 -42.95 -57.00
C THR P 294 -80.07 -43.93 -57.55
N PRO P 295 -78.84 -43.75 -57.08
CA PRO P 295 -77.69 -44.53 -57.48
C PRO P 295 -77.74 -46.02 -57.19
N ASP P 296 -78.61 -46.49 -56.30
CA ASP P 296 -78.59 -47.92 -56.02
C ASP P 296 -79.95 -48.60 -55.89
N THR P 297 -80.99 -47.97 -56.41
CA THR P 297 -82.31 -48.54 -56.38
C THR P 297 -83.00 -48.27 -57.70
N HIS P 298 -84.14 -48.93 -57.88
CA HIS P 298 -84.92 -48.76 -59.08
C HIS P 298 -86.41 -48.80 -58.75
N ILE P 299 -87.23 -48.42 -59.73
CA ILE P 299 -88.66 -48.42 -59.50
C ILE P 299 -89.27 -49.79 -59.63
N SER P 300 -89.85 -50.26 -58.53
CA SER P 300 -90.49 -51.57 -58.51
C SER P 300 -91.93 -51.45 -58.98
N TYR P 301 -92.41 -50.20 -59.03
CA TYR P 301 -93.78 -49.96 -59.45
C TYR P 301 -94.04 -48.59 -60.05
N MET P 302 -94.12 -48.57 -61.37
CA MET P 302 -94.41 -47.35 -62.12
C MET P 302 -95.91 -47.28 -62.35
N PRO P 303 -96.56 -46.23 -61.83
CA PRO P 303 -97.99 -46.14 -62.01
C PRO P 303 -98.41 -45.59 -63.36
N THR P 304 -97.49 -44.90 -64.05
CA THR P 304 -97.80 -44.33 -65.35
C THR P 304 -96.56 -44.03 -66.19
N ILE P 305 -96.68 -44.35 -67.48
CA ILE P 305 -95.59 -44.08 -68.40
C ILE P 305 -95.71 -42.64 -68.87
N LYS P 306 -96.28 -41.81 -68.01
CA LYS P 306 -96.48 -40.39 -68.30
C LYS P 306 -95.53 -39.49 -67.52
N GLU P 307 -94.69 -38.81 -68.27
CA GLU P 307 -93.73 -37.90 -67.70
C GLU P 307 -94.38 -36.83 -66.83
N GLY P 308 -93.53 -36.14 -66.07
CA GLY P 308 -93.96 -35.07 -65.19
C GLY P 308 -94.53 -35.56 -63.87
N ASN P 309 -94.33 -34.75 -62.85
CA ASN P 309 -94.79 -35.03 -61.52
C ASN P 309 -96.32 -34.98 -61.49
N SER P 310 -96.93 -35.93 -60.79
CA SER P 310 -98.36 -36.00 -60.70
C SER P 310 -98.78 -36.73 -59.44
N ARG P 311 -100.04 -36.57 -59.05
CA ARG P 311 -100.50 -37.27 -57.88
C ARG P 311 -100.21 -38.75 -58.06
N GLU P 312 -100.31 -39.18 -59.31
CA GLU P 312 -100.08 -40.55 -59.73
C GLU P 312 -98.75 -41.12 -59.25
N LEU P 313 -97.67 -40.37 -59.48
CA LEU P 313 -96.33 -40.80 -59.10
C LEU P 313 -96.14 -40.99 -57.60
N MET P 314 -97.09 -40.51 -56.82
CA MET P 314 -97.00 -40.64 -55.38
C MET P 314 -97.09 -42.10 -54.96
N GLY P 315 -97.55 -42.92 -55.90
CA GLY P 315 -97.72 -44.34 -55.65
C GLY P 315 -96.59 -45.20 -56.17
N GLN P 316 -95.53 -44.58 -56.69
CA GLN P 316 -94.43 -45.37 -57.19
C GLN P 316 -93.67 -46.05 -56.05
N GLN P 317 -93.12 -47.23 -56.35
CA GLN P 317 -92.38 -47.98 -55.35
C GLN P 317 -90.94 -48.19 -55.74
N SER P 318 -90.08 -48.14 -54.73
CA SER P 318 -88.65 -48.31 -54.91
C SER P 318 -88.18 -49.64 -54.37
N MET P 319 -87.16 -50.19 -55.01
CA MET P 319 -86.58 -51.46 -54.64
C MET P 319 -85.07 -51.43 -54.88
N PRO P 320 -84.31 -51.98 -53.92
CA PRO P 320 -82.86 -52.00 -54.03
C PRO P 320 -82.39 -52.76 -55.24
N ASN P 321 -81.25 -52.35 -55.76
CA ASN P 321 -80.66 -52.99 -56.91
C ASN P 321 -79.98 -54.28 -56.51
N ARG P 322 -79.89 -55.21 -57.44
CA ARG P 322 -79.26 -56.48 -57.17
C ARG P 322 -77.79 -56.32 -56.84
N PRO P 323 -77.34 -57.03 -55.83
CA PRO P 323 -75.95 -56.99 -55.43
C PRO P 323 -75.10 -57.48 -56.58
N ASN P 324 -73.94 -56.88 -56.79
CA ASN P 324 -73.08 -57.32 -57.86
C ASN P 324 -71.60 -57.14 -57.56
N TYR P 325 -70.99 -58.22 -57.10
CA TYR P 325 -69.58 -58.22 -56.78
C TYR P 325 -68.71 -58.37 -58.00
N ILE P 326 -67.65 -57.60 -58.05
CA ILE P 326 -66.72 -57.64 -59.16
C ILE P 326 -65.29 -57.63 -58.64
N ALA P 327 -64.48 -58.57 -59.12
CA ALA P 327 -63.11 -58.63 -58.68
C ALA P 327 -62.28 -59.58 -59.53
N PHE P 328 -60.99 -59.65 -59.21
CA PHE P 328 -60.09 -60.54 -59.91
C PHE P 328 -60.46 -61.96 -59.49
N ARG P 329 -60.09 -62.94 -60.29
CA ARG P 329 -60.42 -64.32 -59.98
C ARG P 329 -59.54 -65.01 -58.97
N ASP P 330 -60.03 -66.16 -58.52
CA ASP P 330 -59.33 -67.01 -57.58
C ASP P 330 -57.99 -67.37 -58.20
N ASN P 331 -56.92 -67.07 -57.48
CA ASN P 331 -55.59 -67.38 -57.99
C ASN P 331 -55.21 -66.64 -59.26
N PHE P 332 -55.87 -65.52 -59.49
CA PHE P 332 -55.61 -64.68 -60.65
C PHE P 332 -55.78 -65.40 -61.97
N ILE P 333 -56.71 -66.36 -61.97
CA ILE P 333 -56.99 -67.09 -63.18
C ILE P 333 -57.31 -66.12 -64.30
N GLY P 334 -56.87 -66.43 -65.53
CA GLY P 334 -57.13 -65.58 -66.68
C GLY P 334 -56.12 -64.47 -66.94
N LEU P 335 -55.47 -63.98 -65.88
CA LEU P 335 -54.49 -62.92 -66.01
C LEU P 335 -53.37 -63.25 -67.01
N MET P 336 -52.73 -64.38 -66.76
CA MET P 336 -51.67 -64.83 -67.62
C MET P 336 -52.19 -65.83 -68.64
N TYR P 337 -51.56 -65.81 -69.80
CA TYR P 337 -51.91 -66.72 -70.87
C TYR P 337 -51.20 -68.04 -70.62
N TYR P 338 -51.92 -69.13 -70.86
CA TYR P 338 -51.40 -70.47 -70.73
C TYR P 338 -52.08 -71.31 -71.80
N ASN P 339 -51.41 -72.37 -72.23
CA ASN P 339 -52.01 -73.25 -73.22
C ASN P 339 -52.57 -72.55 -74.44
N SER P 340 -51.85 -71.54 -74.91
CA SER P 340 -52.23 -70.79 -76.09
C SER P 340 -51.00 -70.65 -76.98
N THR P 341 -51.01 -71.31 -78.13
CA THR P 341 -49.87 -71.26 -79.04
C THR P 341 -49.46 -69.85 -79.47
N GLY P 342 -50.46 -68.98 -79.63
CA GLY P 342 -50.21 -67.61 -80.08
C GLY P 342 -49.57 -66.70 -79.05
N ASN P 343 -49.81 -66.96 -77.78
CA ASN P 343 -49.27 -66.14 -76.71
C ASN P 343 -48.49 -66.96 -75.69
N MET P 344 -47.55 -67.75 -76.22
CA MET P 344 -46.72 -68.64 -75.44
C MET P 344 -45.62 -67.96 -74.64
N GLY P 345 -45.54 -68.35 -73.37
CA GLY P 345 -44.55 -67.84 -72.45
C GLY P 345 -43.14 -68.21 -72.92
N VAL P 346 -42.16 -67.60 -72.29
CA VAL P 346 -40.78 -67.87 -72.68
C VAL P 346 -39.80 -67.90 -71.53
N LEU P 347 -39.00 -68.94 -71.52
CA LEU P 347 -37.97 -69.12 -70.53
C LEU P 347 -36.76 -69.71 -71.23
N ALA P 348 -35.80 -68.85 -71.53
CA ALA P 348 -34.65 -69.36 -72.22
C ALA P 348 -33.36 -68.69 -71.82
N GLY P 349 -32.31 -69.50 -71.91
CA GLY P 349 -31.00 -69.03 -71.60
C GLY P 349 -30.59 -68.11 -72.73
N GLN P 350 -30.10 -66.94 -72.39
CA GLN P 350 -29.67 -66.01 -73.42
C GLN P 350 -28.63 -66.70 -74.26
N ALA P 351 -27.93 -67.65 -73.62
CA ALA P 351 -26.87 -68.41 -74.26
C ALA P 351 -27.35 -69.63 -75.04
N SER P 352 -28.63 -69.98 -74.90
CA SER P 352 -29.19 -71.11 -75.59
C SER P 352 -30.24 -70.68 -76.61
N GLN P 353 -30.92 -69.59 -76.28
CA GLN P 353 -31.96 -69.00 -77.12
C GLN P 353 -33.06 -69.99 -77.47
N LEU P 354 -32.97 -71.18 -76.89
CA LEU P 354 -33.93 -72.24 -77.07
C LEU P 354 -34.97 -72.08 -75.96
N ASN P 355 -36.24 -72.11 -76.32
CA ASN P 355 -37.30 -71.94 -75.34
C ASN P 355 -37.63 -73.20 -74.54
N ALA P 356 -37.41 -73.11 -73.23
CA ALA P 356 -37.69 -74.22 -72.34
C ALA P 356 -39.18 -74.48 -72.21
N VAL P 357 -39.95 -73.44 -72.51
CA VAL P 357 -41.39 -73.52 -72.46
C VAL P 357 -41.95 -74.02 -73.77
N VAL P 358 -42.78 -75.05 -73.66
CA VAL P 358 -43.43 -75.70 -74.76
C VAL P 358 -44.84 -76.03 -74.33
N ASP P 359 -45.80 -75.24 -74.81
CA ASP P 359 -47.18 -75.46 -74.43
C ASP P 359 -48.06 -76.03 -75.53
N LEU P 360 -49.25 -76.48 -75.10
CA LEU P 360 -50.26 -77.06 -75.97
C LEU P 360 -51.63 -76.48 -75.66
N GLN P 361 -52.47 -76.35 -76.66
CA GLN P 361 -53.81 -75.81 -76.50
C GLN P 361 -54.67 -76.80 -75.74
N ASP P 362 -54.16 -78.03 -75.80
CA ASP P 362 -54.68 -79.26 -75.23
C ASP P 362 -54.48 -79.39 -73.73
N ARG P 363 -53.61 -78.56 -73.17
CA ARG P 363 -53.30 -78.61 -71.75
C ARG P 363 -54.17 -77.63 -70.96
N ASN P 364 -54.39 -77.92 -69.69
CA ASN P 364 -55.19 -77.06 -68.84
C ASN P 364 -54.48 -76.72 -67.53
N THR P 365 -53.60 -75.74 -67.65
CA THR P 365 -52.77 -75.23 -66.56
C THR P 365 -53.54 -74.68 -65.37
N GLU P 366 -54.50 -73.77 -65.64
CA GLU P 366 -55.30 -73.17 -64.60
C GLU P 366 -56.02 -74.18 -63.72
N LEU P 367 -56.69 -75.12 -64.36
CA LEU P 367 -57.41 -76.15 -63.63
C LEU P 367 -56.49 -77.04 -62.84
N SER P 368 -55.38 -77.42 -63.48
CA SER P 368 -54.38 -78.27 -62.88
C SER P 368 -53.91 -77.70 -61.55
N TYR P 369 -53.75 -76.38 -61.54
CA TYR P 369 -53.31 -75.65 -60.38
C TYR P 369 -54.40 -75.63 -59.30
N GLN P 370 -55.64 -75.59 -59.75
CA GLN P 370 -56.77 -75.60 -58.84
C GLN P 370 -56.82 -76.91 -58.08
N LEU P 371 -56.63 -77.99 -58.83
CA LEU P 371 -56.64 -79.31 -58.27
C LEU P 371 -55.40 -79.58 -57.43
N LEU P 372 -54.25 -79.01 -57.84
CA LEU P 372 -53.03 -79.19 -57.09
C LEU P 372 -53.12 -78.59 -55.70
N LEU P 373 -53.73 -77.40 -55.60
CA LEU P 373 -53.90 -76.71 -54.33
C LEU P 373 -54.72 -77.52 -53.34
N ASP P 374 -55.84 -78.04 -53.81
CA ASP P 374 -56.73 -78.84 -53.00
C ASP P 374 -56.04 -80.05 -52.39
N SER P 375 -55.13 -80.66 -53.15
CA SER P 375 -54.41 -81.83 -52.70
C SER P 375 -53.35 -81.52 -51.65
N ILE P 376 -52.80 -80.31 -51.68
CA ILE P 376 -51.76 -79.98 -50.74
C ILE P 376 -52.12 -79.07 -49.57
N GLY P 377 -53.39 -78.72 -49.44
CA GLY P 377 -53.78 -77.87 -48.33
C GLY P 377 -55.27 -77.69 -48.20
N ASP P 378 -55.64 -76.73 -47.36
CA ASP P 378 -57.04 -76.41 -47.10
C ASP P 378 -57.57 -75.25 -47.95
N ARG P 379 -58.20 -75.58 -49.08
CA ARG P 379 -58.76 -74.57 -49.96
C ARG P 379 -59.75 -73.67 -49.24
N THR P 380 -60.11 -74.02 -48.01
CA THR P 380 -61.05 -73.18 -47.29
C THR P 380 -60.40 -71.91 -46.74
N ARG P 381 -59.08 -71.94 -46.60
CA ARG P 381 -58.35 -70.80 -46.09
C ARG P 381 -58.07 -69.77 -47.17
N TYR P 382 -58.09 -68.50 -46.76
CA TYR P 382 -57.83 -67.43 -47.69
C TYR P 382 -56.41 -66.94 -47.56
N PHE P 383 -55.88 -66.51 -48.70
CA PHE P 383 -54.54 -65.99 -48.80
C PHE P 383 -54.52 -64.86 -49.80
N SER P 384 -54.59 -63.63 -49.29
CA SER P 384 -54.63 -62.41 -50.08
C SER P 384 -53.55 -62.29 -51.15
N MET P 385 -52.31 -62.62 -50.80
CA MET P 385 -51.21 -62.49 -51.76
C MET P 385 -51.53 -62.98 -53.17
N TRP P 386 -52.04 -64.20 -53.27
CA TRP P 386 -52.36 -64.76 -54.57
C TRP P 386 -53.85 -64.68 -54.92
N ASN P 387 -54.61 -63.93 -54.14
CA ASN P 387 -56.03 -63.85 -54.41
C ASN P 387 -56.61 -65.25 -54.25
N GLN P 388 -55.99 -65.96 -53.33
CA GLN P 388 -56.35 -67.33 -53.00
C GLN P 388 -57.58 -67.38 -52.11
N ALA P 389 -58.75 -67.31 -52.73
CA ALA P 389 -60.03 -67.35 -52.03
C ALA P 389 -61.04 -68.05 -52.92
N VAL P 390 -61.13 -69.36 -52.71
CA VAL P 390 -62.00 -70.25 -53.47
C VAL P 390 -63.46 -69.85 -53.59
N ASP P 391 -63.99 -70.14 -54.79
CA ASP P 391 -65.38 -69.89 -55.13
C ASP P 391 -66.24 -70.91 -54.44
N SER P 392 -67.25 -70.41 -53.76
CA SER P 392 -68.15 -71.29 -53.06
C SER P 392 -69.56 -70.76 -53.13
N TYR P 393 -70.45 -71.47 -52.47
CA TYR P 393 -71.83 -71.07 -52.40
C TYR P 393 -72.40 -71.54 -51.08
N ASP P 394 -73.50 -70.92 -50.69
CA ASP P 394 -74.17 -71.29 -49.46
C ASP P 394 -74.90 -72.61 -49.63
N PRO P 395 -74.56 -73.59 -48.80
CA PRO P 395 -75.21 -74.87 -48.90
C PRO P 395 -76.72 -74.77 -48.79
N ASP P 396 -77.19 -73.80 -48.00
CA ASP P 396 -78.61 -73.58 -47.76
C ASP P 396 -79.31 -72.93 -48.95
N VAL P 397 -78.50 -72.45 -49.89
CA VAL P 397 -79.06 -71.83 -51.06
C VAL P 397 -79.14 -72.84 -52.19
N ARG P 398 -78.11 -73.66 -52.29
CA ARG P 398 -78.06 -74.68 -53.32
C ARG P 398 -79.12 -75.74 -53.04
N ILE P 399 -79.25 -76.10 -51.77
CA ILE P 399 -80.22 -77.09 -51.37
C ILE P 399 -81.13 -76.53 -50.31
N ILE P 400 -82.39 -76.32 -50.68
CA ILE P 400 -83.34 -75.78 -49.75
C ILE P 400 -83.79 -76.79 -48.71
N GLU P 401 -83.65 -76.38 -47.47
CA GLU P 401 -84.09 -77.18 -46.35
C GLU P 401 -85.21 -76.45 -45.65
N ASN P 402 -86.43 -76.78 -46.05
CA ASN P 402 -87.60 -76.12 -45.51
C ASN P 402 -88.17 -76.75 -44.27
N HIS P 403 -87.68 -76.30 -43.11
CA HIS P 403 -88.22 -76.82 -41.86
C HIS P 403 -89.23 -75.87 -41.27
N GLY P 404 -89.57 -74.85 -42.07
CA GLY P 404 -90.56 -73.86 -41.68
C GLY P 404 -90.03 -72.76 -40.78
N THR P 405 -90.93 -72.29 -39.91
CA THR P 405 -90.64 -71.21 -38.99
C THR P 405 -91.20 -71.42 -37.59
N GLU P 406 -90.45 -70.93 -36.61
CA GLU P 406 -90.85 -71.01 -35.22
C GLU P 406 -91.64 -69.76 -34.86
N ASP P 407 -92.89 -69.77 -35.31
CA ASP P 407 -93.82 -68.67 -35.11
C ASP P 407 -94.98 -69.00 -34.19
N GLU P 408 -94.72 -69.79 -33.16
CA GLU P 408 -95.77 -70.17 -32.23
C GLU P 408 -96.37 -68.94 -31.53
N LEU P 409 -95.51 -68.08 -31.00
CA LEU P 409 -95.89 -66.86 -30.30
C LEU P 409 -96.21 -65.75 -31.30
N PRO P 410 -97.22 -64.93 -31.01
CA PRO P 410 -97.55 -63.84 -31.92
C PRO P 410 -96.62 -62.66 -31.68
N ASN P 411 -96.41 -61.86 -32.73
CA ASN P 411 -95.55 -60.69 -32.61
C ASN P 411 -96.31 -59.41 -32.80
N TYR P 412 -96.21 -58.51 -31.83
CA TYR P 412 -96.91 -57.26 -31.92
C TYR P 412 -96.03 -56.05 -31.80
N CYS P 413 -96.61 -54.97 -32.28
CA CYS P 413 -96.03 -53.64 -32.25
C CYS P 413 -97.06 -52.77 -31.54
N PHE P 414 -96.61 -51.88 -30.66
CA PHE P 414 -97.52 -51.04 -29.91
C PHE P 414 -97.28 -49.55 -30.09
N PRO P 415 -98.18 -48.75 -29.50
CA PRO P 415 -98.07 -47.31 -29.59
C PRO P 415 -96.97 -46.80 -28.70
N LEU P 416 -96.32 -45.71 -29.14
CA LEU P 416 -95.22 -45.10 -28.42
C LEU P 416 -95.53 -44.84 -26.95
N GLY P 417 -96.76 -44.41 -26.66
CA GLY P 417 -97.17 -44.11 -25.30
C GLY P 417 -97.75 -45.32 -24.59
N GLY P 418 -97.77 -46.46 -25.28
CA GLY P 418 -98.28 -47.71 -24.74
C GLY P 418 -99.80 -47.77 -24.75
N VAL P 419 -100.40 -46.64 -25.12
CA VAL P 419 -101.84 -46.50 -25.19
C VAL P 419 -102.16 -45.28 -26.05
N ILE P 420 -103.19 -45.37 -26.88
CA ILE P 420 -103.48 -44.21 -27.72
C ILE P 420 -104.96 -43.84 -27.78
N ASN P 421 -105.83 -44.82 -27.61
CA ASN P 421 -107.27 -44.58 -27.68
C ASN P 421 -107.91 -44.32 -26.33
N THR P 422 -107.31 -43.39 -25.57
CA THR P 422 -107.83 -43.05 -24.27
C THR P 422 -109.14 -42.28 -24.40
N GLU P 423 -109.95 -42.31 -23.35
CA GLU P 423 -111.21 -41.60 -23.32
C GLU P 423 -111.26 -40.67 -22.12
N THR P 424 -111.66 -39.42 -22.35
CA THR P 424 -111.74 -38.44 -21.28
C THR P 424 -112.75 -38.85 -20.21
N LEU P 425 -112.32 -38.79 -18.96
CA LEU P 425 -113.17 -39.17 -17.85
C LEU P 425 -113.16 -38.16 -16.73
N THR P 426 -114.11 -38.33 -15.80
CA THR P 426 -114.23 -37.47 -14.65
C THR P 426 -114.27 -38.27 -13.35
N LYS P 427 -113.47 -37.82 -12.39
CA LYS P 427 -113.42 -38.48 -11.11
C LYS P 427 -114.72 -38.29 -10.37
N VAL P 428 -115.12 -39.32 -9.65
CA VAL P 428 -116.37 -39.28 -8.93
C VAL P 428 -116.24 -39.71 -7.49
N LYS P 429 -117.22 -39.25 -6.72
CA LYS P 429 -117.32 -39.56 -5.32
C LYS P 429 -118.66 -40.21 -5.03
N PRO P 430 -118.63 -41.15 -4.10
CA PRO P 430 -119.81 -41.87 -3.69
C PRO P 430 -120.71 -40.94 -2.88
N GLY P 437 -125.59 -44.02 -6.18
CA GLY P 437 -125.42 -42.78 -5.45
C GLY P 437 -123.99 -42.26 -5.53
N TRP P 438 -123.76 -41.40 -6.53
CA TRP P 438 -122.46 -40.82 -6.78
C TRP P 438 -122.49 -39.32 -7.04
N GLU P 439 -121.39 -38.68 -6.64
CA GLU P 439 -121.20 -37.25 -6.81
C GLU P 439 -119.84 -36.91 -7.40
N LYS P 440 -119.88 -36.01 -8.38
CA LYS P 440 -118.68 -35.58 -9.06
C LYS P 440 -117.63 -35.04 -8.12
N ASP P 441 -116.37 -35.24 -8.51
CA ASP P 441 -115.24 -34.79 -7.74
C ASP P 441 -114.51 -33.69 -8.47
N ALA P 442 -113.99 -32.74 -7.69
CA ALA P 442 -113.25 -31.63 -8.24
C ALA P 442 -112.44 -30.96 -7.15
N PHE P 445 -108.79 -33.55 -7.85
CA PHE P 445 -108.63 -34.08 -9.18
C PHE P 445 -109.21 -33.16 -10.26
N SER P 446 -108.81 -33.42 -11.51
CA SER P 446 -109.22 -32.62 -12.67
C SER P 446 -110.45 -33.11 -13.40
N ASP P 447 -110.99 -32.22 -14.22
CA ASP P 447 -112.18 -32.50 -15.01
C ASP P 447 -111.88 -33.43 -16.18
N LYS P 448 -110.62 -33.50 -16.60
CA LYS P 448 -110.27 -34.33 -17.72
C LYS P 448 -109.00 -35.18 -17.55
N ASN P 449 -109.23 -36.47 -17.34
CA ASN P 449 -108.19 -37.46 -17.18
C ASN P 449 -108.33 -38.48 -18.30
N GLU P 450 -107.21 -38.82 -18.92
CA GLU P 450 -107.25 -39.77 -20.00
C GLU P 450 -107.02 -41.18 -19.49
N ILE P 451 -107.99 -42.05 -19.78
CA ILE P 451 -107.92 -43.43 -19.38
C ILE P 451 -108.32 -44.36 -20.51
N ARG P 452 -107.48 -45.35 -20.75
CA ARG P 452 -107.77 -46.32 -21.79
C ARG P 452 -108.58 -47.46 -21.23
N VAL P 453 -109.75 -47.68 -21.82
CA VAL P 453 -110.61 -48.74 -21.38
C VAL P 453 -110.53 -49.93 -22.33
N GLY P 454 -109.95 -51.02 -21.84
CA GLY P 454 -109.77 -52.23 -22.61
C GLY P 454 -108.30 -52.46 -22.91
N ASN P 455 -107.99 -53.32 -23.88
CA ASN P 455 -106.61 -53.56 -24.21
C ASN P 455 -106.05 -52.41 -25.03
N ASN P 456 -104.74 -52.39 -25.23
CA ASN P 456 -104.12 -51.32 -25.99
C ASN P 456 -104.22 -51.57 -27.49
N PHE P 457 -103.88 -50.56 -28.27
CA PHE P 457 -103.91 -50.71 -29.71
C PHE P 457 -102.70 -51.52 -30.14
N ALA P 458 -102.93 -52.57 -30.93
CA ALA P 458 -101.82 -53.39 -31.36
C ALA P 458 -101.88 -53.84 -32.82
N MET P 459 -100.70 -54.04 -33.39
CA MET P 459 -100.55 -54.49 -34.75
C MET P 459 -99.75 -55.77 -34.74
N GLU P 460 -100.17 -56.74 -35.56
CA GLU P 460 -99.49 -58.01 -35.59
C GLU P 460 -98.60 -58.21 -36.80
N ILE P 461 -97.55 -59.00 -36.60
CA ILE P 461 -96.60 -59.33 -37.65
C ILE P 461 -95.90 -60.65 -37.37
N ASN P 462 -95.69 -61.43 -38.42
CA ASN P 462 -95.02 -62.71 -38.29
C ASN P 462 -93.54 -62.55 -38.62
N LEU P 463 -92.77 -62.22 -37.58
CA LEU P 463 -91.35 -62.01 -37.69
C LEU P 463 -90.62 -63.12 -38.42
N ASN P 464 -90.71 -64.33 -37.88
CA ASN P 464 -90.02 -65.46 -38.45
C ASN P 464 -90.40 -65.79 -39.89
N ALA P 465 -91.69 -65.77 -40.19
CA ALA P 465 -92.13 -66.05 -41.55
C ALA P 465 -91.52 -65.06 -42.51
N ASN P 466 -91.56 -63.80 -42.10
CA ASN P 466 -91.02 -62.70 -42.88
C ASN P 466 -89.56 -62.92 -43.23
N LEU P 467 -88.76 -63.11 -42.19
CA LEU P 467 -87.34 -63.34 -42.38
C LEU P 467 -87.08 -64.45 -43.38
N TRP P 468 -87.73 -65.58 -43.17
CA TRP P 468 -87.59 -66.74 -44.04
C TRP P 468 -87.89 -66.39 -45.48
N ARG P 469 -88.96 -65.63 -45.67
CA ARG P 469 -89.40 -65.18 -46.99
C ARG P 469 -88.32 -64.36 -47.67
N ASN P 470 -87.88 -63.34 -46.95
CA ASN P 470 -86.85 -62.43 -47.44
C ASN P 470 -85.62 -63.19 -47.91
N PHE P 471 -85.30 -64.27 -47.20
CA PHE P 471 -84.16 -65.10 -47.54
C PHE P 471 -84.38 -65.85 -48.85
N LEU P 472 -85.59 -66.34 -49.02
CA LEU P 472 -85.94 -67.09 -50.21
C LEU P 472 -85.96 -66.21 -51.45
N TYR P 473 -86.59 -65.05 -51.31
CA TYR P 473 -86.69 -64.14 -52.41
C TYR P 473 -85.33 -63.62 -52.85
N SER P 474 -84.56 -63.17 -51.87
CA SER P 474 -83.23 -62.63 -52.14
C SER P 474 -82.26 -63.65 -52.72
N ASN P 475 -82.19 -64.83 -52.11
CA ASN P 475 -81.24 -65.84 -52.54
C ASN P 475 -81.63 -66.81 -53.64
N ILE P 476 -82.91 -67.13 -53.77
CA ILE P 476 -83.29 -68.07 -54.78
C ILE P 476 -84.11 -67.49 -55.89
N ALA P 477 -85.23 -66.88 -55.52
CA ALA P 477 -86.13 -66.26 -56.48
C ALA P 477 -85.40 -65.46 -57.55
N LEU P 478 -84.71 -64.42 -57.12
CA LEU P 478 -84.00 -63.55 -58.04
C LEU P 478 -83.00 -64.25 -58.94
N TYR P 479 -82.55 -65.44 -58.55
CA TYR P 479 -81.60 -66.17 -59.38
C TYR P 479 -82.27 -67.13 -60.34
N LEU P 480 -83.60 -67.19 -60.24
CA LEU P 480 -84.35 -68.04 -61.11
C LEU P 480 -84.02 -67.72 -62.55
N PRO P 481 -84.20 -68.69 -63.43
CA PRO P 481 -83.92 -68.48 -64.83
C PRO P 481 -84.80 -67.38 -65.41
N ASP P 482 -84.25 -66.67 -66.40
CA ASP P 482 -84.96 -65.58 -67.06
C ASP P 482 -86.34 -65.97 -67.57
N LYS P 483 -86.43 -67.19 -68.09
CA LYS P 483 -87.67 -67.72 -68.64
C LYS P 483 -88.85 -67.65 -67.69
N LEU P 484 -88.55 -67.69 -66.40
CA LEU P 484 -89.58 -67.63 -65.38
C LEU P 484 -89.94 -66.20 -65.03
N LYS P 485 -89.15 -65.26 -65.55
CA LYS P 485 -89.35 -63.84 -65.29
C LYS P 485 -90.19 -63.12 -66.33
N TYR P 486 -90.44 -61.85 -66.05
CA TYR P 486 -91.22 -60.99 -66.93
C TYR P 486 -90.82 -59.52 -66.83
N SER P 487 -90.99 -58.78 -67.92
CA SER P 487 -90.64 -57.37 -67.98
C SER P 487 -91.63 -56.47 -67.25
N PRO P 488 -91.11 -55.43 -66.60
CA PRO P 488 -91.94 -54.50 -65.85
C PRO P 488 -92.67 -53.54 -66.76
N SER P 489 -93.84 -53.11 -66.31
CA SER P 489 -94.63 -52.17 -67.09
C SER P 489 -94.18 -50.74 -66.87
N ASN P 490 -94.22 -49.94 -67.94
CA ASN P 490 -93.83 -48.55 -67.90
C ASN P 490 -92.44 -48.31 -67.39
N VAL P 491 -91.54 -49.25 -67.65
CA VAL P 491 -90.18 -49.11 -67.21
C VAL P 491 -89.20 -49.50 -68.30
N LYS P 492 -88.36 -48.57 -68.69
CA LYS P 492 -87.39 -48.85 -69.72
C LYS P 492 -86.42 -49.92 -69.26
N ILE P 493 -86.15 -50.86 -70.14
CA ILE P 493 -85.25 -51.96 -69.85
C ILE P 493 -84.41 -52.28 -71.07
N SER P 494 -83.14 -52.59 -70.82
CA SER P 494 -82.24 -52.92 -71.90
C SER P 494 -82.71 -54.09 -72.74
N ASP P 495 -82.18 -54.12 -73.97
CA ASP P 495 -82.47 -55.14 -74.96
C ASP P 495 -81.48 -56.28 -74.83
N ASN P 496 -80.35 -55.97 -74.21
CA ASN P 496 -79.28 -56.92 -74.00
C ASN P 496 -79.48 -57.69 -72.71
N PRO P 497 -79.73 -58.98 -72.85
CA PRO P 497 -79.96 -59.85 -71.72
C PRO P 497 -78.70 -60.14 -70.91
N ASN P 498 -77.54 -59.90 -71.51
CA ASN P 498 -76.26 -60.13 -70.86
C ASN P 498 -75.87 -58.92 -70.05
N THR P 499 -76.80 -57.99 -70.01
CA THR P 499 -76.66 -56.72 -69.34
C THR P 499 -77.13 -56.74 -67.90
N TYR P 500 -76.53 -55.85 -67.11
CA TYR P 500 -76.90 -55.74 -65.71
C TYR P 500 -78.28 -55.11 -65.62
N ASP P 501 -78.50 -54.09 -66.43
CA ASP P 501 -79.78 -53.42 -66.44
C ASP P 501 -80.91 -54.42 -66.58
N TYR P 502 -80.70 -55.34 -67.50
CA TYR P 502 -81.66 -56.39 -67.80
C TYR P 502 -81.93 -57.28 -66.58
N MET P 503 -80.86 -57.90 -66.10
CA MET P 503 -80.92 -58.79 -64.96
C MET P 503 -81.51 -58.10 -63.73
N ASN P 504 -81.27 -56.80 -63.64
CA ASN P 504 -81.75 -56.02 -62.51
C ASN P 504 -83.19 -55.58 -62.62
N LYS P 505 -83.71 -55.45 -63.83
CA LYS P 505 -85.08 -55.01 -63.99
C LYS P 505 -86.09 -56.14 -64.17
N ARG P 506 -85.68 -57.25 -64.77
CA ARG P 506 -86.61 -58.33 -64.93
C ARG P 506 -87.26 -58.61 -63.59
N VAL P 507 -88.58 -58.73 -63.57
CA VAL P 507 -89.24 -58.99 -62.30
C VAL P 507 -89.62 -60.45 -62.11
N VAL P 508 -89.58 -60.87 -60.85
CA VAL P 508 -89.91 -62.23 -60.51
C VAL P 508 -90.90 -62.29 -59.36
N ALA P 509 -91.89 -63.17 -59.53
CA ALA P 509 -92.94 -63.38 -58.55
C ALA P 509 -92.44 -64.18 -57.36
N PRO P 510 -92.61 -63.61 -56.18
CA PRO P 510 -92.20 -64.26 -54.95
C PRO P 510 -92.93 -65.58 -54.72
N GLY P 511 -94.14 -65.67 -55.26
CA GLY P 511 -94.92 -66.87 -55.10
C GLY P 511 -94.24 -68.08 -55.70
N LEU P 512 -93.18 -67.82 -56.47
CA LEU P 512 -92.43 -68.90 -57.11
C LEU P 512 -91.61 -69.68 -56.09
N VAL P 513 -91.04 -68.94 -55.14
CA VAL P 513 -90.23 -69.51 -54.09
C VAL P 513 -90.69 -68.96 -52.74
N ASP P 514 -91.95 -69.20 -52.40
CA ASP P 514 -92.48 -68.70 -51.15
C ASP P 514 -92.20 -69.62 -49.97
N CYS P 515 -92.41 -69.09 -48.77
CA CYS P 515 -92.15 -69.82 -47.55
C CYS P 515 -92.79 -71.20 -47.47
N TYR P 516 -93.80 -71.46 -48.27
CA TYR P 516 -94.46 -72.77 -48.23
C TYR P 516 -93.99 -73.71 -49.34
N ILE P 517 -92.84 -73.36 -49.91
CA ILE P 517 -92.23 -74.11 -50.98
C ILE P 517 -91.60 -75.40 -50.47
N ASN P 518 -92.01 -76.52 -51.07
CA ASN P 518 -91.52 -77.84 -50.70
C ASN P 518 -91.33 -77.98 -49.20
N LEU P 519 -92.38 -77.63 -48.45
CA LEU P 519 -92.38 -77.68 -47.01
C LEU P 519 -91.98 -79.04 -46.45
N GLY P 520 -91.05 -79.01 -45.49
CA GLY P 520 -90.57 -80.21 -44.82
C GLY P 520 -89.59 -81.06 -45.63
N ALA P 521 -89.15 -80.53 -46.76
CA ALA P 521 -88.23 -81.28 -47.58
C ALA P 521 -86.86 -80.65 -47.67
N ARG P 522 -85.90 -81.48 -48.04
CA ARG P 522 -84.52 -81.10 -48.28
C ARG P 522 -84.36 -81.32 -49.75
N TRP P 523 -84.74 -80.30 -50.50
CA TRP P 523 -84.73 -80.38 -51.94
C TRP P 523 -84.24 -79.14 -52.64
N SER P 524 -83.43 -79.37 -53.67
CA SER P 524 -82.95 -78.27 -54.47
C SER P 524 -83.97 -78.06 -55.58
N LEU P 525 -84.28 -76.82 -55.91
CA LEU P 525 -85.26 -76.58 -56.95
C LEU P 525 -84.83 -77.16 -58.27
N ASP P 526 -85.75 -77.86 -58.91
CA ASP P 526 -85.44 -78.44 -60.20
C ASP P 526 -85.09 -77.36 -61.22
N TYR P 527 -85.53 -76.13 -60.96
CA TYR P 527 -85.25 -75.02 -61.87
C TYR P 527 -83.81 -74.55 -61.74
N MET P 528 -83.30 -74.59 -60.51
CA MET P 528 -81.97 -74.13 -60.15
C MET P 528 -80.84 -75.13 -60.31
N ASP P 529 -81.16 -76.41 -60.47
CA ASP P 529 -80.12 -77.40 -60.62
C ASP P 529 -79.08 -77.06 -61.68
N ASN P 530 -79.53 -76.61 -62.85
CA ASN P 530 -78.63 -76.29 -63.95
C ASN P 530 -78.18 -74.85 -64.02
N VAL P 531 -78.41 -74.14 -62.92
CA VAL P 531 -78.00 -72.75 -62.83
C VAL P 531 -76.68 -72.71 -62.08
N ASN P 532 -75.69 -72.04 -62.65
CA ASN P 532 -74.40 -71.97 -61.99
C ASN P 532 -74.56 -71.45 -60.56
N PRO P 533 -74.25 -72.29 -59.59
CA PRO P 533 -74.39 -71.93 -58.18
C PRO P 533 -73.37 -70.93 -57.70
N PHE P 534 -72.27 -70.83 -58.44
CA PHE P 534 -71.20 -69.92 -58.07
C PHE P 534 -71.46 -68.47 -58.37
N ASN P 535 -72.28 -68.20 -59.38
CA ASN P 535 -72.60 -66.84 -59.70
C ASN P 535 -73.65 -66.36 -58.71
N HIS P 536 -73.19 -65.90 -57.53
CA HIS P 536 -74.11 -65.48 -56.49
C HIS P 536 -73.46 -64.53 -55.49
N HIS P 537 -74.28 -63.68 -54.88
CA HIS P 537 -73.78 -62.72 -53.90
C HIS P 537 -73.35 -63.41 -52.62
N ARG P 538 -73.70 -64.69 -52.48
CA ARG P 538 -73.34 -65.44 -51.30
C ARG P 538 -72.08 -66.28 -51.46
N ASN P 539 -71.36 -66.02 -52.54
CA ASN P 539 -70.11 -66.69 -52.84
C ASN P 539 -69.04 -65.98 -52.01
N ALA P 540 -68.70 -66.60 -50.89
CA ALA P 540 -67.72 -66.03 -49.97
C ALA P 540 -66.38 -65.70 -50.60
N GLY P 541 -65.88 -66.60 -51.44
CA GLY P 541 -64.60 -66.41 -52.10
C GLY P 541 -64.58 -65.15 -52.96
N LEU P 542 -65.58 -65.04 -53.83
CA LEU P 542 -65.71 -63.90 -54.72
C LEU P 542 -65.96 -62.63 -53.92
N ARG P 543 -66.79 -62.74 -52.90
CA ARG P 543 -67.11 -61.62 -52.04
C ARG P 543 -65.86 -61.03 -51.42
N TYR P 544 -65.02 -61.91 -50.89
CA TYR P 544 -63.77 -61.53 -50.23
C TYR P 544 -62.78 -60.90 -51.18
N ARG P 545 -62.69 -61.45 -52.39
CA ARG P 545 -61.79 -60.92 -53.39
C ARG P 545 -62.23 -59.53 -53.83
N SER P 546 -63.54 -59.33 -53.83
CA SER P 546 -64.12 -58.05 -54.19
C SER P 546 -63.77 -57.00 -53.14
N MET P 547 -63.89 -57.38 -51.87
CA MET P 547 -63.60 -56.50 -50.75
C MET P 547 -62.10 -56.20 -50.60
N LEU P 548 -61.29 -57.15 -51.07
CA LEU P 548 -59.85 -57.04 -51.04
C LEU P 548 -59.42 -55.79 -51.80
N LEU P 549 -60.19 -55.48 -52.85
CA LEU P 549 -59.95 -54.33 -53.70
C LEU P 549 -60.52 -53.06 -53.10
N GLY P 550 -61.61 -53.21 -52.36
CA GLY P 550 -62.29 -52.11 -51.72
C GLY P 550 -63.78 -52.16 -52.03
N ASN P 551 -64.47 -51.10 -51.62
CA ASN P 551 -65.92 -50.98 -51.83
C ASN P 551 -66.26 -49.99 -52.93
N GLY P 552 -65.23 -49.54 -53.63
CA GLY P 552 -65.42 -48.58 -54.69
C GLY P 552 -65.11 -49.08 -56.09
N ARG P 553 -65.79 -48.38 -57.00
CA ARG P 553 -65.74 -48.57 -58.43
C ARG P 553 -64.33 -48.42 -58.97
N TYR P 554 -63.70 -47.31 -58.60
CA TYR P 554 -62.35 -46.97 -59.02
C TYR P 554 -61.30 -47.52 -58.09
N VAL P 555 -60.42 -48.34 -58.66
CA VAL P 555 -59.38 -48.97 -57.87
C VAL P 555 -58.00 -49.03 -58.51
N PRO P 556 -57.03 -48.46 -57.82
CA PRO P 556 -55.66 -48.55 -58.28
C PRO P 556 -55.22 -49.87 -57.67
N PHE P 557 -54.67 -50.78 -58.44
CA PHE P 557 -54.32 -52.05 -57.84
C PHE P 557 -52.85 -52.41 -57.86
N HIS P 558 -52.51 -53.29 -56.91
CA HIS P 558 -51.18 -53.81 -56.72
C HIS P 558 -51.29 -55.28 -56.35
N ILE P 559 -50.86 -56.13 -57.28
CA ILE P 559 -50.96 -57.55 -57.04
C ILE P 559 -49.70 -58.31 -57.38
N GLN P 560 -49.69 -59.54 -56.88
CA GLN P 560 -48.61 -60.47 -57.08
C GLN P 560 -49.20 -61.71 -57.74
N VAL P 561 -48.69 -62.01 -58.94
CA VAL P 561 -49.14 -63.14 -59.74
C VAL P 561 -48.12 -64.26 -59.80
N PRO P 562 -48.60 -65.48 -59.58
CA PRO P 562 -47.76 -66.67 -59.55
C PRO P 562 -47.60 -67.35 -60.90
N GLN P 563 -46.48 -68.05 -61.06
CA GLN P 563 -46.21 -68.82 -62.25
C GLN P 563 -46.83 -70.18 -62.03
N LYS P 564 -47.70 -70.63 -62.93
CA LYS P 564 -48.36 -71.92 -62.74
C LYS P 564 -47.89 -73.04 -63.63
N PHE P 565 -47.30 -72.67 -64.76
CA PHE P 565 -46.81 -73.66 -65.69
C PHE P 565 -45.99 -74.71 -64.98
N PHE P 566 -46.38 -75.97 -65.15
CA PHE P 566 -45.74 -77.09 -64.49
C PHE P 566 -44.24 -77.31 -64.73
N ALA P 567 -43.75 -77.06 -65.94
CA ALA P 567 -42.34 -77.30 -66.22
C ALA P 567 -41.38 -76.32 -65.56
N ILE P 568 -41.88 -75.17 -65.13
CA ILE P 568 -40.99 -74.19 -64.53
C ILE P 568 -41.35 -73.72 -63.11
N LYS P 569 -42.60 -73.96 -62.69
CA LYS P 569 -43.06 -73.54 -61.37
C LYS P 569 -42.23 -73.92 -60.15
N ASN P 570 -41.61 -75.11 -60.15
CA ASN P 570 -40.82 -75.57 -59.02
C ASN P 570 -39.36 -75.79 -59.39
N LEU P 571 -39.02 -75.36 -60.59
CA LEU P 571 -37.69 -75.54 -61.08
C LEU P 571 -36.63 -74.78 -60.29
N LEU P 572 -35.50 -75.46 -60.10
CA LEU P 572 -34.34 -74.90 -59.43
C LEU P 572 -33.40 -74.48 -60.55
N LEU P 573 -33.34 -73.17 -60.75
CA LEU P 573 -32.56 -72.52 -61.79
C LEU P 573 -31.10 -72.31 -61.43
N LEU P 574 -30.20 -72.81 -62.28
CA LEU P 574 -28.78 -72.64 -62.03
C LEU P 574 -28.30 -71.29 -62.52
N PRO P 575 -27.05 -70.94 -62.19
CA PRO P 575 -26.51 -69.67 -62.60
C PRO P 575 -26.47 -69.52 -64.11
N GLY P 576 -26.69 -68.28 -64.53
CA GLY P 576 -26.72 -67.89 -65.92
C GLY P 576 -27.74 -66.79 -66.10
N SER P 577 -27.84 -66.28 -67.31
CA SER P 577 -28.79 -65.24 -67.60
C SER P 577 -29.91 -65.79 -68.46
N TYR P 578 -31.14 -65.53 -68.06
CA TYR P 578 -32.26 -66.06 -68.82
C TYR P 578 -33.27 -65.03 -69.25
N THR P 579 -33.89 -65.35 -70.38
CA THR P 579 -34.92 -64.52 -70.95
C THR P 579 -36.25 -65.09 -70.49
N TYR P 580 -36.94 -64.31 -69.69
CA TYR P 580 -38.21 -64.73 -69.16
C TYR P 580 -39.25 -63.75 -69.65
N GLU P 581 -40.18 -64.25 -70.45
CA GLU P 581 -41.21 -63.40 -71.00
C GLU P 581 -42.59 -64.02 -70.94
N TRP P 582 -43.58 -63.19 -70.69
CA TRP P 582 -44.95 -63.67 -70.56
C TRP P 582 -45.99 -62.68 -71.06
N ASN P 583 -47.15 -63.22 -71.42
CA ASN P 583 -48.27 -62.44 -71.91
C ASN P 583 -49.41 -62.40 -70.91
N PHE P 584 -50.00 -61.21 -70.80
CA PHE P 584 -51.10 -60.97 -69.91
C PHE P 584 -52.33 -60.51 -70.66
N ARG P 585 -53.47 -61.04 -70.24
CA ARG P 585 -54.74 -60.72 -70.83
C ARG P 585 -55.23 -59.37 -70.34
N LYS P 586 -56.05 -58.72 -71.16
CA LYS P 586 -56.60 -57.41 -70.84
C LYS P 586 -58.12 -57.46 -70.86
N ASP P 587 -58.64 -58.55 -71.40
CA ASP P 587 -60.06 -58.77 -71.52
C ASP P 587 -60.77 -58.85 -70.18
N VAL P 588 -61.58 -57.85 -69.86
CA VAL P 588 -62.30 -57.82 -68.60
C VAL P 588 -63.16 -59.05 -68.35
N ASN P 589 -63.75 -59.62 -69.40
CA ASN P 589 -64.57 -60.79 -69.19
C ASN P 589 -63.74 -61.97 -68.73
N MET P 590 -62.43 -61.85 -68.95
CA MET P 590 -61.49 -62.89 -68.58
C MET P 590 -60.76 -62.62 -67.28
N VAL P 591 -60.24 -61.41 -67.13
CA VAL P 591 -59.50 -61.06 -65.92
C VAL P 591 -60.38 -60.73 -64.72
N LEU P 592 -61.62 -60.34 -64.98
CA LEU P 592 -62.52 -60.00 -63.91
C LEU P 592 -63.66 -61.02 -63.79
N GLN P 593 -64.25 -61.02 -62.61
CA GLN P 593 -65.35 -61.91 -62.32
C GLN P 593 -66.45 -61.18 -61.58
N SER P 594 -67.69 -61.46 -61.96
CA SER P 594 -68.83 -60.82 -61.34
C SER P 594 -69.77 -61.88 -60.78
N SER P 595 -70.59 -61.50 -59.81
CA SER P 595 -71.53 -62.46 -59.23
C SER P 595 -72.75 -62.70 -60.11
N LEU P 596 -73.12 -61.68 -60.90
CA LEU P 596 -74.26 -61.76 -61.80
C LEU P 596 -73.84 -62.37 -63.13
N GLY P 597 -72.55 -62.26 -63.42
CA GLY P 597 -71.97 -62.79 -64.64
C GLY P 597 -72.31 -61.97 -65.87
N ASN P 598 -72.67 -60.71 -65.66
CA ASN P 598 -73.02 -59.84 -66.78
C ASN P 598 -71.83 -59.60 -67.71
N ASP P 599 -72.10 -58.98 -68.86
CA ASP P 599 -71.06 -58.69 -69.84
C ASP P 599 -70.31 -57.41 -69.50
N LEU P 600 -69.14 -57.57 -68.87
CA LEU P 600 -68.33 -56.44 -68.47
C LEU P 600 -67.82 -55.55 -69.60
N ARG P 601 -67.78 -56.08 -70.82
CA ARG P 601 -67.32 -55.26 -71.93
C ARG P 601 -68.35 -54.19 -72.23
N VAL P 602 -69.61 -54.63 -72.32
CA VAL P 602 -70.74 -53.76 -72.57
C VAL P 602 -71.03 -52.93 -71.33
N ASP P 603 -70.82 -53.58 -70.18
CA ASP P 603 -71.07 -52.97 -68.89
C ASP P 603 -70.07 -51.97 -68.30
N GLY P 604 -69.18 -51.47 -69.14
CA GLY P 604 -68.22 -50.45 -68.71
C GLY P 604 -67.05 -50.80 -67.82
N ALA P 605 -66.75 -52.07 -67.58
CA ALA P 605 -65.58 -52.35 -66.73
C ALA P 605 -64.33 -52.00 -67.51
N SER P 606 -63.29 -51.50 -66.83
CA SER P 606 -62.05 -51.13 -67.52
C SER P 606 -60.82 -51.49 -66.71
N ILE P 607 -59.72 -51.78 -67.42
CA ILE P 607 -58.48 -52.13 -66.75
C ILE P 607 -57.25 -51.70 -67.52
N LYS P 608 -56.31 -51.08 -66.80
CA LYS P 608 -55.07 -50.61 -67.39
C LYS P 608 -53.85 -50.99 -66.57
N PHE P 609 -52.85 -51.55 -67.25
CA PHE P 609 -51.61 -51.97 -66.62
C PHE P 609 -50.56 -50.88 -66.67
N ASP P 610 -50.14 -50.42 -65.50
CA ASP P 610 -49.15 -49.37 -65.45
C ASP P 610 -47.73 -49.88 -65.37
N SER P 611 -47.52 -50.92 -64.61
CA SER P 611 -46.18 -51.45 -64.48
C SER P 611 -46.15 -52.88 -63.99
N ILE P 612 -45.19 -53.63 -64.52
CA ILE P 612 -45.01 -54.99 -64.13
C ILE P 612 -43.55 -55.27 -63.87
N CYS P 613 -43.29 -55.81 -62.68
CA CYS P 613 -41.94 -56.13 -62.27
C CYS P 613 -41.81 -57.61 -62.02
N LEU P 614 -40.57 -58.06 -61.91
CA LEU P 614 -40.28 -59.45 -61.65
C LEU P 614 -39.48 -59.57 -60.37
N TYR P 615 -40.03 -60.30 -59.40
CA TYR P 615 -39.34 -60.48 -58.13
C TYR P 615 -38.83 -61.89 -57.98
N ALA P 616 -37.71 -62.02 -57.27
CA ALA P 616 -37.07 -63.29 -57.02
C ALA P 616 -36.31 -63.28 -55.72
N THR P 617 -36.57 -64.27 -54.87
CA THR P 617 -35.91 -64.38 -53.58
C THR P 617 -34.86 -65.47 -53.61
N PHE P 618 -33.72 -65.23 -52.98
CA PHE P 618 -32.67 -66.22 -52.98
C PHE P 618 -32.20 -66.64 -51.60
N PHE P 619 -32.07 -67.94 -51.42
CA PHE P 619 -31.56 -68.47 -50.18
C PHE P 619 -30.10 -67.99 -50.17
N PRO P 620 -29.67 -67.34 -49.09
CA PRO P 620 -28.30 -66.84 -49.04
C PRO P 620 -27.31 -67.95 -48.76
N MET P 621 -27.40 -68.99 -49.58
CA MET P 621 -26.57 -70.17 -49.46
C MET P 621 -25.08 -69.92 -49.47
N ALA P 622 -24.37 -70.71 -48.68
CA ALA P 622 -22.93 -70.61 -48.62
C ALA P 622 -22.39 -70.82 -50.03
N HIS P 623 -21.42 -70.02 -50.41
CA HIS P 623 -20.85 -70.09 -51.74
C HIS P 623 -20.23 -71.44 -52.10
N ASN P 624 -19.48 -72.03 -51.17
CA ASN P 624 -18.86 -73.32 -51.45
C ASN P 624 -19.95 -74.35 -51.71
N THR P 625 -20.95 -74.33 -50.85
CA THR P 625 -22.08 -75.23 -50.92
C THR P 625 -22.86 -75.06 -52.23
N ALA P 626 -23.27 -73.82 -52.48
CA ALA P 626 -24.01 -73.51 -53.69
C ALA P 626 -23.27 -74.01 -54.91
N SER P 627 -21.97 -73.73 -54.94
CA SER P 627 -21.11 -74.14 -56.03
C SER P 627 -21.09 -75.64 -56.20
N THR P 628 -21.06 -76.35 -55.08
CA THR P 628 -21.04 -77.80 -55.09
C THR P 628 -22.36 -78.38 -55.60
N LEU P 629 -23.45 -77.77 -55.13
CA LEU P 629 -24.78 -78.19 -55.54
C LEU P 629 -24.96 -77.99 -57.03
N GLU P 630 -24.36 -76.93 -57.54
CA GLU P 630 -24.42 -76.59 -58.95
C GLU P 630 -23.82 -77.68 -59.81
N ALA P 631 -22.58 -78.01 -59.46
CA ALA P 631 -21.82 -79.04 -60.15
C ALA P 631 -22.62 -80.33 -60.29
N MET P 632 -23.24 -80.74 -59.19
CA MET P 632 -24.04 -81.95 -59.15
C MET P 632 -25.25 -81.87 -60.07
N LEU P 633 -25.97 -80.76 -59.95
CA LEU P 633 -27.16 -80.55 -60.75
C LEU P 633 -26.89 -80.38 -62.23
N ARG P 634 -25.61 -80.26 -62.58
CA ARG P 634 -25.24 -80.08 -63.97
C ARG P 634 -25.10 -81.39 -64.72
N ASN P 635 -25.07 -82.51 -63.98
CA ASN P 635 -24.97 -83.81 -64.60
C ASN P 635 -26.36 -84.29 -64.97
N ASP P 636 -26.46 -84.91 -66.13
CA ASP P 636 -27.75 -85.39 -66.59
C ASP P 636 -28.38 -86.38 -65.65
N THR P 637 -27.57 -87.20 -64.98
CA THR P 637 -28.17 -88.14 -64.07
C THR P 637 -28.96 -87.43 -62.98
N ASN P 638 -28.60 -86.17 -62.73
CA ASN P 638 -29.26 -85.34 -61.74
C ASN P 638 -30.19 -84.31 -62.34
N ASP P 639 -30.72 -84.64 -63.51
CA ASP P 639 -31.65 -83.76 -64.20
C ASP P 639 -32.96 -83.69 -63.45
N GLN P 640 -33.53 -82.50 -63.37
CA GLN P 640 -34.80 -82.30 -62.68
C GLN P 640 -35.94 -82.78 -63.54
N SER P 641 -37.07 -83.11 -62.94
CA SER P 641 -38.21 -83.58 -63.71
C SER P 641 -39.54 -83.28 -63.03
N PHE P 642 -40.52 -82.92 -63.85
CA PHE P 642 -41.83 -82.59 -63.36
C PHE P 642 -42.93 -83.10 -64.27
N ASN P 643 -44.09 -83.22 -63.68
CA ASN P 643 -45.28 -83.65 -64.38
C ASN P 643 -46.42 -82.73 -63.99
N ASP P 644 -47.34 -82.55 -64.91
CA ASP P 644 -48.47 -81.70 -64.62
C ASP P 644 -49.40 -82.43 -63.67
N TYR P 645 -49.93 -81.73 -62.68
CA TYR P 645 -50.81 -82.36 -61.73
C TYR P 645 -52.04 -83.00 -62.38
N LEU P 646 -52.66 -82.25 -63.28
CA LEU P 646 -53.86 -82.73 -63.97
C LEU P 646 -53.56 -83.96 -64.80
N SER P 647 -52.41 -83.93 -65.47
CA SER P 647 -51.94 -85.01 -66.31
C SER P 647 -53.00 -85.50 -67.28
N ALA P 648 -53.38 -84.64 -68.21
CA ALA P 648 -54.38 -85.05 -69.16
C ALA P 648 -54.47 -84.17 -70.40
N ALA P 649 -55.02 -84.79 -71.44
CA ALA P 649 -55.28 -84.16 -72.71
C ALA P 649 -56.74 -83.74 -72.61
N ASN P 650 -57.01 -82.46 -72.79
CA ASN P 650 -58.37 -81.98 -72.64
C ASN P 650 -59.14 -81.78 -73.92
N MET P 651 -60.33 -82.38 -73.96
CA MET P 651 -61.17 -82.25 -75.12
C MET P 651 -62.57 -81.75 -74.80
N LEU P 652 -63.10 -80.99 -75.74
CA LEU P 652 -64.43 -80.45 -75.63
C LEU P 652 -65.24 -80.82 -76.86
N TYR P 653 -66.39 -81.41 -76.62
CA TYR P 653 -67.31 -81.82 -77.65
C TYR P 653 -68.65 -81.17 -77.42
N PRO P 654 -69.16 -80.56 -78.48
CA PRO P 654 -70.42 -79.87 -78.44
C PRO P 654 -71.64 -80.77 -78.30
N ILE P 655 -72.58 -80.24 -77.51
CA ILE P 655 -73.85 -80.86 -77.24
C ILE P 655 -74.94 -79.86 -77.59
N PRO P 656 -75.47 -79.99 -78.79
CA PRO P 656 -76.51 -79.08 -79.23
C PRO P 656 -77.70 -79.07 -78.29
N ALA P 657 -78.36 -77.93 -78.23
CA ALA P 657 -79.50 -77.80 -77.37
C ALA P 657 -80.47 -78.93 -77.60
N ASN P 658 -80.92 -79.55 -76.52
CA ASN P 658 -81.87 -80.64 -76.61
C ASN P 658 -81.30 -81.97 -77.07
N ALA P 659 -80.03 -81.97 -77.47
CA ALA P 659 -79.39 -83.19 -77.88
C ALA P 659 -79.33 -84.10 -76.67
N THR P 660 -79.35 -85.40 -76.90
CA THR P 660 -79.33 -86.34 -75.77
C THR P 660 -78.28 -87.42 -75.93
N ASN P 661 -77.81 -87.58 -77.16
CA ASN P 661 -76.81 -88.57 -77.50
C ASN P 661 -75.53 -87.89 -77.91
N VAL P 662 -74.42 -88.31 -77.32
CA VAL P 662 -73.13 -87.74 -77.64
C VAL P 662 -72.11 -88.81 -77.93
N PRO P 663 -71.89 -89.04 -79.21
CA PRO P 663 -70.96 -90.04 -79.65
C PRO P 663 -69.62 -89.41 -79.98
N ILE P 664 -68.55 -90.03 -79.51
CA ILE P 664 -67.23 -89.53 -79.77
C ILE P 664 -66.36 -90.62 -80.33
N SER P 665 -65.55 -90.24 -81.30
CA SER P 665 -64.67 -91.19 -81.94
C SER P 665 -63.23 -90.75 -81.93
N ILE P 666 -62.36 -91.70 -81.62
CA ILE P 666 -60.94 -91.48 -81.59
C ILE P 666 -60.27 -92.44 -82.55
N PRO P 667 -59.72 -91.91 -83.63
CA PRO P 667 -59.08 -92.74 -84.61
C PRO P 667 -57.98 -93.58 -83.98
N SER P 668 -57.87 -94.81 -84.48
CA SER P 668 -56.89 -95.73 -83.98
C SER P 668 -55.59 -95.03 -83.63
N ARG P 669 -55.12 -95.31 -82.42
CA ARG P 669 -53.89 -94.74 -81.90
C ARG P 669 -53.30 -95.62 -80.82
N ASN P 670 -52.20 -95.17 -80.25
CA ASN P 670 -51.51 -95.89 -79.18
C ASN P 670 -52.08 -95.58 -77.81
N TRP P 671 -52.24 -96.62 -76.99
CA TRP P 671 -52.81 -96.43 -75.67
C TRP P 671 -51.91 -96.80 -74.50
N ALA P 672 -50.67 -97.14 -74.78
CA ALA P 672 -49.78 -97.50 -73.70
C ALA P 672 -49.67 -96.39 -72.67
N ALA P 673 -49.75 -96.78 -71.39
CA ALA P 673 -49.65 -95.84 -70.27
C ALA P 673 -50.93 -95.07 -69.99
N PHE P 674 -51.98 -95.38 -70.75
CA PHE P 674 -53.26 -94.72 -70.57
C PHE P 674 -53.70 -94.89 -69.12
N ARG P 675 -54.15 -93.80 -68.49
CA ARG P 675 -54.54 -93.88 -67.10
C ARG P 675 -56.04 -93.98 -66.85
N GLY P 676 -56.84 -93.40 -67.73
CA GLY P 676 -58.28 -93.45 -67.54
C GLY P 676 -58.98 -92.20 -68.02
N TRP P 677 -60.28 -92.14 -67.73
CA TRP P 677 -61.10 -91.01 -68.13
C TRP P 677 -61.72 -90.26 -66.97
N ALA P 678 -61.94 -88.98 -67.23
CA ALA P 678 -62.55 -88.05 -66.30
C ALA P 678 -63.43 -87.12 -67.13
N PHE P 679 -64.63 -86.80 -66.65
CA PHE P 679 -65.49 -85.94 -67.44
C PHE P 679 -66.58 -85.20 -66.69
N THR P 680 -67.04 -84.14 -67.36
CA THR P 680 -68.09 -83.24 -66.91
C THR P 680 -68.85 -82.72 -68.12
N ARG P 681 -69.63 -81.69 -67.84
CA ARG P 681 -70.42 -81.01 -68.83
C ARG P 681 -70.45 -79.52 -68.52
N LEU P 682 -70.13 -78.71 -69.53
CA LEU P 682 -70.12 -77.28 -69.37
C LEU P 682 -71.07 -76.59 -70.31
N LYS P 683 -71.38 -75.35 -69.97
CA LYS P 683 -72.25 -74.56 -70.80
C LYS P 683 -71.39 -73.80 -71.78
N THR P 684 -71.77 -73.82 -73.05
CA THR P 684 -70.99 -73.12 -74.02
C THR P 684 -70.83 -71.65 -73.66
N LYS P 685 -71.89 -71.07 -73.12
CA LYS P 685 -71.86 -69.67 -72.72
C LYS P 685 -70.81 -69.34 -71.67
N GLU P 686 -70.54 -70.31 -70.80
CA GLU P 686 -69.58 -70.12 -69.72
C GLU P 686 -68.18 -70.61 -70.06
N THR P 687 -67.94 -70.94 -71.32
CA THR P 687 -66.65 -71.43 -71.75
C THR P 687 -66.03 -70.58 -72.83
N PRO P 688 -65.18 -69.65 -72.42
CA PRO P 688 -64.51 -68.79 -73.38
C PRO P 688 -63.74 -69.66 -74.37
N SER P 689 -63.52 -69.13 -75.56
CA SER P 689 -62.77 -69.88 -76.54
C SER P 689 -61.30 -69.65 -76.30
N LEU P 690 -60.52 -70.71 -76.13
CA LEU P 690 -59.11 -70.51 -75.89
C LEU P 690 -58.20 -70.70 -77.09
N GLY P 691 -58.78 -71.09 -78.22
CA GLY P 691 -58.00 -71.30 -79.43
C GLY P 691 -57.63 -69.97 -80.07
N SER P 692 -57.42 -68.95 -79.23
CA SER P 692 -57.07 -67.62 -79.71
C SER P 692 -56.89 -66.60 -78.59
N GLY P 693 -56.13 -65.56 -78.90
CA GLY P 693 -55.83 -64.51 -77.96
C GLY P 693 -57.04 -63.68 -77.53
N TYR P 694 -58.12 -63.75 -78.31
CA TYR P 694 -59.33 -62.98 -77.98
C TYR P 694 -60.60 -63.61 -78.53
N ASP P 695 -61.63 -63.68 -77.67
CA ASP P 695 -62.92 -64.26 -78.03
C ASP P 695 -64.00 -63.20 -78.14
N PRO P 696 -64.24 -62.79 -79.39
CA PRO P 696 -65.24 -61.79 -79.71
C PRO P 696 -66.63 -62.16 -79.24
N TYR P 697 -66.94 -63.46 -79.18
CA TYR P 697 -68.27 -63.89 -78.77
C TYR P 697 -68.47 -64.21 -77.28
N TYR P 698 -67.49 -63.88 -76.46
CA TYR P 698 -67.55 -64.14 -75.05
C TYR P 698 -68.14 -62.97 -74.28
N THR P 699 -69.43 -63.07 -73.97
CA THR P 699 -70.15 -62.03 -73.25
C THR P 699 -70.67 -62.52 -71.91
N TYR P 700 -69.73 -62.99 -71.10
CA TYR P 700 -70.05 -63.54 -69.79
C TYR P 700 -68.88 -63.33 -68.84
N SER P 701 -69.17 -63.03 -67.57
CA SER P 701 -68.09 -62.79 -66.62
C SER P 701 -68.21 -63.57 -65.31
N GLY P 702 -68.97 -64.65 -65.33
CA GLY P 702 -69.13 -65.43 -64.12
C GLY P 702 -68.03 -66.46 -63.95
N SER P 703 -68.30 -67.46 -63.12
CA SER P 703 -67.34 -68.53 -62.87
C SER P 703 -67.09 -69.30 -64.14
N ILE P 704 -65.87 -69.77 -64.34
CA ILE P 704 -65.52 -70.54 -65.52
C ILE P 704 -65.08 -71.94 -65.14
N PRO P 705 -66.05 -72.84 -65.00
CA PRO P 705 -65.75 -74.21 -64.60
C PRO P 705 -64.57 -74.86 -65.28
N TYR P 706 -64.40 -74.67 -66.58
CA TYR P 706 -63.30 -75.28 -67.30
C TYR P 706 -61.94 -74.92 -66.72
N LEU P 707 -61.85 -73.71 -66.17
CA LEU P 707 -60.62 -73.22 -65.60
C LEU P 707 -60.57 -73.23 -64.09
N ASP P 708 -61.69 -72.98 -63.43
CA ASP P 708 -61.71 -72.91 -61.97
C ASP P 708 -62.17 -74.13 -61.19
N GLY P 709 -62.92 -75.04 -61.81
CA GLY P 709 -63.38 -76.23 -61.11
C GLY P 709 -64.75 -76.06 -60.46
N THR P 710 -65.46 -75.02 -60.85
CA THR P 710 -66.77 -74.80 -60.30
C THR P 710 -67.82 -75.63 -61.01
N PHE P 711 -67.51 -76.92 -61.19
CA PHE P 711 -68.39 -77.85 -61.85
C PHE P 711 -69.71 -77.99 -61.12
N TYR P 712 -70.80 -78.04 -61.90
CA TYR P 712 -72.12 -78.16 -61.33
C TYR P 712 -73.13 -78.89 -62.20
N LEU P 713 -72.69 -79.60 -63.25
CA LEU P 713 -73.66 -80.28 -64.10
C LEU P 713 -73.51 -81.79 -64.18
N ASN P 714 -72.84 -82.38 -63.20
CA ASN P 714 -72.60 -83.81 -63.16
C ASN P 714 -73.82 -84.70 -63.04
N HIS P 715 -74.91 -84.15 -62.55
CA HIS P 715 -76.13 -84.91 -62.35
C HIS P 715 -76.91 -85.13 -63.63
N THR P 716 -76.44 -84.54 -64.73
CA THR P 716 -77.13 -84.66 -66.01
C THR P 716 -76.68 -85.84 -66.85
N PHE P 717 -75.72 -86.60 -66.34
CA PHE P 717 -75.22 -87.74 -67.10
C PHE P 717 -76.10 -88.93 -66.86
N LYS P 718 -76.40 -89.66 -67.93
CA LYS P 718 -77.24 -90.83 -67.83
C LYS P 718 -76.44 -92.11 -67.86
N LYS P 719 -75.59 -92.22 -68.89
CA LYS P 719 -74.78 -93.41 -69.04
C LYS P 719 -73.59 -93.20 -69.97
N VAL P 720 -72.68 -94.17 -69.91
CA VAL P 720 -71.49 -94.15 -70.73
C VAL P 720 -71.16 -95.53 -71.23
N ALA P 721 -70.93 -95.61 -72.53
CA ALA P 721 -70.57 -96.85 -73.17
C ALA P 721 -69.21 -96.69 -73.81
N ILE P 722 -68.27 -97.56 -73.42
CA ILE P 722 -66.92 -97.50 -73.94
C ILE P 722 -66.61 -98.68 -74.84
N THR P 723 -66.08 -98.40 -76.03
CA THR P 723 -65.78 -99.46 -76.97
C THR P 723 -64.47 -99.31 -77.71
N PHE P 724 -63.69 -100.37 -77.67
CA PHE P 724 -62.43 -100.41 -78.36
C PHE P 724 -62.62 -101.18 -79.66
N ASP P 725 -61.92 -100.73 -80.69
CA ASP P 725 -61.94 -101.34 -82.01
C ASP P 725 -63.31 -101.72 -82.58
N SER P 726 -64.30 -100.84 -82.41
CA SER P 726 -65.63 -101.06 -82.95
C SER P 726 -66.35 -102.34 -82.51
N SER P 727 -65.74 -103.16 -81.65
CA SER P 727 -66.43 -104.38 -81.27
C SER P 727 -66.32 -104.74 -79.80
N VAL P 728 -65.14 -104.49 -79.24
CA VAL P 728 -64.85 -104.81 -77.86
C VAL P 728 -65.33 -103.80 -76.83
N SER P 729 -66.18 -104.31 -75.93
CA SER P 729 -66.73 -103.51 -74.86
C SER P 729 -65.86 -103.52 -73.61
N TRP P 730 -65.49 -102.32 -73.17
CA TRP P 730 -64.69 -102.15 -71.98
C TRP P 730 -65.58 -101.65 -70.87
N PRO P 731 -65.48 -102.23 -69.68
CA PRO P 731 -64.50 -103.27 -69.34
C PRO P 731 -64.97 -104.68 -69.71
N GLY P 732 -66.21 -104.82 -70.17
CA GLY P 732 -66.72 -106.14 -70.51
C GLY P 732 -66.47 -107.09 -69.36
N ASN P 733 -66.14 -108.35 -69.67
CA ASN P 733 -65.85 -109.36 -68.67
C ASN P 733 -66.97 -109.63 -67.67
N ASP P 734 -68.17 -109.12 -67.96
CA ASP P 734 -69.32 -109.35 -67.10
C ASP P 734 -69.16 -108.73 -65.73
N ARG P 735 -68.35 -107.68 -65.63
CA ARG P 735 -68.09 -107.01 -64.38
C ARG P 735 -69.27 -106.28 -63.73
N LEU P 736 -69.91 -105.38 -64.46
CA LEU P 736 -71.02 -104.58 -63.94
C LEU P 736 -72.40 -105.23 -64.03
N LEU P 737 -73.33 -104.74 -63.19
CA LEU P 737 -74.70 -105.24 -63.17
C LEU P 737 -75.33 -105.16 -64.55
N THR P 738 -74.93 -104.11 -65.27
CA THR P 738 -75.34 -103.84 -66.64
C THR P 738 -74.06 -103.68 -67.44
N PRO P 739 -73.40 -104.83 -67.57
CA PRO P 739 -72.11 -105.07 -68.19
C PRO P 739 -71.77 -104.30 -69.47
N ASN P 740 -72.74 -103.99 -70.31
CA ASN P 740 -72.42 -103.31 -71.56
C ASN P 740 -72.11 -101.83 -71.47
N GLU P 741 -72.31 -101.24 -70.29
CA GLU P 741 -72.06 -99.83 -70.17
C GLU P 741 -72.12 -99.37 -68.74
N PHE P 742 -71.69 -98.13 -68.56
CA PHE P 742 -71.71 -97.49 -67.26
C PHE P 742 -73.00 -96.70 -67.11
N GLU P 743 -73.88 -97.19 -66.25
CA GLU P 743 -75.14 -96.53 -65.99
C GLU P 743 -74.97 -95.61 -64.79
N ILE P 744 -75.02 -94.30 -65.03
CA ILE P 744 -74.86 -93.36 -63.94
C ILE P 744 -76.09 -93.26 -63.03
N LYS P 745 -77.28 -93.32 -63.62
CA LYS P 745 -78.51 -93.23 -62.86
C LYS P 745 -79.68 -93.89 -63.60
N ARG P 746 -80.67 -94.34 -62.83
CA ARG P 746 -81.87 -95.00 -63.37
C ARG P 746 -83.15 -94.31 -62.94
N SER P 747 -84.15 -94.34 -63.82
CA SER P 747 -85.44 -93.71 -63.54
C SER P 747 -86.58 -94.67 -63.22
N VAL P 748 -86.96 -94.66 -61.94
CA VAL P 748 -88.06 -95.46 -61.37
C VAL P 748 -88.11 -96.91 -61.80
N ASP P 749 -88.20 -97.11 -63.11
CA ASP P 749 -88.28 -98.45 -63.67
C ASP P 749 -87.15 -99.39 -63.21
N GLY P 750 -86.01 -98.80 -62.87
CA GLY P 750 -84.88 -99.62 -62.44
C GLY P 750 -84.51 -99.43 -60.98
N GLU P 751 -85.44 -98.92 -60.18
CA GLU P 751 -85.19 -98.70 -58.77
C GLU P 751 -84.25 -99.70 -58.13
N GLY P 752 -84.59 -100.98 -58.18
CA GLY P 752 -83.79 -102.04 -57.57
C GLY P 752 -82.28 -101.93 -57.75
N TYR P 753 -81.84 -101.37 -58.87
CA TYR P 753 -80.42 -101.25 -59.13
C TYR P 753 -79.82 -99.97 -58.57
N ASN P 754 -80.66 -99.19 -57.88
CA ASN P 754 -80.22 -97.93 -57.30
C ASN P 754 -79.68 -98.14 -55.90
N VAL P 755 -79.03 -97.10 -55.37
CA VAL P 755 -78.45 -97.18 -54.04
C VAL P 755 -78.45 -95.82 -53.35
N ALA P 756 -77.99 -95.82 -52.10
CA ALA P 756 -77.86 -94.63 -51.27
C ALA P 756 -79.11 -93.75 -51.11
N GLN P 757 -80.28 -94.30 -51.41
CA GLN P 757 -81.52 -93.55 -51.27
C GLN P 757 -81.70 -92.43 -52.29
N CYS P 758 -81.18 -92.66 -53.48
CA CYS P 758 -81.30 -91.71 -54.57
C CYS P 758 -81.38 -92.47 -55.89
N ASN P 759 -81.30 -91.76 -57.01
CA ASN P 759 -81.38 -92.40 -58.29
C ASN P 759 -80.06 -92.90 -58.85
N MET P 760 -79.02 -92.90 -58.04
CA MET P 760 -77.73 -93.38 -58.51
C MET P 760 -77.71 -94.90 -58.49
N THR P 761 -76.97 -95.51 -59.41
CA THR P 761 -76.93 -96.95 -59.46
C THR P 761 -75.86 -97.53 -58.54
N LYS P 762 -76.05 -98.79 -58.18
CA LYS P 762 -75.10 -99.48 -57.34
C LYS P 762 -73.75 -99.53 -58.02
N ASP P 763 -73.79 -99.87 -59.32
CA ASP P 763 -72.62 -99.98 -60.17
C ASP P 763 -71.74 -98.73 -60.13
N TRP P 764 -72.38 -97.60 -60.40
CA TRP P 764 -71.73 -96.32 -60.45
C TRP P 764 -71.17 -95.90 -59.09
N PHE P 765 -71.97 -96.10 -58.04
CA PHE P 765 -71.54 -95.74 -56.71
C PHE P 765 -70.28 -96.51 -56.34
N LEU P 766 -70.23 -97.76 -56.79
CA LEU P 766 -69.11 -98.63 -56.54
C LEU P 766 -67.84 -98.13 -57.24
N VAL P 767 -68.01 -97.77 -58.50
CA VAL P 767 -66.89 -97.28 -59.29
C VAL P 767 -66.33 -95.97 -58.77
N GLN P 768 -67.21 -95.05 -58.43
CA GLN P 768 -66.79 -93.77 -57.91
C GLN P 768 -66.06 -93.90 -56.57
N MET P 769 -66.57 -94.78 -55.72
CA MET P 769 -65.97 -94.99 -54.41
C MET P 769 -64.57 -95.60 -54.50
N LEU P 770 -64.42 -96.54 -55.42
CA LEU P 770 -63.13 -97.20 -55.62
C LEU P 770 -62.13 -96.25 -56.25
N ALA P 771 -62.57 -95.60 -57.33
CA ALA P 771 -61.75 -94.68 -58.07
C ALA P 771 -61.20 -93.55 -57.20
N ASN P 772 -62.04 -93.05 -56.30
CA ASN P 772 -61.66 -91.96 -55.42
C ASN P 772 -60.94 -92.40 -54.17
N TYR P 773 -61.40 -93.49 -53.55
CA TYR P 773 -60.78 -93.92 -52.31
C TYR P 773 -60.45 -95.40 -52.19
N ASN P 774 -60.62 -96.18 -53.24
CA ASN P 774 -60.34 -97.60 -53.14
C ASN P 774 -61.30 -98.29 -52.18
N ILE P 775 -62.44 -97.67 -51.90
CA ILE P 775 -63.42 -98.26 -51.01
C ILE P 775 -64.51 -98.97 -51.81
N GLY P 776 -64.81 -100.22 -51.48
CA GLY P 776 -65.86 -100.87 -52.25
C GLY P 776 -65.91 -102.38 -52.13
N TYR P 777 -64.75 -103.03 -52.12
CA TYR P 777 -64.72 -104.49 -52.03
C TYR P 777 -64.83 -105.00 -50.62
N GLN P 778 -64.54 -104.15 -49.67
CA GLN P 778 -64.60 -104.56 -48.29
C GLN P 778 -65.54 -103.69 -47.48
N GLY P 779 -66.68 -103.38 -48.08
CA GLY P 779 -67.69 -102.56 -47.44
C GLY P 779 -67.57 -101.10 -47.81
N PHE P 780 -68.70 -100.41 -47.63
CA PHE P 780 -68.82 -98.99 -47.90
C PHE P 780 -68.85 -98.24 -46.58
N TYR P 781 -68.11 -97.14 -46.51
CA TYR P 781 -68.07 -96.33 -45.31
C TYR P 781 -67.58 -94.95 -45.67
N ILE P 782 -67.73 -94.01 -44.76
CA ILE P 782 -67.27 -92.68 -45.04
C ILE P 782 -65.75 -92.65 -45.11
N PRO P 783 -65.23 -92.13 -46.21
CA PRO P 783 -63.79 -92.08 -46.40
C PRO P 783 -63.11 -91.17 -45.37
N GLU P 784 -61.84 -91.44 -45.10
CA GLU P 784 -61.10 -90.62 -44.16
C GLU P 784 -61.02 -89.20 -44.70
N SER P 785 -61.30 -88.22 -43.84
CA SER P 785 -61.31 -86.82 -44.18
C SER P 785 -60.13 -86.32 -45.01
N TYR P 786 -58.93 -86.76 -44.72
CA TYR P 786 -57.81 -86.27 -45.51
C TYR P 786 -57.85 -86.74 -46.96
N LYS P 787 -58.63 -87.80 -47.25
CA LYS P 787 -58.75 -88.33 -48.60
C LYS P 787 -59.95 -87.77 -49.32
N ASP P 788 -60.87 -87.20 -48.53
CA ASP P 788 -62.09 -86.62 -49.04
C ASP P 788 -61.96 -85.11 -49.08
N ARG P 789 -61.32 -84.61 -50.14
CA ARG P 789 -61.09 -83.19 -50.28
C ARG P 789 -62.22 -82.39 -50.90
N MET P 790 -61.93 -81.11 -51.15
CA MET P 790 -62.89 -80.18 -51.71
C MET P 790 -63.54 -80.63 -53.01
N TYR P 791 -62.73 -81.10 -53.93
CA TYR P 791 -63.21 -81.53 -55.23
C TYR P 791 -63.44 -83.02 -55.32
N SER P 792 -63.58 -83.67 -54.16
CA SER P 792 -63.79 -85.10 -54.12
C SER P 792 -65.25 -85.50 -54.34
N PHE P 793 -65.44 -86.80 -54.56
CA PHE P 793 -66.74 -87.36 -54.81
C PHE P 793 -67.72 -87.31 -53.66
N PHE P 794 -67.42 -88.08 -52.61
CA PHE P 794 -68.26 -88.17 -51.43
C PHE P 794 -68.66 -86.85 -50.79
N ARG P 795 -67.67 -86.05 -50.44
CA ARG P 795 -67.88 -84.77 -49.81
C ARG P 795 -68.88 -83.90 -50.56
N ASN P 796 -68.99 -84.13 -51.87
CA ASN P 796 -69.89 -83.36 -52.74
C ASN P 796 -71.18 -84.09 -53.13
N PHE P 797 -71.32 -85.33 -52.70
CA PHE P 797 -72.48 -86.15 -53.02
C PHE P 797 -73.68 -85.82 -52.14
N GLN P 798 -74.78 -85.42 -52.77
CA GLN P 798 -76.01 -85.04 -52.07
C GLN P 798 -77.27 -85.70 -52.63
N PRO P 799 -77.71 -86.80 -52.01
CA PRO P 799 -78.91 -87.46 -52.47
C PRO P 799 -80.15 -86.75 -51.92
N MET P 800 -81.18 -86.60 -52.76
CA MET P 800 -82.40 -85.92 -52.35
C MET P 800 -83.67 -86.65 -52.74
N SER P 801 -84.71 -86.36 -51.97
CA SER P 801 -86.03 -86.93 -52.15
C SER P 801 -87.12 -85.96 -51.72
N ARG P 802 -88.29 -86.11 -52.32
CA ARG P 802 -89.42 -85.28 -52.01
C ARG P 802 -90.67 -85.89 -52.61
N GLN P 803 -91.81 -85.42 -52.15
CA GLN P 803 -93.09 -85.90 -52.62
C GLN P 803 -93.89 -84.76 -53.22
N VAL P 804 -94.68 -85.10 -54.24
CA VAL P 804 -95.53 -84.14 -54.92
C VAL P 804 -96.86 -84.80 -55.23
N VAL P 805 -97.92 -84.01 -55.39
CA VAL P 805 -99.22 -84.57 -55.70
C VAL P 805 -99.18 -85.43 -56.94
N ASP P 806 -99.89 -86.54 -56.89
CA ASP P 806 -99.95 -87.40 -58.05
C ASP P 806 -101.11 -86.90 -58.89
N ASP P 807 -100.79 -86.17 -59.95
CA ASP P 807 -101.79 -85.61 -60.83
C ASP P 807 -102.71 -86.64 -61.50
N THR P 808 -102.27 -87.89 -61.58
CA THR P 808 -103.07 -88.91 -62.22
C THR P 808 -103.85 -89.81 -61.28
N LYS P 809 -103.70 -89.64 -59.98
CA LYS P 809 -104.43 -90.48 -59.05
C LYS P 809 -105.23 -89.72 -58.00
N TYR P 810 -104.91 -88.44 -57.82
CA TYR P 810 -105.63 -87.60 -56.86
C TYR P 810 -106.88 -87.09 -57.54
N LYS P 811 -108.00 -87.73 -57.23
CA LYS P 811 -109.29 -87.40 -57.79
C LYS P 811 -109.60 -85.91 -57.96
N ASP P 812 -109.35 -85.12 -56.92
CA ASP P 812 -109.65 -83.69 -56.95
C ASP P 812 -108.56 -82.79 -57.49
N TYR P 813 -107.52 -83.38 -58.09
CA TYR P 813 -106.43 -82.60 -58.63
C TYR P 813 -106.88 -81.44 -59.51
N GLN P 814 -106.21 -80.30 -59.33
CA GLN P 814 -106.46 -79.07 -60.07
C GLN P 814 -105.14 -78.41 -60.41
N GLN P 815 -104.90 -78.21 -61.70
CA GLN P 815 -103.67 -77.58 -62.14
C GLN P 815 -103.77 -76.07 -62.07
N VAL P 816 -103.34 -75.51 -60.94
CA VAL P 816 -103.39 -74.07 -60.72
C VAL P 816 -102.00 -73.44 -60.79
N GLY P 817 -101.85 -72.45 -61.66
CA GLY P 817 -100.58 -71.75 -61.83
C GLY P 817 -100.45 -70.53 -60.93
N ILE P 818 -99.28 -69.89 -60.95
CA ILE P 818 -99.05 -68.72 -60.10
C ILE P 818 -100.14 -67.67 -60.24
N LEU P 819 -100.52 -67.43 -61.49
CA LEU P 819 -101.54 -66.45 -61.78
C LEU P 819 -102.78 -66.61 -60.92
N HIS P 820 -103.06 -67.84 -60.52
CA HIS P 820 -104.24 -68.13 -59.73
C HIS P 820 -104.03 -68.74 -58.36
N GLN P 821 -102.78 -68.79 -57.92
CA GLN P 821 -102.58 -69.35 -56.61
C GLN P 821 -102.71 -68.27 -55.58
N HIS P 822 -103.37 -68.60 -54.48
CA HIS P 822 -103.54 -67.65 -53.41
C HIS P 822 -103.23 -68.23 -52.05
N ASN P 823 -102.26 -67.59 -51.43
CA ASN P 823 -101.75 -67.93 -50.12
C ASN P 823 -101.15 -66.65 -49.57
N ASN P 824 -101.74 -66.15 -48.50
CA ASN P 824 -101.31 -64.91 -47.88
C ASN P 824 -101.94 -63.72 -48.57
N SER P 825 -102.98 -64.03 -49.36
CA SER P 825 -103.71 -63.02 -50.08
C SER P 825 -104.13 -61.94 -49.09
N GLY P 826 -103.99 -60.70 -49.52
CA GLY P 826 -104.35 -59.61 -48.65
C GLY P 826 -103.18 -59.16 -47.79
N PHE P 827 -102.09 -59.95 -47.81
CA PHE P 827 -100.91 -59.59 -47.03
C PHE P 827 -99.64 -59.52 -47.86
N VAL P 828 -99.76 -59.88 -49.13
CA VAL P 828 -98.64 -59.88 -50.05
C VAL P 828 -98.96 -59.22 -51.40
N GLY P 829 -97.93 -58.76 -52.11
CA GLY P 829 -98.16 -58.14 -53.41
C GLY P 829 -98.49 -59.21 -54.43
N TYR P 830 -99.14 -58.82 -55.54
CA TYR P 830 -99.55 -59.79 -56.56
C TYR P 830 -98.54 -59.91 -57.70
N LEU P 831 -98.00 -61.12 -57.87
CA LEU P 831 -97.02 -61.42 -58.91
C LEU P 831 -95.81 -60.49 -58.88
N ALA P 832 -95.50 -59.96 -57.69
CA ALA P 832 -94.38 -59.06 -57.55
C ALA P 832 -94.07 -58.74 -56.09
N PRO P 833 -92.87 -58.20 -55.88
CA PRO P 833 -92.40 -57.85 -54.56
C PRO P 833 -92.91 -56.50 -54.13
N THR P 834 -94.15 -56.19 -54.49
CA THR P 834 -94.72 -54.91 -54.15
C THR P 834 -95.59 -54.92 -52.92
N MET P 835 -96.31 -53.81 -52.78
CA MET P 835 -97.22 -53.54 -51.70
C MET P 835 -98.33 -54.57 -51.60
N ARG P 836 -98.78 -54.81 -50.37
CA ARG P 836 -99.84 -55.76 -50.15
C ARG P 836 -101.13 -55.35 -50.85
N GLU P 837 -101.92 -56.36 -51.18
CA GLU P 837 -103.18 -56.19 -51.83
C GLU P 837 -104.01 -57.43 -51.63
N GLY P 838 -105.27 -57.37 -52.02
CA GLY P 838 -106.14 -58.50 -51.87
C GLY P 838 -106.87 -58.49 -50.54
N GLN P 839 -107.29 -59.67 -50.13
CA GLN P 839 -108.03 -59.85 -48.90
C GLN P 839 -107.77 -61.21 -48.30
N ALA P 840 -107.95 -61.29 -46.98
CA ALA P 840 -107.78 -62.55 -46.31
C ALA P 840 -108.64 -63.59 -47.00
N TYR P 841 -108.17 -64.83 -47.01
CA TYR P 841 -108.91 -65.89 -47.64
C TYR P 841 -108.18 -67.21 -47.57
N PRO P 842 -108.95 -68.26 -47.36
CA PRO P 842 -108.36 -69.58 -47.29
C PRO P 842 -107.46 -69.83 -48.49
N ALA P 843 -106.24 -70.27 -48.21
CA ALA P 843 -105.31 -70.55 -49.28
C ALA P 843 -105.83 -71.68 -50.14
N ASN P 844 -105.47 -71.67 -51.41
CA ASN P 844 -105.90 -72.68 -52.35
C ASN P 844 -104.72 -73.48 -52.84
N PHE P 845 -103.59 -73.22 -52.20
CA PHE P 845 -102.34 -73.85 -52.54
C PHE P 845 -101.33 -73.60 -51.44
N PRO P 846 -100.40 -74.51 -51.20
CA PRO P 846 -100.20 -75.76 -51.92
C PRO P 846 -101.04 -76.90 -51.37
N TYR P 847 -100.95 -78.05 -52.03
CA TYR P 847 -101.67 -79.24 -51.60
C TYR P 847 -101.01 -79.83 -50.37
N PRO P 848 -101.83 -80.28 -49.44
CA PRO P 848 -101.34 -80.90 -48.23
C PRO P 848 -100.77 -82.30 -48.48
N LEU P 849 -99.52 -82.49 -48.09
CA LEU P 849 -98.86 -83.78 -48.27
C LEU P 849 -98.83 -84.57 -46.98
N ILE P 850 -99.34 -83.92 -45.94
CA ILE P 850 -99.39 -84.48 -44.61
C ILE P 850 -100.78 -84.36 -44.02
N GLY P 851 -101.00 -85.02 -42.88
CA GLY P 851 -102.29 -85.00 -42.20
C GLY P 851 -103.23 -86.12 -42.61
N LYS P 852 -104.44 -86.07 -42.06
CA LYS P 852 -105.48 -87.06 -42.34
C LYS P 852 -106.09 -86.82 -43.70
N THR P 853 -105.72 -85.69 -44.30
CA THR P 853 -106.25 -85.28 -45.59
C THR P 853 -105.23 -85.25 -46.73
N ALA P 854 -103.98 -85.62 -46.45
CA ALA P 854 -102.94 -85.65 -47.45
C ALA P 854 -103.40 -86.26 -48.76
N VAL P 855 -102.93 -85.67 -49.86
CA VAL P 855 -103.29 -86.11 -51.19
C VAL P 855 -102.41 -87.25 -51.67
N ASP P 856 -102.94 -87.99 -52.63
CA ASP P 856 -102.18 -89.09 -53.21
C ASP P 856 -100.90 -88.48 -53.74
N SER P 857 -99.77 -89.06 -53.36
CA SER P 857 -98.51 -88.52 -53.80
C SER P 857 -97.67 -89.45 -54.63
N ILE P 858 -96.60 -88.86 -55.15
CA ILE P 858 -95.61 -89.53 -55.96
C ILE P 858 -94.23 -89.11 -55.47
N THR P 859 -93.30 -90.06 -55.50
CA THR P 859 -91.96 -89.80 -55.03
C THR P 859 -90.94 -89.47 -56.10
N GLN P 860 -90.08 -88.49 -55.78
CA GLN P 860 -89.03 -88.03 -56.65
C GLN P 860 -87.66 -88.08 -55.97
N LYS P 861 -86.70 -88.69 -56.65
CA LYS P 861 -85.34 -88.80 -56.14
C LYS P 861 -84.34 -88.34 -57.18
N LYS P 862 -83.29 -87.70 -56.70
CA LYS P 862 -82.23 -87.22 -57.55
C LYS P 862 -81.00 -86.98 -56.71
N PHE P 863 -80.04 -86.28 -57.29
CA PHE P 863 -78.83 -85.99 -56.56
C PHE P 863 -78.02 -84.92 -57.27
N LEU P 864 -77.19 -84.27 -56.47
CA LEU P 864 -76.29 -83.24 -56.89
C LEU P 864 -74.89 -83.77 -56.62
N CYS P 865 -73.92 -83.33 -57.40
CA CYS P 865 -72.56 -83.76 -57.20
C CYS P 865 -71.62 -82.73 -57.79
N ASP P 866 -71.74 -81.54 -57.24
CA ASP P 866 -70.98 -80.38 -57.65
C ASP P 866 -69.50 -80.48 -57.39
N ARG P 867 -68.82 -79.56 -58.04
CA ARG P 867 -67.38 -79.36 -58.01
C ARG P 867 -66.49 -80.59 -57.99
N THR P 868 -66.84 -81.58 -58.80
CA THR P 868 -66.05 -82.80 -58.91
C THR P 868 -66.09 -83.32 -60.34
N LEU P 869 -65.23 -84.28 -60.64
CA LEU P 869 -65.19 -84.87 -61.96
C LEU P 869 -65.56 -86.35 -61.90
N TRP P 870 -66.38 -86.80 -62.83
CA TRP P 870 -66.75 -88.21 -62.88
C TRP P 870 -65.49 -88.98 -63.25
N ARG P 871 -65.26 -90.15 -62.65
CA ARG P 871 -64.05 -90.89 -62.98
C ARG P 871 -64.23 -92.35 -63.36
N ILE P 872 -63.46 -92.76 -64.37
CA ILE P 872 -63.39 -94.10 -64.90
C ILE P 872 -61.93 -94.44 -65.15
N PRO P 873 -61.31 -95.04 -64.15
CA PRO P 873 -59.91 -95.41 -64.20
C PRO P 873 -59.63 -96.59 -65.10
N PHE P 874 -58.48 -96.52 -65.76
CA PHE P 874 -58.08 -97.60 -66.64
C PHE P 874 -57.30 -98.62 -65.83
N SER P 875 -57.98 -99.17 -64.84
CA SER P 875 -57.45 -100.18 -63.93
C SER P 875 -58.34 -101.40 -63.88
N SER P 876 -57.72 -102.58 -63.90
CA SER P 876 -58.44 -103.85 -63.89
C SER P 876 -59.52 -103.99 -62.83
N ASN P 877 -59.31 -103.39 -61.65
CA ASN P 877 -60.28 -103.48 -60.58
C ASN P 877 -60.78 -102.11 -60.15
N PHE P 878 -60.54 -101.12 -61.03
CA PHE P 878 -60.91 -99.73 -60.82
C PHE P 878 -60.15 -99.10 -59.68
N MET P 879 -59.29 -99.87 -59.01
CA MET P 879 -58.55 -99.32 -57.89
C MET P 879 -57.26 -98.63 -58.30
N SER P 880 -56.76 -97.83 -57.37
CA SER P 880 -55.52 -97.12 -57.54
C SER P 880 -54.40 -97.96 -56.96
N MET P 881 -53.57 -98.50 -57.84
CA MET P 881 -52.47 -99.34 -57.46
C MET P 881 -51.15 -98.77 -57.98
N GLY P 882 -51.22 -97.52 -58.42
CA GLY P 882 -50.06 -96.84 -58.97
C GLY P 882 -50.41 -95.95 -60.14
N ALA P 883 -49.66 -94.85 -60.28
CA ALA P 883 -49.87 -93.91 -61.37
C ALA P 883 -49.91 -94.63 -62.71
N LEU P 884 -48.94 -95.52 -62.90
CA LEU P 884 -48.84 -96.31 -64.10
C LEU P 884 -49.64 -97.58 -63.87
N THR P 885 -50.89 -97.54 -64.34
CA THR P 885 -51.85 -98.61 -64.19
C THR P 885 -51.47 -99.97 -64.79
N ASP P 886 -52.19 -101.01 -64.34
CA ASP P 886 -51.94 -102.35 -64.83
C ASP P 886 -52.33 -102.51 -66.28
N LEU P 887 -53.47 -101.91 -66.64
CA LEU P 887 -53.96 -101.96 -68.00
C LEU P 887 -53.09 -101.13 -68.94
N GLY P 888 -52.70 -99.97 -68.47
CA GLY P 888 -51.87 -99.08 -69.23
C GLY P 888 -50.54 -99.74 -69.59
N GLN P 889 -50.23 -100.84 -68.91
CA GLN P 889 -48.98 -101.54 -69.19
C GLN P 889 -49.13 -102.91 -69.83
N ASN P 890 -50.38 -103.24 -70.18
CA ASN P 890 -50.74 -104.49 -70.83
C ASN P 890 -50.20 -104.56 -72.25
N LEU P 891 -49.64 -105.71 -72.60
CA LEU P 891 -49.07 -105.90 -73.93
C LEU P 891 -50.10 -105.61 -75.00
N LEU P 892 -51.35 -105.95 -74.72
CA LEU P 892 -52.39 -105.71 -75.69
C LEU P 892 -52.56 -104.23 -76.00
N TYR P 893 -52.14 -103.36 -75.09
CA TYR P 893 -52.26 -101.94 -75.37
C TYR P 893 -50.97 -101.32 -75.86
N ALA P 894 -49.88 -102.10 -75.80
CA ALA P 894 -48.58 -101.65 -76.24
C ALA P 894 -48.16 -102.20 -77.61
N ASN P 895 -48.40 -103.49 -77.80
CA ASN P 895 -48.06 -104.16 -79.04
C ASN P 895 -48.91 -103.70 -80.21
N SER P 896 -49.90 -102.86 -79.93
CA SER P 896 -50.74 -102.43 -81.03
C SER P 896 -51.60 -101.21 -80.75
N ALA P 897 -52.05 -100.62 -81.86
CA ALA P 897 -52.90 -99.45 -81.83
C ALA P 897 -54.36 -99.86 -81.81
N HIS P 898 -55.15 -99.03 -81.15
CA HIS P 898 -56.57 -99.27 -81.05
C HIS P 898 -57.36 -98.01 -81.29
N ALA P 899 -58.58 -98.20 -81.75
CA ALA P 899 -59.49 -97.10 -81.99
C ALA P 899 -60.46 -97.09 -80.83
N LEU P 900 -60.98 -95.92 -80.50
CA LEU P 900 -61.88 -95.87 -79.37
C LEU P 900 -63.18 -95.13 -79.65
N ASP P 901 -64.27 -95.71 -79.20
CA ASP P 901 -65.58 -95.13 -79.37
C ASP P 901 -66.26 -94.98 -78.01
N MET P 902 -66.80 -93.79 -77.78
CA MET P 902 -67.49 -93.49 -76.55
C MET P 902 -68.87 -92.93 -76.85
N THR P 903 -69.83 -93.33 -76.04
CA THR P 903 -71.18 -92.85 -76.22
C THR P 903 -71.78 -92.40 -74.91
N PHE P 904 -72.01 -91.11 -74.85
CA PHE P 904 -72.58 -90.51 -73.67
C PHE P 904 -74.05 -90.21 -73.85
N GLU P 905 -74.80 -90.43 -72.78
CA GLU P 905 -76.22 -90.17 -72.75
C GLU P 905 -76.46 -89.15 -71.64
N VAL P 906 -76.99 -87.99 -72.01
CA VAL P 906 -77.22 -86.96 -71.03
C VAL P 906 -78.64 -86.44 -71.03
N ASP P 907 -78.97 -85.73 -69.97
CA ASP P 907 -80.28 -85.14 -69.86
C ASP P 907 -80.28 -83.97 -70.82
N PRO P 908 -81.43 -83.70 -71.44
CA PRO P 908 -81.49 -82.61 -72.39
C PRO P 908 -81.52 -81.26 -71.71
N MET P 909 -80.82 -80.32 -72.33
CA MET P 909 -80.75 -78.95 -71.86
C MET P 909 -81.12 -78.03 -72.99
N ASP P 910 -81.93 -77.02 -72.69
CA ASP P 910 -82.38 -76.08 -73.70
C ASP P 910 -81.32 -75.09 -74.14
N GLU P 911 -80.06 -75.42 -73.93
CA GLU P 911 -79.00 -74.54 -74.33
C GLU P 911 -77.75 -75.29 -74.76
N PRO P 912 -76.96 -74.70 -75.65
CA PRO P 912 -75.76 -75.37 -76.09
C PRO P 912 -74.80 -75.61 -74.93
N THR P 913 -74.35 -76.86 -74.84
CA THR P 913 -73.44 -77.25 -73.79
C THR P 913 -72.24 -77.98 -74.36
N LEU P 914 -71.36 -78.40 -73.47
CA LEU P 914 -70.18 -79.12 -73.89
C LEU P 914 -69.93 -80.31 -73.01
N LEU P 915 -69.46 -81.38 -73.63
CA LEU P 915 -69.09 -82.57 -72.91
C LEU P 915 -67.59 -82.46 -72.80
N TYR P 916 -67.11 -82.29 -71.57
CA TYR P 916 -65.69 -82.12 -71.33
C TYR P 916 -65.01 -83.42 -70.91
N VAL P 917 -64.13 -83.93 -71.77
CA VAL P 917 -63.44 -85.16 -71.49
C VAL P 917 -61.94 -85.01 -71.24
N LEU P 918 -61.50 -85.56 -70.12
CA LEU P 918 -60.11 -85.53 -69.74
C LEU P 918 -59.53 -86.90 -69.99
N PHE P 919 -58.55 -86.97 -70.87
CA PHE P 919 -57.92 -88.25 -71.13
C PHE P 919 -56.68 -88.29 -70.26
N GLU P 920 -56.75 -89.04 -69.17
CA GLU P 920 -55.65 -89.14 -68.24
C GLU P 920 -54.40 -89.80 -68.80
N VAL P 921 -53.28 -89.07 -68.73
CA VAL P 921 -52.01 -89.53 -69.23
C VAL P 921 -50.87 -88.98 -68.42
N PHE P 922 -49.68 -89.17 -68.97
CA PHE P 922 -48.46 -88.66 -68.39
C PHE P 922 -48.02 -87.47 -69.21
N ASP P 923 -47.91 -86.34 -68.52
CA ASP P 923 -47.49 -85.08 -69.09
C ASP P 923 -46.24 -84.70 -68.32
N VAL P 924 -45.10 -85.07 -68.88
CA VAL P 924 -43.82 -84.86 -68.23
C VAL P 924 -42.76 -84.11 -69.00
N VAL P 925 -41.83 -83.58 -68.21
CA VAL P 925 -40.67 -82.84 -68.65
C VAL P 925 -39.43 -83.25 -67.88
N ARG P 926 -38.31 -83.26 -68.58
CA ARG P 926 -37.01 -83.54 -68.01
C ARG P 926 -36.14 -82.34 -68.31
N VAL P 927 -35.60 -81.72 -67.26
CA VAL P 927 -34.78 -80.54 -67.42
C VAL P 927 -33.28 -80.79 -67.31
N HIS P 928 -32.56 -80.36 -68.34
CA HIS P 928 -31.12 -80.51 -68.42
C HIS P 928 -30.46 -79.14 -68.40
N ARG P 929 -29.45 -78.99 -67.53
CA ARG P 929 -28.75 -77.71 -67.43
C ARG P 929 -27.24 -77.87 -67.44
N PRO P 930 -26.74 -78.40 -68.57
CA PRO P 930 -25.33 -78.68 -68.82
C PRO P 930 -24.36 -77.55 -68.55
N HIS P 931 -24.72 -76.32 -68.92
CA HIS P 931 -23.81 -75.20 -68.71
C HIS P 931 -24.48 -73.90 -68.31
N ARG P 932 -23.65 -72.97 -67.85
CA ARG P 932 -24.08 -71.65 -67.46
C ARG P 932 -24.99 -71.06 -68.52
N GLY P 933 -26.19 -70.63 -68.10
CA GLY P 933 -27.14 -70.02 -69.00
C GLY P 933 -27.64 -70.92 -70.13
N VAL P 934 -27.79 -72.21 -69.83
CA VAL P 934 -28.26 -73.18 -70.80
C VAL P 934 -29.30 -74.12 -70.23
N ILE P 935 -30.52 -74.02 -70.73
CA ILE P 935 -31.63 -74.86 -70.30
C ILE P 935 -32.21 -75.66 -71.45
N GLU P 936 -32.06 -76.97 -71.37
CA GLU P 936 -32.60 -77.84 -72.40
C GLU P 936 -33.70 -78.69 -71.80
N THR P 937 -34.82 -78.83 -72.51
CA THR P 937 -35.92 -79.61 -72.00
C THR P 937 -36.37 -80.71 -72.93
N VAL P 938 -36.92 -81.75 -72.32
CA VAL P 938 -37.46 -82.86 -73.06
C VAL P 938 -38.87 -83.13 -72.61
N TYR P 939 -39.83 -82.80 -73.47
CA TYR P 939 -41.22 -83.03 -73.14
C TYR P 939 -41.70 -84.35 -73.71
N LEU P 940 -42.53 -85.02 -72.94
CA LEU P 940 -43.10 -86.28 -73.35
C LEU P 940 -44.50 -86.41 -72.78
N ARG P 941 -45.47 -86.58 -73.68
CA ARG P 941 -46.85 -86.73 -73.26
C ARG P 941 -47.46 -88.01 -73.81
N THR P 942 -47.67 -88.98 -72.94
CA THR P 942 -48.25 -90.23 -73.39
C THR P 942 -49.29 -90.80 -72.43
N PRO P 943 -50.34 -91.33 -73.04
CA PRO P 943 -50.46 -91.31 -74.47
C PRO P 943 -50.77 -89.92 -75.01
N PHE P 944 -51.29 -89.84 -76.24
CA PHE P 944 -51.62 -88.56 -76.84
C PHE P 944 -50.41 -87.65 -76.97
N SER P 945 -49.38 -88.13 -77.66
CA SER P 945 -48.18 -87.34 -77.86
C SER P 945 -48.48 -86.11 -78.70
N ALA P 946 -47.83 -84.99 -78.35
CA ALA P 946 -48.04 -83.74 -79.07
C ALA P 946 -47.10 -83.67 -80.26
N MET Q 5 -4.45 -53.74 -35.56
CA MET Q 5 -3.05 -53.40 -35.75
C MET Q 5 -2.43 -54.04 -36.98
N MET Q 6 -1.12 -54.22 -36.91
CA MET Q 6 -0.30 -54.81 -37.96
C MET Q 6 -0.98 -55.28 -39.26
N PRO Q 7 -1.37 -56.55 -39.30
CA PRO Q 7 -1.97 -57.21 -40.46
C PRO Q 7 -2.81 -56.38 -41.41
N GLN Q 8 -3.97 -55.94 -40.97
CA GLN Q 8 -4.81 -55.15 -41.85
C GLN Q 8 -4.08 -53.93 -42.37
N TRP Q 9 -3.33 -53.30 -41.48
CA TRP Q 9 -2.59 -52.09 -41.81
C TRP Q 9 -1.64 -52.27 -42.98
N SER Q 10 -0.81 -53.30 -42.96
CA SER Q 10 0.12 -53.53 -44.06
C SER Q 10 -0.60 -53.92 -45.34
N TYR Q 11 -1.58 -54.81 -45.18
CA TYR Q 11 -2.36 -55.28 -46.31
C TYR Q 11 -3.06 -54.14 -47.03
N MET Q 12 -3.67 -53.24 -46.25
CA MET Q 12 -4.39 -52.09 -46.79
C MET Q 12 -3.48 -50.92 -47.08
N HIS Q 13 -2.21 -51.08 -46.73
CA HIS Q 13 -1.20 -50.05 -46.95
C HIS Q 13 -1.33 -48.84 -46.05
N ILE Q 14 -2.05 -49.02 -44.95
CA ILE Q 14 -2.21 -47.94 -44.01
C ILE Q 14 -0.84 -47.65 -43.39
N SER Q 15 -0.03 -48.71 -43.40
CA SER Q 15 1.31 -48.71 -42.88
C SER Q 15 2.14 -49.70 -43.69
N GLY Q 16 3.43 -49.82 -43.38
CA GLY Q 16 4.30 -50.74 -44.09
C GLY Q 16 5.16 -50.09 -45.16
N GLN Q 17 5.39 -50.86 -46.23
CA GLN Q 17 6.21 -50.44 -47.35
C GLN Q 17 5.55 -49.48 -48.34
N ASP Q 18 6.43 -48.84 -49.09
CA ASP Q 18 6.06 -47.90 -50.13
C ASP Q 18 5.85 -48.68 -51.42
N ALA Q 19 5.04 -48.15 -52.32
CA ALA Q 19 4.78 -48.83 -53.57
C ALA Q 19 6.04 -49.36 -54.24
N SER Q 20 7.12 -48.58 -54.16
CA SER Q 20 8.38 -48.97 -54.76
C SER Q 20 8.95 -50.24 -54.17
N GLU Q 21 8.61 -50.52 -52.92
CA GLU Q 21 9.10 -51.73 -52.27
C GLU Q 21 8.09 -52.86 -52.32
N TYR Q 22 6.81 -52.53 -52.25
CA TYR Q 22 5.81 -53.58 -52.26
C TYR Q 22 5.42 -54.10 -53.64
N LEU Q 23 5.47 -53.23 -54.66
CA LEU Q 23 5.15 -53.66 -56.00
C LEU Q 23 6.27 -54.52 -56.55
N SER Q 24 5.98 -55.28 -57.59
CA SER Q 24 7.00 -56.09 -58.20
C SER Q 24 7.97 -55.18 -58.94
N PRO Q 25 9.22 -55.62 -59.03
CA PRO Q 25 10.24 -54.83 -59.68
C PRO Q 25 9.99 -54.53 -61.16
N GLY Q 26 9.40 -55.48 -61.88
CA GLY Q 26 9.11 -55.27 -63.28
C GLY Q 26 8.15 -54.10 -63.46
N LEU Q 27 7.12 -54.09 -62.63
CA LEU Q 27 6.10 -53.05 -62.64
C LEU Q 27 6.70 -51.69 -62.28
N VAL Q 28 7.53 -51.67 -61.24
CA VAL Q 28 8.17 -50.44 -60.83
C VAL Q 28 8.96 -49.86 -61.98
N GLN Q 29 9.73 -50.73 -62.62
CA GLN Q 29 10.55 -50.36 -63.75
C GLN Q 29 9.68 -49.79 -64.84
N PHE Q 30 8.66 -50.58 -65.20
CA PHE Q 30 7.71 -50.19 -66.22
C PHE Q 30 7.09 -48.84 -65.91
N ALA Q 31 6.64 -48.69 -64.66
CA ALA Q 31 6.03 -47.45 -64.22
C ALA Q 31 6.93 -46.26 -64.47
N ARG Q 32 8.20 -46.41 -64.07
CA ARG Q 32 9.17 -45.36 -64.22
C ARG Q 32 9.41 -45.00 -65.68
N ALA Q 33 9.39 -46.02 -66.54
CA ALA Q 33 9.62 -45.80 -67.96
C ALA Q 33 8.46 -45.18 -68.71
N THR Q 34 7.23 -45.48 -68.28
CA THR Q 34 6.03 -44.97 -68.92
C THR Q 34 5.54 -43.64 -68.36
N GLU Q 35 6.03 -43.29 -67.18
CA GLU Q 35 5.66 -42.07 -66.48
C GLU Q 35 5.20 -40.87 -67.30
N THR Q 36 6.05 -40.37 -68.20
CA THR Q 36 5.68 -39.20 -68.99
C THR Q 36 4.54 -39.37 -69.96
N TYR Q 37 4.16 -40.60 -70.29
CA TYR Q 37 3.08 -40.77 -71.23
C TYR Q 37 1.87 -41.52 -70.73
N PHE Q 38 2.03 -42.23 -69.63
CA PHE Q 38 0.94 -43.00 -69.06
C PHE Q 38 1.28 -43.32 -67.63
N SER Q 39 0.66 -42.59 -66.69
CA SER Q 39 0.96 -42.79 -65.28
C SER Q 39 0.13 -43.76 -64.45
N LEU Q 40 0.88 -44.49 -63.61
CA LEU Q 40 0.36 -45.51 -62.71
C LEU Q 40 0.54 -45.11 -61.25
N ASN Q 41 1.19 -43.97 -61.03
CA ASN Q 41 1.46 -43.50 -59.68
C ASN Q 41 0.23 -43.36 -58.77
N ASN Q 42 -0.86 -42.81 -59.28
CA ASN Q 42 -2.01 -42.62 -58.42
C ASN Q 42 -2.88 -43.84 -58.16
N LYS Q 43 -2.39 -45.03 -58.50
CA LYS Q 43 -3.22 -46.21 -58.23
C LYS Q 43 -2.63 -47.14 -57.19
N PHE Q 44 -1.55 -46.69 -56.56
CA PHE Q 44 -0.86 -47.45 -55.53
C PHE Q 44 -0.60 -46.56 -54.34
N ARG Q 45 -1.19 -46.88 -53.21
CA ARG Q 45 -0.96 -46.05 -52.03
C ARG Q 45 0.37 -46.22 -51.33
N ASN Q 46 0.83 -45.08 -50.84
CA ASN Q 46 2.07 -44.94 -50.11
C ASN Q 46 1.77 -44.40 -48.72
N PRO Q 47 1.93 -45.27 -47.74
CA PRO Q 47 1.68 -44.95 -46.35
C PRO Q 47 2.65 -43.90 -45.80
N THR Q 48 2.15 -43.15 -44.83
CA THR Q 48 2.90 -42.13 -44.11
C THR Q 48 2.61 -42.34 -42.64
N VAL Q 49 3.65 -42.75 -41.93
CA VAL Q 49 3.55 -43.04 -40.53
C VAL Q 49 4.33 -42.11 -39.65
N ALA Q 50 3.63 -41.51 -38.69
CA ALA Q 50 4.30 -40.63 -37.77
C ALA Q 50 5.17 -41.41 -36.80
N PRO Q 51 6.22 -40.77 -36.30
CA PRO Q 51 7.12 -41.40 -35.35
C PRO Q 51 6.40 -41.58 -34.03
N THR Q 52 6.74 -42.63 -33.29
CA THR Q 52 6.08 -42.89 -32.03
C THR Q 52 6.90 -42.64 -30.78
N HIS Q 53 8.19 -42.33 -30.93
CA HIS Q 53 9.02 -42.11 -29.77
C HIS Q 53 10.09 -41.04 -29.97
N ASP Q 54 10.53 -40.47 -28.85
CA ASP Q 54 11.57 -39.45 -28.85
C ASP Q 54 11.24 -38.15 -29.54
N VAL Q 55 9.98 -37.76 -29.51
CA VAL Q 55 9.59 -36.52 -30.15
C VAL Q 55 8.88 -35.60 -29.17
N THR Q 56 7.81 -36.16 -28.61
CA THR Q 56 6.97 -35.46 -27.67
C THR Q 56 7.00 -36.09 -26.29
N THR Q 57 6.63 -35.29 -25.29
CA THR Q 57 6.59 -35.74 -23.92
C THR Q 57 5.30 -36.46 -23.60
N ASP Q 58 5.38 -37.27 -22.56
CA ASP Q 58 4.27 -38.04 -22.06
C ASP Q 58 3.85 -37.34 -20.79
N ARG Q 59 4.80 -36.56 -20.31
CA ARG Q 59 4.66 -35.80 -19.10
C ARG Q 59 3.79 -34.56 -19.23
N SER Q 60 3.32 -34.10 -18.08
CA SER Q 60 2.50 -32.92 -17.94
C SER Q 60 3.36 -31.71 -18.29
N GLN Q 61 2.85 -30.83 -19.15
CA GLN Q 61 3.61 -29.68 -19.56
C GLN Q 61 2.78 -28.72 -20.39
N ARG Q 62 2.86 -27.44 -20.04
CA ARG Q 62 2.13 -26.40 -20.73
C ARG Q 62 2.79 -26.09 -22.07
N LEU Q 63 1.99 -25.72 -23.05
CA LEU Q 63 2.55 -25.39 -24.35
C LEU Q 63 2.94 -23.92 -24.34
N THR Q 64 2.08 -23.15 -23.69
CA THR Q 64 2.27 -21.73 -23.57
C THR Q 64 2.31 -21.27 -22.11
N LEU Q 65 3.28 -20.41 -21.84
CA LEU Q 65 3.48 -19.82 -20.53
C LEU Q 65 3.33 -18.33 -20.64
N ARG Q 66 2.85 -17.74 -19.57
CA ARG Q 66 2.70 -16.32 -19.54
C ARG Q 66 3.42 -15.77 -18.34
N PHE Q 67 4.20 -14.72 -18.59
CA PHE Q 67 4.97 -14.08 -17.56
C PHE Q 67 4.49 -12.68 -17.23
N ILE Q 68 4.45 -12.42 -15.93
CA ILE Q 68 4.04 -11.14 -15.42
C ILE Q 68 5.29 -10.32 -15.15
N PRO Q 69 5.22 -9.00 -15.32
CA PRO Q 69 6.40 -8.20 -15.10
C PRO Q 69 6.78 -8.17 -13.63
N VAL Q 70 8.08 -8.29 -13.43
CA VAL Q 70 8.73 -8.29 -12.14
C VAL Q 70 8.92 -6.87 -11.63
N ASP Q 71 9.09 -5.98 -12.60
CA ASP Q 71 9.29 -4.56 -12.37
C ASP Q 71 8.76 -3.78 -13.55
N ARG Q 72 7.99 -2.74 -13.24
CA ARG Q 72 7.41 -1.89 -14.26
C ARG Q 72 7.66 -0.43 -13.93
N GLU Q 73 7.85 0.37 -14.97
CA GLU Q 73 8.09 1.78 -14.77
C GLU Q 73 7.48 2.65 -15.83
N ASP Q 74 6.29 3.14 -15.51
CA ASP Q 74 5.53 4.02 -16.38
C ASP Q 74 6.08 5.43 -16.24
N THR Q 75 6.79 5.91 -17.27
CA THR Q 75 7.42 7.23 -17.26
C THR Q 75 6.77 8.27 -18.18
N ALA Q 76 7.35 9.47 -18.25
CA ALA Q 76 6.83 10.56 -19.07
C ALA Q 76 6.61 10.22 -20.54
N TYR Q 77 7.62 9.66 -21.21
CA TYR Q 77 7.49 9.32 -22.62
C TYR Q 77 7.81 7.87 -22.92
N SER Q 78 7.94 7.06 -21.87
CA SER Q 78 8.26 5.67 -22.08
C SER Q 78 7.76 4.74 -20.99
N TYR Q 79 7.90 3.46 -21.28
CA TYR Q 79 7.47 2.38 -20.42
C TYR Q 79 8.52 1.28 -20.41
N LYS Q 80 8.90 0.87 -19.20
CA LYS Q 80 9.89 -0.17 -19.00
C LYS Q 80 9.28 -1.40 -18.35
N ALA Q 81 9.49 -2.56 -18.95
CA ALA Q 81 8.94 -3.79 -18.39
C ALA Q 81 10.02 -4.84 -18.21
N ARG Q 82 10.07 -5.41 -17.01
CA ARG Q 82 11.06 -6.40 -16.72
C ARG Q 82 10.46 -7.75 -16.37
N PHE Q 83 10.95 -8.79 -17.03
CA PHE Q 83 10.46 -10.12 -16.78
C PHE Q 83 11.57 -11.09 -16.47
N THR Q 84 11.14 -12.19 -15.89
CA THR Q 84 12.02 -13.28 -15.56
C THR Q 84 11.62 -14.43 -16.47
N LEU Q 85 12.20 -14.42 -17.65
CA LEU Q 85 11.95 -15.43 -18.64
C LEU Q 85 12.60 -16.72 -18.17
N ALA Q 86 11.79 -17.70 -17.78
CA ALA Q 86 12.35 -18.94 -17.31
C ALA Q 86 12.15 -20.14 -18.22
N VAL Q 87 13.28 -20.75 -18.57
CA VAL Q 87 13.30 -21.93 -19.41
C VAL Q 87 13.63 -23.14 -18.54
N GLY Q 88 12.59 -23.91 -18.27
CA GLY Q 88 12.73 -25.07 -17.43
C GLY Q 88 13.62 -26.15 -18.02
N ASP Q 89 14.02 -27.05 -17.14
CA ASP Q 89 14.85 -28.17 -17.49
C ASP Q 89 14.13 -29.08 -18.44
N ASN Q 90 14.89 -29.61 -19.40
CA ASN Q 90 14.31 -30.52 -20.37
C ASN Q 90 13.42 -29.76 -21.34
N ARG Q 91 13.78 -28.49 -21.54
CA ARG Q 91 13.05 -27.62 -22.41
C ARG Q 91 13.96 -26.71 -23.19
N VAL Q 92 13.43 -26.31 -24.34
CA VAL Q 92 14.10 -25.39 -25.23
C VAL Q 92 13.07 -24.40 -25.72
N LEU Q 93 13.49 -23.16 -25.88
CA LEU Q 93 12.58 -22.11 -26.31
C LEU Q 93 13.06 -21.34 -27.52
N ASP Q 94 12.22 -21.30 -28.54
CA ASP Q 94 12.53 -20.55 -29.75
C ASP Q 94 12.00 -19.14 -29.61
N MET Q 95 12.93 -18.20 -29.45
CA MET Q 95 12.59 -16.81 -29.27
C MET Q 95 11.57 -16.26 -30.26
N ALA Q 96 11.56 -16.81 -31.46
CA ALA Q 96 10.61 -16.37 -32.46
C ALA Q 96 9.19 -16.56 -31.97
N SER Q 97 9.03 -17.46 -30.99
CA SER Q 97 7.72 -17.73 -30.48
C SER Q 97 7.31 -16.89 -29.27
N THR Q 98 8.03 -15.79 -29.02
CA THR Q 98 7.69 -14.92 -27.92
C THR Q 98 7.13 -13.61 -28.41
N TYR Q 99 6.38 -12.94 -27.54
CA TYR Q 99 5.79 -11.66 -27.87
C TYR Q 99 5.22 -10.99 -26.64
N PHE Q 100 5.15 -9.67 -26.71
CA PHE Q 100 4.62 -8.89 -25.61
C PHE Q 100 3.14 -8.61 -25.81
N ASP Q 101 2.32 -9.15 -24.91
CA ASP Q 101 0.89 -8.97 -24.96
C ASP Q 101 0.56 -7.68 -24.25
N ILE Q 102 0.00 -6.71 -24.96
CA ILE Q 102 -0.29 -5.42 -24.36
C ILE Q 102 -1.73 -5.00 -24.39
N ARG Q 103 -2.18 -4.45 -23.26
CA ARG Q 103 -3.52 -3.95 -23.11
C ARG Q 103 -3.46 -2.52 -22.59
N GLY Q 104 -4.26 -1.65 -23.20
CA GLY Q 104 -4.28 -0.26 -22.80
C GLY Q 104 -5.43 0.47 -23.43
N VAL Q 105 -5.42 1.78 -23.31
CA VAL Q 105 -6.46 2.59 -23.89
C VAL Q 105 -5.88 3.62 -24.83
N LEU Q 106 -6.61 3.86 -25.90
CA LEU Q 106 -6.15 4.82 -26.85
C LEU Q 106 -7.26 5.75 -27.33
N ASP Q 107 -6.92 7.02 -27.37
CA ASP Q 107 -7.83 8.04 -27.84
C ASP Q 107 -7.23 8.65 -29.08
N ARG Q 108 -7.83 8.34 -30.23
CA ARG Q 108 -7.34 8.85 -31.49
C ARG Q 108 -7.52 10.35 -31.61
N GLY Q 109 -8.26 10.92 -30.66
CA GLY Q 109 -8.47 12.35 -30.68
C GLY Q 109 -9.60 12.75 -31.62
N PRO Q 110 -9.85 14.05 -31.68
CA PRO Q 110 -10.91 14.61 -32.50
C PRO Q 110 -10.62 14.68 -33.98
N THR Q 111 -9.35 14.59 -34.38
CA THR Q 111 -9.04 14.69 -35.79
C THR Q 111 -9.17 13.41 -36.59
N PHE Q 112 -9.52 12.33 -35.90
CA PHE Q 112 -9.70 11.03 -36.53
C PHE Q 112 -11.03 10.97 -37.26
N LYS Q 113 -10.96 10.66 -38.55
CA LYS Q 113 -12.15 10.55 -39.40
C LYS Q 113 -11.95 9.46 -40.43
N PRO Q 114 -12.31 8.24 -40.03
CA PRO Q 114 -12.17 7.04 -40.82
C PRO Q 114 -13.05 6.95 -42.05
N TYR Q 115 -13.29 8.06 -42.73
CA TYR Q 115 -14.13 8.00 -43.92
C TYR Q 115 -14.25 9.32 -44.65
N SER Q 116 -14.76 9.24 -45.87
CA SER Q 116 -14.99 10.38 -46.72
C SER Q 116 -16.46 10.74 -46.73
N GLY Q 117 -16.76 12.02 -46.94
CA GLY Q 117 -18.16 12.44 -46.97
C GLY Q 117 -18.72 12.67 -45.57
N THR Q 118 -20.05 12.66 -45.48
CA THR Q 118 -20.79 12.85 -44.25
C THR Q 118 -21.60 11.65 -43.85
N ALA Q 119 -22.02 11.69 -42.61
CA ALA Q 119 -22.87 10.67 -42.06
C ALA Q 119 -24.26 11.26 -41.95
N TYR Q 120 -24.35 12.58 -42.19
CA TYR Q 120 -25.60 13.33 -42.06
C TYR Q 120 -26.08 14.09 -43.28
N ASN Q 121 -27.28 13.74 -43.74
CA ASN Q 121 -27.93 14.37 -44.88
C ASN Q 121 -27.04 14.42 -46.10
N ALA Q 122 -26.47 13.26 -46.43
CA ALA Q 122 -25.57 13.13 -47.56
C ALA Q 122 -26.22 13.43 -48.89
N LEU Q 123 -27.54 13.21 -49.00
CA LEU Q 123 -28.22 13.45 -50.24
C LEU Q 123 -28.65 14.91 -50.45
N ALA Q 124 -28.61 15.68 -49.37
CA ALA Q 124 -29.00 17.07 -49.45
C ALA Q 124 -28.01 17.94 -50.21
N PRO Q 125 -28.51 18.81 -51.08
CA PRO Q 125 -27.59 19.68 -51.80
C PRO Q 125 -26.73 20.45 -50.81
N LYS Q 126 -25.45 20.57 -51.14
CA LYS Q 126 -24.48 21.23 -50.29
C LYS Q 126 -24.75 22.67 -49.86
N GLY Q 127 -25.72 23.34 -50.49
CA GLY Q 127 -26.06 24.72 -50.15
C GLY Q 127 -27.47 24.86 -49.59
N ALA Q 128 -28.27 23.80 -49.75
CA ALA Q 128 -29.63 23.80 -49.26
C ALA Q 128 -29.62 24.00 -47.75
N PRO Q 129 -30.54 24.82 -47.26
CA PRO Q 129 -30.57 25.09 -45.85
C PRO Q 129 -31.69 24.34 -45.13
N ASN Q 130 -31.54 24.25 -43.83
CA ASN Q 130 -32.54 23.60 -42.99
C ASN Q 130 -33.64 24.63 -42.82
N PRO Q 131 -34.88 24.18 -42.64
CA PRO Q 131 -35.95 25.14 -42.45
C PRO Q 131 -35.62 26.02 -41.25
N CYS Q 132 -35.43 27.31 -41.47
CA CYS Q 132 -35.06 28.21 -40.40
C CYS Q 132 -35.90 29.48 -40.28
N GLU Q 133 -35.50 30.30 -39.30
CA GLU Q 133 -36.13 31.57 -38.98
C GLU Q 133 -35.08 32.60 -38.58
N TRP Q 134 -35.30 33.86 -38.96
CA TRP Q 134 -34.38 34.91 -38.62
C TRP Q 134 -35.04 36.28 -38.47
N ASP Q 135 -34.27 37.25 -37.99
CA ASP Q 135 -34.77 38.59 -37.78
C ASP Q 135 -34.37 39.51 -38.92
N THR Q 165 -39.20 39.03 -37.99
CA THR Q 165 -38.85 37.63 -37.96
C THR Q 165 -39.39 36.88 -39.20
N HIS Q 166 -38.46 36.42 -40.02
CA HIS Q 166 -38.81 35.69 -41.22
C HIS Q 166 -38.72 34.19 -41.08
N VAL Q 167 -39.43 33.54 -41.99
CA VAL Q 167 -39.47 32.11 -42.03
C VAL Q 167 -39.22 31.58 -43.42
N PHE Q 168 -38.46 30.50 -43.45
CA PHE Q 168 -38.11 29.77 -44.63
C PHE Q 168 -38.22 28.31 -44.25
N GLY Q 169 -39.31 27.68 -44.69
CA GLY Q 169 -39.51 26.29 -44.33
C GLY Q 169 -40.28 25.45 -45.33
N GLN Q 170 -40.74 24.32 -44.81
CA GLN Q 170 -41.49 23.32 -45.55
C GLN Q 170 -42.49 22.61 -44.65
N ALA Q 171 -43.65 22.30 -45.22
CA ALA Q 171 -44.71 21.60 -44.53
C ALA Q 171 -45.15 20.45 -45.43
N PRO Q 172 -44.57 19.27 -45.18
CA PRO Q 172 -44.83 18.10 -45.98
C PRO Q 172 -45.96 17.21 -45.49
N TYR Q 173 -46.31 17.37 -44.22
CA TYR Q 173 -47.37 16.56 -43.66
C TYR Q 173 -48.76 17.09 -43.93
N SER Q 174 -49.60 16.24 -44.51
CA SER Q 174 -50.98 16.62 -44.80
C SER Q 174 -51.90 16.05 -43.74
N GLY Q 175 -52.50 16.95 -42.96
CA GLY Q 175 -53.41 16.58 -41.89
C GLY Q 175 -54.88 16.73 -42.24
N ILE Q 176 -55.72 16.45 -41.26
CA ILE Q 176 -57.16 16.53 -41.43
C ILE Q 176 -57.66 17.95 -41.31
N ASN Q 177 -57.18 18.65 -40.28
CA ASN Q 177 -57.55 20.03 -40.00
C ASN Q 177 -56.61 20.67 -39.00
N ILE Q 178 -56.53 21.99 -39.05
CA ILE Q 178 -55.68 22.75 -38.16
C ILE Q 178 -56.47 23.57 -37.15
N THR Q 179 -56.34 23.22 -35.88
CA THR Q 179 -57.04 23.95 -34.83
C THR Q 179 -56.04 24.73 -34.00
N LYS Q 180 -56.49 25.21 -32.85
CA LYS Q 180 -55.59 25.97 -31.99
C LYS Q 180 -54.72 25.03 -31.19
N GLU Q 181 -55.07 23.74 -31.27
CA GLU Q 181 -54.35 22.69 -30.59
C GLU Q 181 -53.29 22.07 -31.48
N GLY Q 182 -53.16 22.61 -32.69
CA GLY Q 182 -52.19 22.12 -33.65
C GLY Q 182 -52.87 21.43 -34.82
N ILE Q 183 -52.21 20.40 -35.35
CA ILE Q 183 -52.75 19.66 -36.48
C ILE Q 183 -53.32 18.31 -36.09
N GLN Q 184 -54.56 18.06 -36.56
CA GLN Q 184 -55.25 16.83 -36.29
C GLN Q 184 -54.68 15.71 -37.15
N ILE Q 185 -54.47 14.54 -36.55
CA ILE Q 185 -53.89 13.43 -37.28
C ILE Q 185 -54.72 12.15 -37.15
N GLY Q 186 -55.90 12.29 -36.57
CA GLY Q 186 -56.78 11.15 -36.39
C GLY Q 186 -58.05 11.60 -35.67
N LYS Q 193 -57.73 13.86 -31.99
CA LYS Q 193 -56.44 13.17 -32.17
C LYS Q 193 -55.41 14.08 -32.80
N TYR Q 194 -54.92 15.03 -32.00
CA TYR Q 194 -53.91 15.98 -32.44
C TYR Q 194 -52.50 15.42 -32.30
N ALA Q 195 -51.56 16.07 -32.98
CA ALA Q 195 -50.17 15.65 -32.97
C ALA Q 195 -49.40 15.96 -31.70
N ASP Q 196 -48.49 15.05 -31.38
CA ASP Q 196 -47.61 15.18 -30.23
C ASP Q 196 -46.41 16.04 -30.63
N LYS Q 197 -46.47 17.29 -30.21
CA LYS Q 197 -45.45 18.28 -30.49
C LYS Q 197 -44.00 17.83 -30.32
N THR Q 198 -43.74 16.96 -29.34
CA THR Q 198 -42.38 16.51 -29.12
C THR Q 198 -41.76 15.83 -30.32
N PHE Q 199 -42.56 15.19 -31.14
CA PHE Q 199 -42.01 14.51 -32.28
C PHE Q 199 -42.85 14.57 -33.55
N GLN Q 200 -44.10 14.97 -33.42
CA GLN Q 200 -44.95 15.04 -34.58
C GLN Q 200 -45.17 16.47 -35.03
N PRO Q 201 -45.12 16.69 -36.34
CA PRO Q 201 -44.91 15.64 -37.32
C PRO Q 201 -43.43 15.27 -37.46
N GLU Q 202 -43.19 14.13 -38.07
CA GLU Q 202 -41.84 13.65 -38.30
C GLU Q 202 -41.36 14.08 -39.67
N PRO Q 203 -40.22 14.78 -39.71
CA PRO Q 203 -39.71 15.27 -40.98
C PRO Q 203 -39.60 14.21 -42.06
N GLN Q 204 -39.47 12.96 -41.63
CA GLN Q 204 -39.35 11.84 -42.54
C GLN Q 204 -40.59 11.57 -43.39
N ILE Q 205 -41.74 11.94 -42.84
CA ILE Q 205 -43.03 11.73 -43.48
C ILE Q 205 -43.47 12.84 -44.41
N GLY Q 206 -43.95 12.43 -45.58
CA GLY Q 206 -44.50 13.27 -46.64
C GLY Q 206 -45.60 12.54 -47.38
N GLU Q 207 -46.08 13.12 -48.50
CA GLU Q 207 -47.13 12.51 -49.29
C GLU Q 207 -46.56 11.44 -50.22
N SER Q 208 -47.33 10.37 -50.44
CA SER Q 208 -46.94 9.25 -51.26
C SER Q 208 -47.01 9.46 -52.77
N GLN Q 209 -48.00 10.22 -53.23
CA GLN Q 209 -48.17 10.49 -54.65
C GLN Q 209 -47.14 11.44 -55.24
N TRP Q 210 -47.12 11.51 -56.57
CA TRP Q 210 -46.19 12.38 -57.29
C TRP Q 210 -46.88 13.59 -57.89
N TYR Q 211 -48.20 13.56 -57.93
CA TYR Q 211 -48.97 14.67 -58.49
C TYR Q 211 -49.59 15.55 -57.41
N GLU Q 212 -50.30 16.57 -57.90
CA GLU Q 212 -50.98 17.54 -57.06
C GLU Q 212 -52.27 17.00 -56.45
N THR Q 213 -52.29 16.94 -55.12
CA THR Q 213 -53.46 16.46 -54.42
C THR Q 213 -54.21 17.60 -53.76
N GLU Q 214 -53.46 18.68 -53.52
CA GLU Q 214 -53.99 19.89 -52.91
C GLU Q 214 -54.15 19.74 -51.40
N ILE Q 215 -53.06 20.06 -50.69
CA ILE Q 215 -53.02 19.98 -49.25
C ILE Q 215 -53.53 21.25 -48.60
N ASN Q 216 -54.61 21.13 -47.83
CA ASN Q 216 -55.19 22.27 -47.16
C ASN Q 216 -54.72 22.43 -45.72
N HIS Q 217 -54.44 21.31 -45.06
CA HIS Q 217 -53.98 21.34 -43.68
C HIS Q 217 -52.59 20.74 -43.59
N ALA Q 218 -51.60 21.63 -43.70
CA ALA Q 218 -50.22 21.22 -43.68
C ALA Q 218 -49.50 21.51 -42.39
N ALA Q 219 -48.57 20.60 -42.10
CA ALA Q 219 -47.75 20.67 -40.91
C ALA Q 219 -46.30 20.48 -41.27
N GLY Q 220 -45.46 21.13 -40.51
CA GLY Q 220 -44.04 21.05 -40.70
C GLY Q 220 -43.30 21.18 -39.39
N ARG Q 221 -41.99 21.16 -39.55
CA ARG Q 221 -41.04 21.27 -38.47
C ARG Q 221 -40.08 22.40 -38.81
N VAL Q 222 -39.75 23.23 -37.84
CA VAL Q 222 -38.84 24.32 -38.14
C VAL Q 222 -37.95 24.69 -36.96
N LEU Q 223 -36.81 25.29 -37.29
CA LEU Q 223 -35.88 25.72 -36.29
C LEU Q 223 -36.06 27.20 -35.95
N LYS Q 224 -36.04 27.49 -34.66
CA LYS Q 224 -36.19 28.84 -34.15
C LYS Q 224 -34.95 29.66 -34.46
N LYS Q 225 -35.14 30.98 -34.48
CA LYS Q 225 -34.06 31.89 -34.75
C LYS Q 225 -32.99 31.82 -33.68
N THR Q 226 -33.23 31.00 -32.65
CA THR Q 226 -32.27 30.87 -31.57
C THR Q 226 -31.30 29.73 -31.81
N THR Q 227 -31.58 28.96 -32.85
CA THR Q 227 -30.74 27.85 -33.26
C THR Q 227 -29.94 28.27 -34.48
N PRO Q 228 -28.62 28.33 -34.33
CA PRO Q 228 -27.77 28.73 -35.44
C PRO Q 228 -28.10 28.01 -36.74
N MET Q 229 -27.97 28.76 -37.83
CA MET Q 229 -28.21 28.25 -39.17
C MET Q 229 -26.99 27.47 -39.68
N LYS Q 230 -27.27 26.32 -40.29
CA LYS Q 230 -26.27 25.44 -40.86
C LYS Q 230 -26.87 24.74 -42.07
N PRO Q 231 -26.07 24.48 -43.08
CA PRO Q 231 -26.62 23.79 -44.23
C PRO Q 231 -27.15 22.41 -43.83
N CYS Q 232 -28.18 21.95 -44.52
CA CYS Q 232 -28.78 20.66 -44.23
C CYS Q 232 -27.73 19.55 -44.22
N TYR Q 233 -26.90 19.59 -45.24
CA TYR Q 233 -25.82 18.65 -45.44
C TYR Q 233 -24.86 18.70 -44.26
N GLY Q 234 -24.73 17.59 -43.54
CA GLY Q 234 -23.84 17.50 -42.39
C GLY Q 234 -24.48 17.92 -41.08
N SER Q 235 -25.75 18.33 -41.15
CA SER Q 235 -26.49 18.76 -39.98
C SER Q 235 -26.93 17.60 -39.10
N TYR Q 236 -26.67 17.75 -37.81
CA TYR Q 236 -27.01 16.74 -36.83
C TYR Q 236 -27.41 17.35 -35.51
N ALA Q 237 -28.36 16.69 -34.85
CA ALA Q 237 -28.88 17.13 -33.56
C ALA Q 237 -29.41 15.92 -32.80
N LYS Q 238 -28.79 15.64 -31.66
CA LYS Q 238 -29.16 14.52 -30.81
C LYS Q 238 -30.64 14.51 -30.43
N PRO Q 239 -31.24 13.32 -30.51
CA PRO Q 239 -32.65 13.14 -30.18
C PRO Q 239 -32.85 13.40 -28.68
N THR Q 240 -33.98 13.98 -28.30
CA THR Q 240 -34.24 14.22 -26.90
C THR Q 240 -35.35 13.36 -26.32
N ASN Q 241 -35.90 12.48 -27.16
CA ASN Q 241 -36.95 11.58 -26.73
C ASN Q 241 -36.94 10.31 -27.55
N GLU Q 242 -37.39 9.23 -26.95
CA GLU Q 242 -37.41 7.95 -27.61
C GLU Q 242 -38.06 7.98 -28.98
N ASN Q 243 -38.75 9.07 -29.30
CA ASN Q 243 -39.42 9.14 -30.58
C ASN Q 243 -38.68 9.89 -31.69
N GLY Q 244 -37.44 10.26 -31.43
CA GLY Q 244 -36.67 10.96 -32.45
C GLY Q 244 -36.74 12.48 -32.35
N GLY Q 245 -37.63 12.99 -31.52
CA GLY Q 245 -37.70 14.43 -31.38
C GLY Q 245 -36.34 14.95 -30.92
N GLN Q 246 -35.90 16.07 -31.47
CA GLN Q 246 -34.61 16.64 -31.07
C GLN Q 246 -34.78 17.97 -30.35
N GLY Q 247 -36.02 18.27 -29.99
CA GLY Q 247 -36.33 19.53 -29.33
C GLY Q 247 -35.63 19.62 -27.98
N ILE Q 248 -34.95 20.74 -27.75
CA ILE Q 248 -34.25 20.93 -26.49
C ILE Q 248 -35.20 20.92 -25.30
N LEU Q 249 -34.74 20.29 -24.22
CA LEU Q 249 -35.51 20.18 -23.01
C LEU Q 249 -35.00 21.17 -21.98
N VAL Q 250 -35.94 21.87 -21.36
CA VAL Q 250 -35.60 22.86 -20.36
C VAL Q 250 -35.75 22.27 -18.97
N GLU Q 258 -39.86 19.26 -19.92
CA GLU Q 258 -39.77 20.67 -20.23
C GLU Q 258 -39.63 20.92 -21.73
N SER Q 259 -40.55 20.35 -22.52
CA SER Q 259 -40.50 20.54 -23.95
C SER Q 259 -40.83 21.98 -24.25
N GLN Q 260 -40.09 22.60 -25.16
CA GLN Q 260 -40.34 23.99 -25.47
C GLN Q 260 -40.84 24.27 -26.88
N VAL Q 261 -41.38 23.25 -27.52
CA VAL Q 261 -41.91 23.41 -28.85
C VAL Q 261 -43.04 24.43 -28.85
N GLU Q 262 -43.11 25.25 -29.90
CA GLU Q 262 -44.14 26.25 -30.02
C GLU Q 262 -44.66 26.36 -31.43
N MET Q 263 -45.95 26.09 -31.61
CA MET Q 263 -46.54 26.18 -32.93
C MET Q 263 -46.72 27.60 -33.42
N GLN Q 264 -46.58 27.73 -34.74
CA GLN Q 264 -46.73 29.00 -35.42
C GLN Q 264 -47.70 28.79 -36.56
N PHE Q 265 -48.81 29.53 -36.55
CA PHE Q 265 -49.80 29.37 -37.60
C PHE Q 265 -49.65 30.33 -38.77
N PHE Q 266 -50.02 29.84 -39.96
CA PHE Q 266 -49.91 30.62 -41.17
C PHE Q 266 -51.06 30.41 -42.15
N SER Q 267 -51.29 31.49 -42.89
CA SER Q 267 -52.32 31.59 -43.91
C SER Q 267 -51.80 32.41 -45.08
N THR Q 268 -52.54 32.35 -46.18
CA THR Q 268 -52.18 33.05 -47.40
C THR Q 268 -52.42 34.55 -47.29
N THR Q 269 -53.34 35.01 -48.13
CA THR Q 269 -53.73 36.40 -48.19
C THR Q 269 -55.22 36.54 -47.88
N ASN Q 278 -62.52 32.94 -45.36
CA ASN Q 278 -62.24 33.63 -44.12
C ASN Q 278 -61.09 33.00 -43.34
N LEU Q 279 -60.27 33.88 -42.76
CA LEU Q 279 -59.10 33.52 -41.99
C LEU Q 279 -59.11 32.11 -41.39
N THR Q 280 -58.20 31.29 -41.93
CA THR Q 280 -58.01 29.91 -41.52
C THR Q 280 -56.62 29.42 -41.91
N PRO Q 281 -55.79 29.16 -40.90
CA PRO Q 281 -54.43 28.70 -41.11
C PRO Q 281 -54.39 27.50 -42.04
N LYS Q 282 -53.55 27.60 -43.07
CA LYS Q 282 -53.40 26.52 -44.03
C LYS Q 282 -52.23 25.64 -43.63
N VAL Q 283 -51.33 26.27 -42.87
CA VAL Q 283 -50.14 25.61 -42.40
C VAL Q 283 -49.81 25.96 -40.96
N VAL Q 284 -49.19 25.00 -40.31
CA VAL Q 284 -48.74 25.13 -38.94
C VAL Q 284 -47.38 24.48 -38.84
N LEU Q 285 -46.47 25.17 -38.18
CA LEU Q 285 -45.13 24.65 -38.03
C LEU Q 285 -44.79 24.46 -36.58
N TYR Q 286 -44.05 23.40 -36.31
CA TYR Q 286 -43.62 23.15 -34.96
C TYR Q 286 -42.23 23.68 -34.75
N SER Q 287 -42.14 24.92 -34.28
CA SER Q 287 -40.86 25.54 -34.06
C SER Q 287 -40.15 25.04 -32.81
N GLU Q 288 -38.84 24.86 -32.95
CA GLU Q 288 -38.06 24.36 -31.84
C GLU Q 288 -36.57 24.71 -31.94
N ASP Q 289 -35.91 24.54 -30.81
CA ASP Q 289 -34.49 24.76 -30.66
C ASP Q 289 -33.83 23.41 -30.49
N VAL Q 290 -32.82 23.13 -31.30
CA VAL Q 290 -32.13 21.86 -31.22
C VAL Q 290 -30.65 22.09 -30.95
N ASP Q 291 -29.98 21.03 -30.51
CA ASP Q 291 -28.57 21.10 -30.26
C ASP Q 291 -27.83 20.81 -31.55
N ILE Q 292 -27.91 21.75 -32.49
CA ILE Q 292 -27.29 21.59 -33.79
C ILE Q 292 -25.78 21.53 -33.77
N GLU Q 293 -25.28 20.49 -34.46
CA GLU Q 293 -23.87 20.26 -34.58
C GLU Q 293 -23.52 19.85 -36.00
N THR Q 294 -22.23 19.88 -36.30
CA THR Q 294 -21.67 19.52 -37.59
C THR Q 294 -20.31 18.88 -37.34
N PRO Q 295 -20.38 17.69 -36.75
CA PRO Q 295 -19.22 16.92 -36.36
C PRO Q 295 -18.31 16.46 -37.50
N ASP Q 296 -18.75 16.47 -38.75
CA ASP Q 296 -17.86 15.99 -39.79
C ASP Q 296 -17.82 16.78 -41.08
N THR Q 297 -18.28 18.02 -41.02
CA THR Q 297 -18.26 18.89 -42.18
C THR Q 297 -17.86 20.28 -41.76
N HIS Q 298 -17.59 21.12 -42.75
CA HIS Q 298 -17.22 22.50 -42.49
C HIS Q 298 -17.81 23.40 -43.56
N ILE Q 299 -17.75 24.71 -43.31
CA ILE Q 299 -18.31 25.66 -44.26
C ILE Q 299 -17.38 25.91 -45.42
N SER Q 300 -17.86 25.57 -46.62
CA SER Q 300 -17.11 25.77 -47.84
C SER Q 300 -17.33 27.18 -48.36
N TYR Q 301 -18.35 27.82 -47.82
CA TYR Q 301 -18.67 29.17 -48.26
C TYR Q 301 -19.40 30.03 -47.24
N MET Q 302 -18.65 30.92 -46.61
CA MET Q 302 -19.18 31.85 -45.63
C MET Q 302 -19.53 33.14 -46.35
N PRO Q 303 -20.81 33.53 -46.33
CA PRO Q 303 -21.19 34.75 -47.01
C PRO Q 303 -20.91 36.02 -46.22
N THR Q 304 -20.73 35.89 -44.90
CA THR Q 304 -20.46 37.05 -44.06
C THR Q 304 -19.81 36.70 -42.74
N ILE Q 305 -18.83 37.52 -42.35
CA ILE Q 305 -18.15 37.32 -41.09
C ILE Q 305 -18.96 38.00 -40.01
N LYS Q 306 -20.28 38.07 -40.24
CA LYS Q 306 -21.21 38.68 -39.31
C LYS Q 306 -22.08 37.69 -38.58
N GLU Q 307 -21.89 37.65 -37.26
CA GLU Q 307 -22.63 36.76 -36.40
C GLU Q 307 -24.14 36.94 -36.54
N GLY Q 308 -24.86 35.96 -35.99
CA GLY Q 308 -26.31 35.97 -36.00
C GLY Q 308 -26.90 35.49 -37.31
N ASN Q 309 -28.07 34.87 -37.18
CA ASN Q 309 -28.80 34.33 -38.30
C ASN Q 309 -29.29 35.48 -39.17
N SER Q 310 -29.19 35.30 -40.48
CA SER Q 310 -29.61 36.33 -41.42
C SER Q 310 -29.95 35.71 -42.77
N ARG Q 311 -30.67 36.46 -43.59
CA ARG Q 311 -30.99 35.93 -44.89
C ARG Q 311 -29.71 35.51 -45.58
N GLU Q 312 -28.67 36.28 -45.27
CA GLU Q 312 -27.33 36.08 -45.81
C GLU Q 312 -26.79 34.66 -45.63
N LEU Q 313 -26.91 34.14 -44.41
CA LEU Q 313 -26.42 32.80 -44.10
C LEU Q 313 -27.14 31.69 -44.86
N MET Q 314 -28.24 32.03 -45.49
CA MET Q 314 -28.99 31.04 -46.24
C MET Q 314 -28.19 30.54 -47.44
N GLY Q 315 -27.15 31.29 -47.77
CA GLY Q 315 -26.30 30.98 -48.88
C GLY Q 315 -25.01 30.26 -48.51
N GLN Q 316 -24.84 29.93 -47.24
CA GLN Q 316 -23.64 29.22 -46.85
C GLN Q 316 -23.60 27.81 -47.40
N GLN Q 317 -22.39 27.32 -47.69
CA GLN Q 317 -22.22 25.99 -48.24
C GLN Q 317 -21.41 25.10 -47.32
N SER Q 318 -21.81 23.83 -47.30
CA SER Q 318 -21.16 22.83 -46.48
C SER Q 318 -20.36 21.85 -47.33
N MET Q 319 -19.27 21.37 -46.75
CA MET Q 319 -18.39 20.43 -47.41
C MET Q 319 -17.81 19.44 -46.40
N PRO Q 320 -17.77 18.16 -46.77
CA PRO Q 320 -17.27 17.13 -45.90
C PRO Q 320 -15.83 17.36 -45.49
N ASN Q 321 -15.50 16.91 -44.29
CA ASN Q 321 -14.16 17.05 -43.78
C ASN Q 321 -13.25 16.01 -44.41
N ARG Q 322 -11.97 16.32 -44.49
CA ARG Q 322 -11.01 15.41 -45.06
C ARG Q 322 -10.90 14.13 -44.26
N PRO Q 323 -10.84 13.02 -44.97
CA PRO Q 323 -10.71 11.73 -44.32
C PRO Q 323 -9.40 11.69 -43.56
N ASN Q 324 -9.40 11.07 -42.39
CA ASN Q 324 -8.16 10.99 -41.64
C ASN Q 324 -8.05 9.72 -40.81
N TYR Q 325 -7.35 8.75 -41.36
CA TYR Q 325 -7.14 7.48 -40.70
C TYR Q 325 -6.03 7.56 -39.68
N ILE Q 326 -6.26 6.94 -38.53
CA ILE Q 326 -5.29 6.91 -37.46
C ILE Q 326 -5.20 5.52 -36.89
N ALA Q 327 -3.98 5.00 -36.76
CA ALA Q 327 -3.80 3.68 -36.23
C ALA Q 327 -2.35 3.37 -35.91
N PHE Q 328 -2.12 2.19 -35.36
CA PHE Q 328 -0.77 1.76 -35.06
C PHE Q 328 -0.08 1.49 -36.39
N ARG Q 329 1.25 1.49 -36.39
CA ARG Q 329 1.99 1.27 -37.63
C ARG Q 329 2.14 -0.17 -38.05
N ASP Q 330 2.58 -0.31 -39.30
CA ASP Q 330 2.84 -1.59 -39.90
C ASP Q 330 3.87 -2.31 -39.04
N ASN Q 331 3.54 -3.51 -38.57
CA ASN Q 331 4.46 -4.27 -37.75
C ASN Q 331 4.79 -3.61 -36.41
N PHE Q 332 3.90 -2.73 -35.97
CA PHE Q 332 4.06 -2.04 -34.70
C PHE Q 332 5.33 -1.24 -34.60
N ILE Q 333 5.78 -0.73 -35.75
CA ILE Q 333 6.97 0.07 -35.79
C ILE Q 333 6.83 1.21 -34.78
N GLY Q 334 7.94 1.57 -34.11
CA GLY Q 334 7.93 2.66 -33.15
C GLY Q 334 7.56 2.28 -31.72
N LEU Q 335 6.74 1.25 -31.55
CA LEU Q 335 6.33 0.81 -30.23
C LEU Q 335 7.48 0.51 -29.30
N MET Q 336 8.37 -0.36 -29.76
CA MET Q 336 9.53 -0.74 -29.00
C MET Q 336 10.73 0.08 -29.43
N TYR Q 337 11.60 0.34 -28.47
CA TYR Q 337 12.82 1.07 -28.72
C TYR Q 337 13.86 0.10 -29.26
N TYR Q 338 14.60 0.57 -30.26
CA TYR Q 338 15.67 -0.18 -30.88
C TYR Q 338 16.73 0.82 -31.27
N ASN Q 339 17.98 0.36 -31.35
CA ASN Q 339 19.06 1.23 -31.76
C ASN Q 339 19.11 2.56 -31.02
N SER Q 340 18.86 2.52 -29.72
CA SER Q 340 18.91 3.70 -28.88
C SER Q 340 19.69 3.35 -27.64
N THR Q 341 20.88 3.92 -27.48
CA THR Q 341 21.71 3.64 -26.32
C THR Q 341 21.05 3.89 -24.97
N GLY Q 342 20.21 4.93 -24.91
CA GLY Q 342 19.54 5.30 -23.68
C GLY Q 342 18.42 4.37 -23.23
N ASN Q 343 17.78 3.70 -24.18
CA ASN Q 343 16.69 2.80 -23.87
C ASN Q 343 16.91 1.42 -24.46
N MET Q 344 18.07 0.87 -24.14
CA MET Q 344 18.52 -0.43 -24.61
C MET Q 344 17.84 -1.62 -23.94
N GLY Q 345 17.39 -2.55 -24.78
CA GLY Q 345 16.74 -3.77 -24.32
C GLY Q 345 17.71 -4.61 -23.52
N VAL Q 346 17.17 -5.62 -22.85
CA VAL Q 346 18.00 -6.47 -22.03
C VAL Q 346 17.61 -7.93 -22.05
N LEU Q 347 18.62 -8.77 -22.25
CA LEU Q 347 18.45 -10.20 -22.25
C LEU Q 347 19.65 -10.80 -21.57
N ALA Q 348 19.48 -11.16 -20.31
CA ALA Q 348 20.61 -11.71 -19.61
C ALA Q 348 20.25 -12.79 -18.64
N GLY Q 349 21.20 -13.71 -18.50
CA GLY Q 349 21.04 -14.79 -17.58
C GLY Q 349 21.17 -14.20 -16.18
N GLN Q 350 20.24 -14.54 -15.33
CA GLN Q 350 20.30 -14.03 -13.97
C GLN Q 350 21.62 -14.45 -13.37
N ALA Q 351 22.14 -15.56 -13.88
CA ALA Q 351 23.40 -16.13 -13.44
C ALA Q 351 24.63 -15.54 -14.11
N SER Q 352 24.43 -14.74 -15.15
CA SER Q 352 25.55 -14.12 -15.85
C SER Q 352 25.52 -12.60 -15.68
N GLN Q 353 24.32 -12.06 -15.55
CA GLN Q 353 24.09 -10.64 -15.36
C GLN Q 353 24.70 -9.79 -16.46
N LEU Q 354 25.27 -10.47 -17.45
CA LEU Q 354 25.88 -9.84 -18.61
C LEU Q 354 24.80 -9.72 -19.66
N ASN Q 355 24.66 -8.54 -20.26
CA ASN Q 355 23.63 -8.30 -21.25
C ASN Q 355 23.99 -8.81 -22.64
N ALA Q 356 23.20 -9.77 -23.12
CA ALA Q 356 23.40 -10.35 -24.44
C ALA Q 356 23.08 -9.36 -25.53
N VAL Q 357 22.27 -8.36 -25.17
CA VAL Q 357 21.88 -7.32 -26.09
C VAL Q 357 22.88 -6.20 -26.09
N VAL Q 358 23.34 -5.86 -27.28
CA VAL Q 358 24.29 -4.80 -27.52
C VAL Q 358 23.87 -4.08 -28.78
N ASP Q 359 23.30 -2.89 -28.60
CA ASP Q 359 22.82 -2.13 -29.74
C ASP Q 359 23.66 -0.90 -30.06
N LEU Q 360 23.40 -0.36 -31.25
CA LEU Q 360 24.06 0.82 -31.79
C LEU Q 360 23.03 1.78 -32.37
N GLN Q 361 23.31 3.08 -32.28
CA GLN Q 361 22.41 4.11 -32.80
C GLN Q 361 22.44 4.07 -34.32
N ASP Q 362 23.53 3.47 -34.77
CA ASP Q 362 23.95 3.25 -36.14
C ASP Q 362 23.20 2.14 -36.86
N ARG Q 363 22.50 1.31 -36.10
CA ARG Q 363 21.76 0.20 -36.68
C ARG Q 363 20.32 0.57 -36.95
N ASN Q 364 19.69 -0.12 -37.90
CA ASN Q 364 18.30 0.14 -38.24
C ASN Q 364 17.47 -1.13 -38.25
N THR Q 365 17.07 -1.53 -37.06
CA THR Q 365 16.28 -2.72 -36.81
C THR Q 365 14.93 -2.75 -37.50
N GLU Q 366 14.15 -1.68 -37.35
CA GLU Q 366 12.82 -1.59 -37.95
C GLU Q 366 12.83 -1.81 -39.45
N LEU Q 367 13.72 -1.10 -40.13
CA LEU Q 367 13.84 -1.21 -41.58
C LEU Q 367 14.29 -2.59 -41.99
N SER Q 368 15.28 -3.11 -41.27
CA SER Q 368 15.84 -4.42 -41.53
C SER Q 368 14.76 -5.48 -41.55
N TYR Q 369 13.81 -5.32 -40.63
CA TYR Q 369 12.69 -6.22 -40.49
C TYR Q 369 11.72 -6.08 -41.65
N GLN Q 370 11.59 -4.84 -42.13
CA GLN Q 370 10.72 -4.55 -43.25
C GLN Q 370 11.22 -5.26 -44.49
N LEU Q 371 12.53 -5.16 -44.69
CA LEU Q 371 13.16 -5.78 -45.83
C LEU Q 371 13.22 -7.29 -45.68
N LEU Q 372 13.37 -7.79 -44.45
CA LEU Q 372 13.42 -9.21 -44.22
C LEU Q 372 12.10 -9.88 -44.60
N LEU Q 373 10.99 -9.24 -44.24
CA LEU Q 373 9.65 -9.74 -44.53
C LEU Q 373 9.42 -9.92 -46.02
N ASP Q 374 9.77 -8.87 -46.79
CA ASP Q 374 9.62 -8.88 -48.22
C ASP Q 374 10.35 -10.03 -48.89
N SER Q 375 11.51 -10.36 -48.37
CA SER Q 375 12.31 -11.44 -48.92
C SER Q 375 11.76 -12.82 -48.62
N ILE Q 376 11.05 -12.98 -47.51
CA ILE Q 376 10.53 -14.28 -47.15
C ILE Q 376 9.05 -14.54 -47.39
N GLY Q 377 8.34 -13.59 -47.96
CA GLY Q 377 6.93 -13.80 -48.21
C GLY Q 377 6.28 -12.71 -49.03
N ASP Q 378 4.95 -12.75 -49.06
CA ASP Q 378 4.16 -11.79 -49.80
C ASP Q 378 3.65 -10.62 -48.95
N ARG Q 379 4.40 -9.52 -48.96
CA ARG Q 379 4.02 -8.34 -48.20
C ARG Q 379 2.62 -7.84 -48.56
N THR Q 380 2.04 -8.40 -49.62
CA THR Q 380 0.70 -7.97 -50.00
C THR Q 380 -0.37 -8.54 -49.08
N ARG Q 381 -0.06 -9.63 -48.40
CA ARG Q 381 -1.00 -10.26 -47.51
C ARG Q 381 -1.04 -9.59 -46.14
N TYR Q 382 -2.23 -9.56 -45.55
CA TYR Q 382 -2.38 -8.96 -44.25
C TYR Q 382 -2.42 -10.01 -43.16
N PHE Q 383 -1.89 -9.62 -42.01
CA PHE Q 383 -1.83 -10.47 -40.85
C PHE Q 383 -2.05 -9.62 -39.60
N SER Q 384 -3.30 -9.63 -39.13
CA SER Q 384 -3.73 -8.86 -37.97
C SER Q 384 -2.86 -8.99 -36.73
N MET Q 385 -2.47 -10.20 -36.39
CA MET Q 385 -1.67 -10.41 -35.19
C MET Q 385 -0.55 -9.40 -34.98
N TRP Q 386 0.28 -9.21 -35.99
CA TRP Q 386 1.39 -8.27 -35.90
C TRP Q 386 1.10 -6.92 -36.54
N ASN Q 387 -0.15 -6.68 -36.90
CA ASN Q 387 -0.45 -5.41 -37.54
C ASN Q 387 0.31 -5.36 -38.86
N GLN Q 388 0.47 -6.56 -39.41
CA GLN Q 388 1.18 -6.77 -40.65
C GLN Q 388 0.32 -6.40 -41.85
N ALA Q 389 0.30 -5.11 -42.19
CA ALA Q 389 -0.46 -4.59 -43.31
C ALA Q 389 0.31 -3.42 -43.90
N VAL Q 390 1.13 -3.75 -44.89
CA VAL Q 390 2.00 -2.81 -45.59
C VAL Q 390 1.35 -1.55 -46.13
N ASP Q 391 2.13 -0.47 -46.02
CA ASP Q 391 1.74 0.85 -46.50
C ASP Q 391 1.83 0.87 -48.00
N SER Q 392 0.75 1.32 -48.63
CA SER Q 392 0.73 1.38 -50.07
C SER Q 392 -0.04 2.60 -50.50
N TYR Q 393 -0.16 2.71 -51.81
CA TYR Q 393 -0.90 3.80 -52.40
C TYR Q 393 -1.51 3.32 -53.69
N ASP Q 394 -2.54 4.03 -54.15
CA ASP Q 394 -3.21 3.70 -55.39
C ASP Q 394 -2.33 4.09 -56.57
N PRO Q 395 -2.01 3.11 -57.41
CA PRO Q 395 -1.19 3.40 -58.56
C PRO Q 395 -1.77 4.49 -59.44
N ASP Q 396 -3.10 4.56 -59.48
CA ASP Q 396 -3.82 5.54 -60.29
C ASP Q 396 -3.78 6.93 -59.70
N VAL Q 397 -3.35 7.01 -58.45
CA VAL Q 397 -3.25 8.28 -57.79
C VAL Q 397 -1.85 8.83 -57.92
N ARG Q 398 -0.87 7.94 -57.78
CA ARG Q 398 0.53 8.33 -57.90
C ARG Q 398 0.83 8.75 -59.32
N ILE Q 399 0.30 7.98 -60.26
CA ILE Q 399 0.50 8.26 -61.68
C ILE Q 399 -0.82 8.42 -62.37
N ILE Q 400 -1.11 9.63 -62.79
CA ILE Q 400 -2.35 9.89 -63.47
C ILE Q 400 -2.36 9.37 -64.89
N GLU Q 401 -3.38 8.58 -65.18
CA GLU Q 401 -3.59 8.06 -66.51
C GLU Q 401 -4.89 8.63 -67.04
N ASN Q 402 -4.74 9.73 -67.77
CA ASN Q 402 -5.90 10.43 -68.31
C ASN Q 402 -6.36 9.94 -69.67
N HIS Q 403 -7.24 8.96 -69.68
CA HIS Q 403 -7.77 8.48 -70.94
C HIS Q 403 -9.13 9.08 -71.22
N GLY Q 404 -9.49 10.06 -70.38
CA GLY Q 404 -10.76 10.75 -70.51
C GLY Q 404 -11.96 10.02 -69.95
N THR Q 405 -13.10 10.27 -70.61
CA THR Q 405 -14.38 9.71 -70.22
C THR Q 405 -15.21 9.20 -71.38
N GLU Q 406 -15.98 8.14 -71.13
CA GLU Q 406 -16.86 7.56 -72.11
C GLU Q 406 -18.23 8.20 -71.96
N ASP Q 407 -18.32 9.43 -72.47
CA ASP Q 407 -19.52 10.24 -72.40
C ASP Q 407 -20.17 10.48 -73.76
N GLU Q 408 -20.14 9.48 -74.63
CA GLU Q 408 -20.73 9.61 -75.94
C GLU Q 408 -22.23 9.89 -75.87
N LEU Q 409 -22.94 9.08 -75.08
CA LEU Q 409 -24.38 9.20 -74.87
C LEU Q 409 -24.69 10.29 -73.85
N PRO Q 410 -25.76 11.04 -74.07
CA PRO Q 410 -26.12 12.08 -73.11
C PRO Q 410 -26.87 11.48 -71.93
N ASN Q 411 -26.78 12.13 -70.78
CA ASN Q 411 -27.46 11.65 -69.59
C ASN Q 411 -28.52 12.62 -69.12
N TYR Q 412 -29.73 12.12 -68.97
CA TYR Q 412 -30.81 12.97 -68.54
C TYR Q 412 -31.53 12.48 -67.31
N CYS Q 413 -32.21 13.45 -66.72
CA CYS Q 413 -33.05 13.26 -65.56
C CYS Q 413 -34.42 13.79 -65.96
N PHE Q 414 -35.47 13.09 -65.56
CA PHE Q 414 -36.82 13.49 -65.93
C PHE Q 414 -37.74 13.72 -64.75
N PRO Q 415 -38.95 14.22 -65.08
CA PRO Q 415 -39.94 14.48 -64.04
C PRO Q 415 -40.55 13.20 -63.51
N LEU Q 416 -40.88 13.21 -62.22
CA LEU Q 416 -41.46 12.06 -61.56
C LEU Q 416 -42.63 11.44 -62.31
N GLY Q 417 -43.48 12.27 -62.89
CA GLY Q 417 -44.65 11.82 -63.62
C GLY Q 417 -44.36 11.55 -65.09
N GLY Q 418 -43.09 11.76 -65.47
CA GLY Q 418 -42.64 11.55 -66.85
C GLY Q 418 -43.02 12.70 -67.77
N VAL Q 419 -43.81 13.61 -67.22
CA VAL Q 419 -44.30 14.77 -67.94
C VAL Q 419 -44.77 15.80 -66.92
N ILE Q 420 -44.51 17.09 -67.16
CA ILE Q 420 -44.95 18.06 -66.18
C ILE Q 420 -45.62 19.30 -66.76
N ASN Q 421 -45.24 19.65 -67.99
CA ASN Q 421 -45.79 20.82 -68.64
C ASN Q 421 -46.99 20.53 -69.53
N THR Q 422 -47.96 19.80 -68.97
CA THR Q 422 -49.16 19.46 -69.71
C THR Q 422 -50.02 20.69 -69.92
N GLU Q 423 -50.88 20.64 -70.94
CA GLU Q 423 -51.78 21.73 -71.25
C GLU Q 423 -53.22 21.22 -71.27
N THR Q 424 -54.12 21.93 -70.60
CA THR Q 424 -55.52 21.52 -70.56
C THR Q 424 -56.15 21.55 -71.94
N LEU Q 425 -56.82 20.45 -72.29
CA LEU Q 425 -57.46 20.34 -73.57
C LEU Q 425 -58.90 19.84 -73.49
N THR Q 426 -59.59 19.95 -74.62
CA THR Q 426 -60.97 19.51 -74.71
C THR Q 426 -61.17 18.57 -75.89
N LYS Q 427 -61.85 17.46 -75.62
CA LYS Q 427 -62.12 16.49 -76.65
C LYS Q 427 -63.08 17.06 -77.66
N VAL Q 428 -62.87 16.69 -78.91
CA VAL Q 428 -63.70 17.21 -79.99
C VAL Q 428 -64.21 16.13 -80.92
N LYS Q 429 -65.30 16.48 -81.57
CA LYS Q 429 -65.95 15.62 -82.54
C LYS Q 429 -66.03 16.33 -83.87
N PRO Q 430 -65.88 15.54 -84.92
CA PRO Q 430 -65.95 16.03 -86.28
C PRO Q 430 -67.39 16.39 -86.62
N GLY Q 437 -64.53 21.50 -89.78
CA GLY Q 437 -65.84 21.16 -89.26
C GLY Q 437 -65.77 20.25 -88.04
N TRP Q 438 -65.73 20.87 -86.87
CA TRP Q 438 -65.63 20.16 -85.61
C TRP Q 438 -66.59 20.66 -84.54
N GLU Q 439 -66.98 19.72 -83.68
CA GLU Q 439 -67.90 19.97 -82.58
C GLU Q 439 -67.39 19.39 -81.28
N LYS Q 440 -67.48 20.20 -80.23
CA LYS Q 440 -67.03 19.81 -78.92
C LYS Q 440 -67.71 18.54 -78.42
N ASP Q 441 -66.95 17.79 -77.63
CA ASP Q 441 -67.42 16.55 -77.07
C ASP Q 441 -67.59 16.68 -75.57
N ALA Q 442 -68.60 16.00 -75.05
CA ALA Q 442 -68.89 16.01 -73.64
C ALA Q 442 -69.81 14.87 -73.27
N PHE Q 445 -66.41 11.99 -72.44
CA PHE Q 445 -65.16 12.58 -72.02
C PHE Q 445 -65.35 13.88 -71.23
N SER Q 446 -64.29 14.31 -70.53
CA SER Q 446 -64.29 15.49 -69.69
C SER Q 446 -63.86 16.78 -70.36
N ASP Q 447 -64.18 17.89 -69.68
CA ASP Q 447 -63.84 19.20 -70.16
C ASP Q 447 -62.35 19.52 -70.00
N LYS Q 448 -61.69 18.81 -69.09
CA LYS Q 448 -60.27 19.06 -68.85
C LYS Q 448 -59.39 17.82 -68.74
N ASN Q 449 -58.63 17.60 -69.80
CA ASN Q 449 -57.69 16.50 -69.92
C ASN Q 449 -56.30 17.09 -70.07
N GLU Q 450 -55.35 16.55 -69.33
CA GLU Q 450 -54.00 17.04 -69.42
C GLU Q 450 -53.18 16.27 -70.43
N ILE Q 451 -52.66 17.01 -71.41
CA ILE Q 451 -51.85 16.42 -72.46
C ILE Q 451 -50.59 17.23 -72.71
N ARG Q 452 -49.47 16.54 -72.73
CA ARG Q 452 -48.21 17.19 -72.99
C ARG Q 452 -47.92 17.22 -74.48
N VAL Q 453 -47.76 18.42 -75.00
CA VAL Q 453 -47.48 18.59 -76.41
C VAL Q 453 -46.01 18.87 -76.65
N GLY Q 454 -45.32 17.89 -77.24
CA GLY Q 454 -43.91 17.98 -77.53
C GLY Q 454 -43.13 17.00 -76.66
N ASN Q 455 -41.82 17.20 -76.55
CA ASN Q 455 -41.02 16.32 -75.72
C ASN Q 455 -41.23 16.63 -74.25
N ASN Q 456 -40.75 15.77 -73.37
CA ASN Q 456 -40.90 16.00 -71.95
C ASN Q 456 -39.84 16.94 -71.41
N PHE Q 457 -40.01 17.38 -70.17
CA PHE Q 457 -39.04 18.28 -69.57
C PHE Q 457 -37.83 17.45 -69.17
N ALA Q 458 -36.64 17.90 -69.56
CA ALA Q 458 -35.45 17.15 -69.23
C ALA Q 458 -34.26 18.00 -68.82
N MET Q 459 -33.43 17.42 -67.96
CA MET Q 459 -32.22 18.05 -67.49
C MET Q 459 -31.03 17.18 -67.84
N GLU Q 460 -29.95 17.80 -68.29
CA GLU Q 460 -28.78 17.04 -68.69
C GLU Q 460 -27.65 17.07 -67.69
N ILE Q 461 -26.88 15.99 -67.68
CA ILE Q 461 -25.73 15.86 -66.80
C ILE Q 461 -24.72 14.87 -67.38
N ASN Q 462 -23.43 15.21 -67.23
CA ASN Q 462 -22.37 14.35 -67.72
C ASN Q 462 -21.86 13.47 -66.59
N LEU Q 463 -22.51 12.31 -66.45
CA LEU Q 463 -22.19 11.35 -65.42
C LEU Q 463 -20.71 11.02 -65.34
N ASN Q 464 -20.17 10.49 -66.42
CA ASN Q 464 -18.77 10.10 -66.47
C ASN Q 464 -17.78 11.22 -66.17
N ALA Q 465 -17.98 12.38 -66.77
CA ALA Q 465 -17.08 13.48 -66.52
C ALA Q 465 -17.06 13.83 -65.05
N ASN Q 466 -18.25 13.86 -64.47
CA ASN Q 466 -18.44 14.17 -63.07
C ASN Q 466 -17.64 13.23 -62.18
N LEU Q 467 -17.89 11.94 -62.35
CA LEU Q 467 -17.21 10.94 -61.57
C LEU Q 467 -15.70 11.13 -61.63
N TRP Q 468 -15.18 11.26 -62.84
CA TRP Q 468 -13.76 11.45 -63.06
C TRP Q 468 -13.22 12.64 -62.28
N ARG Q 469 -13.98 13.73 -62.33
CA ARG Q 469 -13.64 14.97 -61.65
C ARG Q 469 -13.53 14.75 -60.15
N ASN Q 470 -14.60 14.18 -59.59
CA ASN Q 470 -14.66 13.90 -58.18
C ASN Q 470 -13.46 13.10 -57.70
N PHE Q 471 -13.00 12.19 -58.55
CA PHE Q 471 -11.85 11.36 -58.25
C PHE Q 471 -10.57 12.18 -58.20
N LEU Q 472 -10.45 13.11 -59.14
CA LEU Q 472 -9.28 13.95 -59.22
C LEU Q 472 -9.20 14.92 -58.05
N TYR Q 473 -10.31 15.55 -57.75
CA TYR Q 473 -10.35 16.50 -56.67
C TYR Q 473 -10.09 15.84 -55.33
N SER Q 474 -10.79 14.75 -55.09
CA SER Q 474 -10.62 14.03 -53.83
C SER Q 474 -9.25 13.43 -53.61
N ASN Q 475 -8.72 12.77 -54.64
CA ASN Q 475 -7.44 12.10 -54.50
C ASN Q 475 -6.17 12.87 -54.81
N ILE Q 476 -6.22 13.84 -55.68
CA ILE Q 476 -5.01 14.57 -56.00
C ILE Q 476 -5.02 16.01 -55.55
N ALA Q 477 -6.02 16.75 -56.01
CA ALA Q 477 -6.16 18.15 -55.66
C ALA Q 477 -5.89 18.43 -54.19
N LEU Q 478 -6.73 17.86 -53.34
CA LEU Q 478 -6.60 18.07 -51.91
C LEU Q 478 -5.25 17.73 -51.31
N TYR Q 479 -4.47 16.91 -52.00
CA TYR Q 479 -3.16 16.54 -51.50
C TYR Q 479 -2.06 17.44 -52.02
N LEU Q 480 -2.46 18.37 -52.88
CA LEU Q 480 -1.53 19.30 -53.44
C LEU Q 480 -0.79 20.01 -52.31
N PRO Q 481 0.41 20.49 -52.61
CA PRO Q 481 1.17 21.19 -51.60
C PRO Q 481 0.46 22.45 -51.12
N ASP Q 482 0.69 22.79 -49.85
CA ASP Q 482 0.07 23.97 -49.25
C ASP Q 482 0.27 25.24 -50.04
N LYS Q 483 1.46 25.38 -50.62
CA LYS Q 483 1.82 26.55 -51.39
C LYS Q 483 0.86 26.87 -52.53
N LEU Q 484 0.19 25.83 -53.03
CA LEU Q 484 -0.77 26.00 -54.10
C LEU Q 484 -2.15 26.34 -53.58
N LYS Q 485 -2.31 26.27 -52.25
CA LYS Q 485 -3.57 26.56 -51.58
C LYS Q 485 -3.72 27.98 -51.11
N TYR Q 486 -4.91 28.27 -50.57
CA TYR Q 486 -5.24 29.58 -50.05
C TYR Q 486 -6.28 29.51 -48.93
N SER Q 487 -6.21 30.47 -48.00
CA SER Q 487 -7.12 30.53 -46.87
C SER Q 487 -8.51 31.02 -47.25
N PRO Q 488 -9.53 30.45 -46.61
CA PRO Q 488 -10.91 30.81 -46.88
C PRO Q 488 -11.29 32.12 -46.23
N SER Q 489 -12.22 32.83 -46.86
CA SER Q 489 -12.67 34.09 -46.35
C SER Q 489 -13.74 33.91 -45.28
N ASN Q 490 -13.69 34.78 -44.26
CA ASN Q 490 -14.64 34.76 -43.17
C ASN Q 490 -14.72 33.41 -42.45
N VAL Q 491 -13.60 32.71 -42.39
CA VAL Q 491 -13.57 31.43 -41.72
C VAL Q 491 -12.34 31.29 -40.86
N LYS Q 492 -12.55 31.09 -39.57
CA LYS Q 492 -11.44 30.93 -38.66
C LYS Q 492 -10.64 29.69 -39.01
N ILE Q 493 -9.33 29.84 -39.02
CA ILE Q 493 -8.44 28.75 -39.32
C ILE Q 493 -7.22 28.79 -38.44
N SER Q 494 -6.77 27.62 -38.01
CA SER Q 494 -5.61 27.53 -37.15
C SER Q 494 -4.37 28.16 -37.75
N ASP Q 495 -3.45 28.52 -36.85
CA ASP Q 495 -2.18 29.14 -37.18
C ASP Q 495 -1.12 28.08 -37.39
N ASN Q 496 -1.40 26.90 -36.83
CA ASN Q 496 -0.51 25.76 -36.92
C ASN Q 496 -0.78 24.95 -38.17
N PRO Q 497 0.20 24.97 -39.08
CA PRO Q 497 0.09 24.26 -40.33
C PRO Q 497 0.18 22.75 -40.18
N ASN Q 498 0.71 22.28 -39.04
CA ASN Q 498 0.85 20.86 -38.78
C ASN Q 498 -0.43 20.31 -38.18
N THR Q 499 -1.41 21.19 -38.15
CA THR Q 499 -2.71 20.94 -37.60
C THR Q 499 -3.70 20.40 -38.59
N TYR Q 500 -4.66 19.64 -38.09
CA TYR Q 500 -5.70 19.08 -38.92
C TYR Q 500 -6.63 20.18 -39.38
N ASP Q 501 -6.96 21.08 -38.46
CA ASP Q 501 -7.82 22.19 -38.77
C ASP Q 501 -7.32 22.93 -40.00
N TYR Q 502 -6.01 23.15 -40.01
CA TYR Q 502 -5.34 23.84 -41.08
C TYR Q 502 -5.49 23.10 -42.41
N MET Q 503 -5.02 21.86 -42.43
CA MET Q 503 -5.07 21.02 -43.60
C MET Q 503 -6.48 20.84 -44.12
N ASN Q 504 -7.43 20.87 -43.20
CA ASN Q 504 -8.83 20.69 -43.54
C ASN Q 504 -9.52 21.95 -44.06
N LYS Q 505 -9.03 23.13 -43.67
CA LYS Q 505 -9.66 24.35 -44.12
C LYS Q 505 -9.01 25.00 -45.34
N ARG Q 506 -7.71 24.82 -45.50
CA ARG Q 506 -7.08 25.40 -46.65
C ARG Q 506 -7.87 25.01 -47.89
N VAL Q 507 -8.17 25.96 -48.75
CA VAL Q 507 -8.94 25.63 -49.93
C VAL Q 507 -8.09 25.48 -51.17
N VAL Q 508 -8.52 24.59 -52.06
CA VAL Q 508 -7.81 24.34 -53.29
C VAL Q 508 -8.75 24.38 -54.49
N ALA Q 509 -8.27 25.04 -55.53
CA ALA Q 509 -9.02 25.18 -56.78
C ALA Q 509 -9.01 23.91 -57.60
N PRO Q 510 -10.19 23.42 -57.92
CA PRO Q 510 -10.33 22.21 -58.70
C PRO Q 510 -9.71 22.36 -60.09
N GLY Q 511 -9.67 23.58 -60.58
CA GLY Q 511 -9.10 23.83 -61.89
C GLY Q 511 -7.64 23.43 -61.96
N LEU Q 512 -7.05 23.15 -60.80
CA LEU Q 512 -5.66 22.76 -60.72
C LEU Q 512 -5.45 21.35 -61.24
N VAL Q 513 -6.41 20.48 -60.91
CA VAL Q 513 -6.39 19.10 -61.34
C VAL Q 513 -7.74 18.73 -61.93
N ASP Q 514 -8.13 19.42 -62.99
CA ASP Q 514 -9.42 19.16 -63.60
C ASP Q 514 -9.36 18.01 -64.62
N CYS Q 515 -10.54 17.54 -65.00
CA CYS Q 515 -10.66 16.43 -65.93
C CYS Q 515 -9.88 16.58 -67.22
N TYR Q 516 -9.49 17.80 -67.58
CA TYR Q 516 -8.74 18.00 -68.82
C TYR Q 516 -7.24 18.13 -68.58
N ILE Q 517 -6.82 17.68 -67.40
CA ILE Q 517 -5.43 17.73 -66.99
C ILE Q 517 -4.61 16.67 -67.71
N ASN Q 518 -3.52 17.12 -68.35
CA ASN Q 518 -2.64 16.24 -69.09
C ASN Q 518 -3.38 15.13 -69.82
N LEU Q 519 -4.38 15.55 -70.59
CA LEU Q 519 -5.23 14.63 -71.35
C LEU Q 519 -4.44 13.71 -72.26
N GLY Q 520 -4.77 12.42 -72.17
CA GLY Q 520 -4.14 11.39 -72.99
C GLY Q 520 -2.75 10.97 -72.56
N ALA Q 521 -2.33 11.45 -71.40
CA ALA Q 521 -1.01 11.11 -70.93
C ALA Q 521 -1.03 10.25 -69.67
N ARG Q 522 0.10 9.59 -69.45
CA ARG Q 522 0.36 8.77 -68.29
C ARG Q 522 1.46 9.51 -67.59
N TRP Q 523 1.04 10.48 -66.79
CA TRP Q 523 1.97 11.33 -66.13
C TRP Q 523 1.62 11.66 -64.69
N SER Q 524 2.65 11.64 -63.84
CA SER Q 524 2.46 11.99 -62.46
C SER Q 524 2.68 13.50 -62.38
N LEU Q 525 1.86 14.20 -61.60
CA LEU Q 525 2.03 15.64 -61.50
C LEU Q 525 3.39 16.01 -60.94
N ASP Q 526 4.03 16.96 -61.61
CA ASP Q 526 5.33 17.39 -61.15
C ASP Q 526 5.25 18.00 -59.75
N TYR Q 527 4.05 18.42 -59.36
CA TYR Q 527 3.85 18.99 -58.02
C TYR Q 527 3.84 17.93 -56.95
N MET Q 528 3.27 16.77 -57.30
CA MET Q 528 3.11 15.64 -56.41
C MET Q 528 4.28 14.68 -56.30
N ASP Q 529 5.22 14.75 -57.22
CA ASP Q 529 6.34 13.85 -57.17
C ASP Q 529 7.04 13.79 -55.81
N ASN Q 530 7.29 14.95 -55.20
CA ASN Q 530 7.97 15.02 -53.93
C ASN Q 530 7.07 15.01 -52.71
N VAL Q 531 5.82 14.66 -52.93
CA VAL Q 531 4.86 14.58 -51.86
C VAL Q 531 4.75 13.12 -51.43
N ASN Q 532 4.89 12.86 -50.14
CA ASN Q 532 4.80 11.50 -49.67
C ASN Q 532 3.52 10.85 -50.15
N PRO Q 533 3.64 9.83 -51.00
CA PRO Q 533 2.48 9.14 -51.56
C PRO Q 533 1.76 8.29 -50.55
N PHE Q 534 2.43 7.92 -49.48
CA PHE Q 534 1.86 7.07 -48.47
C PHE Q 534 0.87 7.76 -47.53
N ASN Q 535 1.05 9.06 -47.34
CA ASN Q 535 0.14 9.79 -46.49
C ASN Q 535 -1.11 10.07 -47.30
N HIS Q 536 -2.02 9.10 -47.33
CA HIS Q 536 -3.24 9.22 -48.12
C HIS Q 536 -4.36 8.31 -47.64
N HIS Q 537 -5.60 8.73 -47.87
CA HIS Q 537 -6.76 7.94 -47.48
C HIS Q 537 -6.90 6.68 -48.30
N ARG Q 538 -6.13 6.58 -49.38
CA ARG Q 538 -6.20 5.43 -50.25
C ARG Q 538 -5.09 4.41 -49.97
N ASN Q 539 -4.43 4.59 -48.83
CA ASN Q 539 -3.39 3.68 -48.39
C ASN Q 539 -4.11 2.51 -47.73
N ALA Q 540 -4.22 1.42 -48.47
CA ALA Q 540 -4.92 0.23 -48.01
C ALA Q 540 -4.39 -0.32 -46.69
N GLY Q 541 -3.07 -0.36 -46.56
CA GLY Q 541 -2.44 -0.88 -45.35
C GLY Q 541 -2.85 -0.10 -44.10
N LEU Q 542 -2.69 1.21 -44.18
CA LEU Q 542 -3.04 2.09 -43.08
C LEU Q 542 -4.54 2.06 -42.82
N ARG Q 543 -5.32 2.03 -43.90
CA ARG Q 543 -6.75 1.97 -43.80
C ARG Q 543 -7.21 0.76 -42.99
N TYR Q 544 -6.64 -0.39 -43.33
CA TYR Q 544 -6.95 -1.66 -42.70
C TYR Q 544 -6.56 -1.68 -41.23
N ARG Q 545 -5.39 -1.12 -40.92
CA ARG Q 545 -4.92 -1.07 -39.56
C ARG Q 545 -5.82 -0.18 -38.71
N SER Q 546 -6.34 0.85 -39.35
CA SER Q 546 -7.24 1.77 -38.69
C SER Q 546 -8.55 1.09 -38.34
N MET Q 547 -9.07 0.31 -39.29
CA MET Q 547 -10.32 -0.42 -39.12
C MET Q 547 -10.19 -1.58 -38.14
N LEU Q 548 -8.97 -2.10 -38.02
CA LEU Q 548 -8.65 -3.20 -37.13
C LEU Q 548 -9.00 -2.79 -35.70
N LEU Q 549 -8.81 -1.49 -35.42
CA LEU Q 549 -9.09 -0.90 -34.12
C LEU Q 549 -10.56 -0.58 -33.94
N GLY Q 550 -11.20 -0.25 -35.06
CA GLY Q 550 -12.60 0.10 -35.07
C GLY Q 550 -12.82 1.42 -35.82
N ASN Q 551 -14.05 1.91 -35.76
CA ASN Q 551 -14.44 3.15 -36.42
C ASN Q 551 -14.61 4.30 -35.44
N GLY Q 552 -14.21 4.05 -34.20
CA GLY Q 552 -14.34 5.05 -33.16
C GLY Q 552 -13.04 5.59 -32.61
N ARG Q 553 -13.20 6.79 -32.11
CA ARG Q 553 -12.18 7.62 -31.48
C ARG Q 553 -11.56 6.90 -30.29
N TYR Q 554 -12.43 6.43 -29.39
CA TYR Q 554 -12.03 5.74 -28.17
C TYR Q 554 -11.87 4.26 -28.38
N VAL Q 555 -10.66 3.77 -28.10
CA VAL Q 555 -10.38 2.37 -28.28
C VAL Q 555 -9.54 1.71 -27.20
N PRO Q 556 -10.10 0.66 -26.61
CA PRO Q 556 -9.37 -0.10 -25.64
C PRO Q 556 -8.63 -1.10 -26.53
N PHE Q 557 -7.31 -1.22 -26.39
CA PHE Q 557 -6.63 -2.12 -27.30
C PHE Q 557 -5.93 -3.30 -26.67
N HIS Q 558 -5.76 -4.33 -27.49
CA HIS Q 558 -5.10 -5.57 -27.15
C HIS Q 558 -4.27 -6.01 -28.33
N ILE Q 559 -2.95 -5.94 -28.17
CA ILE Q 559 -2.07 -6.30 -29.24
C ILE Q 559 -0.94 -7.21 -28.82
N GLN Q 560 -0.32 -7.79 -29.84
CA GLN Q 560 0.82 -8.66 -29.71
C GLN Q 560 1.96 -8.07 -30.50
N VAL Q 561 3.05 -7.78 -29.80
CA VAL Q 561 4.24 -7.17 -30.39
C VAL Q 561 5.41 -8.15 -30.47
N PRO Q 562 6.04 -8.17 -31.64
CA PRO Q 562 7.15 -9.07 -31.93
C PRO Q 562 8.51 -8.50 -31.59
N GLN Q 563 9.45 -9.39 -31.31
CA GLN Q 563 10.83 -9.02 -31.03
C GLN Q 563 11.52 -8.98 -32.38
N LYS Q 564 12.15 -7.85 -32.72
CA LYS Q 564 12.79 -7.73 -34.03
C LYS Q 564 14.30 -7.77 -34.01
N PHE Q 565 14.88 -7.44 -32.87
CA PHE Q 565 16.31 -7.44 -32.74
C PHE Q 565 16.91 -8.73 -33.30
N PHE Q 566 17.84 -8.59 -34.24
CA PHE Q 566 18.45 -9.73 -34.91
C PHE Q 566 19.19 -10.74 -34.06
N ALA Q 567 19.88 -10.32 -33.00
CA ALA Q 567 20.63 -11.25 -32.19
C ALA Q 567 19.80 -12.19 -31.33
N ILE Q 568 18.53 -11.84 -31.10
CA ILE Q 568 17.70 -12.67 -30.25
C ILE Q 568 16.39 -13.17 -30.88
N LYS Q 569 15.95 -12.56 -31.98
CA LYS Q 569 14.71 -12.93 -32.64
C LYS Q 569 14.49 -14.40 -33.01
N ASN Q 570 15.56 -15.10 -33.40
CA ASN Q 570 15.45 -16.51 -33.79
C ASN Q 570 16.26 -17.42 -32.91
N LEU Q 571 16.76 -16.86 -31.83
CA LEU Q 571 17.58 -17.60 -30.92
C LEU Q 571 16.85 -18.73 -30.20
N LEU Q 572 17.56 -19.85 -30.08
CA LEU Q 572 17.08 -21.01 -29.37
C LEU Q 572 17.72 -20.95 -28.00
N LEU Q 573 16.88 -20.59 -27.02
CA LEU Q 573 17.26 -20.41 -25.64
C LEU Q 573 17.31 -21.70 -24.82
N LEU Q 574 18.45 -21.95 -24.19
CA LEU Q 574 18.59 -23.15 -23.38
C LEU Q 574 18.02 -22.93 -21.99
N PRO Q 575 17.93 -24.00 -21.21
CA PRO Q 575 17.39 -23.89 -19.88
C PRO Q 575 18.20 -22.96 -19.00
N GLY Q 576 17.47 -22.27 -18.12
CA GLY Q 576 18.02 -21.31 -17.20
C GLY Q 576 17.00 -20.20 -17.00
N SER Q 577 17.34 -19.26 -16.13
CA SER Q 577 16.46 -18.14 -15.87
C SER Q 577 17.07 -16.89 -16.46
N TYR Q 578 16.27 -16.14 -17.21
CA TYR Q 578 16.80 -14.93 -17.82
C TYR Q 578 16.00 -13.70 -17.54
N THR Q 579 16.75 -12.59 -17.54
CA THR Q 579 16.17 -11.28 -17.33
C THR Q 579 15.94 -10.68 -18.70
N TYR Q 580 14.67 -10.49 -19.01
CA TYR Q 580 14.28 -9.94 -20.28
C TYR Q 580 13.56 -8.64 -20.02
N GLU Q 581 14.14 -7.55 -20.49
CA GLU Q 581 13.55 -6.26 -20.26
C GLU Q 581 13.57 -5.38 -21.51
N TRP Q 582 12.50 -4.61 -21.69
CA TRP Q 582 12.41 -3.75 -22.85
C TRP Q 582 11.65 -2.45 -22.58
N ASN Q 583 11.94 -1.46 -23.42
CA ASN Q 583 11.33 -0.15 -23.34
C ASN Q 583 10.37 0.10 -24.48
N PHE Q 584 9.25 0.73 -24.12
CA PHE Q 584 8.22 1.06 -25.06
C PHE Q 584 7.96 2.54 -25.10
N ARG Q 585 7.78 3.04 -26.32
CA ARG Q 585 7.53 4.43 -26.57
C ARG Q 585 6.09 4.78 -26.24
N LYS Q 586 5.86 6.04 -25.89
CA LYS Q 586 4.53 6.54 -25.54
C LYS Q 586 4.14 7.69 -26.44
N ASP Q 587 5.13 8.19 -27.18
CA ASP Q 587 4.95 9.30 -28.10
C ASP Q 587 3.99 8.98 -29.23
N VAL Q 588 2.82 9.62 -29.22
CA VAL Q 588 1.83 9.38 -30.26
C VAL Q 588 2.33 9.63 -31.68
N ASN Q 589 3.23 10.59 -31.85
CA ASN Q 589 3.72 10.85 -33.18
C ASN Q 589 4.57 9.68 -33.68
N MET Q 590 4.99 8.86 -32.73
CA MET Q 590 5.81 7.70 -33.02
C MET Q 590 5.03 6.39 -33.08
N VAL Q 591 4.19 6.17 -32.08
CA VAL Q 591 3.43 4.93 -32.03
C VAL Q 591 2.21 4.90 -32.93
N LEU Q 592 1.71 6.09 -33.27
CA LEU Q 592 0.54 6.19 -34.13
C LEU Q 592 0.89 6.76 -35.50
N GLN Q 593 0.01 6.48 -36.45
CA GLN Q 593 0.19 6.95 -37.80
C GLN Q 593 -1.12 7.48 -38.34
N SER Q 594 -1.05 8.59 -39.06
CA SER Q 594 -2.23 9.20 -39.64
C SER Q 594 -2.06 9.35 -41.14
N SER Q 595 -3.16 9.44 -41.87
CA SER Q 595 -3.07 9.59 -43.31
C SER Q 595 -2.72 11.02 -43.74
N LEU Q 596 -3.10 12.00 -42.91
CA LEU Q 596 -2.84 13.40 -43.17
C LEU Q 596 -1.45 13.78 -42.66
N GLY Q 597 -0.99 13.00 -41.68
CA GLY Q 597 0.31 13.21 -41.08
C GLY Q 597 0.35 14.40 -40.14
N ASN Q 598 -0.82 14.81 -39.65
CA ASN Q 598 -0.90 15.94 -38.73
C ASN Q 598 -0.16 15.67 -37.41
N ASP Q 599 -0.01 16.71 -36.60
CA ASP Q 599 0.68 16.59 -35.32
C ASP Q 599 -0.27 16.09 -34.23
N LEU Q 600 -0.18 14.79 -33.97
CA LEU Q 600 -1.03 14.14 -32.98
C LEU Q 600 -0.86 14.65 -31.55
N ARG Q 601 0.29 15.26 -31.25
CA ARG Q 601 0.49 15.77 -29.90
C ARG Q 601 -0.43 16.97 -29.67
N VAL Q 602 -0.42 17.88 -30.65
CA VAL Q 602 -1.23 19.07 -30.63
C VAL Q 602 -2.69 18.70 -30.89
N ASP Q 603 -2.85 17.70 -31.74
CA ASP Q 603 -4.15 17.21 -32.16
C ASP Q 603 -4.95 16.31 -31.23
N GLY Q 604 -4.56 16.25 -29.96
CA GLY Q 604 -5.29 15.47 -28.97
C GLY Q 604 -5.24 13.95 -28.96
N ALA Q 605 -4.35 13.31 -29.72
CA ALA Q 605 -4.32 11.85 -29.63
C ALA Q 605 -3.74 11.45 -28.28
N SER Q 606 -4.22 10.36 -27.70
CA SER Q 606 -3.71 9.92 -26.40
C SER Q 606 -3.58 8.41 -26.31
N ILE Q 607 -2.63 7.95 -25.50
CA ILE Q 607 -2.40 6.53 -25.33
C ILE Q 607 -1.90 6.16 -23.94
N LYS Q 608 -2.52 5.14 -23.36
CA LYS Q 608 -2.16 4.67 -22.04
C LYS Q 608 -2.02 3.15 -21.98
N PHE Q 609 -0.89 2.69 -21.41
CA PHE Q 609 -0.60 1.28 -21.27
C PHE Q 609 -1.07 0.74 -19.93
N ASP Q 610 -2.00 -0.20 -19.98
CA ASP Q 610 -2.52 -0.76 -18.75
C ASP Q 610 -1.78 -1.99 -18.28
N SER Q 611 -1.40 -2.84 -19.21
CA SER Q 611 -0.70 -4.04 -18.83
C SER Q 611 0.06 -4.67 -19.96
N ILE Q 612 1.22 -5.22 -19.62
CA ILE Q 612 2.05 -5.89 -20.58
C ILE Q 612 2.52 -7.22 -20.03
N CYS Q 613 2.27 -8.27 -20.81
CA CYS Q 613 2.66 -9.60 -20.44
C CYS Q 613 3.65 -10.16 -21.44
N LEU Q 614 4.27 -11.26 -21.05
CA LEU Q 614 5.23 -11.93 -21.89
C LEU Q 614 4.78 -13.35 -22.14
N TYR Q 615 4.57 -13.69 -23.41
CA TYR Q 615 4.14 -15.03 -23.76
C TYR Q 615 5.25 -15.81 -24.44
N ALA Q 616 5.24 -17.12 -24.21
CA ALA Q 616 6.21 -18.02 -24.78
C ALA Q 616 5.63 -19.41 -24.98
N THR Q 617 5.80 -19.95 -26.18
CA THR Q 617 5.28 -21.26 -26.51
C THR Q 617 6.41 -22.27 -26.59
N PHE Q 618 6.18 -23.47 -26.08
CA PHE Q 618 7.23 -24.48 -26.10
C PHE Q 618 6.84 -25.78 -26.79
N PHE Q 619 7.74 -26.25 -27.63
CA PHE Q 619 7.51 -27.52 -28.28
C PHE Q 619 7.59 -28.53 -27.14
N PRO Q 620 6.59 -29.40 -27.00
CA PRO Q 620 6.58 -30.34 -25.91
C PRO Q 620 7.52 -31.50 -26.18
N MET Q 621 8.76 -31.14 -26.49
CA MET Q 621 9.80 -32.09 -26.82
C MET Q 621 10.06 -33.16 -25.77
N ALA Q 622 10.37 -34.36 -26.26
CA ALA Q 622 10.68 -35.46 -25.37
C ALA Q 622 11.85 -35.04 -24.50
N HIS Q 623 11.76 -35.37 -23.22
CA HIS Q 623 12.79 -35.00 -22.27
C HIS Q 623 14.18 -35.52 -22.58
N ASN Q 624 14.28 -36.79 -22.98
CA ASN Q 624 15.58 -37.34 -23.30
C ASN Q 624 16.20 -36.59 -24.47
N THR Q 625 15.35 -36.35 -25.47
CA THR Q 625 15.74 -35.64 -26.68
C THR Q 625 16.18 -34.21 -26.37
N ALA Q 626 15.30 -33.48 -25.69
CA ALA Q 626 15.58 -32.11 -25.32
C ALA Q 626 16.91 -32.01 -24.60
N SER Q 627 17.09 -32.92 -23.64
CA SER Q 627 18.30 -32.98 -22.85
C SER Q 627 19.53 -33.20 -23.71
N THR Q 628 19.39 -34.07 -24.71
CA THR Q 628 20.47 -34.37 -25.62
C THR Q 628 20.82 -33.19 -26.50
N LEU Q 629 19.77 -32.52 -26.98
CA LEU Q 629 19.95 -31.36 -27.82
C LEU Q 629 20.65 -30.25 -27.06
N GLU Q 630 20.34 -30.16 -25.77
CA GLU Q 630 20.93 -29.17 -24.89
C GLU Q 630 22.42 -29.32 -24.80
N ALA Q 631 22.83 -30.55 -24.45
CA ALA Q 631 24.23 -30.90 -24.33
C ALA Q 631 25.03 -30.49 -25.55
N MET Q 632 24.49 -30.78 -26.72
CA MET Q 632 25.14 -30.46 -27.98
C MET Q 632 25.28 -28.95 -28.18
N LEU Q 633 24.18 -28.25 -27.95
CA LEU Q 633 24.15 -26.81 -28.12
C LEU Q 633 25.01 -26.07 -27.10
N ARG Q 634 25.49 -26.80 -26.10
CA ARG Q 634 26.31 -26.18 -25.08
C ARG Q 634 27.77 -26.09 -25.46
N ASN Q 635 28.16 -26.80 -26.52
CA ASN Q 635 29.53 -26.76 -26.98
C ASN Q 635 29.72 -25.59 -27.92
N ASP Q 636 30.85 -24.91 -27.78
CA ASP Q 636 31.11 -23.76 -28.62
C ASP Q 636 31.09 -24.07 -30.10
N THR Q 637 31.53 -25.26 -30.47
CA THR Q 637 31.50 -25.59 -31.88
C THR Q 637 30.08 -25.51 -32.44
N ASN Q 638 29.11 -25.68 -31.55
CA ASN Q 638 27.70 -25.61 -31.90
C ASN Q 638 27.03 -24.31 -31.49
N ASP Q 639 27.82 -23.25 -31.42
CA ASP Q 639 27.33 -21.95 -31.07
C ASP Q 639 26.43 -21.40 -32.17
N GLN Q 640 25.32 -20.78 -31.77
CA GLN Q 640 24.40 -20.21 -32.73
C GLN Q 640 24.95 -18.90 -33.28
N SER Q 641 24.49 -18.50 -34.45
CA SER Q 641 24.98 -17.24 -35.03
C SER Q 641 23.96 -16.60 -35.96
N PHE Q 642 23.91 -15.27 -35.88
CA PHE Q 642 22.97 -14.51 -36.69
C PHE Q 642 23.60 -13.23 -37.20
N ASN Q 643 22.98 -12.73 -38.26
CA ASN Q 643 23.38 -11.49 -38.87
C ASN Q 643 22.13 -10.68 -39.15
N ASP Q 644 22.28 -9.38 -39.12
CA ASP Q 644 21.16 -8.52 -39.38
C ASP Q 644 20.85 -8.56 -40.87
N TYR Q 645 19.58 -8.64 -41.23
CA TYR Q 645 19.22 -8.68 -42.63
C TYR Q 645 19.72 -7.48 -43.41
N LEU Q 646 19.53 -6.30 -42.86
CA LEU Q 646 19.97 -5.07 -43.52
C LEU Q 646 21.47 -5.03 -43.71
N SER Q 647 22.17 -5.48 -42.68
CA SER Q 647 23.62 -5.55 -42.69
C SER Q 647 24.27 -4.24 -43.12
N ALA Q 648 24.08 -3.20 -42.34
CA ALA Q 648 24.66 -1.93 -42.71
C ALA Q 648 24.74 -0.92 -41.58
N ALA Q 649 25.66 0.02 -41.77
CA ALA Q 649 25.89 1.13 -40.89
C ALA Q 649 25.09 2.25 -41.51
N ASN Q 650 24.17 2.84 -40.78
CA ASN Q 650 23.34 3.88 -41.34
C ASN Q 650 23.73 5.29 -41.03
N MET Q 651 23.86 6.10 -42.08
CA MET Q 651 24.22 7.48 -41.90
C MET Q 651 23.25 8.44 -42.58
N LEU Q 652 23.10 9.59 -41.92
CA LEU Q 652 22.24 10.63 -42.41
C LEU Q 652 23.03 11.93 -42.50
N TYR Q 653 22.98 12.52 -43.69
CA TYR Q 653 23.64 13.79 -43.95
C TYR Q 653 22.64 14.79 -44.45
N PRO Q 654 22.67 15.95 -43.83
CA PRO Q 654 21.77 17.03 -44.13
C PRO Q 654 22.00 17.67 -45.49
N ILE Q 655 20.86 18.02 -46.10
CA ILE Q 655 20.78 18.67 -47.38
C ILE Q 655 19.93 19.92 -47.21
N PRO Q 656 20.61 21.04 -47.00
CA PRO Q 656 19.90 22.30 -46.81
C PRO Q 656 18.98 22.61 -47.96
N ALA Q 657 17.90 23.31 -47.65
CA ALA Q 657 16.94 23.67 -48.68
C ALA Q 657 17.65 24.32 -49.85
N ASN Q 658 17.32 23.86 -51.04
CA ASN Q 658 17.91 24.41 -52.25
C ASN Q 658 19.35 23.98 -52.53
N ALA Q 659 19.95 23.27 -51.59
CA ALA Q 659 21.29 22.78 -51.78
C ALA Q 659 21.25 21.80 -52.94
N THR Q 660 22.35 21.67 -53.67
CA THR Q 660 22.37 20.78 -54.82
C THR Q 660 23.58 19.85 -54.81
N ASN Q 661 24.57 20.23 -54.02
CA ASN Q 661 25.79 19.47 -53.91
C ASN Q 661 25.91 18.91 -52.50
N VAL Q 662 26.19 17.61 -52.42
CA VAL Q 662 26.34 16.95 -51.14
C VAL Q 662 27.61 16.12 -51.09
N PRO Q 663 28.62 16.72 -50.46
CA PRO Q 663 29.90 16.07 -50.32
C PRO Q 663 30.01 15.39 -48.97
N ILE Q 664 30.50 14.17 -48.99
CA ILE Q 664 30.67 13.43 -47.77
C ILE Q 664 32.07 12.89 -47.67
N SER Q 665 32.60 12.95 -46.46
CA SER Q 665 33.95 12.49 -46.24
C SER Q 665 34.04 11.49 -45.12
N ILE Q 666 34.81 10.44 -45.37
CA ILE Q 666 35.05 9.39 -44.41
C ILE Q 666 36.53 9.28 -44.16
N PRO Q 667 36.94 9.64 -42.95
CA PRO Q 667 38.34 9.59 -42.61
C PRO Q 667 38.91 8.20 -42.83
N SER Q 668 40.15 8.17 -43.29
CA SER Q 668 40.81 6.91 -43.56
C SER Q 668 40.47 5.86 -42.53
N ARG Q 669 40.08 4.70 -43.03
CA ARG Q 669 39.69 3.57 -42.21
C ARG Q 669 39.87 2.27 -42.98
N ASN Q 670 39.50 1.17 -42.32
CA ASN Q 670 39.60 -0.15 -42.91
C ASN Q 670 38.37 -0.51 -43.74
N TRP Q 671 38.60 -1.12 -44.90
CA TRP Q 671 37.50 -1.47 -45.78
C TRP Q 671 37.33 -2.94 -46.07
N ALA Q 672 38.11 -3.79 -45.42
CA ALA Q 672 37.98 -5.21 -45.67
C ALA Q 672 36.57 -5.70 -45.41
N ALA Q 673 36.06 -6.50 -46.35
CA ALA Q 673 34.72 -7.07 -46.25
C ALA Q 673 33.61 -6.11 -46.65
N PHE Q 674 33.98 -4.91 -47.08
CA PHE Q 674 33.02 -3.93 -47.50
C PHE Q 674 32.14 -4.53 -48.60
N ARG Q 675 30.83 -4.35 -48.47
CA ARG Q 675 29.92 -4.93 -49.47
C ARG Q 675 29.42 -3.97 -50.53
N GLY Q 676 29.28 -2.70 -50.18
CA GLY Q 676 28.79 -1.74 -51.16
C GLY Q 676 27.94 -0.65 -50.53
N TRP Q 677 27.34 0.17 -51.39
CA TRP Q 677 26.52 1.28 -50.96
C TRP Q 677 25.08 1.17 -51.41
N ALA Q 678 24.21 1.76 -50.59
CA ALA Q 678 22.79 1.85 -50.83
C ALA Q 678 22.34 3.22 -50.34
N PHE Q 679 21.47 3.90 -51.07
CA PHE Q 679 21.06 5.22 -50.63
C PHE Q 679 19.74 5.74 -51.17
N THR Q 680 19.22 6.72 -50.44
CA THR Q 680 17.98 7.43 -50.70
C THR Q 680 18.10 8.85 -50.20
N ARG Q 681 16.94 9.49 -50.14
CA ARG Q 681 16.81 10.83 -49.68
C ARG Q 681 15.51 10.98 -48.90
N LEU Q 682 15.61 11.53 -47.70
CA LEU Q 682 14.45 11.71 -46.85
C LEU Q 682 14.24 13.17 -46.51
N LYS Q 683 13.02 13.46 -46.06
CA LYS Q 683 12.67 14.79 -45.65
C LYS Q 683 12.96 14.90 -44.17
N THR Q 684 13.63 15.97 -43.78
CA THR Q 684 13.92 16.13 -42.38
C THR Q 684 12.67 16.09 -41.54
N LYS Q 685 11.59 16.68 -42.05
CA LYS Q 685 10.33 16.71 -41.34
C LYS Q 685 9.76 15.32 -41.05
N GLU Q 686 10.03 14.38 -41.95
CA GLU Q 686 9.52 13.03 -41.80
C GLU Q 686 10.50 12.08 -41.12
N THR Q 687 11.57 12.61 -40.56
CA THR Q 687 12.57 11.78 -39.91
C THR Q 687 12.76 12.17 -38.46
N PRO Q 688 12.08 11.47 -37.57
CA PRO Q 688 12.21 11.73 -36.15
C PRO Q 688 13.67 11.57 -35.76
N SER Q 689 14.07 12.26 -34.70
CA SER Q 689 15.44 12.15 -34.25
C SER Q 689 15.54 10.93 -33.36
N LEU Q 690 16.47 10.02 -33.66
CA LEU Q 690 16.57 8.84 -32.84
C LEU Q 690 17.70 8.85 -31.82
N GLY Q 691 18.51 9.91 -31.84
CA GLY Q 691 19.62 10.03 -30.91
C GLY Q 691 19.13 10.43 -29.52
N SER Q 692 17.93 9.95 -29.17
CA SER Q 692 17.34 10.27 -27.88
C SER Q 692 15.96 9.65 -27.69
N GLY Q 693 15.59 9.49 -26.42
CA GLY Q 693 14.33 8.89 -26.04
C GLY Q 693 13.11 9.72 -26.44
N TYR Q 694 13.30 11.00 -26.73
CA TYR Q 694 12.19 11.86 -27.10
C TYR Q 694 12.61 13.04 -27.99
N ASP Q 695 11.84 13.27 -29.06
CA ASP Q 695 12.13 14.35 -30.00
C ASP Q 695 11.09 15.46 -29.90
N PRO Q 696 11.47 16.50 -29.16
CA PRO Q 696 10.63 17.66 -28.95
C PRO Q 696 10.22 18.35 -30.22
N TYR Q 697 11.05 18.27 -31.27
CA TYR Q 697 10.74 18.95 -32.52
C TYR Q 697 10.03 18.10 -33.59
N TYR Q 698 9.57 16.92 -33.22
CA TYR Q 698 8.90 16.03 -34.14
C TYR Q 698 7.39 16.24 -34.12
N THR Q 699 6.90 17.02 -35.09
CA THR Q 699 5.48 17.33 -35.21
C THR Q 699 4.88 16.79 -36.49
N TYR Q 700 5.01 15.47 -36.66
CA TYR Q 700 4.54 14.80 -37.84
C TYR Q 700 4.14 13.37 -37.51
N SER Q 701 3.07 12.86 -38.12
CA SER Q 701 2.64 11.50 -37.81
C SER Q 701 2.38 10.62 -39.03
N GLY Q 702 2.97 10.98 -40.16
CA GLY Q 702 2.79 10.19 -41.36
C GLY Q 702 3.77 9.03 -41.46
N SER Q 703 3.93 8.52 -42.66
CA SER Q 703 4.84 7.41 -42.91
C SER Q 703 6.27 7.86 -42.62
N ILE Q 704 7.08 6.95 -42.10
CA ILE Q 704 8.47 7.27 -41.79
C ILE Q 704 9.40 6.41 -42.62
N PRO Q 705 9.71 6.86 -43.83
CA PRO Q 705 10.56 6.11 -44.73
C PRO Q 705 11.80 5.49 -44.11
N TYR Q 706 12.49 6.22 -43.25
CA TYR Q 706 13.71 5.70 -42.63
C TYR Q 706 13.48 4.38 -41.89
N LEU Q 707 12.28 4.23 -41.34
CA LEU Q 707 11.93 3.04 -40.60
C LEU Q 707 11.04 2.06 -41.34
N ASP Q 708 10.12 2.56 -42.16
CA ASP Q 708 9.19 1.68 -42.85
C ASP Q 708 9.48 1.29 -44.30
N GLY Q 709 10.32 2.05 -45.00
CA GLY Q 709 10.64 1.72 -46.37
C GLY Q 709 9.73 2.39 -47.40
N THR Q 710 8.99 3.39 -46.95
CA THR Q 710 8.10 4.09 -47.86
C THR Q 710 8.86 5.15 -48.65
N PHE Q 711 10.00 4.76 -49.19
CA PHE Q 711 10.84 5.64 -49.98
C PHE Q 711 10.11 6.15 -51.21
N TYR Q 712 10.31 7.45 -51.48
CA TYR Q 712 9.66 8.08 -52.62
C TYR Q 712 10.45 9.23 -53.24
N LEU Q 713 11.73 9.40 -52.91
CA LEU Q 713 12.47 10.51 -53.48
C LEU Q 713 13.69 10.13 -54.31
N ASN Q 714 13.72 8.90 -54.79
CA ASN Q 714 14.82 8.39 -55.58
C ASN Q 714 15.06 9.05 -56.92
N HIS Q 715 14.02 9.69 -57.46
CA HIS Q 715 14.13 10.33 -58.75
C HIS Q 715 14.84 11.68 -58.71
N THR Q 716 15.20 12.12 -57.51
CA THR Q 716 15.87 13.41 -57.35
C THR Q 716 17.38 13.35 -57.41
N PHE Q 717 17.92 12.14 -57.59
CA PHE Q 717 19.35 12.00 -57.65
C PHE Q 717 19.85 12.27 -59.04
N LYS Q 718 20.95 13.01 -59.14
CA LYS Q 718 21.51 13.34 -60.43
C LYS Q 718 22.72 12.48 -60.76
N LYS Q 719 23.66 12.45 -59.83
CA LYS Q 719 24.87 11.68 -60.04
C LYS Q 719 25.63 11.41 -58.74
N VAL Q 720 26.56 10.48 -58.85
CA VAL Q 720 27.39 10.09 -57.73
C VAL Q 720 28.82 9.86 -58.17
N ALA Q 721 29.73 10.48 -57.44
CA ALA Q 721 31.14 10.35 -57.69
C ALA Q 721 31.80 9.74 -56.48
N ILE Q 722 32.48 8.61 -56.68
CA ILE Q 722 33.15 7.93 -55.58
C ILE Q 722 34.66 8.00 -55.71
N THR Q 723 35.32 8.39 -54.63
CA THR Q 723 36.76 8.53 -54.66
C THR Q 723 37.48 8.03 -53.42
N PHE Q 724 38.47 7.19 -53.66
CA PHE Q 724 39.29 6.65 -52.59
C PHE Q 724 40.58 7.44 -52.54
N ASP Q 725 41.08 7.65 -51.34
CA ASP Q 725 42.32 8.35 -51.08
C ASP Q 725 42.54 9.67 -51.83
N SER Q 726 41.51 10.48 -51.93
CA SER Q 726 41.62 11.78 -52.59
C SER Q 726 42.08 11.79 -54.03
N SER Q 727 42.35 10.63 -54.64
CA SER Q 727 42.82 10.66 -56.01
C SER Q 727 42.24 9.59 -56.90
N VAL Q 728 42.05 8.41 -56.34
CA VAL Q 728 41.54 7.26 -57.06
C VAL Q 728 40.03 7.20 -57.22
N SER Q 729 39.61 7.18 -58.48
CA SER Q 729 38.21 7.09 -58.85
C SER Q 729 37.72 5.66 -58.96
N TRP Q 730 36.67 5.35 -58.21
CA TRP Q 730 36.06 4.06 -58.22
C TRP Q 730 34.76 4.15 -58.99
N PRO Q 731 34.50 3.20 -59.89
CA PRO Q 731 35.35 2.05 -60.16
C PRO Q 731 36.48 2.32 -61.14
N GLY Q 732 36.50 3.52 -61.72
CA GLY Q 732 37.54 3.85 -62.68
C GLY Q 732 37.62 2.74 -63.73
N ASN Q 733 38.83 2.43 -64.18
CA ASN Q 733 39.06 1.38 -65.16
C ASN Q 733 38.34 1.55 -66.49
N ASP Q 734 37.80 2.75 -66.71
CA ASP Q 734 37.11 3.03 -67.97
C ASP Q 734 35.87 2.19 -68.17
N ARG Q 735 35.27 1.74 -67.08
CA ARG Q 735 34.08 0.91 -67.12
C ARG Q 735 32.80 1.54 -67.67
N LEU Q 736 32.39 2.68 -67.10
CA LEU Q 736 31.17 3.36 -67.51
C LEU Q 736 31.30 4.32 -68.69
N LEU Q 737 30.16 4.61 -69.33
CA LEU Q 737 30.12 5.52 -70.47
C LEU Q 737 30.71 6.88 -70.10
N THR Q 738 30.49 7.25 -68.84
CA THR Q 738 31.00 8.46 -68.21
C THR Q 738 31.74 8.01 -66.95
N PRO Q 739 32.85 7.35 -67.23
CA PRO Q 739 33.78 6.71 -66.32
C PRO Q 739 34.08 7.40 -65.00
N ASN Q 740 34.08 8.73 -64.95
CA ASN Q 740 34.43 9.40 -63.70
C ASN Q 740 33.35 9.43 -62.63
N GLU Q 741 32.16 8.97 -62.96
CA GLU Q 741 31.11 9.01 -61.98
C GLU Q 741 29.88 8.25 -62.42
N PHE Q 742 28.97 8.08 -61.48
CA PHE Q 742 27.72 7.41 -61.74
C PHE Q 742 26.66 8.46 -62.05
N GLU Q 743 26.24 8.49 -63.31
CA GLU Q 743 25.23 9.42 -63.75
C GLU Q 743 23.87 8.75 -63.67
N ILE Q 744 23.04 9.20 -62.75
CA ILE Q 744 21.72 8.60 -62.60
C ILE Q 744 20.75 8.98 -63.71
N LYS Q 745 20.80 10.24 -64.15
CA LYS Q 745 19.92 10.72 -65.19
C LYS Q 745 20.51 11.93 -65.93
N ARG Q 746 20.10 12.10 -67.19
CA ARG Q 746 20.57 13.22 -68.03
C ARG Q 746 19.42 14.06 -68.56
N SER Q 747 19.68 15.37 -68.73
CA SER Q 747 18.67 16.29 -69.22
C SER Q 747 18.85 16.75 -70.66
N VAL Q 748 17.96 16.25 -71.52
CA VAL Q 748 17.89 16.57 -72.95
C VAL Q 748 19.22 16.56 -73.69
N ASP Q 749 20.13 17.40 -73.23
CA ASP Q 749 21.44 17.53 -73.84
C ASP Q 749 22.18 16.20 -74.00
N GLY Q 750 21.89 15.24 -73.13
CA GLY Q 750 22.55 13.96 -73.22
C GLY Q 750 21.63 12.81 -73.60
N GLU Q 751 20.50 13.12 -74.22
CA GLU Q 751 19.56 12.11 -74.64
C GLU Q 751 20.19 10.79 -75.05
N GLY Q 752 21.07 10.80 -76.05
CA GLY Q 752 21.72 9.61 -76.56
C GLY Q 752 22.19 8.60 -75.51
N TYR Q 753 22.58 9.08 -74.33
CA TYR Q 753 23.05 8.19 -73.30
C TYR Q 753 21.93 7.65 -72.41
N ASN Q 754 20.70 8.03 -72.74
CA ASN Q 754 19.55 7.59 -71.98
C ASN Q 754 19.01 6.27 -72.50
N VAL Q 755 18.11 5.68 -71.73
CA VAL Q 755 17.53 4.40 -72.10
C VAL Q 755 16.10 4.24 -71.58
N ALA Q 756 15.48 3.13 -71.94
CA ALA Q 756 14.13 2.76 -71.53
C ALA Q 756 13.03 3.79 -71.77
N GLN Q 757 13.27 4.75 -72.66
CA GLN Q 757 12.28 5.76 -72.96
C GLN Q 757 12.00 6.75 -71.86
N CYS Q 758 13.05 7.06 -71.09
CA CYS Q 758 12.97 8.01 -70.02
C CYS Q 758 14.30 8.73 -69.89
N ASN Q 759 14.47 9.51 -68.83
CA ASN Q 759 15.71 10.24 -68.64
C ASN Q 759 16.80 9.49 -67.91
N MET Q 760 16.61 8.18 -67.70
CA MET Q 760 17.63 7.41 -67.01
C MET Q 760 18.74 7.05 -67.99
N THR Q 761 19.97 6.94 -67.48
CA THR Q 761 21.08 6.63 -68.34
C THR Q 761 21.27 5.14 -68.55
N LYS Q 762 21.93 4.79 -69.64
CA LYS Q 762 22.20 3.42 -69.96
C LYS Q 762 23.05 2.81 -68.85
N ASP Q 763 24.06 3.57 -68.44
CA ASP Q 763 25.01 3.18 -67.40
C ASP Q 763 24.32 2.76 -66.11
N TRP Q 764 23.45 3.65 -65.64
CA TRP Q 764 22.71 3.45 -64.41
C TRP Q 764 21.74 2.28 -64.49
N PHE Q 765 21.03 2.18 -65.61
CA PHE Q 765 20.09 1.11 -65.80
C PHE Q 765 20.79 -0.23 -65.74
N LEU Q 766 22.00 -0.25 -66.27
CA LEU Q 766 22.83 -1.44 -66.30
C LEU Q 766 23.26 -1.85 -64.90
N VAL Q 767 23.70 -0.88 -64.12
CA VAL Q 767 24.14 -1.13 -62.75
C VAL Q 767 23.01 -1.60 -61.86
N GLN Q 768 21.87 -0.96 -61.97
CA GLN Q 768 20.73 -1.33 -61.16
C GLN Q 768 20.23 -2.73 -61.48
N MET Q 769 20.22 -3.06 -62.77
CA MET Q 769 19.76 -4.37 -63.22
C MET Q 769 20.67 -5.49 -62.74
N LEU Q 770 21.98 -5.25 -62.79
CA LEU Q 770 22.95 -6.23 -62.35
C LEU Q 770 22.92 -6.40 -60.84
N ALA Q 771 22.97 -5.26 -60.16
CA ALA Q 771 22.97 -5.24 -58.71
C ALA Q 771 21.76 -5.95 -58.11
N ASN Q 772 20.60 -5.77 -58.73
CA ASN Q 772 19.38 -6.37 -58.24
C ASN Q 772 19.15 -7.79 -58.74
N TYR Q 773 19.45 -8.06 -60.02
CA TYR Q 773 19.21 -9.37 -60.55
C TYR Q 773 20.32 -10.00 -61.35
N ASN Q 774 21.49 -9.39 -61.43
CA ASN Q 774 22.57 -9.96 -62.22
C ASN Q 774 22.22 -9.98 -63.71
N ILE Q 775 21.26 -9.15 -64.11
CA ILE Q 775 20.87 -9.09 -65.51
C ILE Q 775 21.57 -7.92 -66.19
N GLY Q 776 22.20 -8.15 -67.33
CA GLY Q 776 22.84 -7.01 -67.98
C GLY Q 776 23.88 -7.37 -69.03
N TYR Q 777 24.69 -8.38 -68.77
CA TYR Q 777 25.72 -8.76 -69.73
C TYR Q 777 25.23 -9.68 -70.83
N GLN Q 778 24.10 -10.30 -70.59
CA GLN Q 778 23.56 -11.19 -71.59
C GLN Q 778 22.14 -10.81 -71.98
N GLY Q 779 21.96 -9.51 -72.16
CA GLY Q 779 20.67 -8.96 -72.54
C GLY Q 779 19.83 -8.52 -71.35
N PHE Q 780 18.89 -7.63 -71.66
CA PHE Q 780 17.96 -7.08 -70.69
C PHE Q 780 16.60 -7.72 -70.90
N TYR Q 781 15.96 -8.10 -69.79
CA TYR Q 781 14.65 -8.70 -69.85
C TYR Q 781 13.98 -8.56 -68.51
N ILE Q 782 12.69 -8.82 -68.46
CA ILE Q 782 11.99 -8.71 -67.20
C ILE Q 782 12.46 -9.81 -66.25
N PRO Q 783 12.90 -9.42 -65.06
CA PRO Q 783 13.39 -10.38 -64.09
C PRO Q 783 12.29 -11.34 -63.64
N GLU Q 784 12.70 -12.53 -63.19
CA GLU Q 784 11.74 -13.49 -62.71
C GLU Q 784 11.02 -12.92 -61.49
N SER Q 785 9.71 -13.05 -61.46
CA SER Q 785 8.87 -12.53 -60.40
C SER Q 785 9.34 -12.80 -58.98
N TYR Q 786 9.85 -14.00 -58.69
CA TYR Q 786 10.28 -14.25 -57.34
C TYR Q 786 11.50 -13.41 -56.94
N LYS Q 787 12.23 -12.87 -57.92
CA LYS Q 787 13.40 -12.05 -57.65
C LYS Q 787 13.08 -10.57 -57.64
N ASP Q 788 11.91 -10.24 -58.21
CA ASP Q 788 11.44 -8.89 -58.29
C ASP Q 788 10.38 -8.65 -57.24
N ARG Q 789 10.84 -8.37 -56.01
CA ARG Q 789 9.92 -8.17 -54.91
C ARG Q 789 9.38 -6.75 -54.75
N MET Q 790 8.67 -6.55 -53.63
CA MET Q 790 8.03 -5.28 -53.32
C MET Q 790 8.96 -4.08 -53.34
N TYR Q 791 10.10 -4.23 -52.70
CA TYR Q 791 11.06 -3.16 -52.60
C TYR Q 791 12.16 -3.23 -53.64
N SER Q 792 11.90 -3.98 -54.72
CA SER Q 792 12.87 -4.13 -55.78
C SER Q 792 12.88 -2.99 -56.78
N PHE Q 793 13.92 -2.98 -57.60
CA PHE Q 793 14.12 -1.95 -58.61
C PHE Q 793 13.09 -1.91 -59.71
N PHE Q 794 13.12 -2.95 -60.56
CA PHE Q 794 12.23 -3.07 -61.70
C PHE Q 794 10.75 -2.88 -61.42
N ARG Q 795 10.23 -3.68 -60.50
CA ARG Q 795 8.84 -3.65 -60.11
C ARG Q 795 8.36 -2.25 -59.78
N ASN Q 796 9.29 -1.40 -59.34
CA ASN Q 796 8.98 -0.02 -58.94
C ASN Q 796 9.38 1.05 -59.95
N PHE Q 797 10.02 0.63 -61.04
CA PHE Q 797 10.47 1.54 -62.08
C PHE Q 797 9.34 1.97 -63.02
N GLN Q 798 9.11 3.29 -63.09
CA GLN Q 798 8.04 3.86 -63.92
C GLN Q 798 8.50 5.01 -64.80
N PRO Q 799 8.82 4.73 -66.06
CA PRO Q 799 9.24 5.79 -66.96
C PRO Q 799 8.02 6.52 -67.51
N MET Q 800 8.12 7.87 -67.59
CA MET Q 800 7.02 8.66 -68.08
C MET Q 800 7.42 9.73 -69.09
N SER Q 801 6.44 10.10 -69.91
CA SER Q 801 6.59 11.09 -70.95
C SER Q 801 5.29 11.84 -71.19
N ARG Q 802 5.42 13.07 -71.66
CA ARG Q 802 4.28 13.92 -71.95
C ARG Q 802 4.74 15.10 -72.77
N GLN Q 803 3.78 15.78 -73.37
CA GLN Q 803 4.06 16.94 -74.19
C GLN Q 803 3.34 18.15 -73.63
N VAL Q 804 3.97 19.31 -73.80
CA VAL Q 804 3.43 20.57 -73.35
C VAL Q 804 3.71 21.64 -74.39
N VAL Q 805 2.93 22.70 -74.42
CA VAL Q 805 3.14 23.76 -75.39
C VAL Q 805 4.55 24.32 -75.29
N ASP Q 806 5.13 24.60 -76.44
CA ASP Q 806 6.45 25.18 -76.44
C ASP Q 806 6.26 26.69 -76.39
N ASP Q 807 6.45 27.25 -75.19
CA ASP Q 807 6.27 28.67 -74.99
C ASP Q 807 7.17 29.56 -75.84
N THR Q 808 8.27 29.02 -76.34
CA THR Q 808 9.19 29.81 -77.14
C THR Q 808 9.06 29.64 -78.64
N LYS Q 809 8.19 28.75 -79.10
CA LYS Q 809 8.05 28.55 -80.53
C LYS Q 809 6.61 28.67 -81.03
N TYR Q 810 5.64 28.57 -80.11
CA TYR Q 810 4.24 28.70 -80.49
C TYR Q 810 3.89 30.18 -80.55
N LYS Q 811 3.87 30.70 -81.77
CA LYS Q 811 3.59 32.10 -82.03
C LYS Q 811 2.49 32.74 -81.19
N ASP Q 812 1.34 32.08 -81.06
CA ASP Q 812 0.22 32.61 -80.30
C ASP Q 812 0.20 32.31 -78.82
N TYR Q 813 1.29 31.78 -78.30
CA TYR Q 813 1.37 31.45 -76.89
C TYR Q 813 0.90 32.58 -75.97
N GLN Q 814 0.14 32.19 -74.94
CA GLN Q 814 -0.39 33.09 -73.93
C GLN Q 814 -0.30 32.45 -72.56
N GLN Q 815 0.41 33.11 -71.65
CA GLN Q 815 0.56 32.59 -70.31
C GLN Q 815 -0.63 32.93 -69.43
N VAL Q 816 -1.61 32.02 -69.40
CA VAL Q 816 -2.81 32.22 -68.62
C VAL Q 816 -2.84 31.34 -67.38
N GLY Q 817 -3.00 31.97 -66.21
CA GLY Q 817 -3.05 31.26 -64.94
C GLY Q 817 -4.46 30.86 -64.54
N ILE Q 818 -4.58 30.12 -63.43
CA ILE Q 818 -5.89 29.66 -62.98
C ILE Q 818 -6.90 30.78 -62.87
N LEU Q 819 -6.45 31.90 -62.33
CA LEU Q 819 -7.31 33.06 -62.15
C LEU Q 819 -8.06 33.43 -63.41
N HIS Q 820 -7.46 33.14 -64.56
CA HIS Q 820 -8.07 33.49 -65.82
C HIS Q 820 -8.38 32.35 -66.78
N GLN Q 821 -8.26 31.13 -66.30
CA GLN Q 821 -8.56 30.04 -67.19
C GLN Q 821 -10.03 29.72 -67.10
N HIS Q 822 -10.64 29.48 -68.25
CA HIS Q 822 -12.04 29.15 -68.27
C HIS Q 822 -12.34 27.94 -69.14
N ASN Q 823 -12.92 26.96 -68.49
CA ASN Q 823 -13.30 25.69 -69.05
C ASN Q 823 -14.41 25.15 -68.17
N ASN Q 824 -15.61 25.05 -68.73
CA ASN Q 824 -16.77 24.59 -68.00
C ASN Q 824 -17.42 25.76 -67.26
N SER Q 825 -17.01 26.96 -67.67
CA SER Q 825 -17.55 28.16 -67.09
C SER Q 825 -19.06 28.10 -67.15
N GLY Q 826 -19.68 28.51 -66.07
CA GLY Q 826 -21.13 28.47 -66.01
C GLY Q 826 -21.63 27.15 -65.46
N PHE Q 827 -20.74 26.18 -65.32
CA PHE Q 827 -21.11 24.87 -64.81
C PHE Q 827 -20.30 24.44 -63.59
N VAL Q 828 -19.30 25.25 -63.25
CA VAL Q 828 -18.41 24.96 -62.14
C VAL Q 828 -18.19 26.18 -61.23
N GLY Q 829 -17.79 25.94 -59.98
CA GLY Q 829 -17.55 27.04 -59.07
C GLY Q 829 -16.23 27.72 -59.43
N TYR Q 830 -16.03 28.96 -59.01
CA TYR Q 830 -14.82 29.70 -59.35
C TYR Q 830 -13.74 29.62 -58.28
N LEU Q 831 -12.58 29.06 -58.63
CA LEU Q 831 -11.46 28.91 -57.73
C LEU Q 831 -11.80 28.17 -56.44
N ALA Q 832 -12.81 27.30 -56.53
CA ALA Q 832 -13.26 26.56 -55.37
C ALA Q 832 -14.28 25.49 -55.71
N PRO Q 833 -14.45 24.57 -54.77
CA PRO Q 833 -15.38 23.46 -54.93
C PRO Q 833 -16.80 23.87 -54.58
N THR Q 834 -17.16 25.09 -54.94
CA THR Q 834 -18.48 25.57 -54.62
C THR Q 834 -19.47 25.47 -55.76
N MET Q 835 -20.58 26.16 -55.54
CA MET Q 835 -21.70 26.24 -56.44
C MET Q 835 -21.33 26.80 -57.80
N ARG Q 836 -22.03 26.33 -58.83
CA ARG Q 836 -21.76 26.80 -60.16
C ARG Q 836 -22.02 28.29 -60.31
N GLU Q 837 -21.30 28.87 -61.25
CA GLU Q 837 -21.40 30.28 -61.55
C GLU Q 837 -20.84 30.52 -62.93
N GLY Q 838 -21.01 31.73 -63.43
CA GLY Q 838 -20.51 32.05 -64.75
C GLY Q 838 -21.54 31.79 -65.82
N GLN Q 839 -21.03 31.60 -67.04
CA GLN Q 839 -21.87 31.37 -68.19
C GLN Q 839 -21.15 30.51 -69.21
N ALA Q 840 -21.93 29.82 -70.02
CA ALA Q 840 -21.35 29.01 -71.06
C ALA Q 840 -20.41 29.87 -71.89
N TYR Q 841 -19.35 29.26 -72.39
CA TYR Q 841 -18.40 30.00 -73.19
C TYR Q 841 -17.25 29.13 -73.63
N PRO Q 842 -16.81 29.35 -74.87
CA PRO Q 842 -15.72 28.59 -75.40
C PRO Q 842 -14.54 28.60 -74.44
N ALA Q 843 -14.03 27.43 -74.13
CA ALA Q 843 -12.90 27.32 -73.22
C ALA Q 843 -11.70 28.01 -73.83
N ASN Q 844 -10.84 28.53 -72.97
CA ASN Q 844 -9.64 29.22 -73.41
C ASN Q 844 -8.40 28.46 -72.97
N PHE Q 845 -8.65 27.26 -72.47
CA PHE Q 845 -7.62 26.40 -71.96
C PHE Q 845 -8.19 25.01 -71.76
N PRO Q 846 -7.38 23.96 -71.91
CA PRO Q 846 -5.96 24.00 -72.24
C PRO Q 846 -5.70 24.05 -73.73
N TYR Q 847 -4.41 24.16 -74.08
CA TYR Q 847 -4.00 24.19 -75.48
C TYR Q 847 -4.10 22.80 -76.08
N PRO Q 848 -4.58 22.75 -77.32
CA PRO Q 848 -4.71 21.49 -78.03
C PRO Q 848 -3.36 20.94 -78.47
N LEU Q 849 -3.08 19.71 -78.05
CA LEU Q 849 -1.83 19.06 -78.40
C LEU Q 849 -2.01 18.07 -79.53
N ILE Q 850 -3.27 17.94 -79.93
CA ILE Q 850 -3.67 17.04 -80.99
C ILE Q 850 -4.52 17.76 -82.02
N GLY Q 851 -4.77 17.09 -83.14
CA GLY Q 851 -5.58 17.64 -84.22
C GLY Q 851 -4.78 18.37 -85.28
N LYS Q 852 -5.50 18.96 -86.24
CA LYS Q 852 -4.91 19.71 -87.33
C LYS Q 852 -4.42 21.06 -86.85
N THR Q 853 -4.80 21.39 -85.61
CA THR Q 853 -4.48 22.67 -85.02
C THR Q 853 -3.51 22.62 -83.83
N ALA Q 854 -3.05 21.41 -83.49
CA ALA Q 854 -2.12 21.24 -82.39
C ALA Q 854 -1.01 22.28 -82.39
N VAL Q 855 -0.65 22.73 -81.18
CA VAL Q 855 0.39 23.73 -81.02
C VAL Q 855 1.78 23.13 -80.98
N ASP Q 856 2.76 23.96 -81.28
CA ASP Q 856 4.13 23.53 -81.26
C ASP Q 856 4.38 23.01 -79.85
N SER Q 857 4.91 21.80 -79.74
CA SER Q 857 5.14 21.23 -78.44
C SER Q 857 6.57 20.90 -78.12
N ILE Q 858 6.75 20.55 -76.87
CA ILE Q 858 8.02 20.17 -76.31
C ILE Q 858 7.83 18.91 -75.48
N THR Q 859 8.82 18.02 -75.52
CA THR Q 859 8.73 16.77 -74.81
C THR Q 859 9.43 16.73 -73.45
N GLN Q 860 8.76 16.08 -72.50
CA GLN Q 860 9.26 15.92 -71.16
C GLN Q 860 9.28 14.45 -70.73
N LYS Q 861 10.42 14.01 -70.21
CA LYS Q 861 10.59 12.65 -69.74
C LYS Q 861 11.15 12.64 -68.34
N LYS Q 862 10.70 11.67 -67.56
CA LYS Q 862 11.17 11.50 -66.20
C LYS Q 862 10.84 10.09 -65.76
N PHE Q 863 10.94 9.87 -64.46
CA PHE Q 863 10.65 8.56 -63.92
C PHE Q 863 10.52 8.61 -62.42
N LEU Q 864 9.79 7.62 -61.92
CA LEU Q 864 9.55 7.42 -60.52
C LEU Q 864 10.18 6.09 -60.17
N CYS Q 865 10.61 5.93 -58.94
CA CYS Q 865 11.20 4.68 -58.51
C CYS Q 865 11.07 4.55 -57.01
N ASP Q 866 9.81 4.56 -56.60
CA ASP Q 866 9.42 4.48 -55.21
C ASP Q 866 9.77 3.17 -54.54
N ARG Q 867 9.67 3.25 -53.22
CA ARG Q 867 9.92 2.19 -52.27
C ARG Q 867 11.09 1.24 -52.55
N THR Q 868 12.21 1.79 -52.97
CA THR Q 868 13.41 1.02 -53.23
C THR Q 868 14.65 1.82 -52.89
N LEU Q 869 15.79 1.16 -52.83
CA LEU Q 869 17.04 1.82 -52.53
C LEU Q 869 17.99 1.75 -53.71
N TRP Q 870 18.66 2.86 -54.02
CA TRP Q 870 19.62 2.87 -55.11
C TRP Q 870 20.79 1.99 -54.67
N ARG Q 871 21.35 1.21 -55.58
CA ARG Q 871 22.44 0.34 -55.18
C ARG Q 871 23.71 0.41 -56.03
N ILE Q 872 24.85 0.36 -55.33
CA ILE Q 872 26.19 0.35 -55.88
C ILE Q 872 27.01 -0.65 -55.11
N PRO Q 873 27.04 -1.88 -55.63
CA PRO Q 873 27.74 -2.98 -55.03
C PRO Q 873 29.24 -2.88 -55.15
N PHE Q 874 29.92 -3.33 -54.12
CA PHE Q 874 31.37 -3.31 -54.14
C PHE Q 874 31.87 -4.63 -54.73
N SER Q 875 31.49 -4.83 -55.99
CA SER Q 875 31.83 -6.00 -56.76
C SER Q 875 32.46 -5.61 -58.09
N SER Q 876 33.52 -6.32 -58.48
CA SER Q 876 34.25 -6.04 -59.71
C SER Q 876 33.39 -5.91 -60.96
N ASN Q 877 32.31 -6.67 -61.04
CA ASN Q 877 31.44 -6.62 -62.20
C ASN Q 877 30.02 -6.22 -61.83
N PHE Q 878 29.89 -5.66 -60.63
CA PHE Q 878 28.62 -5.22 -60.06
C PHE Q 878 27.68 -6.37 -59.78
N MET Q 879 28.10 -7.59 -60.11
CA MET Q 879 27.22 -8.73 -59.88
C MET Q 879 27.33 -9.30 -58.49
N SER Q 880 26.33 -10.10 -58.15
CA SER Q 880 26.26 -10.79 -56.89
C SER Q 880 26.86 -12.16 -57.06
N MET Q 881 28.03 -12.35 -56.48
CA MET Q 881 28.75 -13.61 -56.56
C MET Q 881 29.03 -14.16 -55.16
N GLY Q 882 28.35 -13.58 -54.18
CA GLY Q 882 28.50 -13.97 -52.80
C GLY Q 882 28.45 -12.79 -51.84
N ALA Q 883 27.95 -13.05 -50.63
CA ALA Q 883 27.84 -12.02 -49.62
C ALA Q 883 29.17 -11.31 -49.43
N LEU Q 884 30.23 -12.11 -49.33
CA LEU Q 884 31.57 -11.61 -49.18
C LEU Q 884 32.14 -11.41 -50.57
N THR Q 885 32.04 -10.17 -51.03
CA THR Q 885 32.46 -9.75 -52.36
C THR Q 885 33.94 -9.94 -52.70
N ASP Q 886 34.24 -9.91 -54.00
CA ASP Q 886 35.59 -10.07 -54.47
C ASP Q 886 36.47 -8.90 -54.07
N LEU Q 887 35.91 -7.69 -54.18
CA LEU Q 887 36.64 -6.49 -53.81
C LEU Q 887 36.85 -6.41 -52.31
N GLY Q 888 35.80 -6.74 -51.57
CA GLY Q 888 35.85 -6.72 -50.14
C GLY Q 888 36.94 -7.63 -49.61
N GLN Q 889 37.43 -8.52 -50.46
CA GLN Q 889 38.48 -9.44 -50.04
C GLN Q 889 39.84 -9.22 -50.68
N ASN Q 890 39.94 -8.12 -51.44
CA ASN Q 890 41.16 -7.71 -52.13
C ASN Q 890 42.22 -7.25 -51.15
N LEU Q 891 43.45 -7.70 -51.37
CA LEU Q 891 44.56 -7.34 -50.50
C LEU Q 891 44.70 -5.83 -50.37
N LEU Q 892 44.41 -5.13 -51.47
CA LEU Q 892 44.51 -3.70 -51.43
C LEU Q 892 43.56 -3.07 -50.44
N TYR Q 893 42.48 -3.77 -50.09
CA TYR Q 893 41.56 -3.21 -49.13
C TYR Q 893 41.78 -3.75 -47.72
N ALA Q 894 42.64 -4.77 -47.61
CA ALA Q 894 42.95 -5.40 -46.34
C ALA Q 894 44.30 -4.98 -45.76
N ASN Q 895 45.31 -4.95 -46.63
CA ASN Q 895 46.65 -4.58 -46.23
C ASN Q 895 46.77 -3.12 -45.86
N SER Q 896 45.69 -2.36 -46.04
CA SER Q 896 45.79 -0.95 -45.70
C SER Q 896 44.46 -0.23 -45.56
N ALA Q 897 44.56 0.91 -44.91
CA ALA Q 897 43.44 1.78 -44.66
C ALA Q 897 43.30 2.80 -45.78
N HIS Q 898 42.06 3.17 -46.06
CA HIS Q 898 41.77 4.12 -47.09
C HIS Q 898 40.74 5.14 -46.62
N ALA Q 899 40.81 6.31 -47.23
CA ALA Q 899 39.88 7.38 -46.94
C ALA Q 899 38.88 7.39 -48.08
N LEU Q 900 37.66 7.83 -47.81
CA LEU Q 900 36.69 7.82 -48.88
C LEU Q 900 35.92 9.12 -49.01
N ASP Q 901 35.77 9.55 -50.26
CA ASP Q 901 35.05 10.77 -50.58
C ASP Q 901 33.93 10.47 -51.55
N MET Q 902 32.76 10.99 -51.22
CA MET Q 902 31.59 10.81 -52.05
C MET Q 902 30.95 12.15 -52.35
N THR Q 903 30.49 12.30 -53.58
CA THR Q 903 29.85 13.53 -53.97
C THR Q 903 28.54 13.26 -54.69
N PHE Q 904 27.47 13.68 -54.04
CA PHE Q 904 26.15 13.50 -54.58
C PHE Q 904 25.61 14.79 -55.16
N GLU Q 905 24.91 14.63 -56.28
CA GLU Q 905 24.28 15.74 -56.95
C GLU Q 905 22.79 15.46 -57.00
N VAL Q 906 22.01 16.33 -56.39
CA VAL Q 906 20.58 16.11 -56.35
C VAL Q 906 19.78 17.29 -56.85
N ASP Q 907 18.51 17.03 -57.13
CA ASP Q 907 17.63 18.07 -57.57
C ASP Q 907 17.35 18.93 -56.34
N PRO Q 908 17.18 20.23 -56.53
CA PRO Q 908 16.93 21.09 -55.41
C PRO Q 908 15.51 20.97 -54.89
N MET Q 909 15.40 21.02 -53.57
CA MET Q 909 14.11 20.97 -52.89
C MET Q 909 14.00 22.14 -51.95
N ASP Q 910 12.84 22.77 -51.94
CA ASP Q 910 12.61 23.94 -51.11
C ASP Q 910 12.46 23.62 -49.63
N GLU Q 911 12.95 22.47 -49.21
CA GLU Q 911 12.83 22.08 -47.82
C GLU Q 911 14.01 21.25 -47.36
N PRO Q 912 14.34 21.33 -46.07
CA PRO Q 912 15.46 20.56 -45.58
C PRO Q 912 15.21 19.06 -45.76
N THR Q 913 16.22 18.40 -46.32
CA THR Q 913 16.13 16.99 -46.57
C THR Q 913 17.37 16.29 -46.05
N LEU Q 914 17.40 14.97 -46.23
CA LEU Q 914 18.55 14.19 -45.80
C LEU Q 914 18.95 13.20 -46.86
N LEU Q 915 20.26 13.02 -46.95
CA LEU Q 915 20.81 12.04 -47.85
C LEU Q 915 21.10 10.85 -46.97
N TYR Q 916 20.38 9.76 -47.19
CA TYR Q 916 20.52 8.58 -46.37
C TYR Q 916 21.43 7.53 -47.01
N VAL Q 917 22.58 7.30 -46.39
CA VAL Q 917 23.52 6.34 -46.90
C VAL Q 917 23.69 5.09 -46.06
N LEU Q 918 23.56 3.94 -46.71
CA LEU Q 918 23.71 2.67 -46.07
C LEU Q 918 25.04 2.10 -46.48
N PHE Q 919 25.92 1.88 -45.51
CA PHE Q 919 27.20 1.30 -45.82
C PHE Q 919 27.06 -0.19 -45.56
N GLU Q 920 26.94 -0.97 -46.63
CA GLU Q 920 26.77 -2.40 -46.52
C GLU Q 920 27.97 -3.14 -45.93
N VAL Q 921 27.70 -3.87 -44.85
CA VAL Q 921 28.72 -4.62 -44.13
C VAL Q 921 28.15 -5.88 -43.52
N PHE Q 922 28.97 -6.47 -42.67
CA PHE Q 922 28.60 -7.64 -41.93
C PHE Q 922 28.34 -7.22 -40.50
N ASP Q 923 27.12 -7.50 -40.06
CA ASP Q 923 26.65 -7.21 -38.73
C ASP Q 923 26.27 -8.54 -38.14
N VAL Q 924 27.21 -9.14 -37.42
CA VAL Q 924 27.03 -10.46 -36.87
C VAL Q 924 27.24 -10.63 -35.38
N VAL Q 925 26.64 -11.72 -34.89
CA VAL Q 925 26.70 -12.17 -33.52
C VAL Q 925 26.89 -13.67 -33.44
N ARG Q 926 27.65 -14.09 -32.44
CA ARG Q 926 27.90 -15.48 -32.15
C ARG Q 926 27.45 -15.71 -30.72
N VAL Q 927 26.51 -16.63 -30.53
CA VAL Q 927 25.96 -16.91 -29.22
C VAL Q 927 26.51 -18.17 -28.57
N HIS Q 928 27.04 -17.99 -27.35
CA HIS Q 928 27.60 -19.05 -26.56
C HIS Q 928 26.77 -19.29 -25.32
N ARG Q 929 26.42 -20.55 -25.06
CA ARG Q 929 25.62 -20.88 -23.90
C ARG Q 929 26.19 -22.05 -23.10
N PRO Q 930 27.40 -21.84 -22.58
CA PRO Q 930 28.17 -22.81 -21.82
C PRO Q 930 27.45 -23.48 -20.65
N HIS Q 931 26.66 -22.72 -19.90
CA HIS Q 931 25.97 -23.30 -18.75
C HIS Q 931 24.57 -22.77 -18.52
N ARG Q 932 23.84 -23.49 -17.67
CA ARG Q 932 22.50 -23.14 -17.28
C ARG Q 932 22.44 -21.67 -16.90
N GLY Q 933 21.52 -20.93 -17.53
CA GLY Q 933 21.34 -19.52 -17.26
C GLY Q 933 22.54 -18.64 -17.56
N VAL Q 934 23.27 -18.98 -18.61
CA VAL Q 934 24.45 -18.22 -19.01
C VAL Q 934 24.49 -17.99 -20.52
N ILE Q 935 24.36 -16.72 -20.91
CA ILE Q 935 24.41 -16.33 -22.31
C ILE Q 935 25.52 -15.34 -22.59
N GLU Q 936 26.49 -15.77 -23.38
CA GLU Q 936 27.60 -14.92 -23.74
C GLU Q 936 27.55 -14.64 -25.22
N THR Q 937 27.76 -13.38 -25.60
CA THR Q 937 27.70 -13.02 -27.01
C THR Q 937 28.97 -12.34 -27.51
N VAL Q 938 29.20 -12.50 -28.80
CA VAL Q 938 30.31 -11.87 -29.44
C VAL Q 938 29.83 -11.13 -30.67
N TYR Q 939 29.83 -9.81 -30.60
CA TYR Q 939 29.40 -9.01 -31.71
C TYR Q 939 30.58 -8.56 -32.54
N LEU Q 940 30.37 -8.56 -33.85
CA LEU Q 940 31.38 -8.14 -34.79
C LEU Q 940 30.74 -7.45 -35.96
N ARG Q 941 31.13 -6.20 -36.20
CA ARG Q 941 30.58 -5.44 -37.31
C ARG Q 941 31.68 -4.91 -38.20
N THR Q 942 31.82 -5.50 -39.38
CA THR Q 942 32.85 -5.03 -40.30
C THR Q 942 32.39 -4.96 -41.75
N PRO Q 943 32.84 -3.90 -42.40
CA PRO Q 943 33.67 -2.91 -41.74
C PRO Q 943 32.86 -2.06 -40.76
N PHE Q 944 33.40 -0.89 -40.41
CA PHE Q 944 32.71 0.01 -39.47
C PHE Q 944 32.46 -0.64 -38.12
N SER Q 945 33.54 -1.10 -37.48
CA SER Q 945 33.42 -1.72 -36.17
C SER Q 945 32.93 -0.71 -35.14
N ALA Q 946 32.07 -1.17 -34.24
CA ALA Q 946 31.53 -0.32 -33.20
C ALA Q 946 32.46 -0.28 -32.00
N MET R 5 17.88 -38.56 -93.13
CA MET R 5 18.03 -39.28 -91.87
C MET R 5 19.35 -39.00 -91.17
N MET R 6 19.76 -39.99 -90.37
CA MET R 6 20.97 -39.95 -89.58
C MET R 6 21.89 -38.73 -89.66
N PRO R 7 22.87 -38.76 -90.58
CA PRO R 7 23.89 -37.73 -90.78
C PRO R 7 23.51 -36.28 -90.47
N GLN R 8 22.64 -35.69 -91.29
CA GLN R 8 22.28 -34.32 -91.03
C GLN R 8 21.72 -34.13 -89.64
N TRP R 9 20.90 -35.09 -89.22
CA TRP R 9 20.27 -35.05 -87.91
C TRP R 9 21.25 -34.91 -86.75
N SER R 10 22.28 -35.76 -86.72
CA SER R 10 23.26 -35.68 -85.63
C SER R 10 24.08 -34.41 -85.73
N TYR R 11 24.50 -34.09 -86.95
CA TYR R 11 25.29 -32.90 -87.19
C TYR R 11 24.58 -31.64 -86.74
N MET R 12 23.30 -31.53 -87.09
CA MET R 12 22.48 -30.39 -86.74
C MET R 12 21.89 -30.49 -85.35
N HIS R 13 22.13 -31.63 -84.70
CA HIS R 13 21.64 -31.89 -83.36
C HIS R 13 20.14 -32.12 -83.27
N ILE R 14 19.54 -32.45 -84.40
CA ILE R 14 18.12 -32.72 -84.42
C ILE R 14 17.88 -33.98 -83.62
N SER R 15 18.93 -34.80 -83.59
CA SER R 15 18.99 -36.06 -82.90
C SER R 15 20.40 -36.32 -82.42
N GLY R 16 20.63 -37.43 -81.73
CA GLY R 16 21.96 -37.75 -81.25
C GLY R 16 22.20 -37.42 -79.79
N GLN R 17 23.44 -37.02 -79.49
CA GLN R 17 23.89 -36.69 -78.16
C GLN R 17 23.47 -35.32 -77.64
N ASP R 18 23.55 -35.22 -76.33
CA ASP R 18 23.24 -34.01 -75.59
C ASP R 18 24.50 -33.18 -75.51
N ALA R 19 24.37 -31.87 -75.36
CA ALA R 19 25.52 -31.00 -75.28
C ALA R 19 26.59 -31.52 -74.34
N SER R 20 26.17 -32.10 -73.22
CA SER R 20 27.09 -32.63 -72.24
C SER R 20 27.95 -33.75 -72.79
N GLU R 21 27.45 -34.46 -73.79
CA GLU R 21 28.20 -35.54 -74.38
C GLU R 21 28.92 -35.14 -75.65
N TYR R 22 28.32 -34.23 -76.42
CA TYR R 22 28.94 -33.82 -77.65
C TYR R 22 30.00 -32.74 -77.52
N LEU R 23 29.85 -31.85 -76.54
CA LEU R 23 30.83 -30.80 -76.34
C LEU R 23 32.09 -31.40 -75.71
N SER R 24 33.19 -30.67 -75.81
CA SER R 24 34.41 -31.14 -75.20
C SER R 24 34.29 -31.05 -73.69
N PRO R 25 34.98 -31.94 -73.00
CA PRO R 25 34.92 -31.98 -71.55
C PRO R 25 35.39 -30.70 -70.86
N GLY R 26 36.40 -30.04 -71.41
CA GLY R 26 36.91 -28.83 -70.82
C GLY R 26 35.83 -27.76 -70.79
N LEU R 27 35.13 -27.64 -71.92
CA LEU R 27 34.06 -26.68 -72.10
C LEU R 27 32.90 -26.98 -71.15
N VAL R 28 32.53 -28.25 -71.06
CA VAL R 28 31.45 -28.66 -70.18
C VAL R 28 31.77 -28.24 -68.76
N GLN R 29 33.00 -28.54 -68.36
CA GLN R 29 33.48 -28.22 -67.03
C GLN R 29 33.39 -26.72 -66.82
N PHE R 30 33.99 -25.99 -67.76
CA PHE R 30 33.99 -24.54 -67.73
C PHE R 30 32.57 -23.99 -67.63
N ALA R 31 31.69 -24.52 -68.48
CA ALA R 31 30.30 -24.09 -68.49
C ALA R 31 29.67 -24.22 -67.11
N ARG R 32 29.87 -25.39 -66.50
CA ARG R 32 29.33 -25.66 -65.20
C ARG R 32 29.85 -24.73 -64.13
N ALA R 33 31.13 -24.37 -64.25
CA ALA R 33 31.76 -23.49 -63.28
C ALA R 33 31.37 -22.02 -63.41
N THR R 34 31.11 -21.58 -64.63
CA THR R 34 30.76 -20.19 -64.90
C THR R 34 29.26 -19.90 -64.84
N GLU R 35 28.47 -20.96 -64.89
CA GLU R 35 27.01 -20.90 -64.85
C GLU R 35 26.36 -19.70 -64.17
N THR R 36 26.62 -19.51 -62.87
CA THR R 36 26.00 -18.43 -62.13
C THR R 36 26.37 -17.03 -62.55
N TYR R 37 27.47 -16.87 -63.29
CA TYR R 37 27.85 -15.52 -63.68
C TYR R 37 27.93 -15.24 -65.16
N PHE R 38 27.96 -16.30 -65.95
CA PHE R 38 28.04 -16.17 -67.39
C PHE R 38 27.62 -17.47 -68.02
N SER R 39 26.39 -17.51 -68.54
CA SER R 39 25.88 -18.74 -69.12
C SER R 39 26.03 -19.01 -70.61
N LEU R 40 26.37 -20.28 -70.88
CA LEU R 40 26.60 -20.83 -72.20
C LEU R 40 25.55 -21.85 -72.59
N ASN R 41 24.66 -22.16 -71.65
CA ASN R 41 23.61 -23.14 -71.88
C ASN R 41 22.74 -22.92 -73.11
N ASN R 42 22.30 -21.70 -73.34
CA ASN R 42 21.43 -21.47 -74.48
C ASN R 42 22.09 -21.38 -75.85
N LYS R 43 23.35 -21.78 -75.96
CA LYS R 43 23.97 -21.71 -77.27
C LYS R 43 24.33 -23.07 -77.85
N PHE R 44 23.88 -24.12 -77.17
CA PHE R 44 24.12 -25.49 -77.58
C PHE R 44 22.82 -26.27 -77.52
N ARG R 45 22.34 -26.74 -78.66
CA ARG R 45 21.12 -27.49 -78.64
C ARG R 45 21.18 -28.91 -78.14
N ASN R 46 20.09 -29.28 -77.47
CA ASN R 46 19.88 -30.58 -76.88
C ASN R 46 18.64 -31.20 -77.49
N PRO R 47 18.88 -32.22 -78.31
CA PRO R 47 17.82 -32.93 -79.00
C PRO R 47 16.90 -33.69 -78.05
N THR R 48 15.65 -33.84 -78.48
CA THR R 48 14.62 -34.58 -77.79
C THR R 48 13.94 -35.46 -78.81
N VAL R 49 14.14 -36.76 -78.63
CA VAL R 49 13.62 -37.74 -79.54
C VAL R 49 12.57 -38.64 -78.95
N ALA R 50 11.42 -38.67 -79.60
CA ALA R 50 10.36 -39.53 -79.12
C ALA R 50 10.70 -41.00 -79.40
N PRO R 51 10.16 -41.88 -78.58
CA PRO R 51 10.38 -43.30 -78.72
C PRO R 51 9.66 -43.79 -79.97
N THR R 52 10.21 -44.79 -80.64
CA THR R 52 9.60 -45.30 -81.85
C THR R 52 8.92 -46.65 -81.75
N HIS R 53 9.06 -47.32 -80.62
CA HIS R 53 8.44 -48.65 -80.50
C HIS R 53 7.94 -48.94 -79.09
N ASP R 54 6.97 -49.86 -79.03
CA ASP R 54 6.38 -50.32 -77.77
C ASP R 54 5.61 -49.27 -76.99
N VAL R 55 4.98 -48.34 -77.70
CA VAL R 55 4.21 -47.32 -77.02
C VAL R 55 2.79 -47.29 -77.53
N THR R 56 2.69 -47.10 -78.84
CA THR R 56 1.42 -47.01 -79.53
C THR R 56 1.22 -48.15 -80.51
N THR R 57 -0.05 -48.38 -80.84
CA THR R 57 -0.41 -49.42 -81.78
C THR R 57 -0.29 -48.97 -83.21
N ASP R 58 -0.15 -49.95 -84.08
CA ASP R 58 -0.04 -49.74 -85.50
C ASP R 58 -1.38 -50.16 -86.06
N ARG R 59 -2.06 -50.94 -85.22
CA ARG R 59 -3.35 -51.48 -85.52
C ARG R 59 -4.50 -50.49 -85.43
N SER R 60 -5.59 -50.86 -86.09
CA SER R 60 -6.81 -50.10 -86.12
C SER R 60 -7.42 -50.12 -84.73
N GLN R 61 -7.80 -48.95 -84.22
CA GLN R 61 -8.34 -48.89 -82.87
C GLN R 61 -8.89 -47.52 -82.57
N ARG R 62 -10.10 -47.48 -82.02
CA ARG R 62 -10.76 -46.23 -81.65
C ARG R 62 -10.15 -45.67 -80.39
N LEU R 63 -10.12 -44.35 -80.27
CA LEU R 63 -9.58 -43.75 -79.07
C LEU R 63 -10.68 -43.64 -78.04
N THR R 64 -11.86 -43.31 -78.57
CA THR R 64 -13.04 -43.16 -77.76
C THR R 64 -14.18 -44.07 -78.20
N LEU R 65 -14.79 -44.70 -77.21
CA LEU R 65 -15.92 -45.58 -77.41
C LEU R 65 -17.12 -45.02 -76.69
N ARG R 66 -18.28 -45.29 -77.26
CA ARG R 66 -19.49 -44.86 -76.63
C ARG R 66 -20.41 -46.03 -76.44
N PHE R 67 -20.95 -46.10 -75.23
CA PHE R 67 -21.84 -47.18 -74.85
C PHE R 67 -23.26 -46.73 -74.63
N ILE R 68 -24.17 -47.53 -75.16
CA ILE R 68 -25.58 -47.28 -75.04
C ILE R 68 -26.11 -48.10 -73.87
N PRO R 69 -27.11 -47.58 -73.16
CA PRO R 69 -27.60 -48.33 -72.03
C PRO R 69 -28.33 -49.59 -72.46
N VAL R 70 -28.03 -50.64 -71.70
CA VAL R 70 -28.55 -51.98 -71.88
C VAL R 70 -29.93 -52.09 -71.26
N ASP R 71 -30.12 -51.31 -70.19
CA ASP R 71 -31.35 -51.23 -69.45
C ASP R 71 -31.50 -49.85 -68.84
N ARG R 72 -32.68 -49.28 -69.00
CA ARG R 72 -32.96 -47.97 -68.46
C ARG R 72 -34.28 -47.99 -67.70
N GLU R 73 -34.35 -47.20 -66.65
CA GLU R 73 -35.54 -47.13 -65.85
C GLU R 73 -35.83 -45.76 -65.31
N ASP R 74 -36.68 -45.05 -66.05
CA ASP R 74 -37.12 -43.71 -65.70
C ASP R 74 -38.21 -43.82 -64.65
N THR R 75 -37.90 -43.45 -63.40
CA THR R 75 -38.83 -43.55 -62.29
C THR R 75 -39.36 -42.20 -61.76
N ALA R 76 -40.15 -42.22 -60.69
CA ALA R 76 -40.73 -41.03 -60.09
C ALA R 76 -39.74 -39.95 -59.71
N TYR R 77 -38.70 -40.32 -58.97
CA TYR R 77 -37.71 -39.33 -58.54
C TYR R 77 -36.28 -39.71 -58.92
N SER R 78 -36.14 -40.74 -59.75
CA SER R 78 -34.82 -41.17 -60.15
C SER R 78 -34.77 -41.82 -61.52
N TYR R 79 -33.52 -42.05 -61.93
CA TYR R 79 -33.20 -42.64 -63.20
C TYR R 79 -32.07 -43.63 -63.05
N LYS R 80 -32.28 -44.83 -63.58
CA LYS R 80 -31.30 -45.90 -63.51
C LYS R 80 -30.78 -46.25 -64.90
N ALA R 81 -29.47 -46.29 -65.06
CA ALA R 81 -28.88 -46.62 -66.35
C ALA R 81 -27.88 -47.74 -66.22
N ARG R 82 -28.04 -48.74 -67.07
CA ARG R 82 -27.14 -49.87 -67.03
C ARG R 82 -26.37 -50.06 -68.32
N PHE R 83 -25.06 -50.19 -68.18
CA PHE R 83 -24.22 -50.38 -69.34
C PHE R 83 -23.33 -51.59 -69.21
N THR R 84 -22.83 -51.99 -70.36
CA THR R 84 -21.91 -53.09 -70.47
C THR R 84 -20.59 -52.49 -70.89
N LEU R 85 -19.83 -52.06 -69.90
CA LEU R 85 -18.53 -51.46 -70.12
C LEU R 85 -17.58 -52.55 -70.55
N ALA R 86 -17.18 -52.53 -71.81
CA ALA R 86 -16.29 -53.56 -72.30
C ALA R 86 -14.88 -53.11 -72.61
N VAL R 87 -13.93 -53.78 -71.96
CA VAL R 87 -12.52 -53.52 -72.14
C VAL R 87 -11.91 -54.65 -72.96
N GLY R 88 -11.66 -54.33 -74.21
CA GLY R 88 -11.12 -55.31 -75.13
C GLY R 88 -9.73 -55.77 -74.77
N ASP R 89 -9.36 -56.88 -75.39
CA ASP R 89 -8.08 -57.51 -75.21
C ASP R 89 -6.99 -56.59 -75.72
N ASN R 90 -5.87 -56.56 -75.00
CA ASN R 90 -4.76 -55.73 -75.39
C ASN R 90 -5.08 -54.27 -75.14
N ARG R 91 -5.92 -54.05 -74.15
CA ARG R 91 -6.34 -52.73 -73.79
C ARG R 91 -6.46 -52.55 -72.29
N VAL R 92 -6.30 -51.31 -71.89
CA VAL R 92 -6.44 -50.90 -70.52
C VAL R 92 -7.22 -49.61 -70.49
N LEU R 93 -8.05 -49.47 -69.47
CA LEU R 93 -8.89 -48.29 -69.37
C LEU R 93 -8.78 -47.58 -68.03
N ASP R 94 -8.47 -46.29 -68.10
CA ASP R 94 -8.36 -45.46 -66.91
C ASP R 94 -9.71 -44.84 -66.62
N MET R 95 -10.35 -45.34 -65.57
CA MET R 95 -11.66 -44.87 -65.17
C MET R 95 -11.82 -43.36 -65.14
N ALA R 96 -10.74 -42.65 -64.82
CA ALA R 96 -10.80 -41.22 -64.78
C ALA R 96 -11.23 -40.65 -66.12
N SER R 97 -11.05 -41.45 -67.16
CA SER R 97 -11.40 -41.00 -68.49
C SER R 97 -12.81 -41.33 -68.93
N THR R 98 -13.67 -41.73 -67.98
CA THR R 98 -15.05 -42.04 -68.30
C THR R 98 -16.00 -40.97 -67.79
N TYR R 99 -17.16 -40.91 -68.39
CA TYR R 99 -18.18 -39.95 -67.99
C TYR R 99 -19.51 -40.23 -68.64
N PHE R 100 -20.57 -39.81 -67.98
CA PHE R 100 -21.91 -40.01 -68.48
C PHE R 100 -22.38 -38.80 -69.28
N ASP R 101 -22.60 -39.02 -70.58
CA ASP R 101 -23.06 -37.97 -71.47
C ASP R 101 -24.57 -37.92 -71.38
N ILE R 102 -25.10 -36.80 -70.92
CA ILE R 102 -26.54 -36.70 -70.75
C ILE R 102 -27.20 -35.59 -71.55
N ARG R 103 -28.35 -35.93 -72.13
CA ARG R 103 -29.16 -35.01 -72.88
C ARG R 103 -30.58 -35.04 -72.35
N GLY R 104 -31.16 -33.86 -72.18
CA GLY R 104 -32.51 -33.76 -71.67
C GLY R 104 -33.03 -32.36 -71.79
N VAL R 105 -34.17 -32.12 -71.17
CA VAL R 105 -34.77 -30.80 -71.19
C VAL R 105 -34.99 -30.28 -69.80
N LEU R 106 -34.77 -28.99 -69.66
CA LEU R 106 -34.96 -28.38 -68.37
C LEU R 106 -35.72 -27.07 -68.44
N ASP R 107 -36.67 -26.93 -67.53
CA ASP R 107 -37.46 -25.74 -67.41
C ASP R 107 -37.16 -25.11 -66.07
N ARG R 108 -36.44 -24.00 -66.09
CA ARG R 108 -36.08 -23.32 -64.88
C ARG R 108 -37.29 -22.74 -64.16
N GLY R 109 -38.42 -22.75 -64.84
CA GLY R 109 -39.63 -22.22 -64.25
C GLY R 109 -39.72 -20.71 -64.38
N PRO R 110 -40.81 -20.17 -63.85
CA PRO R 110 -41.08 -18.75 -63.91
C PRO R 110 -40.29 -17.90 -62.95
N THR R 111 -39.71 -18.49 -61.90
CA THR R 111 -38.97 -17.69 -60.94
C THR R 111 -37.53 -17.38 -61.30
N PHE R 112 -37.10 -17.91 -62.44
CA PHE R 112 -35.76 -17.68 -62.92
C PHE R 112 -35.63 -16.30 -63.54
N LYS R 113 -34.67 -15.52 -63.02
CA LYS R 113 -34.41 -14.18 -63.50
C LYS R 113 -32.93 -13.87 -63.42
N PRO R 114 -32.23 -14.21 -64.49
CA PRO R 114 -30.79 -14.07 -64.63
C PRO R 114 -30.27 -12.64 -64.69
N TYR R 115 -30.88 -11.71 -63.96
CA TYR R 115 -30.39 -10.35 -64.00
C TYR R 115 -31.11 -9.43 -63.03
N SER R 116 -30.52 -8.26 -62.84
CA SER R 116 -31.06 -7.21 -61.99
C SER R 116 -31.69 -6.13 -62.85
N GLY R 117 -32.70 -5.45 -62.30
CA GLY R 117 -33.36 -4.39 -63.04
C GLY R 117 -34.40 -4.92 -64.00
N THR R 118 -34.75 -4.09 -64.98
CA THR R 118 -35.74 -4.40 -66.01
C THR R 118 -35.15 -4.44 -67.39
N ALA R 119 -35.94 -5.02 -68.27
CA ALA R 119 -35.58 -5.09 -69.67
C ALA R 119 -36.45 -4.07 -70.40
N TYR R 120 -37.43 -3.50 -69.67
CA TYR R 120 -38.39 -2.57 -70.23
C TYR R 120 -38.49 -1.19 -69.55
N ASN R 121 -38.24 -0.16 -70.37
CA ASN R 121 -38.31 1.23 -69.94
C ASN R 121 -37.49 1.49 -68.68
N ALA R 122 -36.24 1.04 -68.72
CA ALA R 122 -35.32 1.19 -67.61
C ALA R 122 -35.02 2.63 -67.25
N LEU R 123 -35.08 3.52 -68.25
CA LEU R 123 -34.78 4.92 -67.99
C LEU R 123 -35.96 5.72 -67.44
N ALA R 124 -37.16 5.15 -67.54
CA ALA R 124 -38.34 5.81 -67.06
C ALA R 124 -38.42 5.90 -65.55
N PRO R 125 -38.79 7.06 -65.02
CA PRO R 125 -38.90 7.17 -63.58
C PRO R 125 -39.86 6.11 -63.06
N LYS R 126 -39.48 5.50 -61.94
CA LYS R 126 -40.24 4.43 -61.32
C LYS R 126 -41.71 4.69 -60.99
N GLY R 127 -42.15 5.95 -61.02
CA GLY R 127 -43.53 6.29 -60.71
C GLY R 127 -44.27 6.89 -61.90
N ALA R 128 -43.51 7.28 -62.93
CA ALA R 128 -44.08 7.84 -64.13
C ALA R 128 -45.04 6.84 -64.75
N PRO R 129 -46.19 7.32 -65.21
CA PRO R 129 -47.16 6.44 -65.80
C PRO R 129 -47.17 6.50 -67.31
N ASN R 130 -47.76 5.47 -67.90
CA ASN R 130 -47.91 5.39 -69.34
C ASN R 130 -49.09 6.29 -69.68
N PRO R 131 -49.11 6.87 -70.86
CA PRO R 131 -50.23 7.71 -71.20
C PRO R 131 -51.50 6.88 -71.11
N CYS R 132 -52.40 7.25 -70.20
CA CYS R 132 -53.63 6.48 -70.01
C CYS R 132 -54.92 7.28 -70.01
N GLU R 133 -56.02 6.55 -69.78
CA GLU R 133 -57.37 7.07 -69.72
C GLU R 133 -58.18 6.36 -68.65
N TRP R 134 -59.06 7.09 -67.97
CA TRP R 134 -59.89 6.51 -66.94
C TRP R 134 -61.23 7.20 -66.78
N ASP R 135 -62.10 6.60 -65.97
CA ASP R 135 -63.43 7.13 -65.73
C ASP R 135 -63.49 7.90 -64.42
N THR R 165 -64.71 10.38 -68.53
CA THR R 165 -63.48 9.76 -69.01
C THR R 165 -62.36 10.78 -69.16
N HIS R 166 -61.32 10.61 -68.35
CA HIS R 166 -60.17 11.49 -68.37
C HIS R 166 -59.01 10.95 -69.16
N VAL R 167 -58.16 11.88 -69.55
CA VAL R 167 -56.97 11.57 -70.30
C VAL R 167 -55.76 12.24 -69.71
N PHE R 168 -54.68 11.47 -69.73
CA PHE R 168 -53.37 11.87 -69.27
C PHE R 168 -52.40 11.31 -70.29
N GLY R 169 -51.92 12.17 -71.17
CA GLY R 169 -51.01 11.69 -72.20
C GLY R 169 -49.98 12.70 -72.68
N GLN R 170 -49.43 12.35 -73.85
CA GLN R 170 -48.41 13.12 -74.53
C GLN R 170 -48.52 12.97 -76.03
N ALA R 171 -48.25 14.07 -76.74
CA ALA R 171 -48.28 14.13 -78.19
C ALA R 171 -46.97 14.74 -78.64
N PRO R 172 -46.01 13.89 -78.97
CA PRO R 172 -44.68 14.31 -79.35
C PRO R 172 -44.49 14.50 -80.85
N TYR R 173 -45.37 13.90 -81.63
CA TYR R 173 -45.24 14.00 -83.08
C TYR R 173 -45.85 15.27 -83.64
N SER R 174 -45.05 16.02 -84.40
CA SER R 174 -45.52 17.25 -85.02
C SER R 174 -45.83 16.99 -86.49
N GLY R 175 -47.12 17.08 -86.82
CA GLY R 175 -47.59 16.84 -88.18
C GLY R 175 -47.86 18.12 -88.96
N ILE R 176 -48.35 17.94 -90.17
CA ILE R 176 -48.66 19.04 -91.06
C ILE R 176 -50.01 19.66 -90.74
N ASN R 177 -51.01 18.79 -90.55
CA ASN R 177 -52.36 19.21 -90.23
C ASN R 177 -53.20 18.04 -89.73
N ILE R 178 -54.24 18.37 -88.97
CA ILE R 178 -55.13 17.37 -88.41
C ILE R 178 -56.51 17.42 -89.05
N THR R 179 -56.87 16.36 -89.75
CA THR R 179 -58.17 16.29 -90.38
C THR R 179 -59.03 15.25 -89.68
N LYS R 180 -60.13 14.86 -90.31
CA LYS R 180 -61.00 13.87 -89.71
C LYS R 180 -60.45 12.48 -89.97
N GLU R 181 -59.43 12.44 -90.83
CA GLU R 181 -58.77 11.20 -91.21
C GLU R 181 -57.54 10.95 -90.35
N GLY R 182 -57.32 11.85 -89.39
CA GLY R 182 -56.19 11.74 -88.49
C GLY R 182 -55.16 12.83 -88.74
N ILE R 183 -53.89 12.48 -88.56
CA ILE R 183 -52.81 13.44 -88.76
C ILE R 183 -52.06 13.22 -90.06
N GLN R 184 -51.88 14.30 -90.82
CA GLN R 184 -51.18 14.27 -92.09
C GLN R 184 -49.68 14.18 -91.84
N ILE R 185 -48.99 13.33 -92.58
CA ILE R 185 -47.56 13.16 -92.40
C ILE R 185 -46.78 13.30 -93.70
N GLY R 186 -47.47 13.72 -94.74
CA GLY R 186 -46.85 13.90 -96.04
C GLY R 186 -47.88 14.37 -97.05
N LYS R 193 -51.60 12.18 -97.46
CA LYS R 193 -50.63 11.26 -96.82
C LYS R 193 -50.81 11.24 -95.31
N TYR R 194 -51.90 10.60 -94.89
CA TYR R 194 -52.20 10.47 -93.46
C TYR R 194 -51.49 9.28 -92.83
N ALA R 195 -51.45 9.29 -91.50
CA ALA R 195 -50.79 8.24 -90.74
C ALA R 195 -51.53 6.92 -90.65
N ASP R 196 -50.74 5.85 -90.64
CA ASP R 196 -51.25 4.49 -90.53
C ASP R 196 -51.47 4.19 -89.06
N LYS R 197 -52.73 4.26 -88.66
CA LYS R 197 -53.15 4.03 -87.29
C LYS R 197 -52.54 2.81 -86.58
N THR R 198 -52.29 1.75 -87.33
CA THR R 198 -51.72 0.56 -86.71
C THR R 198 -50.38 0.79 -86.03
N PHE R 199 -49.62 1.75 -86.53
CA PHE R 199 -48.32 1.99 -85.93
C PHE R 199 -47.91 3.45 -85.86
N GLN R 200 -48.59 4.31 -86.62
CA GLN R 200 -48.24 5.70 -86.59
C GLN R 200 -49.21 6.52 -85.79
N PRO R 201 -48.69 7.46 -85.00
CA PRO R 201 -47.27 7.72 -84.92
C PRO R 201 -46.55 6.73 -84.01
N GLU R 202 -45.23 6.71 -84.12
CA GLU R 202 -44.41 5.83 -83.31
C GLU R 202 -43.93 6.56 -82.07
N PRO R 203 -44.22 6.02 -80.90
CA PRO R 203 -43.82 6.67 -79.66
C PRO R 203 -42.36 7.08 -79.62
N GLN R 204 -41.53 6.38 -80.37
CA GLN R 204 -40.11 6.63 -80.42
C GLN R 204 -39.74 7.99 -81.01
N ILE R 205 -40.60 8.47 -81.90
CA ILE R 205 -40.38 9.72 -82.60
C ILE R 205 -40.91 10.96 -81.89
N GLY R 206 -40.06 11.98 -81.86
CA GLY R 206 -40.31 13.30 -81.30
C GLY R 206 -39.58 14.38 -82.08
N GLU R 207 -39.59 15.62 -81.57
CA GLU R 207 -38.90 16.71 -82.24
C GLU R 207 -37.40 16.70 -81.93
N SER R 208 -36.60 17.10 -82.92
CA SER R 208 -35.16 17.12 -82.82
C SER R 208 -34.55 18.27 -82.01
N GLN R 209 -35.16 19.45 -82.11
CA GLN R 209 -34.67 20.62 -81.39
C GLN R 209 -34.88 20.58 -79.88
N TRP R 210 -34.25 21.51 -79.17
CA TRP R 210 -34.35 21.61 -77.73
C TRP R 210 -35.19 22.80 -77.29
N TYR R 211 -35.45 23.71 -78.22
CA TYR R 211 -36.25 24.89 -77.92
C TYR R 211 -37.67 24.80 -78.43
N GLU R 212 -38.41 25.87 -78.16
CA GLU R 212 -39.80 25.99 -78.55
C GLU R 212 -39.98 26.30 -80.02
N THR R 213 -40.65 25.39 -80.73
CA THR R 213 -40.90 25.55 -82.14
C THR R 213 -42.34 25.89 -82.40
N GLU R 214 -43.18 25.51 -81.44
CA GLU R 214 -44.61 25.74 -81.49
C GLU R 214 -45.32 24.76 -82.41
N ILE R 215 -45.71 23.62 -81.82
CA ILE R 215 -46.39 22.57 -82.55
C ILE R 215 -47.90 22.79 -82.56
N ASN R 216 -48.45 22.95 -83.76
CA ASN R 216 -49.87 23.18 -83.92
C ASN R 216 -50.66 21.90 -84.21
N HIS R 217 -50.03 20.97 -84.91
CA HIS R 217 -50.66 19.70 -85.24
C HIS R 217 -49.91 18.55 -84.63
N ALA R 218 -50.34 18.20 -83.42
CA ALA R 218 -49.70 17.15 -82.66
C ALA R 218 -50.44 15.83 -82.64
N ALA R 219 -49.64 14.78 -82.60
CA ALA R 219 -50.14 13.43 -82.57
C ALA R 219 -49.44 12.66 -81.47
N GLY R 220 -50.19 11.72 -80.91
CA GLY R 220 -49.70 10.89 -79.86
C GLY R 220 -50.33 9.51 -79.92
N ARG R 221 -49.93 8.72 -78.94
CA ARG R 221 -50.35 7.36 -78.74
C ARG R 221 -50.88 7.25 -77.31
N VAL R 222 -51.99 6.56 -77.12
CA VAL R 222 -52.51 6.44 -75.78
C VAL R 222 -53.24 5.14 -75.54
N LEU R 223 -53.29 4.74 -74.27
CA LEU R 223 -53.95 3.53 -73.87
C LEU R 223 -55.38 3.80 -73.41
N LYS R 224 -56.29 2.97 -73.88
CA LYS R 224 -57.70 3.06 -73.53
C LYS R 224 -57.91 2.66 -72.09
N LYS R 225 -59.02 3.14 -71.53
CA LYS R 225 -59.38 2.83 -70.17
C LYS R 225 -59.64 1.35 -69.97
N THR R 226 -59.57 0.59 -71.07
CA THR R 226 -59.81 -0.84 -70.99
C THR R 226 -58.52 -1.62 -70.78
N THR R 227 -57.42 -0.92 -70.86
CA THR R 227 -56.09 -1.47 -70.65
C THR R 227 -55.61 -1.06 -69.27
N PRO R 228 -55.43 -2.04 -68.38
CA PRO R 228 -54.98 -1.73 -67.04
C PRO R 228 -53.78 -0.80 -67.00
N MET R 229 -53.79 0.07 -65.99
CA MET R 229 -52.71 1.02 -65.78
C MET R 229 -51.52 0.37 -65.07
N LYS R 230 -50.33 0.67 -65.55
CA LYS R 230 -49.08 0.18 -65.02
C LYS R 230 -48.02 1.23 -65.22
N PRO R 231 -47.07 1.34 -64.30
CA PRO R 231 -46.03 2.33 -64.48
C PRO R 231 -45.23 2.05 -65.75
N CYS R 232 -44.74 3.11 -66.38
CA CYS R 232 -43.97 2.96 -67.60
C CYS R 232 -42.84 1.97 -67.46
N TYR R 233 -42.13 2.13 -66.35
CA TYR R 233 -41.00 1.30 -65.97
C TYR R 233 -41.45 -0.15 -65.84
N GLY R 234 -40.90 -1.03 -66.69
CA GLY R 234 -41.22 -2.44 -66.66
C GLY R 234 -42.41 -2.80 -67.55
N SER R 235 -43.00 -1.81 -68.18
CA SER R 235 -44.14 -2.02 -69.05
C SER R 235 -43.76 -2.62 -70.39
N TYR R 236 -44.49 -3.65 -70.78
CA TYR R 236 -44.26 -4.36 -72.01
C TYR R 236 -45.56 -4.86 -72.63
N ALA R 237 -45.59 -4.84 -73.95
CA ALA R 237 -46.73 -5.28 -74.72
C ALA R 237 -46.29 -5.76 -76.09
N LYS R 238 -46.51 -7.04 -76.36
CA LYS R 238 -46.13 -7.66 -77.62
C LYS R 238 -46.67 -6.94 -78.85
N PRO R 239 -45.79 -6.78 -79.85
CA PRO R 239 -46.16 -6.13 -81.08
C PRO R 239 -47.19 -6.96 -81.83
N THR R 240 -48.13 -6.31 -82.51
CA THR R 240 -49.13 -7.05 -83.25
C THR R 240 -48.98 -6.93 -84.76
N ASN R 241 -47.96 -6.20 -85.20
CA ASN R 241 -47.69 -6.02 -86.60
C ASN R 241 -46.21 -5.79 -86.85
N GLU R 242 -45.75 -6.19 -88.02
CA GLU R 242 -44.36 -6.04 -88.37
C GLU R 242 -43.82 -4.64 -88.15
N ASN R 243 -44.70 -3.68 -87.90
CA ASN R 243 -44.22 -2.32 -87.71
C ASN R 243 -44.09 -1.85 -86.27
N GLY R 244 -44.24 -2.77 -85.32
CA GLY R 244 -44.10 -2.40 -83.92
C GLY R 244 -45.40 -2.04 -83.25
N GLY R 245 -46.47 -1.89 -84.02
CA GLY R 245 -47.74 -1.56 -83.38
C GLY R 245 -48.09 -2.65 -82.39
N GLN R 246 -48.61 -2.28 -81.22
CA GLN R 246 -48.99 -3.28 -80.22
C GLN R 246 -50.49 -3.32 -80.01
N GLY R 247 -51.22 -2.65 -80.90
CA GLY R 247 -52.67 -2.59 -80.80
C GLY R 247 -53.29 -3.98 -80.91
N ILE R 248 -54.17 -4.30 -79.98
CA ILE R 248 -54.83 -5.59 -80.00
C ILE R 248 -55.67 -5.79 -81.25
N LEU R 249 -55.61 -7.01 -81.79
CA LEU R 249 -56.35 -7.36 -82.98
C LEU R 249 -57.58 -8.16 -82.61
N VAL R 250 -58.70 -7.78 -83.22
CA VAL R 250 -59.95 -8.45 -82.95
C VAL R 250 -60.24 -9.46 -84.05
N GLU R 258 -58.23 -6.81 -88.03
CA GLU R 258 -59.20 -6.31 -87.08
C GLU R 258 -58.58 -5.28 -86.12
N SER R 259 -57.92 -4.27 -86.68
CA SER R 259 -57.29 -3.26 -85.84
C SER R 259 -58.40 -2.46 -85.18
N GLN R 260 -58.24 -2.16 -83.90
CA GLN R 260 -59.28 -1.42 -83.19
C GLN R 260 -58.89 -0.04 -82.72
N VAL R 261 -57.84 0.51 -83.31
CA VAL R 261 -57.39 1.84 -82.95
C VAL R 261 -58.49 2.86 -83.22
N GLU R 262 -58.61 3.84 -82.34
CA GLU R 262 -59.61 4.87 -82.48
C GLU R 262 -59.07 6.23 -82.10
N MET R 263 -59.06 7.15 -83.06
CA MET R 263 -58.57 8.48 -82.78
C MET R 263 -59.51 9.32 -81.93
N GLN R 264 -58.90 10.17 -81.12
CA GLN R 264 -59.61 11.07 -80.24
C GLN R 264 -59.06 12.45 -80.47
N PHE R 265 -59.92 13.39 -80.89
CA PHE R 265 -59.47 14.74 -81.14
C PHE R 265 -59.60 15.69 -79.97
N PHE R 266 -58.65 16.64 -79.90
CA PHE R 266 -58.62 17.61 -78.83
C PHE R 266 -58.21 19.01 -79.27
N SER R 267 -58.77 19.96 -78.51
CA SER R 267 -58.54 21.38 -78.68
C SER R 267 -58.46 22.06 -77.32
N THR R 268 -58.00 23.30 -77.32
CA THR R 268 -57.86 24.09 -76.12
C THR R 268 -59.20 24.57 -75.57
N THR R 269 -59.34 25.88 -75.57
CA THR R 269 -60.54 26.55 -75.10
C THR R 269 -61.16 27.36 -76.21
N ASN R 278 -61.24 29.59 -84.45
CA ASN R 278 -62.40 28.72 -84.50
C ASN R 278 -62.02 27.25 -84.39
N LEU R 279 -62.85 26.52 -83.65
CA LEU R 279 -62.70 25.10 -83.40
C LEU R 279 -61.86 24.33 -84.40
N THR R 280 -60.70 23.89 -83.93
CA THR R 280 -59.75 23.12 -84.72
C THR R 280 -58.83 22.32 -83.81
N PRO R 281 -58.96 21.00 -83.84
CA PRO R 281 -58.14 20.12 -83.02
C PRO R 281 -56.66 20.43 -83.15
N LYS R 282 -56.01 20.61 -82.02
CA LYS R 282 -54.59 20.89 -82.00
C LYS R 282 -53.81 19.60 -81.82
N VAL R 283 -54.50 18.64 -81.23
CA VAL R 283 -53.94 17.33 -80.97
C VAL R 283 -54.92 16.21 -81.26
N VAL R 284 -54.33 15.08 -81.64
CA VAL R 284 -55.05 13.86 -81.94
C VAL R 284 -54.26 12.71 -81.35
N LEU R 285 -54.96 11.82 -80.68
CA LEU R 285 -54.31 10.69 -80.08
C LEU R 285 -54.84 9.40 -80.65
N TYR R 286 -53.94 8.44 -80.81
CA TYR R 286 -54.35 7.15 -81.31
C TYR R 286 -54.56 6.20 -80.15
N SER R 287 -55.81 6.14 -79.68
CA SER R 287 -56.13 5.28 -78.56
C SER R 287 -56.23 3.82 -78.93
N GLU R 288 -55.70 2.99 -78.04
CA GLU R 288 -55.70 1.56 -78.28
C GLU R 288 -55.58 0.72 -77.02
N ASP R 289 -55.88 -0.56 -77.19
CA ASP R 289 -55.81 -1.56 -76.15
C ASP R 289 -54.64 -2.46 -76.47
N VAL R 290 -53.75 -2.65 -75.50
CA VAL R 290 -52.61 -3.50 -75.72
C VAL R 290 -52.59 -4.62 -74.69
N ASP R 291 -51.80 -5.65 -74.98
CA ASP R 291 -51.67 -6.76 -74.06
C ASP R 291 -50.57 -6.43 -73.07
N ILE R 292 -50.86 -5.49 -72.18
CA ILE R 292 -49.89 -5.04 -71.19
C ILE R 292 -49.51 -6.09 -70.17
N GLU R 293 -48.19 -6.22 -70.02
CA GLU R 293 -47.61 -7.14 -69.08
C GLU R 293 -46.43 -6.48 -68.36
N THR R 294 -46.01 -7.14 -67.28
CA THR R 294 -44.90 -6.71 -66.45
C THR R 294 -44.19 -7.96 -65.95
N PRO R 295 -43.55 -8.64 -66.89
CA PRO R 295 -42.84 -9.88 -66.67
C PRO R 295 -41.66 -9.83 -65.71
N ASP R 296 -41.12 -8.66 -65.40
CA ASP R 296 -39.96 -8.66 -64.51
C ASP R 296 -39.93 -7.58 -63.44
N THR R 297 -41.08 -7.00 -63.16
CA THR R 297 -41.17 -5.98 -62.13
C THR R 297 -42.44 -6.18 -61.34
N HIS R 298 -42.53 -5.47 -60.23
CA HIS R 298 -43.71 -5.54 -59.39
C HIS R 298 -44.03 -4.16 -58.82
N ILE R 299 -45.21 -4.04 -58.22
CA ILE R 299 -45.61 -2.76 -57.66
C ILE R 299 -44.99 -2.50 -56.30
N SER R 300 -44.20 -1.44 -56.23
CA SER R 300 -43.54 -1.05 -55.00
C SER R 300 -44.46 -0.18 -54.17
N TYR R 301 -45.52 0.30 -54.82
CA TYR R 301 -46.46 1.17 -54.15
C TYR R 301 -47.87 1.17 -54.72
N MET R 302 -48.76 0.45 -54.03
CA MET R 302 -50.15 0.36 -54.40
C MET R 302 -50.91 1.44 -53.64
N PRO R 303 -51.53 2.38 -54.34
CA PRO R 303 -52.26 3.43 -53.64
C PRO R 303 -53.65 3.02 -53.18
N THR R 304 -54.20 1.94 -53.77
CA THR R 304 -55.52 1.48 -53.39
C THR R 304 -55.79 0.03 -53.76
N ILE R 305 -56.43 -0.69 -52.84
CA ILE R 305 -56.78 -2.06 -53.08
C ILE R 305 -58.10 -2.10 -53.84
N LYS R 306 -58.33 -1.03 -54.61
CA LYS R 306 -59.54 -0.89 -55.40
C LYS R 306 -59.31 -1.08 -56.89
N GLU R 307 -59.93 -2.12 -57.41
CA GLU R 307 -59.84 -2.45 -58.80
C GLU R 307 -60.26 -1.30 -59.70
N GLY R 308 -59.93 -1.45 -60.99
CA GLY R 308 -60.25 -0.46 -62.00
C GLY R 308 -59.30 0.71 -62.03
N ASN R 309 -59.14 1.25 -63.24
CA ASN R 309 -58.28 2.39 -63.47
C ASN R 309 -58.87 3.62 -62.80
N SER R 310 -58.02 4.42 -62.18
CA SER R 310 -58.46 5.61 -61.48
C SER R 310 -57.32 6.61 -61.38
N ARG R 311 -57.66 7.86 -61.11
CA ARG R 311 -56.62 8.85 -60.97
C ARG R 311 -55.62 8.35 -59.94
N GLU R 312 -56.16 7.64 -58.96
CA GLU R 312 -55.41 7.06 -57.86
C GLU R 312 -54.21 6.22 -58.30
N LEU R 313 -54.46 5.30 -59.25
CA LEU R 313 -53.42 4.42 -59.75
C LEU R 313 -52.28 5.14 -60.46
N MET R 314 -52.48 6.41 -60.75
CA MET R 314 -51.44 7.19 -61.42
C MET R 314 -50.22 7.34 -60.53
N GLY R 315 -50.42 7.07 -59.25
CA GLY R 315 -49.38 7.18 -58.26
C GLY R 315 -48.69 5.88 -57.91
N GLN R 316 -49.04 4.79 -58.59
CA GLN R 316 -48.39 3.53 -58.29
C GLN R 316 -46.93 3.53 -58.73
N GLN R 317 -46.11 2.79 -57.99
CA GLN R 317 -44.70 2.71 -58.29
C GLN R 317 -44.26 1.30 -58.63
N SER R 318 -43.33 1.23 -59.58
CA SER R 318 -42.79 -0.03 -60.03
C SER R 318 -41.36 -0.23 -59.57
N MET R 319 -41.02 -1.49 -59.32
CA MET R 319 -39.70 -1.87 -58.86
C MET R 319 -39.30 -3.21 -59.47
N PRO R 320 -38.04 -3.31 -59.91
CA PRO R 320 -37.54 -4.52 -60.53
C PRO R 320 -37.61 -5.70 -59.59
N ASN R 321 -37.79 -6.88 -60.17
CA ASN R 321 -37.86 -8.10 -59.42
C ASN R 321 -36.47 -8.54 -59.01
N ARG R 322 -36.40 -9.27 -57.90
CA ARG R 322 -35.12 -9.75 -57.41
C ARG R 322 -34.48 -10.71 -58.39
N PRO R 323 -33.19 -10.55 -58.58
CA PRO R 323 -32.45 -11.41 -59.47
C PRO R 323 -32.51 -12.83 -58.94
N ASN R 324 -32.61 -13.81 -59.83
CA ASN R 324 -32.66 -15.18 -59.37
C ASN R 324 -32.04 -16.15 -60.35
N TYR R 325 -30.79 -16.50 -60.09
CA TYR R 325 -30.05 -17.42 -60.93
C TYR R 325 -30.40 -18.85 -60.60
N ILE R 326 -30.56 -19.65 -61.64
CA ILE R 326 -30.87 -21.05 -61.49
C ILE R 326 -30.01 -21.88 -62.44
N ALA R 327 -29.37 -22.91 -61.91
CA ALA R 327 -28.52 -23.75 -62.73
C ALA R 327 -28.12 -25.02 -62.02
N PHE R 328 -27.38 -25.86 -62.74
CA PHE R 328 -26.87 -27.10 -62.15
C PHE R 328 -25.79 -26.71 -61.16
N ARG R 329 -25.48 -27.59 -60.22
CA ARG R 329 -24.48 -27.29 -59.21
C ARG R 329 -23.04 -27.48 -59.64
N ASP R 330 -22.17 -26.93 -58.79
CA ASP R 330 -20.74 -27.02 -58.98
C ASP R 330 -20.37 -28.50 -59.04
N ASN R 331 -19.71 -28.90 -60.12
CA ASN R 331 -19.32 -30.29 -60.27
C ASN R 331 -20.48 -31.27 -60.35
N PHE R 332 -21.65 -30.76 -60.74
CA PHE R 332 -22.84 -31.56 -60.89
C PHE R 332 -23.25 -32.29 -59.63
N ILE R 333 -22.95 -31.66 -58.50
CA ILE R 333 -23.32 -32.22 -57.23
C ILE R 333 -24.81 -32.54 -57.23
N GLY R 334 -25.20 -33.65 -56.60
CA GLY R 334 -26.60 -34.04 -56.52
C GLY R 334 -27.13 -34.87 -57.66
N LEU R 335 -26.56 -34.70 -58.85
CA LEU R 335 -27.01 -35.46 -60.02
C LEU R 335 -26.98 -36.96 -59.81
N MET R 336 -25.81 -37.46 -59.42
CA MET R 336 -25.65 -38.86 -59.17
C MET R 336 -25.81 -39.17 -57.70
N TYR R 337 -26.32 -40.35 -57.42
CA TYR R 337 -26.50 -40.80 -56.06
C TYR R 337 -25.19 -41.37 -55.55
N TYR R 338 -24.87 -41.06 -54.32
CA TYR R 338 -23.68 -41.55 -53.65
C TYR R 338 -24.04 -41.73 -52.20
N ASN R 339 -23.33 -42.63 -51.51
CA ASN R 339 -23.58 -42.84 -50.10
C ASN R 339 -25.04 -43.05 -49.74
N SER R 340 -25.75 -43.80 -50.57
CA SER R 340 -27.16 -44.11 -50.34
C SER R 340 -27.35 -45.59 -50.58
N THR R 341 -27.63 -46.35 -49.52
CA THR R 341 -27.81 -47.78 -49.66
C THR R 341 -28.88 -48.20 -50.65
N GLY R 342 -29.95 -47.42 -50.73
CA GLY R 342 -31.06 -47.74 -51.61
C GLY R 342 -30.80 -47.53 -53.10
N ASN R 343 -29.90 -46.61 -53.43
CA ASN R 343 -29.58 -46.33 -54.82
C ASN R 343 -28.08 -46.42 -55.09
N MET R 344 -27.53 -47.57 -54.70
CA MET R 344 -26.13 -47.87 -54.84
C MET R 344 -25.66 -48.20 -56.26
N GLY R 345 -24.57 -47.55 -56.64
CA GLY R 345 -23.96 -47.73 -57.95
C GLY R 345 -23.48 -49.17 -58.10
N VAL R 346 -23.12 -49.52 -59.33
CA VAL R 346 -22.67 -50.88 -59.59
C VAL R 346 -21.56 -50.98 -60.60
N LEU R 347 -20.53 -51.73 -60.22
CA LEU R 347 -19.40 -51.98 -61.08
C LEU R 347 -18.98 -53.41 -60.88
N ALA R 348 -19.40 -54.26 -61.80
CA ALA R 348 -19.06 -55.65 -61.63
C ALA R 348 -18.77 -56.37 -62.92
N GLY R 349 -17.88 -57.34 -62.79
CA GLY R 349 -17.52 -58.15 -63.91
C GLY R 349 -18.70 -59.05 -64.20
N GLN R 350 -19.09 -59.11 -65.46
CA GLN R 350 -20.21 -59.95 -65.81
C GLN R 350 -19.88 -61.37 -65.40
N ALA R 351 -18.58 -61.65 -65.35
CA ALA R 351 -18.06 -62.96 -64.98
C ALA R 351 -17.91 -63.17 -63.47
N SER R 352 -18.06 -62.11 -62.69
CA SER R 352 -17.93 -62.20 -61.25
C SER R 352 -19.26 -61.92 -60.56
N GLN R 353 -20.06 -61.05 -61.20
CA GLN R 353 -21.37 -60.67 -60.72
C GLN R 353 -21.35 -60.10 -59.31
N LEU R 354 -20.14 -59.97 -58.77
CA LEU R 354 -19.90 -59.42 -57.45
C LEU R 354 -19.68 -57.93 -57.64
N ASN R 355 -20.38 -57.11 -56.83
CA ASN R 355 -20.28 -55.67 -56.95
C ASN R 355 -19.04 -55.07 -56.28
N ALA R 356 -18.19 -54.46 -57.09
CA ALA R 356 -16.98 -53.83 -56.60
C ALA R 356 -17.28 -52.60 -55.78
N VAL R 357 -18.47 -52.05 -56.01
CA VAL R 357 -18.93 -50.88 -55.31
C VAL R 357 -19.62 -51.27 -54.02
N VAL R 358 -19.16 -50.65 -52.94
CA VAL R 358 -19.68 -50.86 -51.60
C VAL R 358 -19.71 -49.52 -50.92
N ASP R 359 -20.90 -48.95 -50.80
CA ASP R 359 -21.04 -47.65 -50.18
C ASP R 359 -21.67 -47.66 -48.79
N LEU R 360 -21.55 -46.52 -48.12
CA LEU R 360 -22.08 -46.30 -46.79
C LEU R 360 -22.80 -44.95 -46.73
N GLN R 361 -23.84 -44.86 -45.91
CA GLN R 361 -24.61 -43.63 -45.75
C GLN R 361 -23.76 -42.62 -45.00
N ASP R 362 -22.79 -43.19 -44.33
CA ASP R 362 -21.79 -42.58 -43.48
C ASP R 362 -20.68 -41.85 -44.22
N ARG R 363 -20.56 -42.12 -45.52
CA ARG R 363 -19.52 -41.52 -46.32
C ARG R 363 -20.01 -40.27 -47.02
N ASN R 364 -19.09 -39.36 -47.35
CA ASN R 364 -19.44 -38.12 -48.02
C ASN R 364 -18.59 -37.88 -49.25
N THR R 365 -18.99 -38.54 -50.33
CA THR R 365 -18.34 -38.50 -51.62
C THR R 365 -18.26 -37.10 -52.25
N GLU R 366 -19.40 -36.42 -52.32
CA GLU R 366 -19.46 -35.08 -52.91
C GLU R 366 -18.48 -34.11 -52.28
N LEU R 367 -18.51 -34.05 -50.95
CA LEU R 367 -17.62 -33.15 -50.22
C LEU R 367 -16.17 -33.53 -50.41
N SER R 368 -15.90 -34.82 -50.34
CA SER R 368 -14.56 -35.36 -50.49
C SER R 368 -13.94 -34.88 -51.80
N TYR R 369 -14.77 -34.85 -52.83
CA TYR R 369 -14.36 -34.43 -54.15
C TYR R 369 -14.10 -32.93 -54.19
N GLN R 370 -14.88 -32.19 -53.40
CA GLN R 370 -14.74 -30.75 -53.32
C GLN R 370 -13.38 -30.41 -52.74
N LEU R 371 -13.05 -31.13 -51.66
CA LEU R 371 -11.80 -30.93 -50.97
C LEU R 371 -10.62 -31.46 -51.79
N LEU R 372 -10.84 -32.54 -52.53
CA LEU R 372 -9.79 -33.10 -53.36
C LEU R 372 -9.34 -32.13 -54.45
N LEU R 373 -10.31 -31.45 -55.06
CA LEU R 373 -10.05 -30.48 -56.12
C LEU R 373 -9.19 -29.34 -55.64
N ASP R 374 -9.55 -28.78 -54.49
CA ASP R 374 -8.82 -27.68 -53.90
C ASP R 374 -7.36 -28.01 -53.65
N SER R 375 -7.10 -29.24 -53.26
CA SER R 375 -5.74 -29.67 -52.99
C SER R 375 -4.90 -29.85 -54.23
N ILE R 376 -5.52 -30.19 -55.36
CA ILE R 376 -4.76 -30.42 -56.57
C ILE R 376 -4.78 -29.34 -57.63
N GLY R 377 -5.42 -28.21 -57.34
CA GLY R 377 -5.43 -27.15 -58.34
C GLY R 377 -6.04 -25.85 -57.82
N ASP R 378 -6.31 -24.95 -58.76
CA ASP R 378 -6.88 -23.66 -58.46
C ASP R 378 -8.40 -23.61 -58.64
N ARG R 379 -9.13 -23.81 -57.54
CA ARG R 379 -10.58 -23.79 -57.57
C ARG R 379 -11.11 -22.46 -58.11
N THR R 380 -10.24 -21.49 -58.29
CA THR R 380 -10.71 -20.21 -58.82
C THR R 380 -10.97 -20.27 -60.32
N ARG R 381 -10.37 -21.25 -61.00
CA ARG R 381 -10.54 -21.40 -62.42
C ARG R 381 -11.82 -22.15 -62.77
N TYR R 382 -12.43 -21.75 -63.88
CA TYR R 382 -13.64 -22.39 -64.32
C TYR R 382 -13.36 -23.39 -65.42
N PHE R 383 -14.17 -24.44 -65.41
CA PHE R 383 -14.08 -25.51 -66.37
C PHE R 383 -15.48 -26.00 -66.70
N SER R 384 -16.00 -25.50 -67.80
CA SER R 384 -17.34 -25.82 -68.28
C SER R 384 -17.70 -27.29 -68.36
N MET R 385 -16.80 -28.11 -68.88
CA MET R 385 -17.07 -29.53 -69.01
C MET R 385 -17.74 -30.17 -67.79
N TRP R 386 -17.18 -29.97 -66.62
CA TRP R 386 -17.73 -30.54 -65.40
C TRP R 386 -18.57 -29.56 -64.59
N ASN R 387 -18.87 -28.41 -65.17
CA ASN R 387 -19.64 -27.43 -64.41
C ASN R 387 -18.80 -27.02 -63.21
N GLN R 388 -17.50 -27.05 -63.44
CA GLN R 388 -16.50 -26.72 -62.45
C GLN R 388 -16.38 -25.21 -62.27
N ALA R 389 -17.25 -24.64 -61.46
CA ALA R 389 -17.27 -23.22 -61.16
C ALA R 389 -17.73 -23.02 -59.73
N VAL R 390 -16.74 -22.96 -58.85
CA VAL R 390 -16.95 -22.82 -57.42
C VAL R 390 -17.84 -21.68 -56.96
N ASP R 391 -18.60 -22.00 -55.90
CA ASP R 391 -19.50 -21.07 -55.26
C ASP R 391 -18.71 -20.08 -54.45
N SER R 392 -19.00 -18.81 -54.67
CA SER R 392 -18.30 -17.79 -53.95
C SER R 392 -19.24 -16.65 -53.64
N TYR R 393 -18.68 -15.62 -53.04
CA TYR R 393 -19.42 -14.43 -52.70
C TYR R 393 -18.48 -13.25 -52.76
N ASP R 394 -19.07 -12.08 -52.87
CA ASP R 394 -18.30 -10.85 -52.92
C ASP R 394 -17.78 -10.52 -51.52
N PRO R 395 -16.48 -10.40 -51.39
CA PRO R 395 -15.91 -10.07 -50.10
C PRO R 395 -16.48 -8.80 -49.51
N ASP R 396 -16.81 -7.84 -50.39
CA ASP R 396 -17.36 -6.56 -49.98
C ASP R 396 -18.79 -6.64 -49.54
N VAL R 397 -19.42 -7.78 -49.81
CA VAL R 397 -20.79 -7.97 -49.41
C VAL R 397 -20.84 -8.68 -48.08
N ARG R 398 -19.96 -9.66 -47.91
CA ARG R 398 -19.89 -10.42 -46.68
C ARG R 398 -19.41 -9.53 -45.54
N ILE R 399 -18.41 -8.71 -45.86
CA ILE R 399 -17.85 -7.79 -44.88
C ILE R 399 -17.91 -6.38 -45.38
N ILE R 400 -18.75 -5.59 -44.75
CA ILE R 400 -18.89 -4.21 -45.17
C ILE R 400 -17.72 -3.35 -44.74
N GLU R 401 -17.16 -2.66 -45.73
CA GLU R 401 -16.07 -1.75 -45.50
C GLU R 401 -16.56 -0.36 -45.84
N ASN R 402 -17.05 0.34 -44.83
CA ASN R 402 -17.59 1.66 -45.01
C ASN R 402 -16.59 2.79 -44.92
N HIS R 403 -15.99 3.14 -46.05
CA HIS R 403 -15.06 4.25 -46.05
C HIS R 403 -15.72 5.51 -46.55
N GLY R 404 -17.03 5.43 -46.72
CA GLY R 404 -17.83 6.56 -47.18
C GLY R 404 -17.81 6.78 -48.68
N THR R 405 -17.92 8.06 -49.03
CA THR R 405 -17.96 8.51 -50.41
C THR R 405 -17.14 9.75 -50.70
N GLU R 406 -16.58 9.81 -51.89
CA GLU R 406 -15.80 10.94 -52.34
C GLU R 406 -16.72 11.91 -53.04
N ASP R 407 -17.47 12.65 -52.22
CA ASP R 407 -18.44 13.62 -52.69
C ASP R 407 -18.08 15.06 -52.36
N GLU R 408 -16.80 15.38 -52.42
CA GLU R 408 -16.34 16.72 -52.12
C GLU R 408 -16.96 17.75 -53.07
N LEU R 409 -16.88 17.47 -54.38
CA LEU R 409 -17.43 18.33 -55.42
C LEU R 409 -18.92 18.11 -55.58
N PRO R 410 -19.67 19.18 -55.85
CA PRO R 410 -21.10 19.02 -56.03
C PRO R 410 -21.42 18.55 -57.44
N ASN R 411 -22.53 17.85 -57.60
CA ASN R 411 -22.93 17.36 -58.92
C ASN R 411 -24.21 17.99 -59.39
N TYR R 412 -24.16 18.59 -60.57
CA TYR R 412 -25.33 19.25 -61.10
C TYR R 412 -25.75 18.73 -62.45
N CYS R 413 -27.01 19.03 -62.73
CA CYS R 413 -27.67 18.74 -63.99
C CYS R 413 -28.20 20.07 -64.49
N PHE R 414 -28.08 20.33 -65.78
CA PHE R 414 -28.53 21.59 -66.34
C PHE R 414 -29.56 21.46 -67.44
N PRO R 415 -30.07 22.61 -67.88
CA PRO R 415 -31.06 22.63 -68.94
C PRO R 415 -30.43 22.35 -70.29
N LEU R 416 -31.19 21.67 -71.16
CA LEU R 416 -30.74 21.30 -72.49
C LEU R 416 -30.11 22.45 -73.26
N GLY R 417 -30.69 23.65 -73.14
CA GLY R 417 -30.20 24.82 -73.84
C GLY R 417 -29.13 25.58 -73.04
N GLY R 418 -28.81 25.05 -71.86
CA GLY R 418 -27.81 25.64 -70.98
C GLY R 418 -28.36 26.84 -70.21
N VAL R 419 -29.58 27.22 -70.56
CA VAL R 419 -30.26 28.35 -69.95
C VAL R 419 -31.74 28.22 -70.25
N ILE R 420 -32.61 28.54 -69.29
CA ILE R 420 -34.03 28.40 -69.57
C ILE R 420 -34.87 29.57 -69.12
N ASN R 421 -34.43 30.26 -68.07
CA ASN R 421 -35.17 31.39 -67.53
C ASN R 421 -34.74 32.74 -68.11
N THR R 422 -34.67 32.82 -69.43
CA THR R 422 -34.27 34.05 -70.08
C THR R 422 -35.38 35.09 -69.95
N GLU R 423 -34.99 36.35 -70.08
CA GLU R 423 -35.94 37.46 -70.01
C GLU R 423 -35.83 38.31 -71.26
N THR R 424 -36.97 38.64 -71.86
CA THR R 424 -37.00 39.44 -73.07
C THR R 424 -36.43 40.83 -72.83
N LEU R 425 -35.51 41.24 -73.69
CA LEU R 425 -34.87 42.54 -73.58
C LEU R 425 -34.85 43.32 -74.88
N THR R 426 -34.50 44.59 -74.77
CA THR R 426 -34.41 45.47 -75.92
C THR R 426 -33.07 46.18 -75.96
N LYS R 427 -32.47 46.17 -77.15
CA LYS R 427 -31.19 46.82 -77.33
C LYS R 427 -31.34 48.31 -77.22
N VAL R 428 -30.34 48.94 -76.64
CA VAL R 428 -30.39 50.37 -76.44
C VAL R 428 -29.13 51.09 -76.90
N LYS R 429 -29.33 52.36 -77.17
CA LYS R 429 -28.28 53.25 -77.58
C LYS R 429 -28.16 54.41 -76.63
N PRO R 430 -26.92 54.84 -76.42
CA PRO R 430 -26.62 55.95 -75.55
C PRO R 430 -27.07 57.25 -76.21
N GLY R 437 -28.92 58.83 -70.01
CA GLY R 437 -29.23 59.27 -71.36
C GLY R 437 -29.09 58.15 -72.38
N TRP R 438 -30.22 57.46 -72.60
CA TRP R 438 -30.28 56.33 -73.52
C TRP R 438 -31.47 56.38 -74.47
N GLU R 439 -31.25 55.80 -75.65
CA GLU R 439 -32.25 55.70 -76.70
C GLU R 439 -32.34 54.31 -77.29
N LYS R 440 -33.58 53.86 -77.43
CA LYS R 440 -33.85 52.53 -77.97
C LYS R 440 -33.23 52.32 -79.33
N ASP R 441 -32.86 51.06 -79.58
CA ASP R 441 -32.25 50.67 -80.82
C ASP R 441 -33.20 49.78 -81.61
N ALA R 442 -33.13 49.93 -82.93
CA ALA R 442 -33.96 49.15 -83.81
C ALA R 442 -33.44 49.22 -85.23
N PHE R 445 -30.73 45.62 -84.73
CA PHE R 445 -31.15 44.64 -83.75
C PHE R 445 -32.68 44.55 -83.60
N SER R 446 -33.15 43.46 -82.98
CA SER R 446 -34.56 43.19 -82.78
C SER R 446 -35.16 43.69 -81.49
N ASP R 447 -36.49 43.72 -81.47
CA ASP R 447 -37.24 44.16 -80.31
C ASP R 447 -37.24 43.13 -79.19
N LYS R 448 -36.98 41.87 -79.53
CA LYS R 448 -36.98 40.82 -78.53
C LYS R 448 -35.83 39.84 -78.60
N ASN R 449 -34.90 40.00 -77.65
CA ASN R 449 -33.73 39.16 -77.51
C ASN R 449 -33.80 38.48 -76.15
N GLU R 450 -33.54 37.19 -76.12
CA GLU R 450 -33.58 36.47 -74.87
C GLU R 450 -32.23 36.43 -74.21
N ILE R 451 -32.19 36.94 -72.98
CA ILE R 451 -30.97 36.98 -72.20
C ILE R 451 -31.20 36.52 -70.78
N ARG R 452 -30.37 35.59 -70.33
CA ARG R 452 -30.48 35.10 -68.98
C ARG R 452 -29.65 35.95 -68.04
N VAL R 453 -30.31 36.51 -67.04
CA VAL R 453 -29.64 37.34 -66.07
C VAL R 453 -29.40 36.59 -64.78
N GLY R 454 -28.13 36.29 -64.52
CA GLY R 454 -27.73 35.56 -63.32
C GLY R 454 -27.20 34.19 -63.71
N ASN R 455 -27.12 33.28 -62.74
CA ASN R 455 -26.65 31.95 -63.05
C ASN R 455 -27.74 31.14 -63.74
N ASN R 456 -27.37 29.98 -64.29
CA ASN R 456 -28.35 29.15 -64.97
C ASN R 456 -29.16 28.32 -63.99
N PHE R 457 -30.21 27.68 -64.50
CA PHE R 457 -31.04 26.84 -63.66
C PHE R 457 -30.29 25.53 -63.42
N ALA R 458 -30.17 25.13 -62.16
CA ALA R 458 -29.45 23.90 -61.87
C ALA R 458 -30.10 23.03 -60.79
N MET R 459 -29.87 21.73 -60.93
CA MET R 459 -30.37 20.76 -59.99
C MET R 459 -29.19 19.98 -59.43
N GLU R 460 -29.21 19.72 -58.13
CA GLU R 460 -28.10 19.02 -57.51
C GLU R 460 -28.40 17.57 -57.17
N ILE R 461 -27.34 16.77 -57.20
CA ILE R 461 -27.43 15.36 -56.89
C ILE R 461 -26.09 14.82 -56.41
N ASN R 462 -26.14 13.94 -55.41
CA ASN R 462 -24.94 13.34 -54.87
C ASN R 462 -24.70 11.99 -55.52
N LEU R 463 -23.98 12.03 -56.63
CA LEU R 463 -23.65 10.85 -57.40
C LEU R 463 -23.09 9.72 -56.57
N ASN R 464 -21.96 9.97 -55.94
CA ASN R 464 -21.29 8.97 -55.14
C ASN R 464 -22.12 8.37 -54.01
N ALA R 465 -22.81 9.22 -53.26
CA ALA R 465 -23.63 8.73 -52.17
C ALA R 465 -24.69 7.78 -52.70
N ASN R 466 -25.29 8.19 -53.81
CA ASN R 466 -26.33 7.43 -54.46
C ASN R 466 -25.85 6.03 -54.82
N LEU R 467 -24.77 5.98 -55.58
CA LEU R 467 -24.19 4.72 -56.00
C LEU R 467 -23.97 3.80 -54.81
N TRP R 468 -23.32 4.32 -53.79
CA TRP R 468 -23.03 3.57 -52.57
C TRP R 468 -24.29 2.98 -51.97
N ARG R 469 -25.33 3.81 -51.91
CA ARG R 469 -26.62 3.42 -51.38
C ARG R 469 -27.20 2.25 -52.15
N ASN R 470 -27.28 2.43 -53.46
CA ASN R 470 -27.82 1.42 -54.35
C ASN R 470 -27.14 0.08 -54.15
N PHE R 471 -25.84 0.13 -53.88
CA PHE R 471 -25.05 -1.07 -53.64
C PHE R 471 -25.45 -1.76 -52.35
N LEU R 472 -25.69 -0.96 -51.32
CA LEU R 472 -26.06 -1.47 -50.02
C LEU R 472 -27.44 -2.08 -50.04
N TYR R 473 -28.38 -1.37 -50.64
CA TYR R 473 -29.74 -1.85 -50.71
C TYR R 473 -29.84 -3.14 -51.51
N SER R 474 -29.24 -3.12 -52.69
CA SER R 474 -29.28 -4.27 -53.56
C SER R 474 -28.58 -5.51 -53.01
N ASN R 475 -27.38 -5.32 -52.48
CA ASN R 475 -26.61 -6.45 -51.99
C ASN R 475 -26.78 -6.90 -50.55
N ILE R 476 -27.13 -6.00 -49.66
CA ILE R 476 -27.27 -6.40 -48.28
C ILE R 476 -28.69 -6.34 -47.77
N ALA R 477 -29.28 -5.16 -47.86
CA ALA R 477 -30.64 -4.95 -47.41
C ALA R 477 -31.59 -6.07 -47.79
N LEU R 478 -31.77 -6.26 -49.10
CA LEU R 478 -32.67 -7.28 -49.59
C LEU R 478 -32.38 -8.69 -49.12
N TYR R 479 -31.16 -8.94 -48.65
CA TYR R 479 -30.83 -10.27 -48.16
C TYR R 479 -31.03 -10.40 -46.67
N LEU R 480 -31.43 -9.29 -46.06
CA LEU R 480 -31.68 -9.31 -44.64
C LEU R 480 -32.69 -10.40 -44.31
N PRO R 481 -32.64 -10.88 -43.07
CA PRO R 481 -33.57 -11.91 -42.67
C PRO R 481 -35.02 -11.45 -42.75
N ASP R 482 -35.91 -12.39 -43.03
CA ASP R 482 -37.33 -12.09 -43.16
C ASP R 482 -37.91 -11.34 -41.99
N LYS R 483 -37.45 -11.72 -40.79
CA LYS R 483 -37.90 -11.11 -39.55
C LYS R 483 -37.79 -9.59 -39.50
N LEU R 484 -36.84 -9.06 -40.26
CA LEU R 484 -36.62 -7.64 -40.33
C LEU R 484 -37.50 -6.98 -41.38
N LYS R 485 -38.18 -7.82 -42.17
CA LYS R 485 -39.05 -7.36 -43.24
C LYS R 485 -40.51 -7.22 -42.84
N TYR R 486 -41.30 -6.72 -43.80
CA TYR R 486 -42.73 -6.52 -43.60
C TYR R 486 -43.51 -6.62 -44.92
N SER R 487 -44.77 -7.05 -44.83
CA SER R 487 -45.62 -7.22 -45.99
C SER R 487 -46.15 -5.89 -46.53
N PRO R 488 -46.25 -5.80 -47.86
CA PRO R 488 -46.72 -4.60 -48.52
C PRO R 488 -48.23 -4.44 -48.42
N SER R 489 -48.68 -3.20 -48.40
CA SER R 489 -50.09 -2.93 -48.32
C SER R 489 -50.76 -3.00 -49.68
N ASN R 490 -51.99 -3.52 -49.70
CA ASN R 490 -52.77 -3.65 -50.92
C ASN R 490 -52.07 -4.43 -52.01
N VAL R 491 -51.28 -5.41 -51.62
CA VAL R 491 -50.57 -6.22 -52.59
C VAL R 491 -50.62 -7.68 -52.22
N LYS R 492 -51.20 -8.49 -53.10
CA LYS R 492 -51.28 -9.91 -52.84
C LYS R 492 -49.89 -10.52 -52.76
N ILE R 493 -49.72 -11.36 -51.76
CA ILE R 493 -48.46 -12.02 -51.54
C ILE R 493 -48.67 -13.45 -51.08
N SER R 494 -47.83 -14.35 -51.59
CA SER R 494 -47.95 -15.75 -51.24
C SER R 494 -47.86 -16.01 -49.74
N ASP R 495 -48.41 -17.15 -49.36
CA ASP R 495 -48.46 -17.62 -47.99
C ASP R 495 -47.23 -18.46 -47.68
N ASN R 496 -46.63 -18.96 -48.75
CA ASN R 496 -45.45 -19.79 -48.68
C ASN R 496 -44.18 -18.96 -48.68
N PRO R 497 -43.49 -18.97 -47.54
CA PRO R 497 -42.28 -18.22 -47.36
C PRO R 497 -41.09 -18.77 -48.15
N ASN R 498 -41.20 -20.03 -48.58
CA ASN R 498 -40.14 -20.69 -49.34
C ASN R 498 -40.30 -20.38 -50.81
N THR R 499 -41.27 -19.51 -51.06
CA THR R 499 -41.66 -19.10 -52.39
C THR R 499 -40.92 -17.87 -52.87
N TYR R 500 -40.79 -17.77 -54.19
CA TYR R 500 -40.13 -16.64 -54.80
C TYR R 500 -41.00 -15.41 -54.65
N ASP R 501 -42.29 -15.60 -54.87
CA ASP R 501 -43.24 -14.51 -54.76
C ASP R 501 -43.08 -13.81 -53.42
N TYR R 502 -42.96 -14.63 -52.39
CA TYR R 502 -42.79 -14.16 -51.03
C TYR R 502 -41.52 -13.32 -50.87
N MET R 503 -40.40 -13.95 -51.17
CA MET R 503 -39.10 -13.32 -51.06
C MET R 503 -39.01 -12.05 -51.90
N ASN R 504 -39.75 -12.03 -52.99
CA ASN R 504 -39.74 -10.90 -53.89
C ASN R 504 -40.66 -9.75 -53.49
N LYS R 505 -41.70 -10.06 -52.72
CA LYS R 505 -42.62 -9.02 -52.31
C LYS R 505 -42.34 -8.44 -50.93
N ARG R 506 -41.81 -9.24 -50.03
CA ARG R 506 -41.54 -8.72 -48.71
C ARG R 506 -40.74 -7.43 -48.88
N VAL R 507 -41.14 -6.37 -48.17
CA VAL R 507 -40.42 -5.13 -48.31
C VAL R 507 -39.45 -4.87 -47.17
N VAL R 508 -38.36 -4.20 -47.51
CA VAL R 508 -37.34 -3.89 -46.53
C VAL R 508 -36.95 -2.43 -46.59
N ALA R 509 -36.83 -1.84 -45.40
CA ALA R 509 -36.47 -0.44 -45.25
C ALA R 509 -34.99 -0.21 -45.49
N PRO R 510 -34.70 0.69 -46.41
CA PRO R 510 -33.33 1.02 -46.74
C PRO R 510 -32.57 1.60 -45.56
N GLY R 511 -33.30 2.23 -44.65
CA GLY R 511 -32.68 2.82 -43.50
C GLY R 511 -31.98 1.77 -42.64
N LEU R 512 -32.24 0.50 -42.94
CA LEU R 512 -31.63 -0.58 -42.19
C LEU R 512 -30.15 -0.72 -42.53
N VAL R 513 -29.83 -0.53 -43.80
CA VAL R 513 -28.47 -0.61 -44.30
C VAL R 513 -28.18 0.61 -45.15
N ASP R 514 -28.28 1.79 -44.55
CA ASP R 514 -28.03 3.02 -45.29
C ASP R 514 -26.55 3.39 -45.34
N CYS R 515 -26.24 4.32 -46.23
CA CYS R 515 -24.88 4.76 -46.43
C CYS R 515 -24.12 5.18 -45.18
N TYR R 516 -24.84 5.48 -44.09
CA TYR R 516 -24.18 5.88 -42.85
C TYR R 516 -24.05 4.74 -41.85
N ILE R 517 -24.22 3.53 -42.36
CA ILE R 517 -24.14 2.32 -41.57
C ILE R 517 -22.71 1.99 -41.18
N ASN R 518 -22.49 1.83 -39.88
CA ASN R 518 -21.18 1.52 -39.33
C ASN R 518 -20.06 2.24 -40.08
N LEU R 519 -20.23 3.55 -40.20
CA LEU R 519 -19.28 4.41 -40.88
C LEU R 519 -17.85 4.29 -40.37
N GLY R 520 -16.92 4.10 -41.30
CA GLY R 520 -15.51 3.99 -40.99
C GLY R 520 -15.06 2.64 -40.43
N ALA R 521 -15.97 1.68 -40.46
CA ALA R 521 -15.64 0.37 -39.95
C ALA R 521 -15.61 -0.71 -41.01
N ARG R 522 -14.92 -1.78 -40.67
CA ARG R 522 -14.80 -2.98 -41.48
C ARG R 522 -15.51 -4.02 -40.66
N TRP R 523 -16.83 -4.04 -40.85
CA TRP R 523 -17.66 -4.91 -40.07
C TRP R 523 -18.77 -5.59 -40.86
N SER R 524 -18.96 -6.87 -40.56
CA SER R 524 -20.03 -7.60 -41.19
C SER R 524 -21.25 -7.42 -40.30
N LEU R 525 -22.43 -7.23 -40.89
CA LEU R 525 -23.61 -7.05 -40.09
C LEU R 525 -23.90 -8.24 -39.21
N ASP R 526 -24.16 -7.97 -37.94
CA ASP R 526 -24.46 -9.05 -37.02
C ASP R 526 -25.71 -9.81 -37.46
N TYR R 527 -26.55 -9.17 -38.28
CA TYR R 527 -27.77 -9.82 -38.77
C TYR R 527 -27.46 -10.83 -39.86
N MET R 528 -26.47 -10.50 -40.68
CA MET R 528 -26.06 -11.30 -41.82
C MET R 528 -25.05 -12.41 -41.54
N ASP R 529 -24.40 -12.39 -40.39
CA ASP R 529 -23.44 -13.42 -40.09
C ASP R 529 -23.93 -14.83 -40.30
N ASN R 530 -25.15 -15.13 -39.83
CA ASN R 530 -25.72 -16.45 -39.94
C ASN R 530 -26.57 -16.70 -41.16
N VAL R 531 -26.45 -15.79 -42.12
CA VAL R 531 -27.18 -15.91 -43.36
C VAL R 531 -26.24 -16.51 -44.40
N ASN R 532 -26.68 -17.57 -45.07
CA ASN R 532 -25.83 -18.19 -46.06
C ASN R 532 -25.34 -17.16 -47.07
N PRO R 533 -24.03 -16.91 -47.09
CA PRO R 533 -23.44 -15.92 -47.98
C PRO R 533 -23.44 -16.35 -49.44
N PHE R 534 -23.56 -17.65 -49.66
CA PHE R 534 -23.54 -18.19 -51.01
C PHE R 534 -24.81 -17.99 -51.79
N ASN R 535 -25.94 -17.90 -51.10
CA ASN R 535 -27.19 -17.70 -51.78
C ASN R 535 -27.28 -16.22 -52.12
N HIS R 536 -26.68 -15.84 -53.24
CA HIS R 536 -26.66 -14.44 -53.64
C HIS R 536 -26.42 -14.26 -55.14
N HIS R 537 -26.92 -13.15 -55.68
CA HIS R 537 -26.76 -12.86 -57.10
C HIS R 537 -25.32 -12.51 -57.45
N ARG R 538 -24.51 -12.30 -56.42
CA ARG R 538 -23.11 -11.96 -56.64
C ARG R 538 -22.18 -13.16 -56.53
N ASN R 539 -22.77 -14.34 -56.52
CA ASN R 539 -22.02 -15.59 -56.49
C ASN R 539 -21.58 -15.86 -57.92
N ALA R 540 -20.32 -15.54 -58.19
CA ALA R 540 -19.76 -15.72 -59.52
C ALA R 540 -19.88 -17.12 -60.07
N GLY R 541 -19.60 -18.12 -59.24
CA GLY R 541 -19.68 -19.51 -59.66
C GLY R 541 -21.06 -19.90 -60.16
N LEU R 542 -22.06 -19.61 -59.33
CA LEU R 542 -23.43 -19.91 -59.65
C LEU R 542 -23.90 -19.09 -60.84
N ARG R 543 -23.49 -17.83 -60.88
CA ARG R 543 -23.83 -16.94 -61.98
C ARG R 543 -23.36 -17.51 -63.31
N TYR R 544 -22.12 -17.95 -63.34
CA TYR R 544 -21.48 -18.52 -64.52
C TYR R 544 -22.14 -19.81 -64.98
N ARG R 545 -22.50 -20.65 -64.02
CA ARG R 545 -23.15 -21.91 -64.33
C ARG R 545 -24.53 -21.67 -64.91
N SER R 546 -25.17 -20.60 -64.44
CA SER R 546 -26.47 -20.22 -64.92
C SER R 546 -26.40 -19.76 -66.36
N MET R 547 -25.39 -18.94 -66.67
CA MET R 547 -25.17 -18.42 -68.00
C MET R 547 -24.71 -19.48 -69.00
N LEU R 548 -24.06 -20.51 -68.46
CA LEU R 548 -23.56 -21.63 -69.24
C LEU R 548 -24.73 -22.29 -69.97
N LEU R 549 -25.89 -22.27 -69.31
CA LEU R 549 -27.12 -22.84 -69.84
C LEU R 549 -27.82 -21.89 -70.78
N GLY R 550 -27.66 -20.60 -70.52
CA GLY R 550 -28.26 -19.56 -71.33
C GLY R 550 -28.99 -18.55 -70.43
N ASN R 551 -29.71 -17.64 -71.07
CA ASN R 551 -30.46 -16.61 -70.38
C ASN R 551 -31.95 -16.87 -70.39
N GLY R 552 -32.32 -18.06 -70.84
CA GLY R 552 -33.71 -18.44 -70.94
C GLY R 552 -34.14 -19.57 -70.01
N ARG R 553 -35.43 -19.49 -69.74
CA ARG R 553 -36.20 -20.40 -68.91
C ARG R 553 -36.11 -21.83 -69.42
N TYR R 554 -36.38 -21.98 -70.71
CA TYR R 554 -36.37 -23.27 -71.39
C TYR R 554 -35.02 -23.62 -71.95
N VAL R 555 -34.49 -24.76 -71.48
CA VAL R 555 -33.18 -25.18 -71.90
C VAL R 555 -33.02 -26.67 -72.20
N PRO R 556 -32.60 -26.96 -73.42
CA PRO R 556 -32.31 -28.34 -73.77
C PRO R 556 -30.87 -28.47 -73.33
N PHE R 557 -30.53 -29.48 -72.53
CA PHE R 557 -29.16 -29.54 -72.07
C PHE R 557 -28.36 -30.76 -72.50
N HIS R 558 -27.05 -30.56 -72.50
CA HIS R 558 -26.06 -31.56 -72.85
C HIS R 558 -24.88 -31.41 -71.91
N ILE R 559 -24.73 -32.40 -71.03
CA ILE R 559 -23.66 -32.33 -70.07
C ILE R 559 -22.88 -33.62 -69.96
N GLN R 560 -21.72 -33.47 -69.31
CA GLN R 560 -20.81 -34.56 -69.04
C GLN R 560 -20.62 -34.62 -67.53
N VAL R 561 -20.98 -35.76 -66.96
CA VAL R 561 -20.88 -36.00 -65.52
C VAL R 561 -19.77 -36.98 -65.16
N PRO R 562 -18.98 -36.60 -64.17
CA PRO R 562 -17.84 -37.38 -63.71
C PRO R 562 -18.17 -38.37 -62.62
N GLN R 563 -17.38 -39.44 -62.56
CA GLN R 563 -17.51 -40.46 -61.53
C GLN R 563 -16.66 -39.99 -60.36
N LYS R 564 -17.26 -39.87 -59.18
CA LYS R 564 -16.52 -39.37 -58.02
C LYS R 564 -16.14 -40.41 -56.98
N PHE R 565 -16.88 -41.50 -56.97
CA PHE R 565 -16.61 -42.55 -56.02
C PHE R 565 -15.14 -42.90 -56.00
N PHE R 566 -14.54 -42.83 -54.82
CA PHE R 566 -13.12 -43.07 -54.63
C PHE R 566 -12.56 -44.43 -55.06
N ALA R 567 -13.30 -45.51 -54.88
CA ALA R 567 -12.78 -46.83 -55.22
C ALA R 567 -12.67 -47.09 -56.72
N ILE R 568 -13.38 -46.32 -57.53
CA ILE R 568 -13.33 -46.55 -58.97
C ILE R 568 -12.89 -45.37 -59.84
N LYS R 569 -12.92 -44.17 -59.29
CA LYS R 569 -12.56 -42.96 -60.03
C LYS R 569 -11.21 -42.94 -60.76
N ASN R 570 -10.18 -43.55 -60.18
CA ASN R 570 -8.86 -43.57 -60.80
C ASN R 570 -8.38 -44.97 -61.14
N LEU R 571 -9.29 -45.91 -61.01
CA LEU R 571 -8.98 -47.29 -61.27
C LEU R 571 -8.60 -47.59 -62.71
N LEU R 572 -7.60 -48.43 -62.85
CA LEU R 572 -7.13 -48.90 -64.14
C LEU R 572 -7.75 -50.27 -64.33
N LEU R 573 -8.76 -50.29 -65.21
CA LEU R 573 -9.55 -51.46 -65.53
C LEU R 573 -8.92 -52.39 -66.56
N LEU R 574 -8.78 -53.67 -66.19
CA LEU R 574 -8.20 -54.63 -67.11
C LEU R 574 -9.24 -55.15 -68.07
N PRO R 575 -8.80 -55.90 -69.08
CA PRO R 575 -9.72 -56.45 -70.05
C PRO R 575 -10.76 -57.36 -69.43
N GLY R 576 -11.94 -57.30 -70.02
CA GLY R 576 -13.09 -58.06 -69.59
C GLY R 576 -14.34 -57.23 -69.83
N SER R 577 -15.49 -57.82 -69.53
CA SER R 577 -16.75 -57.12 -69.70
C SER R 577 -17.32 -56.79 -68.34
N TYR R 578 -17.72 -55.55 -68.13
CA TYR R 578 -18.25 -55.16 -66.85
C TYR R 578 -19.61 -54.51 -66.91
N THR R 579 -20.34 -54.72 -65.81
CA THR R 579 -21.63 -54.15 -65.64
C THR R 579 -21.47 -52.88 -64.84
N TYR R 580 -21.76 -51.76 -65.48
CA TYR R 580 -21.62 -50.48 -64.84
C TYR R 580 -22.99 -49.83 -64.81
N GLU R 581 -23.50 -49.63 -63.61
CA GLU R 581 -24.81 -49.05 -63.46
C GLU R 581 -24.86 -47.98 -62.39
N TRP R 582 -25.65 -46.93 -62.65
CA TRP R 582 -25.76 -45.83 -61.72
C TRP R 582 -27.14 -45.19 -61.70
N ASN R 583 -27.43 -44.54 -60.57
CA ASN R 583 -28.69 -43.85 -60.36
C ASN R 583 -28.52 -42.35 -60.36
N PHE R 584 -29.47 -41.69 -61.00
CA PHE R 584 -29.50 -40.25 -61.09
C PHE R 584 -30.74 -39.67 -60.48
N ARG R 585 -30.55 -38.58 -59.76
CA ARG R 585 -31.61 -37.87 -59.09
C ARG R 585 -32.41 -37.04 -60.09
N LYS R 586 -33.68 -36.81 -59.77
CA LYS R 586 -34.58 -36.03 -60.62
C LYS R 586 -35.12 -34.84 -59.86
N ASP R 587 -34.92 -34.87 -58.55
CA ASP R 587 -35.39 -33.83 -57.65
C ASP R 587 -34.75 -32.47 -57.93
N VAL R 588 -35.54 -31.53 -58.44
CA VAL R 588 -35.03 -30.20 -58.74
C VAL R 588 -34.37 -29.50 -57.57
N ASN R 589 -34.86 -29.73 -56.35
CA ASN R 589 -34.25 -29.07 -55.23
C ASN R 589 -32.84 -29.59 -54.99
N MET R 590 -32.57 -30.75 -55.59
CA MET R 590 -31.28 -31.39 -55.46
C MET R 590 -30.35 -31.17 -56.65
N VAL R 591 -30.89 -31.36 -57.85
CA VAL R 591 -30.09 -31.20 -59.05
C VAL R 591 -29.89 -29.76 -59.48
N LEU R 592 -30.78 -28.88 -59.05
CA LEU R 592 -30.68 -27.48 -59.39
C LEU R 592 -30.33 -26.62 -58.19
N GLN R 593 -29.81 -25.44 -58.49
CA GLN R 593 -29.45 -24.49 -57.47
C GLN R 593 -29.90 -23.10 -57.85
N SER R 594 -30.41 -22.36 -56.87
CA SER R 594 -30.88 -21.01 -57.10
C SER R 594 -30.17 -20.06 -56.16
N SER R 595 -30.11 -18.78 -56.54
CA SER R 595 -29.45 -17.80 -55.69
C SER R 595 -30.31 -17.38 -54.50
N LEU R 596 -31.64 -17.43 -54.67
CA LEU R 596 -32.58 -17.07 -53.63
C LEU R 596 -32.84 -18.27 -52.72
N GLY R 597 -32.61 -19.45 -53.27
CA GLY R 597 -32.80 -20.69 -52.54
C GLY R 597 -34.26 -21.06 -52.36
N ASN R 598 -35.12 -20.51 -53.21
CA ASN R 598 -36.55 -20.80 -53.13
C ASN R 598 -36.85 -22.28 -53.40
N ASP R 599 -38.11 -22.68 -53.15
CA ASP R 599 -38.53 -24.06 -53.36
C ASP R 599 -38.90 -24.31 -54.81
N LEU R 600 -37.95 -24.90 -55.55
CA LEU R 600 -38.15 -25.18 -56.96
C LEU R 600 -39.28 -26.15 -57.29
N ARG R 601 -39.67 -26.98 -56.32
CA ARG R 601 -40.75 -27.90 -56.57
C ARG R 601 -42.07 -27.14 -56.71
N VAL R 602 -42.29 -26.24 -55.76
CA VAL R 602 -43.46 -25.40 -55.72
C VAL R 602 -43.36 -24.34 -56.80
N ASP R 603 -42.13 -23.89 -57.02
CA ASP R 603 -41.82 -22.86 -57.98
C ASP R 603 -41.74 -23.19 -59.46
N GLY R 604 -42.28 -24.35 -59.84
CA GLY R 604 -42.34 -24.75 -61.24
C GLY R 604 -41.09 -25.19 -61.99
N ALA R 605 -39.96 -25.42 -61.33
CA ALA R 605 -38.81 -25.87 -62.11
C ALA R 605 -39.05 -27.31 -62.56
N SER R 606 -38.59 -27.68 -63.75
CA SER R 606 -38.80 -29.02 -64.26
C SER R 606 -37.58 -29.56 -64.98
N ILE R 607 -37.41 -30.89 -64.95
CA ILE R 607 -36.29 -31.52 -65.60
C ILE R 607 -36.59 -32.92 -66.12
N LYS R 608 -36.21 -33.16 -67.37
CA LYS R 608 -36.44 -34.45 -68.01
C LYS R 608 -35.20 -34.98 -68.72
N PHE R 609 -34.87 -36.24 -68.44
CA PHE R 609 -33.72 -36.90 -69.04
C PHE R 609 -34.10 -37.65 -70.30
N ASP R 610 -33.52 -37.24 -71.41
CA ASP R 610 -33.83 -37.88 -72.67
C ASP R 610 -32.90 -39.02 -73.01
N SER R 611 -31.62 -38.85 -72.74
CA SER R 611 -30.69 -39.89 -73.05
C SER R 611 -29.39 -39.78 -72.27
N ILE R 612 -28.86 -40.95 -71.92
CA ILE R 612 -27.61 -41.01 -71.20
C ILE R 612 -26.71 -42.05 -71.83
N CYS R 613 -25.50 -41.60 -72.16
CA CYS R 613 -24.52 -42.47 -72.76
C CYS R 613 -23.30 -42.59 -71.87
N LEU R 614 -22.46 -43.56 -72.19
CA LEU R 614 -21.24 -43.78 -71.44
C LEU R 614 -20.06 -43.68 -72.37
N TYR R 615 -19.16 -42.75 -72.07
CA TYR R 615 -17.97 -42.55 -72.89
C TYR R 615 -16.73 -43.03 -72.18
N ALA R 616 -15.78 -43.51 -72.98
CA ALA R 616 -14.51 -44.02 -72.47
C ALA R 616 -13.41 -43.85 -73.50
N THR R 617 -12.30 -43.25 -73.08
CA THR R 617 -11.17 -43.02 -73.96
C THR R 617 -10.05 -43.98 -73.65
N PHE R 618 -9.39 -44.49 -74.67
CA PHE R 618 -8.31 -45.44 -74.45
C PHE R 618 -6.98 -45.04 -75.06
N PHE R 619 -5.94 -45.18 -74.26
CA PHE R 619 -4.61 -44.91 -74.75
C PHE R 619 -4.37 -46.00 -75.78
N PRO R 620 -3.97 -45.65 -77.00
CA PRO R 620 -3.77 -46.65 -78.04
C PRO R 620 -2.46 -47.39 -77.83
N MET R 621 -2.31 -47.92 -76.63
CA MET R 621 -1.12 -48.64 -76.22
C MET R 621 -0.73 -49.81 -77.10
N ALA R 622 0.58 -49.99 -77.26
CA ALA R 622 1.08 -51.10 -78.04
C ALA R 622 0.55 -52.38 -77.43
N HIS R 623 0.12 -53.30 -78.30
CA HIS R 623 -0.44 -54.55 -77.85
C HIS R 623 0.47 -55.40 -76.99
N ASN R 624 1.74 -55.51 -77.36
CA ASN R 624 2.67 -56.31 -76.58
C ASN R 624 2.81 -55.72 -75.19
N THR R 625 2.95 -54.40 -75.16
CA THR R 625 3.09 -53.65 -73.94
C THR R 625 1.86 -53.78 -73.05
N ALA R 626 0.71 -53.47 -73.63
CA ALA R 626 -0.55 -53.56 -72.90
C ALA R 626 -0.70 -54.94 -72.27
N SER R 627 -0.42 -55.95 -73.07
CA SER R 627 -0.50 -57.33 -72.64
C SER R 627 0.41 -57.61 -71.46
N THR R 628 1.61 -57.05 -71.54
CA THR R 628 2.60 -57.22 -70.48
C THR R 628 2.17 -56.54 -69.19
N LEU R 629 1.64 -55.34 -69.35
CA LEU R 629 1.17 -54.57 -68.22
C LEU R 629 0.02 -55.28 -67.53
N GLU R 630 -0.80 -55.95 -68.33
CA GLU R 630 -1.94 -56.69 -67.83
C GLU R 630 -1.50 -57.81 -66.90
N ALA R 631 -0.59 -58.63 -67.42
CA ALA R 631 -0.04 -59.75 -66.68
C ALA R 631 0.44 -59.34 -65.30
N MET R 632 1.18 -58.24 -65.27
CA MET R 632 1.72 -57.71 -64.02
C MET R 632 0.64 -57.29 -63.05
N LEU R 633 -0.32 -56.52 -63.57
CA LEU R 633 -1.41 -56.02 -62.77
C LEU R 633 -2.35 -57.11 -62.28
N ARG R 634 -2.18 -58.32 -62.80
CA ARG R 634 -3.04 -59.41 -62.40
C ARG R 634 -2.57 -60.12 -61.15
N ASN R 635 -1.34 -59.82 -60.73
CA ASN R 635 -0.80 -60.41 -59.52
C ASN R 635 -1.23 -59.58 -58.32
N ASP R 636 -1.58 -60.26 -57.24
CA ASP R 636 -2.03 -59.56 -56.06
C ASP R 636 -1.00 -58.61 -55.51
N THR R 637 0.28 -58.94 -55.64
CA THR R 637 1.28 -58.03 -55.12
C THR R 637 1.18 -56.68 -55.81
N ASN R 638 0.62 -56.68 -57.02
CA ASN R 638 0.43 -55.47 -57.80
C ASN R 638 -1.00 -54.98 -57.81
N ASP R 639 -1.72 -55.28 -56.73
CA ASP R 639 -3.10 -54.85 -56.58
C ASP R 639 -3.17 -53.35 -56.39
N GLN R 640 -4.14 -52.72 -57.04
CA GLN R 640 -4.31 -51.29 -56.93
C GLN R 640 -4.96 -50.94 -55.60
N SER R 641 -4.78 -49.71 -55.13
CA SER R 641 -5.39 -49.32 -53.87
C SER R 641 -5.66 -47.82 -53.80
N PHE R 642 -6.79 -47.49 -53.19
CA PHE R 642 -7.21 -46.11 -53.05
C PHE R 642 -7.85 -45.84 -51.70
N ASN R 643 -7.84 -44.57 -51.36
CA ASN R 643 -8.42 -44.09 -50.15
C ASN R 643 -9.23 -42.85 -50.47
N ASP R 644 -10.28 -42.64 -49.71
CA ASP R 644 -11.10 -41.47 -49.93
C ASP R 644 -10.36 -40.24 -49.43
N TYR R 645 -10.41 -39.16 -50.20
CA TYR R 645 -9.71 -37.96 -49.79
C TYR R 645 -10.16 -37.44 -48.42
N LEU R 646 -11.47 -37.40 -48.22
CA LEU R 646 -12.02 -36.91 -46.95
C LEU R 646 -11.60 -37.78 -45.79
N SER R 647 -11.61 -39.08 -46.02
CA SER R 647 -11.23 -40.08 -45.04
C SER R 647 -11.90 -39.87 -43.69
N ALA R 648 -13.22 -40.02 -43.68
CA ALA R 648 -13.92 -39.83 -42.44
C ALA R 648 -15.33 -40.41 -42.42
N ALA R 649 -15.78 -40.66 -41.19
CA ALA R 649 -17.10 -41.13 -40.88
C ALA R 649 -17.88 -39.86 -40.55
N ASN R 650 -18.96 -39.61 -41.27
CA ASN R 650 -19.70 -38.38 -41.04
C ASN R 650 -20.93 -38.52 -40.18
N MET R 651 -21.00 -37.66 -39.16
CA MET R 651 -22.14 -37.67 -38.28
C MET R 651 -22.80 -36.30 -38.14
N LEU R 652 -24.11 -36.35 -37.97
CA LEU R 652 -24.91 -35.17 -37.80
C LEU R 652 -25.74 -35.31 -36.53
N TYR R 653 -25.61 -34.29 -35.68
CA TYR R 653 -26.34 -34.23 -34.43
C TYR R 653 -27.13 -32.95 -34.38
N PRO R 654 -28.40 -33.11 -34.05
CA PRO R 654 -29.33 -32.01 -33.98
C PRO R 654 -29.09 -31.06 -32.83
N ILE R 655 -29.31 -29.79 -33.15
CA ILE R 655 -29.19 -28.67 -32.24
C ILE R 655 -30.51 -27.90 -32.28
N PRO R 656 -31.37 -28.21 -31.33
CA PRO R 656 -32.66 -27.55 -31.27
C PRO R 656 -32.52 -26.04 -31.19
N ALA R 657 -33.51 -25.35 -31.75
CA ALA R 657 -33.49 -23.91 -31.74
C ALA R 657 -33.23 -23.40 -30.33
N ASN R 658 -32.30 -22.47 -30.20
CA ASN R 658 -31.97 -21.89 -28.92
C ASN R 658 -31.14 -22.76 -28.00
N ALA R 659 -30.92 -24.01 -28.41
CA ALA R 659 -30.11 -24.90 -27.61
C ALA R 659 -28.70 -24.32 -27.58
N THR R 660 -27.96 -24.59 -26.52
CA THR R 660 -26.61 -24.04 -26.40
C THR R 660 -25.59 -25.08 -26.03
N ASN R 661 -26.07 -26.20 -25.52
CA ASN R 661 -25.23 -27.31 -25.12
C ASN R 661 -25.49 -28.51 -26.01
N VAL R 662 -24.41 -29.08 -26.53
CA VAL R 662 -24.50 -30.24 -27.39
C VAL R 662 -23.57 -31.35 -26.95
N PRO R 663 -24.14 -32.30 -26.24
CA PRO R 663 -23.40 -33.43 -25.74
C PRO R 663 -23.53 -34.61 -26.66
N ILE R 664 -22.40 -35.24 -26.95
CA ILE R 664 -22.41 -36.40 -27.81
C ILE R 664 -21.69 -37.55 -27.16
N SER R 665 -22.26 -38.73 -27.32
CA SER R 665 -21.69 -39.91 -26.74
C SER R 665 -21.44 -41.01 -27.74
N ILE R 666 -20.27 -41.61 -27.61
CA ILE R 666 -19.87 -42.71 -28.46
C ILE R 666 -19.56 -43.92 -27.59
N PRO R 667 -20.39 -44.93 -27.72
CA PRO R 667 -20.21 -46.13 -26.92
C PRO R 667 -18.83 -46.71 -27.14
N SER R 668 -18.27 -47.24 -26.06
CA SER R 668 -16.96 -47.83 -26.10
C SER R 668 -16.72 -48.57 -27.39
N ARG R 669 -15.59 -48.26 -28.02
CA ARG R 669 -15.19 -48.86 -29.27
C ARG R 669 -13.68 -48.78 -29.44
N ASN R 670 -13.22 -49.27 -30.58
CA ASN R 670 -11.81 -49.27 -30.91
C ASN R 670 -11.36 -47.96 -31.56
N TRP R 671 -10.19 -47.46 -31.14
CA TRP R 671 -9.70 -46.20 -31.66
C TRP R 671 -8.38 -46.27 -32.41
N ALA R 672 -7.85 -47.46 -32.60
CA ALA R 672 -6.59 -47.57 -33.31
C ALA R 672 -6.65 -46.91 -34.67
N ALA R 673 -5.62 -46.13 -35.00
CA ALA R 673 -5.52 -45.45 -36.28
C ALA R 673 -6.34 -44.18 -36.37
N PHE R 674 -7.01 -43.83 -35.28
CA PHE R 674 -7.82 -42.63 -35.24
C PHE R 674 -6.96 -41.43 -35.63
N ARG R 675 -7.46 -40.59 -36.52
CA ARG R 675 -6.68 -39.45 -36.98
C ARG R 675 -7.03 -38.13 -36.32
N GLY R 676 -8.28 -37.95 -35.93
CA GLY R 676 -8.66 -36.69 -35.30
C GLY R 676 -10.08 -36.28 -35.65
N TRP R 677 -10.43 -35.06 -35.21
CA TRP R 677 -11.76 -34.53 -35.44
C TRP R 677 -11.77 -33.26 -36.27
N ALA R 678 -12.88 -33.11 -36.98
CA ALA R 678 -13.16 -31.95 -37.82
C ALA R 678 -14.64 -31.65 -37.67
N PHE R 679 -15.02 -30.37 -37.57
CA PHE R 679 -16.42 -30.07 -37.40
C PHE R 679 -16.86 -28.67 -37.79
N THR R 680 -18.18 -28.58 -38.02
CA THR R 680 -18.90 -27.37 -38.39
C THR R 680 -20.30 -27.43 -37.81
N ARG R 681 -21.12 -26.54 -38.33
CA ARG R 681 -22.50 -26.42 -37.95
C ARG R 681 -23.33 -26.06 -39.18
N LEU R 682 -24.39 -26.82 -39.42
CA LEU R 682 -25.25 -26.58 -40.54
C LEU R 682 -26.67 -26.29 -40.11
N LYS R 683 -27.42 -25.71 -41.03
CA LYS R 683 -28.81 -25.42 -40.80
C LYS R 683 -29.62 -26.61 -41.27
N THR R 684 -30.54 -27.05 -40.43
CA THR R 684 -31.34 -28.19 -40.82
C THR R 684 -32.05 -27.94 -42.14
N LYS R 685 -32.50 -26.70 -42.34
CA LYS R 685 -33.19 -26.34 -43.56
C LYS R 685 -32.35 -26.51 -44.82
N GLU R 686 -31.04 -26.31 -44.68
CA GLU R 686 -30.14 -26.43 -45.81
C GLU R 686 -29.49 -27.79 -45.95
N THR R 687 -29.97 -28.77 -45.18
CA THR R 687 -29.41 -30.11 -45.25
C THR R 687 -30.45 -31.15 -45.61
N PRO R 688 -30.50 -31.49 -46.88
CA PRO R 688 -31.43 -32.49 -47.35
C PRO R 688 -31.17 -33.78 -46.59
N SER R 689 -32.20 -34.62 -46.48
CA SER R 689 -32.03 -35.87 -45.80
C SER R 689 -31.48 -36.88 -46.79
N LEU R 690 -30.37 -37.52 -46.47
CA LEU R 690 -29.81 -38.47 -47.40
C LEU R 690 -30.10 -39.94 -47.09
N GLY R 691 -30.75 -40.19 -45.97
CA GLY R 691 -31.09 -41.55 -45.59
C GLY R 691 -32.26 -42.08 -46.40
N SER R 692 -32.34 -41.64 -47.67
CA SER R 692 -33.42 -42.06 -48.55
C SER R 692 -33.33 -41.42 -49.94
N GLY R 693 -33.95 -42.10 -50.90
CA GLY R 693 -33.96 -41.67 -52.28
C GLY R 693 -34.70 -40.35 -52.51
N TYR R 694 -35.56 -39.96 -51.58
CA TYR R 694 -36.32 -38.73 -51.73
C TYR R 694 -36.72 -38.10 -50.39
N ASP R 695 -36.52 -36.78 -50.28
CA ASP R 695 -36.84 -36.03 -49.07
C ASP R 695 -38.03 -35.12 -49.27
N PRO R 696 -39.18 -35.62 -48.83
CA PRO R 696 -40.44 -34.91 -48.93
C PRO R 696 -40.43 -33.56 -48.23
N TYR R 697 -39.63 -33.42 -47.18
CA TYR R 697 -39.58 -32.16 -46.44
C TYR R 697 -38.50 -31.16 -46.86
N TYR R 698 -37.83 -31.42 -47.97
CA TYR R 698 -36.78 -30.56 -48.46
C TYR R 698 -37.31 -29.49 -49.41
N THR R 699 -37.55 -28.29 -48.88
CA THR R 699 -38.07 -27.19 -49.65
C THR R 699 -37.09 -26.03 -49.73
N TYR R 700 -35.89 -26.34 -50.24
CA TYR R 700 -34.82 -25.37 -50.34
C TYR R 700 -33.93 -25.71 -51.52
N SER R 701 -33.44 -24.70 -52.23
CA SER R 701 -32.59 -24.96 -53.38
C SER R 701 -31.29 -24.18 -53.42
N GLY R 702 -30.85 -23.70 -52.27
CA GLY R 702 -29.61 -22.94 -52.22
C GLY R 702 -28.39 -23.82 -52.08
N SER R 703 -27.29 -23.23 -51.64
CA SER R 703 -26.06 -23.96 -51.45
C SER R 703 -26.24 -25.00 -50.37
N ILE R 704 -25.58 -26.15 -50.51
CA ILE R 704 -25.68 -27.21 -49.53
C ILE R 704 -24.32 -27.48 -48.90
N PRO R 705 -23.98 -26.73 -47.86
CA PRO R 705 -22.70 -26.88 -47.21
C PRO R 705 -22.22 -28.30 -46.96
N TYR R 706 -23.12 -29.17 -46.53
CA TYR R 706 -22.73 -30.55 -46.25
C TYR R 706 -22.10 -31.25 -47.43
N LEU R 707 -22.56 -30.86 -48.63
CA LEU R 707 -22.05 -31.45 -49.85
C LEU R 707 -21.07 -30.60 -50.63
N ASP R 708 -21.25 -29.28 -50.61
CA ASP R 708 -20.38 -28.40 -51.38
C ASP R 708 -19.24 -27.68 -50.66
N GLY R 709 -19.30 -27.57 -49.35
CA GLY R 709 -18.22 -26.91 -48.61
C GLY R 709 -18.44 -25.42 -48.40
N THR R 710 -19.66 -24.98 -48.63
CA THR R 710 -19.97 -23.57 -48.45
C THR R 710 -20.24 -23.26 -46.98
N PHE R 711 -19.35 -23.75 -46.12
CA PHE R 711 -19.47 -23.54 -44.69
C PHE R 711 -19.41 -22.07 -44.33
N TYR R 712 -20.28 -21.68 -43.39
CA TYR R 712 -20.36 -20.29 -42.96
C TYR R 712 -20.78 -20.08 -41.51
N LEU R 713 -20.80 -21.13 -40.69
CA LEU R 713 -21.23 -20.95 -39.31
C LEU R 713 -20.20 -21.28 -38.24
N ASN R 714 -18.94 -21.29 -38.63
CA ASN R 714 -17.85 -21.62 -37.71
C ASN R 714 -17.62 -20.68 -36.56
N HIS R 715 -18.11 -19.45 -36.70
CA HIS R 715 -17.92 -18.45 -35.66
C HIS R 715 -18.88 -18.61 -34.48
N THR R 716 -19.79 -19.58 -34.58
CA THR R 716 -20.77 -19.80 -33.53
C THR R 716 -20.34 -20.80 -32.47
N PHE R 717 -19.14 -21.34 -32.63
CA PHE R 717 -18.65 -22.30 -31.67
C PHE R 717 -18.02 -21.59 -30.49
N LYS R 718 -18.32 -22.07 -29.29
CA LYS R 718 -17.78 -21.47 -28.10
C LYS R 718 -16.62 -22.27 -27.53
N LYS R 719 -16.87 -23.56 -27.33
CA LYS R 719 -15.86 -24.43 -26.78
C LYS R 719 -16.14 -25.91 -27.03
N VAL R 720 -15.10 -26.71 -26.79
CA VAL R 720 -15.17 -28.13 -26.95
C VAL R 720 -14.43 -28.86 -25.86
N ALA R 721 -15.12 -29.81 -25.26
CA ALA R 721 -14.54 -30.62 -24.21
C ALA R 721 -14.54 -32.07 -24.65
N ILE R 722 -13.35 -32.67 -24.66
CA ILE R 722 -13.21 -34.05 -25.08
C ILE R 722 -12.85 -34.97 -23.92
N THR R 723 -13.59 -36.06 -23.78
CA THR R 723 -13.35 -36.98 -22.68
C THR R 723 -13.44 -38.44 -23.04
N PHE R 724 -12.39 -39.16 -22.67
CA PHE R 724 -12.33 -40.58 -22.88
C PHE R 724 -12.69 -41.29 -21.59
N ASP R 725 -13.40 -42.41 -21.73
CA ASP R 725 -13.81 -43.24 -20.61
C ASP R 725 -14.43 -42.53 -19.42
N SER R 726 -15.29 -41.55 -19.67
CA SER R 726 -15.98 -40.84 -18.60
C SER R 726 -15.11 -40.14 -17.56
N SER R 727 -13.78 -40.21 -17.68
CA SER R 727 -12.98 -39.56 -16.66
C SER R 727 -11.77 -38.82 -17.18
N VAL R 728 -11.14 -39.39 -18.20
CA VAL R 728 -9.94 -38.84 -18.80
C VAL R 728 -10.15 -37.73 -19.81
N SER R 729 -9.56 -36.58 -19.50
CA SER R 729 -9.63 -35.41 -20.35
C SER R 729 -8.52 -35.37 -21.38
N TRP R 730 -8.92 -35.26 -22.65
CA TRP R 730 -7.98 -35.18 -23.75
C TRP R 730 -7.95 -33.75 -24.24
N PRO R 731 -6.77 -33.19 -24.46
CA PRO R 731 -5.48 -33.88 -24.33
C PRO R 731 -4.93 -33.88 -22.91
N GLY R 732 -5.61 -33.19 -21.99
CA GLY R 732 -5.11 -33.13 -20.62
C GLY R 732 -3.63 -32.74 -20.62
N ASN R 733 -2.87 -33.33 -19.71
CA ASN R 733 -1.44 -33.07 -19.60
C ASN R 733 -1.05 -31.62 -19.37
N ASP R 734 -2.03 -30.78 -19.03
CA ASP R 734 -1.76 -29.38 -18.76
C ASP R 734 -1.25 -28.62 -19.97
N ARG R 735 -1.60 -29.10 -21.15
CA ARG R 735 -1.16 -28.49 -22.39
C ARG R 735 -1.69 -27.07 -22.70
N LEU R 736 -3.02 -26.91 -22.68
CA LEU R 736 -3.64 -25.62 -22.99
C LEU R 736 -3.78 -24.64 -21.83
N LEU R 737 -3.93 -23.36 -22.16
CA LEU R 737 -4.10 -22.31 -21.17
C LEU R 737 -5.27 -22.61 -20.23
N THR R 738 -6.28 -23.24 -20.82
CA THR R 738 -7.48 -23.71 -20.14
C THR R 738 -7.60 -25.19 -20.47
N PRO R 739 -6.67 -25.92 -19.88
CA PRO R 739 -6.41 -27.34 -20.00
C PRO R 739 -7.60 -28.28 -20.09
N ASN R 740 -8.71 -27.97 -19.43
CA ASN R 740 -9.83 -28.90 -19.45
C ASN R 740 -10.67 -28.92 -20.72
N GLU R 741 -10.40 -28.00 -21.63
CA GLU R 741 -11.19 -27.97 -22.83
C GLU R 741 -10.63 -27.02 -23.87
N PHE R 742 -11.18 -27.12 -25.06
CA PHE R 742 -10.81 -26.27 -26.16
C PHE R 742 -11.74 -25.07 -26.20
N GLU R 743 -11.20 -23.91 -25.86
CA GLU R 743 -11.96 -22.68 -25.87
C GLU R 743 -11.76 -22.00 -27.22
N ILE R 744 -12.81 -21.95 -28.02
CA ILE R 744 -12.71 -21.33 -29.33
C ILE R 744 -12.66 -19.81 -29.28
N LYS R 745 -13.44 -19.22 -28.38
CA LYS R 745 -13.49 -17.78 -28.24
C LYS R 745 -13.95 -17.35 -26.84
N ARG R 746 -13.53 -16.15 -26.42
CA ARG R 746 -13.89 -15.60 -25.11
C ARG R 746 -14.56 -14.23 -25.22
N SER R 747 -15.47 -13.96 -24.28
CA SER R 747 -16.21 -12.70 -24.27
C SER R 747 -15.78 -11.72 -23.20
N VAL R 748 -15.13 -10.64 -23.66
CA VAL R 748 -14.65 -9.53 -22.85
C VAL R 748 -13.95 -9.90 -21.56
N ASP R 749 -14.66 -10.63 -20.72
CA ASP R 749 -14.14 -11.05 -19.43
C ASP R 749 -12.80 -11.76 -19.50
N GLY R 750 -12.54 -12.42 -20.64
CA GLY R 750 -11.29 -13.15 -20.80
C GLY R 750 -10.36 -12.55 -21.85
N GLU R 751 -10.56 -11.29 -22.17
CA GLU R 751 -9.73 -10.61 -23.15
C GLU R 751 -8.28 -11.10 -23.19
N GLY R 752 -7.57 -10.99 -22.07
CA GLY R 752 -6.16 -11.38 -21.97
C GLY R 752 -5.79 -12.68 -22.68
N TYR R 753 -6.71 -13.63 -22.74
CA TYR R 753 -6.41 -14.91 -23.37
C TYR R 753 -6.71 -14.91 -24.87
N ASN R 754 -7.12 -13.76 -25.38
CA ASN R 754 -7.43 -13.62 -26.78
C ASN R 754 -6.21 -13.24 -27.60
N VAL R 755 -6.34 -13.33 -28.92
CA VAL R 755 -5.23 -13.01 -29.80
C VAL R 755 -5.71 -12.44 -31.13
N ALA R 756 -4.75 -12.06 -31.97
CA ALA R 756 -5.00 -11.54 -33.31
C ALA R 756 -5.96 -10.36 -33.44
N GLN R 757 -6.21 -9.67 -32.34
CA GLN R 757 -7.11 -8.51 -32.37
C GLN R 757 -8.57 -8.85 -32.59
N CYS R 758 -8.97 -10.00 -32.06
CA CYS R 758 -10.35 -10.45 -32.15
C CYS R 758 -10.70 -11.25 -30.91
N ASN R 759 -11.85 -11.91 -30.92
CA ASN R 759 -12.26 -12.67 -29.75
C ASN R 759 -11.77 -14.12 -29.74
N MET R 760 -10.87 -14.47 -30.64
CA MET R 760 -10.36 -15.82 -30.66
C MET R 760 -9.30 -15.99 -29.59
N THR R 761 -9.19 -17.19 -29.02
CA THR R 761 -8.22 -17.41 -27.98
C THR R 761 -6.85 -17.78 -28.52
N LYS R 762 -5.84 -17.56 -27.70
CA LYS R 762 -4.48 -17.88 -28.07
C LYS R 762 -4.37 -19.38 -28.33
N ASP R 763 -4.97 -20.15 -27.42
CA ASP R 763 -4.99 -21.60 -27.47
C ASP R 763 -5.48 -22.15 -28.80
N TRP R 764 -6.66 -21.66 -29.17
CA TRP R 764 -7.31 -22.07 -30.41
C TRP R 764 -6.54 -21.66 -31.65
N PHE R 765 -6.04 -20.43 -31.65
CA PHE R 765 -5.28 -19.94 -32.77
C PHE R 765 -4.05 -20.81 -33.01
N LEU R 766 -3.47 -21.25 -31.90
CA LEU R 766 -2.30 -22.10 -31.92
C LEU R 766 -2.60 -23.46 -32.52
N VAL R 767 -3.71 -24.05 -32.09
CA VAL R 767 -4.12 -25.35 -32.58
C VAL R 767 -4.47 -25.34 -34.05
N GLN R 768 -5.20 -24.33 -34.47
CA GLN R 768 -5.59 -24.22 -35.86
C GLN R 768 -4.38 -24.02 -36.77
N MET R 769 -3.44 -23.20 -36.32
CA MET R 769 -2.24 -22.93 -37.10
C MET R 769 -1.37 -24.16 -37.28
N LEU R 770 -1.24 -24.93 -36.21
CA LEU R 770 -0.43 -26.15 -36.24
C LEU R 770 -1.10 -27.22 -37.09
N ALA R 771 -2.38 -27.44 -36.81
CA ALA R 771 -3.17 -28.43 -37.50
C ALA R 771 -3.19 -28.23 -39.01
N ASN R 772 -3.27 -26.97 -39.43
CA ASN R 772 -3.32 -26.63 -40.84
C ASN R 772 -1.95 -26.50 -41.49
N TYR R 773 -0.99 -25.89 -40.79
CA TYR R 773 0.31 -25.70 -41.37
C TYR R 773 1.52 -26.05 -40.52
N ASN R 774 1.31 -26.61 -39.35
CA ASN R 774 2.45 -26.95 -38.50
C ASN R 774 3.17 -25.68 -38.02
N ILE R 775 2.48 -24.54 -38.07
CA ILE R 775 3.08 -23.30 -37.62
C ILE R 775 2.64 -22.98 -36.20
N GLY R 776 3.58 -22.68 -35.31
CA GLY R 776 3.16 -22.38 -33.96
C GLY R 776 4.23 -22.42 -32.90
N TYR R 777 5.11 -23.42 -32.98
CA TYR R 777 6.17 -23.55 -31.99
C TYR R 777 7.38 -22.68 -32.26
N GLN R 778 7.49 -22.25 -33.49
CA GLN R 778 8.62 -21.43 -33.85
C GLN R 778 8.19 -20.10 -34.46
N GLY R 779 7.18 -19.51 -33.83
CA GLY R 779 6.64 -18.24 -34.27
C GLY R 779 5.46 -18.39 -35.21
N PHE R 780 4.67 -17.32 -35.26
CA PHE R 780 3.51 -17.22 -36.10
C PHE R 780 3.82 -16.33 -37.30
N TYR R 781 3.39 -16.77 -38.47
CA TYR R 781 3.61 -15.99 -39.68
C TYR R 781 2.63 -16.45 -40.74
N ILE R 782 2.51 -15.68 -41.80
CA ILE R 782 1.60 -16.06 -42.85
C ILE R 782 2.11 -17.32 -43.54
N PRO R 783 1.26 -18.33 -43.63
CA PRO R 783 1.65 -19.58 -44.26
C PRO R 783 1.94 -19.40 -45.73
N GLU R 784 2.77 -20.30 -46.28
CA GLU R 784 3.08 -20.23 -47.70
C GLU R 784 1.81 -20.46 -48.50
N SER R 785 1.59 -19.61 -49.50
CA SER R 785 0.41 -19.66 -50.34
C SER R 785 -0.01 -21.04 -50.85
N TYR R 786 0.93 -21.88 -51.25
CA TYR R 786 0.52 -23.18 -51.74
C TYR R 786 -0.09 -24.06 -50.65
N LYS R 787 0.16 -23.72 -49.37
CA LYS R 787 -0.38 -24.50 -48.26
C LYS R 787 -1.67 -23.89 -47.73
N ASP R 788 -1.90 -22.64 -48.10
CA ASP R 788 -3.08 -21.91 -47.69
C ASP R 788 -4.08 -21.87 -48.83
N ARG R 789 -4.84 -22.96 -48.97
CA ARG R 789 -5.80 -23.06 -50.04
C ARG R 789 -7.17 -22.44 -49.78
N MET R 790 -8.09 -22.68 -50.71
CA MET R 790 -9.44 -22.15 -50.66
C MET R 790 -10.19 -22.45 -49.38
N TYR R 791 -10.15 -23.69 -48.96
CA TYR R 791 -10.86 -24.13 -47.78
C TYR R 791 -9.98 -24.17 -46.53
N SER R 792 -8.87 -23.44 -46.58
CA SER R 792 -7.95 -23.40 -45.46
C SER R 792 -8.36 -22.41 -44.37
N PHE R 793 -7.70 -22.54 -43.23
CA PHE R 793 -7.96 -21.71 -42.08
C PHE R 793 -7.64 -20.24 -42.23
N PHE R 794 -6.35 -19.94 -42.34
CA PHE R 794 -5.86 -18.58 -42.46
C PHE R 794 -6.50 -17.73 -43.55
N ARG R 795 -6.45 -18.23 -44.78
CA ARG R 795 -7.00 -17.55 -45.92
C ARG R 795 -8.44 -17.11 -45.71
N ASN R 796 -9.15 -17.82 -44.83
CA ASN R 796 -10.56 -17.53 -44.52
C ASN R 796 -10.80 -16.82 -43.19
N PHE R 797 -9.74 -16.59 -42.44
CA PHE R 797 -9.82 -15.94 -41.14
C PHE R 797 -9.94 -14.42 -41.25
N GLN R 798 -11.03 -13.88 -40.70
CA GLN R 798 -11.31 -12.44 -40.75
C GLN R 798 -11.69 -11.84 -39.40
N PRO R 799 -10.71 -11.25 -38.71
CA PRO R 799 -11.00 -10.64 -37.42
C PRO R 799 -11.61 -9.25 -37.63
N MET R 800 -12.63 -8.91 -36.83
CA MET R 800 -13.29 -7.63 -36.95
C MET R 800 -13.52 -6.91 -35.62
N SER R 801 -13.62 -5.59 -35.72
CA SER R 801 -13.85 -4.72 -34.60
C SER R 801 -14.65 -3.49 -35.01
N ARG R 802 -15.37 -2.93 -34.05
CA ARG R 802 -16.17 -1.75 -34.27
C ARG R 802 -16.59 -1.18 -32.93
N GLN R 803 -17.05 0.05 -32.98
CA GLN R 803 -17.50 0.73 -31.78
C GLN R 803 -18.95 1.14 -31.93
N VAL R 804 -19.67 1.13 -30.81
CA VAL R 804 -21.07 1.50 -30.75
C VAL R 804 -21.32 2.32 -29.50
N VAL R 805 -22.36 3.14 -29.49
CA VAL R 805 -22.67 3.94 -28.31
C VAL R 805 -22.85 3.07 -27.09
N ASP R 806 -22.32 3.55 -25.97
CA ASP R 806 -22.49 2.81 -24.75
C ASP R 806 -23.80 3.29 -24.13
N ASP R 807 -24.85 2.49 -24.28
CA ASP R 807 -26.16 2.83 -23.77
C ASP R 807 -26.22 3.04 -22.27
N THR R 808 -25.27 2.51 -21.53
CA THR R 808 -25.29 2.65 -20.08
C THR R 808 -24.36 3.73 -19.53
N LYS R 809 -23.61 4.41 -20.38
CA LYS R 809 -22.73 5.44 -19.88
C LYS R 809 -22.88 6.79 -20.58
N TYR R 810 -23.51 6.78 -21.76
CA TYR R 810 -23.74 8.01 -22.50
C TYR R 810 -25.01 8.66 -21.95
N LYS R 811 -24.79 9.67 -21.10
CA LYS R 811 -25.86 10.40 -20.44
C LYS R 811 -27.09 10.71 -21.30
N ASP R 812 -26.87 11.22 -22.52
CA ASP R 812 -27.97 11.59 -23.39
C ASP R 812 -28.52 10.50 -24.30
N TYR R 813 -28.11 9.27 -24.06
CA TYR R 813 -28.57 8.15 -24.86
C TYR R 813 -30.07 8.11 -25.06
N GLN R 814 -30.48 7.81 -26.29
CA GLN R 814 -31.86 7.71 -26.70
C GLN R 814 -32.04 6.53 -27.64
N GLN R 815 -32.90 5.59 -27.24
CA GLN R 815 -33.15 4.42 -28.06
C GLN R 815 -34.17 4.70 -29.16
N VAL R 816 -33.67 5.10 -30.32
CA VAL R 816 -34.52 5.42 -31.45
C VAL R 816 -34.47 4.35 -32.53
N GLY R 817 -35.64 3.81 -32.90
CA GLY R 817 -35.74 2.78 -33.91
C GLY R 817 -35.94 3.35 -35.31
N ILE R 818 -35.96 2.47 -36.32
CA ILE R 818 -36.13 2.92 -37.70
C ILE R 818 -37.33 3.82 -37.88
N LEU R 819 -38.43 3.42 -37.25
CA LEU R 819 -39.67 4.16 -37.34
C LEU R 819 -39.49 5.65 -37.06
N HIS R 820 -38.49 5.96 -36.24
CA HIS R 820 -38.25 7.34 -35.87
C HIS R 820 -36.90 7.92 -36.20
N GLN R 821 -36.12 7.19 -36.97
CA GLN R 821 -34.83 7.73 -37.32
C GLN R 821 -34.96 8.58 -38.56
N HIS R 822 -34.30 9.72 -38.54
CA HIS R 822 -34.34 10.59 -39.70
C HIS R 822 -32.96 11.09 -40.09
N ASN R 823 -32.63 10.77 -41.33
CA ASN R 823 -31.39 11.10 -41.98
C ASN R 823 -31.68 11.08 -43.47
N ASN R 824 -31.58 12.25 -44.09
CA ASN R 824 -31.85 12.41 -45.50
C ASN R 824 -33.35 12.63 -45.72
N SER R 825 -34.02 12.95 -44.62
CA SER R 825 -35.44 13.22 -44.65
C SER R 825 -35.70 14.26 -45.72
N GLY R 826 -36.76 14.04 -46.47
CA GLY R 826 -37.09 14.95 -47.53
C GLY R 826 -36.41 14.57 -48.84
N PHE R 827 -35.49 13.62 -48.78
CA PHE R 827 -34.79 13.19 -49.98
C PHE R 827 -34.88 11.69 -50.22
N VAL R 828 -35.49 10.98 -49.27
CA VAL R 828 -35.64 9.53 -49.33
C VAL R 828 -37.06 9.07 -48.99
N GLY R 829 -37.43 7.88 -49.45
CA GLY R 829 -38.75 7.36 -49.16
C GLY R 829 -38.80 6.90 -47.71
N TYR R 830 -40.01 6.80 -47.13
CA TYR R 830 -40.14 6.41 -45.73
C TYR R 830 -40.40 4.91 -45.54
N LEU R 831 -39.48 4.25 -44.83
CA LEU R 831 -39.57 2.82 -44.56
C LEU R 831 -39.73 1.98 -45.82
N ALA R 832 -39.21 2.48 -46.94
CA ALA R 832 -39.32 1.78 -48.20
C ALA R 832 -38.50 2.44 -49.31
N PRO R 833 -38.28 1.66 -50.36
CA PRO R 833 -37.50 2.11 -51.51
C PRO R 833 -38.35 2.92 -52.47
N THR R 834 -39.25 3.73 -51.91
CA THR R 834 -40.11 4.53 -52.74
C THR R 834 -39.67 5.96 -52.95
N MET R 835 -40.60 6.73 -53.48
CA MET R 835 -40.45 8.13 -53.79
C MET R 835 -40.10 8.96 -52.56
N ARG R 836 -39.34 10.03 -52.78
CA ARG R 836 -38.96 10.89 -51.71
C ARG R 836 -40.16 11.54 -51.04
N GLU R 837 -39.97 11.86 -49.79
CA GLU R 837 -40.99 12.51 -48.98
C GLU R 837 -40.32 13.15 -47.78
N GLY R 838 -41.09 13.92 -47.04
CA GLY R 838 -40.54 14.58 -45.88
C GLY R 838 -39.99 15.96 -46.21
N GLN R 839 -39.09 16.41 -45.36
CA GLN R 839 -38.47 17.71 -45.49
C GLN R 839 -37.07 17.71 -44.93
N ALA R 840 -36.26 18.63 -45.44
CA ALA R 840 -34.91 18.75 -44.93
C ALA R 840 -34.96 18.91 -43.43
N TYR R 841 -33.96 18.40 -42.75
CA TYR R 841 -33.91 18.50 -41.32
C TYR R 841 -32.70 17.81 -40.74
N PRO R 842 -32.13 18.43 -39.73
CA PRO R 842 -30.98 17.86 -39.07
C PRO R 842 -31.23 16.41 -38.72
N ALA R 843 -30.29 15.55 -39.11
CA ALA R 843 -30.42 14.14 -38.82
C ALA R 843 -30.40 13.92 -37.32
N ASN R 844 -31.07 12.88 -36.87
CA ASN R 844 -31.14 12.56 -35.45
C ASN R 844 -30.46 11.23 -35.19
N PHE R 845 -29.79 10.74 -36.24
CA PHE R 845 -29.13 9.47 -36.19
C PHE R 845 -28.22 9.35 -37.40
N PRO R 846 -27.10 8.64 -37.31
CA PRO R 846 -26.63 7.93 -36.13
C PRO R 846 -25.82 8.80 -35.19
N TYR R 847 -25.43 8.21 -34.06
CA TYR R 847 -24.62 8.91 -33.08
C TYR R 847 -23.19 9.05 -33.56
N PRO R 848 -22.61 10.21 -33.32
CA PRO R 848 -21.24 10.47 -33.70
C PRO R 848 -20.25 9.71 -32.83
N LEU R 849 -19.39 8.93 -33.47
CA LEU R 849 -18.38 8.15 -32.76
C LEU R 849 -17.03 8.81 -32.85
N ILE R 850 -17.00 9.91 -33.60
CA ILE R 850 -15.80 10.68 -33.83
C ILE R 850 -16.03 12.15 -33.55
N GLY R 851 -14.95 12.92 -33.53
CA GLY R 851 -15.01 14.36 -33.29
C GLY R 851 -14.87 14.74 -31.82
N LYS R 852 -15.01 16.05 -31.56
CA LYS R 852 -14.92 16.59 -30.22
C LYS R 852 -16.16 16.28 -29.42
N THR R 853 -17.16 15.76 -30.11
CA THR R 853 -18.45 15.46 -29.52
C THR R 853 -18.81 13.98 -29.45
N ALA R 854 -17.91 13.11 -29.91
CA ALA R 854 -18.13 11.68 -29.89
C ALA R 854 -18.71 11.20 -28.57
N VAL R 855 -19.64 10.24 -28.67
CA VAL R 855 -20.30 9.68 -27.52
C VAL R 855 -19.50 8.57 -26.86
N ASP R 856 -19.81 8.34 -25.59
CA ASP R 856 -19.15 7.29 -24.87
C ASP R 856 -19.40 6.01 -25.65
N SER R 857 -18.35 5.27 -25.95
CA SER R 857 -18.52 4.06 -26.73
C SER R 857 -18.08 2.80 -26.04
N ILE R 858 -18.42 1.71 -26.72
CA ILE R 858 -18.10 0.37 -26.28
C ILE R 858 -17.56 -0.40 -27.48
N THR R 859 -16.58 -1.26 -27.21
CA THR R 859 -15.95 -2.02 -28.28
C THR R 859 -16.47 -3.44 -28.47
N GLN R 860 -16.60 -3.82 -29.75
CA GLN R 860 -17.07 -5.13 -30.13
C GLN R 860 -16.09 -5.81 -31.08
N LYS R 861 -15.74 -7.06 -30.76
CA LYS R 861 -14.84 -7.85 -31.58
C LYS R 861 -15.43 -9.21 -31.86
N LYS R 862 -15.16 -9.69 -33.07
CA LYS R 862 -15.62 -10.99 -33.49
C LYS R 862 -14.79 -11.44 -34.67
N PHE R 863 -15.27 -12.47 -35.35
CA PHE R 863 -14.56 -12.98 -36.48
C PHE R 863 -15.42 -13.93 -37.30
N LEU R 864 -15.04 -14.04 -38.56
CA LEU R 864 -15.67 -14.90 -39.52
C LEU R 864 -14.61 -15.90 -39.93
N CYS R 865 -15.04 -17.09 -40.32
CA CYS R 865 -14.11 -18.10 -40.75
C CYS R 865 -14.82 -19.09 -41.64
N ASP R 866 -15.33 -18.53 -42.73
CA ASP R 866 -16.10 -19.25 -43.73
C ASP R 866 -15.30 -20.30 -44.47
N ARG R 867 -16.08 -21.13 -45.15
CA ARG R 867 -15.65 -22.23 -45.99
C ARG R 867 -14.47 -23.06 -45.53
N THR R 868 -14.44 -23.38 -44.24
CA THR R 868 -13.39 -24.20 -43.67
C THR R 868 -13.94 -25.06 -42.55
N LEU R 869 -13.16 -26.04 -42.12
CA LEU R 869 -13.57 -26.93 -41.05
C LEU R 869 -12.67 -26.76 -39.84
N TRP R 870 -13.26 -26.71 -38.65
CA TRP R 870 -12.47 -26.60 -37.43
C TRP R 870 -11.72 -27.91 -37.28
N ARG R 871 -10.45 -27.85 -36.84
CA ARG R 871 -9.71 -29.10 -36.72
C ARG R 871 -9.02 -29.34 -35.37
N ILE R 872 -9.09 -30.60 -34.94
CA ILE R 872 -8.49 -31.12 -33.73
C ILE R 872 -7.87 -32.47 -34.05
N PRO R 873 -6.59 -32.43 -34.40
CA PRO R 873 -5.85 -33.61 -34.78
C PRO R 873 -5.51 -34.51 -33.60
N PHE R 874 -5.54 -35.81 -33.86
CA PHE R 874 -5.21 -36.76 -32.84
C PHE R 874 -3.71 -37.03 -32.88
N SER R 875 -2.97 -35.94 -32.63
CA SER R 875 -1.52 -35.94 -32.62
C SER R 875 -0.99 -35.33 -31.32
N SER R 876 0.05 -35.98 -30.75
CA SER R 876 0.63 -35.53 -29.50
C SER R 876 0.99 -34.06 -29.41
N ASN R 877 1.40 -33.46 -30.53
CA ASN R 877 1.77 -32.06 -30.54
C ASN R 877 0.92 -31.26 -31.52
N PHE R 878 -0.20 -31.86 -31.91
CA PHE R 878 -1.16 -31.29 -32.85
C PHE R 878 -0.58 -31.15 -34.24
N MET R 879 0.69 -31.51 -34.42
CA MET R 879 1.29 -31.38 -35.73
C MET R 879 1.06 -32.58 -36.63
N SER R 880 1.30 -32.34 -37.91
CA SER R 880 1.16 -33.34 -38.93
C SER R 880 2.53 -33.98 -39.14
N MET R 881 2.64 -35.23 -38.70
CA MET R 881 3.87 -35.98 -38.80
C MET R 881 3.66 -37.26 -39.57
N GLY R 882 2.50 -37.34 -40.23
CA GLY R 882 2.14 -38.51 -41.01
C GLY R 882 0.65 -38.84 -40.90
N ALA R 883 0.11 -39.40 -41.98
CA ALA R 883 -1.29 -39.78 -42.03
C ALA R 883 -1.67 -40.61 -40.82
N LEU R 884 -0.81 -41.59 -40.53
CA LEU R 884 -0.99 -42.48 -39.40
C LEU R 884 -0.29 -41.84 -38.21
N THR R 885 -1.08 -41.13 -37.42
CA THR R 885 -0.63 -40.38 -36.27
C THR R 885 0.05 -41.19 -35.15
N ASP R 886 0.77 -40.47 -34.30
CA ASP R 886 1.48 -41.10 -33.19
C ASP R 886 0.51 -41.67 -32.16
N LEU R 887 -0.55 -40.91 -31.88
CA LEU R 887 -1.56 -41.35 -30.93
C LEU R 887 -2.38 -42.51 -31.48
N GLY R 888 -2.73 -42.39 -32.74
CA GLY R 888 -3.49 -43.42 -33.40
C GLY R 888 -2.78 -44.76 -33.36
N GLN R 889 -1.48 -44.73 -33.05
CA GLN R 889 -0.71 -45.96 -33.00
C GLN R 889 -0.23 -46.37 -31.61
N ASN R 890 -0.71 -45.63 -30.61
CA ASN R 890 -0.41 -45.86 -29.21
C ASN R 890 -1.05 -47.14 -28.70
N LEU R 891 -0.27 -47.93 -27.96
CA LEU R 891 -0.77 -49.18 -27.43
C LEU R 891 -2.04 -48.98 -26.62
N LEU R 892 -2.10 -47.85 -25.91
CA LEU R 892 -3.27 -47.57 -25.12
C LEU R 892 -4.52 -47.45 -25.95
N TYR R 893 -4.39 -47.16 -27.24
CA TYR R 893 -5.57 -47.07 -28.07
C TYR R 893 -5.81 -48.33 -28.89
N ALA R 894 -4.84 -49.24 -28.86
CA ALA R 894 -4.93 -50.50 -29.59
C ALA R 894 -5.26 -51.70 -28.71
N ASN R 895 -4.60 -51.76 -27.56
CA ASN R 895 -4.79 -52.84 -26.61
C ASN R 895 -6.16 -52.81 -25.96
N SER R 896 -6.93 -51.76 -26.24
CA SER R 896 -8.24 -51.70 -25.60
C SER R 896 -9.21 -50.72 -26.23
N ALA R 897 -10.47 -50.95 -25.89
CA ALA R 897 -11.57 -50.14 -26.35
C ALA R 897 -11.84 -49.00 -25.38
N HIS R 898 -12.28 -47.89 -25.93
CA HIS R 898 -12.59 -46.73 -25.14
C HIS R 898 -13.90 -46.09 -25.56
N ALA R 899 -14.52 -45.43 -24.62
CA ALA R 899 -15.76 -44.72 -24.86
C ALA R 899 -15.41 -43.26 -25.00
N LEU R 900 -16.18 -42.51 -25.76
CA LEU R 900 -15.84 -41.11 -25.93
C LEU R 900 -17.02 -40.17 -25.73
N ASP R 901 -16.74 -39.10 -25.00
CA ASP R 901 -17.74 -38.08 -24.73
C ASP R 901 -17.23 -36.73 -25.19
N MET R 902 -18.10 -36.02 -25.91
CA MET R 902 -17.79 -34.71 -26.43
C MET R 902 -18.88 -33.73 -26.03
N THR R 903 -18.46 -32.52 -25.68
CA THR R 903 -19.41 -31.51 -25.29
C THR R 903 -19.11 -30.20 -26.00
N PHE R 904 -20.04 -29.83 -26.86
CA PHE R 904 -19.92 -28.62 -27.62
C PHE R 904 -20.80 -27.51 -27.05
N GLU R 905 -20.24 -26.31 -27.07
CA GLU R 905 -20.93 -25.14 -26.61
C GLU R 905 -21.02 -24.18 -27.78
N VAL R 906 -22.24 -23.85 -28.19
CA VAL R 906 -22.41 -22.96 -29.32
C VAL R 906 -23.30 -21.78 -29.02
N ASP R 907 -23.22 -20.80 -29.91
CA ASP R 907 -24.06 -19.63 -29.78
C ASP R 907 -25.46 -20.07 -30.14
N PRO R 908 -26.47 -19.49 -29.49
CA PRO R 908 -27.83 -19.89 -29.78
C PRO R 908 -28.33 -19.32 -31.09
N MET R 909 -29.09 -20.14 -31.79
CA MET R 909 -29.70 -19.77 -33.05
C MET R 909 -31.18 -20.05 -32.99
N ASP R 910 -31.98 -19.12 -33.48
CA ASP R 910 -33.42 -19.23 -33.45
C ASP R 910 -33.97 -20.24 -34.45
N GLU R 911 -33.14 -21.16 -34.91
CA GLU R 911 -33.59 -22.15 -35.85
C GLU R 911 -32.88 -23.48 -35.69
N PRO R 912 -33.55 -24.57 -36.04
CA PRO R 912 -32.91 -25.86 -35.90
C PRO R 912 -31.66 -25.96 -36.76
N THR R 913 -30.59 -26.40 -36.12
CA THR R 913 -29.32 -26.54 -36.79
C THR R 913 -28.73 -27.92 -36.53
N LEU R 914 -27.55 -28.15 -37.09
CA LEU R 914 -26.88 -29.41 -36.91
C LEU R 914 -25.42 -29.22 -36.61
N LEU R 915 -24.92 -30.08 -35.74
CA LEU R 915 -23.52 -30.07 -35.41
C LEU R 915 -22.94 -31.20 -36.26
N TYR R 916 -22.10 -30.83 -37.22
CA TYR R 916 -21.54 -31.80 -38.13
C TYR R 916 -20.13 -32.23 -37.72
N VAL R 917 -20.01 -33.49 -37.34
CA VAL R 917 -18.73 -34.02 -36.91
C VAL R 917 -18.12 -35.05 -37.86
N LEU R 918 -16.86 -34.79 -38.22
CA LEU R 918 -16.12 -35.68 -39.09
C LEU R 918 -15.13 -36.43 -38.24
N PHE R 919 -15.26 -37.75 -38.21
CA PHE R 919 -14.33 -38.54 -37.46
C PHE R 919 -13.29 -39.01 -38.46
N GLU R 920 -12.11 -38.39 -38.42
CA GLU R 920 -11.03 -38.73 -39.33
C GLU R 920 -10.47 -40.13 -39.15
N VAL R 921 -10.50 -40.89 -40.24
CA VAL R 921 -10.03 -42.26 -40.27
C VAL R 921 -9.46 -42.63 -41.62
N PHE R 922 -9.24 -43.92 -41.76
CA PHE R 922 -8.76 -44.49 -42.99
C PHE R 922 -9.91 -45.19 -43.66
N ASP R 923 -10.19 -44.75 -44.87
CA ASP R 923 -11.25 -45.28 -45.70
C ASP R 923 -10.55 -45.78 -46.96
N VAL R 924 -10.23 -47.06 -46.95
CA VAL R 924 -9.48 -47.68 -48.04
C VAL R 924 -10.08 -48.90 -48.70
N VAL R 925 -9.59 -49.10 -49.93
CA VAL R 925 -9.93 -50.22 -50.78
C VAL R 925 -8.70 -50.78 -51.45
N ARG R 926 -8.71 -52.09 -51.63
CA ARG R 926 -7.67 -52.82 -52.32
C ARG R 926 -8.34 -53.57 -53.45
N VAL R 927 -7.91 -53.30 -54.68
CA VAL R 927 -8.50 -53.93 -55.84
C VAL R 927 -7.69 -55.07 -56.43
N HIS R 928 -8.36 -56.22 -56.56
CA HIS R 928 -7.77 -57.43 -57.10
C HIS R 928 -8.43 -57.78 -58.41
N ARG R 929 -7.62 -58.06 -59.44
CA ARG R 929 -8.14 -58.41 -60.75
C ARG R 929 -7.48 -59.65 -61.34
N PRO R 930 -7.64 -60.77 -60.63
CA PRO R 930 -7.07 -62.07 -60.96
C PRO R 930 -7.31 -62.56 -62.38
N HIS R 931 -8.51 -62.36 -62.92
CA HIS R 931 -8.80 -62.84 -64.27
C HIS R 931 -9.69 -61.93 -65.09
N ARG R 932 -9.71 -62.22 -66.39
CA ARG R 932 -10.52 -61.49 -67.34
C ARG R 932 -11.93 -61.33 -66.81
N GLY R 933 -12.41 -60.08 -66.76
CA GLY R 933 -13.75 -59.78 -66.30
C GLY R 933 -14.05 -60.16 -64.85
N VAL R 934 -13.03 -60.01 -64.00
CA VAL R 934 -13.16 -60.32 -62.58
C VAL R 934 -12.55 -59.25 -61.70
N ILE R 935 -13.40 -58.56 -60.94
CA ILE R 935 -12.99 -57.52 -60.03
C ILE R 935 -13.38 -57.83 -58.60
N GLU R 936 -12.38 -58.04 -57.75
CA GLU R 936 -12.64 -58.32 -56.36
C GLU R 936 -12.10 -57.17 -55.51
N THR R 937 -12.88 -56.73 -54.53
CA THR R 937 -12.44 -55.63 -53.69
C THR R 937 -12.44 -55.94 -52.22
N VAL R 938 -11.58 -55.25 -51.50
CA VAL R 938 -11.49 -55.39 -50.07
C VAL R 938 -11.55 -54.02 -49.44
N TYR R 939 -12.68 -53.75 -48.78
CA TYR R 939 -12.84 -52.47 -48.13
C TYR R 939 -12.49 -52.57 -46.66
N LEU R 940 -11.85 -51.53 -46.18
CA LEU R 940 -11.47 -51.44 -44.79
C LEU R 940 -11.56 -50.01 -44.31
N ARG R 941 -12.37 -49.79 -43.28
CA ARG R 941 -12.53 -48.46 -42.72
C ARG R 941 -12.24 -48.44 -41.24
N THR R 942 -11.11 -47.87 -40.87
CA THR R 942 -10.75 -47.80 -39.46
C THR R 942 -10.15 -46.47 -39.03
N PRO R 943 -10.57 -46.04 -37.85
CA PRO R 943 -11.55 -46.81 -37.09
C PRO R 943 -12.95 -46.73 -37.69
N PHE R 944 -13.96 -47.03 -36.89
CA PHE R 944 -15.34 -46.99 -37.36
C PHE R 944 -15.58 -47.93 -38.53
N SER R 945 -15.31 -49.21 -38.32
CA SER R 945 -15.51 -50.20 -39.36
C SER R 945 -16.99 -50.33 -39.70
N ALA R 946 -17.29 -50.50 -40.98
CA ALA R 946 -18.66 -50.64 -41.43
C ALA R 946 -19.11 -52.09 -41.34
N MET S 5 41.04 -9.71 -41.41
CA MET S 5 41.00 -10.86 -42.30
C MET S 5 40.72 -12.16 -41.57
N MET S 6 41.18 -13.24 -42.18
CA MET S 6 41.03 -14.61 -41.69
C MET S 6 40.29 -14.85 -40.37
N PRO S 7 41.02 -14.88 -39.26
CA PRO S 7 40.52 -15.16 -37.92
C PRO S 7 39.09 -14.75 -37.59
N GLN S 8 38.83 -13.45 -37.49
CA GLN S 8 37.49 -13.02 -37.16
C GLN S 8 36.47 -13.57 -38.15
N TRP S 9 36.85 -13.55 -39.42
CA TRP S 9 35.97 -14.03 -40.48
C TRP S 9 35.48 -15.45 -40.29
N SER S 10 36.39 -16.39 -40.02
CA SER S 10 35.98 -17.77 -39.82
C SER S 10 35.19 -17.94 -38.54
N TYR S 11 35.66 -17.29 -37.48
CA TYR S 11 35.01 -17.35 -36.19
C TYR S 11 33.56 -16.86 -36.26
N MET S 12 33.37 -15.73 -36.93
CA MET S 12 32.07 -15.12 -37.09
C MET S 12 31.27 -15.72 -38.25
N HIS S 13 31.92 -16.62 -38.98
CA HIS S 13 31.31 -17.29 -40.12
C HIS S 13 31.10 -16.40 -41.33
N ILE S 14 31.83 -15.31 -41.36
CA ILE S 14 31.73 -14.40 -42.49
C ILE S 14 32.29 -15.12 -43.70
N SER S 15 33.18 -16.06 -43.41
CA SER S 15 33.86 -16.90 -44.36
C SER S 15 34.15 -18.25 -43.72
N GLY S 16 34.74 -19.17 -44.47
CA GLY S 16 35.06 -20.48 -43.94
C GLY S 16 34.06 -21.57 -44.32
N GLN S 17 33.89 -22.50 -43.39
CA GLN S 17 33.00 -23.64 -43.56
C GLN S 17 31.52 -23.37 -43.40
N ASP S 18 30.76 -24.31 -43.94
CA ASP S 18 29.32 -24.31 -43.88
C ASP S 18 28.88 -25.00 -42.61
N ALA S 19 27.70 -24.67 -42.11
CA ALA S 19 27.21 -25.28 -40.88
C ALA S 19 27.40 -26.79 -40.85
N SER S 20 27.19 -27.42 -42.00
CA SER S 20 27.31 -28.86 -42.10
C SER S 20 28.72 -29.35 -41.80
N GLU S 21 29.71 -28.51 -42.04
CA GLU S 21 31.08 -28.88 -41.78
C GLU S 21 31.59 -28.37 -40.44
N TYR S 22 31.11 -27.20 -40.03
CA TYR S 22 31.57 -26.66 -38.77
C TYR S 22 30.86 -27.19 -37.53
N LEU S 23 29.58 -27.53 -37.65
CA LEU S 23 28.85 -28.07 -36.53
C LEU S 23 29.30 -29.50 -36.26
N SER S 24 29.01 -29.98 -35.06
CA SER S 24 29.36 -31.35 -34.73
C SER S 24 28.46 -32.28 -35.52
N PRO S 25 28.98 -33.46 -35.84
CA PRO S 25 28.23 -34.44 -36.60
C PRO S 25 26.93 -34.91 -35.96
N GLY S 26 26.93 -35.03 -34.63
CA GLY S 26 25.74 -35.47 -33.95
C GLY S 26 24.59 -34.49 -34.16
N LEU S 27 24.93 -33.20 -34.03
CA LEU S 27 23.99 -32.12 -34.21
C LEU S 27 23.47 -32.07 -35.64
N VAL S 28 24.37 -32.21 -36.60
CA VAL S 28 23.99 -32.20 -38.00
C VAL S 28 22.97 -33.29 -38.26
N GLN S 29 23.29 -34.47 -37.74
CA GLN S 29 22.43 -35.64 -37.88
C GLN S 29 21.08 -35.34 -37.27
N PHE S 30 21.12 -34.90 -36.03
CA PHE S 30 19.92 -34.55 -35.29
C PHE S 30 19.09 -33.53 -36.06
N ALA S 31 19.77 -32.48 -36.53
CA ALA S 31 19.10 -31.44 -37.28
C ALA S 31 18.34 -31.99 -38.46
N ARG S 32 19.01 -32.85 -39.22
CA ARG S 32 18.43 -33.46 -40.39
C ARG S 32 17.22 -34.32 -40.06
N ALA S 33 17.29 -35.00 -38.92
CA ALA S 33 16.20 -35.87 -38.50
C ALA S 33 14.98 -35.15 -37.95
N THR S 34 15.20 -34.00 -37.30
CA THR S 34 14.12 -33.21 -36.71
C THR S 34 13.51 -32.18 -37.64
N GLU S 35 14.22 -31.89 -38.72
CA GLU S 35 13.82 -30.91 -39.72
C GLU S 35 12.32 -30.65 -39.90
N THR S 36 11.54 -31.67 -40.26
CA THR S 36 10.12 -31.49 -40.50
C THR S 36 9.28 -31.09 -39.30
N TYR S 37 9.79 -31.27 -38.09
CA TYR S 37 8.99 -30.92 -36.93
C TYR S 37 9.56 -29.86 -36.01
N PHE S 38 10.85 -29.61 -36.15
CA PHE S 38 11.52 -28.63 -35.32
C PHE S 38 12.83 -28.25 -35.97
N SER S 39 12.84 -27.07 -36.61
CA SER S 39 14.03 -26.64 -37.31
C SER S 39 15.08 -25.77 -36.62
N LEU S 40 16.34 -26.15 -36.91
CA LEU S 40 17.54 -25.53 -36.38
C LEU S 40 18.33 -24.81 -37.47
N ASN S 41 17.88 -24.95 -38.71
CA ASN S 41 18.57 -24.33 -39.84
C ASN S 41 18.83 -22.83 -39.73
N ASN S 42 17.85 -22.07 -39.29
CA ASN S 42 18.07 -20.63 -39.23
C ASN S 42 18.87 -20.09 -38.05
N LYS S 43 19.54 -20.98 -37.31
CA LYS S 43 20.32 -20.47 -36.20
C LYS S 43 21.82 -20.65 -36.37
N PHE S 44 22.21 -21.09 -37.55
CA PHE S 44 23.60 -21.32 -37.90
C PHE S 44 23.91 -20.69 -39.24
N ARG S 45 24.80 -19.71 -39.26
CA ARG S 45 25.10 -19.08 -40.52
C ARG S 45 26.02 -19.84 -41.46
N ASN S 46 25.70 -19.67 -42.74
CA ASN S 46 26.41 -20.27 -43.84
C ASN S 46 26.96 -19.17 -44.74
N PRO S 47 28.27 -19.01 -44.70
CA PRO S 47 28.97 -18.02 -45.47
C PRO S 47 28.88 -18.25 -46.97
N THR S 48 28.94 -17.15 -47.71
CA THR S 48 28.93 -17.13 -49.17
C THR S 48 30.04 -16.19 -49.59
N VAL S 49 31.05 -16.79 -50.20
CA VAL S 49 32.21 -16.07 -50.63
C VAL S 49 32.39 -15.99 -52.13
N ALA S 50 32.50 -14.78 -52.64
CA ALA S 50 32.70 -14.61 -54.06
C ALA S 50 34.12 -15.04 -54.44
N PRO S 51 34.28 -15.47 -55.68
CA PRO S 51 35.58 -15.88 -56.18
C PRO S 51 36.46 -14.66 -56.34
N THR S 52 37.77 -14.82 -56.14
CA THR S 52 38.68 -13.70 -56.23
C THR S 52 39.58 -13.66 -57.46
N HIS S 53 39.56 -14.71 -58.27
CA HIS S 53 40.42 -14.73 -59.43
C HIS S 53 39.81 -15.43 -60.63
N ASP S 54 40.30 -15.07 -61.82
CA ASP S 54 39.88 -15.66 -63.08
C ASP S 54 38.44 -15.41 -63.46
N VAL S 55 37.90 -14.26 -63.08
CA VAL S 55 36.52 -13.95 -63.43
C VAL S 55 36.44 -12.63 -64.16
N THR S 56 36.96 -11.61 -63.49
CA THR S 56 36.95 -10.26 -64.00
C THR S 56 38.35 -9.73 -64.25
N THR S 57 38.43 -8.72 -65.10
CA THR S 57 39.68 -8.09 -65.44
C THR S 57 40.10 -7.05 -64.40
N ASP S 58 41.39 -6.80 -64.40
CA ASP S 58 41.99 -5.82 -63.52
C ASP S 58 42.32 -4.66 -64.40
N ARG S 59 42.36 -4.97 -65.68
CA ARG S 59 42.67 -4.04 -66.73
C ARG S 59 41.53 -3.08 -67.07
N SER S 60 41.94 -1.99 -67.71
CA SER S 60 41.04 -0.94 -68.16
C SER S 60 40.19 -1.50 -69.28
N GLN S 61 38.88 -1.31 -69.19
CA GLN S 61 37.99 -1.86 -70.20
C GLN S 61 36.57 -1.35 -70.03
N ARG S 62 35.98 -0.90 -71.13
CA ARG S 62 34.63 -0.39 -71.13
C ARG S 62 33.63 -1.54 -71.02
N LEU S 63 32.50 -1.30 -70.38
CA LEU S 63 31.50 -2.34 -70.28
C LEU S 63 30.61 -2.28 -71.50
N THR S 64 30.35 -1.04 -71.90
CA THR S 64 29.52 -0.77 -73.05
C THR S 64 30.23 0.06 -74.10
N LEU S 65 30.08 -0.36 -75.35
CA LEU S 65 30.65 0.30 -76.49
C LEU S 65 29.53 0.75 -77.41
N ARG S 66 29.78 1.86 -78.08
CA ARG S 66 28.81 2.35 -79.02
C ARG S 66 29.46 2.52 -80.36
N PHE S 67 28.75 2.03 -81.37
CA PHE S 67 29.23 2.09 -82.73
C PHE S 67 28.41 3.01 -83.61
N ILE S 68 29.14 3.78 -84.40
CA ILE S 68 28.54 4.71 -85.33
C ILE S 68 28.47 4.04 -86.69
N PRO S 69 27.44 4.35 -87.47
CA PRO S 69 27.34 3.71 -88.77
C PRO S 69 28.42 4.17 -89.71
N VAL S 70 28.95 3.17 -90.41
CA VAL S 70 30.02 3.31 -91.39
C VAL S 70 29.46 3.77 -92.71
N ASP S 71 28.23 3.36 -92.96
CA ASP S 71 27.48 3.69 -94.15
C ASP S 71 26.00 3.72 -93.85
N ARG S 72 25.34 4.77 -94.31
CA ARG S 72 23.92 4.93 -94.10
C ARG S 72 23.23 5.28 -95.40
N GLU S 73 22.01 4.80 -95.55
CA GLU S 73 21.26 5.07 -96.75
C GLU S 73 19.78 5.25 -96.50
N ASP S 74 19.39 6.51 -96.37
CA ASP S 74 18.01 6.90 -96.17
C ASP S 74 17.29 6.88 -97.50
N THR S 75 16.41 5.90 -97.71
CA THR S 75 15.68 5.73 -98.96
C THR S 75 14.18 6.06 -98.89
N ALA S 76 13.45 5.85 -99.99
CA ALA S 76 12.04 6.14 -100.07
C ALA S 76 11.18 5.47 -99.00
N TYR S 77 11.32 4.16 -98.82
CA TYR S 77 10.52 3.45 -97.83
C TYR S 77 11.36 2.67 -96.83
N SER S 78 12.67 2.88 -96.87
CA SER S 78 13.53 2.16 -95.96
C SER S 78 14.81 2.90 -95.58
N TYR S 79 15.51 2.29 -94.63
CA TYR S 79 16.73 2.82 -94.08
C TYR S 79 17.72 1.68 -93.87
N LYS S 80 18.93 1.88 -94.38
CA LYS S 80 20.01 0.91 -94.28
C LYS S 80 21.14 1.43 -93.42
N ALA S 81 21.56 0.65 -92.43
CA ALA S 81 22.64 1.06 -91.56
C ALA S 81 23.73 0.02 -91.49
N ARG S 82 24.96 0.45 -91.71
CA ARG S 82 26.07 -0.47 -91.69
C ARG S 82 27.08 -0.14 -90.60
N PHE S 83 27.42 -1.16 -89.81
CA PHE S 83 28.38 -0.96 -88.76
C PHE S 83 29.51 -1.97 -88.83
N THR S 84 30.56 -1.60 -88.11
CA THR S 84 31.72 -2.43 -87.98
C THR S 84 31.77 -2.87 -86.53
N LEU S 85 31.07 -3.95 -86.27
CA LEU S 85 31.00 -4.52 -84.94
C LEU S 85 32.34 -5.14 -84.62
N ALA S 86 33.08 -4.52 -83.70
CA ALA S 86 34.38 -5.05 -83.37
C ALA S 86 34.50 -5.68 -82.00
N VAL S 87 34.92 -6.94 -81.99
CA VAL S 87 35.14 -7.69 -80.78
C VAL S 87 36.63 -7.81 -80.54
N GLY S 88 37.10 -7.04 -79.58
CA GLY S 88 38.50 -7.01 -79.25
C GLY S 88 39.02 -8.32 -78.69
N ASP S 89 40.33 -8.42 -78.71
CA ASP S 89 41.04 -9.57 -78.20
C ASP S 89 40.82 -9.71 -76.71
N ASN S 90 40.67 -10.95 -76.28
CA ASN S 90 40.46 -11.22 -74.87
C ASN S 90 39.06 -10.80 -74.46
N ARG S 91 38.16 -10.86 -75.43
CA ARG S 91 36.79 -10.50 -75.22
C ARG S 91 35.83 -11.42 -75.95
N VAL S 92 34.65 -11.47 -75.39
CA VAL S 92 33.56 -12.23 -75.94
C VAL S 92 32.30 -11.39 -75.84
N LEU S 93 31.45 -11.50 -76.85
CA LEU S 93 30.24 -10.71 -76.88
C LEU S 93 28.98 -11.53 -77.09
N ASP S 94 28.04 -11.36 -76.18
CA ASP S 94 26.76 -12.04 -76.25
C ASP S 94 25.79 -11.17 -77.03
N MET S 95 25.48 -11.60 -78.25
CA MET S 95 24.59 -10.87 -79.12
C MET S 95 23.30 -10.40 -78.48
N ALA S 96 22.81 -11.16 -77.51
CA ALA S 96 21.59 -10.78 -76.83
C ALA S 96 21.74 -9.42 -76.18
N SER S 97 22.99 -9.02 -75.95
CA SER S 97 23.23 -7.75 -75.32
C SER S 97 23.42 -6.58 -76.27
N THR S 98 23.04 -6.77 -77.54
CA THR S 98 23.14 -5.69 -78.51
C THR S 98 21.77 -5.15 -78.88
N TYR S 99 21.78 -3.92 -79.39
CA TYR S 99 20.54 -3.27 -79.79
C TYR S 99 20.82 -1.99 -80.55
N PHE S 100 19.87 -1.63 -81.40
CA PHE S 100 19.99 -0.44 -82.20
C PHE S 100 19.32 0.75 -81.52
N ASP S 101 20.12 1.74 -81.15
CA ASP S 101 19.63 2.93 -80.50
C ASP S 101 19.20 3.90 -81.58
N ILE S 102 17.91 4.23 -81.60
CA ILE S 102 17.40 5.11 -82.63
C ILE S 102 16.76 6.39 -82.15
N ARG S 103 17.08 7.47 -82.85
CA ARG S 103 16.54 8.77 -82.56
C ARG S 103 15.96 9.35 -83.84
N GLY S 104 14.77 9.93 -83.73
CA GLY S 104 14.12 10.51 -84.88
C GLY S 104 12.90 11.31 -84.46
N VAL S 105 12.11 11.70 -85.44
CA VAL S 105 10.91 12.46 -85.16
C VAL S 105 9.70 11.77 -85.73
N LEU S 106 8.62 11.87 -84.99
CA LEU S 106 7.41 11.25 -85.43
C LEU S 106 6.19 12.15 -85.26
N ASP S 107 5.38 12.19 -86.30
CA ASP S 107 4.15 12.95 -86.29
C ASP S 107 3.01 11.97 -86.42
N ARG S 108 2.27 11.80 -85.33
CA ARG S 108 1.16 10.88 -85.32
C ARG S 108 0.03 11.34 -86.21
N GLY S 109 0.14 12.58 -86.69
CA GLY S 109 -0.89 13.11 -87.56
C GLY S 109 -2.07 13.66 -86.78
N PRO S 110 -3.05 14.16 -87.53
CA PRO S 110 -4.24 14.76 -86.95
C PRO S 110 -5.26 13.77 -86.43
N THR S 111 -5.20 12.50 -86.84
CA THR S 111 -6.19 11.54 -86.38
C THR S 111 -5.91 10.91 -85.03
N PHE S 112 -4.78 11.28 -84.44
CA PHE S 112 -4.39 10.76 -83.14
C PHE S 112 -5.18 11.46 -82.04
N LYS S 113 -5.86 10.66 -81.22
CA LYS S 113 -6.65 11.16 -80.11
C LYS S 113 -6.60 10.18 -78.94
N PRO S 114 -5.59 10.37 -78.11
CA PRO S 114 -5.31 9.54 -76.96
C PRO S 114 -6.31 9.59 -75.83
N TYR S 115 -7.60 9.73 -76.13
CA TYR S 115 -8.57 9.79 -75.07
C TYR S 115 -10.00 9.85 -75.57
N SER S 116 -10.93 9.61 -74.64
CA SER S 116 -12.36 9.65 -74.90
C SER S 116 -12.94 10.96 -74.36
N GLY S 117 -14.02 11.42 -74.98
CA GLY S 117 -14.64 12.65 -74.55
C GLY S 117 -13.95 13.89 -75.08
N THR S 118 -14.19 15.03 -74.41
CA THR S 118 -13.62 16.30 -74.77
C THR S 118 -12.72 16.86 -73.70
N ALA S 119 -11.96 17.86 -74.11
CA ALA S 119 -11.09 18.57 -73.22
C ALA S 119 -11.74 19.92 -72.95
N TYR S 120 -12.81 20.21 -73.70
CA TYR S 120 -13.51 21.49 -73.63
C TYR S 120 -15.00 21.45 -73.31
N ASN S 121 -15.37 22.11 -72.20
CA ASN S 121 -16.74 22.21 -71.74
C ASN S 121 -17.42 20.86 -71.65
N ALA S 122 -16.74 19.93 -70.99
CA ALA S 122 -17.24 18.59 -70.81
C ALA S 122 -18.53 18.50 -70.02
N LEU S 123 -18.76 19.46 -69.12
CA LEU S 123 -19.97 19.44 -68.32
C LEU S 123 -21.18 20.06 -69.00
N ALA S 124 -20.94 20.78 -70.09
CA ALA S 124 -22.02 21.43 -70.81
C ALA S 124 -22.91 20.45 -71.56
N PRO S 125 -24.22 20.62 -71.48
CA PRO S 125 -25.09 19.73 -72.21
C PRO S 125 -24.73 19.74 -73.68
N LYS S 126 -24.74 18.55 -74.28
CA LYS S 126 -24.36 18.35 -75.67
C LYS S 126 -25.08 19.17 -76.74
N GLY S 127 -26.19 19.82 -76.38
CA GLY S 127 -26.96 20.62 -77.32
C GLY S 127 -27.00 22.10 -76.96
N ALA S 128 -26.59 22.40 -75.73
CA ALA S 128 -26.56 23.78 -75.25
C ALA S 128 -25.63 24.59 -76.12
N PRO S 129 -26.05 25.80 -76.45
CA PRO S 129 -25.23 26.64 -77.31
C PRO S 129 -24.50 27.72 -76.54
N ASN S 130 -23.48 28.24 -77.20
CA ASN S 130 -22.69 29.33 -76.65
C ASN S 130 -23.52 30.58 -76.85
N PRO S 131 -23.37 31.57 -75.98
CA PRO S 131 -24.13 32.78 -76.18
C PRO S 131 -23.80 33.36 -77.53
N CYS S 132 -24.79 33.41 -78.42
CA CYS S 132 -24.55 33.91 -79.77
C CYS S 132 -25.51 34.99 -80.27
N GLU S 133 -25.28 35.38 -81.54
CA GLU S 133 -26.06 36.38 -82.25
C GLU S 133 -26.23 36.00 -83.70
N TRP S 134 -27.39 36.32 -84.27
CA TRP S 134 -27.65 36.00 -85.66
C TRP S 134 -28.62 36.97 -86.32
N ASP S 135 -28.74 36.84 -87.64
CA ASP S 135 -29.62 37.70 -88.42
C ASP S 135 -30.95 37.02 -88.71
N THR S 165 -31.09 41.34 -86.28
CA THR S 165 -30.04 40.69 -85.50
C THR S 165 -30.53 40.31 -84.10
N HIS S 166 -30.58 39.00 -83.87
CA HIS S 166 -31.03 38.47 -82.59
C HIS S 166 -29.90 38.10 -81.66
N VAL S 167 -30.25 38.03 -80.40
CA VAL S 167 -29.34 37.68 -79.36
C VAL S 167 -29.91 36.62 -78.44
N PHE S 168 -29.02 35.71 -78.08
CA PHE S 168 -29.28 34.62 -77.18
C PHE S 168 -28.06 34.53 -76.29
N GLY S 169 -28.19 35.03 -75.06
CA GLY S 169 -27.05 35.02 -74.17
C GLY S 169 -27.37 34.92 -72.69
N GLN S 170 -26.35 35.27 -71.92
CA GLN S 170 -26.38 35.24 -70.47
C GLN S 170 -25.49 36.34 -69.89
N ALA S 171 -25.96 36.92 -68.79
CA ALA S 171 -25.25 37.97 -68.07
C ALA S 171 -25.21 37.56 -66.60
N PRO S 172 -24.11 36.91 -66.21
CA PRO S 172 -23.94 36.41 -64.86
C PRO S 172 -23.26 37.36 -63.90
N TYR S 173 -22.56 38.34 -64.45
CA TYR S 173 -21.86 39.28 -63.60
C TYR S 173 -22.74 40.42 -63.09
N SER S 174 -22.76 40.59 -61.78
CA SER S 174 -23.54 41.66 -61.18
C SER S 174 -22.63 42.82 -60.80
N GLY S 175 -22.83 43.94 -61.50
CA GLY S 175 -22.03 45.14 -61.29
C GLY S 175 -22.73 46.19 -60.45
N ILE S 176 -22.04 47.33 -60.29
CA ILE S 176 -22.55 48.43 -59.51
C ILE S 176 -23.54 49.27 -60.29
N ASN S 177 -23.16 49.59 -61.52
CA ASN S 177 -23.99 50.39 -62.42
C ASN S 177 -23.49 50.29 -63.86
N ILE S 178 -24.40 50.55 -64.79
CA ILE S 178 -24.08 50.51 -66.21
C ILE S 178 -24.11 51.88 -66.85
N THR S 179 -22.95 52.34 -67.30
CA THR S 179 -22.86 53.64 -67.95
C THR S 179 -22.59 53.45 -69.42
N LYS S 180 -22.20 54.53 -70.09
CA LYS S 180 -21.90 54.45 -71.50
C LYS S 180 -20.50 53.90 -71.71
N GLU S 181 -19.78 53.81 -70.59
CA GLU S 181 -18.41 53.31 -70.57
C GLU S 181 -18.38 51.82 -70.26
N GLY S 182 -19.57 51.24 -70.11
CA GLY S 182 -19.69 49.82 -69.81
C GLY S 182 -20.21 49.58 -68.41
N ILE S 183 -19.72 48.51 -67.78
CA ILE S 183 -20.15 48.18 -66.44
C ILE S 183 -19.10 48.52 -65.38
N GLN S 184 -19.55 49.20 -64.33
CA GLN S 184 -18.69 49.59 -63.23
C GLN S 184 -18.41 48.39 -62.34
N ILE S 185 -17.15 48.22 -61.93
CA ILE S 185 -16.78 47.10 -61.10
C ILE S 185 -16.03 47.50 -59.85
N GLY S 186 -15.98 48.81 -59.61
CA GLY S 186 -15.30 49.33 -58.43
C GLY S 186 -15.40 50.85 -58.43
N LYS S 193 -14.24 53.07 -61.97
CA LYS S 193 -13.61 51.75 -62.07
C LYS S 193 -14.43 50.82 -62.95
N TYR S 194 -14.38 51.08 -64.26
CA TYR S 194 -15.10 50.27 -65.22
C TYR S 194 -14.30 49.04 -65.66
N ALA S 195 -14.99 48.09 -66.27
CA ALA S 195 -14.39 46.85 -66.72
C ALA S 195 -13.53 46.96 -67.97
N ASP S 196 -12.47 46.14 -67.97
CA ASP S 196 -11.54 46.05 -69.08
C ASP S 196 -12.13 45.09 -70.12
N LYS S 197 -12.69 45.68 -71.16
CA LYS S 197 -13.32 44.96 -72.25
C LYS S 197 -12.55 43.74 -72.79
N THR S 198 -11.24 43.82 -72.79
CA THR S 198 -10.46 42.71 -73.31
C THR S 198 -10.70 41.39 -72.59
N PHE S 199 -11.04 41.47 -71.31
CA PHE S 199 -11.25 40.25 -70.57
C PHE S 199 -12.37 40.30 -69.56
N GLN S 200 -12.84 41.49 -69.23
CA GLN S 200 -13.92 41.60 -68.27
C GLN S 200 -15.23 41.92 -68.92
N PRO S 201 -16.29 41.26 -68.45
CA PRO S 201 -16.22 40.31 -67.36
C PRO S 201 -15.73 38.94 -67.82
N GLU S 202 -15.33 38.12 -66.85
CA GLU S 202 -14.86 36.78 -67.12
C GLU S 202 -16.00 35.79 -67.01
N PRO S 203 -16.24 35.03 -68.07
CA PRO S 203 -17.33 34.07 -68.06
C PRO S 203 -17.35 33.16 -66.85
N GLN S 204 -16.19 32.96 -66.25
CA GLN S 204 -16.04 32.10 -65.10
C GLN S 204 -16.75 32.60 -63.85
N ILE S 205 -16.87 33.92 -63.76
CA ILE S 205 -17.47 34.59 -62.62
C ILE S 205 -18.99 34.76 -62.71
N GLY S 206 -19.64 34.44 -61.59
CA GLY S 206 -21.07 34.56 -61.37
C GLY S 206 -21.38 34.90 -59.91
N GLU S 207 -22.65 34.86 -59.53
CA GLU S 207 -23.04 35.14 -58.15
C GLU S 207 -22.85 33.92 -57.26
N SER S 208 -22.46 34.17 -56.01
CA SER S 208 -22.20 33.13 -55.03
C SER S 208 -23.42 32.46 -54.40
N GLN S 209 -24.48 33.23 -54.18
CA GLN S 209 -25.70 32.70 -53.58
C GLN S 209 -26.51 31.80 -54.49
N TRP S 210 -27.50 31.12 -53.91
CA TRP S 210 -28.37 30.21 -54.64
C TRP S 210 -29.77 30.78 -54.84
N TYR S 211 -30.08 31.84 -54.09
CA TYR S 211 -31.38 32.46 -54.18
C TYR S 211 -31.38 33.75 -54.98
N GLU S 212 -32.56 34.34 -55.10
CA GLU S 212 -32.78 35.57 -55.81
C GLU S 212 -32.29 36.79 -55.06
N THR S 213 -31.32 37.50 -55.65
CA THR S 213 -30.78 38.69 -55.04
C THR S 213 -31.25 39.93 -55.76
N GLU S 214 -31.64 39.73 -57.03
CA GLU S 214 -32.13 40.79 -57.89
C GLU S 214 -31.02 41.65 -58.44
N ILE S 215 -30.48 41.21 -59.58
CA ILE S 215 -29.40 41.90 -60.26
C ILE S 215 -29.93 42.98 -61.19
N ASN S 216 -29.54 44.22 -60.91
CA ASN S 216 -29.98 45.35 -61.72
C ASN S 216 -28.96 45.74 -62.78
N HIS S 217 -27.68 45.57 -62.48
CA HIS S 217 -26.62 45.91 -63.41
C HIS S 217 -25.84 44.66 -63.78
N ALA S 218 -26.29 44.03 -64.85
CA ALA S 218 -25.67 42.81 -65.32
C ALA S 218 -24.79 42.96 -66.52
N ALA S 219 -23.76 42.12 -66.53
CA ALA S 219 -22.80 42.08 -67.59
C ALA S 219 -22.58 40.65 -68.04
N GLY S 220 -22.28 40.53 -69.32
CA GLY S 220 -22.04 39.24 -69.92
C GLY S 220 -21.03 39.36 -71.04
N ARG S 221 -20.82 38.21 -71.64
CA ARG S 221 -19.92 38.00 -72.74
C ARG S 221 -20.68 37.33 -73.87
N VAL S 222 -20.48 37.78 -75.10
CA VAL S 222 -21.21 37.16 -76.18
C VAL S 222 -20.45 37.15 -77.49
N LEU S 223 -20.80 36.20 -78.34
CA LEU S 223 -20.17 36.06 -79.63
C LEU S 223 -20.97 36.76 -80.72
N LYS S 224 -20.25 37.49 -81.57
CA LYS S 224 -20.84 38.22 -82.67
C LYS S 224 -21.33 37.25 -83.75
N LYS S 225 -22.27 37.73 -84.55
CA LYS S 225 -22.82 36.96 -85.63
C LYS S 225 -21.77 36.61 -86.66
N THR S 226 -20.56 37.13 -86.47
CA THR S 226 -19.49 36.87 -87.41
C THR S 226 -18.65 35.66 -87.03
N THR S 227 -18.94 35.15 -85.84
CA THR S 227 -18.29 33.98 -85.30
C THR S 227 -19.24 32.79 -85.42
N PRO S 228 -18.87 31.81 -86.23
CA PRO S 228 -19.73 30.65 -86.41
C PRO S 228 -20.22 30.06 -85.11
N MET S 229 -21.47 29.58 -85.16
CA MET S 229 -22.11 28.95 -84.02
C MET S 229 -21.68 27.50 -83.88
N LYS S 230 -21.39 27.11 -82.63
CA LYS S 230 -20.97 25.78 -82.27
C LYS S 230 -21.49 25.46 -80.88
N PRO S 231 -21.84 24.22 -80.61
CA PRO S 231 -22.31 23.91 -79.29
C PRO S 231 -21.22 24.17 -78.24
N CYS S 232 -21.65 24.55 -77.04
CA CYS S 232 -20.70 24.85 -75.98
C CYS S 232 -19.72 23.73 -75.77
N TYR S 233 -20.27 22.51 -75.72
CA TYR S 233 -19.51 21.30 -75.55
C TYR S 233 -18.50 21.13 -76.67
N GLY S 234 -17.21 21.12 -76.31
CA GLY S 234 -16.15 20.96 -77.28
C GLY S 234 -15.66 22.27 -77.89
N SER S 235 -16.28 23.37 -77.47
CA SER S 235 -15.91 24.69 -77.95
C SER S 235 -14.62 25.20 -77.33
N TYR S 236 -13.75 25.70 -78.21
CA TYR S 236 -12.47 26.22 -77.80
C TYR S 236 -12.04 27.39 -78.67
N ALA S 237 -11.35 28.33 -78.03
CA ALA S 237 -10.86 29.52 -78.69
C ALA S 237 -9.64 30.05 -77.95
N LYS S 238 -8.50 30.05 -78.64
CA LYS S 238 -7.24 30.52 -78.07
C LYS S 238 -7.30 31.91 -77.48
N PRO S 239 -6.70 32.06 -76.29
CA PRO S 239 -6.67 33.34 -75.60
C PRO S 239 -5.84 34.33 -76.39
N THR S 240 -6.22 35.60 -76.38
CA THR S 240 -5.46 36.60 -77.11
C THR S 240 -4.73 37.58 -76.21
N ASN S 241 -4.86 37.37 -74.90
CA ASN S 241 -4.20 38.23 -73.93
C ASN S 241 -3.92 37.46 -72.65
N GLU S 242 -2.86 37.87 -71.96
CA GLU S 242 -2.48 37.22 -70.73
C GLU S 242 -3.62 37.05 -69.73
N ASN S 243 -4.74 37.71 -69.98
CA ASN S 243 -5.84 37.61 -69.03
C ASN S 243 -6.95 36.65 -69.41
N GLY S 244 -6.73 35.85 -70.45
CA GLY S 244 -7.74 34.88 -70.84
C GLY S 244 -8.70 35.38 -71.91
N GLY S 245 -8.66 36.67 -72.21
CA GLY S 245 -9.56 37.17 -73.23
C GLY S 245 -9.27 36.44 -74.53
N GLN S 246 -10.31 36.07 -75.28
CA GLN S 246 -10.11 35.38 -76.54
C GLN S 246 -10.53 36.23 -77.73
N GLY S 247 -10.77 37.50 -77.47
CA GLY S 247 -11.21 38.42 -78.50
C GLY S 247 -10.17 38.57 -79.59
N ILE S 248 -10.60 38.42 -80.84
CA ILE S 248 -9.69 38.55 -81.96
C ILE S 248 -9.06 39.94 -82.03
N LEU S 249 -7.78 39.95 -82.35
CA LEU S 249 -7.03 41.18 -82.47
C LEU S 249 -6.85 41.55 -83.94
N VAL S 250 -7.10 42.83 -84.23
CA VAL S 250 -6.98 43.31 -85.59
C VAL S 250 -5.65 44.00 -85.78
N GLU S 258 -5.26 46.10 -81.06
CA GLU S 258 -6.39 46.22 -81.93
C GLU S 258 -7.59 45.41 -81.44
N SER S 259 -7.97 45.60 -80.17
CA SER S 259 -9.10 44.86 -79.63
C SER S 259 -10.35 45.36 -80.32
N GLN S 260 -11.23 44.43 -80.69
CA GLN S 260 -12.44 44.83 -81.37
C GLN S 260 -13.73 44.59 -80.62
N VAL S 261 -13.62 44.45 -79.30
CA VAL S 261 -14.80 44.23 -78.48
C VAL S 261 -15.74 45.42 -78.59
N GLU S 262 -17.04 45.14 -78.60
CA GLU S 262 -18.04 46.18 -78.71
C GLU S 262 -19.22 45.91 -77.80
N MET S 263 -19.47 46.80 -76.86
CA MET S 263 -20.59 46.61 -75.97
C MET S 263 -21.94 46.87 -76.61
N GLN S 264 -22.93 46.12 -76.14
CA GLN S 264 -24.29 46.22 -76.60
C GLN S 264 -25.18 46.37 -75.38
N PHE S 265 -25.91 47.47 -75.30
CA PHE S 265 -26.77 47.70 -74.16
C PHE S 265 -28.21 47.22 -74.35
N PHE S 266 -28.79 46.78 -73.23
CA PHE S 266 -30.15 46.26 -73.23
C PHE S 266 -30.97 46.65 -72.01
N SER S 267 -32.27 46.74 -72.27
CA SER S 267 -33.29 47.07 -71.30
C SER S 267 -34.54 46.25 -71.57
N THR S 268 -35.45 46.26 -70.59
CA THR S 268 -36.69 45.53 -70.68
C THR S 268 -37.68 46.17 -71.64
N THR S 269 -38.80 46.61 -71.07
CA THR S 269 -39.87 47.25 -71.80
C THR S 269 -40.08 48.66 -71.26
N ASN S 278 -37.59 55.00 -66.14
CA ASN S 278 -37.11 55.60 -67.37
C ASN S 278 -35.88 54.89 -67.92
N LEU S 279 -35.86 54.75 -69.25
CA LEU S 279 -34.81 54.10 -70.00
C LEU S 279 -33.45 54.05 -69.31
N THR S 280 -33.06 52.82 -68.95
CA THR S 280 -31.80 52.53 -68.29
C THR S 280 -31.42 51.07 -68.50
N PRO S 281 -30.35 50.84 -69.25
CA PRO S 281 -29.87 49.50 -69.55
C PRO S 281 -29.71 48.67 -68.28
N LYS S 282 -30.31 47.49 -68.29
CA LYS S 282 -30.22 46.59 -67.15
C LYS S 282 -29.08 45.62 -67.35
N VAL S 283 -28.76 45.42 -68.63
CA VAL S 283 -27.71 44.53 -69.03
C VAL S 283 -26.86 45.09 -70.15
N VAL S 284 -25.60 44.67 -70.14
CA VAL S 284 -24.62 45.05 -71.12
C VAL S 284 -23.81 43.82 -71.45
N LEU S 285 -23.59 43.59 -72.73
CA LEU S 285 -22.83 42.44 -73.15
C LEU S 285 -21.60 42.87 -73.91
N TYR S 286 -20.53 42.13 -73.69
CA TYR S 286 -19.30 42.41 -74.41
C TYR S 286 -19.18 41.51 -75.61
N SER S 287 -19.67 42.00 -76.75
CA SER S 287 -19.64 41.23 -77.96
C SER S 287 -18.27 41.17 -78.61
N GLU S 288 -17.93 39.98 -79.11
CA GLU S 288 -16.64 39.78 -79.72
C GLU S 288 -16.60 38.60 -80.68
N ASP S 289 -15.53 38.60 -81.48
CA ASP S 289 -15.25 37.58 -82.45
C ASP S 289 -14.07 36.78 -81.94
N VAL S 290 -14.21 35.46 -81.89
CA VAL S 290 -13.15 34.62 -81.41
C VAL S 290 -12.77 33.61 -82.48
N ASP S 291 -11.59 33.02 -82.32
CA ASP S 291 -11.14 32.01 -83.24
C ASP S 291 -11.67 30.66 -82.79
N ILE S 292 -12.98 30.48 -82.93
CA ILE S 292 -13.65 29.25 -82.52
C ILE S 292 -13.24 28.02 -83.27
N GLU S 293 -12.91 26.99 -82.49
CA GLU S 293 -12.52 25.71 -83.02
C GLU S 293 -13.17 24.60 -82.22
N THR S 294 -13.09 23.39 -82.78
CA THR S 294 -13.62 22.18 -82.19
C THR S 294 -12.71 21.03 -82.58
N PRO S 295 -11.50 21.09 -82.01
CA PRO S 295 -10.44 20.14 -82.27
C PRO S 295 -10.71 18.69 -81.88
N ASP S 296 -11.70 18.42 -81.04
CA ASP S 296 -11.91 17.02 -80.66
C ASP S 296 -13.35 16.53 -80.61
N THR S 297 -14.24 17.26 -81.25
CA THR S 297 -15.63 16.86 -81.30
C THR S 297 -16.19 17.12 -82.69
N HIS S 298 -17.37 16.60 -82.93
CA HIS S 298 -18.04 16.78 -84.20
C HIS S 298 -19.53 16.95 -84.00
N ILE S 299 -20.23 17.37 -85.05
CA ILE S 299 -21.66 17.57 -84.95
C ILE S 299 -22.44 16.28 -85.05
N SER S 300 -23.16 15.98 -83.97
CA SER S 300 -23.97 14.78 -83.91
C SER S 300 -25.33 15.04 -84.52
N TYR S 301 -25.63 16.33 -84.70
CA TYR S 301 -26.92 16.72 -85.24
C TYR S 301 -26.94 18.06 -85.95
N MET S 302 -26.92 18.00 -87.28
CA MET S 302 -26.98 19.17 -88.13
C MET S 302 -28.44 19.43 -88.48
N PRO S 303 -28.98 20.58 -88.09
CA PRO S 303 -30.38 20.85 -88.40
C PRO S 303 -30.61 21.35 -89.82
N THR S 304 -29.55 21.86 -90.46
CA THR S 304 -29.67 22.36 -91.83
C THR S 304 -28.36 22.43 -92.58
N ILE S 305 -28.41 22.04 -93.84
CA ILE S 305 -27.24 22.08 -94.68
C ILE S 305 -27.11 23.49 -95.26
N LYS S 306 -27.63 24.45 -94.50
CA LYS S 306 -27.61 25.85 -94.89
C LYS S 306 -26.62 26.68 -94.09
N GLU S 307 -25.64 27.20 -94.81
CA GLU S 307 -24.60 28.01 -94.23
C GLU S 307 -25.17 29.22 -93.49
N GLY S 308 -24.29 29.85 -92.71
CA GLY S 308 -24.64 31.03 -91.93
C GLY S 308 -25.37 30.71 -90.64
N ASN S 309 -25.13 31.57 -89.67
CA ASN S 309 -25.74 31.46 -88.36
C ASN S 309 -27.23 31.70 -88.47
N SER S 310 -28.02 30.90 -87.75
CA SER S 310 -29.46 31.02 -87.79
C SER S 310 -30.07 30.45 -86.52
N ARG S 311 -31.31 30.80 -86.25
CA ARG S 311 -31.95 30.26 -85.08
C ARG S 311 -31.85 28.74 -85.13
N GLU S 312 -31.92 28.24 -86.37
CA GLU S 312 -31.85 26.82 -86.67
C GLU S 312 -30.65 26.12 -86.05
N LEU S 313 -29.46 26.70 -86.23
CA LEU S 313 -28.22 26.13 -85.71
C LEU S 313 -28.18 26.03 -84.20
N MET S 314 -29.11 26.69 -83.53
CA MET S 314 -29.15 26.66 -82.08
C MET S 314 -29.47 25.27 -81.57
N GLY S 315 -29.96 24.44 -82.49
CA GLY S 315 -30.34 23.08 -82.17
C GLY S 315 -29.29 22.04 -82.53
N GLN S 316 -28.14 22.48 -83.00
CA GLN S 316 -27.12 21.51 -83.35
C GLN S 316 -26.54 20.83 -82.11
N GLN S 317 -26.14 19.57 -82.28
CA GLN S 317 -25.59 18.80 -81.18
C GLN S 317 -24.15 18.39 -81.43
N SER S 318 -23.38 18.40 -80.35
CA SER S 318 -21.98 18.03 -80.41
C SER S 318 -21.74 16.69 -79.73
N MET S 319 -20.75 15.97 -80.25
CA MET S 319 -20.38 14.67 -79.75
C MET S 319 -18.87 14.47 -79.85
N PRO S 320 -18.27 13.91 -78.81
CA PRO S 320 -16.83 13.69 -78.78
C PRO S 320 -16.38 12.78 -79.90
N ASN S 321 -15.15 13.01 -80.35
CA ASN S 321 -14.57 12.21 -81.40
C ASN S 321 -14.10 10.87 -80.85
N ARG S 322 -14.07 9.88 -81.71
CA ARG S 322 -13.64 8.55 -81.30
C ARG S 322 -12.19 8.55 -80.87
N PRO S 323 -11.93 7.86 -79.78
CA PRO S 323 -10.57 7.76 -79.27
C PRO S 323 -9.71 7.06 -80.30
N ASN S 324 -8.47 7.49 -80.45
CA ASN S 324 -7.60 6.86 -81.41
C ASN S 324 -6.14 6.87 -81.00
N TYR S 325 -5.72 5.76 -80.42
CA TYR S 325 -4.35 5.61 -79.98
C TYR S 325 -3.42 5.25 -81.11
N ILE S 326 -2.25 5.86 -81.12
CA ILE S 326 -1.26 5.61 -82.15
C ILE S 326 0.11 5.48 -81.50
N ALA S 327 0.82 4.42 -81.85
CA ALA S 327 2.12 4.21 -81.28
C ALA S 327 2.88 3.11 -82.00
N PHE S 328 4.13 2.89 -81.57
CA PHE S 328 4.94 1.83 -82.13
C PHE S 328 4.36 0.51 -81.65
N ARG S 329 4.65 -0.57 -82.35
CA ARG S 329 4.11 -1.87 -81.98
C ARG S 329 4.82 -2.59 -80.86
N ASP S 330 4.13 -3.62 -80.37
CA ASP S 330 4.63 -4.49 -79.33
C ASP S 330 5.96 -5.06 -79.81
N ASN S 331 7.01 -4.85 -79.02
CA ASN S 331 8.32 -5.38 -79.39
C ASN S 331 8.88 -4.79 -80.67
N PHE S 332 8.40 -3.60 -81.03
CA PHE S 332 8.87 -2.91 -82.21
C PHE S 332 8.69 -3.69 -83.50
N ILE S 333 7.66 -4.52 -83.52
CA ILE S 333 7.36 -5.29 -84.69
C ILE S 333 7.28 -4.38 -85.90
N GLY S 334 7.76 -4.83 -87.06
CA GLY S 334 7.69 -4.05 -88.28
C GLY S 334 8.87 -3.11 -88.52
N LEU S 335 9.49 -2.62 -87.45
CA LEU S 335 10.61 -1.71 -87.57
C LEU S 335 11.75 -2.27 -88.43
N MET S 336 12.21 -3.45 -88.06
CA MET S 336 13.27 -4.09 -88.80
C MET S 336 12.70 -5.08 -89.79
N TYR S 337 13.40 -5.24 -90.89
CA TYR S 337 13.01 -6.18 -91.93
C TYR S 337 13.52 -7.56 -91.54
N TYR S 338 12.68 -8.55 -91.76
CA TYR S 338 13.00 -9.93 -91.51
C TYR S 338 12.30 -10.76 -92.57
N ASN S 339 12.85 -11.93 -92.86
CA ASN S 339 12.22 -12.79 -93.83
C ASN S 339 11.85 -12.12 -95.15
N SER S 340 12.73 -11.26 -95.63
CA SER S 340 12.55 -10.56 -96.89
C SER S 340 13.84 -10.63 -97.67
N THR S 341 13.84 -11.38 -98.77
CA THR S 341 15.04 -11.54 -99.58
C THR S 341 15.66 -10.24 -100.07
N GLY S 342 14.81 -9.26 -100.37
CA GLY S 342 15.27 -7.98 -100.88
C GLY S 342 15.96 -7.07 -99.87
N ASN S 343 15.59 -7.21 -98.59
CA ASN S 343 16.16 -6.40 -97.54
C ASN S 343 16.73 -7.23 -96.41
N MET S 344 17.59 -8.16 -96.80
CA MET S 344 18.23 -9.10 -95.90
C MET S 344 19.35 -8.51 -95.05
N GLY S 345 19.28 -8.81 -93.75
CA GLY S 345 20.26 -8.37 -92.79
C GLY S 345 21.63 -8.94 -93.11
N VAL S 346 22.65 -8.43 -92.45
CA VAL S 346 24.00 -8.90 -92.70
C VAL S 346 24.87 -8.97 -91.48
N LEU S 347 25.52 -10.11 -91.32
CA LEU S 347 26.45 -10.34 -90.24
C LEU S 347 27.60 -11.13 -90.78
N ALA S 348 28.69 -10.43 -91.06
CA ALA S 348 29.82 -11.13 -91.62
C ALA S 348 31.15 -10.62 -91.16
N GLY S 349 32.08 -11.55 -91.10
CA GLY S 349 33.41 -11.23 -90.71
C GLY S 349 34.03 -10.47 -91.86
N GLN S 350 34.66 -9.34 -91.55
CA GLN S 350 35.27 -8.57 -92.60
C GLN S 350 36.29 -9.44 -93.31
N ALA S 351 36.79 -10.42 -92.56
CA ALA S 351 37.78 -11.35 -93.04
C ALA S 351 37.20 -12.57 -93.79
N SER S 352 35.88 -12.73 -93.73
CA SER S 352 35.23 -13.84 -94.40
C SER S 352 34.33 -13.35 -95.52
N GLN S 353 33.77 -12.16 -95.32
CA GLN S 353 32.90 -11.50 -96.29
C GLN S 353 31.70 -12.35 -96.65
N LEU S 354 31.58 -13.50 -96.00
CA LEU S 354 30.49 -14.45 -96.19
C LEU S 354 29.42 -14.07 -95.19
N ASN S 355 28.17 -13.95 -95.65
CA ASN S 355 27.08 -13.58 -94.78
C ASN S 355 26.52 -14.70 -93.94
N ALA S 356 26.65 -14.57 -92.61
CA ALA S 356 26.16 -15.56 -91.67
C ALA S 356 24.64 -15.60 -91.66
N VAL S 357 24.05 -14.50 -92.09
CA VAL S 357 22.61 -14.38 -92.16
C VAL S 357 22.09 -14.91 -93.48
N VAL S 358 21.13 -15.81 -93.38
CA VAL S 358 20.47 -16.44 -94.49
C VAL S 358 19.00 -16.56 -94.16
N ASP S 359 18.20 -15.69 -94.76
CA ASP S 359 16.78 -15.70 -94.49
C ASP S 359 15.90 -16.23 -95.62
N LEU S 360 14.64 -16.49 -95.28
CA LEU S 360 13.63 -16.99 -96.18
C LEU S 360 12.34 -16.22 -96.03
N GLN S 361 11.59 -16.07 -97.11
CA GLN S 361 10.32 -15.34 -97.09
C GLN S 361 9.29 -16.16 -96.34
N ASP S 362 9.64 -17.44 -96.29
CA ASP S 362 8.91 -18.54 -95.68
C ASP S 362 8.98 -18.58 -94.16
N ARG S 363 9.91 -17.83 -93.58
CA ARG S 363 10.09 -17.82 -92.15
C ARG S 363 9.31 -16.68 -91.50
N ASN S 364 8.96 -16.84 -90.23
CA ASN S 364 8.22 -15.81 -89.52
C ASN S 364 8.87 -15.47 -88.18
N THR S 365 9.89 -14.62 -88.28
CA THR S 365 10.69 -14.15 -87.16
C THR S 365 9.90 -13.41 -86.09
N GLU S 366 9.11 -12.41 -86.49
CA GLU S 366 8.32 -11.62 -85.56
C GLU S 366 7.41 -12.47 -84.68
N LEU S 367 6.66 -13.36 -85.31
CA LEU S 367 5.75 -14.22 -84.59
C LEU S 367 6.49 -15.17 -83.66
N SER S 368 7.57 -15.74 -84.19
CA SER S 368 8.40 -16.67 -83.44
C SER S 368 8.84 -16.06 -82.11
N TYR S 369 9.17 -14.77 -82.18
CA TYR S 369 9.61 -14.02 -81.03
C TYR S 369 8.47 -13.78 -80.05
N GLN S 370 7.28 -13.62 -80.61
CA GLN S 370 6.09 -13.40 -79.81
C GLN S 370 5.82 -14.64 -78.97
N LEU S 371 5.91 -15.78 -79.63
CA LEU S 371 5.68 -17.06 -78.98
C LEU S 371 6.80 -17.41 -78.02
N LEU S 372 8.04 -17.02 -78.37
CA LEU S 372 9.17 -17.31 -77.51
C LEU S 372 9.05 -16.60 -76.17
N LEU S 373 8.61 -15.35 -76.20
CA LEU S 373 8.44 -14.53 -75.01
C LEU S 373 7.44 -15.16 -74.04
N ASP S 374 6.29 -15.56 -74.56
CA ASP S 374 5.25 -16.18 -73.79
C ASP S 374 5.73 -17.41 -73.05
N SER S 375 6.59 -18.19 -73.69
CA SER S 375 7.11 -19.40 -73.09
C SER S 375 8.12 -19.15 -71.98
N ILE S 376 8.84 -18.04 -72.04
CA ILE S 376 9.85 -17.77 -71.04
C ILE S 376 9.52 -16.74 -69.97
N GLY S 377 8.30 -16.22 -69.97
CA GLY S 377 7.95 -15.25 -68.95
C GLY S 377 6.48 -14.86 -68.96
N ASP S 378 6.18 -13.80 -68.23
CA ASP S 378 4.83 -13.28 -68.10
C ASP S 378 4.53 -12.14 -69.07
N ARG S 379 3.95 -12.46 -70.22
CA ARG S 379 3.60 -11.46 -71.21
C ARG S 379 2.69 -10.38 -70.64
N THR S 380 2.18 -10.58 -69.42
CA THR S 380 1.32 -9.58 -68.84
C THR S 380 2.09 -8.37 -68.32
N ARG S 381 3.38 -8.56 -68.07
CA ARG S 381 4.22 -7.50 -67.58
C ARG S 381 4.72 -6.59 -68.69
N TYR S 382 4.84 -5.31 -68.37
CA TYR S 382 5.31 -4.35 -69.34
C TYR S 382 6.77 -4.03 -69.12
N PHE S 383 7.45 -3.77 -70.23
CA PHE S 383 8.84 -3.43 -70.26
C PHE S 383 9.09 -2.40 -71.33
N SER S 384 9.15 -1.14 -70.90
CA SER S 384 9.34 0.01 -71.77
C SER S 384 10.50 -0.08 -72.75
N MET S 385 11.66 -0.54 -72.27
CA MET S 385 12.82 -0.63 -73.13
C MET S 385 12.55 -1.18 -74.53
N TRP S 386 11.90 -2.33 -74.61
CA TRP S 386 11.60 -2.94 -75.89
C TRP S 386 10.17 -2.70 -76.36
N ASN S 387 9.46 -1.80 -75.70
CA ASN S 387 8.10 -1.55 -76.10
C ASN S 387 7.32 -2.85 -75.90
N GLN S 388 7.76 -3.57 -74.89
CA GLN S 388 7.20 -4.84 -74.49
C GLN S 388 5.91 -4.66 -73.72
N ALA S 389 4.81 -4.49 -74.44
CA ALA S 389 3.49 -4.30 -73.85
C ALA S 389 2.46 -4.94 -74.77
N VAL S 390 2.17 -6.20 -74.49
CA VAL S 390 1.25 -7.02 -75.26
C VAL S 390 -0.13 -6.46 -75.53
N ASP S 391 -0.60 -6.76 -76.75
CA ASP S 391 -1.91 -6.35 -77.22
C ASP S 391 -2.96 -7.20 -76.54
N SER S 392 -3.94 -6.52 -75.98
CA SER S 392 -5.01 -7.23 -75.31
C SER S 392 -6.31 -6.52 -75.54
N TYR S 393 -7.34 -7.06 -74.91
CA TYR S 393 -8.66 -6.48 -74.98
C TYR S 393 -9.38 -6.77 -73.68
N ASP S 394 -10.42 -5.99 -73.43
CA ASP S 394 -11.21 -6.17 -72.24
C ASP S 394 -12.10 -7.39 -72.39
N PRO S 395 -11.96 -8.34 -71.47
CA PRO S 395 -12.78 -9.53 -71.55
C PRO S 395 -14.26 -9.21 -71.57
N ASP S 396 -14.65 -8.14 -70.88
CA ASP S 396 -16.04 -7.72 -70.79
C ASP S 396 -16.56 -7.09 -72.07
N VAL S 397 -15.63 -6.77 -72.97
CA VAL S 397 -16.00 -6.18 -74.22
C VAL S 397 -16.13 -7.26 -75.28
N ARG S 398 -15.21 -8.21 -75.25
CA ARG S 398 -15.22 -9.31 -76.20
C ARG S 398 -16.44 -10.19 -75.94
N ILE S 399 -16.71 -10.44 -74.67
CA ILE S 399 -17.84 -11.26 -74.28
C ILE S 399 -18.75 -10.50 -73.35
N ILE S 400 -19.93 -10.16 -73.84
CA ILE S 400 -20.87 -9.44 -73.02
C ILE S 400 -21.52 -10.30 -71.97
N GLU S 401 -21.43 -9.81 -70.74
CA GLU S 401 -22.05 -10.46 -69.62
C GLU S 401 -23.12 -9.53 -69.07
N ASN S 402 -24.33 -9.74 -69.55
CA ASN S 402 -25.44 -8.90 -69.16
C ASN S 402 -26.18 -9.34 -67.92
N HIS S 403 -25.73 -8.88 -66.76
CA HIS S 403 -26.42 -9.22 -65.54
C HIS S 403 -27.35 -8.10 -65.10
N GLY S 404 -27.49 -7.11 -65.99
CA GLY S 404 -28.35 -5.97 -65.74
C GLY S 404 -27.74 -4.89 -64.87
N THR S 405 -28.64 -4.23 -64.12
CA THR S 405 -28.28 -3.14 -63.25
C THR S 405 -28.96 -3.18 -61.89
N GLU S 406 -28.23 -2.70 -60.89
CA GLU S 406 -28.74 -2.64 -59.53
C GLU S 406 -29.38 -1.27 -59.32
N ASP S 407 -30.59 -1.15 -59.87
CA ASP S 407 -31.36 0.08 -59.83
C ASP S 407 -32.63 -0.03 -59.00
N GLU S 408 -32.56 -0.77 -57.90
CA GLU S 408 -33.71 -0.93 -57.03
C GLU S 408 -34.19 0.41 -56.47
N LEU S 409 -33.26 1.19 -55.92
CA LEU S 409 -33.53 2.50 -55.35
C LEU S 409 -33.62 3.57 -56.43
N PRO S 410 -34.53 4.53 -56.29
CA PRO S 410 -34.63 5.57 -57.28
C PRO S 410 -33.57 6.65 -57.05
N ASN S 411 -33.17 7.33 -58.12
CA ASN S 411 -32.17 8.37 -58.01
C ASN S 411 -32.74 9.73 -58.34
N TYR S 412 -32.58 10.67 -57.43
CA TYR S 412 -33.11 12.00 -57.66
C TYR S 412 -32.08 13.09 -57.56
N CYS S 413 -32.47 14.20 -58.15
CA CYS S 413 -31.72 15.44 -58.15
C CYS S 413 -32.67 16.48 -57.58
N PHE S 414 -32.17 17.38 -56.74
CA PHE S 414 -33.02 18.39 -56.13
C PHE S 414 -32.56 19.81 -56.38
N PRO S 415 -33.39 20.76 -55.93
CA PRO S 415 -33.08 22.16 -56.10
C PRO S 415 -31.98 22.60 -55.14
N LEU S 416 -31.16 23.55 -55.60
CA LEU S 416 -30.05 24.07 -54.82
C LEU S 416 -30.42 24.48 -53.41
N GLY S 417 -31.60 25.09 -53.27
CA GLY S 417 -32.08 25.54 -51.97
C GLY S 417 -32.87 24.48 -51.22
N GLY S 418 -32.99 23.30 -51.83
CA GLY S 418 -33.70 22.17 -51.27
C GLY S 418 -35.21 22.30 -51.41
N VAL S 419 -35.62 23.47 -51.90
CA VAL S 419 -37.03 23.80 -52.09
C VAL S 419 -37.11 24.97 -53.06
N ILE S 420 -38.07 24.97 -53.97
CA ILE S 420 -38.15 26.08 -54.90
C ILE S 420 -39.54 26.64 -55.11
N ASN S 421 -40.56 25.79 -54.96
CA ASN S 421 -41.93 26.21 -55.16
C ASN S 421 -42.63 26.65 -53.89
N THR S 422 -41.98 27.55 -53.14
CA THR S 422 -42.54 28.05 -51.91
C THR S 422 -43.72 28.97 -52.21
N GLU S 423 -44.60 29.13 -51.23
CA GLU S 423 -45.76 30.00 -51.36
C GLU S 423 -45.77 31.02 -50.23
N THR S 424 -45.98 32.28 -50.58
CA THR S 424 -46.00 33.35 -49.58
C THR S 424 -47.13 33.16 -48.58
N LEU S 425 -46.80 33.24 -47.30
CA LEU S 425 -47.78 33.08 -46.25
C LEU S 425 -47.72 34.16 -45.19
N THR S 426 -48.74 34.17 -44.34
CA THR S 426 -48.83 35.13 -43.26
C THR S 426 -49.08 34.45 -41.93
N LYS S 427 -48.30 34.87 -40.93
CA LYS S 427 -48.43 34.30 -39.60
C LYS S 427 -49.75 34.71 -39.00
N VAL S 428 -50.34 33.80 -38.25
CA VAL S 428 -51.62 34.06 -37.64
C VAL S 428 -51.67 33.71 -36.17
N LYS S 429 -52.63 34.37 -35.52
CA LYS S 429 -52.88 34.17 -34.12
C LYS S 429 -54.32 33.73 -33.90
N PRO S 430 -54.48 32.87 -32.91
CA PRO S 430 -55.79 32.34 -32.56
C PRO S 430 -56.60 33.44 -31.88
N GLY S 437 -61.59 30.79 -35.40
CA GLY S 437 -61.30 32.04 -34.73
C GLY S 437 -59.82 32.37 -34.72
N TRP S 438 -59.40 33.11 -35.74
CA TRP S 438 -58.02 33.49 -35.92
C TRP S 438 -57.82 34.96 -36.28
N GLU S 439 -56.67 35.48 -35.84
CA GLU S 439 -56.28 36.86 -36.09
C GLU S 439 -54.85 36.97 -36.57
N LYS S 440 -54.69 37.78 -37.61
CA LYS S 440 -53.40 38.01 -38.21
C LYS S 440 -52.35 38.48 -37.23
N ASP S 441 -51.11 38.08 -37.49
CA ASP S 441 -49.99 38.43 -36.65
C ASP S 441 -49.06 39.38 -37.39
N ALA S 442 -48.49 40.30 -36.63
CA ALA S 442 -47.57 41.26 -37.18
C ALA S 442 -46.75 41.91 -36.09
N PHE S 445 -43.45 38.82 -36.29
CA PHE S 445 -43.26 38.17 -37.57
C PHE S 445 -43.62 39.07 -38.76
N SER S 446 -43.17 38.66 -39.95
CA SER S 446 -43.37 39.42 -41.18
C SER S 446 -44.60 39.05 -41.98
N ASP S 447 -44.95 39.94 -42.91
CA ASP S 447 -46.09 39.76 -43.77
C ASP S 447 -45.86 38.70 -44.84
N LYS S 448 -44.58 38.44 -45.15
CA LYS S 448 -44.25 37.48 -46.18
C LYS S 448 -43.13 36.50 -45.85
N ASN S 449 -43.56 35.27 -45.57
CA ASN S 449 -42.68 34.16 -45.26
C ASN S 449 -42.86 33.10 -46.32
N GLU S 450 -41.76 32.56 -46.82
CA GLU S 450 -41.84 31.53 -47.83
C GLU S 450 -41.85 30.15 -47.22
N ILE S 451 -42.90 29.41 -47.54
CA ILE S 451 -43.05 28.05 -47.04
C ILE S 451 -43.49 27.11 -48.14
N ARG S 452 -42.78 26.00 -48.24
CA ARG S 452 -43.10 25.01 -49.24
C ARG S 452 -44.10 24.01 -48.67
N VAL S 453 -45.24 23.91 -49.34
CA VAL S 453 -46.28 23.00 -48.91
C VAL S 453 -46.29 21.75 -49.78
N GLY S 454 -45.90 20.63 -49.16
CA GLY S 454 -45.83 19.35 -49.83
C GLY S 454 -44.38 18.91 -49.99
N ASN S 455 -44.13 17.96 -50.87
CA ASN S 455 -42.77 17.50 -51.07
C ASN S 455 -42.00 18.52 -51.91
N ASN S 456 -40.68 18.35 -51.99
CA ASN S 456 -39.87 19.26 -52.77
C ASN S 456 -39.89 18.91 -54.25
N PHE S 457 -39.35 19.81 -55.07
CA PHE S 457 -39.30 19.55 -56.51
C PHE S 457 -38.18 18.56 -56.77
N ALA S 458 -38.49 17.50 -57.50
CA ALA S 458 -37.47 16.50 -57.78
C ALA S 458 -37.48 15.96 -59.20
N MET S 459 -36.30 15.57 -59.65
CA MET S 459 -36.11 15.01 -60.97
C MET S 459 -35.49 13.63 -60.82
N GLU S 460 -35.97 12.67 -61.59
CA GLU S 460 -35.48 11.32 -61.48
C GLU S 460 -34.54 10.91 -62.59
N ILE S 461 -33.61 10.00 -62.26
CA ILE S 461 -32.64 9.48 -63.20
C ILE S 461 -32.15 8.11 -62.77
N ASN S 462 -31.97 7.22 -63.75
CA ASN S 462 -31.49 5.88 -63.48
C ASN S 462 -29.99 5.83 -63.69
N LEU S 463 -29.27 6.13 -62.62
CA LEU S 463 -27.82 6.14 -62.62
C LEU S 463 -27.19 4.89 -63.21
N ASN S 464 -27.48 3.75 -62.60
CA ASN S 464 -26.92 2.49 -63.04
C ASN S 464 -27.23 2.12 -64.48
N ALA S 465 -28.48 2.28 -64.89
CA ALA S 465 -28.85 1.95 -66.25
C ALA S 465 -28.04 2.78 -67.23
N ASN S 466 -27.93 4.06 -66.90
CA ASN S 466 -27.20 5.02 -67.71
C ASN S 466 -25.76 4.59 -67.91
N LEU S 467 -25.06 4.38 -66.80
CA LEU S 467 -23.68 3.94 -66.85
C LEU S 467 -23.49 2.74 -67.75
N TRP S 468 -24.31 1.72 -67.53
CA TRP S 468 -24.27 0.50 -68.30
C TRP S 468 -24.41 0.78 -69.79
N ARG S 469 -25.35 1.64 -70.12
CA ARG S 469 -25.62 2.05 -71.48
C ARG S 469 -24.39 2.67 -72.13
N ASN S 470 -23.87 3.68 -71.43
CA ASN S 470 -22.69 4.40 -71.90
C ASN S 470 -21.55 3.46 -72.22
N PHE S 471 -21.42 2.40 -71.41
CA PHE S 471 -20.39 1.40 -71.59
C PHE S 471 -20.60 0.59 -72.86
N LEU S 472 -21.86 0.24 -73.11
CA LEU S 472 -22.21 -0.53 -74.27
C LEU S 472 -22.02 0.25 -75.56
N TYR S 473 -22.49 1.47 -75.55
CA TYR S 473 -22.38 2.32 -76.72
C TYR S 473 -20.94 2.62 -77.07
N SER S 474 -20.18 3.03 -76.05
CA SER S 474 -18.79 3.36 -76.26
C SER S 474 -17.92 2.19 -76.68
N ASN S 475 -18.06 1.06 -75.99
CA ASN S 475 -17.22 -0.09 -76.27
C ASN S 475 -17.66 -1.08 -77.33
N ILE S 476 -18.95 -1.24 -77.54
CA ILE S 476 -19.38 -2.21 -78.52
C ILE S 476 -20.03 -1.59 -79.74
N ALA S 477 -21.08 -0.82 -79.50
CA ALA S 477 -21.81 -0.17 -80.58
C ALA S 477 -20.90 0.44 -81.63
N LEU S 478 -20.10 1.42 -81.21
CA LEU S 478 -19.23 2.11 -82.12
C LEU S 478 -18.25 1.23 -82.89
N TYR S 479 -18.01 0.01 -82.39
CA TYR S 479 -17.11 -0.89 -83.08
C TYR S 479 -17.83 -1.82 -84.02
N LEU S 480 -19.15 -1.69 -84.04
CA LEU S 480 -19.95 -2.51 -84.91
C LEU S 480 -19.46 -2.34 -86.33
N PRO S 481 -19.71 -3.35 -87.16
CA PRO S 481 -19.30 -3.28 -88.54
C PRO S 481 -19.97 -2.13 -89.27
N ASP S 482 -19.27 -1.58 -90.26
CA ASP S 482 -19.76 -0.45 -91.04
C ASP S 482 -21.13 -0.69 -91.64
N LYS S 483 -21.35 -1.93 -92.09
CA LYS S 483 -22.60 -2.33 -92.71
C LYS S 483 -23.83 -2.04 -91.87
N LEU S 484 -23.65 -2.01 -90.54
CA LEU S 484 -24.74 -1.75 -89.64
C LEU S 484 -24.92 -0.26 -89.40
N LYS S 485 -23.97 0.53 -89.91
CA LYS S 485 -23.99 1.97 -89.77
C LYS S 485 -24.65 2.72 -90.92
N TYR S 486 -24.74 4.04 -90.75
CA TYR S 486 -25.34 4.92 -91.74
C TYR S 486 -24.73 6.32 -91.70
N SER S 487 -24.72 6.99 -92.85
CA SER S 487 -24.17 8.33 -92.97
C SER S 487 -25.10 9.40 -92.39
N PRO S 488 -24.49 10.42 -91.76
CA PRO S 488 -25.24 11.50 -91.16
C PRO S 488 -25.76 12.49 -92.19
N SER S 489 -26.89 13.10 -91.86
CA SER S 489 -27.49 14.07 -92.76
C SER S 489 -26.86 15.44 -92.60
N ASN S 490 -26.71 16.14 -93.72
CA ASN S 490 -26.15 17.48 -93.74
C ASN S 490 -24.78 17.57 -93.13
N VAL S 491 -23.99 16.51 -93.25
CA VAL S 491 -22.66 16.50 -92.71
C VAL S 491 -21.67 15.90 -93.68
N LYS S 492 -20.67 16.69 -94.06
CA LYS S 492 -19.68 16.20 -94.98
C LYS S 492 -18.90 15.06 -94.37
N ILE S 493 -18.70 14.03 -95.16
CA ILE S 493 -17.98 12.85 -94.73
C ILE S 493 -17.10 12.32 -95.84
N SER S 494 -15.91 11.87 -95.47
CA SER S 494 -14.97 11.35 -96.45
C SER S 494 -15.53 10.19 -97.25
N ASP S 495 -14.93 10.00 -98.41
CA ASP S 495 -15.28 8.94 -99.35
C ASP S 495 -14.48 7.69 -99.07
N ASN S 496 -13.35 7.90 -98.38
CA ASN S 496 -12.44 6.84 -98.02
C ASN S 496 -12.84 6.21 -96.70
N PRO S 497 -13.26 4.95 -96.78
CA PRO S 497 -13.69 4.20 -95.61
C PRO S 497 -12.54 3.81 -94.69
N ASN S 498 -11.31 3.86 -95.20
CA ASN S 498 -10.13 3.51 -94.42
C ASN S 498 -9.64 4.72 -93.66
N THR S 499 -10.44 5.76 -93.77
CA THR S 499 -10.18 7.05 -93.17
C THR S 499 -10.76 7.21 -91.79
N TYR S 500 -10.11 8.06 -91.01
CA TYR S 500 -10.56 8.33 -89.66
C TYR S 500 -11.84 9.13 -89.71
N ASP S 501 -11.87 10.11 -90.60
CA ASP S 501 -13.03 10.94 -90.76
C ASP S 501 -14.28 10.08 -90.95
N TYR S 502 -14.13 9.07 -91.78
CA TYR S 502 -15.19 8.14 -92.08
C TYR S 502 -15.67 7.40 -90.85
N MET S 503 -14.74 6.68 -90.23
CA MET S 503 -15.00 5.90 -89.04
C MET S 503 -15.58 6.74 -87.92
N ASN S 504 -15.18 8.00 -87.89
CA ASN S 504 -15.63 8.92 -86.87
C ASN S 504 -16.99 9.55 -87.12
N LYS S 505 -17.39 9.63 -88.39
CA LYS S 505 -18.68 10.24 -88.68
C LYS S 505 -19.81 9.25 -88.88
N ARG S 506 -19.51 8.06 -89.36
CA ARG S 506 -20.57 7.10 -89.54
C ARG S 506 -21.35 7.00 -88.24
N VAL S 507 -22.68 7.06 -88.32
CA VAL S 507 -23.45 6.99 -87.10
C VAL S 507 -24.04 5.60 -86.85
N VAL S 508 -24.15 5.28 -85.57
CA VAL S 508 -24.69 4.01 -85.17
C VAL S 508 -25.77 4.16 -84.11
N ALA S 509 -26.84 3.40 -84.30
CA ALA S 509 -27.98 3.41 -83.40
C ALA S 509 -27.71 2.64 -82.12
N PRO S 510 -27.88 3.33 -81.00
CA PRO S 510 -27.64 2.71 -79.70
C PRO S 510 -28.58 1.53 -79.46
N GLY S 511 -29.74 1.57 -80.08
CA GLY S 511 -30.69 0.48 -79.92
C GLY S 511 -30.13 -0.84 -80.38
N LEU S 512 -28.99 -0.79 -81.06
CA LEU S 512 -28.36 -2.00 -81.57
C LEU S 512 -27.72 -2.81 -80.43
N VAL S 513 -27.13 -2.08 -79.50
CA VAL S 513 -26.49 -2.67 -78.33
C VAL S 513 -26.97 -1.95 -77.07
N ASP S 514 -28.28 -2.01 -76.83
CA ASP S 514 -28.83 -1.34 -75.66
C ASP S 514 -28.76 -2.21 -74.41
N CYS S 515 -28.98 -1.55 -73.27
CA CYS S 515 -28.92 -2.22 -71.98
C CYS S 515 -29.74 -3.50 -71.86
N TYR S 516 -30.72 -3.69 -72.73
CA TYR S 516 -31.56 -4.89 -72.67
C TYR S 516 -31.13 -5.96 -73.66
N ILE S 517 -29.91 -5.81 -74.16
CA ILE S 517 -29.32 -6.72 -75.11
C ILE S 517 -28.91 -8.03 -74.47
N ASN S 518 -29.43 -9.13 -75.03
CA ASN S 518 -29.16 -10.47 -74.54
C ASN S 518 -29.09 -10.51 -73.01
N LEU S 519 -30.14 -9.98 -72.39
CA LEU S 519 -30.26 -9.92 -70.95
C LEU S 519 -30.10 -11.27 -70.27
N GLY S 520 -29.25 -11.30 -69.25
CA GLY S 520 -28.99 -12.50 -68.46
C GLY S 520 -28.07 -13.52 -69.12
N ALA S 521 -27.48 -13.15 -70.23
CA ALA S 521 -26.61 -14.07 -70.93
C ALA S 521 -25.16 -13.62 -70.94
N ARG S 522 -24.30 -14.60 -71.19
CA ARG S 522 -22.88 -14.42 -71.32
C ARG S 522 -22.62 -14.78 -72.76
N TRP S 523 -22.80 -13.77 -73.60
CA TRP S 523 -22.69 -13.97 -75.02
C TRP S 523 -21.99 -12.85 -75.76
N SER S 524 -21.15 -13.26 -76.70
CA SER S 524 -20.46 -12.30 -77.52
C SER S 524 -21.35 -12.05 -78.73
N LEU S 525 -21.47 -10.80 -79.16
CA LEU S 525 -22.32 -10.51 -80.29
C LEU S 525 -21.87 -11.24 -81.54
N ASP S 526 -22.82 -11.87 -82.21
CA ASP S 526 -22.50 -12.58 -83.43
C ASP S 526 -21.94 -11.64 -84.48
N TYR S 527 -22.22 -10.33 -84.34
CA TYR S 527 -21.73 -9.35 -85.30
C TYR S 527 -20.25 -9.06 -85.06
N MET S 528 -19.85 -9.07 -83.80
CA MET S 528 -18.49 -8.77 -83.36
C MET S 528 -17.50 -9.92 -83.36
N ASP S 529 -17.98 -11.15 -83.47
CA ASP S 529 -17.08 -12.27 -83.45
C ASP S 529 -15.93 -12.16 -84.43
N ASN S 530 -16.22 -11.75 -85.68
CA ASN S 530 -15.20 -11.62 -86.71
C ASN S 530 -14.56 -10.26 -86.82
N VAL S 531 -14.77 -9.45 -85.81
CA VAL S 531 -14.18 -8.13 -85.77
C VAL S 531 -12.92 -8.20 -84.92
N ASN S 532 -11.81 -7.71 -85.45
CA ASN S 532 -10.58 -7.74 -84.68
C ASN S 532 -10.78 -7.12 -83.31
N PRO S 533 -10.67 -7.91 -82.25
CA PRO S 533 -10.87 -7.44 -80.89
C PRO S 533 -9.75 -6.53 -80.40
N PHE S 534 -8.59 -6.63 -81.04
CA PHE S 534 -7.45 -5.86 -80.64
C PHE S 534 -7.48 -4.40 -81.05
N ASN S 535 -8.18 -4.11 -82.14
CA ASN S 535 -8.28 -2.74 -82.58
C ASN S 535 -9.33 -2.06 -81.72
N HIS S 536 -8.91 -1.59 -80.54
CA HIS S 536 -9.83 -0.97 -79.62
C HIS S 536 -9.13 -0.04 -78.62
N HIS S 537 -9.87 0.97 -78.14
CA HIS S 537 -9.33 1.91 -77.18
C HIS S 537 -9.10 1.28 -75.83
N ARG S 538 -9.63 0.07 -75.63
CA ARG S 538 -9.46 -0.63 -74.38
C ARG S 538 -8.33 -1.65 -74.39
N ASN S 539 -7.49 -1.55 -75.42
CA ASN S 539 -6.32 -2.40 -75.55
C ASN S 539 -5.24 -1.78 -74.68
N ALA S 540 -5.07 -2.35 -73.49
CA ALA S 540 -4.09 -1.85 -72.54
C ALA S 540 -2.68 -1.75 -73.09
N GLY S 541 -2.25 -2.77 -73.81
CA GLY S 541 -0.90 -2.79 -74.37
C GLY S 541 -0.64 -1.61 -75.31
N LEU S 542 -1.55 -1.43 -76.27
CA LEU S 542 -1.44 -0.36 -77.23
C LEU S 542 -1.59 0.99 -76.55
N ARG S 543 -2.51 1.06 -75.59
CA ARG S 543 -2.73 2.27 -74.84
C ARG S 543 -1.45 2.75 -74.15
N TYR S 544 -0.79 1.81 -73.49
CA TYR S 544 0.44 2.07 -72.76
C TYR S 544 1.58 2.50 -73.66
N ARG S 545 1.67 1.85 -74.82
CA ARG S 545 2.72 2.18 -75.77
C ARG S 545 2.51 3.57 -76.33
N SER S 546 1.24 3.94 -76.45
CA SER S 546 0.88 5.25 -76.95
C SER S 546 1.28 6.33 -75.95
N MET S 547 1.01 6.06 -74.67
CA MET S 547 1.34 6.99 -73.59
C MET S 547 2.84 7.08 -73.33
N LEU S 548 3.55 6.01 -73.67
CA LEU S 548 4.99 5.93 -73.52
C LEU S 548 5.64 7.06 -74.31
N LEU S 549 5.00 7.38 -75.45
CA LEU S 549 5.47 8.42 -76.35
C LEU S 549 5.03 9.80 -75.89
N GLY S 550 3.87 9.84 -75.23
CA GLY S 550 3.30 11.07 -74.73
C GLY S 550 1.84 11.21 -75.15
N ASN S 551 1.27 12.36 -74.88
CA ASN S 551 -0.12 12.66 -75.22
C ASN S 551 -0.24 13.59 -76.40
N GLY S 552 0.89 13.85 -77.04
CA GLY S 552 0.92 14.74 -78.17
C GLY S 552 1.25 14.11 -79.51
N ARG S 553 0.76 14.81 -80.51
CA ARG S 553 0.87 14.52 -81.93
C ARG S 553 2.34 14.44 -82.34
N TYR S 554 3.08 15.48 -82.00
CA TYR S 554 4.49 15.62 -82.31
C TYR S 554 5.39 15.00 -81.27
N VAL S 555 6.18 14.02 -81.70
CA VAL S 555 7.07 13.33 -80.80
C VAL S 555 8.47 13.05 -81.31
N PRO S 556 9.46 13.53 -80.58
CA PRO S 556 10.83 13.24 -80.90
C PRO S 556 11.04 11.92 -80.18
N PHE S 557 11.52 10.88 -80.85
CA PHE S 557 11.65 9.63 -80.13
C PHE S 557 13.06 9.08 -80.00
N HIS S 558 13.20 8.24 -78.97
CA HIS S 558 14.43 7.56 -78.63
C HIS S 558 14.09 6.17 -78.18
N ILE S 559 14.46 5.19 -79.01
CA ILE S 559 14.15 3.81 -78.69
C ILE S 559 15.33 2.88 -78.87
N GLN S 560 15.13 1.71 -78.30
CA GLN S 560 16.08 0.61 -78.35
C GLN S 560 15.38 -0.57 -78.97
N VAL S 561 15.93 -1.03 -80.10
CA VAL S 561 15.40 -2.15 -80.86
C VAL S 561 16.26 -3.41 -80.76
N PRO S 562 15.60 -4.52 -80.49
CA PRO S 562 16.27 -5.80 -80.32
C PRO S 562 16.42 -6.60 -81.60
N GLN S 563 17.45 -7.45 -81.62
CA GLN S 563 17.71 -8.34 -82.74
C GLN S 563 16.89 -9.59 -82.48
N LYS S 564 16.04 -9.99 -83.42
CA LYS S 564 15.19 -11.15 -83.21
C LYS S 564 15.58 -12.40 -83.98
N PHE S 565 16.30 -12.19 -85.07
CA PHE S 565 16.72 -13.30 -85.89
C PHE S 565 17.33 -14.40 -85.04
N PHE S 566 16.79 -15.60 -85.16
CA PHE S 566 17.23 -16.75 -84.37
C PHE S 566 18.68 -17.18 -84.48
N ALA S 567 19.30 -17.08 -85.66
CA ALA S 567 20.67 -17.53 -85.79
C ALA S 567 21.71 -16.64 -85.12
N ILE S 568 21.35 -15.40 -84.81
CA ILE S 568 22.30 -14.49 -84.20
C ILE S 568 21.90 -13.88 -82.86
N LYS S 569 20.61 -13.92 -82.53
CA LYS S 569 20.11 -13.35 -81.29
C LYS S 569 20.79 -13.74 -79.97
N ASN S 570 21.23 -14.98 -79.85
CA ASN S 570 21.87 -15.46 -78.63
C ASN S 570 23.30 -15.91 -78.85
N LEU S 571 23.79 -15.62 -80.03
CA LEU S 571 25.13 -16.01 -80.40
C LEU S 571 26.22 -15.33 -79.59
N LEU S 572 27.22 -16.14 -79.24
CA LEU S 572 28.38 -15.68 -78.52
C LEU S 572 29.46 -15.48 -79.57
N LEU S 573 29.71 -14.20 -79.86
CA LEU S 573 30.66 -13.74 -80.86
C LEU S 573 32.10 -13.70 -80.40
N LEU S 574 32.98 -14.37 -81.13
CA LEU S 574 34.39 -14.37 -80.78
C LEU S 574 35.09 -13.13 -81.30
N PRO S 575 36.34 -12.93 -80.90
CA PRO S 575 37.08 -11.78 -81.34
C PRO S 575 37.25 -11.75 -82.85
N GLY S 576 37.24 -10.52 -83.36
CA GLY S 576 37.37 -10.25 -84.77
C GLY S 576 36.52 -9.03 -85.11
N SER S 577 36.58 -8.61 -86.36
CA SER S 577 35.81 -7.47 -86.80
C SER S 577 34.70 -7.95 -87.71
N TYR S 578 33.47 -7.50 -87.44
CA TYR S 578 32.36 -7.93 -88.25
C TYR S 578 31.54 -6.82 -88.83
N THR S 579 30.97 -7.13 -89.98
CA THR S 579 30.11 -6.23 -90.69
C THR S 579 28.69 -6.58 -90.32
N TYR S 580 28.04 -5.65 -89.63
CA TYR S 580 26.69 -5.86 -89.18
C TYR S 580 25.83 -4.80 -89.82
N GLU S 581 24.90 -5.23 -90.67
CA GLU S 581 24.06 -4.29 -91.36
C GLU S 581 22.60 -4.72 -91.37
N TRP S 582 21.70 -3.75 -91.26
CA TRP S 582 20.28 -4.05 -91.22
C TRP S 582 19.43 -2.96 -91.87
N ASN S 583 18.24 -3.38 -92.29
CA ASN S 583 17.27 -2.50 -92.92
C ASN S 583 16.09 -2.23 -92.03
N PHE S 584 15.66 -0.97 -92.05
CA PHE S 584 14.53 -0.54 -91.28
C PHE S 584 13.44 0.04 -92.16
N ARG S 585 12.21 -0.31 -91.80
CA ARG S 585 11.03 0.12 -92.52
C ARG S 585 10.70 1.57 -92.16
N LYS S 586 10.05 2.25 -93.09
CA LYS S 586 9.65 3.64 -92.90
C LYS S 586 8.14 3.79 -93.05
N ASP S 587 7.52 2.74 -93.56
CA ASP S 587 6.10 2.69 -93.79
C ASP S 587 5.29 2.81 -92.50
N VAL S 588 4.60 3.94 -92.33
CA VAL S 588 3.80 4.15 -91.14
C VAL S 588 2.75 3.07 -90.88
N ASN S 589 2.19 2.50 -91.94
CA ASN S 589 1.19 1.47 -91.72
C ASN S 589 1.83 0.22 -91.12
N MET S 590 3.14 0.16 -91.23
CA MET S 590 3.90 -0.97 -90.71
C MET S 590 4.56 -0.69 -89.37
N VAL S 591 5.23 0.45 -89.26
CA VAL S 591 5.91 0.78 -88.03
C VAL S 591 5.01 1.31 -86.93
N LEU S 592 3.85 1.85 -87.32
CA LEU S 592 2.92 2.38 -86.35
C LEU S 592 1.65 1.53 -86.25
N GLN S 593 0.98 1.69 -85.13
CA GLN S 593 -0.25 0.98 -84.89
C GLN S 593 -1.29 1.91 -84.30
N SER S 594 -2.53 1.76 -84.76
CA SER S 594 -3.62 2.59 -84.28
C SER S 594 -4.73 1.71 -83.75
N SER S 595 -5.56 2.25 -82.86
CA SER S 595 -6.66 1.48 -82.31
C SER S 595 -7.83 1.34 -83.27
N LEU S 596 -8.01 2.34 -84.16
CA LEU S 596 -9.07 2.34 -85.15
C LEU S 596 -8.64 1.57 -86.39
N GLY S 597 -7.32 1.50 -86.58
CA GLY S 597 -6.74 0.79 -87.70
C GLY S 597 -6.86 1.56 -89.01
N ASN S 598 -7.07 2.87 -88.91
CA ASN S 598 -7.20 3.70 -90.10
C ASN S 598 -5.93 3.70 -90.94
N ASP S 599 -6.01 4.27 -92.16
CA ASP S 599 -4.87 4.34 -93.06
C ASP S 599 -3.99 5.53 -92.74
N LEU S 600 -2.91 5.27 -92.01
CA LEU S 600 -1.97 6.30 -91.61
C LEU S 600 -1.27 7.03 -92.75
N ARG S 601 -1.21 6.41 -93.92
CA ARG S 601 -0.57 7.08 -95.04
C ARG S 601 -1.42 8.25 -95.50
N VAL S 602 -2.71 7.98 -95.67
CA VAL S 602 -3.69 8.95 -96.07
C VAL S 602 -3.96 9.91 -94.92
N ASP S 603 -3.92 9.34 -93.71
CA ASP S 603 -4.18 10.07 -92.49
C ASP S 603 -3.11 10.97 -91.89
N GLY S 604 -2.09 11.29 -92.68
CA GLY S 604 -1.03 12.20 -92.24
C GLY S 604 0.01 11.77 -91.22
N ALA S 605 0.11 10.48 -90.87
CA ALA S 605 1.15 10.13 -89.91
C ALA S 605 2.51 10.26 -90.60
N SER S 606 3.54 10.67 -89.88
CA SER S 606 4.87 10.82 -90.48
C SER S 606 5.98 10.35 -89.54
N ILE S 607 7.07 9.88 -90.13
CA ILE S 607 8.20 9.42 -89.34
C ILE S 607 9.54 9.62 -90.03
N LYS S 608 10.50 10.17 -89.27
CA LYS S 608 11.82 10.43 -89.78
C LYS S 608 12.92 9.95 -88.84
N PHE S 609 13.88 9.22 -89.39
CA PHE S 609 15.01 8.69 -88.63
C PHE S 609 16.19 9.63 -88.66
N ASP S 610 16.58 10.12 -87.50
CA ASP S 610 17.70 11.03 -87.44
C ASP S 610 19.02 10.35 -87.20
N SER S 611 19.03 9.34 -86.35
CA SER S 611 20.27 8.66 -86.08
C SER S 611 20.07 7.28 -85.49
N ILE S 612 20.95 6.38 -85.89
CA ILE S 612 20.92 5.03 -85.40
C ILE S 612 22.31 4.59 -84.99
N CYS S 613 22.40 4.11 -83.75
CA CYS S 613 23.66 3.65 -83.21
C CYS S 613 23.56 2.19 -82.85
N LEU S 614 24.71 1.59 -82.60
CA LEU S 614 24.79 0.20 -82.23
C LEU S 614 25.47 0.07 -80.89
N TYR S 615 24.76 -0.49 -79.92
CA TYR S 615 25.31 -0.68 -78.59
C TYR S 615 25.62 -2.13 -78.30
N ALA S 616 26.65 -2.35 -77.50
CA ALA S 616 27.09 -3.67 -77.12
C ALA S 616 27.74 -3.65 -75.75
N THR S 617 27.29 -4.54 -74.87
CA THR S 617 27.83 -4.63 -73.52
C THR S 617 28.72 -5.85 -73.38
N PHE S 618 29.83 -5.71 -72.68
CA PHE S 618 30.73 -6.83 -72.52
C PHE S 618 31.03 -7.20 -71.08
N PHE S 619 30.97 -8.49 -70.81
CA PHE S 619 31.31 -8.98 -69.49
C PHE S 619 32.81 -8.71 -69.39
N PRO S 620 33.25 -8.04 -68.33
CA PRO S 620 34.67 -7.71 -68.20
C PRO S 620 35.47 -8.93 -67.77
N MET S 621 35.29 -10.00 -68.51
CA MET S 621 35.94 -11.27 -68.25
C MET S 621 37.46 -11.21 -68.15
N ALA S 622 38.00 -12.03 -67.24
CA ALA S 622 39.43 -12.12 -67.08
C ALA S 622 40.03 -12.50 -68.41
N HIS S 623 41.14 -11.85 -68.76
CA HIS S 623 41.79 -12.12 -70.03
C HIS S 623 42.25 -13.54 -70.25
N ASN S 624 42.83 -14.16 -69.22
CA ASN S 624 43.28 -15.54 -69.37
C ASN S 624 42.10 -16.44 -69.65
N THR S 625 41.04 -16.21 -68.88
CA THR S 625 39.81 -16.96 -68.99
C THR S 625 39.16 -16.79 -70.36
N ALA S 626 38.94 -15.53 -70.73
CA ALA S 626 38.35 -15.22 -72.01
C ALA S 626 39.11 -15.92 -73.13
N SER S 627 40.43 -15.80 -73.07
CA SER S 627 41.31 -16.40 -74.05
C SER S 627 41.13 -17.90 -74.13
N THR S 628 40.98 -18.52 -72.96
CA THR S 628 40.80 -19.95 -72.88
C THR S 628 39.47 -20.38 -73.45
N LEU S 629 38.43 -19.61 -73.13
CA LEU S 629 37.10 -19.88 -73.62
C LEU S 629 37.05 -19.78 -75.13
N GLU S 630 37.83 -18.84 -75.65
CA GLU S 630 37.92 -18.60 -77.08
C GLU S 630 38.43 -19.83 -77.80
N ALA S 631 39.58 -20.30 -77.34
CA ALA S 631 40.25 -21.46 -77.90
C ALA S 631 39.30 -22.64 -78.01
N MET S 632 38.54 -22.88 -76.95
CA MET S 632 37.59 -23.98 -76.89
C MET S 632 36.48 -23.81 -77.92
N LEU S 633 35.91 -22.61 -77.95
CA LEU S 633 34.82 -22.30 -78.85
C LEU S 633 35.22 -22.28 -80.30
N ARG S 634 36.53 -22.35 -80.55
CA ARG S 634 37.02 -22.34 -81.92
C ARG S 634 37.04 -23.71 -82.56
N ASN S 635 36.86 -24.75 -81.75
CA ASN S 635 36.83 -26.10 -82.28
C ASN S 635 35.43 -26.43 -82.73
N ASP S 636 35.32 -27.12 -83.86
CA ASP S 636 34.02 -27.46 -84.39
C ASP S 636 33.19 -28.29 -83.44
N THR S 637 33.83 -29.13 -82.66
CA THR S 637 33.04 -29.94 -81.74
C THR S 637 32.27 -29.04 -80.77
N ASN S 638 32.78 -27.82 -80.57
CA ASN S 638 32.16 -26.86 -79.70
C ASN S 638 31.43 -25.75 -80.45
N ASP S 639 30.95 -26.09 -81.63
CA ASP S 639 30.20 -25.17 -82.45
C ASP S 639 28.86 -24.86 -81.82
N GLN S 640 28.46 -23.60 -81.86
CA GLN S 640 27.19 -23.19 -81.30
C GLN S 640 26.05 -23.59 -82.24
N SER S 641 24.85 -23.71 -81.70
CA SER S 641 23.72 -24.08 -82.54
C SER S 641 22.39 -23.56 -82.00
N PHE S 642 21.53 -23.14 -82.92
CA PHE S 642 20.24 -22.61 -82.56
C PHE S 642 19.16 -23.03 -83.54
N ASN S 643 17.94 -22.96 -83.04
CA ASN S 643 16.78 -23.28 -83.80
C ASN S 643 15.74 -22.20 -83.57
N ASP S 644 14.93 -21.96 -84.58
CA ASP S 644 13.90 -20.95 -84.44
C ASP S 644 12.81 -21.49 -83.54
N TYR S 645 12.31 -20.64 -82.63
CA TYR S 645 11.28 -21.09 -81.72
C TYR S 645 10.03 -21.60 -82.44
N LEU S 646 9.58 -20.85 -83.43
CA LEU S 646 8.40 -21.22 -84.19
C LEU S 646 8.58 -22.55 -84.92
N SER S 647 9.78 -22.71 -85.47
CA SER S 647 10.15 -23.91 -86.21
C SER S 647 9.12 -24.33 -87.23
N ALA S 648 8.93 -23.50 -88.25
CA ALA S 648 7.95 -23.84 -89.24
C ALA S 648 8.09 -23.06 -90.54
N ALA S 649 7.53 -23.67 -91.58
CA ALA S 649 7.46 -23.11 -92.91
C ALA S 649 6.07 -22.50 -92.96
N ASN S 650 5.99 -21.21 -93.24
CA ASN S 650 4.69 -20.56 -93.24
C ASN S 650 4.05 -20.35 -94.59
N MET S 651 2.81 -20.80 -94.71
CA MET S 651 2.08 -20.64 -95.94
C MET S 651 0.74 -19.95 -95.77
N LEU S 652 0.39 -19.20 -96.79
CA LEU S 652 -0.85 -18.47 -96.83
C LEU S 652 -1.61 -18.83 -98.10
N TYR S 653 -2.85 -19.25 -97.92
CA TYR S 653 -3.74 -19.60 -99.00
C TYR S 653 -4.99 -18.77 -98.92
N PRO S 654 -5.32 -18.19 -100.06
CA PRO S 654 -6.48 -17.34 -100.18
C PRO S 654 -7.81 -18.06 -100.08
N ILE S 655 -8.72 -17.35 -99.42
CA ILE S 655 -10.09 -17.77 -99.21
C ILE S 655 -11.01 -16.67 -99.71
N PRO S 656 -11.46 -16.83 -100.95
CA PRO S 656 -12.32 -15.83 -101.54
C PRO S 656 -13.56 -15.59 -100.70
N ALA S 657 -14.06 -14.37 -100.77
CA ALA S 657 -15.25 -14.03 -100.02
C ALA S 657 -16.34 -15.03 -100.27
N ASN S 658 -16.95 -15.51 -99.19
CA ASN S 658 -18.04 -16.47 -99.29
C ASN S 658 -17.62 -17.89 -99.61
N ALA S 659 -16.33 -18.08 -99.90
CA ALA S 659 -15.83 -19.41 -100.18
C ALA S 659 -15.99 -20.22 -98.91
N THR S 660 -16.17 -21.53 -99.04
CA THR S 660 -16.36 -22.37 -97.88
C THR S 660 -15.47 -23.58 -97.86
N ASN S 661 -14.93 -23.89 -99.04
CA ASN S 661 -14.04 -25.03 -99.22
C ASN S 661 -12.65 -24.56 -99.58
N VAL S 662 -11.66 -25.07 -98.85
CA VAL S 662 -10.29 -24.70 -99.10
C VAL S 662 -9.39 -25.92 -99.24
N PRO S 663 -9.12 -26.27 -100.47
CA PRO S 663 -8.29 -27.41 -100.77
C PRO S 663 -6.87 -26.99 -101.03
N ILE S 664 -5.94 -27.71 -100.42
CA ILE S 664 -4.54 -27.40 -100.60
C ILE S 664 -3.79 -28.64 -101.01
N SER S 665 -2.86 -28.44 -101.93
CA SER S 665 -2.07 -29.54 -102.43
C SER S 665 -0.59 -29.30 -102.33
N ILE S 666 0.11 -30.33 -101.88
CA ILE S 666 1.54 -30.29 -101.75
C ILE S 666 2.15 -31.41 -102.58
N PRO S 667 2.85 -31.03 -103.63
CA PRO S 667 3.44 -32.01 -104.51
C PRO S 667 4.36 -32.92 -103.73
N SER S 668 4.35 -34.19 -104.14
CA SER S 668 5.15 -35.20 -103.50
C SER S 668 6.51 -34.66 -103.08
N ARG S 669 6.83 -34.89 -101.83
CA ARG S 669 8.09 -34.45 -101.24
C ARG S 669 8.46 -35.32 -100.05
N ASN S 670 9.58 -34.97 -99.42
CA ASN S 670 10.07 -35.69 -98.26
C ASN S 670 9.44 -35.21 -96.96
N TRP S 671 9.09 -36.15 -96.10
CA TRP S 671 8.45 -35.80 -94.84
C TRP S 671 9.20 -36.19 -93.58
N ALA S 672 10.40 -36.71 -93.72
CA ALA S 672 11.16 -37.09 -92.56
C ALA S 672 11.33 -35.93 -91.58
N ALA S 673 11.10 -36.20 -90.30
CA ALA S 673 11.24 -35.21 -89.24
C ALA S 673 10.05 -34.26 -89.13
N PHE S 674 9.05 -34.48 -89.95
CA PHE S 674 7.85 -33.66 -89.92
C PHE S 674 7.28 -33.66 -88.50
N ARG S 675 6.95 -32.48 -87.99
CA ARG S 675 6.43 -32.40 -86.63
C ARG S 675 4.93 -32.28 -86.51
N GLY S 676 4.27 -31.66 -87.49
CA GLY S 676 2.84 -31.51 -87.41
C GLY S 676 2.35 -30.22 -88.03
N TRP S 677 1.05 -29.97 -87.87
CA TRP S 677 0.42 -28.79 -88.41
C TRP S 677 -0.16 -27.87 -87.36
N ALA S 678 -0.19 -26.59 -87.71
CA ALA S 678 -0.74 -25.53 -86.90
C ALA S 678 -1.42 -24.55 -87.87
N PHE S 679 -2.60 -24.04 -87.51
CA PHE S 679 -3.27 -23.15 -88.43
C PHE S 679 -4.30 -22.21 -87.82
N THR S 680 -4.56 -21.16 -88.59
CA THR S 680 -5.52 -20.10 -88.30
C THR S 680 -6.09 -19.57 -89.60
N ARG S 681 -6.75 -18.43 -89.45
CA ARG S 681 -7.36 -17.74 -90.55
C ARG S 681 -7.21 -16.23 -90.34
N LEU S 682 -6.71 -15.55 -91.37
CA LEU S 682 -6.51 -14.13 -91.31
C LEU S 682 -7.29 -13.39 -92.36
N LYS S 683 -7.45 -12.10 -92.14
CA LYS S 683 -8.14 -11.26 -93.08
C LYS S 683 -7.11 -10.69 -94.04
N THR S 684 -7.40 -10.76 -95.32
CA THR S 684 -6.46 -10.25 -96.28
C THR S 684 -6.12 -8.80 -95.99
N LYS S 685 -7.13 -8.04 -95.58
CA LYS S 685 -6.95 -6.63 -95.28
C LYS S 685 -5.95 -6.37 -94.17
N GLU S 686 -5.88 -7.29 -93.21
CA GLU S 686 -4.98 -7.15 -92.08
C GLU S 686 -3.65 -7.84 -92.26
N THR S 687 -3.35 -8.29 -93.47
CA THR S 687 -2.10 -8.97 -93.75
C THR S 687 -1.30 -8.30 -94.83
N PRO S 688 -0.36 -7.46 -94.42
CA PRO S 688 0.48 -6.77 -95.36
C PRO S 688 1.21 -7.80 -96.22
N SER S 689 1.58 -7.41 -97.43
CA SER S 689 2.29 -8.31 -98.30
C SER S 689 3.77 -8.26 -97.93
N LEU S 690 4.37 -9.40 -97.63
CA LEU S 690 5.78 -9.37 -97.28
C LEU S 690 6.74 -9.76 -98.38
N GLY S 691 6.20 -10.16 -99.53
CA GLY S 691 7.04 -10.55 -100.66
C GLY S 691 7.63 -9.34 -101.35
N SER S 692 7.91 -8.30 -100.57
CA SER S 692 8.47 -7.06 -101.10
C SER S 692 8.70 -6.00 -100.04
N GLY S 693 9.62 -5.09 -100.36
CA GLY S 693 9.98 -4.02 -99.45
C GLY S 693 8.87 -3.01 -99.19
N TYR S 694 7.85 -2.99 -100.05
CA TYR S 694 6.75 -2.05 -99.88
C TYR S 694 5.44 -2.55 -100.47
N ASP S 695 4.36 -2.41 -99.72
CA ASP S 695 3.03 -2.86 -100.15
C ASP S 695 2.12 -1.67 -100.42
N PRO S 696 2.02 -1.33 -101.71
CA PRO S 696 1.20 -0.23 -102.17
C PRO S 696 -0.26 -0.39 -101.81
N TYR S 697 -0.75 -1.62 -101.68
CA TYR S 697 -2.16 -1.83 -101.37
C TYR S 697 -2.51 -2.02 -99.89
N TYR S 698 -1.55 -1.76 -99.01
CA TYR S 698 -1.76 -1.91 -97.58
C TYR S 698 -2.24 -0.62 -96.94
N THR S 699 -3.55 -0.51 -96.75
CA THR S 699 -4.18 0.66 -96.16
C THR S 699 -4.85 0.35 -94.84
N TYR S 700 -4.06 -0.18 -93.91
CA TYR S 700 -4.55 -0.58 -92.61
C TYR S 700 -3.44 -0.45 -91.58
N SER S 701 -3.78 -0.02 -90.36
CA SER S 701 -2.75 0.14 -89.34
C SER S 701 -3.07 -0.51 -88.00
N GLY S 702 -3.97 -1.48 -88.01
CA GLY S 702 -4.33 -2.15 -86.77
C GLY S 702 -3.39 -3.29 -86.44
N SER S 703 -3.86 -4.19 -85.57
CA SER S 703 -3.08 -5.34 -85.17
C SER S 703 -2.84 -6.23 -86.37
N ILE S 704 -1.68 -6.87 -86.43
CA ILE S 704 -1.34 -7.77 -87.53
C ILE S 704 -1.14 -9.17 -87.01
N PRO S 705 -2.22 -9.94 -86.90
CA PRO S 705 -2.14 -11.29 -86.40
C PRO S 705 -1.01 -12.15 -86.92
N TYR S 706 -0.73 -12.08 -88.21
CA TYR S 706 0.33 -12.88 -88.80
C TYR S 706 1.68 -12.66 -88.12
N LEU S 707 1.89 -11.44 -87.65
CA LEU S 707 3.13 -11.06 -87.01
C LEU S 707 3.07 -10.97 -85.50
N ASP S 708 1.94 -10.52 -84.95
CA ASP S 708 1.83 -10.35 -83.52
C ASP S 708 1.13 -11.43 -82.70
N GLY S 709 0.33 -12.27 -83.32
CA GLY S 709 -0.34 -13.34 -82.58
C GLY S 709 -1.72 -12.95 -82.06
N THR S 710 -2.25 -11.86 -82.59
CA THR S 710 -3.56 -11.42 -82.16
C THR S 710 -4.66 -12.17 -82.91
N PHE S 711 -4.51 -13.49 -82.97
CA PHE S 711 -5.47 -14.35 -83.64
C PHE S 711 -6.84 -14.26 -83.02
N TYR S 712 -7.85 -14.23 -83.88
CA TYR S 712 -9.23 -14.13 -83.43
C TYR S 712 -10.26 -14.79 -84.33
N LEU S 713 -9.84 -15.61 -85.28
CA LEU S 713 -10.83 -16.23 -86.17
C LEU S 713 -10.87 -17.75 -86.14
N ASN S 714 -10.37 -18.34 -85.07
CA ASN S 714 -10.33 -19.78 -84.92
C ASN S 714 -11.66 -20.50 -84.83
N HIS S 715 -12.71 -19.77 -84.48
CA HIS S 715 -14.02 -20.35 -84.35
C HIS S 715 -14.73 -20.56 -85.67
N THR S 716 -14.11 -20.13 -86.77
CA THR S 716 -14.70 -20.25 -88.09
C THR S 716 -14.35 -21.54 -88.81
N PHE S 717 -13.53 -22.38 -88.17
CA PHE S 717 -13.15 -23.62 -88.80
C PHE S 717 -14.20 -24.68 -88.56
N LYS S 718 -14.51 -25.43 -89.62
CA LYS S 718 -15.51 -26.47 -89.50
C LYS S 718 -14.89 -27.85 -89.38
N LYS S 719 -14.00 -28.15 -90.32
CA LYS S 719 -13.34 -29.44 -90.33
C LYS S 719 -12.07 -29.46 -91.15
N VAL S 720 -11.30 -30.53 -90.97
CA VAL S 720 -10.06 -30.73 -91.67
C VAL S 720 -9.89 -32.18 -92.05
N ALA S 721 -9.58 -32.38 -93.32
CA ALA S 721 -9.34 -33.70 -93.85
C ALA S 721 -7.93 -33.77 -94.37
N ILE S 722 -7.15 -34.71 -93.85
CA ILE S 722 -5.77 -34.88 -94.26
C ILE S 722 -5.55 -36.16 -95.05
N THR S 723 -4.90 -36.04 -96.21
CA THR S 723 -4.67 -37.21 -97.05
C THR S 723 -3.30 -37.27 -97.68
N PHE S 724 -2.68 -38.42 -97.50
CA PHE S 724 -1.38 -38.68 -98.09
C PHE S 724 -1.58 -39.51 -99.33
N ASP S 725 -0.74 -39.23 -100.34
CA ASP S 725 -0.76 -39.93 -101.60
C ASP S 725 -2.12 -40.17 -102.26
N SER S 726 -2.97 -39.17 -102.24
CA SER S 726 -4.28 -39.26 -102.87
C SER S 726 -5.21 -40.39 -102.42
N SER S 727 -4.78 -41.21 -101.47
CA SER S 727 -5.67 -42.29 -101.06
C SER S 727 -5.70 -42.55 -99.57
N VAL S 728 -4.56 -42.42 -98.92
CA VAL S 728 -4.41 -42.67 -97.50
C VAL S 728 -4.83 -41.53 -96.58
N SER S 729 -5.80 -41.85 -95.72
CA SER S 729 -6.33 -40.91 -94.76
C SER S 729 -5.55 -40.94 -93.44
N TRP S 730 -5.07 -39.77 -93.05
CA TRP S 730 -4.34 -39.61 -91.81
C TRP S 730 -5.24 -38.91 -90.82
N PRO S 731 -5.30 -39.43 -89.58
CA PRO S 731 -4.52 -40.54 -89.10
C PRO S 731 -5.13 -41.90 -89.42
N GLY S 732 -6.34 -41.92 -89.98
CA GLY S 732 -6.99 -43.18 -90.27
C GLY S 732 -6.97 -44.07 -89.03
N ASN S 733 -6.79 -45.38 -89.24
CA ASN S 733 -6.72 -46.33 -88.15
C ASN S 733 -7.94 -46.39 -87.24
N ASP S 734 -9.04 -45.75 -87.67
CA ASP S 734 -10.26 -45.76 -86.90
C ASP S 734 -10.13 -45.06 -85.55
N ARG S 735 -9.19 -44.13 -85.47
CA ARG S 735 -8.93 -43.40 -84.24
C ARG S 735 -10.05 -42.47 -83.73
N LEU S 736 -10.51 -41.56 -84.58
CA LEU S 736 -11.53 -40.59 -84.21
C LEU S 736 -12.98 -41.05 -84.37
N LEU S 737 -13.89 -40.38 -83.65
CA LEU S 737 -15.32 -40.70 -83.72
C LEU S 737 -15.83 -40.64 -85.14
N THR S 738 -15.24 -39.72 -85.90
CA THR S 738 -15.50 -39.49 -87.30
C THR S 738 -14.14 -39.56 -88.00
N PRO S 739 -13.64 -40.79 -88.00
CA PRO S 739 -12.36 -41.24 -88.50
C PRO S 739 -11.81 -40.63 -89.78
N ASN S 740 -12.67 -40.26 -90.72
CA ASN S 740 -12.16 -39.73 -91.97
C ASN S 740 -11.67 -38.30 -91.97
N GLU S 741 -11.87 -37.60 -90.86
CA GLU S 741 -11.45 -36.23 -90.81
C GLU S 741 -11.55 -35.65 -89.41
N PHE S 742 -10.98 -34.46 -89.27
CA PHE S 742 -11.00 -33.74 -88.02
C PHE S 742 -12.17 -32.78 -88.04
N GLU S 743 -13.18 -33.08 -87.23
CA GLU S 743 -14.35 -32.24 -87.12
C GLU S 743 -14.15 -31.26 -85.97
N ILE S 744 -14.01 -29.98 -86.30
CA ILE S 744 -13.80 -28.99 -85.27
C ILE S 744 -15.06 -28.66 -84.48
N LYS S 745 -16.20 -28.61 -85.16
CA LYS S 745 -17.46 -28.30 -84.52
C LYS S 745 -18.66 -28.86 -85.29
N ARG S 746 -19.76 -29.13 -84.59
CA ARG S 746 -20.99 -29.66 -85.19
C ARG S 746 -22.20 -28.78 -84.93
N SER S 747 -23.13 -28.74 -85.88
CA SER S 747 -24.33 -27.92 -85.75
C SER S 747 -25.60 -28.71 -85.47
N VAL S 748 -26.09 -28.54 -84.23
CA VAL S 748 -27.32 -29.15 -83.71
C VAL S 748 -27.53 -30.61 -84.04
N ASP S 749 -27.55 -30.90 -85.33
CA ASP S 749 -27.76 -32.25 -85.81
C ASP S 749 -26.82 -33.29 -85.20
N GLY S 750 -25.64 -32.84 -84.80
CA GLY S 750 -24.66 -33.75 -84.23
C GLY S 750 -24.39 -33.50 -82.75
N GLU S 751 -25.29 -32.82 -82.07
CA GLU S 751 -25.13 -32.53 -80.66
C GLU S 751 -24.37 -33.60 -79.88
N GLY S 752 -24.90 -34.82 -79.87
CA GLY S 752 -24.30 -35.93 -79.13
C GLY S 752 -22.77 -36.03 -79.20
N TYR S 753 -22.17 -35.62 -80.30
CA TYR S 753 -20.74 -35.70 -80.44
C TYR S 753 -20.01 -34.47 -79.93
N ASN S 754 -20.79 -33.54 -79.36
CA ASN S 754 -20.22 -32.32 -78.82
C ASN S 754 -19.82 -32.47 -77.37
N VAL S 755 -19.08 -31.49 -76.86
CA VAL S 755 -18.63 -31.55 -75.48
C VAL S 755 -18.49 -30.15 -74.88
N ALA S 756 -18.13 -30.11 -73.60
CA ALA S 756 -17.91 -28.88 -72.84
C ALA S 756 -19.03 -27.86 -72.85
N GLN S 757 -20.24 -28.26 -73.21
CA GLN S 757 -21.37 -27.35 -73.23
C GLN S 757 -21.32 -26.29 -74.33
N CYS S 758 -20.75 -26.68 -75.46
CA CYS S 758 -20.66 -25.82 -76.60
C CYS S 758 -20.74 -26.65 -77.88
N ASN S 759 -20.47 -26.04 -79.03
CA ASN S 759 -20.55 -26.78 -80.27
C ASN S 759 -19.27 -27.48 -80.68
N MET S 760 -18.29 -27.55 -79.78
CA MET S 760 -17.05 -28.23 -80.11
C MET S 760 -17.24 -29.73 -79.99
N THR S 761 -16.53 -30.49 -80.81
CA THR S 761 -16.67 -31.94 -80.75
C THR S 761 -15.76 -32.57 -79.71
N LYS S 762 -16.15 -33.77 -79.29
CA LYS S 762 -15.38 -34.51 -78.32
C LYS S 762 -13.99 -34.79 -78.88
N ASP S 763 -13.98 -35.21 -80.15
CA ASP S 763 -12.77 -35.54 -80.89
C ASP S 763 -11.74 -34.42 -80.86
N TRP S 764 -12.20 -33.24 -81.26
CA TRP S 764 -11.38 -32.06 -81.32
C TRP S 764 -10.87 -31.61 -79.96
N PHE S 765 -11.76 -31.63 -78.97
CA PHE S 765 -11.39 -31.23 -77.63
C PHE S 765 -10.28 -32.12 -77.10
N LEU S 766 -10.37 -33.39 -77.47
CA LEU S 766 -9.40 -34.39 -77.07
C LEU S 766 -8.03 -34.12 -77.69
N VAL S 767 -8.04 -33.82 -78.99
CA VAL S 767 -6.80 -33.55 -79.71
C VAL S 767 -6.12 -32.29 -79.22
N GLN S 768 -6.90 -31.24 -79.02
CA GLN S 768 -6.34 -30.00 -78.56
C GLN S 768 -5.75 -30.11 -77.15
N MET S 769 -6.44 -30.85 -76.29
CA MET S 769 -5.97 -31.04 -74.92
C MET S 769 -4.67 -31.83 -74.85
N LEU S 770 -4.57 -32.85 -75.69
CA LEU S 770 -3.37 -33.69 -75.74
C LEU S 770 -2.20 -32.93 -76.35
N ALA S 771 -2.47 -32.31 -77.49
CA ALA S 771 -1.47 -31.55 -78.22
C ALA S 771 -0.86 -30.45 -77.39
N ASN S 772 -1.68 -29.78 -76.60
CA ASN S 772 -1.21 -28.68 -75.76
C ASN S 772 -0.66 -29.11 -74.41
N TYR S 773 -1.31 -30.09 -73.77
CA TYR S 773 -0.87 -30.51 -72.47
C TYR S 773 -0.74 -32.00 -72.22
N ASN S 774 -0.94 -32.82 -73.23
CA ASN S 774 -0.86 -34.26 -73.01
C ASN S 774 -1.97 -34.75 -72.09
N ILE S 775 -3.04 -33.96 -71.96
CA ILE S 775 -4.16 -34.34 -71.12
C ILE S 775 -5.26 -34.97 -71.95
N GLY S 776 -5.76 -36.14 -71.57
CA GLY S 776 -6.82 -36.70 -72.38
C GLY S 776 -7.09 -38.18 -72.17
N TYR S 777 -6.03 -38.98 -72.02
CA TYR S 777 -6.21 -40.41 -71.84
C TYR S 777 -6.48 -40.81 -70.40
N GLN S 778 -6.16 -39.91 -69.49
CA GLN S 778 -6.39 -40.22 -68.10
C GLN S 778 -7.26 -39.17 -67.43
N GLY S 779 -8.30 -38.77 -68.15
CA GLY S 779 -9.23 -37.78 -67.65
C GLY S 779 -8.89 -36.36 -68.09
N PHE S 780 -9.91 -35.53 -68.07
CA PHE S 780 -9.82 -34.12 -68.43
C PHE S 780 -9.85 -33.28 -67.17
N TYR S 781 -8.97 -32.29 -67.11
CA TYR S 781 -8.91 -31.40 -65.97
C TYR S 781 -8.20 -30.13 -66.38
N ILE S 782 -8.31 -29.11 -65.54
CA ILE S 782 -7.65 -27.87 -65.86
C ILE S 782 -6.14 -28.05 -65.81
N PRO S 783 -5.47 -27.68 -66.90
CA PRO S 783 -4.03 -27.83 -66.96
C PRO S 783 -3.32 -26.95 -65.94
N GLU S 784 -2.11 -27.37 -65.55
CA GLU S 784 -1.34 -26.57 -64.61
C GLU S 784 -1.04 -25.22 -65.22
N SER S 785 -1.24 -24.16 -64.46
CA SER S 785 -1.02 -22.79 -64.89
C SER S 785 0.26 -22.51 -65.65
N TYR S 786 1.38 -23.09 -65.22
CA TYR S 786 2.60 -22.81 -65.94
C TYR S 786 2.61 -23.38 -67.36
N LYS S 787 1.72 -24.35 -67.64
CA LYS S 787 1.63 -24.95 -68.97
C LYS S 787 0.57 -24.30 -69.82
N ASP S 788 -0.31 -23.55 -69.15
CA ASP S 788 -1.40 -22.87 -69.80
C ASP S 788 -1.06 -21.40 -69.93
N ARG S 789 -0.28 -21.06 -70.96
CA ARG S 789 0.14 -19.69 -71.16
C ARG S 789 -0.81 -18.80 -71.94
N MET S 790 -0.35 -17.60 -72.24
CA MET S 790 -1.12 -16.59 -72.95
C MET S 790 -1.73 -17.04 -74.25
N TYR S 791 -0.91 -17.69 -75.07
CA TYR S 791 -1.34 -18.15 -76.37
C TYR S 791 -1.77 -19.61 -76.39
N SER S 792 -2.09 -20.14 -75.21
CA SER S 792 -2.50 -21.52 -75.09
C SER S 792 -3.97 -21.75 -75.41
N PHE S 793 -4.31 -23.02 -75.56
CA PHE S 793 -5.66 -23.44 -75.88
C PHE S 793 -6.71 -23.16 -74.82
N PHE S 794 -6.59 -23.88 -73.70
CA PHE S 794 -7.53 -23.77 -72.59
C PHE S 794 -7.80 -22.37 -72.09
N ARG S 795 -6.74 -21.68 -71.70
CA ARG S 795 -6.81 -20.33 -71.18
C ARG S 795 -7.62 -19.40 -72.06
N ASN S 796 -7.67 -19.72 -73.37
CA ASN S 796 -8.39 -18.91 -74.35
C ASN S 796 -9.73 -19.49 -74.81
N PHE S 797 -10.06 -20.67 -74.32
CA PHE S 797 -11.30 -21.34 -74.68
C PHE S 797 -12.51 -20.79 -73.92
N GLN S 798 -13.50 -20.30 -74.68
CA GLN S 798 -14.71 -19.71 -74.10
C GLN S 798 -16.01 -20.25 -74.72
N PRO S 799 -16.63 -21.22 -74.07
CA PRO S 799 -17.87 -21.76 -74.59
C PRO S 799 -19.03 -20.86 -74.20
N MET S 800 -19.97 -20.64 -75.13
CA MET S 800 -21.11 -19.78 -74.87
C MET S 800 -22.45 -20.36 -75.32
N SER S 801 -23.49 -19.89 -74.66
CA SER S 801 -24.85 -20.29 -74.92
C SER S 801 -25.84 -19.15 -74.63
N ARG S 802 -26.96 -19.19 -75.33
CA ARG S 802 -28.00 -18.19 -75.17
C ARG S 802 -29.26 -18.68 -75.84
N GLN S 803 -30.36 -18.03 -75.51
CA GLN S 803 -31.65 -18.38 -76.05
C GLN S 803 -32.24 -17.20 -76.79
N VAL S 804 -32.99 -17.50 -77.85
CA VAL S 804 -33.65 -16.50 -78.67
C VAL S 804 -35.04 -17.00 -79.04
N VAL S 805 -35.96 -16.09 -79.35
CA VAL S 805 -37.29 -16.50 -79.73
C VAL S 805 -37.28 -17.45 -80.90
N ASP S 806 -38.13 -18.45 -80.84
CA ASP S 806 -38.22 -19.38 -81.94
C ASP S 806 -39.24 -18.80 -82.90
N ASP S 807 -38.74 -18.20 -83.98
CA ASP S 807 -39.59 -17.58 -84.98
C ASP S 807 -40.58 -18.53 -85.65
N THR S 808 -40.30 -19.83 -85.61
CA THR S 808 -41.19 -20.78 -86.26
C THR S 808 -42.16 -21.51 -85.33
N LYS S 809 -42.08 -21.25 -84.03
CA LYS S 809 -43.00 -21.92 -83.12
C LYS S 809 -43.76 -20.98 -82.20
N TYR S 810 -43.27 -19.75 -82.07
CA TYR S 810 -43.94 -18.75 -81.23
C TYR S 810 -45.06 -18.13 -82.05
N LYS S 811 -46.28 -18.59 -81.80
CA LYS S 811 -47.47 -18.14 -82.49
C LYS S 811 -47.56 -16.65 -82.78
N ASP S 812 -47.28 -15.81 -81.77
CA ASP S 812 -47.38 -14.37 -81.92
C ASP S 812 -46.13 -13.66 -82.42
N TYR S 813 -45.16 -14.43 -82.89
CA TYR S 813 -43.93 -13.83 -83.38
C TYR S 813 -44.14 -12.70 -84.37
N GLN S 814 -43.35 -11.65 -84.21
CA GLN S 814 -43.36 -10.46 -85.04
C GLN S 814 -41.94 -9.99 -85.31
N GLN S 815 -41.58 -9.93 -86.60
CA GLN S 815 -40.25 -9.50 -86.97
C GLN S 815 -40.14 -7.98 -87.01
N VAL S 816 -39.74 -7.40 -85.88
CA VAL S 816 -39.60 -5.97 -85.77
C VAL S 816 -38.15 -5.53 -85.75
N GLY S 817 -37.78 -4.62 -86.67
CA GLY S 817 -36.43 -4.12 -86.78
C GLY S 817 -36.20 -2.87 -85.94
N ILE S 818 -34.95 -2.38 -85.91
CA ILE S 818 -34.64 -1.19 -85.13
C ILE S 818 -35.55 -0.03 -85.43
N LEU S 819 -35.81 0.17 -86.70
CA LEU S 819 -36.66 1.26 -87.14
C LEU S 819 -37.98 1.32 -86.39
N HIS S 820 -38.43 0.16 -85.94
CA HIS S 820 -39.71 0.10 -85.23
C HIS S 820 -39.68 -0.44 -83.82
N GLN S 821 -38.49 -0.61 -83.27
CA GLN S 821 -38.46 -1.09 -81.92
C GLN S 821 -38.53 0.08 -80.97
N HIS S 822 -39.31 -0.08 -79.91
CA HIS S 822 -39.43 0.96 -78.93
C HIS S 822 -39.31 0.45 -77.51
N ASN S 823 -38.32 1.01 -76.85
CA ASN S 823 -37.95 0.70 -75.48
C ASN S 823 -37.22 1.93 -74.96
N ASN S 824 -37.83 2.59 -73.98
CA ASN S 824 -37.28 3.79 -73.41
C ASN S 824 -37.69 5.00 -74.24
N SER S 825 -38.69 4.78 -75.08
CA SER S 825 -39.22 5.82 -75.92
C SER S 825 -39.57 7.00 -75.05
N GLY S 826 -39.22 8.19 -75.54
CA GLY S 826 -39.50 9.37 -74.77
C GLY S 826 -38.34 9.73 -73.86
N PHE S 827 -37.38 8.82 -73.73
CA PHE S 827 -36.23 9.07 -72.87
C PHE S 827 -34.89 8.91 -73.60
N VAL S 828 -34.97 8.48 -74.85
CA VAL S 828 -33.78 8.26 -75.67
C VAL S 828 -33.92 8.85 -77.08
N GLY S 829 -32.78 9.11 -77.73
CA GLY S 829 -32.82 9.67 -79.07
C GLY S 829 -33.23 8.57 -80.06
N TYR S 830 -33.73 8.95 -81.23
CA TYR S 830 -34.18 7.98 -82.22
C TYR S 830 -33.12 7.63 -83.26
N LEU S 831 -32.73 6.36 -83.31
CA LEU S 831 -31.73 5.86 -84.23
C LEU S 831 -30.40 6.62 -84.16
N ALA S 832 -30.11 7.18 -82.99
CA ALA S 832 -28.90 7.95 -82.82
C ALA S 832 -28.66 8.33 -81.36
N PRO S 833 -27.42 8.72 -81.09
CA PRO S 833 -27.00 9.12 -79.75
C PRO S 833 -27.36 10.55 -79.46
N THR S 834 -28.53 10.98 -79.94
CA THR S 834 -28.93 12.35 -79.73
C THR S 834 -29.89 12.55 -78.58
N MET S 835 -30.45 13.75 -78.58
CA MET S 835 -31.40 14.22 -77.60
C MET S 835 -32.65 13.35 -77.53
N ARG S 836 -33.21 13.28 -76.33
CA ARG S 836 -34.41 12.49 -76.13
C ARG S 836 -35.56 13.00 -76.97
N GLU S 837 -36.46 12.08 -77.29
CA GLU S 837 -37.63 12.37 -78.07
C GLU S 837 -38.64 11.26 -77.85
N GLY S 838 -39.85 11.46 -78.36
CA GLY S 838 -40.87 10.46 -78.21
C GLY S 838 -41.69 10.67 -76.95
N GLN S 839 -42.30 9.58 -76.50
CA GLN S 839 -43.14 9.60 -75.33
C GLN S 839 -43.13 8.27 -74.61
N ALA S 840 -43.41 8.31 -73.33
CA ALA S 840 -43.46 7.09 -72.56
C ALA S 840 -44.40 6.12 -73.25
N TYR S 841 -44.10 4.85 -73.14
CA TYR S 841 -44.94 3.84 -73.76
C TYR S 841 -44.40 2.45 -73.54
N PRO S 842 -45.31 1.52 -73.32
CA PRO S 842 -44.92 0.15 -73.12
C PRO S 842 -43.98 -0.31 -74.22
N ALA S 843 -42.85 -0.88 -73.81
CA ALA S 843 -41.89 -1.36 -74.78
C ALA S 843 -42.50 -2.48 -75.60
N ASN S 844 -42.04 -2.60 -76.84
CA ASN S 844 -42.53 -3.62 -77.74
C ASN S 844 -41.42 -4.61 -78.08
N PHE S 845 -40.32 -4.45 -77.35
CA PHE S 845 -39.15 -5.26 -77.55
C PHE S 845 -38.21 -5.05 -76.38
N PRO S 846 -37.43 -6.06 -76.01
CA PRO S 846 -37.35 -7.37 -76.63
C PRO S 846 -38.38 -8.35 -76.07
N TYR S 847 -38.40 -9.55 -76.65
CA TYR S 847 -39.30 -10.59 -76.21
C TYR S 847 -38.82 -11.18 -74.89
N PRO S 848 -39.77 -11.45 -74.00
CA PRO S 848 -39.46 -12.02 -72.71
C PRO S 848 -39.07 -13.50 -72.84
N LEU S 849 -37.89 -13.83 -72.33
CA LEU S 849 -37.39 -15.20 -72.36
C LEU S 849 -37.58 -15.88 -71.03
N ILE S 850 -38.06 -15.10 -70.08
CA ILE S 850 -38.29 -15.56 -68.72
C ILE S 850 -39.70 -15.20 -68.26
N GLY S 851 -40.09 -15.75 -67.11
CA GLY S 851 -41.41 -15.50 -66.54
C GLY S 851 -42.46 -16.52 -66.96
N LYS S 852 -43.69 -16.26 -66.52
CA LYS S 852 -44.83 -17.13 -66.82
C LYS S 852 -45.29 -16.92 -68.25
N THR S 853 -44.73 -15.90 -68.88
CA THR S 853 -45.09 -15.53 -70.23
C THR S 853 -44.01 -15.71 -71.28
N ALA S 854 -42.85 -16.22 -70.86
CA ALA S 854 -41.74 -16.45 -71.77
C ALA S 854 -42.18 -17.10 -73.08
N VAL S 855 -41.56 -16.66 -74.16
CA VAL S 855 -41.86 -17.16 -75.49
C VAL S 855 -41.12 -18.43 -75.82
N ASP S 856 -41.67 -19.17 -76.77
CA ASP S 856 -41.03 -20.38 -77.21
C ASP S 856 -39.64 -20.01 -77.67
N SER S 857 -38.62 -20.69 -77.16
CA SER S 857 -37.27 -20.35 -77.52
C SER S 857 -36.50 -21.45 -78.21
N ILE S 858 -35.33 -21.04 -78.67
CA ILE S 858 -34.40 -21.90 -79.35
C ILE S 858 -33.01 -21.63 -78.78
N THR S 859 -32.21 -22.69 -78.66
CA THR S 859 -30.89 -22.56 -78.10
C THR S 859 -29.74 -22.45 -79.10
N GLN S 860 -28.80 -21.58 -78.76
CA GLN S 860 -27.63 -21.34 -79.58
C GLN S 860 -26.34 -21.50 -78.78
N LYS S 861 -25.41 -22.28 -79.33
CA LYS S 861 -24.12 -22.53 -78.71
C LYS S 861 -23.01 -22.28 -79.68
N LYS S 862 -21.90 -21.74 -79.15
CA LYS S 862 -20.73 -21.47 -79.94
C LYS S 862 -19.55 -21.34 -79.01
N PHE S 863 -18.46 -20.81 -79.55
CA PHE S 863 -17.28 -20.63 -78.76
C PHE S 863 -16.28 -19.73 -79.45
N LEU S 864 -15.43 -19.14 -78.62
CA LEU S 864 -14.36 -18.27 -79.04
C LEU S 864 -13.08 -18.95 -78.61
N CYS S 865 -12.01 -18.70 -79.33
CA CYS S 865 -10.73 -19.29 -78.99
C CYS S 865 -9.63 -18.44 -79.56
N ASP S 866 -9.63 -17.19 -79.11
CA ASP S 866 -8.69 -16.18 -79.52
C ASP S 866 -7.25 -16.47 -79.14
N ARG S 867 -6.40 -15.68 -79.78
CA ARG S 867 -4.96 -15.67 -79.64
C ARG S 867 -4.25 -17.01 -79.46
N THR S 868 -4.66 -18.01 -80.23
CA THR S 868 -4.04 -19.32 -80.20
C THR S 868 -4.06 -19.94 -81.58
N LEU S 869 -3.31 -21.02 -81.75
CA LEU S 869 -3.25 -21.71 -83.02
C LEU S 869 -3.81 -23.12 -82.90
N TRP S 870 -4.62 -23.53 -83.87
CA TRP S 870 -5.17 -24.88 -83.85
C TRP S 870 -4.00 -25.84 -84.07
N ARG S 871 -3.99 -26.97 -83.37
CA ARG S 871 -2.86 -27.88 -83.54
C ARG S 871 -3.22 -29.33 -83.85
N ILE S 872 -2.42 -29.91 -84.76
CA ILE S 872 -2.50 -31.29 -85.19
C ILE S 872 -1.08 -31.83 -85.29
N PRO S 873 -0.63 -32.43 -84.20
CA PRO S 873 0.70 -32.98 -84.11
C PRO S 873 0.89 -34.25 -84.90
N PHE S 874 2.09 -34.39 -85.46
CA PHE S 874 2.40 -35.58 -86.24
C PHE S 874 2.99 -36.62 -85.29
N SER S 875 2.14 -37.01 -84.34
CA SER S 875 2.46 -38.00 -83.32
C SER S 875 1.41 -39.10 -83.27
N SER S 876 1.87 -40.35 -83.16
CA SER S 876 0.98 -41.50 -83.12
C SER S 876 -0.19 -41.42 -82.15
N ASN S 877 0.02 -40.76 -81.01
CA ASN S 877 -1.04 -40.64 -80.02
C ASN S 877 -1.37 -39.18 -79.73
N PHE S 878 -0.93 -38.31 -80.64
CA PHE S 878 -1.13 -36.88 -80.55
C PHE S 878 -0.37 -36.25 -79.40
N MET S 879 0.31 -37.08 -78.61
CA MET S 879 1.04 -36.55 -77.47
C MET S 879 2.43 -36.07 -77.82
N SER S 880 2.97 -35.28 -76.89
CA SER S 880 4.30 -34.75 -77.01
C SER S 880 5.25 -35.67 -76.28
N MET S 881 6.05 -36.38 -77.05
CA MET S 881 7.01 -37.33 -76.52
C MET S 881 8.42 -36.98 -76.96
N GLY S 882 8.56 -35.76 -77.49
CA GLY S 882 9.85 -35.28 -77.97
C GLY S 882 9.71 -34.44 -79.24
N ALA S 883 10.61 -33.48 -79.38
CA ALA S 883 10.62 -32.60 -80.53
C ALA S 883 10.57 -33.41 -81.82
N LEU S 884 11.42 -34.43 -81.87
CA LEU S 884 11.51 -35.31 -83.01
C LEU S 884 10.53 -36.45 -82.76
N THR S 885 9.34 -36.29 -83.35
CA THR S 885 8.23 -37.20 -83.21
C THR S 885 8.46 -38.63 -83.69
N ASP S 886 7.59 -39.54 -83.23
CA ASP S 886 7.69 -40.93 -83.60
C ASP S 886 7.37 -41.15 -85.07
N LEU S 887 6.37 -40.43 -85.57
CA LEU S 887 5.98 -40.53 -86.96
C LEU S 887 7.03 -39.90 -87.87
N GLY S 888 7.53 -38.75 -87.44
CA GLY S 888 8.54 -38.05 -88.19
C GLY S 888 9.78 -38.90 -88.39
N GLN S 889 9.89 -39.97 -87.62
CA GLN S 889 11.05 -40.84 -87.74
C GLN S 889 10.76 -42.24 -88.30
N ASN S 890 9.51 -42.42 -88.74
CA ASN S 890 9.03 -43.67 -89.33
C ASN S 890 9.66 -43.91 -90.69
N LEU S 891 10.09 -45.15 -90.91
CA LEU S 891 10.72 -45.51 -92.17
C LEU S 891 9.83 -45.17 -93.35
N LEU S 892 8.53 -45.32 -93.15
CA LEU S 892 7.61 -45.03 -94.22
C LEU S 892 7.66 -43.56 -94.64
N TYR S 893 8.13 -42.69 -93.75
CA TYR S 893 8.22 -41.29 -94.13
C TYR S 893 9.62 -40.89 -94.55
N ALA S 894 10.58 -41.79 -94.36
CA ALA S 894 11.97 -41.55 -94.71
C ALA S 894 12.40 -42.25 -96.00
N ASN S 895 12.01 -43.51 -96.12
CA ASN S 895 12.35 -44.31 -97.28
C ASN S 895 11.66 -43.84 -98.54
N SER S 896 10.77 -42.85 -98.41
CA SER S 896 10.09 -42.40 -99.61
C SER S 896 9.38 -41.06 -99.48
N ALA S 897 9.11 -40.50 -100.65
CA ALA S 897 8.42 -39.23 -100.78
C ALA S 897 6.93 -39.44 -100.86
N HIS S 898 6.20 -38.47 -100.33
CA HIS S 898 4.77 -38.52 -100.33
C HIS S 898 4.17 -37.18 -100.72
N ALA S 899 2.97 -37.25 -101.27
CA ALA S 899 2.24 -36.06 -101.66
C ALA S 899 1.20 -35.83 -100.59
N LEU S 900 0.82 -34.58 -100.37
CA LEU S 900 -0.16 -34.33 -99.33
C LEU S 900 -1.31 -33.45 -99.77
N ASP S 901 -2.51 -33.85 -99.38
CA ASP S 901 -3.71 -33.11 -99.69
C ASP S 901 -4.45 -32.78 -98.42
N MET S 902 -4.85 -31.52 -98.31
CA MET S 902 -5.58 -31.04 -97.16
C MET S 902 -6.84 -30.33 -97.61
N THR S 903 -7.91 -30.54 -96.87
CA THR S 903 -9.16 -29.91 -97.20
C THR S 903 -9.79 -29.28 -95.97
N PHE S 904 -9.86 -27.96 -96.01
CA PHE S 904 -10.43 -27.21 -94.92
C PHE S 904 -11.83 -26.73 -95.25
N GLU S 905 -12.67 -26.78 -94.23
CA GLU S 905 -14.03 -26.32 -94.35
C GLU S 905 -14.23 -25.21 -93.33
N VAL S 906 -14.56 -24.02 -93.82
CA VAL S 906 -14.72 -22.90 -92.93
C VAL S 906 -16.05 -22.20 -93.09
N ASP S 907 -16.37 -21.37 -92.10
CA ASP S 907 -17.59 -20.61 -92.14
C ASP S 907 -17.36 -19.53 -93.18
N PRO S 908 -18.41 -19.15 -93.91
CA PRO S 908 -18.25 -18.14 -94.92
C PRO S 908 -18.14 -16.75 -94.35
N MET S 909 -17.27 -15.96 -94.97
CA MET S 909 -17.05 -14.58 -94.58
C MET S 909 -17.20 -13.70 -95.80
N ASP S 910 -17.89 -12.59 -95.63
CA ASP S 910 -18.14 -11.67 -96.73
C ASP S 910 -16.92 -10.87 -97.15
N GLU S 911 -15.74 -11.34 -96.80
CA GLU S 911 -14.53 -10.64 -97.17
C GLU S 911 -13.37 -11.57 -97.44
N PRO S 912 -12.45 -11.15 -98.30
CA PRO S 912 -11.32 -12.00 -98.59
C PRO S 912 -10.50 -12.28 -97.34
N THR S 913 -10.22 -13.57 -97.13
CA THR S 913 -9.46 -13.99 -95.99
C THR S 913 -8.34 -14.92 -96.40
N LEU S 914 -7.57 -15.38 -95.42
CA LEU S 914 -6.49 -16.28 -95.69
C LEU S 914 -6.46 -17.42 -94.71
N LEU S 915 -6.10 -18.58 -95.22
CA LEU S 915 -5.95 -19.76 -94.39
C LEU S 915 -4.46 -19.84 -94.16
N TYR S 916 -4.06 -19.64 -92.90
CA TYR S 916 -2.66 -19.64 -92.56
C TYR S 916 -2.19 -20.98 -92.00
N VAL S 917 -1.33 -21.66 -92.75
CA VAL S 917 -0.84 -22.95 -92.33
C VAL S 917 0.65 -22.97 -91.97
N LEU S 918 0.93 -23.49 -90.78
CA LEU S 918 2.28 -23.61 -90.29
C LEU S 918 2.67 -25.06 -90.40
N PHE S 919 3.71 -25.34 -91.17
CA PHE S 919 4.17 -26.70 -91.30
C PHE S 919 5.33 -26.82 -90.32
N GLU S 920 5.07 -27.48 -89.19
CA GLU S 920 6.08 -27.66 -88.17
C GLU S 920 7.26 -28.51 -88.58
N VAL S 921 8.45 -27.93 -88.46
CA VAL S 921 9.70 -28.58 -88.82
C VAL S 921 10.84 -28.12 -87.94
N PHE S 922 12.02 -28.51 -88.39
CA PHE S 922 13.25 -28.14 -87.74
C PHE S 922 13.91 -27.07 -88.59
N ASP S 923 14.12 -25.92 -87.97
CA ASP S 923 14.75 -24.77 -88.58
C ASP S 923 15.98 -24.49 -87.73
N VAL S 924 17.10 -25.05 -88.17
CA VAL S 924 18.34 -24.95 -87.42
C VAL S 924 19.55 -24.41 -88.15
N VAL S 925 20.48 -23.95 -87.32
CA VAL S 925 21.76 -23.40 -87.71
C VAL S 925 22.86 -23.92 -86.81
N ARG S 926 24.02 -24.12 -87.41
CA ARG S 926 25.23 -24.52 -86.72
C ARG S 926 26.28 -23.47 -87.02
N VAL S 927 26.82 -22.85 -85.97
CA VAL S 927 27.80 -21.81 -86.14
C VAL S 927 29.23 -22.25 -85.87
N HIS S 928 30.08 -21.99 -86.87
CA HIS S 928 31.49 -22.32 -86.81
C HIS S 928 32.33 -21.06 -86.82
N ARG S 929 33.29 -20.97 -85.89
CA ARG S 929 34.14 -19.80 -85.80
C ARG S 929 35.61 -20.16 -85.69
N PRO S 930 36.11 -20.82 -86.72
CA PRO S 930 37.48 -21.31 -86.83
C PRO S 930 38.59 -20.29 -86.56
N HIS S 931 38.43 -19.06 -87.03
CA HIS S 931 39.46 -18.06 -86.82
C HIS S 931 38.94 -16.66 -86.58
N ARG S 932 39.86 -15.80 -86.10
CA ARG S 932 39.58 -14.42 -85.83
C ARG S 932 38.84 -13.79 -87.00
N GLY S 933 37.68 -13.18 -86.72
CA GLY S 933 36.89 -12.53 -87.73
C GLY S 933 36.36 -13.44 -88.84
N VAL S 934 36.03 -14.66 -88.47
CA VAL S 934 35.50 -15.64 -89.42
C VAL S 934 34.30 -16.39 -88.86
N ILE S 935 33.14 -16.16 -89.49
CA ILE S 935 31.91 -16.81 -89.10
C ILE S 935 31.31 -17.62 -90.23
N GLU S 936 31.27 -18.93 -90.06
CA GLU S 936 30.70 -19.80 -91.06
C GLU S 936 29.45 -20.46 -90.51
N THR S 937 28.39 -20.50 -91.31
CA THR S 937 27.15 -21.09 -90.84
C THR S 937 26.62 -22.20 -91.73
N VAL S 938 25.89 -23.09 -91.10
CA VAL S 938 25.27 -24.18 -91.81
C VAL S 938 23.79 -24.22 -91.47
N TYR S 939 22.97 -23.85 -92.43
CA TYR S 939 21.53 -23.87 -92.21
C TYR S 939 20.92 -25.15 -92.73
N LEU S 940 19.96 -25.64 -92.00
CA LEU S 940 19.25 -26.85 -92.37
C LEU S 940 17.80 -26.75 -91.92
N ARG S 941 16.90 -26.86 -92.87
CA ARG S 941 15.47 -26.80 -92.58
C ARG S 941 14.75 -28.02 -93.08
N THR S 942 14.34 -28.89 -92.18
CA THR S 942 13.62 -30.09 -92.58
C THR S 942 12.46 -30.44 -91.69
N PRO S 943 11.38 -30.87 -92.34
CA PRO S 943 11.37 -30.95 -93.79
C PRO S 943 11.29 -29.57 -94.44
N PHE S 944 10.89 -29.52 -95.70
CA PHE S 944 10.79 -28.25 -96.42
C PHE S 944 12.12 -27.52 -96.50
N SER S 945 13.12 -28.18 -97.08
CA SER S 945 14.44 -27.57 -97.21
C SER S 945 14.36 -26.38 -98.16
N ALA S 946 15.13 -25.33 -97.83
CA ALA S 946 15.15 -24.13 -98.65
C ALA S 946 16.18 -24.27 -99.75
N MET T 5 84.02 30.30 23.92
CA MET T 5 83.85 29.19 23.00
C MET T 5 83.41 27.90 23.69
N MET T 6 83.75 26.80 23.04
CA MET T 6 83.45 25.45 23.48
C MET T 6 82.68 25.25 24.80
N PRO T 7 83.42 25.08 25.90
CA PRO T 7 82.89 24.82 27.24
C PRO T 7 81.52 25.39 27.60
N GLN T 8 81.43 26.70 27.75
CA GLN T 8 80.14 27.26 28.11
C GLN T 8 79.06 26.88 27.11
N TRP T 9 79.43 26.90 25.84
CA TRP T 9 78.50 26.56 24.77
C TRP T 9 77.84 25.21 24.92
N SER T 10 78.64 24.16 25.15
CA SER T 10 78.07 22.83 25.31
C SER T 10 77.27 22.70 26.59
N TYR T 11 77.83 23.27 27.66
CA TYR T 11 77.18 23.23 28.96
C TYR T 11 75.80 23.89 28.92
N MET T 12 75.74 25.06 28.28
CA MET T 12 74.51 25.82 28.16
C MET T 12 73.65 25.36 26.99
N HIS T 13 74.18 24.42 26.22
CA HIS T 13 73.49 23.85 25.08
C HIS T 13 73.37 24.80 23.90
N ILE T 14 74.23 25.81 23.89
CA ILE T 14 74.23 26.76 22.80
C ILE T 14 74.68 26.02 21.55
N SER T 15 75.46 24.98 21.81
CA SER T 15 76.02 24.09 20.82
C SER T 15 76.16 22.70 21.40
N GLY T 16 76.64 21.75 20.62
CA GLY T 16 76.81 20.39 21.10
C GLY T 16 75.69 19.44 20.70
N GLN T 17 75.41 18.50 21.60
CA GLN T 17 74.40 17.47 21.40
C GLN T 17 72.96 17.92 21.59
N ASP T 18 72.08 17.09 21.02
CA ASP T 18 70.65 17.26 21.09
C ASP T 18 70.16 16.58 22.36
N ALA T 19 69.02 17.03 22.88
CA ALA T 19 68.48 16.44 24.08
C ALA T 19 68.48 14.92 24.06
N SER T 20 68.18 14.35 22.89
CA SER T 20 68.15 12.91 22.74
C SER T 20 69.49 12.24 23.00
N GLU T 21 70.57 12.98 22.78
CA GLU T 21 71.89 12.45 23.01
C GLU T 21 72.46 12.84 24.36
N TYR T 22 72.13 14.04 24.83
CA TYR T 22 72.66 14.49 26.10
C TYR T 22 71.90 13.99 27.32
N LEU T 23 70.58 13.81 27.20
CA LEU T 23 69.81 13.32 28.32
C LEU T 23 70.09 11.84 28.54
N SER T 24 69.76 11.35 29.72
CA SER T 24 69.94 9.94 29.99
C SER T 24 68.94 9.15 29.18
N PRO T 25 69.31 7.92 28.82
CA PRO T 25 68.46 7.07 28.03
C PRO T 25 67.11 6.73 28.68
N GLY T 26 67.11 6.56 30.00
CA GLY T 26 65.87 6.24 30.68
C GLY T 26 64.85 7.35 30.52
N LEU T 27 65.34 8.58 30.68
CA LEU T 27 64.53 9.78 30.56
C LEU T 27 64.00 9.94 29.13
N VAL T 28 64.88 9.73 28.16
CA VAL T 28 64.50 9.83 26.77
C VAL T 28 63.35 8.88 26.48
N GLN T 29 63.54 7.65 26.95
CA GLN T 29 62.55 6.60 26.78
C GLN T 29 61.25 7.03 27.41
N PHE T 30 61.34 7.43 28.67
CA PHE T 30 60.20 7.88 29.43
C PHE T 30 59.49 9.02 28.72
N ALA T 31 60.27 10.00 28.27
CA ALA T 31 59.73 11.14 27.56
C ALA T 31 58.90 10.71 26.38
N ARG T 32 59.46 9.81 25.58
CA ARG T 32 58.79 9.32 24.40
C ARG T 32 57.50 8.60 24.72
N ALA T 33 57.49 7.87 25.82
CA ALA T 33 56.32 7.12 26.23
C ALA T 33 55.20 7.96 26.82
N THR T 34 55.56 9.05 27.51
CA THR T 34 54.59 9.93 28.14
C THR T 34 54.09 11.07 27.25
N GLU T 35 54.81 11.31 26.17
CA GLU T 35 54.52 12.36 25.21
C GLU T 35 53.06 12.80 25.06
N THR T 36 52.17 11.89 24.68
CA THR T 36 50.78 12.25 24.46
C THR T 36 50.00 12.69 25.67
N TYR T 37 50.50 12.42 26.88
CA TYR T 37 49.75 12.82 28.05
C TYR T 37 50.45 13.76 29.00
N PHE T 38 51.76 13.87 28.86
CA PHE T 38 52.54 14.74 29.71
C PHE T 38 53.87 14.99 29.05
N SER T 39 54.03 16.17 28.46
CA SER T 39 55.25 16.49 27.75
C SER T 39 56.41 17.19 28.47
N LEU T 40 57.61 16.70 28.15
CA LEU T 40 58.88 17.15 28.69
C LEU T 40 59.75 17.81 27.62
N ASN T 41 59.27 17.78 26.38
CA ASN T 41 60.01 18.34 25.27
C ASN T 41 60.45 19.80 25.42
N ASN T 42 59.57 20.66 25.90
CA ASN T 42 59.94 22.06 26.00
C ASN T 42 60.82 22.45 27.19
N LYS T 43 61.39 21.47 27.89
CA LYS T 43 62.24 21.84 29.01
C LYS T 43 63.70 21.49 28.82
N PHE T 44 64.03 21.05 27.61
CA PHE T 44 65.38 20.67 27.25
C PHE T 44 65.75 21.31 25.92
N ARG T 45 66.73 22.18 25.92
CA ARG T 45 67.11 22.82 24.68
C ARG T 45 67.92 21.99 23.71
N ASN T 46 67.62 22.24 22.44
CA ASN T 46 68.25 21.61 21.30
C ASN T 46 68.91 22.66 20.44
N PRO T 47 70.24 22.65 20.47
CA PRO T 47 71.04 23.59 19.73
C PRO T 47 70.90 23.43 18.22
N THR T 48 71.09 24.54 17.52
CA THR T 48 71.07 24.61 16.06
C THR T 48 72.28 25.43 15.66
N VAL T 49 73.20 24.75 15.01
CA VAL T 49 74.44 25.35 14.60
C VAL T 49 74.62 25.45 13.10
N ALA T 50 74.86 26.67 12.63
CA ALA T 50 75.08 26.84 11.22
C ALA T 50 76.44 26.28 10.80
N PRO T 51 76.53 25.88 9.55
CA PRO T 51 77.76 25.34 9.01
C PRO T 51 78.78 26.45 8.90
N THR T 52 80.06 26.13 9.07
CA THR T 52 81.10 27.13 9.01
C THR T 52 81.99 27.12 7.78
N HIS T 53 81.85 26.10 6.93
CA HIS T 53 82.69 26.03 5.75
C HIS T 53 81.99 25.45 4.54
N ASP T 54 82.52 25.78 3.36
CA ASP T 54 82.01 25.29 2.09
C ASP T 54 80.60 25.73 1.73
N VAL T 55 80.21 26.91 2.15
CA VAL T 55 78.87 27.38 1.83
C VAL T 55 78.94 28.74 1.14
N THR T 56 79.57 29.67 1.85
CA THR T 56 79.73 31.03 1.39
C THR T 56 81.17 31.40 1.13
N THR T 57 81.37 32.44 0.32
CA THR T 57 82.69 32.92 -0.01
C THR T 57 83.23 33.86 1.04
N ASP T 58 84.54 33.96 1.05
CA ASP T 58 85.26 34.82 1.96
C ASP T 58 85.72 35.99 1.11
N ARG T 59 85.70 35.70 -0.18
CA ARG T 59 86.11 36.64 -1.20
C ARG T 59 85.10 37.73 -1.49
N SER T 60 85.62 38.80 -2.09
CA SER T 60 84.85 39.95 -2.50
C SER T 60 83.92 39.52 -3.63
N GLN T 61 82.64 39.87 -3.52
CA GLN T 61 81.69 39.47 -4.54
C GLN T 61 80.34 40.14 -4.33
N ARG T 62 79.80 40.69 -5.41
CA ARG T 62 78.51 41.35 -5.37
C ARG T 62 77.39 40.32 -5.30
N LEU T 63 76.29 40.66 -4.64
CA LEU T 63 75.18 39.75 -4.55
C LEU T 63 74.30 39.95 -5.77
N THR T 64 74.18 41.23 -6.12
CA THR T 64 73.38 41.64 -7.24
C THR T 64 74.18 42.42 -8.28
N LEU T 65 73.97 42.05 -9.53
CA LEU T 65 74.60 42.69 -10.66
C LEU T 65 73.54 43.30 -11.55
N ARG T 66 73.91 44.39 -12.18
CA ARG T 66 73.00 45.02 -13.09
C ARG T 66 73.65 45.17 -14.44
N PHE T 67 72.89 44.80 -15.46
CA PHE T 67 73.35 44.85 -16.82
C PHE T 67 72.64 45.89 -17.65
N ILE T 68 73.45 46.60 -18.42
CA ILE T 68 72.96 47.63 -19.32
C ILE T 68 72.80 47.02 -20.69
N PRO T 69 71.80 47.48 -21.46
CA PRO T 69 71.62 46.89 -22.77
C PRO T 69 72.75 47.25 -23.71
N VAL T 70 73.15 46.24 -24.45
CA VAL T 70 74.21 46.28 -25.43
C VAL T 70 73.71 46.85 -26.74
N ASP T 71 72.43 46.60 -26.99
CA ASP T 71 71.72 47.06 -28.16
C ASP T 71 70.25 47.25 -27.83
N ARG T 72 69.72 48.38 -28.25
CA ARG T 72 68.32 48.70 -28.01
C ARG T 72 67.67 49.17 -29.29
N GLU T 73 66.40 48.84 -29.45
CA GLU T 73 65.68 49.24 -30.64
C GLU T 73 64.24 49.57 -30.36
N ASP T 74 64.00 50.87 -30.19
CA ASP T 74 62.67 51.41 -29.95
C ASP T 74 61.95 51.53 -31.28
N THR T 75 60.96 50.65 -31.51
CA THR T 75 60.21 50.62 -32.75
C THR T 75 58.76 51.12 -32.65
N ALA T 76 58.00 51.04 -33.74
CA ALA T 76 56.62 51.49 -33.81
C ALA T 76 55.69 50.90 -32.75
N TYR T 77 55.69 49.56 -32.62
CA TYR T 77 54.82 48.92 -31.64
C TYR T 77 55.57 48.00 -30.68
N SER T 78 56.90 48.06 -30.72
CA SER T 78 57.68 47.22 -29.86
C SER T 78 59.03 47.79 -29.46
N TYR T 79 59.66 47.07 -28.54
CA TYR T 79 60.94 47.42 -27.98
C TYR T 79 61.80 46.18 -27.82
N LYS T 80 63.02 46.26 -28.34
CA LYS T 80 63.97 45.17 -28.29
C LYS T 80 65.17 45.53 -27.42
N ALA T 81 65.49 44.66 -26.47
CA ALA T 81 66.63 44.92 -25.60
C ALA T 81 67.59 43.74 -25.58
N ARG T 82 68.86 44.04 -25.80
CA ARG T 82 69.85 42.99 -25.81
C ARG T 82 70.90 43.17 -24.73
N PHE T 83 71.13 42.10 -23.99
CA PHE T 83 72.11 42.14 -22.94
C PHE T 83 73.11 41.02 -23.05
N THR T 84 74.20 41.22 -22.35
CA THR T 84 75.27 40.27 -22.24
C THR T 84 75.26 39.77 -20.82
N LEU T 85 74.44 38.76 -20.58
CA LEU T 85 74.32 38.17 -19.27
C LEU T 85 75.58 37.39 -18.99
N ALA T 86 76.41 37.88 -18.06
CA ALA T 86 77.63 37.19 -17.77
C ALA T 86 77.69 36.51 -16.41
N VAL T 87 77.96 35.20 -16.45
CA VAL T 87 78.10 34.38 -15.27
C VAL T 87 79.57 34.08 -15.05
N GLY T 88 80.13 34.77 -14.07
CA GLY T 88 81.53 34.62 -13.77
C GLY T 88 81.88 33.23 -13.25
N ASP T 89 83.19 32.98 -13.29
CA ASP T 89 83.76 31.75 -12.83
C ASP T 89 83.54 31.57 -11.35
N ASN T 90 83.25 30.34 -10.95
CA ASN T 90 83.02 30.05 -9.55
C ASN T 90 81.68 30.62 -9.11
N ARG T 91 80.77 30.69 -10.07
CA ARG T 91 79.44 31.21 -9.83
C ARG T 91 78.39 30.44 -10.58
N VAL T 92 77.21 30.50 -10.01
CA VAL T 92 76.03 29.89 -10.58
C VAL T 92 74.89 30.87 -10.43
N LEU T 93 74.02 30.89 -11.44
CA LEU T 93 72.91 31.83 -11.42
C LEU T 93 71.56 31.17 -11.64
N ASP T 94 70.65 31.42 -10.72
CA ASP T 94 69.31 30.88 -10.80
C ASP T 94 68.43 31.90 -11.54
N MET T 95 68.07 31.54 -12.77
CA MET T 95 67.26 32.39 -13.61
C MET T 95 66.04 32.99 -12.93
N ALA T 96 65.48 32.26 -11.98
CA ALA T 96 64.32 32.75 -11.28
C ALA T 96 64.62 34.07 -10.59
N SER T 97 65.91 34.30 -10.35
CA SER T 97 66.32 35.52 -9.68
C SER T 97 66.62 36.69 -10.60
N THR T 98 66.21 36.59 -11.86
CA THR T 98 66.43 37.69 -12.80
C THR T 98 65.14 38.41 -13.13
N TYR T 99 65.27 39.64 -13.59
CA TYR T 99 64.12 40.44 -13.95
C TYR T 99 64.54 41.70 -14.68
N PHE T 100 63.63 42.20 -15.50
CA PHE T 100 63.89 43.41 -16.27
C PHE T 100 63.37 44.63 -15.54
N ASP T 101 64.29 45.50 -15.14
CA ASP T 101 63.95 46.72 -14.44
C ASP T 101 63.61 47.77 -15.48
N ILE T 102 62.37 48.25 -15.48
CA ILE T 102 61.96 49.22 -16.48
C ILE T 102 61.48 50.55 -15.94
N ARG T 103 61.92 51.61 -16.61
CA ARG T 103 61.53 52.96 -16.27
C ARG T 103 61.01 53.65 -17.52
N GLY T 104 59.90 54.35 -17.37
CA GLY T 104 59.31 55.04 -18.50
C GLY T 104 58.21 55.96 -18.03
N VAL T 105 57.46 56.48 -18.99
CA VAL T 105 56.36 57.37 -18.68
C VAL T 105 55.07 56.84 -19.25
N LEU T 106 54.02 57.04 -18.49
CA LEU T 106 52.73 56.58 -18.94
C LEU T 106 51.64 57.61 -18.73
N ASP T 107 50.82 57.78 -19.76
CA ASP T 107 49.69 58.68 -19.71
C ASP T 107 48.45 57.85 -19.86
N ARG T 108 47.70 57.71 -18.76
CA ARG T 108 46.49 56.94 -18.78
C ARG T 108 45.41 57.56 -19.64
N GLY T 109 45.66 58.79 -20.07
CA GLY T 109 44.69 59.47 -20.91
C GLY T 109 43.59 60.12 -20.10
N PRO T 110 42.67 60.76 -20.81
CA PRO T 110 41.56 61.46 -20.21
C PRO T 110 40.43 60.60 -19.71
N THR T 111 40.35 59.34 -20.16
CA THR T 111 39.26 58.49 -19.73
C THR T 111 39.48 57.78 -18.40
N PHE T 112 40.64 57.99 -17.80
CA PHE T 112 40.98 57.39 -16.53
C PHE T 112 40.29 58.13 -15.39
N LYS T 113 39.52 57.38 -14.60
CA LYS T 113 38.80 57.94 -13.46
C LYS T 113 38.75 56.92 -12.33
N PRO T 114 39.79 56.97 -11.49
CA PRO T 114 39.97 56.07 -10.38
C PRO T 114 38.99 56.19 -9.24
N TYR T 115 37.72 56.50 -9.53
CA TYR T 115 36.76 56.63 -8.45
C TYR T 115 35.35 56.87 -8.93
N SER T 116 34.42 56.71 -8.00
CA SER T 116 33.01 56.92 -8.24
C SER T 116 32.57 58.26 -7.66
N GLY T 117 31.55 58.88 -8.25
CA GLY T 117 31.08 60.15 -7.75
C GLY T 117 31.92 61.32 -8.26
N THR T 118 31.82 62.45 -7.55
CA THR T 118 32.52 63.67 -7.87
C THR T 118 33.48 64.08 -6.79
N ALA T 119 34.36 64.99 -7.18
CA ALA T 119 35.31 65.57 -6.27
C ALA T 119 34.83 66.97 -5.94
N TYR T 120 33.79 67.41 -6.68
CA TYR T 120 33.24 68.76 -6.54
C TYR T 120 31.76 68.88 -6.22
N ASN T 121 31.49 69.55 -5.08
CA ASN T 121 30.13 69.79 -4.61
C ASN T 121 29.30 68.53 -4.56
N ALA T 122 29.87 67.50 -3.93
CA ALA T 122 29.22 66.21 -3.79
C ALA T 122 27.94 66.26 -2.99
N LEU T 123 27.83 67.20 -2.06
CA LEU T 123 26.63 67.30 -1.24
C LEU T 123 25.49 68.07 -1.88
N ALA T 124 25.81 68.80 -2.95
CA ALA T 124 24.81 69.59 -3.64
C ALA T 124 23.81 68.74 -4.42
N PRO T 125 22.53 69.07 -4.31
CA PRO T 125 21.54 68.31 -5.06
C PRO T 125 21.91 68.33 -6.53
N LYS T 126 21.76 67.18 -7.18
CA LYS T 126 22.09 66.98 -8.58
C LYS T 126 21.46 67.93 -9.60
N GLY T 127 20.43 68.68 -9.21
CA GLY T 127 19.76 69.60 -10.11
C GLY T 127 19.90 71.06 -9.69
N ALA T 128 20.35 71.27 -8.46
CA ALA T 128 20.54 72.60 -7.93
C ALA T 128 21.56 73.33 -8.79
N PRO T 129 21.28 74.60 -9.08
CA PRO T 129 22.17 75.36 -9.92
C PRO T 129 23.04 76.32 -9.13
N ASN T 130 24.11 76.75 -9.77
CA ASN T 130 25.02 77.71 -9.18
C ASN T 130 24.35 79.07 -9.34
N PRO T 131 24.61 80.00 -8.44
CA PRO T 131 23.99 81.30 -8.58
C PRO T 131 24.38 81.88 -9.93
N CYS T 132 23.40 82.09 -10.80
CA CYS T 132 23.69 82.59 -12.13
C CYS T 132 22.86 83.79 -12.58
N GLU T 133 23.12 84.20 -13.83
CA GLU T 133 22.46 85.32 -14.49
C GLU T 133 22.23 84.99 -15.97
N TRP T 134 21.12 85.46 -16.51
CA TRP T 134 20.81 85.24 -17.91
C TRP T 134 19.96 86.34 -18.53
N ASP T 135 19.80 86.27 -19.85
CA ASP T 135 19.03 87.25 -20.58
C ASP T 135 17.63 86.75 -20.88
N THR T 165 18.01 90.95 -18.30
CA THR T 165 18.98 90.17 -17.56
C THR T 165 18.45 89.79 -16.17
N HIS T 166 18.25 88.49 -15.98
CA HIS T 166 17.76 87.98 -14.72
C HIS T 166 18.85 87.44 -13.81
N VAL T 167 18.49 87.37 -12.55
CA VAL T 167 19.38 86.87 -11.53
C VAL T 167 18.70 85.86 -10.65
N PHE T 168 19.46 84.84 -10.33
CA PHE T 168 19.08 83.75 -9.46
C PHE T 168 20.30 83.50 -8.59
N GLY T 169 20.24 83.96 -7.35
CA GLY T 169 21.38 83.79 -6.47
C GLY T 169 21.06 83.67 -4.99
N GLN T 170 22.12 83.87 -4.22
CA GLN T 170 22.10 83.80 -2.77
C GLN T 170 23.11 84.76 -2.15
N ALA T 171 22.73 85.36 -1.03
CA ALA T 171 23.56 86.29 -0.29
C ALA T 171 23.56 85.83 1.16
N PRO T 172 24.58 85.05 1.52
CA PRO T 172 24.69 84.48 2.84
C PRO T 172 25.49 85.30 3.83
N TYR T 173 26.30 86.21 3.31
CA TYR T 173 27.11 87.04 4.18
C TYR T 173 26.37 88.25 4.73
N SER T 174 26.37 88.38 6.06
CA SER T 174 25.74 89.50 6.71
C SER T 174 26.78 90.54 7.11
N GLY T 175 26.71 91.70 6.45
CA GLY T 175 27.64 92.79 6.69
C GLY T 175 27.08 93.89 7.59
N ILE T 176 27.89 94.92 7.77
CA ILE T 176 27.52 96.05 8.60
C ILE T 176 26.64 97.03 7.86
N ASN T 177 27.04 97.34 6.62
CA ASN T 177 26.31 98.26 5.77
C ASN T 177 26.77 98.17 4.33
N ILE T 178 25.89 98.55 3.41
CA ILE T 178 26.20 98.53 1.99
C ILE T 178 26.32 99.93 1.40
N THR T 179 27.52 100.26 0.94
CA THR T 179 27.76 101.57 0.35
C THR T 179 28.00 101.40 -1.14
N LYS T 180 28.51 102.44 -1.77
CA LYS T 180 28.78 102.37 -3.19
C LYS T 180 30.11 101.68 -3.43
N GLU T 181 30.82 101.47 -2.32
CA GLU T 181 32.11 100.80 -2.34
C GLU T 181 31.98 99.31 -2.08
N GLY T 182 30.73 98.86 -1.94
CA GLY T 182 30.45 97.46 -1.69
C GLY T 182 29.92 97.24 -0.29
N ILE T 183 30.28 96.10 0.30
CA ILE T 183 29.83 95.77 1.64
C ILE T 183 30.91 95.94 2.69
N GLN T 184 30.56 96.64 3.77
CA GLN T 184 31.46 96.89 4.87
C GLN T 184 31.62 95.64 5.72
N ILE T 185 32.84 95.31 6.11
CA ILE T 185 33.09 94.12 6.89
C ILE T 185 33.89 94.38 8.15
N GLY T 186 34.09 95.67 8.43
CA GLY T 186 34.83 96.07 9.61
C GLY T 186 34.92 97.58 9.67
N LYS T 193 36.29 99.78 6.20
CA LYS T 193 36.77 98.40 6.04
C LYS T 193 35.84 97.60 5.14
N TYR T 194 35.91 97.90 3.85
CA TYR T 194 35.10 97.21 2.85
C TYR T 194 35.75 95.92 2.37
N ALA T 195 34.93 95.08 1.74
CA ALA T 195 35.39 93.80 1.23
C ALA T 195 36.25 93.84 -0.02
N ASP T 196 37.20 92.90 -0.06
CA ASP T 196 38.10 92.75 -1.19
C ASP T 196 37.40 91.91 -2.24
N LYS T 197 36.91 92.59 -3.26
CA LYS T 197 36.19 91.97 -4.37
C LYS T 197 36.80 90.71 -4.95
N THR T 198 38.12 90.62 -4.98
CA THR T 198 38.76 89.46 -5.54
C THR T 198 38.38 88.15 -4.86
N PHE T 199 38.05 88.22 -3.58
CA PHE T 199 37.71 87.01 -2.87
C PHE T 199 36.61 87.14 -1.84
N GLN T 200 36.29 88.37 -1.47
CA GLN T 200 35.24 88.58 -0.49
C GLN T 200 33.96 89.07 -1.13
N PRO T 201 32.83 88.52 -0.67
CA PRO T 201 32.81 87.53 0.39
C PRO T 201 33.13 86.13 -0.11
N GLU T 202 33.42 85.25 0.82
CA GLU T 202 33.75 83.87 0.50
C GLU T 202 32.50 83.01 0.59
N PRO T 203 32.15 82.32 -0.50
CA PRO T 203 30.96 81.50 -0.51
C PRO T 203 30.84 80.56 0.67
N GLN T 204 31.98 80.19 1.24
CA GLN T 204 32.03 79.28 2.37
C GLN T 204 31.40 79.81 3.64
N ILE T 205 31.43 81.13 3.77
CA ILE T 205 30.93 81.83 4.94
C ILE T 205 29.43 82.18 4.88
N GLY T 206 28.76 81.90 6.00
CA GLY T 206 27.35 82.18 6.23
C GLY T 206 27.11 82.48 7.71
N GLU T 207 25.83 82.59 8.10
CA GLU T 207 25.50 82.87 9.49
C GLU T 207 25.54 81.60 10.35
N SER T 208 25.97 81.76 11.60
CA SER T 208 26.12 80.67 12.54
C SER T 208 24.83 80.13 13.16
N GLN T 209 23.87 81.01 13.42
CA GLN T 209 22.61 80.60 14.01
C GLN T 209 21.68 79.83 13.08
N TRP T 210 20.63 79.25 13.65
CA TRP T 210 19.66 78.47 12.90
C TRP T 210 18.34 79.20 12.74
N TYR T 211 18.14 80.27 13.52
CA TYR T 211 16.92 81.04 13.47
C TYR T 211 17.08 82.35 12.72
N GLU T 212 15.97 83.07 12.64
CA GLU T 212 15.89 84.35 11.96
C GLU T 212 16.52 85.48 12.76
N THR T 213 17.56 86.08 12.18
CA THR T 213 18.25 87.18 12.81
C THR T 213 17.92 88.50 12.14
N GLU T 214 17.50 88.38 10.88
CA GLU T 214 17.13 89.53 10.07
C GLU T 214 18.33 90.27 9.53
N ILE T 215 18.80 89.81 8.36
CA ILE T 215 19.95 90.40 7.71
C ILE T 215 19.55 91.56 6.82
N ASN T 216 20.07 92.73 7.13
CA ASN T 216 19.77 93.93 6.37
C ASN T 216 20.82 94.26 5.31
N HIS T 217 22.07 93.92 5.59
CA HIS T 217 23.15 94.16 4.66
C HIS T 217 23.78 92.85 4.23
N ALA T 218 23.25 92.31 3.14
CA ALA T 218 23.72 91.04 2.63
C ALA T 218 24.61 91.13 1.42
N ALA T 219 25.53 90.18 1.37
CA ALA T 219 26.48 90.06 0.30
C ALA T 219 26.53 88.64 -0.20
N GLY T 220 26.79 88.52 -1.48
CA GLY T 220 26.88 87.25 -2.14
C GLY T 220 27.89 87.28 -3.26
N ARG T 221 27.96 86.13 -3.91
CA ARG T 221 28.82 85.86 -5.02
C ARG T 221 27.97 85.33 -6.16
N VAL T 222 28.22 85.79 -7.38
CA VAL T 222 27.40 85.30 -8.48
C VAL T 222 28.16 85.24 -9.78
N LEU T 223 27.69 84.37 -10.67
CA LEU T 223 28.28 84.21 -11.97
C LEU T 223 27.57 85.04 -13.04
N LYS T 224 28.36 85.72 -13.86
CA LYS T 224 27.85 86.54 -14.94
C LYS T 224 27.25 85.68 -16.02
N LYS T 225 26.37 86.29 -16.80
CA LYS T 225 25.72 85.62 -17.90
C LYS T 225 26.71 85.20 -18.97
N THR T 226 27.98 85.57 -18.76
CA THR T 226 29.00 85.22 -19.72
C THR T 226 29.69 83.89 -19.39
N THR T 227 29.36 83.39 -18.21
CA THR T 227 29.87 82.12 -17.73
C THR T 227 28.78 81.07 -17.87
N PRO T 228 29.03 80.07 -18.73
CA PRO T 228 28.04 79.03 -18.94
C PRO T 228 27.49 78.45 -17.65
N MET T 229 26.20 78.13 -17.71
CA MET T 229 25.50 77.55 -16.58
C MET T 229 25.76 76.04 -16.49
N LYS T 230 26.00 75.59 -15.26
CA LYS T 230 26.27 74.19 -14.95
C LYS T 230 25.73 73.90 -13.56
N PRO T 231 25.24 72.69 -13.34
CA PRO T 231 24.75 72.39 -12.02
C PRO T 231 25.86 72.49 -10.98
N CYS T 232 25.50 72.88 -9.75
CA CYS T 232 26.48 73.02 -8.69
C CYS T 232 27.33 71.77 -8.54
N TYR T 233 26.64 70.65 -8.53
CA TYR T 233 27.24 69.33 -8.40
C TYR T 233 28.22 69.10 -9.55
N GLY T 234 29.50 68.92 -9.21
CA GLY T 234 30.54 68.67 -10.20
C GLY T 234 31.18 69.94 -10.75
N SER T 235 30.69 71.08 -10.29
CA SER T 235 31.21 72.37 -10.74
C SER T 235 32.54 72.71 -10.12
N TYR T 236 33.47 73.12 -10.98
CA TYR T 236 34.81 73.48 -10.57
C TYR T 236 35.36 74.62 -11.40
N ALA T 237 36.15 75.46 -10.74
CA ALA T 237 36.78 76.61 -11.36
C ALA T 237 38.06 76.96 -10.62
N LYS T 238 39.19 76.86 -11.33
CA LYS T 238 40.50 77.14 -10.76
C LYS T 238 40.60 78.52 -10.12
N PRO T 239 41.22 78.55 -8.93
CA PRO T 239 41.40 79.79 -8.20
C PRO T 239 42.35 80.71 -8.96
N THR T 240 42.10 82.02 -8.91
CA THR T 240 42.98 82.94 -9.61
C THR T 240 43.83 83.80 -8.68
N ASN T 241 43.68 83.56 -7.37
CA ASN T 241 44.45 84.30 -6.38
C ASN T 241 44.65 83.46 -5.14
N GLU T 242 45.74 83.72 -4.45
CA GLU T 242 46.06 82.98 -3.24
C GLU T 242 44.91 82.91 -2.24
N ASN T 243 43.88 83.72 -2.44
CA ASN T 243 42.79 83.71 -1.50
C ASN T 243 41.57 82.90 -1.89
N GLY T 244 41.68 82.12 -2.96
CA GLY T 244 40.56 81.29 -3.37
C GLY T 244 39.66 81.93 -4.41
N GLY T 245 39.84 83.21 -4.67
CA GLY T 245 39.01 83.84 -5.66
C GLY T 245 39.20 83.14 -6.99
N GLN T 246 38.12 82.92 -7.74
CA GLN T 246 38.23 82.26 -9.02
C GLN T 246 37.89 83.19 -10.17
N GLY T 247 37.80 84.47 -9.87
CA GLY T 247 37.46 85.47 -10.87
C GLY T 247 38.51 85.54 -11.96
N ILE T 248 38.06 85.49 -13.21
CA ILE T 248 38.96 85.55 -14.33
C ILE T 248 39.75 86.85 -14.37
N LEU T 249 41.03 86.73 -14.71
CA LEU T 249 41.92 87.87 -14.79
C LEU T 249 42.12 88.26 -16.24
N VAL T 250 42.02 89.56 -16.49
CA VAL T 250 42.18 90.08 -17.83
C VAL T 250 43.59 90.62 -18.01
N GLU T 258 44.27 92.49 -13.22
CA GLU T 258 43.14 92.77 -14.08
C GLU T 258 41.87 92.08 -13.61
N SER T 259 41.53 92.28 -12.33
CA SER T 259 40.33 91.66 -11.80
C SER T 259 39.12 92.32 -12.45
N GLN T 260 38.14 91.52 -12.84
CA GLN T 260 36.98 92.08 -13.50
C GLN T 260 35.67 91.96 -12.73
N VAL T 261 35.77 91.76 -11.44
CA VAL T 261 34.59 91.66 -10.60
C VAL T 261 33.79 92.95 -10.66
N GLU T 262 32.47 92.83 -10.67
CA GLU T 262 31.59 93.98 -10.73
C GLU T 262 30.39 93.81 -9.82
N MET T 263 30.26 94.70 -8.84
CA MET T 263 29.13 94.61 -7.93
C MET T 263 27.82 95.04 -8.55
N GLN T 264 26.76 94.39 -8.10
CA GLN T 264 25.41 94.67 -8.54
C GLN T 264 24.55 94.87 -7.31
N PHE T 265 23.95 96.05 -7.20
CA PHE T 265 23.13 96.34 -6.04
C PHE T 265 21.65 96.04 -6.21
N PHE T 266 21.02 95.63 -5.11
CA PHE T 266 19.61 95.28 -5.10
C PHE T 266 18.86 95.71 -3.85
N SER T 267 17.58 95.96 -4.10
CA SER T 267 16.61 96.38 -3.11
C SER T 267 15.27 95.71 -3.39
N THR T 268 14.38 95.80 -2.41
CA THR T 268 13.05 95.22 -2.50
C THR T 268 12.13 96.00 -3.42
N THR T 269 11.09 96.55 -2.82
CA THR T 269 10.10 97.34 -3.52
C THR T 269 10.05 98.74 -2.94
N ASN T 278 13.31 104.57 2.37
CA ASN T 278 13.84 105.14 1.15
C ASN T 278 14.97 104.31 0.57
N LEU T 279 14.97 104.22 -0.77
CA LEU T 279 15.94 103.47 -1.55
C LEU T 279 17.28 103.24 -0.88
N THR T 280 17.52 101.97 -0.58
CA THR T 280 18.75 101.51 0.06
C THR T 280 18.96 100.02 -0.20
N PRO T 281 19.99 99.70 -0.98
CA PRO T 281 20.30 98.33 -1.32
C PRO T 281 20.37 97.44 -0.08
N LYS T 282 19.64 96.33 -0.12
CA LYS T 282 19.63 95.39 0.98
C LYS T 282 20.65 94.30 0.73
N VAL T 283 20.94 94.12 -0.55
CA VAL T 283 21.86 93.12 -1.00
C VAL T 283 22.77 93.62 -2.12
N VAL T 284 23.97 93.06 -2.12
CA VAL T 284 24.98 93.35 -3.11
C VAL T 284 25.65 92.05 -3.49
N LEU T 285 25.82 91.84 -4.77
CA LEU T 285 26.44 90.63 -5.24
C LEU T 285 27.71 90.93 -6.00
N TYR T 286 28.69 90.06 -5.83
CA TYR T 286 29.93 90.23 -6.53
C TYR T 286 29.93 89.37 -7.78
N SER T 287 29.50 89.95 -8.89
CA SER T 287 29.43 89.23 -10.14
C SER T 287 30.78 89.02 -10.79
N GLU T 288 30.97 87.82 -11.33
CA GLU T 288 32.23 87.50 -11.97
C GLU T 288 32.12 86.36 -12.97
N ASP T 289 33.17 86.27 -13.79
CA ASP T 289 33.32 85.25 -14.79
C ASP T 289 34.42 84.30 -14.33
N VAL T 290 34.11 83.01 -14.31
CA VAL T 290 35.08 82.02 -13.89
C VAL T 290 35.33 81.01 -14.99
N ASP T 291 36.43 80.29 -14.86
CA ASP T 291 36.76 79.27 -15.82
C ASP T 291 36.07 77.98 -15.41
N ILE T 292 34.75 77.96 -15.55
CA ILE T 292 33.95 76.81 -15.16
C ILE T 292 34.20 75.55 -15.97
N GLU T 293 34.41 74.47 -15.23
CA GLU T 293 34.65 73.17 -15.80
C GLU T 293 33.88 72.11 -15.03
N THR T 294 33.81 70.93 -15.63
CA THR T 294 33.15 69.76 -15.08
C THR T 294 33.92 68.53 -15.52
N PRO T 295 35.12 68.43 -14.97
CA PRO T 295 36.06 67.37 -15.27
C PRO T 295 35.63 65.95 -14.93
N ASP T 296 34.63 65.76 -14.09
CA ASP T 296 34.27 64.39 -13.75
C ASP T 296 32.78 64.06 -13.70
N THR T 297 31.97 64.92 -14.31
CA THR T 297 30.53 64.69 -14.35
C THR T 297 30.01 65.05 -15.72
N HIS T 298 28.77 64.69 -15.97
CA HIS T 298 28.12 64.99 -17.23
C HIS T 298 26.66 65.33 -17.00
N ILE T 299 26.01 65.86 -18.04
CA ILE T 299 24.61 66.22 -17.91
C ILE T 299 23.69 65.03 -18.04
N SER T 300 22.94 64.78 -16.97
CA SER T 300 21.99 63.68 -16.94
C SER T 300 20.67 64.13 -17.52
N TYR T 301 20.52 65.45 -17.65
CA TYR T 301 19.29 66.00 -18.16
C TYR T 301 19.41 67.36 -18.82
N MET T 302 19.41 67.34 -20.15
CA MET T 302 19.49 68.55 -20.96
C MET T 302 18.06 68.98 -21.29
N PRO T 303 17.66 70.18 -20.85
CA PRO T 303 16.31 70.61 -21.13
C PRO T 303 16.13 71.20 -22.53
N THR T 304 17.23 71.59 -23.17
CA THR T 304 17.16 72.15 -24.51
C THR T 304 18.47 72.10 -25.27
N ILE T 305 18.36 71.77 -26.55
CA ILE T 305 19.52 71.71 -27.42
C ILE T 305 19.81 73.10 -27.94
N LYS T 306 19.41 74.09 -27.14
CA LYS T 306 19.58 75.48 -27.48
C LYS T 306 20.67 76.17 -26.67
N GLU T 307 21.72 76.59 -27.38
CA GLU T 307 22.84 77.26 -26.78
C GLU T 307 22.42 78.49 -26.00
N GLY T 308 23.37 79.00 -25.21
CA GLY T 308 23.16 80.18 -24.39
C GLY T 308 22.42 79.90 -23.10
N ASN T 309 22.76 80.69 -22.09
CA ASN T 309 22.16 80.60 -20.78
C ASN T 309 20.70 81.02 -20.86
N SER T 310 19.83 80.29 -20.17
CA SER T 310 18.42 80.58 -20.19
C SER T 310 17.75 80.04 -18.93
N ARG T 311 16.55 80.53 -18.63
CA ARG T 311 15.87 80.03 -17.48
C ARG T 311 15.79 78.51 -17.59
N GLU T 312 15.66 78.07 -18.84
CA GLU T 312 15.56 76.66 -19.18
C GLU T 312 16.68 75.79 -18.60
N LEU T 313 17.93 76.24 -18.78
CA LEU T 313 19.08 75.51 -18.29
C LEU T 313 19.12 75.36 -16.78
N MET T 314 18.28 76.10 -16.08
CA MET T 314 18.25 76.02 -14.64
C MET T 314 17.78 74.66 -14.18
N GLY T 315 17.18 73.92 -15.11
CA GLY T 315 16.65 72.61 -14.84
C GLY T 315 17.57 71.46 -15.24
N GLN T 316 18.77 71.78 -15.72
CA GLN T 316 19.66 70.71 -16.11
C GLN T 316 20.16 69.93 -14.90
N GLN T 317 20.41 68.63 -15.12
CA GLN T 317 20.88 67.77 -14.05
C GLN T 317 22.25 67.20 -14.33
N SER T 318 23.03 67.08 -13.26
CA SER T 318 24.37 66.55 -13.34
C SER T 318 24.47 65.18 -12.71
N MET T 319 25.36 64.37 -13.28
CA MET T 319 25.58 63.01 -12.81
C MET T 319 27.06 62.64 -12.95
N PRO T 320 27.59 61.97 -11.93
CA PRO T 320 28.99 61.59 -11.93
C PRO T 320 29.33 60.67 -13.09
N ASN T 321 30.58 60.77 -13.54
CA ASN T 321 31.05 59.95 -14.62
C ASN T 321 31.36 58.55 -14.13
N ARG T 322 31.27 57.58 -15.02
CA ARG T 322 31.54 56.21 -14.67
C ARG T 322 32.99 56.03 -14.25
N PRO T 323 33.18 55.26 -13.19
CA PRO T 323 34.51 54.98 -12.70
C PRO T 323 35.28 54.23 -13.76
N ASN T 324 36.57 54.53 -13.91
CA ASN T 324 37.35 53.83 -14.91
C ASN T 324 38.80 53.65 -14.51
N TYR T 325 39.10 52.48 -13.97
CA TYR T 325 40.44 52.15 -13.55
C TYR T 325 41.31 51.73 -14.71
N ILE T 326 42.54 52.21 -14.71
CA ILE T 326 43.49 51.88 -15.75
C ILE T 326 44.84 51.57 -15.13
N ALA T 327 45.42 50.44 -15.52
CA ALA T 327 46.70 50.06 -14.98
C ALA T 327 47.32 48.91 -15.74
N PHE T 328 48.53 48.53 -15.34
CA PHE T 328 49.21 47.41 -15.94
C PHE T 328 48.48 46.15 -15.51
N ARG T 329 48.65 45.06 -16.24
CA ARG T 329 47.95 43.82 -15.92
C ARG T 329 48.58 42.98 -14.82
N ASP T 330 47.79 42.02 -14.37
CA ASP T 330 48.19 41.07 -13.36
C ASP T 330 49.43 40.36 -13.87
N ASN T 331 50.51 40.41 -13.09
CA ASN T 331 51.74 39.76 -13.49
C ASN T 331 52.36 40.32 -14.76
N PHE T 332 52.02 41.56 -15.07
CA PHE T 332 52.55 42.25 -16.24
C PHE T 332 52.28 41.53 -17.53
N ILE T 333 51.15 40.84 -17.58
CA ILE T 333 50.76 40.13 -18.77
C ILE T 333 50.77 41.11 -19.95
N GLY T 334 51.19 40.64 -21.12
CA GLY T 334 51.21 41.46 -22.31
C GLY T 334 52.49 42.26 -22.54
N LEU T 335 53.17 42.64 -21.46
CA LEU T 335 54.39 43.41 -21.57
C LEU T 335 55.45 42.77 -22.46
N MET T 336 55.77 41.53 -22.14
CA MET T 336 56.74 40.79 -22.90
C MET T 336 56.05 39.90 -23.93
N TYR T 337 56.72 39.72 -25.04
CA TYR T 337 56.22 38.86 -26.10
C TYR T 337 56.56 37.42 -25.76
N TYR T 338 55.62 36.54 -26.02
CA TYR T 338 55.76 35.12 -25.81
C TYR T 338 54.97 34.43 -26.89
N ASN T 339 55.36 33.21 -27.23
CA ASN T 339 54.64 32.46 -28.23
C ASN T 339 54.34 33.21 -29.52
N SER T 340 55.32 33.98 -29.97
CA SER T 340 55.20 34.74 -31.20
C SER T 340 56.48 34.54 -32.01
N THR T 341 56.38 33.84 -33.13
CA THR T 341 57.54 33.58 -33.95
C THR T 341 58.30 34.81 -34.40
N GLY T 342 57.58 35.90 -34.66
CA GLY T 342 58.19 37.13 -35.13
C GLY T 342 58.97 37.91 -34.10
N ASN T 343 58.60 37.77 -32.83
CA ASN T 343 59.27 38.48 -31.75
C ASN T 343 59.75 37.55 -30.66
N MET T 344 60.49 36.53 -31.09
CA MET T 344 61.03 35.49 -30.24
C MET T 344 62.21 35.92 -29.39
N GLY T 345 62.12 35.58 -28.09
CA GLY T 345 63.16 35.88 -27.13
C GLY T 345 64.44 35.15 -27.48
N VAL T 346 65.52 35.53 -26.81
CA VAL T 346 66.80 34.91 -27.11
C VAL T 346 67.66 34.69 -25.88
N LEU T 347 68.18 33.48 -25.78
CA LEU T 347 69.08 33.10 -24.71
C LEU T 347 70.14 32.21 -25.30
N ALA T 348 71.30 32.78 -25.57
CA ALA T 348 72.33 31.97 -26.16
C ALA T 348 73.71 32.32 -25.70
N GLY T 349 74.53 31.27 -25.68
CA GLY T 349 75.90 31.43 -25.31
C GLY T 349 76.59 32.15 -26.44
N GLN T 350 77.34 33.18 -26.10
CA GLN T 350 78.04 33.92 -27.12
C GLN T 350 78.93 32.96 -27.87
N ALA T 351 79.32 31.90 -27.16
CA ALA T 351 80.20 30.87 -27.69
C ALA T 351 79.48 29.77 -28.46
N SER T 352 78.14 29.76 -28.39
CA SER T 352 77.36 28.75 -29.09
C SER T 352 76.52 29.38 -30.19
N GLN T 353 76.12 30.63 -29.95
CA GLN T 353 75.31 31.41 -30.88
C GLN T 353 74.01 30.72 -31.26
N LEU T 354 73.77 29.56 -30.64
CA LEU T 354 72.57 28.77 -30.86
C LEU T 354 71.56 29.23 -29.83
N ASN T 355 70.34 29.51 -30.26
CA ASN T 355 69.30 29.98 -29.37
C ASN T 355 68.61 28.89 -28.55
N ALA T 356 68.77 28.97 -27.24
CA ALA T 356 68.18 28.01 -26.33
C ALA T 356 66.67 28.15 -26.29
N VAL T 357 66.20 29.32 -26.68
CA VAL T 357 64.79 29.61 -26.73
C VAL T 357 64.20 29.20 -28.07
N VAL T 358 63.14 28.41 -27.98
CA VAL T 358 62.40 27.89 -29.10
C VAL T 358 60.93 27.93 -28.76
N ASP T 359 60.23 28.91 -29.32
CA ASP T 359 58.82 29.06 -29.04
C ASP T 359 57.89 28.68 -30.18
N LEU T 360 56.61 28.56 -29.82
CA LEU T 360 55.53 28.20 -30.74
C LEU T 360 54.34 29.12 -30.54
N GLN T 361 53.61 29.40 -31.61
CA GLN T 361 52.44 30.27 -31.55
C GLN T 361 51.32 29.55 -30.81
N ASP T 362 51.52 28.23 -30.80
CA ASP T 362 50.67 27.20 -30.23
C ASP T 362 50.74 27.10 -28.71
N ARG T 363 51.76 27.72 -28.13
CA ARG T 363 51.95 27.66 -26.69
C ARG T 363 51.31 28.85 -25.99
N ASN T 364 50.95 28.70 -24.72
CA ASN T 364 50.34 29.78 -23.97
C ASN T 364 51.05 29.99 -22.63
N THR T 365 52.15 30.72 -22.71
CA THR T 365 53.01 31.06 -21.58
C THR T 365 52.32 31.84 -20.48
N GLU T 366 51.64 32.94 -20.84
CA GLU T 366 50.97 33.77 -19.87
C GLU T 366 49.97 33.01 -19.01
N LEU T 367 49.12 32.24 -19.66
CA LEU T 367 48.12 31.46 -18.96
C LEU T 367 48.75 30.41 -18.07
N SER T 368 49.75 29.73 -18.63
CA SER T 368 50.47 28.68 -17.93
C SER T 368 51.00 29.19 -16.58
N TYR T 369 51.47 30.42 -16.62
CA TYR T 369 52.01 31.09 -15.44
C TYR T 369 50.91 31.41 -14.45
N GLN T 370 49.74 31.74 -14.98
CA GLN T 370 48.59 32.07 -14.15
C GLN T 370 48.18 30.85 -13.35
N LEU T 371 48.13 29.72 -14.06
CA LEU T 371 47.76 28.47 -13.45
C LEU T 371 48.84 27.95 -12.52
N LEU T 372 50.11 28.20 -12.87
CA LEU T 372 51.21 27.75 -12.04
C LEU T 372 51.19 28.42 -10.66
N LEU T 373 50.90 29.72 -10.65
CA LEU T 373 50.82 30.50 -9.43
C LEU T 373 49.77 29.96 -8.46
N ASP T 374 48.59 29.71 -9.00
CA ASP T 374 47.48 29.20 -8.23
C ASP T 374 47.81 27.88 -7.53
N SER T 375 48.57 27.04 -8.21
CA SER T 375 48.95 25.76 -7.66
C SER T 375 49.99 25.85 -6.56
N ILE T 376 50.84 26.87 -6.59
CA ILE T 376 51.88 26.99 -5.59
C ILE T 376 51.67 28.00 -4.48
N GLY T 377 50.52 28.67 -4.45
CA GLY T 377 50.30 29.64 -3.40
C GLY T 377 48.89 30.19 -3.37
N ASP T 378 48.72 31.25 -2.59
CA ASP T 378 47.44 31.92 -2.45
C ASP T 378 47.27 33.13 -3.36
N ARG T 379 46.64 32.91 -4.52
CA ARG T 379 46.41 33.98 -5.48
C ARG T 379 45.64 35.14 -4.85
N THR T 380 45.13 34.95 -3.64
CA THR T 380 44.38 36.03 -3.00
C THR T 380 45.30 37.12 -2.46
N ARG T 381 46.55 36.77 -2.23
CA ARG T 381 47.51 37.71 -1.71
C ARG T 381 48.11 38.60 -2.79
N TYR T 382 48.38 39.84 -2.43
CA TYR T 382 48.96 40.77 -3.37
C TYR T 382 50.45 40.91 -3.17
N PHE T 383 51.13 41.13 -4.27
CA PHE T 383 52.56 41.31 -4.30
C PHE T 383 52.93 42.34 -5.34
N SER T 384 53.12 43.56 -4.87
CA SER T 384 53.45 44.72 -5.70
C SER T 384 54.58 44.52 -6.69
N MET T 385 55.68 43.92 -6.26
CA MET T 385 56.82 43.72 -7.13
C MET T 385 56.48 43.26 -8.55
N TRP T 386 55.69 42.19 -8.65
CA TRP T 386 55.31 41.67 -9.95
C TRP T 386 53.92 42.09 -10.40
N ASN T 387 53.32 43.04 -9.69
CA ASN T 387 52.00 43.47 -10.07
C ASN T 387 51.07 42.27 -9.90
N GLN T 388 51.44 41.46 -8.92
CA GLN T 388 50.73 40.25 -8.57
C GLN T 388 49.47 40.55 -7.77
N ALA T 389 48.40 40.88 -8.47
CA ALA T 389 47.11 41.19 -7.86
C ALA T 389 46.01 40.71 -8.80
N VAL T 390 45.59 39.48 -8.55
CA VAL T 390 44.57 38.80 -9.34
C VAL T 390 43.26 39.53 -9.57
N ASP T 391 42.75 39.33 -10.80
CA ASP T 391 41.49 39.90 -11.24
C ASP T 391 40.35 39.16 -10.57
N SER T 392 39.47 39.93 -9.98
CA SER T 392 38.33 39.33 -9.32
C SER T 392 37.11 40.19 -9.51
N TYR T 393 36.04 39.76 -8.89
CA TYR T 393 34.78 40.48 -8.92
C TYR T 393 34.05 40.24 -7.63
N ASP T 394 33.11 41.12 -7.34
CA ASP T 394 32.30 41.00 -6.15
C ASP T 394 31.28 39.89 -6.33
N PRO T 395 31.31 38.90 -5.45
CA PRO T 395 30.36 37.81 -5.54
C PRO T 395 28.93 38.30 -5.55
N ASP T 396 28.67 39.39 -4.82
CA ASP T 396 27.34 39.96 -4.70
C ASP T 396 26.89 40.70 -5.94
N VAL T 397 27.85 40.93 -6.84
CA VAL T 397 27.55 41.60 -8.07
C VAL T 397 27.28 40.59 -9.15
N ARG T 398 28.08 39.53 -9.17
CA ARG T 398 27.92 38.49 -10.16
C ARG T 398 26.61 37.75 -9.93
N ILE T 399 26.33 37.49 -8.66
CA ILE T 399 25.12 36.78 -8.28
C ILE T 399 24.31 37.61 -7.31
N ILE T 400 23.17 38.09 -7.78
CA ILE T 400 22.33 38.90 -6.93
C ILE T 400 21.59 38.09 -5.90
N GLU T 401 21.74 38.52 -4.65
CA GLU T 401 21.06 37.90 -3.54
C GLU T 401 20.12 38.93 -2.95
N ASN T 402 18.89 38.88 -3.42
CA ASN T 402 17.88 39.84 -2.99
C ASN T 402 17.10 39.43 -1.77
N HIS T 403 17.61 39.79 -0.59
CA HIS T 403 16.90 39.49 0.64
C HIS T 403 16.11 40.71 1.11
N GLY T 404 16.09 41.73 0.26
CA GLY T 404 15.36 42.95 0.55
C GLY T 404 16.09 43.93 1.46
N THR T 405 15.30 44.65 2.24
CA THR T 405 15.78 45.67 3.15
C THR T 405 15.11 45.66 4.52
N GLU T 406 15.90 46.01 5.53
CA GLU T 406 15.41 46.08 6.88
C GLU T 406 14.94 47.51 7.14
N ASP T 407 13.75 47.79 6.61
CA ASP T 407 13.12 49.10 6.71
C ASP T 407 11.86 49.11 7.55
N GLU T 408 11.85 48.34 8.62
CA GLU T 408 10.69 48.27 9.50
C GLU T 408 10.38 49.64 10.11
N LEU T 409 11.40 50.29 10.67
CA LEU T 409 11.29 51.61 11.29
C LEU T 409 11.32 52.70 10.25
N PRO T 410 10.53 53.76 10.45
CA PRO T 410 10.54 54.84 9.48
C PRO T 410 11.71 55.77 9.74
N ASN T 411 12.18 56.45 8.69
CA ASN T 411 13.30 57.37 8.82
C ASN T 411 12.89 58.79 8.53
N TYR T 412 13.16 59.67 9.49
CA TYR T 412 12.80 61.06 9.31
C TYR T 412 13.95 62.02 9.44
N CYS T 413 13.68 63.19 8.89
CA CYS T 413 14.57 64.32 8.92
C CYS T 413 13.76 65.46 9.54
N PHE T 414 14.37 66.25 10.40
CA PHE T 414 13.64 67.33 11.06
C PHE T 414 14.27 68.70 10.84
N PRO T 415 13.56 69.72 11.35
CA PRO T 415 14.03 71.08 11.22
C PRO T 415 15.18 71.36 12.18
N LEU T 416 16.10 72.21 11.73
CA LEU T 416 17.27 72.58 12.52
C LEU T 416 16.95 72.98 13.95
N GLY T 417 15.85 73.72 14.14
CA GLY T 417 15.44 74.18 15.45
C GLY T 417 14.54 73.19 16.17
N GLY T 418 14.28 72.05 15.51
CA GLY T 418 13.44 70.99 16.06
C GLY T 418 11.96 71.31 15.93
N VAL T 419 11.68 72.52 15.49
CA VAL T 419 10.33 73.02 15.33
C VAL T 419 10.38 74.23 14.41
N ILE T 420 9.41 74.37 13.51
CA ILE T 420 9.46 75.52 12.62
C ILE T 420 8.14 76.25 12.44
N ASN T 421 7.03 75.51 12.57
CA ASN T 421 5.72 76.10 12.41
C ASN T 421 5.09 76.58 13.69
N THR T 422 5.84 77.36 14.46
CA THR T 422 5.34 77.89 15.72
C THR T 422 4.28 78.95 15.46
N GLU T 423 3.43 79.17 16.47
CA GLU T 423 2.38 80.17 16.37
C GLU T 423 2.50 81.14 17.54
N THR T 424 2.44 82.44 17.24
CA THR T 424 2.55 83.46 18.27
C THR T 424 1.41 83.37 19.27
N LEU T 425 1.76 83.37 20.56
CA LEU T 425 0.78 83.28 21.62
C LEU T 425 0.97 84.31 22.70
N THR T 426 -0.03 84.41 23.57
CA THR T 426 0.00 85.34 24.68
C THR T 426 -0.32 84.64 25.99
N LYS T 427 0.51 84.93 27.00
CA LYS T 427 0.32 84.33 28.30
C LYS T 427 -0.94 84.87 28.93
N VAL T 428 -1.62 84.02 29.67
CA VAL T 428 -2.86 84.39 30.29
C VAL T 428 -2.94 84.01 31.75
N LYS T 429 -3.80 84.74 32.43
CA LYS T 429 -4.07 84.53 33.84
C LYS T 429 -5.55 84.26 34.05
N PRO T 430 -5.80 83.38 35.01
CA PRO T 430 -7.15 82.99 35.36
C PRO T 430 -7.84 84.15 36.09
N GLY T 437 -13.13 82.23 32.54
CA GLY T 437 -12.69 83.42 33.25
C GLY T 437 -11.18 83.57 33.25
N TRP T 438 -10.68 84.29 32.24
CA TRP T 438 -9.27 84.52 32.07
C TRP T 438 -8.90 85.97 31.75
N GLU T 439 -7.70 86.34 32.20
CA GLU T 439 -7.15 87.67 32.01
C GLU T 439 -5.72 87.62 31.49
N LYS T 440 -5.48 88.45 30.49
CA LYS T 440 -4.17 88.54 29.88
C LYS T 440 -3.06 88.86 30.87
N ASP T 441 -1.89 88.32 30.58
CA ASP T 441 -0.72 88.51 31.41
C ASP T 441 0.30 89.37 30.70
N ALA T 442 0.99 90.19 31.48
CA ALA T 442 2.02 91.06 30.95
C ALA T 442 2.91 91.56 32.06
N PHE T 445 5.83 88.12 31.72
CA PHE T 445 5.92 87.50 30.41
C PHE T 445 5.67 88.47 29.26
N SER T 446 6.05 88.07 28.05
CA SER T 446 5.93 88.88 26.84
C SER T 446 4.65 88.68 26.04
N ASP T 447 4.41 89.64 25.16
CA ASP T 447 3.24 89.63 24.29
C ASP T 447 3.36 88.59 23.19
N LYS T 448 4.59 88.19 22.86
CA LYS T 448 4.80 87.24 21.78
C LYS T 448 5.79 86.13 22.08
N ASN T 449 5.22 84.94 22.31
CA ASN T 449 5.97 83.73 22.57
C ASN T 449 5.66 82.73 21.49
N GLU T 450 6.69 82.08 20.96
CA GLU T 450 6.49 81.12 19.91
C GLU T 450 6.32 79.72 20.46
N ILE T 451 5.18 79.11 20.14
CA ILE T 451 4.88 77.78 20.60
C ILE T 451 4.33 76.92 19.47
N ARG T 452 4.90 75.74 19.31
CA ARG T 452 4.45 74.83 18.29
C ARG T 452 3.35 73.94 18.83
N VAL T 453 2.20 74.00 18.17
CA VAL T 453 1.07 73.20 18.58
C VAL T 453 0.90 71.99 17.69
N GLY T 454 1.17 70.81 18.25
CA GLY T 454 1.08 69.56 17.53
C GLY T 454 2.47 68.96 17.35
N ASN T 455 2.61 68.01 16.43
CA ASN T 455 3.89 67.41 16.19
C ASN T 455 4.77 68.36 15.39
N ASN T 456 6.06 68.03 15.28
CA ASN T 456 6.97 68.88 14.53
C ASN T 456 6.90 68.59 13.03
N PHE T 457 7.53 69.45 12.24
CA PHE T 457 7.54 69.24 10.80
C PHE T 457 8.53 68.13 10.48
N ALA T 458 8.10 67.14 9.71
CA ALA T 458 8.99 66.04 9.40
C ALA T 458 8.90 65.56 7.96
N MET T 459 10.04 65.05 7.48
CA MET T 459 10.15 64.50 6.14
C MET T 459 10.59 63.06 6.25
N GLU T 460 10.00 62.19 5.44
CA GLU T 460 10.33 60.79 5.49
C GLU T 460 11.21 60.31 4.35
N ILE T 461 12.01 59.30 4.66
CA ILE T 461 12.92 58.70 3.69
C ILE T 461 13.25 57.27 4.05
N ASN T 462 13.33 56.40 3.04
CA ASN T 462 13.64 55.01 3.26
C ASN T 462 15.12 54.78 3.03
N LEU T 463 15.89 54.95 4.11
CA LEU T 463 17.32 54.81 4.09
C LEU T 463 17.80 53.51 3.45
N ASN T 464 17.38 52.39 4.02
CA ASN T 464 17.79 51.10 3.53
C ASN T 464 17.43 50.80 2.09
N ALA T 465 16.20 51.12 1.70
CA ALA T 465 15.79 50.89 0.33
C ALA T 465 16.68 51.66 -0.63
N ASN T 466 16.95 52.91 -0.26
CA ASN T 466 17.78 53.80 -1.04
C ASN T 466 19.16 53.21 -1.27
N LEU T 467 19.83 52.88 -0.18
CA LEU T 467 21.15 52.30 -0.26
C LEU T 467 21.19 51.11 -1.20
N TRP T 468 20.25 50.19 -1.00
CA TRP T 468 20.14 48.99 -1.82
C TRP T 468 20.03 49.33 -3.29
N ARG T 469 19.19 50.31 -3.59
CA ARG T 469 18.97 50.80 -4.94
C ARG T 469 20.25 51.29 -5.57
N ASN T 470 20.90 52.21 -4.85
CA ASN T 470 22.14 52.80 -5.31
C ASN T 470 23.18 51.74 -5.67
N PHE T 471 23.18 50.66 -4.90
CA PHE T 471 24.09 49.55 -5.13
C PHE T 471 23.76 48.83 -6.42
N LEU T 472 22.48 48.62 -6.66
CA LEU T 472 22.02 47.94 -7.85
C LEU T 472 22.30 48.74 -9.11
N TYR T 473 21.97 50.01 -9.06
CA TYR T 473 22.17 50.87 -10.19
C TYR T 473 23.64 51.01 -10.54
N SER T 474 24.44 51.31 -9.53
CA SER T 474 25.86 51.48 -9.73
C SER T 474 26.59 50.23 -10.21
N ASN T 475 26.32 49.10 -9.56
CA ASN T 475 27.02 47.88 -9.89
C ASN T 475 26.46 46.97 -10.97
N ILE T 476 25.15 46.97 -11.18
CA ILE T 476 24.61 46.10 -12.19
C ILE T 476 24.03 46.83 -13.38
N ALA T 477 23.08 47.71 -13.11
CA ALA T 477 22.42 48.48 -14.14
C ALA T 477 23.39 49.02 -15.19
N LEU T 478 24.29 49.88 -14.75
CA LEU T 478 25.25 50.50 -15.64
C LEU T 478 26.09 49.54 -16.44
N TYR T 479 26.20 48.29 -15.99
CA TYR T 479 26.99 47.31 -16.72
C TYR T 479 26.15 46.49 -17.69
N LEU T 480 24.85 46.78 -17.69
CA LEU T 480 23.96 46.09 -18.57
C LEU T 480 24.46 46.25 -20.01
N PRO T 481 24.08 45.30 -20.85
CA PRO T 481 24.49 45.37 -22.24
C PRO T 481 23.96 46.62 -22.92
N ASP T 482 24.71 47.13 -23.90
CA ASP T 482 24.34 48.33 -24.63
C ASP T 482 22.96 48.27 -25.23
N LYS T 483 22.58 47.09 -25.71
CA LYS T 483 21.29 46.86 -26.33
C LYS T 483 20.10 47.26 -25.47
N LEU T 484 20.30 47.22 -24.15
CA LEU T 484 19.26 47.57 -23.21
C LEU T 484 19.25 49.06 -22.92
N LYS T 485 20.28 49.76 -23.42
CA LYS T 485 20.44 51.19 -23.23
C LYS T 485 19.86 52.04 -24.34
N TYR T 486 19.92 53.36 -24.13
CA TYR T 486 19.43 54.33 -25.09
C TYR T 486 20.19 55.66 -25.00
N SER T 487 20.27 56.37 -26.13
CA SER T 487 20.97 57.64 -26.20
C SER T 487 20.18 58.79 -25.58
N PRO T 488 20.90 59.70 -24.93
CA PRO T 488 20.29 60.84 -24.27
C PRO T 488 19.88 61.91 -25.26
N SER T 489 18.84 62.64 -24.91
CA SER T 489 18.35 63.70 -25.77
C SER T 489 19.14 64.99 -25.56
N ASN T 490 19.35 65.71 -26.66
CA ASN T 490 20.07 66.98 -26.64
C ASN T 490 21.45 66.88 -26.03
N VAL T 491 22.10 65.74 -26.21
CA VAL T 491 23.44 65.56 -25.68
C VAL T 491 24.34 64.88 -26.69
N LYS T 492 25.41 65.56 -27.06
CA LYS T 492 26.34 64.99 -28.00
C LYS T 492 26.99 63.74 -27.43
N ILE T 493 27.05 62.72 -28.27
CA ILE T 493 27.64 61.45 -27.88
C ILE T 493 28.44 60.87 -29.02
N SER T 494 29.57 60.27 -28.68
CA SER T 494 30.43 59.67 -29.68
C SER T 494 29.74 58.61 -30.52
N ASP T 495 30.31 58.40 -31.70
CA ASP T 495 29.83 57.44 -32.67
C ASP T 495 30.49 56.09 -32.45
N ASN T 496 31.62 56.14 -31.76
CA ASN T 496 32.42 54.97 -31.44
C ASN T 496 31.95 54.34 -30.13
N PRO T 497 31.39 53.14 -30.26
CA PRO T 497 30.88 52.41 -29.13
C PRO T 497 31.98 51.86 -28.22
N ASN T 498 33.20 51.77 -28.74
CA ASN T 498 34.34 51.27 -27.99
C ASN T 498 34.97 52.38 -27.19
N THR T 499 34.30 53.51 -27.25
CA THR T 499 34.71 54.73 -26.62
C THR T 499 34.17 54.91 -25.22
N TYR T 500 34.92 55.65 -24.42
CA TYR T 500 34.52 55.93 -23.05
C TYR T 500 33.33 56.87 -23.07
N ASP T 501 33.42 57.88 -23.93
CA ASP T 501 32.35 58.85 -24.05
C ASP T 501 31.02 58.14 -24.24
N TYR T 502 31.04 57.16 -25.11
CA TYR T 502 29.88 56.37 -25.44
C TYR T 502 29.32 55.64 -24.23
N MET T 503 30.17 54.80 -23.64
CA MET T 503 29.82 54.01 -22.48
C MET T 503 29.36 54.87 -21.31
N ASN T 504 29.90 56.08 -21.25
CA ASN T 504 29.57 57.01 -20.19
C ASN T 504 28.29 57.79 -20.40
N LYS T 505 27.90 57.97 -21.65
CA LYS T 505 26.69 58.73 -21.92
C LYS T 505 25.45 57.89 -22.13
N ARG T 506 25.60 56.69 -22.67
CA ARG T 506 24.44 55.86 -22.86
C ARG T 506 23.66 55.82 -21.55
N VAL T 507 22.35 56.02 -21.62
CA VAL T 507 21.58 56.00 -20.40
C VAL T 507 20.84 54.69 -20.18
N VAL T 508 20.69 54.34 -18.91
CA VAL T 508 20.01 53.11 -18.55
C VAL T 508 18.97 53.36 -17.47
N ALA T 509 17.81 52.75 -17.68
CA ALA T 509 16.68 52.85 -16.78
C ALA T 509 16.89 52.01 -15.53
N PRO T 510 16.80 52.67 -14.37
CA PRO T 510 16.97 51.99 -13.10
C PRO T 510 15.91 50.91 -12.88
N GLY T 511 14.76 51.10 -13.50
CA GLY T 511 13.69 50.14 -13.35
C GLY T 511 14.08 48.77 -13.87
N LEU T 512 15.21 48.71 -14.57
CA LEU T 512 15.70 47.45 -15.11
C LEU T 512 16.25 46.55 -14.02
N VAL T 513 16.93 47.17 -13.07
CA VAL T 513 17.50 46.46 -11.93
C VAL T 513 17.11 47.18 -10.64
N ASP T 514 15.81 47.28 -10.39
CA ASP T 514 15.35 47.95 -9.19
C ASP T 514 15.33 47.05 -7.97
N CYS T 515 15.20 47.67 -6.80
CA CYS T 515 15.19 46.96 -5.54
C CYS T 515 14.22 45.79 -5.45
N TYR T 516 13.21 45.75 -6.32
CA TYR T 516 12.25 44.64 -6.29
C TYR T 516 12.54 43.57 -7.32
N ILE T 517 13.77 43.60 -7.83
CA ILE T 517 14.24 42.66 -8.82
C ILE T 517 14.49 41.28 -8.23
N ASN T 518 13.85 40.27 -8.82
CA ASN T 518 13.98 38.90 -8.37
C ASN T 518 14.03 38.78 -6.86
N LEU T 519 13.06 39.41 -6.21
CA LEU T 519 12.96 39.44 -4.76
C LEU T 519 12.97 38.06 -4.12
N GLY T 520 13.83 37.90 -3.12
CA GLY T 520 13.95 36.65 -2.37
C GLY T 520 14.73 35.54 -3.08
N ALA T 521 15.35 35.89 -4.20
CA ALA T 521 16.10 34.90 -4.92
C ALA T 521 17.59 35.18 -4.94
N ARG T 522 18.33 34.11 -5.22
CA ARG T 522 19.77 34.12 -5.37
C ARG T 522 19.97 33.80 -6.82
N TRP T 523 19.90 34.85 -7.64
CA TRP T 523 19.97 34.69 -9.05
C TRP T 523 20.80 35.74 -9.76
N SER T 524 21.58 35.27 -10.72
CA SER T 524 22.38 36.17 -11.53
C SER T 524 21.49 36.57 -12.71
N LEU T 525 21.52 37.83 -13.10
CA LEU T 525 20.70 38.26 -14.21
C LEU T 525 21.06 37.52 -15.49
N ASP T 526 20.03 37.05 -16.16
CA ASP T 526 20.26 36.34 -17.41
C ASP T 526 20.93 37.25 -18.44
N TYR T 527 20.80 38.57 -18.25
CA TYR T 527 21.40 39.52 -19.18
C TYR T 527 22.90 39.63 -18.95
N MET T 528 23.30 39.54 -17.69
CA MET T 528 24.69 39.66 -17.26
C MET T 528 25.54 38.40 -17.32
N ASP T 529 24.91 37.24 -17.45
CA ASP T 529 25.68 36.02 -17.49
C ASP T 529 26.84 36.03 -18.49
N ASN T 530 26.58 36.52 -19.70
CA ASN T 530 27.59 36.55 -20.74
C ASN T 530 28.40 37.83 -20.82
N VAL T 531 28.30 38.64 -19.77
CA VAL T 531 29.02 39.88 -19.69
C VAL T 531 30.27 39.63 -18.87
N ASN T 532 31.43 40.01 -19.38
CA ASN T 532 32.65 39.79 -18.64
C ASN T 532 32.54 40.40 -17.24
N PRO T 533 32.57 39.55 -16.22
CA PRO T 533 32.44 40.00 -14.84
C PRO T 533 33.65 40.75 -14.33
N PHE T 534 34.78 40.54 -14.98
CA PHE T 534 36.02 41.17 -14.57
C PHE T 534 36.15 42.63 -14.94
N ASN T 535 35.49 43.03 -16.00
CA ASN T 535 35.54 44.42 -16.40
C ASN T 535 34.58 45.19 -15.49
N HIS T 536 35.07 45.57 -14.31
CA HIS T 536 34.23 46.26 -13.34
C HIS T 536 35.04 47.07 -12.34
N HIS T 537 34.43 48.13 -11.81
CA HIS T 537 35.08 48.97 -10.83
C HIS T 537 35.25 48.27 -9.49
N ARG T 538 34.59 47.12 -9.34
CA ARG T 538 34.68 46.36 -8.11
C ARG T 538 35.69 45.23 -8.17
N ASN T 539 36.52 45.25 -9.21
CA ASN T 539 37.58 44.28 -9.39
C ASN T 539 38.73 44.74 -8.50
N ALA T 540 38.85 44.11 -7.34
CA ALA T 540 39.88 44.46 -6.38
C ALA T 540 41.29 44.42 -6.93
N GLY T 541 41.60 43.38 -7.71
CA GLY T 541 42.93 43.23 -8.28
C GLY T 541 43.32 44.39 -9.18
N LEU T 542 42.43 44.70 -10.11
CA LEU T 542 42.64 45.80 -11.05
C LEU T 542 42.67 47.13 -10.31
N ARG T 543 41.77 47.27 -9.35
CA ARG T 543 41.70 48.48 -8.55
C ARG T 543 43.02 48.77 -7.86
N TYR T 544 43.58 47.74 -7.24
CA TYR T 544 44.83 47.82 -6.51
C TYR T 544 46.01 48.15 -7.42
N ARG T 545 46.03 47.54 -8.60
CA ARG T 545 47.09 47.78 -9.54
C ARG T 545 47.04 49.21 -10.06
N SER T 546 45.83 49.73 -10.15
CA SER T 546 45.61 51.09 -10.60
C SER T 546 46.15 52.08 -9.56
N MET T 547 45.85 51.80 -8.29
CA MET T 547 46.30 52.63 -7.18
C MET T 547 47.80 52.56 -6.94
N LEU T 548 48.38 51.41 -7.32
CA LEU T 548 49.80 51.16 -7.19
C LEU T 548 50.57 52.22 -7.96
N LEU T 549 49.97 52.66 -9.07
CA LEU T 549 50.53 53.68 -9.95
C LEU T 549 50.28 55.09 -9.43
N GLY T 550 49.14 55.23 -8.76
CA GLY T 550 48.72 56.51 -8.20
C GLY T 550 47.28 56.82 -8.61
N ASN T 551 46.85 58.02 -8.29
CA ASN T 551 45.50 58.49 -8.60
C ASN T 551 45.49 59.47 -9.74
N GLY T 552 46.63 59.63 -10.40
CA GLY T 552 46.76 60.55 -11.50
C GLY T 552 47.00 59.93 -12.86
N ARG T 553 46.58 60.72 -13.83
CA ARG T 553 46.65 60.46 -15.25
C ARG T 553 48.09 60.23 -15.69
N TYR T 554 48.95 61.17 -15.31
CA TYR T 554 50.38 61.14 -15.65
C TYR T 554 51.20 60.39 -14.64
N VAL T 555 51.87 59.34 -15.12
CA VAL T 555 52.68 58.52 -14.23
C VAL T 555 54.03 58.10 -14.78
N PRO T 556 55.08 58.44 -14.03
CA PRO T 556 56.39 57.99 -14.40
C PRO T 556 56.46 56.63 -13.71
N PHE T 557 56.81 55.58 -14.42
CA PHE T 557 56.80 54.28 -13.76
C PHE T 557 58.12 53.58 -13.66
N HIS T 558 58.18 52.70 -12.66
CA HIS T 558 59.33 51.87 -12.35
C HIS T 558 58.83 50.49 -11.95
N ILE T 559 59.08 49.52 -12.81
CA ILE T 559 58.61 48.18 -12.54
C ILE T 559 59.67 47.12 -12.76
N GLN T 560 59.35 45.95 -12.24
CA GLN T 560 60.16 44.76 -12.33
C GLN T 560 59.32 43.69 -12.99
N VAL T 561 59.81 43.21 -14.14
CA VAL T 561 59.14 42.19 -14.93
C VAL T 561 59.85 40.85 -14.89
N PRO T 562 59.07 39.80 -14.65
CA PRO T 562 59.58 38.44 -14.53
C PRO T 562 59.64 37.68 -15.85
N GLN T 563 60.55 36.71 -15.90
CA GLN T 563 60.70 35.85 -17.05
C GLN T 563 59.75 34.68 -16.83
N LYS T 564 58.84 34.43 -17.76
CA LYS T 564 57.86 33.35 -17.58
C LYS T 564 58.10 32.11 -18.41
N PHE T 565 58.83 32.27 -19.50
CA PHE T 565 59.11 31.15 -20.36
C PHE T 565 59.60 29.95 -19.55
N PHE T 566 58.92 28.82 -19.71
CA PHE T 566 59.23 27.61 -18.97
C PHE T 566 60.62 27.02 -19.10
N ALA T 567 61.23 27.08 -20.28
CA ALA T 567 62.55 26.49 -20.46
C ALA T 567 63.68 27.23 -19.76
N ILE T 568 63.47 28.49 -19.41
CA ILE T 568 64.53 29.25 -18.78
C ILE T 568 64.21 29.85 -17.41
N LYS T 569 62.94 29.95 -17.06
CA LYS T 569 62.51 30.54 -15.80
C LYS T 569 63.15 30.03 -14.50
N ASN T 570 63.44 28.73 -14.43
CA ASN T 570 64.03 28.14 -13.23
C ASN T 570 65.39 27.55 -13.49
N LEU T 571 65.91 27.80 -14.67
CA LEU T 571 67.19 27.28 -15.06
C LEU T 571 68.35 27.80 -14.23
N LEU T 572 69.25 26.87 -13.94
CA LEU T 572 70.47 27.16 -13.21
C LEU T 572 71.56 27.27 -14.27
N LEU T 573 71.96 28.53 -14.52
CA LEU T 573 72.93 28.91 -15.51
C LEU T 573 74.38 28.76 -15.07
N LEU T 574 75.17 28.01 -15.84
CA LEU T 574 76.57 27.84 -15.49
C LEU T 574 77.40 29.01 -15.98
N PRO T 575 78.67 29.05 -15.58
CA PRO T 575 79.55 30.13 -16.00
C PRO T 575 79.70 30.19 -17.51
N GLY T 576 79.83 31.42 -17.98
CA GLY T 576 79.99 31.74 -19.38
C GLY T 576 79.29 33.05 -19.66
N SER T 577 79.38 33.50 -20.89
CA SER T 577 78.74 34.75 -21.30
C SER T 577 77.58 34.43 -22.20
N TYR T 578 76.41 35.02 -21.90
CA TYR T 578 75.26 34.74 -22.71
C TYR T 578 74.56 35.96 -23.25
N THR T 579 73.95 35.75 -24.41
CA THR T 579 73.19 36.78 -25.07
C THR T 579 71.74 36.58 -24.69
N TYR T 580 71.21 37.55 -23.96
CA TYR T 580 69.85 37.49 -23.51
C TYR T 580 69.11 38.67 -24.11
N GLU T 581 68.15 38.37 -24.94
CA GLU T 581 67.40 39.43 -25.60
C GLU T 581 65.92 39.17 -25.61
N TRP T 582 65.14 40.23 -25.44
CA TRP T 582 63.70 40.11 -25.42
C TRP T 582 62.96 41.30 -26.01
N ASN T 583 61.73 41.04 -26.43
CA ASN T 583 60.87 42.05 -27.03
C ASN T 583 59.72 42.43 -26.11
N PHE T 584 59.44 43.72 -26.08
CA PHE T 584 58.38 44.27 -25.28
C PHE T 584 57.37 44.98 -26.12
N ARG T 585 56.11 44.77 -25.77
CA ARG T 585 54.98 45.37 -26.45
C ARG T 585 54.82 46.82 -26.03
N LYS T 586 54.25 47.62 -26.93
CA LYS T 586 54.01 49.03 -26.70
C LYS T 586 52.54 49.36 -26.82
N ASP T 587 51.80 48.42 -27.36
CA ASP T 587 50.37 48.54 -27.58
C ASP T 587 49.58 48.71 -26.28
N VAL T 588 49.04 49.90 -26.06
CA VAL T 588 48.27 50.15 -24.84
C VAL T 588 47.11 49.20 -24.62
N ASN T 589 46.47 48.74 -25.69
CA ASN T 589 45.37 47.82 -25.49
C ASN T 589 45.86 46.49 -24.94
N MET T 590 47.16 46.28 -25.08
CA MET T 590 47.78 45.06 -24.61
C MET T 590 48.49 45.20 -23.26
N VAL T 591 49.27 46.25 -23.12
CA VAL T 591 50.01 46.46 -21.88
C VAL T 591 49.18 47.05 -20.75
N LEU T 592 48.09 47.72 -21.11
CA LEU T 592 47.24 48.33 -20.11
C LEU T 592 45.88 47.64 -20.03
N GLN T 593 45.23 47.83 -18.90
CA GLN T 593 43.93 47.26 -18.67
C GLN T 593 43.01 48.28 -18.04
N SER T 594 41.77 48.29 -18.48
CA SER T 594 40.78 49.22 -17.96
C SER T 594 39.57 48.45 -17.44
N SER T 595 38.83 49.07 -16.54
CA SER T 595 37.65 48.41 -16.00
C SER T 595 36.45 48.44 -16.96
N LEU T 596 36.40 49.48 -17.80
CA LEU T 596 35.33 49.64 -18.77
C LEU T 596 35.66 48.88 -20.05
N GLY T 597 36.95 48.65 -20.25
CA GLY T 597 37.45 47.93 -21.41
C GLY T 597 37.40 48.75 -22.68
N ASN T 598 37.35 50.07 -22.54
CA ASN T 598 37.31 50.94 -23.70
C ASN T 598 38.57 50.84 -24.56
N ASP T 599 38.53 51.45 -25.75
CA ASP T 599 39.67 51.43 -26.66
C ASP T 599 40.69 52.50 -26.31
N LEU T 600 41.74 52.08 -25.60
CA LEU T 600 42.79 52.99 -25.18
C LEU T 600 43.56 53.67 -26.30
N ARG T 601 43.56 53.09 -27.49
CA ARG T 601 44.26 53.70 -28.60
C ARG T 601 43.55 54.99 -29.00
N VAL T 602 42.23 54.87 -29.17
CA VAL T 602 41.37 55.97 -29.52
C VAL T 602 41.21 56.92 -28.34
N ASP T 603 41.20 56.30 -27.15
CA ASP T 603 41.03 57.01 -25.91
C ASP T 603 42.20 57.75 -25.28
N GLY T 604 43.25 57.98 -26.07
CA GLY T 604 44.41 58.75 -25.61
C GLY T 604 45.40 58.17 -24.62
N ALA T 605 45.36 56.88 -24.32
CA ALA T 605 46.36 56.36 -23.39
C ALA T 605 47.71 56.34 -24.09
N SER T 606 48.79 56.61 -23.36
CA SER T 606 50.11 56.62 -23.97
C SER T 606 51.18 56.01 -23.07
N ILE T 607 52.20 55.43 -23.68
CA ILE T 607 53.27 54.81 -22.92
C ILE T 607 54.64 54.88 -23.62
N LYS T 608 55.64 55.29 -22.86
CA LYS T 608 56.99 55.41 -23.37
C LYS T 608 58.03 54.78 -22.45
N PHE T 609 58.89 53.95 -23.04
CA PHE T 609 59.95 53.27 -22.32
C PHE T 609 61.24 54.06 -22.34
N ASP T 610 61.70 54.46 -21.16
CA ASP T 610 62.91 55.23 -21.08
C ASP T 610 64.16 54.40 -20.89
N SER T 611 64.05 53.37 -20.07
CA SER T 611 65.20 52.53 -19.83
C SER T 611 64.84 51.17 -19.28
N ILE T 612 65.61 50.19 -19.72
CA ILE T 612 65.43 48.83 -19.29
C ILE T 612 66.76 48.22 -18.90
N CYS T 613 66.81 47.69 -17.69
CA CYS T 613 68.00 47.06 -17.18
C CYS T 613 67.74 45.61 -16.87
N LEU T 614 68.81 44.88 -16.66
CA LEU T 614 68.73 43.48 -16.34
C LEU T 614 69.41 43.22 -15.01
N TYR T 615 68.64 42.70 -14.05
CA TYR T 615 69.17 42.42 -12.73
C TYR T 615 69.32 40.93 -12.49
N ALA T 616 70.31 40.57 -11.71
CA ALA T 616 70.60 39.19 -11.38
C ALA T 616 71.26 39.09 -10.02
N THR T 617 70.72 38.22 -9.17
CA THR T 617 71.25 38.02 -7.84
C THR T 617 71.99 36.70 -7.74
N PHE T 618 73.11 36.69 -7.05
CA PHE T 618 73.88 35.46 -6.94
C PHE T 618 74.15 35.01 -5.52
N PHE T 619 73.93 33.71 -5.29
CA PHE T 619 74.24 33.14 -3.99
C PHE T 619 75.75 33.25 -3.90
N PRO T 620 76.28 33.82 -2.82
CA PRO T 620 77.72 33.97 -2.70
C PRO T 620 78.38 32.66 -2.31
N MET T 621 78.08 31.64 -3.10
CA MET T 621 78.58 30.30 -2.89
C MET T 621 80.08 30.17 -2.81
N ALA T 622 80.52 29.27 -1.93
CA ALA T 622 81.94 29.02 -1.79
C ALA T 622 82.49 28.60 -3.14
N HIS T 623 83.66 29.13 -3.48
CA HIS T 623 84.27 28.84 -4.76
C HIS T 623 84.56 27.37 -5.03
N ASN T 624 85.07 26.67 -4.04
CA ASN T 624 85.36 25.25 -4.24
C ASN T 624 84.07 24.50 -4.53
N THR T 625 83.05 24.81 -3.74
CA THR T 625 81.73 24.22 -3.87
C THR T 625 81.12 24.52 -5.22
N ALA T 626 81.04 25.80 -5.55
CA ALA T 626 80.47 26.23 -6.81
C ALA T 626 81.14 25.50 -7.96
N SER T 627 82.47 25.44 -7.91
CA SER T 627 83.26 24.79 -8.92
C SER T 627 82.91 23.32 -9.05
N THR T 628 82.69 22.68 -7.90
CA THR T 628 82.35 21.28 -7.86
C THR T 628 80.97 21.02 -8.45
N LEU T 629 80.04 21.90 -8.08
CA LEU T 629 78.67 21.80 -8.56
C LEU T 629 78.63 21.97 -10.07
N GLU T 630 79.51 22.82 -10.57
CA GLU T 630 79.61 23.10 -11.98
C GLU T 630 79.97 21.85 -12.76
N ALA T 631 81.08 21.23 -12.33
CA ALA T 631 81.58 20.01 -12.92
C ALA T 631 80.50 18.96 -13.07
N MET T 632 79.73 18.77 -12.00
CA MET T 632 78.66 17.80 -11.99
C MET T 632 77.56 18.14 -12.98
N LEU T 633 77.14 19.39 -12.96
CA LEU T 633 76.08 19.86 -13.84
C LEU T 633 76.48 19.87 -15.31
N ARG T 634 77.77 19.66 -15.57
CA ARG T 634 78.25 19.68 -16.93
C ARG T 634 78.10 18.32 -17.63
N ASN T 635 77.81 17.29 -16.86
CA ASN T 635 77.61 15.97 -17.42
C ASN T 635 76.17 15.83 -17.88
N ASP T 636 75.99 15.20 -19.02
CA ASP T 636 74.65 15.02 -19.55
C ASP T 636 73.72 14.27 -18.62
N THR T 637 74.28 13.32 -17.87
CA THR T 637 73.41 12.59 -16.97
C THR T 637 72.76 13.53 -15.97
N ASN T 638 73.41 14.66 -15.74
CA ASN T 638 72.91 15.68 -14.82
C ASN T 638 72.32 16.88 -15.52
N ASP T 639 71.78 16.64 -16.72
CA ASP T 639 71.15 17.68 -17.50
C ASP T 639 69.85 18.11 -16.83
N GLN T 640 69.60 19.42 -16.82
CA GLN T 640 68.39 19.96 -16.24
C GLN T 640 67.21 19.72 -17.17
N SER T 641 66.00 19.72 -16.62
CA SER T 641 64.82 19.52 -17.46
C SER T 641 63.57 20.17 -16.89
N PHE T 642 62.77 20.70 -17.79
CA PHE T 642 61.55 21.38 -17.40
C PHE T 642 60.42 21.12 -18.36
N ASN T 643 59.22 21.32 -17.86
CA ASN T 643 58.01 21.16 -18.62
C ASN T 643 57.12 22.35 -18.34
N ASP T 644 56.33 22.72 -19.32
CA ASP T 644 55.43 23.83 -19.15
C ASP T 644 54.29 23.38 -18.24
N TYR T 645 53.90 24.25 -17.31
CA TYR T 645 52.83 23.91 -16.40
C TYR T 645 51.53 23.57 -17.11
N LEU T 646 51.16 24.40 -18.08
CA LEU T 646 49.94 24.19 -18.83
C LEU T 646 49.96 22.88 -19.60
N SER T 647 51.11 22.60 -20.19
CA SER T 647 51.34 21.39 -20.96
C SER T 647 50.26 21.13 -21.99
N ALA T 648 50.16 22.01 -22.96
CA ALA T 648 49.15 21.83 -23.97
C ALA T 648 49.36 22.63 -25.24
N ALA T 649 48.73 22.12 -26.29
CA ALA T 649 48.71 22.73 -27.60
C ALA T 649 47.40 23.51 -27.62
N ASN T 650 47.47 24.81 -27.85
CA ASN T 650 46.27 25.61 -27.81
C ASN T 650 45.64 25.93 -29.15
N MET T 651 44.35 25.64 -29.26
CA MET T 651 43.64 25.93 -30.48
C MET T 651 42.40 26.76 -30.26
N LEU T 652 42.12 27.58 -31.26
CA LEU T 652 40.98 28.45 -31.27
C LEU T 652 40.17 28.23 -32.54
N TYR T 653 38.88 27.95 -32.35
CA TYR T 653 37.96 27.74 -33.45
C TYR T 653 36.82 28.71 -33.32
N PRO T 654 36.54 29.37 -34.43
CA PRO T 654 35.49 30.35 -34.51
C PRO T 654 34.09 29.79 -34.42
N ILE T 655 33.26 30.57 -33.72
CA ILE T 655 31.86 30.30 -33.51
C ILE T 655 31.07 31.52 -33.96
N PRO T 656 30.60 31.47 -35.19
CA PRO T 656 29.85 32.58 -35.74
C PRO T 656 28.66 32.93 -34.89
N ALA T 657 28.30 34.20 -34.90
CA ALA T 657 27.17 34.66 -34.12
C ALA T 657 25.96 33.78 -34.40
N ASN T 658 25.31 33.36 -33.33
CA ASN T 658 24.13 32.54 -33.45
C ASN T 658 24.37 31.08 -33.83
N ALA T 659 25.63 30.75 -34.14
CA ALA T 659 25.97 29.38 -34.46
C ALA T 659 25.72 28.55 -33.22
N THR T 660 25.39 27.27 -33.40
CA THR T 660 25.11 26.42 -32.25
C THR T 660 25.86 25.11 -32.30
N ASN T 661 26.34 24.78 -33.49
CA ASN T 661 27.07 23.56 -33.72
C ASN T 661 28.52 23.89 -34.07
N VAL T 662 29.45 23.23 -33.39
CA VAL T 662 30.86 23.45 -33.64
C VAL T 662 31.59 22.14 -33.81
N PRO T 663 31.82 21.80 -35.08
CA PRO T 663 32.51 20.58 -35.42
C PRO T 663 33.97 20.85 -35.67
N ILE T 664 34.82 20.00 -35.11
CA ILE T 664 36.24 20.15 -35.29
C ILE T 664 36.84 18.85 -35.76
N SER T 665 37.78 18.98 -36.68
CA SER T 665 38.41 17.81 -37.23
C SER T 665 39.92 17.88 -37.14
N ILE T 666 40.50 16.76 -36.73
CA ILE T 666 41.94 16.62 -36.61
C ILE T 666 42.39 15.47 -37.49
N PRO T 667 43.13 15.80 -38.54
CA PRO T 667 43.59 14.79 -39.45
C PRO T 667 44.40 13.74 -38.73
N SER T 668 44.25 12.50 -39.17
CA SER T 668 44.93 11.38 -38.58
C SER T 668 46.35 11.75 -38.16
N ARG T 669 46.66 11.43 -36.91
CA ARG T 669 47.95 11.70 -36.33
C ARG T 669 48.23 10.75 -35.17
N ASN T 670 49.38 10.95 -34.54
CA ASN T 670 49.80 10.14 -33.42
C ASN T 670 49.24 10.65 -32.09
N TRP T 671 48.78 9.72 -31.26
CA TRP T 671 48.20 10.10 -29.98
C TRP T 671 48.91 9.58 -28.75
N ALA T 672 50.04 8.92 -28.92
CA ALA T 672 50.76 8.41 -27.77
C ALA T 672 51.08 9.51 -26.76
N ALA T 673 50.82 9.23 -25.49
CA ALA T 673 51.09 10.16 -24.40
C ALA T 673 50.02 11.24 -24.24
N PHE T 674 48.99 11.16 -25.06
CA PHE T 674 47.90 12.12 -24.98
C PHE T 674 47.35 12.13 -23.56
N ARG T 675 47.15 13.33 -23.00
CA ARG T 675 46.66 13.42 -21.63
C ARG T 675 45.18 13.70 -21.49
N GLY T 676 44.60 14.43 -22.44
CA GLY T 676 43.19 14.73 -22.35
C GLY T 676 42.84 16.10 -22.92
N TRP T 677 41.59 16.50 -22.72
CA TRP T 677 41.10 17.77 -23.22
C TRP T 677 40.63 18.70 -22.12
N ALA T 678 40.76 19.99 -22.44
CA ALA T 678 40.33 21.09 -21.59
C ALA T 678 39.77 22.16 -22.51
N PHE T 679 38.66 22.79 -22.12
CA PHE T 679 38.10 23.80 -23.01
C PHE T 679 37.18 24.81 -22.35
N THR T 680 37.03 25.93 -23.08
CA THR T 680 36.21 27.08 -22.73
C THR T 680 35.69 27.71 -24.01
N ARG T 681 35.17 28.91 -23.83
CA ARG T 681 34.64 29.71 -24.88
C ARG T 681 34.97 31.18 -24.63
N LEU T 682 35.54 31.84 -25.64
CA LEU T 682 35.91 33.23 -25.52
C LEU T 682 35.20 34.08 -26.55
N LYS T 683 35.20 35.38 -26.28
CA LYS T 683 34.60 36.33 -27.18
C LYS T 683 35.68 36.80 -28.13
N THR T 684 35.38 36.80 -29.41
CA THR T 684 36.37 37.25 -30.36
C THR T 684 36.87 38.64 -30.03
N LYS T 685 35.96 39.50 -29.58
CA LYS T 685 36.31 40.86 -29.24
C LYS T 685 37.35 40.96 -28.12
N GLU T 686 37.30 40.00 -27.20
CA GLU T 686 38.23 40.01 -26.08
C GLU T 686 39.47 39.16 -26.29
N THR T 687 39.70 38.72 -27.53
CA THR T 687 40.86 37.91 -27.83
C THR T 687 41.73 38.53 -28.90
N PRO T 688 42.76 39.24 -28.48
CA PRO T 688 43.68 39.86 -29.41
C PRO T 688 44.26 38.78 -30.31
N SER T 689 44.68 39.17 -31.51
CA SER T 689 45.27 38.22 -32.41
C SER T 689 46.74 38.09 -32.07
N LEU T 690 47.21 36.88 -31.82
CA LEU T 690 48.61 36.74 -31.48
C LEU T 690 49.51 36.27 -32.61
N GLY T 691 48.92 35.97 -33.76
CA GLY T 691 49.70 35.53 -34.90
C GLY T 691 50.42 36.69 -35.57
N SER T 692 50.83 37.66 -34.75
CA SER T 692 51.53 38.83 -35.25
C SER T 692 51.89 39.84 -34.15
N GLY T 693 52.91 40.64 -34.44
CA GLY T 693 53.41 41.63 -33.52
C GLY T 693 52.42 42.75 -33.20
N TYR T 694 51.40 42.92 -34.05
CA TYR T 694 50.42 43.97 -33.84
C TYR T 694 49.06 43.65 -34.44
N ASP T 695 48.00 43.88 -33.66
CA ASP T 695 46.62 43.62 -34.09
C ASP T 695 45.85 44.91 -34.31
N PRO T 696 45.80 45.30 -35.58
CA PRO T 696 45.10 46.50 -36.00
C PRO T 696 43.63 46.52 -35.62
N TYR T 697 43.01 45.34 -35.53
CA TYR T 697 41.59 45.27 -35.21
C TYR T 697 41.23 45.08 -33.74
N TYR T 698 42.22 45.20 -32.85
CA TYR T 698 42.00 45.02 -31.44
C TYR T 698 41.68 46.34 -30.75
N THR T 699 40.39 46.58 -30.53
CA THR T 699 39.91 47.80 -29.90
C THR T 699 39.21 47.53 -28.58
N TYR T 700 39.94 46.87 -27.68
CA TYR T 700 39.42 46.49 -26.39
C TYR T 700 40.54 46.45 -25.36
N SER T 701 40.28 46.87 -24.12
CA SER T 701 41.32 46.88 -23.12
C SER T 701 40.93 46.22 -21.80
N GLY T 702 39.92 45.36 -21.82
CA GLY T 702 39.50 44.70 -20.61
C GLY T 702 40.31 43.44 -20.33
N SER T 703 39.74 42.57 -19.49
CA SER T 703 40.39 41.33 -19.14
C SER T 703 40.51 40.46 -20.37
N ILE T 704 41.58 39.69 -20.46
CA ILE T 704 41.80 38.81 -21.59
C ILE T 704 41.84 37.36 -21.13
N PRO T 705 40.69 36.73 -21.03
CA PRO T 705 40.61 35.35 -20.57
C PRO T 705 41.63 34.39 -21.14
N TYR T 706 41.90 34.48 -22.43
CA TYR T 706 42.86 33.57 -23.05
C TYR T 706 44.23 33.61 -22.38
N LEU T 707 44.59 34.79 -21.88
CA LEU T 707 45.87 34.99 -21.24
C LEU T 707 45.83 35.03 -19.72
N ASP T 708 44.77 35.59 -19.15
CA ASP T 708 44.68 35.72 -17.71
C ASP T 708 43.88 34.71 -16.92
N GLY T 709 42.97 33.98 -17.56
CA GLY T 709 42.19 32.98 -16.85
C GLY T 709 40.87 33.51 -16.30
N THR T 710 40.46 34.67 -16.78
CA THR T 710 39.21 35.25 -16.33
C THR T 710 38.03 34.66 -17.08
N PHE T 711 38.02 33.33 -17.19
CA PHE T 711 36.97 32.60 -17.89
C PHE T 711 35.63 32.83 -17.25
N TYR T 712 34.61 33.02 -18.09
CA TYR T 712 33.26 33.26 -17.63
C TYR T 712 32.15 32.76 -18.54
N LEU T 713 32.46 31.92 -19.52
CA LEU T 713 31.42 31.46 -20.42
C LEU T 713 31.18 29.96 -20.44
N ASN T 714 31.62 29.27 -19.39
CA ASN T 714 31.50 27.83 -19.29
C ASN T 714 30.09 27.27 -19.22
N HIS T 715 29.14 28.10 -18.83
CA HIS T 715 27.77 27.68 -18.70
C HIS T 715 27.03 27.60 -20.02
N THR T 716 27.70 27.99 -21.11
CA THR T 716 27.08 27.99 -22.42
C THR T 716 27.27 26.69 -23.19
N PHE T 717 27.98 25.74 -22.59
CA PHE T 717 28.21 24.48 -23.26
C PHE T 717 27.05 23.55 -23.06
N LYS T 718 26.65 22.87 -24.12
CA LYS T 718 25.54 21.95 -24.04
C LYS T 718 26.00 20.51 -23.98
N LYS T 719 26.83 20.14 -24.94
CA LYS T 719 27.34 18.79 -24.99
C LYS T 719 28.59 18.64 -25.84
N VAL T 720 29.22 17.49 -25.69
CA VAL T 720 30.43 17.17 -26.43
C VAL T 720 30.44 15.72 -26.86
N ALA T 721 30.71 15.53 -28.13
CA ALA T 721 30.79 14.22 -28.72
C ALA T 721 32.18 14.00 -29.26
N ILE T 722 32.84 12.95 -28.77
CA ILE T 722 34.19 12.64 -29.21
C ILE T 722 34.26 11.38 -30.03
N THR T 723 34.90 11.46 -31.20
CA THR T 723 34.98 10.31 -32.08
C THR T 723 36.34 10.10 -32.73
N PHE T 724 36.83 8.88 -32.60
CA PHE T 724 38.07 8.50 -33.20
C PHE T 724 37.78 7.74 -34.48
N ASP T 725 38.63 7.96 -35.48
CA ASP T 725 38.53 7.31 -36.78
C ASP T 725 37.14 7.25 -37.43
N SER T 726 36.40 8.35 -37.36
CA SER T 726 35.09 8.44 -37.98
C SER T 726 34.05 7.40 -37.55
N SER T 727 34.38 6.50 -36.63
CA SER T 727 33.39 5.51 -36.25
C SER T 727 33.32 5.21 -34.77
N VAL T 728 34.48 5.19 -34.14
CA VAL T 728 34.61 4.87 -32.73
C VAL T 728 34.33 6.02 -31.76
N SER T 729 33.33 5.78 -30.91
CA SER T 729 32.93 6.74 -29.91
C SER T 729 33.71 6.58 -28.60
N TRP T 730 34.32 7.67 -28.17
CA TRP T 730 35.08 7.69 -26.94
C TRP T 730 34.27 8.45 -25.91
N PRO T 731 34.17 7.92 -24.70
CA PRO T 731 34.82 6.69 -24.26
C PRO T 731 34.04 5.42 -24.61
N GLY T 732 32.84 5.58 -25.16
CA GLY T 732 32.03 4.40 -25.48
C GLY T 732 31.96 3.48 -24.29
N ASN T 733 31.99 2.17 -24.54
CA ASN T 733 31.95 1.17 -23.48
C ASN T 733 30.74 1.23 -22.56
N ASP T 734 29.73 2.00 -22.96
CA ASP T 734 28.52 2.10 -22.16
C ASP T 734 28.73 2.73 -20.80
N ARG T 735 29.77 3.55 -20.69
CA ARG T 735 30.12 4.20 -19.44
C ARG T 735 29.14 5.22 -18.89
N LEU T 736 28.77 6.22 -19.71
CA LEU T 736 27.87 7.29 -19.28
C LEU T 736 26.38 7.00 -19.44
N LEU T 737 25.56 7.75 -18.69
CA LEU T 737 24.11 7.61 -18.75
C LEU T 737 23.60 7.78 -20.17
N THR T 738 24.29 8.65 -20.90
CA THR T 738 24.05 8.95 -22.30
C THR T 738 25.38 8.75 -23.01
N PRO T 739 25.74 7.47 -23.06
CA PRO T 739 26.95 6.88 -23.59
C PRO T 739 27.55 7.49 -24.85
N ASN T 740 26.73 7.99 -25.77
CA ASN T 740 27.30 8.50 -27.02
C ASN T 740 27.95 9.87 -26.95
N GLU T 741 27.84 10.53 -25.83
CA GLU T 741 28.41 11.85 -25.72
C GLU T 741 28.40 12.38 -24.31
N PHE T 742 29.12 13.48 -24.14
CA PHE T 742 29.18 14.17 -22.87
C PHE T 742 28.13 15.26 -22.83
N GLU T 743 27.10 15.05 -22.02
CA GLU T 743 26.03 16.01 -21.88
C GLU T 743 26.35 16.91 -20.71
N ILE T 744 26.65 18.19 -20.98
CA ILE T 744 26.97 19.11 -19.91
C ILE T 744 25.76 19.54 -19.10
N LYS T 745 24.63 19.75 -19.77
CA LYS T 745 23.41 20.19 -19.10
C LYS T 745 22.16 19.80 -19.88
N ARG T 746 21.04 19.64 -19.18
CA ARG T 746 19.76 19.28 -19.79
C ARG T 746 18.66 20.29 -19.46
N SER T 747 17.74 20.47 -20.41
CA SER T 747 16.63 21.40 -20.24
C SER T 747 15.28 20.77 -19.96
N VAL T 748 14.83 20.94 -18.72
CA VAL T 748 13.55 20.47 -18.20
C VAL T 748 13.16 19.05 -18.59
N ASP T 749 13.09 18.82 -19.88
CA ASP T 749 12.71 17.52 -20.41
C ASP T 749 13.54 16.35 -19.85
N GLY T 750 14.77 16.65 -19.44
CA GLY T 750 15.63 15.60 -18.91
C GLY T 750 15.95 15.77 -17.44
N GLU T 751 15.14 16.53 -16.72
CA GLU T 751 15.34 16.76 -15.31
C GLU T 751 15.97 15.58 -14.57
N GLY T 752 15.32 14.42 -14.60
CA GLY T 752 15.78 13.22 -13.90
C GLY T 752 17.29 12.94 -13.98
N TYR T 753 17.93 13.33 -15.09
CA TYR T 753 19.34 13.09 -15.25
C TYR T 753 20.20 14.21 -14.69
N ASN T 754 19.55 15.20 -14.09
CA ASN T 754 20.26 16.33 -13.52
C ASN T 754 20.64 16.07 -12.07
N VAL T 755 21.49 16.94 -11.54
CA VAL T 755 21.95 16.78 -10.18
C VAL T 755 22.27 18.14 -9.52
N ALA T 756 22.63 18.08 -8.24
CA ALA T 756 23.00 19.24 -7.44
C ALA T 756 22.01 20.41 -7.41
N GLN T 757 20.75 20.14 -7.77
CA GLN T 757 19.74 21.19 -7.74
C GLN T 757 19.90 22.27 -8.80
N CYS T 758 20.42 21.86 -9.95
CA CYS T 758 20.60 22.75 -11.07
C CYS T 758 20.41 21.97 -12.38
N ASN T 759 20.74 22.59 -13.49
CA ASN T 759 20.57 21.92 -14.77
C ASN T 759 21.76 21.08 -15.23
N MET T 760 22.72 20.86 -14.33
CA MET T 760 23.87 20.06 -14.70
C MET T 760 23.51 18.59 -14.63
N THR T 761 24.12 17.77 -15.48
CA THR T 761 23.81 16.36 -15.47
C THR T 761 24.64 15.58 -14.46
N LYS T 762 24.12 14.42 -14.09
CA LYS T 762 24.82 13.56 -13.14
C LYS T 762 26.15 13.15 -13.73
N ASP T 763 26.11 12.77 -15.01
CA ASP T 763 27.26 12.33 -15.78
C ASP T 763 28.42 13.32 -15.72
N TRP T 764 28.09 14.55 -16.08
CA TRP T 764 29.05 15.64 -16.11
C TRP T 764 29.61 15.97 -14.74
N PHE T 765 28.74 16.02 -13.74
CA PHE T 765 29.16 16.33 -12.39
C PHE T 765 30.16 15.29 -11.92
N LEU T 766 29.93 14.05 -12.32
CA LEU T 766 30.78 12.94 -11.97
C LEU T 766 32.15 13.08 -12.59
N VAL T 767 32.17 13.41 -13.87
CA VAL T 767 33.42 13.57 -14.60
C VAL T 767 34.26 14.72 -14.08
N GLN T 768 33.62 15.85 -13.83
CA GLN T 768 34.31 17.01 -13.33
C GLN T 768 34.90 16.76 -11.95
N MET T 769 34.14 16.08 -11.10
CA MET T 769 34.59 15.79 -9.74
C MET T 769 35.79 14.86 -9.72
N LEU T 770 35.77 13.85 -10.59
CA LEU T 770 36.86 12.89 -10.68
C LEU T 770 38.10 13.53 -11.27
N ALA T 771 37.89 14.20 -12.40
CA ALA T 771 38.97 14.87 -13.11
C ALA T 771 39.73 15.87 -12.25
N ASN T 772 38.99 16.61 -11.42
CA ASN T 772 39.58 17.61 -10.56
C ASN T 772 40.09 17.07 -9.23
N TYR T 773 39.34 16.15 -8.62
CA TYR T 773 39.75 15.64 -7.33
C TYR T 773 39.69 14.14 -7.14
N ASN T 774 39.39 13.38 -8.18
CA ASN T 774 39.30 11.93 -8.00
C ASN T 774 38.15 11.54 -7.09
N ILE T 775 37.18 12.45 -6.92
CA ILE T 775 36.03 12.16 -6.07
C ILE T 775 34.86 11.71 -6.92
N GLY T 776 34.23 10.59 -6.58
CA GLY T 776 33.10 10.18 -7.39
C GLY T 776 32.66 8.74 -7.22
N TYR T 777 33.62 7.82 -7.12
CA TYR T 777 33.28 6.41 -6.98
C TYR T 777 32.97 6.00 -5.56
N GLN T 778 33.39 6.82 -4.62
CA GLN T 778 33.15 6.49 -3.23
C GLN T 778 32.42 7.61 -2.52
N GLY T 779 31.43 8.15 -3.20
CA GLY T 779 30.62 9.23 -2.67
C GLY T 779 31.12 10.60 -3.07
N PHE T 780 30.20 11.56 -2.99
CA PHE T 780 30.45 12.95 -3.31
C PHE T 780 30.54 13.74 -2.03
N TYR T 781 31.52 14.62 -1.94
CA TYR T 781 31.70 15.46 -0.77
C TYR T 781 32.54 16.65 -1.15
N ILE T 782 32.56 17.65 -0.27
CA ILE T 782 33.36 18.81 -0.56
C ILE T 782 34.83 18.46 -0.54
N PRO T 783 35.55 18.78 -1.61
CA PRO T 783 36.96 18.47 -1.70
C PRO T 783 37.77 19.22 -0.66
N GLU T 784 38.93 18.66 -0.29
CA GLU T 784 39.78 19.31 0.67
C GLU T 784 40.25 20.65 0.10
N SER T 785 40.17 21.70 0.90
CA SER T 785 40.54 23.04 0.51
C SER T 785 41.85 23.20 -0.26
N TYR T 786 42.89 22.49 0.13
CA TYR T 786 44.13 22.65 -0.59
C TYR T 786 44.07 22.12 -2.02
N LYS T 787 43.07 21.29 -2.33
CA LYS T 787 42.89 20.74 -3.67
C LYS T 787 41.91 21.54 -4.48
N ASP T 788 41.12 22.35 -3.79
CA ASP T 788 40.12 23.19 -4.40
C ASP T 788 40.62 24.61 -4.48
N ARG T 789 41.43 24.89 -5.50
CA ARG T 789 42.02 26.20 -5.67
C ARG T 789 41.16 27.23 -6.40
N MET T 790 41.77 28.38 -6.66
CA MET T 790 41.11 29.50 -7.33
C MET T 790 40.44 29.17 -8.65
N TYR T 791 41.17 28.46 -9.49
CA TYR T 791 40.68 28.10 -10.80
C TYR T 791 40.08 26.70 -10.87
N SER T 792 39.72 26.17 -9.70
CA SER T 792 39.14 24.84 -9.62
C SER T 792 37.66 24.80 -9.93
N PHE T 793 37.17 23.58 -10.12
CA PHE T 793 35.78 23.34 -10.44
C PHE T 793 34.77 23.69 -9.36
N PHE T 794 34.81 22.93 -8.27
CA PHE T 794 33.91 23.10 -7.15
C PHE T 794 33.80 24.51 -6.59
N ARG T 795 34.96 25.06 -6.19
CA ARG T 795 35.04 26.39 -5.62
C ARG T 795 34.33 27.43 -6.46
N ASN T 796 34.24 27.17 -7.78
CA ASN T 796 33.61 28.09 -8.72
C ASN T 796 32.21 27.70 -9.19
N PHE T 797 31.75 26.53 -8.73
CA PHE T 797 30.42 26.03 -9.10
C PHE T 797 29.30 26.69 -8.31
N GLN T 798 28.36 27.32 -9.04
CA GLN T 798 27.24 28.02 -8.44
C GLN T 798 25.88 27.67 -9.05
N PRO T 799 25.15 26.75 -8.42
CA PRO T 799 23.85 26.38 -8.95
C PRO T 799 22.80 27.39 -8.51
N MET T 800 21.90 27.75 -9.43
CA MET T 800 20.87 28.73 -9.13
C MET T 800 19.47 28.32 -9.58
N SER T 801 18.49 28.89 -8.89
CA SER T 801 17.09 28.67 -9.15
C SER T 801 16.25 29.89 -8.82
N ARG T 802 15.13 30.02 -9.50
CA ARG T 802 14.21 31.11 -9.29
C ARG T 802 12.90 30.80 -9.96
N GLN T 803 11.88 31.57 -9.59
CA GLN T 803 10.56 31.39 -10.14
C GLN T 803 10.10 32.64 -10.83
N VAL T 804 9.32 32.48 -11.88
CA VAL T 804 8.77 33.58 -12.65
C VAL T 804 7.33 33.26 -13.03
N VAL T 805 6.52 34.28 -13.30
CA VAL T 805 5.14 34.04 -13.68
C VAL T 805 5.05 33.14 -14.88
N ASP T 806 4.08 32.24 -14.84
CA ASP T 806 3.87 31.37 -15.97
C ASP T 806 2.92 32.10 -16.91
N ASP T 807 3.47 32.67 -17.97
CA ASP T 807 2.69 33.42 -18.93
C ASP T 807 1.59 32.62 -19.63
N THR T 808 1.72 31.29 -19.64
CA THR T 808 0.72 30.48 -20.31
C THR T 808 -0.32 29.84 -19.39
N LYS T 809 -0.20 30.04 -18.08
CA LYS T 809 -1.18 29.44 -17.18
C LYS T 809 -1.82 30.44 -16.22
N TYR T 810 -1.19 31.60 -16.05
CA TYR T 810 -1.73 32.63 -15.18
C TYR T 810 -2.78 33.41 -15.96
N LYS T 811 -4.04 33.08 -15.71
CA LYS T 811 -5.18 33.70 -16.37
C LYS T 811 -5.10 35.21 -16.61
N ASP T 812 -4.71 35.96 -15.57
CA ASP T 812 -4.64 37.41 -15.67
C ASP T 812 -3.33 37.99 -16.16
N TYR T 813 -2.45 37.13 -16.68
CA TYR T 813 -1.17 37.59 -17.16
C TYR T 813 -1.26 38.78 -18.11
N GLN T 814 -0.34 39.72 -17.91
CA GLN T 814 -0.22 40.93 -18.71
C GLN T 814 1.24 41.25 -18.99
N GLN T 815 1.60 41.31 -20.26
CA GLN T 815 2.97 41.60 -20.63
C GLN T 815 3.26 43.09 -20.62
N VAL T 816 3.73 43.58 -19.49
CA VAL T 816 4.04 44.98 -19.32
C VAL T 816 5.53 45.25 -19.30
N GLY T 817 5.99 46.13 -20.19
CA GLY T 817 7.40 46.48 -20.31
C GLY T 817 7.78 47.66 -19.42
N ILE T 818 9.07 48.00 -19.39
CA ILE T 818 9.53 49.12 -18.57
C ILE T 818 8.76 50.39 -18.82
N LEU T 819 8.51 50.67 -20.09
CA LEU T 819 7.79 51.86 -20.48
C LEU T 819 6.50 52.05 -19.71
N HIS T 820 5.90 50.94 -19.29
CA HIS T 820 4.64 50.99 -18.58
C HIS T 820 4.62 50.42 -17.18
N GLN T 821 5.77 50.09 -16.66
CA GLN T 821 5.76 49.55 -15.32
C GLN T 821 5.84 50.69 -14.34
N HIS T 822 5.05 50.58 -13.28
CA HIS T 822 5.07 51.60 -12.25
C HIS T 822 5.14 51.02 -10.86
N ASN T 823 6.20 51.43 -10.18
CA ASN T 823 6.53 51.04 -8.83
C ASN T 823 7.40 52.15 -8.28
N ASN T 824 6.89 52.84 -7.27
CA ASN T 824 7.58 53.96 -6.66
C ASN T 824 7.30 55.23 -7.44
N SER T 825 6.28 55.15 -8.28
CA SER T 825 5.86 56.29 -9.08
C SER T 825 5.66 57.48 -8.16
N GLY T 826 6.14 58.62 -8.62
CA GLY T 826 6.01 59.81 -7.81
C GLY T 826 7.21 59.99 -6.90
N PHE T 827 8.06 58.97 -6.81
CA PHE T 827 9.24 59.06 -5.96
C PHE T 827 10.54 58.77 -6.71
N VAL T 828 10.41 58.38 -7.97
CA VAL T 828 11.55 58.05 -8.81
C VAL T 828 11.48 58.72 -10.20
N GLY T 829 12.63 58.86 -10.85
CA GLY T 829 12.64 59.47 -12.17
C GLY T 829 12.11 58.47 -13.19
N TYR T 830 11.65 58.94 -14.34
CA TYR T 830 11.07 58.06 -15.35
C TYR T 830 12.08 57.63 -16.42
N LEU T 831 12.31 56.32 -16.52
CA LEU T 831 13.25 55.74 -17.48
C LEU T 831 14.65 56.34 -17.40
N ALA T 832 15.01 56.83 -16.21
CA ALA T 832 16.30 57.44 -16.02
C ALA T 832 16.60 57.75 -14.56
N PRO T 833 17.88 57.97 -14.28
CA PRO T 833 18.35 58.26 -12.94
C PRO T 833 18.16 59.72 -12.59
N THR T 834 17.06 60.30 -13.04
CA THR T 834 16.82 61.71 -12.78
C THR T 834 15.90 61.96 -11.62
N MET T 835 15.48 63.22 -11.56
CA MET T 835 14.60 63.77 -10.56
C MET T 835 13.26 63.05 -10.51
N ARG T 836 12.69 63.00 -9.30
CA ARG T 836 11.42 62.35 -9.13
C ARG T 836 10.32 63.02 -9.93
N GLU T 837 9.32 62.23 -10.27
CA GLU T 837 8.19 62.68 -11.02
C GLU T 837 7.06 61.68 -10.83
N GLY T 838 5.88 62.04 -11.32
CA GLY T 838 4.75 61.16 -11.18
C GLY T 838 3.97 61.43 -9.92
N GLN T 839 3.24 60.40 -9.49
CA GLN T 839 2.41 60.48 -8.31
C GLN T 839 2.28 59.12 -7.64
N ALA T 840 2.01 59.16 -6.35
CA ALA T 840 1.82 57.92 -5.63
C ALA T 840 0.78 57.10 -6.34
N TYR T 841 0.92 55.79 -6.27
CA TYR T 841 -0.03 54.91 -6.92
C TYR T 841 0.35 53.45 -6.76
N PRO T 842 -0.67 52.63 -6.56
CA PRO T 842 -0.44 51.22 -6.41
C PRO T 842 0.43 50.69 -7.53
N ALA T 843 1.49 49.98 -7.17
CA ALA T 843 2.40 49.43 -8.16
C ALA T 843 1.65 48.42 -9.01
N ASN T 844 2.07 48.28 -10.25
CA ASN T 844 1.46 47.36 -11.19
C ASN T 844 2.44 46.27 -11.57
N PHE T 845 3.56 46.27 -10.85
CA PHE T 845 4.62 45.34 -11.10
C PHE T 845 5.59 45.39 -9.93
N PRO T 846 6.26 44.28 -9.60
CA PRO T 846 6.17 42.99 -10.26
C PRO T 846 5.06 42.13 -9.73
N TYR T 847 4.88 40.96 -10.35
CA TYR T 847 3.87 40.01 -9.93
C TYR T 847 4.28 39.32 -8.64
N PRO T 848 3.32 39.14 -7.75
CA PRO T 848 3.58 38.48 -6.48
C PRO T 848 3.78 36.98 -6.66
N LEU T 849 4.92 36.50 -6.18
CA LEU T 849 5.25 35.08 -6.27
C LEU T 849 5.00 34.38 -4.95
N ILE T 850 4.61 35.18 -3.97
CA ILE T 850 4.34 34.71 -2.64
C ILE T 850 3.00 35.20 -2.15
N GLY T 851 2.54 34.67 -1.01
CA GLY T 851 1.27 35.04 -0.42
C GLY T 851 0.10 34.18 -0.85
N LYS T 852 -1.09 34.55 -0.39
CA LYS T 852 -2.32 33.84 -0.71
C LYS T 852 -2.76 34.15 -2.12
N THR T 853 -2.10 35.12 -2.73
CA THR T 853 -2.43 35.59 -4.06
C THR T 853 -1.37 35.31 -5.13
N ALA T 854 -0.27 34.66 -4.74
CA ALA T 854 0.80 34.32 -5.67
C ALA T 854 0.27 33.78 -6.99
N VAL T 855 0.93 34.18 -8.08
CA VAL T 855 0.56 33.77 -9.41
C VAL T 855 1.15 32.43 -9.79
N ASP T 856 0.51 31.79 -10.76
CA ASP T 856 1.00 30.53 -11.25
C ASP T 856 2.42 30.76 -11.71
N SER T 857 3.34 29.94 -11.24
CA SER T 857 4.73 30.14 -11.60
C SER T 857 5.36 28.99 -12.34
N ILE T 858 6.57 29.27 -12.80
CA ILE T 858 7.40 28.34 -13.52
C ILE T 858 8.81 28.41 -12.96
N THR T 859 9.47 27.27 -12.88
CA THR T 859 10.81 27.22 -12.34
C THR T 859 11.95 27.23 -13.34
N GLN T 860 12.99 27.98 -12.99
CA GLN T 860 14.18 28.12 -13.80
C GLN T 860 15.45 27.76 -13.03
N LYS T 861 16.27 26.91 -13.62
CA LYS T 861 17.52 26.49 -13.01
C LYS T 861 18.67 26.65 -14.00
N LYS T 862 19.82 27.02 -13.47
CA LYS T 862 21.00 27.19 -14.26
C LYS T 862 22.21 27.15 -13.34
N PHE T 863 23.34 27.56 -13.87
CA PHE T 863 24.55 27.57 -13.08
C PHE T 863 25.64 28.38 -13.75
N LEU T 864 26.55 28.84 -12.92
CA LEU T 864 27.71 29.59 -13.32
C LEU T 864 28.91 28.75 -12.93
N CYS T 865 30.00 28.90 -13.66
CA CYS T 865 31.19 28.15 -13.34
C CYS T 865 32.39 28.88 -13.90
N ASP T 866 32.54 30.10 -13.41
CA ASP T 866 33.59 31.02 -13.79
C ASP T 866 34.98 30.56 -13.44
N ARG T 867 35.92 31.26 -14.06
CA ARG T 867 37.35 31.10 -13.94
C ARG T 867 37.90 29.68 -13.82
N THR T 868 37.37 28.76 -14.62
CA THR T 868 37.83 27.39 -14.63
C THR T 868 37.74 26.82 -16.04
N LEU T 869 38.35 25.67 -16.25
CA LEU T 869 38.33 25.02 -17.55
C LEU T 869 37.60 23.69 -17.46
N TRP T 870 36.73 23.41 -18.44
CA TRP T 870 36.04 22.13 -18.46
C TRP T 870 37.09 21.05 -18.72
N ARG T 871 36.97 19.90 -18.07
CA ARG T 871 37.98 18.88 -18.29
C ARG T 871 37.46 17.48 -18.64
N ILE T 872 38.17 16.85 -19.57
CA ILE T 872 37.93 15.50 -20.05
C ILE T 872 39.27 14.80 -20.19
N PRO T 873 39.65 14.11 -19.13
CA PRO T 873 40.92 13.41 -19.06
C PRO T 873 40.95 12.17 -19.92
N PHE T 874 42.12 11.90 -20.49
CA PHE T 874 42.29 10.72 -21.30
C PHE T 874 42.74 9.58 -20.41
N SER T 875 41.87 9.26 -19.46
CA SER T 875 42.09 8.21 -18.47
C SER T 875 40.92 7.23 -18.46
N SER T 876 41.23 5.93 -18.38
CA SER T 876 40.22 4.90 -18.39
C SER T 876 39.07 5.08 -17.39
N ASN T 877 39.35 5.66 -16.23
CA ASN T 877 38.32 5.87 -15.23
C ASN T 877 38.16 7.35 -14.88
N PHE T 878 38.69 8.19 -15.77
CA PHE T 878 38.68 9.63 -15.63
C PHE T 878 39.51 10.12 -14.46
N MET T 879 40.10 9.19 -13.71
CA MET T 879 40.88 9.60 -12.56
C MET T 879 42.32 9.93 -12.90
N SER T 880 42.96 10.62 -11.97
CA SER T 880 44.34 11.00 -12.08
C SER T 880 45.17 9.93 -11.38
N MET T 881 45.89 9.16 -12.19
CA MET T 881 46.73 8.09 -11.71
C MET T 881 48.17 8.29 -12.16
N GLY T 882 48.46 9.50 -12.64
CA GLY T 882 49.77 9.84 -13.12
C GLY T 882 49.72 10.74 -14.35
N ALA T 883 50.73 11.59 -14.48
CA ALA T 883 50.84 12.51 -15.60
C ALA T 883 50.69 11.77 -16.91
N LEU T 884 51.41 10.65 -17.01
CA LEU T 884 51.38 9.80 -18.17
C LEU T 884 50.28 8.79 -17.95
N THR T 885 49.12 9.10 -18.52
CA THR T 885 47.90 8.31 -18.40
C THR T 885 47.97 6.88 -18.93
N ASP T 886 47.00 6.08 -18.49
CA ASP T 886 46.93 4.68 -18.92
C ASP T 886 46.58 4.56 -20.39
N LEU T 887 45.66 5.41 -20.85
CA LEU T 887 45.26 5.41 -22.24
C LEU T 887 46.36 5.94 -23.14
N GLY T 888 46.99 7.01 -22.67
CA GLY T 888 48.08 7.62 -23.41
C GLY T 888 49.20 6.63 -23.66
N GLN T 889 49.20 5.53 -22.92
CA GLN T 889 50.24 4.53 -23.09
C GLN T 889 49.80 3.20 -23.68
N ASN T 890 48.53 3.18 -24.12
CA ASN T 890 47.91 2.03 -24.75
C ASN T 890 48.49 1.76 -26.12
N LEU T 891 48.77 0.48 -26.40
CA LEU T 891 49.34 0.10 -27.67
C LEU T 891 48.49 0.58 -28.83
N LEU T 892 47.18 0.58 -28.63
CA LEU T 892 46.29 1.02 -29.67
C LEU T 892 46.51 2.47 -30.04
N TYR T 893 47.09 3.26 -29.13
CA TYR T 893 47.34 4.65 -29.46
C TYR T 893 48.78 4.90 -29.88
N ALA T 894 49.62 3.89 -29.73
CA ALA T 894 51.02 3.97 -30.09
C ALA T 894 51.36 3.28 -31.41
N ASN T 895 50.82 2.08 -31.57
CA ASN T 895 51.06 1.28 -32.76
C ASN T 895 50.42 1.87 -33.99
N SER T 896 49.66 2.95 -33.82
CA SER T 896 49.02 3.52 -34.99
C SER T 896 48.47 4.93 -34.81
N ALA T 897 48.27 5.56 -35.96
CA ALA T 897 47.73 6.90 -36.04
C ALA T 897 46.21 6.87 -36.11
N HIS T 898 45.62 7.90 -35.53
CA HIS T 898 44.18 8.02 -35.52
C HIS T 898 43.74 9.43 -35.85
N ALA T 899 42.55 9.53 -36.40
CA ALA T 899 41.96 10.80 -36.74
C ALA T 899 40.95 11.11 -35.64
N LEU T 900 40.72 12.39 -35.38
CA LEU T 900 39.79 12.71 -34.32
C LEU T 900 38.75 13.74 -34.71
N ASP T 901 37.51 13.47 -34.32
CA ASP T 901 36.41 14.35 -34.60
C ASP T 901 35.71 14.72 -33.30
N MET T 902 35.47 16.02 -33.14
CA MET T 902 34.80 16.55 -31.98
C MET T 902 33.63 17.41 -32.38
N THR T 903 32.55 17.29 -31.64
CA THR T 903 31.38 18.08 -31.93
C THR T 903 30.83 18.73 -30.67
N PHE T 904 30.93 20.05 -30.66
CA PHE T 904 30.46 20.83 -29.55
C PHE T 904 29.12 21.47 -29.84
N GLU T 905 28.28 21.49 -28.82
CA GLU T 905 26.98 22.10 -28.90
C GLU T 905 26.93 23.20 -27.84
N VAL T 906 26.73 24.43 -28.28
CA VAL T 906 26.71 25.54 -27.36
C VAL T 906 25.47 26.39 -27.47
N ASP T 907 25.26 27.21 -26.46
CA ASP T 907 24.14 28.11 -26.46
C ASP T 907 24.48 29.19 -27.46
N PRO T 908 23.48 29.71 -28.16
CA PRO T 908 23.74 30.74 -29.14
C PRO T 908 24.02 32.09 -28.51
N MET T 909 24.98 32.79 -29.12
CA MET T 909 25.35 34.11 -28.69
C MET T 909 25.29 35.05 -29.88
N ASP T 910 24.75 36.23 -29.67
CA ASP T 910 24.60 37.22 -30.72
C ASP T 910 25.89 37.88 -31.13
N GLU T 911 27.01 37.26 -30.82
CA GLU T 911 28.30 37.83 -31.17
C GLU T 911 29.34 36.77 -31.49
N PRO T 912 30.29 37.12 -32.34
CA PRO T 912 31.31 36.15 -32.67
C PRO T 912 32.11 35.73 -31.44
N THR T 913 32.24 34.42 -31.28
CA THR T 913 32.95 33.87 -30.16
C THR T 913 33.96 32.83 -30.62
N LEU T 914 34.66 32.25 -29.67
CA LEU T 914 35.64 31.24 -29.99
C LEU T 914 35.54 30.07 -29.04
N LEU T 915 35.76 28.89 -29.60
CA LEU T 915 35.77 27.68 -28.81
C LEU T 915 37.25 27.41 -28.59
N TYR T 916 37.69 27.52 -27.34
CA TYR T 916 39.07 27.34 -27.01
C TYR T 916 39.39 25.95 -26.50
N VAL T 917 40.16 25.19 -27.29
CA VAL T 917 40.50 23.84 -26.92
C VAL T 917 41.98 23.64 -26.57
N LEU T 918 42.20 23.05 -25.41
CA LEU T 918 43.53 22.75 -24.94
C LEU T 918 43.75 21.26 -25.10
N PHE T 919 44.74 20.91 -25.91
CA PHE T 919 45.05 19.51 -26.08
C PHE T 919 46.18 19.21 -25.12
N GLU T 920 45.86 18.55 -24.02
CA GLU T 920 46.85 18.22 -23.00
C GLU T 920 47.92 17.25 -23.45
N VAL T 921 49.17 17.68 -23.33
CA VAL T 921 50.32 16.90 -23.73
C VAL T 921 51.52 17.19 -22.86
N PHE T 922 52.65 16.69 -23.32
CA PHE T 922 53.91 16.90 -22.68
C PHE T 922 54.69 17.90 -23.50
N ASP T 923 55.04 18.99 -22.84
CA ASP T 923 55.79 20.09 -23.41
C ASP T 923 57.05 20.19 -22.58
N VAL T 924 58.10 19.52 -23.05
CA VAL T 924 59.35 19.44 -22.32
C VAL T 924 60.61 19.87 -23.04
N VAL T 925 61.59 20.20 -22.20
CA VAL T 925 62.93 20.59 -22.58
C VAL T 925 63.97 19.94 -21.71
N ARG T 926 65.09 19.61 -22.33
CA ARG T 926 66.25 19.04 -21.67
C ARG T 926 67.42 19.97 -21.95
N VAL T 927 68.02 20.48 -20.89
CA VAL T 927 69.12 21.42 -21.03
C VAL T 927 70.49 20.81 -20.79
N HIS T 928 71.36 20.99 -21.79
CA HIS T 928 72.71 20.50 -21.77
C HIS T 928 73.69 21.66 -21.74
N ARG T 929 74.66 21.61 -20.82
CA ARG T 929 75.65 22.66 -20.70
C ARG T 929 77.08 22.14 -20.61
N PRO T 930 77.48 21.45 -21.68
CA PRO T 930 78.79 20.82 -21.82
C PRO T 930 80.00 21.68 -21.52
N HIS T 931 79.99 22.95 -21.95
CA HIS T 931 81.13 23.81 -21.73
C HIS T 931 80.78 25.26 -21.42
N ARG T 932 81.79 25.97 -20.94
CA ARG T 932 81.68 27.37 -20.61
C ARG T 932 81.01 28.13 -21.74
N GLY T 933 79.94 28.85 -21.43
CA GLY T 933 79.22 29.63 -22.41
C GLY T 933 78.58 28.83 -23.54
N VAL T 934 78.11 27.63 -23.21
CA VAL T 934 77.47 26.76 -24.19
C VAL T 934 76.19 26.13 -23.64
N ILE T 935 75.07 26.52 -24.25
CA ILE T 935 73.76 26.00 -23.86
C ILE T 935 73.06 25.31 -25.02
N GLU T 936 72.86 24.01 -24.89
CA GLU T 936 72.19 23.25 -25.92
C GLU T 936 70.89 22.73 -25.38
N THR T 937 69.81 22.83 -26.16
CA THR T 937 68.52 22.38 -25.70
C THR T 937 67.87 21.37 -26.62
N VAL T 938 67.03 20.54 -26.02
CA VAL T 938 66.28 19.56 -26.76
C VAL T 938 64.82 19.68 -26.39
N TYR T 939 64.02 20.18 -27.33
CA TYR T 939 62.61 20.32 -27.09
C TYR T 939 61.85 19.14 -27.65
N LEU T 940 60.83 18.73 -26.92
CA LEU T 940 59.99 17.64 -27.32
C LEU T 940 58.57 17.88 -26.85
N ARG T 941 57.65 17.91 -27.80
CA ARG T 941 56.25 18.14 -27.49
C ARG T 941 55.37 17.03 -28.03
N THR T 942 54.88 16.17 -27.15
CA THR T 942 54.02 15.09 -27.59
C THR T 942 52.83 14.84 -26.68
N PRO T 943 51.71 14.56 -27.35
CA PRO T 943 51.67 14.53 -28.80
C PRO T 943 51.76 15.93 -29.40
N PHE T 944 51.35 16.08 -30.66
CA PHE T 944 51.39 17.37 -31.33
C PHE T 944 52.80 17.94 -31.40
N SER T 945 53.71 17.19 -32.00
CA SER T 945 55.08 17.65 -32.14
C SER T 945 55.15 18.87 -33.04
N ALA T 946 56.02 19.82 -32.69
CA ALA T 946 56.20 21.03 -33.45
C ALA T 946 57.19 20.82 -34.58
N MET U 5 33.74 -8.31 28.79
CA MET U 5 35.18 -8.13 28.60
C MET U 5 35.70 -8.80 27.35
N MET U 6 36.99 -9.14 27.39
CA MET U 6 37.72 -9.77 26.31
C MET U 6 36.99 -10.12 25.00
N PRO U 7 36.46 -11.34 24.92
CA PRO U 7 35.77 -11.89 23.75
C PRO U 7 35.03 -10.92 22.84
N GLN U 8 33.93 -10.36 23.31
CA GLN U 8 33.18 -9.46 22.47
C GLN U 8 34.04 -8.30 21.98
N TRP U 9 34.86 -7.79 22.88
CA TRP U 9 35.75 -6.68 22.58
C TRP U 9 36.65 -6.91 21.39
N SER U 10 37.36 -8.04 21.37
CA SER U 10 38.25 -8.33 20.26
C SER U 10 37.47 -8.61 18.97
N TYR U 11 36.40 -9.37 19.11
CA TYR U 11 35.55 -9.70 17.98
C TYR U 11 34.99 -8.46 17.30
N MET U 12 34.49 -7.53 18.12
CA MET U 12 33.91 -6.30 17.64
C MET U 12 34.96 -5.22 17.37
N HIS U 13 36.21 -5.53 17.69
CA HIS U 13 37.33 -4.63 17.50
C HIS U 13 37.34 -3.45 18.44
N ILE U 14 36.62 -3.59 19.55
CA ILE U 14 36.59 -2.52 20.53
C ILE U 14 37.97 -2.42 21.14
N SER U 15 38.66 -3.56 21.09
CA SER U 15 40.01 -3.74 21.57
C SER U 15 40.71 -4.78 20.73
N GLY U 16 41.98 -5.07 21.02
CA GLY U 16 42.72 -6.06 20.27
C GLY U 16 43.64 -5.47 19.21
N GLN U 17 43.78 -6.22 18.12
CA GLN U 17 44.63 -5.87 16.99
C GLN U 17 44.08 -4.81 16.06
N ASP U 18 45.03 -4.24 15.31
CA ASP U 18 44.76 -3.23 14.31
C ASP U 18 44.45 -3.93 13.01
N ALA U 19 43.71 -3.28 12.13
CA ALA U 19 43.35 -3.87 10.85
C ALA U 19 44.53 -4.52 10.15
N SER U 20 45.70 -3.88 10.25
CA SER U 20 46.91 -4.38 9.62
C SER U 20 47.33 -5.74 10.16
N GLU U 21 46.96 -6.03 11.40
CA GLU U 21 47.30 -7.30 12.00
C GLU U 21 46.18 -8.31 11.94
N TYR U 22 44.94 -7.83 12.03
CA TYR U 22 43.82 -8.75 11.99
C TYR U 22 43.38 -9.18 10.60
N LEU U 23 43.51 -8.29 9.61
CA LEU U 23 43.13 -8.64 8.26
C LEU U 23 44.15 -9.59 7.66
N SER U 24 43.75 -10.28 6.60
CA SER U 24 44.67 -11.18 5.95
C SER U 24 45.73 -10.36 5.23
N PRO U 25 46.92 -10.94 5.11
CA PRO U 25 48.03 -10.25 4.48
C PRO U 25 47.80 -9.88 3.02
N GLY U 26 47.09 -10.72 2.28
CA GLY U 26 46.82 -10.43 0.88
C GLY U 26 46.01 -9.15 0.74
N LEU U 27 44.99 -9.04 1.59
CA LEU U 27 44.10 -7.90 1.63
C LEU U 27 44.85 -6.63 2.03
N VAL U 28 45.69 -6.75 3.05
CA VAL U 28 46.47 -5.61 3.51
C VAL U 28 47.33 -5.08 2.37
N GLN U 29 47.98 -6.02 1.70
CA GLN U 29 48.83 -5.71 0.57
C GLN U 29 48.02 -5.01 -0.50
N PHE U 30 46.91 -5.64 -0.87
CA PHE U 30 46.01 -5.12 -1.87
C PHE U 30 45.55 -3.72 -1.50
N ALA U 31 45.13 -3.55 -0.25
CA ALA U 31 44.67 -2.28 0.25
C ALA U 31 45.71 -1.20 0.02
N ARG U 32 46.94 -1.51 0.41
CA ARG U 32 48.03 -0.56 0.28
C ARG U 32 48.31 -0.18 -1.16
N ALA U 33 48.16 -1.16 -2.06
CA ALA U 33 48.41 -0.93 -3.47
C ALA U 33 47.31 -0.13 -4.19
N THR U 34 46.06 -0.31 -3.75
CA THR U 34 44.93 0.35 -4.36
C THR U 34 44.60 1.71 -3.75
N GLU U 35 45.14 1.96 -2.57
CA GLU U 35 44.92 3.18 -1.82
C GLU U 35 44.59 4.46 -2.59
N THR U 36 45.48 4.89 -3.48
CA THR U 36 45.26 6.13 -4.23
C THR U 36 44.09 6.13 -5.19
N TYR U 37 43.57 4.96 -5.55
CA TYR U 37 42.47 4.95 -6.50
C TYR U 37 41.18 4.33 -6.01
N PHE U 38 41.26 3.57 -4.94
CA PHE U 38 40.10 2.91 -4.38
C PHE U 38 40.41 2.50 -2.95
N SER U 39 39.89 3.26 -2.00
CA SER U 39 40.16 2.98 -0.60
C SER U 39 39.24 2.09 0.22
N LEU U 40 39.90 1.24 1.01
CA LEU U 40 39.28 0.26 1.89
C LEU U 40 39.51 0.58 3.36
N ASN U 41 40.30 1.62 3.62
CA ASN U 41 40.62 2.02 4.97
C ASN U 41 39.43 2.27 5.90
N ASN U 42 38.42 2.95 5.43
CA ASN U 42 37.30 3.25 6.31
C ASN U 42 36.29 2.13 6.54
N LYS U 43 36.63 0.90 6.15
CA LYS U 43 35.68 -0.18 6.39
C LYS U 43 36.16 -1.21 7.38
N PHE U 44 37.29 -0.91 8.01
CA PHE U 44 37.89 -1.78 9.01
C PHE U 44 38.28 -0.97 10.23
N ARG U 45 37.66 -1.26 11.36
CA ARG U 45 37.99 -0.51 12.55
C ARG U 45 39.29 -0.85 13.23
N ASN U 46 39.89 0.20 13.76
CA ASN U 46 41.13 0.17 14.48
C ASN U 46 40.91 0.69 15.89
N PRO U 47 40.97 -0.23 16.84
CA PRO U 47 40.78 0.08 18.24
C PRO U 47 41.87 0.98 18.82
N THR U 48 41.46 1.76 19.82
CA THR U 48 42.33 2.65 20.56
C THR U 48 42.04 2.43 22.03
N VAL U 49 43.03 1.88 22.71
CA VAL U 49 42.92 1.55 24.09
C VAL U 49 43.80 2.35 25.02
N ALA U 50 43.18 2.99 25.99
CA ALA U 50 43.95 3.76 26.94
C ALA U 50 44.73 2.84 27.86
N PRO U 51 45.85 3.34 28.38
CA PRO U 51 46.68 2.58 29.29
C PRO U 51 45.96 2.43 30.61
N THR U 52 46.18 1.33 31.31
CA THR U 52 45.50 1.10 32.57
C THR U 52 46.35 1.21 33.82
N HIS U 53 47.67 1.37 33.66
CA HIS U 53 48.53 1.45 34.83
C HIS U 53 49.71 2.39 34.65
N ASP U 54 50.22 2.88 35.77
CA ASP U 54 51.38 3.75 35.81
C ASP U 54 51.20 5.11 35.16
N VAL U 55 49.98 5.65 35.22
CA VAL U 55 49.75 6.96 34.63
C VAL U 55 49.16 7.90 35.65
N THR U 56 48.03 7.47 36.20
CA THR U 56 47.28 8.22 37.18
C THR U 56 47.25 7.54 38.54
N THR U 57 46.98 8.35 39.56
CA THR U 57 46.90 7.85 40.92
C THR U 57 45.54 7.28 41.23
N ASP U 58 45.53 6.42 42.24
CA ASP U 58 44.34 5.78 42.72
C ASP U 58 44.02 6.47 44.01
N ARG U 59 45.06 7.12 44.51
CA ARG U 59 45.01 7.84 45.75
C ARG U 59 44.30 9.18 45.67
N SER U 60 43.89 9.65 46.85
CA SER U 60 43.22 10.91 47.02
C SER U 60 44.20 12.02 46.72
N GLN U 61 43.79 12.98 45.89
CA GLN U 61 44.69 14.05 45.51
C GLN U 61 43.96 15.13 44.73
N ARG U 62 44.20 16.38 45.13
CA ARG U 62 43.58 17.52 44.48
C ARG U 62 44.27 17.80 43.15
N LEU U 63 43.51 18.30 42.17
CA LEU U 63 44.10 18.61 40.90
C LEU U 63 44.66 20.02 40.95
N THR U 64 43.89 20.86 41.64
CA THR U 64 44.25 22.25 41.81
C THR U 64 44.36 22.64 43.27
N LEU U 65 45.42 23.37 43.57
CA LEU U 65 45.69 23.89 44.88
C LEU U 65 45.72 25.39 44.84
N ARG U 66 45.32 26.00 45.92
CA ARG U 66 45.35 27.43 46.00
C ARG U 66 46.14 27.85 47.22
N PHE U 67 47.02 28.81 46.99
CA PHE U 67 47.88 29.31 48.04
C PHE U 67 47.57 30.74 48.43
N ILE U 68 47.56 30.96 49.72
CA ILE U 68 47.31 32.26 50.30
C ILE U 68 48.65 32.92 50.57
N PRO U 69 48.73 34.24 50.44
CA PRO U 69 50.00 34.89 50.69
C PRO U 69 50.39 34.83 52.14
N VAL U 70 51.67 34.55 52.32
CA VAL U 70 52.32 34.43 53.60
C VAL U 70 52.68 35.79 54.16
N ASP U 71 52.96 36.69 53.22
CA ASP U 71 53.31 38.07 53.50
C ASP U 71 52.87 38.96 52.35
N ARG U 72 52.23 40.06 52.71
CA ARG U 72 51.76 41.01 51.73
C ARG U 72 52.16 42.41 52.11
N GLU U 73 52.44 43.22 51.09
CA GLU U 73 52.86 44.58 51.34
C GLU U 73 52.32 45.56 50.31
N ASP U 74 51.20 46.17 50.66
CA ASP U 74 50.56 47.17 49.83
C ASP U 74 51.28 48.50 50.01
N THR U 75 52.02 48.93 49.00
CA THR U 75 52.80 50.16 49.04
C THR U 75 52.27 51.30 48.17
N ALA U 76 52.98 52.43 48.13
CA ALA U 76 52.59 53.59 47.35
C ALA U 76 52.31 53.34 45.87
N TYR U 77 53.25 52.69 45.18
CA TYR U 77 53.07 52.42 43.77
C TYR U 77 53.21 50.95 43.40
N SER U 78 53.27 50.10 44.42
CA SER U 78 53.41 48.69 44.17
C SER U 78 52.80 47.79 45.23
N TYR U 79 52.81 46.50 44.89
CA TYR U 79 52.26 45.46 45.72
C TYR U 79 53.17 44.25 45.68
N LYS U 80 53.51 43.76 46.87
CA LYS U 80 54.38 42.59 47.02
C LYS U 80 53.62 41.43 47.63
N ALA U 81 53.70 40.27 46.99
CA ALA U 81 53.02 39.10 47.51
C ALA U 81 53.96 37.92 47.66
N ARG U 82 53.95 37.31 48.83
CA ARG U 82 54.82 36.19 49.08
C ARG U 82 54.07 34.92 49.38
N PHE U 83 54.43 33.85 48.68
CA PHE U 83 53.79 32.58 48.89
C PHE U 83 54.79 31.48 49.15
N THR U 84 54.24 30.41 49.70
CA THR U 84 54.98 29.21 49.97
C THR U 84 54.45 28.16 49.04
N LEU U 85 55.02 28.13 47.85
CA LEU U 85 54.64 27.19 46.82
C LEU U 85 55.14 25.82 47.24
N ALA U 86 54.22 24.94 47.60
CA ALA U 86 54.63 23.61 48.04
C ALA U 86 54.29 22.49 47.08
N VAL U 87 55.34 21.76 46.70
CA VAL U 87 55.22 20.62 45.83
C VAL U 87 55.40 19.36 46.65
N GLY U 88 54.29 18.69 46.90
CA GLY U 88 54.29 17.49 47.69
C GLY U 88 55.05 16.35 47.05
N ASP U 89 55.35 15.37 47.90
CA ASP U 89 56.05 14.17 47.52
C ASP U 89 55.22 13.38 46.53
N ASN U 90 55.89 12.80 45.55
CA ASN U 90 55.21 12.01 44.54
C ASN U 90 54.41 12.91 43.62
N ARG U 91 54.91 14.13 43.46
CA ARG U 91 54.28 15.11 42.63
C ARG U 91 55.28 15.94 41.87
N VAL U 92 54.80 16.43 40.74
CA VAL U 92 55.56 17.29 39.88
C VAL U 92 54.66 18.41 39.43
N LEU U 93 55.21 19.60 39.31
CA LEU U 93 54.43 20.76 38.93
C LEU U 93 54.99 21.52 37.74
N ASP U 94 54.15 21.70 36.73
CA ASP U 94 54.53 22.44 35.55
C ASP U 94 54.17 23.90 35.73
N MET U 95 55.21 24.72 35.92
CA MET U 95 55.03 26.13 36.15
C MET U 95 54.07 26.82 35.20
N ALA U 96 53.99 26.32 33.97
CA ALA U 96 53.09 26.92 33.01
C ALA U 96 51.66 26.87 33.51
N SER U 97 51.41 25.96 34.44
CA SER U 97 50.08 25.82 34.97
C SER U 97 49.77 26.66 36.20
N THR U 98 50.63 27.66 36.49
CA THR U 98 50.40 28.52 37.63
C THR U 98 49.99 29.92 37.18
N TYR U 99 49.34 30.63 38.09
CA TYR U 99 48.88 31.97 37.80
C TYR U 99 48.40 32.68 39.06
N PHE U 100 48.49 33.99 39.04
CA PHE U 100 48.07 34.80 40.17
C PHE U 100 46.63 35.25 40.00
N ASP U 101 45.77 34.78 40.89
CA ASP U 101 44.35 35.12 40.87
C ASP U 101 44.20 36.42 41.63
N ILE U 102 43.74 37.47 40.95
CA ILE U 102 43.61 38.76 41.60
C ILE U 102 42.22 39.35 41.60
N ARG U 103 41.87 39.90 42.76
CA ARG U 103 40.58 40.55 42.94
C ARG U 103 40.82 41.94 43.50
N GLY U 104 40.11 42.92 42.95
CA GLY U 104 40.26 44.28 43.39
C GLY U 104 39.20 45.17 42.79
N VAL U 105 39.37 46.47 42.96
CA VAL U 105 38.42 47.41 42.42
C VAL U 105 39.11 48.41 41.52
N LEU U 106 38.41 48.75 40.46
CA LEU U 106 38.97 49.70 39.53
C LEU U 106 37.97 50.77 39.11
N ASP U 107 38.45 51.99 39.11
CA ASP U 107 37.66 53.12 38.67
C ASP U 107 38.32 53.71 37.45
N ARG U 108 37.68 53.50 36.29
CA ARG U 108 38.21 54.00 35.05
C ARG U 108 38.21 55.51 34.99
N GLY U 109 37.56 56.13 35.96
CA GLY U 109 37.51 57.58 35.99
C GLY U 109 36.43 58.14 35.09
N PRO U 110 36.34 59.46 35.07
CA PRO U 110 35.34 60.16 34.29
C PRO U 110 35.63 60.25 32.81
N THR U 111 36.87 60.03 32.38
CA THR U 111 37.18 60.15 30.97
C THR U 111 36.90 58.91 30.13
N PHE U 112 36.43 57.86 30.79
CA PHE U 112 36.10 56.63 30.12
C PHE U 112 34.76 56.74 29.40
N LYS U 113 34.78 56.47 28.10
CA LYS U 113 33.59 56.53 27.27
C LYS U 113 33.64 55.46 26.20
N PRO U 114 33.14 54.27 26.56
CA PRO U 114 33.14 53.10 25.72
C PRO U 114 32.25 53.15 24.49
N TYR U 115 32.12 54.31 23.85
CA TYR U 115 31.27 54.38 22.68
C TYR U 115 31.32 55.73 22.00
N SER U 116 30.78 55.75 20.78
CA SER U 116 30.69 56.95 19.97
C SER U 116 29.26 57.48 20.00
N GLY U 117 29.11 58.78 19.83
CA GLY U 117 27.78 59.38 19.84
C GLY U 117 27.26 59.61 21.25
N THR U 118 25.93 59.75 21.35
CA THR U 118 25.24 59.99 22.60
C THR U 118 24.30 58.88 22.96
N ALA U 119 23.90 58.92 24.21
CA ALA U 119 22.93 57.99 24.73
C ALA U 119 21.61 58.73 24.88
N TYR U 120 21.68 60.06 24.69
CA TYR U 120 20.52 60.94 24.86
C TYR U 120 20.13 61.81 23.66
N ASN U 121 18.89 61.62 23.21
CA ASN U 121 18.31 62.36 22.10
C ASN U 121 19.20 62.34 20.88
N ALA U 122 19.62 61.15 20.50
CA ALA U 122 20.49 60.94 19.35
C ALA U 122 19.87 61.37 18.05
N LEU U 123 18.54 61.29 17.94
CA LEU U 123 17.87 61.67 16.71
C LEU U 123 17.62 63.17 16.56
N ALA U 124 17.76 63.89 17.66
CA ALA U 124 17.54 65.32 17.64
C ALA U 124 18.61 66.09 16.90
N PRO U 125 18.21 67.04 16.07
CA PRO U 125 19.22 67.83 15.37
C PRO U 125 20.17 68.46 16.36
N LYS U 126 21.45 68.44 16.03
CA LYS U 126 22.50 68.95 16.88
C LYS U 126 22.41 70.40 17.38
N GLY U 127 21.52 71.19 16.78
CA GLY U 127 21.34 72.58 17.17
C GLY U 127 19.96 72.87 17.75
N ALA U 128 19.04 71.93 17.56
CA ALA U 128 17.69 72.07 18.07
C ALA U 128 17.74 72.21 19.58
N PRO U 129 16.93 73.12 20.12
CA PRO U 129 16.93 73.33 21.54
C PRO U 129 15.74 72.69 22.23
N ASN U 130 15.88 72.54 23.54
CA ASN U 130 14.83 71.99 24.36
C ASN U 130 13.85 73.12 24.57
N PRO U 131 12.58 72.81 24.77
CA PRO U 131 11.63 73.88 24.99
C PRO U 131 12.07 74.67 26.22
N CYS U 132 12.41 75.95 26.03
CA CYS U 132 12.88 76.77 27.14
C CYS U 132 12.20 78.10 27.31
N GLU U 133 12.70 78.85 28.31
CA GLU U 133 12.22 80.17 28.69
C GLU U 133 13.39 81.05 29.10
N TRP U 134 13.31 82.34 28.78
CA TRP U 134 14.35 83.27 29.14
C TRP U 134 13.86 84.70 29.35
N ASP U 135 14.74 85.56 29.85
CA ASP U 135 14.41 86.94 30.12
C ASP U 135 14.89 87.85 29.00
N THR U 165 10.05 87.89 29.98
CA THR U 165 10.23 86.45 29.94
C THR U 165 9.60 85.83 28.70
N HIS U 166 10.47 85.29 27.84
CA HIS U 166 10.03 84.66 26.62
C HIS U 166 9.94 83.16 26.72
N VAL U 167 9.16 82.61 25.79
CA VAL U 167 8.95 81.21 25.70
C VAL U 167 9.12 80.71 24.28
N PHE U 168 9.75 79.54 24.22
CA PHE U 168 10.00 78.82 23.00
C PHE U 168 9.72 77.37 23.32
N GLY U 169 8.57 76.88 22.89
CA GLY U 169 8.22 75.51 23.20
C GLY U 169 7.34 74.81 22.19
N GLN U 170 6.76 73.71 22.66
CA GLN U 170 5.89 72.84 21.90
C GLN U 170 4.82 72.21 22.78
N ALA U 171 3.62 72.07 22.23
CA ALA U 171 2.49 71.46 22.90
C ALA U 171 1.92 70.41 21.97
N PRO U 172 2.36 69.17 22.17
CA PRO U 172 1.95 68.06 21.33
C PRO U 172 0.74 67.30 21.80
N TYR U 173 0.41 67.45 23.08
CA TYR U 173 -0.72 66.74 23.63
C TYR U 173 -2.05 67.45 23.38
N SER U 174 -3.00 66.72 22.79
CA SER U 174 -4.31 67.26 22.53
C SER U 174 -5.30 66.77 23.58
N GLY U 175 -5.77 67.71 24.40
CA GLY U 175 -6.70 67.40 25.47
C GLY U 175 -8.15 67.74 25.14
N ILE U 176 -9.02 67.53 26.12
CA ILE U 176 -10.44 67.78 25.97
C ILE U 176 -10.77 69.25 26.15
N ASN U 177 -10.20 69.84 27.20
CA ASN U 177 -10.41 71.24 27.52
C ASN U 177 -9.38 71.73 28.54
N ILE U 178 -9.15 73.04 28.53
CA ILE U 178 -8.21 73.66 29.43
C ILE U 178 -8.90 74.53 30.48
N THR U 179 -8.80 74.13 31.74
CA THR U 179 -9.40 74.89 32.82
C THR U 179 -8.31 75.53 33.66
N LYS U 180 -8.68 76.02 34.84
CA LYS U 180 -7.70 76.63 35.71
C LYS U 180 -6.94 75.57 36.47
N GLU U 181 -7.43 74.33 36.34
CA GLU U 181 -6.84 73.18 36.98
C GLU U 181 -5.86 72.47 36.05
N GLY U 182 -5.68 73.04 34.87
CA GLY U 182 -4.79 72.47 33.87
C GLY U 182 -5.54 71.91 32.69
N ILE U 183 -5.02 70.83 32.12
CA ILE U 183 -5.64 70.20 30.97
C ILE U 183 -6.38 68.91 31.33
N GLN U 184 -7.63 68.82 30.86
CA GLN U 184 -8.47 67.67 31.10
C GLN U 184 -8.03 66.52 30.19
N ILE U 185 -7.96 65.32 30.74
CA ILE U 185 -7.52 64.16 29.97
C ILE U 185 -8.49 63.00 30.05
N GLY U 186 -9.63 63.24 30.67
CA GLY U 186 -10.64 62.22 30.81
C GLY U 186 -11.85 62.78 31.56
N LYS U 193 -11.24 64.86 35.32
CA LYS U 193 -10.05 64.03 35.09
C LYS U 193 -8.92 64.84 34.49
N TYR U 194 -8.32 65.69 35.32
CA TYR U 194 -7.20 66.53 34.89
C TYR U 194 -5.86 65.80 35.00
N ALA U 195 -4.87 66.37 34.33
CA ALA U 195 -3.53 65.79 34.31
C ALA U 195 -2.72 65.96 35.58
N ASP U 196 -1.92 64.94 35.85
CA ASP U 196 -1.03 64.92 37.00
C ASP U 196 0.26 65.65 36.62
N LYS U 197 0.36 66.89 37.09
CA LYS U 197 1.48 67.76 36.82
C LYS U 197 2.87 67.14 36.96
N THR U 198 3.03 66.22 37.91
CA THR U 198 4.33 65.60 38.10
C THR U 198 4.87 64.90 36.87
N PHE U 199 3.98 64.38 36.03
CA PHE U 199 4.44 63.68 34.86
C PHE U 199 3.61 63.89 33.60
N GLN U 200 2.40 64.42 33.76
CA GLN U 200 1.57 64.64 32.61
C GLN U 200 1.52 66.10 32.22
N PRO U 201 1.58 66.36 30.91
CA PRO U 201 1.66 65.32 29.90
C PRO U 201 3.08 64.79 29.73
N GLU U 202 3.18 63.65 29.07
CA GLU U 202 4.46 63.02 28.82
C GLU U 202 4.99 63.45 27.45
N PRO U 203 6.20 64.02 27.42
CA PRO U 203 6.75 64.48 26.17
C PRO U 203 6.72 63.45 25.06
N GLN U 204 6.71 62.18 25.43
CA GLN U 204 6.69 61.09 24.48
C GLN U 204 5.42 61.00 23.64
N ILE U 205 4.33 61.47 24.22
CA ILE U 205 3.03 61.43 23.59
C ILE U 205 2.70 62.63 22.70
N GLY U 206 2.17 62.31 21.52
CA GLY U 206 1.71 63.25 20.50
C GLY U 206 0.53 62.68 19.74
N GLU U 207 0.12 63.36 18.66
CA GLU U 207 -1.01 62.89 17.86
C GLU U 207 -0.56 61.80 16.88
N SER U 208 -1.47 60.85 16.64
CA SER U 208 -1.22 59.71 15.77
C SER U 208 -1.27 59.98 14.27
N GLN U 209 -2.17 60.87 13.85
CA GLN U 209 -2.32 61.20 12.44
C GLN U 209 -1.18 62.05 11.87
N TRP U 210 -1.17 62.17 10.54
CA TRP U 210 -0.16 62.94 9.84
C TRP U 210 -0.69 64.25 9.29
N TYR U 211 -2.01 64.38 9.27
CA TYR U 211 -2.65 65.58 8.77
C TYR U 211 -3.16 66.49 9.87
N GLU U 212 -3.74 67.60 9.43
CA GLU U 212 -4.30 68.62 10.31
C GLU U 212 -5.63 68.21 10.91
N THR U 213 -5.66 68.10 12.24
CA THR U 213 -6.87 67.74 12.95
C THR U 213 -7.48 68.93 13.65
N GLU U 214 -6.61 69.91 13.91
CA GLU U 214 -6.99 71.15 14.58
C GLU U 214 -7.14 70.97 16.08
N ILE U 215 -6.02 71.13 16.78
CA ILE U 215 -5.98 71.00 18.23
C ILE U 215 -6.33 72.30 18.92
N ASN U 216 -7.41 72.27 19.70
CA ASN U 216 -7.86 73.45 20.41
C ASN U 216 -7.37 73.50 21.86
N HIS U 217 -7.20 72.34 22.47
CA HIS U 217 -6.73 72.26 23.84
C HIS U 217 -5.42 71.50 23.91
N ALA U 218 -4.35 72.27 23.80
CA ALA U 218 -3.02 71.71 23.80
C ALA U 218 -2.25 71.85 25.10
N ALA U 219 -1.44 70.85 25.34
CA ALA U 219 -0.61 70.78 26.52
C ALA U 219 0.81 70.42 26.12
N GLY U 220 1.73 70.95 26.90
CA GLY U 220 3.13 70.71 26.69
C GLY U 220 3.88 70.72 28.00
N ARG U 221 5.18 70.54 27.83
CA ARG U 221 6.15 70.49 28.89
C ARG U 221 7.23 71.51 28.59
N VAL U 222 7.67 72.27 29.59
CA VAL U 222 8.69 73.26 29.31
C VAL U 222 9.63 73.49 30.49
N LEU U 223 10.83 73.95 30.17
CA LEU U 223 11.82 74.24 31.17
C LEU U 223 11.81 75.72 31.56
N LYS U 224 11.87 75.95 32.87
CA LYS U 224 11.89 77.30 33.43
C LYS U 224 13.21 77.97 33.12
N LYS U 225 13.17 79.30 33.15
CA LYS U 225 14.35 80.10 32.90
C LYS U 225 15.41 79.86 33.96
N THR U 226 15.09 79.05 34.95
CA THR U 226 16.03 78.76 36.02
C THR U 226 16.87 77.52 35.73
N THR U 227 16.49 76.83 34.67
CA THR U 227 17.18 75.65 34.22
C THR U 227 18.02 76.01 33.00
N PRO U 228 19.34 75.91 33.13
CA PRO U 228 20.22 76.26 32.03
C PRO U 228 19.81 75.63 30.71
N MET U 229 20.01 76.39 29.64
CA MET U 229 19.70 75.95 28.30
C MET U 229 20.82 75.06 27.74
N LYS U 230 20.40 73.97 27.10
CA LYS U 230 21.28 73.01 26.48
C LYS U 230 20.60 72.42 25.26
N PRO U 231 21.35 72.11 24.22
CA PRO U 231 20.72 71.53 23.06
C PRO U 231 20.04 70.20 23.42
N CYS U 232 18.95 69.89 22.72
CA CYS U 232 18.22 68.66 22.98
C CYS U 232 19.12 67.45 22.94
N TYR U 233 19.95 67.42 21.90
CA TYR U 233 20.91 66.37 21.67
C TYR U 233 21.88 66.27 22.83
N GLY U 234 21.87 65.12 23.52
CA GLY U 234 22.76 64.90 24.64
C GLY U 234 22.17 65.35 25.98
N SER U 235 20.97 65.90 25.94
CA SER U 235 20.30 66.37 27.13
C SER U 235 19.73 65.24 27.97
N TYR U 236 20.01 65.30 29.26
CA TYR U 236 19.56 64.31 30.21
C TYR U 236 19.24 64.92 31.56
N ALA U 237 18.23 64.35 32.21
CA ALA U 237 17.79 64.79 33.51
C ALA U 237 17.11 63.63 34.24
N LYS U 238 17.71 63.24 35.37
CA LYS U 238 17.21 62.14 36.18
C LYS U 238 15.74 62.29 36.58
N PRO U 239 15.01 61.19 36.46
CA PRO U 239 13.60 61.16 36.82
C PRO U 239 13.44 61.38 38.31
N THR U 240 12.39 62.07 38.73
CA THR U 240 12.17 62.30 40.14
C THR U 240 10.98 61.55 40.70
N ASN U 241 10.32 60.78 39.85
CA ASN U 241 9.17 60.00 40.25
C ASN U 241 9.03 58.75 39.38
N GLU U 242 8.46 57.71 39.96
CA GLU U 242 8.28 56.47 39.25
C GLU U 242 7.62 56.63 37.90
N ASN U 243 7.07 57.80 37.61
CA ASN U 243 6.40 57.98 36.34
C ASN U 243 7.21 58.69 35.26
N GLY U 244 8.49 58.90 35.50
CA GLY U 244 9.32 59.55 34.50
C GLY U 244 9.44 61.05 34.66
N GLY U 245 8.63 61.64 35.52
CA GLY U 245 8.72 63.07 35.71
C GLY U 245 10.13 63.41 36.17
N GLN U 246 10.71 64.49 35.65
CA GLN U 246 12.05 64.88 36.05
C GLN U 246 12.04 66.20 36.83
N GLY U 247 10.84 66.64 37.21
CA GLY U 247 10.69 67.89 37.93
C GLY U 247 11.41 67.85 39.26
N ILE U 248 12.21 68.88 39.54
CA ILE U 248 12.94 68.95 40.79
C ILE U 248 12.00 69.00 41.98
N LEU U 249 12.39 68.28 43.03
CA LEU U 249 11.63 68.22 44.25
C LEU U 249 12.26 69.11 45.31
N VAL U 250 11.42 69.89 45.96
CA VAL U 250 11.88 70.79 46.99
C VAL U 250 11.67 70.19 48.36
N GLU U 258 7.22 67.71 47.35
CA GLU U 258 7.48 69.11 47.09
C GLU U 258 7.63 69.39 45.60
N SER U 259 6.65 68.96 44.81
CA SER U 259 6.70 69.19 43.38
C SER U 259 6.55 70.68 43.14
N GLN U 260 7.35 71.24 42.23
CA GLN U 260 7.26 72.66 41.98
C GLN U 260 6.79 73.04 40.59
N VAL U 261 6.12 72.12 39.92
CA VAL U 261 5.60 72.39 38.59
C VAL U 261 4.60 73.53 38.64
N GLU U 262 4.62 74.38 37.62
CA GLU U 262 3.72 75.51 37.56
C GLU U 262 3.20 75.71 36.15
N MET U 263 1.88 75.62 35.98
CA MET U 263 1.31 75.81 34.67
C MET U 263 1.29 77.26 34.22
N GLN U 264 1.43 77.43 32.92
CA GLN U 264 1.42 78.73 32.28
C GLN U 264 0.42 78.68 31.14
N PHE U 265 -0.59 79.53 31.20
CA PHE U 265 -1.61 79.53 30.15
C PHE U 265 -1.35 80.50 29.01
N PHE U 266 -1.77 80.10 27.82
CA PHE U 266 -1.59 80.90 26.63
C PHE U 266 -2.76 80.87 25.66
N SER U 267 -2.88 82.00 24.96
CA SER U 267 -3.89 82.25 23.96
C SER U 267 -3.29 83.04 22.80
N THR U 268 -4.03 83.11 21.71
CA THR U 268 -3.60 83.81 20.52
C THR U 268 -3.67 85.31 20.68
N THR U 269 -4.53 85.91 19.86
CA THR U 269 -4.76 87.35 19.86
C THR U 269 -6.21 87.64 20.19
N ASN U 278 -13.88 84.83 22.67
CA ASN U 278 -13.51 85.44 23.94
C ASN U 278 -12.43 84.65 24.67
N LEU U 279 -11.51 85.41 25.28
CA LEU U 279 -10.38 84.88 26.02
C LEU U 279 -10.54 83.47 26.56
N THR U 280 -9.75 82.57 25.99
CA THR U 280 -9.72 81.16 26.35
C THR U 280 -8.40 80.53 25.94
N PRO U 281 -7.59 80.14 26.92
CA PRO U 281 -6.31 79.53 26.68
C PRO U 281 -6.41 78.37 25.70
N LYS U 282 -5.58 78.40 24.67
CA LYS U 282 -5.55 77.35 23.67
C LYS U 282 -4.49 76.33 24.02
N VAL U 283 -3.52 76.81 24.79
CA VAL U 283 -2.40 76.02 25.23
C VAL U 283 -2.03 76.27 26.67
N VAL U 284 -1.52 75.22 27.29
CA VAL U 284 -1.05 75.24 28.66
C VAL U 284 0.23 74.43 28.71
N LEU U 285 1.22 74.99 29.39
CA LEU U 285 2.49 74.32 29.50
C LEU U 285 2.82 74.04 30.94
N TYR U 286 3.43 72.88 31.16
CA TYR U 286 3.82 72.53 32.50
C TYR U 286 5.28 72.89 32.72
N SER U 287 5.52 74.10 33.23
CA SER U 287 6.86 74.55 33.45
C SER U 287 7.51 73.95 34.67
N GLU U 288 8.80 73.61 34.51
CA GLU U 288 9.52 72.99 35.59
C GLU U 288 11.03 73.16 35.49
N ASP U 289 11.68 72.87 36.61
CA ASP U 289 13.13 72.92 36.75
C ASP U 289 13.62 71.50 36.86
N VAL U 290 14.59 71.13 36.03
CA VAL U 290 15.12 69.80 36.07
C VAL U 290 16.61 69.83 36.32
N ASP U 291 17.16 68.69 36.72
CA ASP U 291 18.59 68.59 36.96
C ASP U 291 19.27 68.25 35.65
N ILE U 292 19.30 69.23 34.73
CA ILE U 292 19.88 69.05 33.42
C ILE U 292 21.37 68.81 33.42
N GLU U 293 21.75 67.75 32.70
CA GLU U 293 23.12 67.36 32.54
C GLU U 293 23.40 66.97 31.10
N THR U 294 24.69 66.85 30.80
CA THR U 294 25.18 66.47 29.50
C THR U 294 26.46 65.67 29.70
N PRO U 295 26.27 64.49 30.25
CA PRO U 295 27.33 63.56 30.60
C PRO U 295 28.17 63.04 29.44
N ASP U 296 27.72 63.14 28.19
CA ASP U 296 28.54 62.60 27.13
C ASP U 296 28.67 63.44 25.86
N THR U 297 28.36 64.72 25.97
CA THR U 297 28.47 65.62 24.84
C THR U 297 29.03 66.94 25.31
N HIS U 298 29.39 67.77 24.35
CA HIS U 298 29.92 69.08 24.64
C HIS U 298 29.42 70.10 23.62
N ILE U 299 29.63 71.37 23.90
CA ILE U 299 29.19 72.40 23.00
C ILE U 299 30.13 72.60 21.83
N SER U 300 29.60 72.36 20.63
CA SER U 300 30.37 72.51 19.41
C SER U 300 30.32 73.95 18.94
N TYR U 301 29.37 74.70 19.51
CA TYR U 301 29.21 76.08 19.13
C TYR U 301 28.59 76.98 20.19
N MET U 302 29.45 77.75 20.84
CA MET U 302 29.04 78.71 21.85
C MET U 302 28.82 80.05 21.18
N PRO U 303 27.61 80.59 21.23
CA PRO U 303 27.37 81.87 20.59
C PRO U 303 27.80 83.07 21.42
N THR U 304 27.97 82.87 22.73
CA THR U 304 28.39 83.96 23.62
C THR U 304 29.01 83.49 24.92
N ILE U 305 30.07 84.17 25.32
CA ILE U 305 30.73 83.86 26.56
C ILE U 305 30.02 84.59 27.68
N LYS U 306 28.72 84.82 27.46
CA LYS U 306 27.87 85.51 28.42
C LYS U 306 26.90 84.59 29.13
N GLU U 307 27.09 84.48 30.45
CA GLU U 307 26.26 83.66 31.28
C GLU U 307 24.78 84.01 31.16
N GLY U 308 23.95 83.12 31.70
CA GLY U 308 22.52 83.29 31.70
C GLY U 308 21.86 82.92 30.38
N ASN U 309 20.63 82.44 30.51
CA ASN U 309 19.83 82.04 29.37
C ASN U 309 19.47 83.25 28.55
N SER U 310 19.54 83.12 27.23
CA SER U 310 19.23 84.22 26.34
C SER U 310 18.82 83.69 24.98
N ARG U 311 18.18 84.55 24.19
CA ARG U 311 17.79 84.11 22.87
C ARG U 311 19.01 83.57 22.16
N GLU U 312 20.15 84.20 22.48
CA GLU U 312 21.44 83.86 21.92
C GLU U 312 21.80 82.38 22.03
N LEU U 313 21.64 81.83 23.24
CA LEU U 313 21.96 80.44 23.50
C LEU U 313 21.13 79.45 22.72
N MET U 314 20.06 79.93 22.10
CA MET U 314 19.19 79.07 21.33
C MET U 314 19.92 78.52 20.10
N GLY U 315 21.04 79.16 19.79
CA GLY U 315 21.85 78.79 18.66
C GLY U 315 23.05 77.92 18.98
N GLN U 316 23.17 77.51 20.25
CA GLN U 316 24.30 76.67 20.59
C GLN U 316 24.16 75.27 19.98
N GLN U 317 25.31 74.66 19.68
CA GLN U 317 25.32 73.34 19.08
C GLN U 317 26.02 72.32 19.95
N SER U 318 25.48 71.12 19.94
CA SER U 318 26.01 70.02 20.71
C SER U 318 26.69 68.98 19.82
N MET U 319 27.72 68.35 20.37
CA MET U 319 28.48 67.35 19.67
C MET U 319 28.93 66.26 20.65
N PRO U 320 28.84 65.01 20.22
CA PRO U 320 29.21 63.88 21.06
C PRO U 320 30.68 63.94 21.45
N ASN U 321 30.96 63.40 22.63
CA ASN U 321 32.31 63.36 23.12
C ASN U 321 33.09 62.24 22.45
N ARG U 322 34.40 62.42 22.38
CA ARG U 322 35.24 61.42 21.76
C ARG U 322 35.21 60.12 22.52
N PRO U 323 35.13 59.02 21.77
CA PRO U 323 35.10 57.71 22.37
C PRO U 323 36.42 57.49 23.11
N ASN U 324 36.36 56.83 24.25
CA ASN U 324 37.58 56.57 24.99
C ASN U 324 37.54 55.28 25.78
N TYR U 325 38.13 54.25 25.18
CA TYR U 325 38.19 52.95 25.81
C TYR U 325 39.31 52.86 26.81
N ILE U 326 39.01 52.23 27.93
CA ILE U 326 39.98 52.05 28.99
C ILE U 326 39.92 50.63 29.52
N ALA U 327 41.07 49.97 29.61
CA ALA U 327 41.09 48.62 30.09
C ALA U 327 42.50 48.14 30.38
N PHE U 328 42.60 46.92 30.89
CA PHE U 328 43.89 46.33 31.17
C PHE U 328 44.53 46.01 29.82
N ARG U 329 45.85 45.87 29.80
CA ARG U 329 46.55 45.61 28.56
C ARG U 329 46.53 44.17 28.07
N ASP U 330 46.95 44.02 26.82
CA ASP U 330 47.05 42.74 26.16
C ASP U 330 48.00 41.88 26.99
N ASN U 331 47.53 40.72 27.42
CA ASN U 331 48.36 39.83 28.21
C ASN U 331 48.77 40.40 29.56
N PHE U 332 47.99 41.35 30.04
CA PHE U 332 48.25 41.98 31.33
C PHE U 332 49.61 42.62 31.44
N ILE U 333 50.10 43.11 30.32
CA ILE U 333 51.37 43.78 30.28
C ILE U 333 51.38 44.88 31.34
N GLY U 334 52.51 45.08 32.01
CA GLY U 334 52.64 46.13 33.00
C GLY U 334 52.25 45.75 34.42
N LEU U 335 51.31 44.81 34.56
CA LEU U 335 50.86 44.38 35.87
C LEU U 335 51.98 43.91 36.78
N MET U 336 52.75 42.95 36.27
CA MET U 336 53.87 42.43 37.01
C MET U 336 55.16 43.12 36.60
N TYR U 337 56.06 43.24 37.56
CA TYR U 337 57.35 43.83 37.31
C TYR U 337 58.27 42.77 36.72
N TYR U 338 59.04 43.18 35.74
CA TYR U 338 60.02 42.34 35.08
C TYR U 338 61.20 43.21 34.71
N ASN U 339 62.37 42.61 34.60
CA ASN U 339 63.53 43.38 34.21
C ASN U 339 63.75 44.66 34.99
N SER U 340 63.52 44.60 36.29
CA SER U 340 63.70 45.74 37.18
C SER U 340 64.45 45.25 38.40
N THR U 341 65.71 45.68 38.56
CA THR U 341 66.50 45.25 39.69
C THR U 341 65.88 45.54 41.05
N GLY U 342 65.18 46.67 41.16
CA GLY U 342 64.57 47.06 42.42
C GLY U 342 63.35 46.26 42.85
N ASN U 343 62.62 45.71 41.88
CA ASN U 343 61.44 44.92 42.17
C ASN U 343 61.49 43.55 41.54
N MET U 344 62.59 42.86 41.82
CA MET U 344 62.87 41.54 41.30
C MET U 344 62.07 40.40 41.94
N GLY U 345 61.50 39.57 41.07
CA GLY U 345 60.71 38.42 41.49
C GLY U 345 61.58 37.44 42.27
N VAL U 346 60.94 36.47 42.90
CA VAL U 346 61.67 35.50 43.68
C VAL U 346 61.12 34.10 43.61
N LEU U 347 62.01 33.16 43.37
CA LEU U 347 61.67 31.75 43.33
C LEU U 347 62.81 31.00 43.96
N ALA U 348 62.60 30.61 45.21
CA ALA U 348 63.67 29.92 45.88
C ALA U 348 63.19 28.84 46.82
N GLY U 349 64.02 27.82 46.92
CA GLY U 349 63.75 26.73 47.81
C GLY U 349 63.96 27.25 49.21
N GLN U 350 62.99 26.99 50.08
CA GLN U 350 63.12 27.44 51.44
C GLN U 350 64.40 26.86 52.01
N ALA U 351 64.78 25.71 51.45
CA ALA U 351 65.97 24.98 51.88
C ALA U 351 67.25 25.45 51.21
N SER U 352 67.14 26.30 50.20
CA SER U 352 68.31 26.82 49.50
C SER U 352 68.48 28.31 49.72
N GLN U 353 67.34 28.99 49.90
CA GLN U 353 67.28 30.41 50.14
C GLN U 353 67.98 31.23 49.06
N LEU U 354 68.46 30.53 48.03
CA LEU U 354 69.14 31.11 46.89
C LEU U 354 68.06 31.40 45.85
N ASN U 355 68.06 32.61 45.31
CA ASN U 355 67.05 33.00 44.32
C ASN U 355 67.33 32.51 42.92
N ALA U 356 66.43 31.66 42.41
CA ALA U 356 66.57 31.11 41.08
C ALA U 356 66.34 32.17 40.02
N VAL U 357 65.66 33.23 40.42
CA VAL U 357 65.39 34.34 39.55
C VAL U 357 66.52 35.35 39.58
N VAL U 358 67.00 35.68 38.39
CA VAL U 358 68.07 36.63 38.17
C VAL U 358 67.73 37.45 36.96
N ASP U 359 67.30 38.67 37.17
CA ASP U 359 66.91 39.53 36.08
C ASP U 359 67.88 40.66 35.78
N LEU U 360 67.67 41.28 34.61
CA LEU U 360 68.46 42.39 34.11
C LEU U 360 67.55 43.48 33.57
N GLN U 361 67.98 44.73 33.70
CA GLN U 361 67.21 45.87 33.22
C GLN U 361 67.22 45.89 31.71
N ASP U 362 68.23 45.18 31.22
CA ASP U 362 68.61 44.96 29.85
C ASP U 362 67.72 43.98 29.10
N ARG U 363 66.94 43.20 29.83
CA ARG U 363 66.08 42.21 29.23
C ARG U 363 64.68 42.74 28.99
N ASN U 364 63.98 42.17 28.02
CA ASN U 364 62.62 42.61 27.71
C ASN U 364 61.64 41.44 27.65
N THR U 365 61.20 41.05 28.83
CA THR U 365 60.28 39.95 29.07
C THR U 365 58.93 40.10 28.38
N GLU U 366 58.28 41.25 28.58
CA GLU U 366 56.97 41.52 28.00
C GLU U 366 56.96 41.35 26.49
N LEU U 367 57.92 41.98 25.83
CA LEU U 367 58.00 41.91 24.38
C LEU U 367 58.29 40.49 23.91
N SER U 368 59.22 39.84 24.60
CA SER U 368 59.61 38.48 24.29
C SER U 368 58.41 37.56 24.24
N TYR U 369 57.50 37.80 25.18
CA TYR U 369 56.28 37.02 25.30
C TYR U 369 55.33 37.32 24.16
N GLN U 370 55.34 38.58 23.72
CA GLN U 370 54.50 39.02 22.63
C GLN U 370 54.90 38.29 21.36
N LEU U 371 56.21 38.25 21.15
CA LEU U 371 56.77 37.60 19.98
C LEU U 371 56.64 36.08 20.06
N LEU U 372 56.75 35.53 21.28
CA LEU U 372 56.63 34.10 21.47
C LEU U 372 55.23 33.61 21.08
N LEU U 373 54.21 34.36 21.46
CA LEU U 373 52.82 34.02 21.18
C LEU U 373 52.57 33.93 19.68
N ASP U 374 53.03 34.95 18.96
CA ASP U 374 52.85 35.02 17.52
C ASP U 374 53.45 33.82 16.81
N SER U 375 54.57 33.33 17.30
CA SER U 375 55.23 32.19 16.71
C SER U 375 54.52 30.87 16.96
N ILE U 376 53.81 30.76 18.08
CA ILE U 376 53.15 29.51 18.39
C ILE U 376 51.65 29.44 18.17
N GLY U 377 51.04 30.49 17.63
CA GLY U 377 49.62 30.44 17.40
C GLY U 377 49.09 31.64 16.62
N ASP U 378 47.77 31.76 16.60
CA ASP U 378 47.08 32.83 15.91
C ASP U 378 46.72 34.01 16.80
N ARG U 379 47.59 35.02 16.82
CA ARG U 379 47.36 36.21 17.62
C ARG U 379 46.03 36.87 17.29
N THR U 380 45.38 36.43 16.23
CA THR U 380 44.10 37.02 15.88
C THR U 380 42.96 36.56 16.79
N ARG U 381 43.17 35.41 17.43
CA ARG U 381 42.16 34.86 18.32
C ARG U 381 42.21 35.48 19.70
N TYR U 382 41.04 35.63 20.31
CA TYR U 382 40.96 36.20 21.63
C TYR U 382 40.81 35.12 22.67
N PHE U 383 41.39 35.40 23.84
CA PHE U 383 41.36 34.52 24.97
C PHE U 383 41.26 35.34 26.25
N SER U 384 40.02 35.46 26.73
CA SER U 384 39.69 36.23 27.91
C SER U 384 40.53 35.96 29.15
N MET U 385 40.80 34.69 29.45
CA MET U 385 41.58 34.35 30.62
C MET U 385 42.80 35.22 30.85
N TRP U 386 43.64 35.35 29.83
CA TRP U 386 44.85 36.14 29.95
C TRP U 386 44.73 37.54 29.37
N ASN U 387 43.51 37.94 29.02
CA ASN U 387 43.35 39.25 28.43
C ASN U 387 44.11 39.26 27.11
N GLN U 388 44.12 38.08 26.51
CA GLN U 388 44.78 37.83 25.26
C GLN U 388 43.97 38.34 24.08
N ALA U 389 44.10 39.63 23.79
CA ALA U 389 43.40 40.28 22.70
C ALA U 389 44.28 41.37 22.13
N VAL U 390 45.06 40.99 21.12
CA VAL U 390 46.02 41.84 20.45
C VAL U 390 45.52 43.19 19.96
N ASP U 391 46.42 44.16 20.10
CA ASP U 391 46.19 45.54 19.67
C ASP U 391 46.26 45.59 18.17
N SER U 392 45.25 46.18 17.57
CA SER U 392 45.22 46.30 16.14
C SER U 392 44.60 47.62 15.75
N TYR U 393 44.47 47.80 14.44
CA TYR U 393 43.86 48.98 13.90
C TYR U 393 43.19 48.61 12.60
N ASP U 394 42.27 49.47 12.19
CA ASP U 394 41.55 49.26 10.95
C ASP U 394 42.45 49.58 9.77
N PRO U 395 42.65 48.61 8.90
CA PRO U 395 43.49 48.83 7.73
C PRO U 395 43.03 50.02 6.91
N ASP U 396 41.71 50.24 6.88
CA ASP U 396 41.12 51.33 6.12
C ASP U 396 41.32 52.69 6.76
N VAL U 397 41.77 52.66 8.00
CA VAL U 397 42.02 53.89 8.70
C VAL U 397 43.48 54.28 8.57
N ARG U 398 44.34 53.27 8.67
CA ARG U 398 45.77 53.51 8.56
C ARG U 398 46.11 53.94 7.14
N ILE U 399 45.48 53.27 6.18
CA ILE U 399 45.70 53.57 4.77
C ILE U 399 44.40 53.91 4.09
N ILE U 400 44.26 55.17 3.72
CA ILE U 400 43.04 55.59 3.07
C ILE U 400 42.97 55.13 1.63
N GLU U 401 41.85 54.47 1.32
CA GLU U 401 41.59 54.02 -0.02
C GLU U 401 40.36 54.76 -0.52
N ASN U 402 40.62 55.86 -1.20
CA ASN U 402 39.56 56.70 -1.70
C ASN U 402 39.04 56.33 -3.07
N HIS U 403 38.03 55.45 -3.11
CA HIS U 403 37.45 55.08 -4.39
C HIS U 403 36.16 55.85 -4.63
N GLY U 404 35.92 56.82 -3.75
CA GLY U 404 34.75 57.68 -3.84
C GLY U 404 33.47 57.08 -3.29
N THR U 405 32.37 57.47 -3.93
CA THR U 405 31.04 57.05 -3.54
C THR U 405 30.13 56.69 -4.71
N GLU U 406 29.27 55.71 -4.48
CA GLU U 406 28.31 55.27 -5.47
C GLU U 406 27.02 56.06 -5.28
N ASP U 407 27.07 57.31 -5.75
CA ASP U 407 25.97 58.25 -5.65
C ASP U 407 25.35 58.62 -6.98
N GLU U 408 25.26 57.66 -7.89
CA GLU U 408 24.67 57.89 -9.19
C GLU U 408 23.22 58.34 -9.09
N LEU U 409 22.42 57.59 -8.31
CA LEU U 409 21.01 57.87 -8.08
C LEU U 409 20.84 58.96 -7.03
N PRO U 410 19.85 59.83 -7.21
CA PRO U 410 19.64 60.87 -6.21
C PRO U 410 18.82 60.32 -5.05
N ASN U 411 19.00 60.91 -3.87
CA ASN U 411 18.28 60.47 -2.69
C ASN U 411 17.35 61.55 -2.17
N TYR U 412 16.08 61.19 -2.03
CA TYR U 412 15.10 62.15 -1.57
C TYR U 412 14.35 61.70 -0.33
N CYS U 413 13.79 62.72 0.30
CA CYS U 413 12.95 62.58 1.46
C CYS U 413 11.64 63.27 1.10
N PHE U 414 10.51 62.69 1.47
CA PHE U 414 9.22 63.26 1.13
C PHE U 414 8.34 63.57 2.34
N PRO U 415 7.20 64.19 2.05
CA PRO U 415 6.26 64.54 3.09
C PRO U 415 5.51 63.32 3.59
N LEU U 416 5.19 63.32 4.88
CA LEU U 416 4.48 62.23 5.52
C LEU U 416 3.24 61.76 4.76
N GLY U 417 2.49 62.72 4.21
CA GLY U 417 1.27 62.43 3.48
C GLY U 417 1.52 62.19 2.00
N GLY U 418 2.79 62.26 1.61
CA GLY U 418 3.21 62.04 0.23
C GLY U 418 2.95 63.27 -0.65
N VAL U 419 2.28 64.25 -0.06
CA VAL U 419 1.93 65.49 -0.73
C VAL U 419 1.59 66.52 0.33
N ILE U 420 1.99 67.77 0.12
CA ILE U 420 1.69 68.76 1.14
C ILE U 420 1.16 70.08 0.61
N ASN U 421 1.56 70.44 -0.60
CA ASN U 421 1.15 71.68 -1.21
C ASN U 421 -0.09 71.56 -2.10
N THR U 422 -1.13 70.93 -1.55
CA THR U 422 -2.36 70.76 -2.29
C THR U 422 -3.08 72.09 -2.44
N GLU U 423 -3.94 72.18 -3.45
CA GLU U 423 -4.71 73.38 -3.70
C GLU U 423 -6.19 73.03 -3.74
N THR U 424 -7.01 73.82 -3.03
CA THR U 424 -8.44 73.58 -2.99
C THR U 424 -9.08 73.73 -4.36
N LEU U 425 -9.88 72.73 -4.73
CA LEU U 425 -10.55 72.73 -6.02
C LEU U 425 -12.01 72.40 -5.94
N THR U 426 -12.70 72.63 -7.05
CA THR U 426 -14.12 72.36 -7.15
C THR U 426 -14.44 71.49 -8.35
N LYS U 427 -15.25 70.45 -8.12
CA LYS U 427 -15.64 69.57 -9.18
C LYS U 427 -16.54 70.28 -10.16
N VAL U 428 -16.38 69.94 -11.43
CA VAL U 428 -17.14 70.58 -12.46
C VAL U 428 -17.78 69.61 -13.42
N LYS U 429 -18.84 70.11 -14.05
CA LYS U 429 -19.58 69.37 -15.04
C LYS U 429 -19.60 70.13 -16.35
N PRO U 430 -19.55 69.36 -17.43
CA PRO U 430 -19.57 69.89 -18.77
C PRO U 430 -20.95 70.44 -19.08
N GLY U 437 -17.54 75.29 -22.09
CA GLY U 437 -18.88 75.09 -21.56
C GLY U 437 -18.91 74.14 -20.39
N TRP U 438 -18.78 74.70 -19.19
CA TRP U 438 -18.77 73.93 -17.96
C TRP U 438 -19.65 74.51 -16.86
N GLU U 439 -20.15 73.59 -16.03
CA GLU U 439 -21.01 73.91 -14.91
C GLU U 439 -20.57 73.21 -13.63
N LYS U 440 -20.55 74.01 -12.56
CA LYS U 440 -20.15 73.51 -11.27
C LYS U 440 -20.95 72.31 -10.81
N ASP U 441 -20.29 71.46 -10.04
CA ASP U 441 -20.90 70.25 -9.52
C ASP U 441 -21.04 70.35 -8.01
N ALA U 442 -22.12 69.78 -7.51
CA ALA U 442 -22.39 69.77 -6.10
C ALA U 442 -23.43 68.74 -5.76
N PHE U 445 -20.39 65.46 -5.07
CA PHE U 445 -19.08 65.89 -4.64
C PHE U 445 -19.11 67.16 -3.81
N SER U 446 -18.00 67.44 -3.11
CA SER U 446 -17.86 68.58 -2.22
C SER U 446 -17.28 69.84 -2.85
N ASP U 447 -17.47 70.94 -2.13
CA ASP U 447 -16.98 72.23 -2.57
C ASP U 447 -15.47 72.36 -2.42
N LYS U 448 -14.88 71.55 -1.55
CA LYS U 448 -13.45 71.62 -1.31
C LYS U 448 -12.71 70.29 -1.25
N ASN U 449 -11.98 70.02 -2.33
CA ASN U 449 -11.18 68.83 -2.49
C ASN U 449 -9.73 69.25 -2.65
N GLU U 450 -8.84 68.58 -1.94
CA GLU U 450 -7.45 68.91 -2.02
C GLU U 450 -6.73 68.09 -3.08
N ILE U 451 -6.13 68.79 -4.03
CA ILE U 451 -5.41 68.16 -5.10
C ILE U 451 -4.07 68.82 -5.34
N ARG U 452 -3.04 68.00 -5.40
CA ARG U 452 -1.71 68.52 -5.65
C ARG U 452 -1.44 68.56 -7.15
N VAL U 453 -1.13 69.75 -7.62
CA VAL U 453 -0.85 69.94 -9.03
C VAL U 453 0.64 70.05 -9.28
N GLY U 454 1.21 69.03 -9.91
CA GLY U 454 2.62 68.96 -10.21
C GLY U 454 3.28 67.87 -9.38
N ASN U 455 4.60 67.90 -9.28
CA ASN U 455 5.30 66.90 -8.50
C ASN U 455 5.14 67.20 -7.02
N ASN U 456 5.53 66.25 -6.17
CA ASN U 456 5.42 66.44 -4.74
C ASN U 456 6.59 67.24 -4.18
N PHE U 457 6.47 67.65 -2.93
CA PHE U 457 7.55 68.40 -2.30
C PHE U 457 8.66 67.43 -1.94
N ALA U 458 9.88 67.74 -2.34
CA ALA U 458 10.99 66.85 -2.05
C ALA U 458 12.28 67.55 -1.63
N MET U 459 13.03 66.84 -0.80
CA MET U 459 14.31 67.32 -0.31
C MET U 459 15.38 66.32 -0.71
N GLU U 460 16.52 66.82 -1.15
CA GLU U 460 17.59 65.94 -1.60
C GLU U 460 18.73 65.81 -0.61
N ILE U 461 19.38 64.65 -0.64
CA ILE U 461 20.50 64.36 0.21
C ILE U 461 21.39 63.28 -0.40
N ASN U 462 22.71 63.45 -0.25
CA ASN U 462 23.65 62.50 -0.78
C ASN U 462 24.06 61.53 0.31
N LEU U 463 23.29 60.46 0.42
CA LEU U 463 23.50 59.41 1.41
C LEU U 463 24.94 58.91 1.46
N ASN U 464 25.40 58.37 0.34
CA ASN U 464 26.74 57.82 0.28
C ASN U 464 27.86 58.80 0.59
N ALA U 465 27.79 59.99 0.04
CA ALA U 465 28.82 60.98 0.32
C ALA U 465 28.89 61.27 1.80
N ASN U 466 27.72 61.42 2.39
CA ASN U 466 27.58 61.70 3.81
C ASN U 466 28.26 60.64 4.65
N LEU U 467 27.86 59.39 4.45
CA LEU U 467 28.44 58.29 5.18
C LEU U 467 29.96 58.31 5.12
N TRP U 468 30.48 58.42 3.90
CA TRP U 468 31.91 58.46 3.66
C TRP U 468 32.59 59.55 4.48
N ARG U 469 31.96 60.71 4.48
CA ARG U 469 32.44 61.88 5.20
C ARG U 469 32.54 61.59 6.69
N ASN U 470 31.42 61.13 7.24
CA ASN U 470 31.33 60.82 8.64
C ASN U 470 32.43 59.87 9.08
N PHE U 471 32.78 58.93 8.19
CA PHE U 471 33.83 57.97 8.45
C PHE U 471 35.19 58.63 8.52
N LEU U 472 35.43 59.57 7.61
CA LEU U 472 36.68 60.28 7.54
C LEU U 472 36.89 61.18 8.74
N TYR U 473 35.85 61.92 9.07
CA TYR U 473 35.92 62.84 10.19
C TYR U 473 36.13 62.10 11.50
N SER U 474 35.31 61.10 11.71
CA SER U 474 35.38 60.32 12.94
C SER U 474 36.70 59.55 13.12
N ASN U 475 37.13 58.86 12.07
CA ASN U 475 38.33 58.05 12.16
C ASN U 475 39.68 58.68 11.88
N ILE U 476 39.73 59.69 11.03
CA ILE U 476 41.00 60.28 10.72
C ILE U 476 41.17 61.69 11.23
N ALA U 477 40.26 62.56 10.80
CA ALA U 477 40.29 63.95 11.20
C ALA U 477 40.60 64.15 12.68
N LEU U 478 39.71 63.64 13.53
CA LEU U 478 39.87 63.79 14.96
C LEU U 478 41.18 63.27 15.52
N TYR U 479 41.85 62.39 14.80
CA TYR U 479 43.12 61.86 15.27
C TYR U 479 44.31 62.64 14.76
N LEU U 480 44.00 63.64 13.94
CA LEU U 480 45.05 64.48 13.41
C LEU U 480 45.87 65.05 14.54
N PRO U 481 47.11 65.40 14.26
CA PRO U 481 47.96 65.97 15.28
C PRO U 481 47.41 67.28 15.81
N ASP U 482 47.68 67.56 17.08
CA ASP U 482 47.21 68.76 17.74
C ASP U 482 47.54 70.04 17.00
N LYS U 483 48.74 70.05 16.41
CA LYS U 483 49.24 71.20 15.66
C LYS U 483 48.31 71.68 14.55
N LEU U 484 47.52 70.75 14.03
CA LEU U 484 46.59 71.06 12.97
C LEU U 484 45.25 71.54 13.52
N LYS U 485 45.10 71.44 14.85
CA LYS U 485 43.88 71.85 15.53
C LYS U 485 43.90 73.27 16.06
N TYR U 486 42.76 73.67 16.62
CA TYR U 486 42.59 74.99 17.19
C TYR U 486 41.57 75.00 18.33
N SER U 487 41.75 75.92 19.28
CA SER U 487 40.86 76.04 20.42
C SER U 487 39.53 76.70 20.08
N PRO U 488 38.45 76.22 20.71
CA PRO U 488 37.12 76.75 20.47
C PRO U 488 36.90 78.08 21.16
N SER U 489 36.06 78.90 20.56
CA SER U 489 35.76 80.20 21.13
C SER U 489 34.69 80.11 22.21
N ASN U 490 34.85 80.92 23.26
CA ASN U 490 33.91 80.97 24.36
C ASN U 490 33.68 79.63 25.03
N VAL U 491 34.71 78.80 25.05
CA VAL U 491 34.59 77.50 25.68
C VAL U 491 35.80 77.18 26.52
N LYS U 492 35.58 76.97 27.81
CA LYS U 492 36.68 76.65 28.68
C LYS U 492 37.31 75.33 28.30
N ILE U 493 38.64 75.33 28.28
CA ILE U 493 39.39 74.16 27.92
C ILE U 493 40.62 74.02 28.79
N SER U 494 40.93 72.79 29.18
CA SER U 494 42.08 72.54 30.01
C SER U 494 43.38 73.05 29.42
N ASP U 495 44.34 73.26 30.33
CA ASP U 495 45.67 73.74 30.00
C ASP U 495 46.60 72.57 29.75
N ASN U 496 46.19 71.42 30.26
CA ASN U 496 46.93 70.18 30.13
C ASN U 496 46.56 69.45 28.85
N PRO U 497 47.53 69.39 27.94
CA PRO U 497 47.33 68.74 26.65
C PRO U 497 47.25 67.23 26.75
N ASN U 498 47.72 66.66 27.87
CA ASN U 498 47.70 65.23 28.09
C ASN U 498 46.38 64.81 28.67
N THR U 499 45.51 65.80 28.75
CA THR U 499 44.19 65.68 29.32
C THR U 499 43.13 65.29 28.31
N TYR U 500 42.09 64.63 28.80
CA TYR U 500 40.98 64.22 27.96
C TYR U 500 40.19 65.45 27.54
N ASP U 501 39.98 66.34 28.51
CA ASP U 501 39.24 67.56 28.24
C ASP U 501 39.82 68.26 27.03
N TYR U 502 41.14 68.33 27.02
CA TYR U 502 41.88 68.98 25.96
C TYR U 502 41.64 68.32 24.59
N MET U 503 41.96 67.03 24.55
CA MET U 503 41.81 66.24 23.34
C MET U 503 40.37 66.25 22.83
N ASN U 504 39.44 66.37 23.77
CA ASN U 504 38.03 66.36 23.43
C ASN U 504 37.48 67.71 22.97
N LYS U 505 38.12 68.80 23.39
CA LYS U 505 37.63 70.10 22.99
C LYS U 505 38.34 70.71 21.80
N ARG U 506 39.61 70.39 21.61
CA ARG U 506 40.30 70.93 20.47
C ARG U 506 39.46 70.68 19.23
N VAL U 507 39.26 71.70 18.40
CA VAL U 507 38.45 71.49 17.21
C VAL U 507 39.27 71.30 15.96
N VAL U 508 38.73 70.49 15.05
CA VAL U 508 39.39 70.21 13.81
C VAL U 508 38.46 70.38 12.62
N ALA U 509 38.99 71.03 11.59
CA ALA U 509 38.27 71.31 10.36
C ALA U 509 38.13 70.07 9.51
N PRO U 510 36.89 69.73 9.18
CA PRO U 510 36.60 68.57 8.35
C PRO U 510 37.22 68.70 6.96
N GLY U 511 37.40 69.93 6.51
CA GLY U 511 37.98 70.15 5.21
C GLY U 511 39.39 69.60 5.11
N LEU U 512 39.95 69.21 6.26
CA LEU U 512 41.29 68.65 6.29
C LEU U 512 41.33 67.24 5.72
N VAL U 513 40.29 66.48 6.04
CA VAL U 513 40.14 65.12 5.57
C VAL U 513 38.73 64.93 4.98
N ASP U 514 38.43 65.71 3.94
CA ASP U 514 37.12 65.61 3.33
C ASP U 514 37.03 64.51 2.29
N CYS U 515 35.80 64.20 1.90
CA CYS U 515 35.54 63.15 0.94
C CYS U 515 36.32 63.24 -0.36
N TYR U 516 36.85 64.42 -0.69
CA TYR U 516 37.62 64.57 -1.92
C TYR U 516 39.13 64.51 -1.70
N ILE U 517 39.49 63.99 -0.55
CA ILE U 517 40.88 63.84 -0.14
C ILE U 517 41.57 62.72 -0.91
N ASN U 518 42.70 63.07 -1.55
CA ASN U 518 43.47 62.12 -2.33
C ASN U 518 42.59 61.14 -3.08
N LEU U 519 41.63 61.69 -3.82
CA LEU U 519 40.68 60.91 -4.61
C LEU U 519 41.35 59.93 -5.56
N GLY U 520 40.88 58.69 -5.51
CA GLY U 520 41.37 57.62 -6.38
C GLY U 520 42.71 57.03 -5.97
N ALA U 521 43.20 57.41 -4.80
CA ALA U 521 44.47 56.90 -4.36
C ALA U 521 44.35 56.01 -3.14
N ARG U 522 45.40 55.21 -2.95
CA ARG U 522 45.57 54.33 -1.82
C ARG U 522 46.76 54.91 -1.11
N TRP U 523 46.46 55.89 -0.27
CA TRP U 523 47.50 56.61 0.41
C TRP U 523 47.20 56.92 1.87
N SER U 524 48.22 56.75 2.70
CA SER U 524 48.08 57.08 4.09
C SER U 524 48.48 58.55 4.23
N LEU U 525 47.75 59.31 5.03
CA LEU U 525 48.08 60.70 5.18
C LEU U 525 49.48 60.91 5.74
N ASP U 526 50.23 61.79 5.10
CA ASP U 526 51.57 62.06 5.54
C ASP U 526 51.57 62.61 6.97
N TYR U 527 50.43 63.16 7.40
CA TYR U 527 50.32 63.71 8.75
C TYR U 527 50.19 62.61 9.79
N MET U 528 49.48 61.55 9.41
CA MET U 528 49.19 60.41 10.27
C MET U 528 50.25 59.31 10.32
N ASP U 529 51.19 59.32 9.39
CA ASP U 529 52.20 58.28 9.40
C ASP U 529 52.89 58.08 10.74
N ASN U 530 53.27 59.19 11.39
CA ASN U 530 53.98 59.13 12.66
C ASN U 530 53.09 59.19 13.89
N VAL U 531 51.80 58.99 13.67
CA VAL U 531 50.84 58.99 14.76
C VAL U 531 50.58 57.54 15.13
N ASN U 532 50.69 57.22 16.40
CA ASN U 532 50.45 55.87 16.84
C ASN U 532 49.10 55.38 16.35
N PRO U 533 49.09 54.39 15.45
CA PRO U 533 47.86 53.86 14.89
C PRO U 533 47.03 53.06 15.88
N PHE U 534 47.69 52.58 16.93
CA PHE U 534 47.01 51.77 17.92
C PHE U 534 46.13 52.54 18.89
N ASN U 535 46.45 53.79 19.12
CA ASN U 535 45.65 54.59 20.00
C ASN U 535 44.43 55.05 19.21
N HIS U 536 43.40 54.18 19.16
CA HIS U 536 42.21 54.49 18.39
C HIS U 536 40.99 53.69 18.86
N HIS U 537 39.81 54.25 18.65
CA HIS U 537 38.57 53.60 19.04
C HIS U 537 38.28 52.39 18.17
N ARG U 538 39.02 52.25 17.07
CA ARG U 538 38.82 51.14 16.18
C ARG U 538 39.79 49.98 16.41
N ASN U 539 40.48 50.05 17.54
CA ASN U 539 41.41 49.00 17.95
C ASN U 539 40.56 47.90 18.58
N ALA U 540 40.31 46.87 17.79
CA ALA U 540 39.49 45.75 18.22
C ALA U 540 39.96 45.10 19.51
N GLY U 541 41.28 44.89 19.63
CA GLY U 541 41.84 44.26 20.81
C GLY U 541 41.54 45.03 22.08
N LEU U 542 41.84 46.33 22.05
CA LEU U 542 41.62 47.21 23.19
C LEU U 542 40.12 47.34 23.46
N ARG U 543 39.34 47.44 22.39
CA ARG U 543 37.91 47.54 22.51
C ARG U 543 37.31 46.36 23.27
N TYR U 544 37.75 45.17 22.89
CA TYR U 544 37.30 43.93 23.48
C TYR U 544 37.70 43.80 24.94
N ARG U 545 38.91 44.21 25.26
CA ARG U 545 39.40 44.16 26.63
C ARG U 545 38.63 45.11 27.51
N SER U 546 38.22 46.22 26.91
CA SER U 546 37.43 47.22 27.61
C SER U 546 36.05 46.67 27.95
N MET U 547 35.44 46.00 26.98
CA MET U 547 34.12 45.42 27.15
C MET U 547 34.11 44.22 28.08
N LEU U 548 35.27 43.55 28.15
CA LEU U 548 35.47 42.39 29.02
C LEU U 548 35.18 42.79 30.47
N LEU U 549 35.52 44.05 30.78
CA LEU U 549 35.33 44.62 32.11
C LEU U 549 33.91 45.10 32.31
N GLY U 550 33.30 45.55 31.22
CA GLY U 550 31.94 46.06 31.23
C GLY U 550 31.88 47.41 30.53
N ASN U 551 30.71 48.04 30.63
CA ASN U 551 30.47 49.34 30.01
C ASN U 551 30.45 50.46 31.03
N GLY U 552 30.81 50.13 32.26
CA GLY U 552 30.81 51.09 33.34
C GLY U 552 32.17 51.47 33.89
N ARG U 553 32.15 52.66 34.44
CA ARG U 553 33.27 53.34 35.08
C ARG U 553 33.81 52.52 36.24
N TYR U 554 32.91 52.11 37.13
CA TYR U 554 33.22 51.34 38.31
C TYR U 554 33.21 49.85 38.06
N VAL U 555 34.35 49.22 38.30
CA VAL U 555 34.47 47.80 38.07
C VAL U 555 35.22 47.02 39.12
N PRO U 556 34.56 46.02 39.68
CA PRO U 556 35.21 45.13 40.62
C PRO U 556 35.82 44.10 39.68
N PHE U 557 37.11 43.82 39.80
CA PHE U 557 37.68 42.88 38.85
C PHE U 557 38.24 41.60 39.44
N HIS U 558 38.29 40.59 38.57
CA HIS U 558 38.79 39.27 38.87
C HIS U 558 39.56 38.78 37.66
N ILE U 559 40.88 38.68 37.81
CA ILE U 559 41.71 38.26 36.70
C ILE U 559 42.73 37.21 37.10
N GLN U 560 43.26 36.60 36.05
CA GLN U 560 44.29 35.60 36.13
C GLN U 560 45.49 36.09 35.34
N VAL U 561 46.61 36.23 36.05
CA VAL U 561 47.86 36.71 35.47
C VAL U 561 48.91 35.61 35.33
N PRO U 562 49.51 35.55 34.15
CA PRO U 562 50.52 34.53 33.83
C PRO U 562 51.94 34.94 34.17
N GLN U 563 52.76 33.93 34.41
CA GLN U 563 54.17 34.13 34.69
C GLN U 563 54.87 34.14 33.33
N LYS U 564 55.61 35.20 33.01
CA LYS U 564 56.26 35.29 31.71
C LYS U 564 57.75 35.07 31.71
N PHE U 565 58.37 35.29 32.85
CA PHE U 565 59.80 35.12 32.96
C PHE U 565 60.23 33.79 32.35
N PHE U 566 61.16 33.86 31.41
CA PHE U 566 61.64 32.68 30.70
C PHE U 566 62.26 31.55 31.50
N ALA U 567 63.00 31.86 32.56
CA ALA U 567 63.65 30.80 33.33
C ALA U 567 62.72 29.95 34.16
N ILE U 568 61.50 30.44 34.42
CA ILE U 568 60.57 29.67 35.24
C ILE U 568 59.22 29.34 34.62
N LYS U 569 58.85 30.06 33.56
CA LYS U 569 57.57 29.85 32.90
C LYS U 569 57.18 28.43 32.48
N ASN U 570 58.15 27.63 32.05
CA ASN U 570 57.87 26.26 31.61
C ASN U 570 58.57 25.22 32.45
N LEU U 571 59.15 25.68 33.53
CA LEU U 571 59.89 24.82 34.41
C LEU U 571 59.03 23.76 35.10
N LEU U 572 59.61 22.57 35.18
CA LEU U 572 59.00 21.44 35.84
C LEU U 572 59.65 21.37 37.22
N LEU U 573 58.87 21.79 38.22
CA LEU U 573 59.26 21.88 39.60
C LEU U 573 59.18 20.57 40.37
N LEU U 574 60.29 20.16 40.98
CA LEU U 574 60.30 18.93 41.75
C LEU U 574 59.77 19.17 43.15
N PRO U 575 59.55 18.09 43.90
CA PRO U 575 59.05 18.20 45.24
C PRO U 575 59.96 19.01 46.13
N GLY U 576 59.33 19.74 47.05
CA GLY U 576 59.98 20.60 48.00
C GLY U 576 59.12 21.81 48.25
N SER U 577 59.56 22.67 49.14
CA SER U 577 58.83 23.88 49.46
C SER U 577 59.57 25.07 48.90
N TYR U 578 58.86 25.94 48.19
CA TYR U 578 59.51 27.09 47.61
C TYR U 578 58.88 28.41 47.95
N THR U 579 59.74 29.42 47.98
CA THR U 579 59.34 30.77 48.23
C THR U 579 59.15 31.45 46.89
N TYR U 580 57.91 31.80 46.60
CA TYR U 580 57.58 32.43 45.34
C TYR U 580 57.02 33.80 45.66
N GLU U 581 57.72 34.83 45.22
CA GLU U 581 57.28 36.17 45.51
C GLU U 581 57.39 37.07 44.29
N TRP U 582 56.43 37.98 44.15
CA TRP U 582 56.42 38.88 43.02
C TRP U 582 55.83 40.25 43.34
N ASN U 583 56.23 41.23 42.53
CA ASN U 583 55.78 42.61 42.67
C ASN U 583 54.83 43.00 41.55
N PHE U 584 53.81 43.74 41.94
CA PHE U 584 52.81 44.22 41.02
C PHE U 584 52.73 45.73 41.04
N ARG U 585 52.60 46.29 39.84
CA ARG U 585 52.51 47.71 39.64
C ARG U 585 51.12 48.20 40.00
N LYS U 586 51.04 49.48 40.39
CA LYS U 586 49.79 50.12 40.77
C LYS U 586 49.51 51.33 39.91
N ASP U 587 50.55 51.74 39.19
CA ASP U 587 50.50 52.89 38.31
C ASP U 587 49.51 52.74 37.17
N VAL U 588 48.41 53.49 37.23
CA VAL U 588 47.40 53.41 36.18
C VAL U 588 47.91 53.65 34.78
N ASN U 589 48.92 54.51 34.63
CA ASN U 589 49.43 54.76 33.29
C ASN U 589 50.12 53.52 32.75
N MET U 590 50.46 52.61 33.67
CA MET U 590 51.14 51.39 33.32
C MET U 590 50.21 50.17 33.22
N VAL U 591 49.35 50.01 34.23
CA VAL U 591 48.45 48.87 34.25
C VAL U 591 47.23 49.03 33.36
N LEU U 592 46.87 50.27 33.07
CA LEU U 592 45.72 50.53 32.22
C LEU U 592 46.12 51.11 30.88
N GLN U 593 45.21 50.97 29.92
CA GLN U 593 45.42 51.46 28.59
C GLN U 593 44.18 52.16 28.08
N SER U 594 44.38 53.27 27.40
CA SER U 594 43.27 54.05 26.86
C SER U 594 43.46 54.23 25.36
N SER U 595 42.36 54.47 24.65
CA SER U 595 42.46 54.66 23.22
C SER U 595 42.97 56.05 22.83
N LEU U 596 42.71 57.04 23.70
CA LEU U 596 43.13 58.41 23.48
C LEU U 596 44.56 58.61 23.99
N GLY U 597 44.93 57.75 24.93
CA GLY U 597 46.26 57.77 25.53
C GLY U 597 46.44 58.92 26.51
N ASN U 598 45.33 59.45 27.03
CA ASN U 598 45.39 60.54 27.98
C ASN U 598 46.09 60.15 29.28
N ASP U 599 46.38 61.12 30.13
CA ASP U 599 47.05 60.89 31.40
C ASP U 599 46.07 60.46 32.48
N LEU U 600 46.00 59.14 32.70
CA LEU U 600 45.10 58.57 33.68
C LEU U 600 45.34 59.00 35.11
N ARG U 601 46.54 59.46 35.42
CA ARG U 601 46.81 59.90 36.78
C ARG U 601 46.05 61.18 37.06
N VAL U 602 46.16 62.12 36.13
CA VAL U 602 45.48 63.40 36.19
C VAL U 602 44.00 63.22 35.94
N ASP U 603 43.72 62.26 35.05
CA ASP U 603 42.36 61.96 34.63
C ASP U 603 41.47 61.11 35.54
N GLY U 604 41.86 60.96 36.80
CA GLY U 604 41.05 60.24 37.77
C GLY U 604 40.92 58.72 37.73
N ALA U 605 41.72 58.01 36.94
CA ALA U 605 41.59 56.56 36.98
C ALA U 605 42.12 56.05 38.30
N SER U 606 41.52 54.99 38.86
CA SER U 606 41.98 54.46 40.14
C SER U 606 41.95 52.93 40.17
N ILE U 607 42.84 52.34 40.95
CA ILE U 607 42.90 50.90 41.07
C ILE U 607 43.37 50.42 42.43
N LYS U 608 42.64 49.46 42.99
CA LYS U 608 42.96 48.91 44.29
C LYS U 608 42.92 47.38 44.30
N PHE U 609 43.98 46.78 44.83
CA PHE U 609 44.11 45.33 44.92
C PHE U 609 43.58 44.81 46.25
N ASP U 610 42.55 43.98 46.18
CA ASP U 610 41.98 43.45 47.39
C ASP U 610 42.57 42.13 47.81
N SER U 611 42.84 41.26 46.85
CA SER U 611 43.40 39.97 47.19
C SER U 611 44.08 39.31 46.02
N ILE U 612 45.17 38.61 46.33
CA ILE U 612 45.91 37.89 45.34
C ILE U 612 46.23 36.49 45.83
N CYS U 613 45.85 35.52 45.02
CA CYS U 613 46.08 34.13 45.35
C CYS U 613 46.99 33.49 44.32
N LEU U 614 47.48 32.31 44.66
CA LEU U 614 48.35 31.57 43.77
C LEU U 614 47.74 30.22 43.49
N TYR U 615 47.47 29.95 42.21
CA TYR U 615 46.89 28.68 41.82
C TYR U 615 47.89 27.80 41.10
N ALA U 616 47.73 26.50 41.28
CA ALA U 616 48.60 25.51 40.67
C ALA U 616 47.86 24.20 40.43
N THR U 617 47.95 23.70 39.20
CA THR U 617 47.28 22.46 38.85
C THR U 617 48.28 21.33 38.72
N PHE U 618 47.92 20.15 39.18
CA PHE U 618 48.83 19.04 39.12
C PHE U 618 48.29 17.81 38.40
N PHE U 619 49.12 17.27 37.52
CA PHE U 619 48.75 16.05 36.83
C PHE U 619 48.71 15.00 37.94
N PRO U 620 47.61 14.26 38.06
CA PRO U 620 47.51 13.27 39.12
C PRO U 620 48.32 12.02 38.80
N MET U 621 49.57 12.25 38.49
CA MET U 621 50.50 11.20 38.11
C MET U 621 50.64 10.07 39.11
N ALA U 622 50.81 8.86 38.58
CA ALA U 622 50.99 7.70 39.42
C ALA U 622 52.20 7.96 40.30
N HIS U 623 52.08 7.59 41.57
CA HIS U 623 53.15 7.80 42.52
C HIS U 623 54.48 7.13 42.17
N ASN U 624 54.42 5.88 41.73
CA ASN U 624 55.65 5.19 41.37
C ASN U 624 56.34 5.91 40.22
N THR U 625 55.53 6.27 39.24
CA THR U 625 55.99 6.99 38.06
C THR U 625 56.58 8.34 38.42
N ALA U 626 55.80 9.14 39.13
CA ALA U 626 56.25 10.46 39.54
C ALA U 626 57.58 10.37 40.25
N SER U 627 57.66 9.41 41.17
CA SER U 627 58.86 9.18 41.95
C SER U 627 60.05 8.86 41.06
N THR U 628 59.80 8.04 40.04
CA THR U 628 60.83 7.65 39.11
C THR U 628 61.32 8.82 38.26
N LEU U 629 60.35 9.61 37.81
CA LEU U 629 60.65 10.78 37.01
C LEU U 629 61.49 11.77 37.81
N GLU U 630 61.20 11.85 39.10
CA GLU U 630 61.89 12.74 40.00
C GLU U 630 63.38 12.40 40.07
N ALA U 631 63.63 11.12 40.36
CA ALA U 631 64.98 10.61 40.46
C ALA U 631 65.82 10.98 39.26
N MET U 632 65.23 10.78 38.07
CA MET U 632 65.90 11.07 36.82
C MET U 632 66.22 12.55 36.67
N LEU U 633 65.22 13.38 36.94
CA LEU U 633 65.35 14.82 36.82
C LEU U 633 66.30 15.41 37.85
N ARG U 634 66.70 14.60 38.82
CA ARG U 634 67.59 15.08 39.85
C ARG U 634 69.06 15.02 39.46
N ASN U 635 69.35 14.31 38.37
CA ASN U 635 70.71 14.19 37.90
C ASN U 635 71.03 15.37 37.01
N ASP U 636 72.23 15.91 37.14
CA ASP U 636 72.61 17.05 36.34
C ASP U 636 72.55 16.79 34.86
N THR U 637 72.84 15.58 34.43
CA THR U 637 72.77 15.32 33.01
C THR U 637 71.37 15.58 32.48
N ASN U 638 70.38 15.49 33.38
CA ASN U 638 68.99 15.73 33.03
C ASN U 638 68.48 17.08 33.51
N ASP U 639 69.39 18.04 33.60
CA ASP U 639 69.06 19.38 34.01
C ASP U 639 68.22 20.06 32.94
N GLN U 640 67.19 20.79 33.37
CA GLN U 640 66.33 21.50 32.44
C GLN U 640 67.03 22.75 31.94
N SER U 641 66.63 23.26 30.77
CA SER U 641 67.24 24.45 30.23
C SER U 641 66.29 25.25 29.35
N PHE U 642 66.41 26.57 29.45
CA PHE U 642 65.56 27.47 28.70
C PHE U 642 66.31 28.69 28.22
N ASN U 643 65.76 29.28 27.19
CA ASN U 643 66.30 30.49 26.61
C ASN U 643 65.15 31.45 26.38
N ASP U 644 65.45 32.72 26.46
CA ASP U 644 64.43 33.72 26.23
C ASP U 644 64.12 33.77 24.75
N TYR U 645 62.83 33.86 24.40
CA TYR U 645 62.46 33.90 23.01
C TYR U 645 63.10 35.06 22.25
N LEU U 646 63.06 36.24 22.85
CA LEU U 646 63.62 37.43 22.23
C LEU U 646 65.12 37.30 22.02
N SER U 647 65.78 36.73 23.02
CA SER U 647 67.20 36.51 23.01
C SER U 647 67.99 37.73 22.60
N ALA U 648 67.93 38.76 23.43
CA ALA U 648 68.66 39.96 23.10
C ALA U 648 68.86 40.92 24.25
N ALA U 649 69.89 41.75 24.09
CA ALA U 649 70.25 42.80 25.01
C ALA U 649 69.58 44.04 24.42
N ASN U 650 68.74 44.69 25.20
CA ASN U 650 68.02 45.84 24.68
C ASN U 650 68.59 47.19 25.04
N MET U 651 68.81 48.01 24.01
CA MET U 651 69.32 49.34 24.23
C MET U 651 68.46 50.42 23.61
N LEU U 652 68.46 51.56 24.29
CA LEU U 652 67.72 52.71 23.86
C LEU U 652 68.65 53.91 23.80
N TYR U 653 68.67 54.55 22.63
CA TYR U 653 69.47 55.73 22.39
C TYR U 653 68.58 56.87 21.96
N PRO U 654 68.76 58.00 22.61
CA PRO U 654 67.99 59.17 22.35
C PRO U 654 68.28 59.84 21.01
N ILE U 655 67.19 60.33 20.44
CA ILE U 655 67.18 61.05 19.18
C ILE U 655 66.48 62.37 19.40
N PRO U 656 67.28 63.40 19.64
CA PRO U 656 66.73 64.71 19.88
C PRO U 656 65.84 65.18 18.75
N ALA U 657 64.85 65.99 19.10
CA ALA U 657 63.93 66.48 18.10
C ALA U 657 64.70 67.09 16.94
N ASN U 658 64.32 66.72 15.74
CA ASN U 658 64.95 67.23 14.54
C ASN U 658 66.32 66.65 14.23
N ALA U 659 66.84 65.85 15.14
CA ALA U 659 68.13 65.21 14.91
C ALA U 659 67.96 64.29 13.72
N THR U 660 69.04 64.06 12.98
CA THR U 660 68.94 63.21 11.80
C THR U 660 70.02 62.15 11.76
N ASN U 661 71.06 62.38 12.55
CA ASN U 661 72.20 61.48 12.63
C ASN U 661 72.26 60.85 14.01
N VAL U 662 72.38 59.53 14.04
CA VAL U 662 72.46 58.82 15.29
C VAL U 662 73.63 57.84 15.31
N PRO U 663 74.71 58.29 15.94
CA PRO U 663 75.90 57.50 16.04
C PRO U 663 75.95 56.76 17.36
N ILE U 664 76.29 55.48 17.30
CA ILE U 664 76.38 54.70 18.50
C ILE U 664 77.71 53.99 18.56
N SER U 665 78.26 53.96 19.76
CA SER U 665 79.54 53.33 19.95
C SER U 665 79.52 52.28 21.04
N ILE U 666 80.16 51.16 20.73
CA ILE U 666 80.28 50.06 21.66
C ILE U 666 81.75 49.76 21.89
N PRO U 667 82.20 50.02 23.10
CA PRO U 667 83.59 49.81 23.42
C PRO U 667 83.98 48.37 23.16
N SER U 668 85.21 48.20 22.68
CA SER U 668 85.73 46.91 22.37
C SER U 668 85.26 45.85 23.36
N ARG U 669 84.73 44.77 22.82
CA ARG U 669 84.23 43.66 23.60
C ARG U 669 84.25 42.38 22.79
N ASN U 670 83.76 41.31 23.41
CA ASN U 670 83.69 40.00 22.78
C ASN U 670 82.43 39.82 21.95
N TRP U 671 82.58 39.24 20.76
CA TRP U 671 81.44 39.04 19.89
C TRP U 671 81.10 37.61 19.55
N ALA U 672 81.78 36.65 20.15
CA ALA U 672 81.48 35.27 19.87
C ALA U 672 80.02 34.94 20.11
N ALA U 673 79.41 34.24 19.15
CA ALA U 673 78.01 33.82 19.26
C ALA U 673 77.02 34.92 18.90
N PHE U 674 77.54 36.07 18.52
CA PHE U 674 76.69 37.19 18.13
C PHE U 674 75.73 36.73 17.03
N ARG U 675 74.45 37.05 17.17
CA ARG U 675 73.48 36.62 16.18
C ARG U 675 73.08 37.67 15.16
N GLY U 676 73.09 38.94 15.55
CA GLY U 676 72.71 39.98 14.61
C GLY U 676 72.00 41.13 15.28
N TRP U 677 71.50 42.04 14.45
CA TRP U 677 70.81 43.23 14.94
C TRP U 677 69.36 43.31 14.49
N ALA U 678 68.58 43.97 15.35
CA ALA U 678 67.17 44.23 15.13
C ALA U 678 66.90 45.62 15.67
N PHE U 679 66.10 46.43 14.97
CA PHE U 679 65.86 47.77 15.47
C PHE U 679 64.60 48.45 14.96
N THR U 680 64.20 49.46 15.73
CA THR U 680 63.05 50.33 15.50
C THR U 680 63.34 51.70 16.05
N ARG U 681 62.26 52.47 16.14
CA ARG U 681 62.30 53.81 16.65
C ARG U 681 61.02 54.07 17.46
N LEU U 682 61.20 54.57 18.67
CA LEU U 682 60.08 54.85 19.55
C LEU U 682 60.04 56.31 19.94
N LYS U 683 58.88 56.72 20.41
CA LYS U 683 58.69 58.06 20.87
C LYS U 683 58.99 58.09 22.35
N THR U 684 59.78 59.06 22.77
CA THR U 684 60.11 59.13 24.17
C THR U 684 58.86 59.21 25.03
N LYS U 685 57.86 59.94 24.54
CA LYS U 685 56.61 60.09 25.27
C LYS U 685 55.88 58.77 25.51
N GLU U 686 56.03 57.84 24.58
CA GLU U 686 55.38 56.55 24.70
C GLU U 686 56.23 55.46 25.32
N THR U 687 57.37 55.85 25.89
CA THR U 687 58.27 54.89 26.51
C THR U 687 58.52 55.19 27.97
N PRO U 688 57.77 54.55 28.84
CA PRO U 688 57.94 54.74 30.26
C PRO U 688 59.37 54.41 30.63
N SER U 689 59.86 55.00 31.70
CA SER U 689 61.21 54.71 32.14
C SER U 689 61.18 53.46 32.99
N LEU U 690 61.98 52.47 32.64
CA LEU U 690 61.96 51.25 33.43
C LEU U 690 63.09 51.10 34.43
N GLY U 691 64.02 52.05 34.43
CA GLY U 691 65.13 52.00 35.36
C GLY U 691 64.71 52.41 36.76
N SER U 692 63.47 52.07 37.11
CA SER U 692 62.91 52.40 38.41
C SER U 692 61.48 51.95 38.60
N GLY U 693 61.10 51.78 39.87
CA GLY U 693 59.79 51.33 40.24
C GLY U 693 58.67 52.30 39.88
N TYR U 694 59.01 53.56 39.65
CA TYR U 694 58.00 54.56 39.31
C TYR U 694 58.55 55.71 38.46
N ASP U 695 57.81 56.06 37.41
CA ASP U 695 58.21 57.13 36.51
C ASP U 695 57.31 58.36 36.65
N PRO U 696 57.81 59.32 37.42
CA PRO U 696 57.11 60.55 37.69
C PRO U 696 56.78 61.34 36.43
N TYR U 697 57.58 61.20 35.38
CA TYR U 697 57.34 61.94 34.16
C TYR U 697 56.53 61.24 33.06
N TYR U 698 55.95 60.09 33.40
CA TYR U 698 55.16 59.33 32.47
C TYR U 698 53.69 59.71 32.51
N THR U 699 53.28 60.57 31.57
CA THR U 699 51.92 61.05 31.48
C THR U 699 51.25 60.63 30.19
N TYR U 700 51.23 59.32 29.97
CA TYR U 700 50.66 58.74 28.77
C TYR U 700 50.10 57.36 29.06
N SER U 701 48.98 57.00 28.44
CA SER U 701 48.40 55.69 28.70
C SER U 701 48.03 54.89 27.47
N GLY U 702 48.65 55.22 26.34
CA GLY U 702 48.35 54.50 25.11
C GLY U 702 49.19 53.24 24.97
N SER U 703 49.29 52.75 23.74
CA SER U 703 50.06 51.57 23.45
C SER U 703 51.52 51.83 23.74
N ILE U 704 52.24 50.82 24.22
CA ILE U 704 53.65 50.95 24.51
C ILE U 704 54.47 50.02 23.64
N PRO U 705 54.82 50.48 22.45
CA PRO U 705 55.58 49.66 21.52
C PRO U 705 56.74 48.88 22.09
N TYR U 706 57.52 49.49 22.98
CA TYR U 706 58.66 48.81 23.57
C TYR U 706 58.30 47.51 24.25
N LEU U 707 57.09 47.48 24.81
CA LEU U 707 56.61 46.31 25.52
C LEU U 707 55.60 45.47 24.76
N ASP U 708 54.75 46.10 23.96
CA ASP U 708 53.71 45.37 23.25
C ASP U 708 53.95 45.00 21.79
N GLY U 709 54.86 45.68 21.11
CA GLY U 709 55.13 45.35 19.72
C GLY U 709 54.30 46.17 18.72
N THR U 710 53.68 47.22 19.22
CA THR U 710 52.88 48.06 18.35
C THR U 710 53.74 49.05 17.59
N PHE U 711 54.83 48.54 17.01
CA PHE U 711 55.76 49.36 16.25
C PHE U 711 55.09 49.99 15.04
N TYR U 712 55.43 51.26 14.82
CA TYR U 712 54.86 52.00 13.71
C TYR U 712 55.76 53.07 13.11
N LEU U 713 57.05 53.09 13.44
CA LEU U 713 57.91 54.12 12.89
C LEU U 713 59.07 53.64 12.03
N ASN U 714 58.96 52.43 11.52
CA ASN U 714 60.01 51.82 10.70
C ASN U 714 60.29 52.49 9.37
N HIS U 715 59.34 53.27 8.88
CA HIS U 715 59.51 53.93 7.61
C HIS U 715 60.37 55.19 7.69
N THR U 716 60.79 55.54 8.89
CA THR U 716 61.60 56.75 9.09
C THR U 716 63.10 56.50 9.01
N PHE U 717 63.49 55.26 8.79
CA PHE U 717 64.90 54.95 8.71
C PHE U 717 65.41 55.21 7.32
N LYS U 718 66.59 55.82 7.23
CA LYS U 718 67.17 56.12 5.94
C LYS U 718 68.27 55.14 5.57
N LYS U 719 69.21 54.98 6.49
CA LYS U 719 70.32 54.08 6.25
C LYS U 719 71.04 53.67 7.52
N VAL U 720 71.87 52.64 7.36
CA VAL U 720 72.66 52.12 8.46
C VAL U 720 74.05 51.73 8.00
N ALA U 721 75.02 52.22 8.75
CA ALA U 721 76.42 51.94 8.46
C ALA U 721 77.01 51.22 9.66
N ILE U 722 77.55 50.02 9.40
CA ILE U 722 78.14 49.23 10.47
C ILE U 722 79.64 49.13 10.33
N THR U 723 80.36 49.40 11.42
CA THR U 723 81.80 49.37 11.37
C THR U 723 82.47 48.75 12.58
N PHE U 724 83.35 47.80 12.30
CA PHE U 724 84.10 47.14 13.34
C PHE U 724 85.48 47.77 13.40
N ASP U 725 86.01 47.87 14.62
CA ASP U 725 87.33 48.42 14.87
C ASP U 725 87.69 49.72 14.16
N SER U 726 86.77 50.66 14.10
CA SER U 726 87.02 51.97 13.49
C SER U 726 87.48 51.96 12.03
N SER U 727 87.60 50.80 11.41
CA SER U 727 88.06 50.84 10.02
C SER U 727 87.35 49.87 9.10
N VAL U 728 87.03 48.69 9.62
CA VAL U 728 86.38 47.64 8.86
C VAL U 728 84.87 47.76 8.72
N SER U 729 84.44 47.84 7.46
CA SER U 729 83.04 47.92 7.12
C SER U 729 82.39 46.55 6.96
N TRP U 730 81.31 46.36 7.70
CA TRP U 730 80.55 45.13 7.66
C TRP U 730 79.27 45.40 6.92
N PRO U 731 78.90 44.53 5.98
CA PRO U 731 79.59 43.30 5.67
C PRO U 731 80.74 43.47 4.68
N GLY U 732 80.91 44.68 4.14
CA GLY U 732 81.97 44.91 3.17
C GLY U 732 81.91 43.85 2.09
N ASN U 733 83.08 43.41 1.62
CA ASN U 733 83.18 42.37 0.60
C ASN U 733 82.47 42.68 -0.71
N ASP U 734 82.06 43.94 -0.90
CA ASP U 734 81.41 44.35 -2.12
C ASP U 734 80.06 43.66 -2.35
N ARG U 735 79.43 43.25 -1.26
CA ARG U 735 78.16 42.56 -1.31
C ARG U 735 76.96 43.36 -1.83
N LEU U 736 76.69 44.51 -1.22
CA LEU U 736 75.55 45.35 -1.59
C LEU U 736 75.78 46.32 -2.73
N LEU U 737 74.68 46.76 -3.35
CA LEU U 737 74.73 47.72 -4.46
C LEU U 737 75.48 48.99 -4.04
N THR U 738 75.32 49.32 -2.77
CA THR U 738 75.96 50.45 -2.11
C THR U 738 76.65 49.87 -0.88
N PRO U 739 77.68 49.11 -1.19
CA PRO U 739 78.54 48.33 -0.32
C PRO U 739 78.93 48.93 1.02
N ASN U 740 79.08 50.24 1.13
CA ASN U 740 79.51 50.82 2.39
C ASN U 740 78.46 50.94 3.48
N GLU U 741 77.22 50.63 3.14
CA GLU U 741 76.18 50.76 4.14
C GLU U 741 74.87 50.17 3.68
N PHE U 742 73.96 50.06 4.64
CA PHE U 742 72.64 49.56 4.37
C PHE U 742 71.71 50.73 4.10
N GLU U 743 71.28 50.86 2.84
CA GLU U 743 70.39 51.92 2.45
C GLU U 743 68.96 51.40 2.52
N ILE U 744 68.19 51.92 3.46
CA ILE U 744 66.81 51.48 3.62
C ILE U 744 65.88 52.00 2.53
N LYS U 745 66.08 53.26 2.13
CA LYS U 745 65.26 53.88 1.12
C LYS U 745 65.97 55.04 0.41
N ARG U 746 65.58 55.31 -0.84
CA ARG U 746 66.16 56.38 -1.64
C ARG U 746 65.12 57.38 -2.13
N SER U 747 65.53 58.64 -2.25
CA SER U 747 64.63 59.69 -2.70
C SER U 747 64.85 60.18 -4.13
N VAL U 748 63.91 59.83 -4.99
CA VAL U 748 63.86 60.19 -6.40
C VAL U 748 65.17 60.07 -7.17
N ASP U 749 66.18 60.77 -6.69
CA ASP U 749 67.49 60.77 -7.31
C ASP U 749 68.07 59.37 -7.53
N GLY U 750 67.67 58.42 -6.68
CA GLY U 750 68.18 57.07 -6.81
C GLY U 750 67.13 56.04 -7.24
N GLU U 751 66.04 56.51 -7.83
CA GLU U 751 64.98 55.64 -8.28
C GLU U 751 65.45 54.26 -8.74
N GLY U 752 66.32 54.22 -9.74
CA GLY U 752 66.83 52.97 -10.31
C GLY U 752 67.18 51.88 -9.30
N TYR U 753 67.63 52.26 -8.11
CA TYR U 753 68.01 51.29 -7.11
C TYR U 753 66.84 50.86 -6.22
N ASN U 754 65.66 51.38 -6.53
CA ASN U 754 64.47 51.06 -5.77
C ASN U 754 63.77 49.83 -6.33
N VAL U 755 62.81 49.31 -5.56
CA VAL U 755 62.09 48.13 -5.98
C VAL U 755 60.65 48.13 -5.44
N ALA U 756 59.90 47.10 -5.84
CA ALA U 756 58.53 46.88 -5.41
C ALA U 756 57.55 48.04 -5.62
N GLN U 757 57.90 48.98 -6.48
CA GLN U 757 57.02 50.12 -6.74
C GLN U 757 56.88 51.10 -5.58
N CYS U 758 57.96 51.26 -4.83
CA CYS U 758 58.00 52.17 -3.72
C CYS U 758 59.41 52.73 -3.58
N ASN U 759 59.67 53.45 -2.49
CA ASN U 759 60.99 54.01 -2.31
C ASN U 759 61.99 53.11 -1.60
N MET U 760 61.66 51.84 -1.44
CA MET U 760 62.58 50.92 -0.80
C MET U 760 63.63 50.48 -1.79
N THR U 761 64.84 50.21 -1.30
CA THR U 761 65.90 49.80 -2.19
C THR U 761 65.91 48.31 -2.44
N LYS U 762 66.52 47.92 -3.56
CA LYS U 762 66.63 46.53 -3.92
C LYS U 762 67.41 45.79 -2.85
N ASP U 763 68.51 46.41 -2.42
CA ASP U 763 69.41 45.88 -1.41
C ASP U 763 68.68 45.50 -0.13
N TRP U 764 67.94 46.47 0.39
CA TRP U 764 67.18 46.31 1.62
C TRP U 764 66.09 45.26 1.50
N PHE U 765 65.35 45.30 0.39
CA PHE U 765 64.29 44.34 0.17
C PHE U 765 64.84 42.93 0.19
N LEU U 766 66.04 42.79 -0.37
CA LEU U 766 66.72 41.52 -0.45
C LEU U 766 67.10 41.00 0.93
N VAL U 767 67.65 41.89 1.74
CA VAL U 767 68.08 41.54 3.09
C VAL U 767 66.91 41.16 3.98
N GLN U 768 65.85 41.95 3.92
CA GLN U 768 64.68 41.67 4.72
C GLN U 768 64.02 40.36 4.35
N MET U 769 63.95 40.08 3.05
CA MET U 769 63.35 38.85 2.57
C MET U 769 64.12 37.61 3.00
N LEU U 770 65.45 37.71 2.94
CA LEU U 770 66.30 36.60 3.33
C LEU U 770 66.27 36.38 4.83
N ALA U 771 66.45 37.48 5.56
CA ALA U 771 66.46 37.45 7.01
C ALA U 771 65.20 36.86 7.60
N ASN U 772 64.05 37.20 7.01
CA ASN U 772 62.76 36.72 7.48
C ASN U 772 62.37 35.36 6.94
N TYR U 773 62.64 35.12 5.65
CA TYR U 773 62.23 33.85 5.07
C TYR U 773 63.26 33.12 4.23
N ASN U 774 64.49 33.61 4.17
CA ASN U 774 65.48 32.93 3.35
C ASN U 774 65.13 33.01 1.87
N ILE U 775 64.27 33.96 1.50
CA ILE U 775 63.88 34.12 0.10
C ILE U 775 64.70 35.22 -0.55
N GLY U 776 65.30 34.96 -1.70
CA GLY U 776 66.07 36.03 -2.32
C GLY U 776 67.04 35.60 -3.40
N TYR U 777 67.74 34.48 -3.18
CA TYR U 777 68.71 34.03 -4.16
C TYR U 777 68.10 33.22 -5.28
N GLN U 778 66.91 32.73 -5.05
CA GLN U 778 66.26 31.94 -6.06
C GLN U 778 64.90 32.49 -6.44
N GLY U 779 64.86 33.81 -6.56
CA GLY U 779 63.64 34.52 -6.91
C GLY U 779 62.87 35.01 -5.71
N PHE U 780 62.04 36.01 -5.97
CA PHE U 780 61.19 36.63 -4.98
C PHE U 780 59.75 36.17 -5.17
N TYR U 781 59.09 35.82 -4.09
CA TYR U 781 57.72 35.39 -4.15
C TYR U 781 57.08 35.55 -2.79
N ILE U 782 55.77 35.45 -2.74
CA ILE U 782 55.10 35.58 -1.47
C ILE U 782 55.45 34.41 -0.56
N PRO U 783 55.93 34.70 0.64
CA PRO U 783 56.31 33.66 1.56
C PRO U 783 55.11 32.82 1.99
N GLU U 784 55.39 31.57 2.40
CA GLU U 784 54.32 30.71 2.85
C GLU U 784 53.69 31.31 4.11
N SER U 785 52.36 31.35 4.15
CA SER U 785 51.60 31.91 5.24
C SER U 785 52.05 31.54 6.65
N TYR U 786 52.41 30.29 6.88
CA TYR U 786 52.82 29.95 8.22
C TYR U 786 54.13 30.61 8.64
N LYS U 787 54.91 31.10 7.66
CA LYS U 787 56.18 31.77 7.95
C LYS U 787 56.02 33.27 8.01
N ASP U 788 54.90 33.75 7.47
CA ASP U 788 54.59 35.16 7.44
C ASP U 788 53.58 35.48 8.51
N ARG U 789 54.07 35.66 9.73
CA ARG U 789 53.19 35.93 10.86
C ARG U 789 52.82 37.39 11.07
N MET U 790 52.15 37.63 12.20
CA MET U 790 51.68 38.95 12.57
C MET U 790 52.73 40.05 12.58
N TYR U 791 53.86 39.74 13.21
CA TYR U 791 54.93 40.69 13.32
C TYR U 791 56.01 40.52 12.26
N SER U 792 55.65 39.86 11.17
CA SER U 792 56.60 39.62 10.09
C SER U 792 56.73 40.80 9.13
N PHE U 793 57.75 40.72 8.30
CA PHE U 793 58.07 41.74 7.33
C PHE U 793 57.04 41.94 6.23
N PHE U 794 56.94 40.94 5.36
CA PHE U 794 56.04 40.97 4.22
C PHE U 794 54.58 41.31 4.52
N ARG U 795 53.99 40.55 5.43
CA ARG U 795 52.61 40.73 5.83
C ARG U 795 52.29 42.16 6.22
N ASN U 796 53.32 42.88 6.68
CA ASN U 796 53.18 44.27 7.12
C ASN U 796 53.69 45.32 6.14
N PHE U 797 54.27 44.87 5.03
CA PHE U 797 54.81 45.76 4.02
C PHE U 797 53.74 46.34 3.11
N GLN U 798 53.66 47.68 3.08
CA GLN U 798 52.67 48.40 2.29
C GLN U 798 53.25 49.53 1.45
N PRO U 799 53.52 49.26 0.17
CA PRO U 799 54.05 50.29 -0.70
C PRO U 799 52.94 51.19 -1.21
N MET U 800 53.18 52.50 -1.24
CA MET U 800 52.17 53.45 -1.69
C MET U 800 52.69 54.49 -2.67
N SER U 801 51.75 55.00 -3.46
CA SER U 801 52.01 56.01 -4.47
C SER U 801 50.80 56.91 -4.66
N ARG U 802 51.08 58.14 -5.09
CA ARG U 802 50.04 59.11 -5.35
C ARG U 802 50.63 60.26 -6.13
N GLN U 803 49.75 61.07 -6.69
CA GLN U 803 50.15 62.22 -7.47
C GLN U 803 49.59 63.48 -6.87
N VAL U 804 50.36 64.57 -7.00
CA VAL U 804 49.96 65.86 -6.50
C VAL U 804 50.36 66.93 -7.51
N VAL U 805 49.71 68.08 -7.49
CA VAL U 805 50.04 69.14 -8.43
C VAL U 805 51.50 69.53 -8.32
N ASP U 806 52.10 69.77 -9.47
CA ASP U 806 53.47 70.20 -9.47
C ASP U 806 53.46 71.71 -9.36
N ASP U 807 53.72 72.22 -8.16
CA ASP U 807 53.72 73.63 -7.89
C ASP U 807 54.71 74.44 -8.72
N THR U 808 55.73 73.80 -9.26
CA THR U 808 56.74 74.50 -10.03
C THR U 808 56.58 74.39 -11.55
N LYS U 809 55.60 73.63 -12.02
CA LYS U 809 55.43 73.50 -13.46
C LYS U 809 54.02 73.81 -13.94
N TYR U 810 53.04 73.79 -13.01
CA TYR U 810 51.67 74.09 -13.37
C TYR U 810 51.49 75.61 -13.37
N LYS U 811 51.51 76.17 -14.58
CA LYS U 811 51.40 77.60 -14.79
C LYS U 811 50.39 78.34 -13.91
N ASP U 812 49.18 77.80 -13.78
CA ASP U 812 48.14 78.44 -13.00
C ASP U 812 48.08 78.09 -11.53
N TYR U 813 49.11 77.42 -11.04
CA TYR U 813 49.15 77.03 -9.64
C TYR U 813 48.83 78.16 -8.68
N GLN U 814 48.05 77.85 -7.66
CA GLN U 814 47.62 78.76 -6.62
C GLN U 814 47.65 78.07 -5.26
N GLN U 815 48.44 78.60 -4.34
CA GLN U 815 48.54 78.02 -3.02
C GLN U 815 47.41 78.46 -2.12
N VAL U 816 46.33 77.68 -2.10
CA VAL U 816 45.16 77.99 -1.30
C VAL U 816 45.04 77.07 -0.09
N GLY U 817 44.96 77.68 1.09
CA GLY U 817 44.85 76.93 2.34
C GLY U 817 43.40 76.68 2.74
N ILE U 818 43.19 75.92 3.83
CA ILE U 818 41.84 75.61 4.28
C ILE U 818 40.97 76.84 4.44
N LEU U 819 41.56 77.88 5.02
CA LEU U 819 40.85 79.11 5.25
C LEU U 819 40.13 79.62 4.01
N HIS U 820 40.68 79.29 2.84
CA HIS U 820 40.11 79.76 1.59
C HIS U 820 39.66 78.70 0.61
N GLN U 821 39.65 77.45 1.04
CA GLN U 821 39.20 76.45 0.12
C GLN U 821 37.71 76.30 0.22
N HIS U 822 37.07 76.16 -0.93
CA HIS U 822 35.64 76.00 -0.95
C HIS U 822 35.20 74.88 -1.87
N ASN U 823 34.52 73.94 -1.24
CA ASN U 823 33.97 72.74 -1.84
C ASN U 823 32.82 72.30 -0.96
N ASN U 824 31.62 72.36 -1.51
CA ASN U 824 30.41 72.02 -0.78
C ASN U 824 29.91 73.23 0.00
N SER U 825 30.45 74.39 -0.37
CA SER U 825 30.07 75.62 0.25
C SER U 825 28.55 75.73 0.21
N GLY U 826 27.99 76.18 1.32
CA GLY U 826 26.56 76.31 1.39
C GLY U 826 25.91 75.03 1.90
N PHE U 827 26.69 73.96 2.00
CA PHE U 827 26.16 72.69 2.48
C PHE U 827 26.93 72.12 3.66
N VAL U 828 28.01 72.80 4.01
CA VAL U 828 28.88 72.38 5.11
C VAL U 828 29.25 73.52 6.05
N GLY U 829 29.62 73.19 7.28
CA GLY U 829 30.00 74.23 8.24
C GLY U 829 31.39 74.75 7.88
N TYR U 830 31.72 75.96 8.34
CA TYR U 830 33.02 76.56 8.01
C TYR U 830 34.09 76.31 9.08
N LEU U 831 35.17 75.64 8.68
CA LEU U 831 36.28 75.32 9.57
C LEU U 831 35.85 74.59 10.83
N ALA U 832 34.75 73.85 10.73
CA ALA U 832 34.23 73.12 11.87
C ALA U 832 33.08 72.18 11.50
N PRO U 833 32.81 71.25 12.41
CA PRO U 833 31.76 70.26 12.22
C PRO U 833 30.41 70.82 12.60
N THR U 834 30.19 72.10 12.30
CA THR U 834 28.93 72.72 12.64
C THR U 834 27.92 72.77 11.52
N MET U 835 26.90 73.58 11.77
CA MET U 835 25.79 73.81 10.88
C MET U 835 26.23 74.38 9.54
N ARG U 836 25.46 74.04 8.51
CA ARG U 836 25.77 74.51 7.18
C ARG U 836 25.70 76.03 7.09
N GLU U 837 26.47 76.56 6.16
CA GLU U 837 26.53 77.97 5.91
C GLU U 837 27.10 78.19 4.53
N GLY U 838 27.07 79.44 4.08
CA GLY U 838 27.59 79.75 2.77
C GLY U 838 26.54 79.64 1.70
N GLN U 839 27.00 79.44 0.48
CA GLN U 839 26.15 79.34 -0.68
C GLN U 839 26.75 78.45 -1.74
N ALA U 840 25.89 77.89 -2.56
CA ALA U 840 26.36 77.05 -3.64
C ALA U 840 27.38 77.83 -4.44
N TYR U 841 28.36 77.11 -4.98
CA TYR U 841 29.39 77.76 -5.76
C TYR U 841 30.42 76.78 -6.25
N PRO U 842 30.87 76.99 -7.48
CA PRO U 842 31.87 76.13 -8.05
C PRO U 842 33.05 75.97 -7.10
N ALA U 843 33.42 74.72 -6.85
CA ALA U 843 34.54 74.46 -5.96
C ALA U 843 35.81 75.03 -6.55
N ASN U 844 36.73 75.41 -5.68
CA ASN U 844 38.00 75.98 -6.11
C ASN U 844 39.14 75.06 -5.71
N PHE U 845 38.75 73.88 -5.25
CA PHE U 845 39.69 72.89 -4.78
C PHE U 845 38.96 71.57 -4.63
N PRO U 846 39.64 70.44 -4.82
CA PRO U 846 41.05 70.33 -5.16
C PRO U 846 41.31 70.39 -6.66
N TYR U 847 42.59 70.36 -7.02
CA TYR U 847 42.99 70.40 -8.42
C TYR U 847 42.72 69.05 -9.08
N PRO U 848 42.24 69.10 -10.30
CA PRO U 848 41.96 67.90 -11.06
C PRO U 848 43.23 67.21 -11.52
N LEU U 849 43.36 65.94 -11.16
CA LEU U 849 44.53 65.15 -11.53
C LEU U 849 44.21 64.24 -12.70
N ILE U 850 42.95 64.28 -13.09
CA ILE U 850 42.44 63.47 -14.18
C ILE U 850 41.68 64.31 -15.18
N GLY U 851 41.33 63.71 -16.31
CA GLY U 851 40.58 64.39 -17.36
C GLY U 851 41.47 65.07 -18.41
N LYS U 852 40.80 65.77 -19.34
CA LYS U 852 41.48 66.48 -20.41
C LYS U 852 42.12 67.75 -19.88
N THR U 853 41.79 68.07 -18.64
CA THR U 853 42.27 69.28 -18.00
C THR U 853 43.22 69.08 -16.83
N ALA U 854 43.55 67.83 -16.53
CA ALA U 854 44.46 67.50 -15.44
C ALA U 854 45.68 68.40 -15.42
N VAL U 855 46.10 68.76 -14.22
CA VAL U 855 47.25 69.63 -14.02
C VAL U 855 48.56 68.87 -14.03
N ASP U 856 49.63 69.61 -14.31
CA ASP U 856 50.94 69.00 -14.31
C ASP U 856 51.15 68.41 -12.93
N SER U 857 51.53 67.13 -12.87
CA SER U 857 51.70 66.50 -11.59
C SER U 857 53.09 66.01 -11.30
N ILE U 858 53.23 65.58 -10.05
CA ILE U 858 54.46 65.03 -9.53
C ILE U 858 54.13 63.77 -8.74
N THR U 859 55.00 62.78 -8.82
CA THR U 859 54.77 61.52 -8.16
C THR U 859 55.47 61.35 -6.82
N GLN U 860 54.74 60.75 -5.88
CA GLN U 860 55.23 60.49 -4.53
C GLN U 860 55.08 59.03 -4.16
N LYS U 861 56.16 58.43 -3.67
CA LYS U 861 56.17 57.04 -3.24
C LYS U 861 56.75 56.92 -1.86
N LYS U 862 56.19 55.98 -1.10
CA LYS U 862 56.64 55.71 0.23
C LYS U 862 56.15 54.33 0.64
N PHE U 863 56.24 54.06 1.92
CA PHE U 863 55.81 52.78 2.43
C PHE U 863 55.69 52.78 3.92
N LEU U 864 54.86 51.87 4.40
CA LEU U 864 54.60 51.64 5.79
C LEU U 864 55.08 50.23 6.09
N CYS U 865 55.49 49.98 7.31
CA CYS U 865 55.94 48.66 7.68
C CYS U 865 55.81 48.50 9.17
N ASP U 866 54.55 48.63 9.61
CA ASP U 866 54.16 48.55 11.00
C ASP U 866 54.38 47.19 11.62
N ARG U 867 54.30 47.23 12.95
CA ARG U 867 54.43 46.11 13.85
C ARG U 867 55.47 45.05 13.53
N THR U 868 56.65 45.48 13.11
CA THR U 868 57.75 44.58 12.81
C THR U 868 59.07 45.23 13.18
N LEU U 869 60.13 44.43 13.18
CA LEU U 869 61.45 44.94 13.50
C LEU U 869 62.37 44.79 12.31
N TRP U 870 63.17 45.83 12.03
CA TRP U 870 64.12 45.76 10.93
C TRP U 870 65.17 44.74 11.32
N ARG U 871 65.63 43.93 10.37
CA ARG U 871 66.63 42.93 10.74
C ARG U 871 67.89 42.88 9.87
N ILE U 872 69.01 42.66 10.56
CA ILE U 872 70.34 42.53 9.99
C ILE U 872 71.04 41.40 10.71
N PRO U 873 70.92 40.21 10.14
CA PRO U 873 71.50 39.01 10.71
C PRO U 873 73.00 38.94 10.57
N PHE U 874 73.64 38.37 11.58
CA PHE U 874 75.07 38.22 11.55
C PHE U 874 75.41 36.89 10.91
N SER U 875 75.00 36.78 9.64
CA SER U 875 75.19 35.59 8.82
C SER U 875 75.85 35.96 7.50
N SER U 876 76.82 35.14 7.08
CA SER U 876 77.56 35.38 5.86
C SER U 876 76.72 35.65 4.62
N ASN U 877 75.56 35.02 4.52
CA ASN U 877 74.69 35.23 3.37
C ASN U 877 73.33 35.77 3.77
N PHE U 878 73.27 36.30 4.99
CA PHE U 878 72.07 36.86 5.59
C PHE U 878 71.00 35.81 5.84
N MET U 879 71.27 34.57 5.47
CA MET U 879 70.28 33.53 5.66
C MET U 879 70.33 32.89 7.04
N SER U 880 69.24 32.21 7.36
CA SER U 880 69.11 31.50 8.61
C SER U 880 69.53 30.07 8.37
N MET U 881 70.69 29.73 8.94
CA MET U 881 71.25 28.40 8.81
C MET U 881 71.47 27.77 10.17
N GLY U 882 70.87 28.39 11.18
CA GLY U 882 70.99 27.93 12.55
C GLY U 882 71.09 29.07 13.55
N ALA U 883 70.56 28.84 14.75
CA ALA U 883 70.59 29.82 15.81
C ALA U 883 71.98 30.37 16.01
N LEU U 884 72.95 29.45 16.05
CA LEU U 884 74.34 29.79 16.21
C LEU U 884 74.91 29.97 14.82
N THR U 885 74.96 31.23 14.40
CA THR U 885 75.42 31.64 13.09
C THR U 885 76.86 31.29 12.72
N ASP U 886 77.14 31.34 11.42
CA ASP U 886 78.47 31.03 10.92
C ASP U 886 79.48 32.07 11.36
N LEU U 887 79.08 33.35 11.30
CA LEU U 887 79.93 34.44 11.70
C LEU U 887 80.17 34.46 13.20
N GLY U 888 79.09 34.22 13.94
CA GLY U 888 79.15 34.18 15.37
C GLY U 888 80.13 33.14 15.86
N GLN U 889 80.51 32.21 14.97
CA GLN U 889 81.45 31.17 15.34
C GLN U 889 82.82 31.25 14.69
N ASN U 890 83.04 32.36 13.98
CA ASN U 890 84.28 32.65 13.29
C ASN U 890 85.41 32.95 14.27
N LEU U 891 86.58 32.36 14.01
CA LEU U 891 87.73 32.56 14.89
C LEU U 891 88.04 34.03 15.06
N LEU U 892 87.84 34.80 14.00
CA LEU U 892 88.10 36.21 14.07
C LEU U 892 87.23 36.92 15.10
N TYR U 893 86.09 36.33 15.45
CA TYR U 893 85.25 36.96 16.44
C TYR U 893 85.40 36.34 17.83
N ALA U 894 86.15 35.22 17.88
CA ALA U 894 86.38 34.53 19.13
C ALA U 894 87.78 34.77 19.71
N ASN U 895 88.78 34.71 18.82
CA ASN U 895 90.16 34.90 19.22
C ASN U 895 90.45 36.33 19.64
N SER U 896 89.47 37.21 19.50
CA SER U 896 89.73 38.58 19.88
C SER U 896 88.50 39.46 20.06
N ALA U 897 88.74 40.56 20.76
CA ALA U 897 87.73 41.54 21.04
C ALA U 897 87.70 42.60 19.96
N HIS U 898 86.50 43.12 19.72
CA HIS U 898 86.32 44.14 18.73
C HIS U 898 85.42 45.25 19.23
N ALA U 899 85.62 46.43 18.67
CA ALA U 899 84.83 47.58 19.00
C ALA U 899 83.82 47.76 17.88
N LEU U 900 82.66 48.32 18.17
CA LEU U 900 81.69 48.46 17.12
C LEU U 900 81.09 49.86 17.04
N ASP U 901 80.97 50.34 15.81
CA ASP U 901 80.40 51.64 15.55
C ASP U 901 79.24 51.51 14.57
N MET U 902 78.14 52.15 14.93
CA MET U 902 76.94 52.14 14.12
C MET U 902 76.47 53.56 13.86
N THR U 903 76.02 53.80 12.65
CA THR U 903 75.53 55.11 12.30
C THR U 903 74.19 55.03 11.59
N PHE U 904 73.18 55.54 12.28
CA PHE U 904 71.84 55.53 11.75
C PHE U 904 71.45 56.90 11.21
N GLU U 905 70.74 56.87 10.10
CA GLU U 905 70.24 58.06 9.47
C GLU U 905 68.73 57.96 9.44
N VAL U 906 68.05 58.89 10.09
CA VAL U 906 66.61 58.84 10.13
C VAL U 906 65.94 60.12 9.68
N ASP U 907 64.65 60.02 9.40
CA ASP U 907 63.89 61.17 9.01
C ASP U 907 63.73 62.01 10.27
N PRO U 908 63.71 63.33 10.12
CA PRO U 908 63.56 64.17 11.29
C PRO U 908 62.15 64.20 11.81
N MET U 909 62.05 64.22 13.14
CA MET U 909 60.78 64.28 13.82
C MET U 909 60.81 65.43 14.80
N ASP U 910 59.74 66.19 14.86
CA ASP U 910 59.65 67.34 15.73
C ASP U 910 59.47 66.99 17.20
N GLU U 911 59.82 65.78 17.57
CA GLU U 911 59.68 65.36 18.95
C GLU U 911 60.75 64.38 19.37
N PRO U 912 61.10 64.38 20.66
CA PRO U 912 62.11 63.46 21.10
C PRO U 912 61.70 62.02 20.88
N THR U 913 62.61 61.27 20.28
CA THR U 913 62.36 59.87 19.99
C THR U 913 63.52 59.02 20.47
N LEU U 914 63.39 57.72 20.24
CA LEU U 914 64.43 56.80 20.64
C LEU U 914 64.72 55.80 19.54
N LEU U 915 66.00 55.47 19.42
CA LEU U 915 66.43 54.47 18.48
C LEU U 915 66.58 53.22 19.32
N TYR U 916 65.73 52.23 19.07
CA TYR U 916 65.74 51.01 19.84
C TYR U 916 66.52 49.89 19.16
N VAL U 917 67.64 49.51 19.76
CA VAL U 917 68.46 48.46 19.20
C VAL U 917 68.49 47.17 20.00
N LEU U 918 68.21 46.08 19.31
CA LEU U 918 68.23 44.76 19.91
C LEU U 918 69.48 44.06 19.45
N PHE U 919 70.34 43.71 20.40
CA PHE U 919 71.54 42.99 20.06
C PHE U 919 71.22 41.53 20.28
N GLU U 920 71.01 40.79 19.18
CA GLU U 920 70.67 39.39 19.25
C GLU U 920 71.78 38.50 19.80
N VAL U 921 71.44 37.77 20.86
CA VAL U 921 72.37 36.88 21.53
C VAL U 921 71.65 35.67 22.10
N PHE U 922 72.40 34.96 22.92
CA PHE U 922 71.91 33.82 23.63
C PHE U 922 71.71 34.21 25.08
N ASP U 923 70.47 34.05 25.51
CA ASP U 923 70.04 34.36 26.87
C ASP U 923 69.51 33.06 27.42
N VAL U 924 70.38 32.33 28.09
CA VAL U 924 70.06 31.02 28.61
C VAL U 924 70.26 30.76 30.09
N VAL U 925 69.54 29.74 30.55
CA VAL U 925 69.56 29.25 31.90
C VAL U 925 69.57 27.73 31.92
N ARG U 926 70.28 27.19 32.89
CA ARG U 926 70.37 25.77 33.14
C ARG U 926 69.90 25.54 34.56
N VAL U 927 68.87 24.73 34.73
CA VAL U 927 68.31 24.47 36.04
C VAL U 927 68.71 23.14 36.64
N HIS U 928 69.26 23.21 37.85
CA HIS U 928 69.71 22.05 38.61
C HIS U 928 68.85 21.89 39.85
N ARG U 929 68.37 20.65 40.07
CA ARG U 929 67.53 20.38 41.23
C ARG U 929 67.98 19.13 41.98
N PRO U 930 69.20 19.17 42.49
CA PRO U 930 69.86 18.09 43.21
C PRO U 930 69.08 17.47 44.35
N HIS U 931 68.38 18.29 45.15
CA HIS U 931 67.64 17.74 46.29
C HIS U 931 66.32 18.44 46.55
N ARG U 932 65.51 17.77 47.39
CA ARG U 932 64.23 18.27 47.81
C ARG U 932 64.34 19.72 48.23
N GLY U 933 63.52 20.57 47.63
CA GLY U 933 63.49 21.99 47.95
C GLY U 933 64.79 22.74 47.67
N VAL U 934 65.47 22.35 46.60
CA VAL U 934 66.73 22.98 46.21
C VAL U 934 66.78 23.26 44.71
N ILE U 935 66.79 24.55 44.37
CA ILE U 935 66.88 24.98 42.98
C ILE U 935 68.10 25.84 42.72
N GLU U 936 69.00 25.32 41.91
CA GLU U 936 70.21 26.06 41.57
C GLU U 936 70.18 26.41 40.09
N THR U 937 70.53 27.64 39.76
CA THR U 937 70.51 28.05 38.37
C THR U 937 71.83 28.60 37.87
N VAL U 938 72.03 28.45 36.58
CA VAL U 938 73.21 28.97 35.94
C VAL U 938 72.80 29.81 34.74
N TYR U 939 72.97 31.12 34.87
CA TYR U 939 72.61 32.00 33.78
C TYR U 939 73.84 32.34 32.94
N LEU U 940 73.63 32.41 31.65
CA LEU U 940 74.68 32.74 30.71
C LEU U 940 74.10 33.54 29.57
N ARG U 941 74.62 34.75 29.38
CA ARG U 941 74.16 35.60 28.30
C ARG U 941 75.31 36.03 27.41
N THR U 942 75.38 35.48 26.21
CA THR U 942 76.44 35.85 25.30
C THR U 942 75.98 36.02 23.85
N PRO U 943 76.55 37.04 23.24
CA PRO U 943 77.49 37.91 23.92
C PRO U 943 76.80 38.82 24.94
N PHE U 944 77.47 39.91 25.33
CA PHE U 944 76.89 40.83 26.30
C PHE U 944 76.59 40.17 27.63
N SER U 945 77.62 39.58 28.24
CA SER U 945 77.44 38.93 29.53
C SER U 945 77.07 39.94 30.60
N ALA U 946 76.17 39.55 31.50
CA ALA U 946 75.74 40.42 32.58
C ALA U 946 76.68 40.31 33.76
N MET V 5 57.26 6.20 -28.47
CA MET V 5 57.33 5.42 -27.24
C MET V 5 58.68 5.52 -26.56
N MET V 6 58.98 4.47 -25.79
CA MET V 6 60.20 4.32 -25.02
C MET V 6 61.25 5.44 -25.06
N PRO V 7 62.21 5.33 -25.99
CA PRO V 7 63.33 6.24 -26.16
C PRO V 7 63.13 7.70 -25.81
N GLN V 8 62.34 8.42 -26.59
CA GLN V 8 62.13 9.82 -26.29
C GLN V 8 61.61 10.03 -24.87
N TRP V 9 60.70 9.15 -24.48
CA TRP V 9 60.08 9.21 -23.16
C TRP V 9 61.07 9.20 -22.02
N SER V 10 62.00 8.24 -22.02
CA SER V 10 62.98 8.16 -20.95
C SER V 10 63.95 9.33 -21.01
N TYR V 11 64.39 9.64 -22.23
CA TYR V 11 65.32 10.74 -22.44
C TYR V 11 64.77 12.06 -21.92
N MET V 12 63.50 12.32 -22.27
CA MET V 12 62.83 13.55 -21.86
C MET V 12 62.23 13.46 -20.47
N HIS V 13 62.34 12.28 -19.86
CA HIS V 13 61.84 12.02 -18.53
C HIS V 13 60.33 11.97 -18.43
N ILE V 14 59.69 11.76 -19.56
CA ILE V 14 58.25 11.65 -19.58
C ILE V 14 57.86 10.39 -18.82
N SER V 15 58.81 9.47 -18.83
CA SER V 15 58.73 8.18 -18.17
C SER V 15 60.11 7.75 -17.72
N GLY V 16 60.20 6.59 -17.08
CA GLY V 16 61.50 6.10 -16.62
C GLY V 16 61.79 6.36 -15.15
N GLN V 17 63.07 6.59 -14.86
CA GLN V 17 63.55 6.83 -13.52
C GLN V 17 63.30 8.21 -12.95
N ASP V 18 63.40 8.26 -11.63
CA ASP V 18 63.25 9.46 -10.86
C ASP V 18 64.60 10.14 -10.76
N ALA V 19 64.61 11.45 -10.57
CA ALA V 19 65.86 12.18 -10.47
C ALA V 19 66.88 11.50 -9.57
N SER V 20 66.39 10.94 -8.47
CA SER V 20 67.25 10.27 -7.50
C SER V 20 67.98 9.07 -8.10
N GLU V 21 67.39 8.46 -9.12
CA GLU V 21 68.00 7.32 -9.76
C GLU V 21 68.75 7.68 -11.02
N TYR V 22 68.26 8.68 -11.74
CA TYR V 22 68.92 9.06 -12.98
C TYR V 22 70.10 10.00 -12.81
N LEU V 23 70.05 10.88 -11.81
CA LEU V 23 71.16 11.79 -11.58
C LEU V 23 72.33 11.03 -10.99
N SER V 24 73.51 11.64 -11.08
CA SER V 24 74.68 11.00 -10.51
C SER V 24 74.57 11.05 -8.99
N PRO V 25 75.17 10.06 -8.33
CA PRO V 25 75.11 9.97 -6.89
C PRO V 25 75.74 11.17 -6.16
N GLY V 26 76.81 11.71 -6.70
CA GLY V 26 77.46 12.84 -6.06
C GLY V 26 76.52 14.03 -5.98
N LEU V 27 75.83 14.27 -7.11
CA LEU V 27 74.88 15.35 -7.24
C LEU V 27 73.69 15.17 -6.29
N VAL V 28 73.18 13.94 -6.25
CA VAL V 28 72.06 13.63 -5.36
C VAL V 28 72.44 13.95 -3.93
N GLN V 29 73.63 13.50 -3.55
CA GLN V 29 74.16 13.73 -2.23
C GLN V 29 74.25 15.21 -1.96
N PHE V 30 74.91 15.89 -2.88
CA PHE V 30 75.09 17.33 -2.80
C PHE V 30 73.74 18.04 -2.67
N ALA V 31 72.80 17.65 -3.52
CA ALA V 31 71.47 18.23 -3.49
C ALA V 31 70.84 18.13 -2.12
N ARG V 32 70.91 16.93 -1.55
CA ARG V 32 70.34 16.67 -0.25
C ARG V 32 70.98 17.51 0.84
N ALA V 33 72.30 17.70 0.72
CA ALA V 33 73.03 18.47 1.71
C ALA V 33 72.81 19.98 1.64
N THR V 34 72.60 20.50 0.43
CA THR V 34 72.40 21.93 0.21
C THR V 34 70.95 22.38 0.30
N GLU V 35 70.04 21.42 0.22
CA GLU V 35 68.60 21.66 0.27
C GLU V 35 68.11 22.90 1.02
N THR V 36 68.39 23.01 2.31
CA THR V 36 67.91 24.13 3.10
C THR V 36 68.44 25.49 2.72
N TYR V 37 69.54 25.56 1.97
CA TYR V 37 70.08 26.86 1.63
C TYR V 37 70.18 27.18 0.16
N PHE V 38 70.08 26.15 -0.67
CA PHE V 38 70.16 26.33 -2.11
C PHE V 38 69.59 25.09 -2.78
N SER V 39 68.36 25.22 -3.28
CA SER V 39 67.70 24.08 -3.89
C SER V 39 67.80 23.84 -5.40
N LEU V 40 67.99 22.55 -5.71
CA LEU V 40 68.15 22.03 -7.05
C LEU V 40 66.98 21.15 -7.46
N ASN V 41 66.07 20.92 -6.53
CA ASN V 41 64.91 20.07 -6.78
C ASN V 41 64.06 20.44 -8.00
N ASN V 42 63.77 21.72 -8.18
CA ASN V 42 62.92 22.08 -9.30
C ASN V 42 63.57 22.15 -10.67
N LYS V 43 64.79 21.61 -10.81
CA LYS V 43 65.40 21.64 -12.12
C LYS V 43 65.59 20.28 -12.75
N PHE V 44 65.02 19.27 -12.10
CA PHE V 44 65.10 17.90 -12.57
C PHE V 44 63.72 17.27 -12.50
N ARG V 45 63.18 16.89 -13.66
CA ARG V 45 61.87 16.29 -13.65
C ARG V 45 61.77 14.85 -13.20
N ASN V 46 60.66 14.59 -12.53
CA ASN V 46 60.30 13.31 -11.99
C ASN V 46 58.99 12.86 -12.61
N PRO V 47 59.10 11.85 -13.46
CA PRO V 47 57.96 11.29 -14.16
C PRO V 47 56.97 10.61 -13.23
N THR V 48 55.70 10.63 -13.66
CA THR V 48 54.59 9.98 -12.96
C THR V 48 53.82 9.23 -14.01
N VAL V 49 53.87 7.91 -13.89
CA VAL V 49 53.23 7.03 -14.82
C VAL V 49 52.08 6.23 -14.25
N ALA V 50 50.93 6.36 -14.89
CA ALA V 50 49.78 5.62 -14.43
C ALA V 50 49.94 4.13 -14.75
N PRO V 51 49.31 3.29 -13.95
CA PRO V 51 49.36 1.85 -14.16
C PRO V 51 48.58 1.49 -15.41
N THR V 52 49.00 0.46 -16.11
CA THR V 52 48.34 0.07 -17.35
C THR V 52 47.50 -1.20 -17.28
N HIS V 53 47.57 -1.93 -16.18
CA HIS V 53 46.81 -3.16 -16.09
C HIS V 53 46.27 -3.45 -14.69
N ASP V 54 45.21 -4.25 -14.64
CA ASP V 54 44.59 -4.68 -13.40
C ASP V 54 43.94 -3.57 -12.59
N VAL V 55 43.42 -2.56 -13.24
CA VAL V 55 42.78 -1.48 -12.52
C VAL V 55 41.37 -1.26 -13.01
N THR V 56 41.28 -1.02 -14.31
CA THR V 56 40.04 -0.75 -14.98
C THR V 56 39.69 -1.83 -15.99
N THR V 57 38.40 -1.90 -16.33
CA THR V 57 37.91 -2.86 -17.29
C THR V 57 38.08 -2.37 -18.71
N ASP V 58 38.09 -3.34 -19.62
CA ASP V 58 38.21 -3.09 -21.03
C ASP V 58 36.82 -3.33 -21.58
N ARG V 59 36.07 -4.05 -20.77
CA ARG V 59 34.72 -4.43 -21.08
C ARG V 59 33.70 -3.31 -20.93
N SER V 60 32.56 -3.53 -21.59
CA SER V 60 31.44 -2.63 -21.57
C SER V 60 30.85 -2.63 -20.18
N GLN V 61 30.61 -1.45 -19.62
CA GLN V 61 30.08 -1.37 -18.27
C GLN V 61 29.70 0.06 -17.92
N ARG V 62 28.51 0.21 -17.35
CA ARG V 62 28.00 1.50 -16.94
C ARG V 62 28.69 1.95 -15.65
N LEU V 63 28.87 3.26 -15.50
CA LEU V 63 29.49 3.74 -14.28
C LEU V 63 28.41 3.94 -13.24
N THR V 64 27.28 4.42 -13.73
CA THR V 64 26.12 4.69 -12.92
C THR V 64 24.89 3.93 -13.37
N LEU V 65 24.22 3.35 -12.40
CA LEU V 65 22.99 2.60 -12.62
C LEU V 65 21.87 3.28 -11.86
N ARG V 66 20.68 3.16 -12.42
CA ARG V 66 19.53 3.71 -11.76
C ARG V 66 18.48 2.65 -11.60
N PHE V 67 17.95 2.59 -10.39
CA PHE V 67 16.94 1.62 -10.04
C PHE V 67 15.59 2.23 -9.78
N ILE V 68 14.59 1.55 -10.34
CA ILE V 68 13.21 1.96 -10.19
C ILE V 68 12.61 1.17 -9.04
N PRO V 69 11.68 1.77 -8.30
CA PRO V 69 11.10 1.05 -7.19
C PRO V 69 10.24 -0.10 -7.65
N VAL V 70 10.41 -1.21 -6.94
CA VAL V 70 9.74 -2.46 -7.16
C VAL V 70 8.36 -2.44 -6.53
N ASP V 71 8.27 -1.68 -5.43
CA ASP V 71 7.07 -1.49 -4.68
C ASP V 71 7.08 -0.13 -4.01
N ARG V 72 5.97 0.59 -4.14
CA ARG V 72 5.85 1.90 -3.55
C ARG V 72 4.55 2.01 -2.78
N GLU V 73 4.58 2.77 -1.69
CA GLU V 73 3.41 2.94 -0.88
C GLU V 73 3.29 4.33 -0.29
N ASP V 74 2.52 5.15 -1.00
CA ASP V 74 2.25 6.52 -0.60
C ASP V 74 1.15 6.51 0.46
N THR V 75 1.52 6.78 1.72
CA THR V 75 0.59 6.76 2.84
C THR V 75 0.23 8.13 3.42
N ALA V 76 -0.56 8.17 4.50
CA ALA V 76 -1.00 9.39 5.14
C ALA V 76 0.13 10.35 5.55
N TYR V 77 1.13 9.83 6.27
CA TYR V 77 2.23 10.67 6.71
C TYR V 77 3.60 10.15 6.30
N SER V 78 3.61 9.14 5.45
CA SER V 78 4.85 8.58 5.02
C SER V 78 4.83 7.97 3.63
N TYR V 79 6.04 7.61 3.19
CA TYR V 79 6.28 7.04 1.89
C TYR V 79 7.30 5.91 2.00
N LYS V 80 6.94 4.76 1.43
CA LYS V 80 7.79 3.58 1.44
C LYS V 80 8.24 3.22 0.04
N ALA V 81 9.55 3.04 -0.13
CA ALA V 81 10.08 2.70 -1.43
C ALA V 81 10.95 1.46 -1.37
N ARG V 82 10.67 0.51 -2.25
CA ARG V 82 11.42 -0.72 -2.25
C ARG V 82 12.16 -0.94 -3.56
N PHE V 83 13.45 -1.24 -3.44
CA PHE V 83 14.25 -1.48 -4.61
C PHE V 83 14.99 -2.80 -4.53
N THR V 84 15.43 -3.21 -5.70
CA THR V 84 16.21 -4.40 -5.86
C THR V 84 17.59 -3.95 -6.28
N LEU V 85 18.41 -3.63 -5.28
CA LEU V 85 19.76 -3.18 -5.49
C LEU V 85 20.58 -4.36 -5.98
N ALA V 86 20.97 -4.35 -7.25
CA ALA V 86 21.73 -5.45 -7.78
C ALA V 86 23.18 -5.16 -8.08
N VAL V 87 24.05 -5.95 -7.46
CA VAL V 87 25.48 -5.86 -7.66
C VAL V 87 25.94 -7.02 -8.52
N GLY V 88 26.23 -6.70 -9.77
CA GLY V 88 26.64 -7.68 -10.72
C GLY V 88 27.98 -8.33 -10.40
N ASP V 89 28.20 -9.45 -11.06
CA ASP V 89 29.41 -10.22 -10.92
C ASP V 89 30.59 -9.42 -11.41
N ASN V 90 31.71 -9.55 -10.70
CA ASN V 90 32.91 -8.84 -11.07
C ASN V 90 32.77 -7.36 -10.78
N ARG V 91 31.96 -7.07 -9.76
CA ARG V 91 31.70 -5.73 -9.34
C ARG V 91 31.61 -5.60 -7.85
N VAL V 92 31.91 -4.40 -7.41
CA VAL V 92 31.84 -4.03 -6.02
C VAL V 92 31.21 -2.66 -5.94
N LEU V 93 30.42 -2.44 -4.91
CA LEU V 93 29.72 -1.19 -4.76
C LEU V 93 29.92 -0.53 -3.40
N ASP V 94 30.38 0.71 -3.42
CA ASP V 94 30.60 1.47 -2.20
C ASP V 94 29.32 2.24 -1.87
N MET V 95 28.64 1.78 -0.83
CA MET V 95 27.39 2.38 -0.40
C MET V 95 27.41 3.89 -0.31
N ALA V 96 28.57 4.46 0.01
CA ALA V 96 28.68 5.89 0.10
C ALA V 96 28.31 6.55 -1.21
N SER V 97 28.39 5.77 -2.29
CA SER V 97 28.08 6.31 -3.60
C SER V 97 26.63 6.16 -4.02
N THR V 98 25.74 5.84 -3.08
CA THR V 98 24.33 5.70 -3.39
C THR V 98 23.53 6.85 -2.83
N TYR V 99 22.37 7.07 -3.42
CA TYR V 99 21.48 8.13 -2.97
C TYR V 99 20.11 8.02 -3.63
N PHE V 100 19.12 8.54 -2.93
CA PHE V 100 17.76 8.51 -3.43
C PHE V 100 17.43 9.79 -4.18
N ASP V 101 17.18 9.66 -5.48
CA ASP V 101 16.83 10.77 -6.33
C ASP V 101 15.34 10.99 -6.21
N ILE V 102 14.95 12.16 -5.72
CA ILE V 102 13.53 12.43 -5.53
C ILE V 102 12.99 13.63 -6.27
N ARG V 103 11.80 13.44 -6.84
CA ARG V 103 11.11 14.48 -7.57
C ARG V 103 9.70 14.60 -7.03
N GLY V 104 9.27 15.82 -6.80
CA GLY V 104 7.93 16.06 -6.28
C GLY V 104 7.58 17.53 -6.34
N VAL V 105 6.48 17.87 -5.68
CA VAL V 105 6.04 19.24 -5.67
C VAL V 105 5.90 19.75 -4.25
N LEU V 106 6.26 20.99 -4.08
CA LEU V 106 6.17 21.57 -2.77
C LEU V 106 5.56 22.96 -2.78
N ASP V 107 4.64 23.18 -1.85
CA ASP V 107 3.99 24.46 -1.69
C ASP V 107 4.38 24.99 -0.32
N ARG V 108 5.22 26.01 -0.32
CA ARG V 108 5.66 26.60 0.92
C ARG V 108 4.55 27.29 1.66
N GLY V 109 3.41 27.43 1.00
CA GLY V 109 2.28 28.08 1.62
C GLY V 109 2.36 29.59 1.55
N PRO V 110 1.34 30.24 2.11
CA PRO V 110 1.24 31.69 2.10
C PRO V 110 2.13 32.41 3.08
N THR V 111 2.65 31.72 4.10
CA THR V 111 3.48 32.38 5.09
C THR V 111 4.95 32.54 4.70
N PHE V 112 5.30 32.01 3.55
CA PHE V 112 6.66 32.09 3.06
C PHE V 112 6.95 33.47 2.48
N LYS V 113 7.99 34.11 3.03
CA LYS V 113 8.41 35.44 2.59
C LYS V 113 9.91 35.57 2.66
N PRO V 114 10.55 35.18 1.57
CA PRO V 114 12.00 35.17 1.42
C PRO V 114 12.68 36.52 1.41
N TYR V 115 12.19 37.47 2.17
CA TYR V 115 12.84 38.78 2.18
C TYR V 115 12.23 39.75 3.17
N SER V 116 12.96 40.84 3.40
CA SER V 116 12.55 41.90 4.30
C SER V 116 12.05 43.09 3.48
N GLY V 117 11.14 43.86 4.07
CA GLY V 117 10.60 45.01 3.38
C GLY V 117 9.49 44.64 2.40
N THR V 118 9.23 45.53 1.45
CA THR V 118 8.21 45.38 0.44
C THR V 118 8.77 45.33 -0.95
N ALA V 119 7.92 44.88 -1.85
CA ALA V 119 8.25 44.81 -3.25
C ALA V 119 7.50 45.96 -3.94
N TYR V 120 6.60 46.60 -3.17
CA TYR V 120 5.75 47.66 -3.69
C TYR V 120 5.82 49.01 -2.97
N ASN V 121 6.19 50.04 -3.75
CA ASN V 121 6.28 51.41 -3.27
C ASN V 121 7.13 51.52 -2.02
N ALA V 122 8.32 50.94 -2.09
CA ALA V 122 9.26 50.94 -0.98
C ALA V 122 9.73 52.32 -0.59
N LEU V 123 9.77 53.25 -1.53
CA LEU V 123 10.23 54.60 -1.24
C LEU V 123 9.16 55.50 -0.65
N ALA V 124 7.91 55.08 -0.75
CA ALA V 124 6.80 55.87 -0.23
C ALA V 124 6.74 55.90 1.28
N PRO V 125 6.53 57.08 1.85
CA PRO V 125 6.43 57.15 3.30
C PRO V 125 5.37 56.19 3.79
N LYS V 126 5.68 55.51 4.89
CA LYS V 126 4.80 54.50 5.47
C LYS V 126 3.37 54.92 5.84
N GLY V 127 3.08 56.22 5.86
CA GLY V 127 1.75 56.71 6.19
C GLY V 127 1.08 57.44 5.03
N ALA V 128 1.87 57.76 4.01
CA ALA V 128 1.36 58.45 2.83
C ALA V 128 0.29 57.59 2.18
N PRO V 129 -0.80 58.21 1.75
CA PRO V 129 -1.87 57.46 1.15
C PRO V 129 -1.89 57.58 -0.36
N ASN V 130 -2.59 56.65 -0.98
CA ASN V 130 -2.76 56.64 -2.41
C ASN V 130 -3.83 57.67 -2.70
N PRO V 131 -3.80 58.30 -3.87
CA PRO V 131 -4.82 59.27 -4.17
C PRO V 131 -6.18 58.60 -4.09
N CYS V 132 -7.02 59.03 -3.15
CA CYS V 132 -8.32 58.40 -2.97
C CYS V 132 -9.51 59.35 -2.93
N GLU V 133 -10.68 58.74 -2.71
CA GLU V 133 -11.97 59.42 -2.63
C GLU V 133 -12.84 58.77 -1.56
N TRP V 134 -13.62 59.58 -0.87
CA TRP V 134 -14.50 59.06 0.17
C TRP V 134 -15.76 59.90 0.36
N ASP V 135 -16.69 59.37 1.16
CA ASP V 135 -17.94 60.04 1.44
C ASP V 135 -17.90 60.77 2.77
N THR V 165 -18.85 63.51 -1.23
CA THR V 165 -17.72 62.78 -1.75
C THR V 165 -16.48 63.66 -1.89
N HIS V 166 -15.46 63.34 -1.09
CA HIS V 166 -14.22 64.09 -1.10
C HIS V 166 -13.13 63.44 -1.92
N VAL V 167 -12.18 64.28 -2.28
CA VAL V 167 -11.05 63.86 -3.06
C VAL V 167 -9.76 64.36 -2.46
N PHE V 168 -8.78 63.48 -2.51
CA PHE V 168 -7.43 63.70 -2.06
C PHE V 168 -6.55 63.06 -3.11
N GLY V 169 -5.96 63.90 -3.96
CA GLY V 169 -5.13 63.36 -5.02
C GLY V 169 -4.00 64.25 -5.48
N GLN V 170 -3.50 63.88 -6.66
CA GLN V 170 -2.39 64.55 -7.33
C GLN V 170 -2.54 64.47 -8.83
N ALA V 171 -2.15 65.55 -9.50
CA ALA V 171 -2.18 65.67 -10.96
C ALA V 171 -0.81 66.15 -11.40
N PRO V 172 0.04 65.19 -11.76
CA PRO V 172 1.41 65.48 -12.16
C PRO V 172 1.61 65.69 -13.64
N TYR V 173 0.66 65.22 -14.44
CA TYR V 173 0.79 65.37 -15.88
C TYR V 173 0.32 66.72 -16.40
N SER V 174 1.20 67.39 -17.13
CA SER V 174 0.87 68.69 -17.70
C SER V 174 0.53 68.51 -19.18
N GLY V 175 -0.75 68.77 -19.49
CA GLY V 175 -1.26 68.64 -20.85
C GLY V 175 -1.39 69.97 -21.58
N ILE V 176 -1.91 69.88 -22.80
CA ILE V 176 -2.08 71.05 -23.64
C ILE V 176 -3.35 71.80 -23.29
N ASN V 177 -4.45 71.06 -23.12
CA ASN V 177 -5.74 71.62 -22.77
C ASN V 177 -6.69 70.54 -22.29
N ILE V 178 -7.68 70.96 -21.51
CA ILE V 178 -8.68 70.04 -20.98
C ILE V 178 -10.05 70.27 -21.59
N THR V 179 -10.54 69.29 -22.34
CA THR V 179 -11.85 69.39 -22.95
C THR V 179 -12.82 68.45 -22.27
N LYS V 180 -13.96 68.21 -22.90
CA LYS V 180 -14.93 67.30 -22.33
C LYS V 180 -14.54 65.87 -22.65
N GLU V 181 -13.55 65.74 -23.52
CA GLU V 181 -13.03 64.46 -23.95
C GLU V 181 -11.84 64.03 -23.11
N GLY V 182 -11.51 64.86 -22.11
CA GLY V 182 -10.39 64.58 -21.24
C GLY V 182 -9.24 65.55 -21.46
N ILE V 183 -8.02 65.06 -21.31
CA ILE V 183 -6.84 65.89 -21.49
C ILE V 183 -6.13 65.62 -22.81
N GLN V 184 -5.84 66.70 -23.53
CA GLN V 184 -5.14 66.64 -24.80
C GLN V 184 -3.66 66.37 -24.57
N ILE V 185 -3.09 65.47 -25.36
CA ILE V 185 -1.69 65.13 -25.20
C ILE V 185 -0.90 65.22 -26.50
N GLY V 186 -1.55 65.75 -27.52
CA GLY V 186 -0.92 65.91 -28.82
C GLY V 186 -1.90 66.53 -29.80
N LYS V 193 -5.84 64.81 -30.24
CA LYS V 193 -4.99 63.76 -29.64
C LYS V 193 -5.16 63.71 -28.14
N TYR V 194 -6.32 63.17 -27.71
CA TYR V 194 -6.62 63.04 -26.31
C TYR V 194 -6.05 61.75 -25.72
N ALA V 195 -6.00 61.71 -24.39
CA ALA V 195 -5.46 60.57 -23.67
C ALA V 195 -6.35 59.34 -23.62
N ASP V 196 -5.69 58.18 -23.66
CA ASP V 196 -6.36 56.89 -23.58
C ASP V 196 -6.59 56.57 -22.12
N LYS V 197 -7.84 56.76 -21.70
CA LYS V 197 -8.27 56.53 -20.33
C LYS V 197 -7.80 55.24 -19.69
N THR V 198 -7.67 54.17 -20.47
CA THR V 198 -7.25 52.90 -19.90
C THR V 198 -5.89 52.95 -19.22
N PHE V 199 -5.02 53.84 -19.70
CA PHE V 199 -3.70 53.90 -19.11
C PHE V 199 -3.11 55.29 -19.00
N GLN V 200 -3.69 56.25 -19.71
CA GLN V 200 -3.18 57.60 -19.64
C GLN V 200 -4.05 58.49 -18.80
N PRO V 201 -3.41 59.34 -17.99
CA PRO V 201 -1.97 59.43 -17.91
C PRO V 201 -1.37 58.34 -17.04
N GLU V 202 -0.06 58.15 -17.17
CA GLU V 202 0.66 57.16 -16.41
C GLU V 202 1.22 57.79 -15.14
N PRO V 203 0.88 57.24 -13.99
CA PRO V 203 1.36 57.79 -12.74
C PRO V 203 2.86 58.03 -12.69
N GLN V 204 3.59 57.26 -13.49
CA GLN V 204 5.05 57.36 -13.54
C GLN V 204 5.56 58.67 -14.08
N ILE V 205 4.77 59.28 -14.95
CA ILE V 205 5.12 60.53 -15.61
C ILE V 205 4.75 61.80 -14.84
N GLY V 206 5.71 62.72 -14.79
CA GLY V 206 5.61 64.03 -14.18
C GLY V 206 6.45 65.05 -14.94
N GLU V 207 6.60 66.25 -14.39
CA GLU V 207 7.41 67.29 -15.03
C GLU V 207 8.89 67.09 -14.73
N SER V 208 9.73 67.42 -15.71
CA SER V 208 11.17 67.27 -15.64
C SER V 208 11.91 68.32 -14.80
N GLN V 209 11.44 69.56 -14.84
CA GLN V 209 12.08 70.64 -14.09
C GLN V 209 11.86 70.57 -12.58
N TRP V 210 12.61 71.40 -11.85
CA TRP V 210 12.53 71.46 -10.40
C TRP V 210 11.84 72.72 -9.91
N TYR V 211 11.68 73.69 -10.80
CA TYR V 211 11.03 74.94 -10.45
C TYR V 211 9.60 75.03 -10.95
N GLU V 212 8.98 76.16 -10.64
CA GLU V 212 7.62 76.47 -11.01
C GLU V 212 7.46 76.84 -12.46
N THR V 213 6.70 76.04 -13.19
CA THR V 213 6.46 76.29 -14.60
C THR V 213 5.06 76.80 -14.83
N GLU V 214 4.18 76.48 -13.87
CA GLU V 214 2.79 76.89 -13.89
C GLU V 214 1.97 76.03 -14.84
N ILE V 215 1.46 74.92 -14.30
CA ILE V 215 0.64 73.99 -15.04
C ILE V 215 -0.82 74.38 -15.03
N ASN V 216 -1.36 74.64 -16.21
CA ASN V 216 -2.75 75.04 -16.34
C ASN V 216 -3.68 73.87 -16.67
N HIS V 217 -3.17 72.90 -17.42
CA HIS V 217 -3.95 71.72 -17.79
C HIS V 217 -3.33 70.47 -17.21
N ALA V 218 -3.79 70.14 -16.02
CA ALA V 218 -3.27 68.99 -15.30
C ALA V 218 -4.16 67.77 -15.33
N ALA V 219 -3.49 66.63 -15.32
CA ALA V 219 -4.14 65.34 -15.33
C ALA V 219 -3.54 64.46 -14.26
N GLY V 220 -4.38 63.60 -13.74
CA GLY V 220 -3.98 62.68 -12.72
C GLY V 220 -4.77 61.38 -12.82
N ARG V 221 -4.46 60.53 -11.87
CA ARG V 221 -5.04 59.23 -11.71
C ARG V 221 -5.55 59.11 -10.29
N VAL V 222 -6.74 58.55 -10.11
CA VAL V 222 -7.26 58.44 -8.76
C VAL V 222 -8.14 57.22 -8.56
N LEU V 223 -8.22 56.79 -7.30
CA LEU V 223 -9.02 55.65 -6.94
C LEU V 223 -10.40 56.07 -6.45
N LYS V 224 -11.41 55.37 -6.94
CA LYS V 224 -12.79 55.61 -6.58
C LYS V 224 -13.04 55.19 -5.14
N LYS V 225 -14.08 55.77 -4.55
CA LYS V 225 -14.47 55.46 -3.19
C LYS V 225 -14.89 54.01 -3.05
N THR V 226 -14.92 53.30 -4.18
CA THR V 226 -15.32 51.89 -4.14
C THR V 226 -14.13 50.96 -3.97
N THR V 227 -12.95 51.54 -4.04
CA THR V 227 -11.71 50.83 -3.86
C THR V 227 -11.16 51.13 -2.48
N PRO V 228 -11.10 50.11 -1.63
CA PRO V 228 -10.61 50.31 -0.28
C PRO V 228 -9.30 51.09 -0.23
N MET V 229 -9.20 51.92 0.82
CA MET V 229 -8.02 52.73 1.06
C MET V 229 -6.92 51.92 1.72
N LYS V 230 -5.69 52.11 1.23
CA LYS V 230 -4.50 51.44 1.73
C LYS V 230 -3.32 52.38 1.56
N PRO V 231 -2.37 52.34 2.47
CA PRO V 231 -1.22 53.21 2.31
C PRO V 231 -0.47 52.88 1.02
N CYS V 232 0.15 53.90 0.42
CA CYS V 232 0.88 53.70 -0.81
C CYS V 232 1.89 52.59 -0.70
N TYR V 233 2.62 52.62 0.40
CA TYR V 233 3.64 51.65 0.72
C TYR V 233 3.04 50.26 0.81
N GLY V 234 3.47 49.36 -0.08
CA GLY V 234 2.99 47.99 -0.09
C GLY V 234 1.75 47.79 -0.97
N SER V 235 1.28 48.88 -1.57
CA SER V 235 0.11 48.84 -2.43
C SER V 235 0.42 48.24 -3.80
N TYR V 236 -0.45 47.31 -4.20
CA TYR V 236 -0.30 46.63 -5.46
C TYR V 236 -1.65 46.31 -6.08
N ALA V 237 -1.69 46.37 -7.41
CA ALA V 237 -2.88 46.10 -8.17
C ALA V 237 -2.51 45.62 -9.56
N LYS V 238 -2.88 44.38 -9.87
CA LYS V 238 -2.59 43.76 -11.16
C LYS V 238 -3.05 44.59 -12.36
N PRO V 239 -2.16 44.68 -13.36
CA PRO V 239 -2.45 45.42 -14.57
C PRO V 239 -3.58 44.74 -15.33
N THR V 240 -4.44 45.52 -15.98
CA THR V 240 -5.54 44.93 -16.73
C THR V 240 -5.39 45.08 -18.23
N ASN V 241 -4.29 45.69 -18.65
CA ASN V 241 -4.02 45.89 -20.07
C ASN V 241 -2.52 45.97 -20.31
N GLU V 242 -2.13 45.55 -21.51
CA GLU V 242 -0.73 45.55 -21.88
C GLU V 242 -0.02 46.88 -21.60
N ASN V 243 -0.77 47.93 -21.32
CA ASN V 243 -0.14 49.21 -21.09
C ASN V 243 0.05 49.60 -19.63
N GLY V 244 -0.20 48.68 -18.72
CA GLY V 244 0.00 48.98 -17.32
C GLY V 244 -1.25 49.46 -16.59
N GLY V 245 -2.30 49.77 -17.34
CA GLY V 245 -3.51 50.23 -16.69
C GLY V 245 -3.99 49.14 -15.73
N GLN V 246 -4.45 49.52 -14.54
CA GLN V 246 -4.93 48.54 -13.58
C GLN V 246 -6.43 48.66 -13.35
N GLY V 247 -7.08 49.44 -14.20
CA GLY V 247 -8.51 49.67 -14.09
C GLY V 247 -9.29 48.38 -14.25
N ILE V 248 -10.20 48.12 -13.31
CA ILE V 248 -11.00 46.92 -13.37
C ILE V 248 -11.86 46.86 -14.62
N LEU V 249 -11.95 45.68 -15.20
CA LEU V 249 -12.74 45.45 -16.38
C LEU V 249 -14.05 44.78 -16.04
N VAL V 250 -15.12 45.31 -16.61
CA VAL V 250 -16.45 44.79 -16.35
C VAL V 250 -16.86 43.85 -17.48
N GLU V 258 -14.59 46.39 -21.39
CA GLU V 258 -15.48 46.98 -20.41
C GLU V 258 -14.73 47.88 -19.43
N SER V 259 -13.96 48.83 -19.95
CA SER V 259 -13.22 49.73 -19.09
C SER V 259 -14.22 50.63 -18.39
N GLN V 260 -14.03 50.86 -17.10
CA GLN V 260 -14.96 51.69 -16.36
C GLN V 260 -14.40 53.00 -15.84
N VAL V 261 -13.30 53.44 -16.43
CA VAL V 261 -12.69 54.70 -16.03
C VAL V 261 -13.68 55.85 -16.25
N GLU V 262 -13.67 56.80 -15.34
CA GLU V 262 -14.55 57.96 -15.43
C GLU V 262 -13.85 59.22 -15.01
N MET V 263 -13.74 60.17 -15.93
CA MET V 263 -13.09 61.42 -15.62
C MET V 263 -13.92 62.33 -14.73
N GLN V 264 -13.21 63.07 -13.90
CA GLN V 264 -13.80 64.02 -12.98
C GLN V 264 -13.10 65.35 -13.16
N PHE V 265 -13.84 66.39 -13.54
CA PHE V 265 -13.25 67.68 -13.76
C PHE V 265 -13.25 68.60 -12.55
N PHE V 266 -12.20 69.42 -12.46
CA PHE V 266 -12.05 70.36 -11.36
C PHE V 266 -11.49 71.71 -11.74
N SER V 267 -11.92 72.68 -10.95
CA SER V 267 -11.53 74.08 -11.07
C SER V 267 -11.36 74.69 -9.69
N THR V 268 -10.76 75.88 -9.66
CA THR V 268 -10.51 76.59 -8.43
C THR V 268 -11.78 77.20 -7.85
N THR V 269 -11.78 78.54 -7.80
CA THR V 269 -12.88 79.31 -7.28
C THR V 269 -13.41 80.22 -8.37
N ASN V 278 -13.29 82.75 -16.53
CA ASN V 278 -14.54 82.02 -16.59
C ASN V 278 -14.34 80.51 -16.54
N LEU V 279 -15.25 79.85 -15.81
CA LEU V 279 -15.26 78.42 -15.61
C LEU V 279 -14.53 77.61 -16.66
N THR V 280 -13.42 77.00 -16.22
CA THR V 280 -12.57 76.17 -17.04
C THR V 280 -11.74 75.23 -16.16
N PRO V 281 -12.02 73.93 -16.25
CA PRO V 281 -11.32 72.94 -15.47
C PRO V 281 -9.81 73.08 -15.60
N LYS V 282 -9.13 73.14 -14.46
CA LYS V 282 -7.69 73.26 -14.45
C LYS V 282 -7.06 71.87 -14.33
N VAL V 283 -7.86 70.97 -13.76
CA VAL V 283 -7.45 69.61 -13.55
C VAL V 283 -8.55 68.61 -13.87
N VAL V 284 -8.10 67.44 -14.30
CA VAL V 284 -8.96 66.32 -14.63
C VAL V 284 -8.31 65.07 -14.10
N LEU V 285 -9.09 64.24 -13.45
CA LEU V 285 -8.58 63.02 -12.89
C LEU V 285 -9.26 61.82 -13.50
N TYR V 286 -8.48 60.77 -13.70
CA TYR V 286 -9.04 59.56 -14.24
C TYR V 286 -9.36 58.60 -13.11
N SER V 287 -10.60 58.67 -12.63
CA SER V 287 -11.02 57.81 -11.55
C SER V 287 -11.28 56.38 -11.95
N GLU V 288 -10.84 55.47 -11.10
CA GLU V 288 -11.01 54.06 -11.39
C GLU V 288 -10.98 53.16 -10.16
N ASP V 289 -11.45 51.94 -10.38
CA ASP V 289 -11.47 50.91 -9.37
C ASP V 289 -10.42 49.88 -9.73
N VAL V 290 -9.56 49.55 -8.79
CA VAL V 290 -8.52 48.58 -9.04
C VAL V 290 -8.62 47.44 -8.06
N ASP V 291 -7.96 46.34 -8.39
CA ASP V 291 -7.95 45.18 -7.51
C ASP V 291 -6.81 45.34 -6.52
N ILE V 292 -6.99 46.28 -5.60
CA ILE V 292 -5.97 46.58 -4.60
C ILE V 292 -5.69 45.46 -3.62
N GLU V 293 -4.40 45.18 -3.49
CA GLU V 293 -3.92 44.16 -2.59
C GLU V 293 -2.68 44.65 -1.86
N THR V 294 -2.32 43.90 -0.81
CA THR V 294 -1.16 44.17 0.02
C THR V 294 -0.61 42.83 0.48
N PRO V 295 -0.06 42.12 -0.50
CA PRO V 295 0.50 40.80 -0.33
C PRO V 295 1.69 40.67 0.61
N ASP V 296 2.37 41.76 0.95
CA ASP V 296 3.53 41.59 1.82
C ASP V 296 3.69 42.62 2.93
N THR V 297 2.62 43.33 3.26
CA THR V 297 2.66 44.30 4.32
C THR V 297 1.37 44.23 5.12
N HIS V 298 1.37 44.91 6.25
CA HIS V 298 0.21 44.94 7.11
C HIS V 298 0.05 46.33 7.72
N ILE V 299 -1.10 46.57 8.34
CA ILE V 299 -1.34 47.87 8.95
C ILE V 299 -0.69 47.99 10.31
N SER V 300 0.23 48.95 10.40
CA SER V 300 0.93 49.22 11.64
C SER V 300 0.13 50.16 12.51
N TYR V 301 -0.87 50.79 11.89
CA TYR V 301 -1.70 51.74 12.61
C TYR V 301 -3.11 51.92 12.05
N MET V 302 -4.06 51.29 12.72
CA MET V 302 -5.47 51.37 12.37
C MET V 302 -6.09 52.51 13.18
N PRO V 303 -6.61 53.54 12.51
CA PRO V 303 -7.19 54.63 13.26
C PRO V 303 -8.62 54.37 13.72
N THR V 304 -9.29 53.40 13.10
CA THR V 304 -10.66 53.08 13.48
C THR V 304 -11.10 51.69 13.06
N ILE V 305 -11.81 51.01 13.96
CA ILE V 305 -12.32 49.69 13.68
C ILE V 305 -13.64 49.84 12.94
N LYS V 306 -13.75 50.96 12.21
CA LYS V 306 -14.94 51.26 11.44
C LYS V 306 -14.75 51.10 9.94
N GLU V 307 -15.49 50.15 9.39
CA GLU V 307 -15.44 49.87 7.98
C GLU V 307 -15.73 51.09 7.12
N GLY V 308 -15.44 50.95 5.83
CA GLY V 308 -15.66 52.00 4.86
C GLY V 308 -14.57 53.06 4.86
N ASN V 309 -14.35 53.62 3.68
CA ASN V 309 -13.37 54.66 3.47
C ASN V 309 -13.81 55.92 4.19
N SER V 310 -12.86 56.59 4.83
CA SER V 310 -13.15 57.81 5.57
C SER V 310 -11.90 58.66 5.69
N ARG V 311 -12.10 59.94 6.01
CA ARG V 311 -10.94 60.79 6.17
C ARG V 311 -10.00 60.14 7.17
N GLU V 312 -10.61 59.46 8.14
CA GLU V 312 -9.93 58.76 9.20
C GLU V 312 -8.84 57.79 8.72
N LEU V 313 -9.20 56.96 7.74
CA LEU V 313 -8.28 55.97 7.19
C LEU V 313 -7.06 56.58 6.50
N MET V 314 -7.11 57.88 6.25
CA MET V 314 -6.00 58.54 5.61
C MET V 314 -4.76 58.53 6.48
N GLY V 315 -4.99 58.23 7.76
CA GLY V 315 -3.93 58.20 8.73
C GLY V 315 -3.39 56.81 9.04
N GLN V 316 -3.87 55.79 8.31
CA GLN V 316 -3.38 54.46 8.57
C GLN V 316 -1.93 54.30 8.12
N GLN V 317 -1.20 53.44 8.82
CA GLN V 317 0.19 53.21 8.50
C GLN V 317 0.47 51.78 8.11
N SER V 318 1.37 51.63 7.14
CA SER V 318 1.75 50.33 6.64
C SER V 318 3.15 49.94 7.08
N MET V 319 3.35 48.64 7.28
CA MET V 319 4.62 48.10 7.71
C MET V 319 4.86 46.75 7.05
N PRO V 320 6.09 46.52 6.60
CA PRO V 320 6.44 45.28 5.93
C PRO V 320 6.24 44.08 6.83
N ASN V 321 5.92 42.95 6.20
CA ASN V 321 5.71 41.72 6.92
C ASN V 321 7.05 41.11 7.30
N ARG V 322 7.04 40.33 8.37
CA ARG V 322 8.25 39.70 8.84
C ARG V 322 8.78 38.70 7.81
N PRO V 323 10.09 38.72 7.62
CA PRO V 323 10.70 37.81 6.68
C PRO V 323 10.49 36.39 7.17
N ASN V 324 10.26 35.46 6.26
CA ASN V 324 10.06 34.09 6.66
C ASN V 324 10.54 33.08 5.64
N TYR V 325 11.75 32.59 5.87
CA TYR V 325 12.37 31.62 5.00
C TYR V 325 11.86 30.22 5.28
N ILE V 326 11.61 29.48 4.21
CA ILE V 326 11.14 28.12 4.31
C ILE V 326 11.88 27.24 3.33
N ALA V 327 12.40 26.12 3.82
CA ALA V 327 13.14 25.22 2.96
C ALA V 327 13.40 23.89 3.63
N PHE V 328 14.03 22.99 2.87
CA PHE V 328 14.38 21.69 3.41
C PHE V 328 15.52 21.91 4.39
N ARG V 329 15.72 20.96 5.29
CA ARG V 329 16.76 21.11 6.30
C ARG V 329 18.17 20.78 5.86
N ASP V 330 19.11 21.18 6.70
CA ASP V 330 20.52 20.93 6.51
C ASP V 330 20.71 19.43 6.38
N ASN V 331 21.30 18.99 5.29
CA ASN V 331 21.54 17.57 5.09
C ASN V 331 20.26 16.74 4.99
N PHE V 332 19.17 17.39 4.62
CA PHE V 332 17.89 16.73 4.46
C PHE V 332 17.39 16.03 5.70
N ILE V 333 17.78 16.57 6.85
CA ILE V 333 17.36 16.00 8.11
C ILE V 333 15.84 15.87 8.12
N GLY V 334 15.33 14.78 8.70
CA GLY V 334 13.90 14.57 8.79
C GLY V 334 13.26 13.84 7.62
N LEU V 335 13.83 13.98 6.43
CA LEU V 335 13.30 13.33 5.24
C LEU V 335 13.16 11.82 5.40
N MET V 336 14.25 11.18 5.76
CA MET V 336 14.25 9.76 5.96
C MET V 336 14.06 9.42 7.43
N TYR V 337 13.43 8.30 7.67
CA TYR V 337 13.20 7.82 9.02
C TYR V 337 14.45 7.09 9.48
N TYR V 338 14.81 7.31 10.73
CA TYR V 338 15.94 6.67 11.37
C TYR V 338 15.56 6.47 12.82
N ASN V 339 16.16 5.48 13.45
CA ASN V 339 15.90 5.24 14.85
C ASN V 339 14.44 5.20 15.24
N SER V 340 13.64 4.57 14.39
CA SER V 340 12.21 4.41 14.62
C SER V 340 11.84 2.97 14.32
N THR V 341 11.49 2.21 15.36
CA THR V 341 11.14 0.82 15.18
C THR V 341 10.02 0.56 14.19
N GLY V 342 9.04 1.46 14.14
CA GLY V 342 7.90 1.31 13.27
C GLY V 342 8.16 1.54 11.79
N ASN V 343 9.17 2.35 11.48
CA ASN V 343 9.51 2.65 10.10
C ASN V 343 10.98 2.39 9.80
N MET V 344 11.40 1.18 10.15
CA MET V 344 12.76 0.72 9.99
C MET V 344 13.16 0.40 8.55
N GLY V 345 14.33 0.92 8.18
CA GLY V 345 14.90 0.71 6.86
C GLY V 345 15.21 -0.76 6.66
N VAL V 346 15.51 -1.11 5.42
CA VAL V 346 15.79 -2.50 5.10
C VAL V 346 16.89 -2.69 4.07
N LEU V 347 17.82 -3.57 4.41
CA LEU V 347 18.91 -3.92 3.53
C LEU V 347 19.16 -5.40 3.67
N ALA V 348 18.64 -6.16 2.74
CA ALA V 348 18.82 -7.59 2.85
C ALA V 348 19.01 -8.28 1.53
N GLY V 349 19.78 -9.36 1.61
CA GLY V 349 20.03 -10.16 0.47
C GLY V 349 18.76 -10.91 0.16
N GLN V 350 18.35 -10.88 -1.10
CA GLN V 350 17.15 -11.57 -1.47
C GLN V 350 17.30 -13.04 -1.10
N ALA V 351 18.57 -13.46 -1.08
CA ALA V 351 18.92 -14.83 -0.76
C ALA V 351 19.07 -15.12 0.73
N SER V 352 19.04 -14.06 1.55
CA SER V 352 19.17 -14.23 2.99
C SER V 352 17.89 -13.83 3.70
N GLN V 353 17.19 -12.85 3.10
CA GLN V 353 15.93 -12.33 3.61
C GLN V 353 16.05 -11.82 5.04
N LEU V 354 17.27 -11.84 5.56
CA LEU V 354 17.58 -11.38 6.91
C LEU V 354 17.95 -9.91 6.76
N ASN V 355 17.37 -9.06 7.60
CA ASN V 355 17.63 -7.63 7.54
C ASN V 355 18.94 -7.20 8.22
N ALA V 356 19.85 -6.66 7.42
CA ALA V 356 21.14 -6.20 7.91
C ALA V 356 20.98 -4.96 8.77
N VAL V 357 19.87 -4.28 8.56
CA VAL V 357 19.55 -3.09 9.32
C VAL V 357 18.83 -3.44 10.60
N VAL V 358 19.36 -2.93 11.70
CA VAL V 358 18.84 -3.11 13.03
C VAL V 358 18.97 -1.81 13.77
N ASP V 359 17.85 -1.10 13.93
CA ASP V 359 17.87 0.18 14.59
C ASP V 359 17.25 0.19 15.98
N LEU V 360 17.51 1.29 16.69
CA LEU V 360 17.02 1.53 18.04
C LEU V 360 16.47 2.94 18.16
N GLN V 361 15.45 3.12 18.99
CA GLN V 361 14.84 4.42 19.19
C GLN V 361 15.79 5.31 19.97
N ASP V 362 16.71 4.61 20.61
CA ASP V 362 17.77 5.06 21.47
C ASP V 362 18.96 5.68 20.74
N ARG V 363 19.03 5.44 19.44
CA ARG V 363 20.13 5.95 18.64
C ARG V 363 19.78 7.28 17.99
N ASN V 364 20.79 8.08 17.68
CA ASN V 364 20.58 9.38 17.06
C ASN V 364 21.46 9.55 15.83
N THR V 365 20.97 8.99 14.72
CA THR V 365 21.61 9.00 13.42
C THR V 365 21.85 10.39 12.85
N GLU V 366 20.80 11.21 12.82
CA GLU V 366 20.89 12.57 12.27
C GLU V 366 21.98 13.40 12.93
N LEU V 367 21.98 13.41 14.25
CA LEU V 367 22.96 14.16 15.00
C LEU V 367 24.36 13.64 14.78
N SER V 368 24.47 12.31 14.81
CA SER V 368 25.74 11.64 14.62
C SER V 368 26.41 12.08 13.33
N TYR V 369 25.58 12.24 12.31
CA TYR V 369 26.01 12.67 11.00
C TYR V 369 26.45 14.12 11.01
N GLN V 370 25.77 14.91 11.83
CA GLN V 370 26.08 16.32 11.96
C GLN V 370 27.47 16.48 12.55
N LEU V 371 27.73 15.70 13.58
CA LEU V 371 29.00 15.72 14.27
C LEU V 371 30.09 15.10 13.42
N LEU V 372 29.75 14.07 12.63
CA LEU V 372 30.73 13.43 11.78
C LEU V 372 31.27 14.38 10.72
N LEU V 373 30.38 15.18 10.13
CA LEU V 373 30.74 16.14 9.11
C LEU V 373 31.75 17.17 9.62
N ASP V 374 31.46 17.73 10.79
CA ASP V 374 32.30 18.72 11.42
C ASP V 374 33.73 18.22 11.63
N SER V 375 33.85 16.94 11.99
CA SER V 375 35.14 16.35 12.23
C SER V 375 35.95 16.10 10.97
N ILE V 376 35.28 15.89 9.84
CA ILE V 376 36.00 15.61 8.61
C ILE V 376 36.11 16.73 7.59
N GLY V 377 35.61 17.91 7.91
CA GLY V 377 35.71 19.00 6.96
C GLY V 377 35.25 20.33 7.52
N ASP V 378 35.09 21.29 6.62
CA ASP V 378 34.67 22.64 6.97
C ASP V 378 33.17 22.87 6.82
N ARG V 379 32.43 22.71 7.92
CA ARG V 379 30.99 22.91 7.92
C ARG V 379 30.62 24.30 7.42
N THR V 380 31.60 25.18 7.25
CA THR V 380 31.27 26.51 6.77
C THR V 380 30.99 26.54 5.28
N ARG V 381 31.48 25.53 4.57
CA ARG V 381 31.27 25.45 3.13
C ARG V 381 29.91 24.88 2.77
N TYR V 382 29.34 25.37 1.69
CA TYR V 382 28.06 24.89 1.24
C TYR V 382 28.21 23.91 0.10
N PHE V 383 27.29 22.96 0.09
CA PHE V 383 27.24 21.92 -0.91
C PHE V 383 25.80 21.60 -1.23
N SER V 384 25.32 22.21 -2.33
CA SER V 384 23.95 22.07 -2.79
C SER V 384 23.43 20.65 -2.91
N MET V 385 24.23 19.75 -3.47
CA MET V 385 23.79 18.37 -3.65
C MET V 385 23.05 17.78 -2.46
N TRP V 386 23.65 17.87 -1.27
CA TRP V 386 23.04 17.31 -0.07
C TRP V 386 22.33 18.36 0.78
N ASN V 387 22.17 19.57 0.25
CA ASN V 387 21.53 20.59 1.04
C ASN V 387 22.41 20.85 2.25
N GLN V 388 23.69 20.69 2.00
CA GLN V 388 24.74 20.86 3.00
C GLN V 388 25.04 22.34 3.22
N ALA V 389 24.24 22.98 4.07
CA ALA V 389 24.39 24.38 4.41
C ALA V 389 23.96 24.59 5.85
N VAL V 390 24.96 24.50 6.73
CA VAL V 390 24.78 24.61 8.17
C VAL V 390 24.03 25.82 8.68
N ASP V 391 23.24 25.56 9.72
CA ASP V 391 22.45 26.56 10.41
C ASP V 391 23.37 27.42 11.25
N SER V 392 23.24 28.72 11.07
CA SER V 392 24.05 29.64 11.81
C SER V 392 23.25 30.87 12.17
N TYR V 393 23.94 31.79 12.81
CA TYR V 393 23.34 33.05 13.19
C TYR V 393 24.40 34.12 13.17
N ASP V 394 23.97 35.36 13.10
CA ASP V 394 24.87 36.48 13.10
C ASP V 394 25.43 36.70 14.48
N PRO V 395 26.75 36.67 14.61
CA PRO V 395 27.36 36.88 15.91
C PRO V 395 26.94 38.19 16.53
N ASP V 396 26.73 39.20 15.70
CA ASP V 396 26.33 40.53 16.15
C ASP V 396 24.90 40.60 16.61
N VAL V 397 24.15 39.56 16.31
CA VAL V 397 22.77 39.51 16.73
C VAL V 397 22.64 38.75 18.03
N ARG V 398 23.40 37.68 18.15
CA ARG V 398 23.39 36.87 19.35
C ARG V 398 23.98 37.67 20.51
N ILE V 399 25.07 38.37 20.21
CA ILE V 399 25.74 39.17 21.22
C ILE V 399 25.84 40.61 20.77
N ILE V 400 25.10 41.48 21.43
CA ILE V 400 25.12 42.87 21.07
C ILE V 400 26.38 43.56 21.51
N GLU V 401 27.01 44.21 20.54
CA GLU V 401 28.20 45.00 20.79
C GLU V 401 27.88 46.44 20.50
N ASN V 402 27.48 47.15 21.55
CA ASN V 402 27.10 48.54 21.40
C ASN V 402 28.22 49.54 21.52
N HIS V 403 28.86 49.85 20.41
CA HIS V 403 29.91 50.85 20.44
C HIS V 403 29.40 52.20 19.99
N GLY V 404 28.08 52.27 19.82
CA GLY V 404 27.42 53.50 19.41
C GLY V 404 27.45 53.78 17.92
N THR V 405 27.49 55.08 17.62
CA THR V 405 27.49 55.57 16.26
C THR V 405 28.45 56.72 16.01
N GLU V 406 29.00 56.74 14.81
CA GLU V 406 29.91 57.79 14.39
C GLU V 406 29.10 58.90 13.72
N ASP V 407 28.45 59.68 14.58
CA ASP V 407 27.59 60.78 14.16
C ASP V 407 28.13 62.15 14.55
N GLU V 408 29.44 62.33 14.48
CA GLU V 408 30.05 63.60 14.81
C GLU V 408 29.55 64.72 13.91
N LEU V 409 29.58 64.48 12.58
CA LEU V 409 29.13 65.43 11.58
C LEU V 409 27.62 65.40 11.44
N PRO V 410 26.99 66.56 11.21
CA PRO V 410 25.56 66.57 11.04
C PRO V 410 25.18 66.19 9.62
N ASN V 411 23.99 65.63 9.45
CA ASN V 411 23.52 65.23 8.13
C ASN V 411 22.32 66.04 7.68
N TYR V 412 22.43 66.66 6.52
CA TYR V 412 21.34 67.46 6.03
C TYR V 412 20.84 67.05 4.66
N CYS V 413 19.64 67.51 4.41
CA CYS V 413 18.94 67.34 3.16
C CYS V 413 18.56 68.74 2.71
N PHE V 414 18.70 69.03 1.42
CA PHE V 414 18.40 70.36 0.92
C PHE V 414 17.35 70.38 -0.18
N PRO V 415 16.98 71.59 -0.58
CA PRO V 415 15.98 71.77 -1.62
C PRO V 415 16.57 71.46 -2.99
N LEU V 416 15.72 70.92 -3.87
CA LEU V 416 16.11 70.55 -5.21
C LEU V 416 16.87 71.64 -5.96
N GLY V 417 16.44 72.89 -5.78
CA GLY V 417 17.07 74.02 -6.44
C GLY V 417 18.21 74.62 -5.64
N GLY V 418 18.48 74.01 -4.48
CA GLY V 418 19.55 74.45 -3.59
C GLY V 418 19.15 75.67 -2.78
N VAL V 419 17.99 76.21 -3.09
CA VAL V 419 17.44 77.38 -2.44
C VAL V 419 15.95 77.45 -2.73
N ILE V 420 15.14 77.83 -1.75
CA ILE V 420 13.71 77.87 -2.02
C ILE V 420 13.01 79.12 -1.51
N ASN V 421 13.54 79.71 -0.45
CA ASN V 421 12.94 80.90 0.13
C ASN V 421 13.52 82.20 -0.39
N THR V 422 13.59 82.32 -1.72
CA THR V 422 14.12 83.52 -2.33
C THR V 422 13.15 84.68 -2.15
N GLU V 423 13.67 85.90 -2.24
CA GLU V 423 12.87 87.09 -2.12
C GLU V 423 13.06 87.97 -3.34
N THR V 424 11.96 88.45 -3.92
CA THR V 424 12.03 89.29 -5.10
C THR V 424 12.75 90.60 -4.82
N LEU V 425 13.71 90.93 -5.69
CA LEU V 425 14.49 92.15 -5.53
C LEU V 425 14.59 92.95 -6.80
N THR V 426 15.09 94.18 -6.65
CA THR V 426 15.28 95.07 -7.76
C THR V 426 16.69 95.63 -7.80
N LYS V 427 17.28 95.59 -9.00
CA LYS V 427 18.62 96.09 -9.17
C LYS V 427 18.64 97.59 -9.00
N VAL V 428 19.72 98.08 -8.42
CA VAL V 428 19.84 99.49 -8.16
C VAL V 428 21.16 100.07 -8.62
N LYS V 429 21.11 101.38 -8.84
CA LYS V 429 22.27 102.15 -9.23
C LYS V 429 22.52 103.26 -8.24
N PRO V 430 23.80 103.53 -8.04
CA PRO V 430 24.24 104.56 -7.12
C PRO V 430 23.93 105.93 -7.74
N GLY V 437 22.34 107.49 -1.47
CA GLY V 437 22.07 108.00 -2.80
C GLY V 437 22.06 106.91 -3.85
N TRP V 438 20.86 106.37 -4.10
CA TRP V 438 20.66 105.30 -5.05
C TRP V 438 19.47 105.50 -5.97
N GLU V 439 19.62 104.95 -7.18
CA GLU V 439 18.61 105.02 -8.22
C GLU V 439 18.35 103.66 -8.85
N LYS V 440 17.07 103.36 -9.00
CA LYS V 440 16.64 102.11 -9.58
C LYS V 440 17.22 101.86 -10.96
N ASP V 441 17.44 100.59 -11.25
CA ASP V 441 17.99 100.17 -12.52
C ASP V 441 16.95 99.41 -13.32
N ALA V 442 17.01 99.61 -14.63
CA ALA V 442 16.09 98.96 -15.53
C ALA V 442 16.61 99.01 -16.95
N PHE V 445 18.88 95.11 -16.61
CA PHE V 445 18.35 94.15 -15.66
C PHE V 445 16.83 94.23 -15.49
N SER V 446 16.25 93.19 -14.91
CA SER V 446 14.81 93.07 -14.71
C SER V 446 14.28 93.59 -13.39
N ASP V 447 12.96 93.78 -13.36
CA ASP V 447 12.28 94.27 -12.17
C ASP V 447 12.17 93.21 -11.08
N LYS V 448 12.28 91.94 -11.47
CA LYS V 448 12.16 90.86 -10.50
C LYS V 448 13.19 89.74 -10.63
N ASN V 449 14.13 89.77 -9.69
CA ASN V 449 15.19 88.79 -9.58
C ASN V 449 15.06 88.09 -8.25
N GLU V 450 15.17 86.77 -8.26
CA GLU V 450 15.05 86.01 -7.04
C GLU V 450 16.40 85.80 -6.39
N ILE V 451 16.51 86.24 -5.15
CA ILE V 451 17.73 86.12 -4.38
C ILE V 451 17.45 85.64 -2.98
N ARG V 452 18.18 84.62 -2.57
CA ARG V 452 18.02 84.09 -1.24
C ARG V 452 18.96 84.80 -0.28
N VAL V 453 18.37 85.39 0.74
CA VAL V 453 19.14 86.11 1.74
C VAL V 453 19.29 85.28 3.01
N GLY V 454 20.52 84.84 3.24
CA GLY V 454 20.85 84.02 4.40
C GLY V 454 21.20 82.61 3.95
N ASN V 455 21.19 81.67 4.90
CA ASN V 455 21.50 80.29 4.53
C ASN V 455 20.33 79.65 3.82
N ASN V 456 20.54 78.48 3.24
CA ASN V 456 19.47 77.78 2.55
C ASN V 456 18.58 77.01 3.50
N PHE V 457 17.45 76.53 2.98
CA PHE V 457 16.54 75.76 3.80
C PHE V 457 17.13 74.36 3.99
N ALA V 458 17.21 73.91 5.24
CA ALA V 458 17.78 72.59 5.47
C ALA V 458 17.05 71.78 6.53
N MET V 459 17.12 70.45 6.34
CA MET V 459 16.51 69.51 7.26
C MET V 459 17.60 68.58 7.77
N GLU V 460 17.57 68.29 9.06
CA GLU V 460 18.59 67.44 9.64
C GLU V 460 18.13 66.02 9.92
N ILE V 461 19.09 65.10 9.87
CA ILE V 461 18.83 63.70 10.13
C ILE V 461 20.10 62.99 10.57
N ASN V 462 19.96 62.09 11.55
CA ASN V 462 21.09 61.34 12.06
C ASN V 462 21.16 59.99 11.35
N LEU V 463 21.87 59.99 10.24
CA LEU V 463 22.05 58.81 9.41
C LEU V 463 22.49 57.58 10.20
N ASN V 464 23.65 57.68 10.83
CA ASN V 464 24.19 56.57 11.59
C ASN V 464 23.31 56.05 12.70
N ALA V 465 22.74 56.95 13.49
CA ALA V 465 21.86 56.52 14.57
C ALA V 465 20.70 55.72 14.02
N ASN V 466 20.14 56.23 12.93
CA ASN V 466 19.01 55.61 12.26
C ASN V 466 19.33 54.19 11.85
N LEU V 467 20.39 54.04 11.08
CA LEU V 467 20.81 52.73 10.62
C LEU V 467 20.94 51.75 11.77
N TRP V 468 21.65 52.16 12.80
CA TRP V 468 21.86 51.33 13.98
C TRP V 468 20.54 50.87 14.58
N ARG V 469 19.60 51.81 14.68
CA ARG V 469 18.28 51.56 15.21
C ARG V 469 17.55 50.49 14.41
N ASN V 470 17.50 50.74 13.11
CA ASN V 470 16.84 49.83 12.19
C ASN V 470 17.36 48.41 12.34
N PHE V 471 18.66 48.29 12.60
CA PHE V 471 19.30 47.01 12.79
C PHE V 471 18.83 46.32 14.06
N LEU V 472 18.71 47.11 15.12
CA LEU V 472 18.28 46.60 16.40
C LEU V 472 16.84 46.14 16.37
N TYR V 473 15.99 46.99 15.81
CA TYR V 473 14.58 46.67 15.73
C TYR V 473 14.32 45.44 14.89
N SER V 474 14.90 45.43 13.70
CA SER V 474 14.72 44.31 12.79
C SER V 474 15.28 42.99 13.30
N ASN V 475 16.50 43.01 13.82
CA ASN V 475 17.14 41.78 14.27
C ASN V 475 16.92 41.31 15.69
N ILE V 476 16.69 42.22 16.61
CA ILE V 476 16.52 41.78 17.98
C ILE V 476 15.12 41.98 18.51
N ALA V 477 14.66 43.23 18.47
CA ALA V 477 13.35 43.59 18.95
C ALA V 477 12.27 42.59 18.53
N LEU V 478 12.06 42.47 17.23
CA LEU V 478 11.05 41.59 16.70
C LEU V 478 11.17 40.14 17.13
N TYR V 479 12.35 39.73 17.57
CA TYR V 479 12.53 38.35 18.01
C TYR V 479 12.33 38.19 19.50
N LEU V 480 12.07 39.31 20.15
CA LEU V 480 11.82 39.28 21.58
C LEU V 480 10.70 38.30 21.87
N PRO V 481 10.69 37.78 23.09
CA PRO V 481 9.67 36.84 23.47
C PRO V 481 8.29 37.48 23.42
N ASP V 482 7.27 36.65 23.12
CA ASP V 482 5.90 37.12 23.02
C ASP V 482 5.42 37.89 24.23
N LYS V 483 5.85 37.42 25.40
CA LYS V 483 5.47 38.03 26.67
C LYS V 483 5.76 39.52 26.76
N LEU V 484 6.76 39.96 26.01
CA LEU V 484 7.14 41.37 26.00
C LEU V 484 6.34 42.15 24.98
N LYS V 485 5.56 41.43 24.16
CA LYS V 485 4.74 42.03 23.12
C LYS V 485 3.31 42.32 23.54
N TYR V 486 2.57 42.95 22.61
CA TYR V 486 1.19 43.30 22.83
C TYR V 486 0.39 43.33 21.52
N SER V 487 -0.91 43.05 21.62
CA SER V 487 -1.79 43.02 20.46
C SER V 487 -2.16 44.42 19.96
N PRO V 488 -2.26 44.57 18.64
CA PRO V 488 -2.59 45.85 18.03
C PRO V 488 -4.07 46.16 18.16
N SER V 489 -4.37 47.45 18.22
CA SER V 489 -5.75 47.89 18.33
C SER V 489 -6.43 47.94 16.97
N ASN V 490 -7.71 47.57 16.95
CA ASN V 490 -8.51 47.57 15.74
C ASN V 490 -7.92 46.75 14.61
N VAL V 491 -7.23 45.68 14.96
CA VAL V 491 -6.64 44.83 13.95
C VAL V 491 -6.86 43.36 14.27
N LYS V 492 -7.52 42.67 13.37
CA LYS V 492 -7.77 41.26 13.59
C LYS V 492 -6.47 40.49 13.63
N ILE V 493 -6.38 39.60 14.61
CA ILE V 493 -5.20 38.79 14.79
C ILE V 493 -5.59 37.37 15.19
N SER V 494 -4.86 36.40 14.64
CA SER V 494 -5.14 35.01 14.94
C SER V 494 -5.06 34.70 16.43
N ASP V 495 -5.75 33.61 16.78
CA ASP V 495 -5.83 33.10 18.14
C ASP V 495 -4.71 32.12 18.40
N ASN V 496 -4.18 31.58 17.31
CA ASN V 496 -3.10 30.61 17.33
C ASN V 496 -1.75 31.31 17.35
N PRO V 497 -1.06 31.16 18.49
CA PRO V 497 0.24 31.77 18.67
C PRO V 497 1.34 31.10 17.85
N ASN V 498 1.09 29.88 17.38
CA ASN V 498 2.05 29.13 16.58
C ASN V 498 1.92 29.52 15.12
N THR V 499 1.06 30.49 14.92
CA THR V 499 0.72 31.01 13.61
C THR V 499 1.59 32.15 13.16
N TYR V 500 1.72 32.28 11.84
CA TYR V 500 2.50 33.35 11.26
C TYR V 500 1.77 34.66 11.47
N ASP V 501 0.46 34.64 11.25
CA ASP V 501 -0.34 35.83 11.41
C ASP V 501 -0.09 36.45 12.78
N TYR V 502 -0.05 35.59 13.77
CA TYR V 502 0.18 35.99 15.14
C TYR V 502 1.53 36.67 15.33
N MET V 503 2.57 35.93 14.99
CA MET V 503 3.94 36.40 15.10
C MET V 503 4.16 37.67 14.31
N ASN V 504 3.43 37.81 13.22
CA ASN V 504 3.56 38.97 12.35
C ASN V 504 2.79 40.19 12.82
N LYS V 505 1.73 39.98 13.58
CA LYS V 505 0.94 41.12 14.04
C LYS V 505 1.29 41.61 15.44
N ARG V 506 1.73 40.71 16.30
CA ARG V 506 2.08 41.16 17.63
C ARG V 506 3.01 42.35 17.50
N VAL V 507 2.75 43.41 18.26
CA VAL V 507 3.60 44.58 18.16
C VAL V 507 4.61 44.67 19.28
N VAL V 508 5.77 45.23 18.96
CA VAL V 508 6.82 45.39 19.93
C VAL V 508 7.37 46.80 19.92
N ALA V 509 7.57 47.32 21.13
CA ALA V 509 8.10 48.66 21.33
C ALA V 509 9.59 48.72 21.07
N PRO V 510 9.98 49.62 20.17
CA PRO V 510 11.38 49.78 19.84
C PRO V 510 12.21 50.23 21.04
N GLY V 511 11.56 50.92 21.97
CA GLY V 511 12.25 51.39 23.14
C GLY V 511 12.84 50.25 23.96
N LEU V 512 12.43 49.03 23.61
CA LEU V 512 12.92 47.84 24.32
C LEU V 512 14.37 47.55 23.97
N VAL V 513 14.69 47.74 22.69
CA VAL V 513 16.03 47.53 22.17
C VAL V 513 16.46 48.74 21.36
N ASP V 514 16.50 49.89 22.00
CA ASP V 514 16.89 51.11 21.31
C ASP V 514 18.39 51.31 21.24
N CYS V 515 18.82 52.23 20.39
CA CYS V 515 20.22 52.52 20.19
C CYS V 515 21.02 52.79 21.44
N TYR V 516 20.35 53.13 22.54
CA TYR V 516 21.07 53.41 23.79
C TYR V 516 21.06 52.23 24.76
N ILE V 517 20.76 51.07 24.21
CA ILE V 517 20.69 49.83 24.96
C ILE V 517 22.07 49.32 25.31
N ASN V 518 22.29 49.09 26.61
CA ASN V 518 23.56 48.61 27.12
C ASN V 518 24.75 49.22 26.40
N LEU V 519 24.74 50.55 26.31
CA LEU V 519 25.78 51.32 25.65
C LEU V 519 27.18 51.00 26.15
N GLY V 520 28.08 50.75 25.20
CA GLY V 520 29.47 50.46 25.48
C GLY V 520 29.76 49.05 25.99
N ALA V 521 28.75 48.21 25.94
CA ALA V 521 28.92 46.86 26.40
C ALA V 521 28.83 45.82 25.30
N ARG V 522 29.38 44.65 25.60
CA ARG V 522 29.36 43.48 24.75
C ARG V 522 28.53 42.51 25.54
N TRP V 523 27.22 42.64 25.36
CA TRP V 523 26.30 41.85 26.12
C TRP V 523 25.11 41.34 25.33
N SER V 524 24.77 40.08 25.57
CA SER V 524 23.62 39.48 24.94
C SER V 524 22.43 39.79 25.85
N LEU V 525 21.29 40.13 25.28
CA LEU V 525 20.14 40.42 26.10
C LEU V 525 19.73 39.23 26.94
N ASP V 526 19.50 39.49 28.22
CA ASP V 526 19.08 38.42 29.11
C ASP V 526 17.76 37.83 28.65
N TYR V 527 16.99 38.59 27.87
CA TYR V 527 15.70 38.11 27.38
C TYR V 527 15.87 37.10 26.25
N MET V 528 16.89 37.34 25.42
CA MET V 528 17.20 36.54 24.25
C MET V 528 18.08 35.32 24.48
N ASP V 529 18.72 35.22 25.63
CA ASP V 529 19.57 34.08 25.88
C ASP V 529 18.90 32.73 25.62
N ASN V 530 17.67 32.57 26.11
CA ASN V 530 16.95 31.32 25.96
C ASN V 530 16.07 31.22 24.73
N VAL V 531 16.28 32.14 23.80
CA VAL V 531 15.53 32.15 22.57
C VAL V 531 16.40 31.48 21.51
N ASN V 532 15.83 30.51 20.81
CA ASN V 532 16.59 29.83 19.78
C ASN V 532 17.18 30.83 18.80
N PRO V 533 18.52 30.93 18.78
CA PRO V 533 19.21 31.87 17.91
C PRO V 533 19.15 31.50 16.44
N PHE V 534 18.87 30.23 16.17
CA PHE V 534 18.83 29.75 14.80
C PHE V 534 17.57 30.11 14.04
N ASN V 535 16.48 30.30 14.75
CA ASN V 535 15.25 30.68 14.10
C ASN V 535 15.32 32.17 13.81
N HIS V 536 15.96 32.52 12.69
CA HIS V 536 16.16 33.92 12.33
C HIS V 536 16.39 34.13 10.84
N HIS V 537 16.02 35.31 10.35
CA HIS V 537 16.20 35.62 8.94
C HIS V 537 17.66 35.82 8.60
N ARG V 538 18.51 35.89 9.61
CA ARG V 538 19.93 36.08 9.39
C ARG V 538 20.73 34.78 9.45
N ASN V 539 20.00 33.66 9.41
CA ASN V 539 20.59 32.34 9.40
C ASN V 539 21.00 32.07 7.96
N ALA V 540 22.27 32.25 7.68
CA ALA V 540 22.81 32.06 6.33
C ALA V 540 22.52 30.70 5.74
N GLY V 541 22.68 29.65 6.54
CA GLY V 541 22.45 28.30 6.07
C GLY V 541 21.02 28.08 5.58
N LEU V 542 20.07 28.46 6.43
CA LEU V 542 18.65 28.32 6.10
C LEU V 542 18.29 29.23 4.94
N ARG V 543 18.85 30.44 4.95
CA ARG V 543 18.60 31.40 3.89
C ARG V 543 18.98 30.83 2.53
N TYR V 544 20.18 30.25 2.48
CA TYR V 544 20.72 29.66 1.26
C TYR V 544 19.91 28.47 0.78
N ARG V 545 19.46 27.63 1.70
CA ARG V 545 18.67 26.48 1.36
C ARG V 545 17.33 26.90 0.81
N SER V 546 16.83 28.02 1.32
CA SER V 546 15.57 28.57 0.87
C SER V 546 15.68 29.06 -0.57
N MET V 547 16.79 29.77 -0.85
CA MET V 547 17.05 30.30 -2.17
C MET V 547 17.37 29.23 -3.20
N LEU V 548 17.91 28.12 -2.71
CA LEU V 548 18.26 26.97 -3.53
C LEU V 548 17.02 26.49 -4.27
N LEU V 549 15.87 26.62 -3.59
CA LEU V 549 14.58 26.21 -4.13
C LEU V 549 13.98 27.27 -5.04
N GLY V 550 14.30 28.52 -4.73
CA GLY V 550 13.82 29.66 -5.49
C GLY V 550 13.22 30.71 -4.56
N ASN V 551 12.61 31.72 -5.16
CA ASN V 551 11.98 32.81 -4.41
C ASN V 551 10.47 32.71 -4.42
N GLY V 552 9.97 31.60 -4.92
CA GLY V 552 8.54 31.39 -4.99
C GLY V 552 7.99 30.29 -4.10
N ARG V 553 6.71 30.50 -3.82
CA ARG V 553 5.86 29.66 -3.02
C ARG V 553 5.78 28.25 -3.57
N TYR V 554 5.47 28.16 -4.87
CA TYR V 554 5.32 26.91 -5.59
C TYR V 554 6.63 26.43 -6.16
N VAL V 555 7.03 25.23 -5.76
CA VAL V 555 8.27 24.67 -6.22
C VAL V 555 8.26 23.19 -6.55
N PRO V 556 8.62 22.88 -7.79
CA PRO V 556 8.74 21.50 -8.18
C PRO V 556 10.18 21.19 -7.76
N PHE V 557 10.40 20.12 -7.01
CA PHE V 557 11.76 19.88 -6.57
C PHE V 557 12.40 18.60 -7.05
N HIS V 558 13.72 18.64 -7.05
CA HIS V 558 14.58 17.54 -7.46
C HIS V 558 15.78 17.51 -6.52
N ILE V 559 15.83 16.49 -5.67
CA ILE V 559 16.92 16.39 -4.73
C ILE V 559 17.54 15.01 -4.67
N GLN V 560 18.70 15.01 -4.03
CA GLN V 560 19.48 13.82 -3.81
C GLN V 560 19.68 13.68 -2.31
N VAL V 561 19.19 12.57 -1.77
CA VAL V 561 19.27 12.27 -0.35
C VAL V 561 20.27 11.16 -0.03
N PRO V 562 21.10 11.41 0.97
CA PRO V 562 22.14 10.48 1.38
C PRO V 562 21.70 9.49 2.45
N GLN V 563 22.38 8.34 2.46
CA GLN V 563 22.13 7.31 3.45
C GLN V 563 23.03 7.65 4.63
N LYS V 564 22.46 7.79 5.82
CA LYS V 564 23.27 8.15 6.98
C LYS V 564 23.52 7.04 7.98
N PHE V 565 22.67 6.03 7.97
CA PHE V 565 22.82 4.93 8.87
C PHE V 565 24.25 4.42 8.87
N PHE V 566 24.86 4.37 10.04
CA PHE V 566 26.25 3.95 10.20
C PHE V 566 26.64 2.56 9.73
N ALA V 567 25.77 1.57 9.88
CA ALA V 567 26.12 0.22 9.48
C ALA V 567 26.20 -0.01 7.98
N ILE V 568 25.58 0.87 7.19
CA ILE V 568 25.59 0.68 5.75
C ILE V 568 26.16 1.83 4.92
N LYS V 569 26.27 3.02 5.51
CA LYS V 569 26.76 4.20 4.80
C LYS V 569 28.10 4.09 4.06
N ASN V 570 29.05 3.33 4.60
CA ASN V 570 30.36 3.19 3.98
C ASN V 570 30.67 1.75 3.59
N LEU V 571 29.66 0.92 3.69
CA LEU V 571 29.80 -0.47 3.38
C LEU V 571 30.13 -0.76 1.92
N LEU V 572 31.03 -1.71 1.74
CA LEU V 572 31.43 -2.19 0.43
C LEU V 572 30.65 -3.46 0.20
N LEU V 573 29.65 -3.34 -0.66
CA LEU V 573 28.72 -4.38 -1.02
C LEU V 573 29.23 -5.36 -2.08
N LEU V 574 29.22 -6.65 -1.76
CA LEU V 574 29.69 -7.64 -2.72
C LEU V 574 28.58 -8.01 -3.69
N PRO V 575 28.92 -8.77 -4.73
CA PRO V 575 27.93 -9.16 -5.71
C PRO V 575 26.80 -9.96 -5.10
N GLY V 576 25.63 -9.75 -5.67
CA GLY V 576 24.40 -10.39 -5.26
C GLY V 576 23.25 -9.41 -5.45
N SER V 577 22.05 -9.86 -5.16
CA SER V 577 20.88 -9.02 -5.30
C SER V 577 20.36 -8.69 -3.92
N TYR V 578 20.11 -7.41 -3.67
CA TYR V 578 19.64 -7.01 -2.36
C TYR V 578 18.36 -6.20 -2.38
N THR V 579 17.62 -6.36 -1.29
CA THR V 579 16.39 -5.64 -1.08
C THR V 579 16.72 -4.44 -0.24
N TYR V 580 16.56 -3.27 -0.83
CA TYR V 580 16.85 -2.04 -0.16
C TYR V 580 15.57 -1.24 -0.08
N GLU V 581 15.10 -1.02 1.13
CA GLU V 581 13.86 -0.30 1.30
C GLU V 581 13.94 0.74 2.41
N TRP V 582 13.28 1.87 2.20
CA TRP V 582 13.31 2.94 3.18
C TRP V 582 12.01 3.75 3.23
N ASN V 583 11.81 4.38 4.39
CA ASN V 583 10.64 5.20 4.63
C ASN V 583 10.98 6.68 4.69
N PHE V 584 10.11 7.46 4.08
CA PHE V 584 10.25 8.89 4.04
C PHE V 584 9.08 9.60 4.68
N ARG V 585 9.42 10.64 5.44
CA ARG V 585 8.45 11.43 6.15
C ARG V 585 7.75 12.39 5.18
N LYS V 586 6.51 12.75 5.52
CA LYS V 586 5.71 13.66 4.72
C LYS V 586 5.31 14.89 5.53
N ASP V 587 5.51 14.78 6.82
CA ASP V 587 5.19 15.84 7.76
C ASP V 587 5.98 17.11 7.53
N VAL V 588 5.28 18.16 7.06
CA VAL V 588 5.96 19.43 6.80
C VAL V 588 6.70 20.02 7.98
N ASN V 589 6.19 19.80 9.20
CA ASN V 589 6.89 20.34 10.34
C ASN V 589 8.23 19.65 10.54
N MET V 590 8.36 18.49 9.91
CA MET V 590 9.57 17.69 9.99
C MET V 590 10.49 17.85 8.79
N VAL V 591 9.93 17.77 7.60
CA VAL V 591 10.74 17.87 6.40
C VAL V 591 11.12 19.30 6.02
N LEU V 592 10.32 20.26 6.48
CA LEU V 592 10.58 21.65 6.18
C LEU V 592 11.03 22.43 7.42
N GLN V 593 11.69 23.55 7.15
CA GLN V 593 12.18 24.40 8.21
C GLN V 593 11.88 25.85 7.88
N SER V 594 11.47 26.61 8.88
CA SER V 594 11.17 28.01 8.71
C SER V 594 11.99 28.85 9.66
N SER V 595 12.19 30.12 9.34
CA SER V 595 12.96 30.98 10.20
C SER V 595 12.17 31.47 11.42
N LEU V 596 10.84 31.57 11.27
CA LEU V 596 9.95 32.00 12.33
C LEU V 596 9.56 30.81 13.21
N GLY V 597 9.64 29.63 12.61
CA GLY V 597 9.32 28.39 13.30
C GLY V 597 7.83 28.19 13.47
N ASN V 598 7.03 28.87 12.66
CA ASN V 598 5.58 28.74 12.75
C ASN V 598 5.10 27.32 12.43
N ASP V 599 3.82 27.05 12.68
CA ASP V 599 3.24 25.74 12.43
C ASP V 599 2.82 25.59 10.97
N LEU V 600 3.69 24.94 10.20
CA LEU V 600 3.45 24.72 8.78
C LEU V 600 2.22 23.90 8.45
N ARG V 601 1.74 23.09 9.39
CA ARG V 601 0.55 22.30 9.12
C ARG V 601 -0.66 23.22 9.02
N VAL V 602 -0.78 24.10 10.01
CA VAL V 602 -1.84 25.07 10.08
C VAL V 602 -1.63 26.16 9.04
N ASP V 603 -0.35 26.46 8.83
CA ASP V 603 0.07 27.48 7.89
C ASP V 603 0.10 27.19 6.40
N GLY V 604 -0.57 26.12 5.98
CA GLY V 604 -0.70 25.78 4.57
C GLY V 604 0.49 25.23 3.79
N ALA V 605 1.60 24.84 4.43
CA ALA V 605 2.69 24.29 3.63
C ALA V 605 2.26 22.91 3.13
N SER V 606 2.68 22.53 1.92
CA SER V 606 2.30 21.24 1.37
C SER V 606 3.45 20.57 0.61
N ILE V 607 3.45 19.25 0.60
CA ILE V 607 4.49 18.51 -0.09
C ILE V 607 4.03 17.18 -0.65
N LYS V 608 4.36 16.93 -1.91
CA LYS V 608 3.99 15.71 -2.58
C LYS V 608 5.15 15.07 -3.34
N PHE V 609 5.33 13.77 -3.10
CA PHE V 609 6.39 12.99 -3.73
C PHE V 609 5.92 12.34 -5.02
N ASP V 610 6.54 12.72 -6.13
CA ASP V 610 6.14 12.16 -7.40
C ASP V 610 6.93 10.93 -7.79
N SER V 611 8.22 10.95 -7.52
CA SER V 611 9.02 9.81 -7.89
C SER V 611 10.32 9.75 -7.13
N ILE V 612 10.73 8.52 -6.82
CA ILE V 612 11.96 8.29 -6.12
C ILE V 612 12.73 7.17 -6.79
N CYS V 613 13.99 7.47 -7.11
CA CYS V 613 14.86 6.53 -7.76
C CYS V 613 16.05 6.24 -6.88
N LEU V 614 16.77 5.19 -7.24
CA LEU V 614 17.96 4.79 -6.52
C LEU V 614 19.14 4.79 -7.47
N TYR V 615 20.15 5.61 -7.15
CA TYR V 615 21.34 5.69 -7.97
C TYR V 615 22.53 5.04 -7.29
N ALA V 616 23.41 4.48 -8.12
CA ALA V 616 24.61 3.82 -7.64
C ALA V 616 25.71 3.90 -8.68
N THR V 617 26.88 4.34 -8.24
CA THR V 617 28.03 4.47 -9.13
C THR V 617 29.04 3.38 -8.87
N PHE V 618 29.62 2.83 -9.92
CA PHE V 618 30.59 1.76 -9.74
C PHE V 618 31.95 2.02 -10.35
N PHE V 619 32.98 1.73 -9.57
CA PHE V 619 34.33 1.86 -10.06
C PHE V 619 34.42 0.78 -11.14
N PRO V 620 34.85 1.13 -12.34
CA PRO V 620 34.93 0.14 -13.42
C PRO V 620 36.14 -0.74 -13.24
N MET V 621 36.25 -1.33 -12.07
CA MET V 621 37.34 -2.20 -11.70
C MET V 621 37.58 -3.38 -12.62
N ALA V 622 38.86 -3.70 -12.81
CA ALA V 622 39.22 -4.82 -13.63
C ALA V 622 38.54 -6.06 -13.06
N HIS V 623 38.01 -6.89 -13.96
CA HIS V 623 37.31 -8.08 -13.53
C HIS V 623 38.13 -9.07 -12.71
N ASN V 624 39.37 -9.31 -13.12
CA ASN V 624 40.20 -10.24 -12.37
C ASN V 624 40.42 -9.71 -10.97
N THR V 625 40.72 -8.42 -10.89
CA THR V 625 40.94 -7.73 -9.65
C THR V 625 39.72 -7.76 -8.75
N ALA V 626 38.60 -7.30 -9.30
CA ALA V 626 37.36 -7.27 -8.56
C ALA V 626 37.06 -8.64 -7.98
N SER V 627 37.21 -9.65 -8.83
CA SER V 627 36.97 -11.03 -8.44
C SER V 627 37.85 -11.45 -7.28
N THR V 628 39.11 -11.03 -7.34
CA THR V 628 40.07 -11.36 -6.31
C THR V 628 39.73 -10.67 -4.99
N LEU V 629 39.35 -9.41 -5.10
CA LEU V 629 38.99 -8.62 -3.93
C LEU V 629 37.76 -9.23 -3.25
N GLU V 630 36.87 -9.77 -4.08
CA GLU V 630 35.65 -10.39 -3.59
C GLU V 630 35.96 -11.58 -2.70
N ALA V 631 36.76 -12.49 -3.26
CA ALA V 631 37.18 -13.69 -2.57
C ALA V 631 37.72 -13.39 -1.18
N MET V 632 38.59 -12.38 -1.11
CA MET V 632 39.20 -11.97 0.13
C MET V 632 38.17 -11.45 1.14
N LEU V 633 37.31 -10.57 0.65
CA LEU V 633 36.29 -9.97 1.49
C LEU V 633 35.23 -10.95 1.95
N ARG V 634 35.26 -12.16 1.38
CA ARG V 634 34.29 -13.16 1.75
C ARG V 634 34.68 -13.95 2.98
N ASN V 635 35.94 -13.82 3.40
CA ASN V 635 36.41 -14.52 4.58
C ASN V 635 36.08 -13.69 5.81
N ASP V 636 35.67 -14.35 6.87
CA ASP V 636 35.32 -13.65 8.08
C ASP V 636 36.46 -12.84 8.65
N THR V 637 37.68 -13.32 8.50
CA THR V 637 38.78 -12.54 9.03
C THR V 637 38.83 -11.17 8.39
N ASN V 638 38.27 -11.06 7.19
CA ASN V 638 38.22 -9.81 6.45
C ASN V 638 36.85 -9.16 6.48
N ASP V 639 36.12 -9.41 7.54
CA ASP V 639 34.80 -8.84 7.73
C ASP V 639 34.91 -7.34 7.97
N GLN V 640 34.02 -6.58 7.36
CA GLN V 640 34.01 -5.13 7.52
C GLN V 640 33.41 -4.76 8.87
N SER V 641 33.74 -3.58 9.38
CA SER V 641 33.20 -3.16 10.66
C SER V 641 33.09 -1.65 10.79
N PHE V 642 32.01 -1.22 11.43
CA PHE V 642 31.77 0.19 11.61
C PHE V 642 31.17 0.49 12.97
N ASN V 643 31.34 1.75 13.36
CA ASN V 643 30.81 2.24 14.60
C ASN V 643 30.16 3.58 14.33
N ASP V 644 29.14 3.89 15.11
CA ASP V 644 28.46 5.14 14.93
C ASP V 644 29.34 6.25 15.47
N TYR V 645 29.43 7.37 14.74
CA TYR V 645 30.25 8.46 15.18
C TYR V 645 29.89 8.97 16.57
N LEU V 646 28.60 9.17 16.79
CA LEU V 646 28.11 9.67 18.06
C LEU V 646 28.43 8.72 19.21
N SER V 647 28.27 7.43 18.92
CA SER V 647 28.54 6.37 19.87
C SER V 647 27.90 6.61 21.22
N ALA V 648 26.57 6.60 21.25
CA ALA V 648 25.91 6.83 22.51
C ALA V 648 24.45 6.42 22.54
N ALA V 649 23.98 6.19 23.75
CA ALA V 649 22.61 5.86 24.06
C ALA V 649 22.00 7.20 24.44
N ASN V 650 20.96 7.59 23.75
CA ASN V 650 20.36 8.89 24.02
C ASN V 650 19.13 8.88 24.89
N MET V 651 19.16 9.70 25.94
CA MET V 651 18.04 9.79 26.84
C MET V 651 17.54 11.22 27.03
N LEU V 652 16.24 11.31 27.22
CA LEU V 652 15.58 12.57 27.44
C LEU V 652 14.75 12.49 28.70
N TYR V 653 15.00 13.45 29.60
CA TYR V 653 14.30 13.56 30.86
C TYR V 653 13.66 14.92 30.95
N PRO V 654 12.38 14.89 31.29
CA PRO V 654 11.59 16.09 31.41
C PRO V 654 11.95 16.98 32.60
N ILE V 655 11.88 18.27 32.32
CA ILE V 655 12.13 19.33 33.26
C ILE V 655 10.92 20.25 33.26
N PRO V 656 10.03 20.01 34.21
CA PRO V 656 8.83 20.82 34.31
C PRO V 656 9.14 22.29 34.43
N ALA V 657 8.24 23.11 33.92
CA ALA V 657 8.43 24.55 33.99
C ALA V 657 8.75 24.96 35.40
N ASN V 658 9.79 25.77 35.55
CA ASN V 658 10.19 26.26 36.84
C ASN V 658 10.92 25.27 37.73
N ALA V 659 10.99 24.02 37.28
CA ALA V 659 11.70 23.01 38.03
C ALA V 659 13.16 23.42 38.07
N THR V 660 13.87 23.04 39.12
CA THR V 660 15.27 23.43 39.23
C THR V 660 16.18 22.24 39.54
N ASN V 661 15.57 21.18 40.03
CA ASN V 661 16.27 19.97 40.39
C ASN V 661 15.88 18.83 39.45
N VAL V 662 16.88 18.16 38.91
CA VAL V 662 16.64 17.06 38.00
C VAL V 662 17.44 15.83 38.39
N PRO V 663 16.77 14.92 39.07
CA PRO V 663 17.38 13.70 39.54
C PRO V 663 17.11 12.57 38.56
N ILE V 664 18.15 11.82 38.25
CA ILE V 664 17.99 10.71 37.35
C ILE V 664 18.58 9.46 37.95
N SER V 665 17.88 8.36 37.74
CA SER V 665 18.31 7.10 38.29
C SER V 665 18.43 6.01 37.25
N ILE V 666 19.52 5.28 37.34
CA ILE V 666 19.78 4.17 36.45
C ILE V 666 19.94 2.90 37.27
N PRO V 667 19.00 2.00 37.13
CA PRO V 667 19.05 0.77 37.87
C PRO V 667 20.35 0.04 37.62
N SER V 668 20.86 -0.59 38.68
CA SER V 668 22.09 -1.33 38.61
C SER V 668 22.23 -2.05 37.28
N ARG V 669 23.38 -1.84 36.65
CA ARG V 669 23.70 -2.45 35.37
C ARG V 669 25.20 -2.54 35.19
N ASN V 670 25.60 -3.04 34.02
CA ASN V 670 27.00 -3.19 33.68
C ASN V 670 27.60 -1.92 33.07
N TRP V 671 28.80 -1.58 33.50
CA TRP V 671 29.44 -0.37 33.01
C TRP V 671 30.74 -0.56 32.25
N ALA V 672 31.13 -1.79 32.00
CA ALA V 672 32.35 -2.02 31.28
C ALA V 672 32.37 -1.32 29.93
N ALA V 673 33.48 -0.65 29.63
CA ALA V 673 33.65 0.06 28.37
C ALA V 673 32.97 1.43 28.33
N PHE V 674 32.36 1.80 29.44
CA PHE V 674 31.70 3.09 29.53
C PHE V 674 32.70 4.19 29.17
N ARG V 675 32.28 5.12 28.32
CA ARG V 675 33.18 6.18 27.90
C ARG V 675 33.01 7.52 28.60
N GLY V 676 31.78 7.82 29.02
CA GLY V 676 31.56 9.08 29.68
C GLY V 676 30.20 9.68 29.38
N TRP V 677 29.99 10.90 29.86
CA TRP V 677 28.73 11.60 29.66
C TRP V 677 28.86 12.88 28.87
N ALA V 678 27.78 13.20 28.18
CA ALA V 678 27.63 14.40 27.38
C ALA V 678 26.19 14.87 27.56
N PHE V 679 25.97 16.18 27.70
CA PHE V 679 24.61 16.63 27.92
C PHE V 679 24.34 18.09 27.56
N THR V 680 23.04 18.34 27.37
CA THR V 680 22.46 19.63 27.05
C THR V 680 21.07 19.71 27.64
N ARG V 681 20.35 20.72 27.16
CA ARG V 681 19.00 20.99 27.55
C ARG V 681 18.21 21.49 26.35
N LEU V 682 17.06 20.87 26.11
CA LEU V 682 16.22 21.24 24.99
C LEU V 682 14.84 21.67 25.45
N LYS V 683 14.16 22.36 24.56
CA LYS V 683 12.82 22.82 24.82
C LYS V 683 11.88 21.74 24.32
N THR V 684 10.91 21.39 25.16
CA THR V 684 9.98 20.37 24.72
C THR V 684 9.31 20.75 23.43
N LYS V 685 9.00 22.02 23.28
CA LYS V 685 8.34 22.51 22.08
C LYS V 685 9.15 22.28 20.81
N GLU V 686 10.47 22.32 20.94
CA GLU V 686 11.34 22.15 19.79
C GLU V 686 11.83 20.72 19.60
N THR V 687 11.25 19.78 20.33
CA THR V 687 11.64 18.39 20.23
C THR V 687 10.50 17.49 19.83
N PRO V 688 10.39 17.20 18.55
CA PRO V 688 9.34 16.33 18.06
C PRO V 688 9.45 14.99 18.77
N SER V 689 8.34 14.28 18.87
CA SER V 689 8.37 12.99 19.51
C SER V 689 8.79 11.96 18.46
N LEU V 690 9.83 11.19 18.76
CA LEU V 690 10.25 10.21 17.79
C LEU V 690 9.80 8.78 18.04
N GLY V 691 9.13 8.57 19.17
CA GLY V 691 8.64 7.25 19.50
C GLY V 691 7.41 6.88 18.69
N SER V 692 7.36 7.37 17.44
CA SER V 692 6.25 7.12 16.56
C SER V 692 6.40 7.78 15.20
N GLY V 693 5.70 7.22 14.22
CA GLY V 693 5.72 7.71 12.86
C GLY V 693 5.14 9.10 12.67
N TYR V 694 4.34 9.56 13.63
CA TYR V 694 3.72 10.88 13.53
C TYR V 694 3.42 11.50 14.89
N ASP V 695 3.77 12.78 15.04
CA ASP V 695 3.54 13.51 16.28
C ASP V 695 2.46 14.56 16.13
N PRO V 696 1.27 14.19 16.57
CA PRO V 696 0.10 15.04 16.50
C PRO V 696 0.28 16.36 17.25
N TYR V 697 1.10 16.36 18.29
CA TYR V 697 1.29 17.58 19.08
C TYR V 697 2.49 18.46 18.69
N TYR V 698 3.11 18.16 17.56
CA TYR V 698 4.25 18.92 17.09
C TYR V 698 3.84 20.06 16.17
N THR V 699 3.75 21.27 16.75
CA THR V 699 3.36 22.46 16.02
C THR V 699 4.46 23.49 15.97
N TYR V 700 5.61 23.06 15.45
CA TYR V 700 6.78 23.91 15.36
C TYR V 700 7.62 23.51 14.16
N SER V 701 8.23 24.48 13.47
CA SER V 701 9.03 24.16 12.30
C SER V 701 10.41 24.79 12.28
N GLY V 702 10.92 25.17 13.44
CA GLY V 702 12.23 25.78 13.50
C GLY V 702 13.34 24.75 13.59
N SER V 703 14.50 25.20 14.04
CA SER V 703 15.65 24.32 14.19
C SER V 703 15.35 23.28 15.25
N ILE V 704 15.87 22.07 15.06
CA ILE V 704 15.65 20.99 16.00
C ILE V 704 16.98 20.54 16.59
N PRO V 705 17.41 21.20 17.66
CA PRO V 705 18.67 20.88 18.30
C PRO V 705 18.98 19.41 18.49
N TYR V 706 17.99 18.63 18.90
CA TYR V 706 18.22 17.21 19.13
C TYR V 706 18.75 16.49 17.91
N LEU V 707 18.34 16.96 16.73
CA LEU V 707 18.75 16.36 15.48
C LEU V 707 19.83 17.13 14.73
N ASP V 708 19.80 18.46 14.79
CA ASP V 708 20.76 19.25 14.05
C ASP V 708 21.99 19.80 14.77
N GLY V 709 21.96 19.88 16.10
CA GLY V 709 23.11 20.38 16.84
C GLY V 709 23.06 21.88 17.09
N THR V 710 21.89 22.47 16.90
CA THR V 710 21.77 23.89 17.14
C THR V 710 21.54 24.19 18.61
N PHE V 711 22.36 23.57 19.45
CA PHE V 711 22.29 23.73 20.90
C PHE V 711 22.52 25.17 21.30
N TYR V 712 21.71 25.63 22.26
CA TYR V 712 21.80 27.00 22.74
C TYR V 712 21.42 27.20 24.20
N LEU V 713 21.28 26.13 24.98
CA LEU V 713 20.88 26.32 26.37
C LEU V 713 21.87 25.83 27.41
N ASN V 714 23.13 25.68 27.01
CA ASN V 714 24.18 25.20 27.90
C ASN V 714 24.53 26.08 29.09
N HIS V 715 24.19 27.35 29.00
CA HIS V 715 24.49 28.29 30.07
C HIS V 715 23.53 28.19 31.25
N THR V 716 22.51 27.35 31.13
CA THR V 716 21.52 27.20 32.18
C THR V 716 21.85 26.12 33.20
N PHE V 717 22.97 25.45 33.01
CA PHE V 717 23.35 24.40 33.93
C PHE V 717 24.06 24.99 35.12
N LYS V 718 23.72 24.50 36.31
CA LYS V 718 24.33 25.00 37.52
C LYS V 718 25.39 24.05 38.04
N LYS V 719 25.00 22.79 38.20
CA LYS V 719 25.91 21.79 38.71
C LYS V 719 25.46 20.37 38.41
N VAL V 720 26.39 19.44 38.62
CA VAL V 720 26.16 18.04 38.40
C VAL V 720 26.82 17.20 39.47
N ALA V 721 26.03 16.30 40.04
CA ALA V 721 26.51 15.40 41.06
C ALA V 721 26.35 13.98 40.56
N ILE V 722 27.45 13.24 40.51
CA ILE V 722 27.42 11.87 40.05
C ILE V 722 27.69 10.88 41.17
N THR V 723 26.81 9.87 41.29
CA THR V 723 26.97 8.90 42.35
C THR V 723 26.70 7.46 41.94
N PHE V 724 27.66 6.62 42.27
CA PHE V 724 27.56 5.20 42.00
C PHE V 724 27.12 4.50 43.28
N ASP V 725 26.30 3.47 43.11
CA ASP V 725 25.80 2.67 44.19
C ASP V 725 25.26 3.40 45.43
N SER V 726 24.53 4.48 45.22
CA SER V 726 23.93 5.22 46.32
C SER V 726 24.89 5.78 47.38
N SER V 727 26.19 5.57 47.24
CA SER V 727 27.08 6.08 48.27
C SER V 727 28.36 6.69 47.76
N VAL V 728 28.91 6.09 46.71
CA VAL V 728 30.17 6.52 46.13
C VAL V 728 30.07 7.69 45.14
N SER V 729 30.80 8.75 45.49
CA SER V 729 30.86 9.94 44.69
C SER V 729 31.97 9.88 43.64
N TRP V 730 31.58 10.08 42.39
CA TRP V 730 32.50 10.09 41.29
C TRP V 730 32.69 11.53 40.84
N PRO V 731 33.93 11.95 40.62
CA PRO V 731 35.13 11.12 40.72
C PRO V 731 35.68 11.00 42.13
N GLY V 732 35.11 11.74 43.08
CA GLY V 732 35.62 11.69 44.45
C GLY V 732 37.12 11.90 44.44
N ASN V 733 37.83 11.19 45.32
CA ASN V 733 39.28 11.28 45.41
C ASN V 733 39.84 12.67 45.69
N ASP V 734 38.96 13.60 46.07
CA ASP V 734 39.40 14.95 46.39
C ASP V 734 39.98 15.69 45.21
N ARG V 735 39.56 15.30 44.01
CA ARG V 735 40.05 15.89 42.78
C ARG V 735 39.69 17.37 42.53
N LEU V 736 38.40 17.69 42.58
CA LEU V 736 37.93 19.05 42.31
C LEU V 736 37.92 20.00 43.51
N LEU V 737 37.92 21.30 43.22
CA LEU V 737 37.88 22.33 44.26
C LEU V 737 36.69 22.13 45.20
N THR V 738 35.60 21.64 44.60
CA THR V 738 34.36 21.30 45.27
C THR V 738 34.07 19.85 44.90
N PRO V 739 34.92 19.00 45.45
CA PRO V 739 35.01 17.56 45.27
C PRO V 739 33.71 16.77 45.17
N ASN V 740 32.65 17.18 45.85
CA ASN V 740 31.43 16.40 45.81
C ASN V 740 30.58 16.51 44.56
N GLU V 741 30.95 17.42 43.67
CA GLU V 741 30.16 17.60 42.47
C GLU V 741 30.83 18.51 41.47
N PHE V 742 30.24 18.52 40.29
CA PHE V 742 30.71 19.36 39.21
C PHE V 742 29.93 20.65 39.22
N GLU V 743 30.61 21.73 39.59
CA GLU V 743 30.00 23.04 39.63
C GLU V 743 30.26 23.74 38.31
N ILE V 744 29.21 23.94 37.51
CA ILE V 744 29.38 24.59 36.23
C ILE V 744 29.60 26.10 36.34
N LYS V 745 28.90 26.74 37.27
CA LYS V 745 29.02 28.18 37.47
C LYS V 745 28.63 28.60 38.87
N ARG V 746 29.20 29.72 39.33
CA ARG V 746 28.92 30.27 40.66
C ARG V 746 28.39 31.70 40.61
N SER V 747 27.53 32.05 41.57
CA SER V 747 26.95 33.38 41.63
C SER V 747 27.49 34.27 42.73
N VAL V 748 28.26 35.28 42.29
CA VAL V 748 28.88 36.30 43.14
C VAL V 748 29.55 35.81 44.41
N ASP V 749 28.76 35.14 45.24
CA ASP V 749 29.24 34.62 46.50
C ASP V 749 30.48 33.74 46.38
N GLY V 750 30.66 33.11 45.22
CA GLY V 750 31.80 32.25 45.02
C GLY V 750 32.80 32.76 43.99
N GLU V 751 32.75 34.06 43.71
CA GLU V 751 33.64 34.67 42.75
C GLU V 751 35.02 34.01 42.67
N GLY V 752 35.75 34.00 43.79
CA GLY V 752 37.10 33.44 43.85
C GLY V 752 37.32 32.13 43.10
N TYR V 753 36.28 31.30 43.02
CA TYR V 753 36.42 30.02 42.33
C TYR V 753 36.12 30.11 40.85
N ASN V 754 35.84 31.32 40.38
CA ASN V 754 35.54 31.53 38.98
C ASN V 754 36.79 31.81 38.17
N VAL V 755 36.64 31.78 36.84
CA VAL V 755 37.77 32.00 35.97
C VAL V 755 37.35 32.66 34.65
N ALA V 756 38.34 32.96 33.82
CA ALA V 756 38.16 33.56 32.49
C ALA V 756 37.33 34.84 32.43
N GLN V 757 37.17 35.52 33.56
CA GLN V 757 36.41 36.77 33.58
C GLN V 757 34.91 36.61 33.36
N CYS V 758 34.39 35.50 33.85
CA CYS V 758 32.98 35.21 33.76
C CYS V 758 32.54 34.41 34.98
N ASN V 759 31.32 33.90 34.97
CA ASN V 759 30.84 33.15 36.10
C ASN V 759 31.14 31.66 36.06
N MET V 760 32.01 31.23 35.14
CA MET V 760 32.35 29.84 35.06
C MET V 760 33.39 29.50 36.12
N THR V 761 33.36 28.28 36.64
CA THR V 761 34.30 27.91 37.66
C THR V 761 35.61 27.40 37.09
N LYS V 762 36.65 27.48 37.91
CA LYS V 762 37.96 27.01 37.52
C LYS V 762 37.89 25.52 37.20
N ASP V 763 37.22 24.79 38.09
CA ASP V 763 37.03 23.35 37.99
C ASP V 763 36.46 22.92 36.65
N TRP V 764 35.35 23.55 36.30
CA TRP V 764 34.64 23.27 35.06
C TRP V 764 35.45 23.63 33.83
N PHE V 765 36.09 24.80 33.87
CA PHE V 765 36.90 25.23 32.75
C PHE V 765 38.01 24.24 32.48
N LEU V 766 38.55 23.69 33.56
CA LEU V 766 39.61 22.72 33.50
C LEU V 766 39.15 21.41 32.85
N VAL V 767 37.98 20.94 33.28
CA VAL V 767 37.42 19.71 32.75
C VAL V 767 37.07 19.82 31.28
N GLN V 768 36.45 20.92 30.91
CA GLN V 768 36.06 21.12 29.53
C GLN V 768 37.28 21.22 28.61
N MET V 769 38.31 21.90 29.08
CA MET V 769 39.53 22.07 28.28
C MET V 769 40.25 20.75 28.06
N LEU V 770 40.30 19.92 29.10
CA LEU V 770 40.95 18.62 29.02
C LEU V 770 40.16 17.68 28.14
N ALA V 771 38.87 17.60 28.43
CA ALA V 771 37.96 16.72 27.71
C ALA V 771 37.96 16.98 26.22
N ASN V 772 38.02 18.26 25.83
CA ASN V 772 38.00 18.64 24.44
C ASN V 772 39.37 18.64 23.78
N TYR V 773 40.39 19.11 24.49
CA TYR V 773 41.71 19.18 23.89
C TYR V 773 42.87 18.65 24.72
N ASN V 774 42.62 18.07 25.88
CA ASN V 774 43.71 17.58 26.69
C ASN V 774 44.58 18.73 27.21
N ILE V 775 44.03 19.95 27.21
CA ILE V 775 44.77 21.10 27.69
C ILE V 775 44.38 21.40 29.13
N GLY V 776 45.36 21.57 30.02
CA GLY V 776 44.97 21.87 31.38
C GLY V 776 46.05 21.65 32.43
N TYR V 777 46.81 20.57 32.30
CA TYR V 777 47.85 20.28 33.28
C TYR V 777 49.15 21.01 33.02
N GLN V 778 49.31 21.48 31.80
CA GLN V 778 50.52 22.17 31.46
C GLN V 778 50.24 23.56 30.91
N GLY V 779 49.31 24.23 31.56
CA GLY V 779 48.91 25.57 31.18
C GLY V 779 47.72 25.60 30.25
N PHE V 780 47.07 26.76 30.24
CA PHE V 780 45.90 27.03 29.41
C PHE V 780 46.31 27.92 28.26
N TYR V 781 45.84 27.57 27.07
CA TYR V 781 46.13 28.35 25.88
C TYR V 781 45.10 28.05 24.83
N ILE V 782 45.06 28.87 23.79
CA ILE V 782 44.11 28.63 22.73
C ILE V 782 44.46 27.36 21.99
N PRO V 783 43.49 26.45 21.89
CA PRO V 783 43.72 25.19 21.21
C PRO V 783 44.03 25.38 19.74
N GLU V 784 44.74 24.42 19.15
CA GLU V 784 45.06 24.49 17.73
C GLU V 784 43.76 24.44 16.94
N SER V 785 43.63 25.34 15.97
CA SER V 785 42.45 25.47 15.13
C SER V 785 41.86 24.17 14.58
N TYR V 786 42.70 23.24 14.15
CA TYR V 786 42.14 22.01 13.63
C TYR V 786 41.43 21.17 14.68
N LYS V 787 41.72 21.43 15.96
CA LYS V 787 41.11 20.69 17.06
C LYS V 787 39.90 21.41 17.63
N ASP V 788 39.81 22.70 17.30
CA ASP V 788 38.73 23.55 17.75
C ASP V 788 37.74 23.75 16.63
N ARG V 789 36.85 22.76 16.46
CA ARG V 789 35.87 22.81 15.39
C ARG V 789 34.58 23.57 15.70
N MET V 790 33.64 23.47 14.76
CA MET V 790 32.37 24.16 14.85
C MET V 790 31.59 23.91 16.13
N TYR V 791 31.49 22.64 16.50
CA TYR V 791 30.76 22.25 17.67
C TYR V 791 31.62 22.07 18.90
N SER V 792 32.81 22.67 18.88
CA SER V 792 33.74 22.56 19.99
C SER V 792 33.45 23.54 21.12
N PHE V 793 34.10 23.31 22.24
CA PHE V 793 33.95 24.11 23.43
C PHE V 793 34.44 25.54 23.33
N PHE V 794 35.76 25.70 23.21
CA PHE V 794 36.41 26.99 23.13
C PHE V 794 35.86 27.95 22.08
N ARG V 795 35.83 27.49 20.83
CA ARG V 795 35.36 28.26 19.71
C ARG V 795 33.99 28.87 19.97
N ASN V 796 33.20 28.22 20.82
CA ASN V 796 31.84 28.65 21.15
C ASN V 796 31.70 29.34 22.51
N PHE V 797 32.78 29.41 23.26
CA PHE V 797 32.78 30.02 24.59
C PHE V 797 32.84 31.55 24.52
N GLN V 798 31.83 32.19 25.10
CA GLN V 798 31.72 33.66 25.11
C GLN V 798 31.43 34.24 26.49
N PRO V 799 32.47 34.70 27.19
CA PRO V 799 32.26 35.30 28.50
C PRO V 799 31.82 36.75 28.34
N MET V 800 30.85 37.18 29.17
CA MET V 800 30.35 38.53 29.09
C MET V 800 30.20 39.21 30.45
N SER V 801 30.27 40.54 30.40
CA SER V 801 30.14 41.40 31.55
C SER V 801 29.50 42.72 31.20
N ARG V 802 28.85 43.32 32.18
CA ARG V 802 28.19 44.61 32.01
C ARG V 802 27.85 45.17 33.37
N GLN V 803 27.53 46.45 33.38
CA GLN V 803 27.17 47.14 34.60
C GLN V 803 25.78 47.71 34.49
N VAL V 804 25.08 47.75 35.62
CA VAL V 804 23.74 48.28 35.70
C VAL V 804 23.59 49.07 36.98
N VAL V 805 22.65 50.01 37.03
CA VAL V 805 22.45 50.79 38.24
C VAL V 805 22.18 49.90 39.44
N ASP V 806 22.76 50.28 40.57
CA ASP V 806 22.51 49.53 41.76
C ASP V 806 21.28 50.14 42.41
N ASP V 807 20.15 49.46 42.23
CA ASP V 807 18.88 49.93 42.77
C ASP V 807 18.85 50.10 44.29
N THR V 808 19.76 49.43 45.00
CA THR V 808 19.77 49.52 46.44
C THR V 808 20.80 50.47 47.03
N LYS V 809 21.63 51.09 46.19
CA LYS V 809 22.63 51.99 46.71
C LYS V 809 22.62 53.37 46.07
N TYR V 810 21.99 53.49 44.89
CA TYR V 810 21.90 54.75 44.20
C TYR V 810 20.73 55.54 44.79
N LYS V 811 21.06 56.48 45.67
CA LYS V 811 20.09 57.30 46.36
C LYS V 811 18.90 57.79 45.54
N ASP V 812 19.16 58.30 44.33
CA ASP V 812 18.11 58.83 43.48
C ASP V 812 17.43 57.85 42.55
N TYR V 813 17.70 56.56 42.74
CA TYR V 813 17.11 55.55 41.90
C TYR V 813 15.61 55.70 41.72
N GLN V 814 15.16 55.49 40.48
CA GLN V 814 13.76 55.56 40.09
C GLN V 814 13.44 54.43 39.11
N GLN V 815 12.49 53.59 39.48
CA GLN V 815 12.10 52.48 38.63
C GLN V 815 11.12 52.92 37.56
N VAL V 816 11.64 53.30 36.40
CA VAL V 816 10.83 53.76 35.29
C VAL V 816 10.75 52.73 34.17
N GLY V 817 9.52 52.34 33.81
CA GLY V 817 9.29 51.36 32.76
C GLY V 817 9.14 52.00 31.38
N ILE V 818 9.02 51.18 30.35
CA ILE V 818 8.89 51.69 28.99
C ILE V 818 7.79 52.72 28.85
N LEU V 819 6.66 52.44 29.47
CA LEU V 819 5.52 53.31 29.42
C LEU V 819 5.88 54.76 29.74
N HIS V 820 6.90 54.93 30.58
CA HIS V 820 7.31 56.26 30.99
C HIS V 820 8.72 56.68 30.66
N GLN V 821 9.40 55.90 29.86
CA GLN V 821 10.74 56.30 29.51
C GLN V 821 10.70 57.19 28.30
N HIS V 822 11.50 58.25 28.34
CA HIS V 822 11.55 59.16 27.22
C HIS V 822 12.96 59.51 26.83
N ASN V 823 13.25 59.20 25.58
CA ASN V 823 14.52 59.40 24.93
C ASN V 823 14.21 59.47 23.44
N ASN V 824 14.46 60.64 22.86
CA ASN V 824 14.18 60.88 21.46
C ASN V 824 12.72 61.30 21.27
N SER V 825 12.10 61.64 22.39
CA SER V 825 10.72 62.08 22.38
C SER V 825 10.58 63.18 21.35
N GLY V 826 9.49 63.11 20.60
CA GLY V 826 9.27 64.09 19.58
C GLY V 826 9.88 63.68 18.25
N PHE V 827 10.70 62.63 18.27
CA PHE V 827 11.33 62.15 17.05
C PHE V 827 11.06 60.68 16.76
N VAL V 828 10.38 60.02 17.70
CA VAL V 828 10.07 58.60 17.58
C VAL V 828 8.60 58.30 17.92
N GLY V 829 8.09 57.17 17.42
CA GLY V 829 6.71 56.80 17.72
C GLY V 829 6.62 56.30 19.15
N TYR V 830 5.42 56.32 19.74
CA TYR V 830 5.25 55.90 21.12
C TYR V 830 4.83 54.44 21.26
N LEU V 831 5.66 53.65 21.94
CA LEU V 831 5.41 52.23 22.16
C LEU V 831 5.14 51.45 20.88
N ALA V 832 5.70 51.94 19.77
CA ALA V 832 5.51 51.30 18.48
C ALA V 832 6.38 51.89 17.39
N PRO V 833 6.51 51.14 16.30
CA PRO V 833 7.32 51.53 15.17
C PRO V 833 6.57 52.47 14.26
N THR V 834 5.78 53.36 14.84
CA THR V 834 5.00 54.29 14.05
C THR V 834 5.62 55.65 13.89
N MET V 835 4.77 56.55 13.39
CA MET V 835 5.08 57.93 13.13
C MET V 835 5.54 58.67 14.38
N ARG V 836 6.41 59.65 14.18
CA ARG V 836 6.91 60.43 15.29
C ARG V 836 5.80 61.19 15.98
N GLU V 837 6.03 61.45 17.27
CA GLU V 837 5.10 62.17 18.09
C GLU V 837 5.85 62.69 19.30
N GLY V 838 5.18 63.52 20.08
CA GLY V 838 5.80 64.07 21.26
C GLY V 838 6.51 65.38 20.98
N GLN V 839 7.47 65.70 21.83
CA GLN V 839 8.23 66.91 21.72
C GLN V 839 9.63 66.74 22.28
N ALA V 840 10.53 67.57 21.79
CA ALA V 840 11.89 67.51 22.28
C ALA V 840 11.87 67.63 23.78
N TYR V 841 12.81 66.97 24.43
CA TYR V 841 12.88 67.02 25.87
C TYR V 841 14.01 66.17 26.41
N PRO V 842 14.66 66.69 27.44
CA PRO V 842 15.74 65.96 28.06
C PRO V 842 15.32 64.54 28.37
N ALA V 843 16.14 63.59 27.93
CA ALA V 843 15.86 62.20 28.19
C ALA V 843 15.87 61.93 29.68
N ASN V 844 15.09 60.95 30.10
CA ASN V 844 14.99 60.59 31.50
C ASN V 844 15.51 59.18 31.70
N PHE V 845 16.10 58.66 30.63
CA PHE V 845 16.62 57.32 30.63
C PHE V 845 17.50 57.14 29.40
N PRO V 846 18.54 56.31 29.46
CA PRO V 846 18.92 55.50 30.61
C PRO V 846 19.83 56.23 31.58
N TYR V 847 20.16 55.57 32.67
CA TYR V 847 21.05 56.13 33.67
C TYR V 847 22.49 56.11 33.18
N PRO V 848 23.20 57.19 33.45
CA PRO V 848 24.59 57.30 33.06
C PRO V 848 25.50 56.41 33.90
N LEU V 849 26.25 55.55 33.21
CA LEU V 849 27.17 54.63 33.88
C LEU V 849 28.59 55.14 33.81
N ILE V 850 28.74 56.24 33.09
CA ILE V 850 30.03 56.87 32.88
C ILE V 850 29.96 58.36 33.20
N GLY V 851 31.12 59.00 33.24
CA GLY V 851 31.23 60.43 33.54
C GLY V 851 31.42 60.74 35.02
N LYS V 852 31.43 62.04 35.32
CA LYS V 852 31.61 62.52 36.68
C LYS V 852 30.34 62.34 37.48
N THR V 853 29.28 61.96 36.78
CA THR V 853 27.97 61.79 37.37
C THR V 853 27.44 60.35 37.40
N ALA V 854 28.23 59.41 36.90
CA ALA V 854 27.85 58.01 36.87
C ALA V 854 27.22 57.56 38.18
N VAL V 855 26.19 56.72 38.05
CA VAL V 855 25.47 56.19 39.21
C VAL V 855 26.14 54.99 39.81
N ASP V 856 25.83 54.73 41.08
CA ASP V 856 26.36 53.58 41.75
C ASP V 856 25.96 52.37 40.93
N SER V 857 26.91 51.53 40.59
CA SER V 857 26.60 50.38 39.78
C SER V 857 26.88 49.05 40.42
N ILE V 858 26.43 48.03 39.71
CA ILE V 858 26.58 46.65 40.09
C ILE V 858 27.03 45.87 38.87
N THR V 859 27.90 44.89 39.07
CA THR V 859 28.42 44.09 37.99
C THR V 859 27.74 42.76 37.76
N GLN V 860 27.56 42.44 36.47
CA GLN V 860 26.94 41.21 36.04
C GLN V 860 27.81 40.45 35.05
N LYS V 861 28.02 39.17 35.32
CA LYS V 861 28.82 38.30 34.48
C LYS V 861 28.07 37.03 34.14
N LYS V 862 28.28 36.56 32.92
CA LYS V 862 27.66 35.35 32.47
C LYS V 862 28.42 34.84 31.27
N PHE V 863 27.82 33.90 30.56
CA PHE V 863 28.46 33.34 29.40
C PHE V 863 27.49 32.54 28.56
N LEU V 864 27.85 32.43 27.29
CA LEU V 864 27.11 31.68 26.31
C LEU V 864 28.03 30.57 25.85
N CYS V 865 27.48 29.46 25.42
CA CYS V 865 28.28 28.36 24.95
C CYS V 865 27.45 27.50 24.03
N ASP V 866 26.99 28.15 22.97
CA ASP V 866 26.15 27.56 21.96
C ASP V 866 26.81 26.46 21.16
N ARG V 867 25.94 25.76 20.47
CA ARG V 867 26.22 24.64 19.58
C ARG V 867 27.30 23.66 20.01
N THR V 868 27.31 23.29 21.28
CA THR V 868 28.26 22.33 21.80
C THR V 868 27.62 21.50 22.89
N LEU V 869 28.28 20.42 23.30
CA LEU V 869 27.77 19.56 24.34
C LEU V 869 28.70 19.57 25.54
N TRP V 870 28.13 19.65 26.74
CA TRP V 870 28.94 19.62 27.95
C TRP V 870 29.54 18.23 28.05
N ARG V 871 30.80 18.12 28.48
CA ARG V 871 31.39 16.80 28.55
C ARG V 871 32.05 16.43 29.88
N ILE V 872 31.85 15.17 30.26
CA ILE V 872 32.40 14.54 31.44
C ILE V 872 32.85 13.13 31.07
N PRO V 873 34.11 13.05 30.70
CA PRO V 873 34.72 11.79 30.29
C PRO V 873 34.96 10.82 31.42
N PHE V 874 34.77 9.55 31.12
CA PHE V 874 35.00 8.53 32.11
C PHE V 874 36.46 8.09 32.04
N SER V 875 37.32 9.07 32.32
CA SER V 875 38.77 8.90 32.31
C SER V 875 39.37 9.39 33.63
N SER V 876 40.31 8.62 34.16
CA SER V 876 40.97 8.95 35.42
C SER V 876 41.49 10.37 35.55
N ASN V 877 41.96 10.95 34.45
CA ASN V 877 42.50 12.30 34.48
C ASN V 877 41.74 13.23 33.55
N PHE V 878 40.54 12.78 33.14
CA PHE V 878 39.67 13.48 32.24
C PHE V 878 40.24 13.61 30.84
N MET V 879 41.45 13.11 30.64
CA MET V 879 42.06 13.21 29.33
C MET V 879 41.68 12.09 28.38
N SER V 880 41.93 12.34 27.11
CA SER V 880 41.68 11.39 26.06
C SER V 880 42.96 10.61 25.82
N MET V 881 42.93 9.34 26.22
CA MET V 881 44.07 8.46 26.07
C MET V 881 43.69 7.23 25.26
N GLY V 882 42.53 7.32 24.61
CA GLY V 882 42.02 6.23 23.80
C GLY V 882 40.52 6.08 23.91
N ALA V 883 39.90 5.61 22.82
CA ALA V 883 38.46 5.41 22.79
C ALA V 883 38.01 4.57 23.96
N LEU V 884 38.74 3.49 24.20
CA LEU V 884 38.46 2.59 25.31
C LEU V 884 39.25 3.10 26.50
N THR V 885 38.55 3.87 27.33
CA THR V 885 39.10 4.52 28.51
C THR V 885 39.69 3.59 29.58
N ASP V 886 40.50 4.20 30.45
CA ASP V 886 41.13 3.45 31.53
C ASP V 886 40.11 2.97 32.55
N LEU V 887 39.15 3.82 32.87
CA LEU V 887 38.11 3.48 33.81
C LEU V 887 37.15 2.45 33.24
N GLY V 888 36.80 2.64 31.98
CA GLY V 888 35.92 1.73 31.30
C GLY V 888 36.48 0.33 31.28
N GLN V 889 37.77 0.19 31.58
CA GLN V 889 38.39 -1.12 31.57
C GLN V 889 38.82 -1.63 32.94
N ASN V 890 38.45 -0.88 33.98
CA ASN V 890 38.74 -1.20 35.37
C ASN V 890 37.95 -2.41 35.84
N LEU V 891 38.63 -3.31 36.54
CA LEU V 891 37.99 -4.52 37.03
C LEU V 891 36.76 -4.19 37.87
N LEU V 892 36.85 -3.10 38.61
CA LEU V 892 35.73 -2.70 39.43
C LEU V 892 34.49 -2.42 38.62
N TYR V 893 34.64 -2.09 37.34
CA TYR V 893 33.48 -1.83 36.52
C TYR V 893 33.08 -3.02 35.66
N ALA V 894 33.94 -4.05 35.65
CA ALA V 894 33.69 -5.25 34.88
C ALA V 894 33.23 -6.43 35.72
N ASN V 895 33.90 -6.62 36.86
CA ASN V 895 33.58 -7.71 37.77
C ASN V 895 32.23 -7.54 38.43
N SER V 896 31.58 -6.40 38.21
CA SER V 896 30.30 -6.21 38.85
C SER V 896 29.44 -5.10 38.28
N ALA V 897 28.16 -5.19 38.62
CA ALA V 897 27.17 -4.24 38.20
C ALA V 897 27.04 -3.12 39.22
N HIS V 898 26.72 -1.94 38.71
CA HIS V 898 26.56 -0.78 39.55
C HIS V 898 25.33 0.01 39.16
N ALA V 899 24.80 0.73 40.14
CA ALA V 899 23.66 1.57 39.93
C ALA V 899 24.17 2.99 39.84
N LEU V 900 23.48 3.85 39.11
CA LEU V 900 23.98 5.20 38.98
C LEU V 900 22.93 6.26 39.24
N ASP V 901 23.33 7.27 39.99
CA ASP V 901 22.46 8.39 40.32
C ASP V 901 23.11 9.69 39.89
N MET V 902 22.34 10.51 39.20
CA MET V 902 22.79 11.79 38.73
C MET V 902 21.83 12.89 39.18
N THR V 903 22.38 14.02 39.56
CA THR V 903 21.58 15.12 39.99
C THR V 903 22.01 16.41 39.33
N PHE V 904 21.12 16.92 38.49
CA PHE V 904 21.38 18.14 37.78
C PHE V 904 20.65 19.32 38.39
N GLU V 905 21.34 20.45 38.41
CA GLU V 905 20.79 21.67 38.92
C GLU V 905 20.80 22.69 37.78
N VAL V 906 19.63 23.16 37.39
CA VAL V 906 19.55 24.09 36.31
C VAL V 906 18.81 25.36 36.65
N ASP V 907 18.99 26.36 35.79
CA ASP V 907 18.31 27.61 35.97
C ASP V 907 16.86 27.36 35.62
N PRO V 908 15.93 28.03 36.29
CA PRO V 908 14.53 27.80 36.02
C PRO V 908 14.09 28.47 34.73
N MET V 909 13.23 27.76 34.01
CA MET V 909 12.66 28.25 32.76
C MET V 909 11.15 28.15 32.84
N ASP V 910 10.47 29.19 32.39
CA ASP V 910 9.02 29.23 32.44
C ASP V 910 8.35 28.33 31.41
N GLU V 911 9.07 27.34 30.90
CA GLU V 911 8.50 26.44 29.92
C GLU V 911 9.05 25.03 30.05
N PRO V 912 8.25 24.05 29.66
CA PRO V 912 8.73 22.68 29.75
C PRO V 912 9.96 22.47 28.87
N THR V 913 10.98 21.88 29.49
CA THR V 913 12.22 21.62 28.80
C THR V 913 12.64 20.17 29.00
N LEU V 914 13.77 19.83 28.42
CA LEU V 914 14.30 18.49 28.55
C LEU V 914 15.77 18.50 28.84
N LEU V 915 16.19 17.56 29.67
CA LEU V 915 17.58 17.39 29.99
C LEU V 915 18.01 16.24 29.09
N TYR V 916 18.88 16.53 28.13
CA TYR V 916 19.32 15.55 27.18
C TYR V 916 20.67 14.94 27.56
N VAL V 917 20.65 13.65 27.90
CA VAL V 917 21.87 12.97 28.29
C VAL V 917 22.33 11.91 27.30
N LEU V 918 23.61 12.03 26.93
CA LEU V 918 24.23 11.10 26.03
C LEU V 918 25.14 10.20 26.84
N PHE V 919 24.86 8.91 26.82
CA PHE V 919 25.70 7.99 27.54
C PHE V 919 26.67 7.43 26.52
N GLU V 920 27.91 7.91 26.56
CA GLU V 920 28.93 7.48 25.62
C GLU V 920 29.33 6.02 25.74
N VAL V 921 29.20 5.31 24.62
CA VAL V 921 29.51 3.90 24.55
C VAL V 921 30.02 3.52 23.18
N PHE V 922 30.10 2.21 22.99
CA PHE V 922 30.50 1.63 21.74
C PHE V 922 29.26 1.09 21.06
N ASP V 923 29.02 1.60 19.87
CA ASP V 923 27.90 1.23 19.03
C ASP V 923 28.52 0.70 17.75
N VAL V 924 28.70 -0.61 17.70
CA VAL V 924 29.36 -1.26 16.60
C VAL V 924 28.62 -2.39 15.89
N VAL V 925 29.08 -2.61 14.66
CA VAL V 925 28.60 -3.64 13.77
C VAL V 925 29.76 -4.32 13.06
N ARG V 926 29.59 -5.62 12.85
CA ARG V 926 30.53 -6.43 12.12
C ARG V 926 29.76 -7.06 10.97
N VAL V 927 30.22 -6.80 9.74
CA VAL V 927 29.55 -7.31 8.56
C VAL V 927 30.21 -8.52 7.93
N HIS V 928 29.42 -9.57 7.77
CA HIS V 928 29.86 -10.82 7.18
C HIS V 928 29.14 -11.06 5.86
N ARG V 929 29.92 -11.39 4.82
CA ARG V 929 29.35 -11.63 3.51
C ARG V 929 29.85 -12.91 2.87
N PRO V 930 29.56 -14.03 3.54
CA PRO V 930 29.97 -15.37 3.16
C PRO V 930 29.67 -15.78 1.72
N HIS V 931 28.50 -15.43 1.20
CA HIS V 931 28.15 -15.82 -0.16
C HIS V 931 27.37 -14.79 -0.93
N ARG V 932 27.30 -15.02 -2.24
CA ARG V 932 26.57 -14.17 -3.16
C ARG V 932 25.19 -13.87 -2.62
N GLY V 933 24.87 -12.57 -2.51
CA GLY V 933 23.57 -12.14 -2.03
C GLY V 933 23.25 -12.53 -0.59
N VAL V 934 24.27 -12.53 0.27
CA VAL V 934 24.12 -12.87 1.66
C VAL V 934 24.86 -11.92 2.58
N ILE V 935 24.10 -11.16 3.36
CA ILE V 935 24.64 -10.21 4.31
C ILE V 935 24.23 -10.51 5.74
N GLU V 936 25.20 -10.87 6.57
CA GLU V 936 24.92 -11.17 7.95
C GLU V 936 25.60 -10.13 8.82
N THR V 937 24.89 -9.63 9.84
CA THR V 937 25.45 -8.62 10.70
C THR V 937 25.43 -8.98 12.16
N VAL V 938 26.37 -8.42 12.89
CA VAL V 938 26.46 -8.62 14.31
C VAL V 938 26.56 -7.28 14.99
N TYR V 939 25.47 -6.90 15.67
CA TYR V 939 25.47 -5.64 16.37
C TYR V 939 25.82 -5.82 17.83
N LEU V 940 26.57 -4.88 18.35
CA LEU V 940 26.97 -4.90 19.74
C LEU V 940 27.05 -3.47 20.26
N ARG V 941 26.28 -3.20 21.31
CA ARG V 941 26.28 -1.88 21.90
C ARG V 941 26.59 -1.95 23.39
N THR V 942 27.78 -1.53 23.77
CA THR V 942 28.15 -1.55 25.17
C THR V 942 28.90 -0.31 25.64
N PRO V 943 28.54 0.11 26.84
CA PRO V 943 27.50 -0.55 27.60
C PRO V 943 26.12 -0.29 27.01
N PHE V 944 25.07 -0.50 27.81
CA PHE V 944 23.71 -0.28 27.36
C PHE V 944 23.35 -1.15 26.16
N SER V 945 23.47 -2.46 26.32
CA SER V 945 23.15 -3.38 25.24
C SER V 945 21.66 -3.32 24.93
N ALA V 946 21.34 -3.41 23.64
CA ALA V 946 19.95 -3.37 23.19
C ALA V 946 19.34 -4.76 23.25
#